data_7AEF
#
_entry.id   7AEF
#
loop_
_entity.id
_entity.type
_entity.pdbx_description
1 polymer 'baseplate protein (Algo12)'
2 polymer 'Baseplate_J domain-containing protein'
3 polymer 'LysM domain-containing protein'
4 polymer 'Putative tail lysozyme'
5 polymer 'Phospholipid/glycerol acyltransferase'
6 polymer 'Putative phage tail sheath protein FI'
7 polymer 'Phage tail protein'
8 polymer 'inner protein (Algo6)'
9 polymer 'Phosphoserine phosphatase SerB'
#
loop_
_entity_poly.entity_id
_entity_poly.type
_entity_poly.pdbx_seq_one_letter_code
_entity_poly.pdbx_strand_id
1 'polypeptide(L)'
;MSTLNKHISIPKDMSSKDDLDFHFLREEGIRYIKELGSNFWTDYNTHDPGITMLEVLCYAISDLGNRINIPIEDLIANEE
GGVKGQFYKVQEILPSAPTSELDLRKLFIDIEGIKNCWIKRERVTVFADLKNQKLSYEKTIWEDLKENQKAQFDLKGLYR
ILVETEDADKVLSESLEKAVFTKFHANRNLCEDLIKVEKVATEPISVCANVEVAPEADEELIHAQILIAIEDYLAPSPRH
YSLKQMVDKGYTMDEIFEGPFLENGFIDTVELKASELRKEVRLSDIINIIMSIDGVKIVKEITLGNCDENDGIENNQWVI
CIPENKKPKLCKKTTINYFKGILPINLNPVRVDNHKSKILASRLENDLKAKDDLEPAIPQGTFADWGEYSSIQHEFPETY
GISDIGLPPKLGVKRAVLARQLKGYLLFFDQILASYFEHLSKIKSLLSLDQGPSFTYFTQAIKDIKDVEELFKDPTLLEN
DEELTKSLIGKLDDTIERRNQLMDHLIARFAENFSSYAFLMKFLYGESTDEIVLQDKQSFLREYKEISRERGEGFNFYEQ
SNDNLWDTLNVSGAQKRISKLVGVKDYSRRNLSDTAVEIYRYEHVDGNWVYRWRIRDENGKVLLSATTSYPTYNSAGNEM
YFAILKILETPLSDLEKLLEVNFRNENEAGSFHFHKAATSNKFSFDIINPVIDSESSSDFIVAKQYTYYPDRTQAVLGAI
SLLNFIKYTFTEEGIYLVEHILLRPSPLDPEYLAMQTDAGKEYIEGNFLPFCSDDYENCKMIDPYSFRVSIVLPGFTYRF
ANKDFRDYLENLIREELPAHIVAKICWIGYRKGEEPELFQEDVENPETPIFKENQLEIFEKAYKNYLFELTDIHKRKGFI
ASMNKYNQVLNEMTSSLTGLHTIYPTGRLYDCEDEEEELDGKLILGKTNLGTL
;
A,B,C,D,E,F
2 'polypeptide(L)'
;MSENCNHIVTTLKRDGTGRRDLLDPKLAPESVQLQDFELSDWLIFALNFARKIHFFPSDLANEPLGDWRNFFSTIVSDKT
LISDIENLDDFEKLRGNIEEFLAAYDQSGKLTPHLTLFVSFLKLLETSKKRFNQLTKRHLDFYYQEILHLEKQALSPDHV
FLIFELAKNVSQEKLDEGTEVDGGKDDTGKKNTYLTSFETVLNKTKVGQLKSLYNEISVEKEEIKELNTPISTGTFVMAP
MANSFDGLGEDFPKGSEKWWPFGYTKICNASTVLPALPKARLGCSISSKLLKLSEGTRDIILEFTFNKPILPNGEDYTAL
NKAMSIELTGEKGWIAGLPMTLKSDSGINSGSKKMKLSLTLDSEQPAVVPYQTELHEGSYEVDEPLLRVLFKTNEKEGYN
LYRLFNENVLTDLKITVEVSDITSVQLENDLGVLNPQKPFFPFGPRPIKGSSFIVKYPEAMEKPVTAISYQMDYLNLPEN
LVNHYSAYTIGDDEPLVSDMDYFSVKSFPKSSNDSDQLFSEKSGGGYESDFEFQIENGVWESGLKKELKISLERSFLHEK
YAHYFTLVAISKDTDPTIELLPNEPYAPLAENLVLGYTAISSIDFSSSSSENQVSLIHEMPFGFQQVFTPGDTDNSLYLV
PDYCHGGELYIGLENGKNLQQVTLLLQFLEGSENPDITDIFTGNQKIKWQYLSQNQWQDFQSGEIIQNQTPRFLKSGIFQ
FSIPKQANLDNTVLPPGYHWIKASMVKPFDVVSQLINIHAQAVEAVFEDQGSSGNHLEKGLPAETISKLQERLSWIKSIQ
QPYPSTKGKAQESDEDYYRRVSERLRHKKRAITLWDYEHLILQKFPKVYKVKCLNHTCSSSFQSPGNATLILVPDTVQQS
VFDIYQPRVSQGTLNDVAAFVNELNSFHVQAKVINPNYEEVKVDVKVKFREGLDVSFYLTKVKEDIKKFLSPWAYDQESS
VEFGVTLHRSQMIHYLEQLTYVDYITDLRLLKRQAGSSPCNPIFIETTEKEYIQPSNPKSILVSAKEHLVTPITQNCSSI
SLNNEEECQH
;
G,H,I,J,K,L
3 'polypeptide(L)'
;MSEGKLEKLRIVAYKDSKFSDEVENGEFITLLNPEKYKFQYRVEQNEDQASGTSSAPIRFNKILPQTLEFDFLFDRTGVI
AGYEVTEDGIINDIDHFKKVVYDYNGEKHKPNYLMITWGSLLFKGYLKEMDIEYKLFRPDGTPIRAMATTKIGEFVEEEL
RTAQENNQSPDMSHYRTVKEGDTLPLMTYRIYGDSKYYLEVAKANGLTNFRRLKTGTELIFPPLQKQK
;
M,N,O,P,Q,R
4 'polypeptide(L)'
;MMEKSKDFLGTGWGFPPEFETSIGQVKTTSGVEDIQKSLEILFSTKIGERIMQPTYGCNLDELLFSPINRTLKTYVIELI
KNAILYHEPRIDPEKIDITQGNEIEGELLIHLQYIVRATNSRKNMVYPFYLEEGTNI
;
S,T,U,V,W,X
5 'polypeptide(L)'
;MATYYPPSSFHFLVEFTGIDAKNNDHEFQSVSGLSVDIDTEEFAEGGENRFKHKFPVKTKYPNLVLKRGVLVDSKVISWC
RDAIEDFEFKPIDLTVKLLNEEHQPLMTWNVVHAYPVKWSVEDFNAQESKMAIESVELSYNYFKTIV
;
Y,Z,a,b,c,d
6 'polypeptide(L)'
;MATYKTPGVYIEEITKFPPSVAQVETAIPAFIGYTQFARTKPSVDSDDLILKPKRISSLLDFTTYYGGAQNEQGITVKLT
DTLIEGAENRTINVPEPTFKSPYLMFYSLQMYFANGGGPCYIVSTGVYDDWSDSETPPTINFSDLESGLAVIRKEDEPTL
LLFPDATNLPTDDEFYSLYNSALMQCNDLQDRFTILDTYSDQTYNDGVEDLDPIPALRNGINLTKDYLKYGAAYYPFVQT
ILNYQYSADEIVIQHLSYNPNAIATALDNLNAVNGPTFIDAILDDLRDLSLPDISGEISDAVGFMYDDVDGFDIDGTFTT
NSVKVANFASLVESVLSTLNELIDAKEEINKDVNSAIASSEEDNAIKTAISDALDVFNEDFEGADKIESVAKNLSDLLIK
IKQADTNTKVENVLSINALNFSAEFEKLLTYDVNTGLTASVTLDLFANIGTRLDDIIAAVSAAEPIDVNNGKLNGRLLSD
IEPLDNATYNTILLEINSHKVTLPPSSSMAGAYARVDNDRGVWKSPANIGLNYVSKPSVTVSHEEQESMNVHGTGKSVNA
IRSFVGKGTLVWGARTLAGNDNEWRYISVRRFFNMAEESIKKATEQFVFEPNDGNTWVRVRAMIENFLILQWRAGALAGA
KPEHAFYVKVGLGQTMTAQDILEGNMNVEIGLAVVRPAEFIILKFSHKMQES
;
e,f,g,h,i,j
7 'polypeptide(L)'
;MSYPLSKFHFSVEWGGTKIGFTEVSGLDLETEIIEYRHGASPEYSKIKMPGMQKFSNITLKRGTFKSDNEYFQWYNTINL
NKVERRDLTISLLNEEHEPVVTWKVKNAWPLKVQSTDLKGDGNEVAIESMELAHEGLVIQNE
;
k,l,m,n,o,p
8 'polypeptide(L)' MPIEIKELHIKITVDDSNNAGRGGASSGEDKQQLVAQCVEQVLDVLKSQKER t,u,v
9 'polypeptide(L)'
;MNNSGTIETSQSVDRVTHKILIDGSEIPGTYQVKSIQVTKEVNRIPTARLVILDGDAAERDFKVSNSDHFVPGKEIEITV
GYHSDDETIFKGVVIRQNLKIRNNQSILIVESRDMAVKMTLRRKSKYFYELSDSDILEELISNHGLEADVASTENQHTEL
VQYDVTDWDFMMLRLQANGLLCLVDDGKVSIQKPDLSSEALETVTFGATILEFDAEMDARNQLPKVVSQAWNMSDQELLE
KEGVDPSLETNGNISSSDLASLFDQEEEVLRHGGSKKDGSLQEWANAKWTFQQLAKTRGRIKFQGIPTVKPGVNLLLEGV
GDRFNGKVFITGVNHQISEGNWTVDAQFGLNPEWFSESESNIHTPPAAGLTAAISGLHVGLVTDLEDPDGEDRIKVKIPI
INNEEEGVWCRQAFPDAGNERGITFRPEIEDEVIVGFINEDPNDAVVLGMLHSSANPNPIEASNDNHEKGIQTRSGIKMI
FNDEKSILQIETPTGNLVTLDDDAGSITIEDQNGNKTVMDSDGITMESAKDMNLKASGDINLEGTNVNIKANAEFKAEGS
AGAEVSTSAVAVLKGSLVQIN
;
q,r,s
#
# COMPACT_ATOMS: atom_id res chain seq x y z
N THR A 3 39.45 -11.74 46.49
CA THR A 3 40.53 -10.98 47.09
C THR A 3 41.57 -10.62 46.06
N LEU A 4 41.09 -10.45 44.84
CA LEU A 4 41.93 -10.09 43.72
C LEU A 4 41.79 -8.61 43.45
N ASN A 5 42.71 -8.05 42.68
CA ASN A 5 42.60 -6.64 42.36
C ASN A 5 41.57 -6.45 41.26
N LYS A 6 40.80 -5.37 41.38
CA LYS A 6 39.80 -5.01 40.38
C LYS A 6 40.27 -3.81 39.57
N HIS A 7 39.68 -3.66 38.39
CA HIS A 7 39.97 -2.51 37.57
C HIS A 7 39.31 -1.28 38.17
N ILE A 8 40.00 -0.14 38.13
CA ILE A 8 39.54 1.10 38.75
C ILE A 8 39.16 2.16 37.73
N SER A 9 37.98 2.76 37.91
CA SER A 9 37.49 3.82 37.04
C SER A 9 36.73 4.88 37.83
N ILE A 10 36.40 5.96 37.14
CA ILE A 10 35.70 7.10 37.74
C ILE A 10 34.36 7.35 37.05
N PRO A 11 33.30 7.53 37.82
CA PRO A 11 31.95 7.80 37.33
C PRO A 11 31.91 9.06 36.49
N LYS A 12 30.97 9.11 35.55
CA LYS A 12 30.84 10.26 34.64
C LYS A 12 29.64 11.19 34.94
N ASP A 13 28.75 10.82 35.86
CA ASP A 13 27.61 11.67 36.18
C ASP A 13 27.90 12.53 37.41
N MET A 14 28.69 13.58 37.19
CA MET A 14 29.09 14.46 38.28
C MET A 14 28.00 15.47 38.62
N SER A 15 26.95 14.98 39.27
CA SER A 15 25.81 15.81 39.66
C SER A 15 25.17 15.25 40.92
N SER A 16 25.10 16.06 41.97
CA SER A 16 24.51 15.58 43.20
C SER A 16 23.55 16.56 43.83
N LYS A 17 23.62 17.83 43.45
CA LYS A 17 22.80 18.87 44.02
C LYS A 17 23.00 19.01 45.53
N ASP A 18 24.24 18.93 45.99
CA ASP A 18 24.58 19.06 47.40
C ASP A 18 25.90 19.83 47.54
N ASP A 19 26.52 19.75 48.72
CA ASP A 19 27.72 20.53 48.99
C ASP A 19 28.97 20.05 48.26
N LEU A 20 28.93 18.93 47.57
CA LEU A 20 30.09 18.47 46.82
C LEU A 20 29.99 18.85 45.34
N ASP A 21 28.90 19.51 44.96
CA ASP A 21 28.62 19.87 43.56
C ASP A 21 28.91 21.36 43.35
N PHE A 22 30.07 21.66 42.74
CA PHE A 22 30.50 23.04 42.56
C PHE A 22 29.50 23.88 41.80
N HIS A 23 29.00 23.38 40.68
CA HIS A 23 28.13 24.18 39.85
C HIS A 23 26.83 24.46 40.55
N PHE A 24 26.31 23.48 41.27
CA PHE A 24 25.12 23.70 42.05
C PHE A 24 25.30 24.82 43.06
N LEU A 25 26.40 24.78 43.81
CA LEU A 25 26.65 25.82 44.81
C LEU A 25 26.76 27.19 44.18
N ARG A 26 27.41 27.28 43.03
CA ARG A 26 27.58 28.57 42.37
C ARG A 26 26.24 29.18 41.97
N GLU A 27 25.33 28.36 41.44
CA GLU A 27 24.02 28.88 41.05
C GLU A 27 23.22 29.37 42.24
N GLU A 28 23.26 28.62 43.35
CA GLU A 28 22.54 29.04 44.54
C GLU A 28 23.09 30.33 45.07
N GLY A 29 24.41 30.49 45.01
CA GLY A 29 25.04 31.72 45.44
C GLY A 29 24.50 32.92 44.72
N ILE A 30 24.42 32.83 43.39
CA ILE A 30 23.93 33.95 42.61
C ILE A 30 22.45 34.21 42.88
N ARG A 31 21.64 33.15 43.02
CA ARG A 31 20.24 33.36 43.35
C ARG A 31 20.07 34.15 44.64
N TYR A 32 20.85 33.81 45.67
CA TYR A 32 20.75 34.53 46.93
C TYR A 32 21.16 35.98 46.78
N ILE A 33 22.20 36.25 45.98
CA ILE A 33 22.67 37.62 45.76
C ILE A 33 21.57 38.47 45.14
N LYS A 34 20.90 37.96 44.12
CA LYS A 34 19.85 38.76 43.50
C LYS A 34 18.74 39.07 44.45
N GLU A 35 18.32 38.10 45.23
CA GLU A 35 17.21 38.30 46.15
C GLU A 35 17.52 39.34 47.21
N LEU A 36 18.75 39.38 47.68
CA LEU A 36 19.13 40.31 48.74
C LEU A 36 19.65 41.66 48.27
N GLY A 37 20.46 41.73 47.21
CA GLY A 37 21.10 42.98 46.85
C GLY A 37 21.01 43.52 45.43
N SER A 38 20.05 43.07 44.61
CA SER A 38 19.98 43.47 43.21
C SER A 38 19.74 44.98 43.01
N ASN A 39 19.34 45.70 44.05
CA ASN A 39 19.17 47.13 43.91
C ASN A 39 20.49 47.82 43.68
N PHE A 40 21.57 47.27 44.18
CA PHE A 40 22.87 47.91 44.09
C PHE A 40 23.89 47.13 43.31
N TRP A 41 23.82 45.81 43.34
CA TRP A 41 24.79 44.97 42.66
C TRP A 41 24.09 44.20 41.57
N THR A 42 24.29 44.64 40.31
CA THR A 42 23.64 44.02 39.15
C THR A 42 24.59 43.41 38.14
N ASP A 43 25.86 43.75 38.16
CA ASP A 43 26.83 43.26 37.21
C ASP A 43 27.35 41.91 37.70
N TYR A 44 26.99 40.81 37.05
CA TYR A 44 27.43 39.50 37.51
C TYR A 44 28.39 38.85 36.52
N ASN A 45 29.12 39.67 35.77
CA ASN A 45 30.10 39.19 34.82
C ASN A 45 31.34 38.65 35.53
N THR A 46 32.12 37.86 34.80
CA THR A 46 33.26 37.18 35.38
C THR A 46 34.44 38.06 35.76
N HIS A 47 34.51 39.31 35.32
CA HIS A 47 35.61 40.16 35.76
C HIS A 47 35.36 40.76 37.13
N ASP A 48 34.16 40.60 37.66
CA ASP A 48 33.73 41.22 38.91
C ASP A 48 34.37 40.56 40.13
N PRO A 49 35.09 41.32 40.97
CA PRO A 49 35.66 40.83 42.24
C PRO A 49 34.66 40.13 43.13
N GLY A 50 33.41 40.57 43.11
CA GLY A 50 32.37 39.95 43.91
C GLY A 50 32.17 38.50 43.53
N ILE A 51 31.96 38.26 42.24
CA ILE A 51 31.77 36.93 41.71
C ILE A 51 33.01 36.09 41.91
N THR A 52 34.20 36.69 41.75
CA THR A 52 35.45 35.96 41.98
C THR A 52 35.50 35.39 43.40
N MET A 53 35.15 36.21 44.40
CA MET A 53 35.13 35.76 45.78
C MET A 53 34.16 34.62 46.00
N LEU A 54 32.98 34.69 45.38
CA LEU A 54 31.98 33.62 45.51
C LEU A 54 32.52 32.29 45.04
N GLU A 55 33.18 32.28 43.87
CA GLU A 55 33.70 31.03 43.34
C GLU A 55 34.77 30.43 44.25
N VAL A 56 35.61 31.27 44.84
CA VAL A 56 36.63 30.78 45.77
C VAL A 56 36.00 30.11 46.96
N LEU A 57 34.97 30.73 47.52
CA LEU A 57 34.29 30.17 48.67
C LEU A 57 33.60 28.85 48.33
N CYS A 58 33.00 28.75 47.15
CA CYS A 58 32.34 27.50 46.77
C CYS A 58 33.33 26.35 46.72
N TYR A 59 34.53 26.62 46.21
CA TYR A 59 35.60 25.64 46.14
C TYR A 59 35.98 25.17 47.55
N ALA A 60 36.14 26.11 48.48
CA ALA A 60 36.46 25.79 49.87
C ALA A 60 35.40 24.93 50.53
N ILE A 61 34.12 25.17 50.22
CA ILE A 61 33.05 24.36 50.79
C ILE A 61 33.16 22.92 50.36
N SER A 62 33.43 22.68 49.08
CA SER A 62 33.57 21.31 48.58
C SER A 62 34.65 20.56 49.34
N ASP A 63 35.76 21.24 49.65
CA ASP A 63 36.86 20.63 50.41
C ASP A 63 36.38 20.19 51.78
N LEU A 64 35.63 21.05 52.46
CA LEU A 64 35.13 20.68 53.78
C LEU A 64 34.23 19.47 53.70
N GLY A 65 33.29 19.46 52.74
CA GLY A 65 32.37 18.34 52.63
C GLY A 65 33.08 17.04 52.38
N ASN A 66 34.14 17.09 51.57
CA ASN A 66 34.90 15.90 51.26
C ASN A 66 35.58 15.29 52.48
N ARG A 67 36.00 16.11 53.45
CA ARG A 67 36.63 15.49 54.63
C ARG A 67 35.61 14.95 55.58
N ILE A 68 34.44 15.57 55.63
CA ILE A 68 33.41 15.05 56.51
C ILE A 68 33.06 13.62 56.14
N ASN A 69 33.12 13.28 54.85
CA ASN A 69 32.83 11.92 54.38
C ASN A 69 33.95 10.89 54.60
N ILE A 70 35.06 11.24 55.21
CA ILE A 70 36.11 10.25 55.51
C ILE A 70 35.52 9.23 56.49
N PRO A 71 35.74 7.94 56.27
CA PRO A 71 35.17 6.89 57.12
C PRO A 71 35.64 6.97 58.56
N ILE A 72 34.76 6.52 59.45
CA ILE A 72 34.94 6.56 60.90
C ILE A 72 36.23 5.88 61.32
N GLU A 73 36.62 4.82 60.64
CA GLU A 73 37.79 4.06 61.05
C GLU A 73 39.02 4.96 61.09
N ASP A 74 39.03 6.00 60.26
CA ASP A 74 40.16 6.88 60.22
C ASP A 74 39.93 8.11 61.08
N LEU A 75 38.71 8.64 61.07
CA LEU A 75 38.45 9.88 61.81
C LEU A 75 38.68 9.73 63.29
N ILE A 76 38.43 8.57 63.87
CA ILE A 76 38.64 8.44 65.30
C ILE A 76 39.82 7.54 65.65
N ALA A 77 40.73 7.36 64.72
CA ALA A 77 41.91 6.55 64.97
C ALA A 77 42.86 7.18 65.96
N ASN A 78 43.57 6.34 66.70
CA ASN A 78 44.62 6.80 67.60
C ASN A 78 45.96 6.77 66.87
N GLU A 79 46.88 7.59 67.35
CA GLU A 79 48.21 7.68 66.77
C GLU A 79 48.95 6.35 66.80
N GLU A 80 48.74 5.59 67.84
CA GLU A 80 49.31 4.28 68.06
C GLU A 80 48.45 3.12 67.63
N GLY A 81 47.31 3.39 66.99
CA GLY A 81 46.38 2.36 66.62
C GLY A 81 45.48 1.97 67.79
N GLY A 82 44.52 1.08 67.53
CA GLY A 82 43.62 0.65 68.58
C GLY A 82 42.46 1.60 68.80
N VAL A 83 41.55 1.17 69.69
CA VAL A 83 40.33 1.90 70.03
C VAL A 83 40.14 2.01 71.53
N LYS A 84 41.23 2.03 72.28
CA LYS A 84 41.18 1.97 73.74
C LYS A 84 40.18 2.93 74.41
N GLY A 85 40.20 4.21 74.04
CA GLY A 85 39.31 5.16 74.68
C GLY A 85 37.99 5.38 73.98
N GLN A 86 37.72 4.61 72.94
CA GLN A 86 36.51 4.80 72.17
C GLN A 86 35.50 3.71 72.37
N PHE A 87 35.94 2.46 72.35
CA PHE A 87 34.98 1.38 72.40
C PHE A 87 35.43 0.30 73.36
N TYR A 88 34.46 -0.43 73.87
CA TYR A 88 34.77 -1.65 74.60
C TYR A 88 34.63 -2.78 73.60
N LYS A 89 35.54 -3.74 73.62
CA LYS A 89 35.54 -4.84 72.65
C LYS A 89 34.66 -6.01 73.09
N VAL A 90 34.33 -6.91 72.15
CA VAL A 90 33.42 -8.01 72.51
C VAL A 90 33.96 -8.91 73.59
N GLN A 91 35.28 -9.10 73.64
CA GLN A 91 35.93 -9.92 74.65
C GLN A 91 35.77 -9.36 76.03
N GLU A 92 35.44 -8.09 76.11
CA GLU A 92 35.33 -7.36 77.34
C GLU A 92 33.91 -7.02 77.74
N ILE A 93 33.05 -6.71 76.76
CA ILE A 93 31.71 -6.24 77.09
C ILE A 93 30.60 -7.28 76.92
N LEU A 94 30.79 -8.34 76.16
CA LEU A 94 29.74 -9.37 76.06
C LEU A 94 29.69 -10.52 77.09
N PRO A 95 30.83 -11.08 77.55
CA PRO A 95 30.87 -12.20 78.50
C PRO A 95 30.22 -11.88 79.84
N SER A 96 29.72 -12.92 80.51
CA SER A 96 29.04 -12.73 81.79
C SER A 96 29.62 -13.62 82.88
N ALA A 97 29.58 -13.13 84.13
CA ALA A 97 30.10 -13.89 85.26
C ALA A 97 29.31 -15.19 85.32
N PRO A 98 29.86 -16.29 85.83
CA PRO A 98 29.03 -17.49 85.80
C PRO A 98 28.07 -17.63 86.98
N THR A 99 26.76 -17.61 86.74
CA THR A 99 25.74 -17.75 87.80
C THR A 99 24.79 -18.95 87.65
N SER A 100 24.81 -19.62 86.51
CA SER A 100 23.93 -20.75 86.26
C SER A 100 24.68 -22.08 86.38
N GLU A 101 23.91 -23.18 86.34
CA GLU A 101 24.47 -24.52 86.48
C GLU A 101 25.39 -24.84 85.29
N LEU A 102 24.98 -24.45 84.06
CA LEU A 102 25.77 -24.71 82.88
C LEU A 102 27.03 -23.89 82.90
N ASP A 103 26.95 -22.66 83.41
CA ASP A 103 28.13 -21.84 83.52
C ASP A 103 29.15 -22.48 84.43
N LEU A 104 28.68 -23.02 85.56
CA LEU A 104 29.59 -23.69 86.49
C LEU A 104 30.23 -24.89 85.86
N ARG A 105 29.46 -25.66 85.10
CA ARG A 105 30.09 -26.80 84.46
C ARG A 105 31.16 -26.34 83.50
N LYS A 106 30.91 -25.27 82.72
CA LYS A 106 31.93 -24.75 81.81
C LYS A 106 33.12 -24.20 82.57
N LEU A 107 32.87 -23.57 83.71
CA LEU A 107 33.93 -23.00 84.52
C LEU A 107 34.94 -24.04 84.97
N PHE A 108 34.44 -25.16 85.52
CA PHE A 108 35.33 -26.16 86.09
C PHE A 108 35.88 -27.13 85.07
N ILE A 109 35.16 -27.37 83.96
CA ILE A 109 35.60 -28.33 82.96
C ILE A 109 36.87 -27.91 82.25
N ASP A 110 37.30 -26.65 82.42
CA ASP A 110 38.55 -26.17 81.86
C ASP A 110 39.75 -26.31 82.77
N ILE A 111 39.59 -26.95 83.90
CA ILE A 111 40.76 -27.23 84.73
C ILE A 111 41.43 -28.43 84.10
N GLU A 112 42.71 -28.33 83.79
CA GLU A 112 43.38 -29.42 83.11
C GLU A 112 43.29 -30.69 83.96
N GLY A 113 42.99 -31.81 83.31
CA GLY A 113 42.83 -33.09 83.97
C GLY A 113 41.38 -33.45 84.24
N ILE A 114 40.46 -32.50 84.09
CA ILE A 114 39.04 -32.77 84.30
C ILE A 114 38.31 -32.90 82.97
N LYS A 115 37.57 -33.99 82.82
CA LYS A 115 36.84 -34.25 81.59
C LYS A 115 35.40 -33.81 81.67
N ASN A 116 34.81 -33.92 82.85
CA ASN A 116 33.42 -33.53 83.02
C ASN A 116 33.15 -33.27 84.50
N CYS A 117 32.08 -32.52 84.74
CA CYS A 117 31.62 -32.18 86.08
C CYS A 117 30.13 -32.13 86.17
N TRP A 118 29.61 -32.50 87.32
CA TRP A 118 28.19 -32.36 87.55
C TRP A 118 27.99 -31.63 88.87
N ILE A 119 26.99 -30.77 88.92
CA ILE A 119 26.74 -29.96 90.09
C ILE A 119 25.47 -30.44 90.77
N LYS A 120 25.58 -30.83 92.03
CA LYS A 120 24.45 -31.32 92.79
C LYS A 120 24.29 -30.46 94.03
N ARG A 121 23.10 -30.55 94.64
CA ARG A 121 22.69 -29.74 95.79
C ARG A 121 22.69 -30.56 97.08
N GLU A 122 23.27 -30.02 98.16
CA GLU A 122 23.22 -30.67 99.46
C GLU A 122 21.92 -30.40 100.17
N ARG A 123 21.45 -31.40 100.93
CA ARG A 123 20.26 -31.27 101.76
C ARG A 123 20.68 -31.51 103.21
N VAL A 124 21.06 -30.44 103.90
CA VAL A 124 21.42 -30.51 105.30
C VAL A 124 20.14 -30.36 106.07
N THR A 125 19.91 -31.24 107.02
CA THR A 125 18.68 -31.19 107.77
C THR A 125 18.84 -30.71 109.19
N VAL A 126 17.92 -29.84 109.58
CA VAL A 126 17.85 -29.29 110.91
C VAL A 126 16.52 -29.66 111.53
N PHE A 127 16.56 -30.15 112.74
CA PHE A 127 15.39 -30.61 113.44
C PHE A 127 15.03 -29.62 114.52
N ALA A 128 13.75 -29.53 114.84
CA ALA A 128 13.39 -28.60 115.88
C ALA A 128 12.29 -29.05 116.82
N ASP A 129 12.43 -28.50 118.03
CA ASP A 129 11.54 -28.62 119.18
C ASP A 129 10.58 -27.43 119.13
N LEU A 130 9.29 -27.70 118.97
CA LEU A 130 8.34 -26.60 118.86
C LEU A 130 7.69 -26.31 120.22
N LYS A 131 8.08 -27.06 121.23
CA LYS A 131 7.58 -26.86 122.58
C LYS A 131 8.43 -25.80 123.21
N ASN A 132 9.72 -25.99 123.05
CA ASN A 132 10.77 -25.10 123.51
C ASN A 132 11.49 -24.78 122.23
N GLN A 133 11.42 -23.57 121.78
CA GLN A 133 12.00 -23.31 120.46
C GLN A 133 13.47 -23.57 120.66
N LYS A 134 13.90 -24.65 120.03
CA LYS A 134 15.30 -25.04 119.97
C LYS A 134 15.56 -25.88 118.72
N LEU A 135 16.74 -25.71 118.12
CA LEU A 135 17.06 -26.47 116.92
C LEU A 135 18.46 -27.10 116.95
N SER A 136 18.58 -28.28 116.31
CA SER A 136 19.83 -29.02 116.27
C SER A 136 19.87 -29.97 115.06
N TYR A 137 21.07 -30.48 114.73
CA TYR A 137 21.23 -31.37 113.59
C TYR A 137 20.92 -32.80 113.98
N GLU A 138 20.66 -32.99 115.26
CA GLU A 138 20.34 -34.28 115.85
C GLU A 138 18.84 -34.42 116.09
N LYS A 139 18.33 -35.66 115.97
CA LYS A 139 16.92 -35.91 116.31
C LYS A 139 16.70 -36.04 117.80
N THR A 140 17.77 -35.89 118.55
CA THR A 140 17.77 -35.88 120.00
C THR A 140 17.05 -34.66 120.51
N ILE A 141 16.93 -33.66 119.63
CA ILE A 141 16.21 -32.44 119.89
C ILE A 141 14.74 -32.73 120.16
N TRP A 142 14.25 -33.90 119.74
CA TRP A 142 12.87 -34.31 119.89
C TRP A 142 12.59 -35.18 121.10
N GLU A 143 13.59 -35.50 121.92
CA GLU A 143 13.31 -36.34 123.07
C GLU A 143 12.26 -35.74 123.97
N ASP A 144 11.32 -36.58 124.37
CA ASP A 144 10.22 -36.30 125.27
C ASP A 144 9.14 -35.36 124.69
N LEU A 145 9.09 -35.17 123.37
CA LEU A 145 8.06 -34.33 122.76
C LEU A 145 6.91 -35.15 122.21
N LYS A 146 5.77 -34.48 122.06
CA LYS A 146 4.60 -35.07 121.43
C LYS A 146 4.76 -35.03 119.91
N GLU A 147 3.97 -35.84 119.23
CA GLU A 147 4.03 -35.90 117.77
C GLU A 147 3.75 -34.59 117.04
N ASN A 148 3.02 -33.67 117.64
CA ASN A 148 2.71 -32.42 116.98
C ASN A 148 3.62 -31.27 117.42
N GLN A 149 4.72 -31.59 118.08
CA GLN A 149 5.69 -30.60 118.52
C GLN A 149 7.00 -30.75 117.76
N LYS A 150 6.97 -31.43 116.64
CA LYS A 150 8.18 -31.72 115.89
C LYS A 150 8.22 -31.02 114.52
N ALA A 151 9.40 -30.54 114.13
CA ALA A 151 9.60 -29.92 112.82
C ALA A 151 10.98 -30.21 112.23
N GLN A 152 11.06 -30.07 110.90
CA GLN A 152 12.32 -30.23 110.16
C GLN A 152 12.42 -29.21 109.05
N PHE A 153 13.59 -28.60 108.88
CA PHE A 153 13.74 -27.76 107.69
C PHE A 153 15.04 -28.15 107.02
N ASP A 154 15.08 -27.98 105.70
CA ASP A 154 16.25 -28.36 104.90
C ASP A 154 16.94 -27.08 104.46
N LEU A 155 18.25 -27.12 104.27
CA LEU A 155 18.94 -25.91 103.85
C LEU A 155 18.86 -25.70 102.33
N LYS A 156 18.82 -24.42 101.90
CA LYS A 156 18.51 -24.06 100.51
C LYS A 156 19.68 -23.65 99.57
N GLY A 157 20.90 -23.36 100.02
CA GLY A 157 21.92 -22.93 99.05
C GLY A 157 23.29 -23.61 99.06
N LEU A 158 23.36 -24.92 99.31
CA LEU A 158 24.67 -25.56 99.42
C LEU A 158 24.98 -26.54 98.29
N TYR A 159 26.26 -26.59 97.86
CA TYR A 159 26.73 -27.43 96.75
C TYR A 159 27.70 -28.58 97.05
N ARG A 160 27.61 -29.58 96.15
CA ARG A 160 28.52 -30.73 96.03
C ARG A 160 28.97 -30.87 94.58
N ILE A 161 30.27 -31.00 94.35
CA ILE A 161 30.77 -31.11 92.97
C ILE A 161 31.32 -32.49 92.67
N LEU A 162 30.77 -33.12 91.62
CA LEU A 162 31.17 -34.44 91.18
C LEU A 162 32.12 -34.33 90.01
N VAL A 163 33.32 -34.87 90.14
CA VAL A 163 34.36 -34.69 89.13
C VAL A 163 34.78 -35.98 88.43
N GLU A 164 34.83 -35.94 87.10
CA GLU A 164 35.37 -37.02 86.29
C GLU A 164 36.71 -36.62 85.73
N THR A 165 37.77 -37.35 86.08
CA THR A 165 39.12 -37.01 85.64
C THR A 165 39.72 -38.00 84.65
N GLU A 166 40.78 -37.51 83.98
CA GLU A 166 41.57 -38.28 83.00
C GLU A 166 42.40 -39.39 83.60
N ASP A 167 42.87 -39.19 84.82
CA ASP A 167 43.80 -40.04 85.56
C ASP A 167 43.35 -41.49 85.77
N ALA A 168 42.06 -41.72 85.97
CA ALA A 168 41.50 -43.05 86.28
C ALA A 168 42.08 -43.63 87.57
N ASP A 169 42.31 -42.76 88.55
CA ASP A 169 42.79 -43.11 89.89
C ASP A 169 41.57 -43.35 90.76
N LYS A 170 41.79 -43.66 92.05
CA LYS A 170 40.68 -43.87 92.98
C LYS A 170 40.17 -42.57 93.58
N VAL A 171 41.03 -41.56 93.72
CA VAL A 171 40.68 -40.30 94.38
C VAL A 171 41.10 -39.11 93.51
N LEU A 172 40.63 -37.91 93.87
CA LEU A 172 41.10 -36.73 93.17
C LEU A 172 42.42 -36.30 93.75
N SER A 173 43.31 -35.79 92.91
CA SER A 173 44.54 -35.19 93.40
C SER A 173 44.18 -33.98 94.24
N GLU A 174 44.94 -33.73 95.30
CA GLU A 174 44.61 -32.57 96.12
C GLU A 174 44.77 -31.27 95.32
N SER A 175 45.54 -31.30 94.23
CA SER A 175 45.69 -30.10 93.41
C SER A 175 44.41 -29.77 92.65
N LEU A 176 43.56 -30.78 92.43
CA LEU A 176 42.31 -30.53 91.76
C LEU A 176 41.34 -29.99 92.77
N GLU A 177 41.33 -30.58 93.97
CA GLU A 177 40.44 -30.02 94.97
C GLU A 177 40.72 -28.57 95.25
N LYS A 178 42.00 -28.20 95.26
CA LYS A 178 42.32 -26.81 95.49
C LYS A 178 41.82 -25.98 94.32
N ALA A 179 42.02 -26.44 93.07
CA ALA A 179 41.58 -25.69 91.90
C ALA A 179 40.07 -25.47 91.88
N VAL A 180 39.29 -26.50 92.24
CA VAL A 180 37.84 -26.36 92.23
C VAL A 180 37.37 -25.43 93.33
N PHE A 181 37.88 -25.60 94.55
CA PHE A 181 37.46 -24.72 95.62
C PHE A 181 37.87 -23.29 95.33
N THR A 182 39.08 -23.08 94.81
CA THR A 182 39.53 -21.74 94.47
C THR A 182 38.62 -21.05 93.48
N LYS A 183 38.29 -21.71 92.38
CA LYS A 183 37.44 -21.06 91.40
C LYS A 183 36.04 -20.84 91.92
N PHE A 184 35.50 -21.79 92.69
CA PHE A 184 34.16 -21.59 93.21
C PHE A 184 34.11 -20.35 94.05
N HIS A 185 35.00 -20.22 95.01
CA HIS A 185 34.90 -19.11 95.93
C HIS A 185 35.18 -17.79 95.24
N ALA A 186 36.13 -17.79 94.30
CA ALA A 186 36.45 -16.59 93.56
C ALA A 186 35.25 -16.09 92.76
N ASN A 187 34.41 -16.99 92.27
CA ASN A 187 33.26 -16.64 91.45
C ASN A 187 31.97 -17.23 92.01
N ARG A 188 31.37 -16.61 93.01
CA ARG A 188 30.18 -17.22 93.60
C ARG A 188 29.02 -16.26 93.71
N ASN A 189 27.83 -16.84 93.83
CA ASN A 189 26.60 -16.09 93.96
C ASN A 189 26.39 -15.69 95.41
N LEU A 190 25.58 -14.66 95.60
CA LEU A 190 25.20 -14.22 96.94
C LEU A 190 24.32 -15.27 97.61
N CYS A 191 24.64 -15.60 98.88
CA CYS A 191 23.92 -16.56 99.74
C CYS A 191 24.00 -18.03 99.29
N GLU A 192 25.16 -18.44 98.78
CA GLU A 192 25.39 -19.83 98.36
C GLU A 192 26.80 -20.27 98.77
N ASP A 193 27.00 -21.57 99.02
CA ASP A 193 28.31 -22.07 99.42
C ASP A 193 28.59 -23.50 98.96
N LEU A 194 29.88 -23.85 98.93
CA LEU A 194 30.38 -25.16 98.52
C LEU A 194 30.86 -25.98 99.70
N ILE A 195 30.30 -27.17 99.85
CA ILE A 195 30.64 -28.06 100.94
C ILE A 195 31.69 -29.08 100.56
N LYS A 196 31.48 -29.79 99.45
CA LYS A 196 32.39 -30.87 99.11
C LYS A 196 32.65 -31.04 97.62
N VAL A 197 33.90 -31.37 97.29
CA VAL A 197 34.34 -31.72 95.95
C VAL A 197 34.85 -33.15 96.01
N GLU A 198 34.32 -34.02 95.14
CA GLU A 198 34.68 -35.43 95.17
C GLU A 198 34.60 -36.08 93.79
N LYS A 199 35.25 -37.23 93.67
CA LYS A 199 35.25 -37.98 92.41
C LYS A 199 33.94 -38.76 92.25
N VAL A 200 33.40 -38.76 91.03
CA VAL A 200 32.12 -39.42 90.72
C VAL A 200 32.20 -40.96 90.89
N ALA A 201 31.15 -41.53 91.51
CA ALA A 201 31.00 -42.98 91.71
C ALA A 201 30.55 -43.67 90.42
N THR A 202 30.85 -44.99 90.30
CA THR A 202 30.46 -45.70 89.09
C THR A 202 29.69 -47.00 89.32
N GLU A 203 29.07 -47.49 88.22
CA GLU A 203 28.35 -48.77 88.16
C GLU A 203 28.84 -49.61 86.97
N PRO A 204 29.38 -50.82 87.18
CA PRO A 204 29.91 -51.68 86.10
C PRO A 204 28.86 -52.47 85.33
N ILE A 205 28.97 -52.47 83.99
CA ILE A 205 28.05 -53.19 83.09
C ILE A 205 28.81 -54.14 82.16
N SER A 206 28.31 -55.36 82.02
CA SER A 206 28.87 -56.34 81.12
C SER A 206 28.15 -56.39 79.78
N VAL A 207 28.92 -56.60 78.71
CA VAL A 207 28.36 -56.80 77.38
C VAL A 207 29.06 -58.02 76.79
N CYS A 208 28.30 -59.00 76.30
CA CYS A 208 28.86 -60.19 75.68
C CYS A 208 28.19 -60.47 74.34
N ALA A 209 28.97 -60.81 73.30
CA ALA A 209 28.36 -61.06 71.99
C ALA A 209 29.15 -61.94 71.02
N ASN A 210 28.41 -62.50 70.04
CA ASN A 210 28.95 -63.23 68.88
C ASN A 210 28.63 -62.45 67.62
N VAL A 211 29.66 -61.99 66.93
CA VAL A 211 29.49 -61.09 65.79
C VAL A 211 30.16 -61.63 64.52
N GLU A 212 29.37 -61.76 63.45
CA GLU A 212 29.88 -62.19 62.16
C GLU A 212 30.24 -60.99 61.32
N VAL A 213 31.41 -61.05 60.71
CA VAL A 213 31.92 -59.96 59.89
C VAL A 213 32.18 -60.44 58.47
N ALA A 214 32.34 -59.48 57.58
CA ALA A 214 32.64 -59.73 56.19
C ALA A 214 33.94 -60.53 56.05
N PRO A 215 34.01 -61.43 55.04
CA PRO A 215 35.20 -62.26 54.78
C PRO A 215 36.45 -61.47 54.46
N GLU A 216 36.28 -60.21 54.07
CA GLU A 216 37.39 -59.32 53.73
C GLU A 216 37.24 -58.10 54.62
N ALA A 217 37.66 -58.25 55.86
CA ALA A 217 37.52 -57.21 56.85
C ALA A 217 38.67 -57.30 57.84
N ASP A 218 39.06 -56.13 58.35
CA ASP A 218 40.11 -55.99 59.35
C ASP A 218 39.46 -56.07 60.72
N GLU A 219 39.59 -57.23 61.37
CA GLU A 219 38.95 -57.49 62.64
C GLU A 219 39.53 -56.71 63.80
N GLU A 220 40.83 -56.47 63.81
CA GLU A 220 41.40 -55.73 64.92
C GLU A 220 40.86 -54.31 64.92
N LEU A 221 40.70 -53.74 63.72
CA LEU A 221 40.14 -52.41 63.61
C LEU A 221 38.68 -52.39 63.98
N ILE A 222 37.91 -53.40 63.54
CA ILE A 222 36.50 -53.44 63.91
C ILE A 222 36.35 -53.49 65.41
N HIS A 223 37.17 -54.32 66.07
CA HIS A 223 37.05 -54.41 67.51
C HIS A 223 37.35 -53.07 68.17
N ALA A 224 38.42 -52.40 67.75
CA ALA A 224 38.75 -51.10 68.35
C ALA A 224 37.62 -50.10 68.17
N GLN A 225 36.98 -50.10 67.00
CA GLN A 225 35.90 -49.18 66.72
C GLN A 225 34.63 -49.48 67.53
N ILE A 226 34.24 -50.76 67.65
CA ILE A 226 33.04 -51.09 68.43
C ILE A 226 33.24 -50.68 69.86
N LEU A 227 34.40 -51.05 70.38
CA LEU A 227 34.75 -50.81 71.76
C LEU A 227 34.70 -49.32 72.09
N ILE A 228 35.27 -48.46 71.24
CA ILE A 228 35.20 -47.02 71.52
C ILE A 228 33.77 -46.52 71.49
N ALA A 229 33.00 -46.92 70.47
CA ALA A 229 31.64 -46.43 70.34
C ALA A 229 30.77 -46.77 71.55
N ILE A 230 30.89 -47.99 72.10
CA ILE A 230 30.12 -48.30 73.30
C ILE A 230 30.52 -47.46 74.47
N GLU A 231 31.83 -47.28 74.67
CA GLU A 231 32.26 -46.44 75.77
C GLU A 231 31.71 -45.02 75.66
N ASP A 232 31.70 -44.45 74.43
CA ASP A 232 31.18 -43.10 74.25
C ASP A 232 29.69 -43.02 74.55
N TYR A 233 28.92 -44.05 74.18
CA TYR A 233 27.49 -44.10 74.51
C TYR A 233 27.27 -44.00 76.01
N LEU A 234 27.98 -44.81 76.76
CA LEU A 234 27.78 -44.85 78.20
C LEU A 234 28.16 -43.55 78.89
N ALA A 235 29.23 -42.88 78.45
CA ALA A 235 29.70 -41.67 79.15
C ALA A 235 30.31 -40.63 78.23
N PRO A 236 29.48 -39.90 77.45
CA PRO A 236 29.91 -38.86 76.50
C PRO A 236 30.59 -37.69 77.19
N SER A 237 31.42 -36.94 76.45
CA SER A 237 32.07 -35.74 76.97
C SER A 237 32.15 -34.70 75.85
N PRO A 238 32.13 -33.39 76.19
CA PRO A 238 32.20 -32.29 75.22
C PRO A 238 33.61 -32.03 74.69
N ARG A 239 33.70 -31.32 73.56
CA ARG A 239 34.99 -30.94 73.01
C ARG A 239 35.10 -29.45 72.78
N HIS A 240 36.32 -28.95 72.71
CA HIS A 240 36.57 -27.53 72.49
C HIS A 240 36.62 -27.18 71.03
N TYR A 241 36.12 -25.97 70.70
CA TYR A 241 36.11 -25.49 69.34
C TYR A 241 36.80 -24.15 69.15
N SER A 242 37.31 -23.93 67.94
CA SER A 242 37.89 -22.66 67.55
C SER A 242 36.76 -21.68 67.28
N LEU A 243 37.07 -20.39 67.20
CA LEU A 243 36.03 -19.42 66.86
C LEU A 243 35.51 -19.67 65.46
N LYS A 244 36.42 -19.93 64.52
CA LYS A 244 36.00 -20.22 63.16
C LYS A 244 35.01 -21.37 63.11
N GLN A 245 35.24 -22.42 63.90
CA GLN A 245 34.31 -23.55 63.95
C GLN A 245 32.95 -23.16 64.51
N MET A 246 32.91 -22.35 65.59
CA MET A 246 31.62 -21.94 66.14
C MET A 246 30.82 -21.17 65.11
N VAL A 247 31.52 -20.37 64.31
CA VAL A 247 30.88 -19.62 63.24
C VAL A 247 30.35 -20.56 62.17
N ASP A 248 31.15 -21.56 61.75
CA ASP A 248 30.69 -22.52 60.74
C ASP A 248 29.43 -23.26 61.18
N LYS A 249 29.33 -23.56 62.48
CA LYS A 249 28.17 -24.23 63.03
C LYS A 249 26.89 -23.40 62.95
N GLY A 250 26.99 -22.11 62.66
CA GLY A 250 25.83 -21.25 62.54
C GLY A 250 25.52 -20.41 63.75
N TYR A 251 26.44 -20.26 64.69
CA TYR A 251 26.18 -19.44 65.85
C TYR A 251 26.56 -18.00 65.57
N THR A 252 25.91 -17.05 66.24
CA THR A 252 26.30 -15.65 66.07
C THR A 252 27.04 -15.14 67.29
N MET A 253 27.49 -13.89 67.21
CA MET A 253 28.32 -13.29 68.25
C MET A 253 27.65 -13.25 69.60
N ASP A 254 26.37 -12.89 69.63
CA ASP A 254 25.66 -12.81 70.89
C ASP A 254 25.64 -14.13 71.62
N GLU A 255 25.65 -15.22 70.87
CA GLU A 255 25.51 -16.55 71.42
C GLU A 255 26.87 -17.13 71.77
N ILE A 256 27.85 -16.89 70.91
CA ILE A 256 29.18 -17.47 71.12
C ILE A 256 29.77 -16.95 72.41
N PHE A 257 29.55 -15.68 72.70
CA PHE A 257 30.06 -15.02 73.90
C PHE A 257 29.03 -14.89 75.02
N GLU A 258 27.95 -15.68 74.99
CA GLU A 258 26.89 -15.59 76.02
C GLU A 258 27.32 -15.88 77.46
N GLY A 259 28.19 -16.85 77.68
CA GLY A 259 28.57 -17.23 79.04
C GLY A 259 29.93 -16.65 79.45
N PRO A 260 30.58 -17.29 80.41
CA PRO A 260 31.93 -16.92 80.87
C PRO A 260 32.89 -17.05 79.72
N PHE A 261 33.92 -16.22 79.67
CA PHE A 261 34.90 -16.39 78.61
C PHE A 261 35.80 -17.55 79.00
N LEU A 262 36.10 -18.44 78.05
CA LEU A 262 36.93 -19.59 78.35
C LEU A 262 38.24 -19.56 77.57
N GLU A 263 39.35 -19.62 78.28
CA GLU A 263 40.70 -19.56 77.71
C GLU A 263 41.06 -20.73 76.80
N ASN A 264 40.39 -21.86 76.91
CA ASN A 264 40.78 -23.04 76.18
C ASN A 264 39.98 -23.31 74.92
N GLY A 265 39.13 -22.40 74.49
CA GLY A 265 38.30 -22.68 73.33
C GLY A 265 36.85 -22.63 73.74
N PHE A 266 35.99 -22.72 72.76
CA PHE A 266 34.57 -22.58 73.05
C PHE A 266 33.95 -23.93 73.34
N ILE A 267 32.97 -23.97 74.24
CA ILE A 267 32.22 -25.18 74.54
C ILE A 267 30.78 -25.01 74.10
N ASP A 268 30.28 -25.97 73.34
CA ASP A 268 28.93 -25.94 72.82
C ASP A 268 27.95 -26.41 73.89
N THR A 269 26.96 -25.55 74.13
CA THR A 269 25.96 -25.79 75.17
C THR A 269 25.17 -27.08 74.91
N VAL A 270 24.87 -27.39 73.65
CA VAL A 270 24.14 -28.61 73.36
C VAL A 270 24.89 -29.84 73.82
N GLU A 271 26.17 -29.91 73.49
CA GLU A 271 26.96 -31.07 73.92
C GLU A 271 27.00 -31.13 75.42
N LEU A 272 27.13 -29.98 76.07
CA LEU A 272 27.23 -29.96 77.51
C LEU A 272 25.96 -30.48 78.15
N LYS A 273 24.79 -30.09 77.64
CA LYS A 273 23.52 -30.59 78.18
C LYS A 273 23.38 -32.08 77.95
N ALA A 274 23.81 -32.54 76.78
CA ALA A 274 23.70 -33.96 76.45
C ALA A 274 24.52 -34.84 77.39
N SER A 275 25.73 -34.41 77.76
CA SER A 275 26.62 -35.21 78.61
C SER A 275 26.30 -35.18 80.11
N GLU A 276 25.07 -35.62 80.42
CA GLU A 276 24.54 -35.73 81.76
C GLU A 276 24.68 -37.18 82.21
N LEU A 277 24.72 -37.44 83.51
CA LEU A 277 24.82 -38.81 83.94
C LEU A 277 23.61 -39.62 83.45
N ARG A 278 23.90 -40.74 82.79
CA ARG A 278 22.91 -41.64 82.20
C ARG A 278 22.14 -42.42 83.26
N LYS A 279 20.82 -42.55 83.07
CA LYS A 279 20.01 -43.33 83.99
C LYS A 279 19.70 -44.73 83.50
N GLU A 280 19.65 -44.97 82.19
CA GLU A 280 19.29 -46.31 81.75
C GLU A 280 20.14 -46.87 80.64
N VAL A 281 20.31 -48.19 80.68
CA VAL A 281 21.06 -48.93 79.68
C VAL A 281 20.11 -49.90 79.00
N ARG A 282 20.08 -49.91 77.67
CA ARG A 282 19.16 -50.75 76.91
C ARG A 282 19.88 -51.60 75.86
N LEU A 283 19.36 -52.82 75.59
CA LEU A 283 19.96 -53.72 74.58
C LEU A 283 19.92 -53.13 73.18
N SER A 284 18.80 -52.50 72.84
CA SER A 284 18.53 -51.96 71.50
C SER A 284 19.50 -50.87 71.00
N ASP A 285 19.98 -50.00 71.87
CA ASP A 285 20.94 -49.01 71.42
C ASP A 285 22.27 -49.68 71.15
N ILE A 286 22.66 -50.64 72.01
CA ILE A 286 23.96 -51.31 71.87
C ILE A 286 24.02 -52.07 70.55
N ILE A 287 22.91 -52.72 70.18
CA ILE A 287 22.87 -53.48 68.94
C ILE A 287 23.07 -52.56 67.76
N ASN A 288 22.41 -51.41 67.78
CA ASN A 288 22.55 -50.45 66.69
C ASN A 288 23.99 -49.97 66.57
N ILE A 289 24.69 -49.82 67.70
CA ILE A 289 26.08 -49.38 67.66
C ILE A 289 26.94 -50.41 66.94
N ILE A 290 26.75 -51.69 67.26
CA ILE A 290 27.51 -52.76 66.62
C ILE A 290 27.13 -52.92 65.15
N MET A 291 25.83 -52.95 64.83
CA MET A 291 25.41 -53.17 63.43
C MET A 291 25.88 -52.08 62.48
N SER A 292 26.07 -50.86 62.98
CA SER A 292 26.53 -49.75 62.16
C SER A 292 28.03 -49.73 61.88
N ILE A 293 28.81 -50.63 62.45
CA ILE A 293 30.25 -50.61 62.20
C ILE A 293 30.52 -51.32 60.88
N ASP A 294 31.25 -50.64 60.00
CA ASP A 294 31.53 -51.18 58.68
C ASP A 294 32.26 -52.52 58.77
N GLY A 295 31.68 -53.52 58.10
CA GLY A 295 32.16 -54.87 58.08
C GLY A 295 31.33 -55.82 58.92
N VAL A 296 30.48 -55.30 59.79
CA VAL A 296 29.63 -56.18 60.59
C VAL A 296 28.42 -56.61 59.79
N LYS A 297 28.15 -57.92 59.77
CA LYS A 297 26.99 -58.41 59.06
C LYS A 297 25.90 -58.90 59.98
N ILE A 298 26.24 -59.71 60.99
CA ILE A 298 25.18 -60.30 61.83
C ILE A 298 25.61 -60.33 63.30
N VAL A 299 24.76 -59.89 64.19
CA VAL A 299 25.02 -60.12 65.60
C VAL A 299 24.21 -61.35 65.92
N LYS A 300 24.90 -62.46 66.20
CA LYS A 300 24.21 -63.73 66.37
C LYS A 300 23.80 -63.92 67.80
N GLU A 301 24.54 -63.32 68.71
CA GLU A 301 24.26 -63.42 70.13
C GLU A 301 24.65 -62.14 70.80
N ILE A 302 23.81 -61.66 71.70
CA ILE A 302 24.18 -60.49 72.47
C ILE A 302 23.39 -60.46 73.76
N THR A 303 24.05 -60.03 74.82
CA THR A 303 23.37 -59.86 76.08
C THR A 303 24.05 -58.81 76.97
N LEU A 304 23.24 -58.17 77.82
CA LEU A 304 23.68 -57.23 78.82
C LEU A 304 23.50 -57.80 80.19
N GLY A 305 24.27 -57.29 81.12
CA GLY A 305 23.94 -57.63 82.47
C GLY A 305 24.73 -56.85 83.48
N ASN A 306 24.17 -56.69 84.66
CA ASN A 306 24.88 -56.02 85.71
C ASN A 306 26.11 -56.85 85.98
N CYS A 307 27.28 -56.24 85.98
CA CYS A 307 28.43 -57.08 86.21
C CYS A 307 28.39 -57.57 87.64
N ASP A 308 28.43 -58.88 87.83
CA ASP A 308 28.38 -59.37 89.19
C ASP A 308 29.08 -60.73 89.23
N GLU A 309 29.17 -61.30 90.43
CA GLU A 309 29.81 -62.61 90.66
C GLU A 309 28.69 -63.65 90.61
N ASN A 310 29.08 -64.91 90.36
CA ASN A 310 28.09 -65.99 90.27
C ASN A 310 27.09 -65.67 89.17
N ASP A 311 27.62 -65.18 88.05
CA ASP A 311 26.80 -64.74 86.92
C ASP A 311 26.37 -65.99 86.17
N GLY A 312 25.38 -66.67 86.73
CA GLY A 312 24.81 -67.90 86.22
C GLY A 312 23.60 -67.61 85.35
N ILE A 313 22.56 -68.43 85.45
CA ILE A 313 21.38 -68.21 84.63
C ILE A 313 20.59 -67.05 85.19
N GLU A 314 20.30 -66.08 84.32
CA GLU A 314 19.62 -64.84 84.67
C GLU A 314 18.89 -64.25 83.47
N ASN A 315 17.88 -63.43 83.78
CA ASN A 315 17.09 -62.65 82.83
C ASN A 315 17.93 -61.81 81.85
N ASN A 316 17.31 -61.58 80.69
CA ASN A 316 17.92 -60.80 79.61
C ASN A 316 18.27 -59.37 79.98
N GLN A 317 17.58 -58.75 80.93
CA GLN A 317 17.92 -57.40 81.32
C GLN A 317 17.96 -56.44 80.13
N TRP A 318 16.85 -56.40 79.38
CA TRP A 318 16.76 -55.60 78.17
C TRP A 318 17.01 -54.13 78.44
N VAL A 319 16.73 -53.68 79.67
CA VAL A 319 17.05 -52.35 80.14
C VAL A 319 17.62 -52.40 81.54
N ILE A 320 18.77 -51.78 81.76
CA ILE A 320 19.41 -51.72 83.07
C ILE A 320 19.34 -50.30 83.63
N CYS A 321 18.82 -50.17 84.84
CA CYS A 321 18.71 -48.86 85.49
C CYS A 321 19.93 -48.59 86.38
N ILE A 322 20.32 -47.33 86.46
CA ILE A 322 21.51 -46.86 87.17
C ILE A 322 21.10 -45.98 88.36
N PRO A 323 21.66 -46.21 89.56
CA PRO A 323 21.44 -45.36 90.74
C PRO A 323 21.80 -43.90 90.47
N GLU A 324 21.02 -43.00 91.07
CA GLU A 324 20.99 -41.54 90.85
C GLU A 324 22.30 -40.73 90.86
N ASN A 325 23.40 -41.21 91.41
CA ASN A 325 24.62 -40.39 91.38
C ASN A 325 25.79 -41.19 90.86
N LYS A 326 25.51 -42.15 89.99
CA LYS A 326 26.59 -42.95 89.44
C LYS A 326 26.71 -42.81 87.94
N LYS A 327 27.92 -43.03 87.47
CA LYS A 327 28.24 -43.08 86.07
C LYS A 327 28.43 -44.54 85.67
N PRO A 328 27.82 -45.03 84.59
CA PRO A 328 28.05 -46.41 84.14
C PRO A 328 29.42 -46.56 83.50
N LYS A 329 30.02 -47.76 83.61
CA LYS A 329 31.34 -48.02 83.00
C LYS A 329 31.44 -49.49 82.62
N LEU A 330 32.07 -49.83 81.49
CA LEU A 330 32.23 -51.24 81.16
C LEU A 330 33.09 -51.91 82.22
N CYS A 331 32.71 -53.12 82.59
CA CYS A 331 33.31 -53.89 83.68
C CYS A 331 34.63 -54.58 83.37
N LYS A 332 35.09 -54.56 82.13
CA LYS A 332 36.35 -55.15 81.66
C LYS A 332 36.36 -56.68 81.75
N LYS A 333 35.21 -57.31 81.94
CA LYS A 333 34.99 -58.74 81.86
C LYS A 333 34.18 -59.06 80.64
N THR A 334 34.10 -58.09 79.74
CA THR A 334 33.30 -58.12 78.53
C THR A 334 34.01 -58.92 77.44
N THR A 335 33.25 -59.29 76.38
CA THR A 335 33.94 -59.97 75.29
C THR A 335 33.10 -60.07 74.00
N ILE A 336 33.81 -60.06 72.87
CA ILE A 336 33.17 -60.30 71.59
C ILE A 336 33.90 -61.38 70.81
N ASN A 337 33.15 -62.38 70.38
CA ASN A 337 33.67 -63.44 69.58
C ASN A 337 33.41 -63.13 68.12
N TYR A 338 34.47 -63.06 67.32
CA TYR A 338 34.30 -62.71 65.93
C TYR A 338 34.37 -63.94 65.05
N PHE A 339 33.50 -63.95 64.03
CA PHE A 339 33.39 -65.06 63.10
C PHE A 339 33.35 -64.63 61.63
N LYS A 340 33.84 -65.50 60.77
CA LYS A 340 33.65 -65.36 59.33
C LYS A 340 32.98 -66.62 58.82
N GLY A 341 31.75 -66.49 58.34
CA GLY A 341 31.02 -67.69 57.99
C GLY A 341 30.80 -68.47 59.27
N ILE A 342 31.36 -69.66 59.36
CA ILE A 342 31.19 -70.47 60.56
C ILE A 342 32.47 -70.66 61.34
N LEU A 343 33.53 -69.93 61.00
CA LEU A 343 34.76 -70.14 61.72
C LEU A 343 35.12 -68.96 62.62
N PRO A 344 35.59 -69.22 63.84
CA PRO A 344 36.06 -68.19 64.77
C PRO A 344 37.42 -67.70 64.37
N ILE A 345 37.72 -66.44 64.70
CA ILE A 345 39.04 -65.86 64.44
C ILE A 345 39.67 -65.31 65.71
N ASN A 346 41.00 -65.38 65.81
CA ASN A 346 41.70 -64.92 66.99
C ASN A 346 42.25 -63.51 66.81
N LEU A 347 42.07 -62.69 67.84
CA LEU A 347 42.53 -61.31 67.81
C LEU A 347 43.75 -61.11 68.68
N ASN A 348 44.70 -60.35 68.16
CA ASN A 348 45.93 -60.02 68.86
C ASN A 348 45.74 -58.77 69.70
N PRO A 349 46.13 -58.81 70.97
CA PRO A 349 45.99 -57.64 71.84
C PRO A 349 46.81 -56.42 71.39
N VAL A 350 48.00 -56.65 70.85
CA VAL A 350 48.89 -55.57 70.41
C VAL A 350 48.35 -54.74 69.25
N ARG A 351 47.71 -55.38 68.28
CA ARG A 351 47.17 -54.73 67.09
C ARG A 351 46.00 -53.77 67.34
N VAL A 352 45.16 -54.12 68.30
CA VAL A 352 43.95 -53.42 68.71
C VAL A 352 44.32 -52.17 69.46
N ASP A 353 45.30 -52.30 70.37
CA ASP A 353 45.75 -51.16 71.16
C ASP A 353 46.23 -50.04 70.26
N ASN A 354 46.92 -50.39 69.18
CA ASN A 354 47.41 -49.36 68.27
C ASN A 354 46.26 -48.64 67.58
N HIS A 355 45.24 -49.37 67.15
CA HIS A 355 44.13 -48.69 66.48
C HIS A 355 43.39 -47.80 67.46
N LYS A 356 43.13 -48.29 68.67
CA LYS A 356 42.40 -47.51 69.66
C LYS A 356 43.14 -46.23 70.00
N SER A 357 44.45 -46.33 70.21
CA SER A 357 45.29 -45.17 70.50
C SER A 357 45.22 -44.10 69.44
N LYS A 358 45.38 -44.49 68.18
CA LYS A 358 45.34 -43.50 67.10
C LYS A 358 44.01 -42.78 67.01
N ILE A 359 42.91 -43.53 67.18
CA ILE A 359 41.57 -42.96 67.06
C ILE A 359 41.36 -41.89 68.10
N LEU A 360 41.78 -42.16 69.32
CA LEU A 360 41.56 -41.21 70.38
C LEU A 360 42.61 -40.10 70.42
N ALA A 361 43.86 -40.39 70.07
CA ALA A 361 44.88 -39.35 70.12
C ALA A 361 44.56 -38.17 69.22
N SER A 362 43.96 -38.45 68.05
CA SER A 362 43.59 -37.40 67.11
C SER A 362 42.54 -36.45 67.65
N ARG A 363 41.88 -36.81 68.74
CA ARG A 363 40.92 -35.91 69.35
C ARG A 363 41.64 -34.83 70.15
N LEU A 364 42.78 -35.20 70.74
CA LEU A 364 43.55 -34.27 71.56
C LEU A 364 44.08 -33.15 70.71
N GLU A 365 44.46 -33.49 69.49
CA GLU A 365 45.03 -32.51 68.59
C GLU A 365 44.06 -31.38 68.32
N ASN A 366 42.77 -31.69 68.21
CA ASN A 366 41.83 -30.62 67.92
C ASN A 366 41.56 -29.78 69.14
N ASP A 367 41.49 -30.39 70.31
CA ASP A 367 41.28 -29.59 71.52
C ASP A 367 42.40 -28.57 71.67
N LEU A 368 43.63 -28.97 71.31
CA LEU A 368 44.75 -28.03 71.41
C LEU A 368 44.66 -26.92 70.36
N LYS A 369 44.29 -27.22 69.11
CA LYS A 369 44.18 -26.19 68.09
C LYS A 369 43.16 -25.11 68.46
N ALA A 370 42.10 -25.52 69.15
CA ALA A 370 41.03 -24.64 69.61
C ALA A 370 41.51 -23.54 70.54
N LYS A 371 42.70 -23.68 71.13
CA LYS A 371 43.17 -22.68 72.09
C LYS A 371 43.71 -21.40 71.44
N ASP A 372 43.92 -21.36 70.12
CA ASP A 372 44.47 -20.13 69.53
C ASP A 372 43.47 -19.15 68.95
N ASP A 373 42.47 -19.64 68.25
CA ASP A 373 41.52 -18.79 67.54
C ASP A 373 40.39 -18.33 68.45
N LEU A 374 40.66 -17.37 69.32
CA LEU A 374 39.63 -16.96 70.26
C LEU A 374 39.03 -15.57 70.03
N GLU A 375 39.31 -14.88 68.91
CA GLU A 375 38.72 -13.55 68.82
C GLU A 375 38.54 -13.06 67.36
N PRO A 376 37.53 -12.22 67.10
CA PRO A 376 37.26 -11.61 65.79
C PRO A 376 38.18 -10.44 65.48
N ALA A 377 38.28 -10.12 64.18
CA ALA A 377 39.03 -8.95 63.74
C ALA A 377 38.25 -7.65 63.86
N ILE A 378 38.98 -6.57 64.07
CA ILE A 378 38.47 -5.20 64.08
C ILE A 378 39.15 -4.39 62.99
N PRO A 379 38.40 -3.72 62.09
CA PRO A 379 38.96 -2.87 61.03
C PRO A 379 39.86 -1.78 61.59
N GLN A 380 40.99 -1.50 60.93
CA GLN A 380 41.97 -0.52 61.44
C GLN A 380 42.18 0.60 60.42
N GLY A 381 42.24 1.85 60.90
CA GLY A 381 42.43 3.02 60.07
C GLY A 381 43.81 3.63 60.21
N THR A 382 43.94 4.85 59.71
CA THR A 382 45.18 5.62 59.71
C THR A 382 45.00 6.87 60.53
N PHE A 383 45.98 7.74 60.52
CA PHE A 383 45.88 8.95 61.31
C PHE A 383 46.48 10.11 60.53
N ALA A 384 45.74 11.22 60.38
CA ALA A 384 46.35 12.26 59.54
C ALA A 384 45.91 13.70 59.77
N ASP A 385 45.81 14.18 61.01
CA ASP A 385 45.49 15.61 61.25
C ASP A 385 44.34 16.14 60.38
N TRP A 386 43.17 15.57 60.58
CA TRP A 386 42.01 15.86 59.74
C TRP A 386 41.60 17.33 59.70
N GLY A 387 42.05 18.13 60.67
CA GLY A 387 41.75 19.55 60.78
C GLY A 387 42.69 20.51 60.08
N GLU A 388 43.64 20.03 59.29
CA GLU A 388 44.55 20.93 58.57
C GLU A 388 43.80 21.90 57.65
N TYR A 389 44.12 23.19 57.74
CA TYR A 389 43.41 24.19 56.95
C TYR A 389 44.34 25.20 56.29
N SER A 390 44.08 25.51 55.02
CA SER A 390 44.82 26.53 54.28
C SER A 390 43.92 27.71 53.94
N SER A 391 44.46 28.91 54.09
CA SER A 391 43.73 30.15 53.81
C SER A 391 43.22 30.30 52.39
N ILE A 392 42.02 30.86 52.25
CA ILE A 392 41.41 31.07 50.94
C ILE A 392 42.08 32.20 50.19
N GLN A 393 42.95 32.94 50.85
CA GLN A 393 43.63 34.05 50.23
C GLN A 393 44.63 33.56 49.19
N HIS A 394 45.01 32.29 49.26
CA HIS A 394 45.96 31.74 48.31
C HIS A 394 45.30 31.33 47.01
N GLU A 395 43.98 31.48 46.92
CA GLU A 395 43.25 31.13 45.72
C GLU A 395 43.06 32.31 44.78
N PHE A 396 43.52 33.50 45.16
CA PHE A 396 43.29 34.66 44.30
C PHE A 396 44.47 34.95 43.39
N PRO A 397 44.30 35.66 42.29
CA PRO A 397 45.48 36.05 41.48
C PRO A 397 46.43 37.11 42.07
N GLU A 398 47.62 37.12 41.44
CA GLU A 398 48.70 37.99 41.89
C GLU A 398 48.25 39.43 41.80
N THR A 399 47.41 39.74 40.80
CA THR A 399 46.94 41.11 40.61
C THR A 399 46.31 41.66 41.89
N TYR A 400 45.58 40.81 42.65
CA TYR A 400 44.94 41.27 43.87
C TYR A 400 45.95 41.69 44.93
N GLY A 401 47.16 41.11 44.95
CA GLY A 401 48.23 41.52 45.85
C GLY A 401 48.22 40.89 47.22
N ILE A 402 47.39 39.86 47.45
CA ILE A 402 47.27 39.22 48.76
C ILE A 402 47.97 37.85 48.80
N SER A 403 48.94 37.62 47.91
CA SER A 403 49.67 36.34 47.86
C SER A 403 51.08 36.51 48.42
N ASP A 404 51.78 35.38 48.57
CA ASP A 404 53.14 35.36 49.13
C ASP A 404 54.19 36.20 48.42
N ILE A 405 54.08 36.40 47.11
CA ILE A 405 55.12 37.16 46.44
C ILE A 405 54.91 38.66 46.54
N GLY A 406 53.83 39.08 47.16
CA GLY A 406 53.59 40.50 47.32
C GLY A 406 53.11 41.19 46.05
N LEU A 407 53.43 42.47 45.98
CA LEU A 407 52.99 43.38 44.94
C LEU A 407 54.19 44.25 44.58
N PRO A 408 54.54 44.41 43.29
CA PRO A 408 55.70 45.24 42.85
C PRO A 408 55.67 46.68 43.35
N PRO A 409 56.78 47.17 43.92
CA PRO A 409 56.94 48.56 44.43
C PRO A 409 56.51 49.68 43.51
N LYS A 410 56.67 49.50 42.20
CA LYS A 410 56.35 50.56 41.27
C LYS A 410 54.87 50.92 41.27
N LEU A 411 54.02 50.09 41.83
CA LEU A 411 52.59 50.35 41.82
C LEU A 411 52.16 51.32 42.91
N GLY A 412 53.07 51.71 43.79
CA GLY A 412 52.79 52.71 44.80
C GLY A 412 52.22 52.16 46.10
N VAL A 413 52.30 53.03 47.10
CA VAL A 413 51.80 52.77 48.44
C VAL A 413 50.32 52.57 48.49
N LYS A 414 49.56 53.44 47.83
CA LYS A 414 48.12 53.30 47.97
C LYS A 414 47.63 51.91 47.59
N ARG A 415 48.18 51.34 46.53
CA ARG A 415 47.70 50.01 46.18
C ARG A 415 48.12 48.99 47.22
N ALA A 416 49.32 49.13 47.80
CA ALA A 416 49.73 48.22 48.87
C ALA A 416 48.81 48.31 50.08
N VAL A 417 48.35 49.52 50.41
CA VAL A 417 47.43 49.71 51.53
C VAL A 417 46.12 49.03 51.29
N LEU A 418 45.60 49.18 50.08
CA LEU A 418 44.33 48.56 49.74
C LEU A 418 44.41 47.06 49.83
N ALA A 419 45.57 46.48 49.50
CA ALA A 419 45.72 45.04 49.66
C ALA A 419 45.57 44.63 51.10
N ARG A 420 46.11 45.45 52.02
CA ARG A 420 46.00 45.19 53.45
C ARG A 420 44.54 45.20 53.88
N GLN A 421 43.75 46.13 53.33
CA GLN A 421 42.33 46.23 53.66
C GLN A 421 41.58 44.98 53.24
N LEU A 422 41.91 44.45 52.07
CA LEU A 422 41.26 43.23 51.60
C LEU A 422 41.60 42.05 52.48
N LYS A 423 42.86 41.91 52.91
CA LYS A 423 43.22 40.79 53.78
C LYS A 423 42.37 40.79 55.03
N GLY A 424 42.16 41.98 55.59
CA GLY A 424 41.33 42.13 56.77
C GLY A 424 39.93 41.60 56.54
N TYR A 425 39.31 42.04 55.45
CA TYR A 425 37.97 41.60 55.11
C TYR A 425 37.88 40.09 54.95
N LEU A 426 38.82 39.50 54.21
CA LEU A 426 38.72 38.07 53.96
C LEU A 426 38.87 37.23 55.22
N LEU A 427 39.55 37.72 56.28
CA LEU A 427 39.67 36.94 57.52
C LEU A 427 38.32 36.60 58.17
N PHE A 428 37.27 37.34 57.85
CA PHE A 428 35.96 37.02 58.40
C PHE A 428 35.44 35.71 57.86
N PHE A 429 35.88 35.31 56.68
CA PHE A 429 35.46 34.08 56.05
C PHE A 429 36.38 32.94 56.45
N ASP A 430 37.66 33.25 56.66
CA ASP A 430 38.59 32.19 56.99
C ASP A 430 38.44 31.76 58.42
N GLN A 431 38.15 32.68 59.35
CA GLN A 431 38.08 32.23 60.72
C GLN A 431 36.94 31.25 60.92
N ILE A 432 35.85 31.42 60.19
CA ILE A 432 34.72 30.49 60.29
C ILE A 432 35.06 29.14 59.71
N LEU A 433 35.66 29.11 58.52
CA LEU A 433 36.01 27.83 57.94
C LEU A 433 37.00 27.08 58.81
N ALA A 434 37.97 27.81 59.37
CA ALA A 434 38.96 27.16 60.21
C ALA A 434 38.32 26.48 61.41
N SER A 435 37.29 27.11 61.98
CA SER A 435 36.54 26.50 63.07
C SER A 435 35.93 25.16 62.73
N TYR A 436 35.30 25.05 61.58
CA TYR A 436 34.71 23.78 61.20
C TYR A 436 35.73 22.67 61.04
N PHE A 437 36.91 22.98 60.50
CA PHE A 437 37.92 21.95 60.35
C PHE A 437 38.45 21.52 61.71
N GLU A 438 38.57 22.49 62.60
CA GLU A 438 39.01 22.27 63.95
C GLU A 438 38.06 21.40 64.71
N HIS A 439 36.77 21.59 64.49
CA HIS A 439 35.76 20.78 65.14
C HIS A 439 35.85 19.32 64.76
N LEU A 440 36.23 18.97 63.52
CA LEU A 440 36.44 17.56 63.16
C LEU A 440 37.55 16.92 63.98
N SER A 441 38.62 17.65 64.22
CA SER A 441 39.74 17.14 65.01
C SER A 441 39.40 16.77 66.43
N LYS A 442 38.26 17.23 66.94
CA LYS A 442 37.89 16.99 68.31
C LYS A 442 36.82 15.93 68.49
N ILE A 443 36.37 15.25 67.43
CA ILE A 443 35.29 14.28 67.60
C ILE A 443 35.68 13.20 68.58
N LYS A 444 36.93 12.76 68.52
CA LYS A 444 37.43 11.74 69.43
C LYS A 444 37.31 12.13 70.89
N SER A 445 37.51 13.41 71.19
CA SER A 445 37.43 13.85 72.56
C SER A 445 36.00 13.97 73.01
N LEU A 446 35.17 14.51 72.14
CA LEU A 446 33.79 14.77 72.50
C LEU A 446 33.06 13.51 72.90
N LEU A 447 33.37 12.40 72.25
CA LEU A 447 32.72 11.14 72.56
C LEU A 447 33.59 10.15 73.35
N SER A 448 34.67 10.62 73.98
CA SER A 448 35.59 9.75 74.73
C SER A 448 35.00 9.09 75.98
N LEU A 449 35.37 7.82 76.17
CA LEU A 449 34.97 7.09 77.36
C LEU A 449 35.91 7.34 78.53
N ASP A 450 37.06 7.95 78.27
CA ASP A 450 38.02 8.15 79.34
C ASP A 450 37.85 9.52 79.96
N GLN A 451 37.65 10.52 79.11
CA GLN A 451 37.54 11.91 79.56
C GLN A 451 37.20 12.84 78.42
N GLY A 452 36.09 13.54 78.52
CA GLY A 452 35.73 14.52 77.52
C GLY A 452 36.38 15.87 77.78
N PRO A 453 36.28 16.77 76.79
CA PRO A 453 36.83 18.14 76.84
C PRO A 453 35.94 19.06 77.66
N SER A 454 36.50 20.21 78.03
CA SER A 454 35.75 21.26 78.73
C SER A 454 34.93 22.16 77.82
N PHE A 455 35.29 22.26 76.54
CA PHE A 455 34.60 23.12 75.59
C PHE A 455 33.85 22.27 74.59
N THR A 456 32.84 22.85 73.95
CA THR A 456 32.16 22.10 72.91
C THR A 456 32.32 22.76 71.55
N TYR A 457 32.76 24.01 71.51
CA TYR A 457 33.06 24.69 70.25
C TYR A 457 34.54 25.06 70.22
N PHE A 458 35.13 25.07 69.02
CA PHE A 458 36.58 25.25 68.92
C PHE A 458 37.00 26.21 67.80
N THR A 459 38.21 26.79 67.90
CA THR A 459 38.76 27.61 66.81
C THR A 459 40.26 27.36 66.61
N GLN A 460 40.86 28.03 65.62
CA GLN A 460 42.29 27.90 65.30
C GLN A 460 42.97 29.23 64.97
N ALA A 461 44.24 29.34 65.32
CA ALA A 461 44.99 30.47 64.79
C ALA A 461 45.26 30.22 63.31
N ILE A 462 45.22 31.27 62.51
CA ILE A 462 45.56 31.12 61.10
C ILE A 462 46.94 31.73 60.89
N LYS A 463 47.90 30.90 60.44
CA LYS A 463 49.28 31.37 60.31
C LYS A 463 49.89 31.28 58.93
N ASP A 464 49.13 30.99 57.89
CA ASP A 464 49.68 30.93 56.54
C ASP A 464 49.42 32.21 55.78
N ILE A 465 49.17 33.27 56.52
CA ILE A 465 48.97 34.62 56.02
C ILE A 465 50.14 35.45 56.55
N LYS A 466 50.87 36.07 55.64
CA LYS A 466 52.12 36.73 56.00
C LYS A 466 52.01 37.88 57.01
N ASP A 467 50.92 38.64 57.09
CA ASP A 467 51.06 39.65 58.13
C ASP A 467 50.17 39.51 59.34
N VAL A 468 49.61 38.33 59.61
CA VAL A 468 48.72 38.24 60.77
C VAL A 468 49.22 38.87 62.07
N GLU A 469 50.54 38.99 62.24
CA GLU A 469 51.03 39.71 63.39
C GLU A 469 50.70 41.19 63.41
N GLU A 470 50.34 41.76 62.27
CA GLU A 470 49.99 43.16 62.23
C GLU A 470 48.48 43.34 62.12
N LEU A 471 47.79 42.38 61.50
CA LEU A 471 46.35 42.45 61.32
C LEU A 471 45.60 42.35 62.66
N PHE A 472 46.13 41.58 63.60
CA PHE A 472 45.49 41.38 64.90
C PHE A 472 45.96 42.38 65.95
N LYS A 473 45.02 42.92 66.73
CA LYS A 473 45.38 43.88 67.79
C LYS A 473 46.28 43.29 68.84
N ASP A 474 46.10 42.02 69.17
CA ASP A 474 46.96 41.36 70.15
C ASP A 474 47.38 39.99 69.63
N PRO A 475 48.58 39.90 69.08
CA PRO A 475 49.16 38.67 68.51
C PRO A 475 49.32 37.55 69.51
N THR A 476 49.30 37.87 70.82
CA THR A 476 49.38 36.85 71.85
C THR A 476 48.46 35.69 71.62
N LEU A 477 47.23 35.97 71.21
CA LEU A 477 46.24 34.92 71.06
C LEU A 477 46.59 33.91 69.98
N LEU A 478 47.41 34.29 69.04
CA LEU A 478 47.74 33.39 67.95
C LEU A 478 48.74 32.35 68.40
N GLU A 479 49.25 32.46 69.63
CA GLU A 479 50.17 31.49 70.15
C GLU A 479 49.49 30.41 70.97
N ASN A 480 48.16 30.49 71.14
CA ASN A 480 47.48 29.49 71.95
C ASN A 480 46.00 29.42 71.60
N ASP A 481 45.62 28.35 70.90
CA ASP A 481 44.25 28.18 70.42
C ASP A 481 43.22 28.12 71.54
N GLU A 482 43.62 27.80 72.76
CA GLU A 482 42.67 27.72 73.87
C GLU A 482 42.28 29.13 74.30
N GLU A 483 43.21 30.07 74.22
CA GLU A 483 42.94 31.44 74.62
C GLU A 483 42.15 32.11 73.54
N LEU A 484 42.48 31.75 72.31
CA LEU A 484 41.79 32.27 71.16
C LEU A 484 40.33 31.86 71.20
N THR A 485 40.07 30.60 71.60
CA THR A 485 38.71 30.10 71.72
C THR A 485 37.92 30.89 72.76
N LYS A 486 38.50 31.08 73.93
CA LYS A 486 37.82 31.82 74.98
C LYS A 486 37.52 33.26 74.55
N SER A 487 38.43 33.89 73.81
CA SER A 487 38.24 35.25 73.34
C SER A 487 37.24 35.39 72.19
N LEU A 488 37.25 34.47 71.21
CA LEU A 488 36.39 34.62 70.05
C LEU A 488 35.01 34.00 70.19
N ILE A 489 34.89 32.85 70.83
CA ILE A 489 33.59 32.21 70.98
C ILE A 489 33.01 32.56 72.32
N GLY A 490 33.83 32.37 73.35
CA GLY A 490 33.48 32.75 74.70
C GLY A 490 32.18 32.17 75.19
N LYS A 491 31.31 33.06 75.65
CA LYS A 491 30.09 32.65 76.31
C LYS A 491 29.17 31.91 75.38
N LEU A 492 29.24 32.18 74.07
CA LEU A 492 28.32 31.49 73.16
C LEU A 492 28.32 29.97 73.36
N ASP A 493 29.38 29.43 73.96
CA ASP A 493 29.52 28.00 74.22
C ASP A 493 28.88 27.66 75.56
N ASP A 494 27.63 27.21 75.56
CA ASP A 494 26.96 26.87 76.81
C ASP A 494 27.39 25.46 77.19
N THR A 495 28.56 25.38 77.82
CA THR A 495 29.21 24.11 78.08
C THR A 495 28.44 23.22 79.04
N ILE A 496 27.81 23.76 80.07
CA ILE A 496 27.18 22.84 81.02
C ILE A 496 26.04 22.06 80.37
N GLU A 497 25.18 22.75 79.62
CA GLU A 497 24.08 22.03 79.04
C GLU A 497 24.56 21.10 77.93
N ARG A 498 25.50 21.55 77.11
CA ARG A 498 25.94 20.71 76.02
C ARG A 498 26.72 19.49 76.51
N ARG A 499 27.55 19.65 77.54
CA ARG A 499 28.29 18.51 78.06
C ARG A 499 27.34 17.48 78.65
N ASN A 500 26.28 17.92 79.31
CA ASN A 500 25.34 16.94 79.84
C ASN A 500 24.66 16.17 78.73
N GLN A 501 24.29 16.83 77.64
CA GLN A 501 23.63 16.09 76.57
C GLN A 501 24.53 15.00 75.99
N LEU A 502 25.82 15.29 75.82
CA LEU A 502 26.73 14.28 75.30
C LEU A 502 26.87 13.11 76.26
N MET A 503 27.00 13.40 77.55
CA MET A 503 27.18 12.34 78.52
C MET A 503 25.95 11.46 78.61
N ASP A 504 24.77 12.07 78.56
CA ASP A 504 23.55 11.30 78.67
C ASP A 504 23.40 10.36 77.52
N HIS A 505 23.78 10.79 76.31
CA HIS A 505 23.73 9.92 75.17
C HIS A 505 24.63 8.71 75.35
N LEU A 506 25.88 8.95 75.76
CA LEU A 506 26.79 7.82 75.92
C LEU A 506 26.30 6.85 76.99
N ILE A 507 25.74 7.37 78.08
CA ILE A 507 25.24 6.51 79.15
C ILE A 507 24.05 5.68 78.65
N ALA A 508 23.17 6.31 77.89
CA ALA A 508 22.01 5.64 77.32
C ALA A 508 22.40 4.46 76.44
N ARG A 509 23.56 4.52 75.78
CA ARG A 509 23.98 3.42 74.92
C ARG A 509 24.16 2.10 75.68
N PHE A 510 24.31 2.16 77.00
CA PHE A 510 24.45 0.97 77.83
C PHE A 510 23.18 0.68 78.57
N ALA A 511 22.11 1.40 78.22
CA ALA A 511 20.79 1.31 78.83
C ALA A 511 20.79 1.71 80.31
N GLU A 512 21.60 2.69 80.69
CA GLU A 512 21.64 3.15 82.07
C GLU A 512 20.93 4.50 82.18
N ASN A 513 20.79 5.07 83.39
CA ASN A 513 20.08 6.35 83.54
C ASN A 513 20.41 7.08 84.85
N PHE A 514 20.94 8.31 84.72
CA PHE A 514 21.36 9.16 85.85
C PHE A 514 20.43 10.33 86.16
N SER A 515 19.18 10.28 85.73
CA SER A 515 18.25 11.38 85.97
C SER A 515 18.11 11.84 87.41
N SER A 516 18.17 10.93 88.37
CA SER A 516 17.93 11.29 89.76
C SER A 516 19.00 12.20 90.36
N TYR A 517 20.18 12.29 89.75
CA TYR A 517 21.22 13.16 90.29
C TYR A 517 20.83 14.60 90.20
N ALA A 518 19.92 14.88 89.27
CA ALA A 518 19.45 16.22 89.04
C ALA A 518 18.84 16.84 90.27
N PHE A 519 18.25 16.05 91.15
CA PHE A 519 17.70 16.66 92.34
C PHE A 519 18.27 16.09 93.62
N LEU A 520 18.75 14.86 93.60
CA LEU A 520 19.24 14.31 94.86
C LEU A 520 20.48 15.02 95.33
N MET A 521 21.27 15.52 94.40
CA MET A 521 22.49 16.21 94.75
C MET A 521 22.22 17.58 95.36
N LYS A 522 20.99 18.09 95.25
CA LYS A 522 20.68 19.40 95.76
C LYS A 522 20.45 19.38 97.25
N PHE A 523 20.46 18.21 97.84
CA PHE A 523 20.31 18.13 99.26
C PHE A 523 21.68 18.08 99.89
N LEU A 524 22.71 18.07 99.07
CA LEU A 524 24.07 17.98 99.53
C LEU A 524 24.86 19.21 99.15
N TYR A 525 24.62 19.73 97.96
CA TYR A 525 25.39 20.85 97.44
C TYR A 525 24.44 21.85 96.82
N GLY A 526 24.91 23.08 96.70
CA GLY A 526 24.17 24.13 96.04
C GLY A 526 24.55 24.21 94.57
N GLU A 527 24.96 25.39 94.14
CA GLU A 527 25.27 25.63 92.73
C GLU A 527 26.39 24.73 92.21
N SER A 528 27.27 24.28 93.11
CA SER A 528 28.41 23.44 92.77
C SER A 528 28.02 22.05 92.24
N THR A 529 26.73 21.67 92.30
CA THR A 529 26.36 20.35 91.78
C THR A 529 26.65 20.20 90.30
N ASP A 530 26.62 21.27 89.49
CA ASP A 530 26.78 21.01 88.07
C ASP A 530 28.14 20.40 87.73
N GLU A 531 29.18 20.86 88.42
CA GLU A 531 30.51 20.33 88.19
C GLU A 531 30.62 18.93 88.75
N ILE A 532 30.04 18.71 89.92
CA ILE A 532 30.16 17.42 90.59
C ILE A 532 29.48 16.34 89.76
N VAL A 533 28.28 16.64 89.29
CA VAL A 533 27.53 15.65 88.53
C VAL A 533 28.23 15.27 87.24
N LEU A 534 28.80 16.23 86.49
CA LEU A 534 29.51 15.83 85.28
C LEU A 534 30.72 14.95 85.60
N GLN A 535 31.42 15.23 86.69
CA GLN A 535 32.55 14.37 87.04
C GLN A 535 32.10 12.95 87.34
N ASP A 536 30.99 12.81 88.07
CA ASP A 536 30.50 11.48 88.40
C ASP A 536 30.05 10.70 87.17
N LYS A 537 29.41 11.37 86.22
CA LYS A 537 28.98 10.67 85.01
C LYS A 537 30.17 10.13 84.22
N GLN A 538 31.26 10.91 84.12
CA GLN A 538 32.43 10.41 83.40
C GLN A 538 33.02 9.20 84.10
N SER A 539 33.07 9.23 85.44
CA SER A 539 33.64 8.11 86.18
C SER A 539 32.83 6.85 85.96
N PHE A 540 31.51 7.00 85.92
CA PHE A 540 30.64 5.86 85.68
C PHE A 540 30.97 5.18 84.37
N LEU A 541 31.12 5.94 83.29
CA LEU A 541 31.45 5.29 82.02
C LEU A 541 32.78 4.56 82.08
N ARG A 542 33.81 5.16 82.70
CA ARG A 542 35.11 4.50 82.75
C ARG A 542 35.08 3.17 83.48
N GLU A 543 34.32 3.09 84.55
CA GLU A 543 34.24 1.92 85.41
C GLU A 543 33.18 0.91 84.96
N TYR A 544 32.51 1.17 83.86
CA TYR A 544 31.34 0.37 83.47
C TYR A 544 31.63 -1.11 83.24
N LYS A 545 32.78 -1.48 82.67
CA LYS A 545 33.00 -2.89 82.35
C LYS A 545 32.79 -3.82 83.54
N GLU A 546 33.35 -3.47 84.68
CA GLU A 546 33.17 -4.25 85.90
C GLU A 546 31.80 -4.04 86.51
N ILE A 547 31.28 -2.82 86.50
CA ILE A 547 30.01 -2.51 87.17
C ILE A 547 28.87 -3.39 86.64
N SER A 548 28.76 -3.52 85.33
CA SER A 548 27.67 -4.30 84.77
C SER A 548 27.87 -5.80 84.81
N ARG A 549 29.07 -6.26 85.14
CA ARG A 549 29.34 -7.68 85.07
C ARG A 549 29.30 -8.33 86.44
N GLU A 550 30.06 -7.79 87.38
CA GLU A 550 30.22 -8.45 88.66
C GLU A 550 29.11 -8.04 89.62
N ARG A 551 27.90 -8.43 89.26
CA ARG A 551 26.74 -8.08 90.04
C ARG A 551 26.53 -9.07 91.17
N THR B 3 9.12 42.14 44.67
CA THR B 3 9.53 43.53 44.66
C THR B 3 10.84 43.72 43.96
N LEU B 4 11.08 42.85 43.00
CA LEU B 4 12.29 42.88 42.21
C LEU B 4 11.99 43.52 40.87
N ASN B 5 13.03 43.91 40.16
CA ASN B 5 12.80 44.49 38.85
C ASN B 5 12.52 43.39 37.84
N LYS B 6 11.60 43.67 36.93
CA LYS B 6 11.26 42.73 35.87
C LYS B 6 11.81 43.24 34.53
N HIS B 7 11.94 42.31 33.58
CA HIS B 7 12.38 42.68 32.25
C HIS B 7 11.24 43.38 31.54
N ILE B 8 11.56 44.42 30.77
CA ILE B 8 10.56 45.27 30.08
C ILE B 8 10.58 45.07 28.58
N SER B 9 9.40 44.88 28.00
CA SER B 9 9.25 44.72 26.56
C SER B 9 7.97 45.39 26.07
N ILE B 10 7.83 45.44 24.74
CA ILE B 10 6.69 46.07 24.09
C ILE B 10 5.93 45.07 23.22
N PRO B 11 4.60 45.04 23.34
CA PRO B 11 3.72 44.16 22.58
C PRO B 11 3.87 44.39 21.09
N LYS B 12 3.62 43.33 20.30
CA LYS B 12 3.74 43.42 18.84
C LYS B 12 2.41 43.47 18.07
N ASP B 13 1.27 43.30 18.74
CA ASP B 13 -0.02 43.35 18.05
C ASP B 13 -0.65 44.73 18.17
N MET B 14 -0.13 45.66 17.38
CA MET B 14 -0.59 47.05 17.42
C MET B 14 -1.88 47.24 16.64
N SER B 15 -2.98 46.74 17.21
CA SER B 15 -4.28 46.82 16.59
C SER B 15 -5.38 46.87 17.65
N SER B 16 -6.18 47.92 17.64
CA SER B 16 -7.23 48.03 18.64
C SER B 16 -8.56 48.45 18.08
N LYS B 17 -8.58 49.00 16.88
CA LYS B 17 -9.80 49.50 16.25
C LYS B 17 -10.49 50.57 17.09
N ASP B 18 -9.71 51.48 17.67
CA ASP B 18 -10.24 52.57 18.49
C ASP B 18 -9.42 53.85 18.23
N ASP B 19 -9.55 54.83 19.12
CA ASP B 19 -8.89 56.12 18.90
C ASP B 19 -7.38 56.11 19.08
N LEU B 20 -6.78 55.02 19.52
CA LEU B 20 -5.34 54.96 19.64
C LEU B 20 -4.70 54.26 18.46
N ASP B 21 -5.51 53.82 17.50
CA ASP B 21 -5.06 53.07 16.33
C ASP B 21 -5.04 53.99 15.10
N PHE B 22 -3.85 54.44 14.72
CA PHE B 22 -3.70 55.41 13.63
C PHE B 22 -4.30 54.90 12.32
N HIS B 23 -3.96 53.67 11.95
CA HIS B 23 -4.39 53.17 10.66
C HIS B 23 -5.89 53.02 10.61
N PHE B 24 -6.48 52.58 11.71
CA PHE B 24 -7.93 52.50 11.78
C PHE B 24 -8.57 53.85 11.55
N LEU B 25 -8.09 54.89 12.23
CA LEU B 25 -8.66 56.20 12.08
C LEU B 25 -8.54 56.71 10.66
N ARG B 26 -7.40 56.46 10.02
CA ARG B 26 -7.20 56.93 8.66
C ARG B 26 -8.19 56.32 7.70
N GLU B 27 -8.45 55.01 7.83
CA GLU B 27 -9.42 54.36 6.94
C GLU B 27 -10.82 54.89 7.12
N GLU B 28 -11.22 55.12 8.38
CA GLU B 28 -12.54 55.66 8.64
C GLU B 28 -12.69 57.04 8.05
N GLY B 29 -11.62 57.84 8.16
CA GLY B 29 -11.62 59.17 7.59
C GLY B 29 -11.94 59.16 6.11
N ILE B 30 -11.25 58.29 5.38
CA ILE B 30 -11.48 58.22 3.94
C ILE B 30 -12.87 57.70 3.61
N ARG B 31 -13.36 56.72 4.36
CA ARG B 31 -14.72 56.24 4.12
C ARG B 31 -15.74 57.37 4.26
N TYR B 32 -15.60 58.20 5.29
CA TYR B 32 -16.53 59.31 5.47
C TYR B 32 -16.44 60.30 4.32
N ILE B 33 -15.22 60.57 3.84
CA ILE B 33 -15.03 61.52 2.73
C ILE B 33 -15.76 61.05 1.50
N LYS B 34 -15.65 59.78 1.15
CA LYS B 34 -16.33 59.31 -0.05
C LYS B 34 -17.82 59.42 0.07
N GLU B 35 -18.35 59.07 1.22
CA GLU B 35 -19.79 59.10 1.41
C GLU B 35 -20.37 60.50 1.29
N LEU B 36 -19.63 61.49 1.77
CA LEU B 36 -20.11 62.87 1.77
C LEU B 36 -19.74 63.68 0.53
N GLY B 37 -18.53 63.55 0.00
CA GLY B 37 -18.09 64.45 -1.05
C GLY B 37 -17.50 63.88 -2.34
N SER B 38 -17.72 62.60 -2.67
CA SER B 38 -17.12 62.00 -3.86
C SER B 38 -17.54 62.64 -5.18
N ASN B 39 -18.58 63.45 -5.19
CA ASN B 39 -18.96 64.11 -6.42
C ASN B 39 -17.93 65.11 -6.85
N PHE B 40 -17.20 65.69 -5.90
CA PHE B 40 -16.26 66.74 -6.20
C PHE B 40 -14.83 66.38 -5.87
N TRP B 41 -14.61 65.60 -4.84
CA TRP B 41 -13.27 65.23 -4.41
C TRP B 41 -13.05 63.76 -4.61
N THR B 42 -12.31 63.38 -5.66
CA THR B 42 -12.07 61.99 -6.02
C THR B 42 -10.61 61.56 -5.96
N ASP B 43 -9.67 62.49 -5.96
CA ASP B 43 -8.26 62.19 -5.97
C ASP B 43 -7.81 61.96 -4.53
N TYR B 44 -7.50 60.72 -4.14
CA TYR B 44 -7.09 60.47 -2.77
C TYR B 44 -5.64 60.05 -2.67
N ASN B 45 -4.83 60.50 -3.62
CA ASN B 45 -3.41 60.21 -3.62
C ASN B 45 -2.67 61.00 -2.56
N THR B 46 -1.47 60.54 -2.23
CA THR B 46 -0.71 61.10 -1.12
C THR B 46 -0.17 62.51 -1.35
N HIS B 47 -0.15 63.03 -2.57
CA HIS B 47 0.32 64.40 -2.75
C HIS B 47 -0.77 65.41 -2.45
N ASP B 48 -2.00 64.96 -2.24
CA ASP B 48 -3.16 65.81 -2.03
C ASP B 48 -3.16 66.50 -0.67
N PRO B 49 -3.21 67.84 -0.62
CA PRO B 49 -3.33 68.60 0.63
C PRO B 49 -4.46 68.15 1.53
N GLY B 50 -5.57 67.70 0.93
CA GLY B 50 -6.70 67.21 1.69
C GLY B 50 -6.34 66.03 2.55
N ILE B 51 -5.75 65.02 1.91
CA ILE B 51 -5.31 63.82 2.59
C ILE B 51 -4.23 64.14 3.60
N THR B 52 -3.32 65.07 3.28
CA THR B 52 -2.28 65.46 4.22
C THR B 52 -2.88 65.98 5.52
N MET B 53 -3.90 66.84 5.41
CA MET B 53 -4.55 67.37 6.60
C MET B 53 -5.21 66.28 7.43
N LEU B 54 -5.85 65.31 6.76
CA LEU B 54 -6.48 64.20 7.48
C LEU B 54 -5.48 63.44 8.34
N GLU B 55 -4.32 63.12 7.77
CA GLU B 55 -3.33 62.36 8.52
C GLU B 55 -2.82 63.13 9.73
N VAL B 56 -2.65 64.45 9.60
CA VAL B 56 -2.23 65.26 10.74
C VAL B 56 -3.25 65.21 11.86
N LEU B 57 -4.52 65.34 11.50
CA LEU B 57 -5.56 65.29 12.51
C LEU B 57 -5.64 63.94 13.19
N CYS B 58 -5.45 62.85 12.45
CA CYS B 58 -5.51 61.51 13.05
C CYS B 58 -4.42 61.36 14.10
N TYR B 59 -3.24 61.89 13.82
CA TYR B 59 -2.13 61.87 14.75
C TYR B 59 -2.48 62.63 16.03
N ALA B 60 -3.07 63.82 15.89
CA ALA B 60 -3.49 64.62 17.03
C ALA B 60 -4.52 63.90 17.90
N ILE B 61 -5.44 63.15 17.28
CA ILE B 61 -6.43 62.41 18.04
C ILE B 61 -5.79 61.36 18.92
N SER B 62 -4.82 60.62 18.39
CA SER B 62 -4.13 59.60 19.18
C SER B 62 -3.50 60.21 20.43
N ASP B 63 -2.91 61.41 20.30
CA ASP B 63 -2.31 62.10 21.44
C ASP B 63 -3.35 62.38 22.52
N LEU B 64 -4.52 62.86 22.12
CA LEU B 64 -5.55 63.13 23.10
C LEU B 64 -5.97 61.86 23.81
N GLY B 65 -6.21 60.79 23.07
CA GLY B 65 -6.65 59.55 23.69
C GLY B 65 -5.64 59.02 24.69
N ASN B 66 -4.36 59.17 24.36
CA ASN B 66 -3.30 58.71 25.25
C ASN B 66 -3.29 59.44 26.58
N ARG B 67 -3.66 60.73 26.62
CA ARG B 67 -3.66 61.39 27.92
C ARG B 67 -4.88 61.07 28.72
N ILE B 68 -5.99 60.80 28.05
CA ILE B 68 -7.19 60.44 28.77
C ILE B 68 -6.95 59.19 29.59
N ASN B 69 -6.12 58.26 29.10
CA ASN B 69 -5.80 57.03 29.81
C ASN B 69 -4.78 57.16 30.95
N ILE B 70 -4.29 58.35 31.27
CA ILE B 70 -3.39 58.52 32.42
C ILE B 70 -4.16 58.16 33.67
N PRO B 71 -3.58 57.39 34.59
CA PRO B 71 -4.28 56.95 35.81
C PRO B 71 -4.70 58.11 36.70
N ILE B 72 -5.80 57.87 37.43
CA ILE B 72 -6.45 58.85 38.30
C ILE B 72 -5.50 59.40 39.31
N GLU B 73 -4.57 58.58 39.80
CA GLU B 73 -3.68 59.03 40.86
C GLU B 73 -2.91 60.28 40.43
N ASP B 74 -2.67 60.41 39.13
CA ASP B 74 -1.94 61.55 38.64
C ASP B 74 -2.87 62.64 38.16
N LEU B 75 -3.97 62.27 37.51
CA LEU B 75 -4.86 63.28 36.94
C LEU B 75 -5.45 64.20 38.00
N ILE B 76 -5.71 63.70 39.19
CA ILE B 76 -6.29 64.57 40.20
C ILE B 76 -5.33 64.90 41.32
N ALA B 77 -4.03 64.77 41.08
CA ALA B 77 -3.04 65.09 42.09
C ALA B 77 -2.96 66.58 42.37
N ASN B 78 -2.61 66.91 43.61
CA ASN B 78 -2.33 68.29 43.99
C ASN B 78 -0.86 68.58 43.84
N GLU B 79 -0.56 69.86 43.66
CA GLU B 79 0.81 70.32 43.53
C GLU B 79 1.69 69.96 44.70
N GLU B 80 1.11 70.00 45.88
CA GLU B 80 1.75 69.68 47.13
C GLU B 80 1.55 68.25 47.60
N GLY B 81 0.92 67.42 46.79
CA GLY B 81 0.60 66.06 47.19
C GLY B 81 -0.67 66.02 48.02
N GLY B 82 -1.11 64.81 48.36
CA GLY B 82 -2.32 64.65 49.16
C GLY B 82 -3.59 64.70 48.34
N VAL B 83 -4.71 64.47 49.03
CA VAL B 83 -6.05 64.42 48.43
C VAL B 83 -7.04 65.25 49.22
N LYS B 84 -6.57 66.30 49.86
CA LYS B 84 -7.40 67.09 50.78
C LYS B 84 -8.78 67.49 50.23
N GLY B 85 -8.85 68.05 49.03
CA GLY B 85 -10.13 68.48 48.51
C GLY B 85 -10.86 67.46 47.67
N GLN B 86 -10.35 66.25 47.58
CA GLN B 86 -10.95 65.24 46.73
C GLN B 86 -11.62 64.15 47.51
N PHE B 87 -10.98 63.65 48.55
CA PHE B 87 -11.54 62.52 49.24
C PHE B 87 -11.46 62.67 50.73
N TYR B 88 -12.36 62.00 51.42
CA TYR B 88 -12.24 61.89 52.86
C TYR B 88 -11.56 60.54 53.11
N LYS B 89 -10.61 60.50 54.04
CA LYS B 89 -9.83 59.29 54.31
C LYS B 89 -10.53 58.37 55.31
N VAL B 90 -10.09 57.10 55.39
CA VAL B 90 -10.77 56.14 56.28
C VAL B 90 -10.73 56.55 57.74
N GLN B 91 -9.64 57.20 58.16
CA GLN B 91 -9.47 57.66 59.53
C GLN B 91 -10.49 58.71 59.89
N GLU B 92 -11.08 59.34 58.90
CA GLU B 92 -12.01 60.42 59.06
C GLU B 92 -13.45 60.05 58.75
N ILE B 93 -13.68 59.20 57.75
CA ILE B 93 -15.04 58.91 57.33
C ILE B 93 -15.62 57.58 57.82
N LEU B 94 -14.81 56.62 58.22
CA LEU B 94 -15.37 55.37 58.76
C LEU B 94 -15.72 55.26 60.26
N PRO B 95 -14.92 55.84 61.19
CA PRO B 95 -15.16 55.75 62.64
C PRO B 95 -16.49 56.35 63.07
N SER B 96 -17.03 55.86 64.17
CA SER B 96 -18.32 56.32 64.69
C SER B 96 -18.23 56.77 66.14
N ALA B 97 -19.07 57.76 66.50
CA ALA B 97 -19.09 58.27 67.87
C ALA B 97 -19.48 57.09 68.76
N PRO B 98 -19.06 57.05 70.02
CA PRO B 98 -19.45 55.85 70.78
C PRO B 98 -20.83 55.92 71.42
N THR B 99 -21.77 55.07 71.00
CA THR B 99 -23.14 55.02 71.55
C THR B 99 -23.55 53.70 72.20
N SER B 100 -22.76 52.65 72.05
CA SER B 100 -23.11 51.36 72.60
C SER B 100 -22.26 51.06 73.84
N GLU B 101 -22.63 49.97 74.54
CA GLU B 101 -21.92 49.54 75.75
C GLU B 101 -20.47 49.18 75.47
N LEU B 102 -20.22 48.47 74.35
CA LEU B 102 -18.88 48.06 73.99
C LEU B 102 -18.06 49.26 73.61
N ASP B 103 -18.67 50.23 72.95
CA ASP B 103 -17.96 51.45 72.60
C ASP B 103 -17.50 52.17 73.85
N LEU B 104 -18.37 52.25 74.86
CA LEU B 104 -17.99 52.91 76.11
C LEU B 104 -16.86 52.18 76.79
N ARG B 105 -16.89 50.86 76.77
CA ARG B 105 -15.79 50.16 77.39
C ARG B 105 -14.49 50.46 76.67
N LYS B 106 -14.51 50.50 75.32
CA LYS B 106 -13.31 50.85 74.57
C LYS B 106 -12.89 52.29 74.82
N LEU B 107 -13.85 53.18 74.98
CA LEU B 107 -13.57 54.59 75.23
C LEU B 107 -12.77 54.79 76.50
N PHE B 108 -13.22 54.18 77.59
CA PHE B 108 -12.60 54.41 78.89
C PHE B 108 -11.37 53.55 79.13
N ILE B 109 -11.29 52.36 78.51
CA ILE B 109 -10.17 51.45 78.74
C ILE B 109 -8.85 52.00 78.23
N ASP B 110 -8.88 53.07 77.43
CA ASP B 110 -7.67 53.74 76.98
C ASP B 110 -7.17 54.85 77.86
N ILE B 111 -7.77 55.05 79.00
CA ILE B 111 -7.22 56.01 79.94
C ILE B 111 -6.08 55.31 80.62
N GLU B 112 -4.89 55.91 80.61
CA GLU B 112 -3.74 55.23 81.17
C GLU B 112 -3.98 54.93 82.65
N GLY B 113 -3.62 53.72 83.07
CA GLY B 113 -3.83 53.26 84.43
C GLY B 113 -5.07 52.39 84.59
N ILE B 114 -5.93 52.35 83.59
CA ILE B 114 -7.14 51.53 83.66
C ILE B 114 -6.97 50.27 82.81
N LYS B 115 -7.24 49.12 83.42
CA LYS B 115 -7.09 47.84 82.74
C LYS B 115 -8.40 47.35 82.17
N ASN B 116 -9.50 47.64 82.85
CA ASN B 116 -10.81 47.20 82.38
C ASN B 116 -11.90 48.07 83.02
N CYS B 117 -13.06 48.05 82.38
CA CYS B 117 -14.23 48.78 82.84
C CYS B 117 -15.50 48.03 82.56
N TRP B 118 -16.46 48.19 83.45
CA TRP B 118 -17.77 47.63 83.20
C TRP B 118 -18.81 48.71 83.40
N ILE B 119 -19.83 48.69 82.56
CA ILE B 119 -20.87 49.71 82.60
C ILE B 119 -22.15 49.12 83.13
N LYS B 120 -22.66 49.68 84.22
CA LYS B 120 -23.88 49.21 84.83
C LYS B 120 -24.88 50.35 84.89
N ARG B 121 -26.15 49.99 85.08
CA ARG B 121 -27.30 50.91 85.07
C ARG B 121 -27.82 51.17 86.47
N GLU B 122 -28.06 52.44 86.81
CA GLU B 122 -28.67 52.79 88.08
C GLU B 122 -30.16 52.64 88.07
N ARG B 123 -30.72 52.23 89.21
CA ARG B 123 -32.17 52.13 89.37
C ARG B 123 -32.58 53.06 90.51
N VAL B 124 -32.89 54.31 90.18
CA VAL B 124 -33.33 55.29 91.14
C VAL B 124 -34.83 55.11 91.24
N THR B 125 -35.33 55.02 92.45
CA THR B 125 -36.76 54.80 92.63
C THR B 125 -37.49 56.01 93.13
N VAL B 126 -38.65 56.23 92.53
CA VAL B 126 -39.55 57.29 92.88
C VAL B 126 -40.89 56.69 93.28
N PHE B 127 -41.40 57.13 94.40
CA PHE B 127 -42.62 56.61 94.95
C PHE B 127 -43.73 57.63 94.76
N ALA B 128 -44.96 57.16 94.64
CA ALA B 128 -46.02 58.12 94.48
C ALA B 128 -47.32 57.77 95.17
N ASP B 129 -47.99 58.89 95.53
CA ASP B 129 -49.31 58.99 96.14
C ASP B 129 -50.33 59.12 94.98
N LEU B 130 -51.21 58.16 94.84
CA LEU B 130 -52.19 58.21 93.76
C LEU B 130 -53.50 58.81 94.22
N LYS B 131 -53.57 59.20 95.48
CA LYS B 131 -54.77 59.79 96.04
C LYS B 131 -54.66 61.28 95.76
N ASN B 132 -53.47 61.79 96.06
CA ASN B 132 -53.09 63.16 95.85
C ASN B 132 -51.88 63.02 94.98
N GLN B 133 -51.96 63.43 93.75
CA GLN B 133 -50.83 63.14 92.87
C GLN B 133 -49.70 63.92 93.46
N LYS B 134 -48.75 63.14 94.01
CA LYS B 134 -47.50 63.69 94.54
C LYS B 134 -46.42 62.59 94.49
N LEU B 135 -45.18 63.00 94.23
CA LEU B 135 -44.12 62.01 94.15
C LEU B 135 -42.86 62.44 94.94
N SER B 136 -42.14 61.45 95.48
CA SER B 136 -40.94 61.69 96.28
C SER B 136 -40.03 60.44 96.29
N TYR B 137 -38.77 60.61 96.72
CA TYR B 137 -37.82 59.50 96.76
C TYR B 137 -37.97 58.72 98.05
N GLU B 138 -38.83 59.20 98.92
CA GLU B 138 -39.13 58.61 100.20
C GLU B 138 -40.44 57.83 100.16
N LYS B 139 -40.51 56.75 100.95
CA LYS B 139 -41.77 56.01 101.08
C LYS B 139 -42.73 56.67 102.04
N THR B 140 -42.32 57.80 102.59
CA THR B 140 -43.12 58.65 103.45
C THR B 140 -44.24 59.27 102.65
N ILE B 141 -44.08 59.28 101.33
CA ILE B 141 -45.08 59.76 100.41
C ILE B 141 -46.35 58.92 100.51
N TRP B 142 -46.25 57.71 101.07
CA TRP B 142 -47.36 56.79 101.22
C TRP B 142 -48.05 56.82 102.57
N GLU B 143 -47.61 57.66 103.50
CA GLU B 143 -48.28 57.68 104.79
C GLU B 143 -49.76 57.98 104.66
N ASP B 144 -50.55 57.19 105.38
CA ASP B 144 -52.00 57.26 105.48
C ASP B 144 -52.76 56.88 104.20
N LEU B 145 -52.11 56.20 103.25
CA LEU B 145 -52.80 55.77 102.04
C LEU B 145 -53.25 54.31 102.11
N LYS B 146 -54.23 53.98 101.27
CA LYS B 146 -54.71 52.63 101.15
C LYS B 146 -53.77 51.85 100.23
N GLU B 147 -53.84 50.53 100.29
CA GLU B 147 -52.98 49.67 99.46
C GLU B 147 -53.10 49.87 97.96
N ASN B 148 -54.22 50.37 97.47
CA ASN B 148 -54.39 50.53 96.04
C ASN B 148 -54.15 51.98 95.59
N GLN B 149 -53.56 52.79 96.45
CA GLN B 149 -53.23 54.18 96.14
C GLN B 149 -51.73 54.38 96.04
N LYS B 150 -50.99 53.30 95.90
CA LYS B 150 -49.53 53.37 95.90
C LYS B 150 -48.92 53.01 94.54
N ALA B 151 -47.85 53.71 94.17
CA ALA B 151 -47.12 53.43 92.93
C ALA B 151 -45.62 53.68 93.06
N GLN B 152 -44.85 53.04 92.18
CA GLN B 152 -43.41 53.20 92.09
C GLN B 152 -42.94 53.23 90.65
N PHE B 153 -42.03 54.13 90.31
CA PHE B 153 -41.46 54.03 88.97
C PHE B 153 -39.95 54.13 89.12
N ASP B 154 -39.24 53.47 88.22
CA ASP B 154 -37.79 53.44 88.21
C ASP B 154 -37.26 54.33 87.10
N LEU B 155 -36.10 54.92 87.28
CA LEU B 155 -35.57 55.78 86.22
C LEU B 155 -34.86 54.96 85.13
N LYS B 156 -34.94 55.46 83.88
CA LYS B 156 -34.50 54.68 82.70
C LYS B 156 -33.15 55.02 82.04
N GLY B 157 -32.47 56.15 82.32
CA GLY B 157 -31.21 56.40 81.59
C GLY B 157 -29.96 56.77 82.40
N LEU B 158 -29.75 56.18 83.57
CA LEU B 158 -28.62 56.60 84.39
C LEU B 158 -27.52 55.53 84.52
N TYR B 159 -26.25 55.97 84.56
CA TYR B 159 -25.07 55.08 84.62
C TYR B 159 -24.19 55.11 85.89
N ARG B 160 -23.55 53.96 86.11
CA ARG B 160 -22.49 53.72 87.10
C ARG B 160 -21.30 53.03 86.42
N ILE B 161 -20.10 53.54 86.64
CA ILE B 161 -18.92 52.97 85.98
C ILE B 161 -18.00 52.27 86.98
N LEU B 162 -17.75 50.99 86.73
CA LEU B 162 -16.88 50.16 87.58
C LEU B 162 -15.49 50.08 86.96
N VAL B 163 -14.48 50.51 87.70
CA VAL B 163 -13.13 50.61 87.15
C VAL B 163 -12.12 49.67 87.80
N GLU B 164 -11.36 48.94 86.98
CA GLU B 164 -10.24 48.13 87.43
C GLU B 164 -8.94 48.80 87.03
N THR B 165 -8.12 49.16 88.01
CA THR B 165 -6.85 49.85 87.77
C THR B 165 -5.61 49.02 88.04
N GLU B 166 -4.50 49.50 87.46
CA GLU B 166 -3.17 48.94 87.62
C GLU B 166 -2.56 49.08 89.02
N ASP B 167 -2.90 50.18 89.68
CA ASP B 167 -2.36 50.62 90.96
C ASP B 167 -2.51 49.64 92.12
N ALA B 168 -3.62 48.89 92.17
CA ALA B 168 -3.93 47.99 93.28
C ALA B 168 -4.04 48.72 94.62
N ASP B 169 -4.60 49.93 94.59
CA ASP B 169 -4.86 50.77 95.74
C ASP B 169 -6.26 50.47 96.23
N LYS B 170 -6.71 51.13 97.28
CA LYS B 170 -8.07 50.97 97.79
C LYS B 170 -9.11 51.79 97.05
N VAL B 171 -8.71 52.94 96.50
CA VAL B 171 -9.64 53.88 95.88
C VAL B 171 -9.09 54.31 94.51
N LEU B 172 -9.93 54.98 93.72
CA LEU B 172 -9.44 55.50 92.45
C LEU B 172 -8.78 56.84 92.72
N SER B 173 -7.72 57.14 91.99
CA SER B 173 -7.13 58.48 92.05
C SER B 173 -8.15 59.47 91.55
N GLU B 174 -8.18 60.66 92.16
CA GLU B 174 -9.13 61.65 91.67
C GLU B 174 -8.86 62.03 90.22
N SER B 175 -7.65 61.80 89.72
CA SER B 175 -7.35 62.14 88.34
C SER B 175 -8.03 61.17 87.39
N LEU B 176 -8.38 59.97 87.86
CA LEU B 176 -9.07 59.02 87.03
C LEU B 176 -10.52 59.38 87.03
N GLU B 177 -11.06 59.76 88.20
CA GLU B 177 -12.46 60.13 88.21
C GLU B 177 -12.70 61.33 87.31
N LYS B 178 -11.76 62.27 87.28
CA LYS B 178 -11.93 63.41 86.39
C LYS B 178 -11.88 62.94 84.94
N ALA B 179 -10.93 62.05 84.60
CA ALA B 179 -10.82 61.56 83.22
C ALA B 179 -12.08 60.84 82.75
N VAL B 180 -12.68 60.02 83.62
CA VAL B 180 -13.86 59.27 83.22
C VAL B 180 -15.05 60.20 83.06
N PHE B 181 -15.27 61.10 84.03
CA PHE B 181 -16.40 62.01 83.92
C PHE B 181 -16.23 62.91 82.71
N THR B 182 -15.00 63.38 82.45
CA THR B 182 -14.77 64.27 81.32
C THR B 182 -15.12 63.59 80.00
N LYS B 183 -14.63 62.36 79.80
CA LYS B 183 -14.91 61.70 78.54
C LYS B 183 -16.38 61.35 78.41
N PHE B 184 -17.02 60.94 79.51
CA PHE B 184 -18.43 60.61 79.41
C PHE B 184 -19.21 61.81 78.93
N HIS B 185 -19.05 62.94 79.58
CA HIS B 185 -19.88 64.07 79.26
C HIS B 185 -19.57 64.61 77.87
N ALA B 186 -18.29 64.59 77.50
CA ALA B 186 -17.90 65.04 76.17
C ALA B 186 -18.54 64.21 75.07
N ASN B 187 -18.75 62.92 75.32
CA ASN B 187 -19.31 62.01 74.33
C ASN B 187 -20.52 61.27 74.88
N ARG B 188 -21.70 61.88 74.89
CA ARG B 188 -22.83 61.20 75.49
C ARG B 188 -24.05 61.20 74.58
N ASN B 189 -24.94 60.25 74.86
CA ASN B 189 -26.19 60.08 74.13
C ASN B 189 -27.23 61.04 74.65
N LEU B 190 -28.22 61.32 73.82
CA LEU B 190 -29.35 62.14 74.21
C LEU B 190 -30.20 61.42 75.26
N CYS B 191 -30.55 62.15 76.34
CA CYS B 191 -31.40 61.68 77.47
C CYS B 191 -30.76 60.60 78.34
N GLU B 192 -29.45 60.70 78.58
CA GLU B 192 -28.72 59.77 79.44
C GLU B 192 -27.71 60.53 80.30
N ASP B 193 -27.40 60.01 81.50
CA ASP B 193 -26.44 60.69 82.38
C ASP B 193 -25.65 59.73 83.29
N LEU B 194 -24.51 60.23 83.77
CA LEU B 194 -23.60 59.49 84.64
C LEU B 194 -23.67 59.96 86.08
N ILE B 195 -23.93 59.03 86.98
CA ILE B 195 -24.07 59.33 88.39
C ILE B 195 -22.77 59.09 89.15
N LYS B 196 -22.18 57.92 89.00
CA LYS B 196 -21.01 57.59 89.82
C LYS B 196 -19.96 56.76 89.10
N VAL B 197 -18.70 57.07 89.38
CA VAL B 197 -17.53 56.33 88.94
C VAL B 197 -16.83 55.80 90.18
N GLU B 198 -16.60 54.49 90.23
CA GLU B 198 -15.99 53.87 91.41
C GLU B 198 -15.16 52.63 91.07
N LYS B 199 -14.31 52.25 92.01
CA LYS B 199 -13.47 51.07 91.85
C LYS B 199 -14.26 49.78 92.10
N VAL B 200 -14.03 48.77 91.25
CA VAL B 200 -14.75 47.49 91.34
C VAL B 200 -14.44 46.72 92.64
N ALA B 201 -15.49 46.16 93.26
CA ALA B 201 -15.40 45.33 94.47
C ALA B 201 -14.90 43.93 94.15
N THR B 202 -14.31 43.25 95.14
CA THR B 202 -13.80 41.90 94.91
C THR B 202 -14.25 40.83 95.90
N GLU B 203 -14.04 39.57 95.51
CA GLU B 203 -14.31 38.36 96.31
C GLU B 203 -13.08 37.46 96.34
N PRO B 204 -12.49 37.16 97.51
CA PRO B 204 -11.27 36.32 97.64
C PRO B 204 -11.53 34.81 97.58
N ILE B 205 -10.70 34.10 96.79
CA ILE B 205 -10.79 32.64 96.64
C ILE B 205 -9.46 31.96 96.96
N SER B 206 -9.51 30.89 97.73
CA SER B 206 -8.36 30.06 98.04
C SER B 206 -8.21 28.87 97.15
N VAL B 207 -6.96 28.55 96.81
CA VAL B 207 -6.62 27.34 96.06
C VAL B 207 -5.45 26.67 96.78
N CYS B 208 -5.60 25.38 97.11
CA CYS B 208 -4.53 24.62 97.76
C CYS B 208 -4.29 23.30 97.04
N ALA B 209 -3.01 22.93 96.84
CA ALA B 209 -2.73 21.69 96.12
C ALA B 209 -1.37 21.04 96.38
N ASN B 210 -1.29 19.73 96.07
CA ASN B 210 -0.07 18.91 96.05
C ASN B 210 0.18 18.46 94.62
N VAL B 211 1.29 18.91 94.04
CA VAL B 211 1.58 18.68 92.63
C VAL B 211 2.92 17.99 92.42
N GLU B 212 2.90 16.85 91.72
CA GLU B 212 4.11 16.13 91.38
C GLU B 212 4.60 16.55 90.01
N VAL B 213 5.89 16.81 89.91
CA VAL B 213 6.50 17.26 88.68
C VAL B 213 7.60 16.29 88.24
N ALA B 214 8.00 16.44 86.99
CA ALA B 214 9.06 15.63 86.41
C ALA B 214 10.36 15.81 87.20
N PRO B 215 11.16 14.74 87.30
CA PRO B 215 12.46 14.75 88.02
C PRO B 215 13.47 15.72 87.46
N GLU B 216 13.28 16.14 86.22
CA GLU B 216 14.11 17.10 85.51
C GLU B 216 13.25 18.24 85.08
N ALA B 217 12.95 19.12 86.03
CA ALA B 217 12.07 20.24 85.80
C ALA B 217 12.48 21.40 86.68
N ASP B 218 12.26 22.60 86.16
CA ASP B 218 12.53 23.86 86.85
C ASP B 218 11.27 24.25 87.61
N GLU B 219 11.28 24.01 88.92
CA GLU B 219 10.12 24.24 89.76
C GLU B 219 9.79 25.70 89.98
N GLU B 220 10.78 26.57 90.05
CA GLU B 220 10.47 27.98 90.25
C GLU B 220 9.72 28.52 89.04
N LEU B 221 10.12 28.06 87.85
CA LEU B 221 9.44 28.47 86.64
C LEU B 221 8.04 27.89 86.57
N ILE B 222 7.88 26.61 86.94
CA ILE B 222 6.55 26.01 86.92
C ILE B 222 5.63 26.77 87.83
N HIS B 223 6.10 27.12 89.02
CA HIS B 223 5.25 27.85 89.94
C HIS B 223 4.84 29.19 89.36
N ALA B 224 5.79 29.94 88.79
CA ALA B 224 5.43 31.24 88.21
C ALA B 224 4.38 31.09 87.10
N GLN B 225 4.52 30.05 86.29
CA GLN B 225 3.57 29.83 85.19
C GLN B 225 2.18 29.42 85.67
N ILE B 226 2.09 28.52 86.66
CA ILE B 226 0.77 28.11 87.15
C ILE B 226 0.06 29.30 87.73
N LEU B 227 0.79 30.03 88.55
CA LEU B 227 0.27 31.17 89.26
C LEU B 227 -0.28 32.22 88.30
N ILE B 228 0.45 32.54 87.23
CA ILE B 228 -0.09 33.52 86.27
C ILE B 228 -1.34 33.00 85.59
N ALA B 229 -1.31 31.74 85.14
CA ALA B 229 -2.45 31.20 84.42
C ALA B 229 -3.73 31.22 85.24
N ILE B 230 -3.66 30.91 86.55
CA ILE B 230 -4.88 30.96 87.35
C ILE B 230 -5.38 32.37 87.49
N GLU B 231 -4.48 33.32 87.71
CA GLU B 231 -4.91 34.70 87.82
C GLU B 231 -5.60 35.17 86.54
N ASP B 232 -5.06 34.80 85.36
CA ASP B 232 -5.70 35.17 84.11
C ASP B 232 -7.08 34.57 83.93
N TYR B 233 -7.27 33.32 84.36
CA TYR B 233 -8.60 32.69 84.31
C TYR B 233 -9.61 33.49 85.10
N LEU B 234 -9.27 33.85 86.32
CA LEU B 234 -10.21 34.56 87.18
C LEU B 234 -10.57 35.94 86.65
N ALA B 235 -9.62 36.68 86.09
CA ALA B 235 -9.88 38.06 85.66
C ALA B 235 -9.12 38.48 84.41
N PRO B 236 -9.53 38.00 83.21
CA PRO B 236 -8.90 38.30 81.92
C PRO B 236 -8.99 39.77 81.56
N SER B 237 -8.06 40.24 80.69
CA SER B 237 -8.12 41.61 80.21
C SER B 237 -7.66 41.62 78.75
N PRO B 238 -8.15 42.57 77.93
CA PRO B 238 -7.81 42.71 76.49
C PRO B 238 -6.44 43.34 76.25
N ARG B 239 -5.91 43.14 75.04
CA ARG B 239 -4.65 43.77 74.66
C ARG B 239 -4.78 44.58 73.38
N HIS B 240 -3.86 45.52 73.19
CA HIS B 240 -3.87 46.36 72.01
C HIS B 240 -3.10 45.75 70.86
N TYR B 241 -3.59 45.99 69.64
CA TYR B 241 -2.96 45.47 68.44
C TYR B 241 -2.60 46.55 67.42
N SER B 242 -1.58 46.26 66.63
CA SER B 242 -1.18 47.10 65.52
C SER B 242 -2.16 46.88 64.37
N LEU B 243 -2.16 47.79 63.39
CA LEU B 243 -3.03 47.57 62.24
C LEU B 243 -2.63 46.32 61.48
N LYS B 244 -1.32 46.12 61.30
CA LYS B 244 -0.84 44.92 60.62
C LYS B 244 -1.37 43.66 61.30
N GLN B 245 -1.37 43.63 62.62
CA GLN B 245 -1.90 42.47 63.34
C GLN B 245 -3.40 42.27 63.12
N MET B 246 -4.19 43.35 63.14
CA MET B 246 -5.63 43.20 62.90
C MET B 246 -5.89 42.61 61.53
N VAL B 247 -5.07 43.00 60.56
CA VAL B 247 -5.16 42.48 59.22
C VAL B 247 -4.80 40.99 59.19
N ASP B 248 -3.70 40.60 59.88
CA ASP B 248 -3.30 39.19 59.92
C ASP B 248 -4.39 38.31 60.52
N LYS B 249 -5.12 38.83 61.50
CA LYS B 249 -6.22 38.11 62.14
C LYS B 249 -7.38 37.84 61.20
N GLY B 250 -7.43 38.50 60.04
CA GLY B 250 -8.50 38.28 59.09
C GLY B 250 -9.60 39.32 59.10
N TYR B 251 -9.39 40.46 59.72
CA TYR B 251 -10.44 41.48 59.73
C TYR B 251 -10.29 42.38 58.52
N THR B 252 -11.41 42.96 58.06
CA THR B 252 -11.29 43.90 56.96
C THR B 252 -11.49 45.34 57.44
N MET B 253 -11.35 46.28 56.51
CA MET B 253 -11.38 47.70 56.84
C MET B 253 -12.67 48.15 57.48
N ASP B 254 -13.80 47.66 56.97
CA ASP B 254 -15.07 48.04 57.54
C ASP B 254 -15.20 47.67 59.00
N GLU B 255 -14.54 46.60 59.39
CA GLU B 255 -14.65 46.07 60.73
C GLU B 255 -13.61 46.68 61.64
N ILE B 256 -12.40 46.87 61.13
CA ILE B 256 -11.32 47.38 61.95
C ILE B 256 -11.67 48.78 62.45
N PHE B 257 -12.28 49.59 61.59
CA PHE B 257 -12.67 50.94 61.90
C PHE B 257 -14.15 51.10 62.27
N GLU B 258 -14.83 50.03 62.67
CA GLU B 258 -16.26 50.07 63.01
C GLU B 258 -16.63 51.00 64.18
N GLY B 259 -15.84 51.03 65.25
CA GLY B 259 -16.19 51.81 66.41
C GLY B 259 -15.45 53.15 66.48
N PRO B 260 -15.29 53.69 67.68
CA PRO B 260 -14.54 54.93 67.92
C PRO B 260 -13.11 54.71 67.52
N PHE B 261 -12.44 55.76 67.04
CA PHE B 261 -11.03 55.58 66.73
C PHE B 261 -10.26 55.62 68.04
N LEU B 262 -9.31 54.71 68.21
CA LEU B 262 -8.54 54.66 69.45
C LEU B 262 -7.05 54.95 69.21
N GLU B 263 -6.53 55.97 69.90
CA GLU B 263 -5.14 56.42 69.76
C GLU B 263 -4.09 55.40 70.19
N ASN B 264 -4.45 54.43 71.01
CA ASN B 264 -3.47 53.51 71.56
C ASN B 264 -3.37 52.18 70.84
N GLY B 265 -4.02 51.98 69.72
CA GLY B 265 -4.00 50.68 69.09
C GLY B 265 -5.41 50.14 69.02
N PHE B 266 -5.54 49.03 68.33
CA PHE B 266 -6.88 48.50 68.12
C PHE B 266 -7.23 47.51 69.22
N ILE B 267 -8.51 47.48 69.59
CA ILE B 267 -9.01 46.52 70.59
C ILE B 267 -9.97 45.57 69.91
N ASP B 268 -9.74 44.28 70.11
CA ASP B 268 -10.55 43.24 69.50
C ASP B 268 -11.83 43.04 70.32
N THR B 269 -12.96 43.13 69.62
CA THR B 269 -14.28 43.03 70.24
C THR B 269 -14.48 41.69 70.92
N VAL B 270 -13.97 40.61 70.34
CA VAL B 270 -14.12 39.30 70.98
C VAL B 270 -13.50 39.25 72.35
N GLU B 271 -12.26 39.74 72.46
CA GLU B 271 -11.60 39.75 73.75
C GLU B 271 -12.38 40.61 74.72
N LEU B 272 -12.89 41.74 74.23
CA LEU B 272 -13.60 42.65 75.11
C LEU B 272 -14.86 42.01 75.67
N LYS B 273 -15.60 41.29 74.83
CA LYS B 273 -16.81 40.61 75.29
C LYS B 273 -16.46 39.50 76.28
N ALA B 274 -15.38 38.79 76.02
CA ALA B 274 -14.98 37.70 76.90
C ALA B 274 -14.62 38.18 78.31
N SER B 275 -13.95 39.32 78.43
CA SER B 275 -13.53 39.87 79.72
C SER B 275 -14.61 40.56 80.56
N GLU B 276 -15.66 39.81 80.83
CA GLU B 276 -16.80 40.23 81.62
C GLU B 276 -16.61 39.70 83.04
N LEU B 277 -17.24 40.33 84.04
CA LEU B 277 -17.08 39.81 85.39
C LEU B 277 -17.60 38.38 85.48
N ARG B 278 -16.76 37.50 86.00
CA ARG B 278 -17.06 36.07 86.16
C ARG B 278 -18.08 35.80 87.26
N LYS B 279 -19.07 34.96 87.00
CA LYS B 279 -20.03 34.67 88.07
C LYS B 279 -19.72 33.47 88.99
N GLU B 280 -19.26 32.35 88.44
CA GLU B 280 -18.99 31.16 89.23
C GLU B 280 -17.58 30.59 89.03
N VAL B 281 -17.00 29.99 90.08
CA VAL B 281 -15.67 29.39 89.99
C VAL B 281 -15.76 27.88 90.10
N ARG B 282 -15.11 27.15 89.20
CA ARG B 282 -15.18 25.69 89.17
C ARG B 282 -13.83 24.96 89.21
N LEU B 283 -13.79 23.79 89.88
CA LEU B 283 -12.55 22.99 89.98
C LEU B 283 -12.08 22.35 88.67
N SER B 284 -12.99 21.85 87.85
CA SER B 284 -12.69 21.26 86.55
C SER B 284 -11.91 22.17 85.61
N ASP B 285 -11.90 23.48 85.85
CA ASP B 285 -11.10 24.33 85.01
C ASP B 285 -9.72 24.53 85.63
N ILE B 286 -9.67 24.67 86.96
CA ILE B 286 -8.40 24.92 87.63
C ILE B 286 -7.46 23.73 87.46
N ILE B 287 -8.00 22.52 87.52
CA ILE B 287 -7.19 21.32 87.35
C ILE B 287 -6.58 21.29 85.97
N ASN B 288 -7.38 21.61 84.96
CA ASN B 288 -6.89 21.61 83.60
C ASN B 288 -5.77 22.64 83.41
N ILE B 289 -5.86 23.78 84.12
CA ILE B 289 -4.80 24.78 84.03
C ILE B 289 -3.50 24.23 84.56
N ILE B 290 -3.54 23.56 85.71
CA ILE B 290 -2.33 22.98 86.29
C ILE B 290 -1.80 21.82 85.45
N MET B 291 -2.67 20.89 85.03
CA MET B 291 -2.21 19.71 84.29
C MET B 291 -1.55 20.06 82.96
N SER B 292 -1.93 21.17 82.35
CA SER B 292 -1.36 21.61 81.09
C SER B 292 0.00 22.29 81.19
N ILE B 293 0.51 22.53 82.39
CA ILE B 293 1.81 23.19 82.50
C ILE B 293 2.90 22.17 82.30
N ASP B 294 3.81 22.45 81.38
CA ASP B 294 4.90 21.53 81.07
C ASP B 294 5.74 21.20 82.30
N GLY B 295 5.84 19.89 82.56
CA GLY B 295 6.56 19.36 83.70
C GLY B 295 5.64 18.80 84.77
N VAL B 296 4.36 19.16 84.75
CA VAL B 296 3.43 18.62 85.72
C VAL B 296 2.98 17.23 85.34
N LYS B 297 3.07 16.30 86.31
CA LYS B 297 2.64 14.95 86.04
C LYS B 297 1.35 14.59 86.75
N ILE B 298 1.27 14.88 88.05
CA ILE B 298 0.09 14.44 88.80
C ILE B 298 -0.37 15.51 89.80
N VAL B 299 -1.64 15.82 89.83
CA VAL B 299 -2.14 16.65 90.90
C VAL B 299 -2.71 15.65 91.90
N LYS B 300 -2.05 15.54 93.05
CA LYS B 300 -2.42 14.51 94.01
C LYS B 300 -3.49 15.01 94.94
N GLU B 301 -3.52 16.31 95.16
CA GLU B 301 -4.49 16.91 96.04
C GLU B 301 -4.83 18.28 95.53
N ILE B 302 -6.12 18.62 95.53
CA ILE B 302 -6.50 19.97 95.16
C ILE B 302 -7.85 20.30 95.77
N THR B 303 -7.99 21.54 96.20
CA THR B 303 -9.26 22.00 96.69
C THR B 303 -9.43 23.51 96.55
N LEU B 304 -10.68 23.93 96.40
CA LEU B 304 -11.10 25.33 96.36
C LEU B 304 -11.86 25.68 97.60
N GLY B 305 -11.86 26.96 97.90
CA GLY B 305 -12.79 27.37 98.92
C GLY B 305 -12.86 28.85 99.08
N ASN B 306 -14.01 29.31 99.54
CA ASN B 306 -14.15 30.73 99.81
C ASN B 306 -13.12 31.07 100.84
N CYS B 307 -12.32 32.08 100.59
CA CYS B 307 -11.33 32.36 101.61
C CYS B 307 -12.02 32.89 102.84
N ASP B 308 -11.80 32.24 103.98
CA ASP B 308 -12.49 32.73 105.14
C ASP B 308 -11.64 32.33 106.37
N GLU B 309 -12.09 32.74 107.55
CA GLU B 309 -11.42 32.47 108.82
C GLU B 309 -12.05 31.20 109.40
N ASN B 310 -11.32 30.51 110.30
CA ASN B 310 -11.83 29.28 110.89
C ASN B 310 -12.11 28.27 109.79
N ASP B 311 -11.18 28.20 108.83
CA ASP B 311 -11.34 27.36 107.65
C ASP B 311 -10.98 25.94 108.10
N GLY B 312 -11.94 25.30 108.78
CA GLY B 312 -11.84 23.96 109.30
C GLY B 312 -12.40 22.95 108.33
N ILE B 313 -13.12 21.95 108.81
CA ILE B 313 -13.66 20.94 107.93
C ILE B 313 -14.87 21.50 107.20
N GLU B 314 -14.85 21.42 105.87
CA GLU B 314 -15.87 21.97 105.01
C GLU B 314 -15.93 21.22 103.68
N ASN B 315 -17.09 21.32 103.02
CA ASN B 315 -17.38 20.80 101.69
C ASN B 315 -16.37 21.17 100.63
N ASN B 316 -16.28 20.30 99.62
CA ASN B 316 -15.38 20.45 98.49
C ASN B 316 -15.62 21.71 97.67
N GLN B 317 -16.84 22.25 97.63
CA GLN B 317 -17.08 23.47 96.88
C GLN B 317 -16.60 23.36 95.43
N TRP B 318 -17.10 22.33 94.74
CA TRP B 318 -16.69 22.05 93.37
C TRP B 318 -16.97 23.22 92.44
N VAL B 319 -17.96 24.04 92.79
CA VAL B 319 -18.26 25.27 92.09
C VAL B 319 -18.55 26.38 93.10
N ILE B 320 -17.88 27.52 92.96
CA ILE B 320 -18.09 28.66 93.82
C ILE B 320 -18.77 29.79 93.04
N CYS B 321 -19.88 30.28 93.56
CA CYS B 321 -20.61 31.38 92.93
C CYS B 321 -20.18 32.74 93.49
N ILE B 322 -20.18 33.74 92.63
CA ILE B 322 -19.72 35.10 92.94
C ILE B 322 -20.90 36.09 92.89
N PRO B 323 -21.04 36.97 93.89
CA PRO B 323 -22.05 38.04 93.90
C PRO B 323 -21.95 38.94 92.67
N GLU B 324 -23.10 39.40 92.18
CA GLU B 324 -23.33 40.11 90.92
C GLU B 324 -22.46 41.32 90.54
N ASN B 325 -21.75 41.97 91.46
CA ASN B 325 -20.95 43.12 91.05
C ASN B 325 -19.54 42.99 91.58
N LYS B 326 -19.08 41.77 91.74
CA LYS B 326 -17.73 41.56 92.24
C LYS B 326 -16.84 40.85 91.24
N LYS B 327 -15.57 41.12 91.37
CA LYS B 327 -14.52 40.45 90.63
C LYS B 327 -13.82 39.46 91.55
N PRO B 328 -13.62 38.21 91.17
CA PRO B 328 -12.89 37.25 92.01
C PRO B 328 -11.39 37.55 92.01
N LYS B 329 -10.71 37.24 93.12
CA LYS B 329 -9.25 37.47 93.21
C LYS B 329 -8.63 36.43 94.13
N LEU B 330 -7.41 35.92 93.84
CA LEU B 330 -6.79 34.99 94.77
C LEU B 330 -6.54 35.70 96.10
N CYS B 331 -6.78 34.98 97.18
CA CYS B 331 -6.71 35.50 98.54
C CYS B 331 -5.32 35.64 99.15
N LYS B 332 -4.28 35.20 98.47
CA LYS B 332 -2.87 35.27 98.89
C LYS B 332 -2.57 34.41 100.14
N LYS B 333 -3.47 33.51 100.51
CA LYS B 333 -3.27 32.52 101.55
C LYS B 333 -3.19 31.15 100.90
N THR B 334 -2.99 31.15 99.58
CA THR B 334 -2.97 29.99 98.73
C THR B 334 -1.63 29.28 98.82
N THR B 335 -1.57 28.03 98.33
CA THR B 335 -0.27 27.34 98.34
C THR B 335 -0.23 26.08 97.48
N ILE B 336 0.96 25.82 96.92
CA ILE B 336 1.20 24.57 96.21
C ILE B 336 2.45 23.89 96.72
N ASN B 337 2.30 22.64 97.10
CA ASN B 337 3.41 21.83 97.55
C ASN B 337 3.93 21.01 96.37
N TYR B 338 5.20 21.19 96.04
CA TYR B 338 5.74 20.48 94.90
C TYR B 338 6.55 19.28 95.33
N PHE B 339 6.41 18.20 94.56
CA PHE B 339 7.08 16.93 94.83
C PHE B 339 7.74 16.31 93.62
N LYS B 340 8.81 15.57 93.87
CA LYS B 340 9.42 14.71 92.84
C LYS B 340 9.43 13.30 93.40
N GLY B 341 8.67 12.41 92.77
CA GLY B 341 8.54 11.08 93.35
C GLY B 341 7.83 11.25 94.68
N ILE B 342 8.50 10.91 95.77
CA ILE B 342 7.89 11.03 97.07
C ILE B 342 8.55 12.08 97.94
N LEU B 343 9.42 12.91 97.38
CA LEU B 343 10.09 13.89 98.22
C LEU B 343 9.61 15.32 97.91
N PRO B 344 9.25 16.06 98.97
CA PRO B 344 8.84 17.47 98.81
C PRO B 344 10.06 18.34 98.54
N ILE B 345 9.90 19.36 97.72
CA ILE B 345 11.03 20.22 97.37
C ILE B 345 10.63 21.65 97.71
N ASN B 346 11.64 22.47 98.00
CA ASN B 346 11.47 23.84 98.45
C ASN B 346 11.94 24.78 97.35
N LEU B 347 11.12 25.78 97.07
CA LEU B 347 11.41 26.77 96.04
C LEU B 347 11.92 28.06 96.66
N ASN B 348 12.99 28.61 96.11
CA ASN B 348 13.54 29.86 96.58
C ASN B 348 12.49 30.91 96.32
N PRO B 349 12.20 31.77 97.29
CA PRO B 349 11.15 32.79 97.11
C PRO B 349 11.47 33.85 96.06
N VAL B 350 12.71 34.34 96.01
CA VAL B 350 13.11 35.41 95.08
C VAL B 350 13.10 35.05 93.58
N ARG B 351 13.57 33.87 93.22
CA ARG B 351 13.70 33.47 91.81
C ARG B 351 12.36 33.42 91.06
N VAL B 352 11.30 33.00 91.75
CA VAL B 352 9.95 32.97 91.23
C VAL B 352 9.55 34.35 90.78
N ASP B 353 9.89 35.36 91.61
CA ASP B 353 9.55 36.74 91.30
C ASP B 353 10.17 37.14 89.97
N ASN B 354 11.41 36.69 89.72
CA ASN B 354 12.07 37.05 88.48
C ASN B 354 11.36 36.43 87.28
N HIS B 355 10.93 35.18 87.39
CA HIS B 355 10.25 34.57 86.25
C HIS B 355 8.92 35.26 86.00
N LYS B 356 8.16 35.53 87.07
CA LYS B 356 6.86 36.16 86.91
C LYS B 356 6.99 37.53 86.27
N SER B 357 7.95 38.32 86.73
CA SER B 357 8.20 39.64 86.17
C SER B 357 8.50 39.62 84.69
N LYS B 358 9.40 38.74 84.26
CA LYS B 358 9.73 38.67 82.85
C LYS B 358 8.55 38.31 81.97
N ILE B 359 7.69 37.40 82.45
CA ILE B 359 6.51 37.04 81.69
C ILE B 359 5.62 38.26 81.53
N LEU B 360 5.42 39.00 82.61
CA LEU B 360 4.61 40.21 82.57
C LEU B 360 5.27 41.29 81.72
N ALA B 361 6.59 41.36 81.78
CA ALA B 361 7.36 42.42 81.14
C ALA B 361 7.06 42.52 79.67
N SER B 362 6.86 41.36 79.03
CA SER B 362 6.58 41.29 77.60
C SER B 362 5.25 41.96 77.24
N ARG B 363 4.22 41.79 78.06
CA ARG B 363 2.93 42.40 77.74
C ARG B 363 3.05 43.92 77.67
N LEU B 364 3.78 44.53 78.59
CA LEU B 364 3.94 45.97 78.55
C LEU B 364 4.67 46.45 77.32
N GLU B 365 5.71 45.71 76.92
CA GLU B 365 6.47 46.07 75.72
C GLU B 365 5.61 45.98 74.49
N ASN B 366 4.80 44.92 74.41
CA ASN B 366 3.96 44.69 73.24
C ASN B 366 2.82 45.68 73.04
N ASP B 367 2.17 46.13 74.11
CA ASP B 367 1.07 47.09 73.97
C ASP B 367 1.59 48.38 73.38
N LEU B 368 2.76 48.81 73.87
CA LEU B 368 3.42 50.06 73.49
C LEU B 368 3.88 50.08 72.05
N LYS B 369 4.15 48.90 71.49
CA LYS B 369 4.53 48.74 70.08
C LYS B 369 3.39 49.12 69.13
N ALA B 370 2.16 48.94 69.59
CA ALA B 370 0.94 49.21 68.82
C ALA B 370 0.69 50.68 68.44
N LYS B 371 1.28 51.65 69.11
CA LYS B 371 1.03 53.05 68.73
C LYS B 371 1.49 53.43 67.32
N ASP B 372 2.59 52.84 66.85
CA ASP B 372 3.17 53.17 65.54
C ASP B 372 2.34 52.79 64.29
N ASP B 373 1.73 51.62 64.26
CA ASP B 373 0.97 51.18 63.09
C ASP B 373 -0.53 51.53 63.17
N LEU B 374 -0.92 52.79 63.00
CA LEU B 374 -2.35 53.09 63.07
C LEU B 374 -3.08 53.50 61.77
N GLU B 375 -2.52 53.28 60.57
CA GLU B 375 -3.22 53.68 59.36
C GLU B 375 -2.69 53.02 58.08
N PRO B 376 -3.55 52.80 57.08
CA PRO B 376 -3.19 52.25 55.76
C PRO B 376 -2.54 53.27 54.84
N ALA B 377 -1.82 52.77 53.84
CA ALA B 377 -1.23 53.60 52.81
C ALA B 377 -2.22 54.01 51.72
N ILE B 378 -1.98 55.18 51.15
CA ILE B 378 -2.73 55.71 50.01
C ILE B 378 -1.75 55.94 48.85
N PRO B 379 -2.02 55.39 47.65
CA PRO B 379 -1.17 55.59 46.45
C PRO B 379 -0.99 57.05 46.12
N GLN B 380 0.22 57.46 45.72
CA GLN B 380 0.52 58.87 45.46
C GLN B 380 0.99 59.08 44.01
N GLY B 381 0.49 60.13 43.35
CA GLY B 381 0.84 60.44 41.99
C GLY B 381 1.74 61.65 41.85
N THR B 382 1.83 62.16 40.61
CA THR B 382 2.69 63.29 40.29
C THR B 382 1.81 64.41 39.77
N PHE B 383 2.41 65.48 39.27
CA PHE B 383 1.63 66.59 38.79
C PHE B 383 2.27 67.16 37.54
N ALA B 384 1.52 67.31 36.44
CA ALA B 384 2.23 67.76 35.25
C ALA B 384 1.44 68.51 34.19
N ASP B 385 0.56 69.46 34.54
CA ASP B 385 -0.14 70.27 33.51
C ASP B 385 -0.71 69.44 32.36
N TRP B 386 -1.65 68.56 32.69
CA TRP B 386 -2.19 67.59 31.75
C TRP B 386 -2.82 68.22 30.50
N GLY B 387 -3.16 69.50 30.55
CA GLY B 387 -3.79 70.24 29.46
C GLY B 387 -2.86 70.92 28.46
N GLU B 388 -1.55 70.69 28.54
CA GLU B 388 -0.63 71.33 27.60
C GLU B 388 -0.95 70.95 26.15
N TYR B 389 -1.03 71.93 25.26
CA TYR B 389 -1.40 71.67 23.87
C TYR B 389 -0.51 72.40 22.87
N SER B 390 -0.09 71.70 21.82
CA SER B 390 0.68 72.29 20.73
C SER B 390 -0.12 72.28 19.43
N SER B 391 -0.03 73.38 18.69
CA SER B 391 -0.76 73.54 17.43
C SER B 391 -0.41 72.52 16.36
N ILE B 392 -1.44 72.10 15.61
CA ILE B 392 -1.25 71.12 14.54
C ILE B 392 -0.55 71.72 13.35
N GLN B 393 -0.39 73.02 13.33
CA GLN B 393 0.25 73.70 12.23
C GLN B 393 1.74 73.37 12.17
N HIS B 394 2.29 72.87 13.27
CA HIS B 394 3.70 72.51 13.32
C HIS B 394 3.96 71.15 12.72
N GLU B 395 2.92 70.45 12.30
CA GLU B 395 3.06 69.13 11.71
C GLU B 395 3.15 69.18 10.19
N PHE B 396 3.06 70.35 9.58
CA PHE B 396 3.08 70.43 8.12
C PHE B 396 4.47 70.72 7.59
N PRO B 397 4.78 70.40 6.33
CA PRO B 397 6.08 70.81 5.77
C PRO B 397 6.30 72.32 5.49
N GLU B 398 7.59 72.61 5.34
CA GLU B 398 8.03 73.98 5.12
C GLU B 398 7.39 74.54 3.87
N THR B 399 7.18 73.66 2.88
CA THR B 399 6.61 74.10 1.60
C THR B 399 5.28 74.83 1.83
N TYR B 400 4.46 74.36 2.79
CA TYR B 400 3.16 74.98 3.06
C TYR B 400 3.32 76.42 3.57
N GLY B 401 4.42 76.76 4.26
CA GLY B 401 4.70 78.13 4.69
C GLY B 401 4.08 78.55 6.01
N ILE B 402 3.53 77.61 6.77
CA ILE B 402 2.85 77.92 8.04
C ILE B 402 3.70 77.54 9.25
N SER B 403 5.02 77.43 9.10
CA SER B 403 5.91 77.04 10.18
C SER B 403 6.71 78.25 10.66
N ASP B 404 7.45 78.07 11.77
CA ASP B 404 8.24 79.15 12.38
C ASP B 404 9.29 79.80 11.50
N ILE B 405 9.87 79.10 10.54
CA ILE B 405 10.91 79.73 9.75
C ILE B 405 10.35 80.56 8.61
N GLY B 406 9.04 80.57 8.44
CA GLY B 406 8.44 81.36 7.39
C GLY B 406 8.60 80.76 6.01
N LEU B 407 8.61 81.66 5.02
CA LEU B 407 8.62 81.35 3.62
C LEU B 407 9.59 82.32 2.95
N PRO B 408 10.54 81.86 2.13
CA PRO B 408 11.54 82.73 1.44
C PRO B 408 10.91 83.86 0.62
N PRO B 409 11.39 85.11 0.79
CA PRO B 409 10.93 86.30 0.05
C PRO B 409 10.84 86.19 -1.46
N LYS B 410 11.72 85.43 -2.06
CA LYS B 410 11.74 85.32 -3.52
C LYS B 410 10.46 84.71 -4.08
N LEU B 411 9.65 84.07 -3.25
CA LEU B 411 8.44 83.43 -3.74
C LEU B 411 7.28 84.39 -3.92
N GLY B 412 7.46 85.64 -3.52
CA GLY B 412 6.45 86.66 -3.73
C GLY B 412 5.41 86.78 -2.64
N VAL B 413 4.72 87.92 -2.71
CA VAL B 413 3.67 88.27 -1.78
C VAL B 413 2.48 87.36 -1.89
N LYS B 414 2.02 87.06 -3.10
CA LYS B 414 0.81 86.26 -3.19
C LYS B 414 0.94 84.95 -2.43
N ARG B 415 2.09 84.29 -2.51
CA ARG B 415 2.20 83.04 -1.79
C ARG B 415 2.18 83.28 -0.29
N ALA B 416 2.81 84.36 0.18
CA ALA B 416 2.76 84.68 1.60
C ALA B 416 1.33 84.92 2.09
N VAL B 417 0.52 85.58 1.26
CA VAL B 417 -0.87 85.84 1.60
C VAL B 417 -1.65 84.56 1.74
N LEU B 418 -1.45 83.65 0.78
CA LEU B 418 -2.16 82.38 0.82
C LEU B 418 -1.79 81.59 2.06
N ALA B 419 -0.55 81.70 2.53
CA ALA B 419 -0.19 81.03 3.76
C ALA B 419 -1.02 81.54 4.93
N ARG B 420 -1.25 82.84 4.98
CA ARG B 420 -2.07 83.40 6.02
C ARG B 420 -3.48 82.87 5.95
N GLN B 421 -4.04 82.71 4.74
CA GLN B 421 -5.39 82.17 4.61
C GLN B 421 -5.49 80.77 5.18
N LEU B 422 -4.45 79.95 4.95
CA LEU B 422 -4.46 78.60 5.48
C LEU B 422 -4.39 78.61 7.00
N LYS B 423 -3.58 79.49 7.61
CA LYS B 423 -3.52 79.52 9.07
C LYS B 423 -4.89 79.78 9.65
N GLY B 424 -5.63 80.70 9.03
CA GLY B 424 -6.98 81.01 9.46
C GLY B 424 -7.86 79.78 9.46
N TYR B 425 -7.86 79.06 8.35
CA TYR B 425 -8.67 77.85 8.22
C TYR B 425 -8.32 76.82 9.28
N LEU B 426 -7.03 76.56 9.47
CA LEU B 426 -6.65 75.52 10.41
C LEU B 426 -7.03 75.84 11.86
N LEU B 427 -7.15 77.13 12.24
CA LEU B 427 -7.57 77.45 13.62
C LEU B 427 -8.93 76.88 14.00
N PHE B 428 -9.77 76.54 13.03
CA PHE B 428 -11.06 75.95 13.37
C PHE B 428 -10.90 74.56 13.97
N PHE B 429 -9.80 73.89 13.65
CA PHE B 429 -9.52 72.56 14.14
C PHE B 429 -8.74 72.63 15.44
N ASP B 430 -7.90 73.65 15.56
CA ASP B 430 -7.09 73.74 16.77
C ASP B 430 -7.90 74.23 17.94
N GLN B 431 -8.84 75.15 17.72
CA GLN B 431 -9.54 75.66 18.88
C GLN B 431 -10.36 74.55 19.55
N ILE B 432 -10.87 73.61 18.76
CA ILE B 432 -11.64 72.50 19.33
C ILE B 432 -10.75 71.55 20.10
N LEU B 433 -9.61 71.18 19.51
CA LEU B 433 -8.72 70.27 20.23
C LEU B 433 -8.23 70.89 21.51
N ALA B 434 -7.90 72.19 21.48
CA ALA B 434 -7.42 72.85 22.68
C ALA B 434 -8.44 72.79 23.80
N SER B 435 -9.74 72.92 23.46
CA SER B 435 -10.80 72.77 24.44
C SER B 435 -10.81 71.45 25.17
N TYR B 436 -10.66 70.36 24.43
CA TYR B 436 -10.64 69.06 25.07
C TYR B 436 -9.48 68.88 26.03
N PHE B 437 -8.31 69.40 25.70
CA PHE B 437 -7.18 69.28 26.61
C PHE B 437 -7.40 70.10 27.85
N GLU B 438 -8.00 71.27 27.66
CA GLU B 438 -8.34 72.17 28.73
C GLU B 438 -9.34 71.57 29.69
N HIS B 439 -10.28 70.83 29.15
CA HIS B 439 -11.28 70.16 29.97
C HIS B 439 -10.67 69.14 30.90
N LEU B 440 -9.61 68.41 30.49
CA LEU B 440 -8.92 67.49 31.41
C LEU B 440 -8.34 68.20 32.61
N SER B 441 -7.78 69.38 32.40
CA SER B 441 -7.17 70.15 33.48
C SER B 441 -8.15 70.58 34.56
N LYS B 442 -9.45 70.52 34.30
CA LYS B 442 -10.45 70.97 35.23
C LYS B 442 -11.16 69.84 35.96
N ILE B 443 -10.80 68.58 35.75
CA ILE B 443 -11.55 67.50 36.40
C ILE B 443 -11.53 67.66 37.91
N LYS B 444 -10.39 68.05 38.46
CA LYS B 444 -10.25 68.26 39.89
C LYS B 444 -11.23 69.27 40.43
N SER B 445 -11.52 70.32 39.67
CA SER B 445 -12.43 71.33 40.13
C SER B 445 -13.85 70.86 40.03
N LEU B 446 -14.18 70.21 38.93
CA LEU B 446 -15.55 69.81 38.68
C LEU B 446 -16.08 68.89 39.76
N LEU B 447 -15.22 68.03 40.29
CA LEU B 447 -15.63 67.10 41.33
C LEU B 447 -15.14 67.47 42.73
N SER B 448 -14.72 68.71 42.97
CA SER B 448 -14.19 69.15 44.27
C SER B 448 -15.19 69.16 45.41
N LEU B 449 -14.72 68.73 46.59
CA LEU B 449 -15.54 68.77 47.79
C LEU B 449 -15.46 70.12 48.48
N ASP B 450 -14.53 70.96 48.08
CA ASP B 450 -14.39 72.25 48.73
C ASP B 450 -15.17 73.32 48.02
N GLN B 451 -15.09 73.31 46.69
CA GLN B 451 -15.73 74.33 45.87
C GLN B 451 -15.60 74.02 44.40
N GLY B 452 -16.71 73.88 43.70
CA GLY B 452 -16.67 73.67 42.27
C GLY B 452 -16.59 75.00 41.50
N PRO B 453 -16.33 74.88 40.19
CA PRO B 453 -16.21 76.02 39.27
C PRO B 453 -17.58 76.55 38.87
N SER B 454 -17.58 77.76 38.28
CA SER B 454 -18.82 78.37 37.80
C SER B 454 -19.18 77.92 36.37
N PHE B 455 -18.22 77.43 35.61
CA PHE B 455 -18.44 76.99 34.23
C PHE B 455 -18.32 75.49 34.13
N THR B 456 -18.91 74.90 33.10
CA THR B 456 -18.73 73.47 32.95
C THR B 456 -17.99 73.16 31.64
N TYR B 457 -17.89 74.12 30.72
CA TYR B 457 -17.12 73.95 29.50
C TYR B 457 -15.99 74.97 29.48
N PHE B 458 -14.86 74.63 28.86
CA PHE B 458 -13.67 75.48 28.93
C PHE B 458 -12.94 75.61 27.60
N THR B 459 -12.15 76.69 27.44
CA THR B 459 -11.29 76.85 26.26
C THR B 459 -9.92 77.43 26.62
N GLN B 460 -9.04 77.57 25.62
CA GLN B 460 -7.68 78.10 25.80
C GLN B 460 -7.26 79.08 24.71
N ALA B 461 -6.45 80.06 25.07
CA ALA B 461 -5.80 80.83 24.02
C ALA B 461 -4.72 79.98 23.39
N ILE B 462 -4.54 80.11 22.08
CA ILE B 462 -3.46 79.39 21.41
C ILE B 462 -2.37 80.39 21.09
N LYS B 463 -1.17 80.18 21.64
CA LYS B 463 -0.10 81.15 21.47
C LYS B 463 1.19 80.63 20.82
N ASP B 464 1.19 79.42 20.27
CA ASP B 464 2.39 78.92 19.63
C ASP B 464 2.31 79.07 18.11
N ILE B 465 1.47 80.01 17.68
CA ILE B 465 1.28 80.40 16.31
C ILE B 465 1.74 81.83 16.19
N LYS B 466 2.56 82.00 15.16
CA LYS B 466 3.36 83.15 14.79
C LYS B 466 2.62 84.47 14.67
N ASP B 467 1.37 84.48 14.20
CA ASP B 467 0.70 85.77 14.08
C ASP B 467 -0.65 85.88 14.74
N VAL B 468 -0.99 85.04 15.71
CA VAL B 468 -2.32 85.15 16.31
C VAL B 468 -2.77 86.58 16.69
N GLU B 469 -1.83 87.48 16.94
CA GLU B 469 -2.22 88.85 17.21
C GLU B 469 -2.83 89.55 15.99
N GLU B 470 -2.61 89.03 14.79
CA GLU B 470 -3.20 89.61 13.60
C GLU B 470 -4.40 88.82 13.12
N LEU B 471 -4.40 87.52 13.35
CA LEU B 471 -5.48 86.65 12.91
C LEU B 471 -6.79 86.96 13.64
N PHE B 472 -6.71 87.33 14.93
CA PHE B 472 -7.89 87.62 15.73
C PHE B 472 -8.30 89.09 15.68
N LYS B 473 -9.61 89.35 15.55
CA LYS B 473 -10.11 90.72 15.51
C LYS B 473 -9.83 91.50 16.77
N ASP B 474 -9.86 90.83 17.92
CA ASP B 474 -9.56 91.48 19.19
C ASP B 474 -8.64 90.62 20.02
N PRO B 475 -7.33 90.91 19.98
CA PRO B 475 -6.29 90.17 20.72
C PRO B 475 -6.45 90.19 22.21
N THR B 476 -7.27 91.11 22.74
CA THR B 476 -7.52 91.18 24.18
C THR B 476 -7.89 89.83 24.76
N LEU B 477 -8.71 89.08 24.06
CA LEU B 477 -9.20 87.82 24.59
C LEU B 477 -8.11 86.79 24.79
N LEU B 478 -7.01 86.93 24.09
CA LEU B 478 -5.96 85.95 24.19
C LEU B 478 -5.16 86.15 25.46
N GLU B 479 -5.44 87.20 26.21
CA GLU B 479 -4.76 87.45 27.46
C GLU B 479 -5.52 86.91 28.66
N ASN B 480 -6.70 86.32 28.44
CA ASN B 480 -7.47 85.81 29.57
C ASN B 480 -8.46 84.75 29.13
N ASP B 481 -8.15 83.49 29.47
CA ASP B 481 -8.96 82.35 29.05
C ASP B 481 -10.40 82.39 29.57
N GLU B 482 -10.67 83.13 30.65
CA GLU B 482 -12.02 83.22 31.17
C GLU B 482 -12.88 84.09 30.26
N GLU B 483 -12.29 85.12 29.67
CA GLU B 483 -13.04 86.01 28.79
C GLU B 483 -13.23 85.32 27.47
N LEU B 484 -12.21 84.57 27.08
CA LEU B 484 -12.26 83.84 25.85
C LEU B 484 -13.37 82.80 25.91
N THR B 485 -13.52 82.14 27.06
CA THR B 485 -14.58 81.16 27.27
C THR B 485 -15.95 81.78 27.13
N LYS B 486 -16.16 82.92 27.81
CA LYS B 486 -17.45 83.58 27.72
C LYS B 486 -17.79 84.01 26.30
N SER B 487 -16.78 84.44 25.54
CA SER B 487 -16.98 84.89 24.16
C SER B 487 -17.19 83.73 23.18
N LEU B 488 -16.44 82.63 23.30
CA LEU B 488 -16.54 81.55 22.31
C LEU B 488 -17.59 80.50 22.61
N ILE B 489 -17.78 80.12 23.87
CA ILE B 489 -18.77 79.12 24.20
C ILE B 489 -20.04 79.79 24.64
N GLY B 490 -19.90 80.73 25.56
CA GLY B 490 -21.00 81.54 26.00
C GLY B 490 -22.19 80.76 26.49
N LYS B 491 -23.35 81.10 25.93
CA LYS B 491 -24.61 80.53 26.40
C LYS B 491 -24.68 79.04 26.24
N LEU B 492 -23.96 78.47 25.26
CA LEU B 492 -24.05 77.03 25.06
C LEU B 492 -23.82 76.24 26.36
N ASP B 493 -23.17 76.87 27.34
CA ASP B 493 -22.89 76.25 28.63
C ASP B 493 -24.07 76.48 29.59
N ASP B 494 -24.97 75.51 29.70
CA ASP B 494 -26.12 75.66 30.60
C ASP B 494 -25.65 75.29 31.99
N THR B 495 -25.06 76.28 32.66
CA THR B 495 -24.37 76.02 33.91
C THR B 495 -25.31 75.62 35.03
N ILE B 496 -26.52 76.20 35.12
CA ILE B 496 -27.33 75.86 36.29
C ILE B 496 -27.74 74.38 36.27
N GLU B 497 -28.16 73.88 35.13
CA GLU B 497 -28.58 72.49 35.12
C GLU B 497 -27.38 71.57 35.26
N ARG B 498 -26.27 71.89 34.60
CA ARG B 498 -25.13 71.00 34.69
C ARG B 498 -24.50 70.99 36.08
N ARG B 499 -24.42 72.15 36.73
CA ARG B 499 -23.87 72.20 38.07
C ARG B 499 -24.71 71.40 39.04
N ASN B 500 -26.04 71.46 38.90
CA ASN B 500 -26.87 70.67 39.79
C ASN B 500 -26.62 69.18 39.59
N GLN B 501 -26.48 68.73 38.35
CA GLN B 501 -26.26 67.30 38.15
C GLN B 501 -24.99 66.82 38.82
N LEU B 502 -23.91 67.61 38.74
CA LEU B 502 -22.66 67.22 39.39
C LEU B 502 -22.81 67.16 40.90
N MET B 503 -23.48 68.16 41.48
CA MET B 503 -23.63 68.20 42.92
C MET B 503 -24.47 67.05 43.41
N ASP B 504 -25.53 66.73 42.67
CA ASP B 504 -26.41 65.66 43.11
C ASP B 504 -25.69 64.34 43.12
N HIS B 505 -24.82 64.11 42.13
CA HIS B 505 -24.04 62.89 42.11
C HIS B 505 -23.15 62.79 43.33
N LEU B 506 -22.41 63.86 43.65
CA LEU B 506 -21.51 63.80 44.79
C LEU B 506 -22.28 63.58 46.08
N ILE B 507 -23.44 64.20 46.22
CA ILE B 507 -24.24 64.03 47.45
C ILE B 507 -24.74 62.60 47.56
N ALA B 508 -25.17 62.03 46.44
CA ALA B 508 -25.65 60.66 46.39
C ALA B 508 -24.60 59.68 46.85
N ARG B 509 -23.31 59.96 46.63
CA ARG B 509 -22.25 59.05 47.06
C ARG B 509 -22.24 58.82 48.56
N PHE B 510 -22.84 59.71 49.34
CA PHE B 510 -22.91 59.56 50.78
C PHE B 510 -24.28 59.11 51.22
N ALA B 511 -25.11 58.73 50.24
CA ALA B 511 -26.50 58.31 50.42
C ALA B 511 -27.39 59.39 51.01
N GLU B 512 -27.17 60.65 50.63
CA GLU B 512 -27.99 61.76 51.11
C GLU B 512 -28.92 62.22 49.99
N ASN B 513 -29.83 63.19 50.25
CA ASN B 513 -30.77 63.64 49.21
C ASN B 513 -31.38 65.02 49.49
N PHE B 514 -31.15 65.97 48.57
CA PHE B 514 -31.62 67.35 48.67
C PHE B 514 -32.80 67.71 47.77
N SER B 515 -33.57 66.73 47.31
CA SER B 515 -34.69 67.00 46.42
C SER B 515 -35.70 68.04 46.90
N SER B 516 -35.97 68.08 48.20
CA SER B 516 -37.01 68.98 48.72
C SER B 516 -36.67 70.46 48.56
N TYR B 517 -35.41 70.82 48.36
CA TYR B 517 -35.05 72.22 48.22
C TYR B 517 -35.65 72.81 46.97
N ALA B 518 -35.93 71.93 46.01
CA ALA B 518 -36.49 72.32 44.74
C ALA B 518 -37.78 73.06 44.90
N PHE B 519 -38.57 72.77 45.92
CA PHE B 519 -39.80 73.53 46.05
C PHE B 519 -39.90 74.25 47.38
N LEU B 520 -39.23 73.79 48.41
CA LEU B 520 -39.40 74.46 49.69
C LEU B 520 -38.82 75.86 49.66
N MET B 521 -37.78 76.04 48.86
CA MET B 521 -37.15 77.34 48.78
C MET B 521 -38.00 78.34 48.03
N LYS B 522 -39.04 77.90 47.33
CA LYS B 522 -39.86 78.80 46.57
C LYS B 522 -40.85 79.53 47.43
N PHE B 523 -40.92 79.18 48.69
CA PHE B 523 -41.78 79.89 49.59
C PHE B 523 -41.02 80.99 50.27
N LEU B 524 -39.73 81.07 49.97
CA LEU B 524 -38.87 82.04 50.58
C LEU B 524 -38.30 83.00 49.56
N TYR B 525 -37.95 82.48 48.39
CA TYR B 525 -37.31 83.26 47.36
C TYR B 525 -37.96 82.97 46.02
N GLY B 526 -37.78 83.89 45.09
CA GLY B 526 -38.26 83.71 43.73
C GLY B 526 -37.17 83.11 42.87
N GLU B 527 -36.86 83.78 41.77
CA GLU B 527 -35.89 83.28 40.79
C GLU B 527 -34.50 83.07 41.39
N SER B 528 -34.18 83.80 42.46
CA SER B 528 -32.89 83.76 43.11
C SER B 528 -32.61 82.41 43.80
N THR B 529 -33.60 81.50 43.89
CA THR B 529 -33.32 80.21 44.52
C THR B 529 -32.24 79.42 43.81
N ASP B 530 -32.07 79.56 42.49
CA ASP B 530 -31.09 78.66 41.85
C ASP B 530 -29.68 78.87 42.40
N GLU B 531 -29.32 80.13 42.65
CA GLU B 531 -28.00 80.42 43.19
C GLU B 531 -27.91 79.98 44.63
N ILE B 532 -28.96 80.21 45.39
CA ILE B 532 -28.94 79.90 46.82
C ILE B 532 -28.81 78.41 47.02
N VAL B 533 -29.58 77.63 46.29
CA VAL B 533 -29.54 76.19 46.43
C VAL B 533 -28.19 75.61 46.09
N LEU B 534 -27.54 76.05 45.02
CA LEU B 534 -26.22 75.50 44.73
C LEU B 534 -25.22 75.84 45.83
N GLN B 535 -25.30 77.05 46.40
CA GLN B 535 -24.41 77.36 47.51
C GLN B 535 -24.62 76.44 48.69
N ASP B 536 -25.88 76.16 49.02
CA ASP B 536 -26.15 75.30 50.16
C ASP B 536 -25.67 73.88 49.94
N LYS B 537 -25.81 73.35 48.72
CA LYS B 537 -25.34 72.00 48.47
C LYS B 537 -23.83 71.89 48.64
N GLN B 538 -23.07 72.90 48.18
CA GLN B 538 -21.62 72.83 48.36
C GLN B 538 -21.25 72.86 49.84
N SER B 539 -21.95 73.68 50.62
CA SER B 539 -21.66 73.77 52.05
C SER B 539 -21.90 72.45 52.73
N PHE B 540 -22.98 71.77 52.34
CA PHE B 540 -23.30 70.48 52.92
C PHE B 540 -22.17 69.49 52.72
N LEU B 541 -21.62 69.39 51.51
CA LEU B 541 -20.53 68.45 51.31
C LEU B 541 -19.32 68.81 52.17
N ARG B 542 -18.96 70.09 52.28
CA ARG B 542 -17.79 70.46 53.07
C ARG B 542 -17.91 70.07 54.53
N GLU B 543 -19.09 70.23 55.09
CA GLU B 543 -19.37 69.99 56.49
C GLU B 543 -19.75 68.55 56.81
N TYR B 544 -19.75 67.68 55.81
CA TYR B 544 -20.29 66.34 55.98
C TYR B 544 -19.62 65.48 57.04
N LYS B 545 -18.29 65.57 57.21
CA LYS B 545 -17.62 64.68 58.15
C LYS B 545 -18.24 64.70 59.54
N GLU B 546 -18.48 65.89 60.07
CA GLU B 546 -19.12 66.04 61.37
C GLU B 546 -20.61 65.75 61.32
N ILE B 547 -21.29 66.19 60.26
CA ILE B 547 -22.74 66.04 60.18
C ILE B 547 -23.18 64.59 60.33
N SER B 548 -22.53 63.69 59.62
CA SER B 548 -22.93 62.29 59.67
C SER B 548 -22.45 61.54 60.90
N ARG B 549 -21.56 62.12 61.68
CA ARG B 549 -20.99 61.40 62.79
C ARG B 549 -21.62 61.79 64.11
N GLU B 550 -21.64 63.07 64.41
CA GLU B 550 -22.07 63.53 65.72
C GLU B 550 -23.57 63.71 65.76
N ARG B 551 -24.28 62.59 65.62
CA ARG B 551 -25.71 62.60 65.59
C ARG B 551 -26.29 62.57 67.00
N THR C 3 -1.20 -37.85 -49.14
CA THR C 3 -0.17 -38.49 -49.95
C THR C 3 0.76 -37.46 -50.53
N LEU C 4 0.91 -36.38 -49.79
CA LEU C 4 1.76 -35.27 -50.18
C LEU C 4 3.06 -35.37 -49.42
N ASN C 5 4.07 -34.65 -49.89
CA ASN C 5 5.33 -34.67 -49.17
C ASN C 5 5.25 -33.77 -47.96
N LYS C 6 5.85 -34.21 -46.86
CA LYS C 6 5.92 -33.44 -45.63
C LYS C 6 7.32 -32.88 -45.42
N HIS C 7 7.40 -31.84 -44.61
CA HIS C 7 8.69 -31.27 -44.26
C HIS C 7 9.39 -32.21 -43.30
N ILE C 8 10.71 -32.36 -43.46
CA ILE C 8 11.53 -33.30 -42.69
C ILE C 8 12.47 -32.58 -41.72
N SER C 9 12.48 -33.02 -40.47
CA SER C 9 13.35 -32.48 -39.44
C SER C 9 13.85 -33.57 -38.50
N ILE C 10 14.79 -33.19 -37.64
CA ILE C 10 15.41 -34.10 -36.68
C ILE C 10 15.18 -33.64 -35.25
N PRO C 11 14.76 -34.54 -34.37
CA PRO C 11 14.52 -34.28 -32.95
C PRO C 11 15.75 -33.76 -32.26
N LYS C 12 15.55 -32.95 -31.21
CA LYS C 12 16.66 -32.36 -30.46
C LYS C 12 16.93 -33.00 -29.08
N ASP C 13 16.08 -33.90 -28.62
CA ASP C 13 16.30 -34.54 -27.31
C ASP C 13 17.00 -35.88 -27.47
N MET C 14 18.30 -35.82 -27.72
CA MET C 14 19.09 -37.03 -27.95
C MET C 14 19.47 -37.71 -26.65
N SER C 15 18.48 -38.35 -26.02
CA SER C 15 18.67 -39.03 -24.76
C SER C 15 17.70 -40.20 -24.64
N SER C 16 18.22 -41.41 -24.47
CA SER C 16 17.34 -42.56 -24.37
C SER C 16 17.71 -43.50 -23.25
N LYS C 17 18.93 -43.41 -22.73
CA LYS C 17 19.42 -44.30 -21.69
C LYS C 17 19.39 -45.77 -22.12
N ASP C 18 19.77 -46.05 -23.37
CA ASP C 18 19.80 -47.41 -23.89
C ASP C 18 21.02 -47.57 -24.81
N ASP C 19 21.02 -48.62 -25.62
CA ASP C 19 22.19 -48.93 -26.45
C ASP C 19 22.40 -47.98 -27.62
N LEU C 20 21.50 -47.05 -27.88
CA LEU C 20 21.70 -46.10 -28.96
C LEU C 20 22.24 -44.77 -28.43
N ASP C 21 22.43 -44.66 -27.13
CA ASP C 21 22.85 -43.43 -26.45
C ASP C 21 24.34 -43.54 -26.09
N PHE C 22 25.19 -42.88 -26.89
CA PHE C 22 26.64 -42.97 -26.70
C PHE C 22 27.08 -42.54 -25.32
N HIS C 23 26.60 -41.39 -24.87
CA HIS C 23 27.09 -40.88 -23.60
C HIS C 23 26.67 -41.76 -22.45
N PHE C 24 25.47 -42.29 -22.51
CA PHE C 24 25.03 -43.24 -21.51
C PHE C 24 25.94 -44.44 -21.43
N LEU C 25 26.26 -45.03 -22.58
CA LEU C 25 27.12 -46.21 -22.59
C LEU C 25 28.49 -45.90 -22.02
N ARG C 26 29.04 -44.74 -22.36
CA ARG C 26 30.36 -44.37 -21.87
C ARG C 26 30.40 -44.28 -20.36
N GLU C 27 29.37 -43.67 -19.75
CA GLU C 27 29.34 -43.56 -18.29
C GLU C 27 29.25 -44.91 -17.61
N GLU C 28 28.42 -45.81 -18.17
CA GLU C 28 28.29 -47.14 -17.58
C GLU C 28 29.60 -47.88 -17.67
N GLY C 29 30.31 -47.72 -18.79
CA GLY C 29 31.59 -48.35 -18.97
C GLY C 29 32.55 -47.98 -17.86
N ILE C 30 32.66 -46.69 -17.56
CA ILE C 30 33.57 -46.24 -16.52
C ILE C 30 33.13 -46.73 -15.15
N ARG C 31 31.83 -46.71 -14.88
CA ARG C 31 31.36 -47.24 -13.59
C ARG C 31 31.78 -48.67 -13.39
N TYR C 32 31.65 -49.50 -14.41
CA TYR C 32 32.05 -50.90 -14.28
C TYR C 32 33.54 -51.03 -14.06
N ILE C 33 34.34 -50.21 -14.73
CA ILE C 33 35.80 -50.26 -14.57
C ILE C 33 36.19 -49.97 -13.15
N LYS C 34 35.62 -48.95 -12.53
CA LYS C 34 36.00 -48.65 -11.15
C LYS C 34 35.64 -49.77 -10.22
N GLU C 35 34.47 -50.35 -10.38
CA GLU C 35 34.02 -51.40 -9.48
C GLU C 35 34.92 -52.63 -9.56
N LEU C 36 35.40 -52.96 -10.74
CA LEU C 36 36.22 -54.14 -10.92
C LEU C 36 37.72 -53.94 -10.77
N GLY C 37 38.29 -52.84 -11.26
CA GLY C 37 39.74 -52.72 -11.28
C GLY C 37 40.40 -51.46 -10.71
N SER C 38 39.73 -50.69 -9.86
CA SER C 38 40.29 -49.42 -9.37
C SER C 38 41.56 -49.61 -8.52
N ASN C 39 41.87 -50.82 -8.09
CA ASN C 39 43.10 -51.02 -7.34
C ASN C 39 44.31 -50.81 -8.21
N PHE C 40 44.19 -51.05 -9.50
CA PHE C 40 45.32 -50.98 -10.39
C PHE C 40 45.19 -49.91 -11.47
N TRP C 41 43.98 -49.66 -11.93
CA TRP C 41 43.75 -48.71 -13.00
C TRP C 41 42.94 -47.55 -12.46
N THR C 42 43.61 -46.41 -12.21
CA THR C 42 42.99 -45.22 -11.65
C THR C 42 43.00 -43.99 -12.54
N ASP C 43 43.83 -43.95 -13.55
CA ASP C 43 43.96 -42.81 -14.44
C ASP C 43 42.90 -42.93 -15.53
N TYR C 44 41.88 -42.07 -15.50
CA TYR C 44 40.83 -42.17 -16.50
C TYR C 44 40.81 -40.96 -17.43
N ASN C 45 41.96 -40.35 -17.62
CA ASN C 45 42.10 -39.22 -18.51
C ASN C 45 42.04 -39.64 -19.96
N THR C 46 41.78 -38.67 -20.83
CA THR C 46 41.56 -38.94 -22.23
C THR C 46 42.80 -39.38 -23.02
N HIS C 47 44.00 -39.23 -22.51
CA HIS C 47 45.15 -39.73 -23.26
C HIS C 47 45.37 -41.21 -23.05
N ASP C 48 44.63 -41.83 -22.15
CA ASP C 48 44.79 -43.22 -21.77
C ASP C 48 44.28 -44.18 -22.84
N PRO C 49 45.14 -45.09 -23.35
CA PRO C 49 44.74 -46.14 -24.31
C PRO C 49 43.54 -46.95 -23.86
N GLY C 50 43.41 -47.17 -22.55
CA GLY C 50 42.28 -47.91 -22.02
C GLY C 50 40.97 -47.25 -22.33
N ILE C 51 40.88 -45.97 -21.99
CA ILE C 51 39.69 -45.17 -22.24
C ILE C 51 39.44 -45.04 -23.73
N THR C 52 40.50 -44.89 -24.53
CA THR C 52 40.33 -44.81 -25.97
C THR C 52 39.63 -46.04 -26.52
N MET C 53 40.05 -47.23 -26.07
CA MET C 53 39.42 -48.46 -26.52
C MET C 53 37.95 -48.53 -26.12
N LEU C 54 37.62 -48.08 -24.92
CA LEU C 54 36.23 -48.07 -24.46
C LEU C 54 35.34 -47.25 -25.39
N GLU C 55 35.79 -46.05 -25.75
CA GLU C 55 34.99 -45.19 -26.61
C GLU C 55 34.76 -45.81 -27.97
N VAL C 56 35.77 -46.49 -28.52
CA VAL C 56 35.62 -47.16 -29.82
C VAL C 56 34.55 -48.23 -29.73
N LEU C 57 34.59 -49.03 -28.67
CA LEU C 57 33.61 -50.09 -28.52
C LEU C 57 32.21 -49.53 -28.35
N CYS C 58 32.05 -48.44 -27.62
CA CYS C 58 30.72 -47.86 -27.43
C CYS C 58 30.12 -47.44 -28.77
N TYR C 59 30.96 -46.87 -29.63
CA TYR C 59 30.54 -46.47 -30.96
C TYR C 59 30.05 -47.68 -31.77
N ALA C 60 30.81 -48.77 -31.72
CA ALA C 60 30.44 -50.01 -32.41
C ALA C 60 29.12 -50.57 -31.93
N ILE C 61 28.84 -50.46 -30.62
CA ILE C 61 27.57 -50.96 -30.09
C ILE C 61 26.41 -50.19 -30.67
N SER C 62 26.51 -48.87 -30.75
CA SER C 62 25.43 -48.06 -31.32
C SER C 62 25.10 -48.51 -32.74
N ASP C 63 26.11 -48.83 -33.53
CA ASP C 63 25.92 -49.31 -34.90
C ASP C 63 25.10 -50.59 -34.92
N LEU C 64 25.44 -51.53 -34.04
CA LEU C 64 24.69 -52.77 -33.99
C LEU C 64 23.24 -52.51 -33.64
N GLY C 65 22.99 -51.70 -32.61
CA GLY C 65 21.62 -51.44 -32.19
C GLY C 65 20.80 -50.81 -33.30
N ASN C 66 21.43 -49.93 -34.06
CA ASN C 66 20.73 -49.28 -35.16
C ASN C 66 20.28 -50.24 -36.24
N ARG C 67 21.04 -51.33 -36.51
CA ARG C 67 20.57 -52.24 -37.53
C ARG C 67 19.49 -53.16 -37.02
N ILE C 68 19.53 -53.48 -35.73
CA ILE C 68 18.50 -54.33 -35.18
C ILE C 68 17.13 -53.68 -35.35
N ASN C 69 17.07 -52.35 -35.29
CA ASN C 69 15.81 -51.62 -35.47
C ASN C 69 15.32 -51.47 -36.92
N ILE C 70 16.02 -52.01 -37.91
CA ILE C 70 15.52 -51.97 -39.29
C ILE C 70 14.22 -52.74 -39.36
N PRO C 71 13.19 -52.21 -40.02
CA PRO C 71 11.87 -52.86 -40.08
C PRO C 71 11.92 -54.22 -40.75
N ILE C 72 10.99 -55.08 -40.31
CA ILE C 72 10.88 -56.47 -40.74
C ILE C 72 10.75 -56.58 -42.24
N GLU C 73 10.07 -55.62 -42.88
CA GLU C 73 9.82 -55.73 -44.31
C GLU C 73 11.14 -55.83 -45.07
N ASP C 74 12.21 -55.27 -44.52
CA ASP C 74 13.48 -55.30 -45.18
C ASP C 74 14.34 -56.44 -44.65
N LEU C 75 14.29 -56.69 -43.35
CA LEU C 75 15.17 -57.71 -42.78
C LEU C 75 14.91 -59.09 -43.33
N ILE C 76 13.66 -59.41 -43.67
CA ILE C 76 13.40 -60.75 -44.19
C ILE C 76 13.05 -60.74 -45.67
N ALA C 77 13.43 -59.69 -46.39
CA ALA C 77 13.16 -59.62 -47.81
C ALA C 77 13.97 -60.63 -48.61
N ASN C 78 13.40 -61.07 -49.72
CA ASN C 78 14.12 -61.92 -50.66
C ASN C 78 14.76 -61.07 -51.73
N GLU C 79 15.81 -61.61 -52.33
CA GLU C 79 16.55 -60.92 -53.39
C GLU C 79 15.67 -60.55 -54.57
N GLU C 80 14.73 -61.42 -54.88
CA GLU C 80 13.78 -61.28 -55.96
C GLU C 80 12.44 -60.68 -55.55
N GLY C 81 12.32 -60.26 -54.30
CA GLY C 81 11.06 -59.77 -53.79
C GLY C 81 10.14 -60.91 -53.37
N GLY C 82 8.99 -60.56 -52.80
CA GLY C 82 8.04 -61.58 -52.37
C GLY C 82 8.36 -62.14 -50.99
N VAL C 83 7.45 -63.01 -50.52
CA VAL C 83 7.54 -63.64 -49.20
C VAL C 83 7.31 -65.13 -49.28
N LYS C 84 7.67 -65.75 -50.41
CA LYS C 84 7.36 -67.15 -50.66
C LYS C 84 7.69 -68.12 -49.52
N GLY C 85 8.89 -68.05 -48.96
CA GLY C 85 9.25 -69.00 -47.92
C GLY C 85 9.00 -68.51 -46.50
N GLN C 86 8.38 -67.36 -46.36
CA GLN C 86 8.16 -66.79 -45.04
C GLN C 86 6.72 -66.84 -44.61
N PHE C 87 5.80 -66.50 -45.49
CA PHE C 87 4.42 -66.40 -45.07
C PHE C 87 3.49 -67.04 -46.08
N TYR C 88 2.34 -67.47 -45.59
CA TYR C 88 1.29 -67.87 -46.48
C TYR C 88 0.37 -66.66 -46.60
N LYS C 89 -0.10 -66.36 -47.81
CA LYS C 89 -0.93 -65.17 -48.05
C LYS C 89 -2.41 -65.42 -47.81
N VAL C 90 -3.20 -64.36 -47.68
CA VAL C 90 -4.63 -64.55 -47.35
C VAL C 90 -5.38 -65.33 -48.42
N GLN C 91 -4.99 -65.19 -49.67
CA GLN C 91 -5.62 -65.89 -50.79
C GLN C 91 -5.41 -67.39 -50.68
N GLU C 92 -4.42 -67.79 -49.91
CA GLU C 92 -4.01 -69.17 -49.77
C GLU C 92 -4.38 -69.77 -48.43
N ILE C 93 -4.31 -69.00 -47.35
CA ILE C 93 -4.51 -69.57 -46.03
C ILE C 93 -5.88 -69.30 -45.41
N LEU C 94 -6.61 -68.29 -45.84
CA LEU C 94 -7.97 -68.08 -45.27
C LEU C 94 -9.18 -68.82 -45.89
N PRO C 95 -9.27 -69.01 -47.22
CA PRO C 95 -10.41 -69.68 -47.87
C PRO C 95 -10.61 -71.11 -47.43
N SER C 96 -11.86 -71.59 -47.51
CA SER C 96 -12.20 -72.94 -47.08
C SER C 96 -12.90 -73.72 -48.17
N ALA C 97 -12.70 -75.05 -48.20
CA ALA C 97 -13.33 -75.91 -49.18
C ALA C 97 -14.83 -75.77 -48.98
N PRO C 98 -15.66 -75.95 -50.01
CA PRO C 98 -17.08 -75.74 -49.72
C PRO C 98 -17.80 -76.94 -49.15
N THR C 99 -18.30 -76.87 -47.91
CA THR C 99 -19.02 -77.97 -47.26
C THR C 99 -20.47 -77.66 -46.85
N SER C 100 -20.88 -76.41 -46.90
CA SER C 100 -22.23 -76.01 -46.51
C SER C 100 -23.10 -75.74 -47.73
N GLU C 101 -24.41 -75.52 -47.46
CA GLU C 101 -25.39 -75.30 -48.52
C GLU C 101 -25.09 -73.97 -49.23
N LEU C 102 -24.71 -72.92 -48.47
CA LEU C 102 -24.43 -71.62 -49.05
C LEU C 102 -23.16 -71.69 -49.87
N ASP C 103 -22.19 -72.48 -49.41
CA ASP C 103 -20.96 -72.63 -50.17
C ASP C 103 -21.26 -73.26 -51.52
N LEU C 104 -22.12 -74.28 -51.53
CA LEU C 104 -22.48 -74.93 -52.79
C LEU C 104 -23.19 -73.97 -53.72
N ARG C 105 -24.06 -73.14 -53.18
CA ARG C 105 -24.72 -72.20 -54.06
C ARG C 105 -23.69 -71.24 -54.67
N LYS C 106 -22.72 -70.77 -53.86
CA LYS C 106 -21.68 -69.90 -54.40
C LYS C 106 -20.81 -70.62 -55.40
N LEU C 107 -20.53 -71.90 -55.15
CA LEU C 107 -19.70 -72.70 -56.05
C LEU C 107 -20.29 -72.78 -57.44
N PHE C 108 -21.58 -73.11 -57.54
CA PHE C 108 -22.18 -73.34 -58.84
C PHE C 108 -22.66 -72.06 -59.52
N ILE C 109 -22.99 -71.02 -58.75
CA ILE C 109 -23.51 -69.78 -59.33
C ILE C 109 -22.47 -69.05 -60.16
N ASP C 110 -21.20 -69.46 -60.09
CA ASP C 110 -20.15 -68.88 -60.92
C ASP C 110 -19.92 -69.60 -62.23
N ILE C 111 -20.72 -70.58 -62.56
CA ILE C 111 -20.62 -71.18 -63.88
C ILE C 111 -21.31 -70.22 -64.82
N GLU C 112 -20.62 -69.81 -65.87
CA GLU C 112 -21.20 -68.83 -66.78
C GLU C 112 -22.50 -69.36 -67.36
N GLY C 113 -23.53 -68.51 -67.40
CA GLY C 113 -24.85 -68.88 -67.88
C GLY C 113 -25.83 -69.21 -66.77
N ILE C 114 -25.35 -69.39 -65.55
CA ILE C 114 -26.22 -69.70 -64.42
C ILE C 114 -26.43 -68.46 -63.55
N LYS C 115 -27.69 -68.13 -63.29
CA LYS C 115 -28.03 -66.96 -62.49
C LYS C 115 -28.27 -67.30 -61.05
N ASN C 116 -28.80 -68.48 -60.79
CA ASN C 116 -29.07 -68.90 -59.42
C ASN C 116 -29.19 -70.42 -59.35
N CYS C 117 -29.01 -70.94 -58.15
CA CYS C 117 -29.13 -72.36 -57.87
C CYS C 117 -29.73 -72.63 -56.53
N TRP C 118 -30.46 -73.72 -56.43
CA TRP C 118 -30.97 -74.14 -55.15
C TRP C 118 -30.62 -75.60 -54.94
N ILE C 119 -30.29 -75.95 -53.71
CA ILE C 119 -29.87 -77.30 -53.39
C ILE C 119 -30.93 -78.00 -52.58
N LYS C 120 -31.44 -79.11 -53.07
CA LYS C 120 -32.47 -79.86 -52.40
C LYS C 120 -31.98 -81.27 -52.16
N ARG C 121 -32.65 -81.97 -51.25
CA ARG C 121 -32.29 -83.32 -50.79
C ARG C 121 -33.23 -84.37 -51.35
N GLU C 122 -32.68 -85.48 -51.87
CA GLU C 122 -33.50 -86.59 -52.33
C GLU C 122 -33.92 -87.50 -51.21
N ARG C 123 -35.13 -88.04 -51.33
CA ARG C 123 -35.64 -89.01 -50.36
C ARG C 123 -35.93 -90.31 -51.11
N VAL C 124 -34.92 -91.18 -51.18
CA VAL C 124 -35.04 -92.48 -51.80
C VAL C 124 -35.59 -93.40 -50.74
N THR C 125 -36.62 -94.14 -51.07
CA THR C 125 -37.22 -95.02 -50.09
C THR C 125 -36.94 -96.48 -50.33
N VAL C 126 -36.63 -97.15 -49.24
CA VAL C 126 -36.38 -98.59 -49.21
C VAL C 126 -37.38 -99.24 -48.28
N PHE C 127 -37.99 -100.29 -48.76
CA PHE C 127 -39.01 -101.00 -48.01
C PHE C 127 -38.46 -102.31 -47.51
N ALA C 128 -38.97 -102.79 -46.39
CA ALA C 128 -38.45 -104.05 -45.91
C ALA C 128 -39.47 -104.97 -45.28
N ASP C 129 -39.13 -106.25 -45.43
CA ASP C 129 -39.79 -107.44 -44.90
C ASP C 129 -39.12 -107.76 -43.56
N LEU C 130 -39.89 -107.69 -42.47
CA LEU C 130 -39.30 -107.94 -41.17
C LEU C 130 -39.53 -109.39 -40.74
N LYS C 131 -40.19 -110.17 -41.58
CA LYS C 131 -40.45 -111.58 -41.31
C LYS C 131 -39.23 -112.32 -41.79
N ASN C 132 -38.84 -111.98 -43.00
CA ASN C 132 -37.68 -112.51 -43.68
C ASN C 132 -36.88 -111.27 -43.95
N GLN C 133 -35.75 -111.11 -43.32
CA GLN C 133 -35.07 -109.84 -43.49
C GLN C 133 -34.71 -109.81 -44.94
N LYS C 134 -35.39 -108.90 -45.63
CA LYS C 134 -35.13 -108.60 -47.04
C LYS C 134 -35.57 -107.17 -47.35
N LEU C 135 -34.82 -106.50 -48.22
CA LEU C 135 -35.16 -105.12 -48.58
C LEU C 135 -35.15 -104.86 -50.08
N SER C 136 -36.03 -103.96 -50.53
CA SER C 136 -36.17 -103.61 -51.94
C SER C 136 -36.80 -102.22 -52.11
N TYR C 137 -36.68 -101.65 -53.32
CA TYR C 137 -37.24 -100.32 -53.59
C TYR C 137 -38.71 -100.41 -53.95
N GLU C 138 -39.19 -101.63 -54.03
CA GLU C 138 -40.56 -101.94 -54.37
C GLU C 138 -41.38 -102.31 -53.14
N LYS C 139 -42.66 -101.98 -53.13
CA LYS C 139 -43.54 -102.41 -52.03
C LYS C 139 -44.00 -103.83 -52.17
N THR C 140 -43.53 -104.48 -53.23
CA THR C 140 -43.75 -105.88 -53.51
C THR C 140 -43.05 -106.72 -52.48
N ILE C 141 -42.07 -106.11 -51.81
CA ILE C 141 -41.32 -106.74 -50.72
C ILE C 141 -42.25 -107.09 -49.58
N TRP C 142 -43.43 -106.47 -49.51
CA TRP C 142 -44.40 -106.68 -48.47
C TRP C 142 -45.50 -107.68 -48.79
N GLU C 143 -45.50 -108.29 -49.98
CA GLU C 143 -46.55 -109.24 -50.28
C GLU C 143 -46.60 -110.37 -49.28
N ASP C 144 -47.82 -110.66 -48.83
CA ASP C 144 -48.17 -111.73 -47.90
C ASP C 144 -47.70 -111.49 -46.46
N LEU C 145 -47.35 -110.27 -46.08
CA LEU C 145 -46.94 -109.99 -44.71
C LEU C 145 -48.06 -109.38 -43.88
N LYS C 146 -47.92 -109.52 -42.57
CA LYS C 146 -48.84 -108.90 -41.63
C LYS C 146 -48.50 -107.44 -41.45
N GLU C 147 -49.45 -106.67 -40.92
CA GLU C 147 -49.23 -105.25 -40.73
C GLU C 147 -48.06 -104.87 -39.82
N ASN C 148 -47.65 -105.74 -38.92
CA ASN C 148 -46.56 -105.42 -38.02
C ASN C 148 -45.23 -106.00 -38.48
N GLN C 149 -45.15 -106.45 -39.72
CA GLN C 149 -43.92 -107.01 -40.29
C GLN C 149 -43.38 -106.09 -41.38
N LYS C 150 -43.82 -104.84 -41.39
CA LYS C 150 -43.44 -103.92 -42.44
C LYS C 150 -42.59 -102.75 -41.94
N ALA C 151 -41.59 -102.35 -42.75
CA ALA C 151 -40.75 -101.20 -42.42
C ALA C 151 -40.33 -100.40 -43.65
N GLN C 152 -39.95 -99.14 -43.42
CA GLN C 152 -39.46 -98.26 -44.47
C GLN C 152 -38.31 -97.40 -43.94
N PHE C 153 -37.25 -97.24 -44.72
CA PHE C 153 -36.24 -96.27 -44.29
C PHE C 153 -35.93 -95.39 -45.49
N ASP C 154 -35.55 -94.14 -45.19
CA ASP C 154 -35.27 -93.16 -46.24
C ASP C 154 -33.76 -92.95 -46.26
N LEU C 155 -33.21 -92.61 -47.43
CA LEU C 155 -31.77 -92.40 -47.49
C LEU C 155 -31.37 -90.99 -47.03
N LYS C 156 -30.18 -90.87 -46.42
CA LYS C 156 -29.76 -89.63 -45.72
C LYS C 156 -28.75 -88.69 -46.42
N GLY C 157 -28.04 -89.06 -47.50
CA GLY C 157 -27.08 -88.10 -48.06
C GLY C 157 -27.11 -87.80 -49.56
N LEU C 158 -28.28 -87.74 -50.19
CA LEU C 158 -28.32 -87.56 -51.63
C LEU C 158 -28.88 -86.20 -52.08
N TYR C 159 -28.31 -85.64 -53.17
CA TYR C 159 -28.68 -84.32 -53.70
C TYR C 159 -29.35 -84.24 -55.08
N ARG C 160 -30.14 -83.16 -55.22
CA ARG C 160 -30.74 -82.67 -56.46
C ARG C 160 -30.45 -81.18 -56.63
N ILE C 161 -29.98 -80.79 -57.81
CA ILE C 161 -29.63 -79.38 -58.04
C ILE C 161 -30.59 -78.71 -59.01
N LEU C 162 -31.22 -77.62 -58.55
CA LEU C 162 -32.16 -76.84 -59.35
C LEU C 162 -31.46 -75.62 -59.93
N VAL C 163 -31.45 -75.50 -61.24
CA VAL C 163 -30.68 -74.45 -61.92
C VAL C 163 -31.55 -73.42 -62.65
N GLU C 164 -31.27 -72.15 -62.42
CA GLU C 164 -31.88 -71.06 -63.18
C GLU C 164 -30.85 -70.46 -64.12
N THR C 165 -31.12 -70.51 -65.42
CA THR C 165 -30.18 -70.01 -66.42
C THR C 165 -30.64 -68.77 -67.15
N GLU C 166 -29.66 -68.10 -67.78
CA GLU C 166 -29.85 -66.89 -68.59
C GLU C 166 -30.59 -67.12 -69.90
N ASP C 167 -30.40 -68.31 -70.48
CA ASP C 167 -30.89 -68.72 -71.80
C ASP C 167 -32.40 -68.64 -72.00
N ALA C 168 -33.19 -68.92 -70.96
CA ALA C 168 -34.66 -68.99 -71.05
C ALA C 168 -35.14 -70.04 -72.05
N ASP C 169 -34.43 -71.17 -72.10
CA ASP C 169 -34.74 -72.32 -72.93
C ASP C 169 -35.62 -73.25 -72.11
N LYS C 170 -36.01 -74.39 -72.68
CA LYS C 170 -36.82 -75.37 -71.95
C LYS C 170 -35.97 -76.32 -71.09
N VAL C 171 -34.73 -76.58 -71.49
CA VAL C 171 -33.86 -77.55 -70.83
C VAL C 171 -32.48 -76.94 -70.56
N LEU C 172 -31.67 -77.60 -69.75
CA LEU C 172 -30.30 -77.15 -69.56
C LEU C 172 -29.45 -77.66 -70.69
N SER C 173 -28.48 -76.85 -71.12
CA SER C 173 -27.50 -77.33 -72.09
C SER C 173 -26.72 -78.45 -71.46
N GLU C 174 -26.34 -79.46 -72.26
CA GLU C 174 -25.58 -80.55 -71.66
C GLU C 174 -24.24 -80.06 -71.14
N SER C 175 -23.74 -78.91 -71.63
CA SER C 175 -22.48 -78.38 -71.13
C SER C 175 -22.62 -77.85 -69.72
N LEU C 176 -23.84 -77.51 -69.29
CA LEU C 176 -24.04 -77.05 -67.94
C LEU C 176 -24.14 -78.25 -67.05
N GLU C 177 -24.85 -79.28 -67.51
CA GLU C 177 -24.90 -80.48 -66.68
C GLU C 177 -23.53 -81.05 -66.43
N LYS C 178 -22.66 -81.01 -67.44
CA LYS C 178 -21.33 -81.50 -67.23
C LYS C 178 -20.59 -80.61 -66.22
N ALA C 179 -20.73 -79.29 -66.33
CA ALA C 179 -20.06 -78.38 -65.41
C ALA C 179 -20.50 -78.57 -63.96
N VAL C 180 -21.79 -78.78 -63.75
CA VAL C 180 -22.29 -78.95 -62.39
C VAL C 180 -21.84 -80.28 -61.80
N PHE C 181 -21.97 -81.37 -62.57
CA PHE C 181 -21.54 -82.65 -62.06
C PHE C 181 -20.04 -82.66 -61.80
N THR C 182 -19.26 -82.06 -62.71
CA THR C 182 -17.81 -81.98 -62.52
C THR C 182 -17.42 -81.30 -61.24
N LYS C 183 -17.98 -80.12 -60.99
CA LYS C 183 -17.60 -79.40 -59.78
C LYS C 183 -18.08 -80.11 -58.54
N PHE C 184 -19.28 -80.70 -58.58
CA PHE C 184 -19.76 -81.39 -57.40
C PHE C 184 -18.80 -82.49 -57.02
N HIS C 185 -18.47 -83.36 -57.97
CA HIS C 185 -17.67 -84.50 -57.61
C HIS C 185 -16.26 -84.12 -57.22
N ALA C 186 -15.72 -83.10 -57.89
CA ALA C 186 -14.38 -82.61 -57.56
C ALA C 186 -14.31 -82.09 -56.13
N ASN C 187 -15.39 -81.51 -55.64
CA ASN C 187 -15.43 -80.92 -54.31
C ASN C 187 -16.60 -81.48 -53.49
N ARG C 188 -16.47 -82.65 -52.90
CA ARG C 188 -17.61 -83.21 -52.19
C ARG C 188 -17.26 -83.67 -50.79
N ASN C 189 -18.30 -83.78 -49.96
CA ASN C 189 -18.18 -84.21 -48.59
C ASN C 189 -18.15 -85.74 -48.53
N LEU C 190 -17.59 -86.25 -47.43
CA LEU C 190 -17.58 -87.68 -47.19
C LEU C 190 -19.00 -88.19 -46.94
N CYS C 191 -19.36 -89.30 -47.60
CA CYS C 191 -20.67 -90.00 -47.50
C CYS C 191 -21.85 -89.23 -48.06
N GLU C 192 -21.66 -88.50 -49.16
CA GLU C 192 -22.73 -87.75 -49.83
C GLU C 192 -22.59 -87.90 -51.35
N ASP C 193 -23.71 -87.81 -52.08
CA ASP C 193 -23.66 -87.95 -53.54
C ASP C 193 -24.76 -87.15 -54.26
N LEU C 194 -24.51 -86.89 -55.56
CA LEU C 194 -25.39 -86.14 -56.43
C LEU C 194 -26.12 -87.04 -57.42
N ILE C 195 -27.44 -86.97 -57.42
CA ILE C 195 -28.26 -87.80 -58.27
C ILE C 195 -28.66 -87.07 -59.55
N LYS C 196 -29.21 -85.87 -59.42
CA LYS C 196 -29.73 -85.18 -60.60
C LYS C 196 -29.53 -83.68 -60.60
N VAL C 197 -29.24 -83.15 -61.79
CA VAL C 197 -29.15 -81.73 -62.06
C VAL C 197 -30.21 -81.40 -63.09
N GLU C 198 -31.08 -80.42 -62.79
CA GLU C 198 -32.18 -80.08 -63.67
C GLU C 198 -32.58 -78.61 -63.58
N LYS C 199 -33.30 -78.16 -64.59
CA LYS C 199 -33.78 -76.77 -64.65
C LYS C 199 -35.00 -76.58 -63.74
N VAL C 200 -35.02 -75.46 -63.01
CA VAL C 200 -36.11 -75.16 -62.07
C VAL C 200 -37.47 -74.96 -62.77
N ALA C 201 -38.53 -75.55 -62.18
CA ALA C 201 -39.92 -75.43 -62.64
C ALA C 201 -40.51 -74.07 -62.26
N THR C 202 -41.54 -73.63 -63.02
CA THR C 202 -42.14 -72.33 -62.71
C THR C 202 -43.67 -72.34 -62.57
N GLU C 203 -44.19 -71.24 -62.00
CA GLU C 203 -45.63 -70.97 -61.83
C GLU C 203 -45.98 -69.57 -62.37
N PRO C 204 -46.86 -69.44 -63.37
CA PRO C 204 -47.23 -68.14 -63.98
C PRO C 204 -48.25 -67.33 -63.19
N ILE C 205 -48.00 -66.03 -63.03
CA ILE C 205 -48.88 -65.09 -62.30
C ILE C 205 -49.26 -63.90 -63.19
N SER C 206 -50.53 -63.54 -63.18
CA SER C 206 -51.02 -62.37 -63.89
C SER C 206 -51.16 -61.15 -63.00
N VAL C 207 -50.84 -59.98 -63.56
CA VAL C 207 -51.05 -58.70 -62.88
C VAL C 207 -51.74 -57.78 -63.88
N CYS C 208 -52.86 -57.18 -63.47
CA CYS C 208 -53.58 -56.24 -64.33
C CYS C 208 -53.90 -54.95 -63.56
N ALA C 209 -53.71 -53.78 -64.21
CA ALA C 209 -53.97 -52.53 -63.50
C ALA C 209 -54.27 -51.30 -64.36
N ASN C 210 -54.92 -50.31 -63.73
CA ASN C 210 -55.17 -48.96 -64.27
C ASN C 210 -54.40 -47.95 -63.43
N VAL C 211 -53.42 -47.28 -64.04
CA VAL C 211 -52.53 -46.39 -63.31
C VAL C 211 -52.52 -44.98 -63.87
N GLU C 212 -52.80 -44.00 -63.01
CA GLU C 212 -52.76 -42.59 -63.38
C GLU C 212 -51.39 -42.01 -63.07
N VAL C 213 -50.85 -41.28 -64.03
CA VAL C 213 -49.54 -40.69 -63.90
C VAL C 213 -49.62 -39.17 -64.04
N ALA C 214 -48.55 -38.51 -63.64
CA ALA C 214 -48.43 -37.07 -63.73
C ALA C 214 -48.57 -36.61 -65.19
N PRO C 215 -49.17 -35.42 -65.40
CA PRO C 215 -49.38 -34.84 -66.74
C PRO C 215 -48.09 -34.58 -67.50
N GLU C 216 -46.98 -34.51 -66.78
CA GLU C 216 -45.66 -34.25 -67.35
C GLU C 216 -44.78 -35.41 -66.91
N ALA C 217 -44.93 -36.54 -67.60
CA ALA C 217 -44.22 -37.75 -67.26
C ALA C 217 -43.98 -38.55 -68.52
N ASP C 218 -42.85 -39.26 -68.53
CA ASP C 218 -42.44 -40.15 -69.61
C ASP C 218 -43.01 -41.53 -69.31
N GLU C 219 -44.09 -41.87 -70.01
CA GLU C 219 -44.80 -43.12 -69.78
C GLU C 219 -44.05 -44.35 -70.23
N GLU C 220 -43.29 -44.28 -71.32
CA GLU C 220 -42.56 -45.45 -71.74
C GLU C 220 -41.53 -45.83 -70.70
N LEU C 221 -40.89 -44.82 -70.11
CA LEU C 221 -39.92 -45.07 -69.07
C LEU C 221 -40.58 -45.61 -67.81
N ILE C 222 -41.75 -45.04 -67.42
CA ILE C 222 -42.44 -45.54 -66.24
C ILE C 222 -42.79 -47.00 -66.42
N HIS C 223 -43.28 -47.36 -67.61
CA HIS C 223 -43.64 -48.74 -67.82
C HIS C 223 -42.44 -49.65 -67.70
N ALA C 224 -41.31 -49.28 -68.32
CA ALA C 224 -40.11 -50.12 -68.22
C ALA C 224 -39.66 -50.30 -66.78
N GLN C 225 -39.76 -49.23 -65.98
CA GLN C 225 -39.35 -49.31 -64.58
C GLN C 225 -40.28 -50.16 -63.72
N ILE C 226 -41.61 -50.02 -63.90
CA ILE C 226 -42.53 -50.84 -63.10
C ILE C 226 -42.31 -52.29 -63.40
N LEU C 227 -42.23 -52.58 -64.69
CA LEU C 227 -42.09 -53.92 -65.18
C LEU C 227 -40.84 -54.59 -64.61
N ILE C 228 -39.69 -53.90 -64.62
CA ILE C 228 -38.49 -54.51 -64.06
C ILE C 228 -38.65 -54.75 -62.56
N ALA C 229 -39.16 -53.76 -61.83
CA ALA C 229 -39.28 -53.90 -60.39
C ALA C 229 -40.14 -55.09 -59.98
N ILE C 230 -41.27 -55.33 -60.68
CA ILE C 230 -42.07 -56.50 -60.34
C ILE C 230 -41.33 -57.78 -60.60
N GLU C 231 -40.65 -57.87 -61.74
CA GLU C 231 -39.90 -59.08 -62.01
C GLU C 231 -38.85 -59.35 -60.95
N ASP C 232 -38.15 -58.30 -60.47
CA ASP C 232 -37.13 -58.50 -59.44
C ASP C 232 -37.74 -58.97 -58.13
N TYR C 233 -38.93 -58.46 -57.76
CA TYR C 233 -39.63 -58.92 -56.57
C TYR C 233 -39.88 -60.42 -56.61
N LEU C 234 -40.42 -60.88 -57.72
CA LEU C 234 -40.77 -62.29 -57.84
C LEU C 234 -39.56 -63.21 -57.80
N ALA C 235 -38.45 -62.82 -58.43
CA ALA C 235 -37.29 -63.72 -58.50
C ALA C 235 -35.94 -63.00 -58.46
N PRO C 236 -35.52 -62.51 -57.29
CA PRO C 236 -34.25 -61.77 -57.07
C PRO C 236 -33.03 -62.63 -57.36
N SER C 237 -31.90 -62.00 -57.68
CA SER C 237 -30.65 -62.70 -57.89
C SER C 237 -29.50 -61.84 -57.33
N PRO C 238 -28.39 -62.47 -56.87
CA PRO C 238 -27.22 -61.78 -56.30
C PRO C 238 -26.31 -61.17 -57.37
N ARG C 239 -25.46 -60.23 -56.95
CA ARG C 239 -24.48 -59.63 -57.86
C ARG C 239 -23.06 -59.73 -57.31
N HIS C 240 -22.09 -59.65 -58.21
CA HIS C 240 -20.69 -59.74 -57.83
C HIS C 240 -20.12 -58.39 -57.45
N TYR C 241 -19.20 -58.41 -56.49
CA TYR C 241 -18.56 -57.20 -56.00
C TYR C 241 -17.03 -57.25 -56.07
N SER C 242 -16.44 -56.08 -56.20
CA SER C 242 -15.00 -55.93 -56.14
C SER C 242 -14.55 -56.00 -54.69
N LEU C 243 -13.25 -56.19 -54.45
CA LEU C 243 -12.79 -56.20 -53.07
C LEU C 243 -13.01 -54.84 -52.43
N LYS C 244 -12.70 -53.77 -53.16
CA LYS C 244 -12.91 -52.44 -52.63
C LYS C 244 -14.35 -52.24 -52.18
N GLN C 245 -15.32 -52.74 -52.96
CA GLN C 245 -16.72 -52.63 -52.58
C GLN C 245 -17.04 -53.42 -51.31
N MET C 246 -16.52 -54.64 -51.17
CA MET C 246 -16.78 -55.41 -49.95
C MET C 246 -16.27 -54.68 -48.72
N VAL C 247 -15.13 -54.01 -48.88
CA VAL C 247 -14.56 -53.22 -47.81
C VAL C 247 -15.45 -52.03 -47.50
N ASP C 248 -15.94 -51.31 -48.52
CA ASP C 248 -16.82 -50.16 -48.29
C ASP C 248 -18.09 -50.56 -47.54
N LYS C 249 -18.60 -51.76 -47.81
CA LYS C 249 -19.78 -52.28 -47.14
C LYS C 249 -19.57 -52.52 -45.65
N GLY C 250 -18.33 -52.52 -45.17
CA GLY C 250 -18.04 -52.73 -43.78
C GLY C 250 -17.61 -54.13 -43.40
N TYR C 251 -17.24 -54.97 -44.36
CA TYR C 251 -16.81 -56.31 -44.01
C TYR C 251 -15.32 -56.32 -43.74
N THR C 252 -14.86 -57.26 -42.91
CA THR C 252 -13.42 -57.36 -42.68
C THR C 252 -12.85 -58.59 -43.40
N MET C 253 -11.53 -58.74 -43.29
CA MET C 253 -10.82 -59.79 -44.01
C MET C 253 -11.27 -61.19 -43.66
N ASP C 254 -11.50 -61.44 -42.37
CA ASP C 254 -11.93 -62.76 -41.94
C ASP C 254 -13.24 -63.16 -42.59
N GLU C 255 -14.09 -62.18 -42.87
CA GLU C 255 -15.42 -62.44 -43.39
C GLU C 255 -15.41 -62.49 -44.90
N ILE C 256 -14.65 -61.60 -45.52
CA ILE C 256 -14.63 -61.53 -46.98
C ILE C 256 -14.13 -62.82 -47.57
N PHE C 257 -13.13 -63.42 -46.92
CA PHE C 257 -12.52 -64.67 -47.36
C PHE C 257 -13.02 -65.90 -46.59
N GLU C 258 -14.18 -65.82 -45.94
CA GLU C 258 -14.72 -66.94 -45.14
C GLU C 258 -15.02 -68.22 -45.93
N GLY C 259 -15.55 -68.13 -47.14
CA GLY C 259 -15.94 -69.30 -47.89
C GLY C 259 -14.93 -69.70 -48.95
N PRO C 260 -15.37 -70.39 -49.99
CA PRO C 260 -14.54 -70.77 -51.14
C PRO C 260 -14.08 -69.52 -51.83
N PHE C 261 -12.88 -69.54 -52.42
CA PHE C 261 -12.46 -68.37 -53.17
C PHE C 261 -13.17 -68.39 -54.50
N LEU C 262 -13.69 -67.24 -54.94
CA LEU C 262 -14.41 -67.17 -56.19
C LEU C 262 -13.71 -66.27 -57.20
N GLU C 263 -13.39 -66.83 -58.37
CA GLU C 263 -12.68 -66.14 -59.44
C GLU C 263 -13.42 -64.95 -60.05
N ASN C 264 -14.72 -64.88 -59.91
CA ASN C 264 -15.49 -63.84 -60.58
C ASN C 264 -15.87 -62.66 -59.72
N GLY C 265 -15.36 -62.55 -58.52
CA GLY C 265 -15.77 -61.46 -57.66
C GLY C 265 -16.41 -62.03 -56.42
N PHE C 266 -16.70 -61.16 -55.48
CA PHE C 266 -17.21 -61.62 -54.22
C PHE C 266 -18.73 -61.66 -54.23
N ILE C 267 -19.31 -62.63 -53.54
CA ILE C 267 -20.77 -62.73 -53.41
C ILE C 267 -21.15 -62.51 -51.96
N ASP C 268 -22.10 -61.62 -51.75
CA ASP C 268 -22.57 -61.26 -50.41
C ASP C 268 -23.57 -62.31 -49.92
N THR C 269 -23.27 -62.85 -48.74
CA THR C 269 -24.07 -63.91 -48.14
C THR C 269 -25.50 -63.45 -47.89
N VAL C 270 -25.70 -62.19 -47.49
CA VAL C 270 -27.06 -61.71 -47.25
C VAL C 270 -27.91 -61.78 -48.50
N GLU C 271 -27.39 -61.31 -49.62
CA GLU C 271 -28.14 -61.38 -50.86
C GLU C 271 -28.42 -62.81 -51.23
N LEU C 272 -27.45 -63.69 -51.00
CA LEU C 272 -27.61 -65.08 -51.37
C LEU C 272 -28.73 -65.72 -50.56
N LYS C 273 -28.79 -65.44 -49.26
CA LYS C 273 -29.86 -65.99 -48.42
C LYS C 273 -31.21 -65.45 -48.83
N ALA C 274 -31.26 -64.16 -49.17
CA ALA C 274 -32.52 -63.53 -49.56
C ALA C 274 -33.11 -64.14 -50.84
N SER C 275 -32.26 -64.48 -51.81
CA SER C 275 -32.73 -65.02 -53.10
C SER C 275 -33.10 -66.51 -53.10
N GLU C 276 -34.04 -66.85 -52.22
CA GLU C 276 -34.58 -68.17 -52.05
C GLU C 276 -35.89 -68.26 -52.83
N LEU C 277 -36.32 -69.46 -53.22
CA LEU C 277 -37.58 -69.54 -53.94
C LEU C 277 -38.73 -69.02 -53.07
N ARG C 278 -39.49 -68.09 -53.64
CA ARG C 278 -40.62 -67.44 -52.98
C ARG C 278 -41.82 -68.37 -52.81
N LYS C 279 -42.46 -68.30 -51.64
CA LYS C 279 -43.64 -69.10 -51.39
C LYS C 279 -44.95 -68.34 -51.56
N GLU C 280 -44.97 -67.03 -51.35
CA GLU C 280 -46.24 -66.34 -51.47
C GLU C 280 -46.20 -65.04 -52.24
N VAL C 281 -47.31 -64.76 -52.92
CA VAL C 281 -47.49 -63.55 -53.69
C VAL C 281 -48.66 -62.77 -53.08
N ARG C 282 -48.45 -61.49 -52.80
CA ARG C 282 -49.48 -60.66 -52.15
C ARG C 282 -49.76 -59.37 -52.93
N LEU C 283 -51.02 -58.89 -52.87
CA LEU C 283 -51.41 -57.64 -53.57
C LEU C 283 -50.68 -56.43 -53.03
N SER C 284 -50.54 -56.36 -51.72
CA SER C 284 -49.95 -55.22 -51.00
C SER C 284 -48.49 -54.88 -51.35
N ASP C 285 -47.64 -55.87 -51.60
CA ASP C 285 -46.29 -55.54 -51.99
C ASP C 285 -46.28 -54.99 -53.41
N ILE C 286 -47.11 -55.55 -54.29
CA ILE C 286 -47.12 -55.12 -55.69
C ILE C 286 -47.58 -53.67 -55.79
N ILE C 287 -48.56 -53.28 -54.98
CA ILE C 287 -49.05 -51.91 -54.99
C ILE C 287 -47.96 -50.96 -54.59
N ASN C 288 -47.21 -51.31 -53.54
CA ASN C 288 -46.13 -50.46 -53.09
C ASN C 288 -45.06 -50.29 -54.16
N ILE C 289 -44.82 -51.35 -54.95
CA ILE C 289 -43.84 -51.25 -56.03
C ILE C 289 -44.28 -50.22 -57.05
N ILE C 290 -45.55 -50.27 -57.45
CA ILE C 290 -46.07 -49.32 -58.43
C ILE C 290 -46.13 -47.89 -57.86
N MET C 291 -46.66 -47.73 -56.65
CA MET C 291 -46.82 -46.38 -56.08
C MET C 291 -45.49 -45.65 -55.89
N SER C 292 -44.40 -46.38 -55.68
CA SER C 292 -43.09 -45.80 -55.50
C SER C 292 -42.39 -45.37 -56.78
N ILE C 293 -42.94 -45.63 -57.96
CA ILE C 293 -42.28 -45.23 -59.18
C ILE C 293 -42.58 -43.76 -59.45
N ASP C 294 -41.53 -42.98 -59.66
CA ASP C 294 -41.67 -41.55 -59.88
C ASP C 294 -42.59 -41.24 -61.07
N GLY C 295 -43.61 -40.44 -60.81
CA GLY C 295 -44.61 -40.06 -61.78
C GLY C 295 -45.95 -40.74 -61.55
N VAL C 296 -45.99 -41.80 -60.76
CA VAL C 296 -47.26 -42.48 -60.50
C VAL C 296 -48.02 -41.73 -59.43
N LYS C 297 -49.29 -41.45 -59.69
CA LYS C 297 -50.11 -40.78 -58.70
C LYS C 297 -51.15 -41.68 -58.09
N ILE C 298 -51.90 -42.43 -58.91
CA ILE C 298 -53.00 -43.22 -58.35
C ILE C 298 -53.10 -44.59 -59.04
N VAL C 299 -53.20 -45.65 -58.27
CA VAL C 299 -53.52 -46.93 -58.88
C VAL C 299 -55.01 -47.05 -58.69
N LYS C 300 -55.76 -46.99 -59.80
CA LYS C 300 -57.20 -46.94 -59.72
C LYS C 300 -57.79 -48.33 -59.69
N GLU C 301 -57.08 -49.27 -60.30
CA GLU C 301 -57.52 -50.64 -60.37
C GLU C 301 -56.32 -51.54 -60.35
N ILE C 302 -56.39 -52.62 -59.58
CA ILE C 302 -55.32 -53.59 -59.61
C ILE C 302 -55.83 -54.93 -59.13
N THR C 303 -55.34 -55.98 -59.77
CA THR C 303 -55.68 -57.32 -59.34
C THR C 303 -54.61 -58.33 -59.72
N LEU C 304 -54.51 -59.39 -58.91
CA LEU C 304 -53.64 -60.53 -59.13
C LEU C 304 -54.45 -61.75 -59.46
N GLY C 305 -53.82 -62.66 -60.13
CA GLY C 305 -54.48 -63.95 -60.23
C GLY C 305 -53.61 -65.00 -60.85
N ASN C 306 -53.91 -66.24 -60.50
CA ASN C 306 -53.17 -67.33 -61.08
C ASN C 306 -53.43 -67.26 -62.57
N CYS C 307 -52.39 -67.28 -63.37
CA CYS C 307 -52.70 -67.19 -64.78
C CYS C 307 -53.37 -68.45 -65.22
N ASP C 308 -54.55 -68.34 -65.80
CA ASP C 308 -55.24 -69.54 -66.21
C ASP C 308 -56.16 -69.20 -67.39
N GLU C 309 -56.81 -70.22 -67.93
CA GLU C 309 -57.75 -70.08 -69.05
C GLU C 309 -59.15 -69.91 -68.47
N ASN C 310 -60.07 -69.34 -69.24
CA ASN C 310 -61.43 -69.12 -68.77
C ASN C 310 -61.39 -68.25 -67.52
N ASP C 311 -60.54 -67.21 -67.59
CA ASP C 311 -60.32 -66.31 -66.46
C ASP C 311 -61.50 -65.34 -66.43
N GLY C 312 -62.62 -65.85 -65.90
CA GLY C 312 -63.87 -65.13 -65.76
C GLY C 312 -63.99 -64.49 -64.40
N ILE C 313 -65.17 -64.51 -63.81
CA ILE C 313 -65.35 -63.90 -62.50
C ILE C 313 -64.74 -64.79 -61.44
N GLU C 314 -63.85 -64.21 -60.63
CA GLU C 314 -63.09 -64.91 -59.61
C GLU C 314 -62.68 -63.96 -58.48
N ASN C 315 -62.42 -64.54 -57.32
CA ASN C 315 -61.90 -63.90 -56.12
C ASN C 315 -60.66 -63.05 -56.34
N ASN C 316 -60.51 -62.05 -55.48
CA ASN C 316 -59.40 -61.12 -55.49
C ASN C 316 -58.03 -61.76 -55.32
N GLN C 317 -57.93 -62.90 -54.64
CA GLN C 317 -56.63 -63.55 -54.50
C GLN C 317 -55.57 -62.61 -53.92
N TRP C 318 -55.89 -62.03 -52.77
CA TRP C 318 -55.02 -61.04 -52.14
C TRP C 318 -53.64 -61.62 -51.84
N VAL C 319 -53.56 -62.93 -51.65
CA VAL C 319 -52.31 -63.65 -51.51
C VAL C 319 -52.36 -64.93 -52.32
N ILE C 320 -51.34 -65.16 -53.15
CA ILE C 320 -51.22 -66.37 -53.96
C ILE C 320 -50.08 -67.23 -53.45
N CYS C 321 -50.38 -68.50 -53.16
CA CYS C 321 -49.36 -69.43 -52.68
C CYS C 321 -48.76 -70.23 -53.85
N ILE C 322 -47.48 -70.54 -53.71
CA ILE C 322 -46.68 -71.21 -54.75
C ILE C 322 -46.25 -72.60 -54.26
N PRO C 323 -46.41 -73.65 -55.09
CA PRO C 323 -45.93 -75.01 -54.80
C PRO C 323 -44.44 -75.03 -54.48
N GLU C 324 -44.06 -75.91 -53.56
CA GLU C 324 -42.73 -76.03 -52.92
C GLU C 324 -41.46 -76.09 -53.77
N ASN C 325 -41.51 -76.38 -55.07
CA ASN C 325 -40.26 -76.41 -55.83
C ASN C 325 -40.40 -75.60 -57.10
N LYS C 326 -41.22 -74.56 -57.05
CA LYS C 326 -41.40 -73.73 -58.21
C LYS C 326 -40.97 -72.29 -57.99
N LYS C 327 -40.59 -71.66 -59.07
CA LYS C 327 -40.27 -70.26 -59.10
C LYS C 327 -41.42 -69.51 -59.77
N PRO C 328 -41.94 -68.44 -59.20
CA PRO C 328 -43.01 -67.65 -59.85
C PRO C 328 -42.46 -66.85 -61.02
N LYS C 329 -43.29 -66.61 -62.05
CA LYS C 329 -42.86 -65.82 -63.21
C LYS C 329 -44.07 -65.10 -63.81
N LEU C 330 -43.91 -63.86 -64.30
CA LEU C 330 -45.06 -63.20 -64.93
C LEU C 330 -45.46 -63.99 -66.17
N CYS C 331 -46.77 -64.11 -66.37
CA CYS C 331 -47.37 -64.91 -67.42
C CYS C 331 -47.37 -64.32 -68.82
N LYS C 332 -46.96 -63.07 -68.98
CA LYS C 332 -46.87 -62.34 -70.25
C LYS C 332 -48.25 -62.07 -70.89
N LYS C 333 -49.33 -62.25 -70.13
CA LYS C 333 -50.69 -61.86 -70.48
C LYS C 333 -51.12 -60.70 -69.64
N THR C 334 -50.16 -60.06 -69.00
CA THR C 334 -50.31 -58.98 -68.07
C THR C 334 -50.54 -57.66 -68.80
N THR C 335 -51.03 -56.64 -68.05
CA THR C 335 -51.18 -55.35 -68.74
C THR C 335 -51.41 -54.18 -67.77
N ILE C 336 -50.93 -53.00 -68.17
CA ILE C 336 -51.20 -51.77 -67.44
C ILE C 336 -51.72 -50.70 -68.37
N ASN C 337 -52.86 -50.15 -68.01
CA ASN C 337 -53.47 -49.06 -68.73
C ASN C 337 -53.06 -47.74 -68.09
N TYR C 338 -52.41 -46.88 -68.86
CA TYR C 338 -51.96 -45.63 -68.30
C TYR C 338 -52.88 -44.48 -68.66
N PHE C 339 -53.09 -43.60 -67.69
CA PHE C 339 -53.97 -42.45 -67.85
C PHE C 339 -53.37 -41.14 -67.34
N LYS C 340 -53.81 -40.05 -67.96
CA LYS C 340 -53.53 -38.70 -67.46
C LYS C 340 -54.86 -38.01 -67.26
N GLY C 341 -55.18 -37.71 -66.00
CA GLY C 341 -56.50 -37.17 -65.75
C GLY C 341 -57.49 -38.27 -66.09
N ILE C 342 -58.34 -38.01 -67.09
CA ILE C 342 -59.32 -39.02 -67.48
C ILE C 342 -59.07 -39.58 -68.87
N LEU C 343 -57.92 -39.30 -69.47
CA LEU C 343 -57.71 -39.81 -70.80
C LEU C 343 -56.64 -40.91 -70.84
N PRO C 344 -56.87 -41.98 -71.59
CA PRO C 344 -55.91 -43.06 -71.79
C PRO C 344 -54.83 -42.63 -72.75
N ILE C 345 -53.63 -43.21 -72.60
CA ILE C 345 -52.51 -42.94 -73.51
C ILE C 345 -51.96 -44.23 -74.11
N ASN C 346 -51.47 -44.16 -75.34
CA ASN C 346 -50.96 -45.33 -76.02
C ASN C 346 -49.44 -45.41 -75.93
N LEU C 347 -48.95 -46.61 -75.65
CA LEU C 347 -47.53 -46.85 -75.51
C LEU C 347 -46.96 -47.60 -76.70
N ASN C 348 -45.80 -47.16 -77.16
CA ASN C 348 -45.10 -47.78 -78.27
C ASN C 348 -44.20 -48.89 -77.78
N PRO C 349 -44.27 -50.08 -78.39
CA PRO C 349 -43.42 -51.20 -77.98
C PRO C 349 -41.93 -50.95 -78.14
N VAL C 350 -41.54 -50.23 -79.19
CA VAL C 350 -40.13 -49.96 -79.50
C VAL C 350 -39.43 -49.09 -78.45
N ARG C 351 -40.12 -48.08 -77.95
CA ARG C 351 -39.57 -47.13 -76.96
C ARG C 351 -39.25 -47.72 -75.58
N VAL C 352 -40.07 -48.67 -75.16
CA VAL C 352 -40.03 -49.35 -73.88
C VAL C 352 -38.89 -50.33 -73.87
N ASP C 353 -38.73 -51.06 -74.97
CA ASP C 353 -37.65 -52.04 -75.08
C ASP C 353 -36.30 -51.38 -74.90
N ASN C 354 -36.15 -50.17 -75.44
CA ASN C 354 -34.88 -49.47 -75.30
C ASN C 354 -34.61 -49.11 -73.86
N HIS C 355 -35.61 -48.62 -73.14
CA HIS C 355 -35.38 -48.27 -71.75
C HIS C 355 -35.05 -49.50 -70.92
N LYS C 356 -35.80 -50.59 -71.13
CA LYS C 356 -35.57 -51.79 -70.35
C LYS C 356 -34.16 -52.34 -70.59
N SER C 357 -33.74 -52.37 -71.85
CA SER C 357 -32.40 -52.82 -72.20
C SER C 357 -31.30 -52.05 -71.52
N LYS C 358 -31.38 -50.72 -71.56
CA LYS C 358 -30.35 -49.91 -70.92
C LYS C 358 -30.25 -50.14 -69.42
N ILE C 359 -31.41 -50.24 -68.76
CA ILE C 359 -31.45 -50.41 -67.32
C ILE C 359 -30.75 -51.68 -66.91
N LEU C 360 -31.01 -52.75 -67.64
CA LEU C 360 -30.44 -54.03 -67.27
C LEU C 360 -29.01 -54.20 -67.79
N ALA C 361 -28.68 -53.65 -68.95
CA ALA C 361 -27.32 -53.83 -69.49
C ALA C 361 -26.26 -53.24 -68.55
N SER C 362 -26.57 -52.13 -67.89
CA SER C 362 -25.65 -51.50 -66.97
C SER C 362 -25.33 -52.36 -65.76
N ARG C 363 -26.10 -53.41 -65.50
CA ARG C 363 -25.81 -54.30 -64.41
C ARG C 363 -24.68 -55.25 -64.80
N LEU C 364 -24.61 -55.60 -66.08
CA LEU C 364 -23.60 -56.53 -66.57
C LEU C 364 -22.24 -55.90 -66.44
N GLU C 365 -22.18 -54.59 -66.69
CA GLU C 365 -20.91 -53.88 -66.62
C GLU C 365 -20.28 -53.98 -65.26
N ASN C 366 -21.08 -53.96 -64.20
CA ASN C 366 -20.49 -54.03 -62.88
C ASN C 366 -20.04 -55.43 -62.55
N ASP C 367 -20.80 -56.43 -62.96
CA ASP C 367 -20.38 -57.80 -62.69
C ASP C 367 -19.02 -58.05 -63.33
N LEU C 368 -18.79 -57.48 -64.51
CA LEU C 368 -17.50 -57.66 -65.17
C LEU C 368 -16.37 -56.92 -64.45
N LYS C 369 -16.61 -55.68 -63.99
CA LYS C 369 -15.55 -54.93 -63.29
C LYS C 369 -15.10 -55.65 -62.02
N ALA C 370 -16.03 -56.35 -61.37
CA ALA C 370 -15.76 -57.11 -60.15
C ALA C 370 -14.73 -58.21 -60.34
N LYS C 371 -14.43 -58.61 -61.58
CA LYS C 371 -13.51 -59.71 -61.79
C LYS C 371 -12.03 -59.31 -61.64
N ASP C 372 -11.69 -58.03 -61.57
CA ASP C 372 -10.28 -57.67 -61.46
C ASP C 372 -9.73 -57.45 -60.05
N ASP C 373 -10.49 -56.77 -59.22
CA ASP C 373 -10.01 -56.39 -57.89
C ASP C 373 -10.22 -57.50 -56.87
N LEU C 374 -9.39 -58.52 -56.91
CA LEU C 374 -9.61 -59.64 -56.01
C LEU C 374 -8.59 -59.80 -54.87
N GLU C 375 -7.67 -58.85 -54.64
CA GLU C 375 -6.72 -59.13 -53.57
C GLU C 375 -6.14 -57.84 -52.94
N PRO C 376 -5.77 -57.90 -51.64
CA PRO C 376 -5.12 -56.80 -50.90
C PRO C 376 -3.64 -56.67 -51.21
N ALA C 377 -3.11 -55.47 -50.92
CA ALA C 377 -1.67 -55.21 -51.06
C ALA C 377 -0.87 -55.73 -49.86
N ILE C 378 0.37 -56.09 -50.14
CA ILE C 378 1.37 -56.48 -49.15
C ILE C 378 2.57 -55.53 -49.23
N PRO C 379 2.98 -54.89 -48.12
CA PRO C 379 4.16 -54.00 -48.08
C PRO C 379 5.42 -54.69 -48.56
N GLN C 380 6.25 -53.99 -49.35
CA GLN C 380 7.46 -54.59 -49.94
C GLN C 380 8.72 -53.84 -49.49
N GLY C 381 9.77 -54.59 -49.15
CA GLY C 381 11.03 -54.03 -48.70
C GLY C 381 12.13 -54.14 -49.73
N THR C 382 13.35 -53.92 -49.27
CA THR C 382 14.56 -53.96 -50.08
C THR C 382 15.47 -55.07 -49.58
N PHE C 383 16.66 -55.15 -50.13
CA PHE C 383 17.58 -56.18 -49.72
C PHE C 383 18.99 -55.64 -49.65
N ALA C 384 19.69 -55.82 -48.53
CA ALA C 384 21.00 -55.18 -48.49
C ALA C 384 22.07 -55.78 -47.59
N ASP C 385 22.26 -57.10 -47.55
CA ASP C 385 23.36 -57.69 -46.75
C ASP C 385 23.48 -57.10 -45.34
N TRP C 386 22.44 -57.29 -44.54
CA TRP C 386 22.34 -56.68 -43.23
C TRP C 386 23.49 -57.02 -42.27
N GLY C 387 24.23 -58.09 -42.55
CA GLY C 387 25.36 -58.56 -41.75
C GLY C 387 26.73 -57.98 -42.07
N GLU C 388 26.82 -57.00 -42.97
CA GLU C 388 28.13 -56.42 -43.29
C GLU C 388 28.82 -55.83 -42.06
N TYR C 389 30.10 -56.18 -41.85
CA TYR C 389 30.82 -55.72 -40.67
C TYR C 389 32.21 -55.21 -40.98
N SER C 390 32.59 -54.08 -40.38
CA SER C 390 33.92 -53.52 -40.50
C SER C 390 34.65 -53.55 -39.16
N SER C 391 35.94 -53.90 -39.20
CA SER C 391 36.77 -54.01 -38.01
C SER C 391 36.91 -52.72 -37.22
N ILE C 392 36.93 -52.85 -35.89
CA ILE C 392 37.07 -51.69 -35.00
C ILE C 392 38.48 -51.14 -35.02
N GLN C 393 39.40 -51.87 -35.64
CA GLN C 393 40.78 -51.44 -35.69
C GLN C 393 40.93 -50.22 -36.58
N HIS C 394 39.95 -49.94 -37.43
CA HIS C 394 40.02 -48.80 -38.31
C HIS C 394 39.58 -47.52 -37.62
N GLU C 395 39.17 -47.60 -36.37
CA GLU C 395 38.74 -46.45 -35.61
C GLU C 395 39.86 -45.84 -34.79
N PHE C 396 41.06 -46.41 -34.82
CA PHE C 396 42.14 -45.89 -33.98
C PHE C 396 43.03 -44.94 -34.76
N PRO C 397 43.79 -44.04 -34.11
CA PRO C 397 44.75 -43.23 -34.85
C PRO C 397 46.02 -43.93 -35.42
N GLU C 398 46.62 -43.19 -36.36
CA GLU C 398 47.78 -43.70 -37.07
C GLU C 398 48.88 -43.99 -36.08
N THR C 399 48.97 -43.19 -35.02
CA THR C 399 50.02 -43.38 -34.01
C THR C 399 50.04 -44.80 -33.48
N TYR C 400 48.86 -45.42 -33.31
CA TYR C 400 48.78 -46.78 -32.79
C TYR C 400 49.43 -47.80 -33.75
N GLY C 401 49.42 -47.54 -35.07
CA GLY C 401 50.10 -48.40 -36.05
C GLY C 401 49.30 -49.58 -36.55
N ILE C 402 48.00 -49.65 -36.26
CA ILE C 402 47.16 -50.78 -36.64
C ILE C 402 46.25 -50.44 -37.83
N SER C 403 46.58 -49.43 -38.62
CA SER C 403 45.77 -49.00 -39.76
C SER C 403 46.42 -49.42 -41.07
N ASP C 404 45.68 -49.22 -42.17
CA ASP C 404 46.16 -49.62 -43.51
C ASP C 404 47.46 -49.00 -43.99
N ILE C 405 47.80 -47.79 -43.55
CA ILE C 405 49.03 -47.20 -44.06
C ILE C 405 50.26 -47.66 -43.31
N GLY C 406 50.08 -48.48 -42.28
CA GLY C 406 51.21 -48.98 -41.54
C GLY C 406 51.83 -47.97 -40.60
N LEU C 407 53.12 -48.15 -40.36
CA LEU C 407 53.91 -47.41 -39.42
C LEU C 407 55.26 -47.11 -40.09
N PRO C 408 55.75 -45.87 -40.09
CA PRO C 408 57.05 -45.51 -40.72
C PRO C 408 58.24 -46.32 -40.21
N PRO C 409 59.07 -46.86 -41.14
CA PRO C 409 60.29 -47.65 -40.83
C PRO C 409 61.25 -47.06 -39.82
N LYS C 410 61.37 -45.75 -39.79
CA LYS C 410 62.33 -45.11 -38.90
C LYS C 410 62.03 -45.36 -37.43
N LEU C 411 60.83 -45.82 -37.09
CA LEU C 411 60.46 -46.01 -35.72
C LEU C 411 60.96 -47.34 -35.16
N GLY C 412 61.55 -48.18 -35.99
CA GLY C 412 62.16 -49.42 -35.55
C GLY C 412 61.23 -50.61 -35.50
N VAL C 413 61.87 -51.77 -35.43
CA VAL C 413 61.22 -53.06 -35.35
C VAL C 413 60.41 -53.23 -34.10
N LYS C 414 60.95 -52.88 -32.95
CA LYS C 414 60.20 -53.14 -31.74
C LYS C 414 58.82 -52.51 -31.77
N ARG C 415 58.70 -51.29 -32.28
CA ARG C 415 57.39 -50.70 -32.31
C ARG C 415 56.48 -51.43 -33.28
N ALA C 416 57.01 -51.89 -34.42
CA ALA C 416 56.21 -52.67 -35.36
C ALA C 416 55.70 -53.97 -34.72
N VAL C 417 56.54 -54.61 -33.91
CA VAL C 417 56.14 -55.84 -33.23
C VAL C 417 55.01 -55.59 -32.27
N LEU C 418 55.12 -54.52 -31.50
CA LEU C 418 54.10 -54.19 -30.54
C LEU C 418 52.77 -53.93 -31.23
N ALA C 419 52.80 -53.35 -32.42
CA ALA C 419 51.56 -53.14 -33.15
C ALA C 419 50.89 -54.48 -33.47
N ARG C 420 51.70 -55.49 -33.81
CA ARG C 420 51.20 -56.83 -34.08
C ARG C 420 50.51 -57.41 -32.86
N GLN C 421 51.09 -57.17 -31.67
CA GLN C 421 50.53 -57.68 -30.42
C GLN C 421 49.16 -57.07 -30.16
N LEU C 422 49.02 -55.77 -30.43
CA LEU C 422 47.74 -55.12 -30.24
C LEU C 422 46.68 -55.66 -31.18
N LYS C 423 47.02 -55.91 -32.45
CA LYS C 423 46.04 -56.46 -33.38
C LYS C 423 45.47 -57.76 -32.86
N GLY C 424 46.36 -58.60 -32.32
CA GLY C 424 45.95 -59.86 -31.74
C GLY C 424 44.93 -59.67 -30.65
N TYR C 425 45.23 -58.78 -29.71
CA TYR C 425 44.32 -58.50 -28.60
C TYR C 425 42.97 -58.02 -29.08
N LEU C 426 42.95 -57.06 -30.00
CA LEU C 426 41.68 -56.51 -30.43
C LEU C 426 40.79 -57.53 -31.14
N LEU C 427 41.34 -58.58 -31.78
CA LEU C 427 40.50 -59.60 -32.43
C LEU C 427 39.53 -60.29 -31.47
N PHE C 428 39.79 -60.26 -30.17
CA PHE C 428 38.86 -60.88 -29.23
C PHE C 428 37.55 -60.11 -29.17
N PHE C 429 37.58 -58.84 -29.50
CA PHE C 429 36.40 -57.99 -29.48
C PHE C 429 35.71 -58.01 -30.83
N ASP C 430 36.50 -58.14 -31.89
CA ASP C 430 35.90 -58.11 -33.21
C ASP C 430 35.22 -59.42 -33.53
N GLN C 431 35.76 -60.55 -33.08
CA GLN C 431 35.12 -61.79 -33.47
C GLN C 431 33.72 -61.89 -32.87
N ILE C 432 33.53 -61.34 -31.68
CA ILE C 432 32.21 -61.36 -31.04
C ILE C 432 31.24 -60.45 -31.77
N LEU C 433 31.66 -59.22 -32.09
CA LEU C 433 30.75 -58.33 -32.79
C LEU C 433 30.38 -58.89 -34.14
N ALA C 434 31.34 -59.48 -34.85
CA ALA C 434 31.05 -60.04 -36.15
C ALA C 434 29.99 -61.12 -36.07
N SER C 435 30.01 -61.93 -35.01
CA SER C 435 28.97 -62.93 -34.78
C SER C 435 27.58 -62.37 -34.71
N TYR C 436 27.40 -61.30 -33.96
CA TYR C 436 26.07 -60.70 -33.85
C TYR C 436 25.55 -60.18 -35.17
N PHE C 437 26.41 -59.61 -36.00
CA PHE C 437 25.95 -59.11 -37.29
C PHE C 437 25.56 -60.27 -38.19
N GLU C 438 26.34 -61.34 -38.09
CA GLU C 438 26.12 -62.54 -38.84
C GLU C 438 24.80 -63.20 -38.48
N HIS C 439 24.46 -63.16 -37.21
CA HIS C 439 23.21 -63.71 -36.73
C HIS C 439 22.01 -63.00 -37.32
N LEU C 440 22.07 -61.68 -37.56
CA LEU C 440 20.94 -60.99 -38.22
C LEU C 440 20.71 -61.51 -39.63
N SER C 441 21.79 -61.80 -40.35
CA SER C 441 21.68 -62.32 -41.71
C SER C 441 20.98 -63.65 -41.83
N LYS C 442 20.81 -64.37 -40.73
CA LYS C 442 20.22 -65.68 -40.76
C LYS C 442 18.80 -65.73 -40.24
N ILE C 443 18.17 -64.59 -39.91
CA ILE C 443 16.83 -64.67 -39.34
C ILE C 443 15.87 -65.33 -40.31
N LYS C 444 16.01 -65.03 -41.60
CA LYS C 444 15.17 -65.62 -42.62
C LYS C 444 15.23 -67.13 -42.64
N SER C 445 16.41 -67.69 -42.38
CA SER C 445 16.55 -69.13 -42.41
C SER C 445 15.98 -69.75 -41.16
N LEU C 446 16.24 -69.12 -40.03
CA LEU C 446 15.83 -69.69 -38.76
C LEU C 446 14.34 -69.87 -38.67
N LEU C 447 13.58 -68.96 -39.27
CA LEU C 447 12.13 -69.03 -39.24
C LEU C 447 11.50 -69.47 -40.56
N SER C 448 12.26 -70.08 -41.47
CA SER C 448 11.76 -70.49 -42.78
C SER C 448 10.72 -71.61 -42.77
N LEU C 449 9.72 -71.48 -43.62
CA LEU C 449 8.70 -72.52 -43.79
C LEU C 449 9.14 -73.59 -44.76
N ASP C 450 10.21 -73.34 -45.51
CA ASP C 450 10.63 -74.33 -46.49
C ASP C 450 11.68 -75.26 -45.93
N GLN C 451 12.62 -74.69 -45.19
CA GLN C 451 13.74 -75.44 -44.64
C GLN C 451 14.61 -74.59 -43.74
N GLY C 452 14.74 -74.98 -42.48
CA GLY C 452 15.62 -74.28 -41.58
C GLY C 452 17.07 -74.76 -41.69
N PRO C 453 17.98 -74.01 -41.06
CA PRO C 453 19.42 -74.31 -41.01
C PRO C 453 19.74 -75.41 -40.02
N SER C 454 20.95 -75.97 -40.15
CA SER C 454 21.45 -76.97 -39.20
C SER C 454 22.06 -76.38 -37.93
N PHE C 455 22.49 -75.13 -37.97
CA PHE C 455 23.11 -74.48 -36.82
C PHE C 455 22.21 -73.41 -36.28
N THR C 456 22.39 -73.04 -35.02
CA THR C 456 21.61 -71.94 -34.50
C THR C 456 22.48 -70.75 -34.12
N TYR C 457 23.81 -70.94 -34.02
CA TYR C 457 24.73 -69.85 -33.78
C TYR C 457 25.69 -69.74 -34.95
N PHE C 458 26.15 -68.52 -35.26
CA PHE C 458 26.95 -68.30 -36.46
C PHE C 458 28.14 -67.38 -36.24
N THR C 459 29.16 -67.49 -37.12
CA THR C 459 30.31 -66.55 -37.08
C THR C 459 30.75 -66.14 -38.49
N GLN C 460 31.76 -65.26 -38.57
CA GLN C 460 32.30 -64.76 -39.84
C GLN C 460 33.82 -64.68 -39.87
N ALA C 461 34.42 -64.90 -41.03
CA ALA C 461 35.82 -64.55 -41.16
C ALA C 461 35.95 -63.05 -41.22
N ILE C 462 37.00 -62.50 -40.62
CA ILE C 462 37.24 -61.07 -40.71
C ILE C 462 38.39 -60.85 -41.66
N LYS C 463 38.14 -60.12 -42.76
CA LYS C 463 39.16 -59.96 -43.79
C LYS C 463 39.56 -58.53 -44.12
N ASP C 464 39.15 -57.54 -43.33
CA ASP C 464 39.55 -56.16 -43.59
C ASP C 464 40.70 -55.74 -42.70
N ILE C 465 41.43 -56.73 -42.21
CA ILE C 465 42.62 -56.58 -41.41
C ILE C 465 43.77 -57.15 -42.24
N LYS C 466 44.78 -56.32 -42.46
CA LYS C 466 45.83 -56.68 -43.40
C LYS C 466 46.65 -57.93 -43.04
N ASP C 467 46.85 -58.31 -41.79
CA ASP C 467 47.65 -59.53 -41.72
C ASP C 467 46.94 -60.77 -41.22
N VAL C 468 45.62 -60.83 -41.23
CA VAL C 468 44.96 -62.03 -40.69
C VAL C 468 45.54 -63.38 -41.15
N GLU C 469 46.17 -63.42 -42.31
CA GLU C 469 46.84 -64.63 -42.71
C GLU C 469 48.01 -65.03 -41.83
N GLU C 470 48.56 -64.09 -41.05
CA GLU C 470 49.66 -64.41 -40.18
C GLU C 470 49.19 -64.52 -38.73
N LEU C 471 48.15 -63.77 -38.37
CA LEU C 471 47.64 -63.78 -37.01
C LEU C 471 47.01 -65.13 -36.64
N PHE C 472 46.39 -65.81 -37.60
CA PHE C 472 45.74 -67.10 -37.35
C PHE C 472 46.66 -68.29 -37.60
N LYS C 473 46.62 -69.27 -36.70
CA LYS C 473 47.46 -70.47 -36.85
C LYS C 473 47.14 -71.26 -38.09
N ASP C 474 45.88 -71.29 -38.50
CA ASP C 474 45.50 -72.00 -39.72
C ASP C 474 44.53 -71.14 -40.52
N PRO C 475 45.06 -70.44 -41.55
CA PRO C 475 44.29 -69.56 -42.43
C PRO C 475 43.20 -70.25 -43.21
N THR C 476 43.27 -71.59 -43.31
CA THR C 476 42.23 -72.35 -44.00
C THR C 476 40.84 -71.98 -43.58
N LEU C 477 40.64 -71.77 -42.29
CA LEU C 477 39.31 -71.50 -41.77
C LEU C 477 38.73 -70.19 -42.27
N LEU C 478 39.57 -69.26 -42.68
CA LEU C 478 39.08 -67.99 -43.11
C LEU C 478 38.50 -68.07 -44.51
N GLU C 479 38.61 -69.21 -45.16
CA GLU C 479 38.05 -69.39 -46.48
C GLU C 479 36.67 -70.02 -46.44
N ASN C 480 36.15 -70.34 -45.26
CA ASN C 480 34.84 -70.98 -45.19
C ASN C 480 34.21 -70.79 -43.82
N ASP C 481 33.20 -69.91 -43.76
CA ASP C 481 32.55 -69.56 -42.51
C ASP C 481 31.89 -70.75 -41.81
N GLU C 482 31.57 -71.82 -42.55
CA GLU C 482 30.93 -72.97 -41.94
C GLU C 482 31.94 -73.75 -41.11
N GLU C 483 33.20 -73.78 -41.57
CA GLU C 483 34.23 -74.52 -40.87
C GLU C 483 34.66 -73.71 -39.68
N LEU C 484 34.68 -72.40 -39.88
CA LEU C 484 35.05 -71.49 -38.83
C LEU C 484 34.05 -71.60 -37.69
N THR C 485 32.76 -71.71 -38.02
CA THR C 485 31.71 -71.88 -37.01
C THR C 485 31.91 -73.14 -36.20
N LYS C 486 32.15 -74.26 -36.88
CA LYS C 486 32.35 -75.52 -36.18
C LYS C 486 33.56 -75.47 -35.26
N SER C 487 34.63 -74.79 -35.70
CA SER C 487 35.85 -74.66 -34.90
C SER C 487 35.73 -73.69 -33.72
N LEU C 488 35.07 -72.54 -33.89
CA LEU C 488 35.03 -71.54 -32.84
C LEU C 488 33.87 -71.69 -31.86
N ILE C 489 32.69 -72.07 -32.33
CA ILE C 489 31.55 -72.22 -31.45
C ILE C 489 31.40 -73.65 -31.06
N GLY C 490 31.41 -74.51 -32.07
CA GLY C 490 31.39 -75.94 -31.86
C GLY C 490 30.23 -76.43 -31.02
N LYS C 491 30.59 -77.18 -29.98
CA LYS C 491 29.59 -77.84 -29.17
C LYS C 491 28.69 -76.89 -28.45
N LEU C 492 29.16 -75.68 -28.16
CA LEU C 492 28.32 -74.74 -27.43
C LEU C 492 26.94 -74.59 -28.05
N ASP C 493 26.80 -74.93 -29.34
CA ASP C 493 25.55 -74.84 -30.07
C ASP C 493 24.75 -76.14 -29.89
N ASP C 494 23.82 -76.16 -28.94
CA ASP C 494 23.03 -77.38 -28.72
C ASP C 494 21.90 -77.37 -29.74
N THR C 495 22.22 -77.83 -30.95
CA THR C 495 21.31 -77.72 -32.07
C THR C 495 20.04 -78.52 -31.91
N ILE C 496 20.09 -79.72 -31.34
CA ILE C 496 18.85 -80.50 -31.33
C ILE C 496 17.78 -79.83 -30.47
N GLU C 497 18.15 -79.36 -29.29
CA GLU C 497 17.14 -78.74 -28.46
C GLU C 497 16.69 -77.41 -29.05
N ARG C 498 17.62 -76.61 -29.55
CA ARG C 498 17.24 -75.32 -30.07
C ARG C 498 16.40 -75.43 -31.34
N ARG C 499 16.73 -76.36 -32.22
CA ARG C 499 15.95 -76.53 -33.43
C ARG C 499 14.54 -76.97 -33.11
N ASN C 500 14.36 -77.84 -32.11
CA ASN C 500 13.00 -78.22 -31.75
C ASN C 500 12.21 -77.04 -31.23
N GLN C 501 12.82 -76.18 -30.41
CA GLN C 501 12.05 -75.05 -29.91
C GLN C 501 11.55 -74.15 -31.02
N LEU C 502 12.38 -73.90 -32.04
CA LEU C 502 11.96 -73.07 -33.15
C LEU C 502 10.81 -73.72 -33.93
N MET C 503 10.93 -75.02 -34.18
CA MET C 503 9.90 -75.70 -34.94
C MET C 503 8.58 -75.71 -34.20
N ASP C 504 8.64 -75.94 -32.90
CA ASP C 504 7.41 -76.01 -32.12
C ASP C 504 6.69 -74.68 -32.13
N HIS C 505 7.44 -73.59 -32.07
CA HIS C 505 6.82 -72.28 -32.14
C HIS C 505 6.10 -72.08 -33.46
N LEU C 506 6.76 -72.40 -34.57
CA LEU C 506 6.12 -72.19 -35.87
C LEU C 506 4.88 -73.05 -36.01
N ILE C 507 4.93 -74.30 -35.52
CA ILE C 507 3.77 -75.19 -35.61
C ILE C 507 2.62 -74.65 -34.78
N ALA C 508 2.93 -74.15 -33.58
CA ALA C 508 1.93 -73.58 -32.70
C ALA C 508 1.18 -72.42 -33.33
N ARG C 509 1.84 -71.66 -34.22
CA ARG C 509 1.16 -70.53 -34.87
C ARG C 509 -0.04 -70.95 -35.69
N PHE C 510 -0.14 -72.23 -36.07
CA PHE C 510 -1.27 -72.73 -36.81
C PHE C 510 -2.20 -73.53 -35.93
N ALA C 511 -1.96 -73.47 -34.62
CA ALA C 511 -2.68 -74.19 -33.59
C ALA C 511 -2.57 -75.71 -33.72
N GLU C 512 -1.42 -76.22 -34.13
CA GLU C 512 -1.20 -77.66 -34.26
C GLU C 512 -0.32 -78.15 -33.12
N ASN C 513 -0.07 -79.46 -33.01
CA ASN C 513 0.74 -79.98 -31.89
C ASN C 513 1.33 -81.37 -32.16
N PHE C 514 2.67 -81.47 -32.13
CA PHE C 514 3.41 -82.71 -32.40
C PHE C 514 4.02 -83.38 -31.17
N SER C 515 3.51 -83.09 -29.98
CA SER C 515 4.06 -83.67 -28.75
C SER C 515 4.18 -85.19 -28.73
N SER C 516 3.23 -85.89 -29.33
CA SER C 516 3.23 -87.36 -29.24
C SER C 516 4.41 -88.03 -29.96
N TYR C 517 5.08 -87.32 -30.87
CA TYR C 517 6.20 -87.93 -31.58
C TYR C 517 7.34 -88.22 -30.64
N ALA C 518 7.36 -87.48 -29.53
CA ALA C 518 8.39 -87.61 -28.53
C ALA C 518 8.49 -89.02 -27.99
N PHE C 519 7.38 -89.75 -27.94
CA PHE C 519 7.51 -91.10 -27.44
C PHE C 519 7.04 -92.14 -28.42
N LEU C 520 6.14 -91.79 -29.34
CA LEU C 520 5.66 -92.83 -30.24
C LEU C 520 6.75 -93.32 -31.17
N MET C 521 7.67 -92.43 -31.50
CA MET C 521 8.74 -92.80 -32.39
C MET C 521 9.75 -93.73 -31.73
N LYS C 522 9.70 -93.87 -30.41
CA LYS C 522 10.65 -94.70 -29.71
C LYS C 522 10.31 -96.16 -29.81
N PHE C 523 9.17 -96.47 -30.38
CA PHE C 523 8.81 -97.84 -30.57
C PHE C 523 9.24 -98.28 -31.93
N LEU C 524 9.80 -97.37 -32.71
CA LEU C 524 10.22 -97.65 -34.05
C LEU C 524 11.71 -97.48 -34.21
N TYR C 525 12.27 -96.46 -33.56
CA TYR C 525 13.67 -96.13 -33.70
C TYR C 525 14.27 -95.87 -32.33
N GLY C 526 15.59 -95.98 -32.25
CA GLY C 526 16.32 -95.66 -31.05
C GLY C 526 16.78 -94.22 -31.08
N GLU C 527 18.08 -94.02 -30.89
CA GLU C 527 18.65 -92.68 -30.80
C GLU C 527 18.41 -91.84 -32.06
N SER C 528 18.23 -92.51 -33.21
CA SER C 528 18.02 -91.86 -34.49
C SER C 528 16.70 -91.08 -34.59
N THR C 529 15.80 -91.19 -33.59
CA THR C 529 14.55 -90.44 -33.66
C THR C 529 14.78 -88.94 -33.69
N ASP C 530 15.84 -88.40 -33.09
CA ASP C 530 15.92 -86.94 -33.05
C ASP C 530 16.01 -86.33 -34.46
N GLU C 531 16.75 -86.98 -35.35
CA GLU C 531 16.87 -86.50 -36.71
C GLU C 531 15.58 -86.70 -37.46
N ILE C 532 14.95 -87.85 -37.27
CA ILE C 532 13.74 -88.20 -37.99
C ILE C 532 12.63 -87.23 -37.65
N VAL C 533 12.46 -86.96 -36.36
CA VAL C 533 11.39 -86.09 -35.92
C VAL C 533 11.55 -84.68 -36.46
N LEU C 534 12.76 -84.12 -36.44
CA LEU C 534 12.90 -82.77 -36.99
C LEU C 534 12.58 -82.74 -38.49
N GLN C 535 12.96 -83.78 -39.23
CA GLN C 535 12.61 -83.80 -40.65
C GLN C 535 11.11 -83.82 -40.86
N ASP C 536 10.39 -84.61 -40.05
CA ASP C 536 8.94 -84.68 -40.20
C ASP C 536 8.27 -83.37 -39.86
N LYS C 537 8.74 -82.66 -38.83
CA LYS C 537 8.13 -81.39 -38.50
C LYS C 537 8.28 -80.37 -39.63
N GLN C 538 9.45 -80.33 -40.28
CA GLN C 538 9.61 -79.39 -41.38
C GLN C 538 8.67 -79.72 -42.53
N SER C 539 8.52 -81.01 -42.82
CA SER C 539 7.63 -81.43 -43.91
C SER C 539 6.21 -81.00 -43.64
N PHE C 540 5.77 -81.15 -42.39
CA PHE C 540 4.43 -80.77 -42.00
C PHE C 540 4.18 -79.30 -42.30
N LEU C 541 5.10 -78.41 -41.93
CA LEU C 541 4.85 -77.00 -42.23
C LEU C 541 4.76 -76.74 -43.73
N ARG C 542 5.63 -77.37 -44.54
CA ARG C 542 5.59 -77.12 -45.98
C ARG C 542 4.27 -77.52 -46.61
N GLU C 543 3.71 -78.62 -46.17
CA GLU C 543 2.49 -79.19 -46.72
C GLU C 543 1.21 -78.66 -46.08
N TYR C 544 1.33 -77.71 -45.16
CA TYR C 544 0.19 -77.30 -44.36
C TYR C 544 -0.97 -76.70 -45.15
N LYS C 545 -0.72 -75.94 -46.21
CA LYS C 545 -1.84 -75.28 -46.90
C LYS C 545 -2.94 -76.24 -47.31
N GLU C 546 -2.57 -77.37 -47.90
CA GLU C 546 -3.54 -78.38 -48.28
C GLU C 546 -4.05 -79.18 -47.08
N ILE C 547 -3.16 -79.50 -46.14
CA ILE C 547 -3.54 -80.36 -45.00
C ILE C 547 -4.71 -79.79 -44.23
N SER C 548 -4.67 -78.49 -43.92
CA SER C 548 -5.74 -77.90 -43.13
C SER C 548 -6.99 -77.56 -43.92
N ARG C 549 -6.95 -77.65 -45.23
CA ARG C 549 -8.09 -77.23 -46.02
C ARG C 549 -8.91 -78.40 -46.52
N GLU C 550 -8.25 -79.35 -47.16
CA GLU C 550 -8.98 -80.42 -47.82
C GLU C 550 -9.24 -81.57 -46.85
N ARG C 551 -10.05 -81.27 -45.84
CA ARG C 551 -10.34 -82.23 -44.80
C ARG C 551 -11.49 -83.13 -45.23
N THR D 3 34.26 -51.74 -0.42
CA THR D 3 35.68 -52.01 -0.23
C THR D 3 36.52 -51.23 -1.20
N LEU D 4 36.00 -50.07 -1.56
CA LEU D 4 36.66 -49.18 -2.50
C LEU D 4 37.32 -48.06 -1.70
N ASN D 5 38.22 -47.35 -2.35
CA ASN D 5 38.86 -46.24 -1.66
C ASN D 5 37.92 -45.04 -1.64
N LYS D 6 37.93 -44.32 -0.53
CA LYS D 6 37.13 -43.12 -0.37
C LYS D 6 38.01 -41.89 -0.41
N HIS D 7 37.40 -40.75 -0.71
CA HIS D 7 38.13 -39.49 -0.70
C HIS D 7 38.39 -39.10 0.74
N ILE D 8 39.57 -38.54 1.01
CA ILE D 8 40.02 -38.19 2.37
C ILE D 8 40.09 -36.68 2.57
N SER D 9 39.51 -36.21 3.67
CA SER D 9 39.54 -34.80 4.04
C SER D 9 39.67 -34.61 5.54
N ILE D 10 39.87 -33.36 5.95
CA ILE D 10 40.06 -33.00 7.35
C ILE D 10 38.99 -32.00 7.80
N PRO D 11 38.37 -32.27 8.96
CA PRO D 11 37.33 -31.43 9.56
C PRO D 11 37.85 -30.03 9.81
N LYS D 12 36.93 -29.06 9.78
CA LYS D 12 37.29 -27.65 9.98
C LYS D 12 36.89 -27.06 11.35
N ASP D 13 36.15 -27.79 12.17
CA ASP D 13 35.76 -27.29 13.49
C ASP D 13 36.71 -27.78 14.57
N MET D 14 37.89 -27.18 14.63
CA MET D 14 38.91 -27.59 15.58
C MET D 14 38.66 -27.02 16.96
N SER D 15 37.67 -27.58 17.64
CA SER D 15 37.28 -27.14 18.98
C SER D 15 36.70 -28.30 19.76
N SER D 16 37.29 -28.62 20.90
CA SER D 16 36.78 -29.73 21.68
C SER D 16 36.68 -29.42 23.16
N LYS D 17 37.37 -28.39 23.63
CA LYS D 17 37.40 -28.04 25.04
C LYS D 17 37.92 -29.17 25.92
N ASP D 18 38.97 -29.85 25.46
CA ASP D 18 39.59 -30.94 26.20
C ASP D 18 41.11 -30.90 26.02
N ASP D 19 41.78 -32.00 26.34
CA ASP D 19 43.24 -32.01 26.30
C ASP D 19 43.85 -32.01 24.90
N LEU D 20 43.06 -32.13 23.86
CA LEU D 20 43.60 -32.07 22.51
C LEU D 20 43.44 -30.68 21.89
N ASP D 21 42.86 -29.76 22.63
CA ASP D 21 42.57 -28.40 22.16
C ASP D 21 43.59 -27.42 22.75
N PHE D 22 44.57 -27.02 21.93
CA PHE D 22 45.66 -26.16 22.39
C PHE D 22 45.16 -24.85 22.98
N HIS D 23 44.27 -24.17 22.27
CA HIS D 23 43.86 -22.86 22.72
C HIS D 23 43.09 -22.94 24.00
N PHE D 24 42.27 -23.97 24.15
CA PHE D 24 41.58 -24.18 25.40
C PHE D 24 42.54 -24.33 26.57
N LEU D 25 43.56 -25.18 26.40
CA LEU D 25 44.53 -25.40 27.46
C LEU D 25 45.25 -24.13 27.82
N ARG D 26 45.61 -23.33 26.83
CA ARG D 26 46.35 -22.10 27.09
C ARG D 26 45.52 -21.13 27.94
N GLU D 27 44.22 -20.99 27.64
CA GLU D 27 43.38 -20.09 28.42
C GLU D 27 43.23 -20.55 29.86
N GLU D 28 43.06 -21.86 30.06
CA GLU D 28 42.94 -22.38 31.41
C GLU D 28 44.21 -22.15 32.20
N GLY D 29 45.36 -22.30 31.53
CA GLY D 29 46.63 -22.05 32.16
C GLY D 29 46.72 -20.67 32.74
N ILE D 30 46.36 -19.67 31.92
CA ILE D 30 46.43 -18.29 32.37
C ILE D 30 45.43 -18.03 33.49
N ARG D 31 44.23 -18.57 33.40
CA ARG D 31 43.26 -18.39 34.49
C ARG D 31 43.82 -18.89 35.81
N TYR D 32 44.45 -20.05 35.81
CA TYR D 32 45.02 -20.59 37.05
C TYR D 32 46.12 -19.70 37.58
N ILE D 33 46.96 -19.16 36.68
CA ILE D 33 48.06 -18.28 37.10
C ILE D 33 47.54 -17.06 37.81
N LYS D 34 46.51 -16.41 37.27
CA LYS D 34 46.00 -15.22 37.95
C LYS D 34 45.44 -15.54 39.31
N GLU D 35 44.72 -16.63 39.43
CA GLU D 35 44.11 -16.98 40.70
C GLU D 35 45.14 -17.24 41.78
N LEU D 36 46.25 -17.86 41.42
CA LEU D 36 47.27 -18.21 42.38
C LEU D 36 48.35 -17.17 42.62
N GLY D 37 48.84 -16.49 41.57
CA GLY D 37 49.99 -15.62 41.74
C GLY D 37 49.95 -14.18 41.25
N SER D 38 48.75 -13.60 41.00
CA SER D 38 48.66 -12.24 40.46
C SER D 38 49.28 -11.16 41.34
N ASN D 39 49.55 -11.44 42.60
CA ASN D 39 50.18 -10.45 43.45
C ASN D 39 51.59 -10.15 42.99
N PHE D 40 52.25 -11.12 42.37
CA PHE D 40 53.64 -10.96 42.00
C PHE D 40 53.87 -11.04 40.50
N TRP D 41 53.09 -11.83 39.80
CA TRP D 41 53.28 -12.02 38.37
C TRP D 41 52.07 -11.46 37.64
N THR D 42 52.23 -10.28 37.03
CA THR D 42 51.15 -9.59 36.33
C THR D 42 51.38 -9.38 34.84
N ASP D 43 52.59 -9.49 34.37
CA ASP D 43 52.93 -9.26 32.97
C ASP D 43 52.69 -10.56 32.20
N TYR D 44 51.65 -10.60 31.36
CA TYR D 44 51.38 -11.83 30.63
C TYR D 44 51.61 -11.67 29.14
N ASN D 45 52.50 -10.77 28.77
CA ASN D 45 52.84 -10.54 27.38
C ASN D 45 53.69 -11.67 26.82
N THR D 46 53.74 -11.75 25.50
CA THR D 46 54.38 -12.86 24.81
C THR D 46 55.91 -12.89 24.93
N HIS D 47 56.57 -11.83 25.35
CA HIS D 47 58.02 -11.92 25.51
C HIS D 47 58.41 -12.56 26.83
N ASP D 48 57.45 -12.80 27.70
CA ASP D 48 57.68 -13.32 29.05
C ASP D 48 58.08 -14.80 29.04
N PRO D 49 59.25 -15.16 29.61
CA PRO D 49 59.68 -16.55 29.77
C PRO D 49 58.64 -17.44 30.44
N GLY D 50 57.88 -16.88 31.37
CA GLY D 50 56.84 -17.64 32.04
C GLY D 50 55.80 -18.16 31.09
N ILE D 51 55.25 -17.25 30.29
CA ILE D 51 54.25 -17.59 29.29
C ILE D 51 54.83 -18.52 28.24
N THR D 52 56.10 -18.31 27.85
CA THR D 52 56.74 -19.19 26.89
C THR D 52 56.73 -20.63 27.38
N MET D 53 57.09 -20.84 28.65
CA MET D 53 57.10 -22.18 29.22
C MET D 53 55.71 -22.81 29.22
N LEU D 54 54.68 -22.02 29.54
CA LEU D 54 53.31 -22.53 29.53
C LEU D 54 52.92 -23.08 28.18
N GLU D 55 53.22 -22.32 27.12
CA GLU D 55 52.85 -22.76 25.78
C GLU D 55 53.54 -24.06 25.39
N VAL D 56 54.81 -24.21 25.78
CA VAL D 56 55.54 -25.45 25.49
C VAL D 56 54.88 -26.64 26.18
N LEU D 57 54.50 -26.46 27.44
CA LEU D 57 53.86 -27.54 28.16
C LEU D 57 52.51 -27.90 27.56
N CYS D 58 51.73 -26.91 27.12
CA CYS D 58 50.44 -27.19 26.52
C CYS D 58 50.58 -28.07 25.28
N TYR D 59 51.60 -27.77 24.48
CA TYR D 59 51.91 -28.55 23.29
C TYR D 59 52.23 -29.99 23.64
N ALA D 60 53.06 -30.20 24.67
CA ALA D 60 53.41 -31.53 25.14
C ALA D 60 52.20 -32.32 25.62
N ILE D 61 51.25 -31.65 26.27
CA ILE D 61 50.03 -32.34 26.73
C ILE D 61 49.23 -32.87 25.56
N SER D 62 49.06 -32.08 24.50
CA SER D 62 48.33 -32.54 23.34
C SER D 62 48.93 -33.81 22.76
N ASP D 63 50.27 -33.89 22.73
CA ASP D 63 50.95 -35.09 22.23
C ASP D 63 50.59 -36.30 23.06
N LEU D 64 50.59 -36.16 24.38
CA LEU D 64 50.23 -37.29 25.23
C LEU D 64 48.81 -37.74 24.97
N GLY D 65 47.87 -36.80 24.91
CA GLY D 65 46.48 -37.17 24.69
C GLY D 65 46.28 -37.90 23.38
N ASN D 66 47.00 -37.48 22.35
CA ASN D 66 46.91 -38.11 21.05
C ASN D 66 47.35 -39.56 21.07
N ARG D 67 48.33 -39.94 21.89
CA ARG D 67 48.71 -41.34 21.90
C ARG D 67 47.77 -42.18 22.71
N ILE D 68 47.18 -41.59 23.74
CA ILE D 68 46.23 -42.35 24.54
C ILE D 68 45.08 -42.83 23.66
N ASN D 69 44.69 -42.05 22.66
CA ASN D 69 43.61 -42.42 21.74
C ASN D 69 43.98 -43.44 20.65
N ILE D 70 45.20 -43.96 20.62
CA ILE D 70 45.54 -45.01 19.66
C ILE D 70 44.69 -46.24 19.96
N PRO D 71 44.10 -46.89 18.96
CA PRO D 71 43.23 -48.03 19.17
C PRO D 71 43.92 -49.21 19.83
N ILE D 72 43.13 -49.98 20.58
CA ILE D 72 43.59 -51.11 21.38
C ILE D 72 44.33 -52.12 20.54
N GLU D 73 43.90 -52.32 19.29
CA GLU D 73 44.51 -53.33 18.46
C GLU D 73 46.01 -53.10 18.34
N ASP D 74 46.45 -51.86 18.44
CA ASP D 74 47.86 -51.56 18.31
C ASP D 74 48.51 -51.45 19.67
N LEU D 75 47.81 -50.86 20.65
CA LEU D 75 48.43 -50.64 21.95
C LEU D 75 48.83 -51.93 22.64
N ILE D 76 48.09 -53.00 22.43
CA ILE D 76 48.45 -54.24 23.11
C ILE D 76 48.97 -55.30 22.15
N ALA D 77 49.44 -54.89 20.98
CA ALA D 77 49.98 -55.83 20.02
C ALA D 77 51.30 -56.44 20.47
N ASN D 78 51.55 -57.66 20.04
CA ASN D 78 52.83 -58.32 20.27
C ASN D 78 53.74 -58.08 19.09
N GLU D 79 55.04 -58.15 19.36
CA GLU D 79 56.05 -57.99 18.33
C GLU D 79 55.90 -58.94 17.17
N GLU D 80 55.51 -60.15 17.47
CA GLU D 80 55.29 -61.21 16.53
C GLU D 80 53.86 -61.37 16.05
N GLY D 81 52.98 -60.47 16.45
CA GLY D 81 51.57 -60.58 16.12
C GLY D 81 50.87 -61.52 17.09
N GLY D 82 49.54 -61.62 16.95
CA GLY D 82 48.77 -62.50 17.81
C GLY D 82 48.40 -61.85 19.14
N VAL D 83 47.60 -62.59 19.92
CA VAL D 83 47.09 -62.14 21.21
C VAL D 83 47.29 -63.20 22.29
N LYS D 84 48.33 -64.01 22.14
CA LYS D 84 48.51 -65.18 23.02
C LYS D 84 48.38 -64.89 24.53
N GLY D 85 49.03 -63.86 25.04
CA GLY D 85 48.97 -63.60 26.47
C GLY D 85 47.88 -62.64 26.90
N GLN D 86 47.05 -62.22 25.97
CA GLN D 86 46.03 -61.23 26.28
C GLN D 86 44.64 -61.81 26.31
N PHE D 87 44.30 -62.63 25.32
CA PHE D 87 42.94 -63.11 25.25
C PHE D 87 42.87 -64.58 24.96
N TYR D 88 41.77 -65.20 25.35
CA TYR D 88 41.49 -66.54 24.92
C TYR D 88 40.56 -66.40 23.73
N LYS D 89 40.77 -67.19 22.68
CA LYS D 89 39.97 -67.09 21.46
C LYS D 89 38.69 -67.93 21.53
N VAL D 90 37.73 -67.66 20.62
CA VAL D 90 36.45 -68.37 20.69
C VAL D 90 36.60 -69.88 20.52
N GLN D 91 37.57 -70.31 19.72
CA GLN D 91 37.83 -71.72 19.48
C GLN D 91 38.27 -72.43 20.74
N GLU D 92 38.75 -71.67 21.70
CA GLU D 92 39.29 -72.17 22.93
C GLU D 92 38.40 -71.95 24.14
N ILE D 93 37.71 -70.82 24.20
CA ILE D 93 36.94 -70.50 25.40
C ILE D 93 35.43 -70.74 25.30
N LEU D 94 34.85 -70.82 24.12
CA LEU D 94 33.41 -71.11 24.03
C LEU D 94 32.93 -72.58 24.00
N PRO D 95 33.63 -73.52 23.34
CA PRO D 95 33.21 -74.92 23.24
C PRO D 95 33.12 -75.63 24.58
N SER D 96 32.26 -76.64 24.66
CA SER D 96 32.06 -77.40 25.90
C SER D 96 32.26 -78.89 25.71
N ALA D 97 32.72 -79.56 26.77
CA ALA D 97 32.95 -80.99 26.72
C ALA D 97 31.60 -81.63 26.44
N PRO D 98 31.52 -82.80 25.81
CA PRO D 98 30.17 -83.30 25.54
C PRO D 98 29.55 -84.08 26.69
N THR D 99 28.46 -83.60 27.27
CA THR D 99 27.76 -84.28 28.38
C THR D 99 26.30 -84.64 28.11
N SER D 100 25.72 -84.18 27.01
CA SER D 100 24.32 -84.45 26.71
C SER D 100 24.21 -85.49 25.59
N GLU D 101 22.98 -85.96 25.35
CA GLU D 101 22.70 -86.95 24.31
C GLU D 101 23.04 -86.43 22.92
N LEU D 102 22.70 -85.15 22.64
CA LEU D 102 22.95 -84.58 21.34
C LEU D 102 24.43 -84.39 21.14
N ASP D 103 25.15 -84.04 22.21
CA ASP D 103 26.58 -83.90 22.12
C ASP D 103 27.22 -85.21 21.74
N LEU D 104 26.77 -86.30 22.36
CA LEU D 104 27.31 -87.62 22.04
C LEU D 104 27.03 -87.99 20.60
N ARG D 105 25.84 -87.67 20.11
CA ARG D 105 25.58 -87.99 18.72
C ARG D 105 26.53 -87.21 17.82
N LYS D 106 26.77 -85.92 18.12
CA LYS D 106 27.71 -85.14 17.32
C LYS D 106 29.13 -85.67 17.45
N LEU D 107 29.49 -86.13 18.64
CA LEU D 107 30.83 -86.66 18.88
C LEU D 107 31.14 -87.85 17.99
N PHE D 108 30.23 -88.82 17.94
CA PHE D 108 30.49 -90.06 17.22
C PHE D 108 30.20 -89.95 15.73
N ILE D 109 29.27 -89.08 15.32
CA ILE D 109 28.90 -88.97 13.91
C ILE D 109 30.03 -88.46 13.04
N ASP D 110 31.10 -87.93 13.64
CA ASP D 110 32.29 -87.51 12.91
C ASP D 110 33.35 -88.56 12.73
N ILE D 111 33.09 -89.78 13.11
CA ILE D 111 34.02 -90.84 12.81
C ILE D 111 33.77 -91.21 11.37
N GLU D 112 34.82 -91.21 10.55
CA GLU D 112 34.61 -91.46 9.13
C GLU D 112 34.00 -92.86 8.95
N GLY D 113 33.01 -92.94 8.07
CA GLY D 113 32.28 -94.18 7.81
C GLY D 113 30.96 -94.27 8.55
N ILE D 114 30.73 -93.39 9.51
CA ILE D 114 29.47 -93.41 10.26
C ILE D 114 28.55 -92.28 9.77
N LYS D 115 27.32 -92.64 9.45
CA LYS D 115 26.34 -91.68 8.95
C LYS D 115 25.45 -91.16 10.04
N ASN D 116 25.12 -92.00 11.01
CA ASN D 116 24.26 -91.60 12.10
C ASN D 116 24.47 -92.52 13.30
N CYS D 117 24.07 -92.04 14.46
CA CYS D 117 24.14 -92.78 15.71
C CYS D 117 22.97 -92.48 16.61
N TRP D 118 22.58 -93.48 17.37
CA TRP D 118 21.55 -93.26 18.37
C TRP D 118 22.05 -93.81 19.69
N ILE D 119 21.73 -93.11 20.77
CA ILE D 119 22.19 -93.49 22.09
C ILE D 119 21.04 -94.01 22.91
N LYS D 120 21.15 -95.25 23.38
CA LYS D 120 20.11 -95.87 24.17
C LYS D 120 20.69 -96.30 25.50
N ARG D 121 19.80 -96.55 26.47
CA ARG D 121 20.14 -96.87 27.86
C ARG D 121 19.92 -98.35 28.15
N GLU D 122 20.91 -98.99 28.79
CA GLU D 122 20.75 -100.37 29.23
C GLU D 122 19.99 -100.48 30.53
N ARG D 123 19.20 -101.56 30.64
CA ARG D 123 18.47 -101.86 31.88
C ARG D 123 18.95 -103.22 32.37
N VAL D 124 19.98 -103.21 33.21
CA VAL D 124 20.51 -104.41 33.81
C VAL D 124 19.70 -104.64 35.06
N THR D 125 19.20 -105.84 35.24
CA THR D 125 18.39 -106.13 36.40
C THR D 125 19.07 -106.97 37.44
N VAL D 126 18.87 -106.56 38.68
CA VAL D 126 19.38 -107.25 39.85
C VAL D 126 18.21 -107.64 40.73
N PHE D 127 18.21 -108.89 41.14
CA PHE D 127 17.13 -109.44 41.94
C PHE D 127 17.61 -109.61 43.37
N ALA D 128 16.68 -109.52 44.31
CA ALA D 128 17.12 -109.70 45.67
C ALA D 128 16.15 -110.44 46.57
N ASP D 129 16.80 -111.11 47.54
CA ASP D 129 16.23 -111.86 48.65
C ASP D 129 16.12 -110.90 49.83
N LEU D 130 14.89 -110.63 50.28
CA LEU D 130 14.71 -109.70 51.39
C LEU D 130 14.62 -110.44 52.72
N LYS D 131 14.72 -111.77 52.69
CA LYS D 131 14.65 -112.57 53.89
C LYS D 131 16.07 -112.63 54.43
N ASN D 132 16.98 -112.90 53.51
CA ASN D 132 18.41 -112.97 53.73
C ASN D 132 18.93 -111.95 52.77
N GLN D 133 19.46 -110.86 53.23
CA GLN D 133 19.81 -109.83 52.27
C GLN D 133 20.89 -110.45 51.44
N LYS D 134 20.52 -110.70 50.19
CA LYS D 134 21.44 -111.19 49.17
C LYS D 134 20.93 -110.78 47.79
N LEU D 135 21.86 -110.47 46.88
CA LEU D 135 21.45 -110.05 45.55
C LEU D 135 22.24 -110.77 44.43
N SER D 136 21.57 -111.00 43.29
CA SER D 136 22.16 -111.69 42.14
C SER D 136 21.43 -111.31 40.85
N TYR D 137 22.05 -111.63 39.69
CA TYR D 137 21.46 -111.30 38.40
C TYR D 137 20.50 -112.39 37.98
N GLU D 138 20.42 -113.44 38.76
CA GLU D 138 19.55 -114.58 38.55
C GLU D 138 18.31 -114.52 39.43
N LYS D 139 17.19 -115.04 38.92
CA LYS D 139 15.98 -115.14 39.74
C LYS D 139 16.00 -116.33 40.67
N THR D 140 17.10 -117.06 40.63
CA THR D 140 17.39 -118.17 41.52
C THR D 140 17.57 -117.68 42.92
N ILE D 141 17.87 -116.38 43.04
CA ILE D 141 18.02 -115.70 44.32
C ILE D 141 16.73 -115.76 45.10
N TRP D 142 15.60 -116.01 44.44
CA TRP D 142 14.28 -116.06 45.04
C TRP D 142 13.80 -117.46 45.41
N GLU D 143 14.59 -118.50 45.15
CA GLU D 143 14.12 -119.82 45.52
C GLU D 143 13.78 -119.94 46.99
N ASP D 144 12.60 -120.54 47.25
CA ASP D 144 12.05 -120.82 48.57
C ASP D 144 11.60 -119.57 49.35
N LEU D 145 11.41 -118.43 48.68
CA LEU D 145 10.92 -117.23 49.37
C LEU D 145 9.44 -117.02 49.19
N LYS D 146 8.88 -116.24 50.10
CA LYS D 146 7.47 -115.88 50.02
C LYS D 146 7.32 -114.70 49.06
N GLU D 147 6.10 -114.47 48.58
CA GLU D 147 5.84 -113.37 47.65
C GLU D 147 6.21 -111.98 48.12
N ASN D 148 6.26 -111.74 49.43
CA ASN D 148 6.56 -110.41 49.91
C ASN D 148 8.02 -110.29 50.36
N GLN D 149 8.86 -111.24 49.97
CA GLN D 149 10.28 -111.22 50.29
C GLN D 149 11.12 -111.00 49.04
N LYS D 150 10.49 -110.53 47.97
CA LYS D 150 11.17 -110.38 46.70
C LYS D 150 11.32 -108.92 46.26
N ALA D 151 12.47 -108.60 45.66
CA ALA D 151 12.73 -107.25 45.13
C ALA D 151 13.56 -107.28 43.85
N GLN D 152 13.46 -106.20 43.09
CA GLN D 152 14.23 -105.98 41.87
C GLN D 152 14.69 -104.54 41.74
N PHE D 153 15.93 -104.31 41.35
CA PHE D 153 16.28 -102.93 41.04
C PHE D 153 17.00 -102.93 39.71
N ASP D 154 16.86 -101.84 38.98
CA ASP D 154 17.45 -101.66 37.67
C ASP D 154 18.63 -100.73 37.76
N LEU D 155 19.64 -100.92 36.91
CA LEU D 155 20.79 -100.03 36.99
C LEU D 155 20.54 -98.69 36.24
N LYS D 156 21.15 -97.61 36.74
CA LYS D 156 20.84 -96.24 36.29
C LYS D 156 21.82 -95.52 35.33
N GLY D 157 23.07 -95.98 35.10
CA GLY D 157 23.94 -95.20 34.20
C GLY D 157 24.67 -95.92 33.06
N LEU D 158 24.05 -96.89 32.42
CA LEU D 158 24.76 -97.66 31.40
C LEU D 158 24.25 -97.42 29.97
N TYR D 159 25.18 -97.41 28.99
CA TYR D 159 24.88 -97.14 27.58
C TYR D 159 25.08 -98.28 26.56
N ARG D 160 24.28 -98.16 25.48
CA ARG D 160 24.36 -98.94 24.24
C ARG D 160 24.36 -98.00 23.04
N ILE D 161 25.29 -98.19 22.11
CA ILE D 161 25.38 -97.30 20.95
C ILE D 161 24.98 -98.01 19.66
N LEU D 162 23.99 -97.44 18.98
CA LEU D 162 23.49 -97.97 17.72
C LEU D 162 24.10 -97.19 16.55
N VAL D 163 24.80 -97.90 15.66
CA VAL D 163 25.54 -97.23 14.59
C VAL D 163 25.02 -97.55 13.19
N GLU D 164 24.83 -96.49 12.39
CA GLU D 164 24.51 -96.63 10.97
C GLU D 164 25.73 -96.26 10.14
N THR D 165 26.24 -97.19 9.36
CA THR D 165 27.42 -96.97 8.54
C THR D 165 27.17 -96.91 7.05
N GLU D 166 28.16 -96.33 6.35
CA GLU D 166 28.19 -96.21 4.89
C GLU D 166 28.36 -97.52 4.13
N ASP D 167 29.08 -98.45 4.74
CA ASP D 167 29.51 -99.74 4.16
C ASP D 167 28.37 -100.65 3.70
N ALA D 168 27.24 -100.65 4.38
CA ALA D 168 26.11 -101.55 4.10
C ALA D 168 26.50 -103.02 4.23
N ASP D 169 27.35 -103.33 5.20
CA ASP D 169 27.81 -104.67 5.53
C ASP D 169 26.86 -105.23 6.59
N LYS D 170 27.10 -106.45 7.05
CA LYS D 170 26.29 -107.05 8.11
C LYS D 170 26.70 -106.64 9.50
N VAL D 171 27.99 -106.32 9.70
CA VAL D 171 28.52 -106.04 11.03
C VAL D 171 29.37 -104.75 10.98
N LEU D 172 29.73 -104.23 12.15
CA LEU D 172 30.62 -103.07 12.15
C LEU D 172 32.04 -103.57 12.04
N SER D 173 32.88 -102.81 11.34
CA SER D 173 34.31 -103.11 11.33
C SER D 173 34.84 -102.97 12.73
N GLU D 174 35.80 -103.82 13.10
CA GLU D 174 36.35 -103.68 14.45
C GLU D 174 37.04 -102.34 14.64
N SER D 175 37.43 -101.67 13.55
CA SER D 175 38.08 -100.38 13.68
C SER D 175 37.08 -99.31 14.10
N LEU D 176 35.78 -99.54 13.85
CA LEU D 176 34.79 -98.59 14.27
C LEU D 176 34.49 -98.84 15.72
N GLU D 177 34.41 -100.11 16.12
CA GLU D 177 34.14 -100.37 17.52
C GLU D 177 35.25 -99.78 18.38
N LYS D 178 36.49 -99.87 17.91
CA LYS D 178 37.58 -99.29 18.69
C LYS D 178 37.42 -97.77 18.74
N ALA D 179 37.08 -97.13 17.61
CA ALA D 179 36.92 -95.68 17.58
C ALA D 179 35.82 -95.19 18.52
N VAL D 180 34.69 -95.91 18.57
CA VAL D 180 33.59 -95.50 19.42
C VAL D 180 33.93 -95.69 20.89
N PHE D 181 34.49 -96.86 21.24
CA PHE D 181 34.85 -97.08 22.63
C PHE D 181 35.92 -96.09 23.07
N THR D 182 36.89 -95.82 22.21
CA THR D 182 37.97 -94.90 22.56
C THR D 182 37.43 -93.50 22.87
N LYS D 183 36.57 -92.97 21.99
CA LYS D 183 36.06 -91.63 22.23
C LYS D 183 35.15 -91.60 23.44
N PHE D 184 34.34 -92.64 23.63
CA PHE D 184 33.47 -92.62 24.80
C PHE D 184 34.26 -92.52 26.06
N HIS D 185 35.24 -93.39 26.23
CA HIS D 185 35.95 -93.42 27.49
C HIS D 185 36.79 -92.17 27.69
N ALA D 186 37.37 -91.66 26.61
CA ALA D 186 38.15 -90.44 26.68
C ALA D 186 37.32 -89.25 27.16
N ASN D 187 36.05 -89.23 26.79
CA ASN D 187 35.16 -88.13 27.13
C ASN D 187 33.90 -88.62 27.82
N ARG D 188 33.94 -88.90 29.12
CA ARG D 188 32.75 -89.45 29.76
C ARG D 188 32.38 -88.71 31.02
N ASN D 189 31.11 -88.87 31.40
CA ASN D 189 30.56 -88.25 32.59
C ASN D 189 30.88 -89.10 33.80
N LEU D 190 30.84 -88.47 34.97
CA LEU D 190 31.04 -89.16 36.24
C LEU D 190 29.87 -90.10 36.51
N CYS D 191 30.19 -91.35 36.90
CA CYS D 191 29.23 -92.43 37.25
C CYS D 191 28.40 -92.96 36.09
N GLU D 192 29.00 -93.06 34.90
CA GLU D 192 28.35 -93.61 33.71
C GLU D 192 29.32 -94.50 32.93
N ASP D 193 28.78 -95.50 32.22
CA ASP D 193 29.66 -96.40 31.45
C ASP D 193 28.99 -96.97 30.19
N LEU D 194 29.83 -97.43 29.26
CA LEU D 194 29.43 -98.00 27.98
C LEU D 194 29.59 -99.51 27.94
N ILE D 195 28.50 -100.20 27.65
CA ILE D 195 28.49 -101.64 27.60
C ILE D 195 28.69 -102.18 26.20
N LYS D 196 27.92 -101.70 25.23
CA LYS D 196 28.01 -102.29 23.90
C LYS D 196 27.82 -101.29 22.77
N VAL D 197 28.58 -101.50 21.70
CA VAL D 197 28.49 -100.76 20.45
C VAL D 197 28.11 -101.77 19.36
N GLU D 198 27.03 -101.49 18.62
CA GLU D 198 26.55 -102.43 17.62
C GLU D 198 25.85 -101.73 16.46
N LYS D 199 25.72 -102.44 15.34
CA LYS D 199 25.05 -101.92 14.16
C LYS D 199 23.53 -101.96 14.32
N VAL D 200 22.86 -100.88 13.88
CA VAL D 200 21.40 -100.77 14.00
C VAL D 200 20.64 -101.82 13.17
N ALA D 201 19.60 -102.40 13.78
CA ALA D 201 18.71 -103.37 13.14
C ALA D 201 17.72 -102.69 12.20
N THR D 202 17.19 -103.43 11.21
CA THR D 202 16.25 -102.84 10.27
C THR D 202 14.94 -103.61 10.06
N GLU D 203 13.97 -102.91 9.45
CA GLU D 203 12.65 -103.45 9.06
C GLU D 203 12.35 -103.13 7.60
N PRO D 204 12.16 -104.13 6.72
CA PRO D 204 11.90 -103.92 5.27
C PRO D 204 10.46 -103.55 4.92
N ILE D 205 10.30 -102.54 4.06
CA ILE D 205 8.99 -102.06 3.60
C ILE D 205 8.89 -102.08 2.07
N SER D 206 7.79 -102.59 1.55
CA SER D 206 7.50 -102.57 0.13
C SER D 206 6.64 -101.41 -0.31
N VAL D 207 6.94 -100.87 -1.50
CA VAL D 207 6.12 -99.84 -2.13
C VAL D 207 5.90 -100.26 -3.57
N CYS D 208 4.64 -100.29 -4.00
CA CYS D 208 4.31 -100.63 -5.39
C CYS D 208 3.35 -99.61 -5.99
N ALA D 209 3.60 -99.18 -7.25
CA ALA D 209 2.72 -98.17 -7.84
C ALA D 209 2.68 -98.12 -9.37
N ASN D 210 1.59 -97.52 -9.89
CA ASN D 210 1.39 -97.18 -11.31
C ASN D 210 1.33 -95.67 -11.43
N VAL D 211 2.29 -95.08 -12.14
CA VAL D 211 2.43 -93.63 -12.21
C VAL D 211 2.42 -93.12 -13.64
N GLU D 212 1.51 -92.19 -13.93
CA GLU D 212 1.44 -91.57 -15.25
C GLU D 212 2.23 -90.28 -15.24
N VAL D 213 3.03 -90.09 -16.29
CA VAL D 213 3.89 -88.94 -16.42
C VAL D 213 3.56 -88.18 -17.70
N ALA D 214 4.06 -86.95 -17.76
CA ALA D 214 3.88 -86.09 -18.91
C ALA D 214 4.46 -86.75 -20.17
N PRO D 215 3.84 -86.52 -21.33
CA PRO D 215 4.28 -87.06 -22.63
C PRO D 215 5.66 -86.63 -23.04
N GLU D 216 6.15 -85.55 -22.47
CA GLU D 216 7.48 -84.99 -22.70
C GLU D 216 8.21 -84.93 -21.40
N ALA D 217 8.71 -86.09 -20.98
CA ALA D 217 9.37 -86.21 -19.69
C ALA D 217 10.44 -87.28 -19.78
N ASP D 218 11.50 -87.08 -19.01
CA ASP D 218 12.62 -88.01 -18.89
C ASP D 218 12.31 -88.96 -17.75
N GLU D 219 11.89 -90.17 -18.12
CA GLU D 219 11.47 -91.17 -17.15
C GLU D 219 12.60 -91.75 -16.31
N GLU D 220 13.78 -91.91 -16.89
CA GLU D 220 14.86 -92.46 -16.09
C GLU D 220 15.22 -91.50 -14.98
N LEU D 221 15.18 -90.19 -15.28
CA LEU D 221 15.45 -89.19 -14.26
C LEU D 221 14.35 -89.15 -13.23
N ILE D 222 13.08 -89.23 -13.66
CA ILE D 222 11.99 -89.23 -12.69
C ILE D 222 12.13 -90.39 -11.74
N HIS D 223 12.45 -91.57 -12.26
CA HIS D 223 12.59 -92.71 -11.39
C HIS D 223 13.70 -92.50 -10.38
N ALA D 224 14.87 -92.02 -10.82
CA ALA D 224 15.96 -91.79 -9.88
C ALA D 224 15.58 -90.80 -8.80
N GLN D 225 14.83 -89.76 -9.16
CA GLN D 225 14.42 -88.75 -8.18
C GLN D 225 13.39 -89.27 -7.19
N ILE D 226 12.38 -90.04 -7.65
CA ILE D 226 11.37 -90.57 -6.71
C ILE D 226 12.05 -91.48 -5.73
N LEU D 227 12.87 -92.36 -6.26
CA LEU D 227 13.55 -93.36 -5.48
C LEU D 227 14.40 -92.73 -4.38
N ILE D 228 15.18 -91.69 -4.70
CA ILE D 228 15.98 -91.05 -3.65
C ILE D 228 15.09 -90.41 -2.60
N ALA D 229 14.06 -89.69 -3.03
CA ALA D 229 13.21 -88.99 -2.08
C ALA D 229 12.54 -89.94 -1.08
N ILE D 230 12.08 -91.12 -1.52
CA ILE D 230 11.49 -92.04 -0.56
C ILE D 230 12.52 -92.55 0.41
N GLU D 231 13.71 -92.88 -0.07
CA GLU D 231 14.74 -93.35 0.84
C GLU D 231 15.07 -92.30 1.90
N ASP D 232 15.16 -91.01 1.50
CA ASP D 232 15.42 -89.96 2.46
C ASP D 232 14.32 -89.80 3.50
N TYR D 233 13.06 -89.95 3.11
CA TYR D 233 11.95 -89.91 4.05
C TYR D 233 12.11 -90.97 5.13
N LEU D 234 12.38 -92.20 4.72
CA LEU D 234 12.47 -93.29 5.67
C LEU D 234 13.63 -93.13 6.64
N ALA D 235 14.79 -92.65 6.19
CA ALA D 235 15.97 -92.58 7.05
C ALA D 235 16.87 -91.37 6.77
N PRO D 236 16.46 -90.16 7.19
CA PRO D 236 17.20 -88.90 6.99
C PRO D 236 18.54 -88.90 7.71
N SER D 237 19.48 -88.07 7.25
CA SER D 237 20.77 -87.93 7.92
C SER D 237 21.19 -86.46 7.80
N PRO D 238 21.98 -85.94 8.78
CA PRO D 238 22.47 -84.54 8.80
C PRO D 238 23.65 -84.30 7.87
N ARG D 239 23.90 -83.03 7.55
CA ARG D 239 25.05 -82.66 6.73
C ARG D 239 25.93 -81.61 7.42
N HIS D 240 27.18 -81.55 7.00
CA HIS D 240 28.12 -80.59 7.57
C HIS D 240 28.08 -79.26 6.86
N TYR D 241 28.30 -78.20 7.63
CA TYR D 241 28.29 -76.84 7.10
C TYR D 241 29.56 -76.06 7.40
N SER D 242 29.86 -75.11 6.52
CA SER D 242 30.96 -74.18 6.72
C SER D 242 30.54 -73.13 7.73
N LEU D 243 31.50 -72.39 8.28
CA LEU D 243 31.13 -71.32 9.20
C LEU D 243 30.30 -70.27 8.50
N LYS D 244 30.71 -69.90 7.28
CA LYS D 244 29.96 -68.91 6.52
C LYS D 244 28.49 -69.33 6.36
N GLN D 245 28.26 -70.61 6.09
CA GLN D 245 26.88 -71.11 5.97
C GLN D 245 26.10 -71.02 7.29
N MET D 246 26.74 -71.36 8.42
CA MET D 246 26.03 -71.26 9.69
C MET D 246 25.60 -69.82 9.97
N VAL D 247 26.46 -68.89 9.58
CA VAL D 247 26.17 -67.48 9.71
C VAL D 247 25.00 -67.08 8.80
N ASP D 248 25.02 -67.53 7.54
CA ASP D 248 23.92 -67.20 6.62
C ASP D 248 22.57 -67.70 7.13
N LYS D 249 22.58 -68.86 7.80
CA LYS D 249 21.36 -69.44 8.38
C LYS D 249 20.78 -68.59 9.50
N GLY D 250 21.52 -67.63 10.03
CA GLY D 250 21.03 -66.77 11.09
C GLY D 250 21.49 -67.14 12.48
N TYR D 251 22.50 -67.98 12.63
CA TYR D 251 22.96 -68.34 13.96
C TYR D 251 24.02 -67.35 14.42
N THR D 252 24.15 -67.18 15.74
CA THR D 252 25.20 -66.30 16.22
C THR D 252 26.33 -67.12 16.86
N MET D 253 27.37 -66.41 17.30
CA MET D 253 28.58 -67.06 17.82
C MET D 253 28.33 -67.93 19.02
N ASP D 254 27.50 -67.45 19.95
CA ASP D 254 27.20 -68.22 21.13
C ASP D 254 26.58 -69.57 20.81
N GLU D 255 25.84 -69.63 19.72
CA GLU D 255 25.10 -70.82 19.35
C GLU D 255 25.94 -71.73 18.48
N ILE D 256 26.70 -71.14 17.57
CA ILE D 256 27.49 -71.93 16.64
C ILE D 256 28.52 -72.77 17.39
N PHE D 257 29.10 -72.19 18.43
CA PHE D 257 30.11 -72.84 19.26
C PHE D 257 29.56 -73.40 20.58
N GLU D 258 28.24 -73.62 20.68
CA GLU D 258 27.63 -74.11 21.93
C GLU D 258 28.10 -75.50 22.40
N GLY D 259 28.30 -76.44 21.48
CA GLY D 259 28.67 -77.80 21.88
C GLY D 259 30.15 -78.08 21.73
N PRO D 260 30.52 -79.36 21.56
CA PRO D 260 31.89 -79.79 21.33
C PRO D 260 32.38 -79.18 20.03
N PHE D 261 33.66 -78.89 19.93
CA PHE D 261 34.15 -78.39 18.65
C PHE D 261 34.31 -79.57 17.72
N LEU D 262 33.87 -79.43 16.48
CA LEU D 262 33.96 -80.53 15.52
C LEU D 262 34.88 -80.19 14.35
N GLU D 263 35.89 -81.04 14.14
CA GLU D 263 36.91 -80.85 13.10
C GLU D 263 36.38 -80.92 11.67
N ASN D 264 35.23 -81.53 11.45
CA ASN D 264 34.74 -81.74 10.10
C ASN D 264 33.70 -80.74 9.62
N GLY D 265 33.44 -79.67 10.36
CA GLY D 265 32.38 -78.77 9.96
C GLY D 265 31.32 -78.73 11.02
N PHE D 266 30.39 -77.83 10.85
CA PHE D 266 29.38 -77.66 11.87
C PHE D 266 28.17 -78.54 11.59
N ILE D 267 27.54 -79.04 12.66
CA ILE D 267 26.31 -79.83 12.54
C ILE D 267 25.17 -79.06 13.16
N ASP D 268 24.08 -78.94 12.41
CA ASP D 268 22.90 -78.20 12.84
C ASP D 268 22.06 -79.09 13.75
N THR D 269 21.77 -78.56 14.94
CA THR D 269 21.03 -79.28 15.97
C THR D 269 19.63 -79.66 15.49
N VAL D 270 18.98 -78.80 14.72
CA VAL D 270 17.65 -79.13 14.22
C VAL D 270 17.65 -80.37 13.38
N GLU D 271 18.58 -80.46 12.43
CA GLU D 271 18.66 -81.64 11.59
C GLU D 271 18.95 -82.86 12.42
N LEU D 272 19.81 -82.71 13.43
CA LEU D 272 20.20 -83.83 14.26
C LEU D 272 18.99 -84.36 15.02
N LYS D 273 18.17 -83.47 15.57
CA LYS D 273 16.98 -83.89 16.30
C LYS D 273 15.98 -84.57 15.37
N ALA D 274 15.83 -84.03 14.16
CA ALA D 274 14.90 -84.60 13.20
C ALA D 274 15.25 -86.02 12.80
N SER D 275 16.54 -86.32 12.61
CA SER D 275 16.99 -87.65 12.20
C SER D 275 17.02 -88.73 13.28
N GLU D 276 15.85 -88.95 13.88
CA GLU D 276 15.62 -89.94 14.92
C GLU D 276 15.02 -91.18 14.25
N LEU D 277 15.14 -92.34 14.87
CA LEU D 277 14.53 -93.52 14.26
C LEU D 277 13.02 -93.34 14.16
N ARG D 278 12.51 -93.54 12.94
CA ARG D 278 11.09 -93.41 12.61
C ARG D 278 10.24 -94.53 13.21
N LYS D 279 9.10 -94.20 13.83
CA LYS D 279 8.26 -95.27 14.37
C LYS D 279 7.19 -95.85 13.44
N GLU D 280 6.47 -95.01 12.70
CA GLU D 280 5.39 -95.48 11.84
C GLU D 280 5.52 -95.01 10.39
N VAL D 281 5.05 -95.81 9.42
CA VAL D 281 5.10 -95.44 8.01
C VAL D 281 3.69 -95.21 7.47
N ARG D 282 3.47 -94.10 6.78
CA ARG D 282 2.13 -93.75 6.28
C ARG D 282 2.05 -93.47 4.77
N LEU D 283 0.93 -93.85 4.14
CA LEU D 283 0.70 -93.62 2.70
C LEU D 283 0.55 -92.17 2.28
N SER D 284 -0.14 -91.35 3.06
CA SER D 284 -0.34 -89.92 2.81
C SER D 284 0.96 -89.14 2.66
N ASP D 285 2.08 -89.67 3.12
CA ASP D 285 3.33 -88.96 2.89
C ASP D 285 3.98 -89.45 1.61
N ILE D 286 3.92 -90.76 1.35
CA ILE D 286 4.57 -91.33 0.17
C ILE D 286 3.94 -90.79 -1.09
N ILE D 287 2.61 -90.63 -1.09
CA ILE D 287 1.92 -90.10 -2.26
C ILE D 287 2.37 -88.69 -2.54
N ASN D 288 2.49 -87.87 -1.50
CA ASN D 288 2.92 -86.51 -1.68
C ASN D 288 4.33 -86.44 -2.25
N ILE D 289 5.20 -87.39 -1.87
CA ILE D 289 6.55 -87.42 -2.40
C ILE D 289 6.54 -87.65 -3.89
N ILE D 290 5.73 -88.61 -4.34
CA ILE D 290 5.63 -88.91 -5.76
C ILE D 290 4.95 -87.79 -6.54
N MET D 291 3.83 -87.25 -6.04
CA MET D 291 3.09 -86.22 -6.77
C MET D 291 3.89 -84.94 -6.96
N SER D 292 4.82 -84.65 -6.07
CA SER D 292 5.66 -83.46 -6.17
C SER D 292 6.83 -83.57 -7.14
N ILE D 293 7.07 -84.72 -7.74
CA ILE D 293 8.19 -84.83 -8.66
C ILE D 293 7.76 -84.29 -10.02
N ASP D 294 8.56 -83.36 -10.55
CA ASP D 294 8.24 -82.73 -11.82
C ASP D 294 8.10 -83.75 -12.94
N GLY D 295 6.94 -83.70 -13.61
CA GLY D 295 6.57 -84.59 -14.68
C GLY D 295 5.53 -85.60 -14.27
N VAL D 296 5.30 -85.80 -12.99
CA VAL D 296 4.27 -86.74 -12.54
C VAL D 296 2.91 -86.10 -12.63
N LYS D 297 1.96 -86.81 -13.25
CA LYS D 297 0.62 -86.29 -13.34
C LYS D 297 -0.36 -87.04 -12.46
N ILE D 298 -0.36 -88.38 -12.52
CA ILE D 298 -1.36 -89.13 -11.78
C ILE D 298 -0.77 -90.39 -11.15
N VAL D 299 -1.03 -90.63 -9.88
CA VAL D 299 -0.69 -91.91 -9.33
C VAL D 299 -1.97 -92.71 -9.40
N LYS D 300 -1.97 -93.73 -10.25
CA LYS D 300 -3.20 -94.47 -10.52
C LYS D 300 -3.36 -95.60 -9.55
N GLU D 301 -2.24 -96.11 -9.05
CA GLU D 301 -2.27 -97.21 -8.11
C GLU D 301 -1.11 -97.05 -7.17
N ILE D 302 -1.35 -97.29 -5.89
CA ILE D 302 -0.26 -97.28 -4.94
C ILE D 302 -0.63 -98.08 -3.72
N THR D 303 0.35 -98.80 -3.19
CA THR D 303 0.14 -99.53 -1.96
C THR D 303 1.44 -99.75 -1.19
N LEU D 304 1.31 -99.85 0.13
CA LEU D 304 2.38 -100.17 1.06
C LEU D 304 2.18 -101.52 1.65
N GLY D 305 3.26 -102.11 2.08
CA GLY D 305 3.07 -103.30 2.88
C GLY D 305 4.34 -103.79 3.49
N ASN D 306 4.18 -104.47 4.62
CA ASN D 306 5.35 -105.08 5.24
C ASN D 306 5.92 -106.03 4.24
N CYS D 307 7.21 -105.94 3.98
CA CYS D 307 7.71 -106.87 3.00
C CYS D 307 7.69 -108.26 3.60
N ASP D 308 7.02 -109.19 2.90
CA ASP D 308 6.98 -110.50 3.49
C ASP D 308 6.78 -111.50 2.33
N GLU D 309 6.77 -112.80 2.67
CA GLU D 309 6.61 -113.89 1.71
C GLU D 309 5.11 -114.22 1.67
N ASN D 310 4.66 -114.85 0.56
CA ASN D 310 3.26 -115.21 0.42
C ASN D 310 2.41 -113.94 0.50
N ASP D 311 2.90 -112.89 -0.19
CA ASP D 311 2.27 -111.58 -0.14
C ASP D 311 1.09 -111.64 -1.11
N GLY D 312 0.00 -112.26 -0.62
CA GLY D 312 -1.23 -112.46 -1.34
C GLY D 312 -2.21 -111.34 -1.04
N ILE D 313 -3.48 -111.68 -0.89
CA ILE D 313 -4.48 -110.65 -0.62
C ILE D 313 -4.37 -110.21 0.83
N GLU D 314 -4.23 -108.89 1.03
CA GLU D 314 -4.02 -108.29 2.34
C GLU D 314 -4.51 -106.85 2.36
N ASN D 315 -4.80 -106.37 3.57
CA ASN D 315 -5.17 -105.00 3.89
C ASN D 315 -4.25 -103.93 3.33
N ASN D 316 -4.82 -102.75 3.11
CA ASN D 316 -4.12 -101.59 2.59
C ASN D 316 -2.97 -101.12 3.45
N GLN D 317 -3.00 -101.33 4.76
CA GLN D 317 -1.88 -100.92 5.61
C GLN D 317 -1.55 -99.43 5.42
N TRP D 318 -2.57 -98.59 5.60
CA TRP D 318 -2.43 -97.15 5.39
C TRP D 318 -1.36 -96.55 6.27
N VAL D 319 -1.10 -97.17 7.42
CA VAL D 319 0.00 -96.82 8.31
C VAL D 319 0.69 -98.08 8.82
N ILE D 320 2.01 -98.13 8.67
CA ILE D 320 2.81 -99.25 9.16
C ILE D 320 3.65 -98.83 10.35
N CYS D 321 3.53 -99.57 11.45
CA CYS D 321 4.30 -99.29 12.65
C CYS D 321 5.61 -100.09 12.69
N ILE D 322 6.63 -99.48 13.26
CA ILE D 322 8.00 -100.04 13.31
C ILE D 322 8.39 -100.34 14.77
N PRO D 323 8.94 -101.53 15.05
CA PRO D 323 9.47 -101.90 16.38
C PRO D 323 10.52 -100.90 16.87
N GLU D 324 10.51 -100.66 18.18
CA GLU D 324 11.25 -99.62 18.91
C GLU D 324 12.76 -99.45 18.69
N ASN D 325 13.49 -100.40 18.12
CA ASN D 325 14.92 -100.18 17.92
C ASN D 325 15.32 -100.50 16.51
N LYS D 326 14.40 -100.33 15.58
CA LYS D 326 14.72 -100.61 14.20
C LYS D 326 14.61 -99.39 13.30
N LYS D 327 15.38 -99.44 12.23
CA LYS D 327 15.34 -98.45 11.19
C LYS D 327 14.60 -99.03 9.99
N PRO D 328 13.63 -98.36 9.39
CA PRO D 328 12.96 -98.88 8.19
C PRO D 328 13.86 -98.78 6.96
N LYS D 329 13.69 -99.70 6.01
CA LYS D 329 14.50 -99.67 4.78
C LYS D 329 13.70 -100.27 3.63
N LEU D 330 13.80 -99.73 2.39
CA LEU D 330 13.07 -100.35 1.29
C LEU D 330 13.60 -101.76 1.07
N CYS D 331 12.68 -102.67 0.80
CA CYS D 331 12.95 -104.10 0.68
C CYS D 331 13.57 -104.57 -0.64
N LYS D 332 13.73 -103.70 -1.61
CA LYS D 332 14.32 -103.96 -2.94
C LYS D 332 13.49 -104.94 -3.79
N LYS D 333 12.23 -105.19 -3.40
CA LYS D 333 11.27 -105.95 -4.18
C LYS D 333 10.19 -105.00 -4.66
N THR D 334 10.49 -103.72 -4.57
CA THR D 334 9.60 -102.61 -4.89
C THR D 334 9.52 -102.39 -6.39
N THR D 335 8.51 -101.63 -6.84
CA THR D 335 8.45 -101.33 -8.26
C THR D 335 7.49 -100.21 -8.63
N ILE D 336 7.84 -99.48 -9.70
CA ILE D 336 6.94 -98.48 -10.27
C ILE D 336 6.79 -98.68 -11.76
N ASN D 337 5.55 -98.77 -12.19
CA ASN D 337 5.21 -98.90 -13.58
C ASN D 337 4.90 -97.53 -14.14
N TYR D 338 5.65 -97.11 -15.15
CA TYR D 338 5.44 -95.77 -15.69
C TYR D 338 4.64 -95.82 -16.98
N PHE D 339 3.74 -94.85 -17.12
CA PHE D 339 2.85 -94.76 -18.27
C PHE D 339 2.77 -93.36 -18.87
N LYS D 340 2.51 -93.31 -20.18
CA LYS D 340 2.18 -92.07 -20.85
C LYS D 340 0.83 -92.28 -21.53
N GLY D 341 -0.18 -91.56 -21.08
CA GLY D 341 -1.51 -91.83 -21.59
C GLY D 341 -1.87 -93.22 -21.14
N ILE D 342 -2.07 -94.12 -22.10
CA ILE D 342 -2.43 -95.49 -21.75
C ILE D 342 -1.35 -96.49 -22.10
N LEU D 343 -0.15 -96.04 -22.46
CA LEU D 343 0.87 -97.00 -22.82
C LEU D 343 1.98 -97.08 -21.78
N PRO D 344 2.33 -98.31 -21.36
CA PRO D 344 3.43 -98.53 -20.42
C PRO D 344 4.77 -98.33 -21.13
N ILE D 345 5.75 -97.78 -20.43
CA ILE D 345 7.05 -97.52 -21.03
C ILE D 345 8.10 -98.23 -20.18
N ASN D 346 9.20 -98.57 -20.83
CA ASN D 346 10.28 -99.34 -20.23
C ASN D 346 11.50 -98.45 -20.06
N LEU D 347 12.09 -98.49 -18.87
CA LEU D 347 13.25 -97.68 -18.54
C LEU D 347 14.52 -98.51 -18.62
N ASN D 348 15.56 -97.99 -19.27
CA ASN D 348 16.83 -98.67 -19.37
C ASN D 348 17.37 -98.78 -17.96
N PRO D 349 17.84 -99.94 -17.54
CA PRO D 349 18.34 -100.12 -16.17
C PRO D 349 19.59 -99.32 -15.83
N VAL D 350 20.56 -99.22 -16.74
CA VAL D 350 21.83 -98.53 -16.50
C VAL D 350 21.75 -97.00 -16.34
N ARG D 351 20.95 -96.32 -17.15
CA ARG D 351 20.89 -94.86 -17.14
C ARG D 351 20.39 -94.27 -15.81
N VAL D 352 19.46 -94.96 -15.16
CA VAL D 352 18.94 -94.60 -13.86
C VAL D 352 20.08 -94.53 -12.87
N ASP D 353 20.98 -95.51 -12.94
CA ASP D 353 22.12 -95.57 -12.03
C ASP D 353 22.96 -94.32 -12.18
N ASN D 354 23.12 -93.83 -13.42
CA ASN D 354 23.91 -92.63 -13.63
C ASN D 354 23.26 -91.42 -12.99
N HIS D 355 21.95 -91.28 -13.13
CA HIS D 355 21.30 -90.12 -12.52
C HIS D 355 21.38 -90.18 -11.02
N LYS D 356 21.14 -91.36 -10.44
CA LYS D 356 21.17 -91.50 -8.99
C LYS D 356 22.55 -91.17 -8.44
N SER D 357 23.59 -91.68 -9.09
CA SER D 357 24.97 -91.42 -8.69
C SER D 357 25.30 -89.96 -8.67
N LYS D 358 24.98 -89.24 -9.74
CA LYS D 358 25.28 -87.81 -9.80
C LYS D 358 24.59 -87.02 -8.70
N ILE D 359 23.35 -87.37 -8.38
CA ILE D 359 22.65 -86.68 -7.31
C ILE D 359 23.38 -86.90 -5.99
N LEU D 360 23.78 -88.14 -5.74
CA LEU D 360 24.52 -88.46 -4.53
C LEU D 360 25.91 -87.82 -4.54
N ALA D 361 26.52 -87.75 -5.71
CA ALA D 361 27.89 -87.28 -5.85
C ALA D 361 28.09 -85.91 -5.26
N SER D 362 27.08 -85.05 -5.41
CA SER D 362 27.12 -83.70 -4.89
C SER D 362 27.22 -83.64 -3.37
N ARG D 363 26.50 -84.51 -2.68
CA ARG D 363 26.55 -84.49 -1.22
C ARG D 363 27.96 -84.75 -0.71
N LEU D 364 28.66 -85.69 -1.31
CA LEU D 364 30.03 -85.97 -0.89
C LEU D 364 30.96 -84.80 -1.12
N GLU D 365 30.81 -84.13 -2.26
CA GLU D 365 31.64 -82.98 -2.57
C GLU D 365 31.40 -81.86 -1.58
N ASN D 366 30.13 -81.62 -1.26
CA ASN D 366 29.74 -80.53 -0.37
C ASN D 366 30.19 -80.70 1.09
N ASP D 367 30.13 -81.91 1.64
CA ASP D 367 30.55 -82.11 3.03
C ASP D 367 32.02 -81.77 3.19
N LEU D 368 32.82 -82.22 2.20
CA LEU D 368 34.27 -82.06 2.18
C LEU D 368 34.72 -80.61 2.05
N LYS D 369 33.86 -79.77 1.45
CA LYS D 369 34.11 -78.34 1.33
C LYS D 369 34.11 -77.63 2.69
N ALA D 370 33.37 -78.17 3.64
CA ALA D 370 33.21 -77.63 4.99
C ALA D 370 34.47 -77.62 5.86
N LYS D 371 35.49 -78.43 5.57
CA LYS D 371 36.69 -78.40 6.43
C LYS D 371 37.45 -77.07 6.43
N ASP D 372 37.47 -76.37 5.31
CA ASP D 372 38.21 -75.10 5.18
C ASP D 372 37.73 -73.90 6.02
N ASP D 373 36.43 -73.68 6.11
CA ASP D 373 35.90 -72.53 6.86
C ASP D 373 35.56 -72.85 8.32
N LEU D 374 36.56 -73.01 9.19
CA LEU D 374 36.21 -73.30 10.59
C LEU D 374 36.47 -72.22 11.67
N GLU D 375 36.70 -70.96 11.30
CA GLU D 375 36.95 -69.95 12.34
C GLU D 375 36.80 -68.50 11.84
N PRO D 376 36.39 -67.58 12.73
CA PRO D 376 36.27 -66.14 12.46
C PRO D 376 37.61 -65.42 12.44
N ALA D 377 37.62 -64.26 11.80
CA ALA D 377 38.79 -63.38 11.79
C ALA D 377 38.90 -62.54 13.06
N ILE D 378 40.14 -62.21 13.42
CA ILE D 378 40.49 -61.31 14.51
C ILE D 378 41.28 -60.14 13.95
N PRO D 379 40.88 -58.88 14.21
CA PRO D 379 41.60 -57.68 13.76
C PRO D 379 43.04 -57.67 14.24
N GLN D 380 43.98 -57.24 13.39
CA GLN D 380 45.40 -57.27 13.72
C GLN D 380 46.01 -55.87 13.67
N GLY D 381 46.86 -55.53 14.66
CA GLY D 381 47.50 -54.24 14.73
C GLY D 381 48.98 -54.28 14.43
N THR D 382 49.67 -53.19 14.78
CA THR D 382 51.09 -53.04 14.51
C THR D 382 51.81 -52.89 15.85
N PHE D 383 53.09 -52.58 15.83
CA PHE D 383 53.83 -52.46 17.06
C PHE D 383 54.81 -51.30 16.94
N ALA D 384 54.81 -50.36 17.89
CA ALA D 384 55.71 -49.24 17.67
C ALA D 384 56.21 -48.48 18.89
N ASP D 385 56.63 -49.12 19.97
CA ASP D 385 57.21 -48.39 21.12
C ASP D 385 56.42 -47.14 21.53
N TRP D 386 55.18 -47.37 21.96
CA TRP D 386 54.24 -46.29 22.26
C TRP D 386 54.73 -45.31 23.32
N GLY D 387 55.73 -45.68 24.12
CA GLY D 387 56.29 -44.87 25.18
C GLY D 387 57.45 -43.95 24.81
N GLU D 388 57.79 -43.84 23.53
CA GLU D 388 58.90 -42.97 23.13
C GLU D 388 58.66 -41.51 23.55
N TYR D 389 59.65 -40.88 24.19
CA TYR D 389 59.48 -39.52 24.68
C TYR D 389 60.68 -38.62 24.36
N SER D 390 60.40 -37.40 23.93
CA SER D 390 61.41 -36.39 23.67
C SER D 390 61.28 -35.23 24.64
N SER D 391 62.42 -34.74 25.14
CA SER D 391 62.47 -33.65 26.11
C SER D 391 61.87 -32.34 25.61
N ILE D 392 61.18 -31.63 26.51
CA ILE D 392 60.55 -30.36 26.17
C ILE D 392 61.58 -29.25 26.01
N GLN D 393 62.82 -29.53 26.37
CA GLN D 393 63.87 -28.54 26.28
C GLN D 393 64.20 -28.24 24.83
N HIS D 394 63.82 -29.13 23.92
CA HIS D 394 64.09 -28.94 22.51
C HIS D 394 63.08 -28.02 21.84
N GLU D 395 62.09 -27.57 22.59
CA GLU D 395 61.07 -26.68 22.07
C GLU D 395 61.39 -25.21 22.30
N PHE D 396 62.50 -24.90 22.95
CA PHE D 396 62.80 -23.51 23.26
C PHE D 396 63.74 -22.90 22.23
N PRO D 397 63.79 -21.58 22.07
CA PRO D 397 64.81 -20.98 21.18
C PRO D 397 66.28 -21.03 21.62
N GLU D 398 67.12 -20.81 20.60
CA GLU D 398 68.56 -20.86 20.79
C GLU D 398 68.98 -19.85 21.83
N THR D 399 68.27 -18.71 21.88
CA THR D 399 68.63 -17.65 22.80
C THR D 399 68.68 -18.17 24.23
N TYR D 400 67.76 -19.09 24.60
CA TYR D 400 67.72 -19.63 25.96
C TYR D 400 68.98 -20.43 26.28
N GLY D 401 69.64 -21.07 25.30
CA GLY D 401 70.91 -21.75 25.49
C GLY D 401 70.81 -23.19 25.96
N ILE D 402 69.62 -23.79 25.94
CA ILE D 402 69.41 -25.16 26.42
C ILE D 402 69.22 -26.15 25.27
N SER D 403 69.71 -25.83 24.07
CA SER D 403 69.57 -26.69 22.91
C SER D 403 70.91 -27.34 22.56
N ASP D 404 70.89 -28.27 21.61
CA ASP D 404 72.08 -29.03 21.19
C ASP D 404 73.25 -28.22 20.68
N ILE D 405 73.02 -27.06 20.07
CA ILE D 405 74.16 -26.33 19.55
C ILE D 405 74.85 -25.48 20.59
N GLY D 406 74.33 -25.46 21.81
CA GLY D 406 74.94 -24.70 22.87
C GLY D 406 74.71 -23.20 22.76
N LEU D 407 75.66 -22.46 23.29
CA LEU D 407 75.62 -21.02 23.44
C LEU D 407 77.00 -20.48 23.07
N PRO D 408 77.13 -19.48 22.20
CA PRO D 408 78.44 -18.90 21.79
C PRO D 408 79.31 -18.44 22.95
N PRO D 409 80.59 -18.83 22.97
CA PRO D 409 81.60 -18.44 24.00
C PRO D 409 81.69 -16.97 24.33
N LYS D 410 81.48 -16.11 23.36
CA LYS D 410 81.62 -14.67 23.59
C LYS D 410 80.63 -14.14 24.61
N LEU D 411 79.58 -14.87 24.93
CA LEU D 411 78.58 -14.39 25.85
C LEU D 411 78.98 -14.57 27.31
N GLY D 412 80.10 -15.22 27.56
CA GLY D 412 80.62 -15.35 28.90
C GLY D 412 80.11 -16.56 29.68
N VAL D 413 80.84 -16.82 30.76
CA VAL D 413 80.56 -17.92 31.66
C VAL D 413 79.26 -17.74 32.39
N LYS D 414 79.00 -16.55 32.92
CA LYS D 414 77.79 -16.42 33.71
C LYS D 414 76.55 -16.83 32.93
N ARG D 415 76.47 -16.48 31.66
CA ARG D 415 75.27 -16.88 30.93
C ARG D 415 75.25 -18.39 30.74
N ALA D 416 76.40 -19.02 30.51
CA ALA D 416 76.43 -20.48 30.41
C ALA D 416 75.97 -21.16 31.69
N VAL D 417 76.33 -20.60 32.83
CA VAL D 417 75.92 -21.15 34.13
C VAL D 417 74.43 -21.07 34.29
N LEU D 418 73.86 -19.92 33.94
CA LEU D 418 72.42 -19.74 34.08
C LEU D 418 71.67 -20.72 33.21
N ALA D 419 72.21 -21.07 32.03
CA ALA D 419 71.56 -22.06 31.21
C ALA D 419 71.49 -23.40 31.92
N ARG D 420 72.55 -23.77 32.63
CA ARG D 420 72.53 -25.00 33.37
C ARG D 420 71.47 -24.97 34.45
N GLN D 421 71.28 -23.82 35.12
CA GLN D 421 70.26 -23.72 36.16
C GLN D 421 68.87 -23.96 35.58
N LEU D 422 68.62 -23.44 34.39
CA LEU D 422 67.33 -23.65 33.75
C LEU D 422 67.12 -25.12 33.40
N LYS D 423 68.14 -25.80 32.89
CA LYS D 423 67.96 -27.23 32.57
C LYS D 423 67.52 -28.00 33.79
N GLY D 424 68.13 -27.69 34.93
CA GLY D 424 67.76 -28.33 36.17
C GLY D 424 66.29 -28.15 36.49
N TYR D 425 65.83 -26.91 36.43
CA TYR D 425 64.44 -26.59 36.71
C TYR D 425 63.50 -27.34 35.78
N LEU D 426 63.78 -27.33 34.48
CA LEU D 426 62.86 -27.96 33.55
C LEU D 426 62.75 -29.48 33.73
N LEU D 427 63.78 -30.15 34.27
CA LEU D 427 63.67 -31.61 34.51
C LEU D 427 62.53 -31.99 35.44
N PHE D 428 62.02 -31.08 36.25
CA PHE D 428 60.90 -31.41 37.10
C PHE D 428 59.63 -31.65 36.29
N PHE D 429 59.55 -31.07 35.12
CA PHE D 429 58.40 -31.21 34.25
C PHE D 429 58.59 -32.40 33.32
N ASP D 430 59.83 -32.66 32.93
CA ASP D 430 60.06 -33.75 32.01
C ASP D 430 59.97 -35.09 32.70
N GLN D 431 60.42 -35.20 33.94
CA GLN D 431 60.39 -36.51 34.55
C GLN D 431 58.95 -36.99 34.71
N ILE D 432 58.01 -36.08 34.97
CA ILE D 432 56.62 -36.46 35.11
C ILE D 432 56.02 -36.88 33.78
N LEU D 433 56.26 -36.11 32.73
CA LEU D 433 55.72 -36.49 31.44
C LEU D 433 56.28 -37.83 30.98
N ALA D 434 57.57 -38.05 31.20
CA ALA D 434 58.18 -39.31 30.80
C ALA D 434 57.51 -40.49 31.47
N SER D 435 57.12 -40.33 32.74
CA SER D 435 56.39 -41.38 33.46
C SER D 435 55.09 -41.77 32.80
N TYR D 436 54.30 -40.80 32.38
CA TYR D 436 53.03 -41.11 31.74
C TYR D 436 53.22 -41.87 30.44
N PHE D 437 54.24 -41.54 29.66
CA PHE D 437 54.46 -42.26 28.40
C PHE D 437 54.90 -43.69 28.69
N GLU D 438 55.71 -43.83 29.72
CA GLU D 438 56.21 -45.10 30.18
C GLU D 438 55.10 -46.01 30.64
N HIS D 439 54.11 -45.43 31.32
CA HIS D 439 52.97 -46.18 31.79
C HIS D 439 52.16 -46.77 30.65
N LEU D 440 52.04 -46.09 29.49
CA LEU D 440 51.35 -46.70 28.34
C LEU D 440 52.04 -47.97 27.86
N SER D 441 53.37 -47.96 27.86
CA SER D 441 54.13 -49.11 27.40
C SER D 441 53.93 -50.36 28.24
N LYS D 442 53.37 -50.23 29.43
CA LYS D 442 53.19 -51.35 30.33
C LYS D 442 51.77 -51.88 30.39
N ILE D 443 50.83 -51.35 29.59
CA ILE D 443 49.45 -51.82 29.72
C ILE D 443 49.35 -53.32 29.47
N LYS D 444 50.10 -53.81 28.50
CA LYS D 444 50.11 -55.23 28.17
C LYS D 444 50.51 -56.09 29.35
N SER D 445 51.44 -55.62 30.16
CA SER D 445 51.89 -56.40 31.29
C SER D 445 50.89 -56.36 32.41
N LEU D 446 50.35 -55.17 32.66
CA LEU D 446 49.44 -54.99 33.78
C LEU D 446 48.23 -55.89 33.68
N LEU D 447 47.73 -56.12 32.47
CA LEU D 447 46.57 -56.95 32.27
C LEU D 447 46.88 -58.34 31.69
N SER D 448 48.12 -58.80 31.76
CA SER D 448 48.53 -60.10 31.20
C SER D 448 47.92 -61.32 31.89
N LEU D 449 47.56 -62.31 31.06
CA LEU D 449 47.05 -63.57 31.58
C LEU D 449 48.17 -64.54 31.91
N ASP D 450 49.38 -64.24 31.47
CA ASP D 450 50.49 -65.15 31.73
C ASP D 450 51.24 -64.79 32.98
N GLN D 451 51.47 -63.49 33.18
CA GLN D 451 52.24 -63.00 34.31
C GLN D 451 52.25 -61.49 34.35
N GLY D 452 51.77 -60.91 35.44
CA GLY D 452 51.83 -59.48 35.60
C GLY D 452 53.17 -59.02 36.19
N PRO D 453 53.39 -57.69 36.18
CA PRO D 453 54.60 -57.05 36.70
C PRO D 453 54.56 -56.94 38.21
N SER D 454 55.73 -56.65 38.80
CA SER D 454 55.83 -56.46 40.25
C SER D 454 55.50 -55.02 40.68
N PHE D 455 55.60 -54.06 39.77
CA PHE D 455 55.34 -52.65 40.06
C PHE D 455 54.07 -52.20 39.38
N THR D 456 53.45 -51.13 39.90
CA THR D 456 52.28 -50.64 39.20
C THR D 456 52.53 -49.22 38.67
N TYR D 457 53.57 -48.55 39.13
CA TYR D 457 53.95 -47.23 38.61
C TYR D 457 55.34 -47.31 38.01
N PHE D 458 55.61 -46.52 36.97
CA PHE D 458 56.86 -46.66 36.23
C PHE D 458 57.50 -45.31 35.87
N THR D 459 58.83 -45.31 35.63
CA THR D 459 59.52 -44.11 35.14
C THR D 459 60.55 -44.44 34.06
N GLN D 460 61.23 -43.41 33.53
CA GLN D 460 62.25 -43.56 32.48
C GLN D 460 63.47 -42.67 32.69
N ALA D 461 64.63 -43.15 32.28
CA ALA D 461 65.76 -42.25 32.20
C ALA D 461 65.56 -41.31 31.03
N ILE D 462 65.96 -40.06 31.17
CA ILE D 462 65.88 -39.13 30.05
C ILE D 462 67.29 -38.92 29.52
N LYS D 463 67.52 -39.26 28.25
CA LYS D 463 68.87 -39.20 27.70
C LYS D 463 69.06 -38.32 26.47
N ASP D 464 68.08 -37.52 26.10
CA ASP D 464 68.22 -36.64 24.96
C ASP D 464 68.59 -35.22 25.38
N ILE D 465 69.12 -35.11 26.59
CA ILE D 465 69.62 -33.90 27.18
C ILE D 465 71.11 -34.06 27.34
N LYS D 466 71.77 -33.00 26.88
CA LYS D 466 73.19 -32.82 26.68
C LYS D 466 74.08 -33.08 27.89
N ASP D 467 73.63 -32.77 29.11
CA ASP D 467 74.51 -33.02 30.24
C ASP D 467 73.94 -33.84 31.37
N VAL D 468 72.89 -34.62 31.16
CA VAL D 468 72.33 -35.38 32.29
C VAL D 468 73.34 -36.12 33.17
N GLU D 469 74.50 -36.47 32.63
CA GLU D 469 75.53 -37.08 33.46
C GLU D 469 76.08 -36.13 34.53
N GLU D 470 75.91 -34.83 34.36
CA GLU D 470 76.37 -33.87 35.35
C GLU D 470 75.24 -33.36 36.21
N LEU D 471 74.04 -33.29 35.65
CA LEU D 471 72.87 -32.78 36.38
C LEU D 471 72.48 -33.71 37.53
N PHE D 472 72.64 -35.02 37.35
CA PHE D 472 72.27 -36.00 38.37
C PHE D 472 73.41 -36.33 39.32
N LYS D 473 73.10 -36.41 40.63
CA LYS D 473 74.12 -36.73 41.62
C LYS D 473 74.73 -38.11 41.42
N ASP D 474 73.93 -39.07 40.97
CA ASP D 474 74.43 -40.42 40.70
C ASP D 474 73.92 -40.92 39.37
N PRO D 475 74.74 -40.80 38.32
CA PRO D 475 74.41 -41.22 36.95
C PRO D 475 74.11 -42.69 36.81
N THR D 476 74.51 -43.50 37.80
CA THR D 476 74.24 -44.94 37.77
C THR D 476 72.79 -45.24 37.47
N LEU D 477 71.87 -44.48 38.05
CA LEU D 477 70.45 -44.76 37.89
C LEU D 477 69.97 -44.60 36.47
N LEU D 478 70.67 -43.83 35.67
CA LEU D 478 70.23 -43.59 34.32
C LEU D 478 70.54 -44.78 33.42
N GLU D 479 71.24 -45.77 33.95
CA GLU D 479 71.54 -46.96 33.19
C GLU D 479 70.54 -48.07 33.43
N ASN D 480 69.56 -47.87 34.30
CA ASN D 480 68.60 -48.94 34.57
C ASN D 480 67.30 -48.37 35.13
N ASP D 481 66.26 -48.38 34.29
CA ASP D 481 64.96 -47.80 34.65
C ASP D 481 64.31 -48.48 35.87
N GLU D 482 64.68 -49.71 36.18
CA GLU D 482 64.10 -50.39 37.33
C GLU D 482 64.65 -49.81 38.62
N GLU D 483 65.92 -49.40 38.61
CA GLU D 483 66.54 -48.84 39.80
C GLU D 483 66.05 -47.42 39.97
N LEU D 484 65.88 -46.76 38.84
CA LEU D 484 65.40 -45.41 38.83
C LEU D 484 64.00 -45.36 39.41
N THR D 485 63.16 -46.34 39.05
CA THR D 485 61.81 -46.44 39.58
C THR D 485 61.80 -46.59 41.09
N LYS D 486 62.61 -47.53 41.59
CA LYS D 486 62.68 -47.75 43.04
C LYS D 486 63.14 -46.50 43.78
N SER D 487 64.08 -45.76 43.19
CA SER D 487 64.62 -44.55 43.82
C SER D 487 63.66 -43.35 43.75
N LEU D 488 62.97 -43.14 42.62
CA LEU D 488 62.13 -41.95 42.47
C LEU D 488 60.70 -42.12 42.95
N ILE D 489 60.08 -43.26 42.73
CA ILE D 489 58.71 -43.47 43.16
C ILE D 489 58.69 -44.19 44.48
N GLY D 490 59.45 -45.27 44.54
CA GLY D 490 59.63 -46.01 45.77
C GLY D 490 58.35 -46.44 46.43
N LYS D 491 58.25 -46.10 47.72
CA LYS D 491 57.14 -46.57 48.52
C LYS D 491 55.81 -46.08 48.04
N LEU D 492 55.76 -44.92 47.36
CA LEU D 492 54.47 -44.42 46.92
C LEU D 492 53.66 -45.46 46.15
N ASP D 493 54.33 -46.49 45.62
CA ASP D 493 53.69 -47.56 44.86
C ASP D 493 53.25 -48.67 45.82
N ASP D 494 51.98 -48.65 46.23
CA ASP D 494 51.48 -49.68 47.15
C ASP D 494 51.12 -50.90 46.33
N THR D 495 52.14 -51.70 46.03
CA THR D 495 52.01 -52.78 45.08
C THR D 495 51.07 -53.88 45.55
N ILE D 496 51.07 -54.22 46.84
CA ILE D 496 50.23 -55.36 47.21
C ILE D 496 48.75 -55.06 47.01
N GLU D 497 48.30 -53.89 47.41
CA GLU D 497 46.88 -53.61 47.25
C GLU D 497 46.55 -53.41 45.77
N ARG D 498 47.41 -52.71 45.03
CA ARG D 498 47.08 -52.47 43.64
C ARG D 498 47.12 -53.75 42.81
N ARG D 499 48.08 -54.64 43.06
CA ARG D 499 48.15 -55.88 42.31
C ARG D 499 46.93 -56.73 42.58
N ASN D 500 46.44 -56.75 43.81
CA ASN D 500 45.23 -57.52 44.07
C ASN D 500 44.04 -56.97 43.32
N GLN D 501 43.90 -55.64 43.25
CA GLN D 501 42.75 -55.11 42.53
C GLN D 501 42.75 -55.50 41.06
N LEU D 502 43.92 -55.49 40.42
CA LEU D 502 44.00 -55.89 39.02
C LEU D 502 43.65 -57.35 38.85
N MET D 503 44.17 -58.20 39.73
CA MET D 503 43.90 -59.63 39.59
C MET D 503 42.44 -59.94 39.80
N ASP D 504 41.82 -59.27 40.77
CA ASP D 504 40.43 -59.54 41.05
C ASP D 504 39.55 -59.18 39.88
N HIS D 505 39.88 -58.07 39.21
CA HIS D 505 39.12 -57.69 38.03
C HIS D 505 39.23 -58.74 36.95
N LEU D 506 40.43 -59.20 36.64
CA LEU D 506 40.57 -60.20 35.59
C LEU D 506 39.84 -61.48 35.93
N ILE D 507 39.89 -61.90 37.20
CA ILE D 507 39.20 -63.13 37.62
C ILE D 507 37.70 -62.96 37.49
N ALA D 508 37.18 -61.80 37.87
CA ALA D 508 35.76 -61.50 37.77
C ALA D 508 35.25 -61.59 36.34
N ARG D 509 36.09 -61.31 35.34
CA ARG D 509 35.66 -61.40 33.95
C ARG D 509 35.23 -62.80 33.55
N PHE D 510 35.63 -63.82 34.29
CA PHE D 510 35.23 -65.19 34.02
C PHE D 510 34.18 -65.65 34.99
N ALA D 511 33.65 -64.72 35.78
CA ALA D 511 32.66 -64.95 36.82
C ALA D 511 33.16 -65.86 37.94
N GLU D 512 34.42 -65.76 38.31
CA GLU D 512 34.99 -66.57 39.38
C GLU D 512 35.19 -65.70 40.62
N ASN D 513 35.62 -66.27 41.76
CA ASN D 513 35.79 -65.47 42.98
C ASN D 513 36.72 -66.13 44.01
N PHE D 514 37.80 -65.42 44.37
CA PHE D 514 38.83 -65.89 45.31
C PHE D 514 38.79 -65.24 46.69
N SER D 515 37.68 -64.64 47.08
CA SER D 515 37.58 -63.97 48.37
C SER D 515 38.01 -64.79 49.59
N SER D 516 37.71 -66.09 49.60
CA SER D 516 37.99 -66.90 50.78
C SER D 516 39.49 -67.06 51.09
N TYR D 517 40.37 -66.81 50.13
CA TYR D 517 41.79 -66.94 50.39
C TYR D 517 42.26 -65.93 51.40
N ALA D 518 41.52 -64.84 51.49
CA ALA D 518 41.83 -63.76 52.40
C ALA D 518 41.93 -64.22 53.83
N PHE D 519 41.16 -65.24 54.22
CA PHE D 519 41.29 -65.68 55.59
C PHE D 519 41.69 -67.13 55.71
N LEU D 520 41.40 -67.96 54.72
CA LEU D 520 41.71 -69.36 54.89
C LEU D 520 43.21 -69.59 54.92
N MET D 521 43.95 -68.75 54.22
CA MET D 521 45.37 -68.89 54.18
C MET D 521 46.04 -68.49 55.48
N LYS D 522 45.30 -67.83 56.37
CA LYS D 522 45.88 -67.39 57.62
C LYS D 522 45.99 -68.49 58.62
N PHE D 523 45.43 -69.64 58.31
CA PHE D 523 45.55 -70.76 59.18
C PHE D 523 46.75 -71.59 58.79
N LEU D 524 47.42 -71.18 57.73
CA LEU D 524 48.56 -71.89 57.21
C LEU D 524 49.81 -71.05 57.28
N TYR D 525 49.68 -69.77 56.99
CA TYR D 525 50.81 -68.87 56.91
C TYR D 525 50.49 -67.59 57.65
N GLY D 526 51.54 -66.88 58.04
CA GLY D 526 51.40 -65.57 58.65
C GLY D 526 51.47 -64.48 57.60
N GLU D 527 52.37 -63.53 57.81
CA GLU D 527 52.49 -62.37 56.94
C GLU D 527 52.79 -62.74 55.49
N SER D 528 53.41 -63.92 55.28
CA SER D 528 53.83 -64.38 53.97
C SER D 528 52.62 -64.72 53.06
N THR D 529 51.38 -64.71 53.56
CA THR D 529 50.24 -65.00 52.68
C THR D 529 50.11 -64.00 51.55
N ASP D 530 50.52 -62.74 51.71
CA ASP D 530 50.24 -61.81 50.60
C ASP D 530 50.94 -62.23 49.30
N GLU D 531 52.16 -62.72 49.42
CA GLU D 531 52.89 -63.16 48.25
C GLU D 531 52.31 -64.44 47.71
N ILE D 532 51.95 -65.35 48.60
CA ILE D 532 51.45 -66.66 48.18
C ILE D 532 50.15 -66.50 47.43
N VAL D 533 49.24 -65.70 47.98
CA VAL D 533 47.95 -65.50 47.35
C VAL D 533 48.07 -64.90 45.97
N LEU D 534 48.91 -63.88 45.77
CA LEU D 534 49.02 -63.33 44.42
C LEU D 534 49.56 -64.37 43.44
N GLN D 535 50.52 -65.20 43.87
CA GLN D 535 51.00 -66.25 42.98
C GLN D 535 49.91 -67.20 42.57
N ASP D 536 49.07 -67.60 43.53
CA ASP D 536 48.00 -68.53 43.22
C ASP D 536 46.97 -67.94 42.26
N LYS D 537 46.64 -66.66 42.43
CA LYS D 537 45.66 -66.05 41.53
C LYS D 537 46.18 -66.03 40.10
N GLN D 538 47.47 -65.73 39.89
CA GLN D 538 48.00 -65.73 38.53
C GLN D 538 47.94 -67.11 37.92
N SER D 539 48.26 -68.13 38.71
CA SER D 539 48.23 -69.50 38.21
C SER D 539 46.84 -69.90 37.78
N PHE D 540 45.84 -69.50 38.56
CA PHE D 540 44.46 -69.79 38.22
C PHE D 540 44.09 -69.24 36.86
N LEU D 541 44.44 -67.98 36.57
CA LEU D 541 44.09 -67.46 35.25
C LEU D 541 44.77 -68.24 34.13
N ARG D 542 46.06 -68.59 34.30
CA ARG D 542 46.75 -69.31 33.23
C ARG D 542 46.12 -70.65 32.91
N GLU D 543 45.67 -71.36 33.92
CA GLU D 543 45.12 -72.69 33.80
C GLU D 543 43.62 -72.72 33.52
N TYR D 544 43.00 -71.55 33.37
CA TYR D 544 41.55 -71.47 33.30
C TYR D 544 40.91 -72.23 32.14
N LYS D 545 41.52 -72.26 30.96
CA LYS D 545 40.85 -72.89 29.82
C LYS D 545 40.39 -74.32 30.11
N GLU D 546 41.27 -75.12 30.69
CA GLU D 546 40.91 -76.49 31.07
C GLU D 546 40.03 -76.53 32.30
N ILE D 547 40.30 -75.68 33.30
CA ILE D 547 39.57 -75.75 34.57
C ILE D 547 38.07 -75.59 34.37
N SER D 548 37.65 -74.63 33.56
CA SER D 548 36.22 -74.42 33.37
C SER D 548 35.57 -75.37 32.39
N ARG D 549 36.34 -76.17 31.68
CA ARG D 549 35.75 -77.02 30.66
C ARG D 549 35.62 -78.45 31.11
N GLU D 550 36.71 -79.02 31.59
CA GLU D 550 36.72 -80.45 31.88
C GLU D 550 36.24 -80.70 33.31
N ARG D 551 34.97 -80.38 33.52
CA ARG D 551 34.37 -80.52 34.83
C ARG D 551 33.88 -81.94 35.05
N THR E 3 -26.34 56.05 -4.07
CA THR E 3 -26.34 57.08 -5.11
C THR E 3 -24.94 57.52 -5.41
N LEU E 4 -24.02 56.58 -5.27
CA LEU E 4 -22.62 56.80 -5.52
C LEU E 4 -22.27 56.23 -6.88
N ASN E 5 -21.13 56.63 -7.42
CA ASN E 5 -20.74 56.08 -8.70
C ASN E 5 -20.15 54.69 -8.51
N LYS E 6 -20.47 53.80 -9.45
CA LYS E 6 -19.95 52.44 -9.44
C LYS E 6 -18.90 52.27 -10.52
N HIS E 7 -18.07 51.25 -10.34
CA HIS E 7 -17.06 50.93 -11.35
C HIS E 7 -17.75 50.30 -12.54
N ILE E 8 -17.31 50.64 -13.75
CA ILE E 8 -17.92 50.19 -15.01
C ILE E 8 -17.03 49.20 -15.76
N SER E 9 -17.63 48.09 -16.19
CA SER E 9 -16.95 47.07 -16.96
C SER E 9 -17.85 46.46 -18.01
N ILE E 10 -17.25 45.65 -18.88
CA ILE E 10 -17.96 45.00 -19.98
C ILE E 10 -17.87 43.47 -19.87
N PRO E 11 -19.00 42.79 -20.03
CA PRO E 11 -19.10 41.33 -19.99
C PRO E 11 -18.22 40.68 -21.02
N LYS E 12 -17.77 39.46 -20.73
CA LYS E 12 -16.89 38.72 -21.65
C LYS E 12 -17.56 37.57 -22.41
N ASP E 13 -18.79 37.22 -22.09
CA ASP E 13 -19.48 36.13 -22.79
C ASP E 13 -20.36 36.68 -23.91
N MET E 14 -19.71 37.05 -25.01
CA MET E 14 -20.42 37.63 -26.15
C MET E 14 -21.07 36.57 -27.02
N SER E 15 -22.16 36.00 -26.50
CA SER E 15 -22.90 34.94 -27.18
C SER E 15 -24.36 35.00 -26.79
N SER E 16 -25.25 35.16 -27.76
CA SER E 16 -26.66 35.23 -27.46
C SER E 16 -27.52 34.40 -28.37
N LYS E 17 -27.00 34.02 -29.53
CA LYS E 17 -27.76 33.27 -30.53
C LYS E 17 -29.02 34.01 -30.99
N ASP E 18 -28.90 35.32 -31.19
CA ASP E 18 -30.02 36.14 -31.66
C ASP E 18 -29.50 37.20 -32.63
N ASP E 19 -30.31 38.23 -32.89
CA ASP E 19 -29.95 39.23 -33.89
C ASP E 19 -28.82 40.17 -33.49
N LEU E 20 -28.35 40.12 -32.25
CA LEU E 20 -27.23 40.95 -31.86
C LEU E 20 -25.90 40.20 -31.91
N ASP E 21 -25.94 38.94 -32.30
CA ASP E 21 -24.77 38.07 -32.34
C ASP E 21 -24.29 37.90 -33.79
N PHE E 22 -23.22 38.61 -34.14
CA PHE E 22 -22.71 38.62 -35.51
C PHE E 22 -22.37 37.23 -36.01
N HIS E 23 -21.62 36.47 -35.22
CA HIS E 23 -21.16 35.18 -35.69
C HIS E 23 -22.30 34.23 -35.90
N PHE E 24 -23.28 34.28 -35.01
CA PHE E 24 -24.47 33.47 -35.18
C PHE E 24 -25.16 33.77 -36.49
N LEU E 25 -25.38 35.06 -36.78
CA LEU E 25 -26.06 35.43 -38.01
C LEU E 25 -25.29 34.97 -39.24
N ARG E 26 -23.97 35.08 -39.21
CA ARG E 26 -23.17 34.68 -40.35
C ARG E 26 -23.31 33.19 -40.65
N GLU E 27 -23.30 32.35 -39.60
CA GLU E 27 -23.45 30.91 -39.82
C GLU E 27 -24.80 30.56 -40.39
N GLU E 28 -25.86 31.20 -39.90
CA GLU E 28 -27.19 30.93 -40.41
C GLU E 28 -27.30 31.33 -41.87
N GLY E 29 -26.66 32.45 -42.22
CA GLY E 29 -26.65 32.91 -43.58
C GLY E 29 -26.11 31.86 -44.52
N ILE E 30 -24.95 31.30 -44.17
CA ILE E 30 -24.33 30.29 -45.01
C ILE E 30 -25.17 29.03 -45.08
N ARG E 31 -25.75 28.60 -43.96
CA ARG E 31 -26.62 27.43 -43.99
C ARG E 31 -27.76 27.61 -44.98
N TYR E 32 -28.39 28.78 -44.98
CA TYR E 32 -29.49 29.01 -45.91
C TYR E 32 -29.01 28.99 -47.35
N ILE E 33 -27.83 29.55 -47.62
CA ILE E 33 -27.28 29.57 -48.98
C ILE E 33 -27.10 28.16 -49.50
N LYS E 34 -26.51 27.27 -48.71
CA LYS E 34 -26.31 25.91 -49.19
C LYS E 34 -27.61 25.22 -49.49
N GLU E 35 -28.59 25.38 -48.63
CA GLU E 35 -29.87 24.71 -48.82
C GLU E 35 -30.57 25.15 -50.10
N LEU E 36 -30.47 26.43 -50.43
CA LEU E 36 -31.15 26.97 -51.59
C LEU E 36 -30.36 26.94 -52.89
N GLY E 37 -29.06 27.23 -52.87
CA GLY E 37 -28.33 27.38 -54.12
C GLY E 37 -27.03 26.62 -54.35
N SER E 38 -26.75 25.54 -53.60
CA SER E 38 -25.47 24.85 -53.71
C SER E 38 -25.23 24.21 -55.09
N ASN E 39 -26.25 24.09 -55.92
CA ASN E 39 -26.04 23.56 -57.25
C ASN E 39 -25.19 24.49 -58.09
N PHE E 40 -25.25 25.78 -57.82
CA PHE E 40 -24.55 26.76 -58.64
C PHE E 40 -23.50 27.53 -57.89
N TRP E 41 -23.71 27.79 -56.62
CA TRP E 41 -22.78 28.58 -55.82
C TRP E 41 -22.17 27.69 -54.75
N THR E 42 -20.92 27.28 -54.96
CA THR E 42 -20.22 26.39 -54.04
C THR E 42 -18.97 26.98 -53.39
N ASP E 43 -18.42 28.04 -53.93
CA ASP E 43 -17.20 28.65 -53.43
C ASP E 43 -17.58 29.61 -52.30
N TYR E 44 -17.26 29.28 -51.06
CA TYR E 44 -17.63 30.16 -49.95
C TYR E 44 -16.41 30.78 -49.28
N ASN E 45 -15.35 30.94 -50.04
CA ASN E 45 -14.13 31.56 -49.54
C ASN E 45 -14.29 33.06 -49.38
N THR E 46 -13.40 33.64 -48.59
CA THR E 46 -13.51 35.05 -48.22
C THR E 46 -13.26 36.05 -49.35
N HIS E 47 -12.70 35.65 -50.47
CA HIS E 47 -12.53 36.62 -51.55
C HIS E 47 -13.80 36.79 -52.37
N ASP E 48 -14.81 35.96 -52.12
CA ASP E 48 -16.04 35.93 -52.89
C ASP E 48 -16.94 37.13 -52.60
N PRO E 49 -17.31 37.93 -53.63
CA PRO E 49 -18.25 39.04 -53.49
C PRO E 49 -19.57 38.66 -52.82
N GLY E 50 -20.03 37.44 -53.04
CA GLY E 50 -21.25 36.96 -52.42
C GLY E 50 -21.16 36.97 -50.92
N ILE E 51 -20.11 36.33 -50.41
CA ILE E 51 -19.86 36.25 -48.98
C ILE E 51 -19.62 37.65 -48.41
N THR E 52 -18.90 38.50 -49.15
CA THR E 52 -18.67 39.86 -48.68
C THR E 52 -19.99 40.59 -48.43
N MET E 53 -20.93 40.48 -49.36
CA MET E 53 -22.23 41.12 -49.18
C MET E 53 -22.97 40.59 -47.97
N LEU E 54 -22.91 39.27 -47.73
CA LEU E 54 -23.55 38.68 -46.56
C LEU E 54 -23.05 39.29 -45.27
N GLU E 55 -21.74 39.42 -45.13
CA GLU E 55 -21.18 39.95 -43.91
C GLU E 55 -21.60 41.40 -43.67
N VAL E 56 -21.69 42.20 -44.74
CA VAL E 56 -22.14 43.58 -44.60
C VAL E 56 -23.56 43.64 -44.09
N LEU E 57 -24.44 42.80 -44.65
CA LEU E 57 -25.81 42.77 -44.22
C LEU E 57 -25.95 42.32 -42.76
N CYS E 58 -25.15 41.35 -42.33
CA CYS E 58 -25.23 40.90 -40.94
C CYS E 58 -24.89 42.02 -39.98
N TYR E 59 -23.89 42.81 -40.34
CA TYR E 59 -23.50 43.97 -39.55
C TYR E 59 -24.64 44.97 -39.43
N ALA E 60 -25.31 45.27 -40.55
CA ALA E 60 -26.46 46.17 -40.57
C ALA E 60 -27.60 45.67 -39.69
N ILE E 61 -27.83 44.36 -39.65
CA ILE E 61 -28.90 43.81 -38.81
C ILE E 61 -28.62 44.06 -37.35
N SER E 62 -27.37 43.86 -36.91
CA SER E 62 -27.03 44.11 -35.51
C SER E 62 -27.34 45.53 -35.11
N ASP E 63 -27.06 46.49 -36.00
CA ASP E 63 -27.35 47.90 -35.73
C ASP E 63 -28.84 48.13 -35.51
N LEU E 64 -29.67 47.52 -36.34
CA LEU E 64 -31.11 47.67 -36.17
C LEU E 64 -31.55 47.11 -34.83
N GLY E 65 -31.10 45.90 -34.49
CA GLY E 65 -31.51 45.30 -33.24
C GLY E 65 -31.12 46.13 -32.04
N ASN E 66 -29.94 46.74 -32.10
CA ASN E 66 -29.48 47.58 -31.02
C ASN E 66 -30.36 48.79 -30.77
N ARG E 67 -30.96 49.37 -31.82
CA ARG E 67 -31.82 50.52 -31.55
C ARG E 67 -33.17 50.11 -31.05
N ILE E 68 -33.64 48.95 -31.47
CA ILE E 68 -34.92 48.49 -30.98
C ILE E 68 -34.90 48.36 -29.47
N ASN E 69 -33.76 47.98 -28.89
CA ASN E 69 -33.61 47.85 -27.44
C ASN E 69 -33.44 49.16 -26.66
N ILE E 70 -33.47 50.32 -27.30
CA ILE E 70 -33.42 51.59 -26.58
C ILE E 70 -34.66 51.69 -25.69
N PRO E 71 -34.51 52.10 -24.43
CA PRO E 71 -35.63 52.15 -23.48
C PRO E 71 -36.73 53.12 -23.92
N ILE E 72 -37.95 52.78 -23.52
CA ILE E 72 -39.17 53.51 -23.88
C ILE E 72 -39.09 54.97 -23.51
N GLU E 73 -38.41 55.29 -22.40
CA GLU E 73 -38.38 56.67 -21.94
C GLU E 73 -37.80 57.58 -23.02
N ASP E 74 -36.93 57.03 -23.86
CA ASP E 74 -36.32 57.82 -24.90
C ASP E 74 -37.05 57.67 -26.21
N LEU E 75 -37.51 56.47 -26.52
CA LEU E 75 -38.13 56.24 -27.82
C LEU E 75 -39.39 57.06 -28.02
N ILE E 76 -40.14 57.32 -26.96
CA ILE E 76 -41.36 58.10 -27.14
C ILE E 76 -41.26 59.49 -26.54
N ALA E 77 -40.06 59.99 -26.33
CA ALA E 77 -39.88 61.32 -25.77
C ALA E 77 -40.30 62.40 -26.74
N ASN E 78 -40.76 63.52 -26.18
CA ASN E 78 -41.06 64.71 -26.98
C ASN E 78 -39.86 65.62 -27.01
N GLU E 79 -39.80 66.43 -28.06
CA GLU E 79 -38.71 67.38 -28.23
C GLU E 79 -38.57 68.35 -27.08
N GLU E 80 -39.69 68.74 -26.51
CA GLU E 80 -39.78 69.64 -25.38
C GLU E 80 -39.88 68.96 -24.04
N GLY E 81 -39.77 67.64 -23.99
CA GLY E 81 -39.93 66.90 -22.76
C GLY E 81 -41.42 66.65 -22.48
N GLY E 82 -41.69 65.89 -21.42
CA GLY E 82 -43.06 65.60 -21.05
C GLY E 82 -43.65 64.43 -21.83
N VAL E 83 -44.88 64.07 -21.44
CA VAL E 83 -45.62 62.94 -22.02
C VAL E 83 -47.04 63.34 -22.39
N LYS E 84 -47.25 64.61 -22.73
CA LYS E 84 -48.59 65.14 -22.95
C LYS E 84 -49.50 64.29 -23.85
N GLY E 85 -49.02 63.87 -25.02
CA GLY E 85 -49.87 63.12 -25.92
C GLY E 85 -49.77 61.61 -25.78
N GLN E 86 -49.04 61.13 -24.79
CA GLN E 86 -48.83 59.70 -24.64
C GLN E 86 -49.56 59.15 -23.45
N PHE E 87 -49.50 59.82 -22.31
CA PHE E 87 -50.08 59.23 -21.12
C PHE E 87 -50.87 60.24 -20.34
N TYR E 88 -51.81 59.75 -19.56
CA TYR E 88 -52.47 60.58 -18.59
C TYR E 88 -51.76 60.32 -17.27
N LYS E 89 -51.50 61.36 -16.49
CA LYS E 89 -50.75 61.23 -15.24
C LYS E 89 -51.65 60.89 -14.06
N VAL E 90 -51.05 60.43 -12.95
CA VAL E 90 -51.87 60.01 -11.80
C VAL E 90 -52.73 61.12 -11.24
N GLN E 91 -52.23 62.35 -11.27
CA GLN E 91 -52.94 63.52 -10.77
C GLN E 91 -54.21 63.78 -11.57
N GLU E 92 -54.27 63.24 -12.77
CA GLU E 92 -55.34 63.46 -13.69
C GLU E 92 -56.25 62.26 -13.87
N ILE E 93 -55.71 61.05 -13.84
CA ILE E 93 -56.52 59.88 -14.14
C ILE E 93 -56.95 59.06 -12.91
N LEU E 94 -56.30 59.17 -11.79
CA LEU E 94 -56.78 58.42 -10.59
C LEU E 94 -57.86 59.05 -9.67
N PRO E 95 -57.85 60.37 -9.41
CA PRO E 95 -58.81 61.03 -8.52
C PRO E 95 -60.25 60.90 -8.99
N SER E 96 -61.19 60.95 -8.03
CA SER E 96 -62.60 60.81 -8.34
C SER E 96 -63.43 61.97 -7.79
N ALA E 97 -64.53 62.30 -8.50
CA ALA E 97 -65.40 63.39 -8.08
C ALA E 97 -65.94 62.99 -6.71
N PRO E 98 -66.28 63.93 -5.83
CA PRO E 98 -66.74 63.45 -4.52
C PRO E 98 -68.23 63.10 -4.47
N THR E 99 -68.56 61.82 -4.24
CA THR E 99 -69.96 61.36 -4.14
C THR E 99 -70.36 60.73 -2.80
N SER E 100 -69.41 60.45 -1.93
CA SER E 100 -69.68 59.82 -0.64
C SER E 100 -69.61 60.84 0.49
N GLU E 101 -70.03 60.39 1.69
CA GLU E 101 -70.07 61.25 2.88
C GLU E 101 -68.64 61.68 3.26
N LEU E 102 -67.67 60.74 3.18
CA LEU E 102 -66.30 61.04 3.57
C LEU E 102 -65.69 61.99 2.55
N ASP E 103 -66.05 61.83 1.28
CA ASP E 103 -65.55 62.74 0.26
C ASP E 103 -66.01 64.15 0.55
N LEU E 104 -67.29 64.31 0.93
CA LEU E 104 -67.82 65.63 1.24
C LEU E 104 -67.12 66.23 2.43
N ARG E 105 -66.83 65.41 3.44
CA ARG E 105 -66.13 65.99 4.56
C ARG E 105 -64.75 66.47 4.14
N LYS E 106 -64.05 65.70 3.30
CA LYS E 106 -62.73 66.13 2.81
C LYS E 106 -62.86 67.36 1.93
N LEU E 107 -63.91 67.44 1.15
CA LEU E 107 -64.13 68.58 0.26
C LEU E 107 -64.23 69.89 1.02
N PHE E 108 -65.05 69.91 2.07
CA PHE E 108 -65.30 71.15 2.79
C PHE E 108 -64.25 71.46 3.85
N ILE E 109 -63.60 70.44 4.40
CA ILE E 109 -62.61 70.66 5.46
C ILE E 109 -61.39 71.43 4.98
N ASP E 110 -61.23 71.59 3.66
CA ASP E 110 -60.14 72.38 3.11
C ASP E 110 -60.46 73.83 2.87
N ILE E 111 -61.62 74.29 3.29
CA ILE E 111 -61.90 75.71 3.21
C ILE E 111 -61.19 76.32 4.39
N GLU E 112 -60.35 77.33 4.13
CA GLU E 112 -59.59 77.91 5.22
C GLU E 112 -60.53 78.46 6.30
N GLY E 113 -60.20 78.19 7.57
CA GLY E 113 -61.00 78.58 8.70
C GLY E 113 -61.89 77.48 9.23
N ILE E 114 -62.04 76.38 8.49
CA ILE E 114 -62.87 75.27 8.93
C ILE E 114 -61.99 74.13 9.43
N LYS E 115 -62.28 73.65 10.64
CA LYS E 115 -61.51 72.58 11.25
C LYS E 115 -62.14 71.23 11.04
N ASN E 116 -63.47 71.19 11.01
CA ASN E 116 -64.18 69.93 10.82
C ASN E 116 -65.59 70.20 10.33
N CYS E 117 -66.17 69.17 9.73
CA CYS E 117 -67.53 69.22 9.22
C CYS E 117 -68.24 67.91 9.39
N TRP E 118 -69.54 67.99 9.60
CA TRP E 118 -70.34 66.77 9.64
C TRP E 118 -71.52 66.95 8.71
N ILE E 119 -71.89 65.88 8.04
CA ILE E 119 -72.97 65.92 7.06
C ILE E 119 -74.16 65.17 7.60
N LYS E 120 -75.30 65.85 7.71
CA LYS E 120 -76.52 65.25 8.22
C LYS E 120 -77.61 65.40 7.17
N ARG E 121 -78.66 64.60 7.33
CA ARG E 121 -79.77 64.50 6.38
C ARG E 121 -81.03 65.18 6.92
N GLU E 122 -81.69 66.00 6.10
CA GLU E 122 -82.95 66.61 6.48
C GLU E 122 -84.12 65.67 6.29
N ARG E 123 -85.11 65.79 7.19
CA ARG E 123 -86.34 65.01 7.08
C ARG E 123 -87.49 66.00 6.97
N VAL E 124 -87.83 66.37 5.74
CA VAL E 124 -88.95 67.26 5.47
C VAL E 124 -90.17 66.39 5.38
N THR E 125 -91.22 66.75 6.09
CA THR E 125 -92.42 65.94 6.09
C THR E 125 -93.55 66.53 5.31
N VAL E 126 -94.20 65.66 4.56
CA VAL E 126 -95.37 65.99 3.77
C VAL E 126 -96.53 65.13 4.22
N PHE E 127 -97.66 65.77 4.46
CA PHE E 127 -98.83 65.09 4.94
C PHE E 127 -99.84 64.96 3.84
N ALA E 128 -100.66 63.93 3.90
CA ALA E 128 -101.65 63.82 2.85
C ALA E 128 -103.00 63.29 3.28
N ASP E 129 -103.97 63.77 2.48
CA ASP E 129 -105.40 63.45 2.52
C ASP E 129 -105.63 62.31 1.53
N LEU E 130 -106.05 61.14 2.03
CA LEU E 130 -106.24 60.01 1.14
C LEU E 130 -107.70 59.90 0.70
N LYS E 131 -108.54 60.82 1.16
CA LYS E 131 -109.94 60.85 0.79
C LYS E 131 -110.02 61.61 -0.50
N ASN E 132 -109.35 62.75 -0.49
CA ASN E 132 -109.22 63.65 -1.60
C ASN E 132 -107.74 63.73 -1.79
N GLN E 133 -107.22 63.21 -2.86
CA GLN E 133 -105.77 63.15 -2.94
C GLN E 133 -105.35 64.60 -2.97
N LYS E 134 -104.72 64.98 -1.86
CA LYS E 134 -104.12 66.30 -1.71
C LYS E 134 -102.98 66.23 -0.68
N LEU E 135 -101.93 67.01 -0.92
CA LEU E 135 -100.78 66.99 -0.02
C LEU E 135 -100.31 68.40 0.37
N SER E 136 -99.80 68.52 1.61
CA SER E 136 -99.31 69.80 2.15
C SER E 136 -98.31 69.57 3.29
N TYR E 137 -97.57 70.62 3.65
CA TYR E 137 -96.58 70.53 4.72
C TYR E 137 -97.23 70.74 6.07
N GLU E 138 -98.51 71.04 6.04
CA GLU E 138 -99.31 71.29 7.23
C GLU E 138 -100.17 70.07 7.56
N LYS E 139 -100.43 69.85 8.87
CA LYS E 139 -101.36 68.79 9.27
C LYS E 139 -102.80 69.19 9.15
N THR E 140 -103.01 70.42 8.67
CA THR E 140 -104.31 70.97 8.38
C THR E 140 -104.93 70.25 7.21
N ILE E 141 -104.08 69.58 6.44
CA ILE E 141 -104.49 68.76 5.32
C ILE E 141 -105.38 67.62 5.79
N TRP E 142 -105.34 67.29 7.07
CA TRP E 142 -106.11 66.21 7.67
C TRP E 142 -107.42 66.63 8.32
N GLU E 143 -107.75 67.92 8.32
CA GLU E 143 -109.01 68.31 8.94
C GLU E 143 -110.20 67.59 8.35
N ASP E 144 -111.04 67.09 9.25
CA ASP E 144 -112.30 66.40 8.96
C ASP E 144 -112.12 65.00 8.35
N LEU E 145 -110.93 64.40 8.43
CA LEU E 145 -110.73 63.05 7.91
C LEU E 145 -110.80 61.98 8.99
N LYS E 146 -111.08 60.76 8.56
CA LYS E 146 -111.07 59.61 9.44
C LYS E 146 -109.64 59.14 9.67
N GLU E 147 -109.45 58.36 10.72
CA GLU E 147 -108.12 57.86 11.05
C GLU E 147 -107.43 57.03 9.97
N ASN E 148 -108.18 56.39 9.07
CA ASN E 148 -107.58 55.58 8.04
C ASN E 148 -107.46 56.31 6.70
N GLN E 149 -107.62 57.62 6.70
CA GLN E 149 -107.51 58.44 5.50
C GLN E 149 -106.28 59.34 5.58
N LYS E 150 -105.36 59.01 6.47
CA LYS E 150 -104.21 59.87 6.69
C LYS E 150 -102.88 59.21 6.29
N ALA E 151 -101.98 60.01 5.72
CA ALA E 151 -100.64 59.52 5.34
C ALA E 151 -99.57 60.59 5.51
N GLN E 152 -98.31 60.12 5.62
CA GLN E 152 -97.15 60.98 5.72
C GLN E 152 -95.98 60.41 4.93
N PHE E 153 -95.26 61.24 4.19
CA PHE E 153 -94.05 60.72 3.59
C PHE E 153 -92.93 61.71 3.88
N ASP E 154 -91.71 61.19 3.97
CA ASP E 154 -90.54 62.00 4.31
C ASP E 154 -89.70 62.15 3.04
N LEU E 155 -88.99 63.26 2.91
CA LEU E 155 -88.18 63.44 1.71
C LEU E 155 -86.83 62.72 1.82
N LYS E 156 -86.32 62.23 0.66
CA LYS E 156 -85.15 61.32 0.64
C LYS E 156 -83.77 61.89 0.24
N GLY E 157 -83.62 63.10 -0.34
CA GLY E 157 -82.26 63.53 -0.71
C GLY E 157 -81.78 64.91 -0.28
N LEU E 158 -82.12 65.38 0.92
CA LEU E 158 -81.73 66.72 1.32
C LEU E 158 -80.69 66.79 2.44
N TYR E 159 -79.77 67.78 2.36
CA TYR E 159 -78.66 67.94 3.31
C TYR E 159 -78.65 69.19 4.22
N ARG E 160 -78.00 69.00 5.38
CA ARG E 160 -77.64 70.02 6.35
C ARG E 160 -76.15 69.88 6.70
N ILE E 161 -75.42 70.98 6.67
CA ILE E 161 -73.98 70.91 6.95
C ILE E 161 -73.63 71.60 8.27
N LEU E 162 -72.99 70.84 9.17
CA LEU E 162 -72.57 71.32 10.47
C LEU E 162 -71.09 71.69 10.44
N VAL E 163 -70.77 72.94 10.74
CA VAL E 163 -69.40 73.43 10.59
C VAL E 163 -68.74 73.81 11.91
N GLU E 164 -67.52 73.33 12.12
CA GLU E 164 -66.68 73.74 13.25
C GLU E 164 -65.56 74.63 12.74
N THR E 165 -65.51 75.87 13.22
CA THR E 165 -64.51 76.83 12.76
C THR E 165 -63.48 77.20 13.81
N GLU E 166 -62.37 77.78 13.31
CA GLU E 166 -61.24 78.26 14.11
C GLU E 166 -61.55 79.51 14.94
N ASP E 167 -62.44 80.35 14.43
CA ASP E 167 -62.79 81.66 14.96
C ASP E 167 -63.33 81.68 16.38
N ALA E 168 -64.09 80.65 16.78
CA ALA E 168 -64.74 80.58 18.09
C ALA E 168 -65.73 81.74 18.31
N ASP E 169 -66.42 82.12 17.24
CA ASP E 169 -67.45 83.15 17.24
C ASP E 169 -68.79 82.47 17.50
N LYS E 170 -69.88 83.23 17.51
CA LYS E 170 -71.22 82.65 17.71
C LYS E 170 -71.83 82.14 16.41
N VAL E 171 -71.47 82.73 15.27
CA VAL E 171 -72.07 82.40 13.98
C VAL E 171 -70.99 82.16 12.93
N LEU E 172 -71.37 81.61 11.78
CA LEU E 172 -70.41 81.48 10.70
C LEU E 172 -70.32 82.79 9.95
N SER E 173 -69.12 83.13 9.48
CA SER E 173 -68.99 84.28 8.61
C SER E 173 -69.76 84.01 7.34
N GLU E 174 -70.37 85.05 6.76
CA GLU E 174 -71.12 84.82 5.53
C GLU E 174 -70.19 84.35 4.40
N SER E 175 -68.88 84.61 4.51
CA SER E 175 -67.95 84.15 3.49
C SER E 175 -67.77 82.64 3.54
N LEU E 176 -68.04 82.03 4.68
CA LEU E 176 -67.94 80.59 4.78
C LEU E 176 -69.19 79.99 4.22
N GLU E 177 -70.34 80.59 4.55
CA GLU E 177 -71.56 80.07 3.97
C GLU E 177 -71.53 80.10 2.46
N LYS E 178 -70.96 81.16 1.90
CA LYS E 178 -70.88 81.22 0.46
C LYS E 178 -69.94 80.12 -0.05
N ALA E 179 -68.79 79.92 0.62
CA ALA E 179 -67.84 78.90 0.18
C ALA E 179 -68.43 77.50 0.22
N VAL E 180 -69.20 77.17 1.26
CA VAL E 180 -69.79 75.84 1.37
C VAL E 180 -70.86 75.64 0.33
N PHE E 181 -71.77 76.61 0.18
CA PHE E 181 -72.82 76.46 -0.82
C PHE E 181 -72.23 76.38 -2.21
N THR E 182 -71.22 77.20 -2.50
CA THR E 182 -70.57 77.17 -3.81
C THR E 182 -70.00 75.82 -4.14
N LYS E 183 -69.22 75.24 -3.22
CA LYS E 183 -68.61 73.96 -3.53
C LYS E 183 -69.66 72.86 -3.62
N PHE E 184 -70.68 72.90 -2.76
CA PHE E 184 -71.69 71.87 -2.83
C PHE E 184 -72.33 71.85 -4.20
N HIS E 185 -72.80 73.00 -4.65
CA HIS E 185 -73.55 73.02 -5.90
C HIS E 185 -72.67 72.70 -7.08
N ALA E 186 -71.42 73.18 -7.05
CA ALA E 186 -70.48 72.90 -8.12
C ALA E 186 -70.21 71.40 -8.25
N ASN E 187 -70.23 70.67 -7.15
CA ASN E 187 -69.93 69.24 -7.15
C ASN E 187 -71.05 68.45 -6.47
N ARG E 188 -72.14 68.16 -7.18
CA ARG E 188 -73.24 67.48 -6.50
C ARG E 188 -73.73 66.26 -7.27
N ASN E 189 -74.38 65.37 -6.55
CA ASN E 189 -74.95 64.16 -7.09
C ASN E 189 -76.30 64.44 -7.72
N LEU E 190 -76.70 63.57 -8.63
CA LEU E 190 -78.01 63.66 -9.25
C LEU E 190 -79.10 63.37 -8.23
N CYS E 191 -80.16 64.23 -8.21
CA CYS E 191 -81.34 64.14 -7.33
C CYS E 191 -81.07 64.37 -5.84
N GLU E 192 -80.15 65.29 -5.53
CA GLU E 192 -79.83 65.66 -4.14
C GLU E 192 -79.66 67.17 -4.02
N ASP E 193 -79.94 67.73 -2.84
CA ASP E 193 -79.80 69.19 -2.65
C ASP E 193 -79.45 69.58 -1.21
N LEU E 194 -78.90 70.79 -1.09
CA LEU E 194 -78.46 71.38 0.18
C LEU E 194 -79.42 72.46 0.67
N ILE E 195 -79.91 72.28 1.88
CA ILE E 195 -80.86 73.21 2.47
C ILE E 195 -80.18 74.23 3.36
N LYS E 196 -79.36 73.78 4.31
CA LYS E 196 -78.78 74.71 5.27
C LYS E 196 -77.35 74.38 5.68
N VAL E 197 -76.57 75.45 5.86
CA VAL E 197 -75.21 75.41 6.39
C VAL E 197 -75.20 76.20 7.68
N GLU E 198 -74.75 75.58 8.77
CA GLU E 198 -74.78 76.24 10.08
C GLU E 198 -73.65 75.78 10.99
N LYS E 199 -73.38 76.57 12.02
CA LYS E 199 -72.34 76.25 12.99
C LYS E 199 -72.83 75.20 13.99
N VAL E 200 -71.96 74.24 14.31
CA VAL E 200 -72.31 73.13 15.22
C VAL E 200 -72.59 73.61 16.66
N ALA E 201 -73.65 73.06 17.27
CA ALA E 201 -74.06 73.32 18.65
C ALA E 201 -73.17 72.58 19.64
N THR E 202 -73.10 73.09 20.89
CA THR E 202 -72.24 72.43 21.88
C THR E 202 -72.92 72.13 23.22
N GLU E 203 -72.25 71.27 24.01
CA GLU E 203 -72.63 70.89 25.38
C GLU E 203 -71.46 71.05 26.33
N PRO E 204 -71.55 71.89 27.38
CA PRO E 204 -70.46 72.15 28.34
C PRO E 204 -70.29 71.08 29.43
N ILE E 205 -69.05 70.65 29.67
CA ILE E 205 -68.70 69.64 30.69
C ILE E 205 -67.65 70.18 31.67
N SER E 206 -67.88 69.95 32.96
CA SER E 206 -66.92 70.32 33.99
C SER E 206 -66.04 69.17 34.42
N VAL E 207 -64.77 69.47 34.70
CA VAL E 207 -63.84 68.50 35.25
C VAL E 207 -63.15 69.18 36.43
N CYS E 208 -63.15 68.53 37.60
CA CYS E 208 -62.47 69.06 38.79
C CYS E 208 -61.60 68.00 39.42
N ALA E 209 -60.36 68.37 39.83
CA ALA E 209 -59.47 67.37 40.42
C ALA E 209 -58.36 67.90 41.34
N ASN E 210 -57.85 66.98 42.19
CA ASN E 210 -56.67 67.18 43.04
C ASN E 210 -55.58 66.21 42.58
N VAL E 211 -54.47 66.76 42.10
CA VAL E 211 -53.41 65.96 41.49
C VAL E 211 -52.06 66.18 42.15
N GLU E 212 -51.44 65.09 42.62
CA GLU E 212 -50.12 65.14 43.20
C GLU E 212 -49.08 64.85 42.15
N VAL E 213 -48.03 65.68 42.13
CA VAL E 213 -46.97 65.56 41.17
C VAL E 213 -45.64 65.34 41.86
N ALA E 214 -44.65 64.92 41.07
CA ALA E 214 -43.31 64.70 41.55
C ALA E 214 -42.72 65.99 42.13
N PRO E 215 -41.88 65.86 43.18
CA PRO E 215 -41.23 67.01 43.86
C PRO E 215 -40.33 67.81 42.96
N GLU E 216 -39.91 67.22 41.84
CA GLU E 216 -39.04 67.87 40.86
C GLU E 216 -39.76 67.81 39.54
N ALA E 217 -40.72 68.71 39.37
CA ALA E 217 -41.56 68.75 38.19
C ALA E 217 -41.96 70.17 37.90
N ASP E 218 -42.13 70.45 36.61
CA ASP E 218 -42.57 71.75 36.10
C ASP E 218 -44.09 71.72 36.01
N GLU E 219 -44.73 72.35 36.99
CA GLU E 219 -46.19 72.34 37.10
C GLU E 219 -46.89 73.13 36.03
N GLU E 220 -46.33 74.25 35.58
CA GLU E 220 -47.00 75.01 34.56
C GLU E 220 -47.06 74.21 33.27
N LEU E 221 -45.99 73.47 32.98
CA LEU E 221 -45.97 72.63 31.81
C LEU E 221 -46.93 71.47 31.95
N ILE E 222 -46.98 70.83 33.13
CA ILE E 222 -47.91 69.72 33.32
C ILE E 222 -49.32 70.20 33.11
N HIS E 223 -49.67 71.37 33.65
CA HIS E 223 -51.03 71.84 33.47
C HIS E 223 -51.34 72.08 32.01
N ALA E 224 -50.44 72.72 31.26
CA ALA E 224 -50.69 72.94 29.84
C ALA E 224 -50.90 71.63 29.08
N GLN E 225 -50.11 70.61 29.42
CA GLN E 225 -50.22 69.32 28.75
C GLN E 225 -51.51 68.58 29.09
N ILE E 226 -51.93 68.57 30.37
CA ILE E 226 -53.18 67.88 30.73
C ILE E 226 -54.33 68.53 30.01
N LEU E 227 -54.35 69.85 30.08
CA LEU E 227 -55.41 70.65 29.52
C LEU E 227 -55.57 70.39 28.02
N ILE E 228 -54.47 70.36 27.27
CA ILE E 228 -54.59 70.09 25.84
C ILE E 228 -55.11 68.69 25.59
N ALA E 229 -54.57 67.70 26.31
CA ALA E 229 -54.98 66.32 26.07
C ALA E 229 -56.46 66.09 26.30
N ILE E 230 -57.04 66.70 27.34
CA ILE E 230 -58.48 66.54 27.55
C ILE E 230 -59.27 67.18 26.44
N GLU E 231 -58.87 68.36 26.01
CA GLU E 231 -59.59 69.00 24.91
C GLU E 231 -59.55 68.15 23.66
N ASP E 232 -58.39 67.52 23.35
CA ASP E 232 -58.31 66.69 22.16
C ASP E 232 -59.20 65.45 22.26
N TYR E 233 -59.31 64.85 23.46
CA TYR E 233 -60.21 63.72 23.66
C TYR E 233 -61.64 64.08 23.31
N LEU E 234 -62.11 65.21 23.84
CA LEU E 234 -63.49 65.59 23.63
C LEU E 234 -63.80 65.90 22.17
N ALA E 235 -62.88 66.54 21.44
CA ALA E 235 -63.18 66.95 20.07
C ALA E 235 -61.97 66.90 19.12
N PRO E 236 -61.54 65.69 18.71
CA PRO E 236 -60.39 65.46 17.82
C PRO E 236 -60.59 66.07 16.44
N SER E 237 -59.49 66.36 15.74
CA SER E 237 -59.55 66.86 14.37
C SER E 237 -58.40 66.25 13.57
N PRO E 238 -58.56 66.08 12.24
CA PRO E 238 -57.54 65.51 11.34
C PRO E 238 -56.44 66.50 10.98
N ARG E 239 -55.31 65.97 10.49
CA ARG E 239 -54.22 66.83 10.02
C ARG E 239 -53.80 66.48 8.61
N HIS E 240 -53.16 67.44 7.94
CA HIS E 240 -52.71 67.25 6.57
C HIS E 240 -51.33 66.64 6.51
N TYR E 241 -51.11 65.81 5.49
CA TYR E 241 -49.84 65.14 5.29
C TYR E 241 -49.23 65.38 3.92
N SER E 242 -47.91 65.31 3.86
CA SER E 242 -47.17 65.38 2.61
C SER E 242 -47.27 64.05 1.91
N LEU E 243 -46.94 64.01 0.62
CA LEU E 243 -46.97 62.73 -0.07
C LEU E 243 -45.96 61.77 0.52
N LYS E 244 -44.75 62.27 0.81
CA LYS E 244 -43.73 61.43 1.42
C LYS E 244 -44.25 60.79 2.70
N GLN E 245 -44.98 61.55 3.53
CA GLN E 245 -45.52 60.99 4.75
C GLN E 245 -46.58 59.91 4.50
N MET E 246 -47.47 60.11 3.51
CA MET E 246 -48.46 59.08 3.20
C MET E 246 -47.79 57.78 2.79
N VAL E 247 -46.69 57.91 2.06
CA VAL E 247 -45.91 56.77 1.64
C VAL E 247 -45.27 56.08 2.86
N ASP E 248 -44.68 56.86 3.77
CA ASP E 248 -44.06 56.27 4.97
C ASP E 248 -45.07 55.50 5.81
N LYS E 249 -46.32 55.98 5.85
CA LYS E 249 -47.39 55.30 6.59
C LYS E 249 -47.75 53.95 6.01
N GLY E 250 -47.30 53.63 4.80
CA GLY E 250 -47.60 52.35 4.18
C GLY E 250 -48.72 52.36 3.17
N TYR E 251 -49.16 53.52 2.70
CA TYR E 251 -50.23 53.54 1.72
C TYR E 251 -49.65 53.44 0.33
N THR E 252 -50.43 52.91 -0.62
CA THR E 252 -49.95 52.87 -2.00
C THR E 252 -50.68 53.89 -2.86
N MET E 253 -50.28 53.98 -4.12
CA MET E 253 -50.79 54.99 -5.04
C MET E 253 -52.29 54.92 -5.24
N ASP E 254 -52.82 53.72 -5.38
CA ASP E 254 -54.24 53.55 -5.60
C ASP E 254 -55.06 54.11 -4.45
N GLU E 255 -54.49 54.07 -3.26
CA GLU E 255 -55.20 54.48 -2.06
C GLU E 255 -55.00 55.95 -1.78
N ILE E 256 -53.79 56.44 -2.01
CA ILE E 256 -53.48 57.83 -1.71
C ILE E 256 -54.32 58.75 -2.55
N PHE E 257 -54.54 58.38 -3.81
CA PHE E 257 -55.32 59.15 -4.75
C PHE E 257 -56.76 58.63 -4.94
N GLU E 258 -57.29 57.86 -3.99
CA GLU E 258 -58.64 57.28 -4.10
C GLU E 258 -59.78 58.30 -4.18
N GLY E 259 -59.73 59.39 -3.42
CA GLY E 259 -60.82 60.34 -3.39
C GLY E 259 -60.56 61.57 -4.25
N PRO E 260 -61.21 62.69 -3.91
CA PRO E 260 -61.02 63.98 -4.59
C PRO E 260 -59.59 64.42 -4.38
N PHE E 261 -59.02 65.12 -5.36
CA PHE E 261 -57.67 65.62 -5.12
C PHE E 261 -57.77 66.83 -4.22
N LEU E 262 -56.90 66.94 -3.23
CA LEU E 262 -56.94 68.06 -2.31
C LEU E 262 -55.68 68.91 -2.39
N GLU E 263 -55.86 70.20 -2.66
CA GLU E 263 -54.76 71.16 -2.83
C GLU E 263 -53.92 71.40 -1.57
N ASN E 264 -54.44 71.10 -0.40
CA ASN E 264 -53.73 71.43 0.83
C ASN E 264 -52.97 70.28 1.46
N GLY E 265 -52.84 69.15 0.81
CA GLY E 265 -52.19 68.02 1.44
C GLY E 265 -53.16 66.88 1.54
N PHE E 266 -52.66 65.74 1.97
CA PHE E 266 -53.49 64.56 1.99
C PHE E 266 -54.17 64.43 3.35
N ILE E 267 -55.40 63.91 3.36
CA ILE E 267 -56.13 63.65 4.60
C ILE E 267 -56.32 62.16 4.74
N ASP E 268 -55.95 61.63 5.91
CA ASP E 268 -56.05 60.21 6.20
C ASP E 268 -57.49 59.87 6.60
N THR E 269 -58.04 58.88 5.89
CA THR E 269 -59.41 58.45 6.08
C THR E 269 -59.65 57.94 7.49
N VAL E 270 -58.68 57.24 8.08
CA VAL E 270 -58.87 56.75 9.45
C VAL E 270 -59.09 57.87 10.43
N GLU E 271 -58.27 58.91 10.36
CA GLU E 271 -58.44 60.04 11.26
C GLU E 271 -59.78 60.70 11.03
N LEU E 272 -60.19 60.78 9.76
CA LEU E 272 -61.44 61.44 9.44
C LEU E 272 -62.62 60.69 10.03
N LYS E 273 -62.61 59.35 9.94
CA LYS E 273 -63.68 58.55 10.52
C LYS E 273 -63.70 58.66 12.03
N ALA E 274 -62.52 58.69 12.64
CA ALA E 274 -62.43 58.80 14.10
C ALA E 274 -63.02 60.10 14.63
N SER E 275 -62.80 61.21 13.94
CA SER E 275 -63.28 62.53 14.41
C SER E 275 -64.75 62.82 14.14
N GLU E 276 -65.60 61.95 14.69
CA GLU E 276 -67.05 62.02 14.62
C GLU E 276 -67.55 62.66 15.92
N LEU E 277 -68.74 63.24 15.91
CA LEU E 277 -69.23 63.82 17.14
C LEU E 277 -69.39 62.74 18.21
N ARG E 278 -68.79 62.99 19.38
CA ARG E 278 -68.80 62.08 20.52
C ARG E 278 -70.16 61.99 21.19
N LYS E 279 -70.56 60.77 21.57
CA LYS E 279 -71.81 60.58 22.26
C LYS E 279 -71.66 60.43 23.78
N GLU E 280 -70.53 59.93 24.27
CA GLU E 280 -70.44 59.74 25.71
C GLU E 280 -69.14 60.19 26.34
N VAL E 281 -69.25 60.66 27.57
CA VAL E 281 -68.12 61.11 28.37
C VAL E 281 -68.02 60.22 29.59
N ARG E 282 -66.83 59.68 29.85
CA ARG E 282 -66.63 58.75 30.97
C ARG E 282 -65.49 59.17 31.90
N LEU E 283 -65.60 58.87 33.20
CA LEU E 283 -64.53 59.22 34.17
C LEU E 283 -63.23 58.50 33.90
N SER E 284 -63.32 57.22 33.53
CA SER E 284 -62.17 56.34 33.30
C SER E 284 -61.20 56.77 32.19
N ASP E 285 -61.68 57.33 31.10
CA ASP E 285 -60.75 57.79 30.08
C ASP E 285 -60.02 59.03 30.57
N ILE E 286 -60.73 59.92 31.27
CA ILE E 286 -60.13 61.17 31.73
C ILE E 286 -59.02 60.89 32.72
N ILE E 287 -59.22 59.91 33.60
CA ILE E 287 -58.20 59.55 34.57
C ILE E 287 -56.95 59.06 33.89
N ASN E 288 -57.11 58.22 32.88
CA ASN E 288 -55.98 57.70 32.14
C ASN E 288 -55.21 58.83 31.46
N ILE E 289 -55.91 59.86 30.99
CA ILE E 289 -55.23 60.99 30.35
C ILE E 289 -54.33 61.70 31.35
N ILE E 290 -54.85 61.95 32.55
CA ILE E 290 -54.07 62.61 33.59
C ILE E 290 -52.92 61.74 34.09
N MET E 291 -53.19 60.47 34.39
CA MET E 291 -52.14 59.59 34.95
C MET E 291 -50.97 59.39 34.01
N SER E 292 -51.19 59.48 32.70
CA SER E 292 -50.13 59.32 31.71
C SER E 292 -49.24 60.54 31.50
N ILE E 293 -49.54 61.67 32.13
CA ILE E 293 -48.70 62.85 31.93
C ILE E 293 -47.48 62.73 32.82
N ASP E 294 -46.31 62.89 32.23
CA ASP E 294 -45.06 62.74 32.96
C ASP E 294 -44.97 63.73 34.13
N GLY E 295 -44.73 63.17 35.32
CA GLY E 295 -44.67 63.92 36.55
C GLY E 295 -45.87 63.70 37.45
N VAL E 296 -46.96 63.17 36.92
CA VAL E 296 -48.14 62.93 37.74
C VAL E 296 -47.98 61.63 38.51
N LYS E 297 -48.21 61.69 39.81
CA LYS E 297 -48.12 60.50 40.62
C LYS E 297 -49.47 59.99 41.08
N ILE E 298 -50.33 60.86 41.62
CA ILE E 298 -51.59 60.38 42.19
C ILE E 298 -52.73 61.35 41.88
N VAL E 299 -53.85 60.84 41.40
CA VAL E 299 -55.03 61.67 41.31
C VAL E 299 -55.80 61.36 42.57
N LYS E 300 -55.87 62.32 43.47
CA LYS E 300 -56.47 62.08 44.78
C LYS E 300 -57.96 62.31 44.74
N GLU E 301 -58.39 63.19 43.87
CA GLU E 301 -59.79 63.52 43.74
C GLU E 301 -60.08 63.84 42.30
N ILE E 302 -61.20 63.33 41.80
CA ILE E 302 -61.61 63.69 40.45
C ILE E 302 -63.09 63.49 40.30
N THR E 303 -63.72 64.40 39.57
CA THR E 303 -65.12 64.25 39.27
C THR E 303 -65.52 64.96 37.97
N LEU E 304 -66.54 64.43 37.32
CA LEU E 304 -67.16 65.00 36.14
C LEU E 304 -68.54 65.50 36.45
N GLY E 305 -68.99 66.43 35.65
CA GLY E 305 -70.38 66.75 35.77
C GLY E 305 -70.86 67.68 34.69
N ASN E 306 -72.15 67.59 34.41
CA ASN E 306 -72.71 68.49 33.43
C ASN E 306 -72.52 69.88 33.99
N CYS E 307 -71.97 70.78 33.20
CA CYS E 307 -71.79 72.09 33.79
C CYS E 307 -73.14 72.72 33.98
N ASP E 308 -73.44 73.13 35.20
CA ASP E 308 -74.73 73.72 35.43
C ASP E 308 -74.63 74.67 36.62
N GLU E 309 -75.73 75.37 36.92
CA GLU E 309 -75.82 76.31 38.03
C GLU E 309 -76.37 75.55 39.24
N ASN E 310 -76.11 76.07 40.44
CA ASN E 310 -76.57 75.40 41.66
C ASN E 310 -75.97 74.01 41.72
N ASP E 311 -74.68 73.93 41.38
CA ASP E 311 -73.97 72.65 41.31
C ASP E 311 -73.61 72.27 42.75
N GLY E 312 -74.62 71.76 43.45
CA GLY E 312 -74.53 71.33 44.83
C GLY E 312 -74.22 69.84 44.92
N ILE E 313 -74.84 69.15 45.85
CA ILE E 313 -74.58 67.72 46.00
C ILE E 313 -75.29 66.97 44.89
N GLU E 314 -74.52 66.15 44.16
CA GLU E 314 -74.99 65.40 43.00
C GLU E 314 -74.15 64.15 42.79
N ASN E 315 -74.76 63.18 42.10
CA ASN E 315 -74.16 61.93 41.65
C ASN E 315 -72.84 62.09 40.91
N ASN E 316 -72.02 61.04 41.01
CA ASN E 316 -70.71 60.98 40.37
C ASN E 316 -70.73 61.11 38.85
N GLN E 317 -71.81 60.72 38.18
CA GLN E 317 -71.87 60.88 36.74
C GLN E 317 -70.67 60.22 36.04
N TRP E 318 -70.47 58.94 36.33
CA TRP E 318 -69.32 58.21 35.81
C TRP E 318 -69.30 58.19 34.28
N VAL E 319 -70.47 58.33 33.66
CA VAL E 319 -70.61 58.48 32.22
C VAL E 319 -71.64 59.56 31.92
N ILE E 320 -71.28 60.53 31.08
CA ILE E 320 -72.18 61.60 30.67
C ILE E 320 -72.55 61.43 29.20
N CYS E 321 -73.85 61.40 28.91
CA CYS E 321 -74.33 61.27 27.54
C CYS E 321 -74.58 62.64 26.92
N ILE E 322 -74.35 62.73 25.61
CA ILE E 322 -74.44 63.96 24.83
C ILE E 322 -75.58 63.87 23.81
N PRO E 323 -76.45 64.89 23.70
CA PRO E 323 -77.50 64.97 22.68
C PRO E 323 -76.94 64.83 21.26
N GLU E 324 -77.72 64.18 20.40
CA GLU E 324 -77.37 63.74 19.04
C GLU E 324 -76.74 64.72 18.03
N ASN E 325 -76.81 66.02 18.22
CA ASN E 325 -76.18 66.91 17.24
C ASN E 325 -75.30 67.94 17.92
N LYS E 326 -74.75 67.57 19.07
CA LYS E 326 -73.89 68.49 19.78
C LYS E 326 -72.47 67.98 19.91
N LYS E 327 -71.56 68.93 20.03
CA LYS E 327 -70.18 68.68 20.29
C LYS E 327 -69.89 69.03 21.75
N PRO E 328 -69.25 68.18 22.54
CA PRO E 328 -68.89 68.50 23.93
C PRO E 328 -67.76 69.52 23.98
N LYS E 329 -67.73 70.36 25.02
CA LYS E 329 -66.66 71.36 25.18
C LYS E 329 -66.43 71.64 26.65
N LEU E 330 -65.18 71.84 27.10
CA LEU E 330 -64.98 72.17 28.52
C LEU E 330 -65.65 73.51 28.81
N CYS E 331 -66.27 73.58 29.97
CA CYS E 331 -67.08 74.71 30.41
C CYS E 331 -66.33 75.93 30.92
N LYS E 332 -65.02 75.86 31.07
CA LYS E 332 -64.12 76.93 31.53
C LYS E 332 -64.36 77.32 33.00
N LYS E 333 -65.10 76.52 33.75
CA LYS E 333 -65.27 76.62 35.18
C LYS E 333 -64.56 75.49 35.87
N THR E 334 -63.69 74.84 35.11
CA THR E 334 -62.93 73.66 35.51
C THR E 334 -61.74 74.04 36.37
N THR E 335 -61.15 73.04 37.06
CA THR E 335 -59.95 73.39 37.84
C THR E 335 -59.16 72.16 38.31
N ILE E 336 -57.85 72.33 38.42
CA ILE E 336 -56.99 71.32 39.00
C ILE E 336 -56.10 71.92 40.07
N ASN E 337 -56.15 71.31 41.24
CA ASN E 337 -55.31 71.70 42.36
C ASN E 337 -54.08 70.83 42.38
N TYR E 338 -52.91 71.44 42.29
CA TYR E 338 -51.69 70.67 42.25
C TYR E 338 -51.00 70.66 43.60
N PHE E 339 -50.46 69.49 43.95
CA PHE E 339 -49.79 69.28 45.23
C PHE E 339 -48.44 68.57 45.10
N LYS E 340 -47.56 68.87 46.04
CA LYS E 340 -46.32 68.11 46.21
C LYS E 340 -46.29 67.60 47.64
N GLY E 341 -46.37 66.29 47.81
CA GLY E 341 -46.49 65.77 49.16
C GLY E 341 -47.82 66.25 49.68
N ILE E 342 -47.80 67.06 50.73
CA ILE E 342 -49.05 67.55 51.31
C ILE E 342 -49.22 69.05 51.14
N LEU E 343 -48.39 69.70 50.33
CA LEU E 343 -48.54 71.13 50.20
C LEU E 343 -49.06 71.53 48.81
N PRO E 344 -49.99 72.47 48.76
CA PRO E 344 -50.51 73.02 47.50
C PRO E 344 -49.52 73.98 46.88
N ILE E 345 -49.55 74.09 45.55
CA ILE E 345 -48.70 75.03 44.83
C ILE E 345 -49.51 75.97 43.94
N ASN E 346 -49.05 77.21 43.78
CA ASN E 346 -49.76 78.18 42.99
C ASN E 346 -49.21 78.28 41.58
N LEU E 347 -50.11 78.34 40.61
CA LEU E 347 -49.74 78.42 39.22
C LEU E 347 -49.99 79.80 38.64
N ASN E 348 -49.02 80.27 37.86
CA ASN E 348 -49.10 81.57 37.20
C ASN E 348 -49.80 81.44 35.86
N PRO E 349 -50.78 82.31 35.59
CA PRO E 349 -51.49 82.26 34.30
C PRO E 349 -50.60 82.52 33.09
N VAL E 350 -49.64 83.43 33.23
CA VAL E 350 -48.75 83.81 32.12
C VAL E 350 -47.84 82.68 31.63
N ARG E 351 -47.31 81.88 32.54
CA ARG E 351 -46.39 80.77 32.23
C ARG E 351 -47.00 79.61 31.44
N VAL E 352 -48.28 79.33 31.73
CA VAL E 352 -49.07 78.25 31.17
C VAL E 352 -49.45 78.59 29.76
N ASP E 353 -49.86 79.85 29.55
CA ASP E 353 -50.25 80.29 28.21
C ASP E 353 -49.12 80.10 27.23
N ASN E 354 -47.90 80.38 27.66
CA ASN E 354 -46.76 80.23 26.77
C ASN E 354 -46.55 78.78 26.39
N HIS E 355 -46.67 77.86 27.34
CA HIS E 355 -46.47 76.46 27.00
C HIS E 355 -47.56 75.98 26.06
N LYS E 356 -48.81 76.34 26.35
CA LYS E 356 -49.92 75.89 25.51
C LYS E 356 -49.77 76.40 24.08
N SER E 357 -49.41 77.67 23.94
CA SER E 357 -49.20 78.27 22.63
C SER E 357 -48.15 77.55 21.81
N LYS E 358 -46.99 77.29 22.40
CA LYS E 358 -45.93 76.60 21.67
C LYS E 358 -46.33 75.21 21.20
N ILE E 359 -47.02 74.46 22.07
CA ILE E 359 -47.43 73.10 21.76
C ILE E 359 -48.34 73.07 20.55
N LEU E 360 -49.28 73.99 20.50
CA LEU E 360 -50.23 74.00 19.42
C LEU E 360 -49.69 74.69 18.17
N ALA E 361 -48.88 75.73 18.30
CA ALA E 361 -48.38 76.43 17.13
C ALA E 361 -47.56 75.52 16.22
N SER E 362 -46.80 74.59 16.82
CA SER E 362 -46.00 73.65 16.05
C SER E 362 -46.82 72.72 15.18
N ARG E 363 -48.12 72.63 15.42
CA ARG E 363 -48.97 71.81 14.59
C ARG E 363 -49.28 72.52 13.28
N LEU E 364 -49.36 73.85 13.33
CA LEU E 364 -49.67 74.64 12.16
C LEU E 364 -48.56 74.53 11.15
N GLU E 365 -47.33 74.47 11.66
CA GLU E 365 -46.17 74.40 10.79
C GLU E 365 -46.21 73.17 9.91
N ASN E 366 -46.69 72.05 10.43
CA ASN E 366 -46.72 70.86 9.62
C ASN E 366 -47.83 70.90 8.60
N ASP E 367 -48.98 71.45 8.98
CA ASP E 367 -50.06 71.54 8.00
C ASP E 367 -49.62 72.36 6.80
N LEU E 368 -48.82 73.41 7.05
CA LEU E 368 -48.32 74.23 5.95
C LEU E 368 -47.30 73.50 5.10
N LYS E 369 -46.37 72.74 5.71
CA LYS E 369 -45.38 72.01 4.91
C LYS E 369 -46.03 71.01 3.96
N ALA E 370 -47.14 70.42 4.39
CA ALA E 370 -47.91 69.45 3.63
C ALA E 370 -48.42 70.00 2.30
N LYS E 371 -48.46 71.32 2.13
CA LYS E 371 -49.01 71.87 0.91
C LYS E 371 -48.06 71.81 -0.29
N ASP E 372 -46.77 71.48 -0.12
CA ASP E 372 -45.88 71.46 -1.27
C ASP E 372 -45.67 70.10 -1.94
N ASP E 373 -45.52 69.06 -1.17
CA ASP E 373 -45.19 67.74 -1.71
C ASP E 373 -46.43 66.98 -2.15
N LEU E 374 -46.98 67.35 -3.30
CA LEU E 374 -48.22 66.70 -3.70
C LEU E 374 -48.12 65.76 -4.91
N GLU E 375 -46.91 65.42 -5.41
CA GLU E 375 -46.93 64.55 -6.59
C GLU E 375 -45.64 63.71 -6.74
N PRO E 376 -45.74 62.51 -7.34
CA PRO E 376 -44.61 61.62 -7.63
C PRO E 376 -43.81 62.05 -8.85
N ALA E 377 -42.57 61.57 -8.92
CA ALA E 377 -41.72 61.80 -10.08
C ALA E 377 -42.01 60.84 -11.24
N ILE E 378 -41.78 61.33 -12.45
CA ILE E 378 -41.85 60.57 -13.69
C ILE E 378 -40.49 60.57 -14.37
N PRO E 379 -39.93 59.40 -14.71
CA PRO E 379 -38.64 59.29 -15.42
C PRO E 379 -38.64 60.06 -16.73
N GLN E 380 -37.54 60.75 -17.05
CA GLN E 380 -37.47 61.59 -18.26
C GLN E 380 -36.34 61.12 -19.18
N GLY E 381 -36.61 61.08 -20.49
CA GLY E 381 -35.66 60.67 -21.49
C GLY E 381 -35.12 61.81 -22.33
N THR E 382 -34.48 61.45 -23.43
CA THR E 382 -33.87 62.39 -24.37
C THR E 382 -34.55 62.25 -25.72
N PHE E 383 -34.03 62.93 -26.72
CA PHE E 383 -34.64 62.88 -28.03
C PHE E 383 -33.56 62.84 -29.09
N ALA E 384 -33.61 61.87 -30.02
CA ALA E 384 -32.49 61.84 -30.95
C ALA E 384 -32.72 61.23 -32.33
N ASP E 385 -33.82 61.51 -33.02
CA ASP E 385 -34.00 60.99 -34.39
C ASP E 385 -33.66 59.50 -34.55
N TRP E 386 -34.39 58.66 -33.85
CA TRP E 386 -34.10 57.23 -33.78
C TRP E 386 -34.08 56.52 -35.13
N GLY E 387 -34.67 57.12 -36.17
CA GLY E 387 -34.74 56.57 -37.52
C GLY E 387 -33.59 56.91 -38.46
N GLU E 388 -32.53 57.56 -37.98
CA GLU E 388 -31.41 57.89 -38.86
C GLU E 388 -30.79 56.64 -39.50
N TYR E 389 -30.59 56.66 -40.82
CA TYR E 389 -30.06 55.49 -41.52
C TYR E 389 -28.97 55.84 -42.52
N SER E 390 -27.90 55.04 -42.53
CA SER E 390 -26.81 55.18 -43.48
C SER E 390 -26.75 53.97 -44.41
N SER E 391 -26.52 54.24 -45.70
CA SER E 391 -26.45 53.20 -46.73
C SER E 391 -25.36 52.15 -46.50
N ILE E 392 -25.68 50.90 -46.83
CA ILE E 392 -24.74 49.80 -46.67
C ILE E 392 -23.65 49.85 -47.73
N GLN E 393 -23.80 50.70 -48.71
CA GLN E 393 -22.84 50.82 -49.78
C GLN E 393 -21.54 51.41 -49.26
N HIS E 394 -21.58 52.07 -48.11
CA HIS E 394 -20.38 52.67 -47.54
C HIS E 394 -19.53 51.66 -46.78
N GLU E 395 -19.99 50.42 -46.70
CA GLU E 395 -19.27 49.38 -46.01
C GLU E 395 -18.38 48.57 -46.94
N PHE E 396 -18.37 48.86 -48.23
CA PHE E 396 -17.58 48.07 -49.15
C PHE E 396 -16.23 48.70 -49.44
N PRO E 397 -15.23 47.95 -49.89
CA PRO E 397 -13.97 48.59 -50.31
C PRO E 397 -13.96 49.43 -51.59
N GLU E 398 -12.90 50.24 -51.67
CA GLU E 398 -12.74 51.18 -52.76
C GLU E 398 -12.69 50.41 -54.07
N THR E 399 -12.12 49.20 -54.04
CA THR E 399 -12.00 48.39 -55.25
C THR E 399 -13.35 48.22 -55.94
N TYR E 400 -14.43 48.05 -55.15
CA TYR E 400 -15.75 47.85 -55.73
C TYR E 400 -16.23 49.08 -56.50
N GLY E 401 -15.80 50.30 -56.14
CA GLY E 401 -16.11 51.51 -56.89
C GLY E 401 -17.42 52.18 -56.54
N ILE E 402 -18.09 51.77 -55.46
CA ILE E 402 -19.39 52.30 -55.07
C ILE E 402 -19.28 53.26 -53.87
N SER E 403 -18.11 53.84 -53.63
CA SER E 403 -17.89 54.75 -52.50
C SER E 403 -17.78 56.20 -53.00
N ASP E 404 -17.74 57.13 -52.05
CA ASP E 404 -17.67 58.58 -52.36
C ASP E 404 -16.49 59.04 -53.20
N ILE E 405 -15.34 58.38 -53.12
CA ILE E 405 -14.21 58.88 -53.89
C ILE E 405 -14.23 58.39 -55.33
N GLY E 406 -15.20 57.57 -55.69
CA GLY E 406 -15.28 57.09 -57.05
C GLY E 406 -14.27 56.02 -57.38
N LEU E 407 -13.92 55.97 -58.67
CA LEU E 407 -13.08 54.98 -59.27
C LEU E 407 -12.14 55.71 -60.24
N PRO E 408 -10.82 55.47 -60.20
CA PRO E 408 -9.84 56.15 -61.10
C PRO E 408 -10.15 55.99 -62.58
N PRO E 409 -10.13 57.09 -63.35
CA PRO E 409 -10.36 57.11 -64.82
C PRO E 409 -9.59 56.11 -65.65
N LYS E 410 -8.38 55.79 -65.26
CA LYS E 410 -7.55 54.90 -66.04
C LYS E 410 -8.14 53.50 -66.15
N LEU E 411 -9.10 53.14 -65.32
CA LEU E 411 -9.66 51.80 -65.34
C LEU E 411 -10.72 51.63 -66.42
N GLY E 412 -11.07 52.69 -67.11
CA GLY E 412 -11.99 52.62 -68.23
C GLY E 412 -13.46 52.74 -67.87
N VAL E 413 -14.23 53.00 -68.92
CA VAL E 413 -15.68 53.15 -68.85
C VAL E 413 -16.37 51.88 -68.43
N LYS E 414 -16.00 50.75 -69.01
CA LYS E 414 -16.76 49.56 -68.68
C LYS E 414 -16.77 49.29 -67.18
N ARG E 415 -15.65 49.50 -66.50
CA ARG E 415 -15.69 49.24 -65.08
C ARG E 415 -16.57 50.25 -64.36
N ALA E 416 -16.56 51.51 -64.80
CA ALA E 416 -17.45 52.50 -64.20
C ALA E 416 -18.92 52.14 -64.37
N VAL E 417 -19.27 51.58 -65.53
CA VAL E 417 -20.65 51.16 -65.80
C VAL E 417 -21.05 50.05 -64.87
N LEU E 418 -20.17 49.07 -64.70
CA LEU E 418 -20.48 47.94 -63.83
C LEU E 418 -20.69 48.40 -62.40
N ALA E 419 -19.97 49.43 -61.96
CA ALA E 419 -20.20 49.95 -60.63
C ALA E 419 -21.61 50.49 -60.49
N ARG E 420 -22.12 51.14 -61.55
CA ARG E 420 -23.48 51.66 -61.56
C ARG E 420 -24.50 50.52 -61.42
N GLN E 421 -24.22 49.39 -62.08
CA GLN E 421 -25.11 48.23 -62.02
C GLN E 421 -25.19 47.68 -60.61
N LEU E 422 -24.05 47.64 -59.91
CA LEU E 422 -24.05 47.15 -58.54
C LEU E 422 -24.82 48.07 -57.62
N LYS E 423 -24.69 49.40 -57.78
CA LYS E 423 -25.45 50.31 -56.91
C LYS E 423 -26.94 50.04 -57.03
N GLY E 424 -27.39 49.81 -58.26
CA GLY E 424 -28.79 49.49 -58.49
C GLY E 424 -29.23 48.27 -57.72
N TYR E 425 -28.46 47.19 -57.82
CA TYR E 425 -28.76 45.96 -57.12
C TYR E 425 -28.84 46.17 -55.62
N LEU E 426 -27.84 46.84 -55.05
CA LEU E 426 -27.81 46.98 -53.60
C LEU E 426 -28.98 47.81 -53.06
N LEU E 427 -29.59 48.72 -53.85
CA LEU E 427 -30.75 49.49 -53.36
C LEU E 427 -31.93 48.61 -52.95
N PHE E 428 -32.00 47.38 -53.42
CA PHE E 428 -33.09 46.50 -53.02
C PHE E 428 -32.98 46.13 -51.55
N PHE E 429 -31.77 46.15 -51.00
CA PHE E 429 -31.52 45.81 -49.63
C PHE E 429 -31.61 47.05 -48.75
N ASP E 430 -31.22 48.19 -49.30
CA ASP E 430 -31.25 49.39 -48.48
C ASP E 430 -32.65 49.92 -48.33
N GLN E 431 -33.50 49.81 -49.35
CA GLN E 431 -34.81 50.39 -49.18
C GLN E 431 -35.59 49.68 -48.08
N ILE E 432 -35.37 48.37 -47.92
CA ILE E 432 -36.05 47.63 -46.87
C ILE E 432 -35.53 48.01 -45.50
N LEU E 433 -34.22 48.08 -45.34
CA LEU E 433 -33.68 48.45 -44.03
C LEU E 433 -34.12 49.86 -43.65
N ALA E 434 -34.14 50.77 -44.60
CA ALA E 434 -34.54 52.13 -44.31
C ALA E 434 -35.98 52.18 -43.79
N SER E 435 -36.86 51.35 -44.34
CA SER E 435 -38.22 51.24 -43.85
C SER E 435 -38.32 50.87 -42.38
N TYR E 436 -37.57 49.88 -41.94
CA TYR E 436 -37.61 49.49 -40.54
C TYR E 436 -37.16 50.60 -39.62
N PHE E 437 -36.14 51.37 -39.99
CA PHE E 437 -35.70 52.45 -39.13
C PHE E 437 -36.75 53.55 -39.07
N GLU E 438 -37.38 53.78 -40.20
CA GLU E 438 -38.44 54.76 -40.32
C GLU E 438 -39.64 54.40 -39.47
N HIS E 439 -39.95 53.12 -39.40
CA HIS E 439 -41.05 52.65 -38.59
C HIS E 439 -40.83 52.92 -37.12
N LEU E 440 -39.59 52.85 -36.59
CA LEU E 440 -39.34 53.22 -35.19
C LEU E 440 -39.68 54.67 -34.91
N SER E 441 -39.36 55.56 -35.85
CA SER E 441 -39.65 56.98 -35.68
C SER E 441 -41.13 57.32 -35.56
N LYS E 442 -42.01 56.40 -35.91
CA LYS E 442 -43.43 56.66 -35.88
C LYS E 442 -44.16 56.01 -34.72
N ILE E 443 -43.46 55.36 -33.79
CA ILE E 443 -44.18 54.69 -32.71
C ILE E 443 -45.02 55.67 -31.92
N LYS E 444 -44.48 56.85 -31.67
CA LYS E 444 -45.21 57.88 -30.95
C LYS E 444 -46.53 58.25 -31.60
N SER E 445 -46.57 58.26 -32.92
CA SER E 445 -47.79 58.63 -33.61
C SER E 445 -48.77 57.50 -33.58
N LEU E 446 -48.28 56.29 -33.79
CA LEU E 446 -49.17 55.15 -33.91
C LEU E 446 -49.98 54.93 -32.64
N LEU E 447 -49.39 55.22 -31.49
CA LEU E 447 -50.08 55.04 -30.22
C LEU E 447 -50.53 56.35 -29.56
N SER E 448 -50.59 57.46 -30.31
CA SER E 448 -50.97 58.77 -29.76
C SER E 448 -52.42 58.89 -29.28
N LEU E 449 -52.58 59.58 -28.15
CA LEU E 449 -53.91 59.85 -27.61
C LEU E 449 -54.52 61.09 -28.23
N ASP E 450 -53.73 61.88 -28.96
CA ASP E 450 -54.28 63.11 -29.52
C ASP E 450 -54.75 62.88 -30.94
N GLN E 451 -53.96 62.15 -31.71
CA GLN E 451 -54.25 61.92 -33.11
C GLN E 451 -53.27 60.94 -33.74
N GLY E 452 -53.76 59.83 -34.26
CA GLY E 452 -52.90 58.89 -34.95
C GLY E 452 -52.70 59.28 -36.42
N PRO E 453 -51.76 58.59 -37.07
CA PRO E 453 -51.41 58.78 -38.50
C PRO E 453 -52.42 58.11 -39.41
N SER E 454 -52.38 58.49 -40.68
CA SER E 454 -53.22 57.85 -41.72
C SER E 454 -52.65 56.56 -42.28
N PHE E 455 -51.34 56.37 -42.17
CA PHE E 455 -50.67 55.18 -42.70
C PHE E 455 -50.19 54.31 -41.57
N THR E 456 -49.98 53.03 -41.84
CA THR E 456 -49.41 52.18 -40.81
C THR E 456 -48.05 51.65 -41.20
N TYR E 457 -47.67 51.74 -42.48
CA TYR E 457 -46.35 51.36 -42.93
C TYR E 457 -45.66 52.58 -43.52
N PHE E 458 -44.33 52.65 -43.41
CA PHE E 458 -43.60 53.86 -43.79
C PHE E 458 -42.30 53.57 -44.56
N THR E 459 -41.82 54.55 -45.35
CA THR E 459 -40.52 54.43 -46.01
C THR E 459 -39.73 55.74 -45.97
N GLN E 460 -38.51 55.74 -46.52
CA GLN E 460 -37.62 56.92 -46.56
C GLN E 460 -36.91 57.09 -47.88
N ALA E 461 -36.67 58.34 -48.28
CA ALA E 461 -35.74 58.54 -49.38
C ALA E 461 -34.35 58.26 -48.90
N ILE E 462 -33.51 57.68 -49.75
CA ILE E 462 -32.11 57.46 -49.38
C ILE E 462 -31.27 58.47 -50.14
N LYS E 463 -30.56 59.34 -49.41
CA LYS E 463 -29.81 60.41 -50.07
C LYS E 463 -28.32 60.45 -49.81
N ASP E 464 -27.73 59.42 -49.20
CA ASP E 464 -26.29 59.39 -48.96
C ASP E 464 -25.57 58.57 -50.01
N ILE E 465 -26.23 58.40 -51.15
CA ILE E 465 -25.72 57.72 -52.32
C ILE E 465 -25.61 58.78 -53.41
N LYS E 466 -24.41 58.93 -53.96
CA LYS E 466 -24.12 60.03 -54.86
C LYS E 466 -24.95 60.07 -56.16
N ASP E 467 -25.41 58.97 -56.73
CA ASP E 467 -26.17 59.26 -57.93
C ASP E 467 -27.64 58.98 -57.89
N VAL E 468 -28.26 58.85 -56.71
CA VAL E 468 -29.69 58.53 -56.70
C VAL E 468 -30.58 59.34 -57.66
N GLU E 469 -30.16 60.55 -58.02
CA GLU E 469 -30.90 61.29 -59.02
C GLU E 469 -30.90 60.66 -60.39
N GLU E 470 -29.95 59.76 -60.67
CA GLU E 470 -29.92 59.11 -61.95
C GLU E 470 -30.44 57.68 -61.87
N LEU E 471 -30.27 57.04 -60.71
CA LEU E 471 -30.72 55.67 -60.51
C LEU E 471 -32.25 55.56 -60.55
N PHE E 472 -32.96 56.57 -60.07
CA PHE E 472 -34.43 56.55 -60.04
C PHE E 472 -35.05 57.15 -61.29
N LYS E 473 -36.09 56.50 -61.81
CA LYS E 473 -36.78 57.00 -63.00
C LYS E 473 -37.42 58.37 -62.79
N ASP E 474 -37.93 58.62 -61.59
CA ASP E 474 -38.52 59.92 -61.28
C ASP E 474 -38.03 60.40 -59.93
N PRO E 475 -37.03 61.28 -59.92
CA PRO E 475 -36.42 61.86 -58.71
C PRO E 475 -37.37 62.65 -57.85
N THR E 476 -38.51 63.06 -58.41
CA THR E 476 -39.52 63.77 -57.64
C THR E 476 -39.85 63.12 -56.32
N LEU E 477 -39.96 61.80 -56.32
CA LEU E 477 -40.37 61.10 -55.12
C LEU E 477 -39.36 61.22 -53.98
N LEU E 478 -38.12 61.50 -54.30
CA LEU E 478 -37.11 61.57 -53.28
C LEU E 478 -37.20 62.87 -52.51
N GLU E 479 -38.07 63.77 -52.94
CA GLU E 479 -38.26 65.04 -52.25
C GLU E 479 -39.41 64.99 -51.26
N ASN E 480 -40.11 63.85 -51.15
CA ASN E 480 -41.24 63.79 -50.23
C ASN E 480 -41.56 62.35 -49.86
N ASP E 481 -41.21 61.98 -48.63
CA ASP E 481 -41.38 60.61 -48.14
C ASP E 481 -42.84 60.14 -48.14
N GLU E 482 -43.80 61.06 -48.14
CA GLU E 482 -45.20 60.65 -48.13
C GLU E 482 -45.60 60.15 -49.51
N GLU E 483 -45.03 60.74 -50.56
CA GLU E 483 -45.35 60.34 -51.92
C GLU E 483 -44.63 59.06 -52.22
N LEU E 484 -43.43 58.96 -51.68
CA LEU E 484 -42.63 57.77 -51.86
C LEU E 484 -43.33 56.58 -51.23
N THR E 485 -43.93 56.79 -50.05
CA THR E 485 -44.68 55.73 -49.37
C THR E 485 -45.85 55.26 -50.21
N LYS E 486 -46.65 56.20 -50.72
CA LYS E 486 -47.80 55.83 -51.53
C LYS E 486 -47.37 55.06 -52.78
N SER E 487 -46.25 55.45 -53.40
CA SER E 487 -45.75 54.79 -54.60
C SER E 487 -45.13 53.41 -54.33
N LEU E 488 -44.35 53.25 -53.26
CA LEU E 488 -43.65 51.99 -53.04
C LEU E 488 -44.44 50.95 -52.25
N ILE E 489 -45.19 51.35 -51.24
CA ILE E 489 -45.94 50.41 -50.45
C ILE E 489 -47.35 50.34 -50.95
N GLY E 490 -47.95 51.52 -51.10
CA GLY E 490 -49.27 51.64 -51.67
C GLY E 490 -50.33 50.80 -51.00
N LYS E 491 -51.01 50.01 -51.82
CA LYS E 491 -52.17 49.27 -51.34
C LYS E 491 -51.81 48.26 -50.29
N LEU E 492 -50.57 47.75 -50.31
CA LEU E 492 -50.21 46.73 -49.33
C LEU E 492 -50.56 47.15 -47.90
N ASP E 493 -50.72 48.45 -47.66
CA ASP E 493 -51.04 49.00 -46.35
C ASP E 493 -52.57 49.03 -46.18
N ASP E 494 -53.14 48.02 -45.54
CA ASP E 494 -54.59 47.98 -45.35
C ASP E 494 -54.90 48.84 -44.13
N THR E 495 -54.99 50.15 -44.36
CA THR E 495 -55.09 51.12 -43.29
C THR E 495 -56.37 51.01 -42.48
N ILE E 496 -57.50 50.73 -43.11
CA ILE E 496 -58.73 50.76 -42.31
C ILE E 496 -58.72 49.65 -41.25
N GLU E 497 -58.33 48.45 -41.62
CA GLU E 497 -58.35 47.39 -40.63
C GLU E 497 -57.26 47.60 -39.60
N ARG E 498 -56.07 48.01 -40.03
CA ARG E 498 -55.00 48.18 -39.07
C ARG E 498 -55.24 49.34 -38.10
N ARG E 499 -55.80 50.45 -38.60
CA ARG E 499 -56.08 51.57 -37.73
C ARG E 499 -57.12 51.20 -36.69
N ASN E 500 -58.13 50.40 -37.07
CA ASN E 500 -59.11 49.99 -36.08
C ASN E 500 -58.47 49.13 -35.00
N GLN E 501 -57.57 48.22 -35.37
CA GLN E 501 -56.98 47.38 -34.34
C GLN E 501 -56.21 48.20 -33.31
N LEU E 502 -55.47 49.22 -33.77
CA LEU E 502 -54.73 50.06 -32.83
C LEU E 502 -55.66 50.83 -31.91
N MET E 503 -56.74 51.38 -32.47
CA MET E 503 -57.66 52.16 -31.67
C MET E 503 -58.35 51.31 -30.64
N ASP E 504 -58.74 50.09 -31.03
CA ASP E 504 -59.44 49.22 -30.10
C ASP E 504 -58.57 48.86 -28.94
N HIS E 505 -57.28 48.63 -29.20
CA HIS E 505 -56.37 48.33 -28.11
C HIS E 505 -56.29 49.48 -27.13
N LEU E 506 -56.10 50.70 -27.63
CA LEU E 506 -55.99 51.83 -26.71
C LEU E 506 -57.26 52.02 -25.91
N ILE E 507 -58.42 51.84 -26.54
CA ILE E 507 -59.69 52.00 -25.83
C ILE E 507 -59.83 50.95 -24.75
N ALA E 508 -59.45 49.71 -25.06
CA ALA E 508 -59.51 48.61 -24.11
C ALA E 508 -58.69 48.88 -22.86
N ARG E 509 -57.59 49.65 -22.98
CA ARG E 509 -56.77 49.94 -21.81
C ARG E 509 -57.53 50.69 -20.72
N PHE E 510 -58.63 51.34 -21.07
CA PHE E 510 -59.44 52.05 -20.09
C PHE E 510 -60.70 51.27 -19.75
N ALA E 511 -60.75 50.02 -20.20
CA ALA E 511 -61.87 49.10 -20.03
C ALA E 511 -63.15 49.59 -20.69
N GLU E 512 -63.05 50.23 -21.85
CA GLU E 512 -64.22 50.71 -22.58
C GLU E 512 -64.46 49.80 -23.79
N ASN E 513 -65.55 50.03 -24.55
CA ASN E 513 -65.84 49.15 -25.71
C ASN E 513 -66.79 49.80 -26.72
N PHE E 514 -66.31 49.94 -27.98
CA PHE E 514 -67.06 50.57 -29.08
C PHE E 514 -67.60 49.59 -30.13
N SER E 515 -67.75 48.32 -29.80
CA SER E 515 -68.24 47.33 -30.76
C SER E 515 -69.54 47.67 -31.46
N SER E 516 -70.48 48.30 -30.78
CA SER E 516 -71.80 48.55 -31.36
C SER E 516 -71.78 49.52 -32.53
N TYR E 517 -70.72 50.32 -32.69
CA TYR E 517 -70.67 51.27 -33.80
C TYR E 517 -70.59 50.54 -35.12
N ALA E 518 -70.10 49.33 -35.06
CA ALA E 518 -69.95 48.50 -36.23
C ALA E 518 -71.25 48.30 -36.98
N PHE E 519 -72.38 48.30 -36.28
CA PHE E 519 -73.61 48.13 -37.02
C PHE E 519 -74.57 49.27 -36.82
N LEU E 520 -74.49 49.98 -35.70
CA LEU E 520 -75.49 51.03 -35.48
C LEU E 520 -75.30 52.16 -36.48
N MET E 521 -74.08 52.38 -36.90
CA MET E 521 -73.81 53.44 -37.83
C MET E 521 -74.31 53.13 -39.22
N LYS E 522 -74.67 51.88 -39.50
CA LYS E 522 -75.12 51.51 -40.81
C LYS E 522 -76.55 51.89 -41.06
N PHE E 523 -77.21 52.38 -40.04
CA PHE E 523 -78.56 52.85 -40.22
C PHE E 523 -78.56 54.31 -40.51
N LEU E 524 -77.38 54.91 -40.50
CA LEU E 524 -77.22 56.32 -40.73
C LEU E 524 -76.42 56.61 -41.98
N TYR E 525 -75.38 55.81 -42.21
CA TYR E 525 -74.48 56.03 -43.30
C TYR E 525 -74.21 54.71 -44.01
N GLY E 526 -73.76 54.81 -45.26
CA GLY E 526 -73.36 53.64 -46.02
C GLY E 526 -71.87 53.40 -45.87
N GLU E 527 -71.18 53.32 -46.99
CA GLU E 527 -69.76 53.00 -47.00
C GLU E 527 -68.91 54.00 -46.20
N SER E 528 -69.40 55.24 -46.09
CA SER E 528 -68.70 56.31 -45.39
C SER E 528 -68.55 56.07 -43.88
N THR E 529 -69.19 55.03 -43.31
CA THR E 529 -69.03 54.80 -41.88
C THR E 529 -67.59 54.51 -41.49
N ASP E 530 -66.76 53.92 -42.36
CA ASP E 530 -65.43 53.57 -41.85
C ASP E 530 -64.63 54.80 -41.42
N GLU E 531 -64.75 55.88 -42.17
CA GLU E 531 -64.05 57.10 -41.82
C GLU E 531 -64.66 57.74 -40.59
N ILE E 532 -65.98 57.73 -40.52
CA ILE E 532 -66.67 58.38 -39.42
C ILE E 532 -66.34 57.70 -38.11
N VAL E 533 -66.39 56.38 -38.11
CA VAL E 533 -66.14 55.64 -36.88
C VAL E 533 -64.73 55.86 -36.37
N LEU E 534 -63.71 55.84 -37.25
CA LEU E 534 -62.36 56.09 -36.73
C LEU E 534 -62.23 57.49 -36.14
N GLN E 535 -62.89 58.48 -36.74
CA GLN E 535 -62.81 59.82 -36.17
C GLN E 535 -63.44 59.86 -34.78
N ASP E 536 -64.57 59.19 -34.59
CA ASP E 536 -65.23 59.18 -33.30
C ASP E 536 -64.39 58.48 -32.24
N LYS E 537 -63.73 57.38 -32.59
CA LYS E 537 -62.91 56.69 -31.60
C LYS E 537 -61.76 57.56 -31.13
N GLN E 538 -61.13 58.32 -32.03
CA GLN E 538 -60.04 59.20 -31.59
C GLN E 538 -60.55 60.28 -30.65
N SER E 539 -61.71 60.84 -30.96
CA SER E 539 -62.28 61.88 -30.11
C SER E 539 -62.56 61.36 -28.71
N PHE E 540 -63.08 60.14 -28.64
CA PHE E 540 -63.36 59.53 -27.35
C PHE E 540 -62.11 59.46 -26.49
N LEU E 541 -60.98 59.01 -27.04
CA LEU E 541 -59.78 58.94 -26.21
C LEU E 541 -59.36 60.32 -25.73
N ARG E 542 -59.41 61.34 -26.60
CA ARG E 542 -58.98 62.68 -26.18
C ARG E 542 -59.79 63.23 -25.03
N GLU E 543 -61.09 63.00 -25.05
CA GLU E 543 -62.02 63.52 -24.06
C GLU E 543 -62.19 62.64 -22.83
N TYR E 544 -61.44 61.54 -22.75
CA TYR E 544 -61.68 60.55 -21.72
C TYR E 544 -61.52 61.04 -20.29
N LYS E 545 -60.56 61.93 -20.00
CA LYS E 545 -60.33 62.31 -18.62
C LYS E 545 -61.60 62.81 -17.91
N GLU E 546 -62.35 63.68 -18.57
CA GLU E 546 -63.61 64.17 -18.02
C GLU E 546 -64.71 63.14 -18.12
N ILE E 547 -64.79 62.39 -19.23
CA ILE E 547 -65.89 61.46 -19.44
C ILE E 547 -65.99 60.44 -18.31
N SER E 548 -64.88 59.86 -17.91
CA SER E 548 -64.92 58.83 -16.87
C SER E 548 -65.03 59.37 -15.46
N ARG E 549 -64.88 60.67 -15.26
CA ARG E 549 -64.87 61.22 -13.92
C ARG E 549 -66.17 61.87 -13.56
N GLU E 550 -66.64 62.78 -14.39
CA GLU E 550 -67.80 63.58 -14.03
C GLU E 550 -69.09 62.87 -14.43
N ARG E 551 -69.32 61.75 -13.78
CA ARG E 551 -70.47 60.92 -14.09
C ARG E 551 -71.69 61.41 -13.33
N THR F 3 -31.53 16.04 -50.95
CA THR F 3 -31.19 16.08 -52.37
C THR F 3 -29.99 16.92 -52.63
N LEU F 4 -29.12 16.96 -51.63
CA LEU F 4 -27.89 17.73 -51.69
C LEU F 4 -26.74 16.79 -52.00
N ASN F 5 -25.62 17.35 -52.41
CA ASN F 5 -24.48 16.50 -52.68
C ASN F 5 -23.81 16.11 -51.38
N LYS F 6 -23.34 14.86 -51.32
CA LYS F 6 -22.64 14.36 -50.15
C LYS F 6 -21.15 14.21 -50.46
N HIS F 7 -20.35 14.18 -49.41
CA HIS F 7 -18.92 13.96 -49.57
C HIS F 7 -18.69 12.50 -49.93
N ILE F 8 -17.74 12.24 -50.83
CA ILE F 8 -17.45 10.91 -51.36
C ILE F 8 -16.11 10.38 -50.88
N SER F 9 -16.12 9.13 -50.38
CA SER F 9 -14.91 8.47 -49.93
C SER F 9 -14.93 6.98 -50.27
N ILE F 10 -13.79 6.32 -50.05
CA ILE F 10 -13.61 4.91 -50.34
C ILE F 10 -13.26 4.13 -49.08
N PRO F 11 -13.94 3.00 -48.86
CA PRO F 11 -13.72 2.11 -47.71
C PRO F 11 -12.30 1.61 -47.67
N LYS F 12 -11.80 1.31 -46.45
CA LYS F 12 -10.43 0.84 -46.27
C LYS F 12 -10.30 -0.67 -45.96
N ASP F 13 -11.41 -1.38 -45.74
CA ASP F 13 -11.32 -2.81 -45.44
C ASP F 13 -11.54 -3.63 -46.71
N MET F 14 -10.51 -3.70 -47.54
CA MET F 14 -10.59 -4.41 -48.81
C MET F 14 -10.42 -5.90 -48.62
N SER F 15 -11.44 -6.55 -48.09
CA SER F 15 -11.43 -7.98 -47.82
C SER F 15 -12.83 -8.54 -47.91
N SER F 16 -13.06 -9.50 -48.79
CA SER F 16 -14.38 -10.07 -48.92
C SER F 16 -14.40 -11.57 -49.00
N LYS F 17 -13.26 -12.19 -49.31
CA LYS F 17 -13.15 -13.63 -49.47
C LYS F 17 -14.09 -14.16 -50.56
N ASP F 18 -14.18 -13.45 -51.68
CA ASP F 18 -15.01 -13.85 -52.81
C ASP F 18 -14.29 -13.51 -54.12
N ASP F 19 -15.04 -13.49 -55.22
CA ASP F 19 -14.43 -13.30 -56.53
C ASP F 19 -13.94 -11.87 -56.80
N LEU F 20 -14.22 -10.91 -55.93
CA LEU F 20 -13.72 -9.57 -56.12
C LEU F 20 -12.45 -9.30 -55.32
N ASP F 21 -11.98 -10.30 -54.58
CA ASP F 21 -10.83 -10.20 -53.70
C ASP F 21 -9.61 -10.86 -54.36
N PHE F 22 -8.71 -10.05 -54.91
CA PHE F 22 -7.56 -10.57 -55.65
C PHE F 22 -6.70 -11.49 -54.81
N HIS F 23 -6.35 -11.06 -53.59
CA HIS F 23 -5.43 -11.84 -52.80
C HIS F 23 -6.04 -13.15 -52.39
N PHE F 24 -7.33 -13.15 -52.09
CA PHE F 24 -8.01 -14.39 -51.79
C PHE F 24 -7.92 -15.37 -52.94
N LEU F 25 -8.22 -14.90 -54.16
CA LEU F 25 -8.17 -15.77 -55.32
C LEU F 25 -6.79 -16.34 -55.55
N ARG F 26 -5.76 -15.51 -55.37
CA ARG F 26 -4.40 -15.97 -55.59
C ARG F 26 -4.03 -17.10 -54.64
N GLU F 27 -4.39 -16.98 -53.36
CA GLU F 27 -4.08 -18.04 -52.40
C GLU F 27 -4.78 -19.34 -52.73
N GLU F 28 -6.05 -19.26 -53.13
CA GLU F 28 -6.79 -20.46 -53.49
C GLU F 28 -6.17 -21.13 -54.69
N GLY F 29 -5.72 -20.32 -55.65
CA GLY F 29 -5.06 -20.85 -56.83
C GLY F 29 -3.87 -21.70 -56.47
N ILE F 30 -3.01 -21.19 -55.61
CA ILE F 30 -1.82 -21.94 -55.21
C ILE F 30 -2.18 -23.19 -54.43
N ARG F 31 -3.18 -23.11 -53.54
CA ARG F 31 -3.58 -24.31 -52.82
C ARG F 31 -4.01 -25.42 -53.76
N TYR F 32 -4.79 -25.08 -54.80
CA TYR F 32 -5.21 -26.08 -55.75
C TYR F 32 -4.04 -26.67 -56.51
N ILE F 33 -3.06 -25.84 -56.88
CA ILE F 33 -1.89 -26.32 -57.60
C ILE F 33 -1.13 -27.35 -56.79
N LYS F 34 -0.90 -27.10 -55.51
CA LYS F 34 -0.16 -28.07 -54.72
C LYS F 34 -0.89 -29.37 -54.60
N GLU F 35 -2.20 -29.32 -54.41
CA GLU F 35 -2.97 -30.54 -54.24
C GLU F 35 -2.94 -31.42 -55.49
N LEU F 36 -2.97 -30.80 -56.65
CA LEU F 36 -3.01 -31.54 -57.90
C LEU F 36 -1.65 -31.88 -58.51
N GLY F 37 -0.67 -30.97 -58.48
CA GLY F 37 0.57 -31.19 -59.20
C GLY F 37 1.91 -31.05 -58.50
N SER F 38 1.96 -31.09 -57.16
CA SER F 38 3.22 -30.88 -56.44
C SER F 38 4.31 -31.91 -56.73
N ASN F 39 3.96 -33.03 -57.35
CA ASN F 39 4.97 -34.00 -57.68
C ASN F 39 5.92 -33.47 -58.74
N PHE F 40 5.43 -32.59 -59.59
CA PHE F 40 6.22 -32.10 -60.70
C PHE F 40 6.49 -30.61 -60.66
N TRP F 41 5.57 -29.84 -60.13
CA TRP F 41 5.71 -28.39 -60.08
C TRP F 41 5.81 -27.94 -58.65
N THR F 42 7.03 -27.61 -58.21
CA THR F 42 7.30 -27.21 -56.82
C THR F 42 7.83 -25.79 -56.65
N ASP F 43 8.32 -25.17 -57.69
CA ASP F 43 8.89 -23.84 -57.64
C ASP F 43 7.76 -22.83 -57.78
N TYR F 44 7.41 -22.12 -56.70
CA TYR F 44 6.31 -21.16 -56.78
C TYR F 44 6.79 -19.73 -56.63
N ASN F 45 8.04 -19.48 -57.02
CA ASN F 45 8.61 -18.15 -56.97
C ASN F 45 8.05 -17.26 -58.05
N THR F 46 8.21 -15.95 -57.86
CA THR F 46 7.60 -14.97 -58.75
C THR F 46 8.20 -14.89 -60.16
N HIS F 47 9.36 -15.47 -60.41
CA HIS F 47 9.87 -15.44 -61.78
C HIS F 47 9.25 -16.52 -62.66
N ASP F 48 8.48 -17.43 -62.06
CA ASP F 48 7.91 -18.58 -62.73
C ASP F 48 6.76 -18.20 -63.66
N PRO F 49 6.84 -18.53 -64.96
CA PRO F 49 5.75 -18.32 -65.93
C PRO F 49 4.43 -18.88 -65.48
N GLY F 50 4.45 -20.00 -64.75
CA GLY F 50 3.22 -20.60 -64.25
C GLY F 50 2.47 -19.68 -63.33
N ILE F 51 3.18 -19.16 -62.32
CA ILE F 51 2.62 -18.24 -61.37
C ILE F 51 2.20 -16.94 -62.04
N THR F 52 2.99 -16.48 -63.03
CA THR F 52 2.63 -15.26 -63.75
C THR F 52 1.26 -15.42 -64.42
N MET F 53 1.02 -16.55 -65.07
CA MET F 53 -0.26 -16.80 -65.71
C MET F 53 -1.41 -16.82 -64.71
N LEU F 54 -1.19 -17.42 -63.54
CA LEU F 54 -2.22 -17.45 -62.50
C LEU F 54 -2.66 -16.05 -62.10
N GLU F 55 -1.69 -15.17 -61.86
CA GLU F 55 -2.03 -13.82 -61.44
C GLU F 55 -2.83 -13.07 -62.50
N VAL F 56 -2.49 -13.27 -63.78
CA VAL F 56 -3.25 -12.62 -64.85
C VAL F 56 -4.68 -13.09 -64.86
N LEU F 57 -4.89 -14.39 -64.71
CA LEU F 57 -6.24 -14.92 -64.69
C LEU F 57 -7.04 -14.41 -63.50
N CYS F 58 -6.41 -14.29 -62.33
CA CYS F 58 -7.13 -13.79 -61.16
C CYS F 58 -7.63 -12.38 -61.38
N TYR F 59 -6.82 -11.56 -62.03
CA TYR F 59 -7.18 -10.19 -62.38
C TYR F 59 -8.39 -10.18 -63.30
N ALA F 60 -8.39 -11.03 -64.33
CA ALA F 60 -9.51 -11.14 -65.26
C ALA F 60 -10.81 -11.56 -64.57
N ILE F 61 -10.71 -12.45 -63.58
CA ILE F 61 -11.91 -12.87 -62.84
C ILE F 61 -12.54 -11.71 -62.11
N SER F 62 -11.73 -10.89 -61.43
CA SER F 62 -12.27 -9.74 -60.73
C SER F 62 -13.05 -8.83 -61.66
N ASP F 63 -12.56 -8.62 -62.88
CA ASP F 63 -13.25 -7.79 -63.87
C ASP F 63 -14.62 -8.36 -64.19
N LEU F 64 -14.71 -9.67 -64.39
CA LEU F 64 -16.00 -10.28 -64.68
C LEU F 64 -16.96 -10.08 -63.52
N GLY F 65 -16.51 -10.34 -62.29
CA GLY F 65 -17.39 -10.20 -61.15
C GLY F 65 -17.92 -8.79 -61.00
N ASN F 66 -17.07 -7.81 -61.28
CA ASN F 66 -17.46 -6.42 -61.18
C ASN F 66 -18.58 -6.05 -62.15
N ARG F 67 -18.63 -6.65 -63.35
CA ARG F 67 -19.72 -6.30 -64.25
C ARG F 67 -21.00 -7.00 -63.88
N ILE F 68 -20.90 -8.20 -63.32
CA ILE F 68 -22.10 -8.90 -62.92
C ILE F 68 -22.87 -8.07 -61.90
N ASN F 69 -22.17 -7.32 -61.05
CA ASN F 69 -22.81 -6.48 -60.05
C ASN F 69 -23.40 -5.15 -60.56
N ILE F 70 -23.34 -4.86 -61.85
CA ILE F 70 -23.98 -3.65 -62.39
C ILE F 70 -25.48 -3.76 -62.16
N PRO F 71 -26.14 -2.71 -61.69
CA PRO F 71 -27.57 -2.75 -61.39
C PRO F 71 -28.43 -3.04 -62.62
N ILE F 72 -29.57 -3.69 -62.34
CA ILE F 72 -30.52 -4.15 -63.36
C ILE F 72 -30.97 -3.03 -64.25
N GLU F 73 -31.12 -1.83 -63.69
CA GLU F 73 -31.63 -0.72 -64.48
C GLU F 73 -30.78 -0.48 -65.73
N ASP F 74 -29.50 -0.81 -65.65
CA ASP F 74 -28.62 -0.61 -66.77
C ASP F 74 -28.46 -1.87 -67.58
N LEU F 75 -28.39 -3.02 -66.92
CA LEU F 75 -28.14 -4.26 -67.64
C LEU F 75 -29.23 -4.60 -68.64
N ILE F 76 -30.47 -4.24 -68.35
CA ILE F 76 -31.53 -4.56 -69.29
C ILE F 76 -32.09 -3.34 -69.99
N ALA F 77 -31.35 -2.25 -70.03
CA ALA F 77 -31.79 -1.04 -70.69
C ALA F 77 -31.85 -1.20 -72.20
N ASN F 78 -32.78 -0.47 -72.82
CA ASN F 78 -32.86 -0.40 -74.26
C ASN F 78 -32.07 0.79 -74.77
N GLU F 79 -31.62 0.69 -76.01
CA GLU F 79 -30.88 1.75 -76.65
C GLU F 79 -31.61 3.08 -76.68
N GLU F 80 -32.90 3.03 -76.85
CA GLU F 80 -33.79 4.16 -76.89
C GLU F 80 -34.46 4.48 -75.57
N GLY F 81 -34.09 3.80 -74.50
CA GLY F 81 -34.73 3.98 -73.21
C GLY F 81 -36.02 3.17 -73.14
N GLY F 82 -36.66 3.19 -71.96
CA GLY F 82 -37.90 2.47 -71.77
C GLY F 82 -37.69 1.00 -71.46
N VAL F 83 -38.81 0.32 -71.18
CA VAL F 83 -38.84 -1.09 -70.80
C VAL F 83 -39.87 -1.86 -71.60
N LYS F 84 -40.14 -1.43 -72.82
CA LYS F 84 -41.24 -1.99 -73.63
C LYS F 84 -41.28 -3.52 -73.69
N GLY F 85 -40.16 -4.18 -73.97
CA GLY F 85 -40.19 -5.63 -74.09
C GLY F 85 -39.87 -6.39 -72.82
N GLN F 86 -39.69 -5.67 -71.71
CA GLN F 86 -39.29 -6.32 -70.47
C GLN F 86 -40.41 -6.36 -69.46
N PHE F 87 -41.12 -5.26 -69.29
CA PHE F 87 -42.11 -5.24 -68.23
C PHE F 87 -43.40 -4.62 -68.69
N TYR F 88 -44.48 -4.99 -68.03
CA TYR F 88 -45.73 -4.30 -68.21
C TYR F 88 -45.81 -3.29 -67.08
N LYS F 89 -46.26 -2.07 -67.38
CA LYS F 89 -46.30 -1.01 -66.38
C LYS F 89 -47.61 -1.01 -65.57
N VAL F 90 -47.63 -0.31 -64.43
CA VAL F 90 -48.82 -0.35 -63.57
C VAL F 90 -50.07 0.17 -64.26
N GLN F 91 -49.92 1.15 -65.14
CA GLN F 91 -51.03 1.73 -65.88
C GLN F 91 -51.67 0.73 -66.81
N GLU F 92 -50.95 -0.33 -67.12
CA GLU F 92 -51.36 -1.34 -68.05
C GLU F 92 -51.74 -2.66 -67.41
N ILE F 93 -51.04 -3.05 -66.35
CA ILE F 93 -51.26 -4.37 -65.77
C ILE F 93 -52.10 -4.39 -64.48
N LEU F 94 -52.23 -3.29 -63.77
CA LEU F 94 -53.09 -3.31 -62.56
C LEU F 94 -54.59 -3.00 -62.70
N PRO F 95 -55.02 -2.06 -63.57
CA PRO F 95 -56.45 -1.69 -63.72
C PRO F 95 -57.32 -2.84 -64.18
N SER F 96 -58.60 -2.78 -63.82
CA SER F 96 -59.56 -3.83 -64.17
C SER F 96 -60.78 -3.29 -64.91
N ALA F 97 -61.34 -4.11 -65.80
CA ALA F 97 -62.53 -3.71 -66.55
C ALA F 97 -63.62 -3.45 -65.53
N PRO F 98 -64.58 -2.57 -65.79
CA PRO F 98 -65.57 -2.35 -64.73
C PRO F 98 -66.72 -3.35 -64.70
N THR F 99 -66.83 -4.15 -63.64
CA THR F 99 -67.90 -5.14 -63.49
C THR F 99 -68.82 -4.96 -62.27
N SER F 100 -68.47 -4.08 -61.35
CA SER F 100 -69.25 -3.88 -60.15
C SER F 100 -70.04 -2.56 -60.24
N GLU F 101 -70.95 -2.37 -59.27
CA GLU F 101 -71.79 -1.17 -59.19
C GLU F 101 -70.95 0.09 -59.03
N LEU F 102 -69.92 0.04 -58.16
CA LEU F 102 -69.09 1.19 -57.91
C LEU F 102 -68.25 1.50 -59.14
N ASP F 103 -67.81 0.47 -59.84
CA ASP F 103 -67.06 0.69 -61.06
C ASP F 103 -67.90 1.43 -62.08
N LEU F 104 -69.18 1.04 -62.22
CA LEU F 104 -70.07 1.70 -63.16
C LEU F 104 -70.29 3.15 -62.78
N ARG F 105 -70.42 3.41 -61.48
CA ARG F 105 -70.60 4.80 -61.11
C ARG F 105 -69.36 5.60 -61.46
N LYS F 106 -68.16 5.04 -61.24
CA LYS F 106 -66.93 5.74 -61.62
C LYS F 106 -66.82 5.90 -63.13
N LEU F 107 -67.26 4.89 -63.87
CA LEU F 107 -67.22 4.92 -65.32
C LEU F 107 -68.00 6.09 -65.89
N PHE F 108 -69.24 6.26 -65.44
CA PHE F 108 -70.11 7.27 -66.02
C PHE F 108 -69.91 8.66 -65.43
N ILE F 109 -69.45 8.75 -64.18
CA ILE F 109 -69.29 10.04 -63.52
C ILE F 109 -68.21 10.90 -64.17
N ASP F 110 -67.39 10.31 -65.04
CA ASP F 110 -66.40 11.05 -65.80
C ASP F 110 -66.84 11.60 -67.13
N ILE F 111 -68.10 11.46 -67.45
CA ILE F 111 -68.62 12.10 -68.65
C ILE F 111 -68.82 13.56 -68.28
N GLU F 112 -68.24 14.47 -69.05
CA GLU F 112 -68.33 15.87 -68.69
C GLU F 112 -69.80 16.30 -68.65
N GLY F 113 -70.16 17.06 -67.62
CA GLY F 113 -71.52 17.51 -67.40
C GLY F 113 -72.28 16.67 -66.40
N ILE F 114 -71.75 15.51 -66.03
CA ILE F 114 -72.42 14.65 -65.06
C ILE F 114 -71.73 14.76 -63.70
N LYS F 115 -72.52 15.02 -62.66
CA LYS F 115 -71.99 15.17 -61.32
C LYS F 115 -72.09 13.90 -60.52
N ASN F 116 -73.12 13.11 -60.76
CA ASN F 116 -73.30 11.87 -60.02
C ASN F 116 -74.23 10.96 -60.80
N CYS F 117 -74.16 9.67 -60.49
CA CYS F 117 -74.99 8.64 -61.08
C CYS F 117 -75.36 7.57 -60.11
N TRP F 118 -76.55 7.02 -60.28
CA TRP F 118 -76.94 5.89 -59.48
C TRP F 118 -77.43 4.79 -60.39
N ILE F 119 -77.11 3.55 -60.04
CA ILE F 119 -77.47 2.41 -60.87
C ILE F 119 -78.57 1.61 -60.19
N LYS F 120 -79.69 1.45 -60.87
CA LYS F 120 -80.82 0.71 -60.34
C LYS F 120 -81.16 -0.42 -61.29
N ARG F 121 -81.92 -1.39 -60.78
CA ARG F 121 -82.29 -2.63 -61.48
C ARG F 121 -83.74 -2.61 -61.92
N GLU F 122 -84.00 -2.97 -63.18
CA GLU F 122 -85.37 -3.09 -63.67
C GLU F 122 -86.00 -4.41 -63.29
N ARG F 123 -87.31 -4.36 -63.02
CA ARG F 123 -88.08 -5.56 -62.72
C ARG F 123 -89.17 -5.70 -63.77
N VAL F 124 -88.86 -6.39 -64.86
CA VAL F 124 -89.81 -6.64 -65.93
C VAL F 124 -90.56 -7.88 -65.55
N THR F 125 -91.86 -7.84 -65.60
CA THR F 125 -92.65 -8.99 -65.20
C THR F 125 -93.28 -9.72 -66.35
N VAL F 126 -93.20 -11.04 -66.25
CA VAL F 126 -93.78 -11.96 -67.21
C VAL F 126 -94.77 -12.85 -66.49
N PHE F 127 -95.95 -12.96 -67.06
CA PHE F 127 -97.02 -13.73 -66.46
C PHE F 127 -97.21 -15.02 -67.24
N ALA F 128 -97.67 -16.05 -66.55
CA ALA F 128 -97.87 -17.29 -67.28
C ALA F 128 -99.08 -18.09 -66.87
N ASP F 129 -99.56 -18.80 -67.91
CA ASP F 129 -100.65 -19.78 -67.92
C ASP F 129 -100.03 -21.15 -67.66
N LEU F 130 -100.38 -21.78 -66.55
CA LEU F 130 -99.81 -23.09 -66.24
C LEU F 130 -100.72 -24.21 -66.70
N LYS F 131 -101.85 -23.87 -67.30
CA LYS F 131 -102.79 -24.86 -67.80
C LYS F 131 -102.32 -25.20 -69.20
N ASN F 132 -102.04 -24.15 -69.94
CA ASN F 132 -101.53 -24.19 -71.30
C ASN F 132 -100.24 -23.43 -71.18
N GLN F 133 -99.12 -24.08 -71.32
CA GLN F 133 -97.90 -23.34 -71.05
C GLN F 133 -97.87 -22.27 -72.09
N LYS F 134 -98.04 -21.04 -71.61
CA LYS F 134 -97.93 -19.85 -72.44
C LYS F 134 -97.56 -18.65 -71.55
N LEU F 135 -96.74 -17.75 -72.09
CA LEU F 135 -96.33 -16.60 -71.30
C LEU F 135 -96.46 -15.27 -72.06
N SER F 136 -96.75 -14.19 -71.32
CA SER F 136 -96.94 -12.85 -71.90
C SER F 136 -96.70 -11.76 -70.85
N TYR F 137 -96.53 -10.51 -71.30
CA TYR F 137 -96.29 -9.40 -70.39
C TYR F 137 -97.60 -8.84 -69.85
N GLU F 138 -98.69 -9.38 -70.36
CA GLU F 138 -100.04 -9.02 -69.98
C GLU F 138 -100.65 -10.01 -69.02
N LYS F 139 -101.51 -9.52 -68.11
CA LYS F 139 -102.25 -10.43 -67.22
C LYS F 139 -103.44 -11.07 -67.89
N THR F 140 -103.62 -10.73 -69.16
CA THR F 140 -104.63 -11.30 -70.02
C THR F 140 -104.33 -12.76 -70.28
N ILE F 141 -103.08 -13.14 -70.05
CA ILE F 141 -102.61 -14.51 -70.18
C ILE F 141 -103.34 -15.40 -69.19
N TRP F 142 -103.94 -14.82 -68.14
CA TRP F 142 -104.64 -15.54 -67.11
C TRP F 142 -106.14 -15.63 -67.29
N GLU F 143 -106.70 -15.07 -68.35
CA GLU F 143 -108.13 -15.17 -68.52
C GLU F 143 -108.62 -16.60 -68.54
N ASP F 144 -109.69 -16.84 -67.78
CA ASP F 144 -110.39 -18.12 -67.65
C ASP F 144 -109.59 -19.20 -66.91
N LEU F 145 -108.55 -18.85 -66.16
CA LEU F 145 -107.80 -19.84 -65.39
C LEU F 145 -108.20 -19.88 -63.93
N LYS F 146 -107.90 -21.00 -63.29
CA LYS F 146 -108.15 -21.16 -61.88
C LYS F 146 -107.01 -20.51 -61.09
N GLU F 147 -107.25 -20.25 -59.81
CA GLU F 147 -106.23 -19.62 -58.97
C GLU F 147 -104.91 -20.36 -58.84
N ASN F 148 -104.89 -21.66 -59.06
CA ASN F 148 -103.65 -22.42 -58.90
C ASN F 148 -102.99 -22.70 -60.25
N GLN F 149 -103.41 -22.02 -61.30
CA GLN F 149 -102.86 -22.17 -62.63
C GLN F 149 -102.10 -20.91 -63.06
N LYS F 150 -101.77 -20.06 -62.10
CA LYS F 150 -101.15 -18.79 -62.40
C LYS F 150 -99.72 -18.68 -61.88
N ALA F 151 -98.84 -18.03 -62.67
CA ALA F 151 -97.46 -17.80 -62.26
C ALA F 151 -96.92 -16.47 -62.78
N GLN F 152 -95.87 -15.99 -62.11
CA GLN F 152 -95.16 -14.76 -62.49
C GLN F 152 -93.67 -14.92 -62.30
N PHE F 153 -92.87 -14.46 -63.26
CA PHE F 153 -91.44 -14.44 -62.98
C PHE F 153 -90.92 -13.06 -63.36
N ASP F 154 -89.89 -12.63 -62.66
CA ASP F 154 -89.27 -11.33 -62.86
C ASP F 154 -87.95 -11.50 -63.58
N LEU F 155 -87.55 -10.52 -64.38
CA LEU F 155 -86.28 -10.67 -65.08
C LEU F 155 -85.08 -10.27 -64.20
N LYS F 156 -83.94 -10.95 -64.41
CA LYS F 156 -82.79 -10.84 -63.51
C LYS F 156 -81.57 -9.98 -63.93
N GLY F 157 -81.41 -9.51 -65.18
CA GLY F 157 -80.20 -8.72 -65.48
C GLY F 157 -80.36 -7.38 -66.19
N LEU F 158 -81.39 -6.61 -65.90
CA LEU F 158 -81.61 -5.36 -66.64
C LEU F 158 -81.38 -4.09 -65.81
N TYR F 159 -80.82 -3.04 -66.44
CA TYR F 159 -80.48 -1.77 -65.79
C TYR F 159 -81.25 -0.50 -66.21
N ARG F 160 -81.31 0.43 -65.23
CA ARG F 160 -81.76 1.81 -65.37
C ARG F 160 -80.73 2.75 -64.76
N ILE F 161 -80.36 3.81 -65.50
CA ILE F 161 -79.34 4.72 -65.00
C ILE F 161 -79.93 6.10 -64.67
N LEU F 162 -79.73 6.52 -63.43
CA LEU F 162 -80.21 7.81 -62.93
C LEU F 162 -79.08 8.82 -62.94
N VAL F 163 -79.27 9.92 -63.68
CA VAL F 163 -78.19 10.89 -63.88
C VAL F 163 -78.46 12.26 -63.26
N GLU F 164 -77.48 12.77 -62.52
CA GLU F 164 -77.51 14.14 -62.01
C GLU F 164 -76.53 14.99 -62.78
N THR F 165 -77.01 16.02 -63.45
CA THR F 165 -76.19 16.90 -64.27
C THR F 165 -76.00 18.29 -63.73
N GLU F 166 -74.95 18.95 -64.26
CA GLU F 166 -74.60 20.34 -63.96
C GLU F 166 -75.57 21.39 -64.48
N ASP F 167 -76.20 21.10 -65.61
CA ASP F 167 -77.07 21.99 -66.37
C ASP F 167 -78.28 22.52 -65.62
N ALA F 168 -78.88 21.72 -64.74
CA ALA F 168 -80.11 22.08 -64.02
C ALA F 168 -81.28 22.34 -64.97
N ASP F 169 -81.35 21.55 -66.05
CA ASP F 169 -82.40 21.59 -67.05
C ASP F 169 -83.47 20.59 -66.62
N LYS F 170 -84.53 20.46 -67.42
CA LYS F 170 -85.58 19.48 -67.13
C LYS F 170 -85.26 18.08 -67.62
N VAL F 171 -84.47 17.95 -68.68
CA VAL F 171 -84.20 16.67 -69.31
C VAL F 171 -82.69 16.52 -69.55
N LEU F 172 -82.26 15.31 -69.91
CA LEU F 172 -80.86 15.14 -70.24
C LEU F 172 -80.67 15.54 -71.70
N SER F 173 -79.53 16.12 -72.02
CA SER F 173 -79.19 16.36 -73.42
C SER F 173 -79.06 15.03 -74.12
N GLU F 174 -79.48 14.97 -75.38
CA GLU F 174 -79.33 13.71 -76.09
C GLU F 174 -77.88 13.29 -76.22
N SER F 175 -76.94 14.24 -76.10
CA SER F 175 -75.53 13.89 -76.20
C SER F 175 -75.08 13.12 -74.96
N LEU F 176 -75.78 13.27 -73.85
CA LEU F 176 -75.43 12.55 -72.66
C LEU F 176 -76.01 11.16 -72.77
N GLU F 177 -77.24 11.07 -73.28
CA GLU F 177 -77.81 9.73 -73.40
C GLU F 177 -76.96 8.89 -74.35
N LYS F 178 -76.43 9.50 -75.40
CA LYS F 178 -75.58 8.74 -76.31
C LYS F 178 -74.31 8.33 -75.58
N ALA F 179 -73.70 9.24 -74.80
CA ALA F 179 -72.47 8.91 -74.08
C ALA F 179 -72.66 7.78 -73.08
N VAL F 180 -73.78 7.76 -72.36
CA VAL F 180 -74.01 6.71 -71.37
C VAL F 180 -74.27 5.39 -72.05
N PHE F 181 -75.13 5.37 -73.07
CA PHE F 181 -75.39 4.11 -73.75
C PHE F 181 -74.14 3.58 -74.41
N THR F 182 -73.34 4.46 -75.01
CA THR F 182 -72.12 4.04 -75.69
C THR F 182 -71.16 3.36 -74.72
N LYS F 183 -70.91 4.00 -73.57
CA LYS F 183 -69.97 3.40 -72.63
C LYS F 183 -70.52 2.13 -72.03
N PHE F 184 -71.82 2.08 -71.75
CA PHE F 184 -72.36 0.86 -71.19
C PHE F 184 -72.13 -0.31 -72.12
N HIS F 185 -72.52 -0.16 -73.37
CA HIS F 185 -72.45 -1.28 -74.27
C HIS F 185 -71.02 -1.67 -74.57
N ALA F 186 -70.14 -0.69 -74.68
CA ALA F 186 -68.73 -0.95 -74.93
C ALA F 186 -68.10 -1.76 -73.80
N ASN F 187 -68.56 -1.55 -72.57
CA ASN F 187 -68.01 -2.23 -71.41
C ASN F 187 -69.09 -2.93 -70.60
N ARG F 188 -69.54 -4.12 -71.01
CA ARG F 188 -70.63 -4.74 -70.28
C ARG F 188 -70.34 -6.18 -69.90
N ASN F 189 -71.07 -6.64 -68.90
CA ASN F 189 -70.96 -8.01 -68.39
C ASN F 189 -71.76 -8.95 -69.26
N LEU F 190 -71.40 -10.23 -69.19
CA LEU F 190 -72.14 -11.27 -69.89
C LEU F 190 -73.52 -11.44 -69.27
N CYS F 191 -74.56 -11.51 -70.12
CA CYS F 191 -75.99 -11.71 -69.75
C CYS F 191 -76.62 -10.55 -68.98
N GLU F 192 -76.27 -9.31 -69.34
CA GLU F 192 -76.84 -8.11 -68.72
C GLU F 192 -77.10 -7.06 -69.79
N ASP F 193 -78.11 -6.19 -69.56
CA ASP F 193 -78.41 -5.14 -70.55
C ASP F 193 -79.00 -3.87 -69.93
N LEU F 194 -78.90 -2.77 -70.69
CA LEU F 194 -79.37 -1.46 -70.29
C LEU F 194 -80.65 -1.05 -71.02
N ILE F 195 -81.68 -0.73 -70.25
CA ILE F 195 -82.96 -0.36 -70.80
C ILE F 195 -83.13 1.14 -70.93
N LYS F 196 -82.88 1.88 -69.85
CA LYS F 196 -83.15 3.31 -69.88
C LYS F 196 -82.15 4.15 -69.11
N VAL F 197 -81.85 5.33 -69.68
CA VAL F 197 -81.03 6.35 -69.06
C VAL F 197 -81.91 7.60 -68.90
N GLU F 198 -82.00 8.12 -67.68
CA GLU F 198 -82.88 9.26 -67.41
C GLU F 198 -82.36 10.14 -66.28
N LYS F 199 -82.89 11.36 -66.22
CA LYS F 199 -82.51 12.32 -65.19
C LYS F 199 -83.21 12.01 -63.86
N VAL F 200 -82.47 12.11 -62.76
CA VAL F 200 -82.99 11.80 -61.42
C VAL F 200 -84.12 12.76 -60.99
N ALA F 201 -85.18 12.19 -60.39
CA ALA F 201 -86.33 12.92 -59.84
C ALA F 201 -85.98 13.57 -58.51
N THR F 202 -86.70 14.64 -58.14
CA THR F 202 -86.43 15.31 -56.87
C THR F 202 -87.63 15.54 -55.95
N GLU F 203 -87.32 15.85 -54.68
CA GLU F 203 -88.31 16.21 -53.64
C GLU F 203 -87.92 17.52 -52.96
N PRO F 204 -88.74 18.58 -53.01
CA PRO F 204 -88.44 19.90 -52.41
C PRO F 204 -88.66 19.99 -50.89
N ILE F 205 -87.69 20.58 -50.18
CA ILE F 205 -87.74 20.77 -48.73
C ILE F 205 -87.54 22.25 -48.35
N SER F 206 -88.39 22.74 -47.45
CA SER F 206 -88.27 24.08 -46.91
C SER F 206 -87.52 24.14 -45.60
N VAL F 207 -86.72 25.19 -45.43
CA VAL F 207 -86.05 25.48 -44.16
C VAL F 207 -86.28 26.95 -43.85
N CYS F 208 -86.78 27.25 -42.64
CA CYS F 208 -87.00 28.63 -42.21
C CYS F 208 -86.39 28.86 -40.83
N ALA F 209 -85.72 30.00 -40.63
CA ALA F 209 -85.09 30.24 -39.33
C ALA F 209 -84.81 31.72 -38.98
N ASN F 210 -84.65 31.96 -37.66
CA ASN F 210 -84.22 33.23 -37.06
C ASN F 210 -82.87 33.00 -36.39
N VAL F 211 -81.83 33.66 -36.89
CA VAL F 211 -80.46 33.42 -36.43
C VAL F 211 -79.78 34.69 -35.94
N GLU F 212 -79.30 34.65 -34.70
CA GLU F 212 -78.55 35.77 -34.14
C GLU F 212 -77.07 35.56 -34.35
N VAL F 213 -76.41 36.63 -34.79
CA VAL F 213 -74.98 36.58 -35.08
C VAL F 213 -74.24 37.61 -34.24
N ALA F 214 -72.92 37.45 -34.20
CA ALA F 214 -72.05 38.34 -33.48
C ALA F 214 -72.18 39.77 -34.01
N PRO F 215 -72.05 40.77 -33.13
CA PRO F 215 -72.15 42.21 -33.48
C PRO F 215 -71.11 42.67 -34.47
N GLU F 216 -70.04 41.92 -34.60
CA GLU F 216 -68.94 42.17 -35.52
C GLU F 216 -68.78 40.97 -36.43
N ALA F 217 -69.66 40.88 -37.41
CA ALA F 217 -69.70 39.75 -38.30
C ALA F 217 -70.20 40.18 -39.66
N ASP F 218 -69.69 39.52 -40.68
CA ASP F 218 -70.06 39.74 -42.08
C ASP F 218 -71.23 38.81 -42.40
N GLU F 219 -72.42 39.40 -42.43
CA GLU F 219 -73.65 38.64 -42.62
C GLU F 219 -73.81 38.10 -44.03
N GLU F 220 -73.37 38.82 -45.05
CA GLU F 220 -73.52 38.30 -46.40
C GLU F 220 -72.69 37.03 -46.55
N LEU F 221 -71.51 37.03 -45.95
CA LEU F 221 -70.66 35.85 -45.99
C LEU F 221 -71.25 34.71 -45.19
N ILE F 222 -71.80 35.00 -44.00
CA ILE F 222 -72.41 33.94 -43.21
C ILE F 222 -73.54 33.30 -43.98
N HIS F 223 -74.36 34.11 -44.62
CA HIS F 223 -75.47 33.55 -45.36
C HIS F 223 -74.98 32.64 -46.49
N ALA F 224 -73.98 33.09 -47.25
CA ALA F 224 -73.46 32.26 -48.33
C ALA F 224 -72.92 30.94 -47.81
N GLN F 225 -72.25 30.96 -46.66
CA GLN F 225 -71.69 29.74 -46.09
C GLN F 225 -72.75 28.79 -45.56
N ILE F 226 -73.78 29.29 -44.86
CA ILE F 226 -74.82 28.40 -44.35
C ILE F 226 -75.52 27.73 -45.50
N LEU F 227 -75.86 28.54 -46.49
CA LEU F 227 -76.59 28.08 -47.64
C LEU F 227 -75.85 26.97 -48.37
N ILE F 228 -74.54 27.14 -48.61
CA ILE F 228 -73.80 26.06 -49.28
C ILE F 228 -73.77 24.80 -48.44
N ALA F 229 -73.50 24.94 -47.13
CA ALA F 229 -73.39 23.76 -46.28
C ALA F 229 -74.67 22.93 -46.25
N ILE F 230 -75.85 23.58 -46.22
CA ILE F 230 -77.08 22.80 -46.23
C ILE F 230 -77.25 22.09 -47.55
N GLU F 231 -76.96 22.75 -48.66
CA GLU F 231 -77.09 22.10 -49.94
C GLU F 231 -76.19 20.88 -50.04
N ASP F 232 -74.94 20.98 -49.53
CA ASP F 232 -74.04 19.84 -49.55
C ASP F 232 -74.54 18.66 -48.71
N TYR F 233 -75.14 18.95 -47.55
CA TYR F 233 -75.73 17.90 -46.73
C TYR F 233 -76.78 17.12 -47.49
N LEU F 234 -77.69 17.82 -48.13
CA LEU F 234 -78.77 17.16 -48.83
C LEU F 234 -78.30 16.31 -50.00
N ALA F 235 -77.31 16.77 -50.77
CA ALA F 235 -76.89 16.05 -51.97
C ALA F 235 -75.39 16.15 -52.26
N PRO F 236 -74.55 15.43 -51.49
CA PRO F 236 -73.08 15.41 -51.63
C PRO F 236 -72.62 14.86 -52.97
N SER F 237 -71.41 15.24 -53.40
CA SER F 237 -70.85 14.69 -54.63
C SER F 237 -69.33 14.52 -54.41
N PRO F 238 -68.69 13.54 -55.11
CA PRO F 238 -67.25 13.26 -55.01
C PRO F 238 -66.39 14.24 -55.78
N ARG F 239 -65.08 14.28 -55.45
CA ARG F 239 -64.14 15.12 -56.18
C ARG F 239 -62.95 14.32 -56.69
N HIS F 240 -62.29 14.86 -57.72
CA HIS F 240 -61.14 14.19 -58.30
C HIS F 240 -59.84 14.56 -57.60
N TYR F 241 -58.93 13.60 -57.52
CA TYR F 241 -57.65 13.80 -56.89
C TYR F 241 -56.46 13.48 -57.78
N SER F 242 -55.34 14.14 -57.51
CA SER F 242 -54.09 13.87 -58.17
C SER F 242 -53.48 12.60 -57.58
N LEU F 243 -52.50 12.02 -58.26
CA LEU F 243 -51.86 10.83 -57.69
C LEU F 243 -51.15 11.18 -56.39
N LYS F 244 -50.45 12.32 -56.38
CA LYS F 244 -49.77 12.75 -55.17
C LYS F 244 -50.74 12.83 -53.99
N GLN F 245 -51.95 13.36 -54.22
CA GLN F 245 -52.95 13.43 -53.16
C GLN F 245 -53.41 12.06 -52.68
N MET F 246 -53.63 11.11 -53.60
CA MET F 246 -54.04 9.76 -53.18
C MET F 246 -52.99 9.14 -52.29
N VAL F 247 -51.73 9.39 -52.62
CA VAL F 247 -50.62 8.92 -51.83
C VAL F 247 -50.61 9.57 -50.45
N ASP F 248 -50.80 10.90 -50.38
CA ASP F 248 -50.83 11.59 -49.09
C ASP F 248 -51.93 11.06 -48.18
N LYS F 249 -53.06 10.67 -48.76
CA LYS F 249 -54.18 10.11 -48.00
C LYS F 249 -53.85 8.76 -47.38
N GLY F 250 -52.76 8.12 -47.77
CA GLY F 250 -52.38 6.85 -47.20
C GLY F 250 -52.74 5.63 -48.03
N TYR F 251 -53.09 5.80 -49.30
CA TYR F 251 -53.42 4.64 -50.11
C TYR F 251 -52.17 4.09 -50.76
N THR F 252 -52.17 2.79 -51.07
CA THR F 252 -51.02 2.24 -51.78
C THR F 252 -51.37 1.93 -53.23
N MET F 253 -50.37 1.47 -53.97
CA MET F 253 -50.52 1.24 -55.41
C MET F 253 -51.60 0.25 -55.77
N ASP F 254 -51.66 -0.84 -55.02
CA ASP F 254 -52.68 -1.85 -55.28
C ASP F 254 -54.09 -1.30 -55.19
N GLU F 255 -54.28 -0.32 -54.34
CA GLU F 255 -55.59 0.23 -54.08
C GLU F 255 -55.91 1.37 -55.00
N ILE F 256 -54.92 2.21 -55.28
CA ILE F 256 -55.14 3.37 -56.12
C ILE F 256 -55.57 2.95 -57.51
N PHE F 257 -54.97 1.88 -58.02
CA PHE F 257 -55.26 1.35 -59.33
C PHE F 257 -56.20 0.13 -59.32
N GLU F 258 -56.97 -0.08 -58.25
CA GLU F 258 -57.88 -1.23 -58.13
C GLU F 258 -58.98 -1.31 -59.19
N GLY F 259 -59.60 -0.20 -59.56
CA GLY F 259 -60.71 -0.22 -60.50
C GLY F 259 -60.30 0.14 -61.91
N PRO F 260 -61.26 0.64 -62.70
CA PRO F 260 -61.02 1.12 -64.07
C PRO F 260 -60.08 2.29 -64.01
N PHE F 261 -59.25 2.46 -65.03
CA PHE F 261 -58.40 3.64 -65.03
C PHE F 261 -59.24 4.82 -65.45
N LEU F 262 -59.09 5.95 -64.75
CA LEU F 262 -59.89 7.14 -65.08
C LEU F 262 -59.01 8.29 -65.55
N GLU F 263 -59.30 8.80 -66.75
CA GLU F 263 -58.53 9.89 -67.38
C GLU F 263 -58.58 11.22 -66.66
N ASN F 264 -59.58 11.44 -65.81
CA ASN F 264 -59.76 12.73 -65.19
C ASN F 264 -59.23 12.85 -63.77
N GLY F 265 -58.52 11.88 -63.27
CA GLY F 265 -58.09 11.94 -61.89
C GLY F 265 -58.68 10.79 -61.12
N PHE F 266 -58.25 10.65 -59.90
CA PHE F 266 -58.68 9.49 -59.12
C PHE F 266 -59.92 9.83 -58.33
N ILE F 267 -60.81 8.85 -58.16
CA ILE F 267 -62.01 9.01 -57.35
C ILE F 267 -61.92 8.10 -56.14
N ASP F 268 -62.14 8.67 -54.96
CA ASP F 268 -62.06 7.95 -53.71
C ASP F 268 -63.36 7.19 -53.47
N THR F 269 -63.19 5.88 -53.24
CA THR F 269 -64.31 4.97 -53.05
C THR F 269 -65.17 5.37 -51.86
N VAL F 270 -64.55 5.84 -50.78
CA VAL F 270 -65.34 6.25 -49.61
C VAL F 270 -66.30 7.35 -49.94
N GLU F 271 -65.83 8.39 -50.62
CA GLU F 271 -66.71 9.48 -50.99
C GLU F 271 -67.82 8.97 -51.90
N LEU F 272 -67.47 8.07 -52.80
CA LEU F 272 -68.46 7.57 -53.75
C LEU F 272 -69.57 6.81 -53.03
N LYS F 273 -69.19 5.98 -52.05
CA LYS F 273 -70.20 5.24 -51.29
C LYS F 273 -71.07 6.18 -50.47
N ALA F 274 -70.46 7.21 -49.90
CA ALA F 274 -71.20 8.17 -49.08
C ALA F 274 -72.26 8.92 -49.88
N SER F 275 -71.96 9.32 -51.12
CA SER F 275 -72.89 10.07 -51.97
C SER F 275 -74.01 9.27 -52.63
N GLU F 276 -74.79 8.61 -51.78
CA GLU F 276 -75.94 7.80 -52.16
C GLU F 276 -77.19 8.66 -51.97
N LEU F 277 -78.28 8.34 -52.66
CA LEU F 277 -79.49 9.13 -52.46
C LEU F 277 -79.95 9.02 -51.00
N ARG F 278 -80.16 10.19 -50.39
CA ARG F 278 -80.58 10.31 -49.00
C ARG F 278 -82.04 9.89 -48.78
N LYS F 279 -82.32 9.10 -47.75
CA LYS F 279 -83.72 8.72 -47.53
C LYS F 279 -84.54 9.64 -46.60
N GLU F 280 -83.98 10.09 -45.49
CA GLU F 280 -84.71 10.90 -44.53
C GLU F 280 -84.01 12.22 -44.17
N VAL F 281 -84.77 13.27 -43.88
CA VAL F 281 -84.19 14.57 -43.51
C VAL F 281 -84.50 14.86 -42.04
N ARG F 282 -83.49 15.27 -41.27
CA ARG F 282 -83.66 15.52 -39.84
C ARG F 282 -83.21 16.91 -39.36
N LEU F 283 -83.92 17.48 -38.37
CA LEU F 283 -83.58 18.79 -37.80
C LEU F 283 -82.28 18.85 -37.01
N SER F 284 -81.98 17.83 -36.22
CA SER F 284 -80.75 17.73 -35.44
C SER F 284 -79.47 17.84 -36.26
N ASP F 285 -79.53 17.64 -37.57
CA ASP F 285 -78.35 17.84 -38.37
C ASP F 285 -78.30 19.26 -38.90
N ILE F 286 -79.46 19.80 -39.31
CA ILE F 286 -79.49 21.14 -39.89
C ILE F 286 -79.08 22.18 -38.85
N ILE F 287 -79.50 22.00 -37.60
CA ILE F 287 -79.13 22.93 -36.55
C ILE F 287 -77.63 22.94 -36.34
N ASN F 288 -77.03 21.75 -36.33
CA ASN F 288 -75.60 21.65 -36.14
C ASN F 288 -74.86 22.35 -37.28
N ILE F 289 -75.38 22.29 -38.50
CA ILE F 289 -74.75 22.97 -39.63
C ILE F 289 -74.72 24.47 -39.41
N ILE F 290 -75.85 25.03 -38.97
CA ILE F 290 -75.94 26.46 -38.72
C ILE F 290 -75.09 26.88 -37.52
N MET F 291 -75.18 26.16 -36.40
CA MET F 291 -74.45 26.54 -35.19
C MET F 291 -72.93 26.53 -35.37
N SER F 292 -72.43 25.70 -36.27
CA SER F 292 -71.00 25.61 -36.53
C SER F 292 -70.44 26.70 -37.43
N ILE F 293 -71.27 27.58 -37.99
CA ILE F 293 -70.75 28.63 -38.86
C ILE F 293 -70.22 29.77 -38.00
N ASP F 294 -68.97 30.15 -38.25
CA ASP F 294 -68.35 31.20 -37.47
C ASP F 294 -69.13 32.50 -37.51
N GLY F 295 -69.47 33.00 -36.32
CA GLY F 295 -70.25 34.21 -36.13
C GLY F 295 -71.67 33.93 -35.67
N VAL F 296 -72.14 32.70 -35.80
CA VAL F 296 -73.47 32.36 -35.33
C VAL F 296 -73.48 32.15 -33.83
N LYS F 297 -74.41 32.81 -33.13
CA LYS F 297 -74.50 32.62 -31.71
C LYS F 297 -75.73 31.84 -31.29
N ILE F 298 -76.91 32.20 -31.80
CA ILE F 298 -78.12 31.55 -31.34
C ILE F 298 -79.10 31.29 -32.50
N VAL F 299 -79.62 30.10 -32.60
CA VAL F 299 -80.72 29.88 -33.53
C VAL F 299 -81.96 30.00 -32.68
N LYS F 300 -82.73 31.05 -32.90
CA LYS F 300 -83.86 31.34 -32.03
C LYS F 300 -85.10 30.63 -32.52
N GLU F 301 -85.16 30.39 -33.82
CA GLU F 301 -86.30 29.73 -34.42
C GLU F 301 -85.83 28.92 -35.58
N ILE F 302 -86.33 27.70 -35.70
CA ILE F 302 -86.02 26.91 -36.88
C ILE F 302 -87.09 25.87 -37.09
N THR F 303 -87.39 25.63 -38.36
CA THR F 303 -88.33 24.58 -38.70
C THR F 303 -88.10 24.04 -40.10
N LEU F 304 -88.46 22.76 -40.27
CA LEU F 304 -88.43 22.06 -41.55
C LEU F 304 -89.83 21.77 -42.02
N GLY F 305 -89.97 21.62 -43.31
CA GLY F 305 -91.22 21.08 -43.76
C GLY F 305 -91.23 20.74 -45.21
N ASN F 306 -92.08 19.79 -45.56
CA ASN F 306 -92.23 19.46 -46.96
C ASN F 306 -92.68 20.70 -47.66
N CYS F 307 -92.01 21.09 -48.73
CA CYS F 307 -92.47 22.30 -49.34
C CYS F 307 -93.81 22.04 -49.98
N ASP F 308 -94.81 22.83 -49.61
CA ASP F 308 -96.11 22.57 -50.21
C ASP F 308 -96.89 23.90 -50.20
N GLU F 309 -98.10 23.87 -50.77
CA GLU F 309 -98.98 25.02 -50.85
C GLU F 309 -99.92 24.98 -49.64
N ASN F 310 -100.48 26.13 -49.26
CA ASN F 310 -101.37 26.19 -48.10
C ASN F 310 -100.61 25.74 -46.86
N ASP F 311 -99.37 26.21 -46.77
CA ASP F 311 -98.47 25.80 -45.69
C ASP F 311 -98.88 26.62 -44.46
N GLY F 312 -99.96 26.17 -43.83
CA GLY F 312 -100.55 26.77 -42.64
C GLY F 312 -100.01 26.11 -41.38
N ILE F 313 -100.88 25.89 -40.41
CA ILE F 313 -100.41 25.30 -39.16
C ILE F 313 -100.21 23.81 -39.37
N GLU F 314 -99.01 23.32 -39.03
CA GLU F 314 -98.60 21.95 -39.23
C GLU F 314 -97.53 21.55 -38.23
N ASN F 315 -97.41 20.24 -38.02
CA ASN F 315 -96.40 19.57 -37.20
C ASN F 315 -94.97 19.97 -37.52
N ASN F 316 -94.12 19.86 -36.49
CA ASN F 316 -92.71 20.18 -36.57
C ASN F 316 -91.93 19.36 -37.59
N GLN F 317 -92.35 18.14 -37.90
CA GLN F 317 -91.64 17.34 -38.90
C GLN F 317 -90.15 17.24 -38.59
N TRP F 318 -89.86 16.76 -37.37
CA TRP F 318 -88.48 16.65 -36.89
C TRP F 318 -87.63 15.77 -37.79
N VAL F 319 -88.27 14.83 -38.50
CA VAL F 319 -87.63 14.01 -39.52
C VAL F 319 -88.54 13.89 -40.73
N ILE F 320 -88.01 14.18 -41.92
CA ILE F 320 -88.74 14.07 -43.16
C ILE F 320 -88.21 12.91 -44.00
N CYS F 321 -89.09 12.00 -44.40
CA CYS F 321 -88.70 10.85 -45.21
C CYS F 321 -88.88 11.15 -46.70
N ILE F 322 -88.00 10.58 -47.50
CA ILE F 322 -87.92 10.81 -48.96
C ILE F 322 -88.26 9.51 -49.71
N PRO F 323 -89.13 9.57 -50.73
CA PRO F 323 -89.45 8.43 -51.61
C PRO F 323 -88.19 7.84 -52.25
N GLU F 324 -88.19 6.52 -52.41
CA GLU F 324 -87.07 5.66 -52.81
C GLU F 324 -86.23 6.01 -54.06
N ASN F 325 -86.68 6.85 -54.98
CA ASN F 325 -85.84 7.14 -56.13
C ASN F 325 -85.73 8.64 -56.35
N LYS F 326 -85.83 9.40 -55.27
CA LYS F 326 -85.73 10.84 -55.38
C LYS F 326 -84.53 11.41 -54.65
N LYS F 327 -84.08 12.53 -55.14
CA LYS F 327 -83.05 13.31 -54.51
C LYS F 327 -83.69 14.53 -53.84
N PRO F 328 -83.40 14.84 -52.59
CA PRO F 328 -83.95 16.04 -51.94
C PRO F 328 -83.29 17.31 -52.48
N LYS F 329 -84.03 18.43 -52.51
CA LYS F 329 -83.47 19.71 -52.98
C LYS F 329 -84.16 20.86 -52.26
N LEU F 330 -83.43 21.94 -51.91
CA LEU F 330 -84.11 23.07 -51.28
C LEU F 330 -85.11 23.66 -52.27
N CYS F 331 -86.27 24.03 -51.74
CA CYS F 331 -87.41 24.50 -52.52
C CYS F 331 -87.35 25.95 -53.01
N LYS F 332 -86.36 26.72 -52.61
CA LYS F 332 -86.13 28.12 -52.99
C LYS F 332 -87.22 29.07 -52.46
N LYS F 333 -88.03 28.62 -51.51
CA LYS F 333 -88.99 29.43 -50.78
C LYS F 333 -88.52 29.56 -49.34
N THR F 334 -87.26 29.21 -49.12
CA THR F 334 -86.61 29.18 -47.84
C THR F 334 -86.21 30.57 -47.39
N THR F 335 -85.88 30.71 -46.09
CA THR F 335 -85.42 32.03 -45.63
C THR F 335 -84.76 32.02 -44.26
N ILE F 336 -83.79 32.92 -44.08
CA ILE F 336 -83.19 33.14 -42.77
C ILE F 336 -83.19 34.61 -42.42
N ASN F 337 -83.73 34.91 -41.25
CA ASN F 337 -83.76 36.26 -40.73
C ASN F 337 -82.57 36.44 -39.81
N TYR F 338 -81.72 37.40 -40.11
CA TYR F 338 -80.54 37.60 -39.30
C TYR F 338 -80.72 38.77 -38.35
N PHE F 339 -80.21 38.58 -37.12
CA PHE F 339 -80.31 39.58 -36.07
C PHE F 339 -79.00 39.83 -35.33
N LYS F 340 -78.87 41.05 -34.82
CA LYS F 340 -77.79 41.39 -33.90
C LYS F 340 -78.44 41.94 -32.64
N GLY F 341 -78.29 41.22 -31.53
CA GLY F 341 -79.01 41.63 -30.35
C GLY F 341 -80.48 41.49 -30.66
N ILE F 342 -81.22 42.59 -30.65
CA ILE F 342 -82.65 42.52 -30.92
C ILE F 342 -83.03 43.21 -32.22
N LEU F 343 -82.06 43.58 -33.05
CA LEU F 343 -82.42 44.27 -34.27
C LEU F 343 -82.19 43.41 -35.51
N PRO F 344 -83.21 43.32 -36.38
CA PRO F 344 -83.08 42.59 -37.64
C PRO F 344 -82.23 43.37 -38.63
N ILE F 345 -81.43 42.67 -39.44
CA ILE F 345 -80.56 43.35 -40.38
C ILE F 345 -80.88 42.80 -41.76
N ASN F 346 -80.61 43.62 -42.77
CA ASN F 346 -80.93 43.34 -44.15
C ASN F 346 -79.65 43.11 -44.93
N LEU F 347 -79.63 42.04 -45.70
CA LEU F 347 -78.47 41.66 -46.51
C LEU F 347 -78.66 42.07 -47.96
N ASN F 348 -77.64 42.70 -48.56
CA ASN F 348 -77.71 43.09 -49.95
C ASN F 348 -77.80 41.80 -50.75
N PRO F 349 -78.70 41.73 -51.72
CA PRO F 349 -78.87 40.50 -52.50
C PRO F 349 -77.68 40.12 -53.38
N VAL F 350 -77.04 41.10 -54.04
CA VAL F 350 -75.92 40.85 -54.96
C VAL F 350 -74.62 40.33 -54.31
N ARG F 351 -74.23 40.87 -53.16
CA ARG F 351 -72.95 40.52 -52.54
C ARG F 351 -72.85 39.05 -52.13
N VAL F 352 -73.96 38.48 -51.68
CA VAL F 352 -74.07 37.07 -51.34
C VAL F 352 -73.68 36.23 -52.52
N ASP F 353 -74.17 36.62 -53.70
CA ASP F 353 -73.88 35.88 -54.93
C ASP F 353 -72.37 35.84 -55.16
N ASN F 354 -71.68 36.94 -54.87
CA ASN F 354 -70.24 36.96 -55.08
C ASN F 354 -69.53 36.00 -54.14
N HIS F 355 -69.95 35.95 -52.87
CA HIS F 355 -69.29 35.02 -51.95
C HIS F 355 -69.54 33.59 -52.35
N LYS F 356 -70.79 33.28 -52.70
CA LYS F 356 -71.14 31.90 -53.07
C LYS F 356 -70.35 31.45 -54.29
N SER F 357 -70.27 32.32 -55.31
CA SER F 357 -69.51 32.02 -56.52
C SER F 357 -68.05 31.71 -56.25
N LYS F 358 -67.39 32.55 -55.46
CA LYS F 358 -65.99 32.31 -55.16
C LYS F 358 -65.74 30.99 -54.45
N ILE F 359 -66.63 30.62 -53.54
CA ILE F 359 -66.49 29.36 -52.86
C ILE F 359 -66.59 28.21 -53.85
N LEU F 360 -67.56 28.29 -54.74
CA LEU F 360 -67.74 27.28 -55.77
C LEU F 360 -66.58 27.29 -56.77
N ALA F 361 -66.07 28.48 -57.06
CA ALA F 361 -65.04 28.67 -58.09
C ALA F 361 -63.83 27.80 -57.84
N SER F 362 -63.47 27.64 -56.56
CA SER F 362 -62.32 26.84 -56.17
C SER F 362 -62.47 25.37 -56.53
N ARG F 363 -63.67 24.80 -56.36
CA ARG F 363 -63.86 23.39 -56.69
C ARG F 363 -63.57 23.12 -58.15
N LEU F 364 -64.02 24.00 -59.04
CA LEU F 364 -63.77 23.79 -60.46
C LEU F 364 -62.29 23.86 -60.80
N GLU F 365 -61.57 24.79 -60.17
CA GLU F 365 -60.14 24.92 -60.41
C GLU F 365 -59.40 23.69 -59.94
N ASN F 366 -59.78 23.18 -58.78
CA ASN F 366 -59.12 22.03 -58.18
C ASN F 366 -59.32 20.71 -58.93
N ASP F 367 -60.50 20.45 -59.47
CA ASP F 367 -60.73 19.20 -60.18
C ASP F 367 -59.83 19.14 -61.41
N LEU F 368 -59.74 20.27 -62.10
CA LEU F 368 -58.97 20.43 -63.34
C LEU F 368 -57.47 20.27 -63.15
N LYS F 369 -56.99 20.56 -61.94
CA LYS F 369 -55.58 20.37 -61.58
C LYS F 369 -55.17 18.90 -61.58
N ALA F 370 -56.12 18.02 -61.29
CA ALA F 370 -55.92 16.58 -61.21
C ALA F 370 -55.52 15.87 -62.50
N LYS F 371 -55.76 16.44 -63.67
CA LYS F 371 -55.37 15.76 -64.91
C LYS F 371 -53.86 15.52 -65.07
N ASP F 372 -53.04 16.46 -64.59
CA ASP F 372 -51.59 16.38 -64.75
C ASP F 372 -50.86 15.25 -64.01
N ASP F 373 -51.22 14.95 -62.77
CA ASP F 373 -50.54 13.91 -61.99
C ASP F 373 -51.20 12.53 -62.09
N LEU F 374 -51.06 11.83 -63.23
CA LEU F 374 -51.70 10.51 -63.31
C LEU F 374 -50.80 9.26 -63.33
N GLU F 375 -49.51 9.34 -62.97
CA GLU F 375 -48.67 8.14 -63.01
C GLU F 375 -47.37 8.28 -62.20
N PRO F 376 -46.86 7.16 -61.65
CA PRO F 376 -45.59 7.09 -60.91
C PRO F 376 -44.38 7.08 -61.83
N ALA F 377 -43.22 7.45 -61.27
CA ALA F 377 -41.94 7.38 -61.97
C ALA F 377 -41.36 5.97 -61.99
N ILE F 378 -40.59 5.70 -63.05
CA ILE F 378 -39.82 4.47 -63.22
C ILE F 378 -38.35 4.83 -63.36
N PRO F 379 -37.45 4.26 -62.55
CA PRO F 379 -35.99 4.49 -62.65
C PRO F 379 -35.45 4.18 -64.03
N GLN F 380 -34.53 5.02 -64.55
CA GLN F 380 -34.00 4.87 -65.90
C GLN F 380 -32.49 4.67 -65.90
N GLY F 381 -31.99 3.73 -66.71
CA GLY F 381 -30.58 3.43 -66.80
C GLY F 381 -29.95 3.91 -68.09
N THR F 382 -28.73 3.39 -68.35
CA THR F 382 -27.96 3.77 -69.52
C THR F 382 -27.73 2.53 -70.36
N PHE F 383 -26.91 2.62 -71.39
CA PHE F 383 -26.68 1.48 -72.25
C PHE F 383 -25.22 1.44 -72.66
N ALA F 384 -24.53 0.32 -72.47
CA ALA F 384 -23.12 0.37 -72.79
C ALA F 384 -22.42 -0.92 -73.18
N ASP F 385 -22.99 -1.78 -74.02
CA ASP F 385 -22.28 -2.99 -74.49
C ASP F 385 -21.58 -3.76 -73.36
N TRP F 386 -22.37 -4.27 -72.43
CA TRP F 386 -21.86 -4.90 -71.22
C TRP F 386 -20.93 -6.10 -71.48
N GLY F 387 -20.97 -6.68 -72.68
CA GLY F 387 -20.18 -7.83 -73.08
C GLY F 387 -18.82 -7.54 -73.69
N GLU F 388 -18.35 -6.29 -73.70
CA GLU F 388 -17.05 -5.99 -74.29
C GLU F 388 -15.92 -6.74 -73.58
N TYR F 389 -15.05 -7.40 -74.34
CA TYR F 389 -13.98 -8.21 -73.75
C TYR F 389 -12.63 -7.97 -74.41
N SER F 390 -11.58 -7.85 -73.59
CA SER F 390 -10.21 -7.72 -74.07
C SER F 390 -9.39 -8.94 -73.69
N SER F 391 -8.55 -9.40 -74.61
CA SER F 391 -7.71 -10.58 -74.41
C SER F 391 -6.72 -10.46 -73.26
N ILE F 392 -6.52 -11.58 -72.55
CA ILE F 392 -5.60 -11.60 -71.41
C ILE F 392 -4.15 -11.58 -71.87
N GLN F 393 -3.93 -11.74 -73.17
CA GLN F 393 -2.59 -11.75 -73.71
C GLN F 393 -1.96 -10.37 -73.61
N HIS F 394 -2.76 -9.34 -73.43
CA HIS F 394 -2.24 -7.98 -73.33
C HIS F 394 -1.74 -7.67 -71.92
N GLU F 395 -1.89 -8.60 -71.01
CA GLU F 395 -1.45 -8.41 -69.64
C GLU F 395 -0.03 -8.94 -69.40
N PHE F 396 0.60 -9.52 -70.40
CA PHE F 396 1.93 -10.10 -70.19
C PHE F 396 3.04 -9.13 -70.58
N PRO F 397 4.26 -9.27 -70.08
CA PRO F 397 5.36 -8.43 -70.59
C PRO F 397 5.87 -8.69 -72.02
N GLU F 398 6.59 -7.65 -72.49
CA GLU F 398 7.12 -7.67 -73.84
C GLU F 398 8.04 -8.86 -74.03
N THR F 399 8.74 -9.23 -72.95
CA THR F 399 9.70 -10.33 -73.04
C THR F 399 9.02 -11.60 -73.56
N TYR F 400 7.75 -11.85 -73.17
CA TYR F 400 7.04 -13.03 -73.62
C TYR F 400 6.80 -13.03 -75.13
N GLY F 401 6.67 -11.85 -75.78
CA GLY F 401 6.56 -11.75 -77.23
C GLY F 401 5.16 -11.88 -77.79
N ILE F 402 4.14 -11.86 -76.94
CA ILE F 402 2.75 -12.04 -77.38
C ILE F 402 1.96 -10.72 -77.39
N SER F 403 2.65 -9.58 -77.46
CA SER F 403 2.01 -8.27 -77.45
C SER F 403 2.06 -7.64 -78.84
N ASP F 404 1.36 -6.51 -78.99
CA ASP F 404 1.26 -5.80 -80.29
C ASP F 404 2.57 -5.36 -80.92
N ILE F 405 3.60 -5.07 -80.14
CA ILE F 405 4.82 -4.59 -80.78
C ILE F 405 5.71 -5.72 -81.26
N GLY F 406 5.30 -6.97 -81.03
CA GLY F 406 6.08 -8.09 -81.49
C GLY F 406 7.32 -8.35 -80.67
N LEU F 407 8.30 -8.93 -81.34
CA LEU F 407 9.54 -9.41 -80.77
C LEU F 407 10.67 -9.01 -81.74
N PRO F 408 11.76 -8.39 -81.28
CA PRO F 408 12.89 -7.97 -82.15
C PRO F 408 13.49 -9.10 -82.98
N PRO F 409 13.69 -8.89 -84.30
CA PRO F 409 14.28 -9.86 -85.24
C PRO F 409 15.58 -10.51 -84.82
N LYS F 410 16.43 -9.79 -84.09
CA LYS F 410 17.72 -10.32 -83.71
C LYS F 410 17.62 -11.53 -82.80
N LEU F 411 16.47 -11.80 -82.22
CA LEU F 411 16.32 -12.91 -81.30
C LEU F 411 16.10 -14.24 -82.02
N GLY F 412 15.95 -14.21 -83.34
CA GLY F 412 15.83 -15.42 -84.11
C GLY F 412 14.42 -15.96 -84.28
N VAL F 413 14.33 -16.86 -85.26
CA VAL F 413 13.07 -17.50 -85.61
C VAL F 413 12.57 -18.41 -84.51
N LYS F 414 13.43 -19.22 -83.91
CA LYS F 414 12.92 -20.14 -82.93
C LYS F 414 12.14 -19.44 -81.82
N ARG F 415 12.64 -18.29 -81.36
CA ARG F 415 11.89 -17.63 -80.31
C ARG F 415 10.55 -17.11 -80.83
N ALA F 416 10.51 -16.61 -82.07
CA ALA F 416 9.24 -16.17 -82.65
C ALA F 416 8.23 -17.31 -82.75
N VAL F 417 8.72 -18.52 -83.09
CA VAL F 417 7.84 -19.68 -83.19
C VAL F 417 7.25 -20.03 -81.84
N LEU F 418 8.09 -20.01 -80.81
CA LEU F 418 7.62 -20.34 -79.48
C LEU F 418 6.57 -19.35 -79.02
N ALA F 419 6.69 -18.09 -79.41
CA ALA F 419 5.65 -17.12 -79.06
C ALA F 419 4.32 -17.52 -79.65
N ARG F 420 4.32 -18.01 -80.89
CA ARG F 420 3.09 -18.46 -81.50
C ARG F 420 2.50 -19.63 -80.74
N GLN F 421 3.33 -20.55 -80.26
CA GLN F 421 2.82 -21.70 -79.50
C GLN F 421 2.11 -21.24 -78.24
N LEU F 422 2.67 -20.22 -77.57
CA LEU F 422 2.04 -19.71 -76.37
C LEU F 422 0.69 -19.06 -76.68
N LYS F 423 0.59 -18.29 -77.77
CA LYS F 423 -0.69 -17.67 -78.11
C LYS F 423 -1.77 -18.73 -78.26
N GLY F 424 -1.42 -19.84 -78.90
CA GLY F 424 -2.34 -20.94 -79.06
C GLY F 424 -2.86 -21.45 -77.74
N TYR F 425 -1.93 -21.73 -76.83
CA TYR F 425 -2.29 -22.22 -75.50
C TYR F 425 -3.21 -21.25 -74.76
N LEU F 426 -2.87 -19.97 -74.76
CA LEU F 426 -3.67 -19.03 -73.99
C LEU F 426 -5.10 -18.88 -74.53
N LEU F 427 -5.35 -19.14 -75.83
CA LEU F 427 -6.73 -19.04 -76.34
C LEU F 427 -7.71 -19.98 -75.65
N PHE F 428 -7.24 -21.02 -74.99
CA PHE F 428 -8.15 -21.90 -74.28
C PHE F 428 -8.77 -21.21 -73.09
N PHE F 429 -8.10 -20.22 -72.55
CA PHE F 429 -8.58 -19.46 -71.40
C PHE F 429 -9.40 -18.28 -71.86
N ASP F 430 -9.04 -17.70 -73.00
CA ASP F 430 -9.77 -16.53 -73.44
C ASP F 430 -11.11 -16.90 -74.02
N GLN F 431 -11.21 -18.04 -74.72
CA GLN F 431 -12.50 -18.33 -75.32
C GLN F 431 -13.57 -18.54 -74.25
N ILE F 432 -13.19 -19.10 -73.10
CA ILE F 432 -14.14 -19.31 -72.02
C ILE F 432 -14.56 -17.99 -71.40
N LEU F 433 -13.60 -17.12 -71.10
CA LEU F 433 -13.96 -15.85 -70.50
C LEU F 433 -14.85 -15.04 -71.44
N ALA F 434 -14.53 -15.06 -72.74
CA ALA F 434 -15.33 -14.31 -73.70
C ALA F 434 -16.78 -14.77 -73.69
N SER F 435 -17.00 -16.08 -73.54
CA SER F 435 -18.35 -16.62 -73.43
C SER F 435 -19.14 -16.04 -72.28
N TYR F 436 -18.56 -15.94 -71.10
CA TYR F 436 -19.27 -15.39 -69.97
C TYR F 436 -19.66 -13.93 -70.18
N PHE F 437 -18.80 -13.14 -70.81
CA PHE F 437 -19.16 -11.75 -71.04
C PHE F 437 -20.28 -11.65 -72.05
N GLU F 438 -20.23 -12.52 -73.04
CA GLU F 438 -21.23 -12.61 -74.08
C GLU F 438 -22.58 -12.98 -73.52
N HIS F 439 -22.60 -13.88 -72.54
CA HIS F 439 -23.82 -14.30 -71.90
C HIS F 439 -24.51 -13.14 -71.18
N LEU F 440 -23.77 -12.20 -70.58
CA LEU F 440 -24.42 -11.02 -69.97
C LEU F 440 -25.17 -10.18 -70.99
N SER F 441 -24.60 -10.04 -72.18
CA SER F 441 -25.23 -9.25 -73.24
C SER F 441 -26.57 -9.80 -73.71
N LYS F 442 -26.88 -11.04 -73.38
CA LYS F 442 -28.10 -11.67 -73.84
C LYS F 442 -29.18 -11.78 -72.78
N ILE F 443 -28.99 -11.22 -71.58
CA ILE F 443 -30.01 -11.40 -70.54
C ILE F 443 -31.34 -10.83 -70.98
N LYS F 444 -31.31 -9.69 -71.67
CA LYS F 444 -32.51 -9.06 -72.17
C LYS F 444 -33.31 -9.95 -73.09
N SER F 445 -32.62 -10.74 -73.91
CA SER F 445 -33.32 -11.61 -74.83
C SER F 445 -33.87 -12.81 -74.13
N LEU F 446 -33.09 -13.38 -73.23
CA LEU F 446 -33.49 -14.61 -72.58
C LEU F 446 -34.79 -14.45 -71.81
N LEU F 447 -35.01 -13.28 -71.23
CA LEU F 447 -36.21 -13.02 -70.46
C LEU F 447 -37.23 -12.12 -71.17
N SER F 448 -37.12 -11.93 -72.48
CA SER F 448 -38.01 -11.06 -73.24
C SER F 448 -39.47 -11.50 -73.32
N LEU F 449 -40.38 -10.53 -73.22
CA LEU F 449 -41.80 -10.80 -73.36
C LEU F 449 -42.23 -10.77 -74.80
N ASP F 450 -41.39 -10.27 -75.69
CA ASP F 450 -41.76 -10.20 -77.10
C ASP F 450 -41.33 -11.41 -77.87
N GLN F 451 -40.12 -11.86 -77.61
CA GLN F 451 -39.53 -12.98 -78.33
C GLN F 451 -38.18 -13.37 -77.76
N GLY F 452 -38.05 -14.61 -77.30
CA GLY F 452 -36.76 -15.07 -76.83
C GLY F 452 -35.89 -15.61 -77.97
N PRO F 453 -34.61 -15.86 -77.66
CA PRO F 453 -33.61 -16.39 -78.59
C PRO F 453 -33.77 -17.88 -78.80
N SER F 454 -33.11 -18.39 -79.86
CA SER F 454 -33.13 -19.81 -80.16
C SER F 454 -32.05 -20.60 -79.38
N PHE F 455 -31.00 -19.92 -78.91
CA PHE F 455 -29.91 -20.56 -78.18
C PHE F 455 -29.95 -20.15 -76.74
N THR F 456 -29.33 -20.94 -75.86
CA THR F 456 -29.27 -20.52 -74.48
C THR F 456 -27.82 -20.31 -74.04
N TYR F 457 -26.85 -20.79 -74.81
CA TYR F 457 -25.44 -20.55 -74.53
C TYR F 457 -24.83 -19.78 -75.70
N PHE F 458 -23.84 -18.93 -75.43
CA PHE F 458 -23.31 -18.04 -76.46
C PHE F 458 -21.78 -17.93 -76.44
N THR F 459 -21.19 -17.54 -77.58
CA THR F 459 -19.74 -17.27 -77.64
C THR F 459 -19.42 -16.03 -78.49
N GLN F 460 -18.12 -15.68 -78.59
CA GLN F 460 -17.66 -14.52 -79.35
C GLN F 460 -16.39 -14.79 -80.14
N ALA F 461 -16.26 -14.15 -81.29
CA ALA F 461 -14.96 -14.15 -81.94
C ALA F 461 -14.02 -13.26 -81.16
N ILE F 462 -12.76 -13.63 -81.06
CA ILE F 462 -11.78 -12.77 -80.41
C ILE F 462 -10.91 -12.15 -81.49
N LYS F 463 -10.93 -10.81 -81.58
CA LYS F 463 -10.20 -10.14 -82.66
C LYS F 463 -9.14 -9.14 -82.24
N ASP F 464 -8.79 -9.06 -80.97
CA ASP F 464 -7.76 -8.14 -80.54
C ASP F 464 -6.41 -8.84 -80.38
N ILE F 465 -6.28 -9.96 -81.06
CA ILE F 465 -5.07 -10.77 -81.15
C ILE F 465 -4.61 -10.71 -82.59
N LYS F 466 -3.32 -10.45 -82.68
CA LYS F 466 -2.53 -10.14 -83.85
C LYS F 466 -2.57 -11.14 -84.99
N ASP F 467 -2.69 -12.44 -84.70
CA ASP F 467 -2.72 -13.38 -85.81
C ASP F 467 -3.87 -14.35 -85.84
N VAL F 468 -4.98 -14.08 -85.15
CA VAL F 468 -6.07 -15.06 -85.17
C VAL F 468 -6.44 -15.63 -86.54
N GLU F 469 -6.17 -14.91 -87.62
CA GLU F 469 -6.42 -15.46 -88.95
C GLU F 469 -5.51 -16.63 -89.28
N GLU F 470 -4.39 -16.79 -88.58
CA GLU F 470 -3.51 -17.91 -88.81
C GLU F 470 -3.67 -19.00 -87.76
N LEU F 471 -4.02 -18.60 -86.54
CA LEU F 471 -4.19 -19.55 -85.45
C LEU F 471 -5.36 -20.49 -85.68
N PHE F 472 -6.44 -20.01 -86.30
CA PHE F 472 -7.64 -20.81 -86.55
C PHE F 472 -7.59 -21.53 -87.89
N LYS F 473 -8.00 -22.81 -87.90
CA LYS F 473 -8.03 -23.59 -89.15
C LYS F 473 -8.96 -23.01 -90.19
N ASP F 474 -10.07 -22.44 -89.76
CA ASP F 474 -11.02 -21.82 -90.69
C ASP F 474 -11.47 -20.48 -90.17
N PRO F 475 -10.86 -19.40 -90.65
CA PRO F 475 -11.14 -18.02 -90.24
C PRO F 475 -12.56 -17.58 -90.53
N THR F 476 -13.28 -18.30 -91.40
CA THR F 476 -14.67 -17.98 -91.71
C THR F 476 -15.51 -17.78 -90.46
N LEU F 477 -15.31 -18.62 -89.45
CA LEU F 477 -16.13 -18.57 -88.26
C LEU F 477 -15.96 -17.28 -87.48
N LEU F 478 -14.85 -16.60 -87.65
CA LEU F 478 -14.60 -15.40 -86.89
C LEU F 478 -15.39 -14.23 -87.47
N GLU F 479 -16.06 -14.43 -88.58
CA GLU F 479 -16.87 -13.39 -89.18
C GLU F 479 -18.33 -13.48 -88.77
N ASN F 480 -18.70 -14.48 -87.97
CA ASN F 480 -20.11 -14.62 -87.58
C ASN F 480 -20.24 -15.43 -86.30
N ASP F 481 -20.55 -14.73 -85.20
CA ASP F 481 -20.65 -15.35 -83.87
C ASP F 481 -21.72 -16.44 -83.80
N GLU F 482 -22.72 -16.42 -84.67
CA GLU F 482 -23.75 -17.45 -84.64
C GLU F 482 -23.20 -18.76 -85.17
N GLU F 483 -22.30 -18.72 -86.14
CA GLU F 483 -21.73 -19.92 -86.71
C GLU F 483 -20.71 -20.45 -85.76
N LEU F 484 -20.00 -19.53 -85.13
CA LEU F 484 -19.00 -19.89 -84.16
C LEU F 484 -19.64 -20.62 -82.98
N THR F 485 -20.81 -20.14 -82.55
CA THR F 485 -21.56 -20.79 -81.47
C THR F 485 -21.94 -22.21 -81.83
N LYS F 486 -22.52 -22.39 -83.02
CA LYS F 486 -22.91 -23.73 -83.44
C LYS F 486 -21.72 -24.67 -83.52
N SER F 487 -20.56 -24.17 -83.96
CA SER F 487 -19.36 -25.00 -84.10
C SER F 487 -18.69 -25.30 -82.74
N LEU F 488 -18.62 -24.34 -81.82
CA LEU F 488 -17.88 -24.56 -80.57
C LEU F 488 -18.72 -25.14 -79.44
N ILE F 489 -19.97 -24.75 -79.29
CA ILE F 489 -20.80 -25.26 -78.23
C ILE F 489 -21.65 -26.38 -78.76
N GLY F 490 -22.31 -26.11 -79.87
CA GLY F 490 -23.10 -27.11 -80.57
C GLY F 490 -24.13 -27.80 -79.71
N LYS F 491 -24.07 -29.12 -79.74
CA LYS F 491 -25.09 -29.93 -79.09
C LYS F 491 -25.13 -29.71 -77.60
N LEU F 492 -24.02 -29.33 -76.98
CA LEU F 492 -24.04 -29.16 -75.53
C LEU F 492 -25.19 -28.27 -75.05
N ASP F 493 -25.74 -27.44 -75.95
CA ASP F 493 -26.85 -26.54 -75.66
C ASP F 493 -28.18 -27.27 -75.88
N ASP F 494 -28.76 -27.82 -74.81
CA ASP F 494 -30.04 -28.52 -74.94
C ASP F 494 -31.15 -27.49 -74.94
N THR F 495 -31.38 -26.91 -76.11
CA THR F 495 -32.24 -25.75 -76.24
C THR F 495 -33.70 -26.07 -75.91
N ILE F 496 -34.21 -27.23 -76.30
CA ILE F 496 -35.64 -27.43 -76.06
C ILE F 496 -35.97 -27.45 -74.57
N GLU F 497 -35.18 -28.17 -73.79
CA GLU F 497 -35.51 -28.24 -72.38
C GLU F 497 -35.23 -26.89 -71.71
N ARG F 498 -34.14 -26.24 -72.06
CA ARG F 498 -33.83 -24.98 -71.40
C ARG F 498 -34.80 -23.88 -71.77
N ARG F 499 -35.24 -23.82 -73.03
CA ARG F 499 -36.20 -22.80 -73.43
C ARG F 499 -37.51 -23.00 -72.72
N ASN F 500 -37.94 -24.25 -72.53
CA ASN F 500 -39.18 -24.45 -71.80
C ASN F 500 -39.07 -23.99 -70.36
N GLN F 501 -37.94 -24.24 -69.70
CA GLN F 501 -37.83 -23.80 -68.31
C GLN F 501 -37.95 -22.28 -68.19
N LEU F 502 -37.33 -21.53 -69.12
CA LEU F 502 -37.44 -20.08 -69.06
C LEU F 502 -38.86 -19.62 -69.28
N MET F 503 -39.54 -20.21 -70.26
CA MET F 503 -40.91 -19.79 -70.55
C MET F 503 -41.83 -20.09 -69.39
N ASP F 504 -41.66 -21.24 -68.77
CA ASP F 504 -42.53 -21.61 -67.68
C ASP F 504 -42.39 -20.66 -66.51
N HIS F 505 -41.16 -20.23 -66.25
CA HIS F 505 -40.95 -19.26 -65.19
C HIS F 505 -41.68 -17.97 -65.48
N LEU F 506 -41.53 -17.43 -66.69
CA LEU F 506 -42.18 -16.17 -67.00
C LEU F 506 -43.69 -16.29 -66.91
N ILE F 507 -44.24 -17.42 -67.36
CA ILE F 507 -45.69 -17.62 -67.30
C ILE F 507 -46.17 -17.69 -65.87
N ALA F 508 -45.40 -18.39 -65.02
CA ALA F 508 -45.73 -18.51 -63.61
C ALA F 508 -45.81 -17.18 -62.91
N ARG F 509 -45.02 -16.18 -63.36
CA ARG F 509 -45.07 -14.86 -62.72
C ARG F 509 -46.44 -14.20 -62.80
N PHE F 510 -47.29 -14.63 -63.72
CA PHE F 510 -48.64 -14.11 -63.85
C PHE F 510 -49.66 -15.06 -63.27
N ALA F 511 -49.17 -16.09 -62.58
CA ALA F 511 -49.97 -17.17 -61.98
C ALA F 511 -50.75 -17.98 -63.01
N GLU F 512 -50.18 -18.21 -64.18
CA GLU F 512 -50.84 -19.01 -65.21
C GLU F 512 -50.16 -20.38 -65.30
N ASN F 513 -50.69 -21.30 -66.13
CA ASN F 513 -50.09 -22.65 -66.21
C ASN F 513 -50.44 -23.40 -67.50
N PHE F 514 -49.41 -23.78 -68.27
CA PHE F 514 -49.55 -24.47 -69.57
C PHE F 514 -49.21 -25.95 -69.55
N SER F 515 -49.21 -26.59 -68.38
CA SER F 515 -48.87 -28.01 -68.28
C SER F 515 -49.60 -28.95 -69.23
N SER F 516 -50.89 -28.70 -69.48
CA SER F 516 -51.69 -29.62 -70.28
C SER F 516 -51.25 -29.72 -71.74
N TYR F 517 -50.49 -28.75 -72.25
CA TYR F 517 -50.05 -28.81 -73.64
C TYR F 517 -49.11 -29.96 -73.87
N ALA F 518 -48.47 -30.39 -72.78
CA ALA F 518 -47.53 -31.47 -72.81
C ALA F 518 -48.13 -32.75 -73.36
N PHE F 519 -49.41 -32.98 -73.16
CA PHE F 519 -49.97 -34.18 -73.71
C PHE F 519 -51.12 -33.93 -74.65
N LEU F 520 -51.82 -32.82 -74.52
CA LEU F 520 -52.97 -32.62 -75.39
C LEU F 520 -52.53 -32.44 -76.83
N MET F 521 -51.36 -31.86 -77.02
CA MET F 521 -50.88 -31.63 -78.35
C MET F 521 -50.44 -32.91 -79.04
N LYS F 522 -50.31 -34.01 -78.32
CA LYS F 522 -49.87 -35.25 -78.91
C LYS F 522 -50.98 -35.96 -79.62
N PHE F 523 -52.18 -35.45 -79.51
CA PHE F 523 -53.28 -36.03 -80.23
C PHE F 523 -53.44 -35.33 -81.55
N LEU F 524 -52.62 -34.32 -81.78
CA LEU F 524 -52.69 -33.53 -82.99
C LEU F 524 -51.42 -33.64 -83.80
N TYR F 525 -50.29 -33.67 -83.12
CA TYR F 525 -49.00 -33.67 -83.78
C TYR F 525 -48.10 -34.71 -83.13
N GLY F 526 -47.09 -35.13 -83.88
CA GLY F 526 -46.09 -36.04 -83.35
C GLY F 526 -44.91 -35.27 -82.79
N GLU F 527 -43.72 -35.58 -83.27
CA GLU F 527 -42.49 -34.98 -82.74
C GLU F 527 -42.47 -33.47 -82.88
N SER F 528 -43.21 -32.93 -83.85
CA SER F 528 -43.25 -31.51 -84.15
C SER F 528 -43.91 -30.68 -83.02
N THR F 529 -44.52 -31.32 -82.00
CA THR F 529 -45.11 -30.54 -80.92
C THR F 529 -44.10 -29.68 -80.19
N ASP F 530 -42.82 -30.07 -80.08
CA ASP F 530 -41.95 -29.24 -79.26
C ASP F 530 -41.80 -27.82 -79.80
N GLU F 531 -41.73 -27.68 -81.12
CA GLU F 531 -41.64 -26.36 -81.71
C GLU F 531 -42.94 -25.61 -81.58
N ILE F 532 -44.04 -26.31 -81.79
CA ILE F 532 -45.35 -25.66 -81.77
C ILE F 532 -45.64 -25.11 -80.39
N VAL F 533 -45.40 -25.93 -79.37
CA VAL F 533 -45.67 -25.50 -78.02
C VAL F 533 -44.86 -24.29 -77.60
N LEU F 534 -43.57 -24.25 -77.92
CA LEU F 534 -42.82 -23.05 -77.55
C LEU F 534 -43.34 -21.81 -78.26
N GLN F 535 -43.75 -21.93 -79.52
CA GLN F 535 -44.34 -20.78 -80.19
C GLN F 535 -45.59 -20.28 -79.50
N ASP F 536 -46.46 -21.21 -79.08
CA ASP F 536 -47.69 -20.82 -78.44
C ASP F 536 -47.44 -20.15 -77.09
N LYS F 537 -46.47 -20.64 -76.32
CA LYS F 537 -46.19 -20.01 -75.03
C LYS F 537 -45.72 -18.57 -75.21
N GLN F 538 -44.87 -18.30 -76.21
CA GLN F 538 -44.43 -16.92 -76.41
C GLN F 538 -45.60 -16.02 -76.79
N SER F 539 -46.50 -16.52 -77.64
CA SER F 539 -47.66 -15.73 -78.04
C SER F 539 -48.52 -15.38 -76.85
N PHE F 540 -48.71 -16.33 -75.95
CA PHE F 540 -49.51 -16.10 -74.76
C PHE F 540 -48.96 -14.94 -73.95
N LEU F 541 -47.64 -14.91 -73.72
CA LEU F 541 -47.11 -13.80 -72.94
C LEU F 541 -47.33 -12.45 -73.64
N ARG F 542 -47.13 -12.39 -74.96
CA ARG F 542 -47.31 -11.12 -75.67
C ARG F 542 -48.72 -10.57 -75.56
N GLU F 543 -49.70 -11.44 -75.63
CA GLU F 543 -51.10 -11.08 -75.62
C GLU F 543 -51.71 -10.98 -74.23
N TYR F 544 -50.92 -11.16 -73.19
CA TYR F 544 -51.45 -11.29 -71.84
C TYR F 544 -52.21 -10.05 -71.33
N LYS F 545 -51.78 -8.84 -71.67
CA LYS F 545 -52.44 -7.67 -71.09
C LYS F 545 -53.97 -7.68 -71.28
N GLU F 546 -54.41 -7.97 -72.50
CA GLU F 546 -55.83 -8.05 -72.79
C GLU F 546 -56.44 -9.34 -72.26
N ILE F 547 -55.73 -10.46 -72.38
CA ILE F 547 -56.30 -11.75 -71.98
C ILE F 547 -56.77 -11.76 -70.53
N SER F 548 -55.96 -11.25 -69.62
CA SER F 548 -56.34 -11.26 -68.22
C SER F 548 -57.31 -10.19 -67.81
N ARG F 549 -57.58 -9.22 -68.67
CA ARG F 549 -58.42 -8.11 -68.28
C ARG F 549 -59.83 -8.24 -68.82
N GLU F 550 -59.95 -8.44 -70.12
CA GLU F 550 -61.27 -8.41 -70.74
C GLU F 550 -61.93 -9.77 -70.69
N ARG F 551 -62.22 -10.20 -69.46
CA ARG F 551 -62.79 -11.50 -69.23
C ARG F 551 -64.31 -11.45 -69.39
N ARG G 14 3.69 -1.72 92.61
CA ARG G 14 4.18 -1.24 91.33
C ARG G 14 3.57 -2.07 90.19
N ASP G 15 3.51 -1.48 89.00
CA ASP G 15 2.83 -2.12 87.88
C ASP G 15 3.78 -2.75 86.87
N GLY G 16 5.06 -2.91 87.21
CA GLY G 16 6.02 -3.53 86.32
C GLY G 16 6.29 -2.66 85.11
N THR G 17 6.15 -3.25 83.92
CA THR G 17 6.36 -2.51 82.68
C THR G 17 5.53 -3.13 81.56
N GLY G 18 5.71 -2.57 80.38
CA GLY G 18 4.94 -3.02 79.23
C GLY G 18 5.39 -2.33 77.96
N ARG G 19 4.69 -2.65 76.88
CA ARG G 19 5.11 -2.29 75.52
C ARG G 19 5.21 -0.78 75.30
N ARG G 20 4.27 -0.01 75.86
CA ARG G 20 4.27 1.43 75.62
C ARG G 20 5.35 2.18 76.42
N ASP G 21 6.01 1.49 77.33
CA ASP G 21 6.98 2.10 78.22
C ASP G 21 8.40 1.82 77.80
N LEU G 22 8.60 1.26 76.61
CA LEU G 22 9.91 0.75 76.20
C LEU G 22 10.71 1.71 75.34
N LEU G 23 10.30 2.97 75.21
CA LEU G 23 11.01 3.92 74.35
C LEU G 23 11.99 4.75 75.18
N ASP G 24 13.28 4.67 74.82
CA ASP G 24 14.31 5.45 75.48
C ASP G 24 14.44 6.78 74.75
N PRO G 25 14.06 7.89 75.38
CA PRO G 25 14.07 9.20 74.72
C PRO G 25 15.46 9.72 74.37
N LYS G 26 16.53 9.12 74.87
CA LYS G 26 17.84 9.72 74.70
C LYS G 26 18.78 8.67 74.11
N LEU G 27 18.24 7.73 73.34
CA LEU G 27 19.09 6.76 72.64
C LEU G 27 19.24 7.10 71.18
N ALA G 28 18.18 7.63 70.58
CA ALA G 28 18.19 8.01 69.18
C ALA G 28 19.26 9.07 68.92
N PRO G 29 20.16 8.85 67.95
CA PRO G 29 21.26 9.78 67.66
C PRO G 29 20.85 11.23 67.47
N GLU G 30 19.65 11.47 66.91
CA GLU G 30 19.13 12.84 66.75
C GLU G 30 19.24 13.73 67.96
N SER G 31 19.07 13.17 69.15
CA SER G 31 19.04 13.96 70.39
C SER G 31 20.28 14.83 70.56
N VAL G 32 21.35 14.56 69.81
CA VAL G 32 22.59 15.29 69.87
C VAL G 32 22.81 16.03 68.56
N GLN G 33 22.89 17.34 68.65
CA GLN G 33 23.21 18.18 67.51
C GLN G 33 24.59 18.74 67.76
N LEU G 34 25.59 18.17 67.07
CA LEU G 34 26.99 18.55 67.30
C LEU G 34 27.24 20.01 67.00
N GLN G 35 26.54 20.56 66.02
CA GLN G 35 26.65 21.95 65.61
C GLN G 35 25.27 22.57 65.63
N ASP G 36 25.04 23.62 66.42
CA ASP G 36 23.74 24.29 66.48
C ASP G 36 23.71 25.79 66.14
N PHE G 37 24.71 26.36 65.50
CA PHE G 37 24.62 27.80 65.26
C PHE G 37 23.61 28.13 64.15
N GLU G 38 22.93 29.25 64.31
CA GLU G 38 22.04 29.82 63.30
C GLU G 38 22.71 31.03 62.68
N LEU G 39 22.04 31.65 61.69
CA LEU G 39 22.59 32.83 61.03
C LEU G 39 22.86 33.94 62.03
N SER G 40 21.94 34.09 62.97
CA SER G 40 22.05 35.06 64.05
C SER G 40 23.22 34.85 64.99
N ASP G 41 23.72 33.64 65.11
CA ASP G 41 24.86 33.42 65.98
C ASP G 41 26.15 33.75 65.29
N TRP G 42 26.23 33.49 63.98
CA TRP G 42 27.41 33.89 63.25
C TRP G 42 27.48 35.39 63.10
N LEU G 43 26.33 36.06 63.09
CA LEU G 43 26.34 37.52 63.04
C LEU G 43 26.84 38.09 64.37
N ILE G 44 26.49 37.49 65.51
CA ILE G 44 27.01 37.95 66.80
C ILE G 44 28.51 37.75 66.86
N PHE G 45 28.98 36.61 66.35
CA PHE G 45 30.41 36.33 66.22
C PHE G 45 31.14 37.44 65.47
N ALA G 46 30.56 37.87 64.34
CA ALA G 46 31.15 38.94 63.53
C ALA G 46 31.17 40.28 64.27
N LEU G 47 30.12 40.60 65.05
CA LEU G 47 30.08 41.87 65.77
C LEU G 47 31.21 41.99 66.77
N ASN G 48 31.62 40.87 67.35
CA ASN G 48 32.67 40.83 68.35
C ASN G 48 34.02 40.89 67.65
N PHE G 49 34.16 40.06 66.61
CA PHE G 49 35.40 39.90 65.85
C PHE G 49 35.85 41.21 65.24
N ALA G 50 34.89 42.03 64.78
CA ALA G 50 35.16 43.33 64.17
C ALA G 50 35.95 44.27 65.07
N ARG G 51 35.88 44.08 66.39
CA ARG G 51 36.58 44.92 67.35
C ARG G 51 37.95 44.42 67.71
N LYS G 52 38.36 43.26 67.18
CA LYS G 52 39.67 42.71 67.46
C LYS G 52 40.64 42.86 66.31
N ILE G 53 40.21 43.51 65.21
CA ILE G 53 40.96 43.63 63.97
C ILE G 53 41.19 45.11 63.71
N HIS G 54 42.43 45.50 63.40
CA HIS G 54 42.79 46.85 63.01
C HIS G 54 42.13 47.24 61.69
N PHE G 55 41.99 48.53 61.45
CA PHE G 55 41.54 49.03 60.14
C PHE G 55 42.58 50.02 59.64
N PHE G 56 42.90 49.95 58.36
CA PHE G 56 43.94 50.79 57.77
C PHE G 56 43.38 51.77 56.76
N PRO G 57 43.33 53.07 57.10
CA PRO G 57 42.83 54.11 56.18
C PRO G 57 43.72 54.25 54.94
N SER G 58 43.08 54.61 53.83
CA SER G 58 43.77 54.73 52.54
C SER G 58 44.81 55.83 52.51
N ASP G 59 44.73 56.80 53.39
CA ASP G 59 45.60 57.96 53.34
C ASP G 59 46.77 57.87 54.30
N LEU G 60 46.98 56.73 54.95
CA LEU G 60 48.11 56.56 55.84
C LEU G 60 49.04 55.49 55.29
N ALA G 61 50.33 55.61 55.58
CA ALA G 61 51.32 54.65 55.07
C ALA G 61 51.30 53.39 55.92
N ASN G 62 50.21 52.62 55.78
CA ASN G 62 50.01 51.38 56.52
C ASN G 62 50.04 51.61 58.03
N GLU G 63 49.43 52.66 58.49
CA GLU G 63 49.29 52.92 59.91
C GLU G 63 47.86 52.56 60.28
N PRO G 64 47.64 51.90 61.41
CA PRO G 64 46.28 51.57 61.83
C PRO G 64 45.56 52.76 62.43
N LEU G 65 44.23 52.78 62.27
CA LEU G 65 43.42 53.83 62.91
C LEU G 65 41.99 53.31 63.15
N GLY G 66 41.78 52.68 64.30
CA GLY G 66 40.45 52.14 64.59
C GLY G 66 40.28 50.70 64.13
N ASP G 67 39.02 50.31 63.93
CA ASP G 67 38.66 48.91 63.70
C ASP G 67 37.58 48.83 62.62
N TRP G 68 36.89 47.70 62.58
CA TRP G 68 35.86 47.40 61.59
C TRP G 68 34.46 47.52 62.13
N ARG G 69 34.30 48.18 63.28
CA ARG G 69 33.04 48.30 64.02
C ARG G 69 31.90 48.83 63.16
N ASN G 70 32.18 49.81 62.32
CA ASN G 70 31.15 50.51 61.55
C ASN G 70 30.62 49.71 60.38
N PHE G 71 31.16 48.55 60.11
CA PHE G 71 30.70 47.78 58.97
C PHE G 71 29.57 46.82 59.32
N PHE G 72 29.28 46.63 60.60
CA PHE G 72 28.20 45.74 61.03
C PHE G 72 27.17 46.44 61.89
N SER G 73 27.26 47.76 62.04
CA SER G 73 26.31 48.43 62.92
C SER G 73 24.89 48.33 62.38
N THR G 74 24.72 48.33 61.07
CA THR G 74 23.38 48.38 60.47
C THR G 74 22.54 47.13 60.70
N ILE G 75 23.09 46.13 61.39
CA ILE G 75 22.34 44.92 61.72
C ILE G 75 21.47 45.16 62.95
N VAL G 76 22.05 45.81 63.96
CA VAL G 76 21.39 45.99 65.25
C VAL G 76 20.65 47.33 65.27
N SER G 77 19.33 47.25 65.36
CA SER G 77 18.39 48.37 65.44
C SER G 77 18.40 49.16 66.72
N ASP G 78 18.94 48.61 67.80
CA ASP G 78 19.06 49.32 69.06
C ASP G 78 20.49 49.18 69.52
N LYS G 79 21.22 50.28 69.39
CA LYS G 79 22.64 50.33 69.65
C LYS G 79 22.99 50.14 71.11
N THR G 80 22.01 50.28 72.03
CA THR G 80 22.21 49.99 73.45
C THR G 80 22.79 48.61 73.67
N LEU G 81 22.28 47.62 72.93
CA LEU G 81 22.62 46.23 73.17
C LEU G 81 24.02 45.86 72.76
N ILE G 82 24.75 46.72 72.06
CA ILE G 82 26.09 46.36 71.63
C ILE G 82 27.13 47.35 72.08
N SER G 83 26.78 48.24 73.02
CA SER G 83 27.71 49.27 73.50
C SER G 83 28.95 48.66 74.12
N ASP G 84 28.83 47.45 74.67
CA ASP G 84 29.90 46.73 75.30
C ASP G 84 29.84 45.25 74.94
N ILE G 85 29.54 44.93 73.67
CA ILE G 85 29.18 43.57 73.24
C ILE G 85 30.20 42.51 73.65
N GLU G 86 31.48 42.88 73.74
CA GLU G 86 32.54 41.94 74.02
C GLU G 86 32.49 41.46 75.48
N ASN G 87 31.64 42.07 76.33
CA ASN G 87 31.49 41.68 77.72
C ASN G 87 30.13 41.05 78.03
N LEU G 88 29.36 40.64 77.01
CA LEU G 88 28.05 40.11 77.33
C LEU G 88 28.09 38.62 77.67
N ASP G 89 27.13 38.21 78.48
CA ASP G 89 26.86 36.83 78.85
C ASP G 89 25.47 36.39 78.48
N ASP G 90 24.66 37.32 77.98
CA ASP G 90 23.26 37.10 77.70
C ASP G 90 22.96 37.75 76.36
N PHE G 91 22.64 36.91 75.39
CA PHE G 91 22.46 37.33 74.02
C PHE G 91 21.02 37.25 73.57
N GLU G 92 20.08 37.10 74.50
CA GLU G 92 18.66 36.94 74.18
C GLU G 92 18.05 38.17 73.51
N LYS G 93 18.39 39.37 73.99
CA LYS G 93 17.85 40.59 73.38
C LYS G 93 18.54 40.88 72.08
N LEU G 94 19.85 40.63 72.01
CA LEU G 94 20.62 40.89 70.81
C LEU G 94 20.19 39.97 69.69
N ARG G 95 20.03 38.68 70.00
CA ARG G 95 19.59 37.70 69.00
C ARG G 95 18.23 38.05 68.46
N GLY G 96 17.34 38.58 69.32
CA GLY G 96 16.02 39.00 68.89
C GLY G 96 16.05 40.09 67.82
N ASN G 97 16.85 41.15 68.05
CA ASN G 97 16.93 42.22 67.06
C ASN G 97 17.56 41.76 65.77
N ILE G 98 18.53 40.85 65.85
CA ILE G 98 19.17 40.35 64.63
C ILE G 98 18.17 39.58 63.80
N GLU G 99 17.29 38.82 64.44
CA GLU G 99 16.29 38.06 63.69
C GLU G 99 15.31 38.99 62.98
N GLU G 100 14.89 40.10 63.61
CA GLU G 100 14.07 41.08 62.88
C GLU G 100 14.78 41.67 61.68
N PHE G 101 16.08 41.97 61.79
CA PHE G 101 16.85 42.46 60.65
C PHE G 101 16.80 41.48 59.49
N LEU G 102 17.07 40.21 59.78
CA LEU G 102 17.14 39.19 58.73
C LEU G 102 15.79 39.05 58.05
N ALA G 103 14.70 39.10 58.81
CA ALA G 103 13.37 39.02 58.20
C ALA G 103 13.10 40.23 57.31
N ALA G 104 13.45 41.43 57.79
CA ALA G 104 13.13 42.67 57.10
C ALA G 104 13.79 42.75 55.73
N TYR G 105 15.00 42.23 55.59
CA TYR G 105 15.72 42.34 54.35
C TYR G 105 15.64 41.08 53.51
N ASP G 106 14.90 40.08 53.94
CA ASP G 106 14.82 38.87 53.16
C ASP G 106 14.02 39.15 51.90
N GLN G 107 14.71 39.02 50.77
CA GLN G 107 14.19 39.27 49.42
C GLN G 107 13.74 40.71 49.23
N SER G 108 14.40 41.67 49.88
CA SER G 108 14.08 43.07 49.67
C SER G 108 14.88 43.69 48.54
N GLY G 109 16.08 43.18 48.28
CA GLY G 109 16.97 43.78 47.31
C GLY G 109 17.71 45.00 47.82
N LYS G 110 17.77 45.21 49.13
CA LYS G 110 18.26 46.48 49.68
C LYS G 110 19.53 46.44 50.52
N LEU G 111 20.28 45.34 50.57
CA LEU G 111 21.49 45.37 51.39
C LEU G 111 22.71 45.88 50.65
N THR G 112 23.56 46.60 51.37
CA THR G 112 24.90 46.90 50.90
C THR G 112 25.69 45.66 50.55
N PRO G 113 26.45 45.70 49.45
CA PRO G 113 27.18 44.53 48.92
C PRO G 113 28.11 43.80 49.87
N HIS G 114 28.75 44.44 50.85
CA HIS G 114 29.62 43.65 51.71
C HIS G 114 28.82 42.75 52.64
N LEU G 115 27.62 43.15 53.00
CA LEU G 115 26.79 42.28 53.81
C LEU G 115 26.11 41.23 52.97
N THR G 116 25.80 41.57 51.71
CA THR G 116 25.17 40.63 50.81
C THR G 116 26.02 39.38 50.64
N LEU G 117 27.33 39.54 50.45
CA LEU G 117 28.21 38.37 50.38
C LEU G 117 28.27 37.60 51.68
N PHE G 118 28.42 38.30 52.80
CA PHE G 118 28.57 37.62 54.08
C PHE G 118 27.36 36.78 54.41
N VAL G 119 26.16 37.30 54.18
CA VAL G 119 24.96 36.55 54.52
C VAL G 119 24.74 35.39 53.55
N SER G 120 25.05 35.60 52.27
CA SER G 120 24.86 34.56 51.29
C SER G 120 25.80 33.39 51.57
N PHE G 121 27.01 33.68 52.04
CA PHE G 121 27.95 32.66 52.49
C PHE G 121 27.39 31.87 53.66
N LEU G 122 26.83 32.56 54.66
CA LEU G 122 26.29 31.88 55.82
C LEU G 122 25.12 30.98 55.45
N LYS G 123 24.32 31.38 54.46
CA LYS G 123 23.23 30.52 54.02
C LYS G 123 23.75 29.28 53.31
N LEU G 124 24.82 29.40 52.51
CA LEU G 124 25.37 28.22 51.83
C LEU G 124 25.88 27.18 52.81
N LEU G 125 26.43 27.62 53.95
CA LEU G 125 26.95 26.73 54.97
C LEU G 125 25.91 25.86 55.63
N GLU G 126 24.61 26.11 55.44
CA GLU G 126 23.63 25.26 56.11
C GLU G 126 23.66 23.83 55.59
N THR G 127 24.13 23.61 54.37
CA THR G 127 24.27 22.25 53.87
C THR G 127 25.43 21.50 54.54
N SER G 128 26.38 22.23 55.10
CA SER G 128 27.48 21.59 55.80
C SER G 128 27.03 21.14 57.17
N LYS G 129 26.18 21.95 57.80
CA LYS G 129 25.60 21.61 59.09
C LYS G 129 24.80 20.32 58.99
N LYS G 130 24.05 20.15 57.89
CA LYS G 130 23.25 18.95 57.71
C LYS G 130 24.11 17.69 57.63
N ARG G 131 25.21 17.75 56.89
CA ARG G 131 26.10 16.60 56.77
C ARG G 131 26.86 16.34 58.06
N PHE G 132 27.36 17.40 58.69
CA PHE G 132 28.17 17.29 59.89
C PHE G 132 27.40 16.67 61.05
N ASN G 133 26.13 17.01 61.20
CA ASN G 133 25.38 16.49 62.33
C ASN G 133 24.93 15.05 62.16
N GLN G 134 25.27 14.37 61.07
CA GLN G 134 24.94 12.97 60.93
C GLN G 134 26.05 12.07 61.45
N LEU G 135 27.11 12.65 61.97
CA LEU G 135 28.25 11.88 62.48
C LEU G 135 27.87 11.04 63.70
N THR G 136 26.89 11.49 64.50
CA THR G 136 26.60 10.77 65.73
C THR G 136 25.92 9.45 65.38
N LYS G 137 25.13 9.43 64.31
CA LYS G 137 24.49 8.20 63.88
C LYS G 137 25.49 7.24 63.27
N ARG G 138 26.38 7.76 62.42
CA ARG G 138 27.41 6.94 61.79
C ARG G 138 28.31 6.28 62.83
N HIS G 139 28.61 7.01 63.89
CA HIS G 139 29.42 6.50 64.97
C HIS G 139 28.74 5.35 65.69
N LEU G 140 27.46 5.52 66.03
CA LEU G 140 26.71 4.48 66.73
C LEU G 140 26.58 3.22 65.89
N ASP G 141 26.24 3.36 64.60
CA ASP G 141 26.07 2.20 63.73
C ASP G 141 27.36 1.44 63.57
N PHE G 142 28.47 2.17 63.45
CA PHE G 142 29.78 1.54 63.33
C PHE G 142 30.08 0.64 64.52
N TYR G 143 29.84 1.15 65.72
CA TYR G 143 30.14 0.38 66.92
C TYR G 143 29.28 -0.87 67.01
N TYR G 144 27.96 -0.76 66.80
CA TYR G 144 27.14 -1.96 66.93
C TYR G 144 27.35 -2.95 65.78
N GLN G 145 27.57 -2.47 64.56
CA GLN G 145 27.63 -3.40 63.44
C GLN G 145 29.03 -3.86 63.05
N GLU G 146 30.05 -3.02 63.20
CA GLU G 146 31.37 -3.44 62.76
C GLU G 146 32.28 -3.83 63.90
N ILE G 147 32.11 -3.25 65.07
CA ILE G 147 32.91 -3.66 66.22
C ILE G 147 32.28 -4.84 66.93
N LEU G 148 30.99 -4.77 67.23
CA LEU G 148 30.33 -5.86 67.95
C LEU G 148 29.76 -6.93 67.04
N HIS G 149 29.72 -6.69 65.72
CA HIS G 149 29.24 -7.65 64.71
C HIS G 149 27.80 -8.08 64.92
N LEU G 150 26.90 -7.16 65.25
CA LEU G 150 25.52 -7.53 65.50
C LEU G 150 24.62 -7.06 64.35
N GLU G 151 23.82 -7.96 63.83
CA GLU G 151 22.88 -7.68 62.73
C GLU G 151 21.42 -7.65 63.17
N LYS G 152 20.57 -7.26 62.22
CA LYS G 152 19.13 -7.17 62.41
C LYS G 152 18.45 -8.51 62.13
N GLN G 153 17.28 -8.69 62.74
CA GLN G 153 16.52 -9.91 62.54
C GLN G 153 15.56 -9.81 61.36
N ALA G 154 15.34 -10.97 60.72
CA ALA G 154 14.53 -11.14 59.52
C ALA G 154 13.06 -11.41 59.84
N LEU G 155 12.26 -11.39 58.77
CA LEU G 155 10.81 -11.54 58.73
C LEU G 155 10.34 -12.98 58.94
N SER G 156 9.17 -13.13 59.58
CA SER G 156 8.45 -14.41 59.72
C SER G 156 7.06 -14.34 59.07
N PRO G 157 6.70 -15.33 58.25
CA PRO G 157 5.39 -15.34 57.58
C PRO G 157 4.25 -15.75 58.50
N ASP G 158 3.03 -15.32 58.17
CA ASP G 158 1.85 -15.64 58.99
C ASP G 158 1.05 -16.84 58.44
N HIS G 159 0.17 -17.38 59.31
CA HIS G 159 -0.65 -18.56 59.04
C HIS G 159 -2.15 -18.27 59.10
N VAL G 160 -2.93 -18.90 58.21
CA VAL G 160 -4.39 -18.78 58.19
C VAL G 160 -5.07 -20.14 58.00
N PHE G 161 -6.34 -20.22 58.38
CA PHE G 161 -7.22 -21.33 58.01
C PHE G 161 -8.34 -20.85 57.09
N LEU G 162 -8.64 -21.66 56.09
CA LEU G 162 -9.69 -21.39 55.13
C LEU G 162 -10.70 -22.54 55.11
N ILE G 163 -11.97 -22.27 54.84
CA ILE G 163 -12.97 -23.34 54.77
C ILE G 163 -13.43 -23.51 53.31
N PHE G 164 -13.50 -24.75 52.82
CA PHE G 164 -13.85 -25.02 51.42
C PHE G 164 -15.25 -25.60 51.25
N GLU G 165 -15.81 -25.42 50.05
CA GLU G 165 -17.12 -25.97 49.67
C GLU G 165 -17.04 -26.61 48.29
N LEU G 166 -17.51 -27.84 48.16
CA LEU G 166 -17.45 -28.50 46.87
C LEU G 166 -18.66 -28.17 46.01
N ALA G 167 -18.47 -28.30 44.70
CA ALA G 167 -19.52 -28.03 43.73
C ALA G 167 -20.52 -29.18 43.71
N LYS G 168 -21.67 -28.94 43.07
CA LYS G 168 -22.83 -29.82 43.20
C LYS G 168 -22.66 -31.21 42.55
N ASN G 169 -21.89 -31.35 41.47
CA ASN G 169 -21.84 -32.62 40.74
C ASN G 169 -20.59 -33.50 41.02
N VAL G 170 -19.81 -33.25 42.08
CA VAL G 170 -18.63 -34.07 42.38
C VAL G 170 -18.79 -34.70 43.76
N SER G 171 -18.10 -35.82 44.02
CA SER G 171 -18.25 -36.40 45.35
C SER G 171 -17.01 -36.30 46.24
N GLN G 172 -15.79 -36.56 45.75
CA GLN G 172 -14.59 -36.49 46.59
C GLN G 172 -13.36 -36.12 45.76
N GLU G 173 -12.54 -35.19 46.26
CA GLU G 173 -11.37 -34.74 45.52
C GLU G 173 -10.17 -34.51 46.42
N LYS G 174 -9.03 -34.35 45.78
CA LYS G 174 -7.77 -34.12 46.46
C LYS G 174 -7.21 -32.76 46.12
N LEU G 175 -6.88 -31.99 47.15
CA LEU G 175 -6.26 -30.71 46.94
C LEU G 175 -4.77 -30.87 47.18
N ASP G 176 -3.98 -30.41 46.23
CA ASP G 176 -2.53 -30.56 46.26
C ASP G 176 -1.80 -29.68 47.26
N GLU G 177 -0.63 -30.17 47.65
CA GLU G 177 0.19 -29.42 48.58
C GLU G 177 0.85 -28.31 47.75
N GLY G 178 0.99 -27.12 48.32
CA GLY G 178 1.63 -26.02 47.63
C GLY G 178 0.79 -25.25 46.64
N THR G 179 -0.54 -25.36 46.72
CA THR G 179 -1.44 -24.66 45.81
C THR G 179 -1.50 -23.18 46.17
N GLU G 180 -1.37 -22.32 45.18
CA GLU G 180 -1.34 -20.90 45.43
C GLU G 180 -2.73 -20.32 45.68
N VAL G 181 -2.79 -19.42 46.65
CA VAL G 181 -4.02 -18.78 47.11
C VAL G 181 -3.80 -17.28 47.04
N ASP G 182 -4.81 -16.59 46.53
CA ASP G 182 -4.85 -15.15 46.32
C ASP G 182 -4.99 -14.39 47.63
N GLY G 183 -4.14 -13.38 47.86
CA GLY G 183 -4.25 -12.66 49.12
C GLY G 183 -4.47 -11.16 49.24
N GLY G 184 -4.35 -10.36 48.18
CA GLY G 184 -4.53 -8.92 48.33
C GLY G 184 -3.45 -8.08 47.67
N LYS G 185 -3.23 -6.85 48.20
CA LYS G 185 -2.26 -5.89 47.68
C LYS G 185 -1.56 -5.05 48.78
N ASP G 186 -0.44 -4.37 48.45
CA ASP G 186 0.42 -3.61 49.40
C ASP G 186 0.49 -2.12 49.04
N ASP G 187 1.10 -1.25 49.88
CA ASP G 187 1.16 0.19 49.53
C ASP G 187 1.87 0.46 48.21
N THR G 188 2.56 -0.55 47.67
CA THR G 188 3.11 -0.66 46.33
C THR G 188 2.11 -1.10 45.27
N GLY G 189 1.01 -1.73 45.64
CA GLY G 189 0.08 -2.23 44.64
C GLY G 189 0.35 -3.63 44.15
N LYS G 190 1.37 -4.31 44.68
CA LYS G 190 1.70 -5.67 44.27
C LYS G 190 0.82 -6.68 45.01
N LYS G 191 0.82 -7.95 44.59
CA LYS G 191 -0.13 -8.90 45.13
C LYS G 191 0.49 -9.99 46.04
N ASN G 192 -0.14 -10.23 47.19
CA ASN G 192 0.25 -11.23 48.19
C ASN G 192 -0.16 -12.64 47.81
N THR G 193 0.66 -13.63 48.20
CA THR G 193 0.35 -15.03 47.89
C THR G 193 0.49 -15.93 49.11
N TYR G 194 -0.43 -16.86 49.31
CA TYR G 194 -0.36 -17.86 50.38
C TYR G 194 -0.30 -19.26 49.79
N LEU G 195 0.56 -20.13 50.31
CA LEU G 195 0.67 -21.49 49.79
C LEU G 195 0.10 -22.51 50.78
N THR G 196 -0.48 -23.59 50.26
CA THR G 196 -1.04 -24.63 51.11
C THR G 196 0.05 -25.48 51.74
N SER G 197 -0.14 -25.86 53.02
CA SER G 197 0.84 -26.64 53.78
C SER G 197 0.86 -28.15 53.51
N PHE G 198 -0.29 -28.83 53.44
CA PHE G 198 -0.34 -30.28 53.30
C PHE G 198 -1.39 -30.66 52.26
N GLU G 199 -1.30 -31.89 51.76
CA GLU G 199 -2.32 -32.41 50.88
C GLU G 199 -3.54 -32.84 51.69
N THR G 200 -4.73 -32.56 51.19
CA THR G 200 -5.98 -32.83 51.89
C THR G 200 -7.05 -33.40 50.99
N VAL G 201 -7.92 -34.22 51.56
CA VAL G 201 -8.98 -34.84 50.78
C VAL G 201 -10.28 -34.16 51.18
N LEU G 202 -11.04 -33.68 50.20
CA LEU G 202 -12.25 -32.95 50.50
C LEU G 202 -13.48 -33.69 49.99
N ASN G 203 -14.62 -33.48 50.66
CA ASN G 203 -15.89 -34.08 50.28
C ASN G 203 -17.01 -33.14 50.71
N LYS G 204 -18.25 -33.57 50.52
CA LYS G 204 -19.41 -32.73 50.80
C LYS G 204 -19.97 -33.00 52.19
N THR G 205 -19.19 -32.74 53.22
CA THR G 205 -19.62 -33.08 54.58
C THR G 205 -19.70 -31.82 55.42
N LYS G 206 -20.81 -31.65 56.13
CA LYS G 206 -21.08 -30.43 56.88
C LYS G 206 -21.49 -30.77 58.31
N VAL G 207 -21.11 -29.93 59.26
CA VAL G 207 -21.58 -30.07 60.64
C VAL G 207 -23.02 -29.56 60.73
N GLY G 208 -23.94 -30.43 61.15
CA GLY G 208 -25.33 -30.07 61.24
C GLY G 208 -25.82 -29.71 62.63
N GLN G 209 -25.52 -30.50 63.65
CA GLN G 209 -26.11 -30.29 64.97
C GLN G 209 -25.11 -30.53 66.11
N LEU G 210 -25.27 -29.75 67.19
CA LEU G 210 -24.43 -29.86 68.38
C LEU G 210 -25.29 -29.93 69.64
N LYS G 211 -25.16 -31.02 70.42
CA LYS G 211 -25.94 -31.25 71.63
C LYS G 211 -25.05 -31.67 72.80
N SER G 212 -25.43 -31.29 74.03
CA SER G 212 -24.61 -31.60 75.20
C SER G 212 -25.44 -31.78 76.47
N LEU G 213 -24.91 -32.55 77.42
CA LEU G 213 -25.56 -32.73 78.71
C LEU G 213 -24.51 -32.96 79.81
N TYR G 214 -24.84 -32.61 81.06
CA TYR G 214 -23.93 -32.88 82.17
C TYR G 214 -24.64 -33.46 83.38
N ASN G 215 -24.12 -34.56 83.92
CA ASN G 215 -24.67 -35.20 85.12
C ASN G 215 -23.69 -35.07 86.28
N GLU G 216 -24.08 -34.37 87.35
CA GLU G 216 -23.16 -34.14 88.45
C GLU G 216 -23.65 -34.76 89.74
N ILE G 217 -22.90 -35.68 90.32
CA ILE G 217 -23.34 -36.40 91.51
C ILE G 217 -22.58 -35.96 92.75
N SER G 218 -23.29 -35.35 93.70
CA SER G 218 -22.73 -34.94 94.99
C SER G 218 -22.53 -36.11 95.96
N VAL G 219 -23.49 -37.06 96.05
CA VAL G 219 -23.54 -38.06 97.13
C VAL G 219 -23.60 -39.50 96.62
N GLU G 220 -22.70 -40.36 97.15
CA GLU G 220 -22.69 -41.80 96.87
C GLU G 220 -24.04 -42.47 97.13
N LYS G 221 -24.49 -43.28 96.15
CA LYS G 221 -25.82 -43.89 96.15
C LYS G 221 -26.16 -44.65 97.42
N GLU G 222 -25.15 -45.21 98.11
CA GLU G 222 -25.40 -45.93 99.37
C GLU G 222 -26.05 -45.05 100.43
N GLU G 223 -25.81 -43.74 100.41
CA GLU G 223 -26.24 -42.87 101.51
C GLU G 223 -27.62 -42.24 101.34
N ILE G 224 -28.45 -42.61 100.35
CA ILE G 224 -29.77 -41.99 100.15
C ILE G 224 -30.83 -42.73 100.97
N LYS G 225 -31.09 -42.27 102.20
CA LYS G 225 -32.02 -42.94 103.11
C LYS G 225 -33.51 -42.72 102.77
N GLU G 226 -33.89 -41.51 102.33
CA GLU G 226 -35.30 -41.19 102.07
C GLU G 226 -35.39 -40.39 100.78
N LEU G 227 -36.59 -40.35 100.16
CA LEU G 227 -36.74 -39.56 98.93
C LEU G 227 -36.46 -38.08 99.16
N ASN G 228 -36.93 -37.54 100.28
CA ASN G 228 -36.72 -36.13 100.58
C ASN G 228 -35.47 -35.98 101.45
N THR G 229 -34.30 -36.11 100.80
CA THR G 229 -33.04 -35.89 101.50
C THR G 229 -32.88 -34.41 101.84
N PRO G 230 -32.25 -34.12 102.99
CA PRO G 230 -32.03 -32.72 103.38
C PRO G 230 -31.10 -31.98 102.43
N ILE G 231 -30.13 -32.69 101.83
CA ILE G 231 -29.18 -32.05 100.95
C ILE G 231 -29.26 -32.80 99.62
N SER G 232 -29.16 -32.05 98.52
CA SER G 232 -29.27 -32.58 97.17
C SER G 232 -28.15 -33.57 96.87
N THR G 233 -28.51 -34.60 96.14
CA THR G 233 -27.55 -35.61 95.76
C THR G 233 -26.87 -35.27 94.42
N GLY G 234 -27.33 -34.25 93.75
CA GLY G 234 -26.70 -33.84 92.52
C GLY G 234 -27.65 -33.11 91.59
N THR G 235 -27.23 -32.96 90.32
CA THR G 235 -27.99 -32.25 89.30
C THR G 235 -27.76 -32.88 87.92
N PHE G 236 -28.74 -32.73 87.03
CA PHE G 236 -28.68 -33.17 85.64
C PHE G 236 -29.13 -32.02 84.74
N VAL G 237 -28.33 -31.64 83.74
CA VAL G 237 -28.74 -30.57 82.83
C VAL G 237 -28.52 -30.98 81.39
N MET G 238 -29.27 -30.34 80.47
CA MET G 238 -29.17 -30.71 79.05
C MET G 238 -29.18 -29.49 78.14
N ALA G 239 -28.41 -29.54 77.06
CA ALA G 239 -28.49 -28.47 76.07
C ALA G 239 -28.87 -29.01 74.70
N PRO G 240 -30.13 -28.84 74.29
CA PRO G 240 -30.57 -29.26 72.95
C PRO G 240 -29.89 -28.52 71.82
N MET G 241 -29.37 -27.32 72.07
CA MET G 241 -28.58 -26.57 71.12
C MET G 241 -27.39 -26.05 71.92
N ALA G 242 -26.29 -26.82 71.88
CA ALA G 242 -25.12 -26.57 72.73
C ALA G 242 -24.48 -25.23 72.44
N ASN G 243 -24.55 -24.74 71.21
CA ASN G 243 -23.85 -23.54 70.82
C ASN G 243 -24.75 -22.31 70.80
N SER G 244 -25.86 -22.35 71.46
CA SER G 244 -26.70 -21.17 71.67
C SER G 244 -26.49 -20.59 73.06
N PHE G 245 -27.01 -19.38 73.27
CA PHE G 245 -26.73 -18.65 74.50
C PHE G 245 -27.34 -19.31 75.73
N ASP G 246 -28.61 -19.71 75.65
CA ASP G 246 -29.32 -20.34 76.75
C ASP G 246 -29.44 -21.85 76.60
N GLY G 247 -28.79 -22.41 75.59
CA GLY G 247 -28.90 -23.82 75.28
C GLY G 247 -30.13 -24.18 74.46
N LEU G 248 -30.98 -23.21 74.12
CA LEU G 248 -32.23 -23.47 73.42
C LEU G 248 -32.42 -22.65 72.16
N GLY G 249 -31.42 -21.87 71.75
CA GLY G 249 -31.56 -21.08 70.54
C GLY G 249 -31.42 -19.57 70.71
N GLU G 250 -31.24 -19.02 71.90
CA GLU G 250 -31.15 -17.57 71.99
C GLU G 250 -29.80 -17.09 71.45
N ASP G 251 -29.83 -16.01 70.70
CA ASP G 251 -28.63 -15.44 70.11
C ASP G 251 -27.67 -14.94 71.18
N PHE G 252 -26.38 -15.08 70.90
CA PHE G 252 -25.40 -14.49 71.79
C PHE G 252 -25.48 -12.97 71.67
N PRO G 253 -25.37 -12.26 72.78
CA PRO G 253 -25.30 -10.79 72.71
C PRO G 253 -24.05 -10.39 71.96
N LYS G 254 -24.17 -9.33 71.16
CA LYS G 254 -23.15 -8.79 70.25
C LYS G 254 -21.71 -8.91 70.71
N GLY G 255 -21.47 -8.59 71.98
CA GLY G 255 -20.12 -8.51 72.52
C GLY G 255 -19.32 -9.81 72.52
N SER G 256 -19.97 -10.97 72.66
CA SER G 256 -19.16 -12.20 72.73
C SER G 256 -19.94 -13.46 72.42
N GLU G 257 -19.28 -14.40 71.73
CA GLU G 257 -19.85 -15.72 71.51
C GLU G 257 -18.92 -16.77 72.08
N LYS G 258 -19.36 -17.42 73.16
CA LYS G 258 -18.55 -18.37 73.89
C LYS G 258 -19.47 -19.43 74.45
N TRP G 259 -19.08 -20.70 74.37
CA TRP G 259 -19.94 -21.70 74.98
C TRP G 259 -19.14 -22.88 75.50
N TRP G 260 -19.72 -23.54 76.49
CA TRP G 260 -19.06 -24.67 77.14
C TRP G 260 -19.36 -25.95 76.40
N PRO G 261 -18.32 -26.68 75.99
CA PRO G 261 -18.51 -27.92 75.21
C PRO G 261 -19.30 -29.00 75.92
N PHE G 262 -19.32 -29.01 77.25
CA PHE G 262 -20.07 -30.02 77.97
C PHE G 262 -21.07 -29.40 78.93
N GLY G 263 -21.64 -28.25 78.57
CA GLY G 263 -22.64 -27.61 79.41
C GLY G 263 -22.05 -26.99 80.68
N TYR G 264 -22.94 -26.71 81.63
CA TYR G 264 -22.58 -26.13 82.92
C TYR G 264 -23.70 -26.38 83.92
N THR G 265 -23.35 -26.41 85.20
CA THR G 265 -24.35 -26.61 86.25
C THR G 265 -24.51 -25.46 87.21
N LYS G 266 -23.69 -24.41 87.10
CA LYS G 266 -23.88 -23.29 88.01
C LYS G 266 -24.08 -22.01 87.18
N ILE G 267 -25.00 -21.18 87.68
CA ILE G 267 -25.42 -19.91 87.06
C ILE G 267 -24.38 -18.78 87.17
N CYS G 268 -23.79 -18.57 88.35
CA CYS G 268 -22.79 -17.54 88.50
C CYS G 268 -21.44 -18.20 88.39
N ASN G 269 -20.74 -17.80 87.35
CA ASN G 269 -19.45 -18.31 86.95
C ASN G 269 -18.32 -17.42 87.41
N ALA G 270 -17.18 -17.53 86.75
CA ALA G 270 -16.01 -16.77 87.15
C ALA G 270 -16.29 -15.28 87.18
N SER G 271 -16.80 -14.77 86.06
CA SER G 271 -17.12 -13.35 85.93
C SER G 271 -18.52 -12.97 85.45
N THR G 272 -19.37 -13.92 85.03
CA THR G 272 -20.68 -13.52 84.56
C THR G 272 -21.76 -14.44 85.11
N VAL G 273 -22.98 -14.24 84.60
CA VAL G 273 -24.18 -14.94 85.04
C VAL G 273 -24.92 -15.46 83.81
N LEU G 274 -25.13 -16.77 83.75
CA LEU G 274 -25.79 -17.37 82.61
C LEU G 274 -27.20 -17.86 82.98
N PRO G 275 -28.11 -17.89 82.01
CA PRO G 275 -29.40 -18.58 82.20
C PRO G 275 -29.19 -20.05 82.50
N ALA G 276 -30.07 -20.62 83.31
CA ALA G 276 -29.96 -22.02 83.66
C ALA G 276 -30.32 -22.92 82.48
N LEU G 277 -29.66 -24.05 82.37
CA LEU G 277 -29.98 -24.96 81.31
C LEU G 277 -31.25 -25.73 81.71
N PRO G 278 -32.04 -26.19 80.75
CA PRO G 278 -33.23 -26.98 81.11
C PRO G 278 -32.83 -28.33 81.66
N LYS G 279 -33.61 -28.88 82.59
CA LYS G 279 -33.25 -30.18 83.15
C LYS G 279 -33.57 -31.37 82.23
N ALA G 280 -32.78 -32.43 82.37
CA ALA G 280 -32.91 -33.62 81.52
C ALA G 280 -34.23 -34.39 81.62
N ARG G 281 -34.69 -34.88 80.46
CA ARG G 281 -35.94 -35.61 80.33
C ARG G 281 -35.71 -37.09 80.56
N LEU G 282 -36.34 -37.69 81.55
CA LEU G 282 -36.08 -39.10 81.82
C LEU G 282 -37.34 -39.90 82.09
N GLY G 283 -37.33 -41.19 81.76
CA GLY G 283 -38.50 -42.01 81.99
C GLY G 283 -38.54 -43.30 81.18
N CYS G 284 -39.76 -43.74 80.91
CA CYS G 284 -40.06 -44.92 80.10
C CYS G 284 -41.55 -45.02 79.80
N SER G 285 -41.92 -45.97 78.94
CA SER G 285 -43.35 -46.15 78.69
C SER G 285 -43.67 -47.64 78.51
N ILE G 286 -44.96 -47.95 78.73
CA ILE G 286 -45.51 -49.30 78.68
C ILE G 286 -46.65 -49.32 77.67
N SER G 287 -46.72 -50.37 76.84
CA SER G 287 -47.85 -50.44 75.93
C SER G 287 -48.42 -51.84 75.86
N SER G 288 -49.75 -51.93 76.04
CA SER G 288 -50.48 -53.19 76.03
C SER G 288 -51.98 -52.98 75.81
N LYS G 289 -52.62 -54.05 75.30
CA LYS G 289 -54.03 -54.08 74.93
C LYS G 289 -55.01 -53.88 76.09
N LEU G 290 -54.60 -54.07 77.34
CA LEU G 290 -55.55 -53.86 78.44
C LEU G 290 -55.91 -52.40 78.66
N LEU G 291 -55.19 -51.49 78.02
CA LEU G 291 -55.46 -50.08 78.19
C LEU G 291 -56.53 -49.56 77.23
N LYS G 292 -57.08 -50.41 76.36
CA LYS G 292 -58.13 -49.94 75.44
C LYS G 292 -59.44 -49.77 76.18
N LEU G 293 -59.63 -48.59 76.79
CA LEU G 293 -60.76 -48.30 77.68
C LEU G 293 -61.57 -47.12 77.18
N SER G 294 -62.83 -47.34 76.86
CA SER G 294 -63.66 -46.30 76.25
C SER G 294 -64.70 -45.62 77.12
N GLU G 295 -65.20 -46.24 78.19
CA GLU G 295 -66.24 -45.52 78.93
C GLU G 295 -66.35 -46.08 80.34
N GLY G 296 -67.09 -45.35 81.15
CA GLY G 296 -67.36 -45.75 82.49
C GLY G 296 -66.31 -45.32 83.52
N THR G 297 -66.32 -45.93 84.71
CA THR G 297 -65.25 -45.70 85.68
C THR G 297 -64.09 -46.60 85.48
N ARG G 298 -62.91 -46.05 85.34
CA ARG G 298 -61.79 -46.88 84.99
C ARG G 298 -60.75 -46.86 86.09
N ASP G 299 -60.31 -48.04 86.55
CA ASP G 299 -59.29 -48.15 87.58
C ASP G 299 -58.13 -49.01 87.07
N ILE G 300 -56.91 -48.45 87.04
CA ILE G 300 -55.73 -49.11 86.48
C ILE G 300 -54.67 -49.34 87.57
N ILE G 301 -54.25 -50.60 87.75
CA ILE G 301 -53.26 -50.93 88.78
C ILE G 301 -52.01 -51.55 88.15
N LEU G 302 -50.83 -51.03 88.50
CA LEU G 302 -49.54 -51.54 88.01
C LEU G 302 -48.63 -52.01 89.14
N GLU G 303 -48.08 -53.22 89.04
CA GLU G 303 -47.05 -53.70 89.95
C GLU G 303 -45.71 -54.00 89.35
N PHE G 304 -44.71 -53.46 90.01
CA PHE G 304 -43.32 -53.58 89.65
C PHE G 304 -42.70 -54.39 90.77
N THR G 305 -41.92 -55.38 90.41
CA THR G 305 -41.21 -56.15 91.41
C THR G 305 -39.75 -56.14 91.01
N PHE G 306 -38.88 -55.90 91.96
CA PHE G 306 -37.47 -55.79 91.67
C PHE G 306 -36.68 -56.93 92.30
N ASN G 307 -35.47 -57.11 91.79
CA ASN G 307 -34.58 -58.14 92.30
C ASN G 307 -34.26 -57.92 93.76
N LYS G 308 -34.13 -56.67 94.16
CA LYS G 308 -33.68 -56.24 95.46
C LYS G 308 -34.58 -55.18 96.09
N PRO G 309 -34.48 -54.94 97.42
CA PRO G 309 -35.30 -53.91 98.11
C PRO G 309 -35.02 -52.48 97.69
N ILE G 310 -36.09 -51.68 97.56
CA ILE G 310 -36.01 -50.31 97.05
C ILE G 310 -35.47 -49.31 98.07
N LEU G 311 -35.99 -49.29 99.30
CA LEU G 311 -35.63 -48.21 100.23
C LEU G 311 -35.56 -48.67 101.67
N PRO G 312 -34.69 -48.12 102.49
CA PRO G 312 -34.78 -48.42 103.94
C PRO G 312 -36.07 -47.93 104.57
N ASN G 313 -36.49 -46.72 104.23
CA ASN G 313 -37.78 -46.15 104.58
C ASN G 313 -38.79 -46.11 103.46
N GLY G 314 -39.95 -46.73 103.71
CA GLY G 314 -40.98 -46.88 102.71
C GLY G 314 -41.77 -45.65 102.45
N GLU G 315 -42.41 -45.59 101.30
CA GLU G 315 -42.81 -44.27 100.84
C GLU G 315 -44.33 -44.15 100.70
N ASP G 316 -44.76 -42.89 100.64
CA ASP G 316 -46.13 -42.41 100.71
C ASP G 316 -46.52 -41.70 99.42
N TYR G 317 -47.82 -41.66 99.09
CA TYR G 317 -48.26 -41.14 97.78
C TYR G 317 -48.04 -39.64 97.61
N THR G 318 -48.19 -38.80 98.66
CA THR G 318 -47.98 -37.36 98.43
C THR G 318 -46.54 -37.06 98.03
N ALA G 319 -45.58 -37.84 98.56
CA ALA G 319 -44.21 -37.78 98.09
C ALA G 319 -44.12 -38.24 96.64
N LEU G 320 -44.86 -39.31 96.32
CA LEU G 320 -44.85 -39.86 94.96
C LEU G 320 -45.40 -38.89 93.94
N ASN G 321 -46.38 -38.08 94.31
CA ASN G 321 -46.87 -37.10 93.36
C ASN G 321 -45.82 -36.05 93.05
N LYS G 322 -44.99 -35.71 94.02
CA LYS G 322 -43.90 -34.77 93.81
C LYS G 322 -42.87 -35.31 92.84
N ALA G 323 -42.65 -36.63 92.82
CA ALA G 323 -41.60 -37.26 92.03
C ALA G 323 -41.97 -37.51 90.56
N MET G 324 -43.23 -37.82 90.25
CA MET G 324 -43.52 -38.14 88.85
C MET G 324 -44.83 -37.60 88.28
N SER G 325 -44.81 -37.48 86.96
CA SER G 325 -45.93 -37.03 86.14
C SER G 325 -46.31 -38.20 85.24
N ILE G 326 -47.59 -38.42 84.96
CA ILE G 326 -47.97 -39.61 84.18
C ILE G 326 -48.95 -39.22 83.07
N GLU G 327 -48.82 -39.83 81.89
CA GLU G 327 -49.76 -39.53 80.80
C GLU G 327 -50.21 -40.71 79.95
N LEU G 328 -51.44 -40.60 79.39
CA LEU G 328 -52.05 -41.61 78.52
C LEU G 328 -52.41 -41.05 77.15
N THR G 329 -52.43 -41.93 76.15
CA THR G 329 -52.87 -41.54 74.81
C THR G 329 -54.38 -41.63 74.73
N GLY G 330 -55.02 -40.50 74.49
CA GLY G 330 -56.46 -40.46 74.39
C GLY G 330 -56.97 -39.84 73.11
N GLU G 331 -58.27 -39.62 73.07
CA GLU G 331 -59.02 -39.28 71.88
C GLU G 331 -58.55 -37.94 71.27
N LYS G 332 -58.18 -36.97 72.14
CA LYS G 332 -57.83 -35.64 71.65
C LYS G 332 -56.36 -35.31 71.85
N GLY G 333 -55.50 -36.31 71.85
CA GLY G 333 -54.13 -36.10 72.16
C GLY G 333 -53.87 -36.57 73.56
N TRP G 334 -52.81 -36.07 74.15
CA TRP G 334 -52.47 -36.53 75.48
C TRP G 334 -53.47 -36.02 76.50
N ILE G 335 -53.80 -36.88 77.44
CA ILE G 335 -54.66 -36.53 78.56
C ILE G 335 -53.72 -36.28 79.73
N ALA G 336 -53.78 -35.10 80.32
CA ALA G 336 -52.85 -34.76 81.39
C ALA G 336 -53.47 -33.74 82.32
N GLY G 337 -52.81 -33.50 83.45
CA GLY G 337 -53.25 -32.49 84.40
C GLY G 337 -53.86 -33.08 85.66
N LEU G 338 -54.97 -32.47 86.11
CA LEU G 338 -55.72 -32.93 87.30
C LEU G 338 -56.18 -34.39 87.29
N PRO G 339 -56.67 -34.96 86.16
CA PRO G 339 -57.11 -36.36 86.12
C PRO G 339 -56.06 -37.41 86.45
N MET G 340 -54.79 -37.17 86.12
CA MET G 340 -53.76 -38.18 86.24
C MET G 340 -53.09 -38.26 87.61
N THR G 341 -53.62 -37.61 88.64
CA THR G 341 -52.95 -37.57 89.93
C THR G 341 -53.13 -38.94 90.57
N LEU G 342 -52.12 -39.40 91.31
CA LEU G 342 -52.25 -40.70 91.96
C LEU G 342 -53.24 -40.63 93.12
N LYS G 343 -53.94 -41.74 93.33
CA LYS G 343 -54.92 -41.86 94.40
C LYS G 343 -54.21 -42.33 95.66
N SER G 344 -54.94 -42.34 96.78
CA SER G 344 -54.34 -42.63 98.06
C SER G 344 -53.78 -44.04 98.19
N ASP G 345 -54.33 -45.05 97.48
CA ASP G 345 -53.83 -46.41 97.73
C ASP G 345 -52.40 -46.67 97.20
N SER G 346 -51.90 -45.90 96.23
CA SER G 346 -50.53 -46.07 95.75
C SER G 346 -49.47 -45.68 96.78
N GLY G 347 -48.33 -46.39 96.77
CA GLY G 347 -47.25 -46.05 97.68
C GLY G 347 -46.16 -47.10 97.65
N ILE G 348 -45.18 -46.95 98.56
CA ILE G 348 -44.05 -47.88 98.67
C ILE G 348 -43.85 -48.32 100.11
N ASN G 349 -43.60 -49.61 100.30
CA ASN G 349 -43.30 -50.16 101.61
C ASN G 349 -41.78 -50.38 101.72
N SER G 350 -41.27 -50.23 102.96
CA SER G 350 -39.83 -50.08 103.23
C SER G 350 -38.99 -51.34 102.95
N GLY G 351 -39.39 -52.52 103.37
CA GLY G 351 -38.55 -53.64 103.00
C GLY G 351 -38.94 -54.27 101.68
N SER G 352 -39.96 -53.68 101.05
CA SER G 352 -40.60 -54.23 99.89
C SER G 352 -39.82 -54.02 98.60
N LYS G 353 -39.98 -55.01 97.74
CA LYS G 353 -39.51 -55.03 96.37
C LYS G 353 -40.60 -54.60 95.41
N LYS G 354 -41.71 -54.05 95.91
CA LYS G 354 -42.86 -53.73 95.08
C LYS G 354 -43.30 -52.28 95.22
N MET G 355 -43.53 -51.61 94.10
CA MET G 355 -44.08 -50.25 94.03
C MET G 355 -45.42 -50.32 93.32
N LYS G 356 -46.44 -49.64 93.84
CA LYS G 356 -47.77 -49.72 93.21
C LYS G 356 -48.37 -48.36 92.90
N LEU G 357 -48.89 -48.17 91.67
CA LEU G 357 -49.49 -46.91 91.21
C LEU G 357 -50.97 -47.04 90.84
N SER G 358 -51.84 -46.12 91.32
CA SER G 358 -53.26 -46.25 91.00
C SER G 358 -53.85 -44.92 90.49
N LEU G 359 -54.70 -44.98 89.47
CA LEU G 359 -55.35 -43.75 88.97
C LEU G 359 -56.74 -44.04 88.39
N THR G 360 -57.58 -42.99 88.29
CA THR G 360 -58.96 -43.21 87.85
C THR G 360 -59.34 -42.15 86.83
N LEU G 361 -60.25 -42.51 85.93
CA LEU G 361 -60.79 -41.61 84.91
C LEU G 361 -62.31 -41.55 85.01
N ASP G 362 -62.88 -40.35 85.08
CA ASP G 362 -64.34 -40.12 85.11
C ASP G 362 -65.05 -40.32 83.79
N SER G 363 -66.39 -40.32 83.89
CA SER G 363 -67.21 -40.59 82.72
C SER G 363 -67.14 -39.39 81.78
N GLU G 364 -66.95 -38.17 82.33
CA GLU G 364 -66.89 -36.92 81.56
C GLU G 364 -65.66 -36.88 80.65
N GLN G 365 -64.55 -37.50 81.06
CA GLN G 365 -63.29 -37.49 80.33
C GLN G 365 -63.34 -38.34 79.04
N PRO G 366 -62.44 -38.05 78.08
CA PRO G 366 -62.40 -38.73 76.76
C PRO G 366 -61.90 -40.17 76.81
N ALA G 367 -62.04 -40.88 75.67
CA ALA G 367 -61.65 -42.30 75.56
C ALA G 367 -60.14 -42.50 75.38
N VAL G 368 -59.60 -43.59 75.97
CA VAL G 368 -58.21 -43.97 75.78
C VAL G 368 -58.10 -44.71 74.47
N VAL G 369 -57.05 -44.44 73.69
CA VAL G 369 -57.04 -44.93 72.31
C VAL G 369 -55.64 -45.38 71.91
N PRO G 370 -55.52 -46.21 70.86
CA PRO G 370 -54.21 -46.56 70.30
C PRO G 370 -53.43 -45.35 69.83
N TYR G 371 -52.12 -45.48 69.89
CA TYR G 371 -51.22 -44.39 69.53
C TYR G 371 -51.30 -44.04 68.04
N GLN G 372 -51.32 -42.73 67.75
CA GLN G 372 -51.33 -42.21 66.39
C GLN G 372 -50.30 -41.11 66.28
N THR G 373 -49.34 -41.26 65.36
CA THR G 373 -48.35 -40.22 65.13
C THR G 373 -48.91 -38.88 64.74
N GLU G 374 -50.05 -38.89 64.08
CA GLU G 374 -50.81 -37.73 63.65
C GLU G 374 -51.59 -37.02 64.75
N LEU G 375 -51.67 -37.60 65.92
CA LEU G 375 -52.46 -37.07 67.02
C LEU G 375 -51.66 -36.87 68.29
N HIS G 376 -50.76 -37.80 68.59
CA HIS G 376 -49.98 -37.78 69.81
C HIS G 376 -48.57 -37.25 69.58
N GLU G 377 -48.30 -36.80 68.36
CA GLU G 377 -47.09 -36.07 67.94
C GLU G 377 -45.78 -36.79 68.24
N GLY G 378 -45.63 -38.01 67.75
CA GLY G 378 -44.35 -38.67 67.95
C GLY G 378 -43.91 -39.55 66.78
N SER G 379 -43.11 -40.55 67.09
CA SER G 379 -42.52 -41.47 66.11
C SER G 379 -42.34 -42.90 66.59
N TYR G 380 -43.20 -43.39 67.46
CA TYR G 380 -43.07 -44.74 67.99
C TYR G 380 -43.70 -45.77 67.08
N GLU G 381 -43.08 -46.94 66.98
CA GLU G 381 -43.67 -48.03 66.21
C GLU G 381 -44.53 -48.90 67.12
N VAL G 382 -45.65 -48.32 67.57
CA VAL G 382 -46.56 -48.94 68.52
C VAL G 382 -47.99 -48.87 67.98
N ASP G 383 -48.67 -50.02 67.98
CA ASP G 383 -50.05 -50.13 67.49
C ASP G 383 -51.07 -50.27 68.62
N GLU G 384 -50.66 -50.00 69.85
CA GLU G 384 -51.45 -50.11 71.07
C GLU G 384 -51.54 -48.74 71.74
N PRO G 385 -52.30 -48.57 72.82
CA PRO G 385 -52.22 -47.34 73.62
C PRO G 385 -50.89 -47.25 74.36
N LEU G 386 -50.50 -46.03 74.72
CA LEU G 386 -49.28 -45.82 75.50
C LEU G 386 -49.58 -45.27 76.89
N LEU G 387 -48.81 -45.73 77.85
CA LEU G 387 -48.75 -45.14 79.18
C LEU G 387 -47.32 -44.64 79.38
N ARG G 388 -47.15 -43.33 79.56
CA ARG G 388 -45.84 -42.72 79.65
C ARG G 388 -45.58 -42.19 81.05
N VAL G 389 -44.43 -42.52 81.60
CA VAL G 389 -44.01 -42.05 82.91
C VAL G 389 -42.64 -41.38 82.89
N LEU G 390 -42.60 -40.13 83.33
CA LEU G 390 -41.35 -39.39 83.39
C LEU G 390 -41.00 -39.03 84.82
N PHE G 391 -39.71 -38.92 85.09
CA PHE G 391 -39.25 -38.56 86.41
C PHE G 391 -39.09 -37.06 86.54
N LYS G 392 -39.54 -36.52 87.66
CA LYS G 392 -39.41 -35.10 87.92
C LYS G 392 -38.00 -34.80 88.43
N THR G 393 -37.03 -34.90 87.52
CA THR G 393 -35.61 -34.64 87.78
C THR G 393 -35.27 -33.27 88.35
N ASN G 394 -36.23 -32.36 88.36
CA ASN G 394 -36.11 -31.06 88.96
C ASN G 394 -36.03 -31.19 90.47
N GLU G 395 -36.65 -32.24 90.99
CA GLU G 395 -36.83 -32.43 92.41
C GLU G 395 -35.85 -33.44 92.94
N LYS G 396 -35.46 -33.20 94.20
CA LYS G 396 -34.84 -34.20 95.04
C LYS G 396 -35.62 -35.50 95.00
N GLU G 397 -36.95 -35.44 95.01
CA GLU G 397 -37.75 -36.63 94.79
C GLU G 397 -37.53 -37.21 93.42
N GLY G 398 -37.68 -36.38 92.39
CA GLY G 398 -37.54 -36.94 91.07
C GLY G 398 -36.13 -37.34 90.76
N TYR G 399 -35.15 -36.61 91.28
CA TYR G 399 -33.76 -37.02 91.08
C TYR G 399 -33.40 -38.26 91.90
N ASN G 400 -33.84 -38.34 93.17
CA ASN G 400 -33.46 -39.52 93.97
C ASN G 400 -34.17 -40.79 93.49
N LEU G 401 -35.46 -40.70 93.11
CA LEU G 401 -36.15 -41.88 92.58
C LEU G 401 -35.53 -42.39 91.29
N TYR G 402 -35.07 -41.49 90.43
CA TYR G 402 -34.41 -41.91 89.22
C TYR G 402 -33.14 -42.69 89.54
N ARG G 403 -32.40 -42.22 90.56
CA ARG G 403 -31.15 -42.85 90.98
C ARG G 403 -31.37 -44.24 91.56
N LEU G 404 -32.53 -44.50 92.15
CA LEU G 404 -32.81 -45.78 92.76
C LEU G 404 -33.09 -46.92 91.78
N PHE G 405 -33.31 -46.66 90.48
CA PHE G 405 -33.68 -47.72 89.54
C PHE G 405 -32.65 -48.05 88.44
N ASN G 406 -31.38 -47.61 88.54
CA ASN G 406 -30.40 -47.81 87.47
C ASN G 406 -29.79 -49.20 87.45
N GLU G 407 -29.63 -49.83 88.62
CA GLU G 407 -29.00 -51.13 88.73
C GLU G 407 -29.93 -52.19 89.29
N ASN G 408 -31.02 -51.76 89.92
CA ASN G 408 -32.06 -52.64 90.40
C ASN G 408 -32.80 -53.20 89.22
N VAL G 409 -33.04 -54.50 89.18
CA VAL G 409 -33.63 -55.11 87.99
C VAL G 409 -35.12 -55.39 88.19
N LEU G 410 -35.94 -54.91 87.25
CA LEU G 410 -37.37 -55.20 87.21
C LEU G 410 -37.61 -56.65 86.78
N THR G 411 -38.48 -57.35 87.51
CA THR G 411 -38.76 -58.73 87.14
C THR G 411 -40.21 -58.98 86.75
N ASP G 412 -41.18 -58.25 87.30
CA ASP G 412 -42.57 -58.57 87.08
C ASP G 412 -43.45 -57.32 86.97
N LEU G 413 -44.42 -57.36 86.05
CA LEU G 413 -45.40 -56.30 85.87
C LEU G 413 -46.83 -56.85 85.88
N LYS G 414 -47.69 -56.31 86.76
CA LYS G 414 -49.08 -56.73 86.82
C LYS G 414 -50.00 -55.55 86.52
N ILE G 415 -51.01 -55.76 85.67
CA ILE G 415 -51.91 -54.69 85.23
C ILE G 415 -53.36 -55.09 85.50
N THR G 416 -54.09 -54.29 86.29
CA THR G 416 -55.49 -54.56 86.59
C THR G 416 -56.37 -53.39 86.18
N VAL G 417 -57.42 -53.69 85.41
CA VAL G 417 -58.32 -52.64 84.94
C VAL G 417 -59.77 -52.92 85.32
N GLU G 418 -60.40 -51.96 86.02
CA GLU G 418 -61.78 -52.08 86.47
C GLU G 418 -62.65 -50.98 85.86
N VAL G 419 -63.77 -51.39 85.25
CA VAL G 419 -64.65 -50.46 84.53
C VAL G 419 -66.10 -50.58 85.00
N SER G 420 -66.76 -49.46 85.29
CA SER G 420 -68.17 -49.53 85.69
C SER G 420 -69.01 -48.47 85.00
N ASP G 421 -70.33 -48.64 85.02
CA ASP G 421 -71.35 -47.71 84.49
C ASP G 421 -71.44 -47.69 82.97
N ILE G 422 -71.17 -48.81 82.32
CA ILE G 422 -71.15 -48.88 80.86
C ILE G 422 -72.56 -49.06 80.32
N THR G 423 -73.01 -48.12 79.49
CA THR G 423 -74.28 -48.32 78.83
C THR G 423 -74.14 -48.54 77.33
N SER G 424 -72.95 -48.81 76.80
CA SER G 424 -72.85 -48.89 75.36
C SER G 424 -72.69 -50.36 74.94
N VAL G 425 -73.73 -51.16 75.12
CA VAL G 425 -73.65 -52.59 74.87
C VAL G 425 -74.59 -52.96 73.72
N GLN G 426 -74.37 -54.15 73.16
CA GLN G 426 -75.17 -54.64 72.04
C GLN G 426 -76.12 -55.72 72.52
N LEU G 427 -77.40 -55.60 72.17
CA LEU G 427 -78.42 -56.50 72.67
C LEU G 427 -79.14 -57.22 71.55
N GLU G 428 -79.39 -58.51 71.74
CA GLU G 428 -80.07 -59.28 70.73
C GLU G 428 -81.11 -60.26 71.28
N ASN G 429 -82.10 -60.47 70.43
CA ASN G 429 -83.24 -61.37 70.52
C ASN G 429 -83.12 -62.48 69.51
N ASP G 430 -84.05 -63.43 69.62
CA ASP G 430 -84.21 -64.40 68.55
C ASP G 430 -84.80 -63.76 67.30
N LEU G 431 -85.37 -62.56 67.43
CA LEU G 431 -85.91 -61.84 66.29
C LEU G 431 -84.98 -60.78 65.75
N GLY G 432 -83.88 -60.46 66.42
CA GLY G 432 -83.00 -59.46 65.87
C GLY G 432 -82.40 -58.54 66.91
N VAL G 433 -81.85 -57.46 66.36
CA VAL G 433 -81.22 -56.40 67.13
C VAL G 433 -82.29 -55.68 67.93
N LEU G 434 -81.95 -55.32 69.14
CA LEU G 434 -82.81 -54.55 70.00
C LEU G 434 -82.25 -53.14 70.06
N ASN G 435 -83.10 -52.17 70.32
CA ASN G 435 -82.64 -50.81 70.46
C ASN G 435 -82.53 -50.54 71.95
N PRO G 436 -81.32 -50.36 72.48
CA PRO G 436 -81.14 -50.20 73.94
C PRO G 436 -81.67 -48.91 74.52
N GLN G 437 -81.88 -47.87 73.70
CA GLN G 437 -82.32 -46.61 74.24
C GLN G 437 -83.75 -46.63 74.76
N LYS G 438 -84.59 -47.41 74.14
CA LYS G 438 -86.01 -47.45 74.38
C LYS G 438 -86.37 -48.75 75.11
N PRO G 439 -87.60 -48.85 75.64
CA PRO G 439 -88.06 -50.12 76.23
C PRO G 439 -88.12 -51.22 75.18
N PHE G 440 -87.62 -52.41 75.56
CA PHE G 440 -87.48 -53.50 74.61
C PHE G 440 -87.98 -54.79 75.26
N PHE G 441 -88.29 -55.78 74.42
CA PHE G 441 -88.71 -57.08 74.91
C PHE G 441 -87.55 -58.04 74.88
N PRO G 442 -86.88 -58.30 76.00
CA PRO G 442 -86.02 -59.47 76.06
C PRO G 442 -86.93 -60.67 75.92
N PHE G 443 -86.45 -61.70 75.23
CA PHE G 443 -87.19 -62.92 74.92
C PHE G 443 -88.40 -62.72 74.02
N GLY G 444 -88.56 -61.58 73.36
CA GLY G 444 -89.64 -61.40 72.42
C GLY G 444 -90.94 -60.85 72.98
N PRO G 445 -91.78 -60.33 72.08
CA PRO G 445 -93.11 -59.79 72.47
C PRO G 445 -94.12 -60.84 72.87
N ARG G 446 -93.80 -62.10 72.60
CA ARG G 446 -94.66 -63.23 72.92
C ARG G 446 -93.74 -64.39 73.37
N PRO G 447 -93.14 -64.34 74.66
CA PRO G 447 -92.08 -65.32 75.04
C PRO G 447 -92.55 -66.76 75.05
N ILE G 448 -91.66 -67.64 74.58
CA ILE G 448 -91.93 -69.06 74.44
C ILE G 448 -90.79 -69.83 75.09
N LYS G 449 -91.06 -71.11 75.38
CA LYS G 449 -90.04 -72.02 75.89
C LYS G 449 -88.86 -72.07 74.94
N GLY G 450 -87.66 -71.84 75.47
CA GLY G 450 -86.48 -71.84 74.66
C GLY G 450 -86.06 -70.51 74.07
N SER G 451 -86.81 -69.44 74.32
CA SER G 451 -86.48 -68.10 73.80
C SER G 451 -85.22 -67.58 74.52
N SER G 452 -84.47 -66.66 73.89
CA SER G 452 -83.25 -66.25 74.57
C SER G 452 -83.03 -64.74 74.53
N PHE G 453 -82.00 -64.32 75.27
CA PHE G 453 -81.54 -62.94 75.35
C PHE G 453 -80.03 -62.90 75.43
N ILE G 454 -79.37 -62.10 74.57
CA ILE G 454 -77.92 -62.10 74.44
C ILE G 454 -77.34 -60.69 74.62
N VAL G 455 -76.31 -60.60 75.47
CA VAL G 455 -75.55 -59.36 75.73
C VAL G 455 -74.13 -59.49 75.18
N LYS G 456 -73.70 -58.50 74.39
CA LYS G 456 -72.36 -58.50 73.79
C LYS G 456 -71.61 -57.18 74.03
N TYR G 457 -70.31 -57.30 74.28
CA TYR G 457 -69.45 -56.13 74.46
C TYR G 457 -68.01 -56.46 74.08
N PRO G 458 -67.64 -56.21 72.81
CA PRO G 458 -66.33 -56.62 72.24
C PRO G 458 -65.11 -56.13 72.99
N GLU G 459 -65.17 -54.92 73.56
CA GLU G 459 -64.04 -54.36 74.30
C GLU G 459 -63.62 -55.25 75.46
N ALA G 460 -64.58 -55.88 76.12
CA ALA G 460 -64.22 -56.78 77.20
C ALA G 460 -63.87 -58.16 76.67
N MET G 461 -64.59 -58.62 75.65
CA MET G 461 -64.42 -59.99 75.19
C MET G 461 -63.05 -60.24 74.56
N GLU G 462 -62.40 -59.19 74.05
CA GLU G 462 -61.05 -59.32 73.50
C GLU G 462 -59.93 -59.29 74.53
N LYS G 463 -60.25 -59.15 75.82
CA LYS G 463 -59.28 -59.07 76.90
C LYS G 463 -59.30 -60.33 77.76
N PRO G 464 -58.23 -60.60 78.53
CA PRO G 464 -58.23 -61.74 79.46
C PRO G 464 -59.09 -61.50 80.69
N VAL G 465 -60.39 -61.55 80.46
CA VAL G 465 -61.41 -61.21 81.45
C VAL G 465 -61.55 -62.29 82.49
N THR G 466 -61.72 -61.83 83.75
CA THR G 466 -61.96 -62.61 84.95
C THR G 466 -63.30 -62.36 85.67
N ALA G 467 -64.07 -61.30 85.36
CA ALA G 467 -65.36 -61.05 86.02
C ALA G 467 -66.26 -60.14 85.20
N ILE G 468 -67.59 -60.35 85.16
CA ILE G 468 -68.50 -59.49 84.36
C ILE G 468 -69.97 -59.59 84.84
N SER G 469 -70.76 -58.48 84.73
CA SER G 469 -72.15 -58.46 85.26
C SER G 469 -73.06 -57.33 84.74
N TYR G 470 -74.40 -57.52 84.82
CA TYR G 470 -75.36 -56.48 84.42
C TYR G 470 -76.67 -56.43 85.20
N GLN G 471 -77.39 -55.31 85.07
CA GLN G 471 -78.69 -55.11 85.74
C GLN G 471 -79.76 -54.53 84.80
N MET G 472 -81.04 -54.82 85.09
CA MET G 472 -82.18 -54.34 84.28
C MET G 472 -83.40 -54.00 85.15
N ASP G 473 -84.25 -53.09 84.66
CA ASP G 473 -85.55 -52.77 85.27
C ASP G 473 -86.71 -53.26 84.41
N TYR G 474 -87.83 -53.63 85.03
CA TYR G 474 -89.04 -53.98 84.28
C TYR G 474 -90.09 -52.86 84.36
N LEU G 475 -90.99 -52.79 83.37
CA LEU G 475 -91.85 -51.60 83.24
C LEU G 475 -93.26 -51.74 83.80
N ASN G 476 -94.07 -52.67 83.33
CA ASN G 476 -95.45 -52.73 83.82
C ASN G 476 -95.77 -54.12 84.35
N LEU G 477 -95.00 -54.47 85.36
CA LEU G 477 -95.16 -55.71 86.05
C LEU G 477 -96.44 -55.69 86.87
N PRO G 478 -97.07 -56.84 87.03
CA PRO G 478 -98.22 -57.01 87.94
C PRO G 478 -97.78 -56.85 89.37
N GLU G 479 -98.72 -56.53 90.25
CA GLU G 479 -98.34 -56.24 91.64
C GLU G 479 -97.79 -57.46 92.34
N ASN G 480 -98.34 -58.63 92.03
CA ASN G 480 -97.84 -59.90 92.52
C ASN G 480 -97.91 -60.89 91.36
N LEU G 481 -96.81 -61.64 91.10
CA LEU G 481 -96.76 -62.51 89.91
C LEU G 481 -97.39 -63.91 90.08
N VAL G 482 -97.17 -64.62 91.19
CA VAL G 482 -97.77 -65.95 91.35
C VAL G 482 -99.28 -65.85 91.43
N ASN G 483 -99.78 -64.86 92.18
CA ASN G 483 -101.21 -64.63 92.25
C ASN G 483 -101.81 -64.25 90.91
N HIS G 484 -101.02 -63.59 90.07
CA HIS G 484 -101.43 -63.17 88.73
C HIS G 484 -101.96 -64.32 87.88
N TYR G 485 -101.45 -65.54 88.08
CA TYR G 485 -101.84 -66.69 87.28
C TYR G 485 -102.71 -67.68 88.04
N SER G 486 -103.44 -67.22 89.08
CA SER G 486 -104.26 -68.12 89.89
C SER G 486 -105.40 -68.76 89.11
N ALA G 487 -105.80 -68.18 87.99
CA ALA G 487 -106.86 -68.71 87.16
C ALA G 487 -106.41 -69.81 86.20
N TYR G 488 -105.13 -70.12 86.17
CA TYR G 488 -104.55 -71.05 85.20
C TYR G 488 -104.21 -72.34 85.93
N THR G 489 -105.16 -73.28 85.97
CA THR G 489 -105.00 -74.49 86.77
C THR G 489 -105.25 -75.73 85.91
N ILE G 490 -104.75 -76.88 86.38
CA ILE G 490 -104.95 -78.15 85.71
C ILE G 490 -105.37 -79.21 86.71
N GLY G 491 -105.91 -80.32 86.17
CA GLY G 491 -106.29 -81.45 87.00
C GLY G 491 -107.36 -81.03 87.99
N ASP G 492 -107.14 -81.35 89.27
CA ASP G 492 -108.12 -80.95 90.27
C ASP G 492 -107.77 -79.57 90.83
N ASP G 493 -107.92 -78.59 89.91
CA ASP G 493 -107.69 -77.17 90.20
C ASP G 493 -106.33 -76.86 90.80
N GLU G 494 -105.29 -77.48 90.25
CA GLU G 494 -103.98 -77.22 90.81
C GLU G 494 -103.19 -76.23 89.94
N PRO G 495 -102.69 -75.15 90.54
CA PRO G 495 -102.04 -74.06 89.79
C PRO G 495 -100.82 -74.49 88.99
N LEU G 496 -100.73 -74.01 87.74
CA LEU G 496 -99.54 -74.25 86.94
C LEU G 496 -98.33 -73.55 87.54
N VAL G 497 -98.52 -72.35 88.04
CA VAL G 497 -97.47 -71.56 88.67
C VAL G 497 -97.67 -71.70 90.17
N SER G 498 -96.94 -72.65 90.76
CA SER G 498 -96.96 -72.89 92.20
C SER G 498 -96.22 -71.82 93.00
N ASP G 499 -95.10 -71.33 92.47
CA ASP G 499 -94.24 -70.41 93.21
C ASP G 499 -93.27 -69.80 92.17
N MET G 500 -92.38 -68.90 92.64
CA MET G 500 -91.43 -68.16 91.80
C MET G 500 -90.43 -69.04 91.05
N ASP G 501 -90.14 -70.26 91.53
CA ASP G 501 -89.25 -71.20 90.85
C ASP G 501 -89.71 -71.54 89.45
N TYR G 502 -91.00 -71.33 89.17
CA TYR G 502 -91.57 -71.50 87.84
C TYR G 502 -90.78 -70.74 86.79
N PHE G 503 -90.36 -69.52 87.11
CA PHE G 503 -89.68 -68.63 86.17
C PHE G 503 -88.17 -68.76 86.33
N SER G 504 -87.53 -69.61 85.52
CA SER G 504 -86.09 -69.90 85.65
C SER G 504 -85.38 -69.87 84.30
N VAL G 505 -84.04 -69.77 84.33
CA VAL G 505 -83.24 -69.69 83.11
C VAL G 505 -81.97 -70.54 83.17
N LYS G 506 -81.34 -70.74 82.03
CA LYS G 506 -80.07 -71.44 82.00
C LYS G 506 -79.03 -70.41 81.64
N SER G 507 -77.72 -69.99 82.25
CA SER G 507 -76.62 -69.15 81.79
C SER G 507 -75.53 -69.97 81.15
N PHE G 508 -75.37 -69.81 79.88
CA PHE G 508 -74.38 -70.64 79.18
C PHE G 508 -72.92 -70.33 79.47
N PRO G 509 -72.53 -69.07 79.72
CA PRO G 509 -71.19 -68.78 80.21
C PRO G 509 -70.98 -69.09 81.68
N LYS G 510 -72.22 -69.76 82.65
CA LYS G 510 -72.31 -70.33 83.99
C LYS G 510 -72.27 -69.35 85.10
N SER G 511 -73.40 -68.71 85.29
CA SER G 511 -73.54 -67.66 86.30
C SER G 511 -73.32 -68.06 87.77
N SER G 512 -72.85 -67.10 88.54
CA SER G 512 -72.51 -67.27 89.96
C SER G 512 -73.60 -66.96 90.96
N ASN G 513 -74.82 -66.73 90.50
CA ASN G 513 -75.94 -66.45 91.40
C ASN G 513 -76.27 -67.66 92.25
N ASP G 514 -76.76 -67.43 93.47
CA ASP G 514 -77.03 -68.55 94.37
C ASP G 514 -78.07 -69.55 93.84
N SER G 515 -79.05 -69.04 93.10
CA SER G 515 -80.19 -69.78 92.55
C SER G 515 -80.43 -69.37 91.11
N ASP G 516 -81.23 -70.13 90.35
CA ASP G 516 -81.36 -69.74 88.95
C ASP G 516 -82.63 -68.92 88.63
N GLN G 517 -83.20 -68.27 89.63
CA GLN G 517 -84.40 -67.44 89.50
C GLN G 517 -84.21 -66.20 88.63
N LEU G 518 -85.25 -65.85 87.84
CA LEU G 518 -85.17 -64.70 86.92
C LEU G 518 -85.43 -63.33 87.58
N PHE G 519 -86.41 -63.19 88.48
CA PHE G 519 -86.69 -61.91 89.12
C PHE G 519 -86.16 -61.90 90.55
N SER G 520 -85.53 -60.81 90.94
CA SER G 520 -85.08 -60.67 92.32
C SER G 520 -85.81 -59.48 92.91
N GLU G 521 -86.06 -59.56 94.21
CA GLU G 521 -86.91 -58.59 94.90
C GLU G 521 -86.20 -57.26 94.86
N LYS G 522 -86.91 -56.20 94.52
CA LYS G 522 -86.27 -54.90 94.53
C LYS G 522 -86.48 -54.34 95.92
N SER G 523 -85.43 -53.74 96.49
CA SER G 523 -85.52 -53.09 97.79
C SER G 523 -86.67 -52.09 97.93
N GLY G 524 -87.12 -51.51 96.82
CA GLY G 524 -88.35 -50.76 96.67
C GLY G 524 -89.46 -51.63 96.11
N GLY G 525 -90.30 -51.05 95.29
CA GLY G 525 -91.34 -51.85 94.68
C GLY G 525 -90.87 -52.48 93.37
N GLY G 526 -91.53 -53.56 92.96
CA GLY G 526 -91.24 -54.15 91.68
C GLY G 526 -90.03 -55.07 91.67
N TYR G 527 -89.56 -55.34 90.47
CA TYR G 527 -88.47 -56.29 90.28
C TYR G 527 -87.45 -55.74 89.31
N GLU G 528 -86.27 -56.29 89.48
CA GLU G 528 -85.03 -56.08 88.78
C GLU G 528 -84.44 -57.44 88.48
N SER G 529 -83.37 -57.48 87.70
CA SER G 529 -82.64 -58.72 87.51
C SER G 529 -81.17 -58.45 87.76
N ASP G 530 -80.44 -59.49 88.17
CA ASP G 530 -79.01 -59.32 88.38
C ASP G 530 -78.30 -60.59 87.91
N PHE G 531 -77.21 -60.42 87.18
CA PHE G 531 -76.42 -61.58 86.76
C PHE G 531 -74.94 -61.30 86.91
N GLU G 532 -74.18 -62.25 87.43
CA GLU G 532 -72.74 -62.21 87.69
C GLU G 532 -72.02 -63.44 87.19
N PHE G 533 -70.90 -63.31 86.45
CA PHE G 533 -70.17 -64.47 85.91
C PHE G 533 -68.67 -64.41 86.20
N GLN G 534 -68.02 -65.60 86.24
CA GLN G 534 -66.58 -65.74 86.50
C GLN G 534 -65.89 -66.66 85.50
N ILE G 535 -64.57 -66.49 85.38
CA ILE G 535 -63.71 -67.29 84.52
C ILE G 535 -62.45 -67.62 85.32
N GLU G 536 -62.28 -68.90 85.70
CA GLU G 536 -61.31 -69.33 86.72
C GLU G 536 -59.89 -68.86 86.49
N ASN G 537 -59.38 -69.02 85.27
CA ASN G 537 -58.00 -68.61 85.02
C ASN G 537 -57.91 -67.52 83.98
N GLY G 538 -58.98 -66.72 83.86
CA GLY G 538 -59.03 -65.72 82.81
C GLY G 538 -59.00 -66.32 81.44
N VAL G 539 -59.37 -67.60 81.33
CA VAL G 539 -59.36 -68.31 80.06
C VAL G 539 -60.80 -68.63 79.71
N TRP G 540 -61.26 -68.09 78.58
CA TRP G 540 -62.59 -68.41 78.12
C TRP G 540 -62.66 -69.87 77.75
N GLU G 541 -63.77 -70.52 78.09
CA GLU G 541 -64.04 -71.85 77.62
C GLU G 541 -64.07 -71.96 76.10
N SER G 542 -63.42 -73.00 75.58
CA SER G 542 -63.57 -73.38 74.17
C SER G 542 -64.97 -73.80 73.80
N GLY G 543 -65.45 -73.28 72.67
CA GLY G 543 -66.77 -73.58 72.20
C GLY G 543 -67.83 -72.54 72.51
N LEU G 544 -67.59 -71.68 73.49
CA LEU G 544 -68.52 -70.58 73.74
C LEU G 544 -68.18 -69.42 72.80
N LYS G 545 -69.17 -68.59 72.51
CA LYS G 545 -69.04 -67.61 71.44
C LYS G 545 -68.66 -66.19 71.87
N LYS G 546 -68.19 -66.00 73.10
CA LYS G 546 -67.82 -64.66 73.63
C LYS G 546 -69.01 -63.71 73.61
N GLU G 547 -70.09 -64.19 74.21
CA GLU G 547 -71.35 -63.49 74.38
C GLU G 547 -71.96 -64.06 75.65
N LEU G 548 -72.81 -63.29 76.31
CA LEU G 548 -73.49 -63.78 77.50
C LEU G 548 -74.93 -64.13 77.15
N LYS G 549 -75.29 -65.41 77.24
CA LYS G 549 -76.59 -65.91 76.78
C LYS G 549 -77.41 -66.55 77.89
N ILE G 550 -78.66 -66.11 78.07
CA ILE G 550 -79.61 -66.76 78.99
C ILE G 550 -80.88 -67.16 78.24
N SER G 551 -81.39 -68.37 78.52
CA SER G 551 -82.57 -68.95 77.85
C SER G 551 -83.67 -69.36 78.83
N LEU G 552 -84.93 -69.28 78.41
CA LEU G 552 -86.08 -69.61 79.27
C LEU G 552 -86.39 -71.10 79.34
N GLU G 553 -86.52 -71.61 80.57
CA GLU G 553 -86.93 -73.00 80.79
C GLU G 553 -88.42 -73.22 80.53
N ARG G 554 -89.28 -72.27 80.91
CA ARG G 554 -90.73 -72.39 80.78
C ARG G 554 -91.32 -71.09 80.27
N SER G 555 -92.42 -71.18 79.53
CA SER G 555 -93.08 -70.02 78.95
C SER G 555 -93.93 -69.29 79.98
N PHE G 556 -94.42 -68.13 79.56
CA PHE G 556 -95.29 -67.30 80.38
C PHE G 556 -96.77 -67.53 80.09
N LEU G 557 -97.11 -68.62 79.39
CA LEU G 557 -98.47 -69.14 79.16
C LEU G 557 -99.31 -68.27 78.22
N HIS G 558 -98.69 -67.61 77.24
CA HIS G 558 -99.45 -66.80 76.30
C HIS G 558 -100.39 -67.66 75.47
N GLU G 559 -99.94 -68.86 75.15
CA GLU G 559 -100.66 -69.85 74.37
C GLU G 559 -101.88 -70.44 75.07
N LYS G 560 -102.10 -70.16 76.36
CA LYS G 560 -103.24 -70.73 77.06
C LYS G 560 -104.34 -69.74 77.39
N TYR G 561 -104.14 -68.44 77.15
CA TYR G 561 -105.08 -67.42 77.62
C TYR G 561 -106.48 -67.64 77.06
N ALA G 562 -106.56 -67.90 75.75
CA ALA G 562 -107.85 -68.05 75.08
C ALA G 562 -108.63 -69.25 75.60
N HIS G 563 -107.91 -70.32 75.92
CA HIS G 563 -108.53 -71.56 76.41
C HIS G 563 -109.13 -71.38 77.79
N TYR G 564 -108.43 -70.72 78.69
CA TYR G 564 -108.95 -70.56 80.04
C TYR G 564 -110.04 -69.53 80.09
N PHE G 565 -109.89 -68.46 79.29
CA PHE G 565 -110.91 -67.42 79.22
C PHE G 565 -112.24 -68.00 78.79
N THR G 566 -112.22 -68.81 77.74
CA THR G 566 -113.42 -69.42 77.20
C THR G 566 -114.11 -70.31 78.22
N LEU G 567 -113.35 -71.16 78.92
CA LEU G 567 -113.92 -72.12 79.84
C LEU G 567 -114.63 -71.47 81.00
N VAL G 568 -114.09 -70.36 81.52
CA VAL G 568 -114.77 -69.65 82.59
C VAL G 568 -116.06 -69.07 82.07
N ALA G 569 -115.99 -68.41 80.91
CA ALA G 569 -117.12 -67.70 80.33
C ALA G 569 -118.30 -68.59 80.01
N ILE G 570 -118.06 -69.86 79.64
CA ILE G 570 -119.15 -70.74 79.26
C ILE G 570 -119.53 -71.73 80.35
N SER G 571 -119.04 -71.54 81.57
CA SER G 571 -119.36 -72.48 82.64
C SER G 571 -120.84 -72.47 82.95
N LYS G 572 -121.39 -73.65 83.15
CA LYS G 572 -122.77 -73.80 83.55
C LYS G 572 -122.90 -74.08 85.04
N ASP G 573 -121.78 -74.16 85.74
CA ASP G 573 -121.80 -74.45 87.17
C ASP G 573 -121.75 -73.19 88.00
N THR G 574 -121.06 -72.17 87.52
CA THR G 574 -120.82 -70.92 88.21
C THR G 574 -121.13 -69.71 87.36
N ASP G 575 -121.41 -68.62 88.06
CA ASP G 575 -121.67 -67.36 87.40
C ASP G 575 -120.32 -66.68 87.32
N PRO G 576 -119.81 -66.35 86.14
CA PRO G 576 -118.51 -65.69 86.02
C PRO G 576 -118.49 -64.33 86.72
N THR G 577 -117.39 -64.06 87.39
CA THR G 577 -117.13 -62.78 88.03
C THR G 577 -115.76 -62.33 87.55
N ILE G 578 -115.38 -61.08 87.82
CA ILE G 578 -114.09 -60.60 87.32
C ILE G 578 -112.93 -61.36 87.96
N GLU G 579 -113.11 -61.83 89.20
CA GLU G 579 -112.08 -62.54 89.93
C GLU G 579 -111.81 -63.93 89.37
N LEU G 580 -112.70 -64.45 88.54
CA LEU G 580 -112.55 -65.78 87.98
C LEU G 580 -111.97 -65.76 86.57
N LEU G 581 -111.85 -64.64 85.99
CA LEU G 581 -111.32 -64.60 84.64
C LEU G 581 -109.79 -64.49 84.69
N PRO G 582 -109.12 -65.12 83.74
CA PRO G 582 -107.65 -65.04 83.71
C PRO G 582 -107.18 -63.66 83.32
N ASN G 583 -106.07 -63.26 83.92
CA ASN G 583 -105.40 -62.03 83.55
C ASN G 583 -104.53 -62.30 82.34
N GLU G 584 -104.23 -61.24 81.63
CA GLU G 584 -103.43 -61.32 80.43
C GLU G 584 -102.02 -61.74 80.85
N PRO G 585 -101.42 -62.68 80.13
CA PRO G 585 -100.06 -63.14 80.43
C PRO G 585 -99.10 -62.01 80.19
N TYR G 586 -97.99 -62.00 80.92
CA TYR G 586 -97.07 -60.88 80.88
C TYR G 586 -95.88 -61.15 79.96
N ALA G 587 -95.62 -60.22 79.03
CA ALA G 587 -94.38 -60.22 78.26
C ALA G 587 -93.42 -59.25 78.90
N PRO G 588 -92.24 -59.69 79.34
CA PRO G 588 -91.32 -58.91 80.19
C PRO G 588 -90.53 -57.80 79.53
N LEU G 589 -91.23 -56.73 79.15
CA LEU G 589 -90.63 -55.53 78.57
C LEU G 589 -89.70 -54.82 79.56
N ALA G 590 -88.51 -54.38 79.09
CA ALA G 590 -87.49 -53.87 80.01
C ALA G 590 -86.68 -52.69 79.45
N GLU G 591 -85.87 -52.08 80.34
CA GLU G 591 -85.03 -50.92 79.99
C GLU G 591 -83.90 -50.70 81.00
N ASN G 592 -82.92 -49.85 80.60
CA ASN G 592 -81.75 -49.35 81.39
C ASN G 592 -80.71 -50.39 81.85
N LEU G 593 -80.14 -51.15 80.91
CA LEU G 593 -79.10 -52.15 81.24
C LEU G 593 -77.71 -51.55 81.55
N VAL G 594 -76.99 -52.07 82.58
CA VAL G 594 -75.63 -51.62 82.95
C VAL G 594 -74.68 -52.80 83.21
N LEU G 595 -73.49 -52.80 82.55
CA LEU G 595 -72.44 -53.84 82.52
C LEU G 595 -71.15 -53.47 83.29
N GLY G 596 -70.41 -54.45 83.84
CA GLY G 596 -69.08 -54.20 84.41
C GLY G 596 -68.15 -55.38 84.27
N TYR G 597 -66.80 -55.16 84.31
CA TYR G 597 -65.87 -56.27 84.13
C TYR G 597 -64.46 -56.05 84.74
N THR G 598 -63.69 -57.16 84.86
CA THR G 598 -62.28 -57.17 85.30
C THR G 598 -61.41 -58.08 84.43
N ALA G 599 -60.22 -57.60 84.02
CA ALA G 599 -59.25 -58.39 83.24
C ALA G 599 -57.84 -58.24 83.78
N ILE G 600 -57.02 -59.31 83.69
CA ILE G 600 -55.68 -59.35 84.29
C ILE G 600 -54.64 -59.99 83.35
N SER G 601 -53.51 -59.30 83.18
CA SER G 601 -52.26 -59.78 82.57
C SER G 601 -51.10 -59.85 83.55
N SER G 602 -50.23 -60.84 83.36
CA SER G 602 -49.03 -61.05 84.19
C SER G 602 -47.84 -61.54 83.39
N ILE G 603 -46.74 -60.78 83.43
CA ILE G 603 -45.60 -61.07 82.56
C ILE G 603 -44.30 -61.26 83.34
N ASP G 604 -43.75 -62.47 83.23
CA ASP G 604 -42.39 -62.79 83.67
C ASP G 604 -41.46 -62.54 82.51
N PHE G 605 -40.63 -61.52 82.66
CA PHE G 605 -39.74 -61.14 81.59
C PHE G 605 -38.65 -62.15 81.34
N SER G 606 -38.43 -63.13 82.23
CA SER G 606 -37.35 -64.07 82.00
C SER G 606 -37.87 -65.40 81.51
N SER G 607 -39.16 -65.59 81.45
CA SER G 607 -39.73 -66.89 81.10
C SER G 607 -40.00 -67.08 79.64
N SER G 608 -39.38 -68.11 79.10
CA SER G 608 -39.74 -68.63 77.81
C SER G 608 -41.11 -69.29 77.90
N SER G 609 -41.69 -69.61 76.73
CA SER G 609 -42.97 -70.32 76.69
C SER G 609 -44.08 -69.60 77.43
N SER G 610 -44.12 -68.28 77.28
CA SER G 610 -45.08 -67.47 77.99
C SER G 610 -45.47 -66.30 77.12
N GLU G 611 -46.74 -65.92 77.20
CA GLU G 611 -47.26 -64.85 76.35
C GLU G 611 -46.91 -63.49 76.95
N ASN G 612 -45.64 -63.13 76.80
CA ASN G 612 -45.14 -61.87 77.33
C ASN G 612 -45.56 -60.73 76.40
N GLN G 613 -46.86 -60.42 76.41
CA GLN G 613 -47.44 -59.50 75.42
C GLN G 613 -47.40 -58.06 75.92
N VAL G 614 -46.20 -57.49 75.96
CA VAL G 614 -46.01 -56.10 76.37
C VAL G 614 -44.83 -55.51 75.61
N SER G 615 -44.94 -54.24 75.28
CA SER G 615 -43.85 -53.45 74.72
C SER G 615 -43.25 -52.48 75.71
N LEU G 616 -41.91 -52.46 75.82
CA LEU G 616 -41.26 -51.52 76.75
C LEU G 616 -40.32 -50.59 75.97
N ILE G 617 -40.42 -49.29 76.24
CA ILE G 617 -39.64 -48.24 75.58
C ILE G 617 -38.97 -47.35 76.62
N HIS G 618 -37.70 -47.03 76.42
CA HIS G 618 -36.98 -46.07 77.26
C HIS G 618 -37.01 -44.66 76.68
N GLU G 619 -37.23 -43.67 77.53
CA GLU G 619 -37.22 -42.28 77.15
C GLU G 619 -35.89 -41.64 77.51
N MET G 620 -35.27 -40.98 76.55
CA MET G 620 -33.93 -40.44 76.66
C MET G 620 -33.96 -38.95 76.38
N PRO G 621 -32.97 -38.19 76.89
CA PRO G 621 -32.93 -36.72 76.68
C PRO G 621 -33.12 -36.25 75.24
N PHE G 622 -32.64 -36.98 74.25
CA PHE G 622 -32.81 -36.52 72.88
C PHE G 622 -33.40 -37.63 71.99
N GLY G 623 -34.27 -38.48 72.51
CA GLY G 623 -34.80 -39.56 71.69
C GLY G 623 -35.37 -40.68 72.55
N PHE G 624 -35.40 -41.89 71.97
CA PHE G 624 -35.95 -43.04 72.69
C PHE G 624 -35.33 -44.33 72.17
N GLN G 625 -35.61 -45.43 72.88
CA GLN G 625 -35.18 -46.75 72.42
C GLN G 625 -36.19 -47.83 72.82
N GLN G 626 -36.59 -48.72 71.93
CA GLN G 626 -37.50 -49.75 72.41
C GLN G 626 -36.72 -50.89 73.06
N VAL G 627 -37.08 -51.24 74.30
CA VAL G 627 -36.31 -52.22 75.07
C VAL G 627 -36.86 -53.66 75.09
N PHE G 628 -38.18 -53.83 75.09
CA PHE G 628 -38.78 -55.16 75.21
C PHE G 628 -39.98 -55.24 74.29
N THR G 629 -40.06 -56.25 73.45
CA THR G 629 -41.22 -56.37 72.56
C THR G 629 -42.09 -57.53 73.03
N PRO G 630 -43.39 -57.55 72.66
CA PRO G 630 -44.25 -58.67 73.06
C PRO G 630 -43.71 -60.03 72.62
N GLY G 631 -43.69 -60.97 73.56
CA GLY G 631 -43.16 -62.30 73.32
C GLY G 631 -41.73 -62.50 73.76
N ASP G 632 -41.03 -61.44 74.14
CA ASP G 632 -39.61 -61.50 74.42
C ASP G 632 -39.41 -62.02 75.84
N THR G 633 -38.16 -62.43 76.12
CA THR G 633 -37.74 -62.71 77.47
C THR G 633 -36.42 -61.99 77.71
N ASP G 634 -36.04 -61.77 78.97
CA ASP G 634 -34.77 -61.11 79.28
C ASP G 634 -34.35 -61.49 80.70
N ASN G 635 -33.20 -61.04 81.12
CA ASN G 635 -32.67 -61.34 82.43
C ASN G 635 -32.38 -60.06 83.16
N SER G 636 -32.26 -58.93 82.43
CA SER G 636 -31.93 -57.71 83.13
C SER G 636 -32.58 -56.54 82.40
N LEU G 637 -33.69 -56.06 82.97
CA LEU G 637 -34.39 -54.94 82.40
C LEU G 637 -34.38 -53.88 83.49
N TYR G 638 -34.23 -52.65 83.08
CA TYR G 638 -34.29 -51.55 84.02
C TYR G 638 -35.41 -50.65 83.56
N LEU G 639 -36.05 -49.97 84.50
CA LEU G 639 -37.09 -49.02 84.11
C LEU G 639 -36.53 -47.90 83.24
N VAL G 640 -35.28 -47.48 83.49
CA VAL G 640 -34.73 -46.26 82.92
C VAL G 640 -33.35 -46.51 82.31
N PRO G 641 -32.91 -45.63 81.37
CA PRO G 641 -31.54 -45.63 80.81
C PRO G 641 -30.46 -45.39 81.87
N ASP G 642 -29.25 -45.89 81.62
CA ASP G 642 -28.13 -45.74 82.56
C ASP G 642 -27.19 -44.61 82.13
N TYR G 643 -27.18 -43.49 82.85
CA TYR G 643 -26.22 -42.43 82.58
C TYR G 643 -25.21 -42.31 83.71
N CYS G 644 -23.94 -42.53 83.38
CA CYS G 644 -22.87 -42.50 84.38
C CYS G 644 -22.39 -41.08 84.57
N HIS G 645 -21.58 -40.90 85.60
CA HIS G 645 -20.99 -39.60 85.89
C HIS G 645 -20.11 -39.08 84.76
N GLY G 646 -20.28 -37.80 84.41
CA GLY G 646 -19.44 -37.16 83.42
C GLY G 646 -20.22 -36.33 82.41
N GLY G 647 -19.53 -35.93 81.35
CA GLY G 647 -20.10 -35.05 80.35
C GLY G 647 -19.92 -35.60 78.95
N GLU G 648 -20.85 -35.22 78.06
CA GLU G 648 -20.90 -35.75 76.70
C GLU G 648 -21.24 -34.67 75.68
N LEU G 649 -20.55 -34.66 74.55
CA LEU G 649 -20.82 -33.74 73.44
C LEU G 649 -21.08 -34.54 72.17
N TYR G 650 -22.21 -34.25 71.52
CA TYR G 650 -22.65 -34.96 70.34
C TYR G 650 -22.54 -34.08 69.11
N ILE G 651 -21.92 -34.60 68.06
CA ILE G 651 -21.76 -33.86 66.81
C ILE G 651 -22.43 -34.65 65.69
N GLY G 652 -23.43 -34.05 65.05
CA GLY G 652 -24.12 -34.68 63.94
C GLY G 652 -23.63 -34.14 62.60
N LEU G 653 -23.33 -35.05 61.69
CA LEU G 653 -22.78 -34.68 60.39
C LEU G 653 -23.73 -34.97 59.24
N GLU G 654 -23.79 -34.04 58.28
CA GLU G 654 -24.74 -34.08 57.18
C GLU G 654 -23.99 -34.43 55.89
N ASN G 655 -24.59 -35.29 55.07
CA ASN G 655 -24.22 -35.57 53.68
C ASN G 655 -22.88 -36.27 53.49
N GLY G 656 -22.41 -37.03 54.47
CA GLY G 656 -21.21 -37.81 54.30
C GLY G 656 -21.51 -39.15 53.66
N LYS G 657 -20.46 -39.94 53.49
CA LYS G 657 -20.57 -41.29 52.95
C LYS G 657 -19.70 -42.19 53.81
N ASN G 658 -19.98 -43.49 53.76
CA ASN G 658 -19.41 -44.40 54.75
C ASN G 658 -17.94 -44.73 54.61
N LEU G 659 -17.15 -44.32 53.63
CA LEU G 659 -15.74 -44.66 53.86
C LEU G 659 -14.81 -43.47 53.83
N GLN G 660 -15.35 -42.25 53.77
CA GLN G 660 -14.60 -41.02 53.58
C GLN G 660 -13.97 -40.50 54.86
N GLN G 661 -12.96 -39.64 54.67
CA GLN G 661 -12.23 -38.98 55.74
C GLN G 661 -12.76 -37.58 55.99
N VAL G 662 -12.97 -37.23 57.26
CA VAL G 662 -13.52 -35.91 57.60
C VAL G 662 -12.46 -35.14 58.37
N THR G 663 -12.28 -33.87 58.00
CA THR G 663 -11.39 -32.95 58.70
C THR G 663 -12.23 -31.86 59.33
N LEU G 664 -12.04 -31.65 60.63
CA LEU G 664 -12.79 -30.67 61.42
C LEU G 664 -11.85 -29.72 62.15
N LEU G 665 -12.19 -28.44 62.10
CA LEU G 665 -11.46 -27.42 62.83
C LEU G 665 -12.21 -27.07 64.10
N LEU G 666 -11.56 -27.20 65.24
CA LEU G 666 -12.12 -26.79 66.52
C LEU G 666 -11.47 -25.49 66.91
N GLN G 667 -12.24 -24.41 66.94
CA GLN G 667 -11.71 -23.11 67.32
C GLN G 667 -12.11 -22.79 68.74
N PHE G 668 -11.12 -22.74 69.63
CA PHE G 668 -11.30 -22.46 71.04
C PHE G 668 -10.92 -21.04 71.34
N LEU G 669 -11.45 -20.55 72.44
CA LEU G 669 -10.98 -19.30 73.01
C LEU G 669 -9.94 -19.67 74.05
N GLU G 670 -8.68 -19.57 73.66
CA GLU G 670 -7.60 -20.09 74.47
C GLU G 670 -7.38 -19.26 75.72
N GLY G 671 -7.09 -19.95 76.82
CA GLY G 671 -6.88 -19.32 78.11
C GLY G 671 -8.12 -19.16 78.93
N SER G 672 -9.26 -19.65 78.43
CA SER G 672 -10.58 -19.53 79.02
C SER G 672 -10.90 -20.41 80.24
N GLU G 673 -10.16 -21.48 80.50
CA GLU G 673 -10.55 -22.43 81.55
C GLU G 673 -10.38 -21.94 82.98
N ASN G 674 -10.95 -22.72 83.90
CA ASN G 674 -10.86 -22.42 85.32
C ASN G 674 -9.48 -22.79 85.84
N PRO G 675 -8.69 -21.81 86.31
CA PRO G 675 -7.33 -22.06 86.78
C PRO G 675 -7.22 -22.70 88.15
N ASP G 676 -8.33 -22.90 88.85
CA ASP G 676 -8.30 -23.33 90.25
C ASP G 676 -8.93 -24.70 90.41
N ILE G 677 -8.50 -25.66 89.60
CA ILE G 677 -8.95 -27.03 89.67
C ILE G 677 -7.72 -27.93 89.78
N THR G 678 -7.79 -28.94 90.64
CA THR G 678 -6.65 -29.83 90.83
C THR G 678 -6.68 -31.08 89.95
N ASP G 679 -7.85 -31.54 89.53
CA ASP G 679 -8.01 -32.60 88.52
C ASP G 679 -7.89 -32.06 87.12
N ILE G 680 -6.72 -32.24 86.49
CA ILE G 680 -6.47 -31.55 85.23
C ILE G 680 -5.92 -32.39 84.08
N PHE G 681 -6.25 -33.69 83.98
CA PHE G 681 -5.73 -34.60 82.94
C PHE G 681 -4.21 -34.78 83.08
N THR G 682 -3.78 -35.32 84.20
CA THR G 682 -2.36 -35.60 84.35
C THR G 682 -1.99 -36.88 83.62
N GLY G 683 -0.69 -37.14 83.52
CA GLY G 683 -0.23 -38.36 82.89
C GLY G 683 -0.61 -38.41 81.43
N ASN G 684 -1.25 -39.53 81.02
CA ASN G 684 -1.57 -39.70 79.61
C ASN G 684 -3.10 -39.70 79.43
N GLN G 685 -3.83 -39.02 80.31
CA GLN G 685 -5.28 -38.94 80.19
C GLN G 685 -5.68 -38.01 79.05
N LYS G 686 -6.84 -38.26 78.44
CA LYS G 686 -7.33 -37.45 77.32
C LYS G 686 -8.81 -37.68 77.11
N ILE G 687 -9.39 -36.92 76.18
CA ILE G 687 -10.81 -37.01 75.83
C ILE G 687 -11.05 -38.16 74.87
N LYS G 688 -12.10 -38.95 75.13
CA LYS G 688 -12.43 -40.17 74.39
C LYS G 688 -13.42 -39.90 73.25
N TRP G 689 -13.26 -40.62 72.13
CA TRP G 689 -14.15 -40.50 70.98
C TRP G 689 -14.80 -41.83 70.58
N GLN G 690 -16.08 -41.77 70.18
CA GLN G 690 -16.89 -42.92 69.73
C GLN G 690 -17.85 -42.55 68.60
N TYR G 691 -18.36 -43.55 67.88
CA TYR G 691 -19.36 -43.31 66.83
C TYR G 691 -20.60 -44.18 67.07
N LEU G 692 -21.72 -43.81 66.44
CA LEU G 692 -23.00 -44.49 66.64
C LEU G 692 -23.33 -45.47 65.51
N SER G 693 -23.75 -46.67 65.89
CA SER G 693 -24.15 -47.69 64.93
C SER G 693 -25.24 -48.56 65.54
N GLN G 694 -26.42 -48.59 64.90
CA GLN G 694 -27.58 -49.40 65.33
C GLN G 694 -27.96 -49.13 66.78
N ASN G 695 -28.02 -47.85 67.15
CA ASN G 695 -28.29 -47.33 68.49
C ASN G 695 -27.23 -47.71 69.54
N GLN G 696 -26.07 -48.22 69.15
CA GLN G 696 -24.98 -48.52 70.08
C GLN G 696 -23.80 -47.60 69.85
N TRP G 697 -23.06 -47.29 70.91
CA TRP G 697 -21.83 -46.54 70.75
C TRP G 697 -20.65 -47.49 70.64
N GLN G 698 -19.76 -47.21 69.69
CA GLN G 698 -18.65 -48.11 69.37
C GLN G 698 -17.36 -47.31 69.31
N ASP G 699 -16.28 -47.97 69.75
CA ASP G 699 -14.96 -47.37 69.67
C ASP G 699 -14.47 -47.27 68.23
N PHE G 700 -13.73 -46.21 67.95
CA PHE G 700 -13.04 -46.11 66.68
C PHE G 700 -11.89 -47.11 66.65
N GLN G 701 -11.56 -47.55 65.44
CA GLN G 701 -10.43 -48.46 65.33
C GLN G 701 -9.17 -47.68 65.01
N SER G 702 -8.03 -48.35 65.14
CA SER G 702 -6.73 -47.68 65.04
C SER G 702 -6.50 -47.01 63.69
N GLY G 703 -7.05 -47.55 62.62
CA GLY G 703 -6.86 -46.93 61.33
C GLY G 703 -7.87 -45.87 60.96
N GLU G 704 -8.79 -45.54 61.86
CA GLU G 704 -9.87 -44.62 61.52
C GLU G 704 -9.61 -43.20 62.01
N ILE G 705 -8.76 -42.98 63.01
CA ILE G 705 -8.38 -41.62 63.40
C ILE G 705 -7.05 -41.32 62.75
N ILE G 706 -7.01 -40.23 61.99
CA ILE G 706 -5.81 -39.86 61.27
C ILE G 706 -4.94 -38.92 62.11
N GLN G 707 -5.57 -37.94 62.76
CA GLN G 707 -4.82 -37.07 63.64
C GLN G 707 -5.74 -36.39 64.63
N ASN G 708 -5.15 -35.99 65.74
CA ASN G 708 -5.87 -35.29 66.80
C ASN G 708 -4.91 -34.27 67.40
N GLN G 709 -5.05 -33.02 67.00
CA GLN G 709 -4.21 -31.95 67.52
C GLN G 709 -4.77 -31.33 68.78
N THR G 710 -5.95 -31.73 69.21
CA THR G 710 -6.63 -31.19 70.39
C THR G 710 -7.03 -32.20 71.46
N PRO G 711 -6.09 -33.02 71.97
CA PRO G 711 -6.47 -34.16 72.83
C PRO G 711 -7.14 -33.81 74.14
N ARG G 712 -6.95 -32.60 74.65
CA ARG G 712 -7.56 -32.22 75.92
C ARG G 712 -8.31 -30.91 75.83
N PHE G 713 -8.77 -30.53 74.64
CA PHE G 713 -9.56 -29.32 74.39
C PHE G 713 -8.96 -28.04 75.00
N LEU G 714 -7.64 -27.87 74.93
CA LEU G 714 -7.03 -26.66 75.48
C LEU G 714 -6.54 -25.69 74.42
N LYS G 715 -6.35 -26.15 73.18
CA LYS G 715 -5.83 -25.28 72.14
C LYS G 715 -6.56 -25.57 70.85
N SER G 716 -6.61 -24.57 69.96
CA SER G 716 -7.25 -24.73 68.67
C SER G 716 -6.48 -25.68 67.76
N GLY G 717 -7.19 -26.45 66.94
CA GLY G 717 -6.51 -27.35 66.03
C GLY G 717 -7.45 -28.24 65.23
N ILE G 718 -6.85 -29.25 64.57
CA ILE G 718 -7.51 -30.10 63.59
C ILE G 718 -7.71 -31.51 64.13
N PHE G 719 -8.93 -32.03 63.99
CA PHE G 719 -9.28 -33.42 64.22
C PHE G 719 -9.64 -34.04 62.87
N GLN G 720 -9.08 -35.20 62.57
CA GLN G 720 -9.30 -35.80 61.26
C GLN G 720 -9.51 -37.30 61.37
N PHE G 721 -10.51 -37.80 60.66
CA PHE G 721 -10.91 -39.19 60.80
C PHE G 721 -11.67 -39.62 59.56
N SER G 722 -11.80 -40.92 59.39
CA SER G 722 -12.65 -41.43 58.35
C SER G 722 -14.00 -41.88 58.91
N ILE G 723 -15.04 -41.77 58.09
CA ILE G 723 -16.33 -42.32 58.54
C ILE G 723 -16.22 -43.84 58.51
N PRO G 724 -16.51 -44.49 59.63
CA PRO G 724 -16.32 -45.93 59.70
C PRO G 724 -17.38 -46.66 58.92
N LYS G 725 -17.00 -47.82 58.41
CA LYS G 725 -17.97 -48.74 57.85
C LYS G 725 -18.91 -49.12 58.99
N GLN G 726 -20.18 -49.33 58.66
CA GLN G 726 -21.29 -49.67 59.56
C GLN G 726 -21.76 -48.46 60.35
N ALA G 727 -21.30 -47.25 60.03
CA ALA G 727 -21.93 -46.05 60.56
C ALA G 727 -23.38 -46.02 60.09
N ASN G 728 -24.27 -45.58 60.96
CA ASN G 728 -25.68 -45.73 60.65
C ASN G 728 -26.44 -44.40 60.71
N LEU G 729 -27.20 -44.12 59.66
CA LEU G 729 -28.07 -42.95 59.61
C LEU G 729 -29.43 -43.20 60.22
N ASP G 730 -29.84 -44.45 60.45
CA ASP G 730 -31.23 -44.64 60.87
C ASP G 730 -31.19 -45.17 62.32
N ASN G 731 -31.39 -44.27 63.28
CA ASN G 731 -31.34 -44.59 64.70
C ASN G 731 -32.50 -43.91 65.40
N THR G 732 -32.67 -44.18 66.70
CA THR G 732 -33.75 -43.54 67.47
C THR G 732 -33.29 -42.80 68.71
N VAL G 733 -32.09 -43.10 69.24
CA VAL G 733 -31.61 -42.45 70.45
C VAL G 733 -31.16 -41.02 70.19
N LEU G 734 -30.89 -40.69 68.93
CA LEU G 734 -30.51 -39.39 68.42
C LEU G 734 -31.20 -39.28 67.08
N PRO G 735 -31.58 -38.06 66.66
CA PRO G 735 -32.35 -37.85 65.41
C PRO G 735 -31.74 -38.50 64.17
N PRO G 736 -32.58 -39.10 63.34
CA PRO G 736 -32.10 -39.79 62.13
C PRO G 736 -31.69 -38.83 61.03
N GLY G 737 -30.88 -39.32 60.10
CA GLY G 737 -30.46 -38.55 58.96
C GLY G 737 -29.05 -38.02 59.07
N TYR G 738 -28.44 -38.16 60.23
CA TYR G 738 -27.11 -37.68 60.53
C TYR G 738 -26.23 -38.84 60.94
N HIS G 739 -24.96 -38.77 60.61
CA HIS G 739 -24.01 -39.63 61.28
C HIS G 739 -23.68 -38.98 62.61
N TRP G 740 -23.57 -39.78 63.67
CA TRP G 740 -23.33 -39.18 64.98
C TRP G 740 -22.04 -39.67 65.60
N ILE G 741 -21.27 -38.71 66.10
CA ILE G 741 -20.01 -38.89 66.81
C ILE G 741 -20.04 -38.27 68.19
N LYS G 742 -19.49 -38.99 69.15
CA LYS G 742 -19.53 -38.62 70.55
C LYS G 742 -18.14 -38.40 71.12
N ALA G 743 -17.99 -37.32 71.90
CA ALA G 743 -16.80 -37.05 72.69
C ALA G 743 -17.15 -37.06 74.17
N SER G 744 -16.26 -37.56 75.03
CA SER G 744 -16.62 -37.63 76.45
C SER G 744 -15.47 -37.39 77.43
N MET G 745 -15.85 -36.92 78.62
CA MET G 745 -14.98 -36.50 79.72
C MET G 745 -15.64 -36.82 81.06
N VAL G 746 -14.84 -37.17 82.08
CA VAL G 746 -15.38 -37.47 83.42
C VAL G 746 -14.87 -36.48 84.47
N LYS G 747 -14.42 -35.32 84.05
CA LYS G 747 -13.80 -34.31 84.87
C LYS G 747 -14.75 -33.15 85.05
N PRO G 748 -14.48 -32.23 86.00
CA PRO G 748 -15.36 -31.06 86.19
C PRO G 748 -15.49 -30.26 84.91
N PHE G 749 -16.59 -29.52 84.76
CA PHE G 749 -16.87 -28.99 83.43
C PHE G 749 -15.88 -27.91 82.96
N ASP G 750 -15.08 -27.30 83.82
CA ASP G 750 -14.24 -26.17 83.42
C ASP G 750 -12.79 -26.50 83.10
N VAL G 751 -12.37 -27.76 83.21
CA VAL G 751 -10.99 -28.16 82.92
C VAL G 751 -10.63 -28.04 81.44
N VAL G 752 -11.60 -27.68 80.58
CA VAL G 752 -11.38 -27.45 79.16
C VAL G 752 -11.75 -26.01 78.84
N SER G 753 -11.21 -25.51 77.72
CA SER G 753 -11.57 -24.19 77.24
C SER G 753 -12.92 -24.08 76.57
N GLN G 754 -13.49 -22.88 76.61
CA GLN G 754 -14.72 -22.60 75.91
C GLN G 754 -14.49 -22.55 74.40
N LEU G 755 -15.52 -22.92 73.65
CA LEU G 755 -15.46 -22.96 72.20
C LEU G 755 -16.05 -21.70 71.59
N ILE G 756 -15.55 -21.39 70.40
CA ILE G 756 -16.18 -20.44 69.51
C ILE G 756 -16.99 -21.16 68.46
N ASN G 757 -16.39 -22.11 67.75
CA ASN G 757 -17.11 -22.81 66.70
C ASN G 757 -16.42 -24.11 66.28
N ILE G 758 -17.11 -24.86 65.41
CA ILE G 758 -16.63 -26.09 64.79
C ILE G 758 -16.91 -26.03 63.30
N HIS G 759 -15.90 -26.26 62.45
CA HIS G 759 -16.06 -26.17 61.00
C HIS G 759 -15.53 -27.38 60.27
N ALA G 760 -16.29 -27.85 59.28
CA ALA G 760 -15.82 -28.89 58.41
C ALA G 760 -15.10 -28.29 57.21
N GLN G 761 -14.19 -29.09 56.62
CA GLN G 761 -13.44 -28.77 55.37
C GLN G 761 -12.40 -27.66 55.56
N ALA G 762 -11.65 -27.69 56.66
CA ALA G 762 -10.63 -26.68 56.93
C ALA G 762 -9.29 -26.98 56.27
N VAL G 763 -8.63 -25.94 55.77
CA VAL G 763 -7.34 -26.02 55.06
C VAL G 763 -6.40 -24.95 55.60
N GLU G 764 -5.15 -25.32 55.90
CA GLU G 764 -4.15 -24.38 56.38
C GLU G 764 -3.25 -23.84 55.26
N ALA G 765 -2.93 -22.53 55.29
CA ALA G 765 -2.07 -21.88 54.31
C ALA G 765 -1.12 -20.86 54.96
N VAL G 766 0.01 -20.58 54.28
CA VAL G 766 1.09 -19.76 54.83
C VAL G 766 1.56 -18.74 53.80
N PHE G 767 1.90 -17.66 54.24
CA PHE G 767 2.42 -16.58 53.43
C PHE G 767 3.75 -16.88 52.75
N GLU G 768 3.84 -16.49 51.48
CA GLU G 768 5.06 -16.67 50.70
C GLU G 768 5.86 -15.39 50.70
N ASP G 769 7.10 -15.47 51.17
CA ASP G 769 7.94 -14.29 51.29
C ASP G 769 8.59 -13.98 49.94
N GLN G 770 8.11 -12.94 49.30
CA GLN G 770 8.69 -12.41 48.07
C GLN G 770 9.11 -10.99 48.45
N GLY G 771 10.20 -10.49 47.87
CA GLY G 771 10.66 -9.19 48.31
C GLY G 771 9.66 -8.11 48.07
N SER G 772 9.28 -7.50 49.20
CA SER G 772 8.29 -6.45 49.36
C SER G 772 8.23 -6.09 50.83
N SER G 773 7.34 -5.19 51.18
CA SER G 773 7.12 -4.88 52.58
C SER G 773 5.77 -5.44 52.82
N GLY G 774 5.66 -6.36 53.74
CA GLY G 774 4.37 -6.90 54.08
C GLY G 774 3.95 -6.14 55.31
N ASN G 775 3.05 -5.18 55.19
CA ASN G 775 2.63 -4.40 56.34
C ASN G 775 1.85 -5.26 57.35
N HIS G 776 1.07 -6.20 56.82
CA HIS G 776 0.13 -7.02 57.57
C HIS G 776 0.81 -7.93 58.56
N LEU G 777 2.12 -7.89 58.72
CA LEU G 777 2.75 -8.74 59.72
C LEU G 777 2.87 -8.05 61.07
N GLU G 778 2.55 -6.75 61.14
CA GLU G 778 2.51 -6.01 62.40
C GLU G 778 1.36 -6.46 63.28
N LYS G 779 0.23 -6.64 62.63
CA LYS G 779 -1.05 -7.05 63.17
C LYS G 779 -1.53 -8.22 62.32
N GLY G 780 -2.29 -9.14 62.88
CA GLY G 780 -2.78 -10.21 62.03
C GLY G 780 -3.68 -9.69 60.91
N LEU G 781 -3.60 -10.37 59.77
CA LEU G 781 -4.46 -10.09 58.64
C LEU G 781 -5.90 -10.15 59.12
N PRO G 782 -6.72 -9.13 58.82
CA PRO G 782 -8.11 -9.12 59.28
C PRO G 782 -8.87 -10.34 58.78
N ALA G 783 -9.92 -10.70 59.52
CA ALA G 783 -10.79 -11.77 59.09
C ALA G 783 -11.51 -11.34 57.82
N GLU G 784 -11.80 -12.32 56.98
CA GLU G 784 -12.56 -12.24 55.72
C GLU G 784 -11.90 -11.71 54.46
N THR G 785 -10.58 -11.60 54.40
CA THR G 785 -9.89 -11.04 53.24
C THR G 785 -9.81 -11.98 52.03
N ILE G 786 -9.71 -13.30 52.25
CA ILE G 786 -9.38 -14.28 51.20
C ILE G 786 -10.60 -15.00 50.67
N SER G 787 -10.79 -15.02 49.34
CA SER G 787 -11.85 -15.85 48.78
C SER G 787 -11.55 -16.60 47.47
N LYS G 788 -10.30 -16.65 46.98
CA LYS G 788 -10.04 -17.25 45.66
C LYS G 788 -8.69 -17.96 45.55
N LEU G 789 -8.61 -18.91 44.61
CA LEU G 789 -7.36 -19.53 44.21
C LEU G 789 -6.67 -18.67 43.16
N GLN G 790 -5.42 -19.00 42.83
CA GLN G 790 -4.77 -18.24 41.75
C GLN G 790 -5.38 -18.57 40.41
N GLU G 791 -5.69 -19.82 40.21
CA GLU G 791 -6.37 -20.30 39.03
C GLU G 791 -7.59 -21.08 39.49
N ARG G 792 -8.74 -20.79 38.91
CA ARG G 792 -9.95 -21.49 39.32
C ARG G 792 -9.84 -22.97 38.97
N LEU G 793 -10.13 -23.83 39.93
CA LEU G 793 -10.26 -25.23 39.60
C LEU G 793 -11.74 -25.54 39.75
N SER G 794 -12.25 -26.33 38.81
CA SER G 794 -13.68 -26.38 38.53
C SER G 794 -14.56 -27.01 39.60
N TRP G 795 -14.02 -27.79 40.52
CA TRP G 795 -14.88 -28.48 41.48
C TRP G 795 -15.11 -27.73 42.80
N ILE G 796 -14.64 -26.49 42.93
CA ILE G 796 -14.75 -25.69 44.15
C ILE G 796 -15.80 -24.59 43.97
N LYS G 797 -16.54 -24.24 45.05
CA LYS G 797 -17.62 -23.24 45.03
C LYS G 797 -17.35 -21.86 45.68
N SER G 798 -16.87 -21.80 46.93
CA SER G 798 -16.59 -20.65 47.80
C SER G 798 -15.49 -20.92 48.81
N ILE G 799 -14.76 -19.87 49.21
CA ILE G 799 -13.73 -19.96 50.24
C ILE G 799 -13.96 -18.89 51.29
N GLN G 800 -13.90 -19.30 52.54
CA GLN G 800 -14.11 -18.38 53.63
C GLN G 800 -12.90 -18.30 54.53
N GLN G 801 -12.63 -17.10 55.03
CA GLN G 801 -11.62 -16.85 56.05
C GLN G 801 -12.23 -16.34 57.34
N PRO G 802 -12.74 -17.22 58.21
CA PRO G 802 -13.49 -16.77 59.39
C PRO G 802 -12.67 -16.07 60.49
N TYR G 803 -11.34 -16.27 60.57
CA TYR G 803 -10.54 -15.73 61.67
C TYR G 803 -9.30 -15.00 61.18
N PRO G 804 -8.79 -14.04 61.97
CA PRO G 804 -7.55 -13.33 61.61
C PRO G 804 -6.31 -14.23 61.56
N SER G 805 -5.29 -13.78 60.80
CA SER G 805 -4.06 -14.58 60.69
C SER G 805 -3.19 -14.46 61.92
N THR G 806 -2.22 -15.38 62.03
CA THR G 806 -1.40 -15.53 63.23
C THR G 806 0.04 -15.93 62.99
N LYS G 807 0.93 -15.54 63.93
CA LYS G 807 2.30 -15.97 64.08
C LYS G 807 3.32 -15.22 63.25
N GLY G 808 2.96 -14.17 62.56
CA GLY G 808 3.90 -13.46 61.72
C GLY G 808 4.72 -12.42 62.49
N LYS G 809 5.76 -11.90 61.83
CA LYS G 809 6.62 -10.88 62.43
C LYS G 809 7.37 -10.08 61.38
N ALA G 810 7.29 -8.75 61.47
CA ALA G 810 7.98 -7.86 60.55
C ALA G 810 9.45 -7.69 60.90
N GLN G 811 10.22 -7.20 59.93
CA GLN G 811 11.65 -6.96 60.10
C GLN G 811 11.92 -5.88 61.14
N GLU G 812 13.05 -5.98 61.83
CA GLU G 812 13.35 -5.03 62.89
C GLU G 812 13.55 -3.63 62.35
N SER G 813 12.96 -2.66 63.04
CA SER G 813 13.21 -1.25 62.80
C SER G 813 14.54 -0.86 63.42
N ASP G 814 15.03 0.34 63.06
CA ASP G 814 16.25 0.83 63.70
C ASP G 814 16.06 1.01 65.19
N GLU G 815 14.87 1.46 65.57
CA GLU G 815 14.56 1.74 66.97
C GLU G 815 14.57 0.47 67.79
N ASP G 816 14.12 -0.64 67.21
CA ASP G 816 14.11 -1.92 67.92
C ASP G 816 15.50 -2.52 67.97
N TYR G 817 16.24 -2.37 66.88
CA TYR G 817 17.61 -2.87 66.84
C TYR G 817 18.44 -2.23 67.94
N TYR G 818 18.36 -0.90 68.06
CA TYR G 818 19.11 -0.21 69.10
C TYR G 818 18.63 -0.60 70.48
N ARG G 819 17.32 -0.76 70.64
CA ARG G 819 16.75 -1.14 71.93
C ARG G 819 17.23 -2.52 72.38
N ARG G 820 17.22 -3.48 71.46
CA ARG G 820 17.63 -4.85 71.77
C ARG G 820 19.12 -4.95 72.10
N VAL G 821 19.97 -4.28 71.30
CA VAL G 821 21.41 -4.37 71.52
C VAL G 821 21.76 -3.71 72.84
N SER G 822 21.16 -2.56 73.11
CA SER G 822 21.46 -1.80 74.31
C SER G 822 21.14 -2.58 75.58
N GLU G 823 20.00 -3.28 75.60
CA GLU G 823 19.64 -4.03 76.79
C GLU G 823 20.56 -5.22 77.03
N ARG G 824 20.95 -5.95 75.97
CA ARG G 824 21.83 -7.10 76.18
C ARG G 824 23.15 -6.69 76.81
N LEU G 825 23.67 -5.54 76.39
CA LEU G 825 24.91 -5.01 76.94
C LEU G 825 24.84 -4.68 78.43
N ARG G 826 23.64 -4.63 79.03
CA ARG G 826 23.54 -4.44 80.48
C ARG G 826 23.07 -5.67 81.25
N HIS G 827 22.10 -6.44 80.75
CA HIS G 827 21.67 -7.57 81.57
C HIS G 827 22.46 -8.84 81.34
N LYS G 828 23.25 -8.91 80.27
CA LYS G 828 24.17 -10.00 79.95
C LYS G 828 23.46 -11.35 79.77
N LYS G 829 22.17 -11.31 79.44
CA LYS G 829 21.31 -12.49 79.23
C LYS G 829 21.16 -13.32 80.52
N ARG G 830 21.21 -12.68 81.68
CA ARG G 830 20.96 -13.37 82.94
C ARG G 830 19.70 -12.83 83.58
N ALA G 831 18.94 -13.69 84.26
CA ALA G 831 17.70 -13.26 84.92
C ALA G 831 17.95 -13.11 86.42
N ILE G 832 18.48 -11.97 86.85
CA ILE G 832 18.84 -11.80 88.27
C ILE G 832 17.88 -10.86 89.01
N THR G 833 17.77 -9.59 88.58
CA THR G 833 16.90 -8.65 89.29
C THR G 833 15.54 -8.48 88.60
N LEU G 834 14.78 -7.44 88.99
CA LEU G 834 13.44 -7.22 88.44
C LEU G 834 13.46 -6.83 86.98
N TRP G 835 14.26 -5.81 86.66
CA TRP G 835 14.37 -5.27 85.31
C TRP G 835 14.76 -6.35 84.33
N ASP G 836 15.71 -7.21 84.76
CA ASP G 836 16.18 -8.33 83.95
C ASP G 836 15.04 -9.21 83.52
N TYR G 837 14.24 -9.68 84.49
CA TYR G 837 13.13 -10.59 84.20
C TYR G 837 12.10 -9.95 83.28
N GLU G 838 11.74 -8.70 83.57
CA GLU G 838 10.67 -8.04 82.84
C GLU G 838 11.09 -7.73 81.40
N HIS G 839 12.37 -7.36 81.20
CA HIS G 839 12.80 -7.04 79.85
C HIS G 839 13.19 -8.27 79.05
N LEU G 840 13.66 -9.33 79.71
CA LEU G 840 13.92 -10.58 78.98
C LEU G 840 12.64 -11.15 78.38
N ILE G 841 11.51 -11.07 79.10
CA ILE G 841 10.27 -11.63 78.57
C ILE G 841 9.69 -10.75 77.49
N LEU G 842 9.68 -9.42 77.67
CA LEU G 842 9.08 -8.60 76.61
C LEU G 842 9.88 -8.69 75.31
N GLN G 843 11.21 -8.85 75.39
CA GLN G 843 11.98 -9.05 74.17
C GLN G 843 11.74 -10.42 73.54
N LYS G 844 11.62 -11.47 74.37
CA LYS G 844 11.51 -12.84 73.87
C LYS G 844 10.10 -13.19 73.40
N PHE G 845 9.06 -12.76 74.12
CA PHE G 845 7.70 -13.15 73.81
C PHE G 845 6.89 -11.99 73.24
N PRO G 846 6.68 -11.95 71.92
CA PRO G 846 6.13 -10.77 71.22
C PRO G 846 4.66 -10.49 71.50
N LYS G 847 3.92 -11.46 72.07
CA LYS G 847 2.51 -11.15 72.30
C LYS G 847 2.22 -11.23 73.81
N VAL G 848 3.00 -10.46 74.53
CA VAL G 848 2.78 -10.10 75.91
C VAL G 848 2.76 -8.57 75.93
N TYR G 849 1.75 -8.01 76.57
CA TYR G 849 1.58 -6.57 76.61
C TYR G 849 2.20 -5.98 77.85
N LYS G 850 1.99 -6.60 79.01
CA LYS G 850 2.58 -6.13 80.25
C LYS G 850 3.11 -7.32 81.04
N VAL G 851 4.08 -7.05 81.90
CA VAL G 851 4.67 -8.09 82.74
C VAL G 851 4.86 -7.49 84.13
N LYS G 852 4.87 -8.34 85.17
CA LYS G 852 5.21 -7.83 86.49
C LYS G 852 5.91 -8.94 87.27
N CYS G 853 7.06 -8.64 87.85
CA CYS G 853 7.82 -9.61 88.64
C CYS G 853 7.63 -9.35 90.14
N LEU G 854 7.36 -10.42 90.89
CA LEU G 854 7.02 -10.36 92.32
C LEU G 854 8.06 -11.12 93.15
N ASN G 855 8.82 -10.37 93.96
CA ASN G 855 10.13 -10.77 94.46
C ASN G 855 10.06 -11.91 95.48
N HIS G 856 9.04 -11.93 96.35
CA HIS G 856 8.94 -12.96 97.36
C HIS G 856 7.61 -13.69 97.29
N THR G 857 6.98 -13.73 96.12
CA THR G 857 5.62 -14.21 96.05
C THR G 857 5.53 -15.66 95.63
N CYS G 858 4.78 -16.37 96.47
CA CYS G 858 4.29 -17.74 96.44
C CYS G 858 2.77 -17.67 96.53
N SER G 859 2.07 -18.72 96.08
CA SER G 859 0.62 -18.60 96.01
C SER G 859 0.02 -18.36 97.41
N SER G 860 0.74 -18.79 98.44
CA SER G 860 0.36 -18.66 99.84
C SER G 860 1.21 -17.70 100.65
N SER G 861 2.02 -16.85 100.01
CA SER G 861 2.91 -16.00 100.78
C SER G 861 3.46 -14.83 99.97
N PHE G 862 3.61 -13.71 100.63
CA PHE G 862 4.30 -12.56 100.03
C PHE G 862 5.62 -12.27 100.72
N GLN G 863 6.12 -13.24 101.52
CA GLN G 863 7.41 -13.10 102.23
C GLN G 863 8.24 -14.38 102.21
N SER G 864 8.20 -15.13 101.11
CA SER G 864 8.94 -16.38 101.10
C SER G 864 10.22 -16.23 100.27
N PRO G 865 11.38 -16.48 100.87
CA PRO G 865 12.65 -16.38 100.15
C PRO G 865 12.86 -17.57 99.25
N GLY G 866 13.64 -17.37 98.20
CA GLY G 866 13.98 -18.46 97.31
C GLY G 866 12.95 -18.81 96.26
N ASN G 867 12.12 -17.84 95.87
CA ASN G 867 11.05 -18.08 94.91
C ASN G 867 10.73 -16.77 94.20
N ALA G 868 9.82 -16.85 93.22
CA ALA G 868 9.34 -15.66 92.50
C ALA G 868 8.10 -15.99 91.69
N THR G 869 7.25 -14.98 91.48
CA THR G 869 6.07 -15.18 90.65
C THR G 869 6.07 -14.08 89.58
N LEU G 870 5.74 -14.44 88.35
CA LEU G 870 5.64 -13.52 87.23
C LEU G 870 4.20 -13.48 86.74
N ILE G 871 3.69 -12.27 86.47
CA ILE G 871 2.32 -12.11 85.98
C ILE G 871 2.36 -11.62 84.54
N LEU G 872 1.61 -12.31 83.67
CA LEU G 872 1.58 -11.99 82.24
C LEU G 872 0.22 -11.47 81.80
N VAL G 873 0.23 -10.36 81.06
CA VAL G 873 -0.95 -9.75 80.48
C VAL G 873 -0.83 -9.72 78.96
N PRO G 874 -1.75 -10.34 78.23
CA PRO G 874 -1.71 -10.38 76.77
C PRO G 874 -2.18 -9.05 76.18
N ASP G 875 -1.95 -8.89 74.88
CA ASP G 875 -2.51 -7.74 74.15
C ASP G 875 -4.01 -7.83 73.92
N THR G 876 -4.47 -8.96 73.39
CA THR G 876 -5.81 -9.20 72.90
C THR G 876 -6.37 -8.08 72.02
N VAL G 877 -5.60 -7.61 71.03
CA VAL G 877 -6.13 -6.57 70.15
C VAL G 877 -7.29 -7.08 69.33
N GLN G 878 -7.23 -8.34 68.84
CA GLN G 878 -8.30 -8.84 67.98
C GLN G 878 -9.47 -9.29 68.85
N GLN G 879 -10.25 -8.29 69.31
CA GLN G 879 -11.42 -8.49 70.17
C GLN G 879 -12.53 -9.31 69.54
N SER G 880 -12.43 -9.62 68.25
CA SER G 880 -13.42 -10.48 67.62
C SER G 880 -13.40 -11.81 68.33
N VAL G 881 -12.21 -12.23 68.74
CA VAL G 881 -11.99 -13.49 69.41
C VAL G 881 -11.96 -13.30 70.92
N PHE G 882 -11.14 -12.38 71.40
CA PHE G 882 -10.85 -12.31 72.82
C PHE G 882 -11.90 -11.62 73.65
N ASP G 883 -12.00 -12.07 74.90
CA ASP G 883 -12.82 -11.38 75.88
C ASP G 883 -11.97 -10.27 76.47
N ILE G 884 -12.31 -9.03 76.14
CA ILE G 884 -11.39 -7.96 76.44
C ILE G 884 -11.53 -7.48 77.89
N TYR G 885 -12.48 -8.01 78.66
CA TYR G 885 -12.63 -7.62 80.05
C TYR G 885 -12.16 -8.71 80.98
N GLN G 886 -11.82 -9.87 80.41
CA GLN G 886 -11.13 -10.96 81.08
C GLN G 886 -10.01 -11.53 80.22
N PRO G 887 -9.00 -10.71 79.85
CA PRO G 887 -7.90 -11.22 79.02
C PRO G 887 -7.09 -12.26 79.77
N ARG G 888 -6.75 -13.36 79.09
CA ARG G 888 -5.99 -14.42 79.74
C ARG G 888 -4.93 -14.99 78.80
N VAL G 889 -3.89 -15.51 79.42
CA VAL G 889 -2.79 -16.24 78.78
C VAL G 889 -3.03 -17.73 78.81
N SER G 890 -2.85 -18.39 77.66
CA SER G 890 -3.14 -19.81 77.55
C SER G 890 -1.96 -20.59 78.17
N GLN G 891 -2.13 -21.91 78.29
CA GLN G 891 -1.12 -22.75 78.94
C GLN G 891 0.19 -22.79 78.17
N GLY G 892 0.15 -22.73 76.84
CA GLY G 892 1.33 -22.75 76.00
C GLY G 892 2.31 -21.68 76.41
N THR G 893 1.84 -20.43 76.43
CA THR G 893 2.70 -19.32 76.83
C THR G 893 3.11 -19.39 78.29
N LEU G 894 2.20 -19.74 79.21
CA LEU G 894 2.55 -19.77 80.63
C LEU G 894 3.71 -20.73 80.90
N ASN G 895 3.71 -21.86 80.20
CA ASN G 895 4.73 -22.88 80.34
C ASN G 895 6.01 -22.49 79.61
N ASP G 896 5.92 -21.92 78.39
CA ASP G 896 7.13 -21.54 77.65
C ASP G 896 7.90 -20.47 78.40
N VAL G 897 7.19 -19.53 79.00
CA VAL G 897 7.84 -18.44 79.74
C VAL G 897 8.59 -18.99 80.93
N ALA G 898 7.96 -19.92 81.66
CA ALA G 898 8.59 -20.51 82.83
C ALA G 898 9.87 -21.25 82.47
N ALA G 899 9.84 -22.02 81.37
CA ALA G 899 10.99 -22.78 80.94
C ALA G 899 12.16 -21.87 80.56
N PHE G 900 11.84 -20.82 79.79
CA PHE G 900 12.83 -19.86 79.28
C PHE G 900 13.60 -19.20 80.41
N VAL G 901 12.88 -18.75 81.44
CA VAL G 901 13.52 -18.02 82.52
C VAL G 901 14.25 -18.95 83.46
N ASN G 902 13.67 -20.12 83.74
CA ASN G 902 14.26 -20.99 84.76
C ASN G 902 15.66 -21.46 84.34
N GLU G 903 15.88 -21.64 83.04
CA GLU G 903 17.26 -21.83 82.55
C GLU G 903 18.23 -20.69 82.74
N LEU G 904 17.77 -19.47 82.98
CA LEU G 904 18.65 -18.33 83.14
C LEU G 904 18.73 -17.80 84.56
N ASN G 905 18.08 -18.42 85.53
CA ASN G 905 18.01 -17.80 86.86
C ASN G 905 19.23 -18.09 87.72
N SER G 906 19.32 -19.32 88.14
CA SER G 906 20.20 -19.89 89.15
C SER G 906 19.87 -21.34 89.26
N PHE G 907 20.89 -22.12 89.62
CA PHE G 907 20.68 -23.52 89.92
C PHE G 907 19.58 -23.73 90.96
N HIS G 908 19.47 -22.83 91.92
CA HIS G 908 18.59 -22.99 93.06
C HIS G 908 17.19 -22.38 92.92
N VAL G 909 16.80 -21.73 91.81
CA VAL G 909 15.54 -20.99 91.82
C VAL G 909 14.65 -21.31 90.62
N GLN G 910 13.38 -21.65 90.90
CA GLN G 910 12.39 -21.83 89.86
C GLN G 910 11.34 -20.73 90.03
N ALA G 911 10.89 -20.14 88.93
CA ALA G 911 9.85 -19.12 88.96
C ALA G 911 8.53 -19.70 88.49
N LYS G 912 7.45 -19.06 88.92
CA LYS G 912 6.10 -19.48 88.59
C LYS G 912 5.46 -18.42 87.70
N VAL G 913 4.69 -18.85 86.71
CA VAL G 913 4.10 -17.94 85.73
C VAL G 913 2.59 -18.08 85.79
N ILE G 914 1.88 -16.97 86.05
CA ILE G 914 0.44 -17.01 86.28
C ILE G 914 -0.29 -15.90 85.50
N ASN G 915 -1.61 -16.06 85.45
CA ASN G 915 -2.52 -15.01 84.99
C ASN G 915 -2.84 -14.07 86.16
N PRO G 916 -3.11 -12.79 85.85
CA PRO G 916 -3.33 -11.76 86.89
C PRO G 916 -4.55 -11.96 87.72
N ASN G 917 -5.56 -12.69 87.25
CA ASN G 917 -6.84 -12.91 87.95
C ASN G 917 -7.49 -11.58 88.35
N TYR G 918 -7.80 -10.79 87.34
CA TYR G 918 -8.17 -9.38 87.48
C TYR G 918 -9.42 -9.16 88.32
N GLU G 919 -9.42 -8.05 89.05
CA GLU G 919 -10.52 -7.56 89.89
C GLU G 919 -10.40 -6.04 89.98
N GLU G 920 -11.54 -5.32 89.94
CA GLU G 920 -11.46 -3.86 89.86
C GLU G 920 -12.75 -3.11 90.19
N VAL G 921 -12.54 -1.85 90.60
CA VAL G 921 -13.52 -0.82 90.97
C VAL G 921 -13.96 -0.01 89.76
N LYS G 922 -15.11 0.69 89.89
CA LYS G 922 -15.58 1.46 88.75
C LYS G 922 -16.24 2.78 89.16
N VAL G 923 -16.18 3.72 88.22
CA VAL G 923 -16.56 5.12 88.42
C VAL G 923 -18.05 5.38 88.24
N ASP G 924 -18.48 6.45 88.91
CA ASP G 924 -19.77 7.10 88.81
C ASP G 924 -19.49 8.59 88.97
N VAL G 925 -20.34 9.45 88.41
CA VAL G 925 -19.99 10.86 88.51
C VAL G 925 -21.20 11.77 88.35
N LYS G 926 -21.00 13.00 88.78
CA LYS G 926 -21.92 14.10 88.52
C LYS G 926 -22.06 14.29 87.03
N VAL G 927 -23.27 14.67 86.62
CA VAL G 927 -23.56 14.84 85.20
C VAL G 927 -22.70 15.95 84.62
N LYS G 928 -22.29 15.74 83.37
CA LYS G 928 -21.54 16.77 82.67
C LYS G 928 -22.38 18.04 82.53
N PHE G 929 -21.72 19.18 82.75
CA PHE G 929 -22.36 20.48 82.62
C PHE G 929 -22.62 20.85 81.17
N ARG G 930 -22.03 20.11 80.24
CA ARG G 930 -22.24 20.35 78.83
C ARG G 930 -22.02 19.06 78.08
N GLU G 931 -22.62 19.01 76.91
CA GLU G 931 -22.49 17.89 76.00
C GLU G 931 -22.81 18.46 74.63
N GLY G 932 -22.30 17.80 73.59
CA GLY G 932 -22.60 18.23 72.22
C GLY G 932 -24.09 18.18 71.95
N LEU G 933 -24.74 17.13 72.42
CA LEU G 933 -26.17 16.92 72.30
C LEU G 933 -26.52 15.76 73.21
N ASP G 934 -27.81 15.65 73.54
CA ASP G 934 -28.27 14.54 74.36
C ASP G 934 -27.98 13.19 73.74
N VAL G 935 -27.94 13.09 72.41
CA VAL G 935 -27.58 11.85 71.73
C VAL G 935 -26.12 11.79 71.34
N SER G 936 -25.63 12.84 70.67
CA SER G 936 -24.27 12.88 70.12
C SER G 936 -23.21 12.72 71.19
N PHE G 937 -23.49 13.24 72.37
CA PHE G 937 -22.59 13.12 73.50
C PHE G 937 -23.37 12.63 74.68
N TYR G 938 -24.18 11.61 74.41
CA TYR G 938 -24.99 10.95 75.43
C TYR G 938 -24.11 10.45 76.55
N LEU G 939 -24.70 10.38 77.76
CA LEU G 939 -23.96 9.83 78.90
C LEU G 939 -23.45 8.43 78.62
N THR G 940 -24.20 7.67 77.80
CA THR G 940 -23.74 6.37 77.33
C THR G 940 -22.46 6.47 76.50
N LYS G 941 -22.33 7.53 75.68
CA LYS G 941 -21.10 7.68 74.90
C LYS G 941 -19.93 7.99 75.80
N VAL G 942 -20.17 8.82 76.82
CA VAL G 942 -19.14 9.12 77.81
C VAL G 942 -18.75 7.87 78.56
N LYS G 943 -19.72 7.01 78.86
CA LYS G 943 -19.46 5.75 79.54
C LYS G 943 -18.59 4.84 78.68
N GLU G 944 -18.87 4.80 77.37
CA GLU G 944 -18.08 3.99 76.45
C GLU G 944 -16.64 4.48 76.39
N ASP G 945 -16.46 5.80 76.35
CA ASP G 945 -15.11 6.38 76.33
C ASP G 945 -14.36 6.06 77.61
N ILE G 946 -15.05 6.14 78.74
CA ILE G 946 -14.45 5.82 80.02
C ILE G 946 -14.02 4.36 80.07
N LYS G 947 -14.85 3.48 79.53
CA LYS G 947 -14.53 2.06 79.48
C LYS G 947 -13.30 1.81 78.62
N LYS G 948 -13.21 2.50 77.47
CA LYS G 948 -12.05 2.32 76.59
C LYS G 948 -10.76 2.76 77.27
N PHE G 949 -10.80 3.89 77.99
CA PHE G 949 -9.63 4.40 78.68
C PHE G 949 -9.12 3.42 79.72
N LEU G 950 -10.03 2.78 80.43
CA LEU G 950 -9.65 1.79 81.41
C LEU G 950 -9.25 0.48 80.75
N SER G 951 -9.97 0.10 79.68
CA SER G 951 -9.73 -1.16 78.98
C SER G 951 -8.32 -1.23 78.45
N PRO G 952 -7.78 -0.09 78.01
CA PRO G 952 -6.42 0.03 77.50
C PRO G 952 -5.36 -0.36 78.52
N TRP G 953 -5.68 -0.33 79.80
CA TRP G 953 -4.75 -0.86 80.79
C TRP G 953 -4.90 -2.36 80.94
N ALA G 954 -6.16 -2.82 80.94
CA ALA G 954 -6.49 -4.23 81.08
C ALA G 954 -6.03 -5.04 79.88
N TYR G 955 -6.15 -4.45 78.70
CA TYR G 955 -5.87 -5.11 77.44
C TYR G 955 -5.36 -4.03 76.52
N ASP G 956 -4.72 -4.40 75.42
CA ASP G 956 -4.21 -3.36 74.55
C ASP G 956 -5.36 -2.57 73.90
N GLN G 957 -5.22 -1.24 73.94
CA GLN G 957 -6.09 -0.27 73.29
C GLN G 957 -5.36 1.06 73.42
N GLU G 958 -5.84 2.08 72.73
CA GLU G 958 -5.23 3.39 72.88
C GLU G 958 -5.80 4.11 74.09
N SER G 959 -4.94 4.87 74.78
CA SER G 959 -5.34 5.75 75.88
C SER G 959 -4.26 6.78 76.15
N SER G 960 -4.66 8.05 76.23
CA SER G 960 -3.71 9.12 76.51
C SER G 960 -3.18 9.04 77.94
N VAL G 961 -4.02 8.64 78.88
CA VAL G 961 -3.65 8.58 80.29
C VAL G 961 -2.58 7.53 80.53
N GLU G 962 -1.65 7.86 81.44
CA GLU G 962 -0.55 6.96 81.78
C GLU G 962 -1.03 5.63 82.35
N PHE G 963 -2.11 5.65 83.12
CA PHE G 963 -2.60 4.43 83.76
C PHE G 963 -4.06 4.59 84.16
N GLY G 964 -4.77 3.46 84.17
CA GLY G 964 -6.10 3.40 84.76
C GLY G 964 -6.03 3.57 86.28
N VAL G 965 -4.98 3.01 86.88
CA VAL G 965 -4.80 3.02 88.34
C VAL G 965 -4.26 4.38 88.76
N THR G 966 -5.16 5.36 88.77
CA THR G 966 -4.73 6.72 89.01
C THR G 966 -5.78 7.49 89.79
N LEU G 967 -5.36 8.65 90.27
CA LEU G 967 -6.21 9.58 91.00
C LEU G 967 -7.24 10.19 90.07
N HIS G 968 -8.30 10.73 90.69
CA HIS G 968 -9.39 11.39 89.97
C HIS G 968 -8.91 12.55 89.11
N ARG G 969 -7.77 13.15 89.47
CA ARG G 969 -7.17 14.22 88.70
C ARG G 969 -6.85 13.78 87.28
N SER G 970 -6.39 12.54 87.12
CA SER G 970 -6.11 12.02 85.80
C SER G 970 -7.38 11.79 85.02
N GLN G 971 -8.40 11.25 85.70
CA GLN G 971 -9.70 11.02 85.08
C GLN G 971 -10.34 12.32 84.64
N MET G 972 -10.21 13.35 85.48
CA MET G 972 -10.76 14.67 85.17
C MET G 972 -10.10 15.26 83.94
N ILE G 973 -8.77 15.13 83.83
CA ILE G 973 -8.06 15.64 82.67
C ILE G 973 -8.48 14.91 81.39
N HIS G 974 -8.68 13.59 81.49
CA HIS G 974 -9.09 12.80 80.34
C HIS G 974 -10.44 13.25 79.79
N TYR G 975 -11.36 13.58 80.70
CA TYR G 975 -12.67 14.05 80.32
C TYR G 975 -12.65 15.51 79.87
N LEU G 976 -11.86 16.35 80.56
CA LEU G 976 -11.76 17.77 80.22
C LEU G 976 -11.28 17.98 78.80
N GLU G 977 -10.41 17.09 78.34
CA GLU G 977 -9.89 17.11 76.99
C GLU G 977 -10.93 16.87 75.91
N GLN G 978 -12.11 16.34 76.27
CA GLN G 978 -13.14 16.05 75.28
C GLN G 978 -13.70 17.33 74.65
N LEU G 979 -14.03 17.22 73.37
CA LEU G 979 -14.61 18.34 72.63
C LEU G 979 -16.08 18.56 72.92
N THR G 980 -16.67 17.75 73.80
CA THR G 980 -18.08 17.77 74.11
C THR G 980 -18.29 17.72 75.62
N TYR G 981 -17.60 18.59 76.35
CA TYR G 981 -17.70 18.61 77.81
C TYR G 981 -17.35 19.99 78.34
N VAL G 982 -17.83 20.31 79.55
CA VAL G 982 -17.42 21.56 80.19
C VAL G 982 -17.01 21.42 81.64
N ASP G 983 -17.69 20.60 82.42
CA ASP G 983 -17.46 20.51 83.87
C ASP G 983 -18.20 19.32 84.44
N TYR G 984 -17.84 18.98 85.67
CA TYR G 984 -18.60 18.02 86.47
C TYR G 984 -18.29 18.28 87.95
N ILE G 985 -19.33 18.39 88.76
CA ILE G 985 -19.21 18.82 90.15
C ILE G 985 -18.47 17.81 91.04
N THR G 986 -18.63 16.50 90.78
CA THR G 986 -18.08 15.50 91.68
C THR G 986 -17.95 14.16 90.97
N ASP G 987 -17.08 13.30 91.51
CA ASP G 987 -16.90 11.95 90.99
C ASP G 987 -16.38 11.02 92.08
N LEU G 988 -16.60 9.72 91.90
CA LEU G 988 -16.12 8.69 92.82
C LEU G 988 -15.99 7.37 92.07
N ARG G 989 -15.18 6.45 92.62
CA ARG G 989 -14.98 5.15 91.96
C ARG G 989 -14.73 4.00 92.94
N LEU G 990 -15.61 3.80 93.91
CA LEU G 990 -15.39 2.70 94.85
C LEU G 990 -15.63 1.34 94.20
N LEU G 991 -15.05 0.30 94.82
CA LEU G 991 -15.29 -1.05 94.33
C LEU G 991 -16.72 -1.44 94.56
N LYS G 992 -17.18 -2.34 93.69
CA LYS G 992 -18.60 -2.69 93.61
C LYS G 992 -18.94 -3.65 94.73
N ARG G 993 -19.16 -3.09 95.94
CA ARG G 993 -19.64 -3.84 97.09
C ARG G 993 -21.00 -4.46 96.83
N GLN G 994 -21.74 -3.86 95.91
CA GLN G 994 -23.08 -4.24 95.51
C GLN G 994 -23.08 -5.13 94.27
N ALA G 995 -21.95 -5.73 93.95
CA ALA G 995 -21.92 -6.68 92.85
C ALA G 995 -22.49 -7.98 93.40
N GLY G 996 -23.71 -8.31 92.97
CA GLY G 996 -24.38 -9.52 93.45
C GLY G 996 -23.79 -10.78 92.84
N SER G 997 -23.36 -10.71 91.58
CA SER G 997 -22.92 -11.89 90.84
C SER G 997 -21.71 -12.54 91.50
N SER G 998 -20.69 -11.76 91.76
CA SER G 998 -19.57 -12.22 92.55
C SER G 998 -20.01 -12.01 93.98
N PRO G 999 -19.81 -13.00 94.86
CA PRO G 999 -20.53 -13.02 96.15
C PRO G 999 -20.31 -11.77 97.03
N CYS G 1000 -21.37 -11.42 97.76
CA CYS G 1000 -21.47 -10.21 98.57
C CYS G 1000 -20.45 -10.27 99.70
N ASN G 1001 -20.24 -9.12 100.37
CA ASN G 1001 -19.15 -8.83 101.33
C ASN G 1001 -17.88 -8.49 100.58
N PRO G 1002 -18.00 -8.22 99.28
CA PRO G 1002 -16.85 -7.82 98.48
C PRO G 1002 -16.29 -6.50 98.98
N ILE G 1003 -14.96 -6.42 98.97
CA ILE G 1003 -14.26 -5.23 99.39
C ILE G 1003 -14.59 -4.06 98.47
N PHE G 1004 -14.66 -2.88 99.07
CA PHE G 1004 -14.96 -1.65 98.40
C PHE G 1004 -13.74 -0.76 98.42
N ILE G 1005 -13.71 0.24 97.55
CA ILE G 1005 -12.53 1.09 97.45
C ILE G 1005 -12.92 2.53 97.78
N GLU G 1006 -13.46 2.71 98.98
CA GLU G 1006 -14.00 3.99 99.41
C GLU G 1006 -13.00 4.87 100.14
N THR G 1007 -11.95 4.31 100.75
CA THR G 1007 -11.10 5.05 101.68
C THR G 1007 -10.02 5.88 100.97
N THR G 1008 -10.47 6.80 100.10
CA THR G 1008 -9.62 7.82 99.46
C THR G 1008 -8.39 7.26 98.73
N GLU G 1009 -8.54 6.12 98.07
CA GLU G 1009 -7.42 5.56 97.33
C GLU G 1009 -7.42 6.06 95.90
N LYS G 1010 -6.22 6.27 95.34
CA LYS G 1010 -6.09 6.62 93.92
C LYS G 1010 -6.20 5.37 93.05
N GLU G 1011 -7.37 4.71 93.16
CA GLU G 1011 -7.71 3.47 92.45
C GLU G 1011 -6.65 2.38 92.64
N TYR G 1012 -6.13 2.24 93.85
CA TYR G 1012 -5.10 1.24 94.13
C TYR G 1012 -5.64 -0.16 93.90
N ILE G 1013 -4.80 -1.03 93.37
CA ILE G 1013 -5.19 -2.42 93.19
C ILE G 1013 -5.48 -3.05 94.54
N GLN G 1014 -6.51 -3.92 94.55
CA GLN G 1014 -6.93 -4.61 95.76
C GLN G 1014 -5.85 -5.50 96.35
N PRO G 1015 -4.90 -5.94 95.53
CA PRO G 1015 -3.89 -6.88 95.99
C PRO G 1015 -2.68 -6.83 95.05
N SER G 1016 -1.57 -7.39 95.54
CA SER G 1016 -0.34 -7.52 94.76
C SER G 1016 -0.55 -8.36 93.51
N ASN G 1017 -1.43 -9.35 93.60
CA ASN G 1017 -1.79 -10.24 92.52
C ASN G 1017 -3.25 -10.57 92.78
N PRO G 1018 -3.95 -11.08 91.76
CA PRO G 1018 -5.41 -11.30 91.80
C PRO G 1018 -6.14 -9.97 91.95
N LYS G 1019 -5.66 -8.99 91.18
CA LYS G 1019 -6.21 -7.65 91.15
C LYS G 1019 -5.70 -6.96 89.90
N SER G 1020 -6.48 -6.02 89.38
CA SER G 1020 -6.01 -5.24 88.25
C SER G 1020 -6.30 -3.75 88.32
N ILE G 1021 -7.35 -3.30 89.03
CA ILE G 1021 -7.79 -1.90 89.03
C ILE G 1021 -7.99 -1.36 87.61
N LEU G 1022 -8.59 -2.19 86.75
CA LEU G 1022 -8.85 -1.84 85.36
C LEU G 1022 -10.25 -2.32 84.93
N VAL G 1023 -11.29 -1.93 85.67
CA VAL G 1023 -12.65 -2.30 85.30
C VAL G 1023 -13.06 -1.51 84.08
N SER G 1024 -13.90 -2.12 83.25
CA SER G 1024 -14.34 -1.45 82.04
C SER G 1024 -15.61 -2.09 81.51
N ARG H 14 -47.15 55.07 57.75
CA ARG H 14 -46.16 54.90 56.70
C ARG H 14 -45.86 53.42 56.53
N ASP H 15 -45.39 53.02 55.35
CA ASP H 15 -45.16 51.61 55.03
C ASP H 15 -43.69 51.18 55.10
N GLY H 16 -42.84 51.99 55.69
CA GLY H 16 -41.42 51.64 55.81
C GLY H 16 -40.75 51.60 54.46
N THR H 17 -40.09 50.50 54.18
CA THR H 17 -39.38 50.28 52.93
C THR H 17 -39.32 48.82 52.55
N GLY H 18 -38.65 48.55 51.44
CA GLY H 18 -38.54 47.20 50.95
C GLY H 18 -37.64 47.11 49.75
N ARG H 19 -37.52 45.89 49.23
CA ARG H 19 -36.54 45.57 48.19
C ARG H 19 -36.68 46.38 46.90
N ARG H 20 -37.92 46.64 46.46
CA ARG H 20 -38.10 47.36 45.20
C ARG H 20 -37.83 48.86 45.31
N ASP H 21 -37.61 49.36 46.52
CA ASP H 21 -37.51 50.79 46.74
C ASP H 21 -36.05 51.15 46.99
N LEU H 22 -35.12 50.22 46.77
CA LEU H 22 -33.73 50.42 47.16
C LEU H 22 -32.82 50.94 46.04
N LEU H 23 -33.36 51.36 44.90
CA LEU H 23 -32.53 51.85 43.81
C LEU H 23 -32.38 53.36 43.84
N ASP H 24 -31.12 53.82 43.94
CA ASP H 24 -30.81 55.24 43.93
C ASP H 24 -30.60 55.68 42.48
N PRO H 25 -31.51 56.48 41.93
CA PRO H 25 -31.43 56.89 40.51
C PRO H 25 -30.25 57.76 40.16
N LYS H 26 -29.59 58.34 41.14
CA LYS H 26 -28.47 59.23 40.83
C LYS H 26 -27.19 58.80 41.51
N LEU H 27 -26.97 57.50 41.63
CA LEU H 27 -25.69 57.02 42.12
C LEU H 27 -24.86 56.45 40.99
N ALA H 28 -25.50 55.81 40.03
CA ALA H 28 -24.79 55.23 38.91
C ALA H 28 -24.04 56.31 38.15
N PRO H 29 -22.73 56.13 37.91
CA PRO H 29 -21.89 57.10 37.20
C PRO H 29 -22.45 57.63 35.91
N GLU H 30 -23.22 56.81 35.19
CA GLU H 30 -23.74 57.21 33.89
C GLU H 30 -24.58 58.47 33.95
N SER H 31 -25.24 58.73 35.08
CA SER H 31 -26.09 59.91 35.18
C SER H 31 -25.38 61.20 34.82
N VAL H 32 -24.05 61.19 34.80
CA VAL H 32 -23.26 62.36 34.51
C VAL H 32 -22.53 62.17 33.19
N GLN H 33 -22.79 63.06 32.26
CA GLN H 33 -22.11 63.06 30.98
C GLN H 33 -21.24 64.30 30.95
N LEU H 34 -19.94 64.11 31.18
CA LEU H 34 -19.03 65.23 31.30
C LEU H 34 -18.99 66.07 30.03
N GLN H 35 -19.11 65.43 28.88
CA GLN H 35 -19.12 66.11 27.59
C GLN H 35 -20.38 65.73 26.85
N ASP H 36 -21.23 66.69 26.46
CA ASP H 36 -22.45 66.33 25.74
C ASP H 36 -22.65 67.00 24.36
N PHE H 37 -21.64 67.55 23.72
CA PHE H 37 -21.90 68.21 22.43
C PHE H 37 -22.17 67.21 21.32
N GLU H 38 -23.07 67.58 20.41
CA GLU H 38 -23.36 66.82 19.18
C GLU H 38 -22.75 67.55 18.00
N LEU H 39 -22.88 66.95 16.80
CA LEU H 39 -22.34 67.59 15.60
C LEU H 39 -22.91 68.96 15.41
N SER H 40 -24.19 69.11 15.77
CA SER H 40 -24.89 70.35 15.53
C SER H 40 -24.42 71.44 16.49
N ASP H 41 -23.80 71.08 17.62
CA ASP H 41 -23.33 72.10 18.54
C ASP H 41 -21.98 72.60 18.12
N TRP H 42 -21.17 71.72 17.55
CA TRP H 42 -19.89 72.18 17.04
C TRP H 42 -20.09 73.02 15.80
N LEU H 43 -21.15 72.77 15.04
CA LEU H 43 -21.45 73.62 13.90
C LEU H 43 -21.89 75.00 14.35
N ILE H 44 -22.67 75.10 15.44
CA ILE H 44 -23.03 76.43 15.95
C ILE H 44 -21.81 77.17 16.42
N PHE H 45 -20.90 76.47 17.09
CA PHE H 45 -19.62 77.03 17.51
C PHE H 45 -18.89 77.66 16.34
N ALA H 46 -18.81 76.93 15.22
CA ALA H 46 -18.15 77.42 14.01
C ALA H 46 -18.83 78.66 13.42
N LEU H 47 -20.17 78.71 13.43
CA LEU H 47 -20.88 79.86 12.88
C LEU H 47 -20.53 81.14 13.62
N ASN H 48 -20.30 81.06 14.93
CA ASN H 48 -19.95 82.22 15.72
C ASN H 48 -18.49 82.57 15.51
N PHE H 49 -17.63 81.54 15.57
CA PHE H 49 -16.19 81.70 15.48
C PHE H 49 -15.78 82.39 14.18
N ALA H 50 -16.48 82.06 13.09
CA ALA H 50 -16.22 82.61 11.77
C ALA H 50 -16.28 84.14 11.73
N ARG H 51 -17.01 84.76 12.65
CA ARG H 51 -17.16 86.20 12.70
C ARG H 51 -16.14 86.88 13.59
N LYS H 52 -15.27 86.13 14.24
CA LYS H 52 -14.24 86.69 15.09
C LYS H 52 -12.86 86.63 14.47
N ILE H 53 -12.75 86.14 13.24
CA ILE H 53 -11.50 85.91 12.53
C ILE H 53 -11.49 86.75 11.25
N HIS H 54 -10.41 87.48 11.01
CA HIS H 54 -10.22 88.28 9.80
C HIS H 54 -10.09 87.39 8.57
N PHE H 55 -10.37 87.92 7.38
CA PHE H 55 -10.15 87.18 6.14
C PHE H 55 -9.26 88.04 5.28
N PHE H 56 -8.27 87.45 4.64
CA PHE H 56 -7.31 88.19 3.83
C PHE H 56 -7.42 87.86 2.34
N PRO H 57 -7.94 88.79 1.53
CA PRO H 57 -8.06 88.60 0.08
C PRO H 57 -6.71 88.44 -0.61
N SER H 58 -6.70 87.66 -1.70
CA SER H 58 -5.44 87.34 -2.35
C SER H 58 -4.87 88.53 -3.13
N ASP H 59 -5.63 89.60 -3.34
CA ASP H 59 -5.14 90.75 -4.09
C ASP H 59 -4.69 91.91 -3.20
N LEU H 60 -4.63 91.72 -1.89
CA LEU H 60 -4.15 92.79 -1.01
C LEU H 60 -2.87 92.35 -0.34
N ALA H 61 -2.01 93.31 0.00
CA ALA H 61 -0.73 92.99 0.63
C ALA H 61 -0.93 92.72 2.12
N ASN H 62 -1.56 91.58 2.40
CA ASN H 62 -1.84 91.19 3.76
C ASN H 62 -2.70 92.22 4.49
N GLU H 63 -3.70 92.76 3.82
CA GLU H 63 -4.62 93.66 4.50
C GLU H 63 -5.89 92.88 4.71
N PRO H 64 -6.55 93.01 5.85
CA PRO H 64 -7.79 92.30 6.11
C PRO H 64 -8.96 92.96 5.39
N LEU H 65 -9.96 92.15 5.03
CA LEU H 65 -11.20 92.69 4.45
C LEU H 65 -12.37 91.74 4.73
N GLY H 66 -13.02 91.90 5.87
CA GLY H 66 -14.14 91.02 6.19
C GLY H 66 -13.71 89.81 6.99
N ASP H 67 -14.54 88.77 6.95
CA ASP H 67 -14.38 87.60 7.83
C ASP H 67 -14.65 86.31 7.04
N TRP H 68 -14.95 85.23 7.75
CA TRP H 68 -15.16 83.91 7.17
C TRP H 68 -16.62 83.51 7.15
N ARG H 69 -17.50 84.49 7.32
CA ARG H 69 -18.95 84.29 7.41
C ARG H 69 -19.53 83.48 6.26
N ASN H 70 -19.05 83.71 5.04
CA ASN H 70 -19.62 83.10 3.86
C ASN H 70 -19.24 81.65 3.67
N PHE H 71 -18.39 81.10 4.52
CA PHE H 71 -17.99 79.73 4.33
C PHE H 71 -18.88 78.75 5.06
N PHE H 72 -19.77 79.21 5.93
CA PHE H 72 -20.68 78.33 6.67
C PHE H 72 -22.14 78.69 6.41
N SER H 73 -22.39 79.54 5.42
CA SER H 73 -23.71 80.06 5.15
C SER H 73 -24.61 79.02 4.52
N THR H 74 -24.06 77.94 4.01
CA THR H 74 -24.83 76.88 3.36
C THR H 74 -25.36 75.84 4.31
N ILE H 75 -25.07 75.97 5.60
CA ILE H 75 -25.60 75.01 6.58
C ILE H 75 -27.00 75.38 6.97
N VAL H 76 -27.26 76.66 7.21
CA VAL H 76 -28.53 77.15 7.69
C VAL H 76 -29.44 77.53 6.53
N SER H 77 -30.59 76.84 6.44
CA SER H 77 -31.57 77.00 5.37
C SER H 77 -32.43 78.23 5.53
N ASP H 78 -32.45 78.84 6.72
CA ASP H 78 -33.23 80.05 6.95
C ASP H 78 -32.31 81.03 7.64
N LYS H 79 -31.88 82.01 6.84
CA LYS H 79 -30.89 82.99 7.21
C LYS H 79 -31.36 83.89 8.33
N THR H 80 -32.68 83.95 8.56
CA THR H 80 -33.23 84.72 9.66
C THR H 80 -32.58 84.40 10.97
N LEU H 81 -32.36 83.12 11.20
CA LEU H 81 -31.92 82.62 12.49
C LEU H 81 -30.48 82.94 12.81
N ILE H 82 -29.70 83.43 11.86
CA ILE H 82 -28.31 83.71 12.15
C ILE H 82 -27.93 85.15 11.86
N SER H 83 -28.93 86.03 11.69
CA SER H 83 -28.66 87.41 11.31
C SER H 83 -27.86 88.13 12.41
N ASP H 84 -27.98 87.67 13.65
CA ASP H 84 -27.31 88.21 14.80
C ASP H 84 -26.84 87.07 15.71
N ILE H 85 -26.35 85.97 15.12
CA ILE H 85 -26.06 84.73 15.86
C ILE H 85 -25.23 84.95 17.12
N GLU H 86 -24.34 85.95 17.13
CA GLU H 86 -23.42 86.09 18.25
C GLU H 86 -24.15 86.59 19.49
N ASN H 87 -25.42 87.01 19.36
CA ASN H 87 -26.21 87.50 20.46
C ASN H 87 -27.35 86.58 20.89
N LEU H 88 -27.36 85.32 20.44
CA LEU H 88 -28.45 84.43 20.80
C LEU H 88 -28.28 83.78 22.16
N ASP H 89 -29.42 83.48 22.78
CA ASP H 89 -29.47 82.76 24.04
C ASP H 89 -30.43 81.57 23.93
N ASP H 90 -30.90 81.28 22.71
CA ASP H 90 -31.85 80.22 22.43
C ASP H 90 -31.48 79.65 21.08
N PHE H 91 -31.02 78.42 21.11
CA PHE H 91 -30.54 77.76 19.91
C PHE H 91 -31.44 76.65 19.42
N GLU H 92 -32.69 76.59 19.86
CA GLU H 92 -33.53 75.46 19.52
C GLU H 92 -33.91 75.48 18.04
N LYS H 93 -34.23 76.67 17.52
CA LYS H 93 -34.61 76.77 16.10
C LYS H 93 -33.41 76.53 15.21
N LEU H 94 -32.27 77.07 15.63
CA LEU H 94 -31.06 76.95 14.84
C LEU H 94 -30.60 75.51 14.80
N ARG H 95 -30.60 74.85 15.96
CA ARG H 95 -30.19 73.46 16.03
C ARG H 95 -31.07 72.58 15.16
N GLY H 96 -32.38 72.89 15.12
CA GLY H 96 -33.30 72.17 14.26
C GLY H 96 -32.92 72.22 12.79
N ASN H 97 -32.66 73.41 12.26
CA ASN H 97 -32.29 73.51 10.85
C ASN H 97 -30.97 72.82 10.57
N ILE H 98 -30.03 72.88 11.51
CA ILE H 98 -28.74 72.23 11.29
C ILE H 98 -28.91 70.74 11.17
N GLU H 99 -29.80 70.16 11.99
CA GLU H 99 -30.01 68.72 11.93
C GLU H 99 -30.61 68.31 10.59
N GLU H 100 -31.54 69.11 10.04
CA GLU H 100 -32.04 68.83 8.69
C GLU H 100 -30.96 68.82 7.64
N PHE H 101 -30.05 69.79 7.70
CA PHE H 101 -28.90 69.84 6.80
C PHE H 101 -28.10 68.57 6.85
N LEU H 102 -27.74 68.16 8.07
CA LEU H 102 -26.91 66.98 8.23
C LEU H 102 -27.59 65.74 7.67
N ALA H 103 -28.89 65.61 7.89
CA ALA H 103 -29.59 64.47 7.33
C ALA H 103 -29.60 64.51 5.81
N ALA H 104 -29.86 65.68 5.23
CA ALA H 104 -30.01 65.83 3.78
C ALA H 104 -28.76 65.45 3.02
N TYR H 105 -27.59 65.74 3.58
CA TYR H 105 -26.35 65.47 2.89
C TYR H 105 -25.69 64.20 3.35
N ASP H 106 -26.31 63.44 4.23
CA ASP H 106 -25.66 62.22 4.68
C ASP H 106 -25.67 61.21 3.55
N GLN H 107 -24.46 60.87 3.12
CA GLN H 107 -24.22 59.95 2.03
C GLN H 107 -24.79 60.44 0.70
N SER H 108 -24.82 61.75 0.48
CA SER H 108 -25.28 62.26 -0.80
C SER H 108 -24.16 62.42 -1.81
N GLY H 109 -22.94 62.63 -1.35
CA GLY H 109 -21.83 62.91 -2.23
C GLY H 109 -21.78 64.34 -2.73
N LYS H 110 -22.53 65.26 -2.12
CA LYS H 110 -22.68 66.60 -2.65
C LYS H 110 -22.10 67.77 -1.85
N LEU H 111 -21.27 67.58 -0.82
CA LEU H 111 -20.75 68.77 -0.13
C LEU H 111 -19.46 69.30 -0.73
N THR H 112 -19.30 70.63 -0.62
CA THR H 112 -18.06 71.29 -0.97
C THR H 112 -16.96 70.76 -0.07
N PRO H 113 -15.77 70.55 -0.61
CA PRO H 113 -14.62 69.99 0.13
C PRO H 113 -14.23 70.63 1.45
N HIS H 114 -14.39 71.94 1.65
CA HIS H 114 -13.97 72.45 2.96
C HIS H 114 -14.92 72.00 4.05
N LEU H 115 -16.18 71.75 3.73
CA LEU H 115 -17.09 71.27 4.74
C LEU H 115 -16.95 69.79 4.90
N THR H 116 -16.60 69.11 3.82
CA THR H 116 -16.40 67.67 3.90
C THR H 116 -15.35 67.33 4.93
N LEU H 117 -14.22 68.04 4.94
CA LEU H 117 -13.22 67.77 5.98
C LEU H 117 -13.72 68.11 7.37
N PHE H 118 -14.36 69.27 7.53
CA PHE H 118 -14.76 69.70 8.85
C PHE H 118 -15.73 68.70 9.48
N VAL H 119 -16.70 68.24 8.69
CA VAL H 119 -17.68 67.31 9.25
C VAL H 119 -17.06 65.95 9.52
N SER H 120 -16.21 65.44 8.61
CA SER H 120 -15.53 64.16 8.87
C SER H 120 -14.74 64.18 10.15
N PHE H 121 -14.05 65.29 10.40
CA PHE H 121 -13.31 65.48 11.63
C PHE H 121 -14.23 65.39 12.83
N LEU H 122 -15.37 66.08 12.79
CA LEU H 122 -16.29 66.05 13.92
C LEU H 122 -16.82 64.65 14.16
N LYS H 123 -17.03 63.87 13.09
CA LYS H 123 -17.46 62.49 13.30
C LYS H 123 -16.38 61.64 13.94
N LEU H 124 -15.11 61.83 13.56
CA LEU H 124 -14.04 61.04 14.17
C LEU H 124 -13.94 61.28 15.67
N LEU H 125 -14.22 62.52 16.12
CA LEU H 125 -14.15 62.88 17.53
C LEU H 125 -15.16 62.17 18.40
N GLU H 126 -16.17 61.50 17.84
CA GLU H 126 -17.14 60.80 18.69
C GLU H 126 -16.49 59.70 19.51
N THR H 127 -15.37 59.13 19.05
CA THR H 127 -14.71 58.11 19.84
C THR H 127 -13.98 58.69 21.04
N SER H 128 -13.70 59.98 21.00
CA SER H 128 -13.05 60.63 22.12
C SER H 128 -14.06 60.90 23.20
N LYS H 129 -15.26 61.25 22.79
CA LYS H 129 -16.34 61.49 23.72
C LYS H 129 -16.63 60.23 24.50
N LYS H 130 -16.62 59.08 23.83
CA LYS H 130 -16.89 57.81 24.49
C LYS H 130 -15.89 57.51 25.58
N ARG H 131 -14.60 57.72 25.31
CA ARG H 131 -13.57 57.48 26.31
C ARG H 131 -13.60 58.50 27.43
N PHE H 132 -13.75 59.76 27.08
CA PHE H 132 -13.74 60.85 28.05
C PHE H 132 -14.86 60.73 29.07
N ASN H 133 -16.04 60.34 28.65
CA ASN H 133 -17.15 60.26 29.60
C ASN H 133 -17.09 59.04 30.51
N GLN H 134 -16.07 58.20 30.45
CA GLN H 134 -15.95 57.10 31.39
C GLN H 134 -15.14 57.48 32.63
N LEU H 135 -14.69 58.73 32.69
CA LEU H 135 -13.90 59.20 33.81
C LEU H 135 -14.68 59.21 35.11
N THR H 136 -15.98 59.46 35.07
CA THR H 136 -16.76 59.51 36.31
C THR H 136 -16.82 58.15 36.98
N LYS H 137 -16.84 57.08 36.19
CA LYS H 137 -16.86 55.76 36.78
C LYS H 137 -15.50 55.41 37.35
N ARG H 138 -14.44 55.72 36.60
CA ARG H 138 -13.10 55.43 37.07
C ARG H 138 -12.80 56.12 38.37
N HIS H 139 -13.28 57.36 38.50
CA HIS H 139 -13.11 58.14 39.72
C HIS H 139 -13.80 57.49 40.90
N LEU H 140 -15.05 57.09 40.72
CA LEU H 140 -15.79 56.45 41.81
C LEU H 140 -15.15 55.16 42.25
N ASP H 141 -14.78 54.29 41.29
CA ASP H 141 -14.18 53.01 41.66
C ASP H 141 -12.87 53.20 42.40
N PHE H 142 -12.07 54.16 41.97
CA PHE H 142 -10.81 54.45 42.64
C PHE H 142 -11.04 54.78 44.11
N TYR H 143 -11.99 55.68 44.38
CA TYR H 143 -12.23 56.06 45.76
C TYR H 143 -12.70 54.88 46.60
N TYR H 144 -13.68 54.11 46.14
CA TYR H 144 -14.15 53.02 47.00
C TYR H 144 -13.13 51.89 47.11
N GLN H 145 -12.39 51.56 46.05
CA GLN H 145 -11.52 50.39 46.11
C GLN H 145 -10.07 50.68 46.50
N GLU H 146 -9.51 51.83 46.15
CA GLU H 146 -8.10 52.06 46.46
C GLU H 146 -7.90 53.00 47.64
N ILE H 147 -8.83 53.93 47.85
CA ILE H 147 -8.72 54.80 49.01
C ILE H 147 -9.35 54.18 50.23
N LEU H 148 -10.57 53.67 50.10
CA LEU H 148 -11.24 53.09 51.25
C LEU H 148 -10.96 51.60 51.42
N HIS H 149 -10.33 50.97 50.44
CA HIS H 149 -9.97 49.54 50.47
C HIS H 149 -11.16 48.60 50.67
N LEU H 150 -12.26 48.85 49.99
CA LEU H 150 -13.44 47.99 50.15
C LEU H 150 -13.63 47.08 48.95
N GLU H 151 -13.84 45.80 49.19
CA GLU H 151 -14.00 44.83 48.09
C GLU H 151 -15.43 44.29 48.04
N LYS H 152 -15.69 43.47 47.02
CA LYS H 152 -16.98 42.84 46.79
C LYS H 152 -17.08 41.51 47.53
N GLN H 153 -18.31 41.11 47.82
CA GLN H 153 -18.55 39.84 48.49
C GLN H 153 -18.70 38.68 47.51
N ALA H 154 -18.25 37.51 47.96
CA ALA H 154 -18.24 36.25 47.24
C ALA H 154 -19.55 35.46 47.37
N LEU H 155 -19.62 34.42 46.53
CA LEU H 155 -20.73 33.47 46.36
C LEU H 155 -20.90 32.48 47.52
N SER H 156 -22.15 32.12 47.81
CA SER H 156 -22.53 31.03 48.73
C SER H 156 -23.32 29.93 48.02
N PRO H 157 -22.94 28.66 48.20
CA PRO H 157 -23.62 27.52 47.55
C PRO H 157 -24.96 27.20 48.21
N ASP H 158 -25.87 26.60 47.44
CA ASP H 158 -27.19 26.21 47.95
C ASP H 158 -27.27 24.74 48.41
N HIS H 159 -28.31 24.44 49.20
CA HIS H 159 -28.59 23.13 49.80
C HIS H 159 -29.90 22.51 49.32
N VAL H 160 -29.91 21.18 49.11
CA VAL H 160 -31.11 20.42 48.75
C VAL H 160 -31.24 19.12 49.53
N PHE H 161 -32.47 18.58 49.57
CA PHE H 161 -32.72 17.22 50.04
C PHE H 161 -33.23 16.35 48.92
N LEU H 162 -32.74 15.14 48.89
CA LEU H 162 -33.12 14.16 47.88
C LEU H 162 -33.71 12.93 48.55
N ILE H 163 -34.78 12.44 47.93
CA ILE H 163 -35.45 11.22 48.35
C ILE H 163 -35.07 10.19 47.33
N PHE H 164 -34.40 9.13 47.76
CA PHE H 164 -33.95 8.06 46.88
C PHE H 164 -34.84 6.85 46.95
N GLU H 165 -34.82 6.05 45.89
CA GLU H 165 -35.55 4.80 45.83
C GLU H 165 -34.67 3.69 45.25
N LEU H 166 -34.60 2.53 45.90
CA LEU H 166 -33.76 1.42 45.43
C LEU H 166 -34.47 0.57 44.38
N ALA H 167 -33.69 -0.20 43.63
CA ALA H 167 -34.18 -1.09 42.58
C ALA H 167 -34.67 -2.41 43.19
N LYS H 168 -35.31 -3.24 42.38
CA LYS H 168 -36.02 -4.45 42.82
C LYS H 168 -35.20 -5.56 43.51
N ASN H 169 -33.98 -5.84 43.08
CA ASN H 169 -33.19 -6.93 43.63
C ASN H 169 -32.19 -6.59 44.74
N VAL H 170 -32.18 -5.39 45.30
CA VAL H 170 -31.19 -5.02 46.32
C VAL H 170 -31.84 -4.68 47.66
N SER H 171 -31.16 -4.98 48.78
CA SER H 171 -31.77 -4.69 50.09
C SER H 171 -31.21 -3.47 50.82
N GLN H 172 -29.90 -3.43 50.98
CA GLN H 172 -29.27 -2.30 51.59
C GLN H 172 -28.12 -1.89 50.69
N GLU H 173 -27.78 -0.61 50.68
CA GLU H 173 -26.66 -0.12 49.89
C GLU H 173 -26.07 1.10 50.56
N LYS H 174 -24.82 1.42 50.25
CA LYS H 174 -24.19 2.61 50.85
C LYS H 174 -23.88 3.60 49.75
N LEU H 175 -24.24 4.85 49.95
CA LEU H 175 -23.94 5.89 49.00
C LEU H 175 -22.89 6.79 49.66
N ASP H 176 -21.72 6.89 49.08
CA ASP H 176 -20.58 7.64 49.62
C ASP H 176 -20.65 9.16 49.50
N GLU H 177 -19.83 9.86 50.30
CA GLU H 177 -19.77 11.31 50.26
C GLU H 177 -19.08 11.76 48.97
N GLY H 178 -19.53 12.90 48.43
CA GLY H 178 -18.96 13.42 47.23
C GLY H 178 -19.58 12.88 45.99
N THR H 179 -20.61 12.07 46.11
CA THR H 179 -21.25 11.57 44.90
C THR H 179 -21.82 12.74 44.15
N GLU H 180 -21.57 12.77 42.85
CA GLU H 180 -22.07 13.85 42.03
C GLU H 180 -23.51 13.70 41.59
N VAL H 181 -24.27 14.76 41.69
CA VAL H 181 -25.69 14.77 41.36
C VAL H 181 -25.85 15.71 40.20
N ASP H 182 -26.75 15.44 39.29
CA ASP H 182 -26.90 16.25 38.09
C ASP H 182 -28.06 17.25 38.16
N GLY H 183 -27.73 18.52 37.97
CA GLY H 183 -28.71 19.59 38.06
C GLY H 183 -29.25 20.46 36.94
N GLY H 184 -29.07 20.14 35.65
CA GLY H 184 -29.58 20.99 34.57
C GLY H 184 -28.51 21.85 33.94
N LYS H 185 -28.86 22.82 33.09
CA LYS H 185 -27.84 23.65 32.50
C LYS H 185 -28.24 25.08 32.79
N ASP H 186 -27.26 25.96 32.87
CA ASP H 186 -27.55 27.37 33.09
C ASP H 186 -27.76 28.11 31.77
N ASP H 187 -27.73 29.44 31.82
CA ASP H 187 -27.88 30.24 30.60
C ASP H 187 -26.75 29.98 29.62
N THR H 188 -25.53 29.86 30.16
CA THR H 188 -24.33 29.59 29.38
C THR H 188 -24.32 28.21 28.71
N GLY H 189 -25.09 27.26 29.22
CA GLY H 189 -25.18 25.91 28.67
C GLY H 189 -24.36 24.86 29.37
N LYS H 190 -23.47 25.26 30.29
CA LYS H 190 -22.73 24.29 31.07
C LYS H 190 -23.65 23.79 32.17
N LYS H 191 -23.43 22.57 32.61
CA LYS H 191 -24.26 21.93 33.63
C LYS H 191 -23.99 22.28 35.12
N ASN H 192 -25.04 22.16 35.95
CA ASN H 192 -24.97 22.34 37.40
C ASN H 192 -24.66 21.02 38.08
N THR H 193 -23.84 21.09 39.13
CA THR H 193 -23.44 19.94 39.93
C THR H 193 -23.61 20.15 41.44
N TYR H 194 -24.18 19.16 42.11
CA TYR H 194 -24.37 19.15 43.56
C TYR H 194 -23.67 17.93 44.12
N LEU H 195 -22.98 18.06 45.24
CA LEU H 195 -22.28 16.92 45.83
C LEU H 195 -22.92 16.48 47.12
N THR H 196 -23.15 15.19 47.30
CA THR H 196 -23.77 14.78 48.57
C THR H 196 -22.85 15.04 49.75
N SER H 197 -23.46 15.45 50.85
CA SER H 197 -22.79 15.86 52.09
C SER H 197 -22.23 14.82 53.09
N PHE H 198 -22.93 13.73 53.34
CA PHE H 198 -22.50 12.72 54.31
C PHE H 198 -22.64 11.34 53.70
N GLU H 199 -22.09 10.32 54.36
CA GLU H 199 -22.21 8.96 53.88
C GLU H 199 -23.55 8.41 54.36
N THR H 200 -24.29 7.75 53.50
CA THR H 200 -25.60 7.24 53.90
C THR H 200 -25.88 5.81 53.50
N VAL H 201 -26.78 5.17 54.27
CA VAL H 201 -27.17 3.79 54.00
C VAL H 201 -28.62 3.85 53.53
N LEU H 202 -28.90 3.24 52.40
CA LEU H 202 -30.23 3.26 51.84
C LEU H 202 -30.85 1.88 51.88
N ASN H 203 -32.17 1.82 52.06
CA ASN H 203 -32.90 0.54 52.15
C ASN H 203 -34.31 0.76 51.65
N LYS H 204 -35.26 -0.08 52.04
CA LYS H 204 -36.62 0.07 51.54
C LYS H 204 -37.66 0.50 52.55
N THR H 205 -37.26 1.05 53.68
CA THR H 205 -38.24 1.36 54.71
C THR H 205 -39.07 2.54 54.23
N LYS H 206 -40.38 2.42 54.30
CA LYS H 206 -41.28 3.45 53.77
C LYS H 206 -42.34 3.88 54.80
N VAL H 207 -42.73 5.14 54.78
CA VAL H 207 -43.82 5.59 55.64
C VAL H 207 -45.14 5.15 55.03
N GLY H 208 -45.91 4.37 55.78
CA GLY H 208 -47.18 3.86 55.27
C GLY H 208 -48.41 4.60 55.75
N GLN H 209 -48.54 4.88 57.04
CA GLN H 209 -49.77 5.48 57.56
C GLN H 209 -49.55 6.55 58.61
N LEU H 210 -50.43 7.56 58.62
CA LEU H 210 -50.39 8.66 59.58
C LEU H 210 -51.75 8.87 60.25
N LYS H 211 -51.82 8.75 61.58
CA LYS H 211 -53.07 8.89 62.34
C LYS H 211 -52.91 9.80 63.54
N SER H 212 -53.99 10.44 64.00
CA SER H 212 -53.83 11.29 65.18
C SER H 212 -55.07 11.42 66.08
N LEU H 213 -54.80 11.74 67.36
CA LEU H 213 -55.79 11.96 68.42
C LEU H 213 -55.55 13.23 69.22
N TYR H 214 -56.62 13.82 69.77
CA TYR H 214 -56.43 14.86 70.78
C TYR H 214 -57.54 14.91 71.81
N ASN H 215 -56.93 15.02 73.19
CA ASN H 215 -57.81 15.11 74.36
C ASN H 215 -57.58 16.41 75.13
N GLU H 216 -58.52 17.32 75.02
CA GLU H 216 -58.46 18.64 75.63
C GLU H 216 -59.39 18.74 76.82
N ILE H 217 -58.89 19.11 77.99
CA ILE H 217 -59.72 19.13 79.20
C ILE H 217 -59.80 20.54 79.77
N SER H 218 -61.04 21.00 79.97
CA SER H 218 -61.31 22.30 80.55
C SER H 218 -61.65 22.24 82.03
N VAL H 219 -62.36 21.20 82.45
CA VAL H 219 -62.90 21.12 83.81
C VAL H 219 -62.32 19.93 84.56
N GLU H 220 -61.76 20.22 85.73
CA GLU H 220 -61.24 19.20 86.63
C GLU H 220 -62.32 18.21 87.03
N LYS H 221 -61.98 16.91 86.94
CA LYS H 221 -62.92 15.80 87.17
C LYS H 221 -63.67 15.90 88.49
N GLU H 222 -63.05 16.49 89.51
CA GLU H 222 -63.67 16.58 90.82
C GLU H 222 -64.92 17.46 90.81
N GLU H 223 -65.10 18.30 89.79
CA GLU H 223 -66.27 19.15 89.72
C GLU H 223 -67.42 18.51 88.95
N ILE H 224 -67.29 17.27 88.48
CA ILE H 224 -68.40 16.61 87.82
C ILE H 224 -69.30 16.03 88.90
N LYS H 225 -70.48 16.61 89.06
CA LYS H 225 -71.40 16.17 90.09
C LYS H 225 -72.55 15.36 89.51
N GLU H 226 -72.87 15.62 88.25
CA GLU H 226 -73.93 14.94 87.52
C GLU H 226 -73.47 14.83 86.09
N LEU H 227 -74.08 13.93 85.32
CA LEU H 227 -73.64 13.81 83.93
C LEU H 227 -73.96 15.05 83.12
N ASN H 228 -75.13 15.63 83.32
CA ASN H 228 -75.53 16.79 82.51
C ASN H 228 -75.01 18.08 83.12
N THR H 229 -73.70 18.26 83.03
CA THR H 229 -73.08 19.45 83.55
C THR H 229 -73.50 20.66 82.69
N PRO H 230 -73.59 21.86 83.31
CA PRO H 230 -73.96 23.09 82.57
C PRO H 230 -72.90 23.57 81.60
N ILE H 231 -71.69 23.05 81.74
CA ILE H 231 -70.55 23.51 80.96
C ILE H 231 -69.90 22.26 80.38
N SER H 232 -69.33 22.41 79.18
CA SER H 232 -68.55 21.35 78.61
C SER H 232 -67.35 21.10 79.48
N THR H 233 -66.95 19.85 79.64
CA THR H 233 -65.80 19.56 80.47
C THR H 233 -64.53 19.24 79.69
N GLY H 234 -64.67 18.93 78.41
CA GLY H 234 -63.56 18.62 77.55
C GLY H 234 -64.04 18.12 76.20
N THR H 235 -63.07 17.95 75.28
CA THR H 235 -63.27 17.50 73.90
C THR H 235 -62.22 16.47 73.51
N PHE H 236 -62.68 15.41 72.81
CA PHE H 236 -61.88 14.30 72.26
C PHE H 236 -62.27 14.07 70.76
N VAL H 237 -61.27 14.10 69.85
CA VAL H 237 -61.40 13.92 68.39
C VAL H 237 -60.29 13.05 67.80
N MET H 238 -60.55 12.56 66.58
CA MET H 238 -59.58 11.74 65.89
C MET H 238 -59.55 11.97 64.39
N ALA H 239 -58.38 11.71 63.80
CA ALA H 239 -58.19 11.71 62.36
C ALA H 239 -57.62 10.37 61.89
N PRO H 240 -58.43 9.53 61.26
CA PRO H 240 -57.97 8.25 60.68
C PRO H 240 -56.96 8.40 59.57
N MET H 241 -56.95 9.55 58.90
CA MET H 241 -55.96 9.88 57.89
C MET H 241 -55.56 11.32 58.20
N ALA H 242 -54.49 11.46 58.99
CA ALA H 242 -54.05 12.75 59.52
C ALA H 242 -53.66 13.73 58.43
N ASN H 243 -53.16 13.25 57.31
CA ASN H 243 -52.67 14.13 56.28
C ASN H 243 -53.66 14.36 55.14
N SER H 244 -54.92 14.07 55.34
CA SER H 244 -55.95 14.43 54.39
C SER H 244 -56.66 15.71 54.79
N PHE H 245 -57.46 16.26 53.88
CA PHE H 245 -58.07 17.57 54.12
C PHE H 245 -59.09 17.54 55.27
N ASP H 246 -60.01 16.58 55.28
CA ASP H 246 -61.03 16.45 56.30
C ASP H 246 -60.71 15.39 57.36
N GLY H 247 -59.51 14.84 57.30
CA GLY H 247 -59.10 13.76 58.18
C GLY H 247 -59.56 12.39 57.76
N LEU H 248 -60.29 12.28 56.63
CA LEU H 248 -60.87 11.02 56.17
C LEU H 248 -60.51 10.68 54.73
N GLY H 249 -59.64 11.44 54.08
CA GLY H 249 -59.26 11.14 52.71
C GLY H 249 -59.58 12.20 51.67
N GLU H 250 -60.20 13.34 52.00
CA GLU H 250 -60.54 14.29 50.95
C GLU H 250 -59.24 14.99 50.52
N ASP H 251 -59.10 15.21 49.21
CA ASP H 251 -57.91 15.84 48.63
C ASP H 251 -57.83 17.29 49.08
N PHE H 252 -56.63 17.78 49.25
CA PHE H 252 -56.46 19.18 49.53
C PHE H 252 -56.79 19.96 48.28
N PRO H 253 -57.46 21.11 48.39
CA PRO H 253 -57.70 21.96 47.24
C PRO H 253 -56.37 22.44 46.71
N LYS H 254 -56.27 22.53 45.37
CA LYS H 254 -55.06 22.91 44.63
C LYS H 254 -54.12 23.91 45.27
N GLY H 255 -54.70 24.99 45.81
CA GLY H 255 -53.91 26.07 46.35
C GLY H 255 -52.98 25.76 47.52
N SER H 256 -53.32 24.78 48.37
CA SER H 256 -52.45 24.55 49.52
C SER H 256 -52.63 23.19 50.18
N GLU H 257 -51.51 22.63 50.63
CA GLU H 257 -51.54 21.38 51.39
C GLU H 257 -50.88 21.62 52.73
N LYS H 258 -51.68 21.62 53.78
CA LYS H 258 -51.19 21.92 55.11
C LYS H 258 -51.99 21.11 56.10
N TRP H 259 -51.34 20.52 57.10
CA TRP H 259 -52.16 19.82 58.08
C TRP H 259 -51.55 19.88 59.49
N TRP H 260 -52.42 19.75 60.47
CA TRP H 260 -51.97 19.83 61.86
C TRP H 260 -51.53 18.46 62.35
N PRO H 261 -50.30 18.37 62.87
CA PRO H 261 -49.76 17.08 63.33
C PRO H 261 -50.54 16.43 64.45
N PHE H 262 -51.29 17.19 65.24
CA PHE H 262 -52.06 16.58 66.31
C PHE H 262 -53.51 16.97 66.22
N GLY H 263 -54.05 17.10 65.00
CA GLY H 263 -55.46 17.43 64.81
C GLY H 263 -55.81 18.86 65.21
N TYR H 264 -57.11 19.09 65.40
CA TYR H 264 -57.65 20.39 65.80
C TYR H 264 -59.04 20.19 66.38
N THR H 265 -59.47 21.13 67.24
CA THR H 265 -60.80 21.05 67.83
C THR H 265 -61.72 22.20 67.48
N LYS H 266 -61.25 23.22 66.77
CA LYS H 266 -62.17 24.28 66.42
C LYS H 266 -62.18 24.36 64.90
N ILE H 267 -63.35 24.69 64.37
CA ILE H 267 -63.63 24.88 62.94
C ILE H 267 -63.08 26.18 62.32
N CYS H 268 -63.28 27.33 62.96
CA CYS H 268 -62.77 28.58 62.44
C CYS H 268 -61.50 28.90 63.17
N ASN H 269 -60.45 29.20 62.39
CA ASN H 269 -59.17 29.41 63.04
C ASN H 269 -58.72 30.82 62.60
N ALA H 270 -57.41 31.10 62.68
CA ALA H 270 -56.89 32.44 62.41
C ALA H 270 -57.24 32.97 61.02
N SER H 271 -57.31 32.12 60.01
CA SER H 271 -57.57 32.63 58.66
C SER H 271 -58.62 31.87 57.87
N THR H 272 -58.92 30.63 58.20
CA THR H 272 -59.83 29.82 57.39
C THR H 272 -60.79 29.00 58.21
N VAL H 273 -61.55 28.18 57.50
CA VAL H 273 -62.58 27.33 58.08
C VAL H 273 -62.40 25.90 57.60
N LEU H 274 -62.24 24.97 58.55
CA LEU H 274 -62.03 23.58 58.20
C LEU H 274 -63.25 22.72 58.54
N PRO H 275 -63.46 21.62 57.81
CA PRO H 275 -64.45 20.61 58.19
C PRO H 275 -64.13 20.05 59.55
N ALA H 276 -65.16 19.70 60.31
CA ALA H 276 -64.94 19.13 61.63
C ALA H 276 -64.37 17.72 61.56
N LEU H 277 -63.52 17.36 62.52
CA LEU H 277 -63.04 15.99 62.63
C LEU H 277 -64.08 15.16 63.37
N PRO H 278 -64.19 13.87 63.02
CA PRO H 278 -65.07 12.96 63.75
C PRO H 278 -64.60 12.78 65.17
N LYS H 279 -65.53 12.52 66.08
CA LYS H 279 -65.16 12.35 67.47
C LYS H 279 -64.73 10.93 67.76
N ALA H 280 -63.89 10.79 68.78
CA ALA H 280 -63.28 9.52 69.13
C ALA H 280 -64.29 8.45 69.51
N ARG H 281 -64.01 7.24 69.06
CA ARG H 281 -64.81 6.05 69.34
C ARG H 281 -64.26 5.32 70.55
N LEU H 282 -65.05 5.22 71.60
CA LEU H 282 -64.63 4.61 72.86
C LEU H 282 -65.70 3.66 73.35
N GLY H 283 -65.30 2.53 73.93
CA GLY H 283 -66.26 1.62 74.52
C GLY H 283 -65.65 0.27 74.87
N CYS H 284 -66.51 -0.76 74.95
CA CYS H 284 -66.07 -2.10 75.31
C CYS H 284 -67.09 -3.16 74.91
N SER H 285 -66.69 -4.44 75.07
CA SER H 285 -67.63 -5.50 74.79
C SER H 285 -67.47 -6.68 75.76
N ILE H 286 -68.56 -7.43 75.90
CA ILE H 286 -68.71 -8.56 76.79
C ILE H 286 -69.08 -9.79 75.99
N SER H 287 -68.43 -10.92 76.29
CA SER H 287 -68.82 -12.13 75.59
C SER H 287 -68.94 -13.34 76.53
N SER H 288 -70.09 -14.01 76.45
CA SER H 288 -70.43 -15.18 77.27
C SER H 288 -71.55 -16.01 76.67
N LYS H 289 -71.57 -17.27 77.08
CA LYS H 289 -72.52 -18.23 76.57
C LYS H 289 -73.96 -17.86 76.83
N LEU H 290 -74.28 -17.21 77.95
CA LEU H 290 -75.69 -16.98 78.26
C LEU H 290 -76.41 -16.18 77.19
N LEU H 291 -75.69 -15.62 76.24
CA LEU H 291 -76.30 -14.85 75.19
C LEU H 291 -76.76 -15.71 74.02
N LYS H 292 -76.54 -17.02 74.05
CA LYS H 292 -76.99 -17.87 72.93
C LYS H 292 -78.49 -18.05 72.99
N LEU H 293 -79.24 -17.10 72.42
CA LEU H 293 -80.69 -17.05 72.50
C LEU H 293 -81.37 -17.11 71.14
N SER H 294 -82.18 -18.15 70.87
CA SER H 294 -82.69 -18.29 69.51
C SER H 294 -84.17 -17.94 69.31
N GLU H 295 -85.03 -17.98 70.33
CA GLU H 295 -86.46 -17.71 70.11
C GLU H 295 -87.19 -17.29 71.37
N GLY H 296 -88.42 -16.82 71.16
CA GLY H 296 -89.30 -16.44 72.25
C GLY H 296 -89.04 -15.02 72.69
N THR H 297 -89.52 -14.68 73.89
CA THR H 297 -89.29 -13.37 74.46
C THR H 297 -88.00 -13.41 75.25
N ARG H 298 -87.08 -12.51 74.93
CA ARG H 298 -85.79 -12.52 75.59
C ARG H 298 -85.56 -11.28 76.44
N ASP H 299 -85.26 -11.48 77.71
CA ASP H 299 -84.95 -10.39 78.62
C ASP H 299 -83.55 -10.54 79.22
N ILE H 300 -82.68 -9.56 78.97
CA ILE H 300 -81.26 -9.60 79.39
C ILE H 300 -80.95 -8.53 80.42
N ILE H 301 -80.44 -8.92 81.59
CA ILE H 301 -80.10 -7.97 82.66
C ILE H 301 -78.61 -8.01 83.00
N LEU H 302 -77.97 -6.83 83.03
CA LEU H 302 -76.56 -6.72 83.38
C LEU H 302 -76.32 -5.82 84.60
N GLU H 303 -75.57 -6.33 85.58
CA GLU H 303 -75.17 -5.49 86.71
C GLU H 303 -73.66 -5.35 86.88
N PHE H 304 -73.23 -4.10 87.05
CA PHE H 304 -71.81 -3.75 87.16
C PHE H 304 -71.42 -3.13 88.53
N THR H 305 -70.24 -3.79 89.38
CA THR H 305 -69.76 -3.30 90.72
C THR H 305 -68.28 -2.91 90.76
N PHE H 306 -68.03 -1.71 91.30
CA PHE H 306 -66.76 -1.02 91.35
C PHE H 306 -66.24 -0.83 92.77
N ASN H 307 -64.96 -0.43 92.91
CA ASN H 307 -64.35 -0.21 94.24
C ASN H 307 -64.86 1.07 94.90
N LYS H 308 -65.16 2.11 94.13
CA LYS H 308 -65.55 3.40 94.66
C LYS H 308 -66.99 3.75 94.29
N PRO H 309 -67.64 4.67 95.04
CA PRO H 309 -68.98 5.18 94.69
C PRO H 309 -68.92 5.87 93.35
N ILE H 310 -70.06 5.90 92.64
CA ILE H 310 -70.03 6.49 91.32
C ILE H 310 -70.25 7.99 91.34
N LEU H 311 -71.31 8.53 91.98
CA LEU H 311 -71.58 9.97 91.88
C LEU H 311 -72.41 10.47 93.07
N PRO H 312 -72.33 11.75 93.43
CA PRO H 312 -73.24 12.29 94.47
C PRO H 312 -74.70 12.39 94.01
N ASN H 313 -74.93 12.36 92.70
CA ASN H 313 -76.26 12.45 92.12
C ASN H 313 -76.46 11.20 91.29
N GLY H 314 -77.45 10.41 91.66
CA GLY H 314 -77.72 9.19 90.93
C GLY H 314 -78.33 9.53 89.58
N GLU H 315 -78.50 8.51 88.74
CA GLU H 315 -78.92 8.77 87.37
C GLU H 315 -80.09 7.90 86.92
N ASP H 316 -81.00 8.55 86.21
CA ASP H 316 -82.18 7.98 85.60
C ASP H 316 -81.82 7.18 84.36
N TYR H 317 -82.68 6.23 84.00
CA TYR H 317 -82.45 5.48 82.78
C TYR H 317 -82.43 6.37 81.54
N THR H 318 -83.14 7.50 81.55
CA THR H 318 -83.10 8.42 80.41
C THR H 318 -81.81 9.17 80.31
N ALA H 319 -81.03 9.21 81.38
CA ALA H 319 -79.72 9.81 81.31
C ALA H 319 -78.75 8.85 80.67
N LEU H 320 -78.86 7.58 81.04
CA LEU H 320 -77.94 6.58 80.49
C LEU H 320 -78.16 6.43 78.99
N ASN H 321 -79.40 6.53 78.52
CA ASN H 321 -79.67 6.40 77.08
C ASN H 321 -79.11 7.56 76.25
N LYS H 322 -78.64 8.63 76.87
CA LYS H 322 -77.99 9.74 76.19
C LYS H 322 -76.48 9.63 76.24
N ALA H 323 -75.99 8.71 77.02
CA ALA H 323 -74.58 8.54 77.23
C ALA H 323 -73.99 7.33 76.52
N MET H 324 -74.81 6.29 76.28
CA MET H 324 -74.32 5.02 75.73
C MET H 324 -75.19 4.47 74.60
N SER H 325 -74.60 3.57 73.81
CA SER H 325 -75.26 2.84 72.74
C SER H 325 -74.82 1.38 72.72
N ILE H 326 -75.78 0.44 72.67
CA ILE H 326 -75.48 -0.99 72.80
C ILE H 326 -75.92 -1.79 71.56
N GLU H 327 -75.04 -2.70 71.08
CA GLU H 327 -75.33 -3.58 69.94
C GLU H 327 -75.00 -5.05 70.20
N LEU H 328 -75.74 -5.97 69.55
CA LEU H 328 -75.51 -7.42 69.64
C LEU H 328 -75.19 -8.09 68.32
N THR H 329 -74.48 -9.20 68.35
CA THR H 329 -74.22 -9.97 67.14
C THR H 329 -75.39 -10.91 66.88
N GLY H 330 -76.06 -10.72 65.75
CA GLY H 330 -77.19 -11.55 65.38
C GLY H 330 -77.06 -12.20 64.03
N GLU H 331 -78.15 -12.86 63.59
CA GLU H 331 -78.17 -13.69 62.39
C GLU H 331 -77.81 -12.93 61.11
N LYS H 332 -78.20 -11.66 61.00
CA LYS H 332 -77.96 -10.93 59.76
C LYS H 332 -76.96 -9.80 59.95
N GLY H 333 -76.19 -9.82 61.02
CA GLY H 333 -75.28 -8.73 61.28
C GLY H 333 -75.54 -8.19 62.66
N TRP H 334 -75.25 -6.92 62.88
CA TRP H 334 -75.44 -6.37 64.21
C TRP H 334 -76.88 -5.96 64.43
N ILE H 335 -77.39 -6.28 65.62
CA ILE H 335 -78.71 -5.87 66.06
C ILE H 335 -78.55 -4.51 66.73
N ALA H 336 -79.21 -3.49 66.19
CA ALA H 336 -78.97 -2.15 66.67
C ALA H 336 -80.19 -1.28 66.42
N GLY H 337 -80.21 -0.12 67.08
CA GLY H 337 -81.30 0.81 66.90
C GLY H 337 -82.28 0.69 68.03
N LEU H 338 -83.55 1.07 67.79
CA LEU H 338 -84.59 1.06 68.81
C LEU H 338 -84.72 -0.22 69.68
N PRO H 339 -84.57 -1.46 69.15
CA PRO H 339 -84.64 -2.66 70.00
C PRO H 339 -83.60 -2.74 71.10
N MET H 340 -82.60 -1.89 71.11
CA MET H 340 -81.55 -1.92 72.10
C MET H 340 -81.55 -0.69 73.00
N THR H 341 -82.73 -0.17 73.31
CA THR H 341 -82.91 0.93 74.24
C THR H 341 -82.90 0.44 75.67
N LEU H 342 -82.22 1.14 76.57
CA LEU H 342 -82.26 0.71 77.96
C LEU H 342 -83.64 0.90 78.55
N LYS H 343 -84.05 -0.06 79.36
CA LYS H 343 -85.36 -0.06 80.01
C LYS H 343 -85.32 0.70 81.32
N SER H 344 -86.53 0.92 81.85
CA SER H 344 -86.76 1.79 82.99
C SER H 344 -86.21 1.25 84.32
N ASP H 345 -85.84 -0.02 84.44
CA ASP H 345 -85.27 -0.43 85.71
C ASP H 345 -83.76 -0.26 85.75
N SER H 346 -83.17 0.34 84.71
CA SER H 346 -81.74 0.52 84.69
C SER H 346 -81.43 1.81 85.45
N GLY H 347 -80.15 2.05 85.76
CA GLY H 347 -79.78 3.28 86.44
C GLY H 347 -78.65 3.17 87.44
N ILE H 348 -78.30 4.27 88.08
CA ILE H 348 -77.27 4.28 89.10
C ILE H 348 -77.84 4.96 90.34
N ASN H 349 -77.78 4.31 91.49
CA ASN H 349 -78.23 4.93 92.73
C ASN H 349 -77.15 5.89 93.19
N SER H 350 -77.52 6.89 93.99
CA SER H 350 -76.59 7.98 94.37
C SER H 350 -75.30 7.63 95.14
N GLY H 351 -75.32 6.80 96.15
CA GLY H 351 -74.09 6.49 96.87
C GLY H 351 -73.49 5.15 96.54
N SER H 352 -74.12 4.46 95.61
CA SER H 352 -73.79 3.09 95.23
C SER H 352 -72.51 2.88 94.43
N LYS H 353 -72.00 1.66 94.49
CA LYS H 353 -70.88 1.23 93.70
C LYS H 353 -71.32 0.38 92.55
N LYS H 354 -72.62 0.31 92.30
CA LYS H 354 -73.20 -0.58 91.31
C LYS H 354 -74.04 0.11 90.24
N MET H 355 -73.72 -0.19 88.99
CA MET H 355 -74.48 0.28 87.83
C MET H 355 -75.30 -0.86 87.24
N LYS H 356 -76.56 -0.59 86.89
CA LYS H 356 -77.42 -1.62 86.31
C LYS H 356 -77.91 -1.26 84.91
N LEU H 357 -77.75 -2.19 83.98
CA LEU H 357 -78.29 -2.04 82.62
C LEU H 357 -79.43 -3.09 82.33
N SER H 358 -80.58 -2.90 81.25
CA SER H 358 -81.78 -3.75 80.92
C SER H 358 -82.28 -3.67 79.47
N LEU H 359 -82.26 -4.80 78.76
CA LEU H 359 -82.59 -4.88 77.34
C LEU H 359 -83.56 -6.01 77.04
N THR H 360 -84.44 -5.83 76.05
CA THR H 360 -85.33 -6.96 75.71
C THR H 360 -85.48 -7.10 74.20
N LEU H 361 -85.66 -8.34 73.74
CA LEU H 361 -85.93 -8.60 72.34
C LEU H 361 -87.28 -9.28 72.12
N ASP H 362 -88.07 -8.70 71.22
CA ASP H 362 -89.29 -9.30 70.70
C ASP H 362 -89.09 -10.66 70.07
N SER H 363 -90.18 -11.42 70.06
CA SER H 363 -90.19 -12.74 69.44
C SER H 363 -89.99 -12.68 67.93
N GLU H 364 -90.15 -11.50 67.35
CA GLU H 364 -89.97 -11.27 65.93
C GLU H 364 -88.54 -10.90 65.55
N GLN H 365 -87.64 -10.85 66.49
CA GLN H 365 -86.26 -10.46 66.21
C GLN H 365 -85.42 -11.69 65.78
N PRO H 366 -84.36 -11.43 65.00
CA PRO H 366 -83.39 -12.47 64.62
C PRO H 366 -82.70 -13.09 65.82
N ALA H 367 -82.22 -14.32 65.67
CA ALA H 367 -81.53 -15.00 66.76
C ALA H 367 -80.19 -14.37 67.03
N VAL H 368 -79.75 -14.52 68.28
CA VAL H 368 -78.44 -14.09 68.71
C VAL H 368 -77.49 -15.25 68.53
N VAL H 369 -76.37 -15.02 67.85
CA VAL H 369 -75.51 -16.11 67.39
C VAL H 369 -74.07 -15.81 67.76
N PRO H 370 -73.21 -16.86 67.79
CA PRO H 370 -71.76 -16.67 67.97
C PRO H 370 -71.15 -15.80 66.90
N TYR H 371 -70.11 -15.08 67.29
CA TYR H 371 -69.42 -14.17 66.39
C TYR H 371 -68.75 -14.88 65.21
N GLN H 372 -68.90 -14.29 64.02
CA GLN H 372 -68.30 -14.80 62.79
C GLN H 372 -67.63 -13.64 62.05
N THR H 373 -66.33 -13.76 61.78
CA THR H 373 -65.62 -12.69 61.07
C THR H 373 -66.18 -12.40 59.68
N GLU H 374 -66.74 -13.41 59.03
CA GLU H 374 -67.31 -13.27 57.70
C GLU H 374 -68.71 -12.66 57.71
N LEU H 375 -69.34 -12.53 58.87
CA LEU H 375 -70.70 -12.01 58.97
C LEU H 375 -70.78 -10.71 59.74
N HIS H 376 -70.02 -10.59 60.82
CA HIS H 376 -70.07 -9.42 61.68
C HIS H 376 -68.94 -8.46 61.41
N GLU H 377 -68.16 -8.73 60.37
CA GLU H 377 -67.10 -7.90 59.79
C GLU H 377 -66.02 -7.43 60.78
N GLY H 378 -65.36 -8.36 61.47
CA GLY H 378 -64.30 -7.91 62.35
C GLY H 378 -63.11 -8.85 62.42
N SER H 379 -62.36 -8.80 63.56
CA SER H 379 -61.19 -9.65 63.69
C SER H 379 -60.98 -10.11 65.14
N TYR H 380 -62.05 -10.34 65.90
CA TYR H 380 -61.92 -10.73 67.30
C TYR H 380 -61.71 -12.22 67.45
N GLU H 381 -60.88 -12.62 68.42
CA GLU H 381 -60.71 -14.05 68.68
C GLU H 381 -61.70 -14.53 69.74
N VAL H 382 -62.97 -14.52 69.35
CA VAL H 382 -64.12 -14.85 70.18
C VAL H 382 -64.97 -15.94 69.56
N ASP H 383 -65.28 -17.00 70.33
CA ASP H 383 -66.09 -18.11 69.84
C ASP H 383 -67.50 -18.11 70.45
N GLU H 384 -67.89 -17.02 71.06
CA GLU H 384 -69.18 -16.81 71.70
C GLU H 384 -69.91 -15.64 71.02
N PRO H 385 -71.15 -15.32 71.40
CA PRO H 385 -71.82 -14.10 70.94
C PRO H 385 -71.17 -12.87 71.56
N LEU H 386 -71.30 -11.71 70.91
CA LEU H 386 -70.80 -10.46 71.47
C LEU H 386 -71.91 -9.50 71.82
N LEU H 387 -71.70 -8.76 72.90
CA LEU H 387 -72.51 -7.60 73.26
C LEU H 387 -71.58 -6.41 73.26
N ARG H 388 -71.83 -5.43 72.40
CA ARG H 388 -70.96 -4.29 72.23
C ARG H 388 -71.62 -3.01 72.73
N VAL H 389 -70.91 -2.24 73.55
CA VAL H 389 -71.45 -0.97 74.00
C VAL H 389 -70.47 0.18 73.74
N LEU H 390 -70.95 1.20 73.04
CA LEU H 390 -70.12 2.36 72.75
C LEU H 390 -70.70 3.60 73.41
N PHE H 391 -69.82 4.53 73.72
CA PHE H 391 -70.25 5.79 74.31
C PHE H 391 -70.53 6.83 73.27
N LYS H 392 -71.62 7.56 73.47
CA LYS H 392 -71.99 8.62 72.55
C LYS H 392 -71.19 9.86 72.91
N THR H 393 -69.91 9.85 72.53
CA THR H 393 -68.94 10.94 72.80
C THR H 393 -69.29 12.26 72.18
N ASN H 394 -70.28 12.27 71.29
CA ASN H 394 -70.77 13.47 70.66
C ASN H 394 -71.53 14.31 71.68
N GLU H 395 -72.08 13.65 72.70
CA GLU H 395 -72.93 14.26 73.69
C GLU H 395 -72.20 14.45 75.00
N LYS H 396 -72.69 15.40 75.79
CA LYS H 396 -72.07 15.66 77.08
C LYS H 396 -72.18 14.46 78.02
N GLU H 397 -73.30 13.75 77.99
CA GLU H 397 -73.51 12.61 78.89
C GLU H 397 -72.57 11.47 78.56
N GLY H 398 -72.39 11.20 77.26
CA GLY H 398 -71.50 10.14 76.83
C GLY H 398 -70.07 10.41 77.23
N TYR H 399 -69.59 11.63 76.95
CA TYR H 399 -68.24 12.02 77.32
C TYR H 399 -68.04 11.96 78.82
N ASN H 400 -69.03 12.41 79.58
CA ASN H 400 -68.88 12.38 81.03
C ASN H 400 -68.90 10.96 81.62
N LEU H 401 -69.72 10.02 81.10
CA LEU H 401 -69.61 8.66 81.64
C LEU H 401 -68.25 8.08 81.40
N TYR H 402 -67.69 8.33 80.20
CA TYR H 402 -66.36 7.83 79.90
C TYR H 402 -65.37 8.30 80.95
N ARG H 403 -65.39 9.59 81.28
CA ARG H 403 -64.44 10.10 82.28
C ARG H 403 -64.68 9.49 83.64
N LEU H 404 -65.94 9.33 84.04
CA LEU H 404 -66.26 8.79 85.36
C LEU H 404 -65.77 7.35 85.53
N PHE H 405 -65.75 6.56 84.46
CA PHE H 405 -65.31 5.17 84.59
C PHE H 405 -63.81 4.97 84.35
N ASN H 406 -63.03 6.04 84.13
CA ASN H 406 -61.61 5.85 83.84
C ASN H 406 -60.81 5.36 85.02
N GLU H 407 -61.19 5.76 86.23
CA GLU H 407 -60.46 5.38 87.42
C GLU H 407 -61.25 4.52 88.39
N ASN H 408 -62.55 4.43 88.23
CA ASN H 408 -63.32 3.65 89.17
C ASN H 408 -63.25 2.20 88.75
N VAL H 409 -62.44 1.42 89.49
CA VAL H 409 -62.20 0.00 89.18
C VAL H 409 -63.45 -0.85 89.31
N LEU H 410 -63.68 -1.71 88.31
CA LEU H 410 -64.74 -2.70 88.26
C LEU H 410 -64.37 -3.94 89.02
N THR H 411 -65.26 -4.46 89.87
CA THR H 411 -64.94 -5.66 90.63
C THR H 411 -65.83 -6.85 90.32
N ASP H 412 -67.09 -6.63 89.96
CA ASP H 412 -68.05 -7.71 89.79
C ASP H 412 -69.03 -7.50 88.64
N LEU H 413 -69.32 -8.59 87.92
CA LEU H 413 -70.32 -8.58 86.85
C LEU H 413 -71.33 -9.71 87.03
N LYS H 414 -72.62 -9.38 87.02
CA LYS H 414 -73.68 -10.38 87.12
C LYS H 414 -74.55 -10.34 85.88
N ILE H 415 -74.87 -11.52 85.34
CA ILE H 415 -75.66 -11.62 84.11
C ILE H 415 -76.87 -12.53 84.32
N THR H 416 -78.07 -12.01 84.09
CA THR H 416 -79.29 -12.79 84.24
C THR H 416 -80.09 -12.83 82.94
N VAL H 417 -80.47 -14.03 82.50
CA VAL H 417 -81.23 -14.14 81.27
C VAL H 417 -82.52 -14.92 81.48
N GLU H 418 -83.63 -14.31 81.09
CA GLU H 418 -84.97 -14.88 81.19
C GLU H 418 -85.62 -15.04 79.83
N VAL H 419 -86.12 -16.24 79.53
CA VAL H 419 -86.72 -16.54 78.23
C VAL H 419 -88.09 -17.19 78.39
N SER H 420 -89.06 -16.74 77.59
CA SER H 420 -90.37 -17.36 77.64
C SER H 420 -90.98 -17.57 76.25
N ASP H 421 -92.00 -18.42 76.23
CA ASP H 421 -92.79 -18.78 75.04
C ASP H 421 -91.97 -19.50 73.96
N ILE H 422 -91.25 -20.53 74.40
CA ILE H 422 -90.42 -21.39 73.55
C ILE H 422 -91.27 -22.55 73.03
N THR H 423 -91.26 -22.77 71.72
CA THR H 423 -92.02 -23.89 71.18
C THR H 423 -91.17 -24.90 70.42
N SER H 424 -89.96 -24.55 69.97
CA SER H 424 -89.10 -25.51 69.29
C SER H 424 -88.39 -26.48 70.20
N VAL H 425 -89.15 -27.45 70.69
CA VAL H 425 -88.63 -28.40 71.66
C VAL H 425 -88.67 -29.80 71.06
N GLN H 426 -87.83 -30.66 71.57
CA GLN H 426 -87.83 -32.00 71.06
C GLN H 426 -88.63 -32.79 72.06
N LEU H 427 -89.59 -33.54 71.57
CA LEU H 427 -90.45 -34.35 72.41
C LEU H 427 -90.28 -35.79 72.03
N GLU H 428 -90.39 -36.65 73.02
CA GLU H 428 -90.30 -38.08 72.83
C GLU H 428 -91.15 -38.83 73.81
N ASN H 429 -91.49 -40.04 73.41
CA ASN H 429 -92.20 -41.04 74.19
C ASN H 429 -91.55 -42.40 73.88
N ASP H 430 -91.99 -43.47 74.51
CA ASP H 430 -91.30 -44.76 74.33
C ASP H 430 -91.25 -45.27 72.92
N LEU H 431 -92.12 -44.80 72.05
CA LEU H 431 -92.17 -45.25 70.69
C LEU H 431 -91.36 -44.40 69.72
N GLY H 432 -90.82 -43.27 70.14
CA GLY H 432 -90.10 -42.45 69.18
C GLY H 432 -90.34 -40.94 69.31
N VAL H 433 -90.02 -40.22 68.24
CA VAL H 433 -90.04 -38.75 68.16
C VAL H 433 -91.44 -38.11 67.78
N LEU H 434 -92.04 -36.67 68.18
CA LEU H 434 -93.35 -35.95 68.07
C LEU H 434 -93.26 -34.60 67.46
N ASN H 435 -94.22 -34.73 66.67
CA ASN H 435 -94.33 -33.47 66.07
C ASN H 435 -95.11 -32.52 66.97
N PRO H 436 -94.43 -31.54 67.61
CA PRO H 436 -95.05 -30.63 68.56
C PRO H 436 -96.02 -29.62 67.96
N GLN H 437 -96.08 -29.51 66.64
CA GLN H 437 -96.96 -28.56 65.99
C GLN H 437 -98.35 -29.11 65.76
N LYS H 438 -98.55 -30.38 66.02
CA LYS H 438 -99.82 -31.06 65.82
C LYS H 438 -100.20 -31.68 67.14
N PRO H 439 -101.48 -31.88 67.42
CA PRO H 439 -101.89 -32.61 68.62
C PRO H 439 -101.21 -33.96 68.65
N PHE H 440 -100.65 -34.31 69.80
CA PHE H 440 -99.84 -35.51 69.93
C PHE H 440 -100.26 -36.29 71.17
N PHE H 441 -99.90 -37.56 71.22
CA PHE H 441 -100.19 -38.36 72.40
C PHE H 441 -98.97 -38.51 73.27
N PRO H 442 -98.91 -37.84 74.43
CA PRO H 442 -97.69 -37.87 75.26
C PRO H 442 -97.20 -39.21 75.78
N PHE H 443 -98.07 -40.16 76.16
CA PHE H 443 -97.66 -41.48 76.65
C PHE H 443 -98.08 -42.57 75.70
N GLY H 444 -98.25 -42.24 74.44
CA GLY H 444 -98.79 -43.15 73.47
C GLY H 444 -100.30 -43.08 73.26
N PRO H 445 -100.76 -43.63 72.11
CA PRO H 445 -102.20 -43.70 71.75
C PRO H 445 -103.00 -44.68 72.58
N ARG H 446 -102.30 -45.56 73.28
CA ARG H 446 -102.88 -46.58 74.17
C ARG H 446 -101.92 -46.82 75.46
N PRO H 447 -101.77 -46.12 76.87
CA PRO H 447 -100.82 -46.02 78.09
C PRO H 447 -100.84 -47.16 79.11
N ILE H 448 -99.68 -47.48 79.68
CA ILE H 448 -99.51 -48.55 80.65
C ILE H 448 -98.77 -48.00 81.86
N LYS H 449 -98.86 -48.74 82.97
CA LYS H 449 -98.12 -48.40 84.17
C LYS H 449 -96.64 -48.33 83.85
N GLY H 450 -96.01 -47.22 84.24
CA GLY H 450 -94.60 -47.06 83.98
C GLY H 450 -94.23 -46.38 82.68
N SER H 451 -95.19 -46.05 81.80
CA SER H 451 -94.79 -45.43 80.55
C SER H 451 -94.39 -43.99 80.84
N SER H 452 -93.73 -43.33 79.88
CA SER H 452 -93.21 -42.01 80.21
C SER H 452 -93.33 -41.01 79.06
N PHE H 453 -93.01 -39.75 79.38
CA PHE H 453 -92.98 -38.63 78.45
C PHE H 453 -91.80 -37.71 78.76
N ILE H 454 -90.99 -37.42 77.74
CA ILE H 454 -89.75 -36.65 77.93
C ILE H 454 -89.70 -35.39 77.06
N VAL H 455 -89.34 -34.26 77.71
CA VAL H 455 -89.15 -32.96 77.05
C VAL H 455 -87.67 -32.55 77.09
N LYS H 456 -87.09 -32.22 75.92
CA LYS H 456 -85.70 -31.80 75.82
C LYS H 456 -85.51 -30.46 75.10
N TYR H 457 -84.58 -29.65 75.60
CA TYR H 457 -84.24 -28.38 74.96
C TYR H 457 -82.78 -27.99 75.26
N PRO H 458 -81.84 -28.41 74.40
CA PRO H 458 -80.38 -28.23 74.60
C PRO H 458 -79.91 -26.83 74.91
N GLU H 459 -80.55 -25.83 74.31
CA GLU H 459 -80.17 -24.44 74.53
C GLU H 459 -80.27 -24.05 76.00
N ALA H 460 -81.25 -24.59 76.71
CA ALA H 460 -81.35 -24.26 78.11
C ALA H 460 -80.49 -25.19 78.94
N MET H 461 -80.41 -26.45 78.53
CA MET H 461 -79.72 -27.44 79.35
C MET H 461 -78.21 -27.19 79.43
N GLU H 462 -77.63 -26.53 78.43
CA GLU H 462 -76.22 -26.14 78.46
C GLU H 462 -75.88 -24.91 79.29
N LYS H 463 -76.86 -24.24 79.88
CA LYS H 463 -76.68 -23.02 80.67
C LYS H 463 -76.90 -23.30 82.16
N PRO H 464 -76.40 -22.42 83.05
CA PRO H 464 -76.64 -22.54 84.48
C PRO H 464 -78.06 -22.14 84.87
N VAL H 465 -78.99 -23.02 84.48
CA VAL H 465 -80.42 -22.83 84.66
C VAL H 465 -80.80 -22.97 86.12
N THR H 466 -81.55 -22.00 86.60
CA THR H 466 -82.07 -21.99 87.96
C THR H 466 -83.52 -22.39 88.00
N ALA H 467 -84.24 -22.22 86.89
CA ALA H 467 -85.63 -22.62 86.87
C ALA H 467 -86.05 -22.94 85.44
N ILE H 468 -87.02 -23.85 85.32
CA ILE H 468 -87.54 -24.25 84.01
C ILE H 468 -88.93 -24.86 84.19
N SER H 469 -89.83 -24.61 83.22
CA SER H 469 -91.18 -25.15 83.34
C SER H 469 -91.90 -25.26 81.99
N TYR H 470 -92.99 -26.04 81.98
CA TYR H 470 -93.81 -26.12 80.78
C TYR H 470 -95.30 -26.34 81.04
N GLN H 471 -96.10 -26.07 79.99
CA GLN H 471 -97.56 -26.19 80.00
C GLN H 471 -98.08 -26.99 78.81
N MET H 472 -99.21 -27.71 78.98
CA MET H 472 -99.86 -28.48 77.90
C MET H 472 -101.38 -28.42 77.96
N ASP H 473 -102.06 -28.57 76.81
CA ASP H 473 -103.52 -28.69 76.74
C ASP H 473 -103.95 -30.09 76.37
N TYR H 474 -105.11 -30.47 76.85
CA TYR H 474 -105.72 -31.75 76.60
C TYR H 474 -106.93 -31.54 75.74
N LEU H 475 -107.16 -32.44 74.79
CA LEU H 475 -108.29 -32.32 73.88
C LEU H 475 -109.19 -33.52 74.02
N ASN H 476 -110.49 -33.35 73.79
CA ASN H 476 -111.36 -34.51 73.84
C ASN H 476 -111.48 -35.11 75.24
N LEU H 477 -111.36 -34.33 76.29
CA LEU H 477 -111.41 -34.88 77.61
C LEU H 477 -112.84 -35.19 77.93
N PRO H 478 -113.13 -36.37 78.46
CA PRO H 478 -114.52 -36.53 78.89
C PRO H 478 -114.94 -35.45 79.89
N GLU H 479 -116.25 -35.20 79.96
CA GLU H 479 -116.75 -34.14 80.84
C GLU H 479 -116.38 -34.40 82.30
N ASN H 480 -116.25 -35.68 82.70
CA ASN H 480 -115.85 -36.03 84.04
C ASN H 480 -115.11 -37.36 83.98
N LEU H 481 -113.81 -37.32 84.21
CA LEU H 481 -112.94 -38.50 84.11
C LEU H 481 -113.26 -39.55 85.15
N VAL H 482 -113.84 -39.16 86.28
CA VAL H 482 -114.15 -40.14 87.30
C VAL H 482 -115.44 -40.85 86.95
N ASN H 483 -116.46 -40.09 86.54
CA ASN H 483 -117.71 -40.71 86.14
C ASN H 483 -117.54 -41.60 84.93
N HIS H 484 -116.59 -41.26 84.05
CA HIS H 484 -116.28 -42.02 82.84
C HIS H 484 -116.01 -43.49 83.12
N TYR H 485 -115.43 -43.81 84.28
CA TYR H 485 -115.05 -45.18 84.62
C TYR H 485 -115.95 -45.80 85.68
N SER H 486 -117.19 -45.33 85.81
CA SER H 486 -118.10 -45.84 86.83
C SER H 486 -118.45 -47.32 86.63
N ALA H 487 -118.29 -47.85 85.44
CA ALA H 487 -118.59 -49.24 85.14
C ALA H 487 -117.47 -50.20 85.50
N TYR H 488 -116.34 -49.68 85.96
CA TYR H 488 -115.14 -50.49 86.21
C TYR H 488 -114.98 -50.63 87.72
N THR H 489 -115.54 -51.68 88.29
CA THR H 489 -115.57 -51.86 89.74
C THR H 489 -115.04 -53.22 90.14
N ILE H 490 -114.64 -53.34 91.41
CA ILE H 490 -114.17 -54.61 91.97
C ILE H 490 -114.80 -54.91 93.32
N GLY H 491 -114.69 -56.16 93.73
CA GLY H 491 -115.21 -56.56 95.03
C GLY H 491 -116.71 -56.33 95.11
N ASP H 492 -117.16 -55.66 96.17
CA ASP H 492 -118.59 -55.34 96.29
C ASP H 492 -118.93 -54.04 95.59
N ASP H 493 -118.75 -54.09 94.26
CA ASP H 493 -119.03 -52.97 93.35
C ASP H 493 -118.33 -51.67 93.74
N GLU H 494 -117.07 -51.75 94.11
CA GLU H 494 -116.33 -50.54 94.50
C GLU H 494 -115.47 -50.02 93.35
N PRO H 495 -115.65 -48.76 92.94
CA PRO H 495 -114.94 -48.18 91.79
C PRO H 495 -113.43 -48.23 91.88
N LEU H 496 -112.78 -48.61 90.77
CA LEU H 496 -111.32 -48.57 90.71
C LEU H 496 -110.82 -47.14 90.77
N VAL H 497 -111.52 -46.23 90.11
CA VAL H 497 -111.19 -44.83 90.08
C VAL H 497 -112.15 -44.13 91.03
N SER H 498 -111.65 -43.78 92.22
CA SER H 498 -112.57 -43.23 93.20
C SER H 498 -112.55 -41.71 93.09
N ASP H 499 -111.41 -41.14 92.64
CA ASP H 499 -111.29 -39.69 92.53
C ASP H 499 -110.08 -39.40 91.61
N MET H 500 -109.82 -38.11 91.36
CA MET H 500 -108.77 -37.62 90.47
C MET H 500 -107.35 -38.02 90.89
N ASP H 501 -107.12 -38.31 92.18
CA ASP H 501 -105.81 -38.76 92.67
C ASP H 501 -105.34 -40.03 92.00
N TYR H 502 -106.30 -40.78 91.43
CA TYR H 502 -105.99 -41.98 90.68
C TYR H 502 -104.95 -41.70 89.61
N PHE H 503 -105.06 -40.56 88.93
CA PHE H 503 -104.20 -40.22 87.80
C PHE H 503 -103.04 -39.36 88.26
N SER H 504 -101.89 -39.98 88.58
CA SER H 504 -100.73 -39.27 89.15
C SER H 504 -99.42 -39.62 88.45
N VAL H 505 -98.34 -38.86 88.66
CA VAL H 505 -97.03 -39.10 88.00
C VAL H 505 -95.75 -39.01 88.84
N LYS H 506 -94.62 -39.40 88.24
CA LYS H 506 -93.28 -39.31 88.84
C LYS H 506 -92.39 -38.41 87.99
N SER H 507 -91.48 -37.14 88.59
CA SER H 507 -90.52 -36.32 87.87
C SER H 507 -89.10 -36.70 88.20
N PHE H 508 -88.42 -37.23 87.24
CA PHE H 508 -87.06 -37.70 87.51
C PHE H 508 -86.01 -36.64 87.76
N PRO H 509 -86.19 -35.44 87.18
CA PRO H 509 -85.36 -34.43 87.85
C PRO H 509 -86.49 -33.94 88.77
N LYS H 510 -86.41 -34.05 90.08
CA LYS H 510 -87.59 -33.75 90.92
C LYS H 510 -88.29 -32.38 90.89
N SER H 511 -89.62 -32.46 90.82
CA SER H 511 -90.50 -31.30 90.74
C SER H 511 -90.77 -30.48 92.01
N SER H 512 -91.19 -29.23 91.82
CA SER H 512 -91.48 -28.31 92.92
C SER H 512 -92.96 -28.16 93.16
N ASN H 513 -93.73 -29.02 92.51
CA ASN H 513 -95.17 -29.05 92.58
C ASN H 513 -95.73 -29.52 93.90
N ASP H 514 -96.89 -29.00 94.25
CA ASP H 514 -97.59 -29.41 95.45
C ASP H 514 -98.06 -30.86 95.43
N SER H 515 -98.59 -31.35 94.31
CA SER H 515 -99.05 -32.73 94.32
C SER H 515 -98.56 -33.42 93.08
N ASP H 516 -98.81 -34.73 93.00
CA ASP H 516 -98.35 -35.48 91.86
C ASP H 516 -99.48 -35.63 90.83
N GLN H 517 -100.63 -34.98 91.05
CA GLN H 517 -101.78 -35.17 90.18
C GLN H 517 -101.47 -34.69 88.76
N LEU H 518 -101.71 -35.54 87.83
CA LEU H 518 -101.43 -35.25 86.43
C LEU H 518 -102.17 -34.01 85.90
N PHE H 519 -103.42 -33.82 86.26
CA PHE H 519 -104.20 -32.71 85.73
C PHE H 519 -104.38 -31.63 86.78
N SER H 520 -104.25 -30.37 86.38
CA SER H 520 -104.48 -29.30 87.30
C SER H 520 -105.63 -28.48 86.72
N GLU H 521 -106.44 -27.91 87.60
CA GLU H 521 -107.66 -27.25 87.18
C GLU H 521 -107.28 -26.04 86.35
N LYS H 522 -107.97 -25.83 85.25
CA LYS H 522 -107.67 -24.68 84.41
C LYS H 522 -108.56 -23.56 84.89
N SER H 523 -108.02 -22.34 85.03
CA SER H 523 -108.83 -21.22 85.50
C SER H 523 -110.10 -21.01 84.67
N GLY H 524 -110.10 -21.50 83.44
CA GLY H 524 -111.22 -21.61 82.54
C GLY H 524 -111.76 -23.02 82.56
N GLY H 525 -112.27 -23.50 81.45
CA GLY H 525 -112.73 -24.87 81.46
C GLY H 525 -111.63 -25.84 81.10
N GLY H 526 -111.80 -27.11 81.46
CA GLY H 526 -110.84 -28.14 81.07
C GLY H 526 -109.60 -28.18 81.94
N TYR H 527 -108.59 -28.87 81.43
CA TYR H 527 -107.38 -29.12 82.18
C TYR H 527 -106.16 -28.85 81.33
N GLU H 528 -105.10 -28.55 82.05
CA GLU H 528 -103.76 -28.30 81.60
C GLU H 528 -102.85 -29.12 82.48
N SER H 529 -101.58 -29.19 82.15
CA SER H 529 -100.69 -29.84 83.07
C SER H 529 -99.61 -28.80 83.20
N ASP H 530 -99.24 -28.46 84.41
CA ASP H 530 -98.25 -27.43 84.61
C ASP H 530 -97.14 -28.07 85.40
N PHE H 531 -95.96 -28.13 84.84
CA PHE H 531 -94.86 -28.71 85.57
C PHE H 531 -93.75 -27.72 85.76
N GLU H 532 -93.29 -27.57 87.00
CA GLU H 532 -92.18 -26.64 87.35
C GLU H 532 -91.00 -27.24 88.15
N PHE H 533 -89.74 -27.03 87.71
CA PHE H 533 -88.55 -27.60 88.37
C PHE H 533 -87.55 -26.56 88.90
N GLN H 534 -86.68 -26.95 89.85
CA GLN H 534 -85.73 -25.99 90.41
C GLN H 534 -84.38 -26.63 90.66
N ILE H 535 -83.31 -25.90 90.41
CA ILE H 535 -81.96 -26.38 90.63
C ILE H 535 -81.29 -25.42 91.62
N GLU H 536 -81.04 -25.89 92.84
CA GLU H 536 -80.73 -25.00 93.97
C GLU H 536 -79.51 -24.09 93.76
N ASN H 537 -78.45 -24.58 93.16
CA ASN H 537 -77.28 -23.75 92.94
C ASN H 537 -76.90 -23.68 91.47
N GLY H 538 -77.85 -23.93 90.58
CA GLY H 538 -77.54 -23.95 89.17
C GLY H 538 -76.74 -25.16 88.72
N VAL H 539 -76.53 -26.13 89.58
CA VAL H 539 -75.73 -27.30 89.26
C VAL H 539 -76.62 -28.51 89.05
N TRP H 540 -76.56 -29.06 87.86
CA TRP H 540 -77.35 -30.22 87.49
C TRP H 540 -76.91 -31.44 88.29
N GLU H 541 -77.85 -32.14 88.90
CA GLU H 541 -77.53 -33.30 89.72
C GLU H 541 -76.86 -34.41 88.92
N SER H 542 -75.73 -34.88 89.44
CA SER H 542 -74.96 -35.88 88.73
C SER H 542 -75.77 -37.17 88.60
N GLY H 543 -75.73 -37.76 87.43
CA GLY H 543 -76.49 -38.95 87.13
C GLY H 543 -77.78 -38.71 86.35
N LEU H 544 -78.29 -37.49 86.34
CA LEU H 544 -79.46 -37.22 85.54
C LEU H 544 -78.99 -36.88 84.12
N LYS H 545 -79.84 -37.12 83.13
CA LYS H 545 -79.42 -37.03 81.73
C LYS H 545 -79.69 -35.72 81.01
N LYS H 546 -80.00 -34.63 81.71
CA LYS H 546 -80.29 -33.32 81.07
C LYS H 546 -81.50 -33.42 80.14
N GLU H 547 -82.57 -33.96 80.69
CA GLU H 547 -83.87 -34.11 80.06
C GLU H 547 -84.92 -34.04 81.18
N LEU H 548 -86.29 -33.43 80.95
CA LEU H 548 -87.43 -33.38 81.93
C LEU H 548 -88.32 -34.60 81.71
N LYS H 549 -88.37 -35.50 82.70
CA LYS H 549 -89.07 -36.79 82.55
C LYS H 549 -90.20 -37.00 83.55
N ILE H 550 -91.38 -37.36 83.06
CA ILE H 550 -92.51 -37.69 83.93
C ILE H 550 -93.03 -39.08 83.56
N SER H 551 -93.34 -39.90 84.57
CA SER H 551 -93.82 -41.29 84.40
C SER H 551 -95.16 -41.56 85.09
N LEU H 552 -95.98 -42.48 84.53
CA LEU H 552 -97.30 -42.81 85.09
C LEU H 552 -97.25 -43.83 86.24
N GLU H 553 -97.89 -43.48 87.35
CA GLU H 553 -98.06 -44.40 88.48
C GLU H 553 -99.07 -45.52 88.21
N ARG H 554 -100.19 -45.22 87.52
CA ARG H 554 -101.27 -46.16 87.27
C ARG H 554 -101.75 -46.02 85.83
N SER H 555 -102.20 -47.12 85.25
CA SER H 555 -102.68 -47.13 83.87
C SER H 555 -104.09 -46.57 83.76
N PHE H 556 -104.53 -46.41 82.52
CA PHE H 556 -105.85 -45.93 82.20
C PHE H 556 -106.84 -47.06 81.93
N LEU H 557 -106.49 -48.30 82.29
CA LEU H 557 -107.34 -49.49 82.27
C LEU H 557 -107.70 -50.00 80.88
N HIS H 558 -106.82 -49.82 79.89
CA HIS H 558 -107.10 -50.32 78.55
C HIS H 558 -107.23 -51.84 78.54
N GLU H 559 -106.41 -52.48 79.36
CA GLU H 559 -106.35 -53.92 79.53
C GLU H 559 -107.60 -54.54 80.17
N LYS H 560 -108.53 -53.75 80.69
CA LYS H 560 -109.72 -54.31 81.32
C LYS H 560 -111.00 -54.14 80.54
N TYR H 561 -110.99 -53.38 79.43
CA TYR H 561 -112.24 -53.05 78.76
C TYR H 561 -113.00 -54.29 78.31
N ALA H 562 -112.30 -55.24 77.70
CA ALA H 562 -112.94 -56.45 77.18
C ALA H 562 -113.59 -57.28 78.26
N HIS H 563 -112.95 -57.37 79.42
CA HIS H 563 -113.44 -58.13 80.55
C HIS H 563 -114.72 -57.55 81.14
N TYR H 564 -114.79 -56.24 81.32
CA TYR H 564 -115.99 -55.65 81.89
C TYR H 564 -117.12 -55.63 80.90
N PHE H 565 -116.80 -55.37 79.62
CA PHE H 565 -117.82 -55.35 78.60
C PHE H 565 -118.54 -56.69 78.52
N THR H 566 -117.75 -57.77 78.52
CA THR H 566 -118.29 -59.11 78.44
C THR H 566 -119.21 -59.42 79.61
N LEU H 567 -118.77 -59.11 80.84
CA LEU H 567 -119.54 -59.48 82.02
C LEU H 567 -120.88 -58.79 82.05
N VAL H 568 -120.96 -57.54 81.61
CA VAL H 568 -122.26 -56.89 81.60
C VAL H 568 -123.16 -57.55 80.59
N ALA H 569 -122.62 -57.79 79.39
CA ALA H 569 -123.37 -58.33 78.29
C ALA H 569 -123.95 -59.71 78.56
N ILE H 570 -123.28 -60.55 79.35
CA ILE H 570 -123.75 -61.90 79.59
C ILE H 570 -124.43 -62.06 80.95
N SER H 571 -124.73 -60.95 81.64
CA SER H 571 -125.38 -61.07 82.94
C SER H 571 -126.75 -61.72 82.83
N LYS H 572 -127.04 -62.59 83.78
CA LYS H 572 -128.34 -63.21 83.85
C LYS H 572 -129.19 -62.58 84.93
N ASP H 573 -128.64 -61.60 85.64
CA ASP H 573 -129.38 -60.95 86.71
C ASP H 573 -130.05 -59.69 86.23
N THR H 574 -129.46 -58.99 85.27
CA THR H 574 -129.98 -57.71 84.83
C THR H 574 -130.04 -57.68 83.31
N ASP H 575 -130.91 -56.82 82.80
CA ASP H 575 -130.97 -56.54 81.38
C ASP H 575 -129.99 -55.42 81.09
N PRO H 576 -129.00 -55.64 80.23
CA PRO H 576 -128.04 -54.60 79.88
C PRO H 576 -128.71 -53.39 79.26
N THR H 577 -128.24 -52.22 79.64
CA THR H 577 -128.68 -50.95 79.09
C THR H 577 -127.43 -50.20 78.72
N ILE H 578 -127.55 -49.10 77.98
CA ILE H 578 -126.34 -48.40 77.56
C ILE H 578 -125.57 -47.83 78.76
N GLU H 579 -126.29 -47.47 79.83
CA GLU H 579 -125.69 -46.89 81.02
C GLU H 579 -124.86 -47.89 81.81
N LEU H 580 -125.01 -49.18 81.55
CA LEU H 580 -124.28 -50.19 82.27
C LEU H 580 -123.06 -50.68 81.54
N LEU H 581 -122.87 -50.28 80.31
CA LEU H 581 -121.72 -50.77 79.59
C LEU H 581 -120.55 -49.82 79.83
N PRO H 582 -119.34 -50.35 79.88
CA PRO H 582 -118.16 -49.52 80.07
C PRO H 582 -117.89 -48.67 78.86
N ASN H 583 -117.38 -47.48 79.11
CA ASN H 583 -116.93 -46.59 78.07
C ASN H 583 -115.52 -46.96 77.70
N GLU H 584 -115.13 -46.64 76.48
CA GLU H 584 -113.78 -46.90 76.04
C GLU H 584 -112.81 -46.09 76.90
N PRO H 585 -111.75 -46.71 77.39
CA PRO H 585 -110.71 -46.06 78.18
C PRO H 585 -110.08 -44.90 77.44
N TYR H 586 -109.73 -43.85 78.19
CA TYR H 586 -109.17 -42.63 77.64
C TYR H 586 -107.67 -42.76 77.35
N ALA H 587 -107.25 -42.21 76.21
CA ALA H 587 -105.84 -42.01 75.92
C ALA H 587 -105.63 -40.45 75.81
N PRO H 588 -104.88 -39.46 76.77
CA PRO H 588 -104.73 -37.96 76.92
C PRO H 588 -103.98 -37.18 75.85
N LEU H 589 -104.63 -37.02 74.70
CA LEU H 589 -104.14 -36.24 73.56
C LEU H 589 -103.97 -34.76 73.92
N ALA H 590 -102.83 -34.15 73.52
CA ALA H 590 -102.49 -32.81 73.96
C ALA H 590 -101.85 -31.90 72.90
N GLU H 591 -101.81 -30.58 73.19
CA GLU H 591 -101.25 -29.58 72.28
C GLU H 591 -100.77 -28.32 73.01
N ASN H 592 -100.16 -27.40 72.23
CA ASN H 592 -99.70 -26.06 72.67
C ASN H 592 -98.68 -26.08 73.81
N LEU H 593 -97.69 -26.95 73.75
CA LEU H 593 -96.68 -26.95 74.78
C LEU H 593 -95.81 -25.69 74.72
N VAL H 594 -95.71 -24.97 75.85
CA VAL H 594 -94.91 -23.76 75.99
C VAL H 594 -93.93 -23.84 77.17
N LEU H 595 -92.65 -23.54 76.90
CA LEU H 595 -91.54 -23.60 77.86
C LEU H 595 -90.99 -22.21 78.25
N GLY H 596 -90.51 -22.07 79.51
CA GLY H 596 -89.79 -20.87 79.94
C GLY H 596 -88.70 -21.19 80.93
N TYR H 597 -87.64 -20.61 80.68
CA TYR H 597 -86.56 -20.85 81.63
C TYR H 597 -85.82 -19.59 82.07
N THR H 598 -85.03 -19.73 83.15
CA THR H 598 -84.13 -18.69 83.67
C THR H 598 -82.75 -19.25 84.02
N ALA H 599 -81.67 -18.53 83.62
CA ALA H 599 -80.29 -18.92 83.95
C ALA H 599 -79.46 -17.73 84.43
N ILE H 600 -78.53 -17.98 85.38
CA ILE H 600 -77.75 -16.90 86.01
C ILE H 600 -76.25 -17.22 86.15
N SER H 601 -75.41 -16.25 85.77
CA SER H 601 -73.96 -16.29 85.98
C SER H 601 -73.50 -15.10 86.82
N SER H 602 -72.48 -15.31 87.67
CA SER H 602 -71.98 -14.23 88.52
C SER H 602 -70.47 -14.32 88.70
N ILE H 603 -69.74 -13.26 88.32
CA ILE H 603 -68.28 -13.29 88.24
C ILE H 603 -67.61 -12.22 89.10
N ASP H 604 -66.80 -12.69 90.06
CA ASP H 604 -65.91 -11.87 90.88
C ASP H 604 -64.56 -11.87 90.15
N PHE H 605 -64.18 -10.72 89.63
CA PHE H 605 -62.98 -10.65 88.81
C PHE H 605 -61.71 -10.83 89.62
N SER H 606 -61.79 -10.67 90.94
CA SER H 606 -60.63 -10.79 91.80
C SER H 606 -60.52 -12.14 92.47
N SER H 607 -61.45 -13.06 92.25
CA SER H 607 -61.41 -14.29 93.01
C SER H 607 -60.81 -15.41 92.22
N SER H 608 -59.83 -16.03 92.82
CA SER H 608 -59.29 -17.30 92.42
C SER H 608 -60.31 -18.38 92.69
N SER H 609 -60.07 -19.54 92.11
CA SER H 609 -60.87 -20.75 92.39
C SER H 609 -62.35 -20.49 92.07
N SER H 610 -62.60 -19.80 90.95
CA SER H 610 -63.95 -19.45 90.55
C SER H 610 -64.05 -19.48 89.05
N GLU H 611 -65.20 -19.92 88.56
CA GLU H 611 -65.39 -20.07 87.13
C GLU H 611 -65.73 -18.73 86.49
N ASN H 612 -64.69 -17.90 86.36
CA ASN H 612 -64.88 -16.56 85.80
C ASN H 612 -64.95 -16.68 84.28
N GLN H 613 -66.06 -17.22 83.80
CA GLN H 613 -66.21 -17.56 82.38
C GLN H 613 -66.78 -16.41 81.56
N VAL H 614 -65.96 -15.37 81.39
CA VAL H 614 -66.36 -14.22 80.58
C VAL H 614 -65.14 -13.64 79.89
N SER H 615 -65.34 -13.08 78.69
CA SER H 615 -64.23 -12.43 78.01
C SER H 615 -64.52 -10.94 77.90
N LEU H 616 -63.51 -10.12 78.20
CA LEU H 616 -63.68 -8.67 78.18
C LEU H 616 -62.72 -8.04 77.15
N ILE H 617 -63.27 -7.18 76.30
CA ILE H 617 -62.51 -6.48 75.26
C ILE H 617 -62.74 -4.97 75.31
N HIS H 618 -61.67 -4.19 75.17
CA HIS H 618 -61.77 -2.73 75.08
C HIS H 618 -61.77 -2.24 73.64
N GLU H 619 -62.65 -1.29 73.34
CA GLU H 619 -62.73 -0.68 72.02
C GLU H 619 -61.99 0.65 72.01
N MET H 620 -61.10 0.81 71.05
CA MET H 620 -60.22 1.95 70.95
C MET H 620 -60.43 2.65 69.61
N PRO H 621 -60.09 3.95 69.51
CA PRO H 621 -60.24 4.71 68.26
C PRO H 621 -59.72 4.05 67.00
N PHE H 622 -58.63 3.31 67.08
CA PHE H 622 -58.14 2.68 65.87
C PHE H 622 -57.87 1.19 66.06
N GLY H 623 -58.68 0.48 66.85
CA GLY H 623 -58.41 -0.92 67.10
C GLY H 623 -59.07 -1.41 68.38
N PHE H 624 -58.51 -2.48 68.96
CA PHE H 624 -59.10 -3.04 70.18
C PHE H 624 -58.04 -3.76 71.00
N GLN H 625 -58.41 -4.13 72.22
CA GLN H 625 -57.52 -4.94 73.05
C GLN H 625 -58.26 -5.94 73.92
N GLN H 626 -57.78 -7.17 73.93
CA GLN H 626 -58.29 -8.18 74.84
C GLN H 626 -57.78 -7.90 76.23
N VAL H 627 -58.66 -7.80 77.19
CA VAL H 627 -58.30 -7.44 78.56
C VAL H 627 -58.35 -8.62 79.51
N PHE H 628 -59.44 -9.35 79.50
CA PHE H 628 -59.67 -10.42 80.46
C PHE H 628 -60.12 -11.67 79.72
N THR H 629 -59.50 -12.82 79.98
CA THR H 629 -59.95 -13.99 79.24
C THR H 629 -60.60 -14.93 80.26
N PRO H 630 -61.47 -15.87 79.83
CA PRO H 630 -62.10 -16.81 80.75
C PRO H 630 -61.10 -17.57 81.60
N GLY H 631 -61.34 -17.61 82.90
CA GLY H 631 -60.45 -18.27 83.83
C GLY H 631 -59.48 -17.35 84.53
N ASP H 632 -59.34 -16.11 84.05
CA ASP H 632 -58.42 -15.16 84.63
C ASP H 632 -58.94 -14.53 85.93
N THR H 633 -57.99 -13.94 86.66
CA THR H 633 -58.25 -13.09 87.81
C THR H 633 -57.44 -11.81 87.64
N ASP H 634 -57.85 -10.75 88.33
CA ASP H 634 -57.16 -9.46 88.27
C ASP H 634 -57.48 -8.67 89.52
N ASN H 635 -56.86 -7.51 89.66
CA ASN H 635 -57.12 -6.67 90.79
C ASN H 635 -57.57 -5.31 90.34
N SER H 636 -57.35 -4.99 89.06
CA SER H 636 -57.70 -3.68 88.55
C SER H 636 -58.15 -3.75 87.08
N LEU H 637 -59.45 -3.74 86.90
CA LEU H 637 -60.04 -3.73 85.58
C LEU H 637 -60.90 -2.50 85.46
N TYR H 638 -61.01 -2.02 84.24
CA TYR H 638 -61.83 -0.87 83.96
C TYR H 638 -62.68 -1.21 82.76
N LEU H 639 -63.82 -0.55 82.62
CA LEU H 639 -64.65 -0.77 81.46
C LEU H 639 -64.12 -0.06 80.22
N VAL H 640 -63.25 0.93 80.39
CA VAL H 640 -62.85 1.76 79.26
C VAL H 640 -61.33 1.94 79.23
N PRO H 641 -60.76 2.19 78.05
CA PRO H 641 -59.35 2.64 77.90
C PRO H 641 -59.13 3.97 78.57
N ASP H 642 -57.91 4.23 79.05
CA ASP H 642 -57.58 5.49 79.70
C ASP H 642 -56.81 6.45 78.80
N TYR H 643 -57.47 7.52 78.33
CA TYR H 643 -56.78 8.52 77.52
C TYR H 643 -56.61 9.82 78.30
N CYS H 644 -55.35 10.23 78.48
CA CYS H 644 -55.07 11.37 79.33
C CYS H 644 -55.08 12.61 78.44
N HIS H 645 -55.03 13.77 79.07
CA HIS H 645 -55.00 15.03 78.34
C HIS H 645 -53.79 15.17 77.42
N GLY H 646 -54.03 15.64 76.20
CA GLY H 646 -52.94 15.88 75.26
C GLY H 646 -53.21 15.36 73.85
N GLY H 647 -52.15 15.39 73.04
CA GLY H 647 -52.24 14.98 71.65
C GLY H 647 -51.22 13.93 71.27
N GLU H 648 -51.59 13.12 70.27
CA GLU H 648 -50.76 12.00 69.84
C GLU H 648 -50.73 11.85 68.33
N LEU H 649 -49.54 11.58 67.78
CA LEU H 649 -49.37 11.32 66.35
C LEU H 649 -48.71 9.97 66.13
N TYR H 650 -49.34 9.13 65.33
CA TYR H 650 -48.87 7.77 65.08
C TYR H 650 -48.32 7.64 63.67
N ILE H 651 -47.13 7.08 63.56
CA ILE H 651 -46.48 6.86 62.27
C ILE H 651 -46.25 5.37 62.07
N GLY H 652 -46.85 4.80 61.02
CA GLY H 652 -46.65 3.39 60.71
C GLY H 652 -45.64 3.20 59.60
N LEU H 653 -44.69 2.30 59.82
CA LEU H 653 -43.63 2.06 58.84
C LEU H 653 -43.71 0.68 58.19
N GLU H 654 -43.52 0.66 56.88
CA GLU H 654 -43.56 -0.56 56.07
C GLU H 654 -42.18 -1.08 55.70
N ASN H 655 -42.05 -2.40 55.73
CA ASN H 655 -40.93 -3.18 55.21
C ASN H 655 -39.59 -2.97 55.91
N GLY H 656 -39.57 -2.60 57.18
CA GLY H 656 -38.32 -2.46 57.89
C GLY H 656 -37.91 -3.80 58.48
N LYS H 657 -36.81 -3.78 59.22
CA LYS H 657 -36.30 -4.95 59.91
C LYS H 657 -35.89 -4.52 61.31
N ASN H 658 -35.83 -5.46 62.24
CA ASN H 658 -35.67 -5.08 63.66
C ASN H 658 -34.30 -4.54 64.04
N LEU H 659 -33.32 -4.47 63.16
CA LEU H 659 -32.06 -3.84 63.55
C LEU H 659 -31.57 -2.80 62.55
N GLN H 660 -32.44 -2.30 61.68
CA GLN H 660 -32.03 -1.33 60.67
C GLN H 660 -32.25 0.11 61.10
N GLN H 661 -31.53 1.02 60.44
CA GLN H 661 -31.70 2.44 60.68
C GLN H 661 -32.72 3.07 59.75
N VAL H 662 -33.43 4.04 60.28
CA VAL H 662 -34.44 4.77 59.52
C VAL H 662 -34.16 6.25 59.62
N THR H 663 -34.12 6.92 58.47
CA THR H 663 -33.92 8.37 58.45
C THR H 663 -35.16 9.03 57.89
N LEU H 664 -35.76 9.94 58.67
CA LEU H 664 -36.99 10.60 58.26
C LEU H 664 -36.84 12.11 58.15
N LEU H 665 -37.38 12.65 57.07
CA LEU H 665 -37.42 14.09 56.85
C LEU H 665 -38.80 14.61 57.20
N LEU H 666 -38.86 15.57 58.11
CA LEU H 666 -40.10 16.23 58.46
C LEU H 666 -40.09 17.60 57.80
N GLN H 667 -40.98 17.81 56.86
CA GLN H 667 -41.02 19.10 56.18
C GLN H 667 -42.20 19.90 56.70
N PHE H 668 -41.89 21.00 57.35
CA PHE H 668 -42.87 21.88 57.96
C PHE H 668 -43.05 23.12 57.13
N LEU H 669 -44.18 23.75 57.33
CA LEU H 669 -44.39 25.08 56.78
C LEU H 669 -44.04 26.05 57.89
N GLU H 670 -42.83 26.57 57.81
CA GLU H 670 -42.28 27.35 58.90
C GLU H 670 -43.00 28.69 59.06
N GLY H 671 -43.31 29.03 60.30
CA GLY H 671 -44.05 30.21 60.67
C GLY H 671 -45.53 29.95 60.88
N SER H 672 -46.06 28.87 60.34
CA SER H 672 -47.48 28.54 60.54
C SER H 672 -47.82 27.93 61.87
N GLU H 673 -47.83 28.79 62.88
CA GLU H 673 -48.12 28.47 64.27
C GLU H 673 -48.91 29.64 64.84
N ASN H 674 -49.56 29.43 65.97
CA ASN H 674 -50.33 30.50 66.61
C ASN H 674 -49.42 31.34 67.50
N PRO H 675 -49.25 32.63 67.16
CA PRO H 675 -48.34 33.52 67.89
C PRO H 675 -48.85 34.01 69.23
N ASP H 676 -50.10 33.71 69.57
CA ASP H 676 -50.74 34.24 70.76
C ASP H 676 -51.04 33.19 71.80
N ILE H 677 -50.03 32.40 72.15
CA ILE H 677 -50.13 31.37 73.18
C ILE H 677 -49.00 31.59 74.18
N THR H 678 -49.30 31.46 75.47
CA THR H 678 -48.29 31.70 76.48
C THR H 678 -47.55 30.42 76.90
N ASP H 679 -48.14 29.24 76.72
CA ASP H 679 -47.49 27.96 77.02
C ASP H 679 -46.74 27.50 75.77
N ILE H 680 -45.43 27.70 75.74
CA ILE H 680 -44.70 27.49 74.50
C ILE H 680 -43.44 26.62 74.57
N PHE H 681 -43.37 25.63 75.47
CA PHE H 681 -42.17 24.77 75.63
C PHE H 681 -40.97 25.57 76.13
N THR H 682 -41.10 26.17 77.29
CA THR H 682 -39.99 26.88 77.90
C THR H 682 -39.00 25.90 78.51
N GLY H 683 -37.85 26.42 78.91
CA GLY H 683 -36.84 25.60 79.55
C GLY H 683 -36.35 24.51 78.63
N ASN H 684 -36.34 23.28 79.13
CA ASN H 684 -35.89 22.11 78.39
C ASN H 684 -37.01 21.16 78.01
N GLN H 685 -38.23 21.67 77.84
CA GLN H 685 -39.34 20.84 77.43
C GLN H 685 -39.24 20.51 75.94
N LYS H 686 -39.79 19.36 75.55
CA LYS H 686 -39.75 18.92 74.15
C LYS H 686 -40.80 17.82 73.90
N ILE H 687 -40.93 17.43 72.63
CA ILE H 687 -41.86 16.37 72.22
C ILE H 687 -41.26 15.00 72.50
N LYS H 688 -42.07 14.10 73.09
CA LYS H 688 -41.64 12.77 73.50
C LYS H 688 -41.89 11.71 72.42
N TRP H 689 -40.99 10.72 72.33
CA TRP H 689 -41.12 9.62 71.37
C TRP H 689 -41.13 8.24 72.04
N GLN H 690 -41.98 7.31 71.52
CA GLN H 690 -42.12 5.93 71.99
C GLN H 690 -42.35 4.94 70.84
N TYR H 691 -42.13 3.64 71.08
CA TYR H 691 -42.44 2.62 70.07
C TYR H 691 -43.38 1.55 70.64
N LEU H 692 -44.03 0.80 69.75
CA LEU H 692 -45.01 -0.21 70.14
C LEU H 692 -44.44 -1.63 70.17
N SER H 693 -44.72 -2.35 71.25
CA SER H 693 -44.31 -3.75 71.40
C SER H 693 -45.33 -4.52 72.23
N GLN H 694 -45.92 -5.56 71.63
CA GLN H 694 -46.91 -6.43 72.28
C GLN H 694 -48.07 -5.63 72.88
N ASN H 695 -48.61 -4.69 72.10
CA ASN H 695 -49.67 -3.75 72.46
C ASN H 695 -49.30 -2.77 73.59
N GLN H 696 -48.04 -2.66 73.97
CA GLN H 696 -47.60 -1.69 74.98
C GLN H 696 -46.73 -0.61 74.37
N TRP H 697 -46.79 0.59 74.89
CA TRP H 697 -45.88 1.63 74.44
C TRP H 697 -44.64 1.64 75.32
N GLN H 698 -43.48 1.73 74.68
CA GLN H 698 -42.21 1.67 75.41
C GLN H 698 -41.30 2.83 75.03
N ASP H 699 -40.53 3.29 76.01
CA ASP H 699 -39.55 4.34 75.75
C ASP H 699 -38.39 3.82 74.92
N PHE H 700 -37.85 4.70 74.09
CA PHE H 700 -36.64 4.41 73.37
C PHE H 700 -35.47 4.45 74.33
N GLN H 701 -34.46 3.66 74.05
CA GLN H 701 -33.26 3.66 74.86
C GLN H 701 -32.27 4.66 74.34
N SER H 702 -31.27 4.99 75.17
CA SER H 702 -30.31 6.03 74.81
C SER H 702 -29.53 5.77 73.53
N GLY H 703 -29.28 4.51 73.19
CA GLY H 703 -28.54 4.24 71.97
C GLY H 703 -29.40 4.09 70.73
N GLU H 704 -30.70 4.30 70.86
CA GLU H 704 -31.60 4.06 69.75
C GLU H 704 -31.95 5.32 68.97
N ILE H 705 -31.85 6.51 69.55
CA ILE H 705 -32.06 7.73 68.80
C ILE H 705 -30.71 8.28 68.43
N ILE H 706 -30.51 8.50 67.15
CA ILE H 706 -29.25 8.97 66.65
C ILE H 706 -29.21 10.49 66.59
N GLN H 707 -30.29 11.09 66.10
CA GLN H 707 -30.36 12.55 66.09
C GLN H 707 -31.79 13.02 65.99
N ASN H 708 -32.00 14.24 66.46
CA ASN H 708 -33.32 14.87 66.42
C ASN H 708 -33.09 16.35 66.18
N GLN H 709 -33.28 16.77 64.95
CA GLN H 709 -33.12 18.16 64.61
C GLN H 709 -34.39 18.95 64.76
N THR H 710 -35.51 18.31 65.14
CA THR H 710 -36.80 18.99 65.24
C THR H 710 -37.50 18.80 66.59
N PRO H 711 -36.81 19.08 67.72
CA PRO H 711 -37.34 18.71 69.06
C PRO H 711 -38.68 19.32 69.44
N ARG H 712 -39.07 20.44 68.85
CA ARG H 712 -40.35 21.05 69.20
C ARG H 712 -41.18 21.36 67.97
N PHE H 713 -41.01 20.59 66.89
CA PHE H 713 -41.76 20.76 65.65
C PHE H 713 -41.90 22.21 65.15
N LEU H 714 -40.84 23.02 65.23
CA LEU H 714 -40.92 24.39 64.73
C LEU H 714 -40.16 24.61 63.43
N LYS H 715 -39.24 23.73 63.08
CA LYS H 715 -38.44 23.91 61.89
C LYS H 715 -38.26 22.58 61.18
N SER H 716 -38.04 22.63 59.88
CA SER H 716 -37.82 21.43 59.09
C SER H 716 -36.48 20.77 59.44
N GLY H 717 -36.45 19.44 59.39
CA GLY H 717 -35.21 18.75 59.68
C GLY H 717 -35.31 17.23 59.69
N ILE H 718 -34.22 16.61 60.17
CA ILE H 718 -34.04 15.16 60.15
C ILE H 718 -34.18 14.53 61.49
N PHE H 719 -34.83 13.42 61.28
CA PHE H 719 -34.91 12.51 62.37
C PHE H 719 -34.33 11.18 61.92
N GLN H 720 -33.44 10.61 62.73
CA GLN H 720 -32.80 9.37 62.33
C GLN H 720 -32.69 8.42 63.50
N PHE H 721 -33.03 7.16 63.25
CA PHE H 721 -33.09 6.16 64.31
C PHE H 721 -32.94 4.77 63.72
N SER H 722 -32.66 3.81 64.57
CA SER H 722 -32.69 2.43 64.16
C SER H 722 -33.97 1.75 64.60
N ILE H 723 -34.40 0.76 63.84
CA ILE H 723 -35.56 -0.01 64.29
C ILE H 723 -35.12 -0.88 65.44
N PRO H 724 -35.78 -0.78 66.58
CA PRO H 724 -35.34 -1.50 67.77
C PRO H 724 -35.63 -2.98 67.65
N LYS H 725 -34.80 -3.76 68.31
CA LYS H 725 -35.08 -5.17 68.46
C LYS H 725 -36.35 -5.27 69.27
N GLN H 726 -37.16 -6.28 68.96
CA GLN H 726 -38.45 -6.57 69.57
C GLN H 726 -39.54 -5.66 69.03
N ALA H 727 -39.26 -4.87 67.99
CA ALA H 727 -40.33 -4.17 67.31
C ALA H 727 -41.28 -5.21 66.75
N ASN H 728 -42.57 -4.94 66.79
CA ASN H 728 -43.52 -5.96 66.41
C ASN H 728 -44.48 -5.57 65.29
N LEU H 729 -44.58 -6.42 64.27
CA LEU H 729 -45.53 -6.21 63.18
C LEU H 729 -46.92 -6.76 63.47
N ASP H 730 -47.08 -7.64 64.45
CA ASP H 730 -48.37 -8.27 64.70
C ASP H 730 -49.01 -7.69 65.97
N ASN H 731 -49.92 -6.73 65.82
CA ASN H 731 -50.54 -6.07 66.98
C ASN H 731 -52.05 -5.90 66.74
N THR H 732 -52.91 -5.40 68.01
CA THR H 732 -54.37 -5.16 67.85
C THR H 732 -54.85 -3.73 68.13
N VAL H 733 -54.10 -2.93 68.89
CA VAL H 733 -54.51 -1.56 69.22
C VAL H 733 -54.32 -0.62 68.04
N LEU H 734 -53.49 -1.01 67.09
CA LEU H 734 -53.19 -0.34 65.84
C LEU H 734 -53.05 -1.45 64.81
N PRO H 735 -53.43 -1.20 63.55
CA PRO H 735 -53.40 -2.22 62.47
C PRO H 735 -52.08 -2.97 62.36
N PRO H 736 -52.15 -4.29 62.16
CA PRO H 736 -50.96 -5.14 62.08
C PRO H 736 -50.24 -4.98 60.75
N GLY H 737 -48.97 -5.36 60.72
CA GLY H 737 -48.19 -5.33 59.50
C GLY H 737 -47.23 -4.17 59.42
N TYR H 738 -47.33 -3.23 60.34
CA TYR H 738 -46.52 -2.04 60.40
C TYR H 738 -45.78 -1.99 61.71
N HIS H 739 -44.60 -1.42 61.70
CA HIS H 739 -44.00 -1.04 62.96
C HIS H 739 -44.62 0.30 63.34
N TRP H 740 -44.93 0.50 64.61
CA TRP H 740 -45.55 1.77 64.96
C TRP H 740 -44.73 2.57 65.96
N ILE H 741 -44.64 3.87 65.68
CA ILE H 741 -43.93 4.85 66.49
C ILE H 741 -44.86 6.00 66.85
N LYS H 742 -44.78 6.43 68.10
CA LYS H 742 -45.65 7.46 68.63
C LYS H 742 -44.89 8.71 69.07
N ALA H 743 -45.44 9.87 68.74
CA ALA H 743 -44.96 11.16 69.23
C ALA H 743 -46.05 11.81 70.07
N SER H 744 -45.68 12.51 71.16
CA SER H 744 -46.74 13.11 71.95
C SER H 744 -46.39 14.48 72.58
N MET H 745 -47.46 15.25 72.83
CA MET H 745 -47.44 16.61 73.36
C MET H 745 -48.64 16.85 74.30
N VAL H 746 -48.48 17.70 75.33
CA VAL H 746 -49.57 18.00 76.26
C VAL H 746 -49.99 19.48 76.23
N LYS H 747 -49.64 20.15 75.17
CA LYS H 747 -49.80 21.57 75.00
C LYS H 747 -50.93 21.83 74.00
N PRO H 748 -51.42 23.08 73.92
CA PRO H 748 -52.52 23.40 72.97
C PRO H 748 -52.11 23.02 71.57
N PHE H 749 -53.09 22.74 70.71
CA PHE H 749 -52.69 22.16 69.43
C PHE H 749 -51.86 23.08 68.52
N ASP H 750 -51.86 24.41 68.68
CA ASP H 750 -51.17 25.30 67.72
C ASP H 750 -49.74 25.73 68.05
N VAL H 751 -49.18 25.29 69.19
CA VAL H 751 -47.83 25.63 69.60
C VAL H 751 -46.77 25.04 68.68
N VAL H 752 -47.16 24.21 67.71
CA VAL H 752 -46.27 23.64 66.73
C VAL H 752 -46.71 24.09 65.34
N SER H 753 -45.80 23.98 64.38
CA SER H 753 -46.06 24.35 63.00
C SER H 753 -46.85 23.28 62.26
N GLN H 754 -47.60 23.71 61.23
CA GLN H 754 -48.26 22.75 60.36
C GLN H 754 -47.26 22.04 59.46
N LEU H 755 -47.60 20.80 59.09
CA LEU H 755 -46.76 19.96 58.25
C LEU H 755 -47.19 20.00 56.79
N ILE H 756 -46.20 19.76 55.94
CA ILE H 756 -46.44 19.48 54.56
C ILE H 756 -46.36 17.98 54.32
N ASN H 757 -45.26 17.36 54.76
CA ASN H 757 -45.13 15.93 54.54
C ASN H 757 -44.05 15.29 55.42
N ILE H 758 -43.98 13.95 55.34
CA ILE H 758 -42.97 13.14 56.00
C ILE H 758 -42.38 12.15 55.00
N HIS H 759 -41.06 12.10 54.87
CA HIS H 759 -40.43 11.20 53.90
C HIS H 759 -39.32 10.34 54.48
N ALA H 760 -39.30 9.07 54.10
CA ALA H 760 -38.21 8.20 54.49
C ALA H 760 -37.11 8.26 53.44
N GLN H 761 -35.87 7.95 53.89
CA GLN H 761 -34.67 7.83 53.04
C GLN H 761 -34.17 9.17 52.49
N ALA H 762 -34.17 10.22 53.31
CA ALA H 762 -33.70 11.53 52.87
C ALA H 762 -32.19 11.69 52.97
N VAL H 763 -31.61 12.38 51.97
CA VAL H 763 -30.17 12.64 51.87
C VAL H 763 -29.94 14.13 51.57
N GLU H 764 -29.01 14.77 52.29
CA GLU H 764 -28.66 16.18 52.03
C GLU H 764 -27.45 16.34 51.12
N ALA H 765 -27.51 17.33 50.18
CA ALA H 765 -26.41 17.62 49.24
C ALA H 765 -26.23 19.14 48.93
N VAL H 766 -25.22 19.71 48.04
CA VAL H 766 -24.80 21.17 47.92
C VAL H 766 -24.11 21.55 46.59
N PHE H 767 -24.50 22.71 46.04
CA PHE H 767 -23.94 23.24 44.79
C PHE H 767 -22.44 23.42 44.82
N GLU H 768 -21.80 22.99 43.75
CA GLU H 768 -20.36 23.12 43.60
C GLU H 768 -20.02 24.35 42.78
N ASP H 769 -19.25 25.25 43.36
CA ASP H 769 -18.93 26.50 42.68
C ASP H 769 -17.77 26.30 41.71
N GLN H 770 -18.07 26.33 40.42
CA GLN H 770 -17.07 26.19 39.36
C GLN H 770 -17.15 27.43 38.47
N GLY H 771 -16.28 27.50 37.46
CA GLY H 771 -16.26 28.67 36.59
C GLY H 771 -17.44 28.80 35.65
N SER H 772 -18.64 29.09 36.22
CA SER H 772 -19.86 29.22 35.43
C SER H 772 -20.68 30.35 36.07
N SER H 773 -21.89 30.62 35.57
CA SER H 773 -22.70 31.71 36.11
C SER H 773 -23.86 31.16 36.96
N GLY H 774 -23.81 31.43 38.26
CA GLY H 774 -24.81 30.94 39.20
C GLY H 774 -26.11 31.74 39.16
N ASN H 775 -26.76 31.73 38.00
CA ASN H 775 -28.00 32.48 37.83
C ASN H 775 -29.10 31.98 38.74
N HIS H 776 -29.12 30.69 39.05
CA HIS H 776 -30.15 30.18 39.93
C HIS H 776 -29.94 30.64 41.37
N LEU H 777 -28.85 31.32 41.71
CA LEU H 777 -28.67 31.70 43.12
C LEU H 777 -29.62 32.77 43.73
N GLU H 778 -30.04 33.81 43.01
CA GLU H 778 -30.92 34.81 43.65
C GLU H 778 -32.25 34.26 44.15
N LYS H 779 -32.92 33.50 43.30
CA LYS H 779 -34.14 32.79 43.62
C LYS H 779 -33.67 31.37 43.45
N GLY H 780 -33.83 30.51 44.44
CA GLY H 780 -33.26 29.18 44.30
C GLY H 780 -33.83 28.21 43.29
N LEU H 781 -33.09 27.11 43.13
CA LEU H 781 -33.45 26.09 42.18
C LEU H 781 -34.88 25.68 42.44
N PRO H 782 -35.71 25.65 41.40
CA PRO H 782 -37.14 25.31 41.50
C PRO H 782 -37.36 23.85 41.84
N ALA H 783 -38.55 23.50 42.33
CA ALA H 783 -38.85 22.12 42.63
C ALA H 783 -38.86 21.28 41.38
N GLU H 784 -38.40 20.04 41.53
CA GLU H 784 -38.31 18.98 40.50
C GLU H 784 -37.39 19.16 39.29
N THR H 785 -36.21 19.71 39.50
CA THR H 785 -35.22 19.90 38.46
C THR H 785 -34.21 18.78 38.46
N ILE H 786 -34.18 17.98 39.50
CA ILE H 786 -33.18 16.95 39.68
C ILE H 786 -33.78 15.55 39.62
N SER H 787 -33.29 14.74 38.70
CA SER H 787 -33.81 13.40 38.59
C SER H 787 -32.77 12.30 38.45
N LYS H 788 -31.51 12.63 38.16
CA LYS H 788 -30.47 11.63 37.91
C LYS H 788 -29.09 11.90 38.50
N LEU H 789 -28.30 10.82 38.67
CA LEU H 789 -26.90 10.96 39.08
C LEU H 789 -26.02 11.18 37.85
N GLN H 790 -24.79 11.61 38.07
CA GLN H 790 -23.87 11.77 36.96
C GLN H 790 -23.62 10.48 36.24
N GLU H 791 -23.34 9.42 36.99
CA GLU H 791 -23.22 8.11 36.39
C GLU H 791 -24.47 7.45 36.85
N ARG H 792 -25.32 7.06 35.95
CA ARG H 792 -26.53 6.40 36.35
C ARG H 792 -26.10 5.03 36.81
N LEU H 793 -26.34 4.71 38.07
CA LEU H 793 -26.00 3.43 38.65
C LEU H 793 -27.18 2.53 38.46
N SER H 794 -26.90 1.26 38.33
CA SER H 794 -27.89 0.24 38.13
C SER H 794 -28.90 -0.01 39.27
N TRP H 795 -28.46 0.02 40.52
CA TRP H 795 -29.31 -0.25 41.68
C TRP H 795 -30.26 0.85 42.15
N ILE H 796 -30.14 2.03 41.61
CA ILE H 796 -31.02 3.08 41.98
C ILE H 796 -32.19 3.20 41.06
N LYS H 797 -33.37 2.82 41.53
CA LYS H 797 -34.56 3.01 40.74
C LYS H 797 -34.85 4.48 40.72
N SER H 798 -34.69 5.23 41.82
CA SER H 798 -35.09 6.60 41.43
C SER H 798 -34.76 7.77 42.35
N ILE H 799 -34.84 9.01 41.83
CA ILE H 799 -34.55 10.20 42.65
C ILE H 799 -35.61 11.31 42.55
N GLN H 800 -36.02 11.88 43.68
CA GLN H 800 -37.01 12.96 43.70
C GLN H 800 -36.58 14.23 44.41
N GLN H 801 -37.04 15.37 43.91
CA GLN H 801 -36.76 16.69 44.49
C GLN H 801 -38.06 17.48 44.65
N PRO H 802 -38.76 17.31 45.77
CA PRO H 802 -40.05 17.96 46.09
C PRO H 802 -40.08 19.46 46.37
N TYR H 803 -39.07 20.03 46.98
CA TYR H 803 -39.05 21.43 47.38
C TYR H 803 -37.88 22.17 46.77
N PRO H 804 -37.99 23.50 46.67
CA PRO H 804 -36.96 24.38 46.13
C PRO H 804 -35.71 24.38 46.97
N SER H 805 -34.56 24.62 46.34
CA SER H 805 -33.28 24.63 47.07
C SER H 805 -33.14 25.89 47.91
N THR H 806 -32.25 25.86 48.88
CA THR H 806 -32.23 27.06 49.72
C THR H 806 -30.85 27.36 50.34
N LYS H 807 -30.69 28.62 50.76
CA LYS H 807 -29.52 29.21 51.42
C LYS H 807 -28.40 29.70 50.50
N GLY H 808 -28.58 29.78 49.19
CA GLY H 808 -27.51 30.23 48.34
C GLY H 808 -27.49 31.74 48.15
N LYS H 809 -26.39 32.26 47.55
CA LYS H 809 -26.28 33.69 47.28
C LYS H 809 -25.28 33.97 46.16
N ALA H 810 -25.69 34.76 45.17
CA ALA H 810 -24.84 35.13 44.05
C ALA H 810 -23.86 36.26 44.43
N GLN H 811 -22.79 36.39 43.65
CA GLN H 811 -21.76 37.44 43.82
C GLN H 811 -22.39 38.82 43.70
N GLU H 812 -21.84 39.81 44.40
CA GLU H 812 -22.39 41.16 44.32
C GLU H 812 -22.24 41.77 42.93
N SER H 813 -23.30 42.45 42.50
CA SER H 813 -23.30 43.26 41.29
C SER H 813 -22.66 44.60 41.60
N ASP H 814 -22.34 45.37 40.56
CA ASP H 814 -21.80 46.70 40.80
C ASP H 814 -22.80 47.58 41.51
N GLU H 815 -24.08 47.40 41.17
CA GLU H 815 -25.15 48.20 41.73
C GLU H 815 -25.29 47.94 43.23
N ASP H 816 -25.09 46.70 43.65
CA ASP H 816 -25.20 46.38 45.06
C ASP H 816 -23.98 46.81 45.81
N TYR H 817 -22.82 46.68 45.17
CA TYR H 817 -21.58 47.11 45.80
C TYR H 817 -21.67 48.59 46.14
N TYR H 818 -22.08 49.40 45.16
CA TYR H 818 -22.19 50.83 45.41
C TYR H 818 -23.24 51.14 46.45
N ARG H 819 -24.37 50.42 46.41
CA ARG H 819 -25.45 50.63 47.37
C ARG H 819 -24.99 50.35 48.79
N ARG H 820 -24.28 49.23 49.00
CA ARG H 820 -23.81 48.84 50.33
C ARG H 820 -22.77 49.81 50.87
N VAL H 821 -21.81 50.20 50.04
CA VAL H 821 -20.75 51.08 50.54
C VAL H 821 -21.32 52.43 50.88
N SER H 822 -22.24 52.92 50.04
CA SER H 822 -22.77 54.25 50.22
C SER H 822 -23.56 54.33 51.52
N GLU H 823 -24.36 53.30 51.84
CA GLU H 823 -25.12 53.37 53.09
C GLU H 823 -24.22 53.30 54.32
N ARG H 824 -23.17 52.48 54.32
CA ARG H 824 -22.33 52.41 55.53
C ARG H 824 -21.71 53.75 55.83
N LEU H 825 -21.32 54.48 54.80
CA LEU H 825 -20.73 55.79 54.96
C LEU H 825 -21.67 56.81 55.59
N ARG H 826 -22.96 56.51 55.64
CA ARG H 826 -23.96 57.38 56.26
C ARG H 826 -24.41 56.91 57.63
N HIS H 827 -24.74 55.63 57.79
CA HIS H 827 -25.29 55.21 59.09
C HIS H 827 -24.24 54.76 60.09
N LYS H 828 -23.00 54.53 59.66
CA LYS H 828 -21.85 54.20 60.51
C LYS H 828 -22.03 52.91 61.30
N LYS H 829 -22.91 52.03 60.81
CA LYS H 829 -23.23 50.74 61.42
C LYS H 829 -23.87 50.91 62.81
N ARG H 830 -24.61 51.98 63.04
CA ARG H 830 -25.32 52.18 64.29
C ARG H 830 -26.82 52.15 64.03
N ALA H 831 -27.61 51.62 64.95
CA ALA H 831 -29.06 51.58 64.76
C ALA H 831 -29.72 52.69 65.57
N ILE H 832 -29.76 53.91 65.07
CA ILE H 832 -30.29 55.03 65.86
C ILE H 832 -31.68 55.49 65.38
N THR H 833 -31.80 55.93 64.14
CA THR H 833 -33.11 56.40 63.66
C THR H 833 -33.89 55.34 62.87
N LEU H 834 -34.91 55.76 62.13
CA LEU H 834 -35.77 54.84 61.37
C LEU H 834 -35.05 54.23 60.18
N TRP H 835 -34.45 55.08 59.36
CA TRP H 835 -33.75 54.66 58.17
C TRP H 835 -32.67 53.67 58.49
N ASP H 836 -31.97 53.94 59.60
CA ASP H 836 -30.87 53.10 60.03
C ASP H 836 -31.35 51.69 60.27
N TYR H 837 -32.42 51.54 61.06
CA TYR H 837 -32.95 50.21 61.37
C TYR H 837 -33.41 49.47 60.13
N GLU H 838 -34.16 50.17 59.28
CA GLU H 838 -34.76 49.53 58.10
C GLU H 838 -33.70 49.11 57.09
N HIS H 839 -32.67 49.92 56.90
CA HIS H 839 -31.63 49.56 55.94
C HIS H 839 -30.63 48.58 56.51
N LEU H 840 -30.36 48.61 57.81
CA LEU H 840 -29.48 47.59 58.39
C LEU H 840 -30.06 46.20 58.22
N ILE H 841 -31.38 46.05 58.40
CA ILE H 841 -31.98 44.73 58.24
C ILE H 841 -32.05 44.30 56.80
N LEU H 842 -32.46 45.17 55.87
CA LEU H 842 -32.54 44.69 54.50
C LEU H 842 -31.15 44.31 53.97
N GLN H 843 -30.10 45.02 54.38
CA GLN H 843 -28.76 44.62 53.94
C GLN H 843 -28.31 43.31 54.58
N LYS H 844 -28.60 43.11 55.87
CA LYS H 844 -28.14 41.93 56.61
C LYS H 844 -28.95 40.67 56.32
N PHE H 845 -30.27 40.75 56.23
CA PHE H 845 -31.11 39.58 56.08
C PHE H 845 -31.71 39.50 54.68
N PRO H 846 -31.15 38.65 53.80
CA PRO H 846 -31.51 38.62 52.37
C PRO H 846 -32.91 38.12 52.03
N LYS H 847 -33.61 37.51 52.98
CA LYS H 847 -34.93 36.97 52.67
C LYS H 847 -35.98 37.67 53.51
N VAL H 848 -35.91 38.98 53.47
CA VAL H 848 -36.91 39.88 54.01
C VAL H 848 -37.28 40.80 52.85
N TYR H 849 -38.57 40.93 52.59
CA TYR H 849 -39.05 41.71 51.47
C TYR H 849 -39.35 43.13 51.89
N LYS H 850 -40.02 43.30 53.04
CA LYS H 850 -40.32 44.64 53.51
C LYS H 850 -40.05 44.69 55.00
N VAL H 851 -39.78 45.92 55.47
CA VAL H 851 -39.52 46.14 56.88
C VAL H 851 -40.23 47.44 57.30
N LYS H 852 -40.64 47.50 58.56
CA LYS H 852 -41.22 48.72 59.12
C LYS H 852 -40.82 48.92 60.58
N CYS H 853 -40.27 50.09 60.89
CA CYS H 853 -39.89 50.42 62.27
C CYS H 853 -40.93 51.33 62.93
N LEU H 854 -41.34 50.97 64.15
CA LEU H 854 -42.38 51.66 64.90
C LEU H 854 -41.80 52.29 66.18
N ASN H 855 -41.71 53.62 66.18
CA ASN H 855 -40.92 54.41 67.14
C ASN H 855 -41.32 54.29 68.61
N HIS H 856 -42.61 54.20 68.93
CA HIS H 856 -43.00 54.14 70.34
C HIS H 856 -43.88 52.94 70.60
N THR H 857 -43.73 51.89 69.80
CA THR H 857 -44.69 50.80 69.87
C THR H 857 -44.20 49.64 70.73
N CYS H 858 -45.05 49.31 71.68
CA CYS H 858 -45.09 48.12 72.50
C CYS H 858 -46.40 47.41 72.24
N SER H 859 -46.51 46.13 72.62
CA SER H 859 -47.73 45.39 72.32
C SER H 859 -49.00 46.02 72.87
N SER H 860 -48.90 46.80 73.95
CA SER H 860 -50.04 47.44 74.58
C SER H 860 -50.02 48.96 74.47
N SER H 861 -49.16 49.53 73.61
CA SER H 861 -49.05 50.98 73.58
C SER H 861 -48.43 51.52 72.30
N PHE H 862 -48.93 52.66 71.85
CA PHE H 862 -48.30 53.36 70.73
C PHE H 862 -47.68 54.68 71.15
N GLN H 863 -47.47 54.87 72.48
CA GLN H 863 -46.85 56.06 73.05
C GLN H 863 -45.90 55.74 74.22
N SER H 864 -45.20 54.60 74.20
CA SER H 864 -44.25 54.29 75.27
C SER H 864 -42.81 54.57 74.90
N PRO H 865 -42.16 55.48 75.64
CA PRO H 865 -40.77 55.84 75.37
C PRO H 865 -39.84 54.71 75.78
N GLY H 866 -38.68 54.65 75.15
CA GLY H 866 -37.68 53.67 75.53
C GLY H 866 -37.87 52.29 74.96
N ASN H 867 -38.53 52.17 73.82
CA ASN H 867 -38.79 50.87 73.24
C ASN H 867 -38.98 51.03 71.74
N ALA H 868 -39.17 49.90 71.04
CA ALA H 868 -39.43 49.92 69.60
C ALA H 868 -39.91 48.56 69.12
N THR H 869 -40.74 48.57 68.08
CA THR H 869 -41.15 47.33 67.43
C THR H 869 -40.82 47.37 65.94
N LEU H 870 -40.34 46.24 65.44
CA LEU H 870 -40.02 46.06 64.04
C LEU H 870 -40.92 45.01 63.43
N ILE H 871 -41.46 45.28 62.24
CA ILE H 871 -42.32 44.32 61.56
C ILE H 871 -41.62 43.78 60.32
N LEU H 872 -41.58 42.46 60.19
CA LEU H 872 -40.93 41.81 59.08
C LEU H 872 -41.89 41.09 58.14
N VAL H 873 -41.73 41.32 56.85
CA VAL H 873 -42.50 40.67 55.79
C VAL H 873 -41.56 39.88 54.88
N PRO H 874 -41.77 38.57 54.73
CA PRO H 874 -40.93 37.69 53.89
C PRO H 874 -41.27 37.85 52.43
N ASP H 875 -40.46 37.22 51.55
CA ASP H 875 -40.74 37.35 50.12
C ASP H 875 -41.81 36.32 49.75
N THR H 876 -41.62 35.07 50.21
CA THR H 876 -42.37 33.87 49.86
C THR H 876 -42.61 33.71 48.37
N VAL H 877 -41.55 33.83 47.55
CA VAL H 877 -41.75 33.67 46.12
C VAL H 877 -42.13 32.21 45.79
N GLN H 878 -41.52 31.24 46.46
CA GLN H 878 -41.82 29.84 46.15
C GLN H 878 -43.12 29.40 46.80
N GLN H 879 -44.22 29.83 46.16
CA GLN H 879 -45.60 29.57 46.60
C GLN H 879 -45.97 28.10 46.64
N SER H 880 -45.16 27.22 46.06
CA SER H 880 -45.27 25.77 46.19
C SER H 880 -45.23 25.27 47.62
N VAL H 881 -44.65 26.08 48.49
CA VAL H 881 -44.54 25.86 49.91
C VAL H 881 -45.39 26.86 50.69
N PHE H 882 -45.18 28.14 50.42
CA PHE H 882 -45.72 29.20 51.26
C PHE H 882 -47.19 29.49 51.04
N ASP H 883 -47.83 29.93 52.11
CA ASP H 883 -49.20 30.41 52.01
C ASP H 883 -49.09 31.89 51.69
N ILE H 884 -49.40 32.24 50.43
CA ILE H 884 -49.13 33.60 49.96
C ILE H 884 -50.17 34.61 50.43
N TYR H 885 -51.22 34.21 51.14
CA TYR H 885 -52.18 35.18 51.63
C TYR H 885 -52.05 35.38 53.13
N GLN H 886 -51.20 34.57 53.74
CA GLN H 886 -50.76 34.67 55.14
C GLN H 886 -49.27 34.44 55.27
N PRO H 887 -48.43 35.24 54.60
CA PRO H 887 -46.98 35.07 54.70
C PRO H 887 -46.51 35.34 56.13
N ARG H 888 -45.62 34.50 56.64
CA ARG H 888 -45.12 34.67 58.00
C ARG H 888 -43.62 34.39 58.08
N VAL H 889 -43.00 35.02 59.05
CA VAL H 889 -41.60 34.83 59.43
C VAL H 889 -41.51 33.83 60.59
N SER H 890 -40.66 32.82 60.42
CA SER H 890 -40.36 31.82 61.41
C SER H 890 -39.58 32.37 62.60
N GLN H 891 -39.54 31.57 63.68
CA GLN H 891 -38.88 32.02 64.91
C GLN H 891 -37.40 32.27 64.71
N GLY H 892 -36.74 31.48 63.86
CA GLY H 892 -35.31 31.65 63.62
C GLY H 892 -35.00 33.08 63.23
N THR H 893 -35.65 33.55 62.18
CA THR H 893 -35.43 34.91 61.72
C THR H 893 -35.89 35.95 62.74
N LEU H 894 -37.06 35.77 63.38
CA LEU H 894 -37.52 36.79 64.32
C LEU H 894 -36.50 37.02 65.44
N ASN H 895 -35.89 35.94 65.90
CA ASN H 895 -34.90 36.02 66.98
C ASN H 895 -33.56 36.54 66.49
N ASP H 896 -33.09 36.09 65.31
CA ASP H 896 -31.80 36.55 64.78
C ASP H 896 -31.82 38.05 64.55
N VAL H 897 -32.94 38.57 64.04
CA VAL H 897 -33.06 39.99 63.78
C VAL H 897 -32.98 40.79 65.07
N ALA H 898 -33.69 40.33 66.10
CA ALA H 898 -33.67 41.02 67.38
C ALA H 898 -32.27 41.07 67.97
N ALA H 899 -31.54 39.95 67.91
CA ALA H 899 -30.20 39.91 68.46
C ALA H 899 -29.27 40.87 67.75
N PHE H 900 -29.32 40.87 66.42
CA PHE H 900 -28.45 41.68 65.56
C PHE H 900 -28.60 43.16 65.88
N VAL H 901 -29.84 43.63 65.99
CA VAL H 901 -30.06 45.04 66.23
C VAL H 901 -29.82 45.42 67.66
N ASN H 902 -30.18 44.56 68.61
CA ASN H 902 -30.06 45.00 70.00
C ASN H 902 -28.60 45.29 70.37
N GLU H 903 -27.65 44.56 69.76
CA GLU H 903 -26.22 44.86 69.89
C GLU H 903 -25.79 46.22 69.37
N LEU H 904 -26.54 46.82 68.45
CA LEU H 904 -26.18 48.08 67.82
C LEU H 904 -27.03 49.26 68.29
N ASN H 905 -27.94 49.08 69.22
CA ASN H 905 -28.84 50.19 69.53
C ASN H 905 -28.29 51.19 70.51
N SER H 906 -28.22 50.76 71.74
CA SER H 906 -27.86 51.53 72.90
C SER H 906 -27.89 50.59 74.06
N PHE H 907 -27.07 50.88 75.07
CA PHE H 907 -27.10 50.11 76.30
C PHE H 907 -28.50 49.98 76.88
N HIS H 908 -29.31 51.02 76.75
CA HIS H 908 -30.62 51.08 77.38
C HIS H 908 -31.79 50.59 76.54
N VAL H 909 -31.64 50.12 75.30
CA VAL H 909 -32.83 49.82 74.49
C VAL H 909 -32.82 48.45 73.83
N GLN H 910 -33.91 47.70 74.03
CA GLN H 910 -34.16 46.45 73.34
C GLN H 910 -35.34 46.62 72.39
N ALA H 911 -35.22 46.06 71.19
CA ALA H 911 -36.31 46.10 70.24
C ALA H 911 -37.00 44.76 70.16
N LYS H 912 -38.28 44.78 69.77
CA LYS H 912 -39.05 43.56 69.56
C LYS H 912 -39.32 43.35 68.08
N VAL H 913 -39.30 42.09 67.66
CA VAL H 913 -39.46 41.72 66.26
C VAL H 913 -40.69 40.84 66.11
N ILE H 914 -41.65 41.26 65.28
CA ILE H 914 -42.92 40.55 65.18
C ILE H 914 -43.33 40.34 63.70
N ASN H 915 -44.34 39.47 63.52
CA ASN H 915 -45.06 39.33 62.27
C ASN H 915 -46.16 40.39 62.19
N PRO H 916 -46.48 40.84 60.96
CA PRO H 916 -47.48 41.91 60.74
C PRO H 916 -48.89 41.60 61.16
N ASN H 917 -49.27 40.33 61.25
CA ASN H 917 -50.62 39.89 61.59
C ASN H 917 -51.65 40.56 60.68
N TYR H 918 -51.51 40.29 59.39
CA TYR H 918 -52.23 40.97 58.33
C TYR H 918 -53.74 40.88 58.43
N GLU H 919 -54.39 41.97 58.01
CA GLU H 919 -55.84 42.14 57.90
C GLU H 919 -56.12 43.15 56.78
N GLU H 920 -57.17 42.89 55.98
CA GLU H 920 -57.40 43.77 54.82
C GLU H 920 -58.79 43.70 54.19
N VAL H 921 -59.15 44.81 53.51
CA VAL H 921 -60.36 45.06 52.75
C VAL H 921 -60.25 44.60 51.31
N LYS H 922 -61.39 44.45 50.62
CA LYS H 922 -61.32 43.99 49.24
C LYS H 922 -62.37 44.63 48.34
N VAL H 923 -62.02 44.71 47.06
CA VAL H 923 -62.75 45.39 46.01
C VAL H 923 -63.91 44.61 45.42
N ASP H 924 -64.85 45.40 44.89
CA ASP H 924 -65.98 45.01 44.10
C ASP H 924 -66.17 46.13 43.09
N VAL H 925 -66.76 45.84 41.93
CA VAL H 925 -66.86 46.91 40.96
C VAL H 925 -67.92 46.68 39.92
N LYS H 926 -68.27 47.78 39.25
CA LYS H 926 -69.12 47.77 38.08
C LYS H 926 -68.47 46.93 37.00
N VAL H 927 -69.30 46.25 36.24
CA VAL H 927 -68.79 45.37 35.21
C VAL H 927 -68.04 46.16 34.16
N LYS H 928 -66.98 45.54 33.65
CA LYS H 928 -66.23 46.15 32.57
C LYS H 928 -67.11 46.35 31.36
N PHE H 929 -66.94 47.51 30.71
CA PHE H 929 -67.67 47.86 29.49
C PHE H 929 -67.18 47.07 28.29
N ARG H 930 -66.04 46.43 28.43
CA ARG H 930 -65.48 45.65 27.35
C ARG H 930 -64.62 44.57 27.95
N GLU H 931 -64.44 43.52 27.16
CA GLU H 931 -63.60 42.40 27.51
C GLU H 931 -63.23 41.75 26.19
N GLY H 932 -62.10 41.04 26.17
CA GLY H 932 -61.71 40.33 24.95
C GLY H 932 -62.75 39.31 24.54
N LEU H 933 -63.30 38.60 25.52
CA LEU H 933 -64.34 37.61 25.33
C LEU H 933 -64.86 37.26 26.71
N ASP H 934 -66.06 36.68 26.75
CA ASP H 934 -66.62 36.23 28.01
C ASP H 934 -65.73 35.24 28.74
N VAL H 935 -64.97 34.43 28.02
CA VAL H 935 -64.05 33.50 28.65
C VAL H 935 -62.63 34.05 28.74
N SER H 936 -62.10 34.55 27.61
CA SER H 936 -60.72 35.01 27.52
C SER H 936 -60.42 36.12 28.49
N PHE H 937 -61.40 36.96 28.76
CA PHE H 937 -61.25 38.04 29.69
C PHE H 937 -62.42 38.01 30.63
N TYR H 938 -62.70 36.80 31.11
CA TYR H 938 -63.77 36.56 32.05
C TYR H 938 -63.57 37.40 33.28
N LEU H 939 -64.68 37.75 33.95
CA LEU H 939 -64.57 38.50 35.20
C LEU H 939 -63.69 37.79 36.20
N THR H 940 -63.68 36.46 36.16
CA THR H 940 -62.77 35.68 36.98
C THR H 940 -61.31 35.97 36.67
N LYS H 941 -60.98 36.19 35.38
CA LYS H 941 -59.60 36.49 35.02
C LYS H 941 -59.22 37.85 35.57
N VAL H 942 -60.15 38.80 35.50
CA VAL H 942 -59.93 40.11 36.04
C VAL H 942 -59.73 40.03 37.54
N LYS H 943 -60.50 39.17 38.19
CA LYS H 943 -60.38 38.97 39.63
C LYS H 943 -59.01 38.42 39.98
N GLU H 944 -58.51 37.48 39.18
CA GLU H 944 -57.19 36.91 39.41
C GLU H 944 -56.11 37.95 39.27
N ASP H 945 -56.23 38.81 38.25
CA ASP H 945 -55.26 39.88 38.06
C ASP H 945 -55.28 40.86 39.21
N ILE H 946 -56.47 41.18 39.71
CA ILE H 946 -56.60 42.08 40.84
C ILE H 946 -55.94 41.48 42.07
N LYS H 947 -56.14 40.19 42.28
CA LYS H 947 -55.53 39.51 43.41
C LYS H 947 -54.02 39.53 43.31
N LYS H 948 -53.48 39.33 42.11
CA LYS H 948 -52.03 39.35 41.95
C LYS H 948 -51.46 40.73 42.27
N PHE H 949 -52.14 41.78 41.82
CA PHE H 949 -51.67 43.14 42.06
C PHE H 949 -51.61 43.45 43.54
N LEU H 950 -52.58 42.97 44.30
CA LEU H 950 -52.59 43.18 45.73
C LEU H 950 -51.62 42.25 46.42
N SER H 951 -51.53 41.00 45.93
CA SER H 951 -50.68 39.98 46.53
C SER H 951 -49.23 40.41 46.53
N PRO H 952 -48.81 41.13 45.49
CA PRO H 952 -47.46 41.66 45.37
C PRO H 952 -47.07 42.61 46.50
N TRP H 953 -48.04 43.19 47.18
CA TRP H 953 -47.71 43.99 48.33
C TRP H 953 -47.58 43.11 49.56
N ALA H 954 -48.48 42.15 49.69
CA ALA H 954 -48.51 41.20 50.80
C ALA H 954 -47.32 40.28 50.79
N TYR H 955 -46.89 39.88 49.60
CA TYR H 955 -45.84 38.91 49.41
C TYR H 955 -45.18 39.29 48.11
N ASP H 956 -43.97 38.81 47.88
CA ASP H 956 -43.33 39.19 46.63
C ASP H 956 -44.07 38.64 45.42
N GLN H 957 -44.27 39.51 44.43
CA GLN H 957 -44.84 39.22 43.13
C GLN H 957 -44.62 40.48 42.30
N GLU H 958 -44.83 40.40 41.00
CA GLU H 958 -44.72 41.62 40.21
C GLU H 958 -46.01 42.44 40.28
N SER H 959 -45.85 43.76 40.25
CA SER H 959 -46.99 44.69 40.15
C SER H 959 -46.49 46.06 39.72
N SER H 960 -47.13 46.64 38.71
CA SER H 960 -46.76 47.97 38.23
C SER H 960 -47.08 49.05 39.25
N VAL H 961 -48.19 48.89 39.96
CA VAL H 961 -48.65 49.89 40.93
C VAL H 961 -47.67 50.00 42.10
N GLU H 962 -47.48 51.25 42.56
CA GLU H 962 -46.59 51.53 43.68
C GLU H 962 -47.00 50.80 44.96
N PHE H 963 -48.31 50.67 45.20
CA PHE H 963 -48.77 50.04 46.42
C PHE H 963 -50.21 49.56 46.28
N GLY H 964 -50.54 48.50 47.03
CA GLY H 964 -51.92 48.08 47.18
C GLY H 964 -52.72 49.09 47.96
N VAL H 965 -52.09 49.70 48.96
CA VAL H 965 -52.73 50.67 49.85
C VAL H 965 -52.82 52.01 49.17
N THR H 966 -53.77 52.10 48.24
CA THR H 966 -53.87 53.28 47.41
C THR H 966 -55.32 53.59 47.08
N LEU H 967 -55.50 54.79 46.55
CA LEU H 967 -56.77 55.31 46.10
C LEU H 967 -57.24 54.55 44.87
N HIS H 968 -58.56 54.63 44.62
CA HIS H 968 -59.18 54.00 43.47
C HIS H 968 -58.58 54.45 42.16
N ARG H 969 -58.00 55.65 42.14
CA ARG H 969 -57.34 56.15 40.94
C ARG H 969 -56.22 55.25 40.48
N SER H 970 -55.49 54.66 41.45
CA SER H 970 -54.41 53.76 41.10
C SER H 970 -54.97 52.47 40.55
N GLN H 971 -56.04 51.99 41.19
CA GLN H 971 -56.68 50.77 40.75
C GLN H 971 -57.24 50.93 39.36
N MET H 972 -57.83 52.09 39.09
CA MET H 972 -58.39 52.37 37.78
C MET H 972 -57.33 52.37 36.72
N ILE H 973 -56.18 52.97 37.01
CA ILE H 973 -55.08 52.98 36.04
C ILE H 973 -54.58 51.58 35.76
N HIS H 974 -54.49 50.75 36.80
CA HIS H 974 -54.01 49.38 36.64
C HIS H 974 -54.89 48.59 35.70
N TYR H 975 -56.21 48.79 35.81
CA TYR H 975 -57.16 48.12 34.97
C TYR H 975 -57.22 48.73 33.58
N LEU H 976 -57.14 50.06 33.49
CA LEU H 976 -57.21 50.76 32.21
C LEU H 976 -56.10 50.32 31.28
N GLU H 977 -54.95 50.01 31.86
CA GLU H 977 -53.79 49.53 31.14
C GLU H 977 -53.99 48.18 30.46
N GLN H 978 -55.01 47.42 30.87
CA GLN H 978 -55.25 46.09 30.31
C GLN H 978 -55.63 46.16 28.83
N LEU H 979 -55.19 45.17 28.07
CA LEU H 979 -55.49 45.08 26.64
C LEU H 979 -56.89 44.56 26.37
N THR H 980 -57.65 44.25 27.41
CA THR H 980 -58.98 43.68 27.31
C THR H 980 -59.95 44.40 28.21
N TYR H 981 -59.99 45.73 28.12
CA TYR H 981 -60.88 46.53 28.95
C TYR H 981 -61.19 47.86 28.27
N VAL H 982 -62.31 48.49 28.67
CA VAL H 982 -62.60 49.83 28.16
C VAL H 982 -63.05 50.83 29.21
N ASP H 983 -63.83 50.40 30.20
CA ASP H 983 -64.39 51.32 31.16
C ASP H 983 -65.06 50.55 32.30
N TYR H 984 -65.36 51.26 33.38
CA TYR H 984 -66.19 50.74 34.45
C TYR H 984 -66.80 51.93 35.18
N ILE H 985 -68.13 51.90 35.37
CA ILE H 985 -68.88 53.04 35.93
C ILE H 985 -68.53 53.36 37.38
N THR H 986 -68.24 52.35 38.20
CA THR H 986 -68.05 52.59 39.63
C THR H 986 -67.26 51.46 40.27
N ASP H 987 -66.66 51.75 41.43
CA ASP H 987 -65.95 50.73 42.20
C ASP H 987 -65.90 51.13 43.68
N LEU H 988 -65.70 50.12 44.54
CA LEU H 988 -65.59 50.32 45.98
C LEU H 988 -64.76 49.19 46.59
N ARG H 989 -64.21 49.42 47.78
CA ARG H 989 -63.42 48.36 48.43
C ARG H 989 -63.49 48.39 49.96
N LEU H 990 -64.68 48.33 50.54
CA LEU H 990 -64.77 48.37 51.99
C LEU H 990 -64.30 47.05 52.61
N LEU H 991 -63.94 47.13 53.90
CA LEU H 991 -63.57 45.94 54.63
C LEU H 991 -64.77 45.02 54.76
N LYS H 992 -64.47 43.73 54.84
CA LYS H 992 -65.49 42.70 54.80
C LYS H 992 -66.18 42.58 56.16
N ARG H 993 -67.14 43.48 56.39
CA ARG H 993 -67.97 43.45 57.59
C ARG H 993 -68.79 42.17 57.66
N GLN H 994 -68.99 41.57 56.49
CA GLN H 994 -69.78 40.38 56.29
C GLN H 994 -68.93 39.13 56.24
N ALA H 995 -67.71 39.21 56.75
CA ALA H 995 -66.88 38.02 56.81
C ALA H 995 -67.33 37.29 58.04
N GLY H 996 -68.03 36.18 57.81
CA GLY H 996 -68.55 35.33 58.88
C GLY H 996 -67.46 34.55 59.62
N SER H 997 -66.44 34.10 58.89
CA SER H 997 -65.42 33.21 59.45
C SER H 997 -64.63 33.86 60.57
N SER H 998 -64.25 35.09 60.40
CA SER H 998 -63.54 35.86 61.38
C SER H 998 -64.75 36.56 62.00
N PRO H 999 -64.85 36.58 63.32
CA PRO H 999 -66.11 37.01 63.96
C PRO H 999 -66.70 38.39 63.57
N CYS H 1000 -68.04 38.43 63.55
CA CYS H 1000 -68.85 39.56 63.09
C CYS H 1000 -68.67 40.78 63.97
N ASN H 1001 -69.09 41.95 63.46
CA ASN H 1001 -68.76 43.23 64.10
C ASN H 1001 -67.41 43.73 63.62
N PRO H 1002 -66.87 43.07 62.60
CA PRO H 1002 -65.60 43.47 62.05
C PRO H 1002 -65.71 44.86 61.43
N ILE H 1003 -64.65 45.63 61.61
CA ILE H 1003 -64.58 46.97 61.07
C ILE H 1003 -64.58 46.93 59.56
N PHE H 1004 -65.21 47.95 58.99
CA PHE H 1004 -65.38 48.11 57.57
C PHE H 1004 -64.60 49.33 57.12
N ILE H 1005 -64.32 49.41 55.84
CA ILE H 1005 -63.53 50.54 55.35
C ILE H 1005 -64.35 51.35 54.36
N GLU H 1006 -65.46 51.87 54.84
CA GLU H 1006 -66.42 52.57 54.00
C GLU H 1006 -66.21 54.08 53.95
N THR H 1007 -65.59 54.68 54.96
CA THR H 1007 -65.54 56.14 55.09
C THR H 1007 -64.48 56.82 54.22
N THR H 1008 -64.59 56.63 52.90
CA THR H 1008 -63.76 57.30 51.89
C THR H 1008 -62.25 57.23 52.14
N GLU H 1009 -61.75 56.08 52.58
CA GLU H 1009 -60.31 55.95 52.79
C GLU H 1009 -59.64 55.42 51.54
N LYS H 1010 -58.41 55.88 51.28
CA LYS H 1010 -57.63 55.32 50.18
C LYS H 1010 -56.97 54.01 50.60
N GLU H 1011 -57.82 53.04 50.96
CA GLU H 1011 -57.42 51.71 51.42
C GLU H 1011 -56.43 51.76 52.59
N TYR H 1012 -56.65 52.70 53.53
CA TYR H 1012 -55.74 52.82 54.67
C TYR H 1012 -55.73 51.55 55.50
N ILE H 1013 -54.56 51.21 56.03
CA ILE H 1013 -54.49 50.06 56.92
C ILE H 1013 -55.32 50.31 58.17
N GLN H 1014 -55.95 49.25 58.65
CA GLN H 1014 -56.81 49.30 59.83
C GLN H 1014 -56.05 49.73 61.08
N PRO H 1015 -54.75 49.51 61.11
CA PRO H 1015 -53.95 49.78 62.31
C PRO H 1015 -52.48 49.95 61.94
N SER H 1016 -51.74 50.53 62.88
CA SER H 1016 -50.30 50.67 62.75
C SER H 1016 -49.59 49.32 62.61
N ASN H 1017 -50.14 48.30 63.24
CA ASN H 1017 -49.63 46.94 63.23
C ASN H 1017 -50.86 46.08 63.35
N PRO H 1018 -50.78 44.80 62.97
CA PRO H 1018 -51.94 43.89 62.93
C PRO H 1018 -52.90 44.34 61.85
N LYS H 1019 -52.31 44.76 60.73
CA LYS H 1019 -53.03 45.21 59.56
C LYS H 1019 -52.07 45.17 58.37
N SER H 1020 -52.65 45.01 57.18
CA SER H 1020 -51.83 45.07 55.98
C SER H 1020 -52.44 45.81 54.81
N ILE H 1021 -53.77 45.90 54.70
CA ILE H 1021 -54.42 46.49 53.53
C ILE H 1021 -53.93 45.86 52.22
N LEU H 1022 -53.78 44.54 52.22
CA LEU H 1022 -53.31 43.79 51.06
C LEU H 1022 -54.08 42.49 50.90
N VAL H 1023 -55.42 42.57 50.84
CA VAL H 1023 -56.25 41.39 50.65
C VAL H 1023 -56.07 40.89 49.24
N SER H 1024 -56.17 39.58 49.05
CA SER H 1024 -56.02 39.04 47.71
C SER H 1024 -56.60 37.64 47.64
N ARG I 14 -81.81 40.21 -16.76
CA ARG I 14 -80.40 40.03 -17.07
C ARG I 14 -79.74 39.21 -15.97
N ASP I 15 -78.63 38.55 -16.30
CA ASP I 15 -77.97 37.64 -15.36
C ASP I 15 -76.73 38.23 -14.71
N GLY I 16 -76.51 39.53 -14.82
CA GLY I 16 -75.36 40.16 -14.20
C GLY I 16 -74.06 39.73 -14.86
N THR I 17 -73.12 39.26 -14.04
CA THR I 17 -71.84 38.79 -14.56
C THR I 17 -71.26 37.74 -13.63
N GLY I 18 -70.06 37.28 -13.97
CA GLY I 18 -69.42 36.25 -13.20
C GLY I 18 -68.01 36.00 -13.70
N ARG I 19 -67.37 35.00 -13.07
CA ARG I 19 -65.93 34.76 -13.24
C ARG I 19 -65.54 34.42 -14.68
N ARG I 20 -66.36 33.64 -15.38
CA ARG I 20 -66.00 33.22 -16.73
C ARG I 20 -66.18 34.33 -17.76
N ASP I 21 -66.79 35.44 -17.39
CA ASP I 21 -67.11 36.52 -18.30
C ASP I 21 -66.13 37.68 -18.18
N LEU I 22 -65.05 37.50 -17.43
CA LEU I 22 -64.17 38.61 -17.07
C LEU I 22 -62.95 38.77 -17.98
N LEU I 23 -62.88 38.06 -19.11
CA LEU I 23 -61.71 38.15 -19.97
C LEU I 23 -61.94 39.17 -21.09
N ASP I 24 -61.08 40.18 -21.15
CA ASP I 24 -61.15 41.19 -22.19
C ASP I 24 -60.30 40.72 -23.36
N PRO I 25 -60.92 40.38 -24.51
CA PRO I 25 -60.18 39.83 -25.65
C PRO I 25 -59.22 40.80 -26.31
N LYS I 26 -59.26 42.08 -25.99
CA LYS I 26 -58.48 43.06 -26.74
C LYS I 26 -57.66 43.89 -25.77
N LEU I 27 -57.29 43.32 -24.63
CA LEU I 27 -56.41 44.00 -23.70
C LEU I 27 -54.99 43.48 -23.78
N ALA I 28 -54.86 42.17 -24.00
CA ALA I 28 -53.55 41.54 -24.11
C ALA I 28 -52.77 42.16 -25.26
N PRO I 29 -51.53 42.61 -25.01
CA PRO I 29 -50.69 43.26 -26.03
C PRO I 29 -50.55 42.50 -27.33
N GLU I 30 -50.53 41.15 -27.28
CA GLU I 30 -50.47 40.32 -28.48
C GLU I 30 -51.42 40.70 -29.58
N SER I 31 -52.63 41.15 -29.24
CA SER I 31 -53.66 41.45 -30.23
C SER I 31 -53.19 42.43 -31.31
N VAL I 32 -52.10 43.13 -31.07
CA VAL I 32 -51.54 44.10 -32.00
C VAL I 32 -50.19 43.60 -32.50
N GLN I 33 -50.09 43.41 -33.80
CA GLN I 33 -48.85 43.05 -34.45
C GLN I 33 -48.42 44.26 -35.27
N LEU I 34 -47.44 45.00 -34.74
CA LEU I 34 -47.00 46.25 -35.36
C LEU I 34 -46.47 46.02 -36.77
N GLN I 35 -45.84 44.89 -37.01
CA GLN I 35 -45.28 44.51 -38.30
C GLN I 35 -45.83 43.15 -38.68
N ASP I 36 -46.53 43.04 -39.81
CA ASP I 36 -47.08 41.75 -40.27
C ASP I 36 -46.63 41.25 -41.65
N PHE I 37 -45.56 41.76 -42.24
CA PHE I 37 -45.24 41.25 -43.58
C PHE I 37 -44.64 39.84 -43.53
N GLU I 38 -44.96 39.05 -44.54
CA GLU I 38 -44.38 37.73 -44.75
C GLU I 38 -43.41 37.80 -45.92
N LEU I 39 -42.75 36.67 -46.22
CA LEU I 39 -41.80 36.63 -47.33
C LEU I 39 -42.47 37.03 -48.63
N SER I 40 -43.69 36.56 -48.82
CA SER I 40 -44.51 36.85 -49.98
C SER I 40 -44.86 38.32 -50.14
N ASP I 41 -44.89 39.09 -49.06
CA ASP I 41 -45.20 40.50 -49.20
C ASP I 41 -43.99 41.30 -49.60
N TRP I 42 -42.82 40.89 -49.11
CA TRP I 42 -41.61 41.57 -49.55
C TRP I 42 -41.28 41.24 -50.98
N LEU I 43 -41.70 40.05 -51.44
CA LEU I 43 -41.51 39.72 -52.85
C LEU I 43 -42.42 40.57 -53.74
N ILE I 44 -43.67 40.84 -53.31
CA ILE I 44 -44.54 41.73 -54.09
C ILE I 44 -43.96 43.13 -54.15
N PHE I 45 -43.43 43.60 -53.02
CA PHE I 45 -42.73 44.88 -52.94
C PHE I 45 -41.62 44.97 -54.00
N ALA I 46 -40.81 43.92 -54.11
CA ALA I 46 -39.73 43.87 -55.09
C ALA I 46 -40.24 43.88 -56.53
N LEU I 47 -41.36 43.19 -56.81
CA LEU I 47 -41.89 43.16 -58.17
C LEU I 47 -42.30 44.54 -58.66
N ASN I 48 -42.75 45.38 -57.75
CA ASN I 48 -43.19 46.73 -58.07
C ASN I 48 -41.99 47.64 -58.20
N PHE I 49 -41.08 47.53 -57.23
CA PHE I 49 -39.89 48.36 -57.13
C PHE I 49 -39.00 48.23 -58.36
N ALA I 50 -38.93 47.01 -58.91
CA ALA I 50 -38.12 46.71 -60.10
C ALA I 50 -38.50 47.57 -61.31
N ARG I 51 -39.73 48.06 -61.36
CA ARG I 51 -40.21 48.88 -62.47
C ARG I 51 -39.99 50.37 -62.26
N LYS I 52 -39.46 50.78 -61.12
CA LYS I 52 -39.20 52.17 -60.84
C LYS I 52 -37.72 52.53 -60.92
N ILE I 53 -36.87 51.58 -61.28
CA ILE I 53 -35.42 51.72 -61.28
C ILE I 53 -34.93 51.48 -62.71
N HIS I 54 -34.09 52.38 -63.21
CA HIS I 54 -33.44 52.24 -64.52
C HIS I 54 -32.50 51.04 -64.54
N PHE I 55 -32.21 50.52 -65.73
CA PHE I 55 -31.18 49.50 -65.89
C PHE I 55 -30.18 50.00 -66.91
N PHE I 56 -28.90 49.78 -66.65
CA PHE I 56 -27.84 50.28 -67.53
C PHE I 56 -27.08 49.16 -68.21
N PRO I 57 -27.27 48.96 -69.52
CA PRO I 57 -26.54 47.93 -70.27
C PRO I 57 -25.04 48.17 -70.31
N SER I 58 -24.28 47.09 -70.35
CA SER I 58 -22.82 47.16 -70.34
C SER I 58 -22.22 47.82 -71.56
N ASP I 59 -22.95 47.88 -72.65
CA ASP I 59 -22.41 48.37 -73.91
C ASP I 59 -22.78 49.83 -74.19
N LEU I 60 -23.40 50.52 -73.24
CA LEU I 60 -23.72 51.92 -73.42
C LEU I 60 -22.94 52.77 -72.43
N ALA I 61 -22.63 54.01 -72.81
CA ALA I 61 -21.85 54.89 -71.94
C ALA I 61 -22.75 55.51 -70.88
N ASN I 62 -23.16 54.65 -69.92
CA ASN I 62 -24.04 55.05 -68.84
C ASN I 62 -25.37 55.62 -69.33
N GLU I 63 -25.93 55.02 -70.35
CA GLU I 63 -27.24 55.41 -70.85
C GLU I 63 -28.23 54.37 -70.34
N PRO I 64 -29.40 54.77 -69.88
CA PRO I 64 -30.40 53.81 -69.42
C PRO I 64 -31.11 53.14 -70.57
N LEU I 65 -31.54 51.89 -70.36
CA LEU I 65 -32.36 51.19 -71.35
C LEU I 65 -33.25 50.14 -70.66
N GLY I 66 -34.43 50.55 -70.24
CA GLY I 66 -35.31 49.61 -69.57
C GLY I 66 -35.13 49.59 -68.05
N ASP I 67 -35.53 48.49 -67.44
CA ASP I 67 -35.62 48.39 -65.98
C ASP I 67 -35.13 47.01 -65.54
N TRP I 68 -35.51 46.63 -64.32
CA TRP I 68 -35.08 45.39 -63.68
C TRP I 68 -36.17 44.34 -63.66
N ARG I 69 -37.19 44.51 -64.50
CA ARG I 69 -38.38 43.65 -64.55
C ARG I 69 -38.06 42.18 -64.73
N ASN I 70 -37.07 41.86 -65.56
CA ASN I 70 -36.76 40.49 -65.93
C ASN I 70 -36.02 39.72 -64.85
N PHE I 71 -35.66 40.36 -63.75
CA PHE I 71 -34.91 39.66 -62.72
C PHE I 71 -35.82 39.03 -61.68
N PHE I 72 -37.11 39.32 -61.69
CA PHE I 72 -38.04 38.74 -60.74
C PHE I 72 -39.19 38.00 -61.42
N SER I 73 -39.16 37.85 -62.73
CA SER I 73 -40.27 37.20 -63.40
C SER I 73 -40.42 35.75 -62.97
N THR I 74 -39.32 35.07 -62.70
CA THR I 74 -39.35 33.63 -62.42
C THR I 74 -40.04 33.27 -61.12
N ILE I 75 -40.53 34.23 -60.37
CA ILE I 75 -41.28 33.98 -59.15
C ILE I 75 -42.72 33.65 -59.47
N VAL I 76 -43.32 34.41 -60.37
CA VAL I 76 -44.73 34.31 -60.69
C VAL I 76 -44.93 33.35 -61.87
N SER I 77 -45.60 32.24 -61.60
CA SER I 77 -45.95 31.19 -62.55
C SER I 77 -47.03 31.53 -63.56
N ASP I 78 -47.80 32.57 -63.31
CA ASP I 78 -48.82 33.02 -64.26
C ASP I 78 -48.62 34.51 -64.44
N LYS I 79 -48.07 34.86 -65.60
CA LYS I 79 -47.70 36.21 -65.93
C LYS I 79 -48.89 37.15 -66.07
N THR I 80 -50.11 36.60 -66.22
CA THR I 80 -51.32 37.43 -66.23
C THR I 80 -51.42 38.34 -65.03
N LEU I 81 -51.07 37.82 -63.86
CA LEU I 81 -51.29 38.51 -62.61
C LEU I 81 -50.36 39.68 -62.40
N ILE I 82 -49.33 39.85 -63.22
CA ILE I 82 -48.40 40.95 -62.98
C ILE I 82 -48.26 41.84 -64.20
N SER I 83 -49.16 41.71 -65.19
CA SER I 83 -49.08 42.49 -66.43
C SER I 83 -49.17 43.99 -66.15
N ASP I 84 -49.83 44.36 -65.07
CA ASP I 84 -50.02 45.73 -64.65
C ASP I 84 -49.87 45.86 -63.14
N ILE I 85 -48.89 45.16 -62.55
CA ILE I 85 -48.80 44.97 -61.09
C ILE I 85 -48.84 46.29 -60.30
N GLU I 86 -48.33 47.37 -60.88
CA GLU I 86 -48.22 48.64 -60.19
C GLU I 86 -49.61 49.28 -59.99
N ASN I 87 -50.67 48.73 -60.61
CA ASN I 87 -52.02 49.24 -60.47
C ASN I 87 -52.95 48.30 -59.71
N LEU I 88 -52.42 47.30 -58.98
CA LEU I 88 -53.32 46.38 -58.31
C LEU I 88 -53.76 46.88 -56.95
N ASP I 89 -54.94 46.45 -56.55
CA ASP I 89 -55.54 46.67 -55.24
C ASP I 89 -55.84 45.37 -54.53
N ASP I 90 -55.64 44.25 -55.21
CA ASP I 90 -56.02 42.94 -54.71
C ASP I 90 -54.88 41.99 -55.05
N PHE I 91 -54.23 41.51 -54.00
CA PHE I 91 -53.04 40.71 -54.11
C PHE I 91 -53.26 39.26 -53.72
N GLU I 92 -54.52 38.84 -53.61
CA GLU I 92 -54.87 37.48 -53.16
C GLU I 92 -54.39 36.40 -54.13
N LYS I 93 -54.55 36.62 -55.44
CA LYS I 93 -54.12 35.63 -56.41
C LYS I 93 -52.61 35.65 -56.56
N LEU I 94 -52.03 36.85 -56.52
CA LEU I 94 -50.59 36.99 -56.67
C LEU I 94 -49.86 36.37 -55.50
N ARG I 95 -50.34 36.63 -54.27
CA ARG I 95 -49.73 36.07 -53.08
C ARG I 95 -49.80 34.55 -53.09
N GLY I 96 -50.89 34.00 -53.62
CA GLY I 96 -51.02 32.55 -53.75
C GLY I 96 -49.95 31.92 -54.60
N ASN I 97 -49.71 32.47 -55.80
CA ASN I 97 -48.68 31.92 -56.67
C ASN I 97 -47.29 32.06 -56.08
N ILE I 98 -47.04 33.16 -55.36
CA ILE I 98 -45.73 33.35 -54.76
C ILE I 98 -45.48 32.30 -53.69
N GLU I 99 -46.52 31.94 -52.93
CA GLU I 99 -46.34 30.92 -51.90
C GLU I 99 -46.03 29.57 -52.51
N GLU I 100 -46.67 29.20 -53.63
CA GLU I 100 -46.27 27.96 -54.31
C GLU I 100 -44.82 27.97 -54.78
N PHE I 101 -44.33 29.10 -55.29
CA PHE I 101 -42.92 29.22 -55.68
C PHE I 101 -42.01 28.94 -54.51
N LEU I 102 -42.29 29.58 -53.36
CA LEU I 102 -41.43 29.44 -52.20
C LEU I 102 -41.40 28.01 -51.71
N ALA I 103 -42.55 27.33 -51.73
CA ALA I 103 -42.58 25.93 -51.33
C ALA I 103 -41.79 25.06 -52.28
N ALA I 104 -41.94 25.29 -53.59
CA ALA I 104 -41.32 24.45 -54.63
C ALA I 104 -39.80 24.47 -54.56
N TYR I 105 -39.22 25.61 -54.21
CA TYR I 105 -37.78 25.72 -54.20
C TYR I 105 -37.20 25.60 -52.81
N ASP I 106 -38.01 25.33 -51.80
CA ASP I 106 -37.44 25.22 -50.46
C ASP I 106 -36.64 23.95 -50.37
N GLN I 107 -35.33 24.15 -50.15
CA GLN I 107 -34.34 23.08 -50.06
C GLN I 107 -34.20 22.29 -51.34
N SER I 108 -34.40 22.92 -52.49
CA SER I 108 -34.21 22.23 -53.76
C SER I 108 -32.79 22.35 -54.29
N GLY I 109 -32.10 23.42 -53.93
CA GLY I 109 -30.78 23.69 -54.47
C GLY I 109 -30.79 24.29 -55.87
N LYS I 110 -31.92 24.82 -56.33
CA LYS I 110 -32.07 25.18 -57.75
C LYS I 110 -32.28 26.66 -58.05
N LEU I 111 -32.12 27.60 -57.13
CA LEU I 111 -32.34 29.00 -57.49
C LEU I 111 -31.08 29.65 -58.05
N THR I 112 -31.30 30.54 -59.02
CA THR I 112 -30.27 31.48 -59.44
C THR I 112 -29.75 32.33 -58.29
N PRO I 113 -28.42 32.55 -58.25
CA PRO I 113 -27.76 33.24 -57.14
C PRO I 113 -28.28 34.62 -56.74
N HIS I 114 -28.81 35.44 -57.66
CA HIS I 114 -29.29 36.73 -57.18
C HIS I 114 -30.56 36.60 -56.36
N LEU I 115 -31.37 35.57 -56.62
CA LEU I 115 -32.54 35.36 -55.80
C LEU I 115 -32.18 34.65 -54.52
N THR I 116 -31.16 33.79 -54.57
CA THR I 116 -30.72 33.09 -53.37
C THR I 116 -30.33 34.06 -52.27
N LEU I 117 -29.59 35.12 -52.60
CA LEU I 117 -29.25 36.12 -51.59
C LEU I 117 -30.48 36.86 -51.10
N PHE I 118 -31.35 37.30 -52.02
CA PHE I 118 -32.50 38.09 -51.63
C PHE I 118 -33.40 37.34 -50.67
N VAL I 119 -33.65 36.06 -50.95
CA VAL I 119 -34.55 35.30 -50.09
C VAL I 119 -33.90 34.97 -48.76
N SER I 120 -32.59 34.70 -48.76
CA SER I 120 -31.91 34.36 -47.54
C SER I 120 -31.88 35.57 -46.61
N PHE I 121 -31.74 36.77 -47.17
CA PHE I 121 -31.85 38.01 -46.42
C PHE I 121 -33.22 38.16 -45.78
N LEU I 122 -34.28 37.91 -46.55
CA LEU I 122 -35.63 38.05 -46.03
C LEU I 122 -35.89 37.06 -44.90
N LYS I 123 -35.32 35.87 -44.97
CA LYS I 123 -35.47 34.91 -43.88
C LYS I 123 -34.74 35.37 -42.62
N LEU I 124 -33.55 35.98 -42.76
CA LEU I 124 -32.83 36.45 -41.59
C LEU I 124 -33.60 37.53 -40.84
N LEU I 125 -34.33 38.37 -41.57
CA LEU I 125 -35.12 39.45 -40.99
C LEU I 125 -36.25 38.99 -40.08
N GLU I 126 -36.62 37.69 -40.09
CA GLU I 126 -37.72 37.28 -39.23
C GLU I 126 -37.39 37.41 -37.76
N THR I 127 -36.11 37.40 -37.39
CA THR I 127 -35.75 37.64 -36.00
C THR I 127 -35.93 39.09 -35.59
N SER I 128 -35.93 40.01 -36.55
CA SER I 128 -36.17 41.40 -36.24
C SER I 128 -37.64 41.65 -35.99
N LYS I 129 -38.48 40.96 -36.75
CA LYS I 129 -39.92 41.03 -36.57
C LYS I 129 -40.31 40.58 -35.17
N LYS I 130 -39.67 39.52 -34.69
CA LYS I 130 -39.96 38.99 -33.36
C LYS I 130 -39.66 40.00 -32.27
N ARG I 131 -38.51 40.69 -32.36
CA ARG I 131 -38.15 41.68 -31.36
C ARG I 131 -39.00 42.93 -31.47
N PHE I 132 -39.24 43.39 -32.70
CA PHE I 132 -39.98 44.61 -32.95
C PHE I 132 -41.41 44.54 -32.44
N ASN I 133 -42.05 43.39 -32.60
CA ASN I 133 -43.45 43.30 -32.19
C ASN I 133 -43.64 43.14 -30.68
N GLN I 134 -42.58 43.16 -29.89
CA GLN I 134 -42.74 43.13 -28.44
C GLN I 134 -42.82 44.51 -27.83
N LEU I 135 -42.77 45.55 -28.68
CA LEU I 135 -42.83 46.92 -28.20
C LEU I 135 -44.16 47.27 -27.57
N THR I 136 -45.27 46.62 -27.99
CA THR I 136 -46.57 47.01 -27.48
C THR I 136 -46.68 46.56 -26.02
N LYS I 137 -46.05 45.44 -25.67
CA LYS I 137 -46.08 44.98 -24.29
C LYS I 137 -45.20 45.84 -23.41
N ARG I 138 -44.00 46.18 -23.91
CA ARG I 138 -43.07 47.01 -23.15
C ARG I 138 -43.69 48.37 -22.85
N HIS I 139 -44.43 48.91 -23.81
CA HIS I 139 -45.12 50.19 -23.65
C HIS I 139 -46.17 50.11 -22.56
N LEU I 140 -47.01 49.07 -22.58
CA LEU I 140 -48.06 48.92 -21.58
C LEU I 140 -47.49 48.75 -20.18
N ASP I 141 -46.48 47.90 -20.02
CA ASP I 141 -45.90 47.66 -18.71
C ASP I 141 -45.26 48.92 -18.15
N PHE I 142 -44.61 49.69 -19.00
CA PHE I 142 -44.00 50.95 -18.58
C PHE I 142 -45.03 51.88 -17.98
N TYR I 143 -46.16 52.06 -18.67
CA TYR I 143 -47.19 52.96 -18.19
C TYR I 143 -47.76 52.52 -16.86
N TYR I 144 -48.13 51.24 -16.72
CA TYR I 144 -48.73 50.82 -15.46
C TYR I 144 -47.72 50.77 -14.31
N GLN I 145 -46.47 50.37 -14.58
CA GLN I 145 -45.53 50.18 -13.47
C GLN I 145 -44.63 51.37 -13.19
N GLU I 146 -44.24 52.15 -14.18
CA GLU I 146 -43.31 53.25 -13.91
C GLU I 146 -43.99 54.61 -13.89
N ILE I 147 -45.05 54.79 -14.64
CA ILE I 147 -45.78 56.05 -14.59
C ILE I 147 -46.82 56.04 -13.48
N LEU I 148 -47.63 54.99 -13.39
CA LEU I 148 -48.66 54.94 -12.38
C LEU I 148 -48.20 54.32 -11.08
N HIS I 149 -47.02 53.69 -11.05
CA HIS I 149 -46.42 53.07 -9.86
C HIS I 149 -47.27 51.97 -9.25
N LEU I 150 -47.86 51.11 -10.05
CA LEU I 150 -48.72 50.05 -9.53
C LEU I 150 -48.01 48.70 -9.62
N GLU I 151 -47.99 47.97 -8.53
CA GLU I 151 -47.39 46.64 -8.44
C GLU I 151 -48.40 45.51 -8.32
N LYS I 152 -47.87 44.28 -8.37
CA LYS I 152 -48.65 43.06 -8.28
C LYS I 152 -48.82 42.65 -6.82
N GLN I 153 -49.89 41.89 -6.56
CA GLN I 153 -50.18 41.42 -5.22
C GLN I 153 -49.51 40.06 -4.94
N ALA I 154 -49.16 39.87 -3.67
CA ALA I 154 -48.45 38.71 -3.16
C ALA I 154 -49.39 37.59 -2.72
N LEU I 155 -48.78 36.46 -2.40
CA LEU I 155 -49.38 35.18 -2.02
C LEU I 155 -49.92 35.16 -0.59
N SER I 156 -51.02 34.42 -0.38
CA SER I 156 -51.57 34.11 0.95
C SER I 156 -51.59 32.61 1.23
N PRO I 157 -51.11 32.18 2.40
CA PRO I 157 -51.06 30.75 2.74
C PRO I 157 -52.43 30.20 3.14
N ASP I 158 -52.62 28.88 2.98
CA ASP I 158 -53.88 28.24 3.33
C ASP I 158 -53.86 27.57 4.72
N HIS I 159 -55.07 27.26 5.22
CA HIS I 159 -55.31 26.70 6.56
C HIS I 159 -55.98 25.32 6.50
N VAL I 160 -55.58 24.40 7.40
CA VAL I 160 -56.19 23.07 7.53
C VAL I 160 -56.43 22.70 8.98
N PHE I 161 -57.33 21.73 9.19
CA PHE I 161 -57.49 21.05 10.47
C PHE I 161 -57.10 19.59 10.36
N LEU I 162 -56.42 19.09 11.39
CA LEU I 162 -55.98 17.72 11.47
C LEU I 162 -56.51 17.08 12.74
N ILE I 163 -56.79 15.78 12.74
CA ILE I 163 -57.27 15.09 13.95
C ILE I 163 -56.18 14.13 14.46
N PHE I 164 -55.89 14.16 15.77
CA PHE I 164 -54.82 13.36 16.35
C PHE I 164 -55.32 12.17 17.17
N GLU I 165 -54.47 11.16 17.31
CA GLU I 165 -54.75 9.96 18.12
C GLU I 165 -53.54 9.63 18.98
N LEU I 166 -53.76 9.43 20.28
CA LEU I 166 -52.64 9.12 21.15
C LEU I 166 -52.35 7.62 21.18
N ALA I 167 -51.11 7.29 21.53
CA ALA I 167 -50.66 5.91 21.62
C ALA I 167 -51.20 5.27 22.89
N LYS I 168 -51.10 3.93 22.96
CA LYS I 168 -51.80 3.15 23.98
C LYS I 168 -51.29 3.35 25.41
N ASN I 169 -50.00 3.64 25.63
CA ASN I 169 -49.45 3.68 27.00
C ASN I 169 -49.26 5.09 27.59
N VAL I 170 -49.85 6.16 27.03
CA VAL I 170 -49.70 7.50 27.58
C VAL I 170 -51.07 8.06 27.95
N SER I 171 -51.11 9.04 28.88
CA SER I 171 -52.44 9.56 29.21
C SER I 171 -52.70 11.00 28.76
N GLN I 172 -51.75 11.94 28.91
CA GLN I 172 -51.98 13.33 28.49
C GLN I 172 -50.68 14.00 28.10
N GLU I 173 -50.68 14.73 26.96
CA GLU I 173 -49.46 15.37 26.49
C GLU I 173 -49.73 16.75 25.90
N LYS I 174 -48.65 17.47 25.68
CA LYS I 174 -48.69 18.80 25.13
C LYS I 174 -48.01 18.88 23.79
N LEU I 175 -48.71 19.41 22.80
CA LEU I 175 -48.12 19.58 21.49
C LEU I 175 -47.71 21.03 21.36
N ASP I 176 -46.47 21.26 20.98
CA ASP I 176 -45.89 22.58 20.88
C ASP I 176 -46.39 23.44 19.73
N GLU I 177 -46.29 24.74 19.93
CA GLU I 177 -46.69 25.68 18.90
C GLU I 177 -45.54 25.68 17.88
N GLY I 178 -45.88 25.76 16.60
CA GLY I 178 -44.86 25.82 15.56
C GLY I 178 -44.25 24.50 15.14
N THR I 179 -44.92 23.38 15.44
CA THR I 179 -44.42 22.06 15.07
C THR I 179 -44.62 21.82 13.58
N GLU I 180 -43.58 21.34 12.91
CA GLU I 180 -43.65 21.15 11.49
C GLU I 180 -44.41 19.88 11.10
N VAL I 181 -45.22 20.02 10.05
CA VAL I 181 -46.08 18.97 9.55
C VAL I 181 -45.76 18.80 8.08
N ASP I 182 -45.66 17.54 7.66
CA ASP I 182 -45.35 17.10 6.32
C ASP I 182 -46.51 17.33 5.34
N GLY I 183 -46.25 17.95 4.19
CA GLY I 183 -47.35 18.20 3.28
C GLY I 183 -47.40 17.71 1.83
N GLY I 184 -46.31 17.21 1.24
CA GLY I 184 -46.38 16.80 -0.16
C GLY I 184 -45.23 17.30 -1.02
N LYS I 185 -45.48 17.44 -2.34
CA LYS I 185 -44.51 17.87 -3.34
C LYS I 185 -45.11 18.75 -4.47
N ASP I 186 -44.25 19.46 -5.25
CA ASP I 186 -44.66 20.42 -6.30
C ASP I 186 -44.15 20.02 -7.68
N ASP I 187 -44.55 20.70 -8.79
CA ASP I 187 -44.07 20.28 -10.12
C ASP I 187 -42.54 20.33 -10.25
N THR I 188 -41.87 20.96 -9.28
CA THR I 188 -40.45 20.93 -9.01
C THR I 188 -39.96 19.72 -8.22
N GLY I 189 -40.84 19.02 -7.51
CA GLY I 189 -40.40 17.92 -6.69
C GLY I 189 -39.98 18.28 -5.28
N LYS I 190 -40.09 19.55 -4.88
CA LYS I 190 -39.72 19.98 -3.54
C LYS I 190 -40.86 19.72 -2.56
N LYS I 191 -40.62 19.84 -1.25
CA LYS I 191 -41.63 19.42 -0.28
C LYS I 191 -42.27 20.57 0.50
N ASN I 192 -43.61 20.52 0.63
CA ASN I 192 -44.43 21.50 1.34
C ASN I 192 -44.41 21.30 2.85
N THR I 193 -44.51 22.40 3.61
CA THR I 193 -44.51 22.33 5.07
C THR I 193 -45.64 23.14 5.68
N TYR I 194 -46.31 22.60 6.70
CA TYR I 194 -47.34 23.32 7.45
C TYR I 194 -46.94 23.45 8.91
N LEU I 195 -47.12 24.62 9.52
CA LEU I 195 -46.75 24.81 10.92
C LEU I 195 -47.98 24.93 11.81
N THR I 196 -47.88 24.45 13.05
CA THR I 196 -48.99 24.52 13.99
C THR I 196 -49.17 25.94 14.53
N SER I 197 -50.44 26.36 14.69
CA SER I 197 -50.78 27.71 15.13
C SER I 197 -50.69 27.96 16.64
N PHE I 198 -51.19 27.06 17.50
CA PHE I 198 -51.24 27.29 18.94
C PHE I 198 -50.80 26.04 19.67
N GLU I 199 -50.44 26.19 20.94
CA GLU I 199 -50.14 25.03 21.78
C GLU I 199 -51.44 24.37 22.23
N THR I 200 -51.46 23.05 22.24
CA THR I 200 -52.66 22.29 22.57
C THR I 200 -52.37 21.10 23.47
N VAL I 201 -53.34 20.74 24.29
CA VAL I 201 -53.16 19.62 25.21
C VAL I 201 -54.01 18.48 24.68
N LEU I 202 -53.41 17.30 24.52
CA LEU I 202 -54.11 16.17 23.96
C LEU I 202 -54.27 15.04 24.97
N ASN I 203 -55.35 14.26 24.82
CA ASN I 203 -55.61 13.11 25.67
C ASN I 203 -56.37 12.08 24.85
N LYS I 204 -56.78 10.99 25.52
CA LYS I 204 -57.45 9.89 24.83
C LYS I 204 -58.97 10.01 24.92
N THR I 205 -59.53 11.06 24.33
CA THR I 205 -60.96 11.30 24.49
C THR I 205 -61.63 11.27 23.12
N LYS I 206 -62.72 10.54 22.99
CA LYS I 206 -63.38 10.33 21.72
C LYS I 206 -64.88 10.60 21.84
N VAL I 207 -65.48 11.14 20.78
CA VAL I 207 -66.93 11.30 20.75
C VAL I 207 -67.58 9.95 20.46
N GLY I 208 -68.44 9.50 21.37
CA GLY I 208 -69.08 8.22 21.23
C GLY I 208 -70.50 8.24 20.69
N GLN I 209 -71.37 9.11 21.23
CA GLN I 209 -72.78 9.06 20.86
C GLN I 209 -73.40 10.45 20.73
N LEU I 210 -74.37 10.57 19.80
CA LEU I 210 -75.08 11.82 19.54
C LEU I 210 -76.59 11.57 19.51
N LYS I 211 -77.33 12.25 20.39
CA LYS I 211 -78.79 12.09 20.51
C LYS I 211 -79.49 13.45 20.56
N SER I 212 -80.71 13.51 20.02
CA SER I 212 -81.46 14.78 19.97
C SER I 212 -82.97 14.59 20.04
N LEU I 213 -83.67 15.62 20.52
CA LEU I 213 -85.13 15.60 20.56
C LEU I 213 -85.68 17.01 20.40
N TYR I 214 -86.91 17.14 19.89
CA TYR I 214 -87.54 18.46 19.79
C TYR I 214 -89.00 18.44 20.24
N ASN I 215 -89.37 19.36 21.11
CA ASN I 215 -90.74 19.51 21.60
C ASN I 215 -91.35 20.80 21.10
N GLU I 216 -92.40 20.73 20.29
CA GLU I 216 -92.97 21.94 19.71
C GLU I 216 -94.42 22.16 20.15
N ILE I 217 -94.70 23.27 20.81
CA ILE I 217 -96.03 23.51 21.36
C ILE I 217 -96.77 24.58 20.57
N SER I 218 -97.87 24.19 19.91
CA SER I 218 -98.74 25.12 19.19
C SER I 218 -99.65 25.95 20.12
N VAL I 219 -100.23 25.34 21.17
CA VAL I 219 -101.32 25.95 21.95
C VAL I 219 -101.04 26.02 23.45
N GLU I 220 -101.23 27.22 24.04
CA GLU I 220 -101.11 27.44 25.48
C GLU I 220 -101.99 26.49 26.28
N LYS I 221 -101.40 25.88 27.33
CA LYS I 221 -102.03 24.84 28.14
C LYS I 221 -103.39 25.22 28.69
N GLU I 222 -103.64 26.51 28.94
CA GLU I 222 -104.95 26.95 29.44
C GLU I 222 -106.09 26.61 28.49
N GLU I 223 -105.84 26.52 27.19
CA GLU I 223 -106.92 26.39 26.21
C GLU I 223 -107.30 24.94 25.85
N ILE I 224 -106.79 23.91 26.52
CA ILE I 224 -107.12 22.50 26.17
C ILE I 224 -108.39 22.07 26.91
N LYS I 225 -109.56 22.23 26.27
CA LYS I 225 -110.84 21.90 26.90
C LYS I 225 -111.15 20.39 26.97
N GLU I 226 -110.81 19.61 25.96
CA GLU I 226 -111.14 18.18 25.92
C GLU I 226 -109.93 17.40 25.40
N LEU I 227 -109.89 16.08 25.67
CA LEU I 227 -108.77 15.28 25.15
C LEU I 227 -108.71 15.29 23.64
N ASN I 228 -109.86 15.20 22.98
CA ASN I 228 -109.88 15.19 21.53
C ASN I 228 -110.11 16.61 21.01
N THR I 229 -109.05 17.42 21.06
CA THR I 229 -109.11 18.76 20.53
C THR I 229 -109.19 18.73 19.01
N PRO I 230 -109.92 19.68 18.41
CA PRO I 230 -110.03 19.72 16.94
C PRO I 230 -108.71 19.99 16.25
N ILE I 231 -107.83 20.78 16.89
CA ILE I 231 -106.55 21.13 16.30
C ILE I 231 -105.47 20.69 17.29
N SER I 232 -104.36 20.16 16.75
CA SER I 232 -103.26 19.66 17.53
C SER I 232 -102.60 20.74 18.37
N THR I 233 -102.22 20.37 19.57
CA THR I 233 -101.57 21.29 20.47
C THR I 233 -100.03 21.28 20.28
N GLY I 234 -99.54 20.37 19.48
CA GLY I 234 -98.12 20.36 19.22
C GLY I 234 -97.62 18.97 18.84
N THR I 235 -96.28 18.82 18.86
CA THR I 235 -95.62 17.56 18.49
C THR I 235 -94.34 17.36 19.31
N PHE I 236 -93.94 16.10 19.50
CA PHE I 236 -92.72 15.69 20.18
C PHE I 236 -92.00 14.68 19.31
N VAL I 237 -90.72 14.90 19.00
CA VAL I 237 -89.97 13.93 18.20
C VAL I 237 -88.62 13.64 18.82
N MET I 238 -88.04 12.48 18.51
CA MET I 238 -86.77 12.07 19.11
C MET I 238 -85.83 11.43 18.10
N ALA I 239 -84.54 11.69 18.23
CA ALA I 239 -83.58 10.98 17.39
C ALA I 239 -82.57 10.22 18.24
N PRO I 240 -82.73 8.90 18.35
CA PRO I 240 -81.76 8.06 19.08
C PRO I 240 -80.37 8.04 18.47
N MET I 241 -80.25 8.34 17.17
CA MET I 241 -78.98 8.49 16.50
C MET I 241 -79.13 9.76 15.66
N ALA I 242 -78.69 10.89 16.24
CA ALA I 242 -78.93 12.20 15.65
C ALA I 242 -78.26 12.38 14.29
N ASN I 243 -77.14 11.70 14.07
CA ASN I 243 -76.37 11.90 12.87
C ASN I 243 -76.61 10.82 11.82
N SER I 244 -77.69 10.09 11.91
CA SER I 244 -78.11 9.18 10.86
C SER I 244 -79.20 9.79 10.00
N PHE I 245 -79.49 9.13 8.88
CA PHE I 245 -80.39 9.71 7.89
C PHE I 245 -81.83 9.82 8.40
N ASP I 246 -82.34 8.75 9.00
CA ASP I 246 -83.71 8.68 9.52
C ASP I 246 -83.77 8.86 11.02
N GLY I 247 -82.64 9.17 11.66
CA GLY I 247 -82.57 9.25 13.11
C GLY I 247 -82.39 7.93 13.81
N LEU I 248 -82.35 6.81 13.06
CA LEU I 248 -82.30 5.47 13.64
C LEU I 248 -81.16 4.62 13.11
N GLY I 249 -80.28 5.17 12.28
CA GLY I 249 -79.17 4.39 11.76
C GLY I 249 -79.11 4.24 10.25
N GLU I 250 -80.04 4.75 9.46
CA GLU I 250 -79.94 4.55 8.02
C GLU I 250 -78.82 5.42 7.45
N ASP I 251 -78.05 4.85 6.53
CA ASP I 251 -76.94 5.55 5.91
C ASP I 251 -77.44 6.72 5.08
N PHE I 252 -76.65 7.79 5.05
CA PHE I 252 -76.96 8.88 4.16
C PHE I 252 -76.74 8.42 2.72
N PRO I 253 -77.61 8.81 1.80
CA PRO I 253 -77.37 8.51 0.38
C PRO I 253 -76.12 9.23 -0.06
N LYS I 254 -75.34 8.57 -0.92
CA LYS I 254 -74.03 8.99 -1.44
C LYS I 254 -73.83 10.49 -1.64
N GLY I 255 -74.83 11.13 -2.23
CA GLY I 255 -74.73 12.52 -2.60
C GLY I 255 -74.52 13.53 -1.49
N SER I 256 -75.04 13.26 -0.28
CA SER I 256 -74.89 14.29 0.76
C SER I 256 -75.08 13.76 2.17
N GLU I 257 -74.28 14.28 3.10
CA GLU I 257 -74.45 13.97 4.52
C GLU I 257 -74.68 15.27 5.28
N LYS I 258 -75.90 15.45 5.76
CA LYS I 258 -76.30 16.68 6.43
C LYS I 258 -77.31 16.32 7.50
N TRP I 259 -77.20 16.92 8.69
CA TRP I 259 -78.22 16.62 9.66
C TRP I 259 -78.47 17.81 10.59
N TRP I 260 -79.67 17.84 11.13
CA TRP I 260 -80.09 18.93 11.99
C TRP I 260 -79.68 18.66 13.43
N PRO I 261 -78.94 19.59 14.06
CA PRO I 261 -78.46 19.38 15.42
C PRO I 261 -79.55 19.21 16.47
N PHE I 262 -80.75 19.72 16.23
CA PHE I 262 -81.82 19.58 17.20
C PHE I 262 -83.04 18.93 16.57
N GLY I 263 -82.85 18.01 15.62
CA GLY I 263 -83.97 17.32 14.99
C GLY I 263 -84.79 18.21 14.06
N TYR I 264 -86.00 17.75 13.76
CA TYR I 264 -86.94 18.46 12.88
C TYR I 264 -88.34 17.91 13.12
N THR I 265 -89.35 18.74 12.85
CA THR I 265 -90.74 18.32 13.02
C THR I 265 -91.54 18.31 11.74
N LYS I 266 -90.98 18.75 10.62
CA LYS I 266 -91.77 18.69 9.40
C LYS I 266 -90.98 17.90 8.35
N ILE I 267 -91.74 17.09 7.59
CA ILE I 267 -91.23 16.19 6.54
C ILE I 267 -90.77 16.91 5.27
N CYS I 268 -91.55 17.85 4.74
CA CYS I 268 -91.14 18.57 3.55
C CYS I 268 -90.54 19.88 4.00
N ASN I 269 -89.26 20.00 3.70
CA ASN I 269 -88.39 21.10 4.07
C ASN I 269 -88.24 22.08 2.93
N ALA I 270 -87.16 22.85 2.97
CA ALA I 270 -86.94 23.89 1.98
C ALA I 270 -86.93 23.32 0.57
N SER I 271 -86.09 22.30 0.37
CA SER I 271 -85.97 21.65 -0.94
C SER I 271 -86.11 20.12 -0.98
N THR I 272 -86.19 19.42 0.15
CA THR I 272 -86.29 17.97 0.07
C THR I 272 -87.34 17.43 1.03
N VAL I 273 -87.40 16.11 1.11
CA VAL I 273 -88.37 15.37 1.91
C VAL I 273 -87.64 14.34 2.76
N LEU I 274 -87.81 14.43 4.08
CA LEU I 274 -87.14 13.51 4.98
C LEU I 274 -88.12 12.53 5.61
N PRO I 275 -87.65 11.32 5.97
CA PRO I 275 -88.44 10.41 6.80
C PRO I 275 -88.77 11.05 8.14
N ALA I 276 -89.94 10.71 8.67
CA ALA I 276 -90.35 11.27 9.96
C ALA I 276 -89.54 10.68 11.10
N LEU I 277 -89.27 11.48 12.11
CA LEU I 277 -88.56 10.96 13.25
C LEU I 277 -89.54 10.18 14.11
N PRO I 278 -89.07 9.19 14.88
CA PRO I 278 -89.98 8.45 15.76
C PRO I 278 -90.45 9.33 16.91
N LYS I 279 -91.67 9.13 17.38
CA LYS I 279 -92.16 9.96 18.48
C LYS I 279 -91.58 9.58 19.85
N ALA I 280 -91.48 10.58 20.73
CA ALA I 280 -90.89 10.38 22.05
C ALA I 280 -91.62 9.42 23.01
N ARG I 281 -90.84 8.66 23.76
CA ARG I 281 -91.34 7.66 24.70
C ARG I 281 -91.59 8.29 26.06
N LEU I 282 -92.82 8.26 26.55
CA LEU I 282 -93.10 8.92 27.83
C LEU I 282 -93.97 8.08 28.75
N GLY I 283 -93.80 8.25 30.06
CA GLY I 283 -94.58 7.48 31.01
C GLY I 283 -94.01 7.41 32.41
N CYS I 284 -94.33 6.32 33.08
CA CYS I 284 -93.87 6.00 34.43
C CYS I 284 -94.25 4.57 34.81
N SER I 285 -93.72 4.11 35.96
CA SER I 285 -94.13 2.78 36.40
C SER I 285 -94.27 2.75 37.94
N ILE I 286 -95.05 1.77 38.40
CA ILE I 286 -95.38 1.55 39.81
C ILE I 286 -94.98 0.15 40.19
N SER I 287 -94.38 -0.01 41.37
CA SER I 287 -94.04 -1.35 41.79
C SER I 287 -94.37 -1.59 43.26
N SER I 288 -95.12 -2.67 43.53
CA SER I 288 -95.55 -3.04 44.87
C SER I 288 -95.97 -4.51 44.94
N LYS I 289 -95.91 -5.04 46.17
CA LYS I 289 -96.19 -6.44 46.51
C LYS I 289 -97.62 -6.89 46.25
N LEU I 290 -98.59 -5.99 46.12
CA LEU I 290 -99.96 -6.43 45.86
C LEU I 290 -100.15 -6.99 44.47
N LEU I 291 -99.18 -6.81 43.59
CA LEU I 291 -99.30 -7.31 42.23
C LEU I 291 -98.85 -8.76 42.09
N LYS I 292 -98.39 -9.41 43.16
CA LYS I 292 -97.96 -10.81 43.05
C LYS I 292 -99.19 -11.71 42.94
N LEU I 293 -99.68 -11.91 41.72
CA LEU I 293 -100.94 -12.61 41.46
C LEU I 293 -100.72 -13.79 40.53
N SER I 294 -100.99 -15.00 41.02
CA SER I 294 -100.69 -16.21 40.25
C SER I 294 -101.85 -16.94 39.59
N GLU I 295 -103.10 -16.82 40.07
CA GLU I 295 -104.13 -17.61 39.40
C GLU I 295 -105.50 -17.02 39.69
N GLY I 296 -106.48 -17.52 38.95
CA GLY I 296 -107.83 -17.12 39.13
C GLY I 296 -108.25 -15.89 38.35
N THR I 297 -109.40 -15.27 38.72
CA THR I 297 -109.79 -13.99 38.15
C THR I 297 -109.20 -12.83 38.87
N ARG I 298 -108.51 -11.97 38.17
CA ARG I 298 -107.80 -10.92 38.87
C ARG I 298 -108.34 -9.56 38.47
N ASP I 299 -108.67 -8.73 39.46
CA ASP I 299 -109.17 -7.38 39.21
C ASP I 299 -108.32 -6.36 39.96
N ILE I 300 -107.70 -5.42 39.22
CA ILE I 300 -106.75 -4.44 39.78
C ILE I 300 -107.29 -3.01 39.64
N ILE I 301 -107.42 -2.28 40.74
CA ILE I 301 -107.94 -0.91 40.72
C ILE I 301 -106.91 0.08 41.24
N LEU I 302 -106.65 1.16 40.48
CA LEU I 302 -105.72 2.21 40.87
C LEU I 302 -106.38 3.59 40.96
N GLU I 303 -106.18 4.29 42.07
CA GLU I 303 -106.61 5.68 42.19
C GLU I 303 -105.53 6.71 42.39
N PHE I 304 -105.62 7.74 41.57
CA PHE I 304 -104.73 8.85 41.54
C PHE I 304 -105.54 10.03 42.02
N THR I 305 -104.99 10.81 42.92
CA THR I 305 -105.66 12.01 43.37
C THR I 305 -104.67 13.14 43.20
N PHE I 306 -105.13 14.25 42.66
CA PHE I 306 -104.25 15.35 42.37
C PHE I 306 -104.59 16.56 43.23
N ASN I 307 -103.63 17.48 43.31
CA ASN I 307 -103.81 18.70 44.07
C ASN I 307 -104.97 19.52 43.53
N LYS I 308 -105.14 19.52 42.22
CA LYS I 308 -106.08 20.35 41.49
C LYS I 308 -106.90 19.56 40.48
N PRO I 309 -108.03 20.13 39.99
CA PRO I 309 -108.90 19.45 39.00
C PRO I 309 -108.25 19.20 37.64
N ILE I 310 -108.52 18.02 37.06
CA ILE I 310 -107.87 17.58 35.81
C ILE I 310 -108.46 18.24 34.56
N LEU I 311 -109.78 18.28 34.40
CA LEU I 311 -110.36 18.72 33.13
C LEU I 311 -111.66 19.46 33.28
N PRO I 312 -111.97 20.44 32.46
CA PRO I 312 -113.33 21.01 32.49
C PRO I 312 -114.41 20.01 32.10
N ASN I 313 -114.16 19.22 31.06
CA ASN I 313 -114.98 18.08 30.65
C ASN I 313 -114.39 16.72 30.98
N GLY I 314 -115.17 15.94 31.72
CA GLY I 314 -114.74 14.65 32.22
C GLY I 314 -114.72 13.58 31.19
N GLU I 315 -113.97 12.53 31.46
CA GLU I 315 -113.59 11.70 30.34
C GLU I 315 -114.09 10.26 30.48
N ASP I 316 -114.10 9.59 29.34
CA ASP I 316 -114.70 8.29 29.09
C ASP I 316 -113.64 7.26 28.70
N TYR I 317 -113.90 5.96 28.94
CA TYR I 317 -112.86 4.94 28.74
C TYR I 317 -112.46 4.73 27.28
N THR I 318 -113.38 4.83 26.30
CA THR I 318 -112.92 4.59 24.91
C THR I 318 -111.92 5.66 24.47
N ALA I 319 -112.07 6.89 24.97
CA ALA I 319 -111.04 7.90 24.79
C ALA I 319 -109.76 7.51 25.49
N LEU I 320 -109.89 6.97 26.70
CA LEU I 320 -108.73 6.54 27.49
C LEU I 320 -107.95 5.43 26.84
N ASN I 321 -108.62 4.53 26.13
CA ASN I 321 -107.87 3.49 25.45
C ASN I 321 -107.04 4.07 24.32
N LYS I 322 -107.53 5.13 23.67
CA LYS I 322 -106.76 5.79 22.63
C LYS I 322 -105.50 6.45 23.16
N ALA I 323 -105.53 6.92 24.41
CA ALA I 323 -104.43 7.68 25.00
C ALA I 323 -103.31 6.82 25.58
N MET I 324 -103.60 5.65 26.14
CA MET I 324 -102.50 4.91 26.77
C MET I 324 -102.50 3.39 26.56
N SER I 325 -101.29 2.86 26.68
CA SER I 325 -100.99 1.43 26.57
C SER I 325 -100.47 0.99 27.94
N ILE I 326 -100.79 -0.21 28.41
CA ILE I 326 -100.38 -0.60 29.77
C ILE I 326 -99.76 -1.99 29.75
N GLU I 327 -98.71 -2.22 30.56
CA GLU I 327 -98.11 -3.55 30.62
C GLU I 327 -97.66 -4.03 31.99
N LEU I 328 -97.68 -5.37 32.18
CA LEU I 328 -97.26 -6.03 33.41
C LEU I 328 -96.13 -7.03 33.20
N THR I 329 -95.33 -7.24 34.24
CA THR I 329 -94.28 -8.27 34.19
C THR I 329 -94.86 -9.62 34.52
N GLY I 330 -94.81 -10.54 33.58
CA GLY I 330 -95.34 -11.87 33.78
C GLY I 330 -94.34 -12.97 33.51
N GLU I 331 -94.84 -14.19 33.51
CA GLU I 331 -94.05 -15.40 33.52
C GLU I 331 -93.19 -15.53 32.26
N LYS I 332 -93.69 -15.08 31.11
CA LYS I 332 -92.96 -15.25 29.85
C LYS I 332 -92.47 -13.94 29.25
N GLY I 333 -92.22 -12.96 30.09
CA GLY I 333 -91.88 -11.67 29.61
C GLY I 333 -93.08 -10.77 29.76
N TRP I 334 -93.09 -9.70 29.01
CA TRP I 334 -94.18 -8.76 29.14
C TRP I 334 -95.48 -9.35 28.61
N ILE I 335 -96.56 -9.09 29.32
CA ILE I 335 -97.90 -9.48 28.91
C ILE I 335 -98.51 -8.23 28.31
N ALA I 336 -98.95 -8.31 27.05
CA ALA I 336 -99.47 -7.13 26.38
C ALA I 336 -100.47 -7.54 25.30
N GLY I 337 -101.17 -6.55 24.76
CA GLY I 337 -102.11 -6.79 23.68
C GLY I 337 -103.57 -6.70 24.10
N LEU I 338 -104.39 -7.64 23.60
CA LEU I 338 -105.81 -7.72 23.94
C LEU I 338 -106.15 -7.81 25.44
N PRO I 339 -105.41 -8.58 26.28
CA PRO I 339 -105.71 -8.66 27.72
C PRO I 339 -105.66 -7.36 28.50
N MET I 340 -104.80 -6.43 28.12
CA MET I 340 -104.56 -5.23 28.93
C MET I 340 -105.51 -4.07 28.64
N THR I 341 -106.60 -4.28 27.89
CA THR I 341 -107.46 -3.17 27.50
C THR I 341 -108.26 -2.77 28.75
N LEU I 342 -108.54 -1.48 28.89
CA LEU I 342 -109.31 -1.03 30.04
C LEU I 342 -110.76 -1.47 29.92
N LYS I 343 -111.37 -1.76 31.06
CA LYS I 343 -112.76 -2.17 31.15
C LYS I 343 -113.63 -0.93 31.24
N SER I 344 -114.95 -1.14 31.15
CA SER I 344 -115.88 -0.02 31.10
C SER I 344 -115.90 0.84 32.37
N ASP I 345 -115.60 0.30 33.55
CA ASP I 345 -115.74 1.15 34.75
C ASP I 345 -114.69 2.26 34.87
N SER I 346 -113.53 2.14 34.24
CA SER I 346 -112.52 3.21 34.28
C SER I 346 -112.94 4.48 33.52
N GLY I 347 -112.54 5.64 34.04
CA GLY I 347 -112.84 6.89 33.36
C GLY I 347 -112.46 8.09 34.21
N ILE I 348 -112.84 9.28 33.74
CA ILE I 348 -112.53 10.54 34.44
C ILE I 348 -113.80 11.39 34.57
N ASN I 349 -113.99 11.99 35.74
CA ASN I 349 -115.09 12.90 35.97
C ASN I 349 -114.57 14.33 35.93
N SER I 350 -115.43 15.26 35.47
CA SER I 350 -115.05 16.61 35.04
C SER I 350 -114.56 17.53 36.18
N GLY I 351 -115.23 17.60 37.31
CA GLY I 351 -114.65 18.45 38.34
C GLY I 351 -113.70 17.72 39.24
N SER I 352 -113.52 16.43 38.96
CA SER I 352 -112.81 15.51 39.82
C SER I 352 -111.30 15.63 39.73
N LYS I 353 -110.69 15.38 40.87
CA LYS I 353 -109.27 15.26 41.07
C LYS I 353 -108.82 13.80 41.02
N LYS I 354 -109.69 12.90 40.56
CA LYS I 354 -109.42 11.47 40.60
C LYS I 354 -109.58 10.82 39.23
N MET I 355 -108.60 10.00 38.83
CA MET I 355 -108.63 9.20 37.61
C MET I 355 -108.58 7.73 38.03
N LYS I 356 -109.41 6.87 37.43
CA LYS I 356 -109.43 5.46 37.85
C LYS I 356 -109.26 4.50 36.68
N LEU I 357 -108.37 3.50 36.81
CA LEU I 357 -108.09 2.51 35.76
C LEU I 357 -108.40 1.07 36.19
N SER I 358 -109.11 0.29 35.35
CA SER I 358 -109.45 -1.08 35.77
C SER I 358 -109.12 -2.10 34.67
N LEU I 359 -108.56 -3.26 35.06
CA LEU I 359 -108.27 -4.31 34.06
C LEU I 359 -108.37 -5.71 34.67
N THR I 360 -108.54 -6.73 33.81
CA THR I 360 -108.77 -8.08 34.32
C THR I 360 -107.90 -9.07 33.54
N LEU I 361 -107.52 -10.16 34.20
CA LEU I 361 -106.75 -11.25 33.61
C LEU I 361 -107.50 -12.57 33.79
N ASP I 362 -107.67 -13.32 32.70
CA ASP I 362 -108.29 -14.65 32.70
C ASP I 362 -107.43 -15.77 33.26
N SER I 363 -108.11 -16.92 33.46
CA SER I 363 -107.43 -18.06 34.07
C SER I 363 -106.44 -18.64 33.06
N GLU I 364 -106.72 -18.52 31.76
CA GLU I 364 -105.88 -19.05 30.67
C GLU I 364 -104.53 -18.33 30.60
N GLN I 365 -104.49 -17.05 30.96
CA GLN I 365 -103.29 -16.22 30.89
C GLN I 365 -102.25 -16.59 31.97
N PRO I 366 -100.96 -16.25 31.72
CA PRO I 366 -99.84 -16.58 32.62
C PRO I 366 -99.81 -15.79 33.92
N ALA I 367 -98.92 -16.22 34.85
CA ALA I 367 -98.80 -15.59 36.17
C ALA I 367 -98.02 -14.28 36.18
N VAL I 368 -98.43 -13.33 37.02
CA VAL I 368 -97.69 -12.07 37.21
C VAL I 368 -96.55 -12.33 38.16
N VAL I 369 -95.37 -11.78 37.88
CA VAL I 369 -94.18 -12.22 38.60
C VAL I 369 -93.27 -11.02 38.89
N PRO I 370 -92.35 -11.17 39.87
CA PRO I 370 -91.33 -10.14 40.12
C PRO I 370 -90.44 -9.91 38.91
N TYR I 371 -89.95 -8.68 38.79
CA TYR I 371 -89.13 -8.27 37.68
C TYR I 371 -87.80 -9.02 37.63
N GLN I 372 -87.40 -9.44 36.43
CA GLN I 372 -86.13 -10.12 36.17
C GLN I 372 -85.48 -9.50 34.96
N THR I 373 -84.26 -8.97 35.13
CA THR I 373 -83.52 -8.41 34.00
C THR I 373 -83.28 -9.38 32.86
N GLU I 374 -83.17 -10.65 33.18
CA GLU I 374 -82.99 -11.75 32.27
C GLU I 374 -84.24 -12.16 31.48
N LEU I 375 -85.38 -11.64 31.84
CA LEU I 375 -86.66 -12.02 31.24
C LEU I 375 -87.43 -10.85 30.69
N HIS I 376 -87.41 -9.72 31.40
CA HIS I 376 -88.16 -8.54 31.02
C HIS I 376 -87.30 -7.50 30.33
N GLU I 377 -86.04 -7.84 30.08
CA GLU I 377 -85.06 -7.10 29.25
C GLU I 377 -84.85 -5.65 29.69
N GLY I 378 -84.47 -5.45 30.94
CA GLY I 378 -84.16 -4.08 31.33
C GLY I 378 -83.02 -3.97 32.33
N SER I 379 -83.06 -2.90 33.13
CA SER I 379 -82.01 -2.57 34.11
C SER I 379 -82.51 -1.90 35.37
N TYR I 380 -83.72 -2.20 35.82
CA TYR I 380 -84.28 -1.57 37.00
C TYR I 380 -83.85 -2.26 38.27
N GLU I 381 -83.60 -1.48 39.33
CA GLU I 381 -83.28 -2.08 40.63
C GLU I 381 -84.56 -2.29 41.44
N VAL I 382 -85.37 -3.23 40.96
CA VAL I 382 -86.70 -3.52 41.52
C VAL I 382 -86.81 -5.02 41.79
N ASP I 383 -87.22 -5.38 43.02
CA ASP I 383 -87.39 -6.76 43.43
C ASP I 383 -88.85 -7.19 43.52
N GLU I 384 -89.76 -6.39 42.96
CA GLU I 384 -91.20 -6.58 42.97
C GLU I 384 -91.69 -6.69 41.52
N PRO I 385 -92.97 -6.98 41.29
CA PRO I 385 -93.52 -6.86 39.92
C PRO I 385 -93.62 -5.41 39.49
N LEU I 386 -93.64 -5.19 38.17
CA LEU I 386 -93.79 -3.84 37.63
C LEU I 386 -95.11 -3.68 36.89
N LEU I 387 -95.70 -2.50 37.02
CA LEU I 387 -96.79 -2.05 36.18
C LEU I 387 -96.31 -0.81 35.44
N ARG I 388 -96.26 -0.87 34.12
CA ARG I 388 -95.72 0.19 33.29
C ARG I 388 -96.81 0.86 32.48
N VAL I 389 -96.84 2.18 32.52
CA VAL I 389 -97.79 2.97 31.75
C VAL I 389 -97.11 4.03 30.88
N LEU I 390 -97.35 3.97 29.59
CA LEU I 390 -96.79 4.92 28.65
C LEU I 390 -97.90 5.73 27.98
N PHE I 391 -97.56 6.95 27.61
CA PHE I 391 -98.51 7.82 26.94
C PHE I 391 -98.41 7.67 25.44
N LYS I 392 -99.56 7.61 24.78
CA LYS I 392 -99.58 7.49 23.32
C LYS I 392 -99.40 8.89 22.73
N THR I 393 -98.18 9.41 22.84
CA THR I 393 -97.77 10.72 22.31
C THR I 393 -98.00 10.93 20.83
N ASN I 394 -98.33 9.88 20.09
CA ASN I 394 -98.68 9.95 18.69
C ASN I 394 -100.02 10.64 18.52
N GLU I 395 -100.86 10.55 19.54
CA GLU I 395 -102.22 11.00 19.50
C GLU I 395 -102.38 12.31 20.21
N LYS I 396 -103.32 13.09 19.68
CA LYS I 396 -103.91 14.21 20.39
C LYS I 396 -104.34 13.79 21.79
N GLU I 397 -104.92 12.60 21.93
CA GLU I 397 -105.19 12.06 23.26
C GLU I 397 -103.93 11.84 24.03
N GLY I 398 -102.99 11.12 23.46
CA GLY I 398 -101.81 10.84 24.23
C GLY I 398 -100.95 12.06 24.45
N TYR I 399 -100.93 12.98 23.48
CA TYR I 399 -100.19 14.21 23.69
C TYR I 399 -100.89 15.15 24.68
N ASN I 400 -102.22 15.29 24.60
CA ASN I 400 -102.91 16.19 25.53
C ASN I 400 -102.91 15.66 26.95
N LEU I 401 -103.13 14.34 27.15
CA LEU I 401 -103.06 13.78 28.51
C LEU I 401 -101.69 13.93 29.14
N TYR I 402 -100.64 13.79 28.35
CA TYR I 402 -99.30 13.99 28.89
C TYR I 402 -99.13 15.43 29.38
N ARG I 403 -99.67 16.38 28.62
CA ARG I 403 -99.58 17.80 28.95
C ARG I 403 -100.33 18.16 30.21
N LEU I 404 -101.39 17.40 30.55
CA LEU I 404 -102.20 17.69 31.73
C LEU I 404 -101.54 17.31 33.06
N PHE I 405 -100.46 16.53 33.08
CA PHE I 405 -99.88 16.07 34.35
C PHE I 405 -98.48 16.62 34.70
N ASN I 406 -97.99 17.68 34.06
CA ASN I 406 -96.62 18.17 34.30
C ASN I 406 -96.49 19.02 35.56
N GLU I 407 -97.53 19.77 35.90
CA GLU I 407 -97.49 20.66 37.05
C GLU I 407 -98.51 20.30 38.12
N ASN I 408 -99.49 19.49 37.77
CA ASN I 408 -100.47 18.96 38.70
C ASN I 408 -99.78 17.94 39.58
N VAL I 409 -99.98 18.00 40.89
CA VAL I 409 -99.23 17.14 41.80
C VAL I 409 -100.08 15.97 42.26
N LEU I 410 -99.53 14.76 42.11
CA LEU I 410 -100.14 13.53 42.62
C LEU I 410 -100.01 13.47 44.14
N THR I 411 -101.11 13.14 44.82
CA THR I 411 -101.05 13.06 46.28
C THR I 411 -101.34 11.66 46.82
N ASP I 412 -102.18 10.87 46.16
CA ASP I 412 -102.62 9.60 46.73
C ASP I 412 -102.76 8.51 45.69
N LEU I 413 -102.35 7.29 46.06
CA LEU I 413 -102.51 6.10 45.22
C LEU I 413 -103.20 4.96 45.98
N LYS I 414 -104.29 4.43 45.43
CA LYS I 414 -104.99 3.30 46.04
C LYS I 414 -104.99 2.11 45.10
N ILE I 415 -104.68 0.92 45.62
CA ILE I 415 -104.58 -0.30 44.81
C ILE I 415 -105.48 -1.39 45.38
N THR I 416 -106.42 -1.90 44.58
CA THR I 416 -107.32 -2.96 45.00
C THR I 416 -107.20 -4.17 44.10
N VAL I 417 -107.00 -5.35 44.69
CA VAL I 417 -106.85 -6.56 43.90
C VAL I 417 -107.85 -7.64 44.34
N GLU I 418 -108.64 -8.14 43.38
CA GLU I 418 -109.64 -9.16 43.63
C GLU I 418 -109.37 -10.42 42.82
N VAL I 419 -109.34 -11.57 43.50
CA VAL I 419 -108.99 -12.85 42.89
C VAL I 419 -110.04 -13.93 43.14
N SER I 420 -110.47 -14.65 42.10
CA SER I 420 -111.43 -15.72 42.32
C SER I 420 -111.07 -16.97 41.54
N ASP I 421 -111.68 -18.10 41.93
CA ASP I 421 -111.54 -19.43 41.29
C ASP I 421 -110.21 -20.13 41.57
N ILE I 422 -109.63 -19.89 42.74
CA ILE I 422 -108.32 -20.45 43.07
C ILE I 422 -108.46 -21.87 43.58
N THR I 423 -107.82 -22.81 42.90
CA THR I 423 -107.79 -24.16 43.42
C THR I 423 -106.41 -24.59 43.88
N SER I 424 -105.45 -23.68 44.05
CA SER I 424 -104.11 -24.17 44.39
C SER I 424 -103.83 -23.85 45.86
N VAL I 425 -104.52 -24.53 46.78
CA VAL I 425 -104.41 -24.24 48.20
C VAL I 425 -103.82 -25.44 48.92
N GLN I 426 -103.34 -25.21 50.14
CA GLN I 426 -102.74 -26.26 50.95
C GLN I 426 -103.68 -26.68 52.07
N LEU I 427 -103.90 -27.98 52.21
CA LEU I 427 -104.89 -28.48 53.16
C LEU I 427 -104.26 -29.41 54.18
N GLU I 428 -104.69 -29.26 55.43
CA GLU I 428 -104.15 -30.10 56.49
C GLU I 428 -105.18 -30.58 57.49
N ASN I 429 -104.87 -31.76 58.01
CA ASN I 429 -105.54 -32.53 59.05
C ASN I 429 -104.69 -32.58 60.30
N ASP I 430 -105.29 -33.14 61.35
CA ASP I 430 -104.50 -33.51 62.51
C ASP I 430 -103.56 -34.67 62.21
N LEU I 431 -103.80 -35.40 61.13
CA LEU I 431 -102.95 -36.49 60.73
C LEU I 431 -101.94 -36.12 59.65
N GLY I 432 -102.04 -34.94 59.05
CA GLY I 432 -101.07 -34.61 58.04
C GLY I 432 -101.64 -33.87 56.85
N VAL I 433 -100.80 -33.84 55.82
CA VAL I 433 -101.12 -33.21 54.56
C VAL I 433 -102.21 -34.00 53.89
N LEU I 434 -103.12 -33.29 53.25
CA LEU I 434 -104.17 -33.89 52.47
C LEU I 434 -103.83 -33.68 51.00
N ASN I 435 -104.35 -34.55 50.15
CA ASN I 435 -104.13 -34.39 48.73
C ASN I 435 -105.39 -33.75 48.17
N PRO I 436 -105.33 -32.51 47.70
CA PRO I 436 -106.53 -31.80 47.25
C PRO I 436 -107.16 -32.33 45.97
N GLN I 437 -106.41 -33.07 45.15
CA GLN I 437 -106.96 -33.53 43.90
C GLN I 437 -108.04 -34.59 44.05
N LYS I 438 -107.92 -35.41 45.06
CA LYS I 438 -108.76 -36.57 45.29
C LYS I 438 -109.69 -36.31 46.46
N PRO I 439 -110.71 -37.16 46.65
CA PRO I 439 -111.56 -37.05 47.84
C PRO I 439 -110.77 -37.28 49.12
N PHE I 440 -111.01 -36.42 50.12
CA PHE I 440 -110.21 -36.43 51.34
C PHE I 440 -111.14 -36.33 52.54
N PHE I 441 -110.62 -36.71 53.70
CA PHE I 441 -111.39 -36.59 54.94
C PHE I 441 -110.96 -35.37 55.69
N PRO I 442 -111.70 -34.26 55.63
CA PRO I 442 -111.50 -33.22 56.62
C PRO I 442 -111.90 -33.81 57.95
N PHE I 443 -111.17 -33.43 59.00
CA PHE I 443 -111.34 -33.94 60.35
C PHE I 443 -111.03 -35.42 60.52
N GLY I 444 -110.38 -36.07 59.56
CA GLY I 444 -109.98 -37.45 59.75
C GLY I 444 -111.00 -38.51 59.31
N PRO I 445 -110.50 -39.74 59.12
CA PRO I 445 -111.36 -40.88 58.72
C PRO I 445 -112.26 -41.38 59.83
N ARG I 446 -112.02 -40.93 61.04
CA ARG I 446 -112.79 -41.31 62.23
C ARG I 446 -112.92 -40.05 63.11
N PRO I 447 -113.81 -39.01 62.74
CA PRO I 447 -113.80 -37.69 63.44
C PRO I 447 -114.15 -37.78 64.91
N ILE I 448 -113.44 -36.99 65.71
CA ILE I 448 -113.59 -36.96 67.15
C ILE I 448 -113.76 -35.52 67.60
N LYS I 449 -114.26 -35.36 68.83
CA LYS I 449 -114.37 -34.05 69.45
C LYS I 449 -113.01 -33.36 69.49
N GLY I 450 -112.96 -32.15 68.97
CA GLY I 450 -111.73 -31.41 68.94
C GLY I 450 -110.87 -31.57 67.70
N SER I 451 -111.31 -32.38 66.73
CA SER I 451 -110.57 -32.58 65.47
C SER I 451 -110.61 -31.30 64.64
N SER I 452 -109.64 -31.09 63.74
CA SER I 452 -109.67 -29.83 63.02
C SER I 452 -109.38 -29.98 61.53
N PHE I 453 -109.56 -28.86 60.82
CA PHE I 453 -109.29 -28.74 59.39
C PHE I 453 -108.71 -27.37 59.09
N ILE I 454 -107.58 -27.32 58.38
CA ILE I 454 -106.85 -26.07 58.17
C ILE I 454 -106.61 -25.80 56.68
N VAL I 455 -106.91 -24.56 56.27
CA VAL I 455 -106.70 -24.07 54.90
C VAL I 455 -105.60 -23.00 54.90
N LYS I 456 -104.61 -23.15 54.03
CA LYS I 456 -103.49 -22.19 53.91
C LYS I 456 -103.25 -21.73 52.49
N TYR I 457 -102.92 -20.45 52.34
CA TYR I 457 -102.61 -19.87 51.03
C TYR I 457 -101.68 -18.68 51.19
N PRO I 458 -100.35 -18.91 51.15
CA PRO I 458 -99.32 -17.88 51.42
C PRO I 458 -99.41 -16.60 50.62
N GLU I 459 -99.83 -16.70 49.35
CA GLU I 459 -99.94 -15.52 48.49
C GLU I 459 -100.90 -14.49 49.06
N ALA I 460 -101.97 -14.94 49.71
CA ALA I 460 -102.87 -13.98 50.32
C ALA I 460 -102.39 -13.58 51.69
N MET I 461 -101.83 -14.52 52.45
CA MET I 461 -101.49 -14.25 53.84
C MET I 461 -100.36 -13.23 53.97
N GLU I 462 -99.51 -13.08 52.95
CA GLU I 462 -98.45 -12.08 52.96
C GLU I 462 -98.91 -10.67 52.57
N LYS I 463 -100.16 -10.48 52.23
CA LYS I 463 -100.72 -9.20 51.80
C LYS I 463 -101.64 -8.59 52.87
N PRO I 464 -101.89 -7.26 52.81
CA PRO I 464 -102.84 -6.64 53.74
C PRO I 464 -104.29 -6.96 53.41
N VAL I 465 -104.65 -8.21 53.71
CA VAL I 465 -105.93 -8.79 53.36
C VAL I 465 -107.04 -8.27 54.24
N THR I 466 -108.20 -8.01 53.58
CA THR I 466 -109.45 -7.56 54.14
C THR I 466 -110.66 -8.53 53.98
N ALA I 467 -110.59 -9.57 53.14
CA ALA I 467 -111.72 -10.51 52.98
C ALA I 467 -111.26 -11.84 52.39
N ILE I 468 -111.83 -12.99 52.81
CA ILE I 468 -111.42 -14.31 52.28
C ILE I 468 -112.50 -15.41 52.52
N SER I 469 -112.61 -16.40 51.59
CA SER I 469 -113.69 -17.43 51.68
C SER I 469 -113.49 -18.70 50.84
N TYR I 470 -114.16 -19.82 51.23
CA TYR I 470 -114.11 -21.06 50.45
C TYR I 470 -115.37 -21.92 50.46
N GLN I 471 -115.45 -22.88 49.50
CA GLN I 471 -116.58 -23.80 49.39
C GLN I 471 -116.14 -25.26 49.19
N MET I 472 -116.98 -26.21 49.61
CA MET I 472 -116.70 -27.66 49.49
C MET I 472 -117.96 -28.47 49.19
N ASP I 473 -117.79 -29.63 48.53
CA ASP I 473 -118.87 -30.60 48.31
C ASP I 473 -118.64 -31.87 49.13
N TYR I 474 -119.72 -32.54 49.56
CA TYR I 474 -119.60 -33.84 50.23
C TYR I 474 -120.02 -34.98 49.30
N LEU I 475 -119.50 -36.19 49.55
CA LEU I 475 -119.64 -37.28 48.57
C LEU I 475 -120.77 -38.27 48.81
N ASN I 476 -120.78 -38.98 49.94
CA ASN I 476 -121.82 -40.00 50.12
C ASN I 476 -122.57 -39.75 51.42
N LEU I 477 -123.19 -38.59 51.45
CA LEU I 477 -124.00 -38.18 52.55
C LEU I 477 -125.29 -38.99 52.58
N PRO I 478 -125.82 -39.23 53.78
CA PRO I 478 -127.14 -39.85 53.94
C PRO I 478 -128.22 -38.92 53.44
N GLU I 479 -129.39 -39.48 53.12
CA GLU I 479 -130.44 -38.66 52.52
C GLU I 479 -130.96 -37.61 53.48
N ASN I 480 -131.03 -37.95 54.76
CA ASN I 480 -131.39 -37.03 55.82
C ASN I 480 -130.49 -37.33 57.01
N LEU I 481 -129.86 -36.30 57.60
CA LEU I 481 -128.86 -36.54 58.67
C LEU I 481 -129.41 -36.72 60.09
N VAL I 482 -130.39 -35.91 60.54
CA VAL I 482 -130.94 -36.08 61.89
C VAL I 482 -131.65 -37.42 62.02
N ASN I 483 -132.43 -37.79 61.00
CA ASN I 483 -133.10 -39.08 60.99
C ASN I 483 -132.11 -40.23 60.97
N HIS I 484 -130.94 -40.01 60.36
CA HIS I 484 -129.88 -41.01 60.27
C HIS I 484 -129.45 -41.56 61.63
N TYR I 485 -129.54 -40.75 62.69
CA TYR I 485 -129.12 -41.17 64.02
C TYR I 485 -130.28 -41.41 64.97
N SER I 486 -131.46 -41.75 64.45
CA SER I 486 -132.64 -41.94 65.30
C SER I 486 -132.50 -43.13 66.26
N ALA I 487 -131.60 -44.07 65.96
CA ALA I 487 -131.37 -45.23 66.81
C ALA I 487 -130.44 -44.96 67.97
N TYR I 488 -129.88 -43.77 68.08
CA TYR I 488 -128.86 -43.43 69.08
C TYR I 488 -129.50 -42.55 70.13
N THR I 489 -130.05 -43.15 71.18
CA THR I 489 -130.81 -42.42 72.18
C THR I 489 -130.28 -42.72 73.58
N ILE I 490 -130.61 -41.83 74.53
CA ILE I 490 -130.22 -42.00 75.92
C ILE I 490 -131.41 -41.72 76.84
N GLY I 491 -131.27 -42.17 78.09
CA GLY I 491 -132.30 -41.93 79.09
C GLY I 491 -133.60 -42.58 78.68
N ASP I 492 -134.68 -41.80 78.71
CA ASP I 492 -135.97 -42.35 78.29
C ASP I 492 -136.18 -42.14 76.78
N ASP I 493 -135.32 -42.85 76.03
CA ASP I 493 -135.33 -42.84 74.56
C ASP I 493 -135.25 -41.47 73.94
N GLU I 494 -134.38 -40.63 74.46
CA GLU I 494 -134.29 -39.29 73.90
C GLU I 494 -133.07 -39.16 72.99
N PRO I 495 -133.28 -38.72 71.74
CA PRO I 495 -132.21 -38.69 70.73
C PRO I 495 -131.01 -37.82 71.10
N LEU I 496 -129.81 -38.35 70.85
CA LEU I 496 -128.59 -37.57 71.04
C LEU I 496 -128.54 -36.40 70.06
N VAL I 497 -128.96 -36.64 68.84
CA VAL I 497 -128.98 -35.64 67.78
C VAL I 497 -130.43 -35.19 67.67
N SER I 498 -130.74 -34.09 68.37
CA SER I 498 -132.07 -33.47 68.33
C SER I 498 -132.36 -32.73 67.02
N ASP I 499 -131.35 -32.05 66.46
CA ASP I 499 -131.55 -31.20 65.30
C ASP I 499 -130.13 -30.90 64.75
N MET I 500 -130.07 -30.12 63.65
CA MET I 500 -128.84 -29.77 62.94
C MET I 500 -127.83 -29.00 63.77
N ASP I 501 -128.27 -28.27 64.81
CA ASP I 501 -127.37 -27.54 65.71
C ASP I 501 -126.34 -28.43 66.37
N TYR I 502 -126.63 -29.74 66.44
CA TYR I 502 -125.69 -30.73 66.95
C TYR I 502 -124.33 -30.62 66.27
N PHE I 503 -124.32 -30.39 64.96
CA PHE I 503 -123.09 -30.37 64.17
C PHE I 503 -122.60 -28.93 64.02
N SER I 504 -121.69 -28.50 64.90
CA SER I 504 -121.22 -27.11 64.93
C SER I 504 -119.70 -27.01 65.04
N VAL I 505 -119.13 -25.83 64.73
CA VAL I 505 -117.69 -25.63 64.74
C VAL I 505 -117.28 -24.29 65.35
N LYS I 506 -116.01 -24.14 65.66
CA LYS I 506 -115.51 -22.88 66.15
C LYS I 506 -114.63 -22.31 65.06
N SER I 507 -114.57 -21.00 64.33
CA SER I 507 -113.60 -20.40 63.42
C SER I 507 -112.65 -19.50 64.16
N PHE I 508 -111.42 -19.89 64.22
CA PHE I 508 -110.44 -19.12 64.99
C PHE I 508 -110.05 -17.77 64.41
N PRO I 509 -109.98 -17.61 63.08
CA PRO I 509 -109.81 -16.28 62.49
C PRO I 509 -111.07 -15.45 62.48
N LYS I 510 -112.54 -16.00 63.14
CA LYS I 510 -113.85 -15.42 63.47
C LYS I 510 -114.72 -15.16 62.29
N SER I 511 -115.30 -16.23 61.82
CA SER I 511 -116.17 -16.19 60.64
C SER I 511 -117.43 -15.31 60.72
N SER I 512 -117.83 -14.81 59.55
CA SER I 512 -118.96 -13.90 59.40
C SER I 512 -120.30 -14.54 59.09
N ASN I 513 -120.39 -15.86 59.14
CA ASN I 513 -121.65 -16.56 58.88
C ASN I 513 -122.68 -16.23 59.94
N ASP I 514 -123.95 -16.23 59.58
CA ASP I 514 -125.00 -15.87 60.54
C ASP I 514 -125.07 -16.78 61.76
N SER I 515 -124.78 -18.05 61.57
CA SER I 515 -124.85 -19.12 62.57
C SER I 515 -123.63 -20.01 62.48
N ASP I 516 -123.36 -20.85 63.49
CA ASP I 516 -122.12 -21.63 63.40
C ASP I 516 -122.29 -23.05 62.87
N GLN I 517 -123.37 -23.31 62.14
CA GLN I 517 -123.69 -24.61 61.56
C GLN I 517 -122.70 -25.07 60.48
N LEU I 518 -122.39 -26.38 60.46
CA LEU I 518 -121.42 -26.95 59.50
C LEU I 518 -121.98 -27.22 58.09
N PHE I 519 -123.19 -27.75 57.96
CA PHE I 519 -123.75 -28.03 56.63
C PHE I 519 -124.80 -26.99 56.27
N SER I 520 -124.77 -26.52 55.03
CA SER I 520 -125.80 -25.61 54.56
C SER I 520 -126.53 -26.28 53.42
N GLU I 521 -127.82 -25.96 53.30
CA GLU I 521 -128.68 -26.66 52.36
C GLU I 521 -128.22 -26.35 50.96
N LYS I 522 -128.10 -27.34 50.12
CA LYS I 522 -127.71 -27.08 48.75
C LYS I 522 -128.98 -26.81 47.98
N SER I 523 -128.98 -25.79 47.12
CA SER I 523 -130.12 -25.50 46.25
C SER I 523 -130.63 -26.69 45.45
N GLY I 524 -129.77 -27.65 45.17
CA GLY I 524 -130.09 -28.98 44.67
C GLY I 524 -130.15 -30.00 45.79
N GLY I 525 -129.73 -31.20 45.52
CA GLY I 525 -129.70 -32.19 46.58
C GLY I 525 -128.40 -32.16 47.35
N GLY I 526 -128.42 -32.67 48.58
CA GLY I 526 -127.21 -32.80 49.35
C GLY I 526 -126.78 -31.51 50.05
N TYR I 527 -125.52 -31.52 50.47
CA TYR I 527 -124.99 -30.42 51.24
C TYR I 527 -123.62 -30.01 50.73
N GLU I 528 -123.32 -28.77 51.04
CA GLU I 528 -122.13 -28.00 50.77
C GLU I 528 -121.75 -27.29 52.06
N SER I 529 -120.59 -26.65 52.07
CA SER I 529 -120.24 -25.78 53.20
C SER I 529 -119.80 -24.44 52.65
N ASP I 530 -119.97 -23.39 53.47
CA ASP I 530 -119.52 -22.09 53.03
C ASP I 530 -118.93 -21.37 54.24
N PHE I 531 -117.78 -20.72 54.03
CA PHE I 531 -117.20 -19.93 55.11
C PHE I 531 -116.65 -18.61 54.58
N GLU I 532 -116.90 -17.52 55.28
CA GLU I 532 -116.50 -16.14 54.95
C GLU I 532 -115.87 -15.43 56.14
N PHE I 533 -114.71 -14.76 55.96
CA PHE I 533 -114.05 -14.06 57.07
C PHE I 533 -113.65 -12.63 56.73
N GLN I 534 -113.52 -11.77 57.78
CA GLN I 534 -113.15 -10.36 57.63
C GLN I 534 -112.06 -9.94 58.60
N ILE I 535 -111.37 -8.85 58.25
CA ILE I 535 -110.30 -8.25 59.04
C ILE I 535 -110.52 -6.74 59.01
N GLU I 536 -110.91 -6.15 60.16
CA GLU I 536 -111.46 -4.78 60.23
C GLU I 536 -110.60 -3.72 59.59
N ASN I 537 -109.30 -3.71 59.89
CA ASN I 537 -108.44 -2.68 59.31
C ASN I 537 -107.36 -3.26 58.44
N GLY I 538 -107.61 -4.44 57.86
CA GLY I 538 -106.59 -5.11 57.09
C GLY I 538 -105.41 -5.50 57.94
N VAL I 539 -105.60 -5.60 59.24
CA VAL I 539 -104.55 -5.94 60.17
C VAL I 539 -104.87 -7.29 60.77
N TRP I 540 -104.00 -8.25 60.55
CA TRP I 540 -104.19 -9.57 61.16
C TRP I 540 -104.05 -9.45 62.66
N GLU I 541 -104.90 -10.15 63.38
CA GLU I 541 -104.73 -10.28 64.82
C GLU I 541 -103.39 -10.88 65.21
N SER I 542 -102.76 -10.29 66.22
CA SER I 542 -101.59 -10.90 66.86
C SER I 542 -101.91 -12.21 67.56
N GLY I 543 -101.05 -13.20 67.35
CA GLY I 543 -101.22 -14.50 67.94
C GLY I 543 -101.85 -15.54 67.05
N LEU I 544 -102.53 -15.13 65.98
CA LEU I 544 -103.04 -16.10 65.03
C LEU I 544 -101.94 -16.44 64.02
N LYS I 545 -102.02 -17.62 63.43
CA LYS I 545 -100.90 -18.15 62.66
C LYS I 545 -100.98 -17.96 61.15
N LYS I 546 -101.86 -17.08 60.65
CA LYS I 546 -102.03 -16.85 59.19
C LYS I 546 -102.44 -18.12 58.47
N GLU I 547 -103.48 -18.74 59.00
CA GLU I 547 -104.10 -19.94 58.49
C GLU I 547 -105.57 -19.85 58.89
N LEU I 548 -106.44 -20.51 58.16
CA LEU I 548 -107.85 -20.53 58.52
C LEU I 548 -108.19 -21.88 59.15
N LYS I 549 -108.56 -21.87 60.44
CA LYS I 549 -108.75 -23.10 61.21
C LYS I 549 -110.17 -23.24 61.76
N ILE I 550 -110.84 -24.38 61.50
CA ILE I 550 -112.14 -24.70 62.11
C ILE I 550 -112.03 -26.05 62.84
N SER I 551 -112.64 -26.13 64.04
CA SER I 551 -112.60 -27.31 64.91
C SER I 551 -114.00 -27.80 65.29
N LEU I 552 -114.15 -29.12 65.51
CA LEU I 552 -115.45 -29.72 65.84
C LEU I 552 -115.80 -29.62 67.33
N GLU I 553 -117.02 -29.14 67.62
CA GLU I 553 -117.54 -29.10 68.99
C GLU I 553 -117.97 -30.48 69.49
N ARG I 554 -118.58 -31.30 68.63
CA ARG I 554 -119.09 -32.62 69.00
C ARG I 554 -118.76 -33.64 67.92
N SER I 555 -118.58 -34.89 68.34
CA SER I 555 -118.21 -35.96 67.43
C SER I 555 -119.43 -36.47 66.65
N PHE I 556 -119.15 -37.34 65.68
CA PHE I 556 -120.17 -37.97 64.86
C PHE I 556 -120.57 -39.35 65.38
N LEU I 557 -120.20 -39.68 66.62
CA LEU I 557 -120.63 -40.87 67.39
C LEU I 557 -120.06 -42.18 66.85
N HIS I 558 -118.85 -42.18 66.30
CA HIS I 558 -118.25 -43.41 65.80
C HIS I 558 -118.00 -44.39 66.95
N GLU I 559 -117.64 -43.85 68.10
CA GLU I 559 -117.35 -44.57 69.32
C GLU I 559 -118.57 -45.24 69.95
N LYS I 560 -119.79 -44.99 69.48
CA LYS I 560 -120.97 -45.60 70.08
C LYS I 560 -121.63 -46.66 69.23
N TYR I 561 -121.20 -46.87 67.99
CA TYR I 561 -121.93 -47.75 67.07
C TYR I 561 -122.03 -49.17 67.61
N ALA I 562 -120.93 -49.71 68.11
CA ALA I 562 -120.89 -51.09 68.59
C ALA I 562 -121.82 -51.30 69.78
N HIS I 563 -121.92 -50.29 70.65
CA HIS I 563 -122.74 -50.37 71.85
C HIS I 563 -124.23 -50.39 71.52
N TYR I 564 -124.66 -49.54 70.59
CA TYR I 564 -126.08 -49.51 70.27
C TYR I 564 -126.48 -50.70 69.44
N PHE I 565 -125.60 -51.12 68.53
CA PHE I 565 -125.86 -52.28 67.69
C PHE I 565 -126.11 -53.51 68.54
N THR I 566 -125.24 -53.73 69.53
CA THR I 566 -125.33 -54.87 70.42
C THR I 566 -126.64 -54.88 71.19
N LEU I 567 -127.02 -53.74 71.76
CA LEU I 567 -128.19 -53.66 72.62
C LEU I 567 -129.47 -53.98 71.87
N VAL I 568 -129.59 -53.53 70.62
CA VAL I 568 -130.77 -53.87 69.84
C VAL I 568 -130.80 -55.36 69.58
N ALA I 569 -129.66 -55.91 69.15
CA ALA I 569 -129.55 -57.30 68.74
C ALA I 569 -129.88 -58.27 69.86
N ILE I 570 -129.57 -57.92 71.11
CA ILE I 570 -129.78 -58.86 72.21
C ILE I 570 -131.01 -58.53 73.03
N SER I 571 -131.89 -57.64 72.54
CA SER I 571 -133.08 -57.30 73.30
C SER I 571 -134.00 -58.48 73.47
N LYS I 572 -134.54 -58.63 74.66
CA LYS I 572 -135.51 -59.67 74.95
C LYS I 572 -136.92 -59.13 74.96
N ASP I 573 -137.08 -57.83 74.73
CA ASP I 573 -138.39 -57.21 74.75
C ASP I 573 -138.99 -57.11 73.37
N THR I 574 -138.16 -56.92 72.35
CA THR I 574 -138.54 -56.72 70.97
C THR I 574 -137.79 -57.60 70.00
N ASP I 575 -138.42 -57.81 68.86
CA ASP I 575 -137.82 -58.59 67.81
C ASP I 575 -137.10 -57.57 66.95
N PRO I 576 -135.78 -57.67 66.77
CA PRO I 576 -135.05 -56.71 65.94
C PRO I 576 -135.53 -56.71 64.50
N THR I 577 -135.63 -55.52 63.93
CA THR I 577 -135.96 -55.32 62.52
C THR I 577 -134.89 -54.41 61.97
N ILE I 578 -134.84 -54.24 60.64
CA ILE I 578 -133.79 -53.40 60.07
C ILE I 578 -133.94 -51.94 60.50
N GLU I 579 -135.18 -51.51 60.75
CA GLU I 579 -135.46 -50.13 61.14
C GLU I 579 -134.99 -49.81 62.55
N LEU I 580 -134.68 -50.82 63.35
CA LEU I 580 -134.25 -50.60 64.72
C LEU I 580 -132.75 -50.66 64.87
N LEU I 581 -132.04 -51.03 63.87
CA LEU I 581 -130.61 -51.10 64.01
C LEU I 581 -129.99 -49.77 63.64
N PRO I 582 -128.91 -49.40 64.32
CA PRO I 582 -128.24 -48.14 64.02
C PRO I 582 -127.55 -48.17 62.67
N ASN I 583 -127.57 -47.04 62.00
CA ASN I 583 -126.82 -46.86 60.78
C ASN I 583 -125.39 -46.52 61.12
N GLU I 584 -124.51 -46.77 60.18
CA GLU I 584 -123.10 -46.52 60.35
C GLU I 584 -122.91 -45.01 60.47
N PRO I 585 -122.10 -44.56 61.42
CA PRO I 585 -121.84 -43.13 61.59
C PRO I 585 -121.09 -42.62 60.38
N TYR I 586 -121.27 -41.34 60.06
CA TYR I 586 -120.73 -40.78 58.84
C TYR I 586 -119.42 -40.03 59.08
N ALA I 587 -118.38 -40.39 58.31
CA ALA I 587 -117.15 -39.59 58.26
C ALA I 587 -117.21 -38.69 57.04
N PRO I 588 -117.14 -37.37 57.20
CA PRO I 588 -117.43 -36.39 56.14
C PRO I 588 -116.39 -36.20 55.06
N LEU I 589 -116.23 -37.22 54.21
CA LEU I 589 -115.33 -37.18 53.06
C LEU I 589 -115.74 -36.12 52.03
N ALA I 590 -114.77 -35.35 51.50
CA ALA I 590 -115.10 -34.19 50.67
C ALA I 590 -114.13 -33.96 49.51
N GLU I 591 -114.50 -33.02 48.62
CA GLU I 591 -113.72 -32.68 47.43
C GLU I 591 -114.12 -31.31 46.84
N ASN I 592 -113.25 -30.79 45.94
CA ASN I 592 -113.41 -29.55 45.12
C ASN I 592 -113.48 -28.21 45.88
N LEU I 593 -112.47 -27.90 46.70
CA LEU I 593 -112.42 -26.63 47.44
C LEU I 593 -112.04 -25.40 46.57
N VAL I 594 -112.71 -24.23 46.78
CA VAL I 594 -112.41 -22.97 46.05
C VAL I 594 -112.35 -21.76 46.99
N LEU I 595 -111.24 -20.96 46.94
CA LEU I 595 -110.88 -19.82 47.78
C LEU I 595 -110.97 -18.45 47.07
N GLY I 596 -111.25 -17.34 47.80
CA GLY I 596 -111.16 -16.00 47.23
C GLY I 596 -110.76 -14.95 48.25
N TYR I 597 -110.19 -13.80 47.81
CA TYR I 597 -109.75 -12.78 48.78
C TYR I 597 -109.67 -11.34 48.23
N THR I 598 -109.56 -10.36 49.15
CA THR I 598 -109.36 -8.93 48.86
C THR I 598 -108.28 -8.30 49.77
N ALA I 599 -107.36 -7.52 49.19
CA ALA I 599 -106.33 -6.80 49.94
C ALA I 599 -106.18 -5.35 49.47
N ILE I 600 -105.86 -4.43 50.40
CA ILE I 600 -105.83 -2.98 50.12
C ILE I 600 -104.60 -2.29 50.74
N SER I 601 -103.89 -1.51 49.93
CA SER I 601 -102.86 -0.54 50.30
C SER I 601 -103.24 0.91 50.00
N SER I 602 -102.81 1.82 50.86
CA SER I 602 -103.06 3.27 50.73
C SER I 602 -101.88 4.11 51.15
N ILE I 603 -101.36 4.94 50.24
CA ILE I 603 -100.13 5.66 50.49
C ILE I 603 -100.28 7.17 50.33
N ASP I 604 -100.06 7.90 51.43
CA ASP I 604 -99.91 9.36 51.44
C ASP I 604 -98.45 9.66 51.26
N PHE I 605 -98.11 10.23 50.11
CA PHE I 605 -96.73 10.50 49.81
C PHE I 605 -96.15 11.59 50.67
N SER I 606 -96.95 12.37 51.41
CA SER I 606 -96.38 13.45 52.19
C SER I 606 -96.30 13.09 53.66
N SER I 607 -96.81 11.95 54.06
CA SER I 607 -96.89 11.60 55.46
C SER I 607 -95.72 10.82 55.98
N SER I 608 -95.06 11.38 56.98
CA SER I 608 -94.12 10.67 57.79
C SER I 608 -94.86 9.63 58.62
N SER I 609 -94.09 8.73 59.24
CA SER I 609 -94.68 7.73 60.14
C SER I 609 -95.74 6.88 59.48
N SER I 610 -95.49 6.48 58.24
CA SER I 610 -96.46 5.73 57.48
C SER I 610 -95.72 4.77 56.56
N GLU I 611 -96.30 3.60 56.37
CA GLU I 611 -95.66 2.55 55.59
C GLU I 611 -95.90 2.80 54.11
N ASN I 612 -95.18 3.79 53.58
CA ASN I 612 -95.32 4.16 52.18
C ASN I 612 -94.55 3.17 51.32
N GLN I 613 -95.07 1.94 51.23
CA GLN I 613 -94.34 0.83 50.61
C GLN I 613 -94.62 0.73 49.11
N VAL I 614 -94.09 1.69 48.36
CA VAL I 614 -94.24 1.71 46.90
C VAL I 614 -92.99 2.32 46.28
N SER I 615 -92.60 1.81 45.14
CA SER I 615 -91.55 2.37 44.31
C SER I 615 -92.07 3.09 43.08
N LEU I 616 -91.60 4.32 42.82
CA LEU I 616 -92.05 5.05 41.63
C LEU I 616 -90.85 5.39 40.73
N ILE I 617 -91.01 5.11 39.44
CA ILE I 617 -89.97 5.30 38.43
C ILE I 617 -90.52 6.10 37.25
N HIS I 618 -89.76 7.09 36.78
CA HIS I 618 -90.12 7.85 35.58
C HIS I 618 -89.46 7.28 34.33
N GLU I 619 -90.23 7.20 33.25
CA GLU I 619 -89.72 6.74 31.95
C GLU I 619 -89.41 7.93 31.06
N MET I 620 -88.21 7.95 30.52
CA MET I 620 -87.69 9.06 29.76
C MET I 620 -87.29 8.58 28.37
N PRO I 621 -87.24 9.50 27.37
CA PRO I 621 -86.88 9.13 25.98
C PRO I 621 -85.63 8.27 25.82
N PHE I 622 -84.60 8.47 26.64
CA PHE I 622 -83.41 7.66 26.49
C PHE I 622 -82.97 7.03 27.82
N GLY I 623 -83.90 6.65 28.68
CA GLY I 623 -83.51 6.10 29.98
C GLY I 623 -84.63 6.19 30.99
N PHE I 624 -84.26 6.20 32.27
CA PHE I 624 -85.25 6.26 33.34
C PHE I 624 -84.66 6.89 34.59
N GLN I 625 -85.52 7.18 35.57
CA GLN I 625 -85.07 7.66 36.87
C GLN I 625 -85.97 7.17 37.99
N GLN I 626 -85.43 6.66 39.09
CA GLN I 626 -86.37 6.27 40.13
C GLN I 626 -86.72 7.47 41.00
N VAL I 627 -88.03 7.73 41.16
CA VAL I 627 -88.49 8.95 41.85
C VAL I 627 -88.89 8.78 43.32
N PHE I 628 -89.49 7.65 43.70
CA PHE I 628 -89.98 7.46 45.06
C PHE I 628 -89.68 6.04 45.50
N THR I 629 -89.07 5.87 46.66
CA THR I 629 -88.78 4.51 47.12
C THR I 629 -89.70 4.18 48.30
N PRO I 630 -89.93 2.89 48.59
CA PRO I 630 -90.77 2.52 49.74
C PRO I 630 -90.29 3.13 51.05
N GLY I 631 -91.22 3.74 51.79
CA GLY I 631 -90.91 4.40 53.04
C GLY I 631 -90.71 5.90 52.91
N ASP I 632 -90.65 6.44 51.71
CA ASP I 632 -90.29 7.83 51.49
C ASP I 632 -91.53 8.69 51.69
N THR I 633 -91.28 10.00 51.84
CA THR I 633 -92.35 10.98 51.79
C THR I 633 -91.91 12.09 50.83
N ASP I 634 -92.86 12.88 50.32
CA ASP I 634 -92.53 13.99 49.42
C ASP I 634 -93.65 15.01 49.47
N ASN I 635 -93.49 16.10 48.76
CA ASN I 635 -94.47 17.16 48.72
C ASN I 635 -94.86 17.43 47.29
N SER I 636 -94.05 16.99 46.32
CA SER I 636 -94.40 17.30 44.95
C SER I 636 -93.91 16.16 44.05
N LEU I 637 -94.86 15.31 43.67
CA LEU I 637 -94.52 14.20 42.80
C LEU I 637 -95.38 14.40 41.57
N TYR I 638 -94.83 14.09 40.41
CA TYR I 638 -95.59 14.17 39.19
C TYR I 638 -95.56 12.78 38.59
N LEU I 639 -96.61 12.44 37.85
CA LEU I 639 -96.60 11.16 37.17
C LEU I 639 -95.47 11.06 36.15
N VAL I 640 -95.11 12.16 35.51
CA VAL I 640 -94.23 12.16 34.34
C VAL I 640 -93.12 13.20 34.48
N PRO I 641 -92.00 13.01 33.73
CA PRO I 641 -90.92 14.01 33.62
C PRO I 641 -91.37 15.34 33.02
N ASP I 642 -90.68 16.42 33.36
CA ASP I 642 -91.04 17.77 32.86
C ASP I 642 -90.12 18.17 31.70
N TYR I 643 -90.65 18.22 30.47
CA TYR I 643 -89.88 18.72 29.34
C TYR I 643 -90.45 20.05 28.85
N CYS I 644 -89.64 21.10 28.92
CA CYS I 644 -90.06 22.43 28.53
C CYS I 644 -89.87 22.62 27.04
N HIS I 645 -90.43 23.72 26.55
CA HIS I 645 -90.31 24.07 25.14
C HIS I 645 -88.86 24.27 24.70
N GLY I 646 -88.50 23.70 23.55
CA GLY I 646 -87.17 23.91 23.00
C GLY I 646 -86.52 22.63 22.50
N GLY I 647 -85.23 22.72 22.19
CA GLY I 647 -84.48 21.62 21.63
C GLY I 647 -83.22 21.34 22.40
N GLU I 648 -82.77 20.07 22.35
CA GLU I 648 -81.62 19.61 23.12
C GLU I 648 -80.76 18.65 22.31
N LEU I 649 -79.44 18.82 22.42
CA LEU I 649 -78.47 17.92 21.78
C LEU I 649 -77.52 17.36 22.82
N TYR I 650 -77.40 16.04 22.85
CA TYR I 650 -76.58 15.33 23.83
C TYR I 650 -75.36 14.74 23.18
N ILE I 651 -74.19 14.99 23.78
CA ILE I 651 -72.93 14.46 23.29
C ILE I 651 -72.30 13.59 24.37
N GLY I 652 -72.09 12.32 24.06
CA GLY I 652 -71.45 11.40 24.99
C GLY I 652 -70.00 11.18 24.64
N LEU I 653 -69.14 11.28 25.65
CA LEU I 653 -67.70 11.17 25.45
C LEU I 653 -67.10 9.93 26.10
N GLU I 654 -66.18 9.28 25.38
CA GLU I 654 -65.61 8.01 25.79
C GLU I 654 -64.16 8.25 26.24
N ASN I 655 -63.77 7.57 27.33
CA ASN I 655 -62.38 7.40 27.81
C ASN I 655 -61.72 8.67 28.30
N GLY I 656 -62.48 9.65 28.78
CA GLY I 656 -61.89 10.82 29.37
C GLY I 656 -61.58 10.61 30.84
N LYS I 657 -61.05 11.64 31.48
CA LYS I 657 -60.76 11.64 32.90
C LYS I 657 -61.25 12.95 33.48
N ASN I 658 -61.46 12.98 34.79
CA ASN I 658 -62.19 14.07 35.39
C ASN I 658 -61.48 15.41 35.50
N LEU I 659 -60.20 15.62 35.17
CA LEU I 659 -59.84 17.04 35.23
C LEU I 659 -59.29 17.59 33.93
N GLN I 660 -59.35 16.82 32.85
CA GLN I 660 -58.74 17.12 31.57
C GLN I 660 -59.54 18.09 30.72
N GLN I 661 -58.86 18.72 29.76
CA GLN I 661 -59.44 19.65 28.81
C GLN I 661 -59.75 18.97 27.49
N VAL I 662 -60.93 19.20 26.95
CA VAL I 662 -61.34 18.56 25.69
C VAL I 662 -61.49 19.63 24.62
N THR I 663 -60.96 19.36 23.44
CA THR I 663 -61.11 20.22 22.27
C THR I 663 -61.92 19.49 21.23
N LEU I 664 -62.99 20.13 20.76
CA LEU I 664 -63.90 19.57 19.78
C LEU I 664 -64.06 20.47 18.57
N LEU I 665 -64.04 19.87 17.39
CA LEU I 665 -64.27 20.58 16.14
C LEU I 665 -65.70 20.34 15.69
N LEU I 666 -66.45 21.41 15.50
CA LEU I 666 -67.80 21.33 14.95
C LEU I 666 -67.73 21.78 13.50
N GLN I 667 -67.98 20.86 12.58
CA GLN I 667 -67.95 21.19 11.17
C GLN I 667 -69.38 21.34 10.67
N PHE I 668 -69.74 22.55 10.28
CA PHE I 668 -71.05 22.90 9.78
C PHE I 668 -71.01 23.03 8.29
N LEU I 669 -72.18 22.90 7.68
CA LEU I 669 -72.36 23.26 6.29
C LEU I 669 -72.88 24.68 6.29
N GLU I 670 -71.98 25.62 6.05
CA GLU I 670 -72.29 27.03 6.24
C GLU I 670 -73.23 27.54 5.17
N GLY I 671 -74.18 28.38 5.58
CA GLY I 671 -75.17 28.95 4.70
C GLY I 671 -76.43 28.14 4.58
N SER I 672 -76.51 27.04 5.33
CA SER I 672 -77.61 26.07 5.32
C SER I 672 -78.93 26.48 5.99
N GLU I 673 -78.95 27.47 6.86
CA GLU I 673 -80.15 27.75 7.65
C GLU I 673 -81.31 28.37 6.88
N ASN I 674 -82.46 28.41 7.56
CA ASN I 674 -83.66 29.00 6.98
C ASN I 674 -83.58 30.51 7.02
N PRO I 675 -83.56 31.18 5.86
CA PRO I 675 -83.42 32.63 5.79
C PRO I 675 -84.67 33.42 6.14
N ASP I 676 -85.79 32.76 6.37
CA ASP I 676 -87.08 33.44 6.53
C ASP I 676 -87.64 33.26 7.92
N ILE I 677 -86.82 33.53 8.93
CA ILE I 677 -87.22 33.47 10.33
C ILE I 677 -86.89 34.80 10.98
N THR I 678 -87.79 35.32 11.80
CA THR I 678 -87.57 36.60 12.45
C THR I 678 -86.92 36.50 13.84
N ASP I 679 -87.10 35.39 14.55
CA ASP I 679 -86.36 35.09 15.79
C ASP I 679 -84.99 34.52 15.50
N ILE I 680 -83.95 35.34 15.61
CA ILE I 680 -82.64 34.91 15.15
C ILE I 680 -81.45 35.12 16.09
N PHE I 681 -81.65 35.07 17.42
CA PHE I 681 -80.58 35.34 18.42
C PHE I 681 -80.08 36.77 18.32
N THR I 682 -80.95 37.72 18.57
CA THR I 682 -80.51 39.11 18.57
C THR I 682 -79.84 39.43 19.90
N GLY I 683 -79.20 40.60 19.96
CA GLY I 683 -78.56 41.05 21.19
C GLY I 683 -77.42 40.13 21.57
N ASN I 684 -77.44 39.65 22.84
CA ASN I 684 -76.34 38.83 23.32
C ASN I 684 -76.83 37.40 23.59
N GLN I 685 -77.87 36.95 22.89
CA GLN I 685 -78.37 35.59 23.07
C GLN I 685 -77.42 34.58 22.43
N LYS I 686 -77.41 33.36 22.99
CA LYS I 686 -76.53 32.31 22.49
C LYS I 686 -77.00 30.94 22.99
N ILE I 687 -76.33 29.89 22.51
CA ILE I 687 -76.65 28.51 22.89
C ILE I 687 -76.00 28.18 24.23
N LYS I 688 -76.77 27.52 25.11
CA LYS I 688 -76.37 27.20 26.48
C LYS I 688 -75.74 25.81 26.59
N TRP I 689 -74.74 25.66 27.48
CA TRP I 689 -74.08 24.38 27.71
C TRP I 689 -74.15 23.94 29.19
N GLN I 690 -74.33 22.62 29.41
CA GLN I 690 -74.40 21.98 30.74
C GLN I 690 -73.76 20.60 30.74
N TYR I 691 -73.43 20.08 31.93
CA TYR I 691 -72.90 18.71 32.06
C TYR I 691 -73.74 17.91 33.05
N LEU I 692 -73.61 16.59 32.99
CA LEU I 692 -74.41 15.67 33.81
C LEU I 692 -73.65 15.15 35.03
N SER I 693 -74.29 15.19 36.19
CA SER I 693 -73.70 14.67 37.43
C SER I 693 -74.80 14.15 38.33
N GLN I 694 -74.75 12.85 38.67
CA GLN I 694 -75.71 12.17 39.55
C GLN I 694 -77.15 12.36 39.08
N ASN I 695 -77.37 12.18 37.78
CA ASN I 695 -78.64 12.35 37.06
C ASN I 695 -79.17 13.79 37.07
N GLN I 696 -78.36 14.78 37.45
CA GLN I 696 -78.76 16.19 37.39
C GLN I 696 -77.95 16.94 36.35
N TRP I 697 -78.56 17.96 35.74
CA TRP I 697 -77.81 18.82 34.84
C TRP I 697 -77.29 20.03 35.59
N GLN I 698 -76.04 20.38 35.36
CA GLN I 698 -75.36 21.43 36.11
C GLN I 698 -74.68 22.39 35.15
N ASP I 699 -74.67 23.66 35.52
CA ASP I 699 -73.97 24.68 34.75
C ASP I 699 -72.47 24.51 34.86
N PHE I 700 -71.78 24.83 33.76
CA PHE I 700 -70.32 24.90 33.79
C PHE I 700 -69.91 26.13 34.57
N GLN I 701 -68.73 26.05 35.19
CA GLN I 701 -68.24 27.20 35.91
C GLN I 701 -67.33 28.02 35.01
N SER I 702 -67.02 29.24 35.45
CA SER I 702 -66.32 30.20 34.61
C SER I 702 -64.93 29.72 34.18
N GLY I 703 -64.26 28.92 35.00
CA GLY I 703 -62.96 28.43 34.61
C GLY I 703 -62.95 27.15 33.81
N GLU I 704 -64.11 26.61 33.46
CA GLU I 704 -64.19 25.32 32.81
C GLU I 704 -64.37 25.43 31.30
N ILE I 705 -64.88 26.53 30.76
CA ILE I 705 -64.91 26.72 29.32
C ILE I 705 -63.73 27.58 28.93
N ILE I 706 -62.93 27.06 28.01
CA ILE I 706 -61.73 27.76 27.59
C ILE I 706 -62.01 28.65 26.40
N GLN I 707 -62.75 28.15 25.42
CA GLN I 707 -63.13 28.97 24.29
C GLN I 707 -64.35 28.39 23.60
N ASN I 708 -65.05 29.27 22.89
CA ASN I 708 -66.24 28.91 22.14
C ASN I 708 -66.26 29.77 20.88
N GLN I 709 -65.82 29.20 19.77
CA GLN I 709 -65.83 29.92 18.51
C GLN I 709 -67.13 29.78 17.76
N THR I 710 -68.07 29.00 18.25
CA THR I 710 -69.36 28.74 17.61
C THR I 710 -70.60 29.05 18.45
N PRO I 711 -70.73 30.26 19.00
CA PRO I 711 -71.78 30.53 20.00
C PRO I 711 -73.21 30.37 19.53
N ARG I 712 -73.47 30.48 18.22
CA ARG I 712 -74.83 30.36 17.72
C ARG I 712 -74.94 29.36 16.58
N PHE I 713 -74.03 28.39 16.52
CA PHE I 713 -74.01 27.32 15.51
C PHE I 713 -74.17 27.81 14.07
N LEU I 714 -73.54 28.92 13.70
CA LEU I 714 -73.63 29.41 12.33
C LEU I 714 -72.38 29.20 11.51
N LYS I 715 -71.23 28.98 12.15
CA LYS I 715 -69.99 28.83 11.42
C LYS I 715 -69.17 27.72 12.07
N SER I 716 -68.30 27.11 11.28
CA SER I 716 -67.42 26.04 11.77
C SER I 716 -66.37 26.59 12.75
N GLY I 717 -66.03 25.80 13.75
CA GLY I 717 -65.01 26.24 14.70
C GLY I 717 -64.78 25.29 15.85
N ILE I 718 -64.04 25.78 16.85
CA ILE I 718 -63.53 24.99 17.97
C ILE I 718 -64.24 25.34 19.28
N PHE I 719 -64.70 24.31 19.99
CA PHE I 719 -65.19 24.41 21.36
C PHE I 719 -64.21 23.69 22.27
N GLN I 720 -63.81 24.33 23.36
CA GLN I 720 -62.80 23.75 24.22
C GLN I 720 -63.15 23.94 25.68
N PHE I 721 -62.98 22.88 26.46
CA PHE I 721 -63.44 22.89 27.85
C PHE I 721 -62.69 21.82 28.61
N SER I 722 -62.73 21.93 29.93
CA SER I 722 -62.22 20.86 30.76
C SER I 722 -63.34 19.99 31.30
N ILE I 723 -63.04 18.71 31.52
CA ILE I 723 -64.05 17.87 32.18
C ILE I 723 -64.14 18.30 33.63
N PRO I 724 -65.33 18.64 34.10
CA PRO I 724 -65.46 19.16 35.45
C PRO I 724 -65.30 18.06 36.47
N LYS I 725 -64.80 18.46 37.64
CA LYS I 725 -64.81 17.57 38.78
C LYS I 725 -66.26 17.29 39.09
N GLN I 726 -66.54 16.07 39.56
CA GLN I 726 -67.87 15.51 39.90
C GLN I 726 -68.64 15.14 38.65
N ALA I 727 -68.03 15.15 37.46
CA ALA I 727 -68.66 14.54 36.30
C ALA I 727 -68.86 13.06 36.59
N ASN I 728 -69.98 12.50 36.14
CA ASN I 728 -70.32 11.17 36.57
C ASN I 728 -70.57 10.22 35.40
N LEU I 729 -69.91 9.06 35.44
CA LEU I 729 -70.12 8.00 34.46
C LEU I 729 -71.28 7.09 34.79
N ASP I 730 -71.80 7.09 36.03
CA ASP I 730 -72.79 6.08 36.35
C ASP I 730 -74.12 6.81 36.60
N ASN I 731 -74.98 6.82 35.57
CA ASN I 731 -76.27 7.52 35.61
C ASN I 731 -77.32 6.60 35.01
N THR I 732 -78.59 7.03 35.05
CA THR I 732 -79.67 6.24 34.46
C THR I 732 -80.52 6.99 33.43
N VAL I 733 -80.51 8.31 33.43
CA VAL I 733 -81.33 9.09 32.49
C VAL I 733 -80.75 9.07 31.09
N LEU I 734 -79.47 8.73 30.96
CA LEU I 734 -78.71 8.57 29.74
C LEU I 734 -77.80 7.39 30.00
N PRO I 735 -77.46 6.62 28.95
CA PRO I 735 -76.65 5.38 29.11
C PRO I 735 -75.35 5.57 29.87
N PRO I 736 -75.01 4.62 30.74
CA PRO I 736 -73.80 4.72 31.56
C PRO I 736 -72.54 4.42 30.77
N GLY I 737 -71.41 4.89 31.29
CA GLY I 737 -70.12 4.64 30.69
C GLY I 737 -69.55 5.82 29.93
N TYR I 738 -70.35 6.86 29.75
CA TYR I 738 -69.99 8.05 29.02
C TYR I 738 -70.11 9.25 29.93
N HIS I 739 -69.25 10.23 29.72
CA HIS I 739 -69.54 11.54 30.27
C HIS I 739 -70.52 12.21 29.35
N TRP I 740 -71.50 12.91 29.89
CA TRP I 740 -72.52 13.52 29.03
C TRP I 740 -72.57 15.02 29.18
N ILE I 741 -72.60 15.70 28.05
CA ILE I 741 -72.70 17.14 27.88
C ILE I 741 -73.90 17.52 27.02
N LYS I 742 -74.59 18.56 27.45
CA LYS I 742 -75.82 19.01 26.84
C LYS I 742 -75.72 20.43 26.29
N ALA I 743 -76.24 20.62 25.09
CA ALA I 743 -76.41 21.94 24.48
C ALA I 743 -77.88 22.22 24.27
N SER I 744 -78.32 23.47 24.45
CA SER I 744 -79.76 23.72 24.30
C SER I 744 -80.11 25.09 23.71
N MET I 745 -81.30 25.12 23.09
CA MET I 745 -81.86 26.24 22.33
C MET I 745 -83.38 26.27 22.50
N VAL I 746 -84.00 27.46 22.52
CA VAL I 746 -85.46 27.59 22.64
C VAL I 746 -86.08 28.24 21.39
N LYS I 747 -85.39 28.20 20.28
CA LYS I 747 -85.75 28.87 19.06
C LYS I 747 -86.20 27.83 18.04
N PRO I 748 -86.85 28.25 16.93
CA PRO I 748 -87.28 27.27 15.91
C PRO I 748 -86.10 26.47 15.40
N PHE I 749 -86.37 25.27 14.88
CA PHE I 749 -85.23 24.37 14.67
C PHE I 749 -84.27 24.81 13.55
N ASP I 750 -84.65 25.74 12.66
CA ASP I 750 -83.81 26.07 11.51
C ASP I 750 -82.93 27.30 11.65
N VAL I 751 -82.97 28.00 12.79
CA VAL I 751 -82.15 29.20 13.02
C VAL I 751 -80.67 28.90 13.11
N VAL I 752 -80.28 27.63 13.09
CA VAL I 752 -78.89 27.20 13.10
C VAL I 752 -78.60 26.41 11.82
N SER I 753 -77.33 26.33 11.46
CA SER I 753 -76.92 25.53 10.33
C SER I 753 -76.88 24.03 10.57
N GLN I 754 -77.04 23.27 9.48
CA GLN I 754 -76.91 21.83 9.53
C GLN I 754 -75.45 21.44 9.74
N LEU I 755 -75.26 20.29 10.40
CA LEU I 755 -73.94 19.77 10.69
C LEU I 755 -73.51 18.71 9.69
N ILE I 756 -72.20 18.63 9.54
CA ILE I 756 -71.58 17.50 8.89
C ILE I 756 -71.05 16.51 9.91
N ASN I 757 -70.26 16.98 10.87
CA ASN I 757 -69.70 16.07 11.86
C ASN I 757 -69.16 16.80 13.08
N ILE I 758 -68.76 16.02 14.09
CA ILE I 758 -68.11 16.48 15.31
C ILE I 758 -66.89 15.61 15.59
N HIS I 759 -65.72 16.23 15.80
CA HIS I 759 -64.48 15.48 16.01
C HIS I 759 -63.73 15.92 17.24
N ALA I 760 -63.22 14.96 18.00
CA ALA I 760 -62.33 15.27 19.10
C ALA I 760 -60.88 15.29 18.62
N GLN I 761 -60.04 16.03 19.36
CA GLN I 761 -58.57 16.14 19.18
C GLN I 761 -58.18 16.89 17.89
N ALA I 762 -58.85 18.01 17.61
CA ALA I 762 -58.55 18.79 16.41
C ALA I 762 -57.42 19.79 16.62
N VAL I 763 -56.56 19.93 15.58
CA VAL I 763 -55.40 20.82 15.60
C VAL I 763 -55.36 21.63 14.30
N GLU I 764 -55.12 22.94 14.41
CA GLU I 764 -55.03 23.82 13.24
C GLU I 764 -53.57 24.05 12.80
N ALA I 765 -53.35 24.05 11.46
CA ALA I 765 -52.02 24.28 10.89
C ALA I 765 -52.09 25.14 9.63
N VAL I 766 -50.98 25.82 9.30
CA VAL I 766 -50.91 26.82 8.23
C VAL I 766 -49.68 26.59 7.36
N PHE I 767 -49.81 26.83 6.17
CA PHE I 767 -48.75 26.73 5.19
C PHE I 767 -47.60 27.70 5.41
N GLU I 768 -46.39 27.19 5.25
CA GLU I 768 -45.18 27.99 5.38
C GLU I 768 -44.70 28.42 4.00
N ASP I 769 -44.60 29.73 3.80
CA ASP I 769 -44.22 30.26 2.50
C ASP I 769 -42.71 30.23 2.35
N GLN I 770 -42.23 29.32 1.53
CA GLN I 770 -40.82 29.22 1.16
C GLN I 770 -40.83 29.43 -0.35
N GLY I 771 -39.80 30.05 -0.89
CA GLY I 771 -39.86 30.35 -2.31
C GLY I 771 -39.96 29.11 -3.17
N SER I 772 -41.07 29.09 -3.90
CA SER I 772 -41.53 28.04 -4.80
C SER I 772 -42.84 28.50 -5.40
N SER I 773 -43.45 27.65 -6.20
CA SER I 773 -44.75 27.95 -6.73
C SER I 773 -45.61 26.97 -6.02
N GLY I 774 -46.59 27.44 -5.27
CA GLY I 774 -47.50 26.55 -4.62
C GLY I 774 -48.72 26.51 -5.51
N ASN I 775 -48.88 25.43 -6.28
CA ASN I 775 -50.02 25.35 -7.19
C ASN I 775 -51.34 25.24 -6.42
N HIS I 776 -51.30 24.56 -5.29
CA HIS I 776 -52.46 24.20 -4.49
C HIS I 776 -53.15 25.41 -3.88
N LEU I 777 -52.73 26.64 -4.17
CA LEU I 777 -53.44 27.78 -3.64
C LEU I 777 -54.54 28.27 -4.57
N GLU I 778 -54.59 27.72 -5.80
CA GLU I 778 -55.66 28.03 -6.74
C GLU I 778 -57.00 27.46 -6.30
N LYS I 779 -56.92 26.24 -5.81
CA LYS I 779 -58.00 25.39 -5.31
C LYS I 779 -57.56 24.91 -3.95
N GLY I 780 -58.48 24.65 -3.03
CA GLY I 780 -58.04 24.11 -1.76
C GLY I 780 -57.38 22.76 -1.92
N LEU I 781 -56.38 22.53 -1.05
CA LEU I 781 -55.71 21.23 -0.97
C LEU I 781 -56.77 20.17 -0.78
N PRO I 782 -56.74 19.09 -1.58
CA PRO I 782 -57.76 18.04 -1.45
C PRO I 782 -57.76 17.43 -0.06
N ALA I 783 -58.91 16.89 0.32
CA ALA I 783 -59.01 16.18 1.58
C ALA I 783 -58.14 14.94 1.52
N GLU I 784 -57.61 14.55 2.68
CA GLU I 784 -56.81 13.37 2.96
C GLU I 784 -55.33 13.31 2.57
N THR I 785 -54.70 14.44 2.26
CA THR I 785 -53.30 14.47 1.83
C THR I 785 -52.28 14.28 2.96
N ILE I 786 -52.57 14.73 4.18
CA ILE I 786 -51.59 14.83 5.27
C ILE I 786 -51.72 13.69 6.28
N SER I 787 -50.59 13.00 6.56
CA SER I 787 -50.64 12.02 7.65
C SER I 787 -49.42 11.94 8.56
N LYS I 788 -48.44 12.85 8.51
CA LYS I 788 -47.21 12.69 9.30
C LYS I 788 -46.60 14.01 9.79
N LEU I 789 -45.83 13.91 10.87
CA LEU I 789 -44.99 15.00 11.35
C LEU I 789 -43.66 15.00 10.60
N GLN I 790 -42.87 16.06 10.78
CA GLN I 790 -41.55 16.03 10.16
C GLN I 790 -40.63 15.02 10.82
N GLU I 791 -40.72 14.95 12.12
CA GLU I 791 -40.00 13.99 12.91
C GLU I 791 -41.01 13.25 13.78
N ARG I 792 -40.97 11.93 13.79
CA ARG I 792 -41.93 11.19 14.58
C ARG I 792 -41.72 11.46 16.06
N LEU I 793 -42.78 11.79 16.76
CA LEU I 793 -42.69 11.86 18.20
C LEU I 793 -43.50 10.68 18.72
N SER I 794 -42.96 10.02 19.73
CA SER I 794 -43.32 8.65 20.06
C SER I 794 -44.72 8.44 20.62
N TRP I 795 -45.41 9.46 21.12
CA TRP I 795 -46.70 9.23 21.74
C TRP I 795 -47.90 9.38 20.79
N ILE I 796 -47.69 9.58 19.49
CA ILE I 796 -48.76 9.79 18.51
C ILE I 796 -48.94 8.54 17.65
N LYS I 797 -50.18 8.25 17.22
CA LYS I 797 -50.53 7.05 16.42
C LYS I 797 -50.85 7.23 14.93
N SER I 798 -51.75 8.15 14.55
CA SER I 798 -52.30 8.48 13.22
C SER I 798 -52.75 9.93 13.13
N ILE I 799 -52.69 10.50 11.91
CA ILE I 799 -53.18 11.85 11.64
C ILE I 799 -54.11 11.83 10.45
N GLN I 800 -55.25 12.47 10.60
CA GLN I 800 -56.23 12.52 9.54
C GLN I 800 -56.50 13.94 9.10
N GLN I 801 -56.71 14.11 7.80
CA GLN I 801 -57.16 15.35 7.20
C GLN I 801 -58.54 15.22 6.57
N PRO I 802 -59.62 15.31 7.34
CA PRO I 802 -60.96 15.01 6.79
C PRO I 802 -61.51 16.03 5.78
N TYR I 803 -61.04 17.28 5.74
CA TYR I 803 -61.63 18.31 4.90
C TYR I 803 -60.58 19.06 4.08
N PRO I 804 -60.97 19.60 2.92
CA PRO I 804 -60.05 20.42 2.09
C PRO I 804 -59.55 21.68 2.78
N SER I 805 -58.39 22.20 2.33
CA SER I 805 -57.84 23.42 2.93
C SER I 805 -58.56 24.67 2.44
N THR I 806 -58.34 25.77 3.16
CA THR I 806 -59.08 27.01 2.94
C THR I 806 -58.29 28.30 3.16
N LYS I 807 -58.70 29.37 2.45
CA LYS I 807 -58.30 30.74 2.63
C LYS I 807 -57.03 31.15 1.90
N GLY I 808 -56.47 30.31 1.05
CA GLY I 808 -55.23 30.66 0.37
C GLY I 808 -55.46 31.46 -0.90
N LYS I 809 -54.36 32.01 -1.44
CA LYS I 809 -54.44 32.78 -2.68
C LYS I 809 -53.08 32.85 -3.38
N ALA I 810 -53.07 32.52 -4.67
CA ALA I 810 -51.85 32.56 -5.48
C ALA I 810 -51.52 33.97 -5.94
N GLN I 811 -50.27 34.16 -6.36
CA GLN I 811 -49.77 35.45 -6.85
C GLN I 811 -50.48 35.85 -8.14
N GLU I 812 -50.62 37.17 -8.34
CA GLU I 812 -51.35 37.64 -9.52
C GLU I 812 -50.63 37.28 -10.80
N SER I 813 -51.40 36.83 -11.79
CA SER I 813 -50.94 36.63 -13.14
C SER I 813 -50.88 37.97 -13.85
N ASP I 814 -50.23 38.00 -15.02
CA ASP I 814 -50.21 39.23 -15.82
C ASP I 814 -51.62 39.61 -16.24
N GLU I 815 -52.43 38.61 -16.56
CA GLU I 815 -53.79 38.82 -17.03
C GLU I 815 -54.65 39.46 -15.96
N ASP I 816 -54.44 39.07 -14.70
CA ASP I 816 -55.21 39.63 -13.60
C ASP I 816 -54.72 41.02 -13.25
N TYR I 817 -53.40 41.21 -13.30
CA TYR I 817 -52.83 42.52 -13.03
C TYR I 817 -53.39 43.55 -13.99
N TYR I 818 -53.40 43.24 -15.29
CA TYR I 818 -53.95 44.17 -16.27
C TYR I 818 -55.43 44.38 -16.08
N ARG I 819 -56.16 43.32 -15.75
CA ARG I 819 -57.59 43.41 -15.53
C ARG I 819 -57.94 44.32 -14.36
N ARG I 820 -57.21 44.16 -13.24
CA ARG I 820 -57.45 44.96 -12.05
C ARG I 820 -57.12 46.43 -12.25
N VAL I 821 -55.97 46.72 -12.88
CA VAL I 821 -55.57 48.11 -13.06
C VAL I 821 -56.51 48.81 -14.01
N SER I 822 -56.91 48.11 -15.08
CA SER I 822 -57.77 48.69 -16.09
C SER I 822 -59.12 49.09 -15.51
N GLU I 823 -59.70 48.24 -14.66
CA GLU I 823 -61.01 48.57 -14.11
C GLU I 823 -60.95 49.74 -13.14
N ARG I 824 -59.90 49.84 -12.30
CA ARG I 824 -59.84 50.96 -11.36
C ARG I 824 -59.79 52.29 -12.08
N LEU I 825 -59.07 52.33 -13.21
CA LEU I 825 -58.98 53.53 -14.02
C LEU I 825 -60.31 53.98 -14.60
N ARG I 826 -61.36 53.16 -14.58
CA ARG I 826 -62.69 53.59 -15.02
C ARG I 826 -63.71 53.77 -13.90
N HIS I 827 -63.75 52.88 -12.90
CA HIS I 827 -64.79 53.08 -11.90
C HIS I 827 -64.37 53.97 -10.75
N LYS I 828 -63.07 54.26 -10.61
CA LYS I 828 -62.51 55.20 -9.62
C LYS I 828 -62.79 54.80 -8.18
N LYS I 829 -63.04 53.51 -7.95
CA LYS I 829 -63.35 52.93 -6.63
C LYS I 829 -64.66 53.49 -6.04
N ARG I 830 -65.62 53.85 -6.89
CA ARG I 830 -66.92 54.30 -6.41
C ARG I 830 -67.99 53.30 -6.85
N ALA I 831 -69.01 53.10 -6.03
CA ALA I 831 -70.09 52.17 -6.38
C ALA I 831 -71.31 52.95 -6.85
N ILE I 832 -71.35 53.34 -8.11
CA ILE I 832 -72.44 54.19 -8.61
C ILE I 832 -73.43 53.42 -9.50
N THR I 833 -72.96 52.87 -10.63
CA THR I 833 -73.87 52.17 -11.55
C THR I 833 -73.82 50.65 -11.36
N LEU I 834 -74.39 49.90 -12.31
CA LEU I 834 -74.45 48.43 -12.21
C LEU I 834 -73.09 47.78 -12.32
N TRP I 835 -72.36 48.13 -13.38
CA TRP I 835 -71.05 47.58 -13.65
C TRP I 835 -70.11 47.78 -12.49
N ASP I 836 -70.18 48.98 -11.89
CA ASP I 836 -69.36 49.32 -10.73
C ASP I 836 -69.56 48.33 -9.61
N TYR I 837 -70.82 48.11 -9.21
CA TYR I 837 -71.13 47.22 -8.09
C TYR I 837 -70.68 45.80 -8.38
N GLU I 838 -70.97 45.31 -9.59
CA GLU I 838 -70.69 43.92 -9.92
C GLU I 838 -69.19 43.65 -10.02
N HIS I 839 -68.43 44.61 -10.55
CA HIS I 839 -67.00 44.39 -10.67
C HIS I 839 -66.24 44.69 -9.39
N LEU I 840 -66.74 45.61 -8.56
CA LEU I 840 -66.11 45.82 -7.25
C LEU I 840 -66.18 44.57 -6.39
N ILE I 841 -67.31 43.85 -6.41
CA ILE I 841 -67.42 42.65 -5.58
C ILE I 841 -66.60 41.51 -6.13
N LEU I 842 -66.63 41.27 -7.45
CA LEU I 842 -65.85 40.14 -7.95
C LEU I 842 -64.35 40.35 -7.74
N GLN I 843 -63.87 41.59 -7.82
CA GLN I 843 -62.46 41.84 -7.53
C GLN I 843 -62.15 41.68 -6.03
N LYS I 844 -63.05 42.14 -5.16
CA LYS I 844 -62.80 42.15 -3.72
C LYS I 844 -63.01 40.78 -3.07
N PHE I 845 -64.06 40.05 -3.46
CA PHE I 845 -64.40 38.80 -2.80
C PHE I 845 -64.13 37.60 -3.69
N PRO I 846 -63.02 36.88 -3.45
CA PRO I 846 -62.52 35.84 -4.38
C PRO I 846 -63.37 34.58 -4.45
N LYS I 847 -64.30 34.37 -3.51
CA LYS I 847 -65.08 33.15 -3.62
C LYS I 847 -66.57 33.50 -3.79
N VAL I 848 -66.79 34.32 -4.80
CA VAL I 848 -68.08 34.59 -5.38
C VAL I 848 -67.96 34.25 -6.84
N TYR I 849 -68.91 33.47 -7.35
CA TYR I 849 -68.88 33.01 -8.72
C TYR I 849 -69.66 33.93 -9.64
N LYS I 850 -70.85 34.34 -9.22
CA LYS I 850 -71.67 35.26 -9.99
C LYS I 850 -72.26 36.31 -9.08
N VAL I 851 -72.59 37.46 -9.65
CA VAL I 851 -73.21 38.55 -8.90
C VAL I 851 -74.30 39.14 -9.77
N LYS I 852 -75.32 39.76 -9.15
CA LYS I 852 -76.30 40.47 -9.94
C LYS I 852 -76.82 41.66 -9.12
N CYS I 853 -76.81 42.86 -9.71
CA CYS I 853 -77.29 44.05 -9.04
C CYS I 853 -78.70 44.42 -9.54
N LEU I 854 -79.59 44.73 -8.60
CA LEU I 854 -81.02 44.98 -8.88
C LEU I 854 -81.38 46.41 -8.46
N ASN I 855 -81.72 47.24 -9.45
CA ASN I 855 -81.64 48.70 -9.38
C ASN I 855 -82.71 49.30 -8.45
N HIS I 856 -83.92 48.73 -8.43
CA HIS I 856 -84.98 49.29 -7.60
C HIS I 856 -85.56 48.25 -6.67
N THR I 857 -84.79 47.23 -6.32
CA THR I 857 -85.36 46.09 -5.62
C THR I 857 -85.18 46.17 -4.12
N CYS I 858 -86.32 46.00 -3.47
CA CYS I 858 -86.65 45.86 -2.07
C CYS I 858 -87.36 44.54 -1.90
N SER I 859 -87.39 43.97 -0.68
CA SER I 859 -87.93 42.61 -0.56
C SER I 859 -89.41 42.59 -0.96
N SER I 860 -90.08 43.74 -0.86
CA SER I 860 -91.47 43.93 -1.18
C SER I 860 -91.74 44.80 -2.41
N SER I 861 -90.73 45.07 -3.23
CA SER I 861 -90.96 45.98 -4.34
C SER I 861 -89.86 45.89 -5.41
N PHE I 862 -90.28 46.03 -6.66
CA PHE I 862 -89.33 46.14 -7.75
C PHE I 862 -89.36 47.53 -8.37
N GLN I 863 -89.95 48.52 -7.67
CA GLN I 863 -90.01 49.92 -8.15
C GLN I 863 -89.78 50.93 -7.03
N SER I 864 -88.88 50.62 -6.08
CA SER I 864 -88.69 51.57 -5.00
C SER I 864 -87.37 52.33 -5.19
N PRO I 865 -87.44 53.66 -5.25
CA PRO I 865 -86.24 54.47 -5.42
C PRO I 865 -85.46 54.57 -4.12
N GLY I 866 -84.16 54.79 -4.24
CA GLY I 866 -83.33 54.99 -3.07
C GLY I 866 -82.87 53.72 -2.38
N ASN I 867 -82.77 52.62 -3.10
CA ASN I 867 -82.40 51.34 -2.53
C ASN I 867 -81.77 50.46 -3.60
N ALA I 868 -81.29 49.28 -3.20
CA ALA I 868 -80.72 48.30 -4.13
C ALA I 868 -80.57 46.95 -3.47
N THR I 869 -80.64 45.89 -4.27
CA THR I 869 -80.42 44.55 -3.73
C THR I 869 -79.35 43.88 -4.61
N LEU I 870 -78.43 43.16 -3.97
CA LEU I 870 -77.36 42.43 -4.63
C LEU I 870 -77.53 40.95 -4.36
N ILE I 871 -77.40 40.11 -5.38
CA ILE I 871 -77.53 38.67 -5.24
C ILE I 871 -76.18 38.01 -5.44
N LEU I 872 -75.78 37.15 -4.50
CA LEU I 872 -74.49 36.48 -4.54
C LEU I 872 -74.62 34.99 -4.74
N VAL I 873 -73.83 34.45 -5.67
CA VAL I 873 -73.77 33.03 -5.97
C VAL I 873 -72.35 32.52 -5.73
N PRO I 874 -72.15 31.55 -4.85
CA PRO I 874 -70.82 31.01 -4.55
C PRO I 874 -70.36 30.05 -5.64
N ASP I 875 -69.08 29.70 -5.59
CA ASP I 875 -68.54 28.66 -6.47
C ASP I 875 -68.99 27.25 -6.11
N THR I 876 -68.84 26.88 -4.83
CA THR I 876 -68.99 25.54 -4.29
C THR I 876 -68.34 24.46 -5.14
N VAL I 877 -67.07 24.64 -5.51
CA VAL I 877 -66.39 23.58 -6.29
C VAL I 877 -66.21 22.33 -5.44
N GLN I 878 -65.88 22.48 -4.15
CA GLN I 878 -65.62 21.29 -3.34
C GLN I 878 -66.94 20.69 -2.87
N GLN I 879 -67.59 19.97 -3.81
CA GLN I 879 -68.89 19.32 -3.58
C GLN I 879 -68.88 18.27 -2.49
N SER I 880 -67.71 17.91 -1.96
CA SER I 880 -67.66 16.97 -0.86
C SER I 880 -68.43 17.56 0.30
N VAL I 881 -68.32 18.87 0.44
CA VAL I 881 -68.96 19.62 1.50
C VAL I 881 -70.28 20.21 1.03
N PHE I 882 -70.26 20.92 -0.09
CA PHE I 882 -71.41 21.75 -0.47
C PHE I 882 -72.54 20.98 -1.12
N ASP I 883 -73.74 21.49 -0.91
CA ASP I 883 -74.91 21.01 -1.63
C ASP I 883 -74.96 21.75 -2.94
N ILE I 884 -74.68 21.04 -4.04
CA ILE I 884 -74.44 21.74 -5.28
C ILE I 884 -75.75 22.08 -5.99
N TYR I 885 -76.90 21.65 -5.48
CA TYR I 885 -78.18 22.00 -6.09
C TYR I 885 -78.92 23.05 -5.29
N GLN I 886 -78.38 23.36 -4.11
CA GLN I 886 -78.81 24.49 -3.28
C GLN I 886 -77.60 25.27 -2.76
N PRO I 887 -76.76 25.83 -3.64
CA PRO I 887 -75.59 26.59 -3.15
C PRO I 887 -76.03 27.85 -2.42
N ARG I 888 -75.38 28.13 -1.29
CA ARG I 888 -75.74 29.30 -0.50
C ARG I 888 -74.51 29.99 0.06
N VAL I 889 -74.67 31.29 0.28
CA VAL I 889 -73.69 32.17 0.92
C VAL I 889 -73.98 32.29 2.42
N SER I 890 -72.94 32.14 3.24
CA SER I 890 -73.10 32.17 4.68
C SER I 890 -73.24 33.63 5.12
N GLN I 891 -73.56 33.82 6.41
CA GLN I 891 -73.79 35.17 6.95
C GLN I 891 -72.55 36.04 6.91
N GLY I 892 -71.37 35.44 7.13
CA GLY I 892 -70.11 36.17 7.10
C GLY I 892 -69.94 36.97 5.84
N THR I 893 -70.03 36.28 4.70
CA THR I 893 -69.90 36.94 3.41
C THR I 893 -71.05 37.92 3.14
N LEU I 894 -72.30 37.55 3.45
CA LEU I 894 -73.42 38.45 3.16
C LEU I 894 -73.27 39.80 3.85
N ASN I 895 -72.77 39.77 5.08
CA ASN I 895 -72.54 40.95 5.87
C ASN I 895 -71.29 41.72 5.44
N ASP I 896 -70.19 41.01 5.12
CA ASP I 896 -68.98 41.72 4.70
C ASP I 896 -69.18 42.46 3.40
N VAL I 897 -69.94 41.86 2.48
CA VAL I 897 -70.22 42.48 1.19
C VAL I 897 -71.02 43.75 1.37
N ALA I 898 -72.04 43.70 2.24
CA ALA I 898 -72.88 44.86 2.50
C ALA I 898 -72.07 46.02 3.08
N ALA I 899 -71.19 45.72 4.04
CA ALA I 899 -70.39 46.75 4.67
C ALA I 899 -69.45 47.41 3.67
N PHE I 900 -68.78 46.60 2.84
CA PHE I 900 -67.81 47.06 1.87
C PHE I 900 -68.42 48.05 0.88
N VAL I 901 -69.59 47.71 0.37
CA VAL I 901 -70.22 48.55 -0.64
C VAL I 901 -70.86 49.79 -0.03
N ASN I 902 -71.47 49.65 1.13
CA ASN I 902 -72.22 50.78 1.69
C ASN I 902 -71.30 51.95 2.00
N GLU I 903 -70.04 51.68 2.38
CA GLU I 903 -69.04 52.74 2.45
C GLU I 903 -68.66 53.43 1.15
N LEU I 904 -68.96 52.84 0.00
CA LEU I 904 -68.61 53.43 -1.28
C LEU I 904 -69.79 53.96 -2.07
N ASN I 905 -71.01 53.91 -1.54
CA ASN I 905 -72.16 54.23 -2.39
C ASN I 905 -72.43 55.72 -2.47
N SER I 906 -72.90 56.25 -1.37
CA SER I 906 -73.49 57.56 -1.14
C SER I 906 -73.88 57.64 0.29
N PHE I 907 -73.85 58.86 0.82
CA PHE I 907 -74.35 59.12 2.16
C PHE I 907 -75.77 58.60 2.33
N HIS I 908 -76.59 58.67 1.29
CA HIS I 908 -78.01 58.39 1.38
C HIS I 908 -78.42 56.95 1.04
N VAL I 909 -77.52 56.02 0.69
CA VAL I 909 -78.00 54.73 0.16
C VAL I 909 -77.34 53.54 0.85
N GLN I 910 -78.18 52.59 1.32
CA GLN I 910 -77.69 51.33 1.85
C GLN I 910 -78.17 50.22 0.93
N ALA I 911 -77.31 49.25 0.63
CA ALA I 911 -77.69 48.12 -0.20
C ALA I 911 -77.89 46.89 0.66
N LYS I 912 -78.68 45.95 0.13
CA LYS I 912 -79.01 44.72 0.81
C LYS I 912 -78.37 43.55 0.05
N VAL I 913 -77.86 42.57 0.78
CA VAL I 913 -77.15 41.45 0.17
C VAL I 913 -77.86 40.16 0.55
N ILE I 914 -78.29 39.39 -0.47
CA ILE I 914 -79.12 38.20 -0.25
C ILE I 914 -78.62 37.01 -1.05
N ASN I 915 -79.14 35.83 -0.69
CA ASN I 915 -79.03 34.62 -1.46
C ASN I 915 -80.10 34.59 -2.55
N PRO I 916 -79.81 33.94 -3.69
CA PRO I 916 -80.74 33.93 -4.84
C PRO I 916 -82.04 33.22 -4.62
N ASN I 917 -82.12 32.30 -3.65
CA ASN I 917 -83.31 31.49 -3.37
C ASN I 917 -83.82 30.78 -4.63
N TYR I 918 -82.96 29.93 -5.16
CA TYR I 918 -83.10 29.33 -6.48
C TYR I 918 -84.37 28.50 -6.66
N GLU I 919 -84.92 28.55 -7.88
CA GLU I 919 -86.08 27.80 -8.33
C GLU I 919 -85.97 27.60 -9.85
N GLU I 920 -86.34 26.42 -10.36
CA GLU I 920 -86.07 26.13 -11.76
C GLU I 920 -86.85 24.95 -12.35
N VAL I 921 -87.01 25.01 -13.68
CA VAL I 921 -87.65 24.06 -14.59
C VAL I 921 -86.68 23.00 -15.09
N LYS I 922 -87.20 21.88 -15.60
CA LYS I 922 -86.31 20.83 -16.06
C LYS I 922 -86.83 20.11 -17.30
N VAL I 923 -85.86 19.57 -18.05
CA VAL I 923 -86.06 19.01 -19.38
C VAL I 923 -86.51 17.55 -19.37
N ASP I 924 -87.18 17.20 -20.46
CA ASP I 924 -87.58 15.86 -20.86
C ASP I 924 -87.46 15.85 -22.37
N VAL I 925 -87.23 14.68 -22.97
CA VAL I 925 -87.01 14.70 -24.41
C VAL I 925 -87.30 13.36 -25.07
N LYS I 926 -87.48 13.45 -26.39
CA LYS I 926 -87.52 12.27 -27.25
C LYS I 926 -86.22 11.50 -27.13
N VAL I 927 -86.34 10.18 -27.23
CA VAL I 927 -85.18 9.33 -27.08
C VAL I 927 -84.16 9.60 -28.18
N LYS I 928 -82.89 9.52 -27.82
CA LYS I 928 -81.84 9.67 -28.80
C LYS I 928 -81.94 8.59 -29.87
N PHE I 929 -81.74 9.00 -31.12
CA PHE I 929 -81.76 8.10 -32.26
C PHE I 929 -80.54 7.20 -32.29
N ARG I 930 -79.52 7.52 -31.50
CA ARG I 930 -78.32 6.71 -31.44
C ARG I 930 -77.69 6.90 -30.08
N GLU I 931 -76.91 5.91 -29.71
CA GLU I 931 -76.15 5.91 -28.48
C GLU I 931 -75.00 4.95 -28.72
N GLY I 932 -73.91 5.14 -27.97
CA GLY I 932 -72.77 4.22 -28.08
C GLY I 932 -73.18 2.80 -27.75
N LEU I 933 -73.98 2.64 -26.70
CA LEU I 933 -74.51 1.37 -26.25
C LEU I 933 -75.59 1.69 -25.24
N ASP I 934 -76.46 0.71 -25.00
CA ASP I 934 -77.51 0.86 -23.99
C ASP I 934 -76.96 1.18 -22.62
N VAL I 935 -75.77 0.70 -22.29
CA VAL I 935 -75.14 1.02 -21.01
C VAL I 935 -74.16 2.18 -21.11
N SER I 936 -73.22 2.11 -22.08
CA SER I 936 -72.15 3.10 -22.23
C SER I 936 -72.67 4.50 -22.46
N PHE I 937 -73.80 4.61 -23.13
CA PHE I 937 -74.43 5.88 -23.37
C PHE I 937 -75.89 5.77 -23.00
N TYR I 938 -76.11 5.17 -21.82
CA TYR I 938 -77.44 5.00 -21.25
C TYR I 938 -78.11 6.35 -21.12
N LEU I 939 -79.45 6.34 -21.18
CA LEU I 939 -80.21 7.56 -20.99
C LEU I 939 -79.88 8.22 -19.65
N THR I 940 -79.55 7.40 -18.65
CA THR I 940 -79.06 7.90 -17.36
C THR I 940 -77.76 8.69 -17.51
N LYS I 941 -76.86 8.24 -18.39
CA LYS I 941 -75.61 8.98 -18.61
C LYS I 941 -75.88 10.32 -19.26
N VAL I 942 -76.82 10.33 -20.21
CA VAL I 942 -77.24 11.57 -20.85
C VAL I 942 -77.87 12.51 -19.84
N LYS I 943 -78.65 11.94 -18.91
CA LYS I 943 -79.27 12.74 -17.86
C LYS I 943 -78.22 13.36 -16.96
N GLU I 944 -77.18 12.60 -16.63
CA GLU I 944 -76.09 13.12 -15.80
C GLU I 944 -75.37 14.26 -16.49
N ASP I 945 -75.11 14.12 -17.79
CA ASP I 945 -74.46 15.17 -18.56
C ASP I 945 -75.32 16.42 -18.62
N ILE I 946 -76.62 16.24 -18.80
CA ILE I 946 -77.54 17.37 -18.81
C ILE I 946 -77.55 18.09 -17.48
N LYS I 947 -77.52 17.33 -16.39
CA LYS I 947 -77.48 17.92 -15.05
C LYS I 947 -76.20 18.71 -14.85
N LYS I 948 -75.07 18.19 -15.33
CA LYS I 948 -73.80 18.90 -15.17
C LYS I 948 -73.80 20.22 -15.93
N PHE I 949 -74.35 20.22 -17.15
CA PHE I 949 -74.40 21.43 -17.97
C PHE I 949 -75.23 22.52 -17.29
N LEU I 950 -76.32 22.12 -16.65
CA LEU I 950 -77.14 23.09 -15.95
C LEU I 950 -76.52 23.47 -14.61
N SER I 951 -75.91 22.49 -13.92
CA SER I 951 -75.30 22.71 -12.61
C SER I 951 -74.23 23.77 -12.67
N PRO I 952 -73.48 23.81 -13.78
CA PRO I 952 -72.43 24.79 -14.02
C PRO I 952 -72.92 26.23 -14.00
N TRP I 953 -74.21 26.45 -14.22
CA TRP I 953 -74.75 27.78 -14.05
C TRP I 953 -75.10 28.04 -12.59
N ALA I 954 -75.69 27.03 -11.94
CA ALA I 954 -76.11 27.12 -10.54
C ALA I 954 -74.92 27.22 -9.61
N TYR I 955 -73.85 26.51 -9.94
CA TYR I 955 -72.67 26.40 -9.11
C TYR I 955 -71.52 26.25 -10.06
N ASP I 956 -70.30 26.46 -9.60
CA ASP I 956 -69.18 26.33 -10.53
C ASP I 956 -69.01 24.87 -10.99
N GLN I 957 -68.84 24.71 -12.30
CA GLN I 957 -68.54 23.46 -13.00
C GLN I 957 -68.21 23.87 -14.42
N GLU I 958 -67.68 22.94 -15.20
CA GLU I 958 -67.43 23.24 -16.60
C GLU I 958 -68.69 23.06 -17.43
N SER I 959 -68.86 23.94 -18.43
CA SER I 959 -69.93 23.81 -19.42
C SER I 959 -69.59 24.65 -20.64
N SER I 960 -69.71 24.05 -21.83
CA SER I 960 -69.44 24.76 -23.07
C SER I 960 -70.50 25.83 -23.35
N VAL I 961 -71.75 25.54 -23.00
CA VAL I 961 -72.85 26.45 -23.27
C VAL I 961 -72.73 27.73 -22.47
N GLU I 962 -73.10 28.85 -23.10
CA GLU I 962 -73.03 30.16 -22.48
C GLU I 962 -73.88 30.26 -21.21
N PHE I 963 -75.04 29.60 -21.21
CA PHE I 963 -75.94 29.69 -20.07
C PHE I 963 -76.92 28.53 -20.06
N GLY I 964 -77.35 28.15 -18.85
CA GLY I 964 -78.46 27.22 -18.70
C GLY I 964 -79.76 27.86 -19.16
N VAL I 965 -79.92 29.15 -18.90
CA VAL I 965 -81.14 29.89 -19.21
C VAL I 965 -81.16 30.23 -20.69
N THR I 966 -81.45 29.23 -21.50
CA THR I 966 -81.33 29.39 -22.93
C THR I 966 -82.41 28.60 -23.66
N LEU I 967 -82.54 28.91 -24.94
CA LEU I 967 -83.46 28.24 -25.83
C LEU I 967 -83.00 26.81 -26.09
N HIS I 968 -83.96 25.99 -26.57
CA HIS I 968 -83.71 24.60 -26.89
C HIS I 968 -82.62 24.41 -27.94
N ARG I 969 -82.40 25.44 -28.76
CA ARG I 969 -81.33 25.43 -29.75
C ARG I 969 -79.96 25.24 -29.11
N SER I 970 -79.76 25.86 -27.95
CA SER I 970 -78.50 25.70 -27.24
C SER I 970 -78.37 24.30 -26.68
N GLN I 971 -79.47 23.79 -26.12
CA GLN I 971 -79.50 22.45 -25.57
C GLN I 971 -79.24 21.41 -26.65
N MET I 972 -79.84 21.64 -27.83
CA MET I 972 -79.66 20.73 -28.95
C MET I 972 -78.22 20.68 -29.40
N ILE I 973 -77.56 21.84 -29.47
CA ILE I 973 -76.16 21.90 -29.85
C ILE I 973 -75.28 21.17 -28.84
N HIS I 974 -75.58 21.33 -27.55
CA HIS I 974 -74.80 20.69 -26.49
C HIS I 974 -74.85 19.17 -26.62
N TYR I 975 -76.02 18.64 -26.96
CA TYR I 975 -76.19 17.22 -27.14
C TYR I 975 -75.64 16.73 -28.47
N LEU I 976 -75.82 17.52 -29.54
CA LEU I 976 -75.34 17.15 -30.87
C LEU I 976 -73.83 16.97 -30.88
N GLU I 977 -73.14 17.75 -30.06
CA GLU I 977 -71.69 17.68 -29.92
C GLU I 977 -71.20 16.37 -29.32
N GLN I 978 -72.08 15.59 -28.69
CA GLN I 978 -71.68 14.34 -28.06
C GLN I 978 -71.21 13.31 -29.08
N LEU I 979 -70.22 12.52 -28.70
CA LEU I 979 -69.68 11.46 -29.54
C LEU I 979 -70.56 10.21 -29.57
N THR I 980 -71.68 10.23 -28.86
CA THR I 980 -72.57 9.09 -28.72
C THR I 980 -74.02 9.53 -28.92
N TYR I 981 -74.29 10.24 -30.01
CA TYR I 981 -75.64 10.72 -30.28
C TYR I 981 -75.82 10.94 -31.78
N VAL I 982 -77.09 10.93 -32.23
CA VAL I 982 -77.35 11.27 -33.63
C VAL I 982 -78.49 12.25 -33.85
N ASP I 983 -79.57 12.14 -33.08
CA ASP I 983 -80.77 12.94 -33.31
C ASP I 983 -81.72 12.78 -32.14
N TYR I 984 -82.71 13.66 -32.10
CA TYR I 984 -83.86 13.53 -31.20
C TYR I 984 -85.01 14.34 -31.77
N ILE I 985 -86.18 13.71 -31.86
CA ILE I 985 -87.34 14.28 -32.56
C ILE I 985 -87.92 15.51 -31.87
N THR I 986 -87.89 15.56 -30.54
CA THR I 986 -88.57 16.64 -29.81
C THR I 986 -88.01 16.77 -28.39
N ASP I 987 -88.21 17.95 -27.81
CA ASP I 987 -87.80 18.20 -26.42
C ASP I 987 -88.65 19.32 -25.82
N LEU I 988 -88.72 19.33 -24.49
CA LEU I 988 -89.45 20.35 -23.74
C LEU I 988 -88.85 20.48 -22.34
N ARG I 989 -89.08 21.61 -21.69
CA ARG I 989 -88.55 21.83 -20.34
C ARG I 989 -89.44 22.69 -19.44
N LEU I 990 -90.72 22.35 -19.28
CA LEU I 990 -91.58 23.17 -18.44
C LEU I 990 -91.22 23.00 -16.96
N LEU I 991 -91.64 23.98 -16.16
CA LEU I 991 -91.45 23.89 -14.72
C LEU I 991 -92.32 22.79 -14.15
N LYS I 992 -91.82 22.22 -13.04
CA LYS I 992 -92.39 21.02 -12.47
C LYS I 992 -93.66 21.38 -11.69
N ARG I 993 -94.76 21.54 -12.44
CA ARG I 993 -96.08 21.74 -11.84
C ARG I 993 -96.50 20.56 -10.98
N GLN I 994 -95.92 19.41 -11.26
CA GLN I 994 -96.18 18.15 -10.60
C GLN I 994 -95.17 17.85 -9.52
N ALA I 995 -94.45 18.86 -9.05
CA ALA I 995 -93.55 18.66 -7.93
C ALA I 995 -94.43 18.66 -6.69
N GLY I 996 -94.60 17.49 -6.08
CA GLY I 996 -95.44 17.34 -4.91
C GLY I 996 -94.77 17.90 -3.65
N SER I 997 -93.45 17.77 -3.55
CA SER I 997 -92.72 18.14 -2.34
C SER I 997 -92.85 19.61 -2.03
N SER I 998 -92.58 20.45 -3.00
CA SER I 998 -92.84 21.86 -2.87
C SER I 998 -94.30 22.00 -3.27
N PRO I 999 -95.10 22.74 -2.51
CA PRO I 999 -96.56 22.64 -2.63
C PRO I 999 -97.12 22.90 -4.03
N CYS I 1000 -98.20 22.17 -4.35
CA CYS I 1000 -98.86 22.14 -5.66
C CYS I 1000 -99.43 23.51 -5.97
N ASN I 1001 -99.83 23.71 -7.24
CA ASN I 1001 -100.20 24.99 -7.88
C ASN I 1001 -98.93 25.75 -8.27
N PRO I 1002 -97.79 25.05 -8.27
CA PRO I 1002 -96.55 25.67 -8.69
C PRO I 1002 -96.61 26.07 -10.15
N ILE I 1003 -96.01 27.23 -10.44
CA ILE I 1003 -95.98 27.76 -11.79
C ILE I 1003 -95.17 26.84 -12.69
N PHE I 1004 -95.62 26.75 -13.93
CA PHE I 1004 -95.02 25.93 -14.96
C PHE I 1004 -94.42 26.84 -16.02
N ILE I 1005 -93.52 26.28 -16.83
CA ILE I 1005 -92.84 27.11 -17.82
C ILE I 1005 -93.15 26.57 -19.21
N GLU I 1006 -94.45 26.52 -19.53
CA GLU I 1006 -94.93 25.93 -20.76
C GLU I 1006 -95.06 26.92 -21.92
N THR I 1007 -95.23 28.21 -21.65
CA THR I 1007 -95.60 29.18 -22.67
C THR I 1007 -94.42 29.67 -23.53
N THR I 1008 -93.73 28.72 -24.18
CA THR I 1008 -92.69 28.99 -25.18
C THR I 1008 -91.57 29.92 -24.70
N GLU I 1009 -91.15 29.77 -23.45
CA GLU I 1009 -90.07 30.60 -22.94
C GLU I 1009 -88.74 29.91 -23.16
N LYS I 1010 -87.70 30.70 -23.44
CA LYS I 1010 -86.33 30.18 -23.54
C LYS I 1010 -85.73 30.00 -22.15
N GLU I 1011 -86.40 29.16 -21.34
CA GLU I 1011 -86.03 28.85 -19.95
C GLU I 1011 -85.85 30.10 -19.10
N TYR I 1012 -86.75 31.09 -19.28
CA TYR I 1012 -86.65 32.34 -18.53
C TYR I 1012 -86.83 32.08 -17.04
N ILE I 1013 -86.07 32.82 -16.22
CA ILE I 1013 -86.22 32.70 -14.78
C ILE I 1013 -87.62 33.13 -14.38
N GLN I 1014 -88.16 32.43 -13.37
CA GLN I 1014 -89.50 32.67 -12.86
C GLN I 1014 -89.66 34.07 -12.29
N PRO I 1015 -88.56 34.69 -11.87
CA PRO I 1015 -88.63 35.98 -11.20
C PRO I 1015 -87.27 36.67 -11.26
N SER I 1016 -87.30 37.98 -10.99
CA SER I 1016 -86.07 38.78 -10.92
C SER I 1016 -85.13 38.28 -9.83
N ASN I 1017 -85.68 37.76 -8.74
CA ASN I 1017 -84.96 37.20 -7.61
C ASN I 1017 -85.86 36.09 -7.11
N PRO I 1018 -85.31 35.17 -6.32
CA PRO I 1018 -86.00 33.95 -5.88
C PRO I 1018 -86.30 33.05 -7.08
N LYS I 1019 -85.31 32.96 -7.96
CA LYS I 1019 -85.38 32.15 -9.17
C LYS I 1019 -83.96 31.95 -9.68
N SER I 1020 -83.73 30.84 -10.38
CA SER I 1020 -82.43 30.63 -11.00
C SER I 1020 -82.46 30.07 -12.41
N ILE I 1021 -83.51 29.32 -12.80
CA ILE I 1021 -83.56 28.62 -14.10
C ILE I 1021 -82.31 27.75 -14.31
N LEU I 1022 -81.89 27.05 -13.26
CA LEU I 1022 -80.71 26.19 -13.29
C LEU I 1022 -80.97 24.89 -12.53
N VAL I 1023 -82.04 24.17 -12.87
CA VAL I 1023 -82.34 22.90 -12.23
C VAL I 1023 -81.34 21.86 -12.69
N SER I 1024 -81.02 20.92 -11.82
CA SER I 1024 -80.06 19.90 -12.18
C SER I 1024 -80.20 18.70 -11.25
N ARG J 14 -66.55 -31.64 -57.15
CA ARG J 14 -65.18 -31.14 -56.95
C ARG J 14 -65.06 -30.61 -55.52
N ASP J 15 -63.84 -30.58 -54.99
CA ASP J 15 -63.61 -30.18 -53.60
C ASP J 15 -63.08 -28.75 -53.42
N GLY J 16 -63.16 -27.93 -54.47
CA GLY J 16 -62.71 -26.56 -54.38
C GLY J 16 -61.20 -26.49 -54.20
N THR J 17 -60.78 -25.77 -53.17
CA THR J 17 -59.38 -25.59 -52.84
C THR J 17 -59.16 -25.35 -51.36
N GLY J 18 -57.90 -25.14 -51.01
CA GLY J 18 -57.56 -24.94 -49.62
C GLY J 18 -56.10 -24.60 -49.46
N ARG J 19 -55.71 -24.44 -48.19
CA ARG J 19 -54.38 -23.90 -47.84
C ARG J 19 -53.22 -24.73 -48.36
N ARG J 20 -53.32 -26.06 -48.33
CA ARG J 20 -52.19 -26.89 -48.76
C ARG J 20 -52.03 -26.94 -50.27
N ASP J 21 -52.96 -26.38 -51.03
CA ASP J 21 -52.97 -26.52 -52.46
C ASP J 21 -52.52 -25.20 -53.11
N LEU J 22 -52.03 -24.25 -52.31
CA LEU J 22 -51.76 -22.91 -52.80
C LEU J 22 -50.31 -22.66 -53.24
N LEU J 23 -49.48 -23.69 -53.35
CA LEU J 23 -48.08 -23.50 -53.73
C LEU J 23 -47.90 -23.69 -55.23
N ASP J 24 -47.40 -22.64 -55.90
CA ASP J 24 -47.11 -22.68 -57.33
C ASP J 24 -45.68 -23.17 -57.51
N PRO J 25 -45.47 -24.38 -58.03
CA PRO J 25 -44.13 -24.97 -58.17
C PRO J 25 -43.23 -24.26 -59.14
N LYS J 26 -43.75 -23.41 -60.01
CA LYS J 26 -42.91 -22.74 -60.99
C LYS J 26 -43.00 -21.23 -60.90
N LEU J 27 -43.16 -20.70 -59.69
CA LEU J 27 -43.10 -19.26 -59.52
C LEU J 27 -41.79 -18.84 -58.89
N ALA J 28 -41.27 -19.65 -57.98
CA ALA J 28 -40.02 -19.34 -57.33
C ALA J 28 -38.90 -19.22 -58.35
N PRO J 29 -38.14 -18.11 -58.34
CA PRO J 29 -37.04 -17.87 -59.28
C PRO J 29 -36.07 -19.01 -59.46
N GLU J 30 -35.84 -19.80 -58.41
CA GLU J 30 -34.86 -20.86 -58.47
C GLU J 30 -35.14 -21.86 -59.57
N SER J 31 -36.41 -22.05 -59.93
CA SER J 31 -36.75 -23.04 -60.95
C SER J 31 -35.99 -22.83 -62.25
N VAL J 32 -35.39 -21.66 -62.45
CA VAL J 32 -34.66 -21.34 -63.66
C VAL J 32 -33.19 -21.17 -63.35
N GLN J 33 -32.37 -21.98 -63.98
CA GLN J 33 -30.93 -21.88 -63.84
C GLN J 33 -30.41 -21.40 -65.18
N LEU J 34 -30.08 -20.11 -65.26
CA LEU J 34 -29.68 -19.50 -66.52
C LEU J 34 -28.44 -20.16 -67.10
N GLN J 35 -27.52 -20.59 -66.24
CA GLN J 35 -26.30 -21.26 -66.65
C GLN J 35 -26.22 -22.60 -65.94
N ASP J 36 -26.13 -23.73 -66.66
CA ASP J 36 -26.05 -25.03 -65.97
C ASP J 36 -24.82 -25.90 -66.34
N PHE J 37 -23.76 -25.37 -66.92
CA PHE J 37 -22.66 -26.27 -67.27
C PHE J 37 -21.88 -26.73 -66.05
N GLU J 38 -21.40 -27.97 -66.09
CA GLU J 38 -20.51 -28.55 -65.08
C GLU J 38 -19.10 -28.65 -65.66
N LEU J 39 -18.16 -29.11 -64.84
CA LEU J 39 -16.78 -29.25 -65.31
C LEU J 39 -16.71 -30.15 -66.52
N SER J 40 -17.57 -31.17 -66.54
CA SER J 40 -17.53 -32.18 -67.56
C SER J 40 -18.06 -31.60 -68.89
N ASP J 41 -18.85 -30.53 -68.84
CA ASP J 41 -19.37 -29.96 -70.08
C ASP J 41 -18.36 -29.05 -70.70
N TRP J 42 -17.59 -28.36 -69.88
CA TRP J 42 -16.54 -27.54 -70.43
C TRP J 42 -15.43 -28.39 -70.98
N LEU J 43 -15.23 -29.59 -70.41
CA LEU J 43 -14.25 -30.49 -70.97
C LEU J 43 -14.69 -31.02 -72.34
N ILE J 44 -15.99 -31.30 -72.52
CA ILE J 44 -16.48 -31.72 -73.83
C ILE J 44 -16.29 -30.61 -74.85
N PHE J 45 -16.58 -29.37 -74.43
CA PHE J 45 -16.36 -28.19 -75.25
C PHE J 45 -14.91 -28.15 -75.77
N ALA J 46 -13.95 -28.36 -74.86
CA ALA J 46 -12.53 -28.37 -75.22
C ALA J 46 -12.17 -29.49 -76.19
N LEU J 47 -12.76 -30.68 -76.03
CA LEU J 47 -12.45 -31.80 -76.92
C LEU J 47 -12.82 -31.47 -78.37
N ASN J 48 -13.90 -30.73 -78.56
CA ASN J 48 -14.35 -30.36 -79.90
C ASN J 48 -13.50 -29.22 -80.43
N PHE J 49 -13.29 -28.21 -79.59
CA PHE J 49 -12.56 -27.00 -79.95
C PHE J 49 -11.15 -27.31 -80.43
N ALA J 50 -10.51 -28.29 -79.80
CA ALA J 50 -9.15 -28.71 -80.13
C ALA J 50 -8.99 -29.12 -81.60
N ARG J 51 -10.08 -29.54 -82.25
CA ARG J 51 -10.03 -29.98 -83.63
C ARG J 51 -10.31 -28.87 -84.63
N LYS J 52 -10.60 -27.67 -84.15
CA LYS J 52 -10.86 -26.54 -85.02
C LYS J 52 -9.72 -25.55 -85.07
N ILE J 53 -8.62 -25.84 -84.37
CA ILE J 53 -7.47 -24.95 -84.22
C ILE J 53 -6.24 -25.65 -84.80
N HIS J 54 -5.47 -24.94 -85.64
CA HIS J 54 -4.23 -25.45 -86.21
C HIS J 54 -3.17 -25.61 -85.14
N PHE J 55 -2.16 -26.46 -85.38
CA PHE J 55 -1.03 -26.59 -84.47
C PHE J 55 0.22 -26.35 -85.28
N PHE J 56 1.15 -25.58 -84.74
CA PHE J 56 2.37 -25.22 -85.46
C PHE J 56 3.62 -25.84 -84.86
N PRO J 57 4.22 -26.84 -85.51
CA PRO J 57 5.46 -27.49 -85.04
C PRO J 57 6.63 -26.53 -84.97
N SER J 58 7.54 -26.78 -84.02
CA SER J 58 8.63 -25.85 -83.77
C SER J 58 9.69 -25.92 -84.87
N ASP J 59 9.66 -26.91 -85.75
CA ASP J 59 10.66 -27.04 -86.80
C ASP J 59 10.18 -26.53 -88.17
N LEU J 60 9.01 -25.91 -88.25
CA LEU J 60 8.54 -25.39 -89.51
C LEU J 60 8.44 -23.88 -89.43
N ALA J 61 8.61 -23.19 -90.55
CA ALA J 61 8.55 -21.73 -90.56
C ALA J 61 7.11 -21.25 -90.55
N ASN J 62 6.47 -21.45 -89.40
CA ASN J 62 5.09 -21.06 -89.23
C ASN J 62 4.17 -21.76 -90.22
N GLU J 63 4.40 -23.04 -90.46
CA GLU J 63 3.50 -23.78 -91.32
C GLU J 63 2.67 -24.66 -90.41
N PRO J 64 1.38 -24.81 -90.64
CA PRO J 64 0.54 -25.66 -89.80
C PRO J 64 0.74 -27.13 -90.12
N LEU J 65 0.56 -27.99 -89.11
CA LEU J 65 0.60 -29.44 -89.32
C LEU J 65 -0.25 -30.16 -88.27
N GLY J 66 -1.53 -30.31 -88.54
CA GLY J 66 -2.38 -30.98 -87.56
C GLY J 66 -3.06 -30.01 -86.61
N ASP J 67 -3.48 -30.53 -85.46
CA ASP J 67 -4.32 -29.78 -84.52
C ASP J 67 -3.86 -30.05 -83.08
N TRP J 68 -4.73 -29.77 -82.12
CA TRP J 68 -4.44 -29.90 -80.69
C TRP J 68 -5.09 -31.13 -80.07
N ARG J 69 -5.52 -32.06 -80.91
CA ARG J 69 -6.25 -33.27 -80.50
C ARG J 69 -5.55 -34.05 -79.40
N ASN J 70 -4.24 -34.17 -79.48
CA ASN J 70 -3.47 -35.01 -78.57
C ASN J 70 -3.28 -34.42 -77.19
N PHE J 71 -3.74 -33.21 -76.96
CA PHE J 71 -3.54 -32.61 -75.66
C PHE J 71 -4.68 -32.89 -74.69
N PHE J 72 -5.80 -33.45 -75.17
CA PHE J 72 -6.94 -33.76 -74.31
C PHE J 72 -7.30 -35.24 -74.37
N SER J 73 -6.44 -36.05 -74.96
CA SER J 73 -6.71 -37.45 -75.22
C SER J 73 -6.63 -38.27 -73.95
N THR J 74 -6.05 -37.73 -72.89
CA THR J 74 -5.91 -38.44 -71.63
C THR J 74 -7.10 -38.30 -70.70
N ILE J 75 -8.12 -37.56 -71.11
CA ILE J 75 -9.32 -37.43 -70.30
C ILE J 75 -10.24 -38.60 -70.51
N VAL J 76 -10.42 -39.01 -71.75
CA VAL J 76 -11.36 -40.06 -72.11
C VAL J 76 -10.67 -41.42 -72.11
N SER J 77 -11.15 -42.32 -71.26
CA SER J 77 -10.60 -43.66 -71.04
C SER J 77 -10.99 -44.63 -72.12
N ASP J 78 -12.00 -44.31 -72.93
CA ASP J 78 -12.42 -45.18 -74.02
C ASP J 78 -12.53 -44.30 -75.26
N LYS J 79 -11.53 -44.47 -76.12
CA LYS J 79 -11.35 -43.66 -77.30
C LYS J 79 -12.45 -43.83 -78.32
N THR J 80 -13.22 -44.92 -78.20
CA THR J 80 -14.37 -45.15 -79.07
C THR J 80 -15.30 -43.98 -79.10
N LEU J 81 -15.54 -43.39 -77.94
CA LEU J 81 -16.55 -42.37 -77.77
C LEU J 81 -16.19 -41.04 -78.37
N ILE J 82 -14.95 -40.84 -78.80
CA ILE J 82 -14.59 -39.55 -79.34
C ILE J 82 -14.02 -39.66 -80.74
N SER J 83 -14.19 -40.81 -81.41
CA SER J 83 -13.61 -41.03 -82.72
C SER J 83 -14.17 -40.04 -83.75
N ASP J 84 -15.38 -39.55 -83.51
CA ASP J 84 -16.07 -38.60 -84.36
C ASP J 84 -16.81 -37.58 -83.50
N ILE J 85 -16.17 -37.13 -82.40
CA ILE J 85 -16.84 -36.30 -81.38
C ILE J 85 -17.59 -35.10 -81.96
N GLU J 86 -17.12 -34.54 -83.08
CA GLU J 86 -17.71 -33.29 -83.57
C GLU J 86 -19.08 -33.56 -84.18
N ASN J 87 -19.46 -34.83 -84.35
CA ASN J 87 -20.75 -35.21 -84.92
C ASN J 87 -21.71 -35.85 -83.91
N LEU J 88 -21.45 -35.74 -82.61
CA LEU J 88 -22.34 -36.38 -81.63
C LEU J 88 -23.54 -35.53 -81.29
N ASP J 89 -24.62 -36.23 -80.93
CA ASP J 89 -25.85 -35.61 -80.47
C ASP J 89 -26.29 -36.24 -79.13
N ASP J 90 -25.43 -37.08 -78.56
CA ASP J 90 -25.68 -37.80 -77.33
C ASP J 90 -24.37 -37.88 -76.58
N PHE J 91 -24.32 -37.19 -75.47
CA PHE J 91 -23.11 -37.09 -74.68
C PHE J 91 -23.18 -37.85 -73.37
N GLU J 92 -24.12 -38.77 -73.20
CA GLU J 92 -24.30 -39.39 -71.89
C GLU J 92 -23.13 -40.33 -71.58
N LYS J 93 -22.67 -41.08 -72.58
CA LYS J 93 -21.56 -42.01 -72.35
C LYS J 93 -20.27 -41.26 -72.14
N LEU J 94 -20.10 -40.20 -72.92
CA LEU J 94 -18.89 -39.40 -72.85
C LEU J 94 -18.79 -38.69 -71.53
N ARG J 95 -19.91 -38.08 -71.10
CA ARG J 95 -19.94 -37.37 -69.84
C ARG J 95 -19.62 -38.31 -68.68
N GLY J 96 -20.12 -39.55 -68.76
CA GLY J 96 -19.81 -40.56 -67.75
C GLY J 96 -18.33 -40.81 -67.58
N ASN J 97 -17.62 -41.07 -68.69
CA ASN J 97 -16.18 -41.32 -68.57
C ASN J 97 -15.43 -40.11 -68.07
N ILE J 98 -15.87 -38.91 -68.45
CA ILE J 98 -15.18 -37.71 -67.99
C ILE J 98 -15.32 -37.58 -66.48
N GLU J 99 -16.49 -37.91 -65.95
CA GLU J 99 -16.67 -37.80 -64.50
C GLU J 99 -15.77 -38.77 -63.76
N GLU J 100 -15.58 -40.00 -64.28
CA GLU J 100 -14.62 -40.93 -63.67
C GLU J 100 -13.22 -40.38 -63.64
N PHE J 101 -12.78 -39.75 -64.74
CA PHE J 101 -11.47 -39.12 -64.80
C PHE J 101 -11.31 -38.09 -63.70
N LEU J 102 -12.28 -37.20 -63.59
CA LEU J 102 -12.19 -36.13 -62.61
C LEU J 102 -12.11 -36.68 -61.20
N ALA J 103 -12.88 -37.72 -60.91
CA ALA J 103 -12.81 -38.32 -59.58
C ALA J 103 -11.44 -38.93 -59.33
N ALA J 104 -10.90 -39.66 -60.32
CA ALA J 104 -9.66 -40.40 -60.17
C ALA J 104 -8.48 -39.51 -59.85
N TYR J 105 -8.45 -38.32 -60.44
CA TYR J 105 -7.32 -37.43 -60.24
C TYR J 105 -7.57 -36.37 -59.19
N ASP J 106 -8.71 -36.41 -58.52
CA ASP J 106 -8.96 -35.38 -57.53
C ASP J 106 -8.07 -35.61 -56.35
N GLN J 107 -7.19 -34.64 -56.12
CA GLN J 107 -6.20 -34.65 -55.06
C GLN J 107 -5.20 -35.79 -55.20
N SER J 108 -4.88 -36.20 -56.42
CA SER J 108 -3.88 -37.24 -56.60
C SER J 108 -2.48 -36.69 -56.73
N GLY J 109 -2.34 -35.46 -57.22
CA GLY J 109 -1.05 -34.89 -57.52
C GLY J 109 -0.43 -35.36 -58.80
N LYS J 110 -1.21 -35.99 -59.69
CA LYS J 110 -0.65 -36.65 -60.87
C LYS J 110 -1.00 -36.07 -62.26
N LEU J 111 -1.59 -34.88 -62.39
CA LEU J 111 -1.86 -34.40 -63.75
C LEU J 111 -0.71 -33.62 -64.37
N THR J 112 -0.61 -33.73 -65.70
CA THR J 112 0.31 -32.92 -66.46
C THR J 112 -0.09 -31.46 -66.31
N PRO J 113 0.89 -30.56 -66.19
CA PRO J 113 0.66 -29.12 -65.96
C PRO J 113 -0.28 -28.40 -66.90
N HIS J 114 -0.40 -28.74 -68.18
CA HIS J 114 -1.34 -27.97 -68.98
C HIS J 114 -2.78 -28.28 -68.60
N LEU J 115 -3.05 -29.47 -68.10
CA LEU J 115 -4.40 -29.77 -67.68
C LEU J 115 -4.64 -29.24 -66.30
N THR J 116 -3.59 -29.22 -65.48
CA THR J 116 -3.71 -28.69 -64.14
C THR J 116 -4.24 -27.26 -64.17
N LEU J 117 -3.68 -26.41 -65.05
CA LEU J 117 -4.22 -25.05 -65.14
C LEU J 117 -5.63 -25.01 -65.65
N PHE J 118 -5.93 -25.77 -66.71
CA PHE J 118 -7.25 -25.70 -67.30
C PHE J 118 -8.33 -26.08 -66.30
N VAL J 119 -8.09 -27.16 -65.55
CA VAL J 119 -9.10 -27.60 -64.59
C VAL J 119 -9.22 -26.64 -63.42
N SER J 120 -8.10 -26.12 -62.89
CA SER J 120 -8.17 -25.13 -61.82
C SER J 120 -8.97 -23.91 -62.20
N PHE J 121 -8.78 -23.46 -63.43
CA PHE J 121 -9.56 -22.36 -63.96
C PHE J 121 -11.04 -22.67 -63.96
N LEU J 122 -11.41 -23.85 -64.44
CA LEU J 122 -12.82 -24.20 -64.47
C LEU J 122 -13.41 -24.27 -63.08
N LYS J 123 -12.63 -24.71 -62.09
CA LYS J 123 -13.15 -24.71 -60.72
C LYS J 123 -13.34 -23.28 -60.19
N LEU J 124 -12.44 -22.36 -60.51
CA LEU J 124 -12.61 -20.99 -60.03
C LEU J 124 -13.89 -20.36 -60.56
N LEU J 125 -14.27 -20.69 -61.79
CA LEU J 125 -15.47 -20.15 -62.42
C LEU J 125 -16.77 -20.54 -61.73
N GLU J 126 -16.76 -21.52 -60.82
CA GLU J 126 -18.01 -21.89 -60.14
C GLU J 126 -18.58 -20.73 -59.33
N THR J 127 -17.75 -19.80 -58.88
CA THR J 127 -18.27 -18.66 -58.13
C THR J 127 -18.98 -17.67 -59.05
N SER J 128 -18.69 -17.71 -60.34
CA SER J 128 -19.35 -16.83 -61.27
C SER J 128 -20.73 -17.36 -61.59
N LYS J 129 -20.83 -18.68 -61.65
CA LYS J 129 -22.11 -19.31 -61.88
C LYS J 129 -23.06 -18.98 -60.77
N LYS J 130 -22.58 -18.97 -59.54
CA LYS J 130 -23.42 -18.67 -58.38
C LYS J 130 -24.00 -17.28 -58.45
N ARG J 131 -23.18 -16.28 -58.81
CA ARG J 131 -23.65 -14.91 -58.93
C ARG J 131 -24.57 -14.72 -60.12
N PHE J 132 -24.19 -15.27 -61.25
CA PHE J 132 -24.94 -15.13 -62.49
C PHE J 132 -26.35 -15.68 -62.39
N ASN J 133 -26.52 -16.82 -61.75
CA ASN J 133 -27.85 -17.39 -61.67
C ASN J 133 -28.78 -16.71 -60.68
N GLN J 134 -28.36 -15.65 -60.01
CA GLN J 134 -29.27 -14.90 -59.14
C GLN J 134 -29.99 -13.79 -59.86
N LEU J 135 -29.73 -13.64 -61.16
CA LEU J 135 -30.34 -12.59 -61.96
C LEU J 135 -31.85 -12.76 -62.09
N THR J 136 -32.36 -14.00 -62.11
CA THR J 136 -33.79 -14.20 -62.28
C THR J 136 -34.55 -13.67 -61.07
N LYS J 137 -33.97 -13.78 -59.89
CA LYS J 137 -34.63 -13.27 -58.70
C LYS J 137 -34.60 -11.76 -58.69
N ARG J 138 -33.45 -11.18 -59.02
CA ARG J 138 -33.32 -9.73 -59.04
C ARG J 138 -34.28 -9.10 -60.01
N HIS J 139 -34.47 -9.75 -61.16
CA HIS J 139 -35.40 -9.28 -62.16
C HIS J 139 -36.83 -9.28 -61.64
N LEU J 140 -37.26 -10.39 -61.02
CA LEU J 140 -38.62 -10.47 -60.49
C LEU J 140 -38.87 -9.42 -59.43
N ASP J 141 -37.95 -9.28 -58.46
CA ASP J 141 -38.15 -8.32 -57.39
C ASP J 141 -38.24 -6.91 -57.92
N PHE J 142 -37.40 -6.57 -58.90
CA PHE J 142 -37.44 -5.26 -59.51
C PHE J 142 -38.81 -4.95 -60.06
N TYR J 143 -39.36 -5.87 -60.84
CA TYR J 143 -40.67 -5.63 -61.42
C TYR J 143 -41.76 -5.44 -60.36
N TYR J 144 -41.84 -6.32 -59.38
CA TYR J 144 -42.91 -6.15 -58.41
C TYR J 144 -42.71 -4.94 -57.48
N GLN J 145 -41.46 -4.64 -57.09
CA GLN J 145 -41.26 -3.58 -56.11
C GLN J 145 -40.97 -2.20 -56.69
N GLU J 146 -40.30 -2.10 -57.83
CA GLU J 146 -39.94 -0.78 -58.34
C GLU J 146 -40.80 -0.35 -59.50
N ILE J 147 -41.31 -1.29 -60.29
CA ILE J 147 -42.20 -0.92 -61.37
C ILE J 147 -43.63 -0.86 -60.89
N LEU J 148 -44.10 -1.88 -60.19
CA LEU J 148 -45.48 -1.89 -59.73
C LEU J 148 -45.66 -1.23 -58.37
N HIS J 149 -44.58 -0.92 -57.67
CA HIS J 149 -44.60 -0.26 -56.35
C HIS J 149 -45.38 -1.04 -55.29
N LEU J 150 -45.22 -2.35 -55.22
CA LEU J 150 -45.97 -3.12 -54.24
C LEU J 150 -45.07 -3.58 -53.10
N GLU J 151 -45.51 -3.38 -51.86
CA GLU J 151 -44.69 -3.74 -50.70
C GLU J 151 -45.31 -4.91 -49.94
N LYS J 152 -44.58 -5.37 -48.91
CA LYS J 152 -45.00 -6.48 -48.05
C LYS J 152 -45.85 -5.97 -46.89
N GLN J 153 -46.67 -6.86 -46.35
CA GLN J 153 -47.52 -6.52 -45.21
C GLN J 153 -46.82 -6.78 -43.88
N ALA J 154 -47.16 -5.94 -42.90
CA ALA J 154 -46.63 -5.93 -41.55
C ALA J 154 -47.39 -6.86 -40.60
N LEU J 155 -46.77 -7.03 -39.41
CA LEU J 155 -47.20 -7.88 -38.29
C LEU J 155 -48.40 -7.34 -37.51
N SER J 156 -49.25 -8.27 -37.02
CA SER J 156 -50.35 -7.98 -36.09
C SER J 156 -50.17 -8.72 -34.75
N PRO J 157 -50.29 -8.03 -33.61
CA PRO J 157 -50.13 -8.64 -32.28
C PRO J 157 -51.32 -9.49 -31.88
N ASP J 158 -51.09 -10.48 -31.02
CA ASP J 158 -52.16 -11.36 -30.53
C ASP J 158 -52.76 -10.91 -29.17
N HIS J 159 -53.95 -11.47 -28.86
CA HIS J 159 -54.73 -11.17 -27.66
C HIS J 159 -54.93 -12.39 -26.76
N VAL J 160 -54.88 -12.18 -25.43
CA VAL J 160 -55.14 -13.23 -24.44
C VAL J 160 -56.04 -12.74 -23.29
N PHE J 161 -56.66 -13.70 -22.59
CA PHE J 161 -57.33 -13.43 -21.33
C PHE J 161 -56.64 -14.13 -20.19
N LEU J 162 -56.51 -13.44 -19.07
CA LEU J 162 -55.89 -13.95 -17.89
C LEU J 162 -56.86 -13.93 -16.73
N ILE J 163 -56.82 -15.02 -15.96
CA ILE J 163 -57.61 -15.19 -14.76
C ILE J 163 -56.64 -15.02 -13.61
N PHE J 164 -56.85 -14.02 -12.78
CA PHE J 164 -55.97 -13.72 -11.65
C PHE J 164 -56.54 -14.22 -10.35
N GLU J 165 -55.67 -14.45 -9.38
CA GLU J 165 -56.06 -14.85 -8.04
C GLU J 165 -55.27 -14.04 -7.00
N LEU J 166 -55.94 -13.46 -6.00
CA LEU J 166 -55.27 -12.67 -4.98
C LEU J 166 -54.73 -13.52 -3.84
N ALA J 167 -53.78 -12.96 -3.08
CA ALA J 167 -53.17 -13.61 -1.93
C ALA J 167 -54.06 -13.51 -0.70
N LYS J 168 -53.69 -14.21 0.36
CA LYS J 168 -54.51 -14.39 1.57
C LYS J 168 -54.90 -13.15 2.38
N ASN J 169 -54.02 -12.18 2.54
CA ASN J 169 -54.27 -11.01 3.36
C ASN J 169 -54.80 -9.74 2.67
N VAL J 170 -55.17 -9.78 1.39
CA VAL J 170 -55.64 -8.58 0.70
C VAL J 170 -57.09 -8.69 0.21
N SER J 171 -57.82 -7.57 0.18
CA SER J 171 -59.23 -7.66 -0.24
C SER J 171 -59.53 -7.14 -1.65
N GLN J 172 -59.09 -5.92 -1.93
CA GLN J 172 -59.25 -5.37 -3.24
C GLN J 172 -57.91 -4.80 -3.65
N GLU J 173 -57.63 -4.78 -4.94
CA GLU J 173 -56.38 -4.21 -5.45
C GLU J 173 -56.61 -3.69 -6.85
N LYS J 174 -55.76 -2.77 -7.31
CA LYS J 174 -55.89 -2.25 -8.67
C LYS J 174 -54.67 -2.63 -9.48
N LEU J 175 -54.88 -3.16 -10.67
CA LEU J 175 -53.79 -3.50 -11.55
C LEU J 175 -53.85 -2.51 -12.71
N ASP J 176 -52.80 -1.72 -12.88
CA ASP J 176 -52.72 -0.66 -13.89
C ASP J 176 -52.49 -1.12 -15.33
N GLU J 177 -52.78 -0.22 -16.28
CA GLU J 177 -52.56 -0.50 -17.70
C GLU J 177 -51.06 -0.52 -18.00
N GLY J 178 -50.66 -1.37 -18.94
CA GLY J 178 -49.29 -1.46 -19.31
C GLY J 178 -48.50 -2.39 -18.45
N THR J 179 -49.13 -3.08 -17.52
CA THR J 179 -48.38 -4.02 -16.71
C THR J 179 -47.82 -5.09 -17.61
N GLU J 180 -46.55 -5.40 -17.45
CA GLU J 180 -45.91 -6.41 -18.25
C GLU J 180 -46.16 -7.84 -17.78
N VAL J 181 -46.47 -8.71 -18.72
CA VAL J 181 -46.77 -10.10 -18.44
C VAL J 181 -45.71 -10.91 -19.10
N ASP J 182 -45.32 -12.03 -18.52
CA ASP J 182 -44.22 -12.81 -19.06
C ASP J 182 -44.67 -14.04 -19.86
N GLY J 183 -44.22 -14.12 -21.12
CA GLY J 183 -44.61 -15.19 -22.01
C GLY J 183 -43.75 -16.31 -22.55
N GLY J 184 -42.56 -16.59 -22.03
CA GLY J 184 -41.72 -17.67 -22.56
C GLY J 184 -40.61 -17.17 -23.45
N LYS J 185 -39.90 -18.04 -24.17
CA LYS J 185 -38.84 -17.54 -25.03
C LYS J 185 -39.11 -18.10 -26.40
N ASP J 186 -38.69 -17.39 -27.43
CA ASP J 186 -38.86 -17.88 -28.79
C ASP J 186 -37.69 -18.77 -29.22
N ASP J 187 -37.58 -19.02 -30.53
CA ASP J 187 -36.47 -19.81 -31.05
C ASP J 187 -35.13 -19.14 -30.79
N THR J 188 -35.11 -17.83 -30.98
CA THR J 188 -33.93 -17.00 -30.76
C THR J 188 -33.45 -16.96 -29.30
N GLY J 189 -34.35 -17.22 -28.35
CA GLY J 189 -34.02 -17.22 -26.93
C GLY J 189 -34.41 -15.97 -26.17
N LYS J 190 -34.81 -14.91 -26.87
CA LYS J 190 -35.29 -13.71 -26.20
C LYS J 190 -36.73 -13.99 -25.77
N LYS J 191 -37.15 -13.35 -24.70
CA LYS J 191 -38.50 -13.52 -24.15
C LYS J 191 -39.67 -12.78 -24.80
N ASN J 192 -40.88 -13.34 -24.68
CA ASN J 192 -42.13 -12.75 -25.13
C ASN J 192 -42.74 -11.90 -24.04
N THR J 193 -43.32 -10.77 -24.44
CA THR J 193 -43.99 -9.84 -23.54
C THR J 193 -45.39 -9.43 -23.99
N TYR J 194 -46.34 -9.45 -23.06
CA TYR J 194 -47.72 -9.04 -23.31
C TYR J 194 -48.06 -7.91 -22.34
N LEU J 195 -48.74 -6.88 -22.78
CA LEU J 195 -49.10 -5.77 -21.90
C LEU J 195 -50.58 -5.72 -21.62
N THR J 196 -50.97 -5.56 -20.36
CA THR J 196 -52.42 -5.51 -20.11
C THR J 196 -53.05 -4.28 -20.73
N SER J 197 -54.26 -4.48 -21.23
CA SER J 197 -55.05 -3.47 -21.97
C SER J 197 -55.80 -2.34 -21.23
N PHE J 198 -56.45 -2.62 -20.12
CA PHE J 198 -57.24 -1.63 -19.39
C PHE J 198 -56.89 -1.69 -17.91
N GLU J 199 -57.34 -0.71 -17.14
CA GLU J 199 -57.11 -0.69 -15.70
C GLU J 199 -58.17 -1.58 -15.05
N THR J 200 -57.78 -2.43 -14.13
CA THR J 200 -58.76 -3.33 -13.51
C THR J 200 -58.68 -3.41 -11.99
N VAL J 201 -59.80 -3.76 -11.38
CA VAL J 201 -59.89 -3.90 -9.93
C VAL J 201 -60.09 -5.39 -9.67
N LEU J 202 -59.26 -5.96 -8.82
CA LEU J 202 -59.31 -7.37 -8.53
C LEU J 202 -59.77 -7.60 -7.10
N ASN J 203 -60.50 -8.68 -6.86
CA ASN J 203 -61.01 -9.01 -5.52
C ASN J 203 -61.16 -10.51 -5.43
N LYS J 204 -62.01 -11.01 -4.53
CA LYS J 204 -62.13 -12.46 -4.36
C LYS J 204 -63.43 -13.08 -4.80
N THR J 205 -64.22 -12.39 -5.61
CA THR J 205 -65.53 -12.92 -5.95
C THR J 205 -65.33 -14.09 -6.87
N LYS J 206 -65.97 -15.22 -6.56
CA LYS J 206 -65.78 -16.46 -7.31
C LYS J 206 -67.11 -17.08 -7.75
N VAL J 207 -67.13 -17.72 -8.91
CA VAL J 207 -68.32 -18.44 -9.32
C VAL J 207 -68.39 -19.77 -8.58
N GLY J 208 -69.48 -19.98 -7.84
CA GLY J 208 -69.61 -21.18 -7.05
C GLY J 208 -70.49 -22.26 -7.65
N GLN J 209 -71.69 -21.92 -8.16
CA GLN J 209 -72.61 -22.94 -8.63
C GLN J 209 -73.35 -22.56 -9.91
N LEU J 210 -73.63 -23.57 -10.74
CA LEU J 210 -74.37 -23.39 -12.00
C LEU J 210 -75.53 -24.39 -12.11
N LYS J 211 -76.76 -23.88 -12.23
CA LYS J 211 -77.97 -24.72 -12.31
C LYS J 211 -78.89 -24.30 -13.44
N SER J 212 -79.70 -25.23 -13.98
CA SER J 212 -80.59 -24.80 -15.05
C SER J 212 -81.93 -25.57 -15.15
N LEU J 213 -82.93 -24.88 -15.75
CA LEU J 213 -84.28 -25.39 -16.00
C LEU J 213 -84.76 -25.15 -17.42
N TYR J 214 -85.66 -26.00 -17.93
CA TYR J 214 -86.37 -25.67 -19.15
C TYR J 214 -87.76 -26.25 -19.22
N ASN J 215 -88.74 -25.18 -19.68
CA ASN J 215 -90.15 -25.52 -19.84
C ASN J 215 -90.61 -25.30 -21.29
N GLU J 216 -90.82 -26.39 -22.00
CA GLU J 216 -91.20 -26.38 -23.41
C GLU J 216 -92.67 -26.75 -23.57
N ILE J 217 -93.47 -25.92 -24.23
CA ILE J 217 -94.89 -26.17 -24.35
C ILE J 217 -95.30 -26.33 -25.80
N SER J 218 -95.97 -27.46 -26.09
CA SER J 218 -96.47 -27.75 -27.43
C SER J 218 -97.94 -27.46 -27.58
N VAL J 219 -98.74 -27.68 -26.54
CA VAL J 219 -100.19 -27.60 -26.64
C VAL J 219 -100.73 -26.52 -25.72
N GLU J 220 -101.52 -25.61 -26.30
CA GLU J 220 -102.21 -24.57 -25.58
C GLU J 220 -103.13 -25.15 -24.51
N LYS J 221 -103.04 -24.59 -23.29
CA LYS J 221 -103.77 -25.08 -22.11
C LYS J 221 -105.27 -25.25 -22.34
N GLU J 222 -105.86 -24.42 -23.20
CA GLU J 222 -107.29 -24.47 -23.43
C GLU J 222 -107.72 -25.77 -24.08
N GLU J 223 -106.79 -26.52 -24.68
CA GLU J 223 -107.14 -27.80 -25.31
C GLU J 223 -107.02 -28.97 -24.34
N ILE J 224 -106.67 -28.76 -23.08
CA ILE J 224 -106.63 -29.87 -22.15
C ILE J 224 -108.04 -30.12 -21.64
N LYS J 225 -108.62 -31.23 -22.05
CA LYS J 225 -110.00 -31.53 -21.66
C LYS J 225 -110.05 -32.60 -20.59
N GLU J 226 -109.03 -33.45 -20.54
CA GLU J 226 -108.90 -34.54 -19.60
C GLU J 226 -107.43 -34.68 -19.28
N LEU J 227 -107.09 -35.31 -18.17
CA LEU J 227 -105.66 -35.46 -17.87
C LEU J 227 -104.95 -36.36 -18.86
N ASN J 228 -105.57 -37.44 -19.28
CA ASN J 228 -104.91 -38.38 -20.17
C ASN J 228 -105.10 -37.96 -21.62
N THR J 229 -104.43 -36.87 -22.00
CA THR J 229 -104.51 -36.38 -23.35
C THR J 229 -103.80 -37.37 -24.29
N PRO J 230 -104.26 -37.47 -25.55
CA PRO J 230 -103.64 -38.37 -26.56
C PRO J 230 -102.26 -37.92 -27.00
N ILE J 231 -101.92 -36.67 -26.73
CA ILE J 231 -100.69 -36.07 -27.20
C ILE J 231 -100.00 -35.45 -25.98
N SER J 232 -98.68 -35.46 -25.99
CA SER J 232 -97.93 -34.76 -24.97
C SER J 232 -98.22 -33.28 -25.09
N THR J 233 -98.32 -32.59 -23.97
CA THR J 233 -98.61 -31.16 -24.03
C THR J 233 -97.39 -30.28 -23.78
N GLY J 234 -96.33 -30.85 -23.21
CA GLY J 234 -95.12 -30.14 -22.92
C GLY J 234 -94.16 -30.99 -22.12
N THR J 235 -92.94 -30.46 -21.94
CA THR J 235 -91.84 -31.09 -21.21
C THR J 235 -91.14 -30.09 -20.30
N PHE J 236 -90.83 -30.54 -19.06
CA PHE J 236 -90.10 -29.80 -18.02
C PHE J 236 -88.95 -30.68 -17.45
N VAL J 237 -87.69 -30.17 -17.46
CA VAL J 237 -86.47 -30.82 -16.99
C VAL J 237 -85.55 -29.88 -16.22
N MET J 238 -84.62 -30.49 -15.48
CA MET J 238 -83.66 -29.72 -14.70
C MET J 238 -82.27 -30.35 -14.65
N ALA J 239 -81.27 -29.48 -14.47
CA ALA J 239 -79.90 -29.89 -14.23
C ALA J 239 -79.37 -29.27 -12.95
N PRO J 240 -79.26 -30.06 -11.88
CA PRO J 240 -78.66 -29.60 -10.60
C PRO J 240 -77.21 -29.18 -10.71
N MET J 241 -76.49 -29.70 -11.69
CA MET J 241 -75.12 -29.29 -11.97
C MET J 241 -75.07 -29.12 -13.49
N ALA J 242 -75.32 -27.90 -13.95
CA ALA J 242 -75.47 -27.59 -15.37
C ALA J 242 -74.22 -27.89 -16.17
N ASN J 243 -73.05 -27.79 -15.58
CA ASN J 243 -71.82 -27.97 -16.32
C ASN J 243 -71.21 -29.35 -16.16
N SER J 244 -71.96 -30.33 -15.73
CA SER J 244 -71.51 -31.71 -15.74
C SER J 244 -72.04 -32.46 -16.93
N PHE J 245 -71.50 -33.66 -17.17
CA PHE J 245 -71.86 -34.39 -18.38
C PHE J 245 -73.33 -34.84 -18.41
N ASP J 246 -73.83 -35.42 -17.33
CA ASP J 246 -75.21 -35.91 -17.23
C ASP J 246 -76.11 -34.96 -16.46
N GLY J 247 -75.61 -33.79 -16.11
CA GLY J 247 -76.33 -32.83 -15.29
C GLY J 247 -76.29 -33.11 -13.80
N LEU J 248 -75.62 -34.18 -13.38
CA LEU J 248 -75.57 -34.60 -11.99
C LEU J 248 -74.16 -34.77 -11.43
N GLY J 249 -73.12 -34.44 -12.19
CA GLY J 249 -71.77 -34.59 -11.69
C GLY J 249 -70.87 -35.52 -12.48
N GLU J 250 -71.31 -36.20 -13.54
CA GLU J 250 -70.41 -37.12 -14.21
C GLU J 250 -69.39 -36.31 -15.02
N ASP J 251 -68.13 -36.75 -15.01
CA ASP J 251 -67.04 -36.06 -15.70
C ASP J 251 -67.26 -36.15 -17.20
N PHE J 252 -66.84 -35.11 -17.90
CA PHE J 252 -66.88 -35.17 -19.35
C PHE J 252 -65.81 -36.13 -19.82
N PRO J 253 -66.09 -36.94 -20.83
CA PRO J 253 -65.07 -37.81 -21.40
C PRO J 253 -63.97 -36.95 -21.98
N LYS J 254 -62.73 -37.40 -21.84
CA LYS J 254 -61.50 -36.72 -22.25
C LYS J 254 -61.56 -35.85 -23.49
N GLY J 255 -62.18 -36.39 -24.55
CA GLY J 255 -62.21 -35.71 -25.83
C GLY J 255 -62.90 -34.35 -25.89
N SER J 256 -63.92 -34.10 -25.05
CA SER J 256 -64.59 -32.80 -25.17
C SER J 256 -65.40 -32.39 -23.95
N GLU J 257 -65.38 -31.10 -23.68
CA GLU J 257 -66.21 -30.55 -22.60
C GLU J 257 -67.09 -29.47 -23.19
N LYS J 258 -68.38 -29.76 -23.27
CA LYS J 258 -69.33 -28.87 -23.88
C LYS J 258 -70.65 -29.00 -23.16
N TRP J 259 -71.33 -27.89 -22.88
CA TRP J 259 -72.64 -28.07 -22.26
C TRP J 259 -73.63 -26.97 -22.67
N TRP J 260 -74.89 -27.32 -22.59
CA TRP J 260 -75.94 -26.39 -23.00
C TRP J 260 -76.34 -25.49 -21.84
N PRO J 261 -76.29 -24.17 -22.04
CA PRO J 261 -76.59 -23.21 -20.97
C PRO J 261 -78.01 -23.32 -20.43
N PHE J 262 -78.95 -23.84 -21.19
CA PHE J 262 -80.30 -23.95 -20.67
C PHE J 262 -80.81 -25.37 -20.80
N GLY J 263 -79.94 -26.36 -20.62
CA GLY J 263 -80.34 -27.76 -20.68
C GLY J 263 -80.69 -28.24 -22.07
N TYR J 264 -81.40 -29.37 -22.12
CA TYR J 264 -81.85 -29.99 -23.37
C TYR J 264 -83.00 -30.95 -23.07
N THR J 265 -83.85 -31.19 -24.07
CA THR J 265 -84.97 -32.11 -23.89
C THR J 265 -84.93 -33.34 -24.80
N LYS J 266 -83.99 -33.43 -25.73
CA LYS J 266 -83.96 -34.62 -26.55
C LYS J 266 -82.59 -35.25 -26.34
N ILE J 267 -82.59 -36.59 -26.38
CA ILE J 267 -81.40 -37.45 -26.24
C ILE J 267 -80.47 -37.50 -27.48
N CYS J 268 -81.02 -37.67 -28.68
CA CYS J 268 -80.21 -37.72 -29.87
C CYS J 268 -80.27 -36.35 -30.53
N ASN J 269 -79.10 -35.81 -30.83
CA ASN J 269 -79.10 -34.46 -31.36
C ASN J 269 -78.37 -34.55 -32.71
N ALA J 270 -77.85 -33.41 -33.20
CA ALA J 270 -77.24 -33.36 -34.53
C ALA J 270 -76.09 -34.34 -34.74
N SER J 271 -75.30 -34.62 -33.71
CA SER J 271 -74.16 -35.50 -33.91
C SER J 271 -73.97 -36.59 -32.86
N THR J 272 -74.53 -36.45 -31.67
CA THR J 272 -74.28 -37.39 -30.59
C THR J 272 -75.52 -37.74 -29.80
N VAL J 273 -75.28 -38.52 -28.74
CA VAL J 273 -76.34 -39.00 -27.87
C VAL J 273 -75.98 -38.71 -26.41
N LEU J 274 -76.86 -37.99 -25.72
CA LEU J 274 -76.60 -37.63 -24.34
C LEU J 274 -77.51 -38.39 -23.38
N PRO J 275 -77.06 -38.62 -22.14
CA PRO J 275 -77.93 -39.13 -21.07
C PRO J 275 -79.07 -38.16 -20.84
N ALA J 276 -80.23 -38.69 -20.48
CA ALA J 276 -81.39 -37.83 -20.21
C ALA J 276 -81.21 -37.05 -18.92
N LEU J 277 -81.75 -35.83 -18.89
CA LEU J 277 -81.79 -35.05 -17.67
C LEU J 277 -82.98 -35.50 -16.83
N PRO J 278 -82.85 -35.45 -15.49
CA PRO J 278 -83.98 -35.75 -14.61
C PRO J 278 -85.06 -34.71 -14.78
N LYS J 279 -86.30 -35.11 -14.54
CA LYS J 279 -87.41 -34.19 -14.71
C LYS J 279 -87.64 -33.37 -13.45
N ALA J 280 -88.21 -32.19 -13.64
CA ALA J 280 -88.39 -31.22 -12.57
C ALA J 280 -89.28 -31.73 -11.45
N ARG J 281 -88.88 -31.37 -10.23
CA ARG J 281 -89.59 -31.72 -9.01
C ARG J 281 -90.51 -30.57 -8.61
N LEU J 282 -91.81 -30.83 -8.59
CA LEU J 282 -92.81 -29.83 -8.31
C LEU J 282 -93.82 -30.37 -7.30
N GLY J 283 -94.29 -29.52 -6.38
CA GLY J 283 -95.33 -29.94 -5.46
C GLY J 283 -95.52 -28.96 -4.31
N CYS J 284 -96.05 -29.46 -3.19
CA CYS J 284 -96.33 -28.62 -2.03
C CYS J 284 -96.52 -29.45 -0.76
N SER J 285 -96.63 -28.74 0.38
CA SER J 285 -96.90 -29.46 1.61
C SER J 285 -97.80 -28.66 2.54
N ILE J 286 -98.48 -29.42 3.42
CA ILE J 286 -99.46 -28.93 4.38
C ILE J 286 -99.02 -29.30 5.79
N SER J 287 -99.13 -28.36 6.71
CA SER J 287 -98.81 -28.71 8.09
C SER J 287 -99.82 -28.18 9.09
N SER J 288 -100.31 -29.08 9.95
CA SER J 288 -101.31 -28.79 10.97
C SER J 288 -101.35 -29.83 12.07
N LYS J 289 -101.85 -29.41 13.22
CA LYS J 289 -101.90 -30.25 14.40
C LYS J 289 -102.71 -31.50 14.22
N LEU J 290 -103.78 -31.48 13.43
CA LEU J 290 -104.64 -32.65 13.36
C LEU J 290 -103.92 -33.90 12.92
N LEU J 291 -102.70 -33.77 12.43
CA LEU J 291 -101.95 -34.91 11.98
C LEU J 291 -101.17 -35.59 13.11
N LYS J 292 -101.23 -35.10 14.34
CA LYS J 292 -100.52 -35.75 15.43
C LYS J 292 -101.25 -37.03 15.84
N LEU J 293 -100.94 -38.12 15.15
CA LEU J 293 -101.65 -39.40 15.32
C LEU J 293 -100.71 -40.53 15.75
N SER J 294 -100.94 -41.12 16.93
CA SER J 294 -99.94 -42.10 17.40
C SER J 294 -100.37 -43.57 17.34
N GLU J 295 -101.65 -43.90 17.32
CA GLU J 295 -102.04 -45.33 17.33
C GLU J 295 -103.44 -45.57 16.80
N GLY J 296 -103.73 -46.85 16.58
CA GLY J 296 -105.05 -47.28 16.15
C GLY J 296 -105.19 -47.18 14.64
N THR J 297 -106.43 -47.21 14.17
CA THR J 297 -106.71 -47.08 12.75
C THR J 297 -106.86 -45.60 12.44
N ARG J 298 -106.10 -45.11 11.48
CA ARG J 298 -106.14 -43.70 11.17
C ARG J 298 -106.67 -43.44 9.76
N ASP J 299 -107.70 -42.62 9.67
CA ASP J 299 -108.28 -42.22 8.39
C ASP J 299 -108.22 -40.70 8.21
N ILE J 300 -107.53 -40.24 7.16
CA ILE J 300 -107.29 -38.82 6.90
C ILE J 300 -107.97 -38.36 5.60
N ILE J 301 -108.84 -37.35 5.68
CA ILE J 301 -109.55 -36.85 4.52
C ILE J 301 -109.24 -35.37 4.25
N LEU J 302 -108.86 -35.05 3.00
CA LEU J 302 -108.55 -33.68 2.60
C LEU J 302 -109.45 -33.18 1.47
N GLU J 303 -110.06 -32.02 1.66
CA GLU J 303 -110.82 -31.39 0.57
C GLU J 303 -110.31 -30.02 0.16
N PHE J 304 -110.15 -29.83 -1.15
CA PHE J 304 -109.60 -28.62 -1.75
C PHE J 304 -110.60 -27.86 -2.66
N THR J 305 -110.91 -26.32 -2.38
CA THR J 305 -111.86 -25.47 -3.17
C THR J 305 -111.22 -24.22 -3.80
N PHE J 306 -111.46 -24.06 -5.10
CA PHE J 306 -110.90 -23.06 -5.98
C PHE J 306 -111.93 -22.07 -6.50
N ASN J 307 -111.47 -20.96 -7.14
CA ASN J 307 -112.37 -19.94 -7.69
C ASN J 307 -113.05 -20.42 -8.97
N LYS J 308 -112.38 -21.23 -9.79
CA LYS J 308 -112.88 -21.65 -11.08
C LYS J 308 -113.15 -23.16 -11.13
N PRO J 309 -114.01 -23.63 -12.05
CA PRO J 309 -114.21 -25.08 -12.27
C PRO J 309 -112.91 -25.73 -12.70
N ILE J 310 -112.76 -27.01 -12.41
CA ILE J 310 -111.50 -27.66 -12.72
C ILE J 310 -111.47 -28.19 -14.16
N LEU J 311 -112.45 -28.99 -14.63
CA LEU J 311 -112.32 -29.59 -15.96
C LEU J 311 -113.68 -29.97 -16.54
N PRO J 312 -113.84 -30.04 -17.85
CA PRO J 312 -115.11 -30.55 -18.44
C PRO J 312 -115.31 -32.05 -18.21
N ASN J 313 -114.24 -32.77 -17.90
CA ASN J 313 -114.29 -34.21 -17.67
C ASN J 313 -113.76 -34.44 -16.27
N GLY J 314 -114.60 -34.98 -15.41
CA GLY J 314 -114.18 -35.26 -14.06
C GLY J 314 -113.20 -36.41 -14.02
N GLU J 315 -112.62 -36.67 -12.85
CA GLU J 315 -111.55 -37.65 -12.78
C GLU J 315 -111.74 -38.68 -11.66
N ASP J 316 -111.43 -39.91 -12.03
CA ASP J 316 -111.45 -41.08 -11.16
C ASP J 316 -110.26 -41.07 -10.22
N TYR J 317 -110.41 -41.77 -9.08
CA TYR J 317 -109.29 -41.89 -8.16
C TYR J 317 -108.07 -42.55 -8.80
N THR J 318 -108.27 -43.44 -9.78
CA THR J 318 -107.14 -44.07 -10.46
C THR J 318 -106.41 -43.13 -11.38
N ALA J 319 -107.04 -42.01 -11.74
CA ALA J 319 -106.35 -41.02 -12.52
C ALA J 319 -105.46 -40.20 -11.63
N LEU J 320 -105.97 -39.86 -10.44
CA LEU J 320 -105.18 -39.05 -9.53
C LEU J 320 -103.94 -39.80 -9.06
N ASN J 321 -104.05 -41.13 -8.87
CA ASN J 321 -102.89 -41.90 -8.43
C ASN J 321 -101.77 -41.99 -9.49
N LYS J 322 -102.03 -41.57 -10.72
CA LYS J 322 -101.02 -41.51 -11.77
C LYS J 322 -100.43 -40.13 -11.91
N ALA J 323 -101.01 -39.17 -11.24
CA ALA J 323 -100.61 -37.79 -11.35
C ALA J 323 -99.85 -37.29 -10.13
N MET J 324 -100.09 -37.87 -8.94
CA MET J 324 -99.51 -37.38 -7.70
C MET J 324 -98.93 -38.49 -6.82
N SER J 325 -98.07 -38.07 -5.89
CA SER J 325 -97.47 -38.92 -4.87
C SER J 325 -97.42 -38.21 -3.51
N ILE J 326 -97.88 -38.87 -2.45
CA ILE J 326 -98.01 -38.23 -1.13
C ILE J 326 -97.18 -38.94 -0.05
N GLU J 327 -96.46 -38.16 0.77
CA GLU J 327 -95.65 -38.68 1.89
C GLU J 327 -95.90 -37.94 3.22
N LEU J 328 -95.71 -38.66 4.35
CA LEU J 328 -95.86 -38.08 5.70
C LEU J 328 -94.60 -38.19 6.54
N THR J 329 -94.44 -37.28 7.50
CA THR J 329 -93.32 -37.38 8.44
C THR J 329 -93.68 -38.31 9.59
N GLY J 330 -92.93 -39.41 9.71
CA GLY J 330 -93.19 -40.36 10.77
C GLY J 330 -91.98 -40.64 11.65
N GLU J 331 -92.12 -41.64 12.52
CA GLU J 331 -91.14 -41.96 13.56
C GLU J 331 -89.76 -42.31 13.01
N LYS J 332 -89.69 -42.99 11.87
CA LYS J 332 -88.40 -43.43 11.35
C LYS J 332 -88.03 -42.73 10.05
N GLY J 333 -88.66 -41.60 9.75
CA GLY J 333 -88.40 -40.94 8.51
C GLY J 333 -89.69 -40.74 7.76
N TRP J 334 -89.63 -40.68 6.45
CA TRP J 334 -90.83 -40.43 5.69
C TRP J 334 -91.62 -41.72 5.48
N ILE J 335 -92.94 -41.63 5.65
CA ILE J 335 -93.86 -42.72 5.37
C ILE J 335 -94.24 -42.61 3.91
N ALA J 336 -93.94 -43.65 3.14
CA ALA J 336 -94.12 -43.53 1.71
C ALA J 336 -94.35 -44.92 1.10
N GLY J 337 -94.82 -44.93 -0.14
CA GLY J 337 -95.03 -46.17 -0.84
C GLY J 337 -96.49 -46.57 -0.79
N LEU J 338 -96.77 -47.87 -0.90
CA LEU J 338 -98.15 -48.39 -0.91
C LEU J 338 -99.10 -47.86 0.17
N PRO J 339 -98.70 -47.68 1.45
CA PRO J 339 -99.60 -47.13 2.48
C PRO J 339 -100.17 -45.75 2.18
N MET J 340 -99.65 -45.04 1.18
CA MET J 340 -100.10 -43.71 0.88
C MET J 340 -100.77 -43.62 -0.49
N THR J 341 -101.50 -44.65 -0.86
CA THR J 341 -102.29 -44.69 -2.08
C THR J 341 -103.62 -44.01 -1.87
N LEU J 342 -104.07 -43.19 -2.83
CA LEU J 342 -105.37 -42.57 -2.67
C LEU J 342 -106.48 -43.62 -2.74
N LYS J 343 -107.49 -43.44 -1.90
CA LYS J 343 -108.63 -44.34 -1.82
C LYS J 343 -109.72 -43.95 -2.80
N SER J 344 -110.68 -44.87 -2.93
CA SER J 344 -111.71 -44.81 -3.94
C SER J 344 -112.72 -43.66 -3.76
N ASP J 345 -112.81 -43.01 -2.61
CA ASP J 345 -113.74 -41.90 -2.55
C ASP J 345 -113.11 -40.58 -2.95
N SER J 346 -111.86 -40.60 -3.43
CA SER J 346 -111.20 -39.37 -3.84
C SER J 346 -111.63 -39.09 -5.28
N GLY J 347 -111.33 -37.89 -5.77
CA GLY J 347 -111.65 -37.56 -7.14
C GLY J 347 -112.08 -36.13 -7.40
N ILE J 348 -112.38 -35.82 -8.66
CA ILE J 348 -112.87 -34.49 -9.03
C ILE J 348 -114.14 -34.64 -9.83
N ASN J 349 -115.21 -33.99 -9.42
CA ASN J 349 -116.45 -34.03 -10.18
C ASN J 349 -116.30 -33.10 -11.37
N SER J 350 -117.07 -33.34 -12.42
CA SER J 350 -116.90 -32.60 -13.70
C SER J 350 -117.07 -31.07 -13.72
N GLY J 351 -118.08 -30.49 -13.09
CA GLY J 351 -118.23 -29.05 -13.14
C GLY J 351 -117.82 -28.35 -11.87
N SER J 352 -117.32 -29.12 -10.91
CA SER J 352 -116.97 -28.68 -9.57
C SER J 352 -115.73 -27.81 -9.43
N LYS J 353 -115.71 -27.06 -8.33
CA LYS J 353 -114.55 -26.28 -7.95
C LYS J 353 -113.79 -26.95 -6.83
N LYS J 354 -114.15 -28.18 -6.51
CA LYS J 354 -113.60 -28.90 -5.37
C LYS J 354 -112.92 -30.22 -5.71
N MET J 355 -111.69 -30.38 -5.23
CA MET J 355 -110.93 -31.62 -5.34
C MET J 355 -110.88 -32.33 -4.00
N LYS J 356 -111.07 -33.64 -4.00
CA LYS J 356 -111.03 -34.41 -2.75
C LYS J 356 -109.96 -35.49 -2.76
N LEU J 357 -109.13 -35.51 -1.71
CA LEU J 357 -108.13 -36.57 -1.51
C LEU J 357 -108.47 -37.45 -0.26
N SER J 358 -107.98 -38.96 -0.06
CA SER J 358 -108.29 -39.96 1.02
C SER J 358 -107.19 -41.00 1.29
N LEU J 359 -106.66 -41.02 2.53
CA LEU J 359 -105.53 -41.87 2.92
C LEU J 359 -105.80 -42.60 4.22
N THR J 360 -105.28 -43.82 4.38
CA THR J 360 -105.46 -44.48 5.67
C THR J 360 -104.20 -45.19 6.12
N LEU J 361 -103.99 -45.26 7.44
CA LEU J 361 -102.87 -46.00 8.00
C LEU J 361 -103.33 -47.14 8.91
N ASP J 362 -102.80 -48.33 8.64
CA ASP J 362 -102.91 -49.49 9.52
C ASP J 362 -102.41 -49.26 10.92
N SER J 363 -102.95 -50.07 11.84
CA SER J 363 -102.54 -50.03 13.24
C SER J 363 -101.09 -50.46 13.43
N GLU J 364 -100.51 -51.11 12.41
CA GLU J 364 -99.14 -51.56 12.42
C GLU J 364 -98.14 -50.53 11.92
N GLN J 365 -98.59 -49.35 11.54
CA GLN J 365 -97.71 -48.33 11.00
C GLN J 365 -97.10 -47.49 12.13
N PRO J 366 -95.90 -46.92 11.87
CA PRO J 366 -95.26 -45.97 12.79
C PRO J 366 -96.11 -44.75 13.05
N ALA J 367 -95.88 -44.11 14.21
CA ALA J 367 -96.64 -42.90 14.55
C ALA J 367 -96.25 -41.73 13.66
N VAL J 368 -97.18 -40.81 13.51
CA VAL J 368 -96.96 -39.57 12.80
C VAL J 368 -96.51 -38.55 13.82
N VAL J 369 -95.39 -37.88 13.54
CA VAL J 369 -94.73 -37.05 14.55
C VAL J 369 -94.41 -35.68 13.95
N PRO J 370 -94.17 -34.68 14.82
CA PRO J 370 -93.70 -33.36 14.38
C PRO J 370 -92.39 -33.45 13.64
N TYR J 371 -92.21 -32.52 12.71
CA TYR J 371 -91.02 -32.47 11.88
C TYR J 371 -89.74 -32.19 12.69
N GLN J 372 -88.68 -32.92 12.36
CA GLN J 372 -87.37 -32.78 12.98
C GLN J 372 -86.30 -32.73 11.90
N THR J 373 -85.51 -31.66 11.86
CA THR J 373 -84.46 -31.56 10.83
C THR J 373 -83.42 -32.67 10.91
N GLU J 374 -83.18 -33.20 12.10
CA GLU J 374 -82.22 -34.28 12.30
C GLU J 374 -82.77 -35.66 11.94
N LEU J 375 -84.07 -35.77 11.69
CA LEU J 375 -84.68 -37.06 11.39
C LEU J 375 -85.29 -37.12 9.99
N HIS J 376 -85.90 -36.04 9.55
CA HIS J 376 -86.58 -35.99 8.27
C HIS J 376 -85.75 -35.30 7.21
N GLU J 377 -84.51 -34.97 7.54
CA GLU J 377 -83.45 -34.45 6.68
C GLU J 377 -83.83 -33.21 5.86
N GLY J 378 -84.26 -32.14 6.52
CA GLY J 378 -84.54 -30.94 5.75
C GLY J 378 -84.20 -29.64 6.46
N SER J 379 -84.88 -28.54 6.08
CA SER J 379 -84.58 -27.25 6.69
C SER J 379 -85.85 -26.38 6.83
N TYR J 380 -87.01 -26.97 7.09
CA TYR J 380 -88.25 -26.22 7.18
C TYR J 380 -88.45 -25.63 8.57
N GLU J 381 -89.00 -24.41 8.63
CA GLU J 381 -89.31 -23.83 9.94
C GLU J 381 -90.74 -24.19 10.36
N VAL J 382 -90.93 -25.47 10.64
CA VAL J 382 -92.20 -26.09 10.99
C VAL J 382 -92.12 -26.86 12.29
N ASP J 383 -93.06 -26.57 13.22
CA ASP J 383 -93.09 -27.25 14.52
C ASP J 383 -94.24 -28.26 14.63
N GLU J 384 -94.85 -28.61 13.52
CA GLU J 384 -95.95 -29.54 13.40
C GLU J 384 -95.53 -30.72 12.51
N PRO J 385 -96.37 -31.75 12.34
CA PRO J 385 -96.12 -32.79 11.33
C PRO J 385 -96.28 -32.24 9.93
N LEU J 386 -95.63 -32.88 8.95
CA LEU J 386 -95.78 -32.49 7.55
C LEU J 386 -96.48 -33.56 6.73
N LEU J 387 -97.28 -33.10 5.78
CA LEU J 387 -97.82 -33.93 4.72
C LEU J 387 -97.31 -33.37 3.41
N ARG J 388 -96.54 -34.16 2.67
CA ARG J 388 -95.90 -33.71 1.44
C ARG J 388 -96.50 -34.38 0.23
N VAL J 389 -96.83 -33.59 -0.79
CA VAL J 389 -97.35 -34.18 -2.03
C VAL J 389 -96.58 -33.68 -3.24
N LEU J 390 -96.05 -34.60 -4.02
CA LEU J 390 -95.31 -34.25 -5.22
C LEU J 390 -96.03 -34.78 -6.46
N PHE J 391 -95.83 -34.08 -7.56
CA PHE J 391 -96.42 -34.50 -8.82
C PHE J 391 -95.50 -35.40 -9.59
N LYS J 392 -96.06 -36.46 -10.16
CA LYS J 392 -95.29 -37.39 -10.96
C LYS J 392 -95.15 -36.81 -12.36
N THR J 393 -94.25 -35.82 -12.48
CA THR J 393 -93.96 -35.11 -13.73
C THR J 393 -93.42 -35.96 -14.85
N ASN J 394 -93.04 -37.19 -14.53
CA ASN J 394 -92.57 -38.15 -15.50
C ASN J 394 -93.73 -38.60 -16.38
N GLU J 395 -94.94 -38.54 -15.84
CA GLU J 395 -96.14 -39.03 -16.48
C GLU J 395 -96.97 -37.90 -17.04
N LYS J 396 -97.80 -38.23 -18.02
CA LYS J 396 -98.67 -37.22 -18.62
C LYS J 396 -99.68 -36.67 -17.62
N GLU J 397 -100.21 -37.53 -16.73
CA GLU J 397 -101.22 -37.10 -15.77
C GLU J 397 -100.64 -36.13 -14.76
N GLY J 398 -99.42 -36.43 -14.28
CA GLY J 398 -98.77 -35.56 -13.31
C GLY J 398 -98.48 -34.20 -13.88
N TYR J 399 -97.90 -34.17 -15.08
CA TYR J 399 -97.61 -32.91 -15.74
C TYR J 399 -98.88 -32.12 -16.00
N ASN J 400 -99.95 -32.79 -16.42
CA ASN J 400 -101.17 -32.07 -16.69
C ASN J 400 -101.86 -31.54 -15.43
N LEU J 401 -101.84 -32.26 -14.28
CA LEU J 401 -102.42 -31.64 -13.08
C LEU J 401 -101.67 -30.41 -12.69
N TYR J 402 -100.34 -30.45 -12.79
CA TYR J 402 -99.55 -29.27 -12.47
C TYR J 402 -100.01 -28.07 -13.28
N ARG J 403 -100.18 -28.24 -14.59
CA ARG J 403 -100.62 -27.12 -15.42
C ARG J 403 -102.01 -26.65 -15.05
N LEU J 404 -102.93 -27.57 -14.77
CA LEU J 404 -104.30 -27.21 -14.44
C LEU J 404 -104.39 -26.39 -13.16
N PHE J 405 -103.51 -26.61 -12.19
CA PHE J 405 -103.58 -25.86 -10.94
C PHE J 405 -102.74 -24.59 -10.94
N ASN J 406 -102.09 -24.21 -12.06
CA ASN J 406 -101.23 -23.03 -12.04
C ASN J 406 -102.01 -21.73 -11.92
N GLU J 407 -103.21 -21.67 -12.48
CA GLU J 407 -104.01 -20.46 -12.44
C GLU J 407 -105.31 -20.60 -11.67
N ASN J 408 -105.72 -21.79 -11.35
CA ASN J 408 -106.99 -21.92 -10.65
C ASN J 408 -106.73 -21.69 -9.17
N VAL J 409 -107.12 -20.51 -8.68
CA VAL J 409 -106.89 -20.10 -7.29
C VAL J 409 -107.63 -20.97 -6.30
N LEU J 410 -106.92 -21.38 -5.23
CA LEU J 410 -107.43 -22.13 -4.10
C LEU J 410 -108.10 -21.21 -3.09
N THR J 411 -109.28 -21.55 -2.62
CA THR J 411 -109.95 -20.70 -1.64
C THR J 411 -110.18 -21.33 -0.29
N ASP J 412 -110.37 -22.65 -0.23
CA ASP J 412 -110.75 -23.34 0.99
C ASP J 412 -110.12 -24.72 1.17
N LEU J 413 -109.71 -25.01 2.41
CA LEU J 413 -109.18 -26.33 2.75
C LEU J 413 -109.88 -26.90 3.99
N LYS J 414 -110.40 -28.13 3.87
CA LYS J 414 -111.04 -28.80 4.98
C LYS J 414 -110.32 -30.08 5.32
N ILE J 415 -110.08 -30.32 6.62
CA ILE J 415 -109.33 -31.48 7.08
C ILE J 415 -110.13 -32.28 8.11
N THR J 416 -110.39 -33.55 7.83
CA THR J 416 -111.12 -34.40 8.76
C THR J 416 -110.32 -35.62 9.17
N VAL J 417 -110.20 -35.87 10.47
CA VAL J 417 -109.44 -37.02 10.94
C VAL J 417 -110.26 -37.91 11.86
N GLU J 418 -110.33 -39.18 11.52
CA GLU J 418 -111.04 -40.20 12.27
C GLU J 418 -110.12 -41.30 12.78
N VAL J 419 -110.20 -41.58 14.08
CA VAL J 419 -109.32 -42.58 14.71
C VAL J 419 -110.12 -43.58 15.52
N SER J 420 -109.77 -44.86 15.40
CA SER J 420 -110.44 -45.87 16.20
C SER J 420 -109.47 -46.91 16.76
N ASP J 421 -109.99 -47.65 17.75
CA ASP J 421 -109.30 -48.75 18.44
C ASP J 421 -108.06 -48.28 19.22
N ILE J 422 -108.24 -47.23 20.03
CA ILE J 422 -107.21 -46.66 20.88
C ILE J 422 -107.23 -47.35 22.23
N THR J 423 -106.07 -47.82 22.70
CA THR J 423 -106.03 -48.46 23.99
C THR J 423 -105.08 -47.79 24.99
N SER J 424 -104.14 -46.97 24.54
CA SER J 424 -103.24 -46.26 25.45
C SER J 424 -103.86 -45.05 26.12
N VAL J 425 -104.73 -45.31 27.08
CA VAL J 425 -105.47 -44.25 27.74
C VAL J 425 -105.10 -44.20 29.22
N GLN J 426 -105.28 -43.06 29.83
CA GLN J 426 -104.96 -42.98 31.21
C GLN J 426 -106.27 -43.11 31.92
N LEU J 427 -106.33 -43.98 32.89
CA LEU J 427 -107.54 -44.23 33.66
C LEU J 427 -107.28 -43.91 35.10
N GLU J 428 -108.30 -43.42 35.77
CA GLU J 428 -108.24 -43.09 37.17
C GLU J 428 -109.55 -43.29 37.84
N ASN J 429 -109.47 -43.47 39.15
CA ASN J 429 -110.59 -43.58 40.09
C ASN J 429 -110.17 -42.82 41.36
N ASP J 430 -111.03 -42.71 42.34
CA ASP J 430 -110.70 -41.89 43.52
C ASP J 430 -109.46 -42.30 44.28
N LEU J 431 -109.00 -43.52 44.12
CA LEU J 431 -107.86 -44.01 44.82
C LEU J 431 -106.56 -43.87 44.05
N GLY J 432 -106.58 -43.47 42.79
CA GLY J 432 -105.33 -43.40 42.06
C GLY J 432 -105.39 -43.90 40.61
N VAL J 433 -104.22 -44.21 40.06
CA VAL J 433 -104.00 -44.57 38.65
C VAL J 433 -104.20 -46.12 38.33
N LEU J 434 -104.67 -46.82 36.96
CA LEU J 434 -105.06 -48.19 36.48
C LEU J 434 -104.34 -48.66 35.28
N ASN J 435 -104.05 -49.79 35.70
CA ASN J 435 -103.43 -50.41 34.61
C ASN J 435 -104.48 -50.96 33.64
N PRO J 436 -104.65 -50.31 32.49
CA PRO J 436 -105.68 -50.69 31.50
C PRO J 436 -105.45 -52.02 30.80
N GLN J 437 -104.29 -52.62 30.95
CA GLN J 437 -103.98 -53.88 30.29
C GLN J 437 -104.43 -55.09 31.10
N LYS J 438 -104.89 -54.88 32.31
CA LYS J 438 -105.32 -55.94 33.20
C LYS J 438 -106.73 -55.60 33.61
N PRO J 439 -107.55 -56.59 33.96
CA PRO J 439 -108.88 -56.30 34.51
C PRO J 439 -108.75 -55.38 35.71
N PHE J 440 -109.58 -54.35 35.73
CA PHE J 440 -109.47 -53.31 36.75
C PHE J 440 -110.84 -53.01 37.33
N PHE J 441 -110.86 -52.38 38.50
CA PHE J 441 -112.12 -51.98 39.11
C PHE J 441 -112.39 -50.52 38.89
N PRO J 442 -113.35 -50.17 38.00
CA PRO J 442 -113.58 -48.74 37.69
C PRO J 442 -113.97 -47.79 38.82
N PHE J 443 -114.78 -48.20 39.80
CA PHE J 443 -115.18 -47.36 40.91
C PHE J 443 -114.62 -47.86 42.22
N GLY J 444 -113.53 -48.59 42.16
CA GLY J 444 -112.99 -49.25 43.32
C GLY J 444 -113.44 -50.70 43.54
N PRO J 445 -112.67 -51.43 44.35
CA PRO J 445 -112.97 -52.84 44.71
C PRO J 445 -114.15 -53.00 45.64
N ARG J 446 -114.57 -51.90 46.25
CA ARG J 446 -115.72 -51.83 47.16
C ARG J 446 -116.50 -50.40 47.00
N PRO J 447 -117.63 -49.88 46.04
CA PRO J 447 -118.30 -48.55 45.56
C PRO J 447 -119.33 -47.92 46.47
N ILE J 448 -119.39 -46.58 46.49
CA ILE J 448 -120.30 -45.81 47.32
C ILE J 448 -121.00 -44.78 46.44
N LYS J 449 -122.12 -44.26 46.96
CA LYS J 449 -122.84 -43.19 46.30
C LYS J 449 -121.91 -42.02 46.04
N GLY J 450 -121.86 -41.55 44.80
CA GLY J 450 -121.01 -40.44 44.47
C GLY J 450 -119.62 -40.79 43.99
N SER J 451 -119.21 -42.07 44.00
CA SER J 451 -117.85 -42.34 43.56
C SER J 451 -117.79 -42.21 42.05
N SER J 452 -116.58 -42.15 41.49
CA SER J 452 -116.51 -41.85 40.05
C SER J 452 -115.43 -42.64 39.32
N PHE J 453 -115.45 -42.50 38.00
CA PHE J 453 -114.48 -43.10 37.08
C PHE J 453 -114.16 -42.14 35.94
N ILE J 454 -112.86 -41.89 35.71
CA ILE J 454 -112.43 -40.88 34.74
C ILE J 454 -111.50 -41.46 33.67
N VAL J 455 -111.80 -41.14 32.40
CA VAL J 455 -111.00 -41.52 31.23
C VAL J 455 -110.36 -40.29 30.60
N LYS J 456 -109.03 -40.32 30.40
CA LYS J 456 -108.29 -39.21 29.77
C LYS J 456 -107.42 -39.63 28.60
N TYR J 457 -107.39 -38.80 27.56
CA TYR J 457 -106.53 -39.03 26.41
C TYR J 457 -106.15 -37.71 25.74
N PRO J 458 -105.01 -37.11 26.15
CA PRO J 458 -104.54 -35.77 25.71
C PRO J 458 -104.47 -35.55 24.22
N GLU J 459 -104.11 -36.59 23.47
CA GLU J 459 -104.00 -36.47 22.02
C GLU J 459 -105.32 -36.05 21.38
N ALA J 460 -106.43 -36.51 21.92
CA ALA J 460 -107.71 -36.12 21.36
C ALA J 460 -108.17 -34.82 21.97
N MET J 461 -107.90 -34.62 23.25
CA MET J 461 -108.44 -33.46 23.95
C MET J 461 -107.84 -32.15 23.45
N GLU J 462 -106.62 -32.18 22.90
CA GLU J 462 -106.00 -30.99 22.30
C GLU J 462 -106.46 -30.65 20.89
N LYS J 463 -107.35 -31.42 20.28
CA LYS J 463 -107.86 -31.23 18.94
C LYS J 463 -109.32 -30.77 18.96
N PRO J 464 -109.80 -30.16 17.86
CA PRO J 464 -111.21 -29.77 17.74
C PRO J 464 -112.13 -30.97 17.50
N VAL J 465 -112.28 -31.75 18.57
CA VAL J 465 -113.03 -33.00 18.60
C VAL J 465 -114.51 -32.71 18.52
N THR J 466 -115.18 -33.41 17.61
CA THR J 466 -116.61 -33.33 17.42
C THR J 466 -117.32 -34.51 18.03
N ALA J 467 -116.61 -35.63 18.19
CA ALA J 467 -117.22 -36.79 18.80
C ALA J 467 -116.16 -37.66 19.45
N ILE J 468 -116.57 -38.37 20.51
CA ILE J 468 -115.65 -39.26 21.24
C ILE J 468 -116.48 -40.29 22.00
N SER J 469 -115.96 -41.53 22.08
CA SER J 469 -116.71 -42.56 22.81
C SER J 469 -115.82 -43.72 23.28
N TYR J 470 -116.36 -44.52 24.21
CA TYR J 470 -115.63 -45.71 24.64
C TYR J 470 -116.54 -46.88 25.04
N GLN J 471 -115.92 -48.07 25.10
CA GLN J 471 -116.55 -49.34 25.45
C GLN J 471 -115.80 -50.09 26.54
N MET J 472 -116.51 -50.86 27.38
CA MET J 472 -115.91 -51.71 28.44
C MET J 472 -116.61 -53.05 28.61
N ASP J 473 -115.89 -54.08 29.08
CA ASP J 473 -116.47 -55.38 29.44
C ASP J 473 -116.45 -55.60 30.94
N TYR J 474 -117.43 -56.35 31.40
CA TYR J 474 -117.60 -56.71 32.78
C TYR J 474 -117.32 -58.18 32.94
N LEU J 475 -116.66 -58.56 34.02
CA LEU J 475 -116.32 -59.95 34.25
C LEU J 475 -116.95 -60.43 35.54
N ASN J 476 -117.29 -61.71 35.63
CA ASN J 476 -117.84 -62.20 36.87
C ASN J 476 -119.19 -61.62 37.21
N LEU J 477 -120.00 -61.27 36.24
CA LEU J 477 -121.27 -60.66 36.54
C LEU J 477 -122.20 -61.72 37.00
N PRO J 478 -122.92 -61.52 38.09
CA PRO J 478 -123.93 -62.54 38.39
C PRO J 478 -124.89 -62.75 37.24
N GLU J 479 -125.48 -63.95 37.17
CA GLU J 479 -126.39 -64.27 36.06
C GLU J 479 -127.57 -63.30 35.99
N ASN J 480 -127.99 -62.75 37.13
CA ASN J 480 -129.07 -61.76 37.15
C ASN J 480 -128.83 -60.85 38.33
N LEU J 481 -128.47 -59.59 38.04
CA LEU J 481 -128.14 -58.61 39.06
C LEU J 481 -129.31 -58.25 39.94
N VAL J 482 -130.54 -58.38 39.43
CA VAL J 482 -131.68 -58.03 40.25
C VAL J 482 -132.00 -59.16 41.21
N ASN J 483 -131.99 -60.40 40.72
CA ASN J 483 -132.24 -61.54 41.59
C ASN J 483 -131.17 -61.68 42.66
N HIS J 484 -129.94 -61.25 42.33
CA HIS J 484 -128.80 -61.30 43.25
C HIS J 484 -129.08 -60.61 44.58
N TYR J 485 -129.90 -59.56 44.58
CA TYR J 485 -130.18 -58.78 45.78
C TYR J 485 -131.59 -59.02 46.33
N SER J 486 -132.19 -60.18 46.04
CA SER J 486 -133.55 -60.45 46.50
C SER J 486 -133.69 -60.52 48.02
N ALA J 487 -132.59 -60.73 48.74
CA ALA J 487 -132.59 -60.81 50.19
C ALA J 487 -132.53 -59.46 50.86
N TYR J 488 -132.40 -58.38 50.10
CA TYR J 488 -132.21 -57.04 50.65
C TYR J 488 -133.50 -56.25 50.47
N THR J 489 -134.37 -56.29 51.48
CA THR J 489 -135.69 -55.70 51.37
C THR J 489 -135.97 -54.76 52.53
N ILE J 490 -136.94 -53.87 52.35
CA ILE J 490 -137.36 -52.95 53.40
C ILE J 490 -138.89 -52.91 53.53
N GLY J 491 -139.34 -52.35 54.66
CA GLY J 491 -140.77 -52.21 54.89
C GLY J 491 -141.45 -53.56 54.88
N ASP J 492 -142.54 -53.69 54.11
CA ASP J 492 -143.23 -54.98 54.00
C ASP J 492 -142.60 -55.86 52.92
N ASP J 493 -141.34 -56.21 53.19
CA ASP J 493 -140.53 -57.08 52.32
C ASP J 493 -140.45 -56.59 50.88
N GLU J 494 -140.24 -55.30 50.68
CA GLU J 494 -140.15 -54.76 49.33
C GLU J 494 -138.70 -54.58 48.90
N PRO J 495 -138.28 -55.18 47.77
CA PRO J 495 -136.87 -55.15 47.32
C PRO J 495 -136.31 -53.75 47.11
N LEU J 496 -135.08 -53.53 47.59
CA LEU J 496 -134.39 -52.27 47.33
C LEU J 496 -134.09 -52.13 45.85
N VAL J 497 -133.70 -53.22 45.22
CA VAL J 497 -133.38 -53.24 43.80
C VAL J 497 -134.58 -53.87 43.10
N SER J 498 -135.40 -53.04 42.46
CA SER J 498 -136.62 -53.58 41.88
C SER J 498 -136.35 -53.94 40.43
N ASP J 499 -135.39 -53.24 39.78
CA ASP J 499 -135.10 -53.50 38.38
C ASP J 499 -133.72 -52.86 38.08
N MET J 500 -133.25 -53.02 36.83
CA MET J 500 -131.95 -52.54 36.36
C MET J 500 -131.76 -51.04 36.44
N ASP J 501 -132.84 -50.25 36.44
CA ASP J 501 -132.78 -48.78 36.56
C ASP J 501 -132.10 -48.36 37.86
N TYR J 502 -132.08 -49.26 38.84
CA TYR J 502 -131.39 -49.02 40.10
C TYR J 502 -129.96 -48.59 39.86
N PHE J 503 -129.28 -49.20 38.90
CA PHE J 503 -127.86 -48.98 38.65
C PHE J 503 -127.68 -47.95 37.54
N SER J 504 -127.55 -46.67 37.89
CA SER J 504 -127.47 -45.57 36.92
C SER J 504 -126.33 -44.59 37.18
N VAL J 505 -125.98 -43.73 36.23
CA VAL J 505 -124.85 -42.77 36.39
C VAL J 505 -125.03 -41.32 35.93
N LYS J 506 -124.05 -40.48 36.24
CA LYS J 506 -124.01 -39.06 35.82
C LYS J 506 -122.76 -38.82 34.97
N SER J 507 -122.78 -38.04 33.49
CA SER J 507 -121.64 -37.66 32.67
C SER J 507 -121.37 -36.19 32.76
N PHE J 508 -120.27 -35.84 33.33
CA PHE J 508 -119.97 -34.42 33.53
C PHE J 508 -119.63 -33.63 32.28
N PRO J 509 -119.07 -34.29 31.26
CA PRO J 509 -119.21 -33.51 30.02
C PRO J 509 -120.46 -34.25 29.55
N LYS J 510 -121.62 -33.63 29.40
CA LYS J 510 -122.85 -34.42 29.14
C LYS J 510 -122.99 -35.36 27.93
N SER J 511 -123.49 -36.54 28.23
CA SER J 511 -123.67 -37.62 27.27
C SER J 511 -124.86 -37.54 26.28
N SER J 512 -124.75 -38.27 25.16
CA SER J 512 -125.75 -38.30 24.12
C SER J 512 -126.60 -39.54 24.16
N ASN J 513 -126.42 -40.30 25.24
CA ASN J 513 -127.11 -41.55 25.49
C ASN J 513 -128.59 -41.40 25.78
N ASP J 514 -129.35 -42.42 25.39
CA ASP J 514 -130.77 -42.46 25.69
C ASP J 514 -131.09 -42.56 27.17
N SER J 515 -130.37 -43.37 27.92
CA SER J 515 -130.72 -43.47 29.34
C SER J 515 -129.47 -43.37 30.16
N ASP J 516 -129.65 -43.33 31.49
CA ASP J 516 -128.50 -43.22 32.36
C ASP J 516 -128.08 -44.59 32.87
N GLN J 517 -128.70 -45.67 32.39
CA GLN J 517 -128.43 -47.00 32.91
C GLN J 517 -126.99 -47.40 32.68
N LEU J 518 -126.34 -47.81 33.71
CA LEU J 518 -124.93 -48.18 33.64
C LEU J 518 -124.64 -49.32 32.67
N PHE J 519 -125.49 -50.33 32.61
CA PHE J 519 -125.22 -51.49 31.76
C PHE J 519 -126.14 -51.47 30.55
N SER J 520 -125.59 -51.79 29.39
CA SER J 520 -126.42 -51.88 28.19
C SER J 520 -126.29 -53.31 27.70
N GLU J 521 -127.37 -53.80 27.11
CA GLU J 521 -127.46 -55.20 26.74
C GLU J 521 -126.42 -55.46 25.67
N LYS J 522 -125.70 -56.56 25.78
CA LYS J 522 -124.71 -56.89 24.77
C LYS J 522 -125.40 -57.75 23.74
N SER J 523 -125.16 -57.49 22.45
CA SER J 523 -125.82 -58.27 21.41
C SER J 523 -125.60 -59.78 21.56
N GLY J 524 -124.56 -60.16 22.27
CA GLY J 524 -124.24 -61.48 22.72
C GLY J 524 -124.63 -61.63 24.17
N GLY J 525 -123.92 -62.42 24.92
CA GLY J 525 -124.26 -62.54 26.33
C GLY J 525 -123.56 -61.48 27.16
N GLY J 526 -124.08 -61.20 28.35
CA GLY J 526 -123.43 -60.28 29.27
C GLY J 526 -123.69 -58.81 28.94
N TYR J 527 -122.87 -57.97 29.55
CA TYR J 527 -123.04 -56.53 29.45
C TYR J 527 -121.73 -55.85 29.16
N GLU J 528 -121.89 -54.70 28.56
CA GLU J 528 -120.88 -53.73 28.19
C GLU J 528 -121.37 -52.39 28.67
N SER J 529 -120.53 -51.38 28.61
CA SER J 529 -121.04 -50.08 28.92
C SER J 529 -120.58 -49.29 27.71
N ASP J 530 -121.48 -48.56 27.09
CA ASP J 530 -121.12 -47.82 25.90
C ASP J 530 -121.42 -46.38 26.19
N PHE J 531 -120.42 -45.54 26.17
CA PHE J 531 -120.66 -44.15 26.43
C PHE J 531 -120.25 -43.30 25.24
N GLU J 532 -121.15 -42.43 24.79
CA GLU J 532 -120.89 -41.52 23.66
C GLU J 532 -121.16 -40.01 23.90
N PHE J 533 -120.21 -39.12 23.57
CA PHE J 533 -120.35 -37.66 23.81
C PHE J 533 -120.28 -36.80 22.55
N GLN J 534 -120.81 -35.56 22.60
CA GLN J 534 -120.80 -34.71 21.43
C GLN J 534 -120.50 -33.26 21.78
N ILE J 535 -119.75 -32.57 20.94
CA ILE J 535 -119.41 -31.17 21.15
C ILE J 535 -119.90 -30.40 19.93
N GLU J 536 -120.95 -29.59 20.11
CA GLU J 536 -121.72 -29.06 18.99
C GLU J 536 -120.94 -28.27 17.96
N ASN J 537 -119.98 -27.45 18.38
CA ASN J 537 -119.20 -26.68 17.44
C ASN J 537 -117.71 -26.95 17.58
N GLY J 538 -117.35 -28.09 18.15
CA GLY J 538 -115.95 -28.38 18.38
C GLY J 538 -115.33 -27.59 19.50
N VAL J 539 -116.10 -26.83 20.25
CA VAL J 539 -115.60 -25.99 21.32
C VAL J 539 -115.91 -26.58 22.67
N TRP J 540 -114.88 -26.89 23.41
CA TRP J 540 -115.01 -27.48 24.73
C TRP J 540 -115.66 -26.49 25.69
N GLU J 541 -116.69 -26.94 26.41
CA GLU J 541 -117.40 -26.06 27.34
C GLU J 541 -116.52 -25.53 28.44
N SER J 542 -116.55 -24.21 28.64
CA SER J 542 -115.68 -23.59 29.61
C SER J 542 -116.04 -24.08 31.00
N GLY J 543 -115.03 -24.39 31.80
CA GLY J 543 -115.22 -24.91 33.13
C GLY J 543 -115.06 -26.41 33.25
N LEU J 544 -115.14 -27.15 32.14
CA LEU J 544 -114.88 -28.57 32.22
C LEU J 544 -113.38 -28.79 32.09
N LYS J 545 -112.87 -29.90 32.64
CA LYS J 545 -111.43 -30.10 32.75
C LYS J 545 -110.77 -30.92 31.65
N LYS J 546 -111.42 -31.17 30.51
CA LYS J 546 -110.83 -31.97 29.41
C LYS J 546 -110.53 -33.39 29.87
N GLU J 547 -111.54 -34.00 30.46
CA GLU J 547 -111.55 -35.38 30.94
C GLU J 547 -113.00 -35.88 30.83
N LEU J 548 -113.32 -37.33 30.49
CA LEU J 548 -114.68 -37.95 30.45
C LEU J 548 -115.00 -38.56 31.81
N LYS J 549 -115.99 -38.00 32.51
CA LYS J 549 -116.29 -38.39 33.89
C LYS J 549 -117.70 -38.96 34.09
N ILE J 550 -117.80 -40.12 34.73
CA ILE J 550 -119.10 -40.71 35.06
C ILE J 550 -119.14 -41.00 36.56
N SER J 551 -120.26 -40.69 37.22
CA SER J 551 -120.47 -40.88 38.67
C SER J 551 -121.69 -41.73 39.02
N LEU J 552 -121.62 -42.48 40.13
CA LEU J 552 -122.74 -43.35 40.57
C LEU J 552 -123.84 -42.62 41.33
N GLU J 553 -125.09 -42.82 40.89
CA GLU J 553 -126.27 -42.32 41.59
C GLU J 553 -126.57 -43.07 42.90
N ARG J 554 -126.41 -44.40 42.91
CA ARG J 554 -126.73 -45.25 44.05
C ARG J 554 -125.64 -46.29 44.23
N SER J 555 -125.42 -46.68 45.50
CA SER J 555 -124.40 -47.65 45.85
C SER J 555 -124.85 -49.07 45.54
N PHE J 556 -123.90 -49.99 45.69
CA PHE J 556 -124.14 -51.41 45.50
C PHE J 556 -124.43 -52.15 46.80
N LEU J 557 -124.74 -51.40 47.88
CA LEU J 557 -125.21 -51.90 49.17
C LEU J 557 -124.17 -52.68 49.98
N HIS J 558 -122.88 -52.32 49.86
CA HIS J 558 -121.85 -53.00 50.64
C HIS J 558 -122.05 -52.77 52.13
N GLU J 559 -122.51 -51.58 52.46
CA GLU J 559 -122.78 -51.13 53.82
C GLU J 559 -123.95 -51.84 54.50
N LYS J 560 -124.75 -52.64 53.78
CA LYS J 560 -125.88 -53.31 54.40
C LYS J 560 -125.71 -54.81 54.58
N TYR J 561 -124.64 -55.41 54.06
CA TYR J 561 -124.53 -56.87 54.06
C TYR J 561 -124.59 -57.44 55.47
N ALA J 562 -123.84 -56.86 56.40
CA ALA J 562 -123.76 -57.36 57.76
C ALA J 562 -125.11 -57.33 58.47
N HIS J 563 -125.87 -56.27 58.23
CA HIS J 563 -127.18 -56.08 58.84
C HIS J 563 -128.20 -57.11 58.37
N TYR J 564 -128.25 -57.40 57.08
CA TYR J 564 -129.23 -58.36 56.59
C TYR J 564 -128.81 -59.77 56.94
N PHE J 565 -127.52 -60.06 56.88
CA PHE J 565 -127.02 -61.38 57.22
C PHE J 565 -127.41 -61.75 58.63
N THR J 566 -127.18 -60.81 59.56
CA THR J 566 -127.48 -61.02 60.97
C THR J 566 -128.95 -61.30 61.19
N LEU J 567 -129.83 -60.48 60.59
CA LEU J 567 -131.26 -60.61 60.84
C LEU J 567 -131.80 -61.95 60.39
N VAL J 568 -131.31 -62.48 59.27
CA VAL J 568 -131.78 -63.78 58.84
C VAL J 568 -131.33 -64.83 59.83
N ALA J 569 -130.06 -64.78 60.19
CA ALA J 569 -129.43 -65.77 61.04
C ALA J 569 -130.08 -65.87 62.42
N ILE J 570 -130.58 -64.76 62.98
CA ILE J 570 -131.15 -64.78 64.32
C ILE J 570 -132.66 -64.81 64.32
N SER J 571 -133.30 -65.04 63.17
CA SER J 571 -134.76 -65.08 63.15
C SER J 571 -135.31 -66.19 64.01
N LYS J 572 -136.38 -65.88 64.73
CA LYS J 572 -137.08 -66.87 65.52
C LYS J 572 -138.34 -67.33 64.84
N ASP J 573 -138.63 -66.77 63.67
CA ASP J 573 -139.85 -67.14 62.96
C ASP J 573 -139.58 -68.22 61.93
N THR J 574 -138.39 -68.24 61.34
CA THR J 574 -138.09 -69.16 60.27
C THR J 574 -136.74 -69.83 60.53
N ASP J 575 -136.57 -71.00 59.93
CA ASP J 575 -135.29 -71.68 59.94
C ASP J 575 -134.50 -71.18 58.76
N PRO J 576 -133.31 -70.60 58.97
CA PRO J 576 -132.48 -70.10 57.87
C PRO J 576 -132.10 -71.23 56.93
N THR J 577 -132.13 -70.92 55.63
CA THR J 577 -131.69 -71.82 54.59
C THR J 577 -130.73 -71.02 53.73
N ILE J 578 -130.00 -71.67 52.82
CA ILE J 578 -129.04 -70.92 52.02
C ILE J 578 -129.72 -69.89 51.13
N GLU J 579 -130.95 -70.17 50.69
CA GLU J 579 -131.71 -69.29 49.81
C GLU J 579 -132.17 -68.02 50.51
N LEU J 580 -132.12 -67.98 51.82
CA LEU J 580 -132.57 -66.81 52.55
C LEU J 580 -131.42 -65.90 52.97
N LEU J 581 -130.21 -66.31 52.78
CA LEU J 581 -129.12 -65.47 53.20
C LEU J 581 -128.73 -64.56 52.06
N PRO J 582 -128.32 -63.33 52.37
CA PRO J 582 -127.89 -62.39 51.34
C PRO J 582 -126.59 -62.83 50.70
N ASN J 583 -126.49 -62.55 49.42
CA ASN J 583 -125.26 -62.76 48.68
C ASN J 583 -124.36 -61.56 48.88
N GLU J 584 -123.07 -61.78 48.74
CA GLU J 584 -122.11 -60.70 48.86
C GLU J 584 -122.40 -59.68 47.76
N PRO J 585 -122.44 -58.40 48.11
CA PRO J 585 -122.64 -57.31 47.15
C PRO J 585 -121.58 -57.30 46.07
N TYR J 586 -121.99 -56.93 44.86
CA TYR J 586 -121.13 -56.93 43.69
C TYR J 586 -120.25 -55.68 43.62
N ALA J 587 -118.99 -55.89 43.24
CA ALA J 587 -118.09 -54.79 42.88
C ALA J 587 -117.74 -54.99 41.35
N PRO J 588 -118.18 -54.18 40.10
CA PRO J 588 -118.10 -54.31 38.58
C PRO J 588 -116.73 -54.25 37.91
N LEU J 589 -115.97 -55.32 38.08
CA LEU J 589 -114.66 -55.51 37.46
C LEU J 589 -114.76 -55.54 35.93
N ALA J 590 -113.84 -54.84 35.24
CA ALA J 590 -113.94 -54.66 33.80
C ALA J 590 -112.63 -54.71 33.01
N GLU J 591 -112.74 -54.86 31.67
CA GLU J 591 -111.57 -54.95 30.78
C GLU J 591 -111.89 -54.51 29.35
N ASN J 592 -110.84 -54.49 28.51
CA ASN J 592 -110.89 -54.20 27.06
C ASN J 592 -111.48 -52.84 26.69
N LEU J 593 -111.09 -51.79 27.39
CA LEU J 593 -111.59 -50.47 27.03
C LEU J 593 -111.03 -50.00 25.68
N VAL J 594 -111.92 -49.63 24.76
CA VAL J 594 -111.57 -49.13 23.43
C VAL J 594 -112.22 -47.77 23.13
N LEU J 595 -111.39 -46.81 22.68
CA LEU J 595 -111.78 -45.42 22.38
C LEU J 595 -111.77 -45.09 20.88
N GLY J 596 -112.67 -44.19 20.43
CA GLY J 596 -112.62 -43.65 19.07
C GLY J 596 -113.08 -42.22 19.03
N TYR J 597 -112.33 -41.49 18.34
CA TYR J 597 -112.74 -40.10 18.23
C TYR J 597 -112.69 -39.55 16.80
N THR J 598 -113.33 -38.39 16.60
CA THR J 598 -113.31 -37.61 15.35
C THR J 598 -113.08 -36.12 15.62
N ALA J 599 -112.19 -35.48 14.82
CA ALA J 599 -111.92 -34.04 14.92
C ALA J 599 -111.89 -33.37 13.54
N ILE J 600 -112.35 -32.11 13.45
CA ILE J 600 -112.48 -31.41 12.16
C ILE J 600 -111.98 -29.95 12.21
N SER J 601 -111.19 -29.56 11.21
CA SER J 601 -110.75 -28.19 10.98
C SER J 601 -111.19 -27.71 9.59
N SER J 602 -111.53 -26.42 9.47
CA SER J 602 -111.97 -25.87 8.19
C SER J 602 -111.49 -24.44 8.00
N ILE J 603 -110.73 -24.18 6.93
CA ILE J 603 -110.04 -22.91 6.74
C ILE J 603 -110.42 -22.20 5.43
N ASP J 604 -110.97 -21.00 5.59
CA ASP J 604 -111.23 -20.06 4.49
C ASP J 604 -110.00 -19.15 4.41
N PHE J 605 -109.25 -19.29 3.33
CA PHE J 605 -108.00 -18.56 3.23
C PHE J 605 -108.20 -17.06 3.05
N SER J 606 -109.39 -16.64 2.66
CA SER J 606 -109.69 -15.24 2.43
C SER J 606 -110.37 -14.58 3.59
N SER J 607 -110.66 -15.29 4.67
CA SER J 607 -111.47 -14.67 5.71
C SER J 607 -110.61 -14.20 6.86
N SER J 608 -110.79 -12.95 7.19
CA SER J 608 -110.33 -12.35 8.40
C SER J 608 -111.12 -12.91 9.56
N SER J 609 -110.62 -12.66 10.77
CA SER J 609 -111.33 -12.99 12.00
C SER J 609 -111.66 -14.49 12.05
N SER J 610 -110.70 -15.31 11.63
CA SER J 610 -110.88 -16.76 11.58
C SER J 610 -109.57 -17.45 11.92
N GLU J 611 -109.68 -18.56 12.62
CA GLU J 611 -108.50 -19.27 13.06
C GLU J 611 -107.93 -20.12 11.94
N ASN J 612 -107.29 -19.45 10.99
CA ASN J 612 -106.71 -20.13 9.83
C ASN J 612 -105.39 -20.78 10.24
N GLN J 613 -105.50 -21.84 11.03
CA GLN J 613 -104.34 -22.45 11.65
C GLN J 613 -103.72 -23.54 10.77
N VAL J 614 -103.10 -23.13 9.67
CA VAL J 614 -102.44 -24.07 8.77
C VAL J 614 -101.23 -23.38 8.14
N SER J 615 -100.18 -24.16 7.86
CA SER J 615 -99.04 -23.60 7.19
C SER J 615 -98.90 -24.23 5.80
N LEU J 616 -98.65 -23.39 4.79
CA LEU J 616 -98.55 -23.88 3.41
C LEU J 616 -97.16 -23.58 2.85
N ILE J 617 -96.54 -24.60 2.25
CA ILE J 617 -95.20 -24.50 1.66
C ILE J 617 -95.19 -25.02 0.21
N HIS J 618 -94.53 -24.30 -0.68
CA HIS J 618 -94.34 -24.76 -2.06
C HIS J 618 -92.99 -25.44 -2.26
N GLU J 619 -93.01 -26.55 -2.99
CA GLU J 619 -91.79 -27.29 -3.32
C GLU J 619 -91.32 -26.93 -4.72
N MET J 620 -90.07 -26.57 -4.84
CA MET J 620 -89.49 -26.09 -6.07
C MET J 620 -88.30 -26.95 -6.46
N PRO J 621 -87.94 -26.99 -7.75
CA PRO J 621 -86.80 -27.79 -8.24
C PRO J 621 -85.51 -27.69 -7.44
N PHE J 622 -85.20 -26.52 -6.91
CA PHE J 622 -83.96 -26.43 -6.15
C PHE J 622 -84.17 -25.77 -4.79
N GLY J 623 -85.30 -26.02 -4.12
CA GLY J 623 -85.55 -25.36 -2.85
C GLY J 623 -87.04 -25.34 -2.51
N PHE J 624 -87.43 -24.36 -1.68
CA PHE J 624 -88.83 -24.27 -1.26
C PHE J 624 -89.18 -22.84 -0.89
N GLN J 625 -90.48 -22.60 -0.70
CA GLN J 625 -90.92 -21.30 -0.21
C GLN J 625 -92.13 -21.38 0.71
N GLN J 626 -92.05 -20.67 1.83
CA GLN J 626 -93.19 -20.54 2.72
C GLN J 626 -94.19 -19.59 2.10
N VAL J 627 -95.43 -20.02 1.96
CA VAL J 627 -96.45 -19.23 1.29
C VAL J 627 -97.44 -18.62 2.27
N PHE J 628 -98.00 -19.43 3.16
CA PHE J 628 -99.06 -19.02 4.05
C PHE J 628 -98.72 -19.43 5.46
N THR J 629 -98.80 -18.51 6.43
CA THR J 629 -98.45 -18.95 7.78
C THR J 629 -99.75 -18.92 8.60
N PRO J 630 -99.83 -19.64 9.73
CA PRO J 630 -101.03 -19.63 10.58
C PRO J 630 -101.42 -18.23 10.99
N GLY J 631 -102.71 -17.91 10.83
CA GLY J 631 -103.23 -16.60 11.15
C GLY J 631 -103.34 -15.67 9.96
N ASP J 632 -102.72 -16.01 8.83
CA ASP J 632 -102.75 -15.16 7.65
C ASP J 632 -104.07 -15.25 6.89
N THR J 633 -104.26 -14.25 6.02
CA THR J 633 -105.31 -14.22 5.02
C THR J 633 -104.68 -13.84 3.68
N ASP J 634 -105.37 -14.18 2.60
CA ASP J 634 -104.88 -13.86 1.25
C ASP J 634 -106.07 -13.83 0.30
N ASN J 635 -105.80 -13.48 -0.94
CA ASN J 635 -106.83 -13.45 -1.94
C ASN J 635 -106.49 -14.34 -3.10
N SER J 636 -105.20 -14.72 -3.20
CA SER J 636 -104.76 -15.54 -4.32
C SER J 636 -103.66 -16.50 -3.91
N LEU J 637 -104.04 -17.74 -3.66
CA LEU J 637 -103.12 -18.79 -3.34
C LEU J 637 -103.25 -19.89 -4.37
N TYR J 638 -102.15 -20.57 -4.61
CA TYR J 638 -102.14 -21.67 -5.53
C TYR J 638 -101.46 -22.83 -4.83
N LEU J 639 -101.77 -24.04 -5.26
CA LEU J 639 -101.10 -25.20 -4.70
C LEU J 639 -99.69 -25.37 -5.23
N VAL J 640 -99.36 -24.76 -6.37
CA VAL J 640 -98.09 -25.04 -7.03
C VAL J 640 -97.39 -23.74 -7.44
N PRO J 641 -96.06 -23.76 -7.55
CA PRO J 641 -95.28 -22.68 -8.18
C PRO J 641 -95.64 -22.51 -9.63
N ASP J 642 -95.52 -21.30 -10.16
CA ASP J 642 -95.83 -21.02 -11.56
C ASP J 642 -94.60 -20.91 -12.44
N TYR J 643 -94.35 -21.91 -13.29
CA TYR J 643 -93.22 -21.85 -14.22
C TYR J 643 -93.71 -21.68 -15.65
N CYS J 644 -93.29 -20.59 -16.28
CA CYS J 644 -93.82 -20.25 -17.59
C CYS J 644 -92.89 -20.89 -18.62
N HIS J 645 -93.31 -20.86 -19.88
CA HIS J 645 -92.52 -21.42 -20.97
C HIS J 645 -91.17 -20.74 -21.12
N GLY J 646 -90.11 -21.54 -21.31
CA GLY J 646 -88.79 -21.00 -21.54
C GLY J 646 -87.69 -21.68 -20.73
N GLY J 647 -86.50 -21.07 -20.76
CA GLY J 647 -85.34 -21.62 -20.10
C GLY J 647 -84.67 -20.63 -19.17
N GLU J 648 -84.01 -21.18 -18.14
CA GLU J 648 -83.39 -20.36 -17.10
C GLU J 648 -82.02 -20.91 -16.68
N LEU J 649 -81.06 -20.02 -16.51
CA LEU J 649 -79.72 -20.37 -16.01
C LEU J 649 -79.38 -19.57 -14.77
N TYR J 650 -79.02 -20.26 -13.70
CA TYR J 650 -78.74 -19.65 -12.42
C TYR J 650 -77.26 -19.69 -12.11
N ILE J 651 -76.69 -18.54 -11.73
CA ILE J 651 -75.29 -18.44 -11.38
C ILE J 651 -75.15 -17.99 -9.94
N GLY J 652 -74.54 -18.81 -9.09
CA GLY J 652 -74.33 -18.44 -7.70
C GLY J 652 -72.91 -17.94 -7.47
N LEU J 653 -72.79 -16.81 -6.79
CA LEU J 653 -71.48 -16.20 -6.55
C LEU J 653 -71.08 -16.23 -5.08
N GLU J 654 -69.82 -16.58 -4.83
CA GLU J 654 -69.25 -16.66 -3.49
C GLU J 654 -68.37 -15.47 -3.15
N ASN J 655 -68.48 -15.05 -1.88
CA ASN J 655 -67.60 -14.08 -1.21
C ASN J 655 -67.63 -12.66 -1.77
N GLY J 656 -68.73 -12.22 -2.36
CA GLY J 656 -68.81 -10.85 -2.82
C GLY J 656 -69.31 -9.95 -1.71
N LYS J 657 -69.50 -8.68 -2.04
CA LYS J 657 -70.02 -7.69 -1.12
C LYS J 657 -71.04 -6.87 -1.86
N ASN J 658 -71.96 -6.23 -1.14
CA ASN J 658 -73.11 -5.60 -1.79
C ASN J 658 -72.82 -4.35 -2.61
N LEU J 659 -71.59 -3.85 -2.67
CA LEU J 659 -71.33 -2.71 -3.55
C LEU J 659 -70.12 -2.92 -4.45
N GLN J 660 -69.66 -4.16 -4.64
CA GLN J 660 -68.48 -4.40 -5.46
C GLN J 660 -68.81 -4.75 -6.89
N GLN J 661 -67.82 -4.58 -7.77
CA GLN J 661 -67.96 -4.95 -9.17
C GLN J 661 -67.50 -6.37 -9.44
N VAL J 662 -68.18 -7.02 -10.36
CA VAL J 662 -67.86 -8.37 -10.76
C VAL J 662 -67.68 -8.42 -12.26
N THR J 663 -66.57 -8.99 -12.70
CA THR J 663 -66.31 -9.14 -14.13
C THR J 663 -66.27 -10.62 -14.47
N LEU J 664 -67.13 -11.04 -15.39
CA LEU J 664 -67.23 -12.45 -15.76
C LEU J 664 -66.91 -12.69 -17.23
N LEU J 665 -66.12 -13.72 -17.47
CA LEU J 665 -65.78 -14.17 -18.81
C LEU J 665 -66.63 -15.38 -19.16
N LEU J 666 -67.37 -15.28 -20.26
CA LEU J 666 -68.16 -16.40 -20.77
C LEU J 666 -67.43 -16.95 -21.97
N GLN J 667 -66.93 -18.17 -21.86
CA GLN J 667 -66.21 -18.78 -22.97
C GLN J 667 -67.11 -19.78 -23.65
N PHE J 668 -67.44 -19.50 -24.89
CA PHE J 668 -68.33 -20.32 -25.70
C PHE J 668 -67.53 -21.08 -26.72
N LEU J 669 -68.12 -22.16 -27.19
CA LEU J 669 -67.58 -22.86 -28.34
C LEU J 669 -68.33 -22.31 -29.55
N GLU J 670 -67.68 -21.38 -30.23
CA GLU J 670 -68.34 -20.64 -31.28
C GLU J 670 -68.65 -21.52 -32.49
N GLY J 671 -69.87 -21.37 -33.01
CA GLY J 671 -70.39 -22.15 -34.10
C GLY J 671 -71.25 -23.32 -33.66
N SER J 672 -71.11 -23.76 -32.42
CA SER J 672 -71.92 -24.87 -31.92
C SER J 672 -73.33 -24.52 -31.51
N GLU J 673 -74.15 -24.30 -32.54
CA GLU J 673 -75.54 -23.94 -32.44
C GLU J 673 -76.28 -24.67 -33.55
N ASN J 674 -77.61 -24.75 -33.46
CA ASN J 674 -78.39 -25.41 -34.50
C ASN J 674 -78.71 -24.45 -35.63
N PRO J 675 -78.20 -24.70 -36.83
CA PRO J 675 -78.37 -23.81 -37.99
C PRO J 675 -79.75 -23.84 -38.63
N ASP J 676 -80.62 -24.75 -38.20
CA ASP J 676 -81.91 -24.96 -38.83
C ASP J 676 -83.08 -24.57 -37.96
N ILE J 677 -83.03 -23.36 -37.43
CA ILE J 677 -84.10 -22.80 -36.61
C ILE J 677 -84.50 -21.44 -37.19
N THR J 678 -85.79 -21.17 -37.26
CA THR J 678 -86.24 -19.91 -37.84
C THR J 678 -86.44 -18.81 -36.80
N ASP J 679 -86.64 -19.15 -35.52
CA ASP J 679 -86.76 -18.16 -34.44
C ASP J 679 -85.38 -17.89 -33.89
N ILE J 680 -84.77 -16.79 -34.28
CA ILE J 680 -83.36 -16.58 -33.95
C ILE J 680 -82.97 -15.23 -33.34
N PHE J 681 -83.85 -14.59 -32.55
CA PHE J 681 -83.57 -13.27 -31.94
C PHE J 681 -83.41 -12.19 -33.01
N THR J 682 -84.46 -11.97 -33.78
CA THR J 682 -84.44 -10.89 -34.75
C THR J 682 -84.68 -9.56 -34.09
N GLY J 683 -84.48 -8.49 -34.85
CA GLY J 683 -84.71 -7.15 -34.33
C GLY J 683 -83.78 -6.83 -33.18
N ASN J 684 -84.36 -6.36 -32.09
CA ASN J 684 -83.63 -6.00 -30.88
C ASN J 684 -83.86 -6.93 -29.70
N GLN J 685 -84.18 -8.18 -29.98
CA GLN J 685 -84.37 -9.16 -28.92
C GLN J 685 -83.02 -9.59 -28.34
N LYS J 686 -83.03 -9.98 -27.05
CA LYS J 686 -81.80 -10.41 -26.38
C LYS J 686 -82.14 -11.18 -25.10
N ILE J 687 -81.11 -11.72 -24.46
CA ILE J 687 -81.24 -12.48 -23.21
C ILE J 687 -81.39 -11.53 -22.03
N LYS J 688 -82.35 -11.81 -21.15
CA LYS J 688 -82.68 -10.97 -20.00
C LYS J 688 -81.92 -11.38 -18.73
N TRP J 689 -81.54 -10.40 -17.90
CA TRP J 689 -80.87 -10.65 -16.63
C TRP J 689 -81.61 -10.08 -15.41
N GLN J 690 -81.59 -10.83 -14.28
CA GLN J 690 -82.23 -10.46 -13.00
C GLN J 690 -81.39 -10.91 -11.79
N TYR J 691 -81.65 -10.33 -10.62
CA TYR J 691 -80.98 -10.78 -9.39
C TYR J 691 -82.00 -11.15 -8.31
N LEU J 692 -81.57 -11.91 -7.30
CA LEU J 692 -82.45 -12.40 -6.24
C LEU J 692 -82.37 -11.57 -4.97
N SER J 693 -83.54 -11.22 -4.43
CA SER J 693 -83.64 -10.48 -3.17
C SER J 693 -84.90 -10.88 -2.41
N GLN J 694 -84.72 -11.42 -1.19
CA GLN J 694 -85.83 -11.84 -0.32
C GLN J 694 -86.78 -12.82 -1.02
N ASN J 695 -86.21 -13.81 -1.71
CA ASN J 695 -86.91 -14.82 -2.50
C ASN J 695 -87.65 -14.26 -3.72
N GLN J 696 -87.44 -13.01 -4.11
CA GLN J 696 -88.05 -12.45 -5.31
C GLN J 696 -87.01 -12.14 -6.37
N TRP J 697 -87.39 -12.26 -7.64
CA TRP J 697 -86.48 -11.86 -8.70
C TRP J 697 -86.73 -10.41 -9.07
N GLN J 698 -85.65 -9.65 -9.23
CA GLN J 698 -85.77 -8.24 -9.51
C GLN J 698 -84.91 -7.83 -10.70
N ASP J 699 -85.42 -6.85 -11.45
CA ASP J 699 -84.67 -6.32 -12.58
C ASP J 699 -83.46 -5.50 -12.11
N PHE J 700 -82.40 -5.55 -12.90
CA PHE J 700 -81.26 -4.70 -12.66
C PHE J 700 -81.63 -3.29 -13.08
N GLN J 701 -81.01 -2.33 -12.42
CA GLN J 701 -81.22 -0.93 -12.76
C GLN J 701 -80.22 -0.48 -13.79
N SER J 702 -80.51 0.66 -14.43
CA SER J 702 -79.66 1.14 -15.53
C SER J 702 -78.21 1.38 -15.14
N GLY J 703 -77.93 1.74 -13.90
CA GLY J 703 -76.55 1.97 -13.52
C GLY J 703 -75.82 0.75 -13.02
N GLU J 704 -76.47 -0.41 -13.04
CA GLU J 704 -75.89 -1.61 -12.46
C GLU J 704 -75.21 -2.51 -13.47
N ILE J 705 -75.57 -2.44 -14.74
CA ILE J 705 -74.86 -3.21 -15.75
C ILE J 705 -73.89 -2.28 -16.44
N ILE J 706 -72.62 -2.67 -16.44
CA ILE J 706 -71.58 -1.84 -17.00
C ILE J 706 -71.36 -2.17 -18.46
N GLN J 707 -71.32 -3.46 -18.79
CA GLN J 707 -71.20 -3.85 -20.18
C GLN J 707 -71.67 -5.27 -20.39
N ASN J 708 -72.06 -5.54 -21.63
CA ASN J 708 -72.52 -6.87 -22.02
C ASN J 708 -72.06 -7.11 -23.45
N GLN J 709 -70.99 -7.86 -23.59
CA GLN J 709 -70.47 -8.16 -24.91
C GLN J 709 -71.08 -9.40 -25.50
N THR J 710 -71.96 -10.10 -24.77
CA THR J 710 -72.54 -11.36 -25.24
C THR J 710 -74.07 -11.40 -25.20
N PRO J 711 -74.76 -10.40 -25.79
CA PRO J 711 -76.23 -10.25 -25.60
C PRO J 711 -77.08 -11.43 -26.05
N ARG J 712 -76.60 -12.26 -26.96
CA ARG J 712 -77.40 -13.39 -27.41
C ARG J 712 -76.63 -14.70 -27.35
N PHE J 713 -75.66 -14.81 -26.44
CA PHE J 713 -74.85 -16.00 -26.24
C PHE J 713 -74.31 -16.65 -27.54
N LEU J 714 -73.85 -15.85 -28.50
CA LEU J 714 -73.29 -16.43 -29.72
C LEU J 714 -71.77 -16.34 -29.81
N LYS J 715 -71.16 -15.46 -29.04
CA LYS J 715 -69.72 -15.25 -29.12
C LYS J 715 -69.16 -15.08 -27.72
N SER J 716 -67.88 -15.43 -27.57
CA SER J 716 -67.20 -15.27 -26.29
C SER J 716 -67.01 -13.81 -25.92
N GLY J 717 -67.09 -13.49 -24.63
CA GLY J 717 -66.89 -12.12 -24.21
C GLY J 717 -67.10 -11.86 -22.73
N ILE J 718 -67.13 -10.57 -22.39
CA ILE J 718 -67.18 -10.09 -21.01
C ILE J 718 -68.51 -9.54 -20.62
N PHE J 719 -68.72 -9.95 -19.41
CA PHE J 719 -69.80 -9.38 -18.73
C PHE J 719 -69.30 -8.74 -17.45
N GLN J 720 -69.70 -7.51 -17.19
CA GLN J 720 -69.20 -6.82 -16.01
C GLN J 720 -70.30 -6.04 -15.32
N PHE J 721 -70.35 -6.15 -14.00
CA PHE J 721 -71.43 -5.57 -13.23
C PHE J 721 -70.98 -5.36 -11.79
N SER J 722 -71.72 -4.55 -11.07
CA SER J 722 -71.51 -4.43 -9.64
C SER J 722 -72.52 -5.25 -8.87
N ILE J 723 -72.13 -5.72 -7.69
CA ILE J 723 -73.11 -6.39 -6.85
C ILE J 723 -74.04 -5.34 -6.30
N PRO J 724 -75.35 -5.49 -6.49
CA PRO J 724 -76.29 -4.47 -6.08
C PRO J 724 -76.45 -4.44 -4.59
N LYS J 725 -76.79 -3.26 -4.10
CA LYS J 725 -77.18 -3.14 -2.70
C LYS J 725 -78.46 -3.92 -2.56
N GLN J 726 -78.64 -4.53 -1.40
CA GLN J 726 -79.77 -5.37 -1.02
C GLN J 726 -79.65 -6.77 -1.63
N ALA J 727 -78.52 -7.11 -2.25
CA ALA J 727 -78.30 -8.49 -2.63
C ALA J 727 -78.31 -9.33 -1.36
N ASN J 728 -78.87 -10.51 -1.42
CA ASN J 728 -79.06 -11.28 -0.20
C ASN J 728 -78.41 -12.67 -0.23
N LEU J 729 -77.64 -12.98 0.80
CA LEU J 729 -77.04 -14.30 0.96
C LEU J 729 -77.96 -15.31 1.67
N ASP J 730 -79.00 -14.85 2.35
CA ASP J 730 -79.84 -15.76 3.12
C ASP J 730 -81.20 -15.95 2.42
N ASN J 731 -81.35 -17.03 1.66
CA ASN J 731 -82.59 -17.27 0.91
C ASN J 731 -83.01 -18.74 1.03
N THR J 732 -84.47 -19.11 0.44
CA THR J 732 -84.93 -20.53 0.47
C THR J 732 -85.23 -21.16 -0.89
N VAL J 733 -85.51 -20.37 -1.92
CA VAL J 733 -85.84 -20.91 -3.25
C VAL J 733 -84.60 -21.43 -3.96
N LEU J 734 -83.43 -20.98 -3.55
CA LEU J 734 -82.12 -21.37 -4.00
C LEU J 734 -81.25 -21.40 -2.76
N PRO J 735 -80.25 -22.30 -2.71
CA PRO J 735 -79.39 -22.47 -1.52
C PRO J 735 -78.79 -21.17 -0.98
N PRO J 736 -78.78 -21.02 0.35
CA PRO J 736 -78.27 -19.81 1.01
C PRO J 736 -76.76 -19.75 0.98
N GLY J 737 -76.22 -18.53 1.15
CA GLY J 737 -74.80 -18.33 1.22
C GLY J 737 -74.20 -17.77 -0.04
N TYR J 738 -74.98 -17.71 -1.10
CA TYR J 738 -74.54 -17.22 -2.40
C TYR J 738 -75.40 -16.06 -2.81
N HIS J 739 -74.82 -15.15 -3.56
CA HIS J 739 -75.66 -14.20 -4.26
C HIS J 739 -76.12 -14.88 -5.51
N TRP J 740 -77.37 -14.69 -5.91
CA TRP J 740 -77.83 -15.40 -7.11
C TRP J 740 -78.29 -14.45 -8.20
N ILE J 741 -77.86 -14.76 -9.42
CA ILE J 741 -78.19 -14.03 -10.64
C ILE J 741 -78.78 -14.97 -11.68
N LYS J 742 -79.82 -14.51 -12.34
CA LYS J 742 -80.57 -15.29 -13.30
C LYS J 742 -80.50 -14.72 -14.70
N ALA J 743 -80.33 -15.61 -15.68
CA ALA J 743 -80.43 -15.27 -17.10
C ALA J 743 -81.58 -16.04 -17.73
N SER J 744 -82.33 -15.43 -18.66
CA SER J 744 -83.44 -16.19 -19.22
C SER J 744 -83.71 -15.94 -20.72
N MET J 745 -84.32 -16.96 -21.33
CA MET J 745 -84.64 -17.04 -22.77
C MET J 745 -85.97 -17.78 -22.98
N VAL J 746 -86.74 -17.41 -24.02
CA VAL J 746 -88.02 -18.08 -24.32
C VAL J 746 -88.01 -18.79 -25.68
N LYS J 747 -86.84 -19.05 -26.19
CA LYS J 747 -86.61 -19.60 -27.50
C LYS J 747 -86.18 -21.04 -27.39
N PRO J 748 -86.19 -21.81 -28.51
CA PRO J 748 -85.79 -23.22 -28.46
C PRO J 748 -84.38 -23.34 -27.90
N PHE J 749 -84.06 -24.49 -27.31
CA PHE J 749 -82.80 -24.51 -26.57
C PHE J 749 -81.52 -24.35 -27.42
N ASP J 750 -81.53 -24.57 -28.74
CA ASP J 750 -80.28 -24.56 -29.52
C ASP J 750 -79.93 -23.24 -30.24
N VAL J 751 -80.75 -22.20 -30.12
CA VAL J 751 -80.50 -20.91 -30.74
C VAL J 751 -79.28 -20.20 -30.16
N VAL J 752 -78.68 -20.75 -29.12
CA VAL J 752 -77.46 -20.22 -28.52
C VAL J 752 -76.36 -21.27 -28.62
N SER J 753 -75.11 -20.82 -28.48
CA SER J 753 -73.96 -21.70 -28.54
C SER J 753 -73.74 -22.45 -27.24
N GLN J 754 -73.10 -23.61 -27.34
CA GLN J 754 -72.70 -24.35 -26.14
C GLN J 754 -71.54 -23.65 -25.44
N LEU J 755 -71.48 -23.82 -24.11
CA LEU J 755 -70.45 -23.23 -23.28
C LEU J 755 -69.32 -24.20 -22.97
N ILE J 756 -68.16 -23.61 -22.74
CA ILE J 756 -67.05 -24.32 -22.17
C ILE J 756 -66.96 -24.01 -20.69
N ASN J 757 -66.94 -22.71 -20.34
CA ASN J 757 -66.84 -22.37 -18.93
C ASN J 757 -67.23 -20.92 -18.65
N ILE J 758 -67.26 -20.58 -17.36
CA ILE J 758 -67.51 -19.23 -16.85
C ILE J 758 -66.46 -18.89 -15.79
N HIS J 759 -65.77 -17.75 -15.93
CA HIS J 759 -64.73 -17.38 -14.98
C HIS J 759 -64.86 -15.98 -14.44
N ALA J 760 -64.64 -15.83 -13.14
CA ALA J 760 -64.60 -14.50 -12.55
C ALA J 760 -63.20 -13.96 -12.57
N GLN J 761 -63.09 -12.61 -12.56
CA GLN J 761 -61.83 -11.84 -12.48
C GLN J 761 -60.98 -11.93 -13.75
N ALA J 762 -61.61 -11.84 -14.92
CA ALA J 762 -60.88 -11.89 -16.18
C ALA J 762 -60.31 -10.54 -16.60
N VAL J 763 -59.10 -10.57 -17.16
CA VAL J 763 -58.35 -9.40 -17.63
C VAL J 763 -57.82 -9.65 -19.05
N GLU J 764 -58.01 -8.68 -19.97
CA GLU J 764 -57.48 -8.78 -21.33
C GLU J 764 -56.12 -8.11 -21.52
N ALA J 765 -55.21 -8.76 -22.28
CA ALA J 765 -53.86 -8.23 -22.56
C ALA J 765 -53.35 -8.53 -24.02
N VAL J 766 -52.05 -8.11 -24.56
CA VAL J 766 -51.62 -8.12 -26.01
C VAL J 766 -50.10 -8.13 -26.24
N PHE J 767 -49.64 -8.95 -27.19
CA PHE J 767 -48.23 -9.07 -27.56
C PHE J 767 -47.59 -7.77 -27.99
N GLU J 768 -46.41 -7.52 -27.46
CA GLU J 768 -45.63 -6.34 -27.80
C GLU J 768 -44.63 -6.65 -28.89
N ASP J 769 -44.71 -5.93 -29.99
CA ASP J 769 -43.85 -6.20 -31.13
C ASP J 769 -42.49 -5.51 -30.93
N GLN J 770 -41.46 -6.29 -30.68
CA GLN J 770 -40.10 -5.81 -30.51
C GLN J 770 -39.20 -6.50 -31.53
N GLY J 771 -37.92 -6.15 -31.54
CA GLY J 771 -37.01 -6.74 -32.51
C GLY J 771 -36.67 -8.21 -32.28
N SER J 772 -37.65 -9.09 -32.47
CA SER J 772 -37.46 -10.53 -32.26
C SER J 772 -38.27 -11.25 -33.34
N SER J 773 -38.31 -12.59 -33.31
CA SER J 773 -39.04 -13.34 -34.34
C SER J 773 -40.35 -13.90 -33.79
N GLY J 774 -41.47 -13.39 -34.29
CA GLY J 774 -42.79 -13.81 -33.84
C GLY J 774 -43.22 -15.15 -34.40
N ASN J 775 -42.48 -16.19 -34.06
CA ASN J 775 -42.78 -17.53 -34.56
C ASN J 775 -44.12 -18.03 -34.07
N HIS J 776 -44.53 -17.64 -32.88
CA HIS J 776 -45.82 -18.08 -32.39
C HIS J 776 -46.98 -17.42 -33.14
N LEU J 777 -46.74 -16.47 -34.03
CA LEU J 777 -47.89 -15.83 -34.70
C LEU J 777 -48.73 -16.67 -35.69
N GLU J 778 -48.16 -17.57 -36.50
CA GLU J 778 -49.01 -18.32 -37.45
C GLU J 778 -50.09 -19.17 -36.81
N LYS J 779 -49.69 -19.95 -35.81
CA LYS J 779 -50.58 -20.74 -34.98
C LYS J 779 -50.37 -20.08 -33.64
N GLY J 780 -51.41 -19.63 -32.98
CA GLY J 780 -51.18 -18.88 -31.75
C GLY J 780 -50.61 -19.57 -30.51
N LEU J 781 -50.26 -18.74 -29.54
CA LEU J 781 -49.68 -19.21 -28.32
C LEU J 781 -50.57 -20.28 -27.73
N PRO J 782 -50.01 -21.42 -27.39
CA PRO J 782 -50.74 -22.57 -26.84
C PRO J 782 -51.28 -22.31 -25.46
N ALA J 783 -52.27 -23.10 -25.03
CA ALA J 783 -52.82 -22.93 -23.70
C ALA J 783 -51.77 -23.26 -22.65
N GLU J 784 -51.85 -22.52 -21.55
CA GLU J 784 -50.99 -22.59 -20.35
C GLU J 784 -49.50 -22.30 -20.45
N THR J 785 -49.12 -21.30 -21.20
CA THR J 785 -47.74 -20.87 -21.34
C THR J 785 -47.42 -19.73 -20.41
N ILE J 786 -48.43 -19.11 -19.84
CA ILE J 786 -48.26 -17.91 -19.04
C ILE J 786 -48.61 -18.17 -17.58
N SER J 787 -47.66 -17.91 -16.69
CA SER J 787 -47.93 -18.13 -15.29
C SER J 787 -47.47 -17.01 -14.36
N LYS J 788 -46.62 -16.08 -14.83
CA LYS J 788 -46.05 -15.03 -13.98
C LYS J 788 -45.97 -13.62 -14.57
N LEU J 789 -45.89 -12.62 -13.69
CA LEU J 789 -45.64 -11.25 -14.11
C LEU J 789 -44.15 -11.00 -14.24
N GLN J 790 -43.76 -9.91 -14.89
CA GLN J 790 -42.36 -9.58 -14.99
C GLN J 790 -41.74 -9.34 -13.65
N GLU J 791 -42.40 -8.57 -12.79
CA GLU J 791 -41.94 -8.40 -11.44
C GLU J 791 -42.96 -9.18 -10.69
N ARG J 792 -42.56 -10.22 -10.00
CA ARG J 792 -43.51 -10.98 -9.24
C ARG J 792 -43.88 -10.11 -8.06
N LEU J 793 -45.14 -9.75 -7.96
CA LEU J 793 -45.64 -8.93 -6.89
C LEU J 793 -46.08 -9.85 -5.79
N SER J 794 -45.97 -9.36 -4.58
CA SER J 794 -46.32 -10.10 -3.39
C SER J 794 -47.80 -10.49 -3.20
N TRP J 795 -48.73 -9.60 -3.54
CA TRP J 795 -50.17 -9.83 -3.37
C TRP J 795 -50.88 -10.73 -4.36
N ILE J 796 -50.22 -11.11 -5.43
CA ILE J 796 -50.83 -11.97 -6.38
C ILE J 796 -50.51 -13.42 -6.13
N LYS J 797 -51.46 -14.19 -5.66
CA LYS J 797 -51.25 -15.60 -5.52
C LYS J 797 -51.20 -16.19 -6.88
N SER J 798 -52.04 -15.78 -7.84
CA SER J 798 -51.72 -16.61 -9.03
C SER J 798 -52.29 -16.20 -10.38
N ILE J 799 -51.73 -16.76 -11.48
CA ILE J 799 -52.22 -16.44 -12.84
C ILE J 799 -52.47 -17.67 -13.72
N GLN J 800 -53.60 -17.70 -14.43
CA GLN J 800 -53.92 -18.82 -15.31
C GLN J 800 -54.25 -18.44 -16.74
N GLN J 801 -53.87 -19.30 -17.69
CA GLN J 801 -54.14 -19.11 -19.11
C GLN J 801 -54.75 -20.38 -19.71
N PRO J 802 -56.09 -20.52 -19.64
CA PRO J 802 -56.87 -21.68 -20.12
C PRO J 802 -56.97 -21.93 -21.62
N TYR J 803 -57.03 -20.91 -22.46
CA TYR J 803 -57.24 -21.05 -23.89
C TYR J 803 -56.11 -20.43 -24.67
N PRO J 804 -55.93 -20.87 -25.93
CA PRO J 804 -54.90 -20.36 -26.86
C PRO J 804 -55.12 -18.91 -27.21
N SER J 805 -54.04 -18.20 -27.50
CA SER J 805 -54.14 -16.78 -27.85
C SER J 805 -54.71 -16.60 -29.25
N THR J 806 -55.20 -15.40 -29.55
CA THR J 806 -55.81 -15.31 -30.87
C THR J 806 -55.75 -13.91 -31.50
N LYS J 807 -55.93 -13.88 -32.83
CA LYS J 807 -55.96 -12.71 -33.72
C LYS J 807 -54.60 -12.18 -34.19
N GLY J 808 -53.49 -12.89 -34.00
CA GLY J 808 -52.21 -12.39 -34.44
C GLY J 808 -51.89 -12.78 -35.87
N LYS J 809 -50.82 -12.17 -36.43
CA LYS J 809 -50.38 -12.49 -37.79
C LYS J 809 -48.92 -12.11 -38.01
N ALA J 810 -48.13 -13.05 -38.52
CA ALA J 810 -46.72 -12.83 -38.82
C ALA J 810 -46.52 -12.06 -40.12
N GLN J 811 -45.35 -11.45 -40.29
CA GLN J 811 -44.96 -10.70 -41.49
C GLN J 811 -44.97 -11.62 -42.70
N GLU J 812 -45.26 -11.07 -43.88
CA GLU J 812 -45.28 -11.90 -45.08
C GLU J 812 -43.92 -12.45 -45.45
N SER J 813 -43.91 -13.72 -45.85
CA SER J 813 -42.74 -14.38 -46.41
C SER J 813 -42.62 -13.99 -47.87
N ASP J 814 -41.46 -14.30 -48.47
CA ASP J 814 -41.30 -14.01 -49.90
C ASP J 814 -42.29 -14.82 -50.72
N GLU J 815 -42.54 -16.05 -50.28
CA GLU J 815 -43.42 -16.96 -50.99
C GLU J 815 -44.85 -16.43 -51.00
N ASP J 816 -45.27 -15.80 -49.91
CA ASP J 816 -46.62 -15.26 -49.83
C ASP J 816 -46.72 -13.96 -50.59
N TYR J 817 -45.67 -13.16 -50.53
CA TYR J 817 -45.66 -11.91 -51.27
C TYR J 817 -45.84 -12.18 -52.75
N TYR J 818 -45.06 -13.13 -53.29
CA TYR J 818 -45.18 -13.44 -54.70
C TYR J 818 -46.53 -14.03 -55.03
N ARG J 819 -47.06 -14.88 -54.14
CA ARG J 819 -48.36 -15.51 -54.36
C ARG J 819 -49.47 -14.46 -54.43
N ARG J 820 -49.47 -13.51 -53.49
CA ARG J 820 -50.50 -12.47 -53.44
C ARG J 820 -50.44 -11.55 -54.64
N VAL J 821 -49.24 -11.11 -55.02
CA VAL J 821 -49.13 -10.17 -56.14
C VAL J 821 -49.56 -10.84 -57.41
N SER J 822 -49.14 -12.10 -57.59
CA SER J 822 -49.39 -12.79 -58.83
C SER J 822 -50.89 -13.00 -59.03
N GLU J 823 -51.62 -13.35 -57.97
CA GLU J 823 -53.07 -13.54 -58.15
C GLU J 823 -53.79 -12.24 -58.45
N ARG J 824 -53.42 -11.11 -57.81
CA ARG J 824 -54.15 -9.88 -58.12
C ARG J 824 -54.02 -9.50 -59.56
N LEU J 825 -52.84 -9.73 -60.14
CA LEU J 825 -52.60 -9.42 -61.54
C LEU J 825 -53.46 -10.24 -62.49
N ARG J 826 -54.11 -11.31 -62.01
CA ARG J 826 -55.00 -12.14 -62.81
C ARG J 826 -56.47 -11.88 -62.54
N HIS J 827 -56.89 -11.82 -61.27
CA HIS J 827 -58.33 -11.71 -61.01
C HIS J 827 -58.83 -10.27 -60.93
N LYS J 828 -57.93 -9.29 -60.83
CA LYS J 828 -58.23 -7.86 -60.85
C LYS J 828 -59.15 -7.41 -59.73
N LYS J 829 -59.18 -8.18 -58.64
CA LYS J 829 -60.00 -7.93 -57.45
C LYS J 829 -61.51 -7.98 -57.77
N ARG J 830 -61.91 -8.80 -58.74
CA ARG J 830 -63.34 -8.98 -59.06
C ARG J 830 -63.73 -10.40 -58.74
N ALA J 831 -64.96 -10.61 -58.27
CA ALA J 831 -65.42 -11.98 -57.97
C ALA J 831 -66.31 -12.48 -59.10
N ILE J 832 -65.74 -12.99 -60.18
CA ILE J 832 -66.57 -13.40 -61.33
C ILE J 832 -66.70 -14.92 -61.46
N THR J 833 -65.58 -15.63 -61.63
CA THR J 833 -65.67 -17.09 -61.79
C THR J 833 -65.41 -17.86 -60.48
N LEU J 834 -65.14 -19.17 -60.58
CA LEU J 834 -64.92 -20.02 -59.42
C LEU J 834 -63.60 -19.72 -58.71
N TRP J 835 -62.53 -19.71 -59.49
CA TRP J 835 -61.20 -19.47 -58.97
C TRP J 835 -61.13 -18.16 -58.24
N ASP J 836 -61.79 -17.15 -58.82
CA ASP J 836 -61.81 -15.81 -58.26
C ASP J 836 -62.36 -15.83 -56.86
N TYR J 837 -63.54 -16.43 -56.69
CA TYR J 837 -64.20 -16.47 -55.38
C TYR J 837 -63.35 -17.22 -54.36
N GLU J 838 -62.83 -18.38 -54.75
CA GLU J 838 -62.11 -19.24 -53.83
C GLU J 838 -60.78 -18.62 -53.40
N HIS J 839 -60.08 -17.95 -54.32
CA HIS J 839 -58.81 -17.34 -53.95
C HIS J 839 -58.99 -15.99 -53.26
N LEU J 840 -60.05 -15.24 -53.57
CA LEU J 840 -60.30 -14.00 -52.85
C LEU J 840 -60.54 -14.27 -51.37
N ILE J 841 -61.27 -15.35 -51.05
CA ILE J 841 -61.53 -15.64 -49.64
C ILE J 841 -60.30 -16.18 -48.94
N LEU J 842 -59.57 -17.12 -49.55
CA LEU J 842 -58.42 -17.62 -48.80
C LEU J 842 -57.38 -16.52 -48.56
N GLN J 843 -57.23 -15.57 -49.49
CA GLN J 843 -56.30 -14.48 -49.23
C GLN J 843 -56.81 -13.52 -48.16
N LYS J 844 -58.12 -13.23 -48.16
CA LYS J 844 -58.70 -12.26 -47.23
C LYS J 844 -58.92 -12.80 -45.82
N PHE J 845 -59.40 -14.03 -45.69
CA PHE J 845 -59.75 -14.58 -44.38
C PHE J 845 -58.76 -15.66 -43.95
N PRO J 846 -57.82 -15.32 -43.05
CA PRO J 846 -56.69 -16.20 -42.70
C PRO J 846 -57.04 -17.47 -41.92
N LYS J 847 -58.25 -17.58 -41.39
CA LYS J 847 -58.60 -18.75 -40.61
C LYS J 847 -59.73 -19.50 -41.27
N VAL J 848 -59.53 -19.77 -42.55
CA VAL J 848 -60.36 -20.63 -43.36
C VAL J 848 -59.38 -21.62 -43.97
N TYR J 849 -59.69 -22.90 -43.85
CA TYR J 849 -58.81 -23.96 -44.31
C TYR J 849 -59.16 -24.37 -45.73
N LYS J 850 -60.46 -24.55 -46.00
CA LYS J 850 -60.88 -24.92 -47.33
C LYS J 850 -62.10 -24.10 -47.70
N VAL J 851 -62.27 -23.95 -49.02
CA VAL J 851 -63.41 -23.21 -49.55
C VAL J 851 -63.95 -23.95 -50.78
N LYS J 852 -65.26 -23.83 -51.00
CA LYS J 852 -65.88 -24.39 -52.19
C LYS J 852 -67.00 -23.51 -52.73
N CYS J 853 -66.92 -23.15 -54.01
CA CYS J 853 -67.95 -22.33 -54.64
C CYS J 853 -68.90 -23.20 -55.49
N LEU J 854 -70.20 -22.99 -55.30
CA LEU J 854 -71.26 -23.77 -55.95
C LEU J 854 -72.10 -22.88 -56.88
N ASN J 855 -71.92 -23.10 -58.20
CA ASN J 855 -72.35 -22.19 -59.27
C ASN J 855 -73.86 -21.93 -59.37
N HIS J 856 -74.70 -22.93 -59.14
CA HIS J 856 -76.15 -22.71 -59.29
C HIS J 856 -76.88 -23.10 -58.02
N THR J 857 -76.20 -23.07 -56.88
CA THR J 857 -76.79 -23.65 -55.69
C THR J 857 -77.48 -22.61 -54.80
N CYS J 858 -78.73 -22.91 -54.52
CA CYS J 858 -79.60 -22.35 -53.51
C CYS J 858 -80.00 -23.45 -52.56
N SER J 859 -80.53 -23.10 -51.38
CA SER J 859 -80.86 -24.15 -50.41
C SER J 859 -81.83 -25.21 -50.93
N SER J 860 -82.68 -24.85 -51.89
CA SER J 860 -83.66 -25.75 -52.46
C SER J 860 -83.41 -26.12 -53.91
N SER J 861 -82.20 -25.84 -54.44
CA SER J 861 -81.98 -26.07 -55.86
C SER J 861 -80.51 -26.15 -56.24
N PHE J 862 -80.20 -27.03 -57.18
CA PHE J 862 -78.86 -27.09 -57.74
C PHE J 862 -78.84 -26.65 -59.20
N GLN J 863 -79.91 -25.97 -59.67
CA GLN J 863 -80.04 -25.46 -61.03
C GLN J 863 -80.71 -24.08 -61.09
N SER J 864 -80.50 -23.21 -60.09
CA SER J 864 -81.09 -21.88 -60.15
C SER J 864 -80.11 -20.80 -60.59
N PRO J 865 -80.41 -20.13 -61.70
CA PRO J 865 -79.52 -19.08 -62.21
C PRO J 865 -79.62 -17.84 -61.36
N GLY J 866 -78.55 -17.05 -61.37
CA GLY J 866 -78.56 -15.79 -60.65
C GLY J 866 -78.28 -15.88 -59.17
N ASN J 867 -77.56 -16.90 -58.74
CA ASN J 867 -77.28 -17.08 -57.32
C ASN J 867 -75.99 -17.86 -57.16
N ALA J 868 -75.56 -18.06 -55.91
CA ALA J 868 -74.38 -18.88 -55.62
C ALA J 868 -74.30 -19.20 -54.14
N THR J 869 -73.72 -20.35 -53.82
CA THR J 869 -73.44 -20.71 -52.43
C THR J 869 -71.97 -21.01 -52.24
N LEU J 870 -71.42 -20.53 -51.12
CA LEU J 870 -70.05 -20.76 -50.74
C LEU J 870 -70.00 -21.58 -49.45
N ILE J 871 -69.14 -22.58 -49.42
CA ILE J 871 -69.00 -23.41 -48.22
C ILE J 871 -67.64 -23.17 -47.58
N LEU J 872 -67.64 -22.89 -46.27
CA LEU J 872 -66.43 -22.61 -45.53
C LEU J 872 -66.08 -23.68 -44.51
N VAL J 873 -64.82 -24.11 -44.52
CA VAL J 873 -64.28 -25.06 -43.57
C VAL J 873 -63.13 -24.42 -42.78
N PRO J 874 -63.22 -24.37 -41.45
CA PRO J 874 -62.20 -23.76 -40.57
C PRO J 874 -61.01 -24.69 -40.40
N ASP J 875 -59.95 -24.18 -39.76
CA ASP J 875 -58.78 -25.03 -39.57
C ASP J 875 -59.01 -25.90 -38.32
N THR J 876 -59.47 -25.26 -37.24
CA THR J 876 -59.60 -25.80 -35.89
C THR J 876 -58.39 -26.57 -35.41
N VAL J 877 -57.19 -25.99 -35.55
CA VAL J 877 -56.00 -26.70 -35.08
C VAL J 877 -56.01 -26.84 -33.55
N GLN J 878 -56.46 -25.81 -32.83
CA GLN J 878 -56.45 -25.89 -31.37
C GLN J 878 -57.64 -26.69 -30.87
N GLN J 879 -57.49 -28.03 -30.97
CA GLN J 879 -58.50 -29.01 -30.59
C GLN J 879 -58.86 -29.00 -29.11
N SER J 880 -58.07 -28.31 -28.28
CA SER J 880 -58.39 -28.04 -26.88
C SER J 880 -59.71 -27.32 -26.68
N VAL J 881 -60.14 -26.63 -27.71
CA VAL J 881 -61.41 -25.92 -27.78
C VAL J 881 -62.36 -26.59 -28.76
N PHE J 882 -61.91 -26.79 -29.99
CA PHE J 882 -62.78 -27.17 -31.08
C PHE J 882 -63.18 -28.63 -31.09
N ASP J 883 -64.38 -28.87 -31.62
CA ASP J 883 -64.82 -30.23 -31.85
C ASP J 883 -64.32 -30.60 -33.25
N ILE J 884 -63.31 -31.45 -33.30
CA ILE J 884 -62.62 -31.71 -34.56
C ILE J 884 -63.39 -32.67 -35.47
N TYR J 885 -64.52 -33.22 -35.04
CA TYR J 885 -65.27 -34.10 -35.92
C TYR J 885 -66.54 -33.44 -36.42
N GLN J 886 -66.81 -32.24 -35.89
CA GLN J 886 -67.86 -31.33 -36.31
C GLN J 886 -67.37 -29.88 -36.35
N PRO J 887 -66.32 -29.60 -37.13
CA PRO J 887 -65.80 -28.22 -37.22
C PRO J 887 -66.85 -27.31 -37.83
N ARG J 888 -67.01 -26.11 -37.24
CA ARG J 888 -68.00 -25.16 -37.75
C ARG J 888 -67.45 -23.74 -37.72
N VAL J 889 -68.00 -22.93 -38.63
CA VAL J 889 -67.76 -21.50 -38.73
C VAL J 889 -68.85 -20.73 -38.00
N SER J 890 -68.44 -19.83 -37.13
CA SER J 890 -69.31 -18.92 -36.38
C SER J 890 -69.99 -17.88 -37.27
N GLN J 891 -71.02 -17.24 -36.71
CA GLN J 891 -71.80 -16.27 -37.47
C GLN J 891 -70.95 -15.08 -37.91
N GLY J 892 -69.98 -14.66 -37.09
CA GLY J 892 -69.14 -13.53 -37.45
C GLY J 892 -68.50 -13.72 -38.81
N THR J 893 -67.79 -14.83 -38.96
CA THR J 893 -67.15 -15.12 -40.23
C THR J 893 -68.15 -15.35 -41.36
N LEU J 894 -69.24 -16.09 -41.11
CA LEU J 894 -70.18 -16.35 -42.20
C LEU J 894 -70.73 -15.06 -42.80
N ASN J 895 -70.99 -14.08 -41.93
CA ASN J 895 -71.52 -12.79 -42.37
C ASN J 895 -70.45 -11.91 -43.00
N ASP J 896 -69.24 -11.86 -42.42
CA ASP J 896 -68.16 -11.05 -42.97
C ASP J 896 -67.81 -11.47 -44.38
N VAL J 897 -67.78 -12.79 -44.60
CA VAL J 897 -67.45 -13.33 -45.91
C VAL J 897 -68.48 -12.91 -46.93
N ALA J 898 -69.76 -13.03 -46.58
CA ALA J 898 -70.83 -12.66 -47.49
C ALA J 898 -70.76 -11.19 -47.88
N ALA J 899 -70.50 -10.32 -46.90
CA ALA J 899 -70.43 -8.89 -47.18
C ALA J 899 -69.29 -8.56 -48.12
N PHE J 900 -68.11 -9.14 -47.86
CA PHE J 900 -66.90 -8.90 -48.63
C PHE J 900 -67.09 -9.23 -50.10
N VAL J 901 -67.67 -10.39 -50.37
CA VAL J 901 -67.83 -10.81 -51.74
C VAL J 901 -68.98 -10.10 -52.43
N ASN J 902 -70.08 -9.86 -51.72
CA ASN J 902 -71.22 -9.29 -52.42
C ASN J 902 -70.89 -7.91 -53.00
N GLU J 903 -70.02 -7.14 -52.33
CA GLU J 903 -69.49 -5.89 -52.88
C GLU J 903 -68.69 -6.02 -54.16
N LEU J 904 -68.13 -7.19 -54.44
CA LEU J 904 -67.28 -7.42 -55.61
C LEU J 904 -67.93 -8.23 -56.70
N ASN J 905 -69.19 -8.63 -56.56
CA ASN J 905 -69.75 -9.56 -57.55
C ASN J 905 -70.28 -8.91 -58.80
N SER J 906 -71.40 -8.24 -58.62
CA SER J 906 -72.21 -7.63 -59.65
C SER J 906 -73.36 -6.98 -58.95
N PHE J 907 -73.87 -5.92 -59.54
CA PHE J 907 -75.07 -5.28 -59.02
C PHE J 907 -76.21 -6.27 -58.78
N HIS J 908 -76.33 -7.28 -59.65
CA HIS J 908 -77.46 -8.20 -59.62
C HIS J 908 -77.26 -9.46 -58.79
N VAL J 909 -76.13 -9.72 -58.12
CA VAL J 909 -75.95 -11.03 -57.49
C VAL J 909 -75.49 -10.98 -56.03
N GLN J 910 -76.22 -11.70 -55.18
CA GLN J 910 -75.83 -11.93 -53.81
C GLN J 910 -75.48 -13.39 -53.60
N ALA J 911 -74.41 -13.64 -52.86
CA ALA J 911 -74.01 -15.01 -52.54
C ALA J 911 -74.38 -15.34 -51.11
N LYS J 912 -74.58 -16.64 -50.86
CA LYS J 912 -74.84 -17.12 -49.52
C LYS J 912 -73.65 -17.92 -48.98
N VAL J 913 -73.39 -17.77 -47.68
CA VAL J 913 -72.25 -18.41 -47.04
C VAL J 913 -72.74 -19.35 -45.95
N ILE J 914 -72.36 -20.65 -46.06
CA ILE J 914 -72.88 -21.65 -45.14
C ILE J 914 -71.76 -22.57 -44.60
N ASN J 915 -72.12 -23.33 -43.57
CA ASN J 915 -71.32 -24.45 -43.07
C ASN J 915 -71.61 -25.69 -43.91
N PRO J 916 -70.61 -26.57 -44.07
CA PRO J 916 -70.73 -27.78 -44.91
C PRO J 916 -71.74 -28.80 -44.46
N ASN J 917 -72.11 -28.81 -43.19
CA ASN J 917 -73.05 -29.79 -42.60
C ASN J 917 -72.61 -31.22 -42.93
N TYR J 918 -71.42 -31.54 -42.45
CA TYR J 918 -70.70 -32.76 -42.79
C TYR J 918 -71.45 -34.05 -42.48
N GLU J 919 -71.24 -35.03 -43.35
CA GLU J 919 -71.75 -36.40 -43.26
C GLU J 919 -70.77 -37.32 -43.98
N GLU J 920 -70.52 -38.52 -43.42
CA GLU J 920 -69.49 -39.38 -44.01
C GLU J 920 -69.52 -40.86 -43.60
N VAL J 921 -68.96 -41.69 -44.50
CA VAL J 921 -68.77 -43.14 -44.41
C VAL J 921 -67.47 -43.51 -43.70
N LYS J 922 -67.37 -44.76 -43.25
CA LYS J 922 -66.14 -45.16 -42.55
C LYS J 922 -65.73 -46.60 -42.84
N VAL J 923 -64.42 -46.81 -42.73
CA VAL J 923 -63.72 -48.02 -43.08
C VAL J 923 -63.77 -49.11 -42.02
N ASP J 924 -63.62 -50.34 -42.53
CA ASP J 924 -63.43 -51.59 -41.83
C ASP J 924 -62.50 -52.40 -42.70
N VAL J 925 -61.73 -53.33 -42.11
CA VAL J 925 -60.79 -54.04 -42.95
C VAL J 925 -60.35 -55.36 -42.35
N LYS J 926 -59.78 -56.17 -43.24
CA LYS J 926 -59.10 -57.40 -42.88
C LYS J 926 -57.94 -57.07 -41.96
N VAL J 927 -57.69 -57.95 -41.03
CA VAL J 927 -56.64 -57.72 -40.06
C VAL J 927 -55.28 -57.63 -40.75
N LYS J 928 -54.43 -56.77 -40.22
CA LYS J 928 -53.08 -56.66 -40.73
C LYS J 928 -52.35 -57.99 -40.56
N PHE J 929 -51.58 -58.35 -41.58
CA PHE J 929 -50.77 -59.56 -41.58
C PHE J 929 -49.57 -59.44 -40.67
N ARG J 930 -49.26 -58.22 -40.25
CA ARG J 930 -48.14 -57.99 -39.38
C ARG J 930 -48.40 -56.73 -38.59
N GLU J 931 -47.73 -56.65 -37.45
CA GLU J 931 -47.80 -55.52 -36.57
C GLU J 931 -46.52 -55.57 -35.75
N GLY J 932 -46.10 -54.41 -35.24
CA GLY J 932 -44.90 -54.39 -34.38
C GLY J 932 -45.10 -55.27 -33.15
N LEU J 933 -46.28 -55.19 -32.56
CA LEU J 933 -46.66 -55.98 -31.40
C LEU J 933 -48.15 -55.80 -31.23
N ASP J 934 -48.77 -56.73 -30.49
CA ASP J 934 -50.18 -56.63 -30.20
C ASP J 934 -50.56 -55.32 -29.52
N VAL J 935 -49.67 -54.74 -28.71
CA VAL J 935 -49.94 -53.46 -28.08
C VAL J 935 -49.35 -52.29 -28.85
N SER J 936 -48.06 -52.38 -29.21
CA SER J 936 -47.33 -51.29 -29.86
C SER J 936 -47.96 -50.89 -31.18
N PHE J 937 -48.53 -51.84 -31.87
CA PHE J 937 -49.20 -51.58 -33.13
C PHE J 937 -50.54 -52.23 -33.09
N TYR J 938 -51.22 -52.02 -31.96
CA TYR J 938 -52.55 -52.54 -31.73
C TYR J 938 -53.48 -52.07 -32.81
N LEU J 939 -54.52 -52.87 -33.09
CA LEU J 939 -55.52 -52.44 -34.07
C LEU J 939 -56.10 -51.09 -33.72
N THR J 940 -56.20 -50.80 -32.42
CA THR J 940 -56.63 -49.49 -31.96
C THR J 940 -55.69 -48.38 -32.42
N LYS J 941 -54.38 -48.65 -32.44
CA LYS J 941 -53.43 -47.64 -32.89
C LYS J 941 -53.60 -47.38 -34.37
N VAL J 942 -53.85 -48.46 -35.12
CA VAL J 942 -54.12 -48.34 -36.54
C VAL J 942 -55.38 -47.53 -36.77
N LYS J 943 -56.38 -47.76 -35.93
CA LYS J 943 -57.64 -47.04 -36.03
C LYS J 943 -57.42 -45.55 -35.78
N GLU J 944 -56.59 -45.23 -34.80
CA GLU J 944 -56.28 -43.83 -34.50
C GLU J 944 -55.59 -43.16 -35.66
N ASP J 945 -54.64 -43.87 -36.29
CA ASP J 945 -53.93 -43.32 -37.44
C ASP J 945 -54.88 -43.09 -38.60
N ILE J 946 -55.80 -44.03 -38.81
CA ILE J 946 -56.78 -43.89 -39.87
C ILE J 946 -57.66 -42.68 -39.64
N LYS J 947 -58.06 -42.49 -38.38
CA LYS J 947 -58.89 -41.34 -38.04
C LYS J 947 -58.15 -40.05 -38.29
N LYS J 948 -56.86 -39.99 -37.94
CA LYS J 948 -56.09 -38.78 -38.18
C LYS J 948 -55.99 -38.45 -39.65
N PHE J 949 -55.78 -39.47 -40.49
CA PHE J 949 -55.64 -39.25 -41.92
C PHE J 949 -56.91 -38.68 -42.50
N LEU J 950 -58.06 -39.15 -42.03
CA LEU J 950 -59.32 -38.63 -42.50
C LEU J 950 -59.62 -37.26 -41.89
N SER J 951 -59.27 -37.11 -40.60
CA SER J 951 -59.55 -35.88 -39.86
C SER J 951 -58.89 -34.69 -40.50
N PRO J 952 -57.70 -34.90 -41.07
CA PRO J 952 -56.95 -33.86 -41.78
C PRO J 952 -57.70 -33.28 -42.97
N TRP J 953 -58.67 -33.99 -43.50
CA TRP J 953 -59.48 -33.42 -44.55
C TRP J 953 -60.62 -32.61 -43.95
N ALA J 954 -61.22 -33.16 -42.90
CA ALA J 954 -62.33 -32.53 -42.18
C ALA J 954 -61.90 -31.26 -41.48
N TYR J 955 -60.69 -31.26 -40.94
CA TYR J 955 -60.16 -30.19 -40.13
C TYR J 955 -58.68 -30.20 -40.36
N ASP J 956 -58.00 -29.12 -40.04
CA ASP J 956 -56.57 -29.13 -40.29
C ASP J 956 -55.86 -30.16 -39.40
N GLN J 957 -54.96 -30.92 -40.03
CA GLN J 957 -54.07 -31.89 -39.41
C GLN J 957 -53.10 -32.30 -40.51
N GLU J 958 -52.04 -32.99 -40.15
CA GLU J 958 -51.16 -33.48 -41.20
C GLU J 958 -51.68 -34.79 -41.80
N SER J 959 -51.46 -34.96 -43.11
CA SER J 959 -51.77 -36.21 -43.80
C SER J 959 -51.02 -36.24 -45.14
N SER J 960 -50.32 -37.36 -45.40
CA SER J 960 -49.60 -37.50 -46.66
C SER J 960 -50.55 -37.63 -47.85
N VAL J 961 -51.68 -38.29 -47.65
CA VAL J 961 -52.64 -38.53 -48.73
C VAL J 961 -53.25 -37.24 -49.21
N GLU J 962 -53.45 -37.16 -50.54
CA GLU J 962 -54.05 -35.97 -51.16
C GLU J 962 -55.45 -35.66 -50.64
N PHE J 963 -56.24 -36.70 -50.34
CA PHE J 963 -57.60 -36.48 -49.89
C PHE J 963 -58.14 -37.71 -49.17
N GLY J 964 -59.06 -37.46 -48.23
CA GLY J 964 -59.83 -38.54 -47.62
C GLY J 964 -60.78 -39.16 -48.63
N VAL J 965 -61.33 -38.34 -49.51
CA VAL J 965 -62.32 -38.77 -50.51
C VAL J 965 -61.61 -39.43 -51.66
N THR J 966 -61.17 -40.66 -51.43
CA THR J 966 -60.35 -41.35 -52.40
C THR J 966 -60.63 -42.83 -52.40
N LEU J 967 -60.11 -43.47 -53.45
CA LEU J 967 -60.21 -44.90 -53.65
C LEU J 967 -59.38 -45.64 -52.62
N HIS J 968 -59.72 -46.93 -52.43
CA HIS J 968 -59.02 -47.81 -51.50
C HIS J 968 -57.54 -47.89 -51.80
N ARG J 969 -57.15 -47.65 -53.04
CA ARG J 969 -55.74 -47.66 -53.42
C ARG J 969 -54.95 -46.64 -52.62
N SER J 970 -55.54 -45.48 -52.36
CA SER J 970 -54.87 -44.45 -51.59
C SER J 970 -54.75 -44.87 -50.15
N GLN J 971 -55.83 -45.47 -49.63
CA GLN J 971 -55.84 -45.94 -48.26
C GLN J 971 -54.81 -47.03 -48.07
N MET J 972 -54.70 -47.93 -49.06
CA MET J 972 -53.75 -49.01 -48.98
C MET J 972 -52.33 -48.49 -48.95
N ILE J 973 -52.04 -47.49 -49.77
CA ILE J 973 -50.70 -46.90 -49.78
C ILE J 973 -50.38 -46.26 -48.45
N HIS J 974 -51.35 -45.57 -47.86
CA HIS J 974 -51.14 -44.90 -46.57
C HIS J 974 -50.77 -45.89 -45.50
N TYR J 975 -51.41 -47.06 -45.50
CA TYR J 975 -51.13 -48.10 -44.52
C TYR J 975 -49.84 -48.84 -44.85
N LEU J 976 -49.60 -49.09 -46.15
CA LEU J 976 -48.40 -49.83 -46.57
C LEU J 976 -47.14 -49.11 -46.15
N GLU J 977 -47.20 -47.79 -46.14
CA GLU J 977 -46.09 -46.95 -45.72
C GLU J 977 -45.72 -47.09 -44.25
N GLN J 978 -46.61 -47.67 -43.43
CA GLN J 978 -46.34 -47.81 -42.00
C GLN J 978 -45.16 -48.75 -41.74
N LEU J 979 -44.40 -48.44 -40.69
CA LEU J 979 -43.27 -49.25 -40.28
C LEU J 979 -43.68 -50.49 -39.51
N THR J 980 -44.96 -50.69 -39.29
CA THR J 980 -45.50 -51.77 -38.49
C THR J 980 -46.65 -52.44 -39.22
N TYR J 981 -46.45 -52.82 -40.48
CA TYR J 981 -47.50 -53.45 -41.27
C TYR J 981 -46.88 -54.29 -42.38
N VAL J 982 -47.66 -55.27 -42.89
CA VAL J 982 -47.19 -56.04 -44.04
C VAL J 982 -48.22 -56.23 -45.14
N ASP J 983 -49.48 -56.43 -44.79
CA ASP J 983 -50.50 -56.76 -45.78
C ASP J 983 -51.88 -56.72 -45.13
N TYR J 984 -52.90 -56.72 -45.98
CA TYR J 984 -54.28 -56.92 -45.55
C TYR J 984 -55.08 -57.43 -46.73
N ILE J 985 -55.81 -58.52 -46.53
CA ILE J 985 -56.51 -59.23 -47.61
C ILE J 985 -57.64 -58.41 -48.26
N THR J 986 -58.36 -57.59 -47.48
CA THR J 986 -59.54 -56.91 -48.00
C THR J 986 -59.88 -55.69 -47.16
N ASP J 987 -60.64 -54.77 -47.76
CA ASP J 987 -61.13 -53.59 -47.04
C ASP J 987 -62.39 -53.05 -47.69
N LEU J 988 -63.17 -52.30 -46.91
CA LEU J 988 -64.41 -51.67 -47.39
C LEU J 988 -64.71 -50.44 -46.54
N ARG J 989 -65.53 -49.52 -47.08
CA ARG J 989 -65.88 -48.31 -46.31
C ARG J 989 -67.27 -47.77 -46.60
N LEU J 990 -68.31 -48.59 -46.47
CA LEU J 990 -69.65 -48.10 -46.76
C LEU J 990 -70.13 -47.13 -45.68
N LEU J 991 -71.13 -46.31 -46.05
CA LEU J 991 -71.75 -45.43 -45.09
C LEU J 991 -72.47 -46.23 -44.04
N LYS J 992 -72.54 -45.65 -42.85
CA LYS J 992 -73.06 -46.34 -41.68
C LYS J 992 -74.59 -46.39 -41.71
N ARG J 993 -75.12 -47.34 -42.48
CA ARG J 993 -76.56 -47.61 -42.54
C ARG J 993 -77.09 -48.02 -41.18
N GLN J 994 -76.20 -48.52 -40.34
CA GLN J 994 -76.48 -49.03 -39.03
C GLN J 994 -76.19 -48.02 -37.95
N ALA J 995 -76.12 -46.75 -38.32
CA ALA J 995 -75.93 -45.73 -37.31
C ALA J 995 -77.32 -45.47 -36.75
N GLY J 996 -77.52 -45.94 -35.52
CA GLY J 996 -78.80 -45.78 -34.82
C GLY J 996 -79.07 -44.35 -34.38
N SER J 997 -78.03 -43.62 -33.97
CA SER J 997 -78.19 -42.29 -33.37
C SER J 997 -78.78 -41.30 -34.35
N SER J 998 -78.33 -41.30 -35.55
CA SER J 998 -78.83 -40.46 -36.60
C SER J 998 -79.83 -41.43 -37.20
N PRO J 999 -81.06 -41.00 -37.46
CA PRO J 999 -82.14 -41.96 -37.78
C PRO J 999 -81.89 -42.95 -38.95
N CYS J 1000 -82.45 -44.15 -38.78
CA CYS J 1000 -82.26 -45.31 -39.66
C CYS J 1000 -82.84 -45.07 -41.03
N ASN J 1001 -82.45 -45.90 -42.02
CA ASN J 1001 -82.75 -45.65 -43.43
C ASN J 1001 -81.69 -44.74 -44.03
N PRO J 1002 -80.61 -44.53 -43.28
CA PRO J 1002 -79.53 -43.71 -43.78
C PRO J 1002 -78.87 -44.37 -44.99
N ILE J 1003 -78.50 -43.53 -45.94
CA ILE J 1003 -77.85 -43.97 -47.15
C ILE J 1003 -76.50 -44.58 -46.82
N PHE J 1004 -76.15 -45.59 -47.60
CA PHE J 1004 -74.93 -46.35 -47.45
C PHE J 1004 -74.08 -46.11 -48.68
N ILE J 1005 -72.79 -46.38 -48.57
CA ILE J 1005 -71.90 -46.13 -49.69
C ILE J 1005 -71.28 -47.44 -50.16
N GLU J 1006 -72.13 -48.35 -50.59
CA GLU J 1006 -71.73 -49.70 -50.95
C GLU J 1006 -71.43 -49.87 -52.44
N THR J 1007 -72.00 -49.05 -53.30
CA THR J 1007 -71.96 -49.29 -54.76
C THR J 1007 -70.65 -48.84 -55.41
N THR J 1008 -69.54 -49.42 -54.97
CA THR J 1008 -68.20 -49.24 -55.57
C THR J 1008 -67.78 -47.78 -55.79
N GLU J 1009 -68.08 -46.91 -54.83
CA GLU J 1009 -67.67 -45.51 -54.97
C GLU J 1009 -66.31 -45.29 -54.33
N LYS J 1010 -65.49 -44.41 -54.92
CA LYS J 1010 -64.23 -44.03 -54.30
C LYS J 1010 -64.46 -42.99 -53.21
N GLU J 1011 -65.24 -43.39 -52.20
CA GLU J 1011 -65.63 -42.54 -51.07
C GLU J 1011 -66.25 -41.21 -51.49
N TYR J 1012 -67.08 -41.23 -52.54
CA TYR J 1012 -67.70 -39.99 -53.02
C TYR J 1012 -68.58 -39.38 -51.96
N ILE J 1013 -68.58 -38.05 -51.90
CA ILE J 1013 -69.48 -37.36 -50.97
C ILE J 1013 -70.92 -37.66 -51.31
N GLN J 1014 -71.73 -37.80 -50.27
CA GLN J 1014 -73.15 -38.10 -50.41
C GLN J 1014 -73.91 -37.03 -51.18
N PRO J 1015 -73.41 -35.80 -51.19
CA PRO J 1015 -74.09 -34.68 -51.79
C PRO J 1015 -73.12 -33.55 -52.12
N SER J 1016 -73.59 -32.64 -52.98
CA SER J 1016 -72.84 -31.44 -53.33
C SER J 1016 -72.54 -30.57 -52.11
N ASN J 1017 -73.46 -30.57 -51.15
CA ASN J 1017 -73.37 -29.83 -49.91
C ASN J 1017 -74.10 -30.68 -48.90
N PRO J 1018 -73.85 -30.47 -47.60
CA PRO J 1018 -74.40 -31.31 -46.52
C PRO J 1018 -73.79 -32.70 -46.61
N LYS J 1019 -72.49 -32.71 -46.90
CA LYS J 1019 -71.71 -33.92 -46.99
C LYS J 1019 -70.25 -33.56 -46.89
N SER J 1020 -69.44 -34.50 -46.42
CA SER J 1020 -68.00 -34.26 -46.37
C SER J 1020 -67.14 -35.44 -46.79
N ILE J 1021 -67.60 -36.68 -46.63
CA ILE J 1021 -66.77 -37.87 -46.89
C ILE J 1021 -65.45 -37.81 -46.11
N LEU J 1022 -65.52 -37.38 -44.86
CA LEU J 1022 -64.35 -37.27 -43.99
C LEU J 1022 -64.68 -37.72 -42.56
N VAL J 1023 -65.19 -38.95 -42.42
CA VAL J 1023 -65.50 -39.49 -41.10
C VAL J 1023 -64.21 -39.79 -40.38
N SER J 1024 -64.22 -39.66 -39.06
CA SER J 1024 -63.00 -39.94 -38.32
C SER J 1024 -63.34 -40.18 -36.86
N ARG K 14 -15.05 -88.67 -22.37
CA ARG K 14 -14.19 -87.49 -22.36
C ARG K 14 -15.00 -86.28 -21.89
N ASP K 15 -14.31 -85.27 -21.37
CA ASP K 15 -14.98 -84.11 -20.78
C ASP K 15 -14.97 -82.87 -21.68
N GLY K 16 -14.63 -83.03 -22.95
CA GLY K 16 -14.63 -81.89 -23.87
C GLY K 16 -13.53 -80.90 -23.53
N THR K 17 -13.93 -79.64 -23.38
CA THR K 17 -12.97 -78.59 -23.04
C THR K 17 -13.67 -77.47 -22.30
N GLY K 18 -12.90 -76.43 -21.98
CA GLY K 18 -13.44 -75.32 -21.24
C GLY K 18 -12.43 -74.20 -21.12
N ARG K 19 -12.83 -73.16 -20.38
CA ARG K 19 -12.10 -71.89 -20.34
C ARG K 19 -10.68 -72.02 -19.80
N ARG K 20 -10.49 -72.85 -18.77
CA ARG K 20 -9.16 -72.96 -18.17
C ARG K 20 -8.19 -73.78 -19.00
N ASP K 21 -8.66 -74.43 -20.05
CA ASP K 21 -7.85 -75.32 -20.87
C ASP K 21 -7.42 -74.66 -22.17
N LEU K 22 -7.64 -73.36 -22.32
CA LEU K 22 -7.48 -72.69 -23.60
C LEU K 22 -6.13 -72.00 -23.77
N LEU K 23 -5.16 -72.22 -22.88
CA LEU K 23 -3.88 -71.53 -22.98
C LEU K 23 -2.86 -72.41 -23.70
N ASP K 24 -2.33 -71.89 -24.82
CA ASP K 24 -1.30 -72.59 -25.57
C ASP K 24 0.06 -72.19 -25.02
N PRO K 25 0.78 -73.11 -24.37
CA PRO K 25 2.06 -72.78 -23.74
C PRO K 25 3.18 -72.40 -24.70
N LYS K 26 3.01 -72.60 -26.00
CA LYS K 26 4.13 -72.43 -26.91
C LYS K 26 3.69 -71.51 -28.04
N LEU K 27 2.75 -70.60 -27.78
CA LEU K 27 2.37 -69.60 -28.77
C LEU K 27 2.99 -68.26 -28.46
N ALA K 28 3.10 -67.92 -27.18
CA ALA K 28 3.68 -66.66 -26.76
C ALA K 28 5.11 -66.55 -27.25
N PRO K 29 5.46 -65.45 -27.94
CA PRO K 29 6.81 -65.25 -28.50
C PRO K 29 7.95 -65.47 -27.54
N GLU K 30 7.77 -65.12 -26.25
CA GLU K 30 8.78 -65.36 -25.21
C GLU K 30 9.41 -66.71 -25.21
N SER K 31 8.64 -67.75 -25.52
CA SER K 31 9.13 -69.14 -25.45
C SER K 31 10.41 -69.36 -26.26
N VAL K 32 10.74 -68.45 -27.17
CA VAL K 32 11.91 -68.53 -28.00
C VAL K 32 12.88 -67.43 -27.64
N GLN K 33 14.06 -67.80 -27.22
CA GLN K 33 15.14 -66.86 -26.94
C GLN K 33 16.18 -67.07 -28.02
N LEU K 34 16.21 -66.17 -29.00
CA LEU K 34 17.10 -66.30 -30.15
C LEU K 34 18.56 -66.33 -29.74
N GLN K 35 18.92 -65.60 -28.70
CA GLN K 35 20.27 -65.53 -28.18
C GLN K 35 20.23 -65.85 -26.69
N ASP K 36 20.93 -66.89 -26.25
CA ASP K 36 20.97 -67.27 -24.83
C ASP K 36 22.35 -67.30 -24.14
N PHE K 37 23.39 -66.69 -24.68
CA PHE K 37 24.66 -66.81 -23.99
C PHE K 37 24.72 -65.95 -22.74
N GLU K 38 25.40 -66.44 -21.72
CA GLU K 38 25.69 -65.71 -20.49
C GLU K 38 27.16 -65.31 -20.49
N LEU K 39 27.58 -64.59 -19.44
CA LEU K 39 28.98 -64.17 -19.34
C LEU K 39 29.91 -65.36 -19.35
N SER K 40 29.51 -66.42 -18.67
CA SER K 40 30.24 -67.67 -18.60
C SER K 40 30.39 -68.39 -19.93
N ASP K 41 29.50 -68.16 -20.88
CA ASP K 41 29.65 -68.81 -22.17
C ASP K 41 30.61 -68.07 -23.05
N TRP K 42 30.62 -66.74 -22.96
CA TRP K 42 31.61 -65.99 -23.71
C TRP K 42 33.00 -66.19 -23.16
N LEU K 43 33.11 -66.47 -21.86
CA LEU K 43 34.41 -66.78 -21.29
C LEU K 43 34.92 -68.14 -21.78
N ILE K 44 34.03 -69.13 -21.94
CA ILE K 44 34.46 -70.42 -22.50
C ILE K 44 34.92 -70.25 -23.94
N PHE K 45 34.18 -69.43 -24.70
CA PHE K 45 34.55 -69.07 -26.06
C PHE K 45 35.98 -68.53 -26.12
N ALA K 46 36.31 -67.61 -25.21
CA ALA K 46 37.65 -67.02 -25.15
C ALA K 46 38.72 -68.05 -24.80
N LEU K 47 38.42 -68.99 -23.90
CA LEU K 47 39.42 -69.99 -23.51
C LEU K 47 39.84 -70.86 -24.68
N ASN K 48 38.92 -71.10 -25.61
CA ASN K 48 39.17 -71.92 -26.78
C ASN K 48 39.91 -71.11 -27.82
N PHE K 49 39.40 -69.89 -28.05
CA PHE K 49 39.92 -68.98 -29.06
C PHE K 49 41.38 -68.65 -28.84
N ALA K 50 41.78 -68.51 -27.57
CA ALA K 50 43.14 -68.19 -27.18
C ALA K 50 44.17 -69.20 -27.69
N ARG K 51 43.75 -70.43 -27.97
CA ARG K 51 44.64 -71.47 -28.47
C ARG K 51 44.71 -71.54 -29.98
N LYS K 52 43.95 -70.71 -30.69
CA LYS K 52 43.97 -70.69 -32.15
C LYS K 52 44.71 -69.49 -32.70
N ILE K 53 45.28 -68.65 -31.85
CA ILE K 53 45.91 -67.39 -32.22
C ILE K 53 47.38 -67.46 -31.78
N HIS K 54 48.29 -67.10 -32.69
CA HIS K 54 49.72 -67.01 -32.40
C HIS K 54 50.00 -65.90 -31.39
N PHE K 55 51.13 -66.00 -30.70
CA PHE K 55 51.60 -64.91 -29.85
C PHE K 55 53.01 -64.53 -30.29
N PHE K 56 53.29 -63.24 -30.33
CA PHE K 56 54.58 -62.75 -30.82
C PHE K 56 55.39 -62.08 -29.72
N PRO K 57 56.46 -62.72 -29.24
CA PRO K 57 57.32 -62.14 -28.20
C PRO K 57 58.03 -60.87 -28.68
N SER K 58 58.27 -59.96 -27.75
CA SER K 58 58.89 -58.66 -28.06
C SER K 58 60.32 -58.77 -28.55
N ASP K 59 60.99 -59.86 -28.27
CA ASP K 59 62.40 -59.98 -28.59
C ASP K 59 62.66 -60.74 -29.88
N LEU K 60 61.64 -61.09 -30.64
CA LEU K 60 61.82 -61.77 -31.91
C LEU K 60 61.34 -60.87 -33.04
N ALA K 61 61.95 -61.03 -34.22
CA ALA K 61 61.60 -60.19 -35.36
C ALA K 61 60.33 -60.71 -36.02
N ASN K 62 59.21 -60.52 -35.32
CA ASN K 62 57.90 -60.97 -35.79
C ASN K 62 57.86 -62.48 -36.03
N GLU K 63 58.46 -63.24 -35.15
CA GLU K 63 58.39 -64.68 -35.22
C GLU K 63 57.41 -65.13 -34.16
N PRO K 64 56.54 -66.09 -34.45
CA PRO K 64 55.59 -66.58 -33.45
C PRO K 64 56.25 -67.52 -32.46
N LEU K 65 55.74 -67.53 -31.22
CA LEU K 65 56.20 -68.49 -30.22
C LEU K 65 55.10 -68.76 -29.20
N GLY K 66 54.26 -69.75 -29.48
CA GLY K 66 53.17 -70.06 -28.56
C GLY K 66 51.89 -69.31 -28.88
N ASP K 67 51.04 -69.16 -27.86
CA ASP K 67 49.68 -68.65 -28.03
C ASP K 67 49.33 -67.72 -26.88
N TRP K 68 48.03 -67.49 -26.68
CA TRP K 68 47.50 -66.58 -25.67
C TRP K 68 46.91 -67.31 -24.48
N ARG K 69 47.25 -68.59 -24.33
CA ARG K 69 46.69 -69.47 -23.29
C ARG K 69 46.83 -68.92 -21.89
N ASN K 70 47.96 -68.29 -21.58
CA ASN K 70 48.26 -67.85 -20.23
C ASN K 70 47.53 -66.59 -19.82
N PHE K 71 46.76 -65.99 -20.70
CA PHE K 71 46.08 -64.76 -20.35
C PHE K 71 44.69 -65.01 -19.79
N PHE K 72 44.18 -66.23 -19.88
CA PHE K 72 42.86 -66.57 -19.33
C PHE K 72 42.90 -67.68 -18.32
N SER K 73 44.08 -68.13 -17.91
CA SER K 73 44.14 -69.24 -16.97
C SER K 73 43.53 -68.88 -15.64
N THR K 74 43.67 -67.62 -15.20
CA THR K 74 43.25 -67.22 -13.87
C THR K 74 41.73 -67.24 -13.65
N ILE K 75 40.97 -67.60 -14.67
CA ILE K 75 39.53 -67.73 -14.54
C ILE K 75 39.17 -69.07 -13.92
N VAL K 76 39.81 -70.13 -14.38
CA VAL K 76 39.49 -71.50 -13.99
C VAL K 76 40.36 -71.92 -12.81
N SER K 77 39.71 -72.15 -11.68
CA SER K 77 40.28 -72.60 -10.42
C SER K 77 40.78 -74.03 -10.38
N ASP K 78 40.34 -74.88 -11.30
CA ASP K 78 40.82 -76.24 -11.39
C ASP K 78 41.23 -76.48 -12.83
N LYS K 79 42.54 -76.52 -13.02
CA LYS K 79 43.15 -76.63 -14.33
C LYS K 79 42.87 -77.95 -15.03
N THR K 80 42.43 -78.97 -14.27
CA THR K 80 42.02 -80.25 -14.86
C THR K 80 41.00 -80.07 -15.96
N LEU K 81 40.04 -79.18 -15.75
CA LEU K 81 38.90 -79.05 -16.64
C LEU K 81 39.23 -78.40 -17.96
N ILE K 82 40.42 -77.84 -18.12
CA ILE K 82 40.74 -77.18 -19.38
C ILE K 82 42.00 -77.73 -20.02
N SER K 83 42.49 -78.89 -19.56
CA SER K 83 43.71 -79.48 -20.09
C SER K 83 43.59 -79.79 -21.57
N ASP K 84 42.38 -80.04 -22.03
CA ASP K 84 42.09 -80.35 -23.42
C ASP K 84 40.80 -79.67 -23.86
N ILE K 85 40.60 -78.39 -23.46
CA ILE K 85 39.31 -77.70 -23.58
C ILE K 85 38.73 -77.73 -24.99
N GLU K 86 39.59 -77.74 -26.01
CA GLU K 86 39.16 -77.67 -27.39
C GLU K 86 38.47 -78.97 -27.83
N ASN K 87 38.51 -80.04 -27.01
CA ASN K 87 37.86 -81.30 -27.31
C ASN K 87 36.68 -81.61 -26.40
N LEU K 88 36.15 -80.63 -25.66
CA LEU K 88 35.06 -80.97 -24.76
C LEU K 88 33.71 -80.93 -25.45
N ASP K 89 32.79 -81.73 -24.91
CA ASP K 89 31.39 -81.80 -25.29
C ASP K 89 30.48 -81.49 -24.12
N ASP K 90 31.04 -81.33 -22.94
CA ASP K 90 30.30 -81.17 -21.71
C ASP K 90 30.97 -80.06 -20.91
N PHE K 91 30.24 -78.98 -20.75
CA PHE K 91 30.77 -77.77 -20.14
C PHE K 91 30.16 -77.49 -18.78
N GLU K 92 29.47 -78.48 -18.20
CA GLU K 92 28.78 -78.29 -16.92
C GLU K 92 29.73 -78.00 -15.76
N LYS K 93 30.85 -78.71 -15.68
CA LYS K 93 31.82 -78.48 -14.61
C LYS K 93 32.58 -77.20 -14.84
N LEU K 94 32.93 -76.94 -16.10
CA LEU K 94 33.69 -75.74 -16.43
C LEU K 94 32.88 -74.49 -16.18
N ARG K 95 31.60 -74.51 -16.60
CA ARG K 95 30.72 -73.37 -16.39
C ARG K 95 30.54 -73.08 -14.91
N GLY K 96 30.48 -74.15 -14.10
CA GLY K 96 30.38 -73.98 -12.65
C GLY K 96 31.54 -73.21 -12.04
N ASN K 97 32.77 -73.59 -12.38
CA ASN K 97 33.93 -72.88 -11.84
C ASN K 97 34.00 -71.45 -12.32
N ILE K 98 33.59 -71.19 -13.56
CA ILE K 98 33.62 -69.83 -14.08
C ILE K 98 32.66 -68.96 -13.31
N GLU K 99 31.49 -69.50 -12.95
CA GLU K 99 30.52 -68.72 -12.19
C GLU K 99 31.04 -68.36 -10.81
N GLU K 100 31.75 -69.28 -10.13
CA GLU K 100 32.39 -68.92 -8.86
C GLU K 100 33.42 -67.81 -9.02
N PHE K 101 34.23 -67.84 -10.09
CA PHE K 101 35.18 -66.77 -10.35
C PHE K 101 34.48 -65.42 -10.45
N LEU K 102 33.42 -65.37 -11.25
CA LEU K 102 32.71 -64.11 -11.49
C LEU K 102 32.12 -63.57 -10.20
N ALA K 103 31.58 -64.44 -9.36
CA ALA K 103 31.05 -64.00 -8.07
C ALA K 103 32.15 -63.47 -7.17
N ALA K 104 33.29 -64.16 -7.12
CA ALA K 104 34.37 -63.84 -6.20
C ALA K 104 34.96 -62.45 -6.47
N TYR K 105 35.03 -62.06 -7.73
CA TYR K 105 35.63 -60.79 -8.09
C TYR K 105 34.62 -59.70 -8.34
N ASP K 106 33.34 -59.97 -8.15
CA ASP K 106 32.36 -58.92 -8.39
C ASP K 106 32.49 -57.87 -7.31
N GLN K 107 32.86 -56.67 -7.74
CA GLN K 107 33.07 -55.51 -6.90
C GLN K 107 34.20 -55.71 -5.89
N SER K 108 35.22 -56.48 -6.25
CA SER K 108 36.37 -56.65 -5.36
C SER K 108 37.45 -55.61 -5.60
N GLY K 109 37.54 -55.09 -6.82
CA GLY K 109 38.62 -54.21 -7.20
C GLY K 109 39.93 -54.89 -7.49
N LYS K 110 39.94 -56.21 -7.73
CA LYS K 110 41.18 -56.96 -7.78
C LYS K 110 41.54 -57.63 -9.11
N LEU K 111 40.87 -57.32 -10.23
CA LEU K 111 41.27 -57.99 -11.47
C LEU K 111 42.37 -57.23 -12.21
N THR K 112 43.25 -58.00 -12.84
CA THR K 112 44.17 -57.47 -13.83
C THR K 112 43.46 -56.74 -14.96
N PRO K 113 44.01 -55.60 -15.39
CA PRO K 113 43.36 -54.72 -16.39
C PRO K 113 42.94 -55.35 -17.71
N HIS K 114 43.63 -56.37 -18.24
CA HIS K 114 43.15 -56.91 -19.50
C HIS K 114 41.85 -57.69 -19.33
N LEU K 115 41.65 -58.28 -18.17
CA LEU K 115 40.37 -58.94 -17.93
C LEU K 115 39.29 -57.97 -17.55
N THR K 116 39.68 -56.88 -16.89
CA THR K 116 38.71 -55.85 -16.50
C THR K 116 37.99 -55.30 -17.72
N LEU K 117 38.73 -55.00 -18.79
CA LEU K 117 38.07 -54.55 -20.02
C LEU K 117 37.20 -55.60 -20.64
N PHE K 118 37.70 -56.84 -20.73
CA PHE K 118 36.95 -57.89 -21.41
C PHE K 118 35.62 -58.15 -20.72
N VAL K 119 35.63 -58.20 -19.39
CA VAL K 119 34.39 -58.49 -18.67
C VAL K 119 33.43 -57.31 -18.73
N SER K 120 33.95 -56.09 -18.67
CA SER K 120 33.11 -54.91 -18.69
C SER K 120 32.42 -54.80 -20.05
N PHE K 121 33.12 -55.18 -21.12
CA PHE K 121 32.53 -55.26 -22.45
C PHE K 121 31.40 -56.26 -22.51
N LEU K 122 31.62 -57.45 -21.94
CA LEU K 122 30.58 -58.48 -21.96
C LEU K 122 29.34 -58.05 -21.18
N LYS K 123 29.52 -57.29 -20.10
CA LYS K 123 28.37 -56.78 -19.37
C LYS K 123 27.60 -55.74 -20.18
N LEU K 124 28.30 -54.88 -20.92
CA LEU K 124 27.60 -53.88 -21.74
C LEU K 124 26.73 -54.52 -22.80
N LEU K 125 27.16 -55.66 -23.35
CA LEU K 125 26.42 -56.37 -24.38
C LEU K 125 25.08 -56.92 -23.92
N GLU K 126 24.79 -56.95 -22.62
CA GLU K 126 23.51 -57.51 -22.21
C GLU K 126 22.34 -56.67 -22.68
N THR K 127 22.55 -55.38 -22.95
CA THR K 127 21.47 -54.56 -23.50
C THR K 127 21.19 -54.89 -24.96
N SER K 128 22.16 -55.48 -25.66
CA SER K 128 21.93 -55.88 -27.03
C SER K 128 21.12 -57.16 -27.09
N LYS K 129 21.37 -58.05 -26.14
CA LYS K 129 20.60 -59.27 -26.01
C LYS K 129 19.13 -58.97 -25.78
N LYS K 130 18.84 -57.97 -24.96
CA LYS K 130 17.47 -57.60 -24.66
C LYS K 130 16.73 -57.12 -25.91
N ARG K 131 17.38 -56.29 -26.73
CA ARG K 131 16.75 -55.81 -27.95
C ARG K 131 16.62 -56.89 -28.99
N PHE K 132 17.67 -57.69 -29.16
CA PHE K 132 17.73 -58.72 -30.17
C PHE K 132 16.65 -59.78 -29.97
N ASN K 133 16.39 -60.16 -28.73
CA ASN K 133 15.42 -61.22 -28.49
C ASN K 133 13.97 -60.76 -28.61
N GLN K 134 13.70 -59.51 -28.95
CA GLN K 134 12.34 -59.08 -29.18
C GLN K 134 11.91 -59.24 -30.62
N LEU K 135 12.81 -59.76 -31.47
CA LEU K 135 12.51 -59.93 -32.88
C LEU K 135 11.41 -60.95 -33.13
N THR K 136 11.25 -61.95 -32.25
CA THR K 136 10.27 -63.00 -32.51
C THR K 136 8.87 -62.43 -32.35
N LYS K 137 8.70 -61.48 -31.42
CA LYS K 137 7.40 -60.85 -31.24
C LYS K 137 7.07 -59.92 -32.39
N ARG K 138 8.07 -59.12 -32.82
CA ARG K 138 7.87 -58.19 -33.93
C ARG K 138 7.49 -58.93 -35.20
N HIS K 139 8.10 -60.09 -35.41
CA HIS K 139 7.81 -60.93 -36.56
C HIS K 139 6.38 -61.42 -36.55
N LEU K 140 5.93 -61.93 -35.39
CA LEU K 140 4.56 -62.45 -35.27
C LEU K 140 3.53 -61.36 -35.48
N ASP K 141 3.72 -60.20 -34.85
CA ASP K 141 2.75 -59.11 -34.96
C ASP K 141 2.66 -58.61 -36.39
N PHE K 142 3.80 -58.53 -37.09
CA PHE K 142 3.82 -58.12 -38.48
C PHE K 142 2.95 -59.01 -39.33
N TYR K 143 3.10 -60.33 -39.18
CA TYR K 143 2.34 -61.26 -39.99
C TYR K 143 0.84 -61.15 -39.73
N TYR K 144 0.42 -61.13 -38.47
CA TYR K 144 -1.02 -61.08 -38.21
C TYR K 144 -1.62 -59.71 -38.54
N GLN K 145 -0.90 -58.62 -38.31
CA GLN K 145 -1.51 -57.30 -38.49
C GLN K 145 -1.26 -56.66 -39.84
N GLU K 146 -0.11 -56.88 -40.47
CA GLU K 146 0.16 -56.19 -41.73
C GLU K 146 0.01 -57.10 -42.94
N ILE K 147 0.26 -58.39 -42.79
CA ILE K 147 0.04 -59.31 -43.91
C ILE K 147 -1.39 -59.79 -43.95
N LEU K 148 -1.93 -60.24 -42.82
CA LEU K 148 -3.29 -60.75 -42.81
C LEU K 148 -4.34 -59.68 -42.53
N HIS K 149 -3.92 -58.48 -42.13
CA HIS K 149 -4.81 -57.33 -41.86
C HIS K 149 -5.85 -57.61 -40.78
N LEU K 150 -5.46 -58.26 -39.69
CA LEU K 150 -6.42 -58.56 -38.63
C LEU K 150 -6.19 -57.68 -37.42
N GLU K 151 -7.25 -57.04 -36.92
CA GLU K 151 -7.22 -56.18 -35.75
C GLU K 151 -7.88 -56.77 -34.53
N LYS K 152 -7.74 -56.05 -33.42
CA LYS K 152 -8.30 -56.43 -32.13
C LYS K 152 -9.72 -55.92 -31.98
N GLN K 153 -10.49 -56.59 -31.14
CA GLN K 153 -11.88 -56.22 -30.89
C GLN K 153 -12.00 -55.21 -29.74
N ALA K 154 -13.01 -54.35 -29.87
CA ALA K 154 -13.31 -53.25 -28.95
C ALA K 154 -14.23 -53.66 -27.81
N LEU K 155 -14.37 -52.73 -26.87
CA LEU K 155 -15.12 -52.83 -25.62
C LEU K 155 -16.64 -52.75 -25.79
N SER K 156 -17.37 -53.47 -24.94
CA SER K 156 -18.83 -53.38 -24.81
C SER K 156 -19.26 -52.94 -23.41
N PRO K 157 -20.15 -51.96 -23.30
CA PRO K 157 -20.61 -51.46 -21.98
C PRO K 157 -21.61 -52.39 -21.32
N ASP K 158 -21.69 -52.32 -19.98
CA ASP K 158 -22.62 -53.16 -19.22
C ASP K 158 -23.93 -52.46 -18.86
N HIS K 159 -24.93 -53.25 -18.46
CA HIS K 159 -26.29 -52.82 -18.13
C HIS K 159 -26.68 -53.13 -16.69
N VAL K 160 -27.42 -52.21 -16.04
CA VAL K 160 -27.94 -52.39 -14.68
C VAL K 160 -29.40 -51.96 -14.57
N PHE K 161 -30.07 -52.46 -13.53
CA PHE K 161 -31.36 -51.95 -13.10
C PHE K 161 -31.26 -51.31 -11.72
N LEU K 162 -31.95 -50.18 -11.56
CA LEU K 162 -31.99 -49.44 -10.31
C LEU K 162 -33.44 -49.27 -9.85
N ILE K 163 -33.70 -49.23 -8.55
CA ILE K 163 -35.06 -49.02 -8.05
C ILE K 163 -35.17 -47.64 -7.41
N PHE K 164 -36.22 -46.88 -7.73
CA PHE K 164 -36.38 -45.50 -7.24
C PHE K 164 -37.46 -45.37 -6.17
N GLU K 165 -37.34 -44.32 -5.35
CA GLU K 165 -38.32 -43.98 -4.32
C GLU K 165 -38.62 -42.49 -4.34
N LEU K 166 -39.89 -42.13 -4.37
CA LEU K 166 -40.25 -40.72 -4.44
C LEU K 166 -40.32 -40.11 -3.03
N ALA K 167 -40.14 -38.80 -2.98
CA ALA K 167 -40.19 -38.04 -1.73
C ALA K 167 -41.63 -37.88 -1.27
N LYS K 168 -41.79 -37.46 -0.02
CA LYS K 168 -43.09 -37.50 0.65
C LYS K 168 -44.14 -36.54 0.08
N ASN K 169 -43.77 -35.36 -0.44
CA ASN K 169 -44.75 -34.36 -0.83
C ASN K 169 -45.05 -34.26 -2.35
N VAL K 170 -44.67 -35.24 -3.17
CA VAL K 170 -44.96 -35.21 -4.61
C VAL K 170 -45.81 -36.41 -5.00
N SER K 171 -46.55 -36.31 -6.12
CA SER K 171 -47.35 -37.48 -6.48
C SER K 171 -46.89 -38.21 -7.74
N GLN K 172 -46.52 -37.53 -8.82
CA GLN K 172 -46.09 -38.21 -10.05
C GLN K 172 -45.10 -37.37 -10.83
N GLU K 173 -44.01 -37.97 -11.32
CA GLU K 173 -42.99 -37.21 -12.04
C GLU K 173 -42.42 -38.00 -13.21
N LYS K 174 -41.68 -37.29 -14.04
CA LYS K 174 -41.07 -37.83 -15.22
C LYS K 174 -39.56 -37.77 -15.13
N LEU K 175 -38.91 -38.91 -15.33
CA LEU K 175 -37.46 -38.95 -15.34
C LEU K 175 -37.01 -38.96 -16.79
N ASP K 176 -36.11 -38.05 -17.13
CA ASP K 176 -35.63 -37.87 -18.49
C ASP K 176 -34.72 -38.96 -19.01
N GLU K 177 -34.70 -39.09 -20.32
CA GLU K 177 -33.84 -40.06 -20.96
C GLU K 177 -32.45 -39.45 -20.95
N GLY K 178 -31.42 -40.27 -20.72
CA GLY K 178 -30.05 -39.78 -20.73
C GLY K 178 -29.57 -39.11 -19.48
N THR K 179 -30.24 -39.32 -18.35
CA THR K 179 -29.84 -38.72 -17.08
C THR K 179 -28.61 -39.43 -16.52
N GLU K 180 -27.63 -38.65 -16.09
CA GLU K 180 -26.39 -39.23 -15.61
C GLU K 180 -26.52 -39.78 -14.19
N VAL K 181 -25.90 -40.93 -13.99
CA VAL K 181 -25.93 -41.67 -12.74
C VAL K 181 -24.48 -41.92 -12.33
N ASP K 182 -24.21 -41.71 -11.05
CA ASP K 182 -22.92 -41.86 -10.41
C ASP K 182 -22.52 -43.32 -10.25
N GLY K 183 -21.30 -43.68 -10.67
CA GLY K 183 -20.92 -45.08 -10.55
C GLY K 183 -19.70 -45.58 -9.79
N GLY K 184 -18.76 -44.73 -9.36
CA GLY K 184 -17.58 -45.24 -8.68
C GLY K 184 -16.26 -44.68 -9.18
N LYS K 185 -15.16 -45.45 -9.02
CA LYS K 185 -13.80 -45.06 -9.40
C LYS K 185 -12.94 -46.25 -9.93
N ASP K 186 -11.81 -45.95 -10.60
CA ASP K 186 -10.92 -46.94 -11.26
C ASP K 186 -9.51 -46.94 -10.67
N ASP K 187 -8.61 -47.89 -11.06
CA ASP K 187 -7.25 -47.88 -10.47
C ASP K 187 -6.48 -46.58 -10.73
N THR K 188 -7.01 -45.75 -11.63
CA THR K 188 -6.65 -44.36 -11.90
C THR K 188 -7.29 -43.35 -10.95
N GLY K 189 -8.38 -43.69 -10.28
CA GLY K 189 -9.05 -42.73 -9.44
C GLY K 189 -10.10 -41.88 -10.13
N LYS K 190 -10.36 -42.12 -11.42
CA LYS K 190 -11.36 -41.35 -12.16
C LYS K 190 -12.75 -41.93 -11.92
N LYS K 191 -13.82 -41.23 -12.33
CA LYS K 191 -15.16 -41.65 -11.96
C LYS K 191 -16.00 -42.17 -13.12
N ASN K 192 -16.69 -43.31 -12.88
CA ASN K 192 -17.57 -43.99 -13.83
C ASN K 192 -18.94 -43.33 -13.94
N THR K 193 -19.54 -43.38 -15.14
CA THR K 193 -20.86 -42.79 -15.35
C THR K 193 -21.79 -43.74 -16.08
N TYR K 194 -23.06 -43.81 -15.65
CA TYR K 194 -24.09 -44.61 -16.33
C TYR K 194 -25.22 -43.69 -16.80
N LEU K 195 -25.72 -43.89 -18.02
CA LEU K 195 -26.80 -43.05 -18.54
C LEU K 195 -28.10 -43.83 -18.64
N THR K 196 -29.22 -43.15 -18.43
CA THR K 196 -30.53 -43.78 -18.51
C THR K 196 -30.94 -44.06 -19.96
N SER K 197 -31.57 -45.22 -20.20
CA SER K 197 -31.96 -45.66 -21.53
C SER K 197 -33.25 -45.04 -22.08
N PHE K 198 -34.33 -44.94 -21.29
CA PHE K 198 -35.63 -44.48 -21.80
C PHE K 198 -36.24 -43.51 -20.79
N GLU K 199 -37.21 -42.72 -21.25
CA GLU K 199 -37.97 -41.87 -20.35
C GLU K 199 -38.99 -42.69 -19.60
N THR K 200 -39.17 -42.42 -18.31
CA THR K 200 -40.05 -43.18 -17.44
C THR K 200 -40.87 -42.29 -16.52
N VAL K 201 -42.06 -42.76 -16.18
CA VAL K 201 -42.94 -41.99 -15.30
C VAL K 201 -42.95 -42.69 -13.96
N LEU K 202 -42.69 -41.94 -12.89
CA LEU K 202 -42.60 -42.54 -11.57
C LEU K 202 -43.70 -42.02 -10.64
N ASN K 203 -44.11 -42.86 -9.69
CA ASN K 203 -45.12 -42.50 -8.70
C ASN K 203 -44.82 -43.27 -7.42
N LYS K 204 -45.71 -43.13 -6.43
CA LYS K 204 -45.50 -43.74 -5.12
C LYS K 204 -46.21 -45.08 -5.01
N THR K 205 -45.81 -46.06 -5.82
CA THR K 205 -46.52 -47.33 -5.86
C THR K 205 -45.59 -48.44 -5.46
N LYS K 206 -46.01 -49.30 -4.55
CA LYS K 206 -45.17 -50.35 -3.98
C LYS K 206 -45.89 -51.69 -4.03
N VAL K 207 -45.13 -52.76 -4.24
CA VAL K 207 -45.69 -54.11 -4.16
C VAL K 207 -45.87 -54.49 -2.69
N GLY K 208 -47.10 -54.80 -2.31
CA GLY K 208 -47.38 -55.14 -0.93
C GLY K 208 -47.50 -56.62 -0.62
N GLN K 209 -48.26 -57.39 -1.43
CA GLN K 209 -48.53 -58.78 -1.09
C GLN K 209 -48.51 -59.70 -2.31
N LEU K 210 -48.08 -60.95 -2.08
CA LEU K 210 -48.00 -61.97 -3.12
C LEU K 210 -48.64 -63.27 -2.64
N LYS K 211 -49.68 -63.75 -3.35
CA LYS K 211 -50.42 -64.95 -2.98
C LYS K 211 -50.61 -65.87 -4.19
N SER K 212 -50.64 -67.19 -3.95
CA SER K 212 -50.76 -68.15 -5.04
C SER K 212 -51.49 -69.43 -4.63
N LEU K 213 -52.10 -70.11 -5.61
CA LEU K 213 -52.76 -71.38 -5.35
C LEU K 213 -52.69 -72.26 -6.61
N TYR K 214 -52.74 -73.59 -6.44
CA TYR K 214 -52.78 -74.48 -7.60
C TYR K 214 -53.79 -75.61 -7.43
N ASN K 215 -54.64 -75.81 -8.43
CA ASN K 215 -55.64 -76.87 -8.45
C ASN K 215 -55.30 -77.91 -9.51
N GLU K 216 -55.03 -79.14 -9.11
CA GLU K 216 -54.61 -80.16 -10.08
C GLU K 216 -55.59 -81.31 -10.14
N ILE K 217 -56.19 -81.57 -11.30
CA ILE K 217 -57.21 -82.59 -11.43
C ILE K 217 -56.70 -83.80 -12.18
N SER K 218 -56.62 -84.95 -11.49
CA SER K 218 -56.23 -86.22 -12.13
C SER K 218 -57.35 -86.86 -12.96
N VAL K 219 -58.61 -86.82 -12.48
CA VAL K 219 -59.71 -87.63 -13.05
C VAL K 219 -60.93 -86.80 -13.46
N GLU K 220 -61.40 -87.01 -14.70
CA GLU K 220 -62.63 -86.40 -15.22
C GLU K 220 -63.84 -86.65 -14.32
N LYS K 221 -64.59 -85.57 -14.03
CA LYS K 221 -65.70 -85.58 -13.08
C LYS K 221 -66.74 -86.67 -13.33
N GLU K 222 -66.92 -87.08 -14.59
CA GLU K 222 -67.87 -88.15 -14.91
C GLU K 222 -67.53 -89.46 -14.21
N GLU K 223 -66.27 -89.73 -13.90
CA GLU K 223 -65.87 -91.04 -13.41
C GLU K 223 -65.86 -91.20 -11.88
N ILE K 224 -66.38 -90.25 -11.09
CA ILE K 224 -66.35 -90.37 -9.62
C ILE K 224 -67.59 -91.10 -9.13
N LYS K 225 -67.50 -92.42 -8.96
CA LYS K 225 -68.65 -93.25 -8.57
C LYS K 225 -69.02 -93.16 -7.08
N GLU K 226 -68.05 -93.07 -6.18
CA GLU K 226 -68.32 -93.05 -4.74
C GLU K 226 -67.43 -92.01 -4.08
N LEU K 227 -67.79 -91.57 -2.87
CA LEU K 227 -66.95 -90.58 -2.16
C LEU K 227 -65.56 -91.13 -1.87
N ASN K 228 -65.47 -92.38 -1.47
CA ASN K 228 -64.17 -92.98 -1.18
C ASN K 228 -63.64 -93.71 -2.42
N THR K 229 -63.16 -92.92 -3.38
CA THR K 229 -62.54 -93.49 -4.57
C THR K 229 -61.22 -94.16 -4.21
N PRO K 230 -60.88 -95.26 -4.90
CA PRO K 230 -59.60 -95.93 -4.64
C PRO K 230 -58.39 -95.09 -4.98
N ILE K 231 -58.51 -94.23 -6.01
CA ILE K 231 -57.39 -93.40 -6.43
C ILE K 231 -57.87 -91.96 -6.38
N SER K 232 -56.98 -91.07 -5.94
CA SER K 232 -57.27 -89.65 -5.78
C SER K 232 -57.63 -88.99 -7.10
N THR K 233 -58.58 -88.09 -7.04
CA THR K 233 -59.01 -87.37 -8.21
C THR K 233 -58.19 -86.07 -8.42
N GLY K 234 -57.36 -85.73 -7.46
CA GLY K 234 -56.52 -84.57 -7.61
C GLY K 234 -56.13 -83.96 -6.29
N THR K 235 -55.61 -82.73 -6.36
CA THR K 235 -55.13 -81.99 -5.17
C THR K 235 -55.35 -80.49 -5.35
N PHE K 236 -55.48 -79.78 -4.22
CA PHE K 236 -55.63 -78.32 -4.16
C PHE K 236 -54.65 -77.79 -3.12
N VAL K 237 -53.80 -76.82 -3.48
CA VAL K 237 -52.88 -76.24 -2.51
C VAL K 237 -52.90 -74.73 -2.57
N MET K 238 -52.50 -74.07 -1.47
CA MET K 238 -52.55 -72.62 -1.40
C MET K 238 -51.32 -72.03 -0.74
N ALA K 239 -50.85 -70.88 -1.22
CA ALA K 239 -49.76 -70.20 -0.52
C ALA K 239 -50.20 -68.80 -0.12
N PRO K 240 -50.51 -68.59 1.16
CA PRO K 240 -50.84 -67.24 1.67
C PRO K 240 -49.70 -66.24 1.59
N MET K 241 -48.47 -66.71 1.54
CA MET K 241 -47.30 -65.88 1.32
C MET K 241 -46.47 -66.63 0.29
N ALA K 242 -46.68 -66.28 -0.99
CA ALA K 242 -46.09 -67.02 -2.11
C ALA K 242 -44.58 -66.98 -2.12
N ASN K 243 -43.98 -65.92 -1.60
CA ASN K 243 -42.54 -65.76 -1.68
C ASN K 243 -41.82 -66.13 -0.40
N SER K 244 -42.44 -66.89 0.47
CA SER K 244 -41.79 -67.47 1.62
C SER K 244 -41.40 -68.92 1.37
N PHE K 245 -40.59 -69.46 2.28
CA PHE K 245 -40.02 -70.79 2.05
C PHE K 245 -41.08 -71.90 2.09
N ASP K 246 -41.96 -71.88 3.09
CA ASP K 246 -43.01 -72.87 3.26
C ASP K 246 -44.38 -72.38 2.80
N GLY K 247 -44.43 -71.20 2.20
CA GLY K 247 -45.68 -70.58 1.83
C GLY K 247 -46.39 -69.85 2.95
N LEU K 248 -45.83 -69.85 4.17
CA LEU K 248 -46.48 -69.26 5.33
C LEU K 248 -45.61 -68.27 6.08
N GLY K 249 -44.43 -67.94 5.57
CA GLY K 249 -43.59 -66.97 6.26
C GLY K 249 -42.21 -67.47 6.69
N GLU K 250 -41.84 -68.73 6.48
CA GLU K 250 -40.53 -69.16 6.95
C GLU K 250 -39.44 -68.59 6.04
N ASP K 251 -38.36 -68.13 6.65
CA ASP K 251 -37.25 -67.55 5.91
C ASP K 251 -36.57 -68.58 5.02
N PHE K 252 -36.11 -68.13 3.87
CA PHE K 252 -35.31 -69.01 3.05
C PHE K 252 -33.98 -69.27 3.73
N PRO K 253 -33.47 -70.50 3.69
CA PRO K 253 -32.14 -70.77 4.21
C PRO K 253 -31.13 -69.99 3.39
N LYS K 254 -30.09 -69.49 4.08
CA LYS K 254 -29.02 -68.62 3.57
C LYS K 254 -28.60 -68.85 2.12
N GLY K 255 -28.42 -70.13 1.78
CA GLY K 255 -27.87 -70.50 0.48
C GLY K 255 -28.68 -70.10 -0.74
N SER K 256 -30.02 -70.03 -0.64
CA SER K 256 -30.77 -69.73 -1.85
C SER K 256 -32.19 -69.22 -1.59
N GLU K 257 -32.61 -68.25 -2.40
CA GLU K 257 -34.00 -67.80 -2.36
C GLU K 257 -34.64 -67.99 -3.72
N LYS K 258 -35.57 -68.93 -3.80
CA LYS K 258 -36.20 -69.30 -5.05
C LYS K 258 -37.63 -69.70 -4.76
N TRP K 259 -38.58 -69.27 -5.58
CA TRP K 259 -39.93 -69.74 -5.33
C TRP K 259 -40.73 -69.86 -6.61
N TRP K 260 -41.72 -70.73 -6.56
CA TRP K 260 -42.55 -71.01 -7.72
C TRP K 260 -43.70 -70.02 -7.80
N PRO K 261 -43.84 -69.33 -8.94
CA PRO K 261 -44.90 -68.31 -9.08
C PRO K 261 -46.31 -68.83 -8.94
N PHE K 262 -46.56 -70.11 -9.21
CA PHE K 262 -47.89 -70.66 -9.08
C PHE K 262 -47.91 -71.85 -8.14
N GLY K 263 -47.08 -71.85 -7.10
CA GLY K 263 -47.07 -72.92 -6.13
C GLY K 263 -46.48 -74.23 -6.67
N TYR K 264 -46.78 -75.32 -5.97
CA TYR K 264 -46.31 -76.65 -6.33
C TYR K 264 -47.18 -77.68 -5.62
N THR K 265 -47.27 -78.88 -6.21
CA THR K 265 -48.06 -79.96 -5.62
C THR K 265 -47.25 -81.17 -5.22
N LYS K 266 -45.95 -81.22 -5.52
CA LYS K 266 -45.20 -82.39 -5.10
C LYS K 266 -44.00 -81.90 -4.25
N ILE K 267 -43.73 -82.70 -3.20
CA ILE K 267 -42.68 -82.45 -2.21
C ILE K 267 -41.26 -82.70 -2.72
N CYS K 268 -41.00 -83.82 -3.41
CA CYS K 268 -39.70 -84.09 -3.94
C CYS K 268 -39.68 -83.67 -5.39
N ASN K 269 -38.86 -82.67 -5.65
CA ASN K 269 -38.70 -82.02 -6.92
C ASN K 269 -37.51 -82.55 -7.67
N ALA K 270 -37.01 -81.74 -8.61
CA ALA K 270 -35.91 -82.17 -9.45
C ALA K 270 -34.70 -82.58 -8.63
N SER K 271 -34.27 -81.69 -7.72
CA SER K 271 -33.12 -81.94 -6.86
C SER K 271 -33.32 -81.72 -5.35
N THR K 272 -34.44 -81.20 -4.89
CA THR K 272 -34.57 -81.00 -3.45
C THR K 272 -35.94 -81.44 -2.95
N VAL K 273 -36.18 -81.14 -1.67
CA VAL K 273 -37.40 -81.54 -0.96
C VAL K 273 -37.97 -80.32 -0.25
N LEU K 274 -39.21 -79.98 -0.56
CA LEU K 274 -39.84 -78.81 0.04
C LEU K 274 -40.93 -79.22 1.02
N PRO K 275 -41.19 -78.38 2.04
CA PRO K 275 -42.38 -78.56 2.88
C PRO K 275 -43.65 -78.47 2.06
N ALA K 276 -44.67 -79.23 2.48
CA ALA K 276 -45.93 -79.22 1.75
C ALA K 276 -46.67 -77.90 1.97
N LEU K 277 -47.38 -77.45 0.95
CA LEU K 277 -48.16 -76.25 1.11
C LEU K 277 -49.45 -76.62 1.86
N PRO K 278 -50.04 -75.67 2.59
CA PRO K 278 -51.31 -75.96 3.28
C PRO K 278 -52.43 -76.12 2.27
N LYS K 279 -53.40 -76.99 2.56
CA LYS K 279 -54.50 -77.19 1.63
C LYS K 279 -55.54 -76.04 1.64
N ALA K 280 -56.17 -75.84 0.47
CA ALA K 280 -57.13 -74.75 0.31
C ALA K 280 -58.41 -74.81 1.18
N ARG K 281 -58.84 -73.64 1.64
CA ARG K 281 -60.00 -73.49 2.50
C ARG K 281 -61.25 -73.33 1.66
N LEU K 282 -62.23 -74.22 1.80
CA LEU K 282 -63.42 -74.11 0.95
C LEU K 282 -64.72 -74.34 1.72
N GLY K 283 -65.80 -73.72 1.26
CA GLY K 283 -67.06 -73.87 1.96
C GLY K 283 -68.10 -72.79 1.66
N CYS K 284 -68.96 -72.57 2.63
CA CYS K 284 -70.00 -71.55 2.61
C CYS K 284 -70.67 -71.41 3.97
N SER K 285 -71.53 -70.40 4.11
CA SER K 285 -72.25 -70.28 5.37
C SER K 285 -73.68 -69.80 5.12
N ILE K 286 -74.55 -70.09 6.10
CA ILE K 286 -75.98 -69.78 6.08
C ILE K 286 -76.31 -68.95 7.31
N SER K 287 -77.14 -67.91 7.13
CA SER K 287 -77.52 -67.14 8.29
C SER K 287 -79.01 -66.81 8.29
N SER K 288 -79.67 -67.13 9.40
CA SER K 288 -81.11 -66.90 9.56
C SER K 288 -81.52 -66.90 11.04
N LYS K 289 -82.66 -66.25 11.29
CA LYS K 289 -83.23 -66.05 12.62
C LYS K 289 -83.66 -67.32 13.35
N LEU K 290 -83.86 -68.45 12.65
CA LEU K 290 -84.26 -69.67 13.36
C LEU K 290 -83.15 -70.26 14.20
N LEU K 291 -81.92 -69.79 14.05
CA LEU K 291 -80.81 -70.30 14.81
C LEU K 291 -80.65 -69.63 16.17
N LYS K 292 -81.50 -68.65 16.52
CA LYS K 292 -81.37 -68.00 17.82
C LYS K 292 -81.89 -68.93 18.92
N LEU K 293 -81.03 -69.80 19.42
CA LEU K 293 -81.41 -70.86 20.36
C LEU K 293 -80.62 -70.76 21.65
N SER K 294 -81.30 -70.54 22.76
CA SER K 294 -80.62 -70.30 24.03
C SER K 294 -80.60 -71.43 25.06
N GLU K 295 -81.54 -72.38 25.06
CA GLU K 295 -81.46 -73.38 26.11
C GLU K 295 -82.24 -74.62 25.70
N GLY K 296 -82.05 -75.67 26.48
CA GLY K 296 -82.74 -76.89 26.28
C GLY K 296 -82.09 -77.86 25.31
N THR K 297 -82.83 -78.86 24.83
CA THR K 297 -82.33 -79.74 23.76
C THR K 297 -82.61 -79.19 22.40
N ARG K 298 -81.60 -79.05 21.59
CA ARG K 298 -81.79 -78.38 20.34
C ARG K 298 -81.52 -79.32 19.18
N ASP K 299 -82.46 -79.42 18.24
CA ASP K 299 -82.30 -80.27 17.06
C ASP K 299 -82.48 -79.45 15.78
N ILE K 300 -81.46 -79.39 14.93
CA ILE K 300 -81.45 -78.55 13.72
C ILE K 300 -81.39 -79.43 12.46
N ILE K 301 -82.34 -79.27 11.54
CA ILE K 301 -82.40 -80.06 10.31
C ILE K 301 -82.31 -79.15 9.08
N LEU K 302 -81.41 -79.47 8.16
CA LEU K 302 -81.23 -78.72 6.91
C LEU K 302 -81.46 -79.60 5.67
N GLU K 303 -82.29 -79.14 4.72
CA GLU K 303 -82.42 -79.80 3.42
C GLU K 303 -82.02 -78.98 2.23
N PHE K 304 -81.22 -79.63 1.40
CA PHE K 304 -80.69 -79.09 0.18
C PHE K 304 -81.33 -79.90 -0.92
N THR K 305 -81.81 -79.23 -1.94
CA THR K 305 -82.36 -79.93 -3.08
C THR K 305 -81.66 -79.36 -4.29
N PHE K 306 -81.24 -80.24 -5.19
CA PHE K 306 -80.49 -79.82 -6.35
C PHE K 306 -81.28 -80.06 -7.62
N ASN K 307 -80.84 -79.39 -8.67
CA ASN K 307 -81.46 -79.53 -9.98
C ASN K 307 -81.38 -80.96 -10.48
N LYS K 308 -80.27 -81.62 -10.19
CA LYS K 308 -79.91 -82.93 -10.70
C LYS K 308 -79.45 -83.88 -9.60
N PRO K 309 -79.42 -85.21 -9.88
CA PRO K 309 -78.98 -86.21 -8.89
C PRO K 309 -77.51 -86.12 -8.49
N ILE K 310 -77.23 -86.32 -7.19
CA ILE K 310 -75.89 -86.13 -6.62
C ILE K 310 -74.94 -87.30 -6.93
N LEU K 311 -75.36 -88.55 -6.72
CA LEU K 311 -74.40 -89.65 -6.81
C LEU K 311 -75.01 -90.92 -7.34
N PRO K 312 -74.29 -91.74 -8.08
CA PRO K 312 -74.84 -93.08 -8.41
C PRO K 312 -75.06 -93.95 -7.20
N ASN K 313 -74.11 -93.96 -6.27
CA ASN K 313 -74.20 -94.60 -4.96
C ASN K 313 -74.40 -93.64 -3.80
N GLY K 314 -75.48 -93.87 -3.06
CA GLY K 314 -75.90 -92.99 -1.98
C GLY K 314 -75.09 -93.13 -0.75
N GLU K 315 -75.12 -92.11 0.09
CA GLU K 315 -74.05 -92.02 1.06
C GLU K 315 -74.56 -92.10 2.49
N ASP K 316 -73.61 -92.39 3.38
CA ASP K 316 -73.79 -92.74 4.78
C ASP K 316 -73.10 -91.70 5.68
N TYR K 317 -73.57 -91.55 6.93
CA TYR K 317 -73.07 -90.47 7.79
C TYR K 317 -71.61 -90.64 8.22
N THR K 318 -71.09 -91.87 8.46
CA THR K 318 -69.69 -91.95 8.89
C THR K 318 -68.75 -91.46 7.79
N ALA K 319 -69.12 -91.68 6.52
CA ALA K 319 -68.40 -91.07 5.41
C ALA K 319 -68.54 -89.56 5.45
N LEU K 320 -69.74 -89.07 5.76
CA LEU K 320 -70.01 -87.65 5.82
C LEU K 320 -69.22 -86.96 6.90
N ASN K 321 -68.96 -87.63 8.01
CA ASN K 321 -68.15 -86.99 9.04
C ASN K 321 -66.71 -86.82 8.57
N LYS K 322 -66.22 -87.75 7.76
CA LYS K 322 -64.89 -87.63 7.19
C LYS K 322 -64.76 -86.44 6.25
N ALA K 323 -65.84 -86.08 5.55
CA ALA K 323 -65.82 -85.04 4.52
C ALA K 323 -65.97 -83.62 5.06
N MET K 324 -66.72 -83.39 6.13
CA MET K 324 -66.90 -82.00 6.55
C MET K 324 -66.88 -81.74 8.06
N SER K 325 -66.54 -80.49 8.36
CA SER K 325 -66.47 -79.94 9.70
C SER K 325 -67.52 -78.84 9.77
N ILE K 326 -68.22 -78.67 10.90
CA ILE K 326 -69.31 -77.68 10.94
C ILE K 326 -69.19 -76.82 12.20
N GLU K 327 -69.49 -75.51 12.09
CA GLU K 327 -69.44 -74.65 13.27
C GLU K 327 -70.55 -73.60 13.38
N LEU K 328 -70.87 -73.24 14.64
CA LEU K 328 -71.88 -72.23 14.98
C LEU K 328 -71.32 -71.09 15.81
N THR K 329 -71.94 -69.91 15.69
CA THR K 329 -71.56 -68.77 16.52
C THR K 329 -72.27 -68.84 17.86
N GLY K 330 -71.49 -68.96 18.92
CA GLY K 330 -72.05 -69.04 20.24
C GLY K 330 -71.51 -68.02 21.21
N GLU K 331 -71.86 -68.19 22.47
CA GLU K 331 -71.67 -67.20 23.52
C GLU K 331 -70.18 -66.89 23.74
N LYS K 332 -69.31 -67.90 23.62
CA LYS K 332 -67.89 -67.71 23.92
C LYS K 332 -67.00 -67.81 22.68
N GLY K 333 -67.53 -67.47 21.53
CA GLY K 333 -66.80 -67.65 20.31
C GLY K 333 -67.35 -68.86 19.61
N TRP K 334 -66.56 -69.41 18.73
CA TRP K 334 -67.04 -70.55 17.96
C TRP K 334 -67.18 -71.77 18.86
N ILE K 335 -68.25 -72.52 18.63
CA ILE K 335 -68.49 -73.78 19.30
C ILE K 335 -68.07 -74.85 18.31
N ALA K 336 -67.14 -75.71 18.70
CA ALA K 336 -66.61 -76.71 17.78
C ALA K 336 -66.12 -77.93 18.55
N GLY K 337 -65.81 -78.99 17.82
CA GLY K 337 -65.27 -80.20 18.41
C GLY K 337 -66.26 -81.35 18.47
N LEU K 338 -66.27 -82.06 19.60
CA LEU K 338 -67.19 -83.19 19.85
C LEU K 338 -68.68 -82.89 19.70
N PRO K 339 -69.21 -81.72 20.16
CA PRO K 339 -70.64 -81.40 20.00
C PRO K 339 -71.17 -81.35 18.59
N MET K 340 -70.36 -80.95 17.61
CA MET K 340 -70.85 -80.69 16.26
C MET K 340 -70.87 -81.91 15.35
N THR K 341 -70.67 -83.13 15.87
CA THR K 341 -70.57 -84.29 15.01
C THR K 341 -71.98 -84.62 14.51
N LEU K 342 -72.08 -85.10 13.28
CA LEU K 342 -73.39 -85.43 12.74
C LEU K 342 -73.95 -86.68 13.42
N LYS K 343 -75.27 -86.70 13.58
CA LYS K 343 -75.98 -87.82 14.19
C LYS K 343 -76.30 -88.83 13.10
N SER K 344 -76.80 -90.00 13.52
CA SER K 344 -77.02 -91.11 12.60
C SER K 344 -78.07 -90.83 11.53
N ASP K 345 -79.07 -89.98 11.78
CA ASP K 345 -80.11 -89.82 10.75
C ASP K 345 -79.65 -89.09 9.48
N SER K 346 -78.60 -88.28 9.52
CA SER K 346 -78.08 -87.61 8.33
C SER K 346 -77.45 -88.57 7.31
N GLY K 347 -77.60 -88.26 6.02
CA GLY K 347 -76.99 -89.09 5.00
C GLY K 347 -77.45 -88.68 3.61
N ILE K 348 -77.06 -89.48 2.60
CA ILE K 348 -77.42 -89.22 1.21
C ILE K 348 -77.98 -90.49 0.56
N ASN K 349 -79.04 -90.34 -0.21
CA ASN K 349 -79.61 -91.44 -0.96
C ASN K 349 -79.19 -91.30 -2.43
N SER K 350 -79.05 -92.47 -3.09
CA SER K 350 -78.34 -92.60 -4.38
C SER K 350 -79.06 -91.93 -5.57
N GLY K 351 -80.35 -92.10 -5.75
CA GLY K 351 -80.93 -91.38 -6.87
C GLY K 351 -81.43 -90.02 -6.50
N SER K 352 -81.23 -89.66 -5.22
CA SER K 352 -81.81 -88.48 -4.62
C SER K 352 -81.08 -87.20 -4.96
N LYS K 353 -81.87 -86.15 -5.04
CA LYS K 353 -81.47 -84.77 -5.18
C LYS K 353 -81.40 -84.07 -3.84
N LYS K 354 -81.45 -84.83 -2.74
CA LYS K 354 -81.53 -84.24 -1.41
C LYS K 354 -80.44 -84.77 -0.47
N MET K 355 -79.76 -83.87 0.23
CA MET K 355 -78.77 -84.19 1.25
C MET K 355 -79.28 -83.65 2.59
N LYS K 356 -79.19 -84.43 3.67
CA LYS K 356 -79.73 -83.96 4.94
C LYS K 356 -78.72 -84.05 6.09
N LEU K 357 -78.57 -82.98 6.88
CA LEU K 357 -77.62 -82.91 8.00
C LEU K 357 -78.30 -82.68 9.36
N SER K 358 -77.94 -83.48 10.40
CA SER K 358 -78.62 -83.31 11.68
C SER K 358 -77.60 -83.21 12.84
N LEU K 359 -77.85 -82.30 13.79
CA LEU K 359 -76.94 -82.19 14.95
C LEU K 359 -77.68 -81.73 16.21
N THR K 360 -77.09 -81.97 17.39
CA THR K 360 -77.80 -81.68 18.63
C THR K 360 -76.84 -80.98 19.61
N LEU K 361 -77.40 -80.14 20.47
CA LEU K 361 -76.67 -79.42 21.52
C LEU K 361 -77.29 -79.73 22.88
N ASP K 362 -76.47 -80.14 23.84
CA ASP K 362 -76.88 -80.39 25.23
C ASP K 362 -77.14 -79.15 26.06
N SER K 363 -77.73 -79.41 27.25
CA SER K 363 -78.12 -78.32 28.12
C SER K 363 -76.87 -77.68 28.73
N GLU K 364 -75.81 -78.48 28.91
CA GLU K 364 -74.53 -78.02 29.49
C GLU K 364 -73.81 -77.02 28.60
N GLN K 365 -73.97 -77.13 27.28
CA GLN K 365 -73.31 -76.28 26.31
C GLN K 365 -73.87 -74.84 26.28
N PRO K 366 -73.07 -73.87 25.79
CA PRO K 366 -73.44 -72.44 25.76
C PRO K 366 -74.51 -72.09 24.73
N ALA K 367 -75.01 -70.84 24.82
CA ALA K 367 -76.08 -70.36 23.94
C ALA K 367 -75.60 -69.95 22.54
N VAL K 368 -76.44 -70.20 21.52
CA VAL K 368 -76.15 -69.75 20.15
C VAL K 368 -76.54 -68.31 20.03
N VAL K 369 -75.73 -67.49 19.36
CA VAL K 369 -75.93 -66.04 19.45
C VAL K 369 -75.67 -65.40 18.10
N PRO K 370 -76.18 -64.16 17.89
CA PRO K 370 -75.85 -63.39 16.68
C PRO K 370 -74.36 -63.12 16.56
N TYR K 371 -73.91 -63.00 15.32
CA TYR K 371 -72.51 -62.80 15.01
C TYR K 371 -71.98 -61.47 15.53
N GLN K 372 -70.79 -61.49 16.10
CA GLN K 372 -70.10 -60.31 16.62
C GLN K 372 -68.67 -60.34 16.14
N THR K 373 -68.24 -59.31 15.41
CA THR K 373 -66.85 -59.21 14.96
C THR K 373 -65.83 -59.22 16.08
N GLU K 374 -66.22 -58.71 17.24
CA GLU K 374 -65.45 -58.66 18.45
C GLU K 374 -65.31 -59.98 19.20
N LEU K 375 -66.06 -60.99 18.81
CA LEU K 375 -66.11 -62.26 19.51
C LEU K 375 -65.82 -63.44 18.59
N HIS K 376 -66.30 -63.41 17.36
CA HIS K 376 -66.15 -64.50 16.41
C HIS K 376 -65.05 -64.23 15.40
N GLU K 377 -64.33 -63.13 15.59
CA GLU K 377 -63.10 -62.75 14.88
C GLU K 377 -63.23 -62.72 13.36
N GLY K 378 -64.17 -61.94 12.85
CA GLY K 378 -64.24 -61.82 11.40
C GLY K 378 -64.64 -60.43 10.91
N SER K 379 -65.25 -60.40 9.73
CA SER K 379 -65.65 -59.17 9.05
C SER K 379 -66.92 -59.27 8.23
N TYR K 380 -67.87 -60.10 8.64
CA TYR K 380 -69.10 -60.27 7.87
C TYR K 380 -70.15 -59.23 8.23
N GLU K 381 -70.89 -58.77 7.23
CA GLU K 381 -71.99 -57.85 7.50
C GLU K 381 -73.29 -58.62 7.75
N VAL K 382 -73.31 -59.32 8.88
CA VAL K 382 -74.41 -60.21 9.27
C VAL K 382 -74.87 -59.87 10.68
N ASP K 383 -76.18 -59.67 10.85
CA ASP K 383 -76.78 -59.34 12.14
C ASP K 383 -77.52 -60.52 12.77
N GLU K 384 -77.32 -61.72 12.25
CA GLU K 384 -77.96 -62.97 12.66
C GLU K 384 -76.88 -63.94 13.13
N PRO K 385 -77.24 -65.11 13.67
CA PRO K 385 -76.24 -66.16 13.91
C PRO K 385 -75.73 -66.74 12.61
N LEU K 386 -74.53 -67.34 12.65
CA LEU K 386 -73.95 -67.99 11.48
C LEU K 386 -73.82 -69.49 11.68
N LEU K 387 -74.06 -70.23 10.60
CA LEU K 387 -73.73 -71.64 10.51
C LEU K 387 -72.72 -71.78 9.38
N ARG K 388 -71.52 -72.25 9.70
CA ARG K 388 -70.42 -72.32 8.75
C ARG K 388 -70.08 -73.77 8.43
N VAL K 389 -69.97 -74.08 7.15
CA VAL K 389 -69.59 -75.40 6.68
C VAL K 389 -68.41 -75.39 5.72
N LEU K 390 -67.36 -76.10 6.09
CA LEU K 390 -66.17 -76.18 5.25
C LEU K 390 -65.95 -77.61 4.78
N PHE K 391 -65.34 -77.74 3.61
CA PHE K 391 -65.04 -79.05 3.07
C PHE K 391 -63.66 -79.50 3.48
N LYS K 392 -63.56 -80.78 3.85
CA LYS K 392 -62.28 -81.34 4.25
C LYS K 392 -61.51 -81.73 3.00
N THR K 393 -61.04 -80.72 2.27
CA THR K 393 -60.24 -80.86 1.04
C THR K 393 -58.98 -81.70 1.16
N ASN K 394 -58.58 -82.04 2.38
CA ASN K 394 -57.45 -82.91 2.64
C ASN K 394 -57.79 -84.33 2.22
N GLU K 395 -59.08 -84.66 2.25
CA GLU K 395 -59.56 -86.00 2.04
C GLU K 395 -60.14 -86.15 0.66
N LYS K 396 -59.96 -87.38 0.15
CA LYS K 396 -60.73 -87.87 -0.98
C LYS K 396 -62.21 -87.62 -0.78
N GLU K 397 -62.72 -87.81 0.45
CA GLU K 397 -64.09 -87.40 0.75
C GLU K 397 -64.28 -85.92 0.61
N GLY K 398 -63.43 -85.13 1.27
CA GLY K 398 -63.66 -83.72 1.20
C GLY K 398 -63.36 -83.16 -0.15
N TYR K 399 -62.37 -83.72 -0.86
CA TYR K 399 -62.12 -83.26 -2.22
C TYR K 399 -63.20 -83.72 -3.21
N ASN K 400 -63.68 -84.97 -3.11
CA ASN K 400 -64.70 -85.42 -4.06
C ASN K 400 -66.04 -84.75 -3.83
N LEU K 401 -66.45 -84.55 -2.56
CA LEU K 401 -67.70 -83.83 -2.28
C LEU K 401 -67.68 -82.41 -2.78
N TYR K 402 -66.53 -81.74 -2.66
CA TYR K 402 -66.44 -80.38 -3.17
C TYR K 402 -66.64 -80.37 -4.68
N ARG K 403 -66.09 -81.36 -5.37
CA ARG K 403 -66.18 -81.48 -6.82
C ARG K 403 -67.60 -81.73 -7.29
N LEU K 404 -68.43 -82.36 -6.47
CA LEU K 404 -69.79 -82.70 -6.85
C LEU K 404 -70.76 -81.51 -6.84
N PHE K 405 -70.41 -80.35 -6.26
CA PHE K 405 -71.35 -79.22 -6.17
C PHE K 405 -71.02 -77.97 -6.98
N ASN K 406 -70.10 -78.03 -7.97
CA ASN K 406 -69.70 -76.82 -8.71
C ASN K 406 -70.67 -76.40 -9.79
N GLU K 407 -71.34 -77.37 -10.42
CA GLU K 407 -72.26 -77.09 -11.52
C GLU K 407 -73.69 -77.49 -11.21
N ASN K 408 -73.88 -78.32 -10.21
CA ASN K 408 -75.19 -78.71 -9.71
C ASN K 408 -75.80 -77.52 -9.01
N VAL K 409 -77.05 -77.20 -9.30
CA VAL K 409 -77.65 -75.98 -8.76
C VAL K 409 -78.56 -76.28 -7.58
N LEU K 410 -78.33 -75.58 -6.47
CA LEU K 410 -79.19 -75.64 -5.29
C LEU K 410 -80.50 -74.92 -5.54
N THR K 411 -81.62 -75.55 -5.18
CA THR K 411 -82.91 -74.91 -5.40
C THR K 411 -83.68 -74.64 -4.11
N ASP K 412 -83.52 -75.47 -3.08
CA ASP K 412 -84.37 -75.35 -1.90
C ASP K 412 -83.61 -75.64 -0.61
N LEU K 413 -83.91 -74.85 0.44
CA LEU K 413 -83.36 -75.04 1.78
C LEU K 413 -84.45 -75.10 2.83
N LYS K 414 -84.49 -76.17 3.63
CA LYS K 414 -85.46 -76.30 4.72
C LYS K 414 -84.75 -76.40 6.05
N ILE K 415 -85.22 -75.65 7.06
CA ILE K 415 -84.59 -75.59 8.38
C ILE K 415 -85.60 -75.92 9.46
N THR K 416 -85.33 -76.96 10.26
CA THR K 416 -86.22 -77.35 11.36
C THR K 416 -85.49 -77.33 12.68
N VAL K 417 -86.06 -76.65 13.67
CA VAL K 417 -85.43 -76.55 14.98
C VAL K 417 -86.37 -77.03 16.09
N GLU K 418 -85.89 -77.99 16.89
CA GLU K 418 -86.66 -78.56 17.99
C GLU K 418 -85.96 -78.35 19.33
N VAL K 419 -86.69 -77.79 20.30
CA VAL K 419 -86.13 -77.42 21.60
C VAL K 419 -86.93 -78.02 22.75
N SER K 420 -86.24 -78.64 23.73
CA SER K 420 -86.98 -79.17 24.88
C SER K 420 -86.27 -78.86 26.19
N ASP K 421 -86.99 -79.00 27.31
CA ASP K 421 -86.52 -78.83 28.70
C ASP K 421 -86.28 -77.37 29.09
N ILE K 422 -87.06 -76.45 28.54
CA ILE K 422 -86.87 -75.03 28.81
C ILE K 422 -87.54 -74.63 30.12
N THR K 423 -86.75 -74.10 31.05
CA THR K 423 -87.36 -73.57 32.25
C THR K 423 -87.24 -72.06 32.34
N SER K 424 -86.89 -71.35 31.28
CA SER K 424 -86.68 -69.92 31.47
C SER K 424 -87.86 -69.16 30.83
N VAL K 425 -89.03 -69.26 31.41
CA VAL K 425 -90.24 -68.67 30.85
C VAL K 425 -90.77 -67.58 31.76
N GLN K 426 -91.64 -66.74 31.23
CA GLN K 426 -92.22 -65.64 31.98
C GLN K 426 -93.68 -65.96 32.32
N LEU K 427 -94.05 -65.79 33.58
CA LEU K 427 -95.37 -66.18 34.05
C LEU K 427 -96.13 -65.02 34.64
N GLU K 428 -97.43 -64.93 34.31
CA GLU K 428 -98.24 -63.85 34.84
C GLU K 428 -99.63 -64.27 35.28
N ASN K 429 -100.10 -63.51 36.26
CA ASN K 429 -101.40 -63.53 36.91
C ASN K 429 -102.17 -62.28 36.57
N ASP K 430 -103.43 -62.27 37.01
CA ASP K 430 -104.18 -61.02 37.02
C ASP K 430 -103.64 -60.04 38.04
N LEU K 431 -102.85 -60.51 39.00
CA LEU K 431 -102.25 -59.66 40.00
C LEU K 431 -100.82 -59.28 39.68
N GLY K 432 -100.18 -59.87 38.68
CA GLY K 432 -98.82 -59.47 38.40
C GLY K 432 -97.92 -60.62 38.01
N VAL K 433 -96.64 -60.28 38.05
CA VAL K 433 -95.56 -61.20 37.75
C VAL K 433 -95.50 -62.26 38.82
N LEU K 434 -95.24 -63.47 38.40
CA LEU K 434 -95.06 -64.59 39.28
C LEU K 434 -93.57 -64.91 39.32
N ASN K 435 -93.12 -65.50 40.42
CA ASN K 435 -91.73 -65.90 40.51
C ASN K 435 -91.69 -67.39 40.21
N PRO K 436 -91.11 -67.80 39.08
CA PRO K 436 -91.13 -69.21 38.68
C PRO K 436 -90.31 -70.15 39.54
N GLN K 437 -89.34 -69.64 40.29
CA GLN K 437 -88.49 -70.51 41.08
C GLN K 437 -89.21 -71.18 42.25
N LYS K 438 -90.16 -70.49 42.82
CA LYS K 438 -90.85 -70.88 44.03
C LYS K 438 -92.27 -71.31 43.70
N PRO K 439 -92.97 -71.95 44.65
CA PRO K 439 -94.38 -72.27 44.45
C PRO K 439 -95.23 -71.01 44.29
N PHE K 440 -96.11 -71.03 43.30
CA PHE K 440 -96.88 -69.85 42.94
C PHE K 440 -98.34 -70.21 42.76
N PHE K 441 -99.21 -69.21 42.82
CA PHE K 441 -100.63 -69.43 42.59
C PHE K 441 -100.98 -69.04 41.18
N PRO K 442 -101.12 -69.97 40.25
CA PRO K 442 -101.81 -69.64 39.01
C PRO K 442 -103.25 -69.34 39.38
N PHE K 443 -103.83 -68.37 38.69
CA PHE K 443 -105.19 -67.88 38.95
C PHE K 443 -105.37 -67.19 40.29
N GLY K 444 -104.31 -66.84 41.01
CA GLY K 444 -104.46 -66.10 42.25
C GLY K 444 -104.62 -66.93 43.51
N PRO K 445 -104.37 -66.29 44.66
CA PRO K 445 -104.51 -66.95 45.98
C PRO K 445 -105.94 -67.21 46.39
N ARG K 446 -106.88 -66.61 45.67
CA ARG K 446 -108.31 -66.75 45.94
C ARG K 446 -109.02 -66.80 44.56
N PRO K 447 -108.95 -67.98 43.78
CA PRO K 447 -109.43 -68.00 42.37
C PRO K 447 -110.90 -67.71 42.23
N ILE K 448 -111.23 -66.95 41.18
CA ILE K 448 -112.59 -66.51 40.90
C ILE K 448 -112.90 -66.83 39.44
N LYS K 449 -114.20 -66.83 39.13
CA LYS K 449 -114.66 -66.99 37.75
C LYS K 449 -114.04 -65.92 36.87
N GLY K 450 -113.41 -66.35 35.78
CA GLY K 450 -112.78 -65.43 34.88
C GLY K 450 -111.32 -65.12 35.14
N SER K 451 -110.73 -65.70 36.18
CA SER K 451 -109.31 -65.48 36.51
C SER K 451 -108.43 -66.15 35.44
N SER K 452 -107.19 -65.68 35.26
CA SER K 452 -106.41 -66.28 34.18
C SER K 452 -104.97 -66.57 34.58
N PHE K 453 -104.29 -67.25 33.66
CA PHE K 453 -102.87 -67.60 33.78
C PHE K 453 -102.20 -67.53 32.41
N ILE K 454 -101.08 -66.81 32.33
CA ILE K 454 -100.43 -66.51 31.04
C ILE K 454 -98.98 -66.95 31.03
N VAL K 455 -98.58 -67.66 29.96
CA VAL K 455 -97.22 -68.12 29.73
C VAL K 455 -96.63 -67.40 28.51
N LYS K 456 -95.43 -66.80 28.67
CA LYS K 456 -94.76 -66.07 27.60
C LYS K 456 -93.31 -66.52 27.38
N TYR K 457 -92.90 -66.58 26.12
CA TYR K 457 -91.53 -66.94 25.77
C TYR K 457 -91.14 -66.32 24.43
N PRO K 458 -90.56 -65.10 24.46
CA PRO K 458 -90.26 -64.31 23.24
C PRO K 458 -89.43 -65.00 22.17
N GLU K 459 -88.50 -65.85 22.58
CA GLU K 459 -87.64 -66.56 21.63
C GLU K 459 -88.43 -67.42 20.68
N ALA K 460 -89.52 -68.02 21.16
CA ALA K 460 -90.34 -68.80 20.26
C ALA K 460 -91.33 -67.92 19.52
N MET K 461 -91.87 -66.92 20.20
CA MET K 461 -92.95 -66.13 19.60
C MET K 461 -92.48 -65.29 18.41
N GLU K 462 -91.18 -64.98 18.33
CA GLU K 462 -90.63 -64.25 17.19
C GLU K 462 -90.31 -65.13 15.98
N LYS K 463 -90.52 -66.44 16.05
CA LYS K 463 -90.22 -67.39 15.00
C LYS K 463 -91.50 -67.92 14.35
N PRO K 464 -91.41 -68.47 13.11
CA PRO K 464 -92.58 -69.09 12.47
C PRO K 464 -92.94 -70.44 13.08
N VAL K 465 -93.50 -70.36 14.29
CA VAL K 465 -93.79 -71.52 15.13
C VAL K 465 -94.99 -72.29 14.62
N THR K 466 -94.87 -73.62 14.69
CA THR K 466 -95.85 -74.63 14.35
C THR K 466 -96.31 -75.54 15.50
N ALA K 467 -95.65 -75.58 16.67
CA ALA K 467 -96.10 -76.43 17.79
C ALA K 467 -95.52 -75.95 19.13
N ILE K 468 -96.27 -76.04 20.25
CA ILE K 468 -95.76 -75.58 21.57
C ILE K 468 -96.56 -76.19 22.75
N SER K 469 -95.88 -76.44 23.91
CA SER K 469 -96.54 -77.12 25.06
C SER K 469 -95.84 -76.99 26.43
N TYR K 470 -96.59 -77.18 27.53
CA TYR K 470 -96.01 -77.15 28.88
C TYR K 470 -96.66 -78.08 29.92
N GLN K 471 -95.94 -78.31 31.03
CA GLN K 471 -96.43 -79.15 32.14
C GLN K 471 -96.21 -78.50 33.51
N MET K 472 -97.06 -78.86 34.49
CA MET K 472 -96.99 -78.33 35.86
C MET K 472 -97.35 -79.39 36.91
N ASP K 473 -96.81 -79.23 38.14
CA ASP K 473 -97.18 -80.06 39.29
C ASP K 473 -97.96 -79.25 40.33
N TYR K 474 -98.88 -79.89 41.06
CA TYR K 474 -99.58 -79.23 42.17
C TYR K 474 -99.04 -79.70 43.51
N LEU K 475 -99.19 -78.87 44.56
CA LEU K 475 -98.48 -79.12 45.82
C LEU K 475 -99.30 -79.81 46.92
N ASN K 476 -100.39 -79.23 47.39
CA ASN K 476 -101.11 -79.85 48.50
C ASN K 476 -102.57 -80.07 48.12
N LEU K 477 -102.72 -80.86 47.09
CA LEU K 477 -104.02 -81.25 46.61
C LEU K 477 -104.68 -82.21 47.60
N PRO K 478 -106.01 -82.16 47.68
CA PRO K 478 -106.78 -83.13 48.46
C PRO K 478 -106.69 -84.50 47.84
N GLU K 479 -106.95 -85.53 48.62
CA GLU K 479 -106.78 -86.91 48.11
C GLU K 479 -107.74 -87.22 47.01
N ASN K 480 -108.96 -86.71 47.09
CA ASN K 480 -109.96 -86.82 46.06
C ASN K 480 -110.69 -85.48 45.96
N LEU K 481 -110.83 -84.92 44.74
CA LEU K 481 -111.38 -83.56 44.61
C LEU K 481 -112.93 -83.46 44.59
N VAL K 482 -113.65 -84.34 43.88
CA VAL K 482 -115.12 -84.25 43.86
C VAL K 482 -115.69 -84.53 45.25
N ASN K 483 -115.13 -85.54 45.92
CA ASN K 483 -115.56 -85.85 47.29
C ASN K 483 -115.25 -84.71 48.24
N HIS K 484 -114.18 -83.96 47.97
CA HIS K 484 -113.77 -82.81 48.78
C HIS K 484 -114.87 -81.78 48.98
N TYR K 485 -115.77 -81.62 48.00
CA TYR K 485 -116.83 -80.63 48.07
C TYR K 485 -118.20 -81.24 48.31
N SER K 486 -118.28 -82.42 48.93
CA SER K 486 -119.56 -83.09 49.15
C SER K 486 -120.49 -82.33 50.08
N ALA K 487 -119.96 -81.42 50.90
CA ALA K 487 -120.74 -80.63 51.83
C ALA K 487 -121.37 -79.39 51.18
N TYR K 488 -121.09 -79.13 49.91
CA TYR K 488 -121.51 -77.92 49.23
C TYR K 488 -122.64 -78.27 48.27
N THR K 489 -123.88 -78.21 48.74
CA THR K 489 -125.02 -78.66 47.96
C THR K 489 -126.09 -77.58 47.88
N ILE K 490 -126.98 -77.71 46.90
CA ILE K 490 -128.09 -76.76 46.72
C ILE K 490 -129.39 -77.53 46.47
N GLY K 491 -130.50 -76.80 46.63
CA GLY K 491 -131.81 -77.39 46.37
C GLY K 491 -132.06 -78.56 47.28
N ASP K 492 -132.46 -79.69 46.70
CA ASP K 492 -132.68 -80.88 47.52
C ASP K 492 -131.41 -81.70 47.64
N ASP K 493 -130.44 -81.07 48.34
CA ASP K 493 -129.13 -81.66 48.63
C ASP K 493 -128.37 -82.14 47.41
N GLU K 494 -128.39 -81.35 46.34
CA GLU K 494 -127.69 -81.80 45.14
C GLU K 494 -126.34 -81.09 45.01
N PRO K 495 -125.25 -81.87 44.85
CA PRO K 495 -123.88 -81.32 44.85
C PRO K 495 -123.62 -80.31 43.76
N LEU K 496 -122.95 -79.22 44.12
CA LEU K 496 -122.52 -78.23 43.12
C LEU K 496 -121.49 -78.84 42.19
N VAL K 497 -120.58 -79.64 42.73
CA VAL K 497 -119.53 -80.30 41.97
C VAL K 497 -119.99 -81.73 41.78
N SER K 498 -120.63 -81.99 40.63
CA SER K 498 -121.09 -83.32 40.26
C SER K 498 -119.96 -84.26 39.84
N ASP K 499 -118.94 -83.74 39.14
CA ASP K 499 -117.88 -84.57 38.58
C ASP K 499 -116.77 -83.59 38.16
N MET K 500 -115.67 -84.15 37.62
CA MET K 500 -114.47 -83.40 37.22
C MET K 500 -114.68 -82.36 36.14
N ASP K 501 -115.74 -82.50 35.31
CA ASP K 501 -116.08 -81.51 34.28
C ASP K 501 -116.34 -80.13 34.85
N TYR K 502 -116.67 -80.06 36.14
CA TYR K 502 -116.85 -78.81 36.86
C TYR K 502 -115.65 -77.89 36.67
N PHE K 503 -114.44 -78.44 36.69
CA PHE K 503 -113.20 -77.66 36.63
C PHE K 503 -112.70 -77.61 35.19
N SER K 504 -113.05 -76.55 34.45
CA SER K 504 -112.72 -76.43 33.02
C SER K 504 -112.16 -75.06 32.68
N VAL K 505 -111.52 -74.95 31.50
CA VAL K 505 -110.89 -73.70 31.07
C VAL K 505 -111.12 -73.41 29.58
N LYS K 506 -110.84 -72.18 29.18
CA LYS K 506 -110.92 -71.84 27.77
C LYS K 506 -109.50 -71.60 27.31
N SER K 507 -108.67 -72.14 26.17
CA SER K 507 -107.38 -71.77 25.61
C SER K 507 -107.54 -70.82 24.45
N PHE K 508 -107.12 -69.62 24.62
CA PHE K 508 -107.31 -68.63 23.56
C PHE K 508 -106.47 -68.82 22.31
N PRO K 509 -105.24 -69.30 22.40
CA PRO K 509 -104.49 -69.69 21.21
C PRO K 509 -104.91 -71.01 20.60
N LYS K 510 -106.19 -71.93 21.24
CA LYS K 510 -106.97 -73.10 20.83
C LYS K 510 -106.26 -74.39 20.94
N SER K 511 -106.20 -74.86 22.17
CA SER K 511 -105.50 -76.10 22.50
C SER K 511 -106.00 -77.40 21.84
N SER K 512 -105.07 -78.32 21.64
CA SER K 512 -105.32 -79.59 20.97
C SER K 512 -105.68 -80.77 21.87
N ASN K 513 -105.91 -80.53 23.15
CA ASN K 513 -106.28 -81.59 24.08
C ASN K 513 -107.64 -82.17 23.72
N ASP K 514 -107.85 -83.45 23.99
CA ASP K 514 -109.13 -84.09 23.62
C ASP K 514 -110.35 -83.46 24.28
N SER K 515 -110.20 -82.99 25.50
CA SER K 515 -111.25 -82.41 26.35
C SER K 515 -110.75 -81.16 27.03
N ASP K 516 -111.64 -80.33 27.60
CA ASP K 516 -111.11 -79.08 28.16
C ASP K 516 -110.87 -79.12 29.68
N GLN K 517 -110.70 -80.32 30.24
CA GLN K 517 -110.46 -80.53 31.67
C GLN K 517 -109.12 -79.96 32.16
N LEU K 518 -109.12 -79.40 33.39
CA LEU K 518 -107.91 -78.78 33.96
C LEU K 518 -106.91 -79.77 34.59
N PHE K 519 -107.36 -80.79 35.34
CA PHE K 519 -106.44 -81.74 35.96
C PHE K 519 -106.44 -83.06 35.19
N SER K 520 -105.27 -83.62 34.97
CA SER K 520 -105.18 -84.93 34.35
C SER K 520 -104.54 -85.87 35.34
N GLU K 521 -104.93 -87.14 35.27
CA GLU K 521 -104.54 -88.13 36.27
C GLU K 521 -103.05 -88.33 36.16
N LYS K 522 -102.35 -88.33 37.27
CA LYS K 522 -100.92 -88.57 37.22
C LYS K 522 -100.74 -90.06 37.33
N SER K 523 -99.86 -90.64 36.50
CA SER K 523 -99.53 -92.05 36.57
C SER K 523 -99.16 -92.56 37.96
N GLY K 524 -98.65 -91.68 38.81
CA GLY K 524 -98.49 -91.86 40.24
C GLY K 524 -99.63 -91.25 41.01
N GLY K 525 -99.34 -90.69 42.17
CA GLY K 525 -100.40 -90.04 42.90
C GLY K 525 -100.53 -88.57 42.52
N GLY K 526 -101.70 -88.00 42.77
CA GLY K 526 -101.90 -86.58 42.55
C GLY K 526 -102.20 -86.22 41.11
N TYR K 527 -102.04 -84.94 40.82
CA TYR K 527 -102.39 -84.41 39.52
C TYR K 527 -101.30 -83.49 39.01
N GLU K 528 -101.32 -83.37 37.70
CA GLU K 528 -100.49 -82.60 36.81
C GLU K 528 -101.40 -81.92 35.81
N SER K 529 -100.86 -81.03 35.01
CA SER K 529 -101.62 -80.47 33.90
C SER K 529 -100.78 -80.60 32.63
N ASP K 530 -101.48 -80.66 31.50
CA ASP K 530 -100.74 -80.74 30.24
C ASP K 530 -101.50 -79.89 29.21
N PHE K 531 -100.75 -79.10 28.43
CA PHE K 531 -101.39 -78.33 27.36
C PHE K 531 -100.53 -78.36 26.10
N GLU K 532 -101.15 -78.56 24.95
CA GLU K 532 -100.53 -78.64 23.62
C GLU K 532 -101.25 -77.77 22.60
N PHE K 533 -100.52 -76.96 21.80
CA PHE K 533 -101.16 -76.09 20.80
C PHE K 533 -100.53 -76.21 19.41
N GLN K 534 -101.31 -75.87 18.37
CA GLN K 534 -100.86 -75.93 16.96
C GLN K 534 -101.23 -74.66 16.19
N ILE K 535 -100.49 -74.44 15.10
CA ILE K 535 -100.68 -73.31 14.19
C ILE K 535 -100.58 -73.86 12.76
N GLU K 536 -101.72 -73.89 12.04
CA GLU K 536 -101.85 -74.66 10.79
C GLU K 536 -100.80 -74.38 9.74
N ASN K 537 -100.52 -73.12 9.47
CA ASN K 537 -99.53 -72.80 8.45
C ASN K 537 -98.35 -72.06 9.01
N GLY K 538 -98.06 -72.24 10.30
CA GLY K 538 -97.02 -71.48 10.94
C GLY K 538 -97.31 -70.01 10.97
N VAL K 539 -98.59 -69.64 10.84
CA VAL K 539 -99.01 -68.26 10.81
C VAL K 539 -99.84 -68.00 12.05
N TRP K 540 -99.38 -67.10 12.89
CA TRP K 540 -100.15 -66.73 14.07
C TRP K 540 -101.42 -66.04 13.64
N GLU K 541 -102.51 -66.35 14.30
CA GLU K 541 -103.75 -65.61 14.13
C GLU K 541 -103.60 -64.13 14.42
N SER K 542 -104.17 -63.30 13.54
CA SER K 542 -104.32 -61.88 13.82
C SER K 542 -105.23 -61.59 15.00
N GLY K 543 -104.79 -60.67 15.86
CA GLY K 543 -105.54 -60.29 17.02
C GLY K 543 -105.12 -60.98 18.31
N LEU K 544 -104.40 -62.09 18.23
CA LEU K 544 -103.86 -62.70 19.44
C LEU K 544 -102.54 -62.03 19.79
N LYS K 545 -102.17 -62.07 21.07
CA LYS K 545 -101.06 -61.25 21.55
C LYS K 545 -99.72 -61.96 21.67
N LYS K 546 -99.54 -63.13 21.06
CA LYS K 546 -98.29 -63.92 21.14
C LYS K 546 -97.94 -64.27 22.59
N GLU K 547 -98.93 -64.86 23.25
CA GLU K 547 -98.87 -65.34 24.61
C GLU K 547 -99.84 -66.50 24.68
N LEU K 548 -99.63 -67.42 25.60
CA LEU K 548 -100.56 -68.54 25.77
C LEU K 548 -101.43 -68.28 27.01
N LYS K 549 -102.74 -68.12 26.82
CA LYS K 549 -103.64 -67.69 27.88
C LYS K 549 -104.76 -68.71 28.14
N ILE K 550 -104.93 -69.15 29.40
CA ILE K 550 -106.06 -69.99 29.79
C ILE K 550 -106.83 -69.31 30.94
N SER K 551 -108.17 -69.36 30.88
CA SER K 551 -109.07 -68.71 31.84
C SER K 551 -110.06 -69.71 32.46
N LEU K 552 -110.47 -69.46 33.72
CA LEU K 552 -111.39 -70.34 34.44
C LEU K 552 -112.86 -70.10 34.12
N GLU K 553 -113.58 -71.17 33.79
CA GLU K 553 -115.02 -71.12 33.56
C GLU K 553 -115.81 -70.98 34.87
N ARG K 554 -115.39 -71.67 35.93
CA ARG K 554 -116.09 -71.70 37.22
C ARG K 554 -115.10 -71.59 38.36
N SER K 555 -115.53 -70.97 39.46
CA SER K 555 -114.68 -70.77 40.62
C SER K 555 -114.56 -72.04 41.46
N PHE K 556 -113.66 -71.97 42.44
CA PHE K 556 -113.43 -73.06 43.37
C PHE K 556 -114.22 -72.90 44.67
N LEU K 557 -115.22 -72.00 44.69
CA LEU K 557 -116.23 -71.81 45.76
C LEU K 557 -115.65 -71.22 47.04
N HIS K 558 -114.63 -70.36 46.96
CA HIS K 558 -114.07 -69.74 48.15
C HIS K 558 -115.10 -68.85 48.82
N GLU K 559 -115.93 -68.20 48.02
CA GLU K 559 -116.99 -67.30 48.43
C GLU K 559 -118.15 -67.98 49.15
N LYS K 560 -118.21 -69.31 49.20
CA LYS K 560 -119.31 -69.99 49.86
C LYS K 560 -118.96 -70.67 51.16
N TYR K 561 -117.67 -70.72 51.54
CA TYR K 561 -117.26 -71.53 52.68
C TYR K 561 -117.94 -71.09 53.97
N ALA K 562 -117.98 -69.78 54.22
CA ALA K 562 -118.56 -69.25 55.44
C ALA K 562 -120.04 -69.56 55.57
N HIS K 563 -120.75 -69.54 54.45
CA HIS K 563 -122.19 -69.79 54.41
C HIS K 563 -122.52 -71.24 54.75
N TYR K 564 -121.79 -72.18 54.18
CA TYR K 564 -122.08 -73.58 54.43
C TYR K 564 -121.65 -73.98 55.81
N PHE K 565 -120.50 -73.47 56.25
CA PHE K 565 -120.00 -73.76 57.59
C PHE K 565 -121.00 -73.37 58.64
N THR K 566 -121.54 -72.16 58.52
CA THR K 566 -122.51 -71.63 59.47
C THR K 566 -123.76 -72.50 59.54
N LEU K 567 -124.30 -72.86 58.37
CA LEU K 567 -125.57 -73.60 58.32
C LEU K 567 -125.47 -74.95 58.99
N VAL K 568 -124.34 -75.66 58.81
CA VAL K 568 -124.19 -76.93 59.48
C VAL K 568 -124.12 -76.73 60.98
N ALA K 569 -123.31 -75.75 61.40
CA ALA K 569 -123.06 -75.50 62.82
C ALA K 569 -124.31 -75.12 63.59
N ILE K 570 -125.27 -74.44 62.96
CA ILE K 570 -126.45 -73.98 63.67
C ILE K 570 -127.67 -74.84 63.40
N SER K 571 -127.50 -76.01 62.79
CA SER K 571 -128.65 -76.86 62.49
C SER K 571 -129.32 -77.34 63.75
N LYS K 572 -130.65 -77.32 63.75
CA LYS K 572 -131.44 -77.83 64.85
C LYS K 572 -131.98 -79.21 64.55
N ASP K 573 -131.70 -79.74 63.37
CA ASP K 573 -132.20 -81.04 62.98
C ASP K 573 -131.20 -82.15 63.25
N THR K 574 -129.92 -81.85 63.12
CA THR K 574 -128.81 -82.78 63.26
C THR K 574 -127.73 -82.27 64.18
N ASP K 575 -126.99 -83.23 64.72
CA ASP K 575 -125.88 -82.93 65.58
C ASP K 575 -124.68 -82.86 64.64
N PRO K 576 -123.97 -81.73 64.57
CA PRO K 576 -122.81 -81.63 63.68
C PRO K 576 -121.72 -82.62 64.05
N THR K 577 -121.12 -83.21 63.03
CA THR K 577 -119.97 -84.10 63.16
C THR K 577 -118.92 -83.57 62.21
N ILE K 578 -117.68 -84.08 62.30
CA ILE K 578 -116.63 -83.56 61.44
C ILE K 578 -116.91 -83.86 59.96
N GLU K 579 -117.62 -84.97 59.69
CA GLU K 579 -117.93 -85.38 58.33
C GLU K 579 -118.96 -84.48 57.67
N LEU K 580 -119.67 -83.67 58.43
CA LEU K 580 -120.68 -82.79 57.88
C LEU K 580 -120.19 -81.37 57.67
N LEU K 581 -119.04 -81.06 58.12
CA LEU K 581 -118.56 -79.70 57.93
C LEU K 581 -117.82 -79.61 56.61
N PRO K 582 -117.93 -78.45 55.95
CA PRO K 582 -117.24 -78.26 54.67
C PRO K 582 -115.74 -78.17 54.86
N ASN K 583 -115.02 -78.71 53.89
CA ASN K 583 -113.58 -78.56 53.85
C ASN K 583 -113.24 -77.23 53.22
N GLU K 584 -112.05 -76.76 53.52
CA GLU K 584 -111.58 -75.49 53.00
C GLU K 584 -111.43 -75.63 51.49
N PRO K 585 -111.90 -74.63 50.74
CA PRO K 585 -111.78 -74.66 49.28
C PRO K 585 -110.32 -74.57 48.90
N TYR K 586 -109.96 -75.15 47.76
CA TYR K 586 -108.57 -75.28 47.38
C TYR K 586 -108.14 -74.18 46.40
N ALA K 587 -107.05 -73.48 46.73
CA ALA K 587 -106.41 -72.59 45.76
C ALA K 587 -105.23 -73.32 45.14
N PRO K 588 -105.19 -73.49 43.83
CA PRO K 588 -104.26 -74.40 43.13
C PRO K 588 -102.82 -73.93 42.99
N LEU K 589 -102.11 -73.89 44.11
CA LEU K 589 -100.69 -73.55 44.16
C LEU K 589 -99.82 -74.56 43.40
N ALA K 590 -98.84 -74.08 42.61
CA ALA K 590 -98.11 -74.96 41.70
C ALA K 590 -96.62 -74.61 41.53
N GLU K 591 -95.88 -75.50 40.87
CA GLU K 591 -94.44 -75.35 40.64
C GLU K 591 -93.92 -76.24 39.51
N ASN K 592 -92.69 -75.94 39.05
CA ASN K 592 -91.88 -76.68 38.03
C ASN K 592 -92.45 -76.75 36.59
N LEU K 593 -92.72 -75.60 35.98
CA LEU K 593 -93.21 -75.55 34.59
C LEU K 593 -92.14 -75.83 33.51
N VAL K 594 -92.48 -76.62 32.44
CA VAL K 594 -91.56 -76.93 31.32
C VAL K 594 -92.24 -76.78 29.96
N LEU K 595 -91.63 -76.00 29.02
CA LEU K 595 -92.11 -75.60 27.68
C LEU K 595 -91.35 -76.27 26.51
N GLY K 596 -92.01 -76.49 25.34
CA GLY K 596 -91.30 -76.94 24.14
C GLY K 596 -91.94 -76.41 22.87
N TYR K 597 -91.17 -76.34 21.75
CA TYR K 597 -91.74 -75.80 20.50
C TYR K 597 -91.05 -76.27 19.21
N THR K 598 -91.73 -76.04 18.05
CA THR K 598 -91.21 -76.30 16.69
C THR K 598 -91.51 -75.13 15.74
N ALA K 599 -90.50 -74.71 14.94
CA ALA K 599 -90.66 -73.66 13.94
C ALA K 599 -90.02 -74.05 12.60
N ILE K 600 -90.61 -73.60 11.47
CA ILE K 600 -90.17 -74.02 10.12
C ILE K 600 -90.14 -72.83 9.14
N SER K 601 -89.02 -72.70 8.43
CA SER K 601 -88.82 -71.86 7.25
C SER K 601 -88.55 -72.64 5.97
N SER K 602 -89.03 -72.13 4.84
CA SER K 602 -88.85 -72.73 3.52
C SER K 602 -88.64 -71.71 2.44
N ILE K 603 -87.50 -71.79 1.73
CA ILE K 603 -87.12 -70.76 0.78
C ILE K 603 -86.88 -71.31 -0.63
N ASP K 604 -87.70 -70.84 -1.58
CA ASP K 604 -87.49 -71.04 -3.01
C ASP K 604 -86.66 -69.86 -3.51
N PHE K 605 -85.43 -70.15 -3.90
CA PHE K 605 -84.54 -69.10 -4.32
C PHE K 605 -84.94 -68.50 -5.64
N SER K 606 -85.86 -69.10 -6.40
CA SER K 606 -86.20 -68.52 -7.69
C SER K 606 -87.52 -67.79 -7.65
N SER K 607 -88.23 -67.84 -6.54
CA SER K 607 -89.56 -67.27 -6.47
C SER K 607 -89.61 -65.85 -5.99
N SER K 608 -90.18 -65.00 -6.85
CA SER K 608 -90.58 -63.68 -6.47
C SER K 608 -91.76 -63.78 -5.50
N SER K 609 -92.10 -62.65 -4.87
CA SER K 609 -93.26 -62.58 -3.99
C SER K 609 -93.22 -63.60 -2.86
N SER K 610 -92.03 -63.77 -2.29
CA SER K 610 -91.84 -64.77 -1.25
C SER K 610 -90.82 -64.25 -0.26
N GLU K 611 -91.03 -64.57 1.01
CA GLU K 611 -90.17 -64.07 2.06
C GLU K 611 -88.90 -64.92 2.15
N ASN K 612 -88.02 -64.71 1.19
CA ASN K 612 -86.77 -65.47 1.12
C ASN K 612 -85.78 -64.89 2.13
N GLN K 613 -86.06 -65.11 3.41
CA GLN K 613 -85.33 -64.45 4.50
C GLN K 613 -84.11 -65.27 4.94
N VAL K 614 -83.10 -65.31 4.07
CA VAL K 614 -81.85 -66.01 4.37
C VAL K 614 -80.70 -65.29 3.68
N SER K 615 -79.56 -65.27 4.34
CA SER K 615 -78.30 -64.78 3.79
C SER K 615 -77.35 -65.90 3.43
N LEU K 616 -76.78 -65.86 2.22
CA LEU K 616 -75.81 -66.89 1.81
C LEU K 616 -74.46 -66.26 1.47
N ILE K 617 -73.40 -66.84 2.02
CA ILE K 617 -72.02 -66.35 1.86
C ILE K 617 -71.11 -67.49 1.41
N HIS K 618 -70.25 -67.22 0.43
CA HIS K 618 -69.24 -68.18 -0.02
C HIS K 618 -67.90 -67.95 0.67
N GLU K 619 -67.26 -69.04 1.09
CA GLU K 619 -65.94 -68.99 1.70
C GLU K 619 -64.88 -69.34 0.68
N MET K 620 -63.87 -68.48 0.58
CA MET K 620 -62.84 -68.56 -0.44
C MET K 620 -61.47 -68.65 0.24
N PRO K 621 -60.47 -69.21 -0.46
CA PRO K 621 -59.11 -69.35 0.11
C PRO K 621 -58.52 -68.10 0.77
N PHE K 622 -58.80 -66.91 0.25
CA PHE K 622 -58.25 -65.72 0.87
C PHE K 622 -59.33 -64.67 1.15
N GLY K 623 -60.54 -65.06 1.50
CA GLY K 623 -61.60 -64.08 1.72
C GLY K 623 -62.98 -64.71 1.61
N PHE K 624 -63.97 -63.88 1.28
CA PHE K 624 -65.34 -64.36 1.18
C PHE K 624 -66.15 -63.48 0.22
N GLN K 625 -67.36 -63.93 -0.10
CA GLN K 625 -68.28 -63.12 -0.90
C GLN K 625 -69.73 -63.38 -0.50
N GLN K 626 -70.54 -62.35 -0.30
CA GLN K 626 -71.92 -62.69 0.01
C GLN K 626 -72.72 -62.95 -1.27
N VAL K 627 -73.38 -64.10 -1.34
CA VAL K 627 -74.07 -64.52 -2.57
C VAL K 627 -75.58 -64.27 -2.64
N PHE K 628 -76.29 -64.39 -1.52
CA PHE K 628 -77.75 -64.26 -1.53
C PHE K 628 -78.17 -63.49 -0.29
N THR K 629 -78.98 -62.44 -0.44
CA THR K 629 -79.42 -61.70 0.73
C THR K 629 -80.91 -61.98 0.97
N PRO K 630 -81.41 -61.77 2.19
CA PRO K 630 -82.84 -61.98 2.45
C PRO K 630 -83.75 -61.19 1.53
N GLY K 631 -84.74 -61.87 0.95
CA GLY K 631 -85.65 -61.25 0.01
C GLY K 631 -85.30 -61.46 -1.44
N ASP K 632 -84.11 -62.01 -1.73
CA ASP K 632 -83.62 -62.10 -3.09
C ASP K 632 -84.23 -63.31 -3.77
N THR K 633 -84.11 -63.33 -5.10
CA THR K 633 -84.41 -64.52 -5.87
C THR K 633 -83.24 -64.76 -6.83
N ASP K 634 -83.09 -65.98 -7.34
CA ASP K 634 -82.01 -66.30 -8.28
C ASP K 634 -82.42 -67.51 -9.11
N ASN K 635 -81.60 -67.89 -10.05
CA ASN K 635 -81.85 -69.03 -10.91
C ASN K 635 -80.71 -70.00 -10.83
N SER K 636 -79.54 -69.55 -10.34
CA SER K 636 -78.42 -70.47 -10.31
C SER K 636 -77.54 -70.13 -9.11
N LEU K 637 -77.68 -70.93 -8.05
CA LEU K 637 -76.90 -70.73 -6.87
C LEU K 637 -76.12 -72.01 -6.69
N TYR K 638 -74.89 -71.90 -6.24
CA TYR K 638 -74.09 -73.08 -5.96
C TYR K 638 -73.70 -72.97 -4.51
N LEU K 639 -73.52 -74.13 -3.86
CA LEU K 639 -73.05 -74.09 -2.49
C LEU K 639 -71.67 -73.45 -2.37
N VAL K 640 -70.81 -73.64 -3.37
CA VAL K 640 -69.39 -73.32 -3.28
C VAL K 640 -68.93 -72.50 -4.50
N PRO K 641 -67.80 -71.76 -4.34
CA PRO K 641 -67.13 -71.06 -5.47
C PRO K 641 -66.63 -72.01 -6.55
N ASP K 642 -66.52 -71.51 -7.78
CA ASP K 642 -66.08 -72.32 -8.92
C ASP K 642 -64.59 -72.05 -9.24
N TYR K 643 -63.72 -73.01 -8.96
CA TYR K 643 -62.31 -72.89 -9.35
C TYR K 643 -61.97 -73.89 -10.44
N CYS K 644 -61.57 -73.38 -11.60
CA CYS K 644 -61.25 -74.21 -12.74
C CYS K 644 -59.81 -74.68 -12.67
N HIS K 645 -59.48 -75.62 -13.54
CA HIS K 645 -58.12 -76.14 -13.62
C HIS K 645 -57.10 -75.07 -13.98
N GLY K 646 -55.98 -75.05 -13.25
CA GLY K 646 -54.88 -74.14 -13.55
C GLY K 646 -54.31 -73.46 -12.32
N GLY K 647 -53.47 -72.46 -12.57
CA GLY K 647 -52.77 -71.77 -11.51
C GLY K 647 -52.96 -70.26 -11.58
N GLU K 648 -52.86 -69.61 -10.42
CA GLU K 648 -53.13 -68.17 -10.31
C GLU K 648 -52.14 -67.50 -9.36
N LEU K 649 -51.65 -66.32 -9.75
CA LEU K 649 -50.77 -65.51 -8.92
C LEU K 649 -51.37 -64.11 -8.73
N TYR K 650 -51.49 -63.70 -7.48
CA TYR K 650 -52.11 -62.43 -7.12
C TYR K 650 -51.07 -61.44 -6.62
N ILE K 651 -51.10 -60.23 -7.16
CA ILE K 651 -50.16 -59.19 -6.75
C ILE K 651 -50.97 -58.01 -6.23
N GLY K 652 -50.75 -57.65 -4.97
CA GLY K 652 -51.42 -56.51 -4.37
C GLY K 652 -50.51 -55.29 -4.32
N LEU K 653 -51.04 -54.15 -4.75
CA LEU K 653 -50.26 -52.92 -4.84
C LEU K 653 -50.73 -51.86 -3.86
N GLU K 654 -49.76 -51.17 -3.25
CA GLU K 654 -50.03 -50.21 -2.19
C GLU K 654 -49.81 -48.80 -2.73
N ASN K 655 -50.70 -47.86 -2.35
CA ASN K 655 -50.55 -46.40 -2.51
C ASN K 655 -50.57 -45.91 -3.95
N GLY K 656 -51.21 -46.62 -4.86
CA GLY K 656 -51.36 -46.13 -6.21
C GLY K 656 -52.57 -45.22 -6.33
N LYS K 657 -52.81 -44.74 -7.55
CA LYS K 657 -53.96 -43.92 -7.87
C LYS K 657 -54.55 -44.43 -9.18
N ASN K 658 -55.80 -44.10 -9.43
CA ASN K 658 -56.54 -44.78 -10.49
C ASN K 658 -56.17 -44.40 -11.92
N LEU K 659 -55.32 -43.45 -12.26
CA LEU K 659 -55.06 -43.42 -13.70
C LEU K 659 -53.59 -43.57 -14.06
N GLN K 660 -52.74 -43.87 -13.09
CA GLN K 660 -51.29 -43.89 -13.25
C GLN K 660 -50.77 -45.17 -13.88
N GLN K 661 -49.55 -45.07 -14.41
CA GLN K 661 -48.83 -46.18 -15.03
C GLN K 661 -47.85 -46.81 -14.06
N VAL K 662 -47.84 -48.13 -13.98
CA VAL K 662 -46.96 -48.85 -13.06
C VAL K 662 -45.94 -49.64 -13.85
N THR K 663 -44.68 -49.57 -13.46
CA THR K 663 -43.61 -50.35 -14.03
C THR K 663 -43.09 -51.33 -12.98
N LEU K 664 -43.05 -52.60 -13.34
CA LEU K 664 -42.62 -53.67 -12.45
C LEU K 664 -41.50 -54.49 -13.07
N LEU K 665 -40.49 -54.80 -12.26
CA LEU K 665 -39.38 -55.65 -12.66
C LEU K 665 -39.61 -57.06 -12.12
N LEU K 666 -39.64 -58.04 -12.99
CA LEU K 666 -39.73 -59.44 -12.59
C LEU K 666 -38.35 -60.04 -12.74
N GLN K 667 -37.73 -60.43 -11.63
CA GLN K 667 -36.41 -61.03 -11.69
C GLN K 667 -36.54 -62.53 -11.50
N PHE K 668 -36.22 -63.27 -12.55
CA PHE K 668 -36.28 -64.73 -12.57
C PHE K 668 -34.91 -65.31 -12.41
N LEU K 669 -34.88 -66.56 -11.97
CA LEU K 669 -33.66 -67.34 -12.02
C LEU K 669 -33.73 -68.13 -13.32
N GLU K 670 -33.02 -67.63 -14.32
CA GLU K 670 -33.17 -68.16 -15.68
C GLU K 670 -32.54 -69.54 -15.80
N GLY K 671 -33.22 -70.41 -16.55
CA GLY K 671 -32.78 -71.76 -16.77
C GLY K 671 -33.31 -72.74 -15.75
N SER K 672 -34.14 -72.28 -14.83
CA SER K 672 -34.69 -73.04 -13.71
C SER K 672 -35.82 -74.04 -14.03
N GLU K 673 -36.49 -73.95 -15.16
CA GLU K 673 -37.69 -74.78 -15.39
C GLU K 673 -37.42 -76.26 -15.65
N ASN K 674 -38.51 -77.02 -15.63
CA ASN K 674 -38.43 -78.46 -15.89
C ASN K 674 -38.27 -78.71 -17.38
N PRO K 675 -37.14 -79.30 -17.80
CA PRO K 675 -36.85 -79.52 -19.21
C PRO K 675 -37.61 -80.68 -19.84
N ASP K 676 -38.38 -81.45 -19.07
CA ASP K 676 -38.97 -82.69 -19.55
C ASP K 676 -40.49 -82.60 -19.56
N ILE K 677 -41.03 -81.53 -20.15
CA ILE K 677 -42.45 -81.33 -20.30
C ILE K 677 -42.74 -81.08 -21.78
N THR K 678 -43.80 -81.68 -22.30
CA THR K 678 -44.15 -81.52 -23.70
C THR K 678 -45.13 -80.37 -23.97
N ASP K 679 -45.97 -79.99 -23.01
CA ASP K 679 -46.81 -78.79 -23.08
C ASP K 679 -46.05 -77.55 -22.70
N ILE K 680 -45.61 -76.77 -23.68
CA ILE K 680 -44.68 -75.68 -23.37
C ILE K 680 -44.99 -74.31 -23.96
N PHE K 681 -46.28 -73.95 -24.13
CA PHE K 681 -46.70 -72.66 -24.76
C PHE K 681 -46.23 -72.57 -26.21
N THR K 682 -46.71 -73.47 -27.05
CA THR K 682 -46.38 -73.39 -28.46
C THR K 682 -47.25 -72.35 -29.14
N GLY K 683 -46.91 -72.03 -30.39
CA GLY K 683 -47.69 -71.07 -31.16
C GLY K 683 -47.66 -69.70 -30.53
N ASN K 684 -48.85 -69.11 -30.30
CA ASN K 684 -48.91 -67.75 -29.79
C ASN K 684 -49.52 -67.76 -28.38
N GLN K 685 -49.38 -68.86 -27.64
CA GLN K 685 -49.91 -68.92 -26.28
C GLN K 685 -49.06 -68.10 -25.33
N LYS K 686 -49.68 -67.59 -24.26
CA LYS K 686 -48.97 -66.77 -23.28
C LYS K 686 -49.78 -66.68 -21.98
N ILE K 687 -49.19 -66.03 -20.98
CA ILE K 687 -49.81 -65.85 -19.67
C ILE K 687 -50.78 -64.67 -19.71
N LYS K 688 -51.97 -64.86 -19.13
CA LYS K 688 -53.07 -63.89 -19.16
C LYS K 688 -53.06 -62.98 -17.93
N TRP K 689 -53.45 -61.70 -18.12
CA TRP K 689 -53.52 -60.73 -17.04
C TRP K 689 -54.92 -60.10 -16.88
N GLN K 690 -55.35 -59.88 -15.63
CA GLN K 690 -56.65 -59.28 -15.27
C GLN K 690 -56.53 -58.40 -14.03
N TYR K 691 -57.52 -57.52 -13.81
CA TYR K 691 -57.55 -56.69 -12.60
C TYR K 691 -58.89 -56.86 -11.87
N LEU K 692 -58.94 -56.47 -10.60
CA LEU K 692 -60.11 -56.65 -9.76
C LEU K 692 -60.94 -55.37 -9.61
N SER K 693 -62.26 -55.49 -9.78
CA SER K 693 -63.18 -54.38 -9.63
C SER K 693 -64.52 -54.89 -9.11
N GLN K 694 -64.93 -54.41 -7.93
CA GLN K 694 -66.22 -54.77 -7.30
C GLN K 694 -66.39 -56.27 -7.15
N ASN K 695 -65.32 -56.94 -6.68
CA ASN K 695 -65.21 -58.39 -6.51
C ASN K 695 -65.27 -59.18 -7.82
N GLN K 696 -65.16 -58.55 -8.98
CA GLN K 696 -65.12 -59.24 -10.26
C GLN K 696 -63.77 -59.09 -10.92
N TRP K 697 -63.36 -60.11 -11.67
CA TRP K 697 -62.13 -59.99 -12.46
C TRP K 697 -62.46 -59.51 -13.87
N GLN K 698 -61.67 -58.57 -14.36
CA GLN K 698 -61.94 -57.91 -15.63
C GLN K 698 -60.69 -57.90 -16.48
N ASP K 699 -60.87 -58.03 -17.79
CA ASP K 699 -59.77 -57.94 -18.72
C ASP K 699 -59.24 -56.52 -18.83
N PHE K 700 -57.93 -56.41 -19.03
CA PHE K 700 -57.33 -55.13 -19.34
C PHE K 700 -57.72 -54.72 -20.75
N GLN K 701 -57.78 -53.42 -20.97
CA GLN K 701 -58.09 -52.95 -22.32
C GLN K 701 -56.81 -52.69 -23.07
N SER K 702 -56.94 -52.50 -24.39
CA SER K 702 -55.78 -52.43 -25.27
C SER K 702 -54.86 -51.26 -24.94
N GLY K 703 -55.40 -50.16 -24.43
CA GLY K 703 -54.55 -49.04 -24.10
C GLY K 703 -53.97 -49.05 -22.70
N GLU K 704 -54.21 -50.10 -21.93
CA GLU K 704 -53.80 -50.13 -20.53
C GLU K 704 -52.51 -50.90 -20.32
N ILE K 705 -52.13 -51.82 -21.20
CA ILE K 705 -50.81 -52.46 -21.09
C ILE K 705 -49.87 -51.75 -22.03
N ILE K 706 -48.76 -51.29 -21.49
CA ILE K 706 -47.80 -50.53 -22.27
C ILE K 706 -46.74 -51.45 -22.84
N GLN K 707 -46.23 -52.39 -22.05
CA GLN K 707 -45.29 -53.36 -22.56
C GLN K 707 -45.25 -54.59 -21.68
N ASN K 708 -44.82 -55.68 -22.27
CA ASN K 708 -44.68 -56.97 -21.58
C ASN K 708 -43.46 -57.66 -22.17
N GLN K 709 -42.34 -57.58 -21.47
CA GLN K 709 -41.13 -58.25 -21.91
C GLN K 709 -41.02 -59.67 -21.43
N THR K 710 -41.95 -60.12 -20.61
CA THR K 710 -41.95 -61.48 -20.03
C THR K 710 -43.20 -62.32 -20.29
N PRO K 711 -43.61 -62.50 -21.55
CA PRO K 711 -44.93 -63.10 -21.84
C PRO K 711 -45.12 -64.53 -21.38
N ARG K 712 -44.05 -65.30 -21.17
CA ARG K 712 -44.19 -66.68 -20.74
C ARG K 712 -43.32 -66.99 -19.53
N PHE K 713 -42.99 -65.98 -18.73
CA PHE K 713 -42.20 -66.12 -17.49
C PHE K 713 -40.92 -66.94 -17.67
N LEU K 714 -40.19 -66.78 -18.77
CA LEU K 714 -38.94 -67.51 -18.96
C LEU K 714 -37.69 -66.66 -18.79
N LYS K 715 -37.81 -65.34 -18.89
CA LYS K 715 -36.65 -64.49 -18.81
C LYS K 715 -37.00 -63.24 -17.98
N SER K 716 -35.99 -62.64 -17.37
CA SER K 716 -36.19 -61.43 -16.59
C SER K 716 -36.55 -60.24 -17.48
N GLY K 717 -37.40 -59.35 -16.96
CA GLY K 717 -37.77 -58.18 -17.74
C GLY K 717 -38.82 -57.29 -17.09
N ILE K 718 -39.35 -56.35 -17.88
CA ILE K 718 -40.23 -55.28 -17.40
C ILE K 718 -41.65 -55.50 -17.90
N PHE K 719 -42.61 -55.38 -16.97
CA PHE K 719 -44.03 -55.31 -17.25
C PHE K 719 -44.53 -53.91 -16.89
N GLN K 720 -45.27 -53.27 -17.80
CA GLN K 720 -45.67 -51.90 -17.55
C GLN K 720 -47.11 -51.68 -17.97
N PHE K 721 -47.87 -50.99 -17.13
CA PHE K 721 -49.29 -50.85 -17.33
C PHE K 721 -49.79 -49.64 -16.57
N SER K 722 -50.98 -49.19 -16.92
CA SER K 722 -51.63 -48.16 -16.15
C SER K 722 -52.69 -48.75 -15.22
N ILE K 723 -52.90 -48.11 -14.07
CA ILE K 723 -54.01 -48.56 -13.23
C ILE K 723 -55.30 -48.17 -13.90
N PRO K 724 -56.20 -49.12 -14.14
CA PRO K 724 -57.41 -48.83 -14.89
C PRO K 724 -58.38 -48.04 -14.06
N LYS K 725 -59.17 -47.22 -14.75
CA LYS K 725 -60.30 -46.58 -14.11
C LYS K 725 -61.23 -47.69 -13.66
N GLN K 726 -61.90 -47.48 -12.54
CA GLN K 726 -62.83 -48.40 -11.86
C GLN K 726 -62.08 -49.50 -11.11
N ALA K 727 -60.76 -49.42 -11.00
CA ALA K 727 -60.05 -50.29 -10.07
C ALA K 727 -60.56 -50.03 -8.67
N ASN K 728 -60.68 -51.07 -7.87
CA ASN K 728 -61.36 -50.91 -6.60
C ASN K 728 -60.53 -51.36 -5.41
N LEU K 729 -60.42 -50.50 -4.41
CA LEU K 729 -59.74 -50.83 -3.16
C LEU K 729 -60.63 -51.53 -2.15
N ASP K 730 -61.96 -51.50 -2.32
CA ASP K 730 -62.80 -52.03 -1.25
C ASP K 730 -63.49 -53.30 -1.78
N ASN K 731 -62.93 -54.47 -1.45
CA ASN K 731 -63.44 -55.74 -1.93
C ASN K 731 -63.45 -56.71 -0.75
N THR K 732 -63.97 -57.93 -0.96
CA THR K 732 -63.99 -58.94 0.09
C THR K 732 -63.34 -60.27 -0.30
N VAL K 733 -63.18 -60.57 -1.59
CA VAL K 733 -62.60 -61.83 -2.02
C VAL K 733 -61.09 -61.87 -1.81
N LEU K 734 -60.48 -60.69 -1.68
CA LEU K 734 -59.08 -60.47 -1.40
C LEU K 734 -59.05 -59.28 -0.45
N PRO K 735 -58.06 -59.21 0.44
CA PRO K 735 -57.99 -58.15 1.48
C PRO K 735 -58.10 -56.74 0.93
N PRO K 736 -58.85 -55.88 1.62
CA PRO K 736 -59.06 -54.49 1.17
C PRO K 736 -57.85 -53.62 1.41
N GLY K 737 -57.79 -52.50 0.68
CA GLY K 737 -56.72 -51.54 0.83
C GLY K 737 -55.68 -51.60 -0.24
N TYR K 738 -55.73 -52.62 -1.09
CA TYR K 738 -54.79 -52.86 -2.16
C TYR K 738 -55.52 -52.87 -3.48
N HIS K 739 -54.86 -52.41 -4.53
CA HIS K 739 -55.34 -52.75 -5.86
C HIS K 739 -54.84 -54.15 -6.16
N TRP K 740 -55.67 -54.97 -6.79
CA TRP K 740 -55.27 -56.35 -7.04
C TRP K 740 -55.25 -56.67 -8.53
N ILE K 741 -54.16 -57.30 -8.95
CA ILE K 741 -53.90 -57.79 -10.29
C ILE K 741 -53.58 -59.27 -10.30
N LYS K 742 -54.16 -59.96 -11.27
CA LYS K 742 -54.08 -61.41 -11.39
C LYS K 742 -53.38 -61.85 -12.67
N ALA K 743 -52.49 -62.83 -12.54
CA ALA K 743 -51.88 -63.51 -13.67
C ALA K 743 -52.28 -64.98 -13.66
N SER K 744 -52.49 -65.58 -14.83
CA SER K 744 -52.94 -66.98 -14.83
C SER K 744 -52.40 -67.84 -15.97
N MET K 745 -52.35 -69.15 -15.69
CA MET K 745 -51.78 -70.20 -16.53
C MET K 745 -52.57 -71.50 -16.34
N VAL K 746 -52.71 -72.32 -17.41
CA VAL K 746 -53.43 -73.59 -17.31
C VAL K 746 -52.50 -74.79 -17.60
N LYS K 747 -51.21 -74.59 -17.46
CA LYS K 747 -50.19 -75.55 -17.81
C LYS K 747 -49.59 -76.11 -16.53
N PRO K 748 -48.81 -77.21 -16.61
CA PRO K 748 -48.17 -77.78 -15.40
C PRO K 748 -47.32 -76.75 -14.71
N PHE K 749 -47.09 -76.92 -13.40
CA PHE K 749 -46.52 -75.78 -12.68
C PHE K 749 -45.06 -75.47 -13.04
N ASP K 750 -44.32 -76.37 -13.70
CA ASP K 750 -42.90 -76.14 -13.93
C ASP K 750 -42.51 -75.57 -15.30
N VAL K 751 -43.48 -75.34 -16.19
CA VAL K 751 -43.20 -74.79 -17.52
C VAL K 751 -42.69 -73.36 -17.49
N VAL K 752 -42.65 -72.73 -16.31
CA VAL K 752 -42.11 -71.39 -16.13
C VAL K 752 -40.93 -71.46 -15.16
N SER K 753 -40.07 -70.44 -15.21
CA SER K 753 -38.97 -70.33 -14.27
C SER K 753 -39.34 -69.87 -12.88
N GLN K 754 -38.52 -70.27 -11.92
CA GLN K 754 -38.67 -69.79 -10.55
C GLN K 754 -38.28 -68.33 -10.44
N LEU K 755 -38.91 -67.64 -9.50
CA LEU K 755 -38.69 -66.23 -9.26
C LEU K 755 -37.72 -65.99 -8.12
N ILE K 756 -37.03 -64.86 -8.20
CA ILE K 756 -36.30 -64.31 -7.08
C ILE K 756 -37.12 -63.22 -6.42
N ASN K 757 -37.59 -62.24 -7.19
CA ASN K 757 -38.35 -61.15 -6.59
C ASN K 757 -39.13 -60.36 -7.63
N ILE K 758 -39.95 -59.43 -7.13
CA ILE K 758 -40.73 -58.47 -7.92
C ILE K 758 -40.56 -57.07 -7.32
N HIS K 759 -40.19 -56.09 -8.15
CA HIS K 759 -39.94 -54.74 -7.67
C HIS K 759 -40.66 -53.68 -8.47
N ALA K 760 -41.24 -52.71 -7.76
CA ALA K 760 -41.83 -51.56 -8.43
C ALA K 760 -40.78 -50.47 -8.59
N GLN K 761 -41.00 -49.60 -9.58
CA GLN K 761 -40.20 -48.38 -9.89
C GLN K 761 -38.80 -48.70 -10.42
N ALA K 762 -38.69 -49.66 -11.34
CA ALA K 762 -37.40 -50.04 -11.91
C ALA K 762 -36.99 -49.17 -13.09
N VAL K 763 -35.69 -48.86 -13.17
CA VAL K 763 -35.11 -48.01 -14.21
C VAL K 763 -33.84 -48.67 -14.76
N GLU K 764 -33.68 -48.72 -16.08
CA GLU K 764 -32.50 -49.29 -16.71
C GLU K 764 -31.46 -48.23 -17.08
N ALA K 765 -30.17 -48.54 -16.86
CA ALA K 765 -29.06 -47.64 -17.17
C ALA K 765 -27.86 -48.39 -17.75
N VAL K 766 -27.01 -47.68 -18.52
CA VAL K 766 -25.91 -48.27 -19.29
C VAL K 766 -24.63 -47.46 -19.11
N PHE K 767 -23.60 -48.10 -19.07
CA PHE K 767 -22.29 -47.51 -18.96
C PHE K 767 -21.88 -46.63 -20.12
N GLU K 768 -21.28 -45.49 -19.80
CA GLU K 768 -20.79 -44.55 -20.79
C GLU K 768 -19.30 -44.76 -21.01
N ASP K 769 -18.93 -45.05 -22.25
CA ASP K 769 -17.54 -45.34 -22.57
C ASP K 769 -16.77 -44.04 -22.76
N GLN K 770 -15.93 -43.72 -21.79
CA GLN K 770 -15.02 -42.59 -21.85
C GLN K 770 -13.65 -43.24 -21.76
N GLY K 771 -12.64 -42.68 -22.41
CA GLY K 771 -11.36 -43.35 -22.42
C GLY K 771 -10.77 -43.51 -21.03
N SER K 772 -10.58 -44.77 -20.70
CA SER K 772 -10.09 -45.29 -19.43
C SER K 772 -10.05 -46.80 -19.54
N SER K 773 -9.69 -47.47 -18.46
CA SER K 773 -9.73 -48.91 -18.44
C SER K 773 -10.84 -49.17 -17.48
N GLY K 774 -11.88 -49.85 -17.94
CA GLY K 774 -12.95 -50.22 -17.05
C GLY K 774 -12.67 -51.62 -16.64
N ASN K 775 -12.16 -51.83 -15.43
CA ASN K 775 -11.84 -53.19 -14.99
C ASN K 775 -13.10 -54.04 -14.82
N HIS K 776 -14.19 -53.41 -14.39
CA HIS K 776 -15.44 -54.05 -14.02
C HIS K 776 -16.13 -54.70 -15.19
N LEU K 777 -15.56 -54.72 -16.38
CA LEU K 777 -16.21 -55.40 -17.49
C LEU K 777 -15.78 -56.85 -17.60
N GLU K 778 -14.77 -57.27 -16.82
CA GLU K 778 -14.33 -58.66 -16.77
C GLU K 778 -15.37 -59.54 -16.09
N LYS K 779 -15.91 -59.00 -15.00
CA LYS K 779 -16.91 -59.57 -14.11
C LYS K 779 -18.00 -58.55 -13.99
N GLY K 780 -19.24 -58.95 -13.77
CA GLY K 780 -20.26 -57.94 -13.57
C GLY K 780 -19.99 -57.09 -12.33
N LEU K 781 -20.37 -55.82 -12.44
CA LEU K 781 -20.30 -54.90 -11.32
C LEU K 781 -21.04 -55.51 -10.15
N PRO K 782 -20.44 -55.56 -8.96
CA PRO K 782 -21.10 -56.17 -7.80
C PRO K 782 -22.42 -55.50 -7.48
N ALA K 783 -23.31 -56.24 -6.85
CA ALA K 783 -24.56 -55.68 -6.39
C ALA K 783 -24.28 -54.65 -5.32
N GLU K 784 -25.14 -53.63 -5.26
CA GLU K 784 -25.18 -52.54 -4.29
C GLU K 784 -24.22 -51.36 -4.41
N THR K 785 -23.54 -51.18 -5.54
CA THR K 785 -22.56 -50.11 -5.71
C THR K 785 -23.16 -48.71 -5.90
N ILE K 786 -24.33 -48.59 -6.54
CA ILE K 786 -24.88 -47.31 -7.01
C ILE K 786 -25.97 -46.77 -6.08
N SER K 787 -25.83 -45.50 -5.66
CA SER K 787 -26.94 -44.90 -4.90
C SER K 787 -27.25 -43.43 -5.20
N LYS K 788 -26.68 -42.78 -6.23
CA LYS K 788 -26.89 -41.34 -6.43
C LYS K 788 -26.93 -40.91 -7.90
N LEU K 789 -27.58 -39.77 -8.14
CA LEU K 789 -27.53 -39.08 -9.43
C LEU K 789 -26.29 -38.19 -9.50
N GLN K 790 -26.01 -37.65 -10.69
CA GLN K 790 -24.89 -36.72 -10.74
C GLN K 790 -25.20 -35.41 -10.05
N GLU K 791 -26.42 -34.96 -10.21
CA GLU K 791 -26.93 -33.80 -9.55
C GLU K 791 -28.22 -34.19 -8.85
N ARG K 792 -28.36 -33.84 -7.58
CA ARG K 792 -29.57 -34.21 -6.87
C ARG K 792 -30.78 -33.51 -7.45
N LEU K 793 -31.82 -34.26 -7.74
CA LEU K 793 -33.06 -33.63 -8.11
C LEU K 793 -34.00 -33.88 -6.93
N SER K 794 -34.76 -32.85 -6.58
CA SER K 794 -35.36 -32.73 -5.26
C SER K 794 -36.49 -33.72 -4.94
N TRP K 795 -37.11 -34.36 -5.92
CA TRP K 795 -38.24 -35.22 -5.60
C TRP K 795 -37.89 -36.70 -5.38
N ILE K 796 -36.61 -37.06 -5.35
CA ILE K 796 -36.14 -38.45 -5.19
C ILE K 796 -35.59 -38.66 -3.78
N LYS K 797 -35.76 -39.87 -3.21
CA LYS K 797 -35.33 -40.21 -1.84
C LYS K 797 -34.11 -41.13 -1.67
N SER K 798 -34.05 -42.29 -2.34
CA SER K 798 -33.05 -43.38 -2.32
C SER K 798 -32.99 -44.15 -3.63
N ILE K 799 -31.81 -44.71 -3.95
CA ILE K 799 -31.62 -45.56 -5.12
C ILE K 799 -30.94 -46.85 -4.72
N GLN K 800 -31.49 -47.95 -5.18
CA GLN K 800 -30.95 -49.25 -4.86
C GLN K 800 -30.51 -49.98 -6.10
N GLN K 801 -29.41 -50.71 -5.99
CA GLN K 801 -28.93 -51.64 -7.00
C GLN K 801 -28.95 -53.08 -6.52
N PRO K 802 -30.10 -53.77 -6.59
CA PRO K 802 -30.21 -55.10 -5.97
C PRO K 802 -29.42 -56.23 -6.67
N TYR K 803 -29.05 -56.10 -7.95
CA TYR K 803 -28.42 -57.19 -8.68
C TYR K 803 -27.15 -56.75 -9.41
N PRO K 804 -26.21 -57.68 -9.66
CA PRO K 804 -24.99 -57.36 -10.42
C PRO K 804 -25.25 -56.94 -11.87
N SER K 805 -24.31 -56.20 -12.47
CA SER K 805 -24.47 -55.76 -13.86
C SER K 805 -24.20 -56.88 -14.84
N THR K 806 -24.63 -56.64 -16.10
CA THR K 806 -24.60 -57.67 -17.13
C THR K 806 -24.31 -57.17 -18.54
N LYS K 807 -23.73 -58.06 -19.38
CA LYS K 807 -23.57 -57.95 -20.80
C LYS K 807 -22.33 -57.20 -21.26
N GLY K 808 -21.43 -56.83 -20.37
CA GLY K 808 -20.26 -56.08 -20.77
C GLY K 808 -19.12 -56.96 -21.27
N LYS K 809 -18.10 -56.33 -21.86
CA LYS K 809 -16.93 -57.06 -22.35
C LYS K 809 -15.73 -56.14 -22.50
N ALA K 810 -14.59 -56.55 -21.93
CA ALA K 810 -13.35 -55.79 -22.00
C ALA K 810 -12.64 -56.00 -23.34
N GLN K 811 -11.71 -55.09 -23.63
CA GLN K 811 -10.91 -55.12 -24.86
C GLN K 811 -10.01 -56.36 -24.89
N GLU K 812 -9.73 -56.87 -26.09
CA GLU K 812 -8.94 -58.08 -26.21
C GLU K 812 -7.51 -57.87 -25.72
N SER K 813 -7.01 -58.84 -24.97
CA SER K 813 -5.62 -58.91 -24.58
C SER K 813 -4.81 -59.45 -25.75
N ASP K 814 -3.48 -59.32 -25.66
CA ASP K 814 -2.61 -59.91 -26.68
C ASP K 814 -2.79 -61.41 -26.75
N GLU K 815 -2.96 -62.03 -25.59
CA GLU K 815 -3.08 -63.48 -25.48
C GLU K 815 -4.34 -63.97 -26.17
N ASP K 816 -5.42 -63.20 -26.07
CA ASP K 816 -6.69 -63.58 -26.71
C ASP K 816 -6.64 -63.32 -28.20
N TYR K 817 -6.01 -62.22 -28.59
CA TYR K 817 -5.86 -61.90 -30.00
C TYR K 817 -5.12 -63.01 -30.72
N TYR K 818 -3.99 -63.45 -30.15
CA TYR K 818 -3.23 -64.53 -30.77
C TYR K 818 -4.02 -65.83 -30.78
N ARG K 819 -4.74 -66.10 -29.70
CA ARG K 819 -5.54 -67.32 -29.60
C ARG K 819 -6.63 -67.37 -30.66
N ARG K 820 -7.34 -66.25 -30.84
CA ARG K 820 -8.43 -66.18 -31.81
C ARG K 820 -7.94 -66.30 -33.25
N VAL K 821 -6.87 -65.58 -33.59
CA VAL K 821 -6.37 -65.61 -34.96
C VAL K 821 -5.84 -67.00 -35.29
N SER K 822 -5.12 -67.60 -34.35
CA SER K 822 -4.52 -68.90 -34.58
C SER K 822 -5.56 -69.97 -34.86
N GLU K 823 -6.66 -69.96 -34.11
CA GLU K 823 -7.68 -70.98 -34.32
C GLU K 823 -8.40 -70.82 -35.65
N ARG K 824 -8.70 -69.58 -36.09
CA ARG K 824 -9.39 -69.41 -37.36
C ARG K 824 -8.56 -69.94 -38.51
N LEU K 825 -7.25 -69.76 -38.45
CA LEU K 825 -6.35 -70.27 -39.46
C LEU K 825 -6.34 -71.79 -39.58
N ARG K 826 -6.89 -72.52 -38.61
CA ARG K 826 -7.01 -73.98 -38.74
C ARG K 826 -8.43 -74.49 -38.96
N HIS K 827 -9.45 -73.93 -38.29
CA HIS K 827 -10.77 -74.52 -38.51
C HIS K 827 -11.52 -73.89 -39.68
N LYS K 828 -11.07 -72.75 -40.19
CA LYS K 828 -11.61 -72.07 -41.37
C LYS K 828 -13.07 -71.67 -41.23
N LYS K 829 -13.54 -71.51 -39.98
CA LYS K 829 -14.91 -71.13 -39.63
C LYS K 829 -15.93 -72.19 -40.08
N ARG K 830 -15.53 -73.46 -40.11
CA ARG K 830 -16.46 -74.54 -40.43
C ARG K 830 -16.63 -75.42 -39.21
N ALA K 831 -17.83 -75.98 -39.01
CA ALA K 831 -18.07 -76.87 -37.87
C ALA K 831 -18.09 -78.31 -38.33
N ILE K 832 -16.91 -78.94 -38.46
CA ILE K 832 -16.84 -80.30 -39.00
C ILE K 832 -16.54 -81.35 -37.93
N THR K 833 -15.40 -81.25 -37.24
CA THR K 833 -15.04 -82.26 -36.25
C THR K 833 -15.35 -81.80 -34.82
N LEU K 834 -14.82 -82.51 -33.81
CA LEU K 834 -15.10 -82.19 -32.41
C LEU K 834 -14.50 -80.87 -31.97
N TRP K 835 -13.20 -80.72 -32.22
CA TRP K 835 -12.46 -79.53 -31.84
C TRP K 835 -13.08 -78.27 -32.41
N ASP K 836 -13.52 -78.38 -33.67
CA ASP K 836 -14.18 -77.27 -34.37
C ASP K 836 -15.37 -76.79 -33.60
N TYR K 837 -16.29 -77.70 -33.27
CA TYR K 837 -17.53 -77.34 -32.57
C TYR K 837 -17.24 -76.73 -31.21
N GLU K 838 -16.33 -77.34 -30.47
CA GLU K 838 -16.07 -76.91 -29.10
C GLU K 838 -15.38 -75.56 -29.05
N HIS K 839 -14.47 -75.30 -30.00
CA HIS K 839 -13.78 -74.03 -29.99
C HIS K 839 -14.57 -72.91 -30.66
N LEU K 840 -15.44 -73.24 -31.63
CA LEU K 840 -16.31 -72.22 -32.20
C LEU K 840 -17.26 -71.65 -31.14
N ILE K 841 -17.80 -72.50 -30.26
CA ILE K 841 -18.73 -72.01 -29.25
C ILE K 841 -18.01 -71.22 -28.16
N LEU K 842 -16.86 -71.72 -27.67
CA LEU K 842 -16.22 -70.97 -26.59
C LEU K 842 -15.74 -69.60 -27.08
N GLN K 843 -15.33 -69.49 -28.35
CA GLN K 843 -14.97 -68.17 -28.88
C GLN K 843 -16.19 -67.27 -29.06
N LYS K 844 -17.31 -67.83 -29.54
CA LYS K 844 -18.50 -67.03 -29.86
C LYS K 844 -19.33 -66.66 -28.64
N PHE K 845 -19.50 -67.58 -27.69
CA PHE K 845 -20.39 -67.35 -26.54
C PHE K 845 -19.59 -67.18 -25.25
N PRO K 846 -19.43 -65.93 -24.78
CA PRO K 846 -18.50 -65.62 -23.69
C PRO K 846 -18.93 -66.12 -22.31
N LYS K 847 -20.20 -66.52 -22.15
CA LYS K 847 -20.56 -67.00 -20.81
C LYS K 847 -21.00 -68.46 -20.87
N VAL K 848 -20.10 -69.24 -21.44
CA VAL K 848 -20.10 -70.68 -21.38
C VAL K 848 -18.77 -71.07 -20.78
N TYR K 849 -18.80 -71.94 -19.78
CA TYR K 849 -17.60 -72.34 -19.06
C TYR K 849 -17.01 -73.60 -19.65
N LYS K 850 -17.85 -74.60 -19.95
CA LYS K 850 -17.39 -75.84 -20.55
C LYS K 850 -18.35 -76.25 -21.64
N VAL K 851 -17.83 -77.04 -22.60
CA VAL K 851 -18.65 -77.53 -23.70
C VAL K 851 -18.27 -78.98 -23.93
N LYS K 852 -19.19 -79.78 -24.48
CA LYS K 852 -18.82 -81.13 -24.86
C LYS K 852 -19.64 -81.55 -26.08
N CYS K 853 -18.97 -82.04 -27.12
CA CYS K 853 -19.64 -82.48 -28.33
C CYS K 853 -19.76 -84.01 -28.37
N LEU K 854 -20.95 -84.51 -28.70
CA LEU K 854 -21.27 -85.95 -28.67
C LEU K 854 -21.65 -86.43 -30.07
N ASN K 855 -20.79 -87.30 -30.63
CA ASN K 855 -20.67 -87.54 -32.06
C ASN K 855 -21.89 -88.27 -32.66
N HIS K 856 -22.47 -89.21 -31.92
CA HIS K 856 -23.60 -89.97 -32.45
C HIS K 856 -24.81 -89.89 -31.53
N THR K 857 -24.91 -88.82 -30.74
CA THR K 857 -25.90 -88.79 -29.68
C THR K 857 -27.17 -88.07 -30.08
N CYS K 858 -28.26 -88.78 -29.86
CA CYS K 858 -29.68 -88.50 -29.95
C CYS K 858 -30.27 -88.77 -28.58
N SER K 859 -31.45 -88.19 -28.27
CA SER K 859 -31.95 -88.31 -26.90
C SER K 859 -32.21 -89.78 -26.56
N SER K 860 -32.46 -90.60 -27.58
CA SER K 860 -32.74 -92.01 -27.49
C SER K 860 -31.65 -92.93 -28.04
N SER K 861 -30.46 -92.41 -28.30
CA SER K 861 -29.44 -93.25 -28.93
C SER K 861 -28.04 -92.68 -28.80
N PHE K 862 -27.07 -93.58 -28.64
CA PHE K 862 -25.68 -93.19 -28.67
C PHE K 862 -24.97 -93.76 -29.89
N GLN K 863 -25.74 -94.24 -30.89
CA GLN K 863 -25.19 -94.81 -32.14
C GLN K 863 -25.98 -94.39 -33.36
N SER K 864 -26.47 -93.15 -33.40
CA SER K 864 -27.27 -92.76 -34.57
C SER K 864 -26.46 -91.84 -35.47
N PRO K 865 -26.28 -92.22 -36.74
CA PRO K 865 -25.53 -91.40 -37.68
C PRO K 865 -26.36 -90.23 -38.15
N GLY K 866 -25.66 -89.17 -38.56
CA GLY K 866 -26.35 -88.01 -39.11
C GLY K 866 -26.91 -87.04 -38.10
N ASN K 867 -26.35 -86.99 -36.91
CA ASN K 867 -26.85 -86.14 -35.83
C ASN K 867 -25.72 -85.80 -34.89
N ALA K 868 -26.01 -84.94 -33.89
CA ALA K 868 -25.03 -84.59 -32.86
C ALA K 868 -25.71 -83.88 -31.71
N THR K 869 -25.14 -84.01 -30.51
CA THR K 869 -25.68 -83.30 -29.35
C THR K 869 -24.53 -82.54 -28.70
N LEU K 870 -24.79 -81.30 -28.29
CA LEU K 870 -23.82 -80.45 -27.62
C LEU K 870 -24.31 -80.16 -26.21
N ILE K 871 -23.42 -80.25 -25.23
CA ILE K 871 -23.78 -79.98 -23.83
C ILE K 871 -23.08 -78.70 -23.37
N LEU K 872 -23.87 -77.78 -22.80
CA LEU K 872 -23.35 -76.49 -22.35
C LEU K 872 -23.39 -76.34 -20.84
N VAL K 873 -22.28 -75.89 -20.27
CA VAL K 873 -22.15 -75.63 -18.84
C VAL K 873 -21.81 -74.15 -18.63
N PRO K 874 -22.64 -73.42 -17.88
CA PRO K 874 -22.41 -71.98 -17.63
C PRO K 874 -21.33 -71.79 -16.58
N ASP K 875 -20.86 -70.54 -16.45
CA ASP K 875 -19.96 -70.18 -15.36
C ASP K 875 -20.64 -70.11 -13.99
N THR K 876 -21.77 -69.39 -13.91
CA THR K 876 -22.47 -69.01 -12.70
C THR K 876 -21.56 -68.51 -11.58
N VAL K 877 -20.65 -67.56 -11.89
CA VAL K 877 -19.79 -67.03 -10.83
C VAL K 877 -20.61 -66.25 -9.81
N GLN K 878 -21.62 -65.48 -10.26
CA GLN K 878 -22.39 -64.66 -9.31
C GLN K 878 -23.42 -65.53 -8.61
N GLN K 879 -22.94 -66.29 -7.62
CA GLN K 879 -23.76 -67.22 -6.83
C GLN K 879 -24.86 -66.54 -6.03
N SER K 880 -24.87 -65.21 -5.97
CA SER K 880 -25.95 -64.53 -5.29
C SER K 880 -27.25 -64.89 -5.97
N VAL K 881 -27.19 -65.04 -7.29
CA VAL K 881 -28.33 -65.37 -8.11
C VAL K 881 -28.40 -66.86 -8.37
N PHE K 882 -27.29 -67.45 -8.85
CA PHE K 882 -27.36 -68.79 -9.38
C PHE K 882 -27.33 -69.89 -8.33
N ASP K 883 -27.97 -71.00 -8.68
CA ASP K 883 -27.88 -72.21 -7.89
C ASP K 883 -26.64 -72.94 -8.34
N ILE K 884 -25.61 -72.94 -7.47
CA ILE K 884 -24.32 -73.38 -7.95
C ILE K 884 -24.20 -74.91 -7.92
N TYR K 885 -25.20 -75.64 -7.43
CA TYR K 885 -25.15 -77.10 -7.43
C TYR K 885 -26.06 -77.67 -8.49
N GLN K 886 -26.85 -76.81 -9.12
CA GLN K 886 -27.66 -77.12 -10.30
C GLN K 886 -27.54 -76.01 -11.35
N PRO K 887 -26.32 -75.74 -11.86
CA PRO K 887 -26.17 -74.69 -12.87
C PRO K 887 -26.88 -75.07 -14.17
N ARG K 888 -27.59 -74.11 -14.76
CA ARG K 888 -28.32 -74.39 -15.99
C ARG K 888 -28.21 -73.23 -16.97
N VAL K 889 -28.34 -73.58 -18.23
CA VAL K 889 -28.41 -72.66 -19.37
C VAL K 889 -29.85 -72.36 -19.74
N SER K 890 -30.16 -71.07 -19.92
CA SER K 890 -31.54 -70.66 -20.20
C SER K 890 -31.83 -70.94 -21.68
N GLN K 891 -33.09 -70.77 -22.08
CA GLN K 891 -33.53 -71.06 -23.44
C GLN K 891 -32.87 -70.17 -24.48
N GLY K 892 -32.62 -68.90 -24.14
CA GLY K 892 -32.00 -67.94 -25.03
C GLY K 892 -30.70 -68.48 -25.58
N THR K 893 -29.79 -68.85 -24.68
CA THR K 893 -28.50 -69.40 -25.08
C THR K 893 -28.63 -70.74 -25.80
N LEU K 894 -29.48 -71.65 -25.30
CA LEU K 894 -29.61 -72.98 -25.93
C LEU K 894 -30.00 -72.87 -27.39
N ASN K 895 -30.90 -71.94 -27.69
CA ASN K 895 -31.39 -71.69 -29.03
C ASN K 895 -30.38 -70.93 -29.88
N ASP K 896 -29.71 -69.91 -29.31
CA ASP K 896 -28.73 -69.14 -30.12
C ASP K 896 -27.57 -70.01 -30.54
N VAL K 897 -27.14 -70.92 -29.65
CA VAL K 897 -26.01 -71.80 -29.96
C VAL K 897 -26.38 -72.73 -31.10
N ALA K 898 -27.60 -73.30 -31.05
CA ALA K 898 -28.05 -74.21 -32.09
C ALA K 898 -28.11 -73.53 -33.44
N ALA K 899 -28.62 -72.30 -33.49
CA ALA K 899 -28.74 -71.56 -34.75
C ALA K 899 -27.36 -71.27 -35.34
N PHE K 900 -26.44 -70.81 -34.50
CA PHE K 900 -25.08 -70.44 -34.91
C PHE K 900 -24.35 -71.59 -35.57
N VAL K 901 -24.42 -72.77 -34.96
CA VAL K 901 -23.69 -73.91 -35.47
C VAL K 901 -24.37 -74.52 -36.69
N ASN K 902 -25.70 -74.58 -36.68
CA ASN K 902 -26.38 -75.28 -37.76
C ASN K 902 -26.15 -74.60 -39.10
N GLU K 903 -25.98 -73.27 -39.11
CA GLU K 903 -25.50 -72.59 -40.32
C GLU K 903 -24.10 -72.93 -40.79
N LEU K 904 -23.25 -73.51 -39.94
CA LEU K 904 -21.89 -73.83 -40.32
C LEU K 904 -21.62 -75.32 -40.48
N ASN K 905 -22.61 -76.18 -40.35
CA ASN K 905 -22.31 -77.61 -40.31
C ASN K 905 -22.19 -78.23 -41.69
N SER K 906 -23.31 -78.34 -42.34
CA SER K 906 -23.62 -79.06 -43.56
C SER K 906 -25.07 -78.87 -43.86
N PHE K 907 -25.39 -78.91 -45.15
CA PHE K 907 -26.78 -78.90 -45.57
C PHE K 907 -27.60 -79.98 -44.89
N HIS K 908 -26.99 -81.13 -44.63
CA HIS K 908 -27.71 -82.30 -44.13
C HIS K 908 -27.74 -82.47 -42.62
N VAL K 909 -27.15 -81.60 -41.78
CA VAL K 909 -27.03 -81.94 -40.36
C VAL K 909 -27.48 -80.81 -39.44
N GLN K 910 -28.37 -81.15 -38.49
CA GLN K 910 -28.78 -80.22 -37.46
C GLN K 910 -28.28 -80.76 -36.12
N ALA K 911 -27.76 -79.88 -35.26
CA ALA K 911 -27.31 -80.30 -33.94
C ALA K 911 -28.30 -79.86 -32.88
N LYS K 912 -28.26 -80.56 -31.74
CA LYS K 912 -29.15 -80.30 -30.63
C LYS K 912 -28.33 -79.76 -29.46
N VAL K 913 -28.88 -78.80 -28.74
CA VAL K 913 -28.15 -78.14 -27.65
C VAL K 913 -28.94 -78.35 -26.36
N ILE K 914 -28.30 -78.94 -25.35
CA ILE K 914 -28.98 -79.32 -24.11
C ILE K 914 -28.17 -78.93 -22.87
N ASN K 915 -28.86 -78.99 -21.74
CA ASN K 915 -28.24 -78.91 -20.42
C ASN K 915 -27.74 -80.29 -20.00
N PRO K 916 -26.65 -80.33 -19.20
CA PRO K 916 -26.02 -81.60 -18.81
C PRO K 916 -26.85 -82.51 -17.96
N ASN K 917 -27.86 -82.00 -17.25
CA ASN K 917 -28.70 -82.77 -16.33
C ASN K 917 -27.87 -83.55 -15.31
N TYR K 918 -27.11 -82.80 -14.52
CA TYR K 918 -26.05 -83.30 -13.66
C TYR K 918 -26.53 -84.33 -12.62
N GLU K 919 -25.65 -85.30 -12.35
CA GLU K 919 -25.82 -86.34 -11.34
C GLU K 919 -24.44 -86.78 -10.87
N GLU K 920 -24.28 -87.05 -9.56
CA GLU K 920 -22.93 -87.30 -9.05
C GLU K 920 -22.87 -87.96 -7.67
N VAL K 921 -21.72 -88.63 -7.44
CA VAL K 921 -21.29 -89.34 -6.25
C VAL K 921 -20.55 -88.42 -5.27
N LYS K 922 -20.44 -88.84 -4.01
CA LYS K 922 -19.76 -87.99 -3.04
C LYS K 922 -18.94 -88.77 -2.02
N VAL K 923 -17.93 -88.09 -1.51
CA VAL K 923 -16.88 -88.64 -0.67
C VAL K 923 -17.24 -88.72 0.81
N ASP K 924 -16.58 -89.66 1.48
CA ASP K 924 -16.54 -89.87 2.90
C ASP K 924 -15.13 -90.35 3.20
N VAL K 925 -14.63 -90.12 4.41
CA VAL K 925 -13.24 -90.50 4.63
C VAL K 925 -12.92 -90.71 6.10
N LYS K 926 -11.80 -91.39 6.32
CA LYS K 926 -11.18 -91.50 7.63
C LYS K 926 -10.82 -90.13 8.13
N VAL K 927 -10.93 -89.97 9.45
CA VAL K 927 -10.66 -88.68 10.07
C VAL K 927 -9.22 -88.27 9.85
N LYS K 928 -9.02 -86.98 9.66
CA LYS K 928 -7.67 -86.45 9.53
C LYS K 928 -6.88 -86.73 10.80
N PHE K 929 -5.62 -87.13 10.62
CA PHE K 929 -4.70 -87.38 11.72
C PHE K 929 -4.25 -86.10 12.39
N ARG K 930 -4.50 -84.96 11.78
CA ARG K 930 -4.14 -83.69 12.35
C ARG K 930 -5.07 -82.63 11.80
N GLU K 931 -5.18 -81.56 12.57
CA GLU K 931 -5.97 -80.41 12.20
C GLU K 931 -5.37 -79.26 12.99
N GLY K 932 -5.56 -78.03 12.48
CA GLY K 932 -5.08 -76.85 13.20
C GLY K 932 -5.72 -76.75 14.58
N LEU K 933 -7.00 -77.03 14.67
CA LEU K 933 -7.78 -77.04 15.89
C LEU K 933 -9.11 -77.69 15.55
N ASP K 934 -9.81 -78.14 16.59
CA ASP K 934 -11.14 -78.72 16.42
C ASP K 934 -12.11 -77.75 15.75
N VAL K 935 -11.95 -76.45 15.95
CA VAL K 935 -12.80 -75.46 15.29
C VAL K 935 -12.15 -74.88 14.03
N SER K 936 -10.90 -74.42 14.14
CA SER K 936 -10.20 -73.74 13.05
C SER K 936 -10.06 -74.62 11.82
N PHE K 937 -9.92 -75.91 12.02
CA PHE K 937 -9.83 -76.87 10.94
C PHE K 937 -10.80 -77.99 11.21
N TYR K 938 -12.01 -77.59 11.59
CA TYR K 938 -13.11 -78.51 11.85
C TYR K 938 -13.36 -79.36 10.64
N LEU K 939 -13.87 -80.58 10.89
CA LEU K 939 -14.24 -81.46 9.77
C LEU K 939 -15.23 -80.80 8.83
N THR K 940 -16.08 -79.92 9.37
CA THR K 940 -16.96 -79.10 8.55
C THR K 940 -16.19 -78.18 7.61
N LYS K 941 -15.07 -77.62 8.07
CA LYS K 941 -14.27 -76.75 7.20
C LYS K 941 -13.65 -77.56 6.08
N VAL K 942 -13.18 -78.77 6.40
CA VAL K 942 -12.65 -79.67 5.40
C VAL K 942 -13.72 -80.05 4.39
N LYS K 943 -14.94 -80.26 4.88
CA LYS K 943 -16.07 -80.58 4.01
C LYS K 943 -16.36 -79.43 3.06
N GLU K 944 -16.30 -78.19 3.56
CA GLU K 944 -16.52 -77.02 2.73
C GLU K 944 -15.47 -76.91 1.64
N ASP K 945 -14.21 -77.16 1.99
CA ASP K 945 -13.13 -77.12 1.02
C ASP K 945 -13.30 -78.18 -0.04
N ILE K 946 -13.71 -79.38 0.38
CA ILE K 946 -13.96 -80.47 -0.56
C ILE K 946 -15.07 -80.11 -1.52
N LYS K 947 -16.13 -79.49 -1.01
CA LYS K 947 -17.24 -79.06 -1.84
C LYS K 947 -16.80 -78.02 -2.86
N LYS K 948 -15.96 -77.07 -2.45
CA LYS K 948 -15.48 -76.05 -3.37
C LYS K 948 -14.65 -76.65 -4.50
N PHE K 949 -13.78 -77.62 -4.16
CA PHE K 949 -12.94 -78.25 -5.17
C PHE K 949 -13.78 -78.97 -6.22
N LEU K 950 -14.85 -79.61 -5.78
CA LEU K 950 -15.72 -80.28 -6.72
C LEU K 950 -16.62 -79.29 -7.45
N SER K 951 -17.09 -78.26 -6.74
CA SER K 951 -17.99 -77.25 -7.31
C SER K 951 -17.36 -76.55 -8.49
N PRO K 952 -16.04 -76.34 -8.43
CA PRO K 952 -15.28 -75.71 -9.51
C PRO K 952 -15.33 -76.48 -10.82
N TRP K 953 -15.66 -77.76 -10.78
CA TRP K 953 -15.89 -78.48 -12.02
C TRP K 953 -17.32 -78.28 -12.50
N ALA K 954 -18.27 -78.32 -11.56
CA ALA K 954 -19.69 -78.16 -11.85
C ALA K 954 -20.01 -76.76 -12.31
N TYR K 955 -19.34 -75.78 -11.74
CA TYR K 955 -19.61 -74.37 -11.99
C TYR K 955 -18.27 -73.68 -11.83
N ASP K 956 -18.14 -72.46 -12.32
CA ASP K 956 -16.85 -71.80 -12.19
C ASP K 956 -16.53 -71.50 -10.73
N GLN K 957 -15.30 -71.83 -10.34
CA GLN K 957 -14.69 -71.54 -9.05
C GLN K 957 -13.23 -71.90 -9.21
N GLU K 958 -12.40 -71.53 -8.24
CA GLU K 958 -11.01 -71.92 -8.31
C GLU K 958 -10.81 -73.32 -7.77
N SER K 959 -9.88 -74.07 -8.38
CA SER K 959 -9.46 -75.38 -7.90
C SER K 959 -8.13 -75.75 -8.52
N SER K 960 -7.18 -76.18 -7.69
CA SER K 960 -5.87 -76.59 -8.18
C SER K 960 -5.95 -77.89 -8.98
N VAL K 961 -6.83 -78.79 -8.58
CA VAL K 961 -6.95 -80.10 -9.23
C VAL K 961 -7.47 -79.96 -10.65
N GLU K 962 -6.94 -80.80 -11.54
CA GLU K 962 -7.32 -80.79 -12.95
C GLU K 962 -8.80 -81.07 -13.15
N PHE K 963 -9.38 -81.96 -12.33
CA PHE K 963 -10.77 -82.33 -12.50
C PHE K 963 -11.32 -82.94 -11.21
N GLY K 964 -12.63 -82.76 -11.01
CA GLY K 964 -13.34 -83.48 -9.97
C GLY K 964 -13.42 -84.96 -10.28
N VAL K 965 -13.57 -85.30 -11.57
CA VAL K 965 -13.73 -86.68 -12.03
C VAL K 965 -12.36 -87.35 -12.07
N THR K 966 -11.87 -87.69 -10.88
CA THR K 966 -10.52 -88.19 -10.78
C THR K 966 -10.42 -89.26 -9.70
N LEU K 967 -9.28 -89.95 -9.72
CA LEU K 967 -8.94 -90.96 -8.75
C LEU K 967 -8.67 -90.34 -7.39
N HIS K 968 -8.75 -91.18 -6.36
CA HIS K 968 -8.51 -90.77 -4.98
C HIS K 968 -7.13 -90.17 -4.78
N ARG K 969 -6.17 -90.53 -5.64
CA ARG K 969 -4.83 -89.96 -5.60
C ARG K 969 -4.86 -88.45 -5.77
N SER K 970 -5.74 -87.95 -6.62
CA SER K 970 -5.86 -86.52 -6.82
C SER K 970 -6.47 -85.86 -5.60
N GLN K 971 -7.49 -86.51 -5.04
CA GLN K 971 -8.15 -86.01 -3.84
C GLN K 971 -7.19 -85.98 -2.67
N MET K 972 -6.36 -87.01 -2.55
CA MET K 972 -5.37 -87.09 -1.48
C MET K 972 -4.36 -85.97 -1.58
N ILE K 973 -3.90 -85.68 -2.80
CA ILE K 973 -2.95 -84.59 -3.00
C ILE K 973 -3.56 -83.24 -2.64
N HIS K 974 -4.83 -83.04 -3.00
CA HIS K 974 -5.52 -81.79 -2.70
C HIS K 974 -5.60 -81.54 -1.21
N TYR K 975 -5.85 -82.60 -0.45
CA TYR K 975 -5.93 -82.49 1.00
C TYR K 975 -4.54 -82.40 1.64
N LEU K 976 -3.57 -83.17 1.12
CA LEU K 976 -2.21 -83.18 1.66
C LEU K 976 -1.58 -81.80 1.60
N GLU K 977 -1.94 -81.03 0.56
CA GLU K 977 -1.46 -79.68 0.37
C GLU K 977 -1.95 -78.70 1.44
N GLN K 978 -2.97 -79.07 2.22
CA GLN K 978 -3.50 -78.16 3.24
C GLN K 978 -2.50 -77.93 4.36
N LEU K 979 -2.52 -76.71 4.89
CA LEU K 979 -1.65 -76.32 5.99
C LEU K 979 -2.14 -76.84 7.34
N THR K 980 -3.25 -77.55 7.37
CA THR K 980 -3.88 -78.03 8.59
C THR K 980 -4.27 -79.50 8.44
N TYR K 981 -3.33 -80.33 8.01
CA TYR K 981 -3.60 -81.76 7.81
C TYR K 981 -2.30 -82.54 7.93
N VAL K 982 -2.42 -83.85 8.23
CA VAL K 982 -1.24 -84.71 8.21
C VAL K 982 -1.43 -86.04 7.50
N ASP K 983 -2.59 -86.67 7.62
CA ASP K 983 -2.80 -88.01 7.08
C ASP K 983 -4.27 -88.37 7.16
N TYR K 984 -4.63 -89.44 6.45
CA TYR K 984 -5.94 -90.07 6.59
C TYR K 984 -5.83 -91.51 6.11
N ILE K 985 -6.31 -92.45 6.93
CA ILE K 985 -6.11 -93.88 6.69
C ILE K 985 -6.83 -94.41 5.46
N THR K 986 -8.01 -93.87 5.15
CA THR K 986 -8.83 -94.43 4.07
C THR K 986 -9.85 -93.41 3.58
N ASP K 987 -10.33 -93.63 2.35
CA ASP K 987 -11.37 -92.78 1.77
C ASP K 987 -12.15 -93.56 0.71
N LEU K 988 -13.38 -93.10 0.45
CA LEU K 988 -14.25 -93.69 -0.57
C LEU K 988 -15.24 -92.64 -1.06
N ARG K 989 -15.80 -92.85 -2.26
CA ARG K 989 -16.75 -91.88 -2.81
C ARG K 989 -17.85 -92.52 -3.67
N LEU K 990 -18.57 -93.52 -3.16
CA LEU K 990 -19.59 -94.14 -3.99
C LEU K 990 -20.80 -93.22 -4.18
N LEU K 991 -21.59 -93.50 -5.22
CA LEU K 991 -22.80 -92.74 -5.44
C LEU K 991 -23.81 -93.02 -4.35
N LYS K 992 -24.65 -92.04 -4.10
CA LYS K 992 -25.55 -92.05 -2.95
C LYS K 992 -26.74 -92.95 -3.24
N ARG K 993 -26.53 -94.26 -3.09
CA ARG K 993 -27.61 -95.25 -3.19
C ARG K 993 -28.69 -95.02 -2.15
N GLN K 994 -28.31 -94.36 -1.06
CA GLN K 994 -29.16 -94.04 0.07
C GLN K 994 -29.74 -92.64 -0.03
N ALA K 995 -29.74 -92.04 -1.21
CA ALA K 995 -30.39 -90.76 -1.38
C ALA K 995 -31.87 -91.05 -1.48
N GLY K 996 -32.62 -90.69 -0.44
CA GLY K 996 -34.05 -90.96 -0.39
C GLY K 996 -34.83 -90.00 -1.30
N SER K 997 -34.37 -88.75 -1.40
CA SER K 997 -35.11 -87.70 -2.10
C SER K 997 -35.28 -88.04 -3.57
N SER K 998 -34.21 -88.36 -4.23
CA SER K 998 -34.27 -88.87 -5.58
C SER K 998 -34.51 -90.35 -5.41
N PRO K 999 -35.45 -90.95 -6.14
CA PRO K 999 -35.99 -92.27 -5.78
C PRO K 999 -34.93 -93.38 -5.68
N CYS K 1000 -35.18 -94.30 -4.73
CA CYS K 1000 -34.29 -95.39 -4.34
C CYS K 1000 -34.10 -96.33 -5.50
N ASN K 1001 -33.10 -97.24 -5.39
CA ASN K 1001 -32.54 -98.10 -6.45
C ASN K 1001 -31.56 -97.30 -7.30
N PRO K 1002 -31.16 -96.13 -6.82
CA PRO K 1002 -30.19 -95.31 -7.53
C PRO K 1002 -28.85 -96.04 -7.62
N ILE K 1003 -28.21 -95.88 -8.78
CA ILE K 1003 -26.93 -96.51 -9.02
C ILE K 1003 -25.88 -95.93 -8.10
N PHE K 1004 -24.96 -96.80 -7.70
CA PHE K 1004 -23.87 -96.48 -6.80
C PHE K 1004 -22.56 -96.56 -7.56
N ILE K 1005 -21.52 -95.96 -7.01
CA ILE K 1005 -20.25 -95.92 -7.72
C ILE K 1005 -19.19 -96.62 -6.88
N GLU K 1006 -19.46 -97.89 -6.57
CA GLU K 1006 -18.62 -98.68 -5.67
C GLU K 1006 -17.52 -99.47 -6.38
N THR K 1007 -17.69 -99.80 -7.66
CA THR K 1007 -16.82 -100.76 -8.33
C THR K 1007 -15.50 -100.15 -8.83
N THR K 1008 -14.73 -99.59 -7.89
CA THR K 1008 -13.35 -99.11 -8.12
C THR K 1008 -13.22 -98.14 -9.29
N GLU K 1009 -14.17 -97.23 -9.46
CA GLU K 1009 -14.08 -96.26 -10.53
C GLU K 1009 -13.39 -94.99 -10.04
N LYS K 1010 -12.60 -94.37 -10.92
CA LYS K 1010 -12.00 -93.08 -10.61
C LYS K 1010 -13.02 -91.94 -10.82
N GLU K 1011 -14.12 -92.03 -10.05
CA GLU K 1011 -15.24 -91.09 -10.09
C GLU K 1011 -15.80 -90.88 -11.49
N TYR K 1012 -15.91 -91.97 -12.27
CA TYR K 1012 -16.40 -91.88 -13.63
C TYR K 1012 -17.85 -91.39 -13.65
N ILE K 1013 -18.17 -90.57 -14.64
CA ILE K 1013 -19.54 -90.11 -14.80
C ILE K 1013 -20.46 -91.30 -15.05
N GLN K 1014 -21.67 -91.22 -14.48
CA GLN K 1014 -22.66 -92.27 -14.62
C GLN K 1014 -23.09 -92.51 -16.05
N PRO K 1015 -22.94 -91.51 -16.91
CA PRO K 1015 -23.41 -91.60 -18.28
C PRO K 1015 -22.71 -90.56 -19.16
N SER K 1016 -22.82 -90.78 -20.47
CA SER K 1016 -22.27 -89.85 -21.46
C SER K 1016 -22.91 -88.46 -21.35
N ASN K 1017 -24.17 -88.42 -20.96
CA ASN K 1017 -24.95 -87.20 -20.76
C ASN K 1017 -25.90 -87.55 -19.64
N PRO K 1018 -26.49 -86.53 -18.99
CA PRO K 1018 -27.32 -86.70 -17.78
C PRO K 1018 -26.46 -87.23 -16.64
N LYS K 1019 -25.26 -86.68 -16.52
CA LYS K 1019 -24.29 -87.02 -15.50
C LYS K 1019 -23.25 -85.92 -15.43
N SER K 1020 -22.66 -85.74 -14.25
CA SER K 1020 -21.57 -84.78 -14.14
C SER K 1020 -20.39 -85.22 -13.31
N ILE K 1021 -20.55 -86.14 -12.35
CA ILE K 1021 -19.49 -86.53 -11.41
C ILE K 1021 -18.87 -85.31 -10.72
N LEU K 1022 -19.70 -84.37 -10.33
CA LEU K 1022 -19.28 -83.13 -9.67
C LEU K 1022 -20.22 -82.76 -8.52
N VAL K 1023 -20.44 -83.70 -7.59
CA VAL K 1023 -21.29 -83.42 -6.43
C VAL K 1023 -20.57 -82.48 -5.50
N SER K 1024 -21.32 -81.63 -4.81
CA SER K 1024 -20.71 -80.68 -3.91
C SER K 1024 -21.74 -80.17 -2.91
N ARG L 14 19.66 -74.55 52.60
CA ARG L 14 20.11 -73.37 51.86
C ARG L 14 18.94 -72.82 51.04
N ASP L 15 18.99 -71.52 50.72
CA ASP L 15 17.88 -70.86 50.02
C ASP L 15 18.10 -70.65 48.52
N GLY L 16 19.10 -71.31 47.95
CA GLY L 16 19.38 -71.18 46.53
C GLY L 16 19.86 -69.79 46.17
N THR L 17 19.19 -69.18 45.21
CA THR L 17 19.51 -67.84 44.75
C THR L 17 18.30 -67.12 44.20
N GLY L 18 18.53 -65.91 43.72
CA GLY L 18 17.46 -65.10 43.20
C GLY L 18 17.97 -63.82 42.60
N ARG L 19 17.02 -63.00 42.14
CA ARG L 19 17.32 -61.81 41.34
C ARG L 19 18.19 -60.79 42.06
N ARG L 20 17.98 -60.56 43.35
CA ARG L 20 18.74 -59.53 44.05
C ARG L 20 20.17 -59.97 44.37
N ASP L 21 20.51 -61.23 44.12
CA ASP L 21 21.79 -61.77 44.55
C ASP L 21 22.70 -61.92 43.33
N LEU L 22 22.30 -61.38 42.17
CA LEU L 22 23.00 -61.64 40.92
C LEU L 22 24.04 -60.58 40.54
N LEU L 23 24.36 -59.64 41.42
CA LEU L 23 25.33 -58.60 41.10
C LEU L 23 26.74 -58.98 41.54
N ASP L 24 27.67 -59.02 40.57
CA ASP L 24 29.06 -59.32 40.85
C ASP L 24 29.78 -58.00 41.13
N PRO L 25 30.21 -57.76 42.37
CA PRO L 25 30.83 -56.49 42.75
C PRO L 25 32.18 -56.22 42.11
N LYS L 26 32.82 -57.22 41.54
CA LYS L 26 34.13 -57.00 40.95
C LYS L 26 34.18 -57.39 39.49
N LEU L 27 33.09 -57.17 38.76
CA LEU L 27 33.12 -57.38 37.32
C LEU L 27 33.17 -56.06 36.59
N ALA L 28 32.48 -55.06 37.11
CA ALA L 28 32.45 -53.76 36.48
C ALA L 28 33.86 -53.20 36.38
N PRO L 29 34.29 -52.77 35.19
CA PRO L 29 35.64 -52.21 34.96
C PRO L 29 36.08 -51.16 35.94
N GLU L 30 35.14 -50.37 36.46
CA GLU L 30 35.49 -49.27 37.34
C GLU L 30 36.25 -49.72 38.57
N SER L 31 36.02 -50.95 39.03
CA SER L 31 36.68 -51.43 40.25
C SER L 31 38.19 -51.31 40.18
N VAL L 32 38.75 -51.11 38.99
CA VAL L 32 40.18 -51.02 38.80
C VAL L 32 40.55 -49.62 38.34
N GLN L 33 41.38 -48.96 39.11
CA GLN L 33 41.87 -47.65 38.75
C GLN L 33 43.35 -47.81 38.47
N LEU L 34 43.70 -47.84 37.19
CA LEU L 34 45.07 -48.12 36.79
C LEU L 34 46.05 -47.08 37.33
N GLN L 35 45.62 -45.83 37.43
CA GLN L 35 46.43 -44.76 37.97
C GLN L 35 45.68 -44.10 39.10
N ASP L 36 46.23 -44.04 40.32
CA ASP L 36 45.51 -43.41 41.44
C ASP L 36 46.25 -42.27 42.16
N PHE L 37 47.29 -41.66 41.59
CA PHE L 37 47.97 -40.61 42.35
C PHE L 37 47.14 -39.33 42.42
N GLU L 38 47.25 -38.65 43.56
CA GLU L 38 46.66 -37.32 43.78
C GLU L 38 47.76 -36.27 43.77
N LEU L 39 47.37 -35.00 43.89
CA LEU L 39 48.37 -33.92 43.90
C LEU L 39 49.38 -34.13 45.00
N SER L 40 48.92 -34.67 46.13
CA SER L 40 49.75 -34.81 47.29
C SER L 40 50.77 -35.93 47.09
N ASP L 41 50.52 -36.87 46.17
CA ASP L 41 51.47 -37.95 45.94
C ASP L 41 52.56 -37.49 45.02
N TRP L 42 52.22 -36.63 44.07
CA TRP L 42 53.27 -36.11 43.21
C TRP L 42 54.13 -35.13 43.97
N LEU L 43 53.57 -34.46 44.98
CA LEU L 43 54.39 -33.61 45.81
C LEU L 43 55.37 -34.42 46.66
N ILE L 44 54.94 -35.58 47.17
CA ILE L 44 55.89 -36.44 47.92
C ILE L 44 56.99 -36.92 47.01
N PHE L 45 56.63 -37.29 45.77
CA PHE L 45 57.61 -37.68 44.76
C PHE L 45 58.68 -36.61 44.60
N ALA L 46 58.25 -35.35 44.46
CA ALA L 46 59.17 -34.23 44.31
C ALA L 46 60.07 -34.03 45.52
N LEU L 47 59.54 -34.22 46.75
CA LEU L 47 60.35 -34.04 47.95
C LEU L 47 61.53 -35.01 47.98
N ASN L 48 61.33 -36.22 47.47
CA ASN L 48 62.38 -37.23 47.45
C ASN L 48 63.35 -36.93 46.31
N PHE L 49 62.79 -36.65 45.13
CA PHE L 49 63.57 -36.42 43.92
C PHE L 49 64.56 -35.28 44.09
N ALA L 50 64.15 -34.24 44.81
CA ALA L 50 64.98 -33.06 45.06
C ALA L 50 66.32 -33.40 45.73
N ARG L 51 66.40 -34.51 46.43
CA ARG L 51 67.61 -34.93 47.13
C ARG L 51 68.51 -35.83 46.29
N LYS L 52 68.10 -36.16 45.08
CA LYS L 52 68.89 -37.00 44.20
C LYS L 52 69.54 -36.22 43.07
N ILE L 53 69.35 -34.91 43.03
CA ILE L 53 69.79 -34.03 41.97
C ILE L 53 70.76 -32.99 42.55
N HIS L 54 71.91 -32.80 41.91
CA HIS L 54 72.90 -31.81 42.31
C HIS L 54 72.37 -30.39 42.09
N PHE L 55 72.92 -29.40 42.80
CA PHE L 55 72.56 -28.01 42.56
C PHE L 55 73.85 -27.27 42.29
N PHE L 56 73.84 -26.39 41.30
CA PHE L 56 75.05 -25.67 40.88
C PHE L 56 74.96 -24.18 41.17
N PRO L 57 75.69 -23.68 42.16
CA PRO L 57 75.71 -22.24 42.49
C PRO L 57 76.26 -21.39 41.37
N SER L 58 75.77 -20.15 41.27
CA SER L 58 76.11 -19.29 40.15
C SER L 58 77.54 -18.76 40.27
N ASP L 59 78.20 -18.90 41.42
CA ASP L 59 79.56 -18.39 41.58
C ASP L 59 80.63 -19.47 41.43
N LEU L 60 80.29 -20.68 41.04
CA LEU L 60 81.28 -21.72 40.85
C LEU L 60 81.33 -22.12 39.39
N ALA L 61 82.49 -22.57 38.92
CA ALA L 61 82.64 -22.96 37.52
C ALA L 61 82.07 -24.35 37.28
N ASN L 62 80.75 -24.42 37.34
CA ASN L 62 80.05 -25.68 37.16
C ASN L 62 80.48 -26.72 38.19
N GLU L 63 80.64 -26.32 39.43
CA GLU L 63 80.95 -27.29 40.47
C GLU L 63 79.68 -27.47 41.27
N PRO L 64 79.33 -28.68 41.66
CA PRO L 64 78.11 -28.91 42.45
C PRO L 64 78.32 -28.51 43.91
N LEU L 65 77.24 -28.09 44.57
CA LEU L 65 77.29 -27.80 46.01
C LEU L 65 75.91 -27.99 46.64
N GLY L 66 75.59 -29.20 47.04
CA GLY L 66 74.27 -29.43 47.63
C GLY L 66 73.24 -29.87 46.60
N ASP L 67 71.97 -29.69 46.96
CA ASP L 67 70.85 -30.22 46.18
C ASP L 67 69.72 -29.19 46.08
N TRP L 68 68.52 -29.66 45.77
CA TRP L 68 67.35 -28.81 45.57
C TRP L 68 66.38 -28.86 46.74
N ARG L 69 66.84 -29.37 47.87
CA ARG L 69 66.03 -29.58 49.07
C ARG L 69 65.25 -28.34 49.51
N ASN L 70 65.87 -27.18 49.42
CA ASN L 70 65.28 -25.95 49.94
C ASN L 70 64.19 -25.37 49.07
N PHE L 71 63.92 -25.97 47.92
CA PHE L 71 62.90 -25.42 47.05
C PHE L 71 61.51 -25.99 47.33
N PHE L 72 61.42 -27.05 48.14
CA PHE L 72 60.12 -27.66 48.46
C PHE L 72 59.86 -27.67 49.95
N SER L 73 60.67 -26.95 50.72
CA SER L 73 60.62 -26.97 52.16
C SER L 73 59.41 -26.21 52.70
N THR L 74 58.78 -25.40 51.87
CA THR L 74 57.63 -24.62 52.29
C THR L 74 56.31 -25.35 52.16
N ILE L 75 56.33 -26.59 51.70
CA ILE L 75 55.10 -27.36 51.59
C ILE L 75 54.75 -28.00 52.92
N VAL L 76 55.75 -28.56 53.58
CA VAL L 76 55.56 -29.30 54.82
C VAL L 76 55.70 -28.38 56.02
N SER L 77 54.63 -28.26 56.81
CA SER L 77 54.51 -27.39 57.97
C SER L 77 55.22 -27.93 59.19
N ASP L 78 55.55 -29.22 59.20
CA ASP L 78 56.26 -29.82 60.32
C ASP L 78 57.42 -30.62 59.74
N LYS L 79 58.59 -30.03 59.91
CA LYS L 79 59.83 -30.51 59.32
C LYS L 79 60.25 -31.85 59.87
N THR L 80 59.70 -32.25 61.02
CA THR L 80 59.97 -33.55 61.59
C THR L 80 59.74 -34.66 60.61
N LEU L 81 58.66 -34.55 59.85
CA LEU L 81 58.19 -35.62 59.01
C LEU L 81 59.03 -35.83 57.77
N ILE L 82 59.97 -34.94 57.47
CA ILE L 82 60.75 -35.13 56.26
C ILE L 82 62.24 -35.15 56.55
N SER L 83 62.63 -35.30 57.82
CA SER L 83 64.04 -35.24 58.20
C SER L 83 64.83 -36.37 57.53
N ASP L 84 64.16 -37.47 57.21
CA ASP L 84 64.73 -38.63 56.58
C ASP L 84 63.78 -39.18 55.53
N ILE L 85 63.10 -38.29 54.79
CA ILE L 85 61.99 -38.68 53.89
C ILE L 85 62.33 -39.84 52.95
N GLU L 86 63.60 -39.99 52.55
CA GLU L 86 63.93 -40.99 51.54
C GLU L 86 63.86 -42.39 52.14
N ASN L 87 63.72 -42.52 53.47
CA ASN L 87 63.63 -43.79 54.15
C ASN L 87 62.25 -44.11 54.72
N LEU L 88 61.20 -43.40 54.33
CA LEU L 88 59.88 -43.65 54.89
C LEU L 88 59.15 -44.79 54.20
N ASP L 89 58.30 -45.45 54.98
CA ASP L 89 57.43 -46.50 54.49
C ASP L 89 55.98 -46.22 54.91
N ASP L 90 55.73 -45.04 55.46
CA ASP L 90 54.43 -44.63 55.96
C ASP L 90 54.31 -43.14 55.69
N PHE L 91 53.40 -42.82 54.78
CA PHE L 91 53.22 -41.45 54.34
C PHE L 91 51.93 -40.83 54.82
N GLU L 92 51.27 -41.39 55.83
CA GLU L 92 49.96 -40.90 56.21
C GLU L 92 50.07 -39.52 56.87
N LYS L 93 51.08 -39.33 57.73
CA LYS L 93 51.23 -38.04 58.40
C LYS L 93 51.68 -36.98 57.42
N LEU L 94 52.57 -37.37 56.52
CA LEU L 94 53.12 -36.45 55.54
C LEU L 94 52.04 -36.01 54.58
N ARG L 95 51.25 -36.97 54.09
CA ARG L 95 50.18 -36.67 53.15
C ARG L 95 49.18 -35.72 53.79
N GLY L 96 48.90 -35.90 55.08
CA GLY L 96 48.00 -35.02 55.80
C GLY L 96 48.45 -33.56 55.78
N ASN L 97 49.72 -33.31 56.13
CA ASN L 97 50.20 -31.92 56.12
C ASN L 97 50.20 -31.33 54.73
N ILE L 98 50.49 -32.14 53.71
CA ILE L 98 50.49 -31.62 52.36
C ILE L 98 49.10 -31.18 51.95
N GLU L 99 48.09 -31.93 52.35
CA GLU L 99 46.73 -31.56 52.00
C GLU L 99 46.33 -30.24 52.64
N GLU L 100 46.74 -30.01 53.91
CA GLU L 100 46.50 -28.70 54.53
C GLU L 100 47.14 -27.56 53.77
N PHE L 101 48.37 -27.74 53.30
CA PHE L 101 49.05 -26.75 52.50
C PHE L 101 48.25 -26.40 51.26
N LEU L 102 47.82 -27.43 50.53
CA LEU L 102 47.11 -27.21 49.29
C LEU L 102 45.82 -26.47 49.53
N ALA L 103 45.11 -26.80 50.61
CA ALA L 103 43.89 -26.07 50.91
C ALA L 103 44.17 -24.61 51.24
N ALA L 104 45.20 -24.37 52.05
CA ALA L 104 45.52 -23.03 52.54
C ALA L 104 45.83 -22.05 51.42
N TYR L 105 46.50 -22.52 50.38
CA TYR L 105 46.89 -21.64 49.31
C TYR L 105 45.97 -21.70 48.11
N ASP L 106 44.88 -22.44 48.19
CA ASP L 106 44.01 -22.51 47.04
C ASP L 106 43.29 -21.19 46.89
N GLN L 107 43.57 -20.55 45.77
CA GLN L 107 43.03 -19.24 45.41
C GLN L 107 43.45 -18.15 46.38
N SER L 108 44.64 -18.25 46.96
CA SER L 108 45.11 -17.19 47.85
C SER L 108 45.89 -16.12 47.11
N GLY L 109 46.52 -16.47 46.01
CA GLY L 109 47.39 -15.57 45.31
C GLY L 109 48.76 -15.41 45.92
N LYS L 110 49.16 -16.31 46.82
CA LYS L 110 50.38 -16.13 47.60
C LYS L 110 51.55 -17.10 47.36
N LEU L 111 51.55 -17.96 46.33
CA LEU L 111 52.71 -18.85 46.18
C LEU L 111 53.85 -18.24 45.36
N THR L 112 55.07 -18.64 45.71
CA THR L 112 56.23 -18.31 44.93
C THR L 112 56.10 -18.94 43.56
N PRO L 113 56.50 -18.22 42.50
CA PRO L 113 56.36 -18.66 41.11
C PRO L 113 56.88 -20.04 40.73
N HIS L 114 57.95 -20.56 41.34
CA HIS L 114 58.35 -21.89 40.90
C HIS L 114 57.37 -22.96 41.35
N LEU L 115 56.67 -22.73 42.45
CA LEU L 115 55.68 -23.70 42.88
C LEU L 115 54.40 -23.49 42.14
N THR L 116 54.12 -22.24 41.78
CA THR L 116 52.92 -21.95 41.02
C THR L 116 52.88 -22.75 39.73
N LEU L 117 54.00 -22.80 39.00
CA LEU L 117 54.00 -23.61 37.79
C LEU L 117 53.87 -25.09 38.07
N PHE L 118 54.61 -25.59 39.07
CA PHE L 118 54.59 -27.02 39.33
C PHE L 118 53.19 -27.50 39.67
N VAL L 119 52.50 -26.76 40.53
CA VAL L 119 51.16 -27.18 40.93
C VAL L 119 50.16 -27.04 39.78
N SER L 120 50.23 -25.95 39.00
CA SER L 120 49.33 -25.82 37.85
C SER L 120 49.48 -26.96 36.88
N PHE L 121 50.71 -27.38 36.64
CA PHE L 121 50.98 -28.53 35.80
C PHE L 121 50.31 -29.77 36.35
N LEU L 122 50.46 -30.02 37.64
CA LEU L 122 49.85 -31.21 38.22
C LEU L 122 48.35 -31.18 38.10
N LYS L 123 47.73 -30.00 38.21
CA LYS L 123 46.29 -29.92 38.02
C LYS L 123 45.89 -30.21 36.58
N LEU L 124 46.66 -29.73 35.59
CA LEU L 124 46.31 -30.01 34.19
C LEU L 124 46.32 -31.51 33.90
N LEU L 125 47.23 -32.25 34.53
CA LEU L 125 47.34 -33.70 34.33
C LEU L 125 46.12 -34.49 34.78
N GLU L 126 45.20 -33.90 35.53
CA GLU L 126 44.03 -34.66 35.95
C GLU L 126 43.18 -35.12 34.78
N THR L 127 43.23 -34.42 33.65
CA THR L 127 42.46 -34.86 32.49
C THR L 127 43.10 -36.06 31.82
N SER L 128 44.37 -36.30 32.07
CA SER L 128 45.04 -37.46 31.52
C SER L 128 44.68 -38.69 32.31
N LYS L 129 44.55 -38.51 33.61
CA LYS L 129 44.14 -39.60 34.47
C LYS L 129 42.77 -40.08 34.08
N LYS L 130 41.87 -39.16 33.75
CA LYS L 130 40.51 -39.53 33.38
C LYS L 130 40.48 -40.40 32.13
N ARG L 131 41.27 -40.03 31.11
CA ARG L 131 41.32 -40.81 29.88
C ARG L 131 42.03 -42.14 30.08
N PHE L 132 43.14 -42.12 30.78
CA PHE L 132 43.95 -43.32 31.00
C PHE L 132 43.21 -44.39 31.74
N ASN L 133 42.42 -44.04 32.73
CA ASN L 133 41.73 -45.06 33.51
C ASN L 133 40.52 -45.66 32.79
N GLN L 134 40.21 -45.27 31.55
CA GLN L 134 39.13 -45.91 30.82
C GLN L 134 39.61 -47.09 30.00
N LEU L 135 40.90 -47.38 30.07
CA LEU L 135 41.46 -48.50 29.31
C LEU L 135 40.93 -49.85 29.74
N THR L 136 40.60 -50.02 31.01
CA THR L 136 40.11 -51.32 31.48
C THR L 136 38.76 -51.65 30.86
N LYS L 137 37.93 -50.64 30.63
CA LYS L 137 36.64 -50.89 30.01
C LYS L 137 36.82 -51.20 28.54
N ARG L 138 37.68 -50.43 27.87
CA ARG L 138 37.90 -50.64 26.45
C ARG L 138 38.44 -52.03 26.17
N HIS L 139 39.31 -52.51 27.06
CA HIS L 139 39.88 -53.84 26.97
C HIS L 139 38.81 -54.91 27.08
N LEU L 140 37.94 -54.79 28.10
CA LEU L 140 36.88 -55.77 28.29
C LEU L 140 35.93 -55.83 27.11
N ASP L 141 35.48 -54.66 26.63
CA ASP L 141 34.53 -54.63 25.53
C ASP L 141 35.13 -55.23 24.28
N PHE L 142 36.41 -54.95 24.02
CA PHE L 142 37.08 -55.53 22.87
C PHE L 142 37.03 -57.03 22.89
N TYR L 143 37.38 -57.62 24.03
CA TYR L 143 37.39 -59.07 24.12
C TYR L 143 36.00 -59.67 23.91
N TYR L 144 34.98 -59.15 24.58
CA TYR L 144 33.66 -59.77 24.40
C TYR L 144 33.06 -59.50 23.02
N GLN L 145 33.27 -58.30 22.44
CA GLN L 145 32.60 -57.99 21.19
C GLN L 145 33.40 -58.26 19.93
N GLU L 146 34.71 -58.13 19.94
CA GLU L 146 35.47 -58.31 18.71
C GLU L 146 36.19 -59.64 18.65
N ILE L 147 36.59 -60.19 19.81
CA ILE L 147 37.22 -61.49 19.81
C ILE L 147 36.19 -62.59 19.88
N LEU L 148 35.26 -62.50 20.80
CA LEU L 148 34.25 -63.54 20.94
C LEU L 148 33.02 -63.33 20.08
N HIS L 149 32.88 -62.16 19.45
CA HIS L 149 31.77 -61.81 18.57
C HIS L 149 30.40 -61.91 19.23
N LEU L 150 30.25 -61.45 20.46
CA LEU L 150 28.97 -61.55 21.14
C LEU L 150 28.28 -60.19 21.21
N GLU L 151 27.00 -60.14 20.85
CA GLU L 151 26.26 -58.88 20.84
C GLU L 151 25.18 -58.86 21.92
N LYS L 152 24.52 -57.71 22.04
CA LYS L 152 23.45 -57.49 23.01
C LYS L 152 22.09 -57.90 22.43
N GLN L 153 21.16 -58.23 23.32
CA GLN L 153 19.81 -58.62 22.90
C GLN L 153 18.88 -57.41 22.78
N ALA L 154 17.96 -57.52 21.83
CA ALA L 154 16.96 -56.52 21.47
C ALA L 154 15.69 -56.61 22.31
N LEU L 155 14.87 -55.56 22.14
CA LEU L 155 13.58 -55.31 22.80
C LEU L 155 12.43 -56.20 22.32
N SER L 156 11.52 -56.55 23.26
CA SER L 156 10.25 -57.23 22.98
C SER L 156 9.05 -56.37 23.41
N PRO L 157 8.06 -56.20 22.53
CA PRO L 157 6.86 -55.40 22.83
C PRO L 157 5.89 -56.10 23.77
N ASP L 158 5.10 -55.33 24.53
CA ASP L 158 4.11 -55.89 25.44
C ASP L 158 2.69 -55.99 24.85
N HIS L 159 1.85 -56.80 25.51
CA HIS L 159 0.47 -57.10 25.12
C HIS L 159 -0.57 -56.65 26.15
N VAL L 160 -1.72 -56.13 25.68
CA VAL L 160 -2.85 -55.74 26.53
C VAL L 160 -4.19 -56.21 25.98
N PHE L 161 -5.19 -56.26 26.87
CA PHE L 161 -6.59 -56.43 26.47
C PHE L 161 -7.39 -55.19 26.82
N LEU L 162 -8.26 -54.81 25.91
CA LEU L 162 -9.12 -53.66 26.08
C LEU L 162 -10.58 -54.08 25.98
N ILE L 163 -11.37 -53.50 26.88
CA ILE L 163 -12.81 -53.69 26.93
C ILE L 163 -13.40 -52.42 26.39
N PHE L 164 -14.12 -52.51 25.29
CA PHE L 164 -14.73 -51.35 24.64
C PHE L 164 -16.20 -51.23 24.96
N GLU L 165 -16.73 -50.02 24.85
CA GLU L 165 -18.15 -49.76 25.03
C GLU L 165 -18.66 -48.83 23.92
N LEU L 166 -19.76 -49.17 23.27
CA LEU L 166 -20.32 -48.35 22.19
C LEU L 166 -21.21 -47.23 22.71
N ALA L 167 -21.43 -46.23 21.86
CA ALA L 167 -22.26 -45.07 22.18
C ALA L 167 -23.74 -45.40 21.98
N LYS L 168 -24.62 -44.49 22.39
CA LYS L 168 -26.08 -44.72 22.46
C LYS L 168 -26.82 -45.03 21.15
N ASN L 169 -26.49 -44.40 20.04
CA ASN L 169 -27.20 -44.57 18.79
C ASN L 169 -26.67 -45.60 17.79
N VAL L 170 -25.68 -46.42 18.14
CA VAL L 170 -25.11 -47.39 17.19
C VAL L 170 -25.31 -48.84 17.62
N SER L 171 -25.47 -49.76 16.66
CA SER L 171 -25.69 -51.16 17.05
C SER L 171 -24.48 -52.10 16.87
N GLN L 172 -23.92 -52.11 15.68
CA GLN L 172 -22.74 -52.88 15.44
C GLN L 172 -21.74 -51.97 14.75
N GLU L 173 -20.46 -52.23 14.95
CA GLU L 173 -19.42 -51.45 14.29
C GLU L 173 -18.19 -52.32 14.10
N LYS L 174 -17.32 -51.96 13.17
CA LYS L 174 -16.10 -52.73 12.94
C LYS L 174 -14.89 -51.87 13.28
N LEU L 175 -13.97 -52.41 14.05
CA LEU L 175 -12.75 -51.70 14.39
C LEU L 175 -11.63 -52.43 13.66
N ASP L 176 -10.94 -51.74 12.76
CA ASP L 176 -9.88 -52.30 11.92
C ASP L 176 -8.55 -52.57 12.61
N GLU L 177 -7.71 -53.40 11.98
CA GLU L 177 -6.38 -53.69 12.50
C GLU L 177 -5.47 -52.48 12.32
N GLY L 178 -4.54 -52.28 13.28
CA GLY L 178 -3.65 -51.19 13.21
C GLY L 178 -4.19 -49.94 13.81
N THR L 179 -5.37 -49.98 14.39
CA THR L 179 -5.88 -48.77 15.02
C THR L 179 -4.96 -48.39 16.15
N GLU L 180 -4.61 -47.12 16.21
CA GLU L 180 -3.72 -46.64 17.25
C GLU L 180 -4.41 -46.35 18.57
N VAL L 181 -3.79 -46.79 19.65
CA VAL L 181 -4.34 -46.65 20.99
C VAL L 181 -3.37 -45.77 21.74
N ASP L 182 -3.85 -44.93 22.64
CA ASP L 182 -2.99 -43.98 23.34
C ASP L 182 -2.60 -44.43 24.74
N GLY L 183 -1.30 -44.50 24.99
CA GLY L 183 -0.78 -44.96 26.27
C GLY L 183 -0.04 -44.14 27.32
N GLY L 184 -0.05 -42.81 27.30
CA GLY L 184 0.67 -42.02 28.32
C GLY L 184 2.00 -41.50 27.81
N LYS L 185 2.85 -40.96 28.69
CA LYS L 185 4.13 -40.46 28.21
C LYS L 185 5.18 -41.12 29.07
N ASP L 186 6.37 -41.30 28.52
CA ASP L 186 7.46 -41.88 29.28
C ASP L 186 8.24 -40.80 30.04
N ASP L 187 9.44 -41.15 30.52
CA ASP L 187 10.29 -40.19 31.21
C ASP L 187 10.70 -39.05 30.29
N THR L 188 11.02 -39.40 29.05
CA THR L 188 11.41 -38.45 28.02
C THR L 188 10.31 -37.47 27.62
N GLY L 189 9.04 -37.83 27.83
CA GLY L 189 7.91 -36.98 27.50
C GLY L 189 7.20 -37.32 26.21
N LYS L 190 7.78 -38.18 25.38
CA LYS L 190 7.10 -38.62 24.16
C LYS L 190 6.09 -39.67 24.58
N LYS L 191 5.01 -39.78 23.82
CA LYS L 191 3.92 -40.72 24.09
C LYS L 191 4.10 -42.19 23.69
N ASN L 192 3.41 -43.09 24.41
CA ASN L 192 3.36 -44.52 24.12
C ASN L 192 2.22 -44.84 23.18
N THR L 193 2.45 -45.76 22.27
CA THR L 193 1.46 -46.22 21.29
C THR L 193 1.32 -47.74 21.21
N TYR L 194 0.09 -48.22 21.20
CA TYR L 194 -0.24 -49.63 21.07
C TYR L 194 -1.12 -49.81 19.85
N LEU L 195 -0.90 -50.84 19.05
CA LEU L 195 -1.72 -51.05 17.86
C LEU L 195 -2.60 -52.28 17.99
N THR L 196 -3.87 -52.18 17.66
CA THR L 196 -4.71 -53.37 17.79
C THR L 196 -4.28 -54.46 16.82
N SER L 197 -4.36 -55.68 17.30
CA SER L 197 -3.92 -56.91 16.60
C SER L 197 -4.78 -57.54 15.49
N PHE L 198 -6.09 -57.63 15.63
CA PHE L 198 -6.96 -58.27 14.66
C PHE L 198 -8.14 -57.36 14.38
N GLU L 199 -8.92 -57.69 13.36
CA GLU L 199 -10.11 -56.92 13.02
C GLU L 199 -11.25 -57.41 13.90
N THR L 200 -12.01 -56.51 14.50
CA THR L 200 -13.08 -56.93 15.39
C THR L 200 -14.41 -56.24 15.16
N VAL L 201 -15.49 -56.94 15.56
CA VAL L 201 -16.84 -56.42 15.43
C VAL L 201 -17.32 -56.13 16.85
N LEU L 202 -17.81 -54.94 17.09
CA LEU L 202 -18.25 -54.56 18.42
C LEU L 202 -19.76 -54.34 18.43
N ASN L 203 -20.40 -54.66 19.55
CA ASN L 203 -21.85 -54.51 19.68
C ASN L 203 -22.17 -54.26 21.14
N LYS L 204 -23.38 -54.55 21.58
CA LYS L 204 -23.75 -54.25 22.97
C LYS L 204 -23.98 -55.47 23.87
N THR L 205 -23.52 -56.64 23.48
CA THR L 205 -23.82 -57.82 24.27
C THR L 205 -23.04 -57.74 25.57
N LYS L 206 -23.72 -57.92 26.70
CA LYS L 206 -23.10 -57.77 28.00
C LYS L 206 -23.34 -58.98 28.90
N VAL L 207 -22.38 -59.31 29.76
CA VAL L 207 -22.59 -60.38 30.74
C VAL L 207 -23.44 -59.84 31.88
N GLY L 208 -24.59 -60.47 32.12
CA GLY L 208 -25.50 -60.02 33.14
C GLY L 208 -25.44 -60.79 34.45
N GLN L 209 -25.45 -62.12 34.40
CA GLN L 209 -25.53 -62.90 35.64
C GLN L 209 -24.66 -64.16 35.64
N LEU L 210 -24.15 -64.51 36.82
CA LEU L 210 -23.31 -65.68 37.02
C LEU L 210 -23.81 -66.53 38.19
N LYS L 211 -24.17 -67.80 37.92
CA LYS L 211 -24.70 -68.71 38.94
C LYS L 211 -24.02 -70.08 38.90
N SER L 212 -23.99 -70.80 40.04
CA SER L 212 -23.36 -72.11 39.98
C SER L 212 -23.92 -73.16 40.96
N LEU L 213 -23.73 -74.44 40.57
CA LEU L 213 -24.14 -75.63 41.32
C LEU L 213 -23.03 -76.67 41.45
N TYR L 214 -23.06 -77.47 42.51
CA TYR L 214 -22.21 -78.67 42.54
C TYR L 214 -22.82 -79.81 43.34
N ASN L 215 -22.70 -81.10 42.56
CA ASN L 215 -23.18 -82.36 43.14
C ASN L 215 -22.06 -83.37 43.28
N GLU L 216 -21.62 -83.59 44.52
CA GLU L 216 -20.53 -84.49 44.85
C GLU L 216 -21.03 -85.77 45.47
N ILE L 217 -20.69 -86.92 44.93
CA ILE L 217 -21.22 -88.19 45.42
C ILE L 217 -20.10 -89.08 45.94
N SER L 218 -20.25 -89.54 47.17
CA SER L 218 -19.30 -90.44 47.82
C SER L 218 -19.75 -91.89 47.80
N VAL L 219 -21.05 -92.13 47.93
CA VAL L 219 -21.56 -93.49 48.10
C VAL L 219 -22.51 -93.86 46.97
N GLU L 220 -22.20 -94.99 46.34
CA GLU L 220 -23.04 -95.56 45.29
C GLU L 220 -24.45 -95.83 45.79
N LYS L 221 -25.46 -95.39 45.00
CA LYS L 221 -26.88 -95.47 45.36
C LYS L 221 -27.32 -96.86 45.80
N GLU L 222 -26.70 -97.90 45.27
CA GLU L 222 -27.11 -99.26 45.59
C GLU L 222 -26.86 -99.61 47.05
N GLU L 223 -26.01 -98.85 47.74
CA GLU L 223 -25.73 -99.11 49.15
C GLU L 223 -26.67 -98.36 50.09
N ILE L 224 -27.64 -97.59 49.58
CA ILE L 224 -28.59 -96.94 50.46
C ILE L 224 -29.67 -97.94 50.81
N LYS L 225 -29.68 -98.37 52.07
CA LYS L 225 -30.64 -99.37 52.51
C LYS L 225 -31.74 -98.76 53.35
N GLU L 226 -31.45 -97.64 53.99
CA GLU L 226 -32.37 -96.91 54.83
C GLU L 226 -32.04 -95.44 54.66
N LEU L 227 -32.97 -94.55 55.01
CA LEU L 227 -32.66 -93.13 54.86
C LEU L 227 -31.55 -92.69 55.81
N ASN L 228 -31.57 -93.16 57.04
CA ASN L 228 -30.59 -92.70 58.02
C ASN L 228 -29.32 -93.54 57.93
N THR L 229 -28.57 -93.33 56.85
CA THR L 229 -27.33 -94.04 56.65
C THR L 229 -26.30 -93.56 57.68
N PRO L 230 -25.38 -94.44 58.10
CA PRO L 230 -24.31 -94.07 59.06
C PRO L 230 -23.28 -93.13 58.49
N ILE L 231 -23.24 -92.99 57.18
CA ILE L 231 -22.23 -92.22 56.49
C ILE L 231 -22.96 -91.27 55.54
N SER L 232 -22.39 -90.10 55.34
CA SER L 232 -22.91 -89.18 54.34
C SER L 232 -22.77 -89.83 52.98
N THR L 233 -23.73 -89.65 52.11
CA THR L 233 -23.64 -90.23 50.78
C THR L 233 -23.25 -89.25 49.69
N GLY L 234 -23.38 -87.97 49.96
CA GLY L 234 -23.04 -86.93 49.02
C GLY L 234 -23.45 -85.57 49.53
N THR L 235 -23.03 -84.53 48.79
CA THR L 235 -23.29 -83.11 49.08
C THR L 235 -23.71 -82.36 47.82
N PHE L 236 -24.74 -81.50 47.95
CA PHE L 236 -25.28 -80.61 46.92
C PHE L 236 -25.40 -79.16 47.48
N VAL L 237 -24.80 -78.16 46.78
CA VAL L 237 -24.78 -76.73 47.13
C VAL L 237 -24.98 -75.83 45.92
N MET L 238 -25.32 -74.57 46.21
CA MET L 238 -25.53 -73.58 45.16
C MET L 238 -25.05 -72.18 45.53
N ALA L 239 -24.69 -71.42 44.50
CA ALA L 239 -24.37 -70.01 44.63
C ALA L 239 -25.23 -69.17 43.69
N PRO L 240 -26.24 -68.47 44.22
CA PRO L 240 -27.08 -67.55 43.43
C PRO L 240 -26.33 -66.39 42.82
N MET L 241 -25.19 -66.02 43.39
CA MET L 241 -24.31 -65.00 42.83
C MET L 241 -22.91 -65.60 42.97
N ALA L 242 -22.46 -66.26 41.91
CA ALA L 242 -21.21 -67.03 41.91
C ALA L 242 -19.99 -66.16 42.16
N ASN L 243 -20.02 -64.92 41.76
CA ASN L 243 -18.86 -64.06 41.87
C ASN L 243 -18.89 -63.14 43.09
N SER L 244 -19.70 -63.42 44.07
CA SER L 244 -19.66 -62.71 45.34
C SER L 244 -18.90 -63.47 46.38
N PHE L 245 -18.60 -62.82 47.50
CA PHE L 245 -17.74 -63.44 48.51
C PHE L 245 -18.38 -64.66 49.18
N ASP L 246 -19.63 -64.55 49.62
CA ASP L 246 -20.36 -65.63 50.28
C ASP L 246 -21.33 -66.35 49.36
N GLY L 247 -21.30 -66.04 48.08
CA GLY L 247 -22.24 -66.58 47.12
C GLY L 247 -23.58 -65.89 47.08
N LEU L 248 -23.80 -64.87 47.92
CA LEU L 248 -25.09 -64.20 48.05
C LEU L 248 -25.01 -62.68 47.88
N GLY L 249 -23.85 -62.14 47.54
CA GLY L 249 -23.72 -60.70 47.36
C GLY L 249 -22.74 -59.99 48.28
N GLU L 250 -22.06 -60.65 49.21
CA GLU L 250 -21.17 -59.90 50.09
C GLU L 250 -19.93 -59.49 49.31
N ASP L 251 -19.46 -58.28 49.52
CA ASP L 251 -18.29 -57.73 48.82
C ASP L 251 -17.04 -58.48 49.23
N PHE L 252 -16.12 -58.62 48.30
CA PHE L 252 -14.85 -59.22 48.65
C PHE L 252 -14.09 -58.22 49.50
N PRO L 253 -13.38 -58.69 50.52
CA PRO L 253 -12.53 -57.81 51.32
C PRO L 253 -11.45 -57.25 50.42
N LYS L 254 -11.10 -55.97 50.64
CA LYS L 254 -10.13 -55.20 49.86
C LYS L 254 -8.94 -55.95 49.27
N GLY L 255 -8.32 -56.79 50.09
CA GLY L 255 -7.10 -57.47 49.70
C GLY L 255 -7.19 -58.41 48.51
N SER L 256 -8.35 -59.05 48.26
CA SER L 256 -8.37 -60.00 47.14
C SER L 256 -9.77 -60.33 46.64
N GLU L 257 -9.86 -60.49 45.31
CA GLU L 257 -11.12 -60.94 44.70
C GLU L 257 -10.84 -62.21 43.93
N LYS L 258 -11.36 -63.32 44.43
CA LYS L 258 -11.11 -64.62 43.84
C LYS L 258 -12.34 -65.47 44.04
N TRP L 259 -12.75 -66.22 43.01
CA TRP L 259 -13.87 -67.10 43.27
C TRP L 259 -13.80 -68.39 42.46
N TRP L 260 -14.45 -69.42 42.98
CA TRP L 260 -14.42 -70.71 42.34
C TRP L 260 -15.53 -70.82 41.30
N PRO L 261 -15.18 -71.15 40.05
CA PRO L 261 -16.16 -71.23 38.96
C PRO L 261 -17.27 -72.25 39.18
N PHE L 262 -17.04 -73.27 39.98
CA PHE L 262 -18.09 -74.25 40.22
C PHE L 262 -18.35 -74.43 41.69
N GLY L 263 -18.26 -73.35 42.47
CA GLY L 263 -18.54 -73.42 43.91
C GLY L 263 -17.48 -74.17 44.70
N TYR L 264 -17.85 -74.57 45.92
CA TYR L 264 -16.99 -75.32 46.83
C TYR L 264 -17.86 -76.00 47.88
N THR L 265 -17.35 -77.10 48.45
CA THR L 265 -18.08 -77.81 49.49
C THR L 265 -17.39 -77.85 50.84
N LYS L 266 -16.17 -77.36 50.96
CA LYS L 266 -15.55 -77.38 52.27
C LYS L 266 -15.23 -75.94 52.62
N ILE L 267 -15.35 -75.65 53.92
CA ILE L 267 -15.06 -74.34 54.53
C ILE L 267 -13.57 -73.98 54.68
N CYS L 268 -12.73 -74.90 55.17
CA CYS L 268 -11.32 -74.64 55.32
C CYS L 268 -10.61 -75.27 54.14
N ASN L 269 -9.78 -74.47 53.47
CA ASN L 269 -9.15 -74.98 52.28
C ASN L 269 -7.63 -74.84 52.51
N ALA L 270 -6.85 -74.82 51.43
CA ALA L 270 -5.39 -74.83 51.55
C ALA L 270 -4.83 -73.65 52.35
N SER L 271 -5.45 -72.48 52.29
CA SER L 271 -4.89 -71.34 53.00
C SER L 271 -5.87 -70.51 53.81
N THR L 272 -7.16 -70.57 53.53
CA THR L 272 -8.13 -69.72 54.19
C THR L 272 -9.40 -70.42 54.57
N VAL L 273 -10.35 -69.62 55.07
CA VAL L 273 -11.62 -70.10 55.55
C VAL L 273 -12.75 -69.28 54.92
N LEU L 274 -13.67 -69.96 54.23
CA LEU L 274 -14.75 -69.27 53.56
C LEU L 274 -16.10 -69.54 54.25
N PRO L 275 -17.03 -68.59 54.17
CA PRO L 275 -18.41 -68.84 54.59
C PRO L 275 -19.01 -69.99 53.79
N ALA L 276 -19.89 -70.76 54.42
CA ALA L 276 -20.52 -71.88 53.73
C ALA L 276 -21.52 -71.40 52.68
N LEU L 277 -21.63 -72.14 51.59
CA LEU L 277 -22.66 -71.87 50.60
C LEU L 277 -23.98 -72.51 51.06
N PRO L 278 -25.10 -71.88 50.73
CA PRO L 278 -26.41 -72.47 51.02
C PRO L 278 -26.61 -73.74 50.23
N LYS L 279 -27.39 -74.66 50.77
CA LYS L 279 -27.61 -75.92 50.09
C LYS L 279 -28.75 -75.80 49.09
N ALA L 280 -28.68 -76.67 48.07
CA ALA L 280 -29.61 -76.63 46.95
C ALA L 280 -31.06 -76.86 47.37
N ARG L 281 -31.94 -76.11 46.73
CA ARG L 281 -33.38 -76.19 46.92
C ARG L 281 -34.00 -77.11 45.89
N LEU L 282 -34.60 -78.19 46.34
CA LEU L 282 -35.16 -79.21 45.47
C LEU L 282 -36.55 -79.59 45.97
N GLY L 283 -37.48 -79.85 45.04
CA GLY L 283 -38.80 -80.31 45.43
C GLY L 283 -39.80 -80.25 44.29
N CYS L 284 -41.09 -80.17 44.64
CA CYS L 284 -42.17 -80.16 43.64
C CYS L 284 -43.47 -79.65 44.23
N SER L 285 -44.47 -79.45 43.34
CA SER L 285 -45.77 -79.05 43.83
C SER L 285 -46.90 -79.68 43.02
N ILE L 286 -48.06 -79.76 43.68
CA ILE L 286 -49.29 -80.37 43.18
C ILE L 286 -50.41 -79.34 43.20
N SER L 287 -51.18 -79.29 42.13
CA SER L 287 -52.31 -78.38 42.14
C SER L 287 -53.59 -79.01 41.58
N SER L 288 -54.67 -78.92 42.37
CA SER L 288 -55.98 -79.47 42.06
C SER L 288 -57.10 -78.83 42.86
N LYS L 289 -58.29 -78.92 42.30
CA LYS L 289 -59.47 -78.32 42.88
C LYS L 289 -59.80 -78.83 44.26
N LEU L 290 -59.53 -80.09 44.58
CA LEU L 290 -59.97 -80.62 45.86
C LEU L 290 -59.41 -79.86 47.04
N LEU L 291 -58.44 -78.99 46.81
CA LEU L 291 -57.84 -78.24 47.87
C LEU L 291 -58.60 -76.96 48.19
N LYS L 292 -59.68 -76.64 47.48
CA LYS L 292 -60.43 -75.42 47.78
C LYS L 292 -61.25 -75.62 49.05
N LEU L 293 -60.62 -75.37 50.20
CA LEU L 293 -61.21 -75.65 51.52
C LEU L 293 -61.33 -74.39 52.37
N SER L 294 -62.56 -73.98 52.75
CA SER L 294 -62.68 -72.70 53.44
C SER L 294 -62.95 -72.76 54.94
N GLU L 295 -63.52 -73.84 55.49
CA GLU L 295 -63.86 -73.86 56.91
C GLU L 295 -63.99 -75.26 57.48
N GLY L 296 -64.08 -75.31 58.81
CA GLY L 296 -64.29 -76.56 59.52
C GLY L 296 -62.98 -77.30 59.75
N THR L 297 -63.09 -78.58 60.06
CA THR L 297 -61.92 -79.42 60.26
C THR L 297 -61.54 -80.01 58.92
N ARG L 298 -60.29 -79.82 58.51
CA ARG L 298 -59.87 -80.30 57.21
C ARG L 298 -58.80 -81.38 57.32
N ASP L 299 -59.06 -82.53 56.71
CA ASP L 299 -58.12 -83.63 56.67
C ASP L 299 -57.75 -83.99 55.23
N ILE L 300 -56.47 -83.89 54.88
CA ILE L 300 -55.97 -84.11 53.51
C ILE L 300 -55.05 -85.33 53.43
N ILE L 301 -55.38 -86.30 52.58
CA ILE L 301 -54.57 -87.52 52.44
C ILE L 301 -54.04 -87.67 51.01
N LEU L 302 -52.72 -87.89 50.89
CA LEU L 302 -52.08 -88.09 49.58
C LEU L 302 -51.38 -89.44 49.47
N GLU L 303 -51.67 -90.19 48.40
CA GLU L 303 -50.95 -91.42 48.13
C GLU L 303 -50.22 -91.45 46.81
N PHE L 304 -48.94 -91.85 46.87
CA PHE L 304 -48.04 -91.88 45.71
C PHE L 304 -47.57 -93.31 45.32
N THR L 305 -47.77 -93.82 43.82
CA THR L 305 -47.36 -95.17 43.31
C THR L 305 -46.39 -95.13 42.12
N PHE L 306 -45.31 -95.89 42.26
CA PHE L 306 -44.17 -95.96 41.38
C PHE L 306 -44.02 -97.32 40.69
N ASN L 307 -43.13 -97.39 39.67
CA ASN L 307 -42.91 -98.65 38.94
C ASN L 307 -42.09 -99.66 39.77
N LYS L 308 -41.16 -99.20 40.59
CA LYS L 308 -40.26 -100.06 41.34
C LYS L 308 -40.51 -99.95 42.85
N PRO L 309 -40.09 -100.98 43.63
CA PRO L 309 -40.15 -100.92 45.10
C PRO L 309 -39.29 -99.78 45.60
N ILE L 310 -39.63 -99.25 46.77
CA ILE L 310 -38.87 -98.10 47.24
C ILE L 310 -37.64 -98.52 48.03
N LEU L 311 -37.71 -99.38 49.06
CA LEU L 311 -36.52 -99.65 49.88
C LEU L 311 -36.63 -101.01 50.57
N PRO L 312 -35.52 -101.66 50.93
CA PRO L 312 -35.59 -102.90 51.75
C PRO L 312 -36.05 -102.64 53.19
N ASN L 313 -35.96 -101.41 53.65
CA ASN L 313 -36.34 -101.04 55.00
C ASN L 313 -37.41 -99.95 54.87
N GLY L 314 -38.60 -100.24 55.36
CA GLY L 314 -39.67 -99.28 55.29
C GLY L 314 -39.41 -98.13 56.24
N GLU L 315 -40.24 -97.10 56.17
CA GLU L 315 -39.97 -95.89 56.93
C GLU L 315 -41.16 -95.39 57.73
N ASP L 316 -40.85 -94.97 58.95
CA ASP L 316 -41.76 -94.39 59.91
C ASP L 316 -42.11 -92.96 59.52
N TYR L 317 -43.26 -92.48 60.01
CA TYR L 317 -43.63 -91.10 59.76
C TYR L 317 -42.62 -90.11 60.34
N THR L 318 -41.92 -90.47 61.42
CA THR L 318 -40.90 -89.58 61.97
C THR L 318 -39.66 -89.52 61.13
N ALA L 319 -39.47 -90.47 60.23
CA ALA L 319 -38.37 -90.39 59.31
C ALA L 319 -38.70 -89.43 58.20
N LEU L 320 -39.94 -89.50 57.71
CA LEU L 320 -40.34 -88.61 56.62
C LEU L 320 -40.32 -87.16 57.06
N ASN L 321 -40.68 -86.88 58.32
CA ASN L 321 -40.67 -85.49 58.80
C ASN L 321 -39.26 -84.90 58.91
N LYS L 322 -38.22 -85.70 58.79
CA LYS L 322 -36.85 -85.23 58.78
C LYS L 322 -36.30 -85.07 57.38
N ALA L 323 -37.05 -85.55 56.41
CA ALA L 323 -36.63 -85.54 55.03
C ALA L 323 -37.35 -84.51 54.18
N MET L 324 -38.58 -84.12 54.56
CA MET L 324 -39.39 -83.23 53.75
C MET L 324 -40.07 -82.11 54.54
N SER L 325 -40.49 -81.08 53.81
CA SER L 325 -41.24 -79.94 54.35
C SER L 325 -42.36 -79.52 53.39
N ILE L 326 -43.59 -79.36 53.89
CA ILE L 326 -44.76 -79.11 53.04
C ILE L 326 -45.45 -77.79 53.38
N GLU L 327 -45.80 -77.00 52.34
CA GLU L 327 -46.52 -75.73 52.49
C GLU L 327 -47.74 -75.60 51.56
N LEU L 328 -48.75 -74.83 51.99
CA LEU L 328 -49.97 -74.56 51.20
C LEU L 328 -50.21 -73.08 50.94
N THR L 329 -50.90 -72.77 49.85
CA THR L 329 -51.28 -71.38 49.57
C THR L 329 -52.56 -71.04 50.31
N GLY L 330 -52.49 -70.08 51.22
CA GLY L 330 -53.65 -69.67 51.99
C GLY L 330 -53.95 -68.18 51.89
N GLU L 331 -54.92 -67.75 52.70
CA GLU L 331 -55.46 -66.38 52.64
C GLU L 331 -54.42 -65.29 52.88
N LYS L 332 -53.44 -65.54 53.75
CA LYS L 332 -52.48 -64.48 54.07
C LYS L 332 -51.09 -64.81 53.57
N GLY L 333 -50.96 -65.75 52.66
CA GLY L 333 -49.64 -66.16 52.22
C GLY L 333 -49.50 -67.64 52.38
N TRP L 334 -48.29 -68.12 52.57
CA TRP L 334 -48.10 -69.55 52.67
C TRP L 334 -48.39 -70.03 54.09
N ILE L 335 -49.07 -71.17 54.18
CA ILE L 335 -49.35 -71.85 55.43
C ILE L 335 -48.19 -72.79 55.68
N ALA L 336 -47.47 -72.59 56.78
CA ALA L 336 -46.25 -73.35 56.98
C ALA L 336 -45.96 -73.46 58.46
N GLY L 337 -45.04 -74.36 58.80
CA GLY L 337 -44.65 -74.54 60.18
C GLY L 337 -45.35 -75.73 60.79
N LEU L 338 -45.52 -75.72 62.11
CA LEU L 338 -46.15 -76.84 62.84
C LEU L 338 -47.48 -77.39 62.27
N PRO L 339 -48.43 -76.57 61.76
CA PRO L 339 -49.67 -77.10 61.18
C PRO L 339 -49.49 -78.03 60.00
N MET L 340 -48.30 -78.11 59.43
CA MET L 340 -48.06 -78.94 58.27
C MET L 340 -47.11 -80.10 58.56
N THR L 341 -47.20 -80.67 59.76
CA THR L 341 -46.44 -81.84 60.15
C THR L 341 -47.11 -83.10 59.67
N LEU L 342 -46.35 -84.06 59.14
CA LEU L 342 -46.99 -85.31 58.72
C LEU L 342 -47.50 -86.07 59.92
N LYS L 343 -48.67 -86.69 59.74
CA LYS L 343 -49.33 -87.46 60.78
C LYS L 343 -48.86 -88.91 60.77
N SER L 344 -49.26 -89.62 61.83
CA SER L 344 -48.77 -90.94 62.15
C SER L 344 -49.24 -92.03 61.17
N ASP L 345 -50.24 -91.80 60.32
CA ASP L 345 -50.57 -92.86 59.38
C ASP L 345 -49.79 -92.76 58.09
N SER L 346 -48.83 -91.82 58.00
CA SER L 346 -48.05 -91.68 56.79
C SER L 346 -46.90 -92.69 56.86
N GLY L 347 -46.21 -92.89 55.75
CA GLY L 347 -45.06 -93.80 55.75
C GLY L 347 -44.85 -94.59 54.50
N ILE L 348 -43.82 -95.44 54.48
CA ILE L 348 -43.54 -96.31 53.34
C ILE L 348 -43.39 -97.72 53.86
N ASN L 349 -44.13 -98.67 53.32
CA ASN L 349 -43.98 -100.06 53.71
C ASN L 349 -42.74 -100.60 53.02
N SER L 350 -42.14 -101.65 53.57
CA SER L 350 -40.84 -102.17 53.09
C SER L 350 -40.72 -102.69 51.64
N GLY L 351 -41.66 -103.46 51.12
CA GLY L 351 -41.51 -103.94 49.75
C GLY L 351 -42.40 -103.23 48.76
N SER L 352 -43.13 -102.24 49.24
CA SER L 352 -44.14 -101.50 48.49
C SER L 352 -43.64 -100.54 47.42
N LYS L 353 -44.54 -100.26 46.48
CA LYS L 353 -44.30 -99.26 45.47
C LYS L 353 -45.07 -97.99 45.77
N LYS L 354 -45.63 -97.90 46.96
CA LYS L 354 -46.52 -96.79 47.34
C LYS L 354 -46.07 -96.03 48.57
N MET L 355 -45.99 -94.70 48.44
CA MET L 355 -45.71 -93.79 49.54
C MET L 355 -46.98 -93.05 49.96
N LYS L 356 -47.20 -92.93 51.26
CA LYS L 356 -48.39 -92.23 51.74
C LYS L 356 -48.04 -91.03 52.62
N LEU L 357 -48.65 -89.87 52.30
CA LEU L 357 -48.52 -88.67 53.13
C LEU L 357 -49.89 -88.29 53.79
N SER L 358 -50.02 -87.43 55.12
CA SER L 358 -51.25 -87.04 55.93
C SER L 358 -51.14 -85.72 56.71
N LEU L 359 -52.03 -84.76 56.40
CA LEU L 359 -51.99 -83.41 56.96
C LEU L 359 -53.36 -82.97 57.45
N THR L 360 -53.42 -82.17 58.52
CA THR L 360 -54.73 -81.67 58.94
C THR L 360 -54.68 -80.20 59.34
N LEU L 361 -55.78 -79.49 59.10
CA LEU L 361 -55.91 -78.10 59.54
C LEU L 361 -57.04 -77.90 60.53
N ASP L 362 -56.70 -77.25 61.65
CA ASP L 362 -57.67 -76.76 62.62
C ASP L 362 -58.69 -75.80 62.04
N SER L 363 -59.84 -75.74 62.73
CA SER L 363 -60.91 -74.83 62.35
C SER L 363 -60.52 -73.37 62.51
N GLU L 364 -59.44 -73.11 63.23
CA GLU L 364 -58.92 -71.78 63.44
C GLU L 364 -57.92 -71.32 62.39
N GLN L 365 -57.64 -72.13 61.40
CA GLN L 365 -56.67 -71.79 60.37
C GLN L 365 -57.32 -71.00 59.23
N PRO L 366 -56.52 -70.17 58.55
CA PRO L 366 -56.97 -69.44 57.35
C PRO L 366 -57.43 -70.37 56.23
N ALA L 367 -58.30 -69.87 55.36
CA ALA L 367 -58.80 -70.68 54.25
C ALA L 367 -57.71 -70.95 53.23
N VAL L 368 -57.85 -72.06 52.52
CA VAL L 368 -56.98 -72.42 51.42
C VAL L 368 -57.59 -71.85 50.16
N VAL L 369 -56.80 -71.12 49.39
CA VAL L 369 -57.33 -70.32 48.29
C VAL L 369 -56.51 -70.59 47.02
N PRO L 370 -57.07 -70.25 45.85
CA PRO L 370 -56.32 -70.31 44.59
C PRO L 370 -55.11 -69.40 44.59
N TYR L 371 -54.10 -69.83 43.86
CA TYR L 371 -52.85 -69.09 43.78
C TYR L 371 -53.00 -67.71 43.15
N GLN L 372 -52.34 -66.73 43.75
CA GLN L 372 -52.32 -65.34 43.27
C GLN L 372 -50.89 -64.83 43.27
N THR L 373 -50.39 -64.38 42.11
CA THR L 373 -49.03 -63.87 42.05
C THR L 373 -48.77 -62.66 42.95
N GLU L 374 -49.81 -61.86 43.19
CA GLU L 374 -49.69 -60.68 44.03
C GLU L 374 -49.76 -60.99 45.52
N LEU L 375 -50.10 -62.23 45.89
CA LEU L 375 -50.23 -62.61 47.30
C LEU L 375 -49.23 -63.67 47.73
N HIS L 376 -48.97 -64.64 46.86
CA HIS L 376 -48.11 -65.75 47.18
C HIS L 376 -46.72 -65.59 46.59
N GLU L 377 -46.47 -64.43 46.01
CA GLU L 377 -45.18 -63.94 45.51
C GLU L 377 -44.47 -64.88 44.52
N GLY L 378 -45.12 -65.24 43.42
CA GLY L 378 -44.42 -66.08 42.46
C GLY L 378 -44.76 -65.79 41.01
N SER L 379 -44.59 -66.80 40.13
CA SER L 379 -44.87 -66.58 38.72
C SER L 379 -45.44 -67.86 38.05
N TYR L 380 -46.22 -68.66 38.76
CA TYR L 380 -46.74 -69.89 38.20
C TYR L 380 -48.01 -69.67 37.41
N GLU L 381 -48.17 -70.40 36.30
CA GLU L 381 -49.41 -70.30 35.53
C GLU L 381 -50.44 -71.33 36.02
N VAL L 382 -50.90 -71.10 37.24
CA VAL L 382 -51.83 -71.96 37.98
C VAL L 382 -53.05 -71.20 38.45
N ASP L 383 -54.25 -71.74 38.15
CA ASP L 383 -55.50 -71.10 38.53
C ASP L 383 -56.21 -71.84 39.68
N GLU L 384 -55.51 -72.75 40.34
CA GLU L 384 -55.97 -73.56 41.44
C GLU L 384 -55.13 -73.27 42.69
N PRO L 385 -55.44 -73.86 43.85
CA PRO L 385 -54.55 -73.79 45.02
C PRO L 385 -53.29 -74.60 44.79
N LEU L 386 -52.21 -74.26 45.49
CA LEU L 386 -50.97 -75.04 45.41
C LEU L 386 -50.65 -75.73 46.72
N LEU L 387 -50.09 -76.93 46.60
CA LEU L 387 -49.46 -77.63 47.70
C LEU L 387 -48.00 -77.83 47.33
N ARG L 388 -47.10 -77.24 48.12
CA ARG L 388 -45.67 -77.25 47.81
C ARG L 388 -44.91 -78.12 48.79
N VAL L 389 -44.05 -79.00 48.29
CA VAL L 389 -43.22 -79.80 49.18
C VAL L 389 -41.75 -79.70 48.81
N LEU L 390 -40.92 -79.34 49.78
CA LEU L 390 -39.49 -79.23 49.55
C LEU L 390 -38.74 -80.23 50.42
N PHE L 391 -37.58 -80.65 49.93
CA PHE L 391 -36.76 -81.57 50.68
C PHE L 391 -35.77 -80.84 51.56
N LYS L 392 -35.62 -81.32 52.78
CA LYS L 392 -34.68 -80.75 53.72
C LYS L 392 -33.29 -81.29 53.40
N THR L 393 -32.70 -80.76 52.32
CA THR L 393 -31.37 -81.16 51.83
C THR L 393 -30.23 -80.92 52.79
N ASN L 394 -30.50 -80.19 53.86
CA ASN L 394 -29.52 -79.92 54.90
C ASN L 394 -29.28 -81.20 55.69
N GLU L 395 -30.27 -82.09 55.73
CA GLU L 395 -30.27 -83.29 56.52
C GLU L 395 -29.99 -84.52 55.67
N LYS L 396 -29.48 -85.56 56.32
CA LYS L 396 -29.20 -86.80 55.59
C LYS L 396 -30.48 -87.43 55.03
N GLU L 397 -31.59 -87.36 55.77
CA GLU L 397 -32.83 -87.98 55.33
C GLU L 397 -33.39 -87.28 54.10
N GLY L 398 -33.34 -85.94 54.10
CA GLY L 398 -33.83 -85.17 52.96
C GLY L 398 -33.05 -85.45 51.72
N TYR L 399 -31.72 -85.41 51.83
CA TYR L 399 -30.86 -85.69 50.69
C TYR L 399 -31.08 -87.11 50.18
N ASN L 400 -31.23 -88.08 51.09
CA ASN L 400 -31.43 -89.44 50.63
C ASN L 400 -32.80 -89.68 49.98
N LEU L 401 -33.90 -89.05 50.46
CA LEU L 401 -35.15 -89.24 49.72
C LEU L 401 -35.04 -88.70 48.32
N TYR L 402 -34.39 -87.54 48.16
CA TYR L 402 -34.22 -86.98 46.84
C TYR L 402 -33.55 -87.98 45.91
N ARG L 403 -32.47 -88.61 46.36
CA ARG L 403 -31.78 -89.58 45.51
C ARG L 403 -32.66 -90.78 45.20
N LEU L 404 -33.39 -91.27 46.19
CA LEU L 404 -34.23 -92.46 46.00
C LEU L 404 -35.33 -92.22 44.96
N PHE L 405 -35.85 -91.00 44.86
CA PHE L 405 -36.91 -90.74 43.88
C PHE L 405 -36.41 -90.29 42.52
N ASN L 406 -35.10 -90.24 42.28
CA ASN L 406 -34.61 -89.73 40.98
C ASN L 406 -34.91 -90.67 39.83
N GLU L 407 -34.91 -91.97 40.08
CA GLU L 407 -35.15 -92.94 39.02
C GLU L 407 -36.40 -93.78 39.21
N ASN L 408 -37.01 -93.75 40.38
CA ASN L 408 -38.18 -94.57 40.57
C ASN L 408 -39.37 -93.81 40.01
N VAL L 409 -39.86 -94.24 38.84
CA VAL L 409 -40.95 -93.58 38.13
C VAL L 409 -42.26 -93.65 38.90
N LEU L 410 -42.96 -92.51 38.97
CA LEU L 410 -44.29 -92.35 39.56
C LEU L 410 -45.37 -92.75 38.56
N THR L 411 -46.34 -93.55 39.00
CA THR L 411 -47.40 -93.96 38.08
C THR L 411 -48.79 -93.49 38.49
N ASP L 412 -49.07 -93.33 39.77
CA ASP L 412 -50.40 -93.03 40.25
C ASP L 412 -50.45 -92.09 41.45
N LEU L 413 -51.41 -91.17 41.43
CA LEU L 413 -51.65 -90.26 42.55
C LEU L 413 -53.12 -90.28 42.98
N LYS L 414 -53.37 -90.51 44.26
CA LYS L 414 -54.73 -90.49 44.80
C LYS L 414 -54.86 -89.41 45.86
N ILE L 415 -55.96 -88.64 45.79
CA ILE L 415 -56.18 -87.53 46.72
C ILE L 415 -57.54 -87.65 47.40
N THR L 416 -57.54 -87.70 48.74
CA THR L 416 -58.78 -87.80 49.49
C THR L 416 -58.94 -86.64 50.46
N VAL L 417 -60.09 -85.98 50.43
CA VAL L 417 -60.31 -84.85 51.31
C VAL L 417 -61.59 -85.02 52.14
N GLU L 418 -61.45 -84.93 53.44
CA GLU L 418 -62.55 -85.04 54.41
C GLU L 418 -62.74 -83.76 55.21
N VAL L 419 -63.98 -83.26 55.25
CA VAL L 419 -64.27 -82.00 55.94
C VAL L 419 -65.46 -82.16 56.88
N SER L 420 -65.34 -81.62 58.08
CA SER L 420 -66.46 -81.67 59.02
C SER L 420 -66.67 -80.35 59.76
N ASP L 421 -67.86 -80.24 60.36
CA ASP L 421 -68.31 -79.11 61.16
C ASP L 421 -68.43 -77.81 60.37
N ILE L 422 -69.12 -77.90 59.22
CA ILE L 422 -69.40 -76.78 58.33
C ILE L 422 -70.68 -76.10 58.74
N THR L 423 -70.67 -74.79 58.93
CA THR L 423 -71.88 -74.09 59.27
C THR L 423 -72.31 -73.01 58.28
N SER L 424 -71.40 -72.53 57.43
CA SER L 424 -71.77 -71.53 56.41
C SER L 424 -72.49 -72.10 55.21
N VAL L 425 -73.76 -72.43 55.41
CA VAL L 425 -74.54 -73.08 54.38
C VAL L 425 -75.70 -72.18 53.99
N GLN L 426 -76.20 -72.37 52.80
CA GLN L 426 -77.31 -71.55 52.39
C GLN L 426 -78.51 -72.42 52.59
N LEU L 427 -79.52 -71.89 53.25
CA LEU L 427 -80.73 -72.61 53.54
C LEU L 427 -81.88 -71.88 52.90
N GLU L 428 -82.87 -72.64 52.45
CA GLU L 428 -84.06 -72.11 51.86
C GLU L 428 -85.24 -72.98 52.13
N ASN L 429 -86.41 -72.35 52.03
CA ASN L 429 -87.74 -72.95 52.13
C ASN L 429 -88.62 -72.26 51.08
N ASP L 430 -89.86 -72.66 50.92
CA ASP L 430 -90.67 -72.10 49.84
C ASP L 430 -90.88 -70.60 49.88
N LEU L 431 -90.68 -69.98 51.03
CA LEU L 431 -90.89 -68.56 51.18
C LEU L 431 -89.62 -67.74 50.98
N GLY L 432 -88.46 -68.35 50.86
CA GLY L 432 -87.26 -67.53 50.72
C GLY L 432 -86.04 -68.04 51.50
N VAL L 433 -85.08 -67.14 51.71
CA VAL L 433 -83.77 -67.42 52.32
C VAL L 433 -83.73 -67.38 53.91
N LEU L 434 -82.78 -68.17 54.93
CA LEU L 434 -82.67 -68.39 56.42
C LEU L 434 -81.33 -68.11 56.98
N ASN L 435 -81.72 -67.43 57.95
CA ASN L 435 -80.55 -67.16 58.67
C ASN L 435 -80.18 -68.36 59.55
N PRO L 436 -79.13 -69.11 59.18
CA PRO L 436 -78.74 -70.32 59.91
C PRO L 436 -78.16 -70.10 61.30
N GLN L 437 -77.87 -68.86 61.66
CA GLN L 437 -77.29 -68.56 62.96
C GLN L 437 -78.34 -68.37 64.04
N LYS L 438 -79.60 -68.34 63.67
CA LYS L 438 -80.69 -68.14 64.59
C LYS L 438 -81.62 -69.32 64.41
N PRO L 439 -82.40 -69.68 65.43
CA PRO L 439 -83.42 -70.72 65.26
C PRO L 439 -84.34 -70.34 64.10
N PHE L 440 -84.60 -71.31 63.24
CA PHE L 440 -85.35 -71.05 62.02
C PHE L 440 -86.42 -72.12 61.83
N PHE L 441 -87.41 -71.81 61.00
CA PHE L 441 -88.45 -72.79 60.70
C PHE L 441 -88.20 -73.46 59.37
N PRO L 442 -87.77 -74.72 59.36
CA PRO L 442 -87.42 -75.38 58.08
C PRO L 442 -88.50 -75.51 57.00
N PHE L 443 -89.76 -75.75 57.33
CA PHE L 443 -90.84 -75.86 56.36
C PHE L 443 -91.84 -74.73 56.49
N GLY L 444 -91.40 -73.62 57.04
CA GLY L 444 -92.30 -72.53 57.37
C GLY L 444 -92.84 -72.52 58.80
N PRO L 445 -93.32 -71.34 59.23
CA PRO L 445 -93.93 -71.15 60.57
C PRO L 445 -95.29 -71.81 60.73
N ARG L 446 -95.89 -72.20 59.62
CA ARG L 446 -97.20 -72.88 59.55
C ARG L 446 -97.21 -73.96 58.32
N PRO L 447 -96.77 -75.46 58.19
CA PRO L 447 -96.47 -76.55 57.11
C PRO L 447 -97.67 -77.26 56.49
N ILE L 448 -97.55 -77.60 55.20
CA ILE L 448 -98.60 -78.26 54.43
C ILE L 448 -98.00 -79.46 53.72
N LYS L 449 -98.88 -80.37 53.30
CA LYS L 449 -98.46 -81.53 52.51
C LYS L 449 -97.71 -81.06 51.28
N GLY L 450 -96.52 -81.61 51.05
CA GLY L 450 -95.74 -81.24 49.91
C GLY L 450 -94.75 -80.11 50.12
N SER L 451 -94.73 -79.45 51.29
CA SER L 451 -93.79 -78.34 51.43
C SER L 451 -92.40 -78.92 51.58
N SER L 452 -91.37 -78.08 51.44
CA SER L 452 -90.02 -78.64 51.42
C SER L 452 -88.99 -77.78 52.15
N PHE L 453 -87.79 -78.35 52.28
CA PHE L 453 -86.63 -77.71 52.88
C PHE L 453 -85.36 -78.09 52.12
N ILE L 454 -84.58 -77.09 51.73
CA ILE L 454 -83.41 -77.31 50.87
C ILE L 454 -82.11 -76.76 51.49
N VAL L 455 -81.07 -77.60 51.48
CA VAL L 455 -79.72 -77.26 51.95
C VAL L 455 -78.74 -77.22 50.77
N LYS L 456 -78.00 -76.10 50.63
CA LYS L 456 -77.00 -75.94 49.56
C LYS L 456 -75.62 -75.53 50.07
N TYR L 457 -74.59 -76.10 49.45
CA TYR L 457 -73.21 -75.74 49.77
C TYR L 457 -72.30 -75.95 48.55
N PRO L 458 -72.12 -74.91 47.72
CA PRO L 458 -71.37 -74.97 46.44
C PRO L 458 -69.98 -75.55 46.49
N GLU L 459 -69.26 -75.28 47.58
CA GLU L 459 -67.90 -75.79 47.73
C GLU L 459 -67.85 -77.30 47.68
N ALA L 460 -68.86 -77.97 48.20
CA ALA L 460 -68.85 -79.43 48.13
C ALA L 460 -69.45 -79.89 46.82
N MET L 461 -70.46 -79.20 46.34
CA MET L 461 -71.18 -79.67 45.17
C MET L 461 -70.33 -79.62 43.89
N GLU L 462 -69.32 -78.75 43.84
CA GLU L 462 -68.40 -78.70 42.71
C GLU L 462 -67.29 -79.76 42.72
N LYS L 463 -67.20 -80.59 43.74
CA LYS L 463 -66.19 -81.62 43.89
C LYS L 463 -66.76 -83.02 43.68
N PRO L 464 -65.91 -84.02 43.39
CA PRO L 464 -66.37 -85.42 43.27
C PRO L 464 -66.68 -86.05 44.62
N VAL L 465 -67.79 -85.58 45.18
CA VAL L 465 -68.26 -85.96 46.51
C VAL L 465 -68.79 -87.38 46.49
N THR L 466 -68.33 -88.17 47.44
CA THR L 466 -68.76 -89.54 47.63
C THR L 466 -69.75 -89.66 48.77
N ALA L 467 -69.71 -88.72 49.71
CA ALA L 467 -70.66 -88.76 50.81
C ALA L 467 -70.89 -87.36 51.35
N ILE L 468 -72.09 -87.14 51.89
CA ILE L 468 -72.46 -85.85 52.47
C ILE L 468 -73.61 -86.04 53.45
N SER L 469 -73.61 -85.27 54.54
CA SER L 469 -74.69 -85.41 55.53
C SER L 469 -74.87 -84.17 56.41
N TYR L 470 -76.02 -84.11 57.08
CA TYR L 470 -76.23 -83.02 58.03
C TYR L 470 -77.11 -83.40 59.23
N GLN L 471 -77.03 -82.56 60.27
CA GLN L 471 -77.76 -82.70 61.53
C GLN L 471 -78.50 -81.43 61.93
N MET L 472 -79.65 -81.55 62.63
CA MET L 472 -80.43 -80.41 63.13
C MET L 472 -81.03 -80.66 64.51
N ASP L 473 -81.25 -79.60 65.30
CA ASP L 473 -81.97 -79.68 66.57
C ASP L 473 -83.35 -79.03 66.50
N TYR L 474 -84.26 -79.54 67.30
CA TYR L 474 -85.61 -79.08 67.39
C TYR L 474 -85.79 -78.43 68.74
N LEU L 475 -86.53 -77.34 68.79
CA LEU L 475 -86.76 -76.62 70.04
C LEU L 475 -88.23 -76.58 70.35
N ASN L 476 -88.60 -76.55 71.62
CA ASN L 476 -90.01 -76.43 71.95
C ASN L 476 -90.82 -77.64 71.53
N LEU L 477 -90.25 -78.82 71.51
CA LEU L 477 -90.98 -79.98 71.07
C LEU L 477 -91.92 -80.38 72.15
N PRO L 478 -93.18 -80.64 71.85
CA PRO L 478 -93.99 -81.20 72.95
C PRO L 478 -93.38 -82.46 73.53
N GLU L 479 -93.72 -82.74 74.80
CA GLU L 479 -93.14 -83.90 75.48
C GLU L 479 -93.46 -85.21 74.75
N ASN L 480 -94.60 -85.26 74.05
CA ASN L 480 -94.96 -86.44 73.27
C ASN L 480 -95.83 -85.98 72.11
N LEU L 481 -95.26 -86.05 70.89
CA LEU L 481 -95.93 -85.58 69.68
C LEU L 481 -97.18 -86.36 69.35
N VAL L 482 -97.26 -87.62 69.79
CA VAL L 482 -98.44 -88.39 69.47
C VAL L 482 -99.57 -88.04 70.42
N ASN L 483 -99.25 -87.95 71.71
CA ASN L 483 -100.27 -87.56 72.68
C ASN L 483 -100.79 -86.17 72.44
N HIS L 484 -99.93 -85.30 71.89
CA HIS L 484 -100.28 -83.91 71.57
C HIS L 484 -101.52 -83.80 70.70
N TYR L 485 -101.74 -84.77 69.81
CA TYR L 485 -102.86 -84.73 68.86
C TYR L 485 -103.97 -85.70 69.21
N SER L 486 -104.10 -86.10 70.48
CA SER L 486 -105.12 -87.07 70.89
C SER L 486 -106.55 -86.57 70.67
N ALA L 487 -106.75 -85.26 70.56
CA ALA L 487 -108.07 -84.68 70.36
C ALA L 487 -108.50 -84.67 68.89
N TYR L 488 -107.64 -85.10 67.99
CA TYR L 488 -107.89 -85.02 66.55
C TYR L 488 -108.20 -86.42 66.02
N THR L 489 -109.47 -86.79 66.02
CA THR L 489 -109.87 -88.14 65.68
C THR L 489 -110.93 -88.15 64.58
N ILE L 490 -111.07 -89.30 63.91
CA ILE L 490 -112.10 -89.47 62.88
C ILE L 490 -112.86 -90.78 63.06
N GLY L 491 -114.00 -90.87 62.38
CA GLY L 491 -114.80 -92.09 62.42
C GLY L 491 -115.23 -92.39 63.84
N ASP L 492 -115.01 -93.62 64.29
CA ASP L 492 -115.35 -94.00 65.67
C ASP L 492 -114.22 -93.66 66.63
N ASP L 493 -113.96 -92.35 66.72
CA ASP L 493 -112.94 -91.76 67.59
C ASP L 493 -111.55 -92.37 67.40
N GLU L 494 -111.14 -92.56 66.16
CA GLU L 494 -109.83 -93.13 65.88
C GLU L 494 -108.80 -92.05 65.56
N PRO L 495 -107.69 -91.98 66.29
CA PRO L 495 -106.68 -90.91 66.11
C PRO L 495 -106.09 -90.82 64.72
N LEU L 496 -105.98 -89.58 64.22
CA LEU L 496 -105.31 -89.35 62.94
C LEU L 496 -103.83 -89.70 63.04
N VAL L 497 -103.22 -89.35 64.16
CA VAL L 497 -101.81 -89.61 64.42
C VAL L 497 -101.76 -90.81 65.35
N SER L 498 -101.45 -91.98 64.80
CA SER L 498 -101.50 -93.17 65.63
C SER L 498 -100.12 -93.42 66.23
N ASP L 499 -99.05 -92.99 65.52
CA ASP L 499 -97.70 -93.21 66.00
C ASP L 499 -96.77 -92.25 65.22
N MET L 500 -95.47 -92.29 65.54
CA MET L 500 -94.44 -91.42 64.97
C MET L 500 -94.27 -91.56 63.47
N ASP L 501 -94.63 -92.71 62.87
CA ASP L 501 -94.57 -92.92 61.41
C ASP L 501 -95.39 -91.91 60.65
N TYR L 502 -96.36 -91.30 61.32
CA TYR L 502 -97.18 -90.25 60.74
C TYR L 502 -96.30 -89.17 60.13
N PHE L 503 -95.23 -88.79 60.81
CA PHE L 503 -94.38 -87.68 60.41
C PHE L 503 -93.18 -88.20 59.60
N SER L 504 -93.30 -88.23 58.27
CA SER L 504 -92.27 -88.80 57.38
C SER L 504 -91.91 -87.90 56.21
N VAL L 505 -90.81 -88.15 55.51
CA VAL L 505 -90.37 -87.30 54.37
C VAL L 505 -89.87 -87.97 53.08
N LYS L 506 -89.63 -87.17 52.04
CA LYS L 506 -89.09 -87.62 50.75
C LYS L 506 -87.77 -86.90 50.48
N SER L 507 -86.35 -87.67 50.03
CA SER L 507 -85.09 -87.06 49.65
C SER L 507 -84.88 -87.11 48.15
N PHE L 508 -84.91 -85.99 47.52
CA PHE L 508 -84.80 -85.97 46.07
C PHE L 508 -83.44 -86.34 45.50
N PRO L 509 -82.36 -86.09 46.24
CA PRO L 509 -81.21 -86.87 45.76
C PRO L 509 -81.40 -88.01 46.77
N LYS L 510 -81.69 -89.24 46.38
CA LYS L 510 -82.06 -90.26 47.38
C LYS L 510 -81.14 -90.64 48.56
N SER L 511 -81.76 -90.71 49.72
CA SER L 511 -81.09 -91.01 50.99
C SER L 511 -80.69 -92.46 51.30
N SER L 512 -79.73 -92.63 52.19
CA SER L 512 -79.21 -93.94 52.59
C SER L 512 -79.75 -94.38 53.92
N ASN L 513 -80.73 -93.63 54.41
CA ASN L 513 -81.39 -93.87 55.69
C ASN L 513 -82.27 -95.10 55.72
N ASP L 514 -82.34 -95.69 56.90
CA ASP L 514 -83.22 -96.84 57.12
C ASP L 514 -84.70 -96.53 56.98
N SER L 515 -85.17 -95.40 57.49
CA SER L 515 -86.60 -95.14 57.36
C SER L 515 -86.80 -93.72 56.92
N ASP L 516 -88.05 -93.37 56.64
CA ASP L 516 -88.34 -92.02 56.17
C ASP L 516 -88.79 -91.14 57.34
N GLN L 517 -88.72 -91.64 58.57
CA GLN L 517 -89.24 -90.89 59.71
C GLN L 517 -88.46 -89.60 59.92
N LEU L 518 -89.15 -88.53 60.01
CA LEU L 518 -88.53 -87.22 60.15
C LEU L 518 -87.66 -87.08 61.40
N PHE L 519 -88.08 -87.63 62.53
CA PHE L 519 -87.34 -87.46 63.77
C PHE L 519 -86.64 -88.76 64.13
N SER L 520 -85.39 -88.65 64.59
CA SER L 520 -84.69 -89.83 65.03
C SER L 520 -84.34 -89.60 66.50
N GLU L 521 -84.33 -90.68 67.27
CA GLU L 521 -84.21 -90.57 68.70
C GLU L 521 -82.82 -90.02 69.01
N LYS L 522 -82.74 -89.08 69.94
CA LYS L 522 -81.45 -88.51 70.29
C LYS L 522 -80.92 -89.34 71.43
N SER L 523 -79.63 -89.70 71.38
CA SER L 523 -79.04 -90.51 72.45
C SER L 523 -79.26 -89.91 73.84
N GLY L 524 -79.50 -88.62 73.90
CA GLY L 524 -79.92 -87.86 75.06
C GLY L 524 -81.41 -87.60 74.98
N GLY L 525 -81.86 -86.49 75.47
CA GLY L 525 -83.29 -86.22 75.36
C GLY L 525 -83.62 -85.50 74.07
N GLY L 526 -84.89 -85.57 73.65
CA GLY L 526 -85.32 -84.85 72.47
C GLY L 526 -84.99 -85.53 71.16
N TYR L 527 -85.09 -84.75 70.10
CA TYR L 527 -84.91 -85.27 68.76
C TYR L 527 -84.01 -84.37 67.94
N GLU L 528 -83.41 -85.01 66.96
CA GLU L 528 -82.55 -84.48 65.94
C GLU L 528 -83.03 -85.03 64.63
N SER L 529 -82.50 -84.54 63.53
CA SER L 529 -82.86 -85.18 62.29
C SER L 529 -81.49 -85.41 61.69
N ASP L 530 -81.23 -86.62 61.24
CA ASP L 530 -79.93 -86.94 60.72
C ASP L 530 -80.15 -87.42 59.31
N PHE L 531 -79.61 -86.72 58.35
CA PHE L 531 -79.80 -87.16 56.98
C PHE L 531 -78.46 -87.45 56.33
N GLU L 532 -78.33 -88.62 55.73
CA GLU L 532 -77.11 -89.05 55.02
C GLU L 532 -77.27 -89.54 53.56
N PHE L 533 -76.47 -89.02 52.61
CA PHE L 533 -76.58 -89.37 51.17
C PHE L 533 -75.31 -90.01 50.57
N GLN L 534 -75.45 -90.74 49.44
CA GLN L 534 -74.29 -91.39 48.85
C GLN L 534 -74.33 -91.32 47.33
N ILE L 535 -73.18 -91.12 46.71
CA ILE L 535 -73.06 -91.06 45.26
C ILE L 535 -72.10 -92.16 44.84
N GLU L 536 -72.62 -93.20 44.19
CA GLU L 536 -71.88 -94.46 44.02
C GLU L 536 -70.51 -94.34 43.33
N ASN L 537 -70.40 -93.51 42.30
CA ASN L 537 -69.13 -93.35 41.62
C ASN L 537 -68.65 -91.91 41.61
N GLY L 538 -69.14 -91.10 42.54
CA GLY L 538 -68.79 -89.70 42.55
C GLY L 538 -69.45 -88.89 41.47
N VAL L 539 -70.36 -89.46 40.71
CA VAL L 539 -71.02 -88.79 39.60
C VAL L 539 -72.43 -88.40 39.97
N TRP L 540 -72.70 -87.10 39.95
CA TRP L 540 -74.01 -86.58 40.28
C TRP L 540 -75.03 -87.00 39.24
N GLU L 541 -76.16 -87.54 39.70
CA GLU L 541 -77.20 -88.01 38.78
C GLU L 541 -77.76 -86.90 37.91
N SER L 542 -77.79 -87.16 36.61
CA SER L 542 -78.23 -86.15 35.67
C SER L 542 -79.70 -85.81 35.92
N GLY L 543 -80.02 -84.53 35.90
CA GLY L 543 -81.35 -84.06 36.18
C GLY L 543 -81.55 -83.52 37.58
N LEU L 544 -80.69 -83.86 38.53
CA LEU L 544 -80.80 -83.28 39.86
C LEU L 544 -80.08 -81.95 39.85
N LYS L 545 -80.48 -81.03 40.73
CA LYS L 545 -79.99 -79.65 40.67
C LYS L 545 -78.81 -79.30 41.57
N LYS L 546 -78.09 -80.27 42.14
CA LYS L 546 -76.95 -80.00 43.03
C LYS L 546 -77.39 -79.22 44.27
N GLU L 547 -78.41 -79.76 44.91
CA GLU L 547 -79.00 -79.25 46.15
C GLU L 547 -79.57 -80.48 46.90
N LEU L 548 -79.57 -80.57 48.41
CA LEU L 548 -80.18 -81.66 49.23
C LEU L 548 -81.61 -81.28 49.61
N LYS L 549 -82.59 -82.01 49.09
CA LYS L 549 -84.00 -81.65 49.24
C LYS L 549 -84.84 -82.69 49.99
N ILE L 550 -85.59 -82.27 51.00
CA ILE L 550 -86.50 -83.17 51.71
C ILE L 550 -87.90 -82.54 51.71
N SER L 551 -88.94 -83.36 51.46
CA SER L 551 -90.34 -82.92 51.38
C SER L 551 -91.27 -83.69 52.34
N LEU L 552 -92.34 -83.02 52.82
CA LEU L 552 -93.29 -83.64 53.76
C LEU L 552 -94.37 -84.49 53.09
N GLU L 553 -94.51 -85.73 53.57
CA GLU L 553 -95.59 -86.62 53.14
C GLU L 553 -96.98 -86.22 53.66
N ARG L 554 -97.07 -85.76 54.91
CA ARG L 554 -98.32 -85.41 55.56
C ARG L 554 -98.15 -84.13 56.36
N SER L 555 -99.23 -83.35 56.45
CA SER L 555 -99.22 -82.08 57.15
C SER L 555 -99.29 -82.27 58.67
N PHE L 556 -99.13 -81.16 59.37
CA PHE L 556 -99.21 -81.13 60.82
C PHE L 556 -100.61 -80.71 61.32
N LEU L 557 -101.61 -80.73 60.44
CA LEU L 557 -103.03 -80.53 60.75
C LEU L 557 -103.40 -79.11 61.16
N HIS L 558 -102.71 -78.09 60.64
CA HIS L 558 -103.05 -76.71 60.98
C HIS L 558 -104.44 -76.37 60.50
N GLU L 559 -104.81 -76.90 59.35
CA GLU L 559 -106.10 -76.72 58.70
C GLU L 559 -107.28 -77.33 59.44
N LYS L 560 -107.06 -78.13 60.49
CA LYS L 560 -108.16 -78.75 61.20
C LYS L 560 -108.43 -78.18 62.58
N TYR L 561 -107.57 -77.30 63.09
CA TYR L 561 -107.70 -76.87 64.47
C TYR L 561 -109.05 -76.25 64.77
N ALA L 562 -109.50 -75.34 63.89
CA ALA L 562 -110.75 -74.63 64.11
C ALA L 562 -111.95 -75.56 64.15
N HIS L 563 -111.95 -76.57 63.30
CA HIS L 563 -113.02 -77.55 63.21
C HIS L 563 -113.16 -78.40 64.46
N TYR L 564 -112.05 -78.89 65.00
CA TYR L 564 -112.12 -79.73 66.18
C TYR L 564 -112.42 -78.91 67.42
N PHE L 565 -111.85 -77.71 67.48
CA PHE L 565 -112.09 -76.83 68.63
C PHE L 565 -113.57 -76.54 68.76
N THR L 566 -114.20 -76.19 67.64
CA THR L 566 -115.62 -75.86 67.61
C THR L 566 -116.47 -77.02 68.08
N LEU L 567 -116.21 -78.22 67.55
CA LEU L 567 -117.05 -79.37 67.85
C LEU L 567 -117.03 -79.71 69.32
N VAL L 568 -115.87 -79.60 69.97
CA VAL L 568 -115.84 -79.89 71.39
C VAL L 568 -116.65 -78.87 72.15
N ALA L 569 -116.43 -77.60 71.82
CA ALA L 569 -117.05 -76.48 72.50
C ALA L 569 -118.57 -76.50 72.43
N ILE L 570 -119.16 -76.99 71.33
CA ILE L 570 -120.60 -76.95 71.18
C ILE L 570 -121.25 -78.30 71.46
N SER L 571 -120.52 -79.26 72.01
CA SER L 571 -121.12 -80.56 72.29
C SER L 571 -122.25 -80.47 73.28
N LYS L 572 -123.31 -81.21 73.00
CA LYS L 572 -124.44 -81.29 73.92
C LYS L 572 -124.41 -82.58 74.70
N ASP L 573 -123.42 -83.42 74.45
CA ASP L 573 -123.33 -84.70 75.13
C ASP L 573 -122.42 -84.62 76.33
N THR L 574 -121.38 -83.78 76.26
CA THR L 574 -120.40 -83.73 77.33
C THR L 574 -120.13 -82.28 77.71
N ASP L 575 -119.66 -82.09 78.93
CA ASP L 575 -119.20 -80.80 79.38
C ASP L 575 -117.75 -80.66 79.00
N PRO L 576 -117.37 -79.66 78.21
CA PRO L 576 -115.97 -79.46 77.82
C PRO L 576 -115.09 -79.24 79.03
N THR L 577 -113.91 -79.82 78.98
CA THR L 577 -112.88 -79.65 79.99
C THR L 577 -111.61 -79.32 79.23
N ILE L 578 -110.56 -78.87 79.92
CA ILE L 578 -109.34 -78.50 79.20
C ILE L 578 -108.72 -79.70 78.48
N GLU L 579 -108.88 -80.89 79.04
CA GLU L 579 -108.31 -82.11 78.49
C GLU L 579 -108.99 -82.54 77.19
N LEU L 580 -110.15 -82.00 76.88
CA LEU L 580 -110.86 -82.37 75.68
C LEU L 580 -110.65 -81.39 74.54
N LEU L 581 -110.01 -80.29 74.78
CA LEU L 581 -109.83 -79.34 73.71
C LEU L 581 -108.53 -79.66 72.98
N PRO L 582 -108.50 -79.45 71.68
CA PRO L 582 -107.29 -79.69 70.90
C PRO L 582 -106.22 -78.67 71.24
N ASN L 583 -104.98 -79.15 71.20
CA ASN L 583 -103.82 -78.30 71.35
C ASN L 583 -103.49 -77.68 70.02
N GLU L 584 -102.84 -76.54 70.05
CA GLU L 584 -102.42 -75.90 68.82
C GLU L 584 -101.44 -76.81 68.10
N PRO L 585 -101.62 -77.00 66.79
CA PRO L 585 -100.73 -77.79 65.96
C PRO L 585 -99.30 -77.28 66.00
N TYR L 586 -98.36 -78.22 65.94
CA TYR L 586 -96.94 -77.90 66.02
C TYR L 586 -96.36 -77.42 64.69
N ALA L 587 -95.50 -76.41 64.76
CA ALA L 587 -94.67 -75.99 63.63
C ALA L 587 -93.18 -76.24 64.07
N PRO L 588 -92.14 -77.30 63.60
CA PRO L 588 -90.77 -77.80 64.01
C PRO L 588 -89.58 -76.85 63.86
N LEU L 589 -89.52 -75.86 64.75
CA LEU L 589 -88.43 -74.90 64.84
C LEU L 589 -87.10 -75.57 65.19
N ALA L 590 -86.01 -75.18 64.50
CA ALA L 590 -84.74 -75.88 64.62
C ALA L 590 -83.49 -75.01 64.62
N GLU L 591 -82.35 -75.60 65.05
CA GLU L 591 -81.06 -74.89 65.12
C GLU L 591 -79.86 -75.84 65.03
N ASN L 592 -78.65 -75.24 65.00
CA ASN L 592 -77.34 -75.92 65.01
C ASN L 592 -77.11 -76.89 63.86
N LEU L 593 -77.45 -76.51 62.64
CA LEU L 593 -77.19 -77.40 61.52
C LEU L 593 -75.70 -77.53 61.24
N VAL L 594 -75.21 -78.78 61.21
CA VAL L 594 -73.80 -79.10 60.93
C VAL L 594 -73.65 -80.10 59.78
N LEU L 595 -72.80 -79.77 58.80
CA LEU L 595 -72.54 -80.54 57.58
C LEU L 595 -71.14 -81.19 57.55
N GLY L 596 -71.02 -82.37 56.92
CA GLY L 596 -69.72 -82.99 56.65
C GLY L 596 -69.71 -83.74 55.35
N TYR L 597 -68.69 -83.51 54.67
CA TYR L 597 -68.62 -84.24 53.41
C TYR L 597 -67.25 -84.87 53.15
N THR L 598 -67.21 -85.79 52.16
CA THR L 598 -65.99 -86.44 51.66
C THR L 598 -65.96 -86.47 50.12
N ALA L 599 -64.80 -86.13 49.51
CA ALA L 599 -64.61 -86.18 48.06
C ALA L 599 -63.28 -86.83 47.68
N ILE L 600 -63.25 -87.58 46.55
CA ILE L 600 -62.07 -88.36 46.14
C ILE L 600 -61.75 -88.24 44.65
N SER L 601 -60.46 -87.99 44.34
CA SER L 601 -59.92 -88.02 42.99
C SER L 601 -58.80 -89.06 42.85
N SER L 602 -58.70 -89.71 41.70
CA SER L 602 -57.67 -90.72 41.49
C SER L 602 -57.13 -90.69 40.06
N ILE L 603 -55.82 -90.49 39.91
CA ILE L 603 -55.21 -90.24 38.60
C ILE L 603 -54.12 -91.25 38.23
N ASP L 604 -54.36 -91.96 37.13
CA ASP L 604 -53.38 -92.83 36.48
C ASP L 604 -52.68 -91.99 35.42
N PHE L 605 -51.41 -91.70 35.64
CA PHE L 605 -50.71 -90.79 34.75
C PHE L 605 -50.46 -91.38 33.38
N SER L 606 -50.57 -92.69 33.23
CA SER L 606 -50.33 -93.36 31.97
C SER L 606 -51.60 -93.67 31.20
N SER L 607 -52.76 -93.34 31.73
CA SER L 607 -53.96 -93.79 31.06
C SER L 607 -54.59 -92.69 30.25
N SER L 608 -54.81 -93.00 28.99
CA SER L 608 -55.65 -92.25 28.10
C SER L 608 -57.08 -92.37 28.53
N SER L 609 -57.93 -91.52 27.99
CA SER L 609 -59.38 -91.59 28.18
C SER L 609 -59.72 -91.52 29.67
N SER L 610 -59.04 -90.64 30.40
CA SER L 610 -59.24 -90.49 31.82
C SER L 610 -59.05 -89.05 32.22
N GLU L 611 -59.86 -88.62 33.18
CA GLU L 611 -59.84 -87.22 33.59
C GLU L 611 -58.67 -86.96 34.54
N ASN L 612 -57.48 -86.90 33.97
CA ASN L 612 -56.27 -86.70 34.76
C ASN L 612 -56.15 -85.22 35.10
N GLN L 613 -57.03 -84.76 35.99
CA GLN L 613 -57.16 -83.33 36.27
C GLN L 613 -56.23 -82.88 37.40
N VAL L 614 -54.93 -82.86 37.11
CA VAL L 614 -53.94 -82.40 38.09
C VAL L 614 -52.79 -81.73 37.37
N SER L 615 -52.18 -80.73 38.01
CA SER L 615 -51.02 -80.10 37.41
C SER L 615 -49.79 -80.39 38.26
N LEU L 616 -48.68 -80.74 37.62
CA LEU L 616 -47.47 -81.09 38.34
C LEU L 616 -46.33 -80.14 37.94
N ILE L 617 -45.66 -79.59 38.95
CA ILE L 617 -44.54 -78.65 38.75
C ILE L 617 -43.29 -79.09 39.54
N HIS L 618 -42.12 -79.01 38.90
CA HIS L 618 -40.85 -79.28 39.59
C HIS L 618 -40.19 -78.00 40.07
N GLU L 619 -39.66 -78.04 41.28
CA GLU L 619 -38.93 -76.93 41.87
C GLU L 619 -37.43 -77.14 41.73
N MET L 620 -36.76 -76.15 41.21
CA MET L 620 -35.35 -76.23 40.88
C MET L 620 -34.59 -75.12 41.61
N PRO L 621 -33.28 -75.29 41.84
CA PRO L 621 -32.45 -74.29 42.53
C PRO L 621 -32.62 -72.86 42.06
N PHE L 622 -32.82 -72.63 40.78
CA PHE L 622 -32.97 -71.25 40.34
C PHE L 622 -34.21 -71.06 39.47
N GLY L 623 -35.32 -71.74 39.76
CA GLY L 623 -36.49 -71.61 38.92
C GLY L 623 -37.42 -72.82 39.07
N PHE L 624 -38.23 -73.06 38.03
CA PHE L 624 -39.18 -74.16 38.08
C PHE L 624 -39.51 -74.66 36.68
N GLN L 625 -40.19 -75.80 36.61
CA GLN L 625 -40.67 -76.30 35.34
C GLN L 625 -42.02 -76.99 35.43
N GLN L 626 -42.92 -76.64 34.51
CA GLN L 626 -44.19 -77.34 34.39
C GLN L 626 -43.95 -78.70 33.75
N VAL L 627 -44.40 -79.75 34.39
CA VAL L 627 -44.15 -81.10 33.91
C VAL L 627 -45.38 -81.74 33.30
N PHE L 628 -46.50 -81.70 34.00
CA PHE L 628 -47.70 -82.40 33.59
C PHE L 628 -48.88 -81.44 33.67
N THR L 629 -49.69 -81.34 32.61
CA THR L 629 -50.79 -80.41 32.70
C THR L 629 -52.08 -81.25 32.72
N PRO L 630 -53.21 -80.70 33.21
CA PRO L 630 -54.47 -81.46 33.22
C PRO L 630 -54.85 -81.97 31.85
N GLY L 631 -55.22 -83.24 31.78
CA GLY L 631 -55.58 -83.88 30.54
C GLY L 631 -54.46 -84.66 29.88
N ASP L 632 -53.22 -84.46 30.34
CA ASP L 632 -52.07 -85.15 29.76
C ASP L 632 -51.97 -86.61 30.20
N THR L 633 -51.17 -87.35 29.44
CA THR L 633 -50.70 -88.68 29.77
C THR L 633 -49.18 -88.73 29.57
N ASP L 634 -48.53 -89.69 30.21
CA ASP L 634 -47.08 -89.85 30.10
C ASP L 634 -46.73 -91.29 30.44
N ASN L 635 -45.46 -91.62 30.31
CA ASN L 635 -45.00 -92.94 30.64
C ASN L 635 -43.90 -92.88 31.66
N SER L 636 -43.32 -91.70 31.85
CA SER L 636 -42.22 -91.56 32.79
C SER L 636 -42.23 -90.19 33.47
N LEU L 637 -42.74 -90.16 34.68
CA LEU L 637 -42.76 -88.96 35.48
C LEU L 637 -42.01 -89.24 36.76
N TYR L 638 -41.42 -88.19 37.30
CA TYR L 638 -40.71 -88.29 38.54
C TYR L 638 -41.17 -87.15 39.41
N LEU L 639 -41.04 -87.32 40.72
CA LEU L 639 -41.39 -86.24 41.62
C LEU L 639 -40.34 -85.15 41.66
N VAL L 640 -39.11 -85.44 41.25
CA VAL L 640 -38.01 -84.50 41.45
C VAL L 640 -37.21 -84.34 40.16
N PRO L 641 -36.53 -83.19 39.98
CA PRO L 641 -35.52 -82.99 38.93
C PRO L 641 -34.34 -83.92 39.11
N ASP L 642 -33.68 -84.29 38.02
CA ASP L 642 -32.53 -85.19 38.09
C ASP L 642 -31.20 -84.45 37.96
N TYR L 643 -30.45 -84.34 39.05
CA TYR L 643 -29.13 -83.71 39.00
C TYR L 643 -28.03 -84.75 39.18
N CYS L 644 -27.16 -84.87 38.18
CA CYS L 644 -26.18 -85.92 38.19
C CYS L 644 -24.92 -85.36 38.87
N HIS L 645 -23.97 -86.24 39.16
CA HIS L 645 -22.72 -85.83 39.78
C HIS L 645 -21.93 -84.84 38.93
N GLY L 646 -21.41 -83.79 39.58
CA GLY L 646 -20.58 -82.82 38.90
C GLY L 646 -20.91 -81.37 39.21
N GLY L 647 -20.32 -80.47 38.44
CA GLY L 647 -20.48 -79.04 38.65
C GLY L 647 -20.92 -78.30 37.41
N GLU L 648 -21.62 -77.19 37.62
CA GLU L 648 -22.20 -76.41 36.53
C GLU L 648 -22.06 -74.92 36.76
N LEU L 649 -21.72 -74.18 35.70
CA LEU L 649 -21.63 -72.72 35.74
C LEU L 649 -22.51 -72.12 34.67
N TYR L 650 -23.39 -71.21 35.07
CA TYR L 650 -24.36 -70.60 34.17
C TYR L 650 -24.01 -69.14 33.91
N ILE L 651 -23.99 -68.76 32.65
CA ILE L 651 -23.69 -67.39 32.25
C ILE L 651 -24.88 -66.82 31.51
N GLY L 652 -25.47 -65.74 32.04
CA GLY L 652 -26.59 -65.09 31.37
C GLY L 652 -26.15 -63.86 30.62
N LEU L 653 -26.59 -63.73 29.37
CA LEU L 653 -26.17 -62.61 28.53
C LEU L 653 -27.33 -61.67 28.20
N GLU L 654 -27.06 -60.37 28.29
CA GLU L 654 -28.03 -59.31 28.02
C GLU L 654 -27.83 -58.67 26.66
N ASN L 655 -28.96 -58.37 26.01
CA ASN L 655 -29.09 -57.54 24.80
C ASN L 655 -28.44 -58.11 23.54
N GLY L 656 -28.33 -59.42 23.41
CA GLY L 656 -27.80 -59.99 22.19
C GLY L 656 -28.90 -60.20 21.19
N LYS L 657 -28.54 -60.78 20.04
CA LYS L 657 -29.48 -61.11 19.00
C LYS L 657 -29.16 -62.51 18.51
N ASN L 658 -30.12 -63.19 17.90
CA ASN L 658 -29.95 -64.61 17.60
C ASN L 658 -28.95 -64.95 16.51
N LEU L 659 -28.32 -64.01 15.83
CA LEU L 659 -27.29 -64.37 14.86
C LEU L 659 -25.98 -63.61 15.05
N GLN L 660 -25.77 -62.99 16.20
CA GLN L 660 -24.57 -62.19 16.42
C GLN L 660 -23.45 -62.98 17.09
N GLN L 661 -22.23 -62.48 16.93
CA GLN L 661 -21.07 -63.06 17.60
C GLN L 661 -20.79 -62.43 18.94
N VAL L 662 -20.31 -63.26 19.85
CA VAL L 662 -19.98 -62.82 21.20
C VAL L 662 -18.55 -63.23 21.51
N THR L 663 -17.75 -62.29 21.97
CA THR L 663 -16.38 -62.57 22.35
C THR L 663 -16.22 -62.34 23.85
N LEU L 664 -15.80 -63.37 24.57
CA LEU L 664 -15.66 -63.29 26.02
C LEU L 664 -14.25 -63.52 26.49
N LEU L 665 -13.81 -62.67 27.41
CA LEU L 665 -12.52 -62.80 28.06
C LEU L 665 -12.69 -63.43 29.43
N LEU L 666 -12.01 -64.53 29.67
CA LEU L 666 -12.00 -65.18 30.97
C LEU L 666 -10.68 -64.87 31.63
N GLN L 667 -10.70 -64.11 32.71
CA GLN L 667 -9.47 -63.77 33.39
C GLN L 667 -9.35 -64.60 34.65
N PHE L 668 -8.34 -65.46 34.67
CA PHE L 668 -8.08 -66.37 35.76
C PHE L 668 -6.91 -65.89 36.58
N LEU L 669 -6.86 -66.35 37.80
CA LEU L 669 -5.68 -66.17 38.61
C LEU L 669 -4.85 -67.42 38.45
N GLU L 670 -3.86 -67.33 37.58
CA GLU L 670 -3.11 -68.51 37.17
C GLU L 670 -2.25 -69.05 38.30
N GLY L 671 -2.29 -70.38 38.46
CA GLY L 671 -1.62 -71.09 39.51
C GLY L 671 -2.51 -71.41 40.69
N SER L 672 -3.62 -70.70 40.86
CA SER L 672 -4.54 -70.97 41.97
C SER L 672 -5.45 -72.16 41.76
N GLU L 673 -4.86 -73.33 41.89
CA GLU L 673 -5.50 -74.64 41.74
C GLU L 673 -4.89 -75.55 42.79
N ASN L 674 -5.54 -76.68 43.06
CA ASN L 674 -5.02 -77.63 44.03
C ASN L 674 -4.03 -78.58 43.37
N PRO L 675 -2.76 -78.54 43.78
CA PRO L 675 -1.69 -79.35 43.17
C PRO L 675 -1.71 -80.82 43.55
N ASP L 676 -2.56 -81.22 44.47
CA ASP L 676 -2.56 -82.57 45.01
C ASP L 676 -3.79 -83.36 44.65
N ILE L 677 -4.12 -83.39 43.37
CA ILE L 677 -5.25 -84.15 42.83
C ILE L 677 -4.74 -85.02 41.70
N THR L 678 -5.20 -86.28 41.67
CA THR L 678 -4.73 -87.19 40.63
C THR L 678 -5.62 -87.20 39.38
N ASP L 679 -6.89 -86.82 39.50
CA ASP L 679 -7.80 -86.72 38.35
C ASP L 679 -7.69 -85.33 37.77
N ILE L 680 -6.94 -85.20 36.67
CA ILE L 680 -6.62 -83.87 36.18
C ILE L 680 -6.86 -83.58 34.70
N PHE L 681 -7.86 -84.20 34.06
CA PHE L 681 -8.15 -84.01 32.62
C PHE L 681 -7.01 -84.54 31.76
N THR L 682 -6.73 -85.82 31.86
CA THR L 682 -5.73 -86.44 31.02
C THR L 682 -6.28 -86.68 29.63
N GLY L 683 -5.38 -87.04 28.71
CA GLY L 683 -5.80 -87.35 27.35
C GLY L 683 -6.40 -86.15 26.67
N ASN L 684 -7.58 -86.34 26.08
CA ASN L 684 -8.31 -85.29 25.38
C ASN L 684 -9.57 -84.84 26.09
N GLN L 685 -9.60 -84.94 27.41
CA GLN L 685 -10.74 -84.47 28.18
C GLN L 685 -10.76 -82.95 28.26
N LYS L 686 -11.95 -82.36 28.39
CA LYS L 686 -12.09 -80.90 28.48
C LYS L 686 -13.46 -80.53 29.03
N ILE L 687 -13.66 -79.23 29.25
CA ILE L 687 -14.92 -78.69 29.76
C ILE L 687 -15.93 -78.57 28.63
N LYS L 688 -17.18 -79.02 28.89
CA LYS L 688 -18.25 -79.05 27.90
C LYS L 688 -19.11 -77.78 27.93
N TRP L 689 -19.60 -77.35 26.76
CA TRP L 689 -20.47 -76.19 26.64
C TRP L 689 -21.82 -76.50 25.97
N GLN L 690 -22.92 -75.88 26.47
CA GLN L 690 -24.29 -76.03 25.97
C GLN L 690 -25.08 -74.71 26.03
N TYR L 691 -26.18 -74.61 25.28
CA TYR L 691 -27.04 -73.43 25.36
C TYR L 691 -28.48 -73.83 25.68
N LEU L 692 -29.29 -72.88 26.15
CA LEU L 692 -30.67 -73.14 26.55
C LEU L 692 -31.69 -72.76 25.48
N SER L 693 -32.63 -73.66 25.23
CA SER L 693 -33.72 -73.42 24.28
C SER L 693 -34.99 -74.15 24.72
N GLN L 694 -36.07 -73.40 24.97
CA GLN L 694 -37.36 -73.95 25.39
C GLN L 694 -37.25 -74.86 26.62
N ASN L 695 -36.51 -74.38 27.63
CA ASN L 695 -36.19 -75.08 28.87
C ASN L 695 -35.35 -76.36 28.69
N GLN L 696 -34.77 -76.61 27.52
CA GLN L 696 -33.89 -77.76 27.30
C GLN L 696 -32.47 -77.31 27.06
N TRP L 697 -31.50 -78.12 27.49
CA TRP L 697 -30.12 -77.81 27.15
C TRP L 697 -29.73 -78.51 25.87
N GLN L 698 -29.05 -77.79 24.99
CA GLN L 698 -28.67 -78.32 23.70
C GLN L 698 -27.19 -78.12 23.40
N ASP L 699 -26.62 -79.08 22.69
CA ASP L 699 -25.24 -78.97 22.27
C ASP L 699 -25.06 -77.91 21.19
N PHE L 700 -23.90 -77.26 21.23
CA PHE L 700 -23.54 -76.34 20.17
C PHE L 700 -23.15 -77.15 18.95
N GLN L 701 -23.38 -76.57 17.79
CA GLN L 701 -23.01 -77.20 16.54
C GLN L 701 -21.61 -76.82 16.14
N SER L 702 -21.04 -77.58 15.21
CA SER L 702 -19.64 -77.37 14.83
C SER L 702 -19.33 -75.98 14.29
N GLY L 703 -20.29 -75.32 13.65
CA GLY L 703 -20.01 -74.00 13.14
C GLY L 703 -20.31 -72.87 14.10
N GLU L 704 -20.69 -73.19 15.33
CA GLU L 704 -21.10 -72.18 16.27
C GLU L 704 -20.00 -71.76 17.24
N ILE L 705 -19.00 -72.60 17.48
CA ILE L 705 -17.88 -72.18 18.32
C ILE L 705 -16.75 -71.80 17.39
N ILE L 706 -16.26 -70.59 17.56
CA ILE L 706 -15.21 -70.07 16.70
C ILE L 706 -13.84 -70.37 17.27
N GLN L 707 -13.68 -70.17 18.58
CA GLN L 707 -12.42 -70.52 19.21
C GLN L 707 -12.59 -70.70 20.70
N ASN L 708 -11.68 -71.46 21.28
CA ASN L 708 -11.66 -71.73 22.70
C ASN L 708 -10.21 -71.82 23.14
N GLN L 709 -9.71 -70.75 23.72
CA GLN L 709 -8.34 -70.73 24.19
C GLN L 709 -8.21 -71.23 25.61
N THR L 710 -9.32 -71.57 26.28
CA THR L 710 -9.28 -71.98 27.70
C THR L 710 -9.97 -73.33 27.96
N PRO L 711 -9.62 -74.39 27.22
CA PRO L 711 -10.39 -75.66 27.28
C PRO L 711 -10.49 -76.34 28.63
N ARG L 712 -9.56 -76.08 29.54
CA ARG L 712 -9.61 -76.70 30.86
C ARG L 712 -9.49 -75.69 31.98
N PHE L 713 -9.92 -74.45 31.75
CA PHE L 713 -9.87 -73.38 32.74
C PHE L 713 -8.57 -73.26 33.53
N LEU L 714 -7.41 -73.41 32.88
CA LEU L 714 -6.14 -73.26 33.59
C LEU L 714 -5.41 -71.97 33.27
N LYS L 715 -5.73 -71.31 32.17
CA LYS L 715 -5.04 -70.11 31.76
C LYS L 715 -6.03 -69.09 31.23
N SER L 716 -5.67 -67.83 31.33
CA SER L 716 -6.51 -66.74 30.82
C SER L 716 -6.60 -66.77 29.29
N GLY L 717 -7.76 -66.40 28.75
CA GLY L 717 -7.89 -66.37 27.31
C GLY L 717 -9.29 -66.04 26.80
N ILE L 718 -9.47 -66.23 25.48
CA ILE L 718 -10.67 -65.84 24.76
C ILE L 718 -11.51 -67.00 24.37
N PHE L 719 -12.73 -66.62 24.56
CA PHE L 719 -13.76 -67.45 24.05
C PHE L 719 -14.63 -66.64 23.10
N GLN L 720 -14.88 -67.18 21.92
CA GLN L 720 -15.65 -66.42 20.94
C GLN L 720 -16.65 -67.31 20.22
N PHE L 721 -17.86 -66.81 20.09
CA PHE L 721 -18.96 -67.60 19.54
C PHE L 721 -20.03 -66.69 18.98
N SER L 722 -20.90 -67.25 18.18
CA SER L 722 -22.09 -66.54 17.75
C SER L 722 -23.30 -66.94 18.55
N ILE L 723 -24.25 -66.02 18.71
CA ILE L 723 -25.49 -66.41 19.36
C ILE L 723 -26.27 -67.27 18.38
N PRO L 724 -26.66 -68.46 18.78
CA PRO L 724 -27.32 -69.38 17.86
C PRO L 724 -28.73 -68.96 17.57
N LYS L 725 -29.18 -69.32 16.38
CA LYS L 725 -30.58 -69.15 16.05
C LYS L 725 -31.34 -70.06 16.98
N GLN L 726 -32.53 -69.62 17.38
CA GLN L 726 -33.44 -70.29 18.30
C GLN L 726 -33.00 -70.11 19.74
N ALA L 727 -32.01 -69.27 20.01
CA ALA L 727 -31.73 -68.91 21.39
C ALA L 727 -32.96 -68.23 21.96
N ASN L 728 -33.28 -68.49 23.21
CA ASN L 728 -34.54 -67.99 23.74
C ASN L 728 -34.40 -67.12 24.99
N LEU L 729 -35.04 -65.95 24.95
CA LEU L 729 -35.07 -65.06 26.12
C LEU L 729 -36.20 -65.36 27.08
N ASP L 730 -37.21 -66.13 26.68
CA ASP L 730 -38.36 -66.38 27.55
C ASP L 730 -38.33 -67.81 28.07
N ASN L 731 -37.84 -68.00 29.30
CA ASN L 731 -37.71 -69.35 29.88
C ASN L 731 -38.15 -69.34 31.34
N THR L 732 -38.29 -70.78 32.06
CA THR L 732 -38.67 -70.85 33.49
C THR L 732 -37.65 -71.52 34.42
N VAL L 733 -36.75 -72.35 33.91
CA VAL L 733 -35.76 -73.04 34.74
C VAL L 733 -34.65 -72.11 35.18
N LEU L 734 -34.48 -71.00 34.47
CA LEU L 734 -33.54 -69.92 34.73
C LEU L 734 -34.31 -68.65 34.38
N PRO L 735 -34.03 -67.54 35.07
CA PRO L 735 -34.75 -66.25 34.87
C PRO L 735 -34.83 -65.81 33.42
N PRO L 736 -36.01 -65.32 33.01
CA PRO L 736 -36.24 -64.88 31.63
C PRO L 736 -35.57 -63.56 31.32
N GLY L 737 -35.36 -63.29 30.04
CA GLY L 737 -34.80 -62.03 29.60
C GLY L 737 -33.35 -62.11 29.20
N TYR L 738 -32.71 -63.24 29.48
CA TYR L 738 -31.32 -63.48 29.20
C TYR L 738 -31.18 -64.67 28.28
N HIS L 739 -30.16 -64.66 27.44
CA HIS L 739 -29.78 -65.89 26.80
C HIS L 739 -28.93 -66.64 27.80
N TRP L 740 -29.08 -67.96 27.90
CA TRP L 740 -28.28 -68.68 28.87
C TRP L 740 -27.38 -69.73 28.25
N ILE L 741 -26.13 -69.75 28.73
CA ILE L 741 -25.09 -70.68 28.30
C ILE L 741 -24.53 -71.41 29.51
N LYS L 742 -24.32 -72.71 29.36
CA LYS L 742 -23.86 -73.57 30.43
C LYS L 742 -22.49 -74.19 30.14
N ALA L 743 -21.65 -74.21 31.16
CA ALA L 743 -20.39 -74.93 31.13
C ALA L 743 -20.40 -76.03 32.19
N SER L 744 -19.80 -77.20 31.90
CA SER L 744 -19.84 -78.24 32.93
C SER L 744 -18.59 -79.12 33.02
N MET L 745 -18.41 -79.68 34.23
CA MET L 745 -17.28 -80.51 34.64
C MET L 745 -17.73 -81.61 35.61
N VAL L 746 -17.08 -82.79 35.58
CA VAL L 746 -17.42 -83.89 36.49
C VAL L 746 -16.29 -84.26 37.44
N LYS L 747 -15.35 -83.36 37.61
CA LYS L 747 -14.13 -83.55 38.36
C LYS L 747 -14.22 -82.78 39.67
N PRO L 748 -13.30 -83.05 40.62
CA PRO L 748 -13.33 -82.36 41.91
C PRO L 748 -13.25 -80.86 41.70
N PHE L 749 -13.78 -80.08 42.63
CA PHE L 749 -13.92 -78.66 42.32
C PHE L 749 -12.59 -77.89 42.12
N ASP L 750 -11.43 -78.38 42.59
CA ASP L 750 -10.19 -77.57 42.53
C ASP L 750 -9.26 -77.83 41.34
N VAL L 751 -9.60 -78.74 40.43
CA VAL L 751 -8.79 -79.07 39.28
C VAL L 751 -8.71 -77.91 38.28
N VAL L 752 -9.46 -76.83 38.51
CA VAL L 752 -9.41 -75.64 37.69
C VAL L 752 -8.97 -74.46 38.54
N SER L 753 -8.52 -73.40 37.88
CA SER L 753 -8.08 -72.19 38.56
C SER L 753 -9.23 -71.31 39.00
N GLN L 754 -9.00 -70.52 40.03
CA GLN L 754 -9.99 -69.53 40.45
C GLN L 754 -10.06 -68.37 39.45
N LEU L 755 -11.24 -67.77 39.34
CA LEU L 755 -11.49 -66.65 38.45
C LEU L 755 -11.39 -65.31 39.14
N ILE L 756 -11.05 -64.31 38.34
CA ILE L 756 -11.17 -62.94 38.72
C ILE L 756 -12.42 -62.35 38.12
N ASN L 757 -12.59 -62.49 36.80
CA ASN L 757 -13.78 -61.93 36.17
C ASN L 757 -14.02 -62.50 34.78
N ILE L 758 -15.16 -62.09 34.20
CA ILE L 758 -15.57 -62.42 32.84
C ILE L 758 -16.04 -61.14 32.14
N HIS L 759 -15.50 -60.86 30.95
CA HIS L 759 -15.86 -59.63 30.24
C HIS L 759 -16.25 -59.86 28.79
N ALA L 760 -17.31 -59.18 28.36
CA ALA L 760 -17.68 -59.22 26.95
C ALA L 760 -16.99 -58.11 26.21
N GLN L 761 -16.81 -58.31 24.89
CA GLN L 761 -16.26 -57.33 23.93
C GLN L 761 -14.78 -57.05 24.12
N ALA L 762 -13.98 -58.09 24.36
CA ALA L 762 -12.54 -57.92 24.54
C ALA L 762 -11.77 -57.89 23.23
N VAL L 763 -10.75 -57.02 23.18
CA VAL L 763 -9.88 -56.80 22.02
C VAL L 763 -8.41 -56.84 22.44
N GLU L 764 -7.56 -57.57 21.72
CA GLU L 764 -6.12 -57.62 22.01
C GLU L 764 -5.30 -56.63 21.17
N ALA L 765 -4.30 -55.97 21.80
CA ALA L 765 -3.42 -55.00 21.13
C ALA L 765 -1.93 -55.05 21.62
N VAL L 766 -0.85 -54.19 21.11
CA VAL L 766 0.64 -54.38 21.34
C VAL L 766 1.49 -53.11 21.15
N PHE L 767 2.45 -52.89 22.06
CA PHE L 767 3.36 -51.75 22.02
C PHE L 767 4.16 -51.64 20.74
N GLU L 768 4.23 -50.43 20.21
CA GLU L 768 4.98 -50.15 19.00
C GLU L 768 6.35 -49.60 19.35
N ASP L 769 7.39 -50.28 18.90
CA ASP L 769 8.76 -49.89 19.23
C ASP L 769 9.23 -48.77 18.31
N GLN L 770 9.35 -47.57 18.86
CA GLN L 770 9.83 -46.40 18.14
C GLN L 770 11.05 -45.84 18.86
N GLY L 771 11.65 -44.78 18.33
CA GLY L 771 12.84 -44.22 18.94
C GLY L 771 12.61 -43.49 20.25
N SER L 772 12.26 -44.24 21.31
CA SER L 772 11.99 -43.66 22.62
C SER L 772 12.54 -44.65 23.67
N SER L 773 12.35 -44.36 24.96
CA SER L 773 12.87 -45.24 26.01
C SER L 773 11.76 -46.07 26.66
N GLY L 774 11.80 -47.38 26.45
CA GLY L 774 10.78 -48.29 26.97
C GLY L 774 10.95 -48.59 28.44
N ASN L 775 10.85 -47.56 29.26
CA ASN L 775 11.03 -47.71 30.70
C ASN L 775 9.96 -48.60 31.30
N HIS L 776 8.76 -48.59 30.75
CA HIS L 776 7.73 -49.44 31.30
C HIS L 776 7.98 -50.91 31.00
N LEU L 777 8.98 -51.29 30.21
CA LEU L 777 9.17 -52.71 29.90
C LEU L 777 9.61 -53.66 31.05
N GLU L 778 10.47 -53.26 31.99
CA GLU L 778 10.88 -54.21 33.02
C GLU L 778 9.75 -54.73 33.91
N LYS L 779 8.93 -53.81 34.39
CA LYS L 779 7.73 -54.10 35.13
C LYS L 779 6.69 -53.53 34.20
N GLY L 780 5.70 -54.30 33.81
CA GLY L 780 4.78 -53.79 32.80
C GLY L 780 3.84 -52.64 33.13
N LEU L 781 3.20 -52.14 32.09
CA LEU L 781 2.30 -51.04 32.21
C LEU L 781 1.28 -51.35 33.27
N PRO L 782 1.08 -50.44 34.22
CA PRO L 782 0.15 -50.62 35.34
C PRO L 782 -1.31 -50.63 34.91
N ALA L 783 -2.19 -51.17 35.74
CA ALA L 783 -3.60 -51.17 35.40
C ALA L 783 -4.14 -49.75 35.34
N GLU L 784 -5.08 -49.55 34.42
CA GLU L 784 -5.80 -48.30 34.13
C GLU L 784 -5.06 -47.07 33.62
N THR L 785 -4.09 -47.26 32.75
CA THR L 785 -3.34 -46.19 32.15
C THR L 785 -3.90 -45.80 30.79
N ILE L 786 -4.78 -46.62 30.24
CA ILE L 786 -5.30 -46.41 28.91
C ILE L 786 -6.79 -46.11 28.92
N SER L 787 -7.15 -44.96 28.35
CA SER L 787 -8.54 -44.61 28.32
C SER L 787 -9.06 -44.08 26.98
N LYS L 788 -8.18 -43.74 26.04
CA LYS L 788 -8.58 -43.12 24.76
C LYS L 788 -7.85 -43.61 23.51
N LEU L 789 -8.51 -43.41 22.35
CA LEU L 789 -7.87 -43.68 21.07
C LEU L 789 -7.09 -42.45 20.61
N GLN L 790 -6.22 -42.61 19.63
CA GLN L 790 -5.50 -41.48 19.11
C GLN L 790 -6.42 -40.44 18.51
N GLU L 791 -7.38 -40.88 17.71
CA GLU L 791 -8.38 -39.97 17.20
C GLU L 791 -9.58 -40.41 17.97
N ARG L 792 -10.14 -39.54 18.77
CA ARG L 792 -11.31 -39.93 19.51
C ARG L 792 -12.43 -39.99 18.49
N LEU L 793 -13.01 -41.15 18.33
CA LEU L 793 -14.10 -41.37 17.41
C LEU L 793 -15.38 -41.11 18.15
N SER L 794 -16.37 -40.66 17.43
CA SER L 794 -17.66 -40.34 17.96
C SER L 794 -18.50 -41.50 18.54
N TRP L 795 -18.50 -42.66 17.90
CA TRP L 795 -19.28 -43.81 18.32
C TRP L 795 -18.80 -44.64 19.49
N ILE L 796 -17.60 -44.38 19.96
CA ILE L 796 -17.10 -45.10 21.09
C ILE L 796 -17.34 -44.39 22.37
N LYS L 797 -18.26 -44.88 23.18
CA LYS L 797 -18.45 -44.31 24.49
C LYS L 797 -17.28 -44.67 25.33
N SER L 798 -16.73 -45.89 25.25
CA SER L 798 -15.61 -45.89 26.23
C SER L 798 -14.59 -47.01 26.20
N ILE L 799 -13.44 -46.82 26.86
CA ILE L 799 -12.38 -47.85 26.90
C ILE L 799 -11.84 -48.14 28.30
N GLN L 800 -11.68 -49.42 28.65
CA GLN L 800 -11.15 -49.80 29.96
C GLN L 800 -9.95 -50.74 29.92
N GLN L 801 -9.05 -50.58 30.89
CA GLN L 801 -7.85 -51.42 31.03
C GLN L 801 -7.73 -51.91 32.47
N PRO L 802 -8.37 -53.04 32.80
CA PRO L 802 -8.39 -53.66 34.15
C PRO L 802 -7.12 -54.28 34.70
N TYR L 803 -6.28 -54.90 33.89
CA TYR L 803 -5.09 -55.61 34.33
C TYR L 803 -3.84 -55.06 33.70
N PRO L 804 -2.69 -55.28 34.34
CA PRO L 804 -1.36 -54.85 33.88
C PRO L 804 -0.96 -55.51 32.57
N SER L 805 -0.17 -54.83 31.76
CA SER L 805 0.26 -55.39 30.49
C SER L 805 1.29 -56.47 30.67
N THR L 806 1.49 -57.30 29.65
CA THR L 806 2.43 -58.39 29.93
C THR L 806 3.18 -58.90 28.68
N LYS L 807 4.30 -59.58 28.95
CA LYS L 807 5.21 -60.22 27.98
C LYS L 807 6.27 -59.32 27.35
N GLY L 808 6.48 -58.09 27.83
CA GLY L 808 7.49 -57.25 27.22
C GLY L 808 8.87 -57.42 27.83
N LYS L 809 9.89 -56.83 27.17
CA LYS L 809 11.26 -56.90 27.69
C LYS L 809 12.12 -55.76 27.12
N ALA L 810 12.82 -55.05 28.01
CA ALA L 810 13.70 -53.96 27.62
C ALA L 810 15.05 -54.48 27.10
N GLN L 811 15.76 -53.62 26.35
CA GLN L 811 17.09 -53.93 25.80
C GLN L 811 18.08 -54.20 26.93
N GLU L 812 19.08 -55.05 26.68
CA GLU L 812 20.05 -55.35 27.72
C GLU L 812 20.90 -54.15 28.11
N SER L 813 21.11 -54.01 29.41
CA SER L 813 22.04 -53.04 29.98
C SER L 813 23.45 -53.59 29.87
N ASP L 814 24.45 -52.72 30.09
CA ASP L 814 25.82 -53.21 30.08
C ASP L 814 26.05 -54.22 31.18
N GLU L 815 25.42 -54.00 32.32
CA GLU L 815 25.57 -54.86 33.47
C GLU L 815 25.04 -56.25 33.19
N ASP L 816 23.95 -56.34 32.44
CA ASP L 816 23.37 -57.64 32.12
C ASP L 816 24.16 -58.32 31.04
N TYR L 817 24.64 -57.54 30.08
CA TYR L 817 25.45 -58.11 29.02
C TYR L 817 26.66 -58.78 29.60
N TYR L 818 27.38 -58.09 30.48
CA TYR L 818 28.57 -58.67 31.09
C TYR L 818 28.21 -59.88 31.95
N ARG L 819 27.10 -59.79 32.68
CA ARG L 819 26.68 -60.90 33.53
C ARG L 819 26.38 -62.16 32.71
N ARG L 820 25.65 -62.00 31.60
CA ARG L 820 25.28 -63.14 30.75
C ARG L 820 26.49 -63.77 30.08
N VAL L 821 27.39 -62.95 29.55
CA VAL L 821 28.54 -63.50 28.84
C VAL L 821 29.44 -64.23 29.81
N SER L 822 29.63 -63.65 30.99
CA SER L 822 30.56 -64.20 31.95
C SER L 822 30.08 -65.56 32.43
N GLU L 823 28.77 -65.72 32.68
CA GLU L 823 28.29 -67.03 33.12
C GLU L 823 28.42 -68.09 32.04
N ARG L 824 28.12 -67.78 30.77
CA ARG L 824 28.23 -68.82 29.75
C ARG L 824 29.63 -69.37 29.64
N LEU L 825 30.61 -68.49 29.79
CA LEU L 825 32.01 -68.89 29.74
C LEU L 825 32.41 -69.84 30.86
N ARG L 826 31.58 -69.99 31.89
CA ARG L 826 31.83 -70.90 32.99
C ARG L 826 30.99 -72.17 32.93
N HIS L 827 29.68 -72.06 32.69
CA HIS L 827 28.86 -73.27 32.76
C HIS L 827 28.73 -74.01 31.44
N LYS L 828 29.13 -73.39 30.32
CA LYS L 828 29.19 -73.99 28.99
C LYS L 828 27.84 -74.48 28.48
N LYS L 829 26.75 -73.90 29.02
CA LYS L 829 25.37 -74.22 28.68
C LYS L 829 25.02 -75.68 29.03
N ARG L 830 25.62 -76.23 30.08
CA ARG L 830 25.28 -77.58 30.53
C ARG L 830 24.67 -77.49 31.92
N ALA L 831 23.70 -78.35 32.22
CA ALA L 831 23.09 -78.33 33.55
C ALA L 831 23.66 -79.45 34.42
N ILE L 832 24.82 -79.26 35.03
CA ILE L 832 25.45 -80.35 35.78
C ILE L 832 25.34 -80.16 37.30
N THR L 833 25.89 -79.08 37.84
CA THR L 833 25.83 -78.89 39.30
C THR L 833 24.68 -77.97 39.74
N LEU L 834 24.75 -77.48 40.99
CA LEU L 834 23.70 -76.63 41.54
C LEU L 834 23.65 -75.25 40.90
N TRP L 835 24.81 -74.59 40.87
CA TRP L 835 24.93 -73.26 40.33
C TRP L 835 24.45 -73.21 38.90
N ASP L 836 24.81 -74.25 38.15
CA ASP L 836 24.45 -74.35 36.75
C ASP L 836 22.96 -74.29 36.59
N TYR L 837 22.23 -75.14 37.32
CA TYR L 837 20.78 -75.20 37.20
C TYR L 837 20.13 -73.88 37.60
N GLU L 838 20.58 -73.31 38.71
CA GLU L 838 19.95 -72.10 39.24
C GLU L 838 20.20 -70.90 38.34
N HIS L 839 21.39 -70.79 37.77
CA HIS L 839 21.67 -69.65 36.90
C HIS L 839 21.12 -69.84 35.49
N LEU L 840 21.04 -71.08 35.00
CA LEU L 840 20.42 -71.29 33.69
C LEU L 840 18.96 -70.87 33.70
N ILE L 841 18.24 -71.15 34.80
CA ILE L 841 16.84 -70.77 34.84
C ILE L 841 16.67 -69.27 35.04
N LEU L 842 17.42 -68.65 35.94
CA LEU L 842 17.18 -67.22 36.10
C LEU L 842 17.53 -66.45 34.83
N GLN L 843 18.53 -66.88 34.07
CA GLN L 843 18.82 -66.21 32.80
C GLN L 843 17.75 -66.46 31.75
N LYS L 844 17.22 -67.69 31.68
CA LYS L 844 16.25 -68.07 30.64
C LYS L 844 14.83 -67.59 30.93
N PHE L 845 14.36 -67.68 32.17
CA PHE L 845 12.98 -67.36 32.50
C PHE L 845 12.89 -66.06 33.29
N PRO L 846 12.52 -64.94 32.65
CA PRO L 846 12.58 -63.60 33.25
C PRO L 846 11.60 -63.33 34.38
N LYS L 847 10.58 -64.16 34.57
CA LYS L 847 9.60 -63.90 35.62
C LYS L 847 9.63 -65.00 36.65
N VAL L 848 10.85 -65.26 37.12
CA VAL L 848 11.13 -66.11 38.26
C VAL L 848 11.98 -65.26 39.18
N TYR L 849 11.60 -65.20 40.44
CA TYR L 849 12.27 -64.36 41.40
C TYR L 849 13.34 -65.14 42.15
N LYS L 850 13.01 -66.35 42.58
CA LYS L 850 13.99 -67.17 43.26
C LYS L 850 13.91 -68.59 42.74
N VAL L 851 15.04 -69.30 42.88
CA VAL L 851 15.11 -70.68 42.45
C VAL L 851 15.90 -71.47 43.50
N LYS L 852 15.56 -72.76 43.63
CA LYS L 852 16.31 -73.65 44.52
C LYS L 852 16.41 -75.06 43.94
N CYS L 853 17.64 -75.58 43.83
CA CYS L 853 17.86 -76.92 43.34
C CYS L 853 18.12 -77.90 44.48
N LEU L 854 17.42 -79.05 44.46
CA LEU L 854 17.47 -80.06 45.51
C LEU L 854 18.05 -81.37 44.98
N ASN L 855 19.28 -81.68 45.41
CA ASN L 855 20.17 -82.70 44.81
C ASN L 855 19.64 -84.13 44.83
N HIS L 856 18.97 -84.58 45.88
CA HIS L 856 18.52 -85.97 45.92
C HIS L 856 17.02 -86.03 46.17
N THR L 857 16.29 -85.00 45.81
CA THR L 857 14.90 -84.92 46.23
C THR L 857 13.93 -85.42 45.16
N CYS L 858 13.11 -86.35 45.60
CA CYS L 858 11.90 -86.87 44.99
C CYS L 858 10.76 -86.61 45.94
N SER L 859 9.52 -86.68 45.46
CA SER L 859 8.38 -86.36 46.34
C SER L 859 8.31 -87.20 47.61
N SER L 860 8.87 -88.40 47.59
CA SER L 860 8.85 -89.29 48.74
C SER L 860 10.23 -89.54 49.34
N SER L 861 11.24 -88.76 48.97
CA SER L 861 12.59 -89.06 49.45
C SER L 861 13.55 -87.88 49.36
N PHE L 862 14.43 -87.78 50.35
CA PHE L 862 15.49 -86.79 50.29
C PHE L 862 16.86 -87.44 50.16
N GLN L 863 16.90 -88.73 49.76
CA GLN L 863 18.13 -89.50 49.56
C GLN L 863 18.05 -90.43 48.34
N SER L 864 17.34 -90.05 47.28
CA SER L 864 17.29 -90.91 46.09
C SER L 864 18.22 -90.45 44.97
N PRO L 865 19.17 -91.29 44.59
CA PRO L 865 20.13 -90.95 43.53
C PRO L 865 19.45 -90.99 42.19
N GLY L 866 19.99 -90.21 41.25
CA GLY L 866 19.49 -90.23 39.88
C GLY L 866 18.27 -89.37 39.63
N ASN L 867 18.08 -88.33 40.42
CA ASN L 867 16.90 -87.49 40.26
C ASN L 867 17.21 -86.10 40.80
N ALA L 868 16.25 -85.18 40.67
CA ALA L 868 16.40 -83.83 41.22
C ALA L 868 15.06 -83.10 41.22
N THR L 869 14.89 -82.20 42.18
CA THR L 869 13.72 -81.32 42.20
C THR L 869 14.14 -79.85 42.23
N LEU L 870 13.43 -79.06 41.46
CA LEU L 870 13.64 -77.62 41.38
C LEU L 870 12.41 -76.89 41.91
N ILE L 871 12.63 -75.88 42.75
CA ILE L 871 11.52 -75.09 43.29
C ILE L 871 11.55 -73.69 42.70
N LEU L 872 10.40 -73.25 42.18
CA LEU L 872 10.29 -71.93 41.57
C LEU L 872 9.40 -70.98 42.34
N VAL L 873 9.89 -69.76 42.55
CA VAL L 873 9.16 -68.68 43.21
C VAL L 873 9.01 -67.50 42.24
N PRO L 874 7.78 -67.08 41.96
CA PRO L 874 7.50 -65.97 41.03
C PRO L 874 7.74 -64.62 41.70
N ASP L 875 7.67 -63.53 40.91
CA ASP L 875 7.91 -62.23 41.51
C ASP L 875 6.59 -61.74 42.14
N THR L 876 5.48 -61.88 41.39
CA THR L 876 4.15 -61.35 41.66
C THR L 876 4.15 -59.90 42.12
N VAL L 877 4.85 -59.01 41.39
CA VAL L 877 4.85 -57.61 41.80
C VAL L 877 3.46 -57.00 41.64
N GLN L 878 2.73 -57.34 40.58
CA GLN L 878 1.41 -56.74 40.35
C GLN L 878 0.37 -57.42 41.23
N GLN L 879 0.39 -57.03 42.51
CA GLN L 879 -0.51 -57.56 43.55
C GLN L 879 -1.98 -57.29 43.30
N SER L 880 -2.32 -56.43 42.35
CA SER L 880 -3.68 -56.22 41.86
C SER L 880 -4.34 -57.48 41.33
N VAL L 881 -3.52 -58.43 40.95
CA VAL L 881 -3.90 -59.75 40.48
C VAL L 881 -3.50 -60.83 41.47
N PHE L 882 -2.24 -60.86 41.82
CA PHE L 882 -1.66 -61.97 42.55
C PHE L 882 -1.99 -62.00 44.03
N ASP L 883 -2.05 -63.22 44.56
CA ASP L 883 -2.19 -63.40 46.00
C ASP L 883 -0.76 -63.43 46.54
N ILE L 884 -0.38 -62.34 47.21
CA ILE L 884 1.01 -62.18 47.60
C ILE L 884 1.39 -62.99 48.83
N TYR L 885 0.48 -63.71 49.46
CA TYR L 885 0.85 -64.52 50.61
C TYR L 885 0.83 -65.99 50.27
N GLN L 886 0.38 -66.30 49.06
CA GLN L 886 0.41 -67.62 48.42
C GLN L 886 0.82 -67.51 46.95
N PRO L 887 2.00 -66.95 46.65
CA PRO L 887 2.45 -66.84 45.27
C PRO L 887 2.65 -68.22 44.67
N ARG L 888 2.19 -68.41 43.42
CA ARG L 888 2.35 -69.70 42.76
C ARG L 888 2.71 -69.53 41.30
N VAL L 889 3.38 -70.55 40.78
CA VAL L 889 3.73 -70.71 39.38
C VAL L 889 2.70 -71.57 38.66
N SER L 890 2.19 -71.07 37.55
CA SER L 890 1.25 -71.75 36.67
C SER L 890 1.88 -72.94 35.95
N GLN L 891 1.01 -73.79 35.38
CA GLN L 891 1.48 -75.00 34.71
C GLN L 891 2.37 -74.69 33.52
N GLY L 892 2.09 -73.60 32.78
CA GLY L 892 2.89 -73.25 31.62
C GLY L 892 4.35 -73.17 31.98
N THR L 893 4.67 -72.34 32.97
CA THR L 893 6.05 -72.20 33.40
C THR L 893 6.61 -73.48 34.01
N LEU L 894 5.85 -74.19 34.84
CA LEU L 894 6.40 -75.40 35.46
C LEU L 894 6.85 -76.42 34.42
N ASN L 895 6.08 -76.53 33.34
CA ASN L 895 6.39 -77.47 32.27
C ASN L 895 7.50 -76.96 31.37
N ASP L 896 7.50 -75.66 31.02
CA ASP L 896 8.55 -75.11 30.15
C ASP L 896 9.92 -75.24 30.79
N VAL L 897 9.99 -75.02 32.10
CA VAL L 897 11.24 -75.10 32.83
C VAL L 897 11.76 -76.52 32.79
N ALA L 898 10.88 -77.50 33.04
CA ALA L 898 11.30 -78.89 33.04
C ALA L 898 11.84 -79.30 31.68
N ALA L 899 11.17 -78.90 30.60
CA ALA L 899 11.61 -79.27 29.26
C ALA L 899 12.98 -78.70 28.94
N PHE L 900 13.17 -77.41 29.27
CA PHE L 900 14.41 -76.68 28.99
C PHE L 900 15.60 -77.36 29.63
N VAL L 901 15.47 -77.71 30.90
CA VAL L 901 16.60 -78.31 31.60
C VAL L 901 16.80 -79.75 31.23
N ASN L 902 15.73 -80.52 31.03
CA ASN L 902 15.94 -81.93 30.81
C ASN L 902 16.75 -82.18 29.54
N GLU L 903 16.61 -81.32 28.53
CA GLU L 903 17.46 -81.35 27.32
C GLU L 903 18.94 -81.10 27.58
N LEU L 904 19.30 -80.46 28.68
CA LEU L 904 20.68 -80.10 28.99
C LEU L 904 21.30 -80.93 30.10
N ASN L 905 20.60 -81.90 30.65
CA ASN L 905 21.14 -82.57 31.83
C ASN L 905 22.11 -83.69 31.53
N SER L 906 21.55 -84.77 31.04
CA SER L 906 22.19 -86.03 30.78
C SER L 906 21.15 -86.92 30.20
N PHE L 907 21.59 -87.86 29.37
CA PHE L 907 20.69 -88.86 28.84
C PHE L 907 19.88 -89.57 29.94
N HIS L 908 20.49 -89.79 31.10
CA HIS L 908 19.88 -90.57 32.16
C HIS L 908 19.08 -89.78 33.20
N VAL L 909 18.93 -88.45 33.13
CA VAL L 909 18.30 -87.74 34.25
C VAL L 909 17.19 -86.78 33.84
N GLN L 910 16.03 -86.92 34.48
CA GLN L 910 14.93 -86.00 34.37
C GLN L 910 14.73 -85.26 35.69
N ALA L 911 14.49 -83.96 35.61
CA ALA L 911 14.23 -83.17 36.80
C ALA L 911 12.73 -82.86 36.91
N LYS L 912 12.29 -82.64 38.14
CA LYS L 912 10.91 -82.23 38.40
C LYS L 912 10.84 -80.79 38.87
N VAL L 913 9.81 -80.09 38.43
CA VAL L 913 9.65 -78.67 38.74
C VAL L 913 8.35 -78.47 39.52
N ILE L 914 8.47 -77.88 40.72
CA ILE L 914 7.31 -77.75 41.60
C ILE L 914 7.19 -76.33 42.20
N ASN L 915 6.02 -76.07 42.79
CA ASN L 915 5.80 -74.92 43.65
C ASN L 915 6.29 -75.22 45.06
N PRO L 916 6.76 -74.19 45.79
CA PRO L 916 7.32 -74.35 47.15
C PRO L 916 6.38 -74.84 48.20
N ASN L 917 5.07 -74.68 48.02
CA ASN L 917 4.04 -75.05 48.99
C ASN L 917 4.35 -74.46 50.38
N TYR L 918 4.40 -73.14 50.41
CA TYR L 918 4.87 -72.36 51.54
C TYR L 918 4.13 -72.62 52.84
N GLU L 919 4.89 -72.54 53.93
CA GLU L 919 4.45 -72.64 55.31
C GLU L 919 5.40 -71.84 56.20
N GLU L 920 4.88 -71.13 57.20
CA GLU L 920 5.74 -70.25 57.98
C GLU L 920 5.20 -69.78 59.34
N VAL L 921 6.14 -69.44 60.23
CA VAL L 921 5.98 -68.91 61.58
C VAL L 921 5.85 -67.39 61.60
N LYS L 922 5.35 -66.84 62.70
CA LYS L 922 5.20 -65.39 62.75
C LYS L 922 5.48 -64.80 64.13
N VAL L 923 5.91 -63.54 64.10
CA VAL L 923 6.38 -62.78 65.24
C VAL L 923 5.29 -62.16 66.10
N ASP L 924 5.68 -61.95 67.35
CA ASP L 924 4.98 -61.21 68.39
C ASP L 924 6.06 -60.54 69.20
N VAL L 925 5.75 -59.42 69.85
CA VAL L 925 6.83 -58.75 70.55
C VAL L 925 6.33 -57.81 71.65
N LYS L 926 7.28 -57.48 72.52
CA LYS L 926 7.11 -56.44 73.52
C LYS L 926 6.82 -55.13 72.84
N VAL L 927 5.98 -54.33 73.47
CA VAL L 927 5.58 -53.07 72.88
C VAL L 927 6.79 -52.15 72.71
N LYS L 928 6.77 -51.38 71.64
CA LYS L 928 7.81 -50.40 71.43
C LYS L 928 7.82 -49.39 72.55
N PHE L 929 9.02 -49.02 72.98
CA PHE L 929 9.23 -48.02 74.01
C PHE L 929 8.94 -46.62 73.52
N ARG L 930 8.82 -46.46 72.22
CA ARG L 930 8.55 -45.17 71.64
C ARG L 930 7.86 -45.38 70.31
N GLU L 931 7.13 -44.36 69.91
CA GLU L 931 6.44 -44.32 68.65
C GLU L 931 6.23 -42.86 68.34
N GLY L 932 6.09 -42.53 67.04
CA GLY L 932 5.82 -41.14 66.66
C GLY L 932 4.54 -40.63 67.30
N LEU L 933 3.52 -41.47 67.31
CA LEU L 933 2.22 -41.18 67.89
C LEU L 933 1.46 -42.48 67.93
N ASP L 934 0.43 -42.52 68.78
CA ASP L 934 -0.42 -43.70 68.85
C ASP L 934 -1.04 -44.07 67.51
N VAL L 935 -1.33 -43.09 66.65
CA VAL L 935 -1.86 -43.37 65.34
C VAL L 935 -0.79 -43.41 64.26
N SER L 936 0.07 -42.39 64.21
CA SER L 936 1.09 -42.24 63.18
C SER L 936 2.05 -43.41 63.15
N PHE L 937 2.32 -43.98 64.29
CA PHE L 937 3.19 -45.11 64.39
C PHE L 937 2.52 -46.16 65.24
N TYR L 938 1.24 -46.37 64.91
CA TYR L 938 0.41 -47.34 65.58
C TYR L 938 1.04 -48.71 65.49
N LEU L 939 0.76 -49.56 66.47
CA LEU L 939 1.27 -50.93 66.41
C LEU L 939 0.86 -51.62 65.14
N THR L 940 -0.32 -51.27 64.62
CA THR L 940 -0.77 -51.76 63.33
C THR L 940 0.16 -51.35 62.20
N LYS L 941 0.71 -50.13 62.25
CA LYS L 941 1.63 -49.69 61.21
C LYS L 941 2.91 -50.50 61.28
N VAL L 942 3.36 -50.76 62.50
CA VAL L 942 4.54 -51.58 62.70
C VAL L 942 4.31 -52.97 62.19
N LYS L 943 3.09 -53.49 62.41
CA LYS L 943 2.74 -54.82 61.91
C LYS L 943 2.77 -54.86 60.40
N GLU L 944 2.27 -53.81 59.76
CA GLU L 944 2.29 -53.74 58.30
C GLU L 944 3.71 -53.72 57.77
N ASP L 945 4.59 -52.96 58.43
CA ASP L 945 5.99 -52.91 58.01
C ASP L 945 6.65 -54.26 58.17
N ILE L 946 6.35 -54.95 59.27
CA ILE L 946 6.91 -56.27 59.50
C ILE L 946 6.45 -57.25 58.42
N LYS L 947 5.18 -57.15 58.05
CA LYS L 947 4.64 -58.01 57.01
C LYS L 947 5.33 -57.74 55.68
N LYS L 948 5.58 -56.48 55.36
CA LYS L 948 6.24 -56.17 54.09
C LYS L 948 7.64 -56.73 54.06
N PHE L 949 8.38 -56.62 55.17
CA PHE L 949 9.75 -57.12 55.22
C PHE L 949 9.80 -58.61 54.99
N LEU L 950 8.83 -59.34 55.53
CA LEU L 950 8.78 -60.77 55.32
C LEU L 950 8.26 -61.10 53.94
N SER L 951 7.26 -60.33 53.47
CA SER L 951 6.61 -60.56 52.19
C SER L 951 7.61 -60.49 51.06
N PRO L 952 8.60 -59.61 51.18
CA PRO L 952 9.67 -59.45 50.19
C PRO L 952 10.48 -60.73 49.98
N TRP L 953 10.48 -61.63 50.94
CA TRP L 953 11.14 -62.90 50.72
C TRP L 953 10.21 -63.85 49.99
N ALA L 954 8.94 -63.86 50.42
CA ALA L 954 7.90 -64.71 49.85
C ALA L 954 7.59 -64.34 48.41
N TYR L 955 7.62 -63.05 48.12
CA TYR L 955 7.24 -62.51 46.83
C TYR L 955 8.08 -61.27 46.64
N ASP L 956 8.20 -60.79 45.43
CA ASP L 956 9.02 -59.60 45.26
C ASP L 956 8.41 -58.39 45.97
N GLN L 957 9.27 -57.67 46.69
CA GLN L 957 8.99 -56.40 47.35
C GLN L 957 10.34 -55.88 47.82
N GLU L 958 10.39 -54.64 48.25
CA GLU L 958 11.66 -54.15 48.78
C GLU L 958 11.82 -54.55 50.24
N SER L 959 13.06 -54.84 50.63
CA SER L 959 13.43 -55.09 52.03
C SER L 959 14.93 -54.95 52.21
N SER L 960 15.34 -54.17 53.21
CA SER L 960 16.77 -53.99 53.49
C SER L 960 17.42 -55.27 54.00
N VAL L 961 16.69 -56.05 54.79
CA VAL L 961 17.22 -57.27 55.38
C VAL L 961 17.54 -58.30 54.32
N GLU L 962 18.66 -59.02 54.54
CA GLU L 962 19.10 -60.07 53.61
C GLU L 962 18.07 -61.18 53.44
N PHE L 963 17.35 -61.54 54.50
CA PHE L 963 16.39 -62.62 54.43
C PHE L 963 15.38 -62.54 55.56
N GLY L 964 14.17 -63.05 55.28
CA GLY L 964 13.17 -63.24 56.33
C GLY L 964 13.61 -64.34 57.28
N VAL L 965 14.26 -65.37 56.74
CA VAL L 965 14.68 -66.54 57.51
C VAL L 965 15.96 -66.21 58.27
N THR L 966 15.79 -65.45 59.34
CA THR L 966 16.94 -64.94 60.07
C THR L 966 16.65 -64.86 61.56
N LEU L 967 17.74 -64.66 62.28
CA LEU L 967 17.72 -64.50 63.73
C LEU L 967 17.05 -63.19 64.11
N HIS L 968 16.61 -63.13 65.38
CA HIS L 968 15.97 -61.94 65.92
C HIS L 968 16.85 -60.71 65.83
N ARG L 969 18.17 -60.90 65.77
CA ARG L 969 19.10 -59.80 65.63
C ARG L 969 18.84 -59.00 64.36
N SER L 970 18.47 -59.70 63.28
CA SER L 970 18.19 -59.03 62.03
C SER L 970 16.89 -58.26 62.13
N GLN L 971 15.91 -58.89 62.77
CA GLN L 971 14.62 -58.26 62.97
C GLN L 971 14.76 -57.02 63.83
N MET L 972 15.59 -57.10 64.87
CA MET L 972 15.81 -55.98 65.74
C MET L 972 16.43 -54.82 65.01
N ILE L 973 17.41 -55.10 64.15
CA ILE L 973 18.05 -54.05 63.37
C ILE L 973 17.07 -53.39 62.43
N HIS L 974 16.19 -54.18 61.82
CA HIS L 974 15.21 -53.65 60.88
C HIS L 974 14.28 -52.66 61.56
N TYR L 975 13.89 -52.97 62.79
CA TYR L 975 13.02 -52.10 63.56
C TYR L 975 13.77 -50.92 64.14
N LEU L 976 15.00 -51.14 64.60
CA LEU L 976 15.81 -50.08 65.20
C LEU L 976 16.05 -48.95 64.23
N GLU L 977 16.16 -49.30 62.96
CA GLU L 977 16.35 -48.35 61.88
C GLU L 977 15.17 -47.41 61.67
N GLN L 978 13.99 -47.74 62.21
CA GLN L 978 12.81 -46.91 62.02
C GLN L 978 12.96 -45.54 62.69
N LEU L 979 12.38 -44.53 62.07
CA LEU L 979 12.41 -43.17 62.60
C LEU L 979 11.39 -42.94 63.71
N THR L 980 10.63 -43.97 64.05
CA THR L 980 9.57 -43.88 65.04
C THR L 980 9.66 -45.04 66.00
N TYR L 981 10.83 -45.27 66.59
CA TYR L 981 11.02 -46.38 67.52
C TYR L 981 12.20 -46.07 68.46
N VAL L 982 12.20 -46.74 69.62
CA VAL L 982 13.36 -46.60 70.52
C VAL L 982 13.89 -47.90 71.08
N ASP L 983 13.01 -48.84 71.41
CA ASP L 983 13.43 -50.06 72.09
C ASP L 983 12.27 -51.04 72.15
N TYR L 984 12.60 -52.29 72.47
CA TYR L 984 11.60 -53.30 72.81
C TYR L 984 12.27 -54.37 73.65
N ILE L 985 11.67 -54.69 74.80
CA ILE L 985 12.25 -55.58 75.80
C ILE L 985 12.44 -57.03 75.32
N THR L 986 11.54 -57.55 74.49
CA THR L 986 11.59 -58.95 74.13
C THR L 986 10.82 -59.21 72.84
N ASP L 987 11.13 -60.32 72.18
CA ASP L 987 10.42 -60.75 70.98
C ASP L 987 10.53 -62.25 70.79
N LEU L 988 9.58 -62.82 70.04
CA LEU L 988 9.57 -64.25 69.71
C LEU L 988 8.81 -64.47 68.41
N ARG L 989 9.04 -65.60 67.76
CA ARG L 989 8.34 -65.90 66.50
C ARG L 989 8.07 -67.38 66.25
N LEU L 990 7.43 -68.07 67.18
CA LEU L 990 7.17 -69.48 66.98
C LEU L 990 6.10 -69.71 65.92
N LEU L 991 6.11 -70.93 65.36
CA LEU L 991 5.07 -71.32 64.41
C LEU L 991 3.73 -71.36 65.09
N LYS L 992 2.70 -71.09 64.31
CA LYS L 992 1.35 -70.94 64.83
C LYS L 992 0.73 -72.29 65.13
N ARG L 993 1.09 -72.86 66.29
CA ARG L 993 0.50 -74.10 66.79
C ARG L 993 -0.99 -73.96 67.00
N GLN L 994 -1.42 -72.72 67.18
CA GLN L 994 -2.78 -72.33 67.47
C GLN L 994 -3.51 -71.89 66.23
N ALA L 995 -3.02 -72.25 65.06
CA ALA L 995 -3.73 -71.92 63.84
C ALA L 995 -4.79 -73.00 63.70
N GLY L 996 -6.03 -72.60 63.95
CA GLY L 996 -7.18 -73.50 63.86
C GLY L 996 -7.53 -73.89 62.44
N SER L 997 -7.38 -72.96 61.48
CA SER L 997 -7.83 -73.17 60.10
C SER L 997 -7.09 -74.31 59.42
N SER L 998 -5.82 -74.38 59.60
CA SER L 998 -5.00 -75.42 59.06
C SER L 998 -5.00 -76.33 60.29
N PRO L 999 -5.24 -77.63 60.12
CA PRO L 999 -5.50 -78.49 61.29
C PRO L 999 -4.45 -78.51 62.43
N CYS L 1000 -4.99 -78.67 63.65
CA CYS L 1000 -4.25 -78.58 64.91
C CYS L 1000 -3.23 -79.69 65.04
N ASN L 1001 -2.28 -79.54 65.98
CA ASN L 1001 -1.11 -80.41 66.06
C ASN L 1001 -0.02 -79.91 65.13
N PRO L 1002 -0.21 -78.71 64.60
CA PRO L 1002 0.79 -78.12 63.74
C PRO L 1002 2.08 -77.86 64.51
N ILE L 1003 3.19 -78.09 63.82
CA ILE L 1003 4.50 -77.89 64.39
C ILE L 1003 4.71 -76.41 64.69
N PHE L 1004 5.45 -76.19 65.77
CA PHE L 1004 5.75 -74.87 66.28
C PHE L 1004 7.24 -74.64 66.15
N ILE L 1005 7.66 -73.38 66.18
CA ILE L 1005 9.07 -73.09 66.01
C ILE L 1005 9.61 -72.42 67.27
N GLU L 1006 9.53 -73.14 68.39
CA GLU L 1006 9.88 -72.62 69.69
C GLU L 1006 11.32 -72.90 70.09
N THR L 1007 11.95 -73.94 69.57
CA THR L 1007 13.24 -74.40 70.07
C THR L 1007 14.44 -73.60 69.56
N THR L 1008 14.45 -72.30 69.85
CA THR L 1008 15.57 -71.39 69.59
C THR L 1008 16.11 -71.43 68.15
N GLU L 1009 15.23 -71.53 67.16
CA GLU L 1009 15.67 -71.52 65.77
C GLU L 1009 15.70 -70.11 65.22
N LYS L 1010 16.67 -69.83 64.36
CA LYS L 1010 16.70 -68.54 63.66
C LYS L 1010 15.74 -68.56 62.47
N GLU L 1011 14.45 -68.77 62.78
CA GLU L 1011 13.37 -68.86 61.81
C GLU L 1011 13.64 -69.88 60.70
N TYR L 1012 14.22 -71.03 61.06
CA TYR L 1012 14.53 -72.05 60.06
C TYR L 1012 13.27 -72.56 59.39
N ILE L 1013 13.36 -72.84 58.09
CA ILE L 1013 12.23 -73.42 57.40
C ILE L 1013 11.89 -74.78 57.99
N GLN L 1014 10.59 -75.06 58.04
CA GLN L 1014 10.08 -76.32 58.59
C GLN L 1014 10.57 -77.54 57.82
N PRO L 1015 10.93 -77.36 56.55
CA PRO L 1015 11.31 -78.49 55.70
C PRO L 1015 12.14 -78.00 54.52
N SER L 1016 12.81 -78.95 53.88
CA SER L 1016 13.58 -78.70 52.67
C SER L 1016 12.71 -78.16 51.54
N ASN L 1017 11.46 -78.58 51.50
CA ASN L 1017 10.46 -78.20 50.52
C ASN L 1017 9.16 -78.25 51.27
N PRO L 1018 8.12 -77.57 50.77
CA PRO L 1018 6.82 -77.44 51.46
C PRO L 1018 7.00 -76.63 52.73
N LYS L 1019 7.81 -75.58 52.58
CA LYS L 1019 8.09 -74.64 53.65
C LYS L 1019 8.66 -73.37 53.02
N SER L 1020 8.48 -72.25 53.73
CA SER L 1020 9.08 -71.01 53.26
C SER L 1020 9.67 -70.13 54.34
N ILE L 1021 9.20 -70.21 55.59
CA ILE L 1021 9.65 -69.30 56.65
C ILE L 1021 9.51 -67.83 56.23
N LEU L 1022 8.41 -67.49 55.58
CA LEU L 1022 8.14 -66.14 55.10
C LEU L 1022 6.67 -65.77 55.32
N VAL L 1023 6.18 -65.90 56.56
CA VAL L 1023 4.80 -65.53 56.88
C VAL L 1023 4.67 -64.03 56.82
N SER L 1024 3.50 -63.54 56.45
CA SER L 1024 3.31 -62.11 56.37
C SER L 1024 1.84 -61.78 56.37
N SER M 2 35.92 71.07 -15.17
CA SER M 2 36.26 69.82 -14.50
C SER M 2 36.17 68.65 -15.45
N GLU M 3 36.22 68.95 -16.75
CA GLU M 3 36.34 67.94 -17.79
C GLU M 3 37.70 67.26 -17.71
N GLY M 4 38.72 68.06 -17.42
CA GLY M 4 40.10 67.61 -17.38
C GLY M 4 40.47 66.76 -16.21
N LYS M 5 39.55 66.58 -15.26
CA LYS M 5 39.80 65.76 -14.09
C LYS M 5 39.62 64.28 -14.41
N LEU M 6 40.61 63.47 -14.03
CA LEU M 6 40.52 62.02 -14.10
C LEU M 6 39.69 61.52 -12.93
N GLU M 7 38.48 61.06 -13.20
CA GLU M 7 37.60 60.56 -12.15
C GLU M 7 38.00 59.14 -11.75
N LYS M 8 37.86 58.82 -10.47
CA LYS M 8 38.21 57.53 -9.91
C LYS M 8 36.95 56.80 -9.44
N LEU M 9 36.98 55.47 -9.56
CA LEU M 9 35.81 54.64 -9.25
C LEU M 9 35.58 54.57 -7.75
N ARG M 10 34.31 54.62 -7.34
CA ARG M 10 33.91 54.58 -5.94
C ARG M 10 32.90 53.48 -5.65
N ILE M 11 32.94 52.93 -4.45
CA ILE M 11 31.96 51.96 -3.97
C ILE M 11 31.52 52.36 -2.57
N VAL M 12 30.20 52.47 -2.36
CA VAL M 12 29.59 52.88 -1.10
C VAL M 12 28.71 51.73 -0.59
N ALA M 13 28.69 51.52 0.72
CA ALA M 13 27.84 50.51 1.34
C ALA M 13 26.58 51.15 1.93
N TYR M 14 25.47 50.41 1.89
CA TYR M 14 24.17 50.88 2.33
C TYR M 14 23.49 49.86 3.25
N LYS M 15 22.57 50.37 4.07
CA LYS M 15 21.87 49.56 5.06
C LYS M 15 20.51 49.06 4.62
N ASP M 16 19.78 49.82 3.80
CA ASP M 16 18.42 49.46 3.44
C ASP M 16 18.29 49.19 1.95
N SER M 17 17.19 48.55 1.59
CA SER M 17 16.93 48.18 0.21
C SER M 17 16.43 49.33 -0.65
N LYS M 18 16.26 50.52 -0.08
CA LYS M 18 15.93 51.71 -0.85
C LYS M 18 17.14 52.59 -1.09
N PHE M 19 18.30 52.23 -0.51
CA PHE M 19 19.59 52.89 -0.73
C PHE M 19 19.57 54.34 -0.31
N SER M 20 19.16 54.58 0.95
CA SER M 20 19.10 55.94 1.50
C SER M 20 19.81 56.09 2.84
N ASP M 21 20.24 55.01 3.48
CA ASP M 21 20.84 55.03 4.81
C ASP M 21 22.26 54.46 4.74
N GLU M 22 23.26 55.34 4.76
CA GLU M 22 24.63 54.92 4.54
C GLU M 22 25.23 54.25 5.77
N VAL M 23 26.04 53.22 5.53
CA VAL M 23 26.90 52.64 6.55
C VAL M 23 27.99 53.65 6.90
N GLU M 24 28.25 53.82 8.18
CA GLU M 24 29.24 54.80 8.61
C GLU M 24 30.66 54.27 8.38
N ASN M 25 31.50 55.12 7.79
CA ASN M 25 32.83 54.77 7.28
C ASN M 25 32.79 53.62 6.28
N GLY M 26 31.85 53.67 5.34
CA GLY M 26 31.64 52.58 4.42
C GLY M 26 31.81 52.95 2.96
N GLU M 27 32.80 53.79 2.65
CA GLU M 27 33.04 54.25 1.30
C GLU M 27 34.47 53.93 0.89
N PHE M 28 34.63 53.26 -0.24
CA PHE M 28 35.92 52.91 -0.79
C PHE M 28 36.15 53.70 -2.08
N ILE M 29 37.36 54.24 -2.22
CA ILE M 29 37.79 54.93 -3.44
C ILE M 29 39.08 54.27 -3.91
N THR M 30 39.12 53.88 -5.17
CA THR M 30 40.30 53.23 -5.71
C THR M 30 41.38 54.25 -6.04
N LEU M 31 42.61 53.77 -6.17
CA LEU M 31 43.72 54.61 -6.59
C LEU M 31 44.11 54.41 -8.04
N LEU M 32 43.76 53.26 -8.62
CA LEU M 32 43.92 53.00 -10.05
C LEU M 32 42.64 52.40 -10.59
N ASN M 33 42.17 52.94 -11.68
CA ASN M 33 40.96 52.53 -12.36
C ASN M 33 41.17 51.19 -13.06
N PRO M 34 40.11 50.39 -13.20
CA PRO M 34 40.18 49.22 -14.07
C PRO M 34 40.33 49.62 -15.52
N GLU M 35 40.86 48.68 -16.32
CA GLU M 35 40.98 48.84 -17.77
C GLU M 35 39.66 48.82 -18.53
N LYS M 36 38.75 47.94 -18.10
CA LYS M 36 37.50 47.69 -18.80
C LYS M 36 36.52 47.05 -17.81
N TYR M 37 35.26 46.95 -18.24
CA TYR M 37 34.27 46.19 -17.50
C TYR M 37 33.29 45.55 -18.48
N LYS M 38 32.49 44.62 -17.98
CA LYS M 38 31.71 43.73 -18.82
C LYS M 38 30.35 43.43 -18.20
N PHE M 39 29.32 43.37 -19.04
CA PHE M 39 27.95 43.07 -18.64
C PHE M 39 27.50 41.76 -19.28
N GLN M 40 26.44 41.16 -18.72
CA GLN M 40 25.87 39.93 -19.23
C GLN M 40 24.35 39.93 -19.09
N TYR M 41 23.66 39.52 -20.16
CA TYR M 41 22.21 39.56 -20.27
C TYR M 41 21.69 38.23 -20.79
N ARG M 42 20.67 37.68 -20.13
CA ARG M 42 20.12 36.37 -20.49
C ARG M 42 18.59 36.41 -20.46
N VAL M 43 17.96 35.88 -21.51
CA VAL M 43 16.50 35.73 -21.58
C VAL M 43 16.19 34.27 -21.87
N GLU M 44 15.26 33.71 -21.09
CA GLU M 44 14.90 32.30 -21.19
C GLU M 44 13.53 32.05 -21.81
N GLN M 45 13.46 31.05 -22.70
CA GLN M 45 12.23 30.71 -23.39
C GLN M 45 11.87 29.25 -23.17
N ASN M 46 10.60 28.93 -23.40
CA ASN M 46 10.09 27.56 -23.32
C ASN M 46 9.97 27.01 -24.74
N GLU M 47 10.60 25.87 -25.01
CA GLU M 47 10.75 25.36 -26.38
C GLU M 47 10.26 23.93 -26.55
N ASP M 48 9.17 23.55 -25.90
CA ASP M 48 8.60 22.22 -26.11
C ASP M 48 7.83 22.16 -27.42
N GLN M 49 8.01 21.06 -28.16
CA GLN M 49 7.23 20.86 -29.38
C GLN M 49 6.90 19.39 -29.52
N ALA M 50 5.90 19.11 -30.35
CA ALA M 50 5.46 17.75 -30.59
C ALA M 50 6.20 17.14 -31.78
N SER M 51 6.21 15.82 -31.82
CA SER M 51 6.92 15.13 -32.88
C SER M 51 6.12 15.17 -34.17
N GLY M 52 6.83 15.26 -35.29
CA GLY M 52 6.22 15.37 -36.59
C GLY M 52 6.12 16.78 -37.13
N THR M 53 6.56 17.77 -36.38
CA THR M 53 6.37 19.16 -36.76
C THR M 53 7.70 19.78 -37.19
N SER M 54 7.60 20.89 -37.91
CA SER M 54 8.78 21.54 -38.48
C SER M 54 9.25 22.75 -37.68
N SER M 55 8.47 23.22 -36.73
CA SER M 55 8.84 24.35 -35.88
C SER M 55 8.15 24.25 -34.50
N ALA M 56 8.73 24.88 -33.48
CA ALA M 56 8.10 24.85 -32.14
C ALA M 56 7.30 26.09 -31.76
N PRO M 57 6.32 25.93 -30.88
CA PRO M 57 5.62 27.14 -30.45
C PRO M 57 6.37 27.83 -29.29
N ILE M 58 7.07 28.94 -29.56
CA ILE M 58 7.89 29.60 -28.56
C ILE M 58 7.18 30.53 -27.59
N ARG M 59 7.39 30.36 -26.29
CA ARG M 59 6.76 31.22 -25.29
C ARG M 59 7.76 31.86 -24.33
N PHE M 60 7.79 33.19 -24.16
CA PHE M 60 8.62 33.90 -23.19
C PHE M 60 8.41 33.32 -21.80
N ASN M 61 9.50 33.12 -21.07
CA ASN M 61 9.43 32.63 -19.70
C ASN M 61 9.92 33.65 -18.69
N LYS M 62 11.15 34.15 -18.81
CA LYS M 62 11.76 34.91 -17.71
C LYS M 62 12.92 35.75 -18.23
N ILE M 63 13.21 36.83 -17.50
CA ILE M 63 14.46 37.56 -17.64
C ILE M 63 15.29 37.30 -16.39
N LEU M 64 16.49 36.76 -16.59
CA LEU M 64 17.43 36.35 -15.55
C LEU M 64 18.24 37.55 -15.05
N PRO M 65 18.80 37.48 -13.83
CA PRO M 65 19.55 38.63 -13.29
C PRO M 65 20.85 38.93 -14.01
N GLN M 66 21.30 40.18 -13.90
CA GLN M 66 22.48 40.67 -14.59
C GLN M 66 23.75 40.46 -13.79
N THR M 67 24.90 40.73 -14.43
CA THR M 67 26.21 40.41 -13.90
C THR M 67 27.22 41.45 -14.38
N LEU M 68 28.10 41.91 -13.47
CA LEU M 68 29.17 42.83 -13.78
C LEU M 68 30.48 42.25 -13.27
N GLU M 69 31.55 42.41 -14.06
CA GLU M 69 32.89 41.95 -13.73
C GLU M 69 33.98 42.95 -14.05
N PHE M 70 34.99 43.06 -13.19
CA PHE M 70 36.15 43.92 -13.40
C PHE M 70 37.33 43.47 -12.53
N ASP M 71 38.51 44.04 -12.76
CA ASP M 71 39.74 43.73 -12.04
C ASP M 71 40.40 44.95 -11.42
N PHE M 72 41.10 44.79 -10.31
CA PHE M 72 41.74 45.89 -9.59
C PHE M 72 43.22 45.63 -9.36
N LEU M 73 43.99 46.68 -9.19
CA LEU M 73 45.40 46.58 -8.86
C LEU M 73 45.72 47.52 -7.70
N PHE M 74 46.40 47.00 -6.70
CA PHE M 74 46.86 47.75 -5.52
C PHE M 74 48.37 47.80 -5.55
N ASP M 75 48.95 48.99 -5.45
CA ASP M 75 50.41 49.10 -5.50
C ASP M 75 50.86 50.35 -4.75
N ARG M 76 51.81 50.18 -3.83
CA ARG M 76 52.42 51.26 -3.05
C ARG M 76 53.93 51.14 -3.08
N THR M 77 54.50 51.02 -4.28
CA THR M 77 55.94 50.93 -4.47
C THR M 77 56.62 52.30 -4.57
N GLY M 78 56.01 53.27 -5.25
CA GLY M 78 56.52 54.61 -5.24
C GLY M 78 56.85 55.22 -6.58
N VAL M 79 56.29 54.72 -7.67
CA VAL M 79 56.58 55.22 -9.00
C VAL M 79 55.38 55.89 -9.65
N ILE M 80 54.24 55.94 -8.97
CA ILE M 80 53.02 56.51 -9.50
C ILE M 80 52.86 57.90 -8.92
N ALA M 81 52.74 58.90 -9.79
CA ALA M 81 52.72 60.29 -9.36
C ALA M 81 51.43 60.64 -8.64
N GLY M 82 51.57 61.34 -7.51
CA GLY M 82 50.45 61.77 -6.72
C GLY M 82 50.28 61.07 -5.39
N TYR M 83 50.95 59.95 -5.17
CA TYR M 83 50.75 59.15 -3.97
C TYR M 83 52.07 58.99 -3.22
N GLU M 84 51.95 58.61 -1.94
CA GLU M 84 53.11 58.44 -1.09
C GLU M 84 53.30 56.97 -0.72
N VAL M 85 54.52 56.64 -0.36
CA VAL M 85 54.83 55.32 0.19
C VAL M 85 54.45 55.31 1.66
N THR M 86 53.78 54.25 2.08
CA THR M 86 53.24 54.12 3.41
C THR M 86 54.13 53.15 4.18
N GLU M 87 54.13 53.26 5.51
CA GLU M 87 54.95 52.38 6.34
C GLU M 87 54.49 50.93 6.26
N ASP M 88 53.19 50.69 6.11
CA ASP M 88 52.67 49.33 6.07
C ASP M 88 52.19 48.90 4.70
N GLY M 89 52.51 49.64 3.64
CA GLY M 89 52.23 49.16 2.30
C GLY M 89 50.75 49.20 1.95
N ILE M 90 50.22 48.05 1.55
CA ILE M 90 48.84 47.94 1.09
C ILE M 90 47.95 47.25 2.12
N ILE M 91 48.40 47.16 3.38
CA ILE M 91 47.67 46.40 4.40
C ILE M 91 46.36 47.08 4.74
N ASN M 92 46.36 48.41 4.87
CA ASN M 92 45.15 49.12 5.23
C ASN M 92 44.23 49.36 4.04
N ASP M 93 44.77 49.33 2.82
CA ASP M 93 43.94 49.47 1.64
C ASP M 93 43.07 48.25 1.41
N ILE M 94 43.62 47.06 1.61
CA ILE M 94 42.86 45.84 1.38
C ILE M 94 41.89 45.57 2.52
N ASP M 95 42.27 45.92 3.74
CA ASP M 95 41.41 45.71 4.90
C ASP M 95 40.19 46.63 4.88
N HIS M 96 40.32 47.83 4.30
CA HIS M 96 39.19 48.72 4.19
C HIS M 96 38.29 48.30 3.03
N PHE M 97 38.88 47.74 1.97
CA PHE M 97 38.12 47.26 0.83
C PHE M 97 37.27 46.05 1.19
N LYS M 98 37.78 45.18 2.06
CA LYS M 98 37.04 43.99 2.46
C LYS M 98 35.93 44.30 3.44
N LYS M 99 36.13 45.33 4.27
CA LYS M 99 35.12 45.73 5.24
C LYS M 99 33.88 46.29 4.55
N VAL M 100 34.07 46.89 3.37
CA VAL M 100 32.95 47.46 2.63
C VAL M 100 32.21 46.38 1.85
N VAL M 101 32.91 45.52 1.13
CA VAL M 101 32.22 44.67 0.17
C VAL M 101 31.99 43.24 0.63
N TYR M 102 32.69 42.76 1.66
CA TYR M 102 32.64 41.35 2.01
C TYR M 102 32.07 41.04 3.38
N ASP M 103 32.41 41.83 4.39
CA ASP M 103 32.22 41.43 5.79
C ASP M 103 30.76 41.43 6.22
N TYR M 104 30.44 40.47 7.09
CA TYR M 104 29.09 40.30 7.62
C TYR M 104 28.77 41.41 8.60
N ASN M 105 27.56 41.95 8.51
CA ASN M 105 27.12 43.07 9.34
C ASN M 105 26.08 42.54 10.34
N GLY M 106 26.38 42.64 11.63
CA GLY M 106 25.52 42.10 12.66
C GLY M 106 24.27 42.93 12.92
N GLU M 107 24.22 44.15 12.41
CA GLU M 107 23.02 44.96 12.55
C GLU M 107 21.92 44.50 11.60
N LYS M 108 22.28 44.00 10.42
CA LYS M 108 21.31 43.56 9.42
C LYS M 108 21.35 42.07 9.16
N HIS M 109 22.27 41.32 9.79
CA HIS M 109 22.42 39.87 9.67
C HIS M 109 22.77 39.43 8.25
N LYS M 110 23.59 40.22 7.55
CA LYS M 110 23.95 39.97 6.15
C LYS M 110 25.14 40.85 5.75
N PRO M 111 25.75 40.62 4.58
CA PRO M 111 26.67 41.64 4.03
C PRO M 111 25.91 42.83 3.45
N ASN M 112 26.67 43.85 3.04
CA ASN M 112 26.13 45.16 2.72
C ASN M 112 25.56 45.25 1.30
N TYR M 113 24.64 46.18 1.12
CA TYR M 113 24.21 46.62 -0.21
C TYR M 113 25.26 47.56 -0.81
N LEU M 114 25.51 47.42 -2.10
CA LEU M 114 26.60 48.15 -2.74
C LEU M 114 26.06 49.01 -3.87
N MET M 115 26.59 50.22 -3.97
CA MET M 115 26.38 51.07 -5.14
C MET M 115 27.74 51.39 -5.76
N ILE M 116 27.87 51.15 -7.05
CA ILE M 116 29.13 51.28 -7.78
C ILE M 116 28.97 52.39 -8.81
N THR M 117 29.77 53.43 -8.71
CA THR M 117 29.65 54.59 -9.59
C THR M 117 31.00 54.98 -10.17
N TRP M 118 31.05 55.12 -11.49
CA TRP M 118 32.23 55.67 -12.17
C TRP M 118 31.76 56.25 -13.50
N GLY M 119 31.74 57.59 -13.58
CA GLY M 119 31.34 58.25 -14.81
C GLY M 119 29.88 58.04 -15.12
N SER M 120 29.62 57.34 -16.23
CA SER M 120 28.28 56.99 -16.68
C SER M 120 27.71 55.76 -15.98
N LEU M 121 28.52 55.01 -15.23
CA LEU M 121 28.11 53.74 -14.69
C LEU M 121 27.47 53.91 -13.31
N LEU M 122 26.37 53.20 -13.08
CA LEU M 122 25.71 53.19 -11.77
C LEU M 122 25.01 51.84 -11.61
N PHE M 123 25.45 51.05 -10.63
CA PHE M 123 25.05 49.67 -10.48
C PHE M 123 24.81 49.33 -9.02
N LYS M 124 23.71 48.65 -8.72
CA LYS M 124 23.36 48.24 -7.36
C LYS M 124 23.30 46.73 -7.25
N GLY M 125 23.90 46.17 -6.21
CA GLY M 125 23.78 44.74 -6.01
C GLY M 125 24.60 44.16 -4.88
N TYR M 126 25.08 42.95 -5.12
CA TYR M 126 25.73 42.09 -4.13
C TYR M 126 27.02 41.51 -4.68
N LEU M 127 28.00 41.31 -3.81
CA LEU M 127 29.20 40.56 -4.16
C LEU M 127 28.90 39.07 -4.22
N LYS M 128 29.41 38.40 -5.25
CA LYS M 128 29.34 36.95 -5.34
C LYS M 128 30.70 36.26 -5.18
N GLU M 129 31.76 36.81 -5.78
CA GLU M 129 33.03 36.12 -5.88
C GLU M 129 34.19 37.09 -5.80
N MET M 130 35.30 36.63 -5.24
CA MET M 130 36.49 37.44 -5.12
C MET M 130 37.73 36.54 -5.02
N ASP M 131 38.81 36.96 -5.66
CA ASP M 131 40.12 36.31 -5.57
C ASP M 131 41.16 37.40 -5.40
N ILE M 132 42.05 37.25 -4.42
CA ILE M 132 43.14 38.22 -4.19
C ILE M 132 44.47 37.45 -4.19
N GLU M 133 45.41 37.92 -5.01
CA GLU M 133 46.73 37.32 -5.16
C GLU M 133 47.81 38.33 -4.82
N TYR M 134 48.73 37.96 -3.93
CA TYR M 134 49.76 38.85 -3.40
C TYR M 134 51.08 38.61 -4.13
N LYS M 135 51.71 39.68 -4.61
CA LYS M 135 52.77 39.58 -5.61
C LYS M 135 54.15 39.99 -5.12
N LEU M 136 54.33 41.21 -4.58
CA LEU M 136 55.61 41.68 -4.09
C LEU M 136 55.57 41.91 -2.59
N PHE M 137 56.74 41.77 -1.97
CA PHE M 137 56.89 41.87 -0.52
C PHE M 137 58.16 42.64 -0.18
N ARG M 138 58.12 43.35 0.93
CA ARG M 138 59.31 43.86 1.59
C ARG M 138 60.04 42.70 2.27
N PRO M 139 61.35 42.86 2.59
CA PRO M 139 62.11 41.76 3.25
C PRO M 139 61.54 41.23 4.56
N ASP M 140 60.78 42.04 5.30
CA ASP M 140 60.18 41.58 6.54
C ASP M 140 58.77 41.02 6.33
N GLY M 141 58.35 40.85 5.08
CA GLY M 141 57.08 40.24 4.77
C GLY M 141 55.91 41.18 4.66
N THR M 142 56.14 42.45 4.39
CA THR M 142 55.03 43.39 4.18
C THR M 142 54.70 43.45 2.70
N PRO M 143 53.44 43.22 2.32
CA PRO M 143 53.10 43.22 0.89
C PRO M 143 52.94 44.62 0.32
N ILE M 144 53.36 44.79 -0.93
CA ILE M 144 53.31 46.09 -1.58
C ILE M 144 52.61 46.03 -2.94
N ARG M 145 52.15 44.85 -3.37
CA ARG M 145 51.42 44.74 -4.62
C ARG M 145 50.45 43.56 -4.63
N ALA M 146 49.22 43.77 -5.13
CA ALA M 146 48.21 42.72 -5.15
C ALA M 146 47.20 42.98 -6.26
N MET M 147 46.54 41.92 -6.69
CA MET M 147 45.59 41.93 -7.82
C MET M 147 44.30 41.24 -7.39
N ALA M 148 43.16 41.84 -7.73
CA ALA M 148 41.85 41.35 -7.29
C ALA M 148 40.87 41.24 -8.44
N THR M 149 40.12 40.13 -8.48
CA THR M 149 39.08 39.90 -9.48
C THR M 149 37.74 39.78 -8.78
N THR M 150 36.69 40.35 -9.35
CA THR M 150 35.43 40.58 -8.64
C THR M 150 34.25 40.26 -9.55
N LYS M 151 33.16 39.77 -8.97
CA LYS M 151 31.91 39.52 -9.69
C LYS M 151 30.73 40.01 -8.87
N ILE M 152 29.88 40.84 -9.47
CA ILE M 152 28.77 41.51 -8.77
C ILE M 152 27.45 41.09 -9.40
N GLY M 153 26.47 40.74 -8.56
CA GLY M 153 25.12 40.50 -9.00
C GLY M 153 24.24 41.73 -8.91
N GLU M 154 23.02 41.62 -9.40
CA GLU M 154 22.14 42.78 -9.52
C GLU M 154 20.94 42.65 -8.59
N PHE M 155 20.55 43.75 -7.95
CA PHE M 155 19.47 43.77 -6.98
C PHE M 155 18.37 44.74 -7.42
N VAL M 156 17.13 44.28 -7.42
CA VAL M 156 15.96 45.12 -7.58
C VAL M 156 15.00 44.80 -6.44
N GLU M 157 14.51 45.84 -5.77
CA GLU M 157 13.49 45.68 -4.75
C GLU M 157 12.13 45.44 -5.41
N GLU M 158 11.27 44.66 -4.74
CA GLU M 158 10.08 44.14 -5.41
C GLU M 158 9.02 45.22 -5.63
N GLU M 159 9.04 46.27 -4.83
CA GLU M 159 8.12 47.36 -5.08
C GLU M 159 8.52 48.15 -6.31
N LEU M 160 9.79 48.19 -6.62
CA LEU M 160 10.26 48.92 -7.79
C LEU M 160 10.15 48.08 -9.06
N ARG M 161 10.08 46.76 -8.95
CA ARG M 161 9.94 45.91 -10.12
C ARG M 161 8.58 46.07 -10.78
N THR M 162 7.52 46.12 -9.97
CA THR M 162 6.18 46.34 -10.50
C THR M 162 5.96 47.75 -11.02
N ALA M 163 6.73 48.73 -10.55
CA ALA M 163 6.61 50.07 -11.11
C ALA M 163 7.35 50.21 -12.42
N GLN M 164 8.39 49.40 -12.64
CA GLN M 164 9.11 49.42 -13.90
C GLN M 164 8.41 48.56 -14.95
N GLU M 165 7.81 47.45 -14.52
CA GLU M 165 6.91 46.67 -15.37
C GLU M 165 5.50 47.22 -15.19
N ASN M 166 5.21 48.30 -15.89
CA ASN M 166 3.90 48.95 -15.80
C ASN M 166 2.90 48.08 -16.57
N ASN M 167 2.44 47.02 -15.91
CA ASN M 167 1.65 45.98 -16.54
C ASN M 167 0.22 46.47 -16.75
N GLN M 168 -0.21 46.49 -18.00
CA GLN M 168 -1.56 46.95 -18.30
C GLN M 168 -2.35 45.89 -19.05
N PRO M 170 -7.58 44.96 -21.42
CA PRO M 170 -8.56 44.06 -20.81
C PRO M 170 -8.55 44.06 -19.28
N ASP M 171 -7.62 44.76 -18.64
CA ASP M 171 -7.64 44.92 -17.20
C ASP M 171 -7.82 46.35 -16.72
N MET M 172 -7.41 47.35 -17.51
CA MET M 172 -7.47 48.74 -17.11
C MET M 172 -8.39 49.52 -18.04
N SER M 173 -8.56 50.80 -17.74
CA SER M 173 -9.39 51.68 -18.54
C SER M 173 -8.55 52.48 -19.54
N HIS M 174 -9.20 52.91 -20.63
CA HIS M 174 -8.51 53.54 -21.74
C HIS M 174 -9.43 54.59 -22.36
N TYR M 175 -8.83 55.63 -22.95
CA TYR M 175 -9.58 56.63 -23.71
C TYR M 175 -8.83 56.97 -25.00
N ARG M 176 -9.58 57.23 -26.06
CA ARG M 176 -9.05 57.68 -27.34
C ARG M 176 -9.90 58.82 -27.88
N THR M 177 -9.36 59.54 -28.86
CA THR M 177 -10.10 60.54 -29.61
C THR M 177 -10.27 60.04 -31.03
N VAL M 178 -11.45 60.27 -31.60
CA VAL M 178 -11.78 59.75 -32.93
C VAL M 178 -11.16 60.64 -34.00
N LYS M 179 -10.35 60.04 -34.86
CA LYS M 179 -9.79 60.69 -36.03
C LYS M 179 -10.51 60.19 -37.27
N GLU M 180 -10.41 60.96 -38.36
CA GLU M 180 -11.10 60.58 -39.58
C GLU M 180 -10.40 59.40 -40.24
N GLY M 181 -11.19 58.36 -40.51
CA GLY M 181 -10.68 57.09 -40.98
C GLY M 181 -10.86 55.95 -39.98
N ASP M 182 -11.33 56.25 -38.78
CA ASP M 182 -11.52 55.23 -37.75
C ASP M 182 -12.89 54.57 -37.88
N THR M 183 -12.93 53.28 -37.57
CA THR M 183 -14.17 52.54 -37.43
C THR M 183 -14.19 51.89 -36.06
N LEU M 184 -15.39 51.63 -35.56
CA LEU M 184 -15.52 51.02 -34.24
C LEU M 184 -15.03 49.56 -34.16
N PRO M 185 -15.28 48.66 -35.12
CA PRO M 185 -14.73 47.30 -34.96
C PRO M 185 -13.22 47.20 -35.14
N LEU M 186 -12.59 48.12 -35.89
CA LEU M 186 -11.14 48.06 -36.02
C LEU M 186 -10.44 48.57 -34.76
N MET M 187 -11.02 49.57 -34.09
CA MET M 187 -10.43 50.08 -32.85
C MET M 187 -10.60 49.09 -31.71
N THR M 188 -11.70 48.35 -31.70
CA THR M 188 -11.94 47.35 -30.67
C THR M 188 -10.95 46.19 -30.79
N TYR M 189 -10.54 45.87 -32.02
CA TYR M 189 -9.58 44.79 -32.23
C TYR M 189 -8.20 45.15 -31.72
N ARG M 190 -7.81 46.43 -31.85
CA ARG M 190 -6.48 46.82 -31.43
C ARG M 190 -6.36 47.01 -29.92
N ILE M 191 -7.49 47.12 -29.23
CA ILE M 191 -7.47 47.35 -27.80
C ILE M 191 -7.70 46.05 -27.03
N TYR M 192 -8.60 45.21 -27.51
CA TYR M 192 -8.95 43.98 -26.82
C TYR M 192 -8.37 42.73 -27.45
N GLY M 193 -8.00 42.77 -28.72
CA GLY M 193 -7.60 41.57 -29.42
C GLY M 193 -8.71 40.85 -30.14
N ASP M 194 -9.94 41.40 -30.13
CA ASP M 194 -11.07 40.75 -30.77
C ASP M 194 -12.06 41.83 -31.20
N SER M 195 -12.68 41.66 -32.36
CA SER M 195 -13.59 42.66 -32.91
C SER M 195 -14.99 42.54 -32.34
N LYS M 196 -15.27 41.53 -31.53
CA LYS M 196 -16.64 41.18 -31.19
C LYS M 196 -17.22 42.01 -30.06
N TYR M 197 -16.43 42.86 -29.42
CA TYR M 197 -16.92 43.65 -28.28
C TYR M 197 -17.45 45.02 -28.68
N TYR M 198 -17.70 45.26 -29.97
CA TYR M 198 -18.05 46.60 -30.43
C TYR M 198 -19.43 47.06 -29.96
N LEU M 199 -20.35 46.14 -29.69
CA LEU M 199 -21.65 46.55 -29.19
C LEU M 199 -21.63 46.88 -27.70
N GLU M 200 -20.63 46.40 -26.97
CA GLU M 200 -20.52 46.78 -25.56
C GLU M 200 -19.80 48.11 -25.41
N VAL M 201 -18.92 48.45 -26.35
CA VAL M 201 -18.26 49.75 -26.33
C VAL M 201 -19.25 50.84 -26.72
N ALA M 202 -20.18 50.53 -27.62
CA ALA M 202 -21.14 51.52 -28.07
C ALA M 202 -22.21 51.79 -27.01
N LYS M 203 -22.55 50.77 -26.22
CA LYS M 203 -23.53 50.94 -25.17
C LYS M 203 -22.96 51.71 -23.99
N ALA M 204 -21.66 51.59 -23.74
CA ALA M 204 -21.05 52.28 -22.61
C ALA M 204 -20.79 53.74 -22.92
N ASN M 205 -20.92 54.15 -24.18
CA ASN M 205 -20.71 55.52 -24.60
C ASN M 205 -22.00 56.19 -25.06
N GLY M 206 -23.11 55.48 -25.06
CA GLY M 206 -24.38 56.06 -25.49
C GLY M 206 -24.51 56.31 -26.97
N LEU M 207 -23.85 55.50 -27.80
CA LEU M 207 -23.88 55.69 -29.24
C LEU M 207 -25.03 54.90 -29.87
N THR M 208 -25.77 55.57 -30.75
CA THR M 208 -26.81 54.90 -31.50
C THR M 208 -26.39 54.70 -32.95
N ASN M 209 -25.84 55.74 -33.57
CA ASN M 209 -25.30 55.65 -34.92
C ASN M 209 -23.80 55.42 -34.85
N PHE M 210 -23.42 54.21 -34.46
CA PHE M 210 -22.00 53.88 -34.32
C PHE M 210 -21.34 53.55 -35.65
N ARG M 211 -22.08 53.44 -36.75
CA ARG M 211 -21.47 53.07 -38.01
C ARG M 211 -20.88 54.26 -38.73
N ARG M 212 -21.12 55.45 -38.18
CA ARG M 212 -20.51 56.68 -38.63
C ARG M 212 -20.06 57.42 -37.37
N LEU M 213 -18.76 57.53 -37.13
CA LEU M 213 -18.28 58.28 -35.98
C LEU M 213 -17.85 59.67 -36.39
N LYS M 214 -18.17 60.65 -35.56
CA LYS M 214 -17.78 62.04 -35.76
C LYS M 214 -16.38 62.27 -35.20
N THR M 215 -15.61 63.11 -35.88
CA THR M 215 -14.16 63.11 -35.75
C THR M 215 -13.65 64.03 -34.65
N GLY M 216 -14.42 64.28 -33.61
CA GLY M 216 -13.91 64.92 -32.42
C GLY M 216 -14.30 64.24 -31.12
N THR M 217 -14.89 63.06 -31.18
CA THR M 217 -15.50 62.42 -30.03
C THR M 217 -14.43 61.70 -29.20
N GLU M 218 -14.51 61.83 -27.89
CA GLU M 218 -13.65 61.07 -26.99
C GLU M 218 -14.47 59.93 -26.41
N LEU M 219 -13.99 58.69 -26.59
CA LEU M 219 -14.63 57.47 -26.14
C LEU M 219 -13.89 56.88 -24.95
N ILE M 220 -14.59 56.08 -24.16
CA ILE M 220 -14.00 55.29 -23.09
C ILE M 220 -14.02 53.82 -23.51
N PHE M 221 -13.06 53.06 -23.00
CA PHE M 221 -12.98 51.63 -23.25
C PHE M 221 -12.87 50.91 -21.91
N PRO M 222 -13.97 50.42 -21.34
CA PRO M 222 -13.91 49.78 -20.03
C PRO M 222 -13.22 48.43 -20.07
N PRO M 223 -12.66 47.97 -18.95
CA PRO M 223 -12.01 46.65 -18.87
C PRO M 223 -13.00 45.46 -18.90
N LEU M 224 -12.54 44.26 -19.21
CA LEU M 224 -13.39 43.07 -19.17
C LEU M 224 -13.57 42.55 -17.74
N GLN M 225 -14.73 42.01 -17.39
CA GLN M 225 -14.96 41.49 -16.03
C GLN M 225 -14.29 40.15 -15.67
N LYS M 226 -13.90 39.98 -14.41
CA LYS M 226 -13.23 38.74 -13.96
C LYS M 226 -14.05 37.69 -13.18
N GLN M 227 -13.44 36.52 -12.99
CA GLN M 227 -13.92 35.30 -12.28
C GLN M 227 -14.91 34.46 -13.07
N SER N 2 21.51 53.12 -57.32
CA SER N 2 21.70 52.96 -55.88
C SER N 2 22.41 51.66 -55.56
N GLU N 3 23.08 51.11 -56.57
CA GLU N 3 23.97 49.98 -56.38
C GLU N 3 25.17 50.38 -55.54
N GLY N 4 25.68 51.59 -55.79
CA GLY N 4 26.86 52.11 -55.16
C GLY N 4 26.70 52.50 -53.72
N LYS N 5 25.48 52.44 -53.19
CA LYS N 5 25.23 52.77 -51.80
C LYS N 5 25.60 51.61 -50.88
N LEU N 6 26.37 51.91 -49.84
CA LEU N 6 26.66 50.95 -48.77
C LEU N 6 25.45 50.89 -47.84
N GLU N 7 24.72 49.79 -47.87
CA GLU N 7 23.56 49.61 -47.02
C GLU N 7 23.98 49.23 -45.60
N LYS N 8 23.23 49.71 -44.62
CA LYS N 8 23.49 49.47 -43.21
C LYS N 8 22.39 48.61 -42.61
N LEU N 9 22.77 47.77 -41.64
CA LEU N 9 21.84 46.81 -41.04
C LEU N 9 20.85 47.52 -40.11
N ARG N 10 19.59 47.09 -40.15
CA ARG N 10 18.51 47.65 -39.36
C ARG N 10 17.77 46.61 -38.54
N ILE N 11 17.28 47.01 -37.37
CA ILE N 11 16.44 46.17 -36.52
C ILE N 11 15.23 46.98 -36.07
N VAL N 12 14.03 46.43 -36.29
CA VAL N 12 12.76 47.07 -35.96
C VAL N 12 12.02 46.21 -34.95
N ALA N 13 11.34 46.83 -33.99
CA ALA N 13 10.53 46.12 -33.01
C ALA N 13 9.06 46.14 -33.38
N TYR N 14 8.35 45.07 -33.05
CA TYR N 14 6.95 44.87 -33.40
C TYR N 14 6.12 44.44 -32.19
N LYS N 15 4.82 44.71 -32.26
CA LYS N 15 3.90 44.41 -31.17
C LYS N 15 3.14 43.09 -31.32
N ASP N 16 2.84 42.67 -32.54
CA ASP N 16 2.01 41.49 -32.74
C ASP N 16 2.78 40.38 -33.44
N SER N 17 2.22 39.18 -33.38
CA SER N 17 2.86 38.00 -33.96
C SER N 17 2.67 37.92 -35.48
N LYS N 18 1.95 38.85 -36.08
CA LYS N 18 1.85 38.92 -37.53
C LYS N 18 2.76 39.98 -38.13
N PHE N 19 3.45 40.74 -37.29
CA PHE N 19 4.48 41.72 -37.67
C PHE N 19 3.90 42.83 -38.55
N SER N 20 2.84 43.47 -38.07
CA SER N 20 2.19 44.55 -38.79
C SER N 20 1.99 45.82 -37.98
N ASP N 21 2.24 45.80 -36.66
CA ASP N 21 1.99 46.93 -35.77
C ASP N 21 3.29 47.34 -35.10
N GLU N 22 3.90 48.42 -35.58
CA GLU N 22 5.22 48.81 -35.12
C GLU N 22 5.18 49.48 -33.74
N VAL N 23 6.20 49.17 -32.94
CA VAL N 23 6.46 49.90 -31.70
C VAL N 23 6.93 51.31 -32.07
N GLU N 24 6.39 52.31 -31.39
CA GLU N 24 6.75 53.68 -31.69
C GLU N 24 8.13 54.02 -31.14
N ASN N 25 8.95 54.65 -32.00
CA ASN N 25 10.39 54.89 -31.78
C ASN N 25 11.14 53.59 -31.49
N GLY N 26 10.89 52.56 -32.28
CA GLY N 26 11.48 51.25 -32.03
C GLY N 26 12.33 50.73 -33.16
N GLU N 27 13.09 51.60 -33.80
CA GLU N 27 13.93 51.20 -34.93
C GLU N 27 15.38 51.58 -34.65
N PHE N 28 16.27 50.60 -34.77
CA PHE N 28 17.70 50.79 -34.59
C PHE N 28 18.42 50.64 -35.93
N ILE N 29 19.35 51.55 -36.21
CA ILE N 29 20.20 51.48 -37.39
C ILE N 29 21.64 51.53 -36.91
N THR N 30 22.46 50.59 -37.35
CA THR N 30 23.85 50.54 -36.95
C THR N 30 24.68 51.57 -37.73
N LEU N 31 25.85 51.89 -37.19
CA LEU N 31 26.79 52.75 -37.89
C LEU N 31 27.94 52.00 -38.52
N LEU N 32 28.22 50.79 -38.06
CA LEU N 32 29.19 49.90 -38.69
C LEU N 32 28.59 48.51 -38.78
N ASN N 33 28.67 47.94 -39.95
CA ASN N 33 28.16 46.62 -40.27
C ASN N 33 29.01 45.53 -39.63
N PRO N 34 28.41 44.40 -39.28
CA PRO N 34 29.20 43.23 -38.87
C PRO N 34 30.03 42.70 -40.03
N GLU N 35 31.09 41.98 -39.69
CA GLU N 35 31.95 41.30 -40.66
C GLU N 35 31.31 40.10 -41.35
N LYS N 36 30.53 39.32 -40.60
CA LYS N 36 29.96 38.07 -41.05
C LYS N 36 28.77 37.73 -40.16
N TYR N 37 28.01 36.72 -40.57
CA TYR N 37 26.96 36.14 -39.73
C TYR N 37 26.86 34.65 -40.01
N LYS N 38 26.14 33.95 -39.15
CA LYS N 38 26.17 32.49 -39.11
C LYS N 38 24.80 31.92 -38.76
N PHE N 39 24.44 30.82 -39.42
CA PHE N 39 23.19 30.12 -39.21
C PHE N 39 23.46 28.72 -38.66
N GLN N 40 22.43 28.11 -38.07
CA GLN N 40 22.52 26.76 -37.53
C GLN N 40 21.22 25.99 -37.74
N TYR N 41 21.34 24.75 -38.20
CA TYR N 41 20.21 23.90 -38.56
C TYR N 41 20.38 22.52 -37.95
N ARG N 42 19.30 22.00 -37.33
CA ARG N 42 19.34 20.72 -36.63
C ARG N 42 18.09 19.91 -36.93
N VAL N 43 18.26 18.63 -37.27
CA VAL N 43 17.16 17.70 -37.48
C VAL N 43 17.39 16.49 -36.58
N GLU N 44 16.34 16.09 -35.86
CA GLU N 44 16.41 14.99 -34.89
C GLU N 44 15.70 13.73 -35.34
N GLN N 45 16.35 12.59 -35.11
CA GLN N 45 15.80 11.30 -35.50
C GLN N 45 15.73 10.36 -34.29
N ASN N 46 14.90 9.33 -34.43
CA ASN N 46 14.76 8.28 -33.43
C ASN N 46 15.55 7.06 -33.87
N GLU N 47 16.45 6.58 -33.02
CA GLU N 47 17.44 5.57 -33.43
C GLU N 47 17.45 4.35 -32.51
N ASP N 48 16.30 3.89 -32.04
CA ASP N 48 16.25 2.67 -31.24
C ASP N 48 16.36 1.44 -32.13
N GLN N 49 17.15 0.46 -31.70
CA GLN N 49 17.22 -0.81 -32.42
C GLN N 49 17.37 -1.95 -31.42
N ALA N 50 17.07 -3.15 -31.90
CA ALA N 50 17.14 -4.33 -31.07
C ALA N 50 18.53 -4.97 -31.18
N SER N 51 18.85 -5.78 -30.16
CA SER N 51 20.16 -6.41 -30.12
C SER N 51 20.21 -7.60 -31.09
N GLY N 52 21.38 -7.79 -31.70
CA GLY N 52 21.57 -8.83 -32.69
C GLY N 52 21.48 -8.37 -34.12
N THR N 53 21.19 -7.09 -34.35
CA THR N 53 20.94 -6.59 -35.70
C THR N 53 22.11 -5.74 -36.18
N SER N 54 22.18 -5.56 -37.49
CA SER N 54 23.29 -4.86 -38.11
C SER N 54 22.98 -3.41 -38.48
N SER N 55 21.74 -2.99 -38.53
CA SER N 55 21.44 -1.60 -38.80
C SER N 55 20.06 -1.26 -38.32
N ALA N 56 19.76 0.02 -38.23
CA ALA N 56 18.45 0.50 -37.82
C ALA N 56 17.86 1.33 -38.93
N PRO N 57 16.52 1.32 -39.07
CA PRO N 57 15.98 2.23 -40.08
C PRO N 57 15.66 3.49 -39.32
N ILE N 58 16.54 4.48 -39.35
CA ILE N 58 16.35 5.70 -38.58
C ILE N 58 15.10 6.44 -38.96
N ARG N 59 14.36 6.91 -37.97
CA ARG N 59 13.07 7.55 -38.15
C ARG N 59 13.07 9.03 -37.93
N PHE N 60 12.26 9.78 -38.67
CA PHE N 60 12.13 11.23 -38.49
C PHE N 60 11.42 11.55 -37.19
N ASN N 61 11.97 12.49 -36.42
CA ASN N 61 11.35 12.96 -35.20
C ASN N 61 10.86 14.40 -35.46
N LYS N 62 11.73 15.39 -35.47
CA LYS N 62 11.33 16.78 -35.65
C LYS N 62 12.43 17.71 -36.07
N ILE N 63 12.08 18.90 -36.51
CA ILE N 63 13.06 19.89 -36.91
C ILE N 63 13.13 20.96 -35.82
N LEU N 64 14.31 21.14 -35.25
CA LEU N 64 14.56 22.12 -34.19
C LEU N 64 14.64 23.56 -34.64
N PRO N 65 14.40 24.53 -33.75
CA PRO N 65 14.46 25.94 -34.17
C PRO N 65 15.84 26.42 -34.57
N GLN N 66 15.86 27.47 -35.40
CA GLN N 66 17.09 28.01 -35.97
C GLN N 66 17.72 29.07 -35.07
N THR N 67 18.93 29.49 -35.45
CA THR N 67 19.79 30.34 -34.64
C THR N 67 20.63 31.25 -35.54
N LEU N 68 20.74 32.54 -35.17
CA LEU N 68 21.57 33.50 -35.87
C LEU N 68 22.48 34.19 -34.86
N GLU N 69 23.73 34.41 -35.26
CA GLU N 69 24.74 35.08 -34.45
C GLU N 69 25.58 36.09 -35.21
N PHE N 70 25.90 37.21 -34.57
CA PHE N 70 26.76 38.25 -35.14
C PHE N 70 27.33 39.15 -34.05
N ASP N 71 28.29 40.01 -34.41
CA ASP N 71 28.96 40.93 -33.48
C ASP N 71 28.88 42.38 -33.94
N PHE N 72 28.87 43.32 -33.00
CA PHE N 72 28.76 44.75 -33.30
C PHE N 72 29.89 45.56 -32.68
N LEU N 73 30.18 46.70 -33.25
CA LEU N 73 31.17 47.62 -32.70
C LEU N 73 30.58 49.03 -32.68
N PHE N 74 30.70 49.69 -31.53
CA PHE N 74 30.27 51.07 -31.32
C PHE N 74 31.49 51.93 -31.09
N ASP N 75 31.65 53.02 -31.85
CA ASP N 75 32.82 53.86 -31.68
C ASP N 75 32.50 55.28 -32.10
N ARG N 76 32.80 56.26 -31.24
CA ARG N 76 32.62 57.69 -31.50
C ARG N 76 33.90 58.44 -31.13
N THR N 77 35.03 57.99 -31.65
CA THR N 77 36.32 58.62 -31.41
C THR N 77 36.62 59.76 -32.40
N GLY N 78 36.29 59.58 -33.68
CA GLY N 78 36.39 60.68 -34.62
C GLY N 78 37.26 60.43 -35.83
N VAL N 79 37.50 59.18 -36.20
CA VAL N 79 38.36 58.86 -37.34
C VAL N 79 37.59 58.21 -38.48
N ILE N 80 36.29 58.01 -38.32
CA ILE N 80 35.47 57.35 -39.32
C ILE N 80 34.72 58.43 -40.08
N ALA N 81 34.86 58.43 -41.40
CA ALA N 81 34.32 59.50 -42.23
C ALA N 81 32.80 59.42 -42.32
N GLY N 82 32.15 60.56 -42.15
CA GLY N 82 30.70 60.65 -42.23
C GLY N 82 30.00 60.93 -40.93
N TYR N 83 30.67 60.77 -39.79
CA TYR N 83 30.03 60.88 -38.49
C TYR N 83 30.71 61.96 -37.66
N GLU N 84 30.02 62.41 -36.62
CA GLU N 84 30.51 63.46 -35.75
C GLU N 84 30.80 62.91 -34.36
N VAL N 85 31.67 63.61 -33.65
CA VAL N 85 31.90 63.32 -32.23
C VAL N 85 30.80 63.97 -31.41
N THR N 86 30.26 63.20 -30.47
CA THR N 86 29.13 63.60 -29.67
C THR N 86 29.65 63.98 -28.28
N GLU N 87 28.89 64.82 -27.57
CA GLU N 87 29.30 65.25 -26.23
C GLU N 87 29.30 64.08 -25.25
N ASP N 88 28.38 63.14 -25.39
CA ASP N 88 28.29 62.02 -24.47
C ASP N 88 28.74 60.69 -25.06
N GLY N 89 29.41 60.69 -26.20
CA GLY N 89 30.03 59.46 -26.69
C GLY N 89 29.01 58.46 -27.21
N ILE N 90 29.05 57.25 -26.67
CA ILE N 90 28.22 56.15 -27.11
C ILE N 90 27.09 55.85 -26.13
N ILE N 91 26.78 56.79 -25.23
CA ILE N 91 25.81 56.53 -24.16
C ILE N 91 24.40 56.39 -24.74
N ASN N 92 24.05 57.25 -25.69
CA ASN N 92 22.71 57.21 -26.25
C ASN N 92 22.57 56.15 -27.34
N ASP N 93 23.67 55.71 -27.93
CA ASP N 93 23.62 54.65 -28.93
C ASP N 93 23.31 53.30 -28.28
N ILE N 94 23.90 53.04 -27.12
CA ILE N 94 23.69 51.74 -26.47
C ILE N 94 22.34 51.72 -25.75
N ASP N 95 21.91 52.86 -25.21
CA ASP N 95 20.63 52.93 -24.53
C ASP N 95 19.45 52.78 -25.49
N HIS N 96 19.61 53.22 -26.74
CA HIS N 96 18.55 53.04 -27.72
C HIS N 96 18.54 51.62 -28.27
N PHE N 97 19.73 51.00 -28.34
CA PHE N 97 19.85 49.63 -28.81
C PHE N 97 19.23 48.65 -27.82
N LYS N 98 19.36 48.93 -26.52
CA LYS N 98 18.82 48.05 -25.50
C LYS N 98 17.31 48.19 -25.36
N LYS N 99 16.79 49.39 -25.63
CA LYS N 99 15.36 49.62 -25.54
C LYS N 99 14.61 48.86 -26.63
N VAL N 100 15.26 48.65 -27.76
CA VAL N 100 14.65 47.93 -28.88
C VAL N 100 14.70 46.42 -28.65
N VAL N 101 15.85 45.88 -28.28
CA VAL N 101 16.03 44.43 -28.33
C VAL N 101 15.90 43.72 -26.98
N TYR N 102 16.00 44.43 -25.86
CA TYR N 102 16.09 43.76 -24.56
C TYR N 102 14.95 44.08 -23.61
N ASP N 103 14.49 45.33 -23.54
CA ASP N 103 13.67 45.80 -22.44
C ASP N 103 12.26 45.23 -22.46
N TYR N 104 11.73 45.00 -21.25
CA TYR N 104 10.39 44.45 -21.07
C TYR N 104 9.35 45.51 -21.40
N ASN N 105 8.30 45.11 -22.11
CA ASN N 105 7.23 46.01 -22.55
C ASN N 105 5.98 45.69 -21.75
N GLY N 106 5.50 46.68 -20.99
CA GLY N 106 4.35 46.48 -20.12
C GLY N 106 3.02 46.42 -20.84
N GLU N 107 2.99 46.83 -22.12
CA GLU N 107 1.76 46.72 -22.89
C GLU N 107 1.49 45.27 -23.31
N LYS N 108 2.54 44.50 -23.57
CA LYS N 108 2.40 43.12 -24.01
C LYS N 108 2.89 42.09 -23.01
N HIS N 109 3.47 42.54 -21.87
CA HIS N 109 3.97 41.69 -20.78
C HIS N 109 5.14 40.80 -21.23
N LYS N 110 6.00 41.31 -22.11
CA LYS N 110 7.11 40.55 -22.69
C LYS N 110 8.09 41.49 -23.37
N PRO N 111 9.29 41.02 -23.78
CA PRO N 111 10.09 41.81 -24.73
C PRO N 111 9.53 41.76 -26.14
N ASN N 112 10.14 42.53 -27.03
CA ASN N 112 9.60 42.83 -28.35
C ASN N 112 9.88 41.73 -29.38
N TYR N 113 9.02 41.65 -30.40
CA TYR N 113 9.32 40.91 -31.62
C TYR N 113 10.28 41.69 -32.49
N LEU N 114 11.22 40.99 -33.11
CA LEU N 114 12.29 41.65 -33.86
C LEU N 114 12.27 41.21 -35.31
N MET N 115 12.50 42.16 -36.21
CA MET N 115 12.77 41.86 -37.62
C MET N 115 14.13 42.44 -37.97
N ILE N 116 15.00 41.61 -38.52
CA ILE N 116 16.38 41.97 -38.82
C ILE N 116 16.57 41.92 -40.33
N THR N 117 16.93 43.05 -40.93
CA THR N 117 17.06 43.15 -42.38
C THR N 117 18.38 43.79 -42.78
N TRP N 118 19.11 43.14 -43.67
CA TRP N 118 20.31 43.71 -44.28
C TRP N 118 20.53 43.04 -45.62
N GLY N 119 20.26 43.75 -46.71
CA GLY N 119 20.45 43.20 -48.04
C GLY N 119 19.49 42.09 -48.34
N SER N 120 20.04 40.89 -48.51
CA SER N 120 19.29 39.67 -48.77
C SER N 120 18.72 39.04 -47.50
N LEU N 121 19.14 39.48 -46.33
CA LEU N 121 18.79 38.81 -45.08
C LEU N 121 17.47 39.37 -44.51
N LEU N 122 16.62 38.47 -44.03
CA LEU N 122 15.38 38.85 -43.37
C LEU N 122 15.03 37.78 -42.35
N PHE N 123 15.01 38.12 -41.07
CA PHE N 123 14.92 37.15 -39.98
C PHE N 123 14.01 37.69 -38.89
N LYS N 124 13.10 36.85 -38.39
CA LYS N 124 12.17 37.20 -37.33
C LYS N 124 12.40 36.35 -36.10
N GLY N 125 12.43 36.96 -34.92
CA GLY N 125 12.55 36.16 -33.73
C GLY N 125 12.72 36.94 -32.43
N TYR N 126 13.51 36.42 -31.53
CA TYR N 126 13.70 37.05 -30.25
C TYR N 126 15.12 36.92 -29.83
N LEU N 127 15.51 37.77 -28.92
CA LEU N 127 16.84 37.79 -28.33
C LEU N 127 16.97 36.70 -27.26
N LYS N 128 18.09 36.00 -27.26
CA LYS N 128 18.41 35.05 -26.20
C LYS N 128 19.56 35.49 -25.31
N GLU N 129 20.62 36.06 -25.88
CA GLU N 129 21.87 36.29 -25.17
C GLU N 129 22.54 37.56 -25.65
N MET N 130 23.24 38.24 -24.75
CA MET N 130 23.96 39.46 -25.07
C MET N 130 25.10 39.67 -24.08
N ASP N 131 26.24 40.14 -24.59
CA ASP N 131 27.38 40.54 -23.77
C ASP N 131 27.89 41.87 -24.31
N ILE N 132 28.11 42.84 -23.44
CA ILE N 132 28.65 44.14 -23.84
C ILE N 132 29.89 44.43 -22.99
N GLU N 133 30.99 44.77 -23.67
CA GLU N 133 32.28 45.06 -23.04
C GLU N 133 32.74 46.46 -23.41
N TYR N 134 33.08 47.26 -22.40
CA TYR N 134 33.43 48.67 -22.59
C TYR N 134 34.95 48.84 -22.58
N LYS N 135 35.48 49.55 -23.59
CA LYS N 135 36.91 49.50 -23.89
C LYS N 135 37.66 50.80 -23.66
N LEU N 136 37.24 51.91 -24.25
CA LEU N 136 37.90 53.20 -24.07
C LEU N 136 37.00 54.19 -23.35
N PHE N 137 37.63 55.12 -22.64
CA PHE N 137 36.95 56.11 -21.83
C PHE N 137 37.62 57.47 -21.97
N ARG N 138 36.81 58.52 -21.85
CA ARG N 138 37.31 59.86 -21.63
C ARG N 138 37.79 59.99 -20.19
N PRO N 139 38.64 60.99 -19.87
CA PRO N 139 39.13 61.15 -18.48
C PRO N 139 38.08 61.29 -17.39
N ASP N 140 36.89 61.78 -17.71
CA ASP N 140 35.81 61.90 -16.73
C ASP N 140 34.92 60.66 -16.69
N GLY N 141 35.30 59.60 -17.39
CA GLY N 141 34.57 58.35 -17.34
C GLY N 141 33.47 58.19 -18.37
N THR N 142 33.52 58.91 -19.47
CA THR N 142 32.54 58.72 -20.54
C THR N 142 33.07 57.70 -21.54
N PRO N 143 32.31 56.64 -21.84
CA PRO N 143 32.81 55.62 -22.75
C PRO N 143 32.68 56.03 -24.21
N ILE N 144 33.66 55.62 -25.02
CA ILE N 144 33.69 55.98 -26.44
C ILE N 144 33.88 54.77 -27.34
N ARG N 145 34.01 53.56 -26.77
CA ARG N 145 34.11 52.36 -27.57
C ARG N 145 33.60 51.11 -26.84
N ALA N 146 32.84 50.27 -27.55
CA ALA N 146 32.26 49.08 -26.94
C ALA N 146 32.00 48.02 -28.00
N MET N 147 31.94 46.76 -27.57
CA MET N 147 31.79 45.60 -28.43
C MET N 147 30.66 44.72 -27.89
N ALA N 148 29.79 44.23 -28.78
CA ALA N 148 28.60 43.48 -28.39
C ALA N 148 28.46 42.19 -29.17
N THR N 149 28.12 41.09 -28.48
CA THR N 149 27.88 39.80 -29.11
C THR N 149 26.45 39.39 -28.84
N THR N 150 25.78 38.81 -29.85
CA THR N 150 24.33 38.66 -29.82
C THR N 150 23.94 37.28 -30.36
N LYS N 151 22.85 36.72 -29.84
CA LYS N 151 22.28 35.46 -30.31
C LYS N 151 20.78 35.58 -30.43
N ILE N 152 20.22 35.24 -31.60
CA ILE N 152 18.81 35.43 -31.91
C ILE N 152 18.18 34.07 -32.21
N GLY N 153 17.01 33.81 -31.63
CA GLY N 153 16.21 32.65 -31.97
C GLY N 153 15.18 32.95 -33.04
N GLU N 154 14.47 31.91 -33.49
CA GLU N 154 13.57 32.05 -34.62
C GLU N 154 12.12 31.83 -34.19
N PHE N 155 11.22 32.64 -34.74
CA PHE N 155 9.81 32.62 -34.38
C PHE N 155 8.95 32.34 -35.60
N VAL N 156 8.05 31.36 -35.48
CA VAL N 156 7.00 31.11 -36.46
C VAL N 156 5.67 31.06 -35.71
N GLU N 157 4.68 31.79 -36.21
CA GLU N 157 3.34 31.72 -35.67
C GLU N 157 2.66 30.44 -36.14
N GLU N 158 1.78 29.89 -35.30
CA GLU N 158 1.28 28.53 -35.53
C GLU N 158 0.30 28.45 -36.70
N GLU N 159 -0.34 29.55 -37.04
CA GLU N 159 -1.19 29.53 -38.20
C GLU N 159 -0.38 29.50 -39.48
N LEU N 160 0.82 30.05 -39.46
CA LEU N 160 1.68 30.06 -40.63
C LEU N 160 2.46 28.77 -40.77
N ARG N 161 2.63 28.01 -39.68
CA ARG N 161 3.36 26.75 -39.77
C ARG N 161 2.57 25.70 -40.54
N THR N 162 1.26 25.61 -40.30
CA THR N 162 0.42 24.69 -41.04
C THR N 162 0.22 25.09 -42.49
N ALA N 163 0.36 26.37 -42.83
CA ALA N 163 0.26 26.78 -44.23
C ALA N 163 1.55 26.50 -44.98
N GLN N 164 2.68 26.48 -44.28
CA GLN N 164 3.96 26.14 -44.91
C GLN N 164 4.16 24.63 -45.02
N GLU N 165 3.68 23.90 -44.02
CA GLU N 165 3.59 22.43 -44.08
C GLU N 165 2.23 22.08 -44.68
N ASN N 166 2.14 22.15 -45.99
CA ASN N 166 0.90 21.85 -46.69
C ASN N 166 0.70 20.34 -46.66
N ASN N 167 0.20 19.84 -45.54
CA ASN N 167 0.14 18.42 -45.26
C ASN N 167 -1.01 17.80 -46.04
N GLN N 168 -0.69 16.84 -46.89
CA GLN N 168 -1.71 16.17 -47.70
C GLN N 168 -1.71 14.67 -47.48
N PRO N 170 -4.44 9.84 -49.18
CA PRO N 170 -5.36 9.11 -48.30
C PRO N 170 -6.18 10.01 -47.39
N ASP N 171 -5.94 11.31 -47.37
CA ASP N 171 -6.78 12.24 -46.62
C ASP N 171 -7.49 13.27 -47.48
N MET N 172 -6.95 13.61 -48.65
CA MET N 172 -7.54 14.64 -49.50
C MET N 172 -7.95 14.04 -50.84
N SER N 173 -8.53 14.88 -51.69
CA SER N 173 -8.96 14.47 -53.02
C SER N 173 -7.92 14.82 -54.07
N HIS N 174 -7.95 14.08 -55.18
CA HIS N 174 -6.93 14.18 -56.21
C HIS N 174 -7.56 13.93 -57.57
N TYR N 175 -6.98 14.54 -58.62
CA TYR N 175 -7.39 14.26 -59.99
C TYR N 175 -6.15 14.13 -60.89
N ARG N 176 -6.25 13.24 -61.88
CA ARG N 176 -5.22 13.07 -62.90
C ARG N 176 -5.87 12.94 -64.27
N THR N 177 -5.05 13.09 -65.29
CA THR N 177 -5.47 12.84 -66.67
C THR N 177 -4.72 11.61 -67.18
N VAL N 178 -5.41 10.77 -67.93
CA VAL N 178 -4.84 9.50 -68.38
C VAL N 178 -3.94 9.74 -69.59
N LYS N 179 -2.69 9.33 -69.48
CA LYS N 179 -1.75 9.35 -70.59
C LYS N 179 -1.54 7.93 -71.09
N GLU N 180 -1.04 7.80 -72.31
CA GLU N 180 -0.84 6.48 -72.89
C GLU N 180 0.35 5.78 -72.23
N GLY N 181 0.09 4.57 -71.74
CA GLY N 181 1.04 3.84 -70.93
C GLY N 181 0.60 3.66 -69.49
N ASP N 182 -0.50 4.27 -69.09
CA ASP N 182 -0.99 4.16 -67.72
C ASP N 182 -1.87 2.93 -67.55
N THR N 183 -1.79 2.33 -66.37
CA THR N 183 -2.71 1.28 -65.95
C THR N 183 -3.33 1.68 -64.63
N LEU N 184 -4.51 1.15 -64.36
CA LEU N 184 -5.21 1.49 -63.11
C LEU N 184 -4.53 0.96 -61.84
N PRO N 185 -4.00 -0.29 -61.76
CA PRO N 185 -3.35 -0.68 -60.51
C PRO N 185 -2.00 -0.01 -60.25
N LEU N 186 -1.30 0.45 -61.28
CA LEU N 186 -0.04 1.15 -61.05
C LEU N 186 -0.27 2.57 -60.55
N MET N 187 -1.33 3.23 -61.03
CA MET N 187 -1.64 4.59 -60.57
C MET N 187 -2.18 4.57 -59.15
N THR N 188 -2.92 3.52 -58.78
CA THR N 188 -3.44 3.40 -57.42
C THR N 188 -2.32 3.21 -56.42
N TYR N 189 -1.25 2.53 -56.82
CA TYR N 189 -0.12 2.29 -55.93
C TYR N 189 0.65 3.58 -55.64
N ARG N 190 0.74 4.47 -56.63
CA ARG N 190 1.51 5.70 -56.43
C ARG N 190 0.73 6.74 -55.65
N ILE N 191 -0.58 6.59 -55.53
CA ILE N 191 -1.40 7.58 -54.84
C ILE N 191 -1.72 7.13 -53.43
N TYR N 192 -2.00 5.84 -53.23
CA TYR N 192 -2.39 5.33 -51.93
C TYR N 192 -1.28 4.55 -51.22
N GLY N 193 -0.30 4.04 -51.95
CA GLY N 193 0.67 3.14 -51.37
C GLY N 193 0.32 1.68 -51.45
N ASP N 194 -0.79 1.32 -52.10
CA ASP N 194 -1.22 -0.07 -52.21
C ASP N 194 -2.03 -0.23 -53.49
N SER N 195 -1.85 -1.35 -54.18
CA SER N 195 -2.52 -1.59 -55.45
C SER N 195 -3.93 -2.10 -55.29
N LYS N 196 -4.37 -2.39 -54.07
CA LYS N 196 -5.59 -3.15 -53.86
C LYS N 196 -6.86 -2.34 -53.94
N TYR N 197 -6.76 -1.01 -54.06
CA TYR N 197 -7.94 -0.16 -54.09
C TYR N 197 -8.47 0.11 -55.48
N TYR N 198 -8.01 -0.62 -56.50
CA TYR N 198 -8.34 -0.31 -57.89
C TYR N 198 -9.82 -0.52 -58.22
N LEU N 199 -10.50 -1.42 -57.52
CA LEU N 199 -11.92 -1.61 -57.79
C LEU N 199 -12.78 -0.54 -57.14
N GLU N 200 -12.28 0.17 -56.14
CA GLU N 200 -13.03 1.27 -55.57
C GLU N 200 -12.83 2.55 -56.38
N VAL N 201 -11.69 2.69 -57.04
CA VAL N 201 -11.45 3.84 -57.90
C VAL N 201 -12.28 3.71 -59.18
N ALA N 202 -12.47 2.47 -59.65
CA ALA N 202 -13.21 2.27 -60.88
C ALA N 202 -14.72 2.44 -60.65
N LYS N 203 -15.19 2.11 -59.46
CA LYS N 203 -16.62 2.29 -59.15
C LYS N 203 -16.96 3.75 -58.92
N ALA N 204 -16.02 4.54 -58.42
CA ALA N 204 -16.29 5.95 -58.16
C ALA N 204 -16.24 6.78 -59.44
N ASN N 205 -15.75 6.20 -60.53
CA ASN N 205 -15.65 6.89 -61.81
C ASN N 205 -16.59 6.31 -62.86
N GLY N 206 -17.35 5.27 -62.52
CA GLY N 206 -18.25 4.65 -63.46
C GLY N 206 -17.61 3.86 -64.57
N LEU N 207 -16.45 3.26 -64.31
CA LEU N 207 -15.73 2.52 -65.33
C LEU N 207 -16.13 1.05 -65.34
N THR N 208 -16.40 0.52 -66.52
CA THR N 208 -16.69 -0.90 -66.65
C THR N 208 -15.51 -1.63 -67.28
N ASN N 209 -14.96 -1.08 -68.36
CA ASN N 209 -13.76 -1.62 -68.99
C ASN N 209 -12.53 -0.87 -68.49
N PHE N 210 -12.17 -1.15 -67.24
CA PHE N 210 -11.04 -0.48 -66.63
C PHE N 210 -9.70 -1.08 -67.04
N ARG N 211 -9.68 -2.20 -67.76
CA ARG N 211 -8.41 -2.82 -68.12
C ARG N 211 -7.80 -2.19 -69.35
N ARG N 212 -8.56 -1.31 -69.99
CA ARG N 212 -8.11 -0.51 -71.11
C ARG N 212 -8.59 0.91 -70.83
N LEU N 213 -7.69 1.83 -70.52
CA LEU N 213 -8.10 3.22 -70.31
C LEU N 213 -7.83 4.04 -71.57
N LYS N 214 -8.76 4.94 -71.88
CA LYS N 214 -8.64 5.85 -73.01
C LYS N 214 -7.88 7.09 -72.58
N THR N 215 -7.06 7.62 -73.50
CA THR N 215 -5.97 8.51 -73.14
C THR N 215 -6.36 9.97 -73.09
N GLY N 216 -7.61 10.31 -72.81
CA GLY N 216 -7.98 11.67 -72.50
C GLY N 216 -8.85 11.82 -71.26
N THR N 217 -9.03 10.74 -70.50
CA THR N 217 -10.01 10.70 -69.42
C THR N 217 -9.44 11.35 -68.16
N GLU N 218 -10.26 12.15 -67.49
CA GLU N 218 -9.89 12.70 -66.20
C GLU N 218 -10.60 11.93 -65.12
N LEU N 219 -9.85 11.34 -64.17
CA LEU N 219 -10.34 10.53 -63.07
C LEU N 219 -10.26 11.29 -61.76
N ILE N 220 -11.08 10.89 -60.80
CA ILE N 220 -11.01 11.38 -59.43
C ILE N 220 -10.46 10.26 -58.55
N PHE N 221 -9.79 10.64 -57.47
CA PHE N 221 -9.28 9.68 -56.49
C PHE N 221 -9.76 10.11 -55.10
N PRO N 222 -10.85 9.54 -54.60
CA PRO N 222 -11.39 9.96 -53.30
C PRO N 222 -10.50 9.53 -52.15
N PRO N 223 -10.55 10.24 -51.02
CA PRO N 223 -9.80 9.78 -49.84
C PRO N 223 -10.47 8.60 -49.17
N LEU N 224 -9.70 7.94 -48.31
CA LEU N 224 -10.19 6.82 -47.52
C LEU N 224 -11.00 7.32 -46.34
N GLN N 225 -12.01 6.53 -45.95
CA GLN N 225 -12.86 6.94 -44.84
C GLN N 225 -12.12 6.71 -43.53
N LYS N 226 -12.47 7.50 -42.51
CA LYS N 226 -11.65 7.62 -41.31
C LYS N 226 -12.15 6.79 -40.12
N GLN N 227 -13.45 6.75 -39.90
CA GLN N 227 -13.99 5.94 -38.81
C GLN N 227 -14.60 4.64 -39.31
N SER O 2 36.85 9.88 -71.52
CA SER O 2 36.25 10.73 -70.49
C SER O 2 36.95 10.55 -69.15
N GLU O 3 38.16 10.02 -69.20
CA GLU O 3 39.03 9.95 -68.04
C GLU O 3 39.46 11.35 -67.61
N GLY O 4 39.73 12.19 -68.61
CA GLY O 4 40.23 13.53 -68.39
C GLY O 4 39.22 14.52 -67.87
N LYS O 5 37.96 14.11 -67.74
CA LYS O 5 36.93 14.98 -67.21
C LYS O 5 36.98 15.03 -65.69
N LEU O 6 36.95 16.25 -65.14
CA LEU O 6 36.82 16.46 -63.71
C LEU O 6 35.36 16.30 -63.32
N GLU O 7 35.03 15.21 -62.63
CA GLU O 7 33.67 14.97 -62.20
C GLU O 7 33.32 15.80 -60.97
N LYS O 8 32.07 16.24 -60.90
CA LYS O 8 31.56 17.07 -59.81
C LYS O 8 30.54 16.30 -58.99
N LEU O 9 30.50 16.57 -57.70
CA LEU O 9 29.64 15.84 -56.77
C LEU O 9 28.18 16.25 -56.95
N ARG O 10 27.28 15.27 -56.88
CA ARG O 10 25.84 15.46 -57.05
C ARG O 10 25.04 14.93 -55.89
N ILE O 11 23.92 15.56 -55.60
CA ILE O 11 22.96 15.09 -54.59
C ILE O 11 21.56 15.16 -55.19
N VAL O 12 20.83 14.04 -55.12
CA VAL O 12 19.48 13.91 -55.67
C VAL O 12 18.52 13.57 -54.53
N ALA O 13 17.30 14.12 -54.57
CA ALA O 13 16.28 13.83 -53.59
C ALA O 13 15.29 12.80 -54.11
N TYR O 14 14.77 11.96 -53.21
CA TYR O 14 13.88 10.86 -53.54
C TYR O 14 12.64 10.85 -52.63
N LYS O 15 11.57 10.24 -53.13
CA LYS O 15 10.29 10.19 -52.43
C LYS O 15 10.06 8.91 -51.65
N ASP O 16 10.57 7.77 -52.10
CA ASP O 16 10.27 6.50 -51.46
C ASP O 16 11.53 5.87 -50.89
N SER O 17 11.32 4.88 -50.02
CA SER O 17 12.41 4.19 -49.34
C SER O 17 13.09 3.16 -50.22
N LYS O 18 12.64 2.95 -51.44
CA LYS O 18 13.33 2.09 -52.39
C LYS O 18 14.16 2.88 -53.40
N PHE O 19 14.09 4.21 -53.34
CA PHE O 19 14.91 5.14 -54.14
C PHE O 19 14.67 4.94 -55.64
N SER O 20 13.41 5.02 -56.06
CA SER O 20 13.04 4.88 -57.45
C SER O 20 12.15 6.00 -57.98
N ASP O 21 11.65 6.88 -57.13
CA ASP O 21 10.70 7.94 -57.51
C ASP O 21 11.30 9.29 -57.18
N GLU O 22 11.81 10.00 -58.19
CA GLU O 22 12.53 11.23 -57.96
C GLU O 22 11.60 12.40 -57.65
N VAL O 23 12.05 13.26 -56.74
CA VAL O 23 11.43 14.55 -56.51
C VAL O 23 11.70 15.43 -57.72
N GLU O 24 10.67 16.13 -58.20
CA GLU O 24 10.82 16.96 -59.39
C GLU O 24 11.56 18.25 -59.05
N ASN O 25 12.55 18.58 -59.88
CA ASN O 25 13.53 19.64 -59.67
C ASN O 25 14.28 19.47 -58.35
N GLY O 26 14.74 18.26 -58.06
CA GLY O 26 15.36 17.95 -56.79
C GLY O 26 16.78 17.46 -56.89
N GLU O 27 17.57 18.03 -57.81
CA GLU O 27 18.94 17.60 -58.02
C GLU O 27 19.87 18.79 -57.86
N PHE O 28 20.88 18.64 -57.01
CA PHE O 28 21.89 19.66 -56.77
C PHE O 28 23.23 19.19 -57.32
N ILE O 29 23.93 20.07 -58.02
CA ILE O 29 25.28 19.82 -58.51
C ILE O 29 26.17 20.94 -57.98
N THR O 30 27.29 20.57 -57.36
CA THR O 30 28.20 21.56 -56.82
C THR O 30 29.07 22.17 -57.92
N LEU O 31 29.65 23.32 -57.61
CA LEU O 31 30.59 23.95 -58.53
C LEU O 31 32.04 23.77 -58.11
N LEU O 32 32.29 23.49 -56.83
CA LEU O 32 33.61 23.14 -56.34
C LEU O 32 33.48 21.92 -55.43
N ASN O 33 34.33 20.96 -55.67
CA ASN O 33 34.37 19.69 -54.94
C ASN O 33 34.95 19.91 -53.54
N PRO O 34 34.53 19.10 -52.57
CA PRO O 34 35.21 19.09 -51.27
C PRO O 34 36.63 18.57 -51.40
N GLU O 35 37.45 18.93 -50.42
CA GLU O 35 38.83 18.43 -50.32
C GLU O 35 38.95 16.97 -49.93
N LYS O 36 38.09 16.52 -49.02
CA LYS O 36 38.15 15.19 -48.44
C LYS O 36 36.78 14.85 -47.86
N TYR O 37 36.62 13.59 -47.47
CA TYR O 37 35.45 13.16 -46.72
C TYR O 37 35.84 12.04 -45.76
N LYS O 38 34.94 11.74 -44.83
CA LYS O 38 35.27 10.92 -43.68
C LYS O 38 34.10 10.02 -43.28
N PHE O 39 34.42 8.78 -42.90
CA PHE O 39 33.44 7.80 -42.47
C PHE O 39 33.67 7.44 -41.00
N GLN O 40 32.66 6.85 -40.38
CA GLN O 40 32.74 6.42 -38.98
C GLN O 40 31.97 5.12 -38.77
N TYR O 41 32.60 4.18 -38.05
CA TYR O 41 32.07 2.84 -37.84
C TYR O 41 32.18 2.48 -36.36
N ARG O 42 31.10 1.94 -35.79
CA ARG O 42 31.04 1.60 -34.37
C ARG O 42 30.36 0.25 -34.16
N VAL O 43 30.97 -0.60 -33.35
CA VAL O 43 30.41 -1.90 -32.96
C VAL O 43 30.36 -1.95 -31.44
N GLU O 44 29.21 -2.35 -30.90
CA GLU O 44 28.99 -2.39 -29.45
C GLU O 44 28.94 -3.80 -28.88
N GLN O 45 29.58 -3.99 -27.73
CA GLN O 45 29.65 -5.28 -27.06
C GLN O 45 29.14 -5.17 -25.63
N ASN O 46 28.78 -6.32 -25.06
CA ASN O 46 28.34 -6.43 -23.68
C ASN O 46 29.50 -6.98 -22.85
N GLU O 47 29.88 -6.26 -21.79
CA GLU O 47 31.11 -6.54 -21.07
C GLU O 47 30.90 -6.73 -19.57
N ASP O 48 29.81 -7.36 -19.15
CA ASP O 48 29.60 -7.64 -17.73
C ASP O 48 30.46 -8.83 -17.29
N GLN O 49 31.07 -8.71 -16.12
CA GLN O 49 31.81 -9.84 -15.55
C GLN O 49 31.64 -9.85 -14.05
N ALA O 50 31.92 -11.01 -13.46
CA ALA O 50 31.80 -11.19 -12.02
C ALA O 50 33.11 -10.85 -11.32
N SER O 51 33.00 -10.56 -10.03
CA SER O 51 34.18 -10.18 -9.26
C SER O 51 35.01 -11.42 -8.92
N GLY O 52 36.34 -11.24 -8.91
CA GLY O 52 37.25 -12.32 -8.66
C GLY O 52 37.86 -12.93 -9.90
N THR O 53 37.47 -12.47 -11.08
CA THR O 53 37.89 -13.10 -12.32
C THR O 53 38.91 -12.24 -13.05
N SER O 54 39.64 -12.86 -13.96
CA SER O 54 40.72 -12.18 -14.67
C SER O 54 40.35 -11.71 -16.07
N SER O 55 39.19 -12.15 -16.59
CA SER O 55 38.72 -11.73 -17.91
C SER O 55 37.19 -11.80 -17.97
N ALA O 56 36.58 -11.02 -18.88
CA ALA O 56 35.11 -11.06 -19.00
C ALA O 56 34.57 -11.90 -20.14
N PRO O 57 33.34 -12.39 -20.02
CA PRO O 57 32.80 -13.12 -21.16
C PRO O 57 32.15 -12.15 -22.18
N ILE O 58 32.81 -11.89 -23.30
CA ILE O 58 32.33 -10.91 -24.27
C ILE O 58 31.27 -11.38 -25.25
N ARG O 59 30.17 -10.65 -25.37
CA ARG O 59 29.11 -11.01 -26.30
C ARG O 59 28.73 -9.88 -27.27
N PHE O 60 28.75 -10.09 -28.60
CA PHE O 60 28.31 -9.14 -29.61
C PHE O 60 26.91 -8.65 -29.28
N ASN O 61 26.69 -7.35 -29.41
CA ASN O 61 25.37 -6.76 -29.19
C ASN O 61 24.79 -6.16 -30.46
N LYS O 62 25.47 -5.21 -31.11
CA LYS O 62 24.83 -4.42 -32.16
C LYS O 62 25.88 -3.78 -33.06
N ILE O 63 25.47 -3.47 -34.29
CA ILE O 63 26.20 -2.59 -35.18
C ILE O 63 25.40 -1.29 -35.29
N LEU O 64 26.03 -0.18 -34.93
CA LEU O 64 25.46 1.16 -34.88
C LEU O 64 25.48 1.80 -36.28
N PRO O 65 24.61 2.78 -36.53
CA PRO O 65 24.57 3.40 -37.87
C PRO O 65 25.81 4.23 -38.23
N GLN O 66 26.04 4.37 -39.53
CA GLN O 66 27.22 5.05 -40.06
C GLN O 66 27.01 6.55 -40.23
N THR O 67 28.10 7.24 -40.54
CA THR O 67 28.16 8.70 -40.54
C THR O 67 29.12 9.18 -41.63
N LEU O 68 28.73 10.21 -42.39
CA LEU O 68 29.56 10.85 -43.39
C LEU O 68 29.60 12.34 -43.14
N GLU O 69 30.78 12.94 -43.31
CA GLU O 69 31.00 14.37 -43.15
C GLU O 69 31.87 14.99 -44.22
N PHE O 70 31.52 16.21 -44.65
CA PHE O 70 32.31 16.96 -45.63
C PHE O 70 31.97 18.46 -45.57
N ASP O 71 32.75 19.29 -46.26
CA ASP O 71 32.58 20.74 -46.29
C ASP O 71 32.44 21.29 -47.71
N PHE O 72 31.71 22.39 -47.87
CA PHE O 72 31.47 23.00 -49.18
C PHE O 72 31.86 24.46 -49.21
N LEU O 73 32.16 24.97 -50.39
CA LEU O 73 32.45 26.38 -50.59
C LEU O 73 31.65 26.91 -51.77
N PHE O 74 30.98 28.03 -51.58
CA PHE O 74 30.19 28.72 -52.61
C PHE O 74 30.87 30.06 -52.89
N ASP O 75 31.17 30.33 -54.16
CA ASP O 75 31.83 31.59 -54.49
C ASP O 75 31.49 32.01 -55.91
N ARG O 76 31.05 33.25 -56.09
CA ARG O 76 30.74 33.85 -57.38
C ARG O 76 31.39 35.22 -57.50
N THR O 77 32.69 35.28 -57.24
CA THR O 77 33.47 36.51 -57.34
C THR O 77 33.99 36.77 -58.76
N GLY O 78 34.44 35.73 -59.46
CA GLY O 78 34.80 35.89 -60.85
C GLY O 78 36.22 35.53 -61.23
N VAL O 79 36.90 34.70 -60.44
CA VAL O 79 38.29 34.33 -60.70
C VAL O 79 38.43 32.85 -61.03
N ILE O 80 37.34 32.10 -61.03
CA ILE O 80 37.37 30.67 -61.29
C ILE O 80 36.93 30.44 -62.72
N ALA O 81 37.78 29.75 -63.49
CA ALA O 81 37.55 29.60 -64.92
C ALA O 81 36.39 28.65 -65.20
N GLY O 82 35.51 29.06 -66.11
CA GLY O 82 34.37 28.26 -66.51
C GLY O 82 33.03 28.80 -66.07
N TYR O 83 32.99 29.74 -65.14
CA TYR O 83 31.73 30.21 -64.57
C TYR O 83 31.59 31.71 -64.77
N GLU O 84 30.37 32.20 -64.63
CA GLU O 84 30.06 33.60 -64.82
C GLU O 84 29.65 34.25 -63.51
N VAL O 85 29.81 35.57 -63.46
CA VAL O 85 29.29 36.35 -62.34
C VAL O 85 27.81 36.59 -62.55
N THR O 86 27.03 36.39 -61.49
CA THR O 86 25.59 36.47 -61.55
C THR O 86 25.17 37.79 -60.89
N GLU O 87 23.98 38.28 -61.28
CA GLU O 87 23.48 39.54 -60.71
C GLU O 87 23.20 39.42 -59.22
N ASP O 88 22.76 38.26 -58.76
CA ASP O 88 22.42 38.10 -57.35
C ASP O 88 23.40 37.21 -56.59
N GLY O 89 24.58 36.92 -57.15
CA GLY O 89 25.61 36.25 -56.36
C GLY O 89 25.30 34.79 -56.10
N ILE O 90 25.30 34.43 -54.83
CA ILE O 90 25.12 33.04 -54.41
C ILE O 90 23.73 32.81 -53.80
N ILE O 91 22.78 33.72 -54.04
CA ILE O 91 21.48 33.64 -53.38
C ILE O 91 20.69 32.45 -53.89
N ASN O 92 20.72 32.20 -55.20
CA ASN O 92 19.96 31.10 -55.77
C ASN O 92 20.67 29.76 -55.62
N ASP O 93 21.99 29.78 -55.44
CA ASP O 93 22.72 28.53 -55.21
C ASP O 93 22.42 27.95 -53.85
N ILE O 94 22.32 28.79 -52.82
CA ILE O 94 22.09 28.30 -51.47
C ILE O 94 20.62 27.94 -51.28
N ASP O 95 19.72 28.69 -51.93
CA ASP O 95 18.29 28.42 -51.81
C ASP O 95 17.90 27.11 -52.50
N HIS O 96 18.60 26.74 -53.56
CA HIS O 96 18.33 25.47 -54.22
C HIS O 96 18.94 24.31 -53.45
N PHE O 97 20.08 24.56 -52.79
CA PHE O 97 20.73 23.54 -51.98
C PHE O 97 19.91 23.19 -50.75
N LYS O 98 19.25 24.19 -50.16
CA LYS O 98 18.44 23.95 -48.96
C LYS O 98 17.12 23.29 -49.28
N LYS O 99 16.58 23.55 -50.47
CA LYS O 99 15.32 22.94 -50.88
C LYS O 99 15.48 21.44 -51.09
N VAL O 100 16.68 21.01 -51.47
CA VAL O 100 16.95 19.60 -51.70
C VAL O 100 17.20 18.87 -50.39
N VAL O 101 18.05 19.41 -49.52
CA VAL O 101 18.54 18.61 -48.40
C VAL O 101 17.85 18.91 -47.06
N TYR O 102 17.17 20.04 -46.92
CA TYR O 102 16.68 20.46 -45.60
C TYR O 102 15.17 20.56 -45.50
N ASP O 103 14.49 21.08 -46.52
CA ASP O 103 13.12 21.55 -46.37
C ASP O 103 12.11 20.42 -46.21
N TYR O 104 11.08 20.68 -45.41
CA TYR O 104 10.03 19.73 -45.13
C TYR O 104 9.12 19.58 -46.35
N ASN O 105 8.75 18.34 -46.67
CA ASN O 105 7.94 18.02 -47.84
C ASN O 105 6.55 17.61 -47.36
N GLY O 106 5.53 18.37 -47.74
CA GLY O 106 4.17 18.11 -47.29
C GLY O 106 3.50 16.92 -47.95
N GLU O 107 4.08 16.40 -49.03
CA GLU O 107 3.54 15.19 -49.64
C GLU O 107 3.87 13.95 -48.83
N LYS O 108 5.03 13.92 -48.18
CA LYS O 108 5.47 12.77 -47.40
C LYS O 108 5.55 13.03 -45.91
N HIS O 109 5.29 14.26 -45.45
CA HIS O 109 5.29 14.68 -44.05
C HIS O 109 6.67 14.55 -43.40
N LYS O 110 7.74 14.82 -44.16
CA LYS O 110 9.12 14.65 -43.71
C LYS O 110 10.08 15.36 -44.66
N PRO O 111 11.37 15.50 -44.31
CA PRO O 111 12.37 15.86 -45.34
C PRO O 111 12.70 14.69 -46.26
N ASN O 112 13.50 14.98 -47.28
CA ASN O 112 13.71 14.08 -48.41
C ASN O 112 14.75 12.99 -48.11
N TYR O 113 14.64 11.87 -48.83
CA TYR O 113 15.70 10.87 -48.93
C TYR O 113 16.77 11.37 -49.88
N LEU O 114 18.03 11.12 -49.54
CA LEU O 114 19.15 11.66 -50.29
C LEU O 114 20.04 10.55 -50.82
N MET O 115 20.50 10.70 -52.05
CA MET O 115 21.55 9.86 -52.61
C MET O 115 22.71 10.77 -53.02
N ILE O 116 23.90 10.44 -52.55
CA ILE O 116 25.10 11.24 -52.74
C ILE O 116 26.08 10.42 -53.57
N THR O 117 26.45 10.95 -54.74
CA THR O 117 27.32 10.23 -55.66
C THR O 117 28.47 11.12 -56.14
N TRP O 118 29.69 10.61 -56.03
CA TRP O 118 30.86 11.26 -56.61
C TRP O 118 31.93 10.21 -56.85
N GLY O 119 32.14 9.84 -58.11
CA GLY O 119 33.14 8.86 -58.44
C GLY O 119 32.78 7.48 -57.95
N SER O 120 33.59 6.98 -57.01
CA SER O 120 33.38 5.69 -56.37
C SER O 120 32.38 5.74 -55.23
N LEU O 121 31.97 6.91 -54.79
CA LEU O 121 31.16 7.06 -53.59
C LEU O 121 29.67 6.98 -53.93
N LEU O 122 28.92 6.26 -53.10
CA LEU O 122 27.46 6.18 -53.25
C LEU O 122 26.86 5.94 -51.86
N PHE O 123 26.08 6.90 -51.37
CA PHE O 123 25.63 6.90 -49.98
C PHE O 123 24.17 7.35 -49.91
N LYS O 124 23.36 6.63 -49.13
CA LYS O 124 21.94 6.94 -48.96
C LYS O 124 21.65 7.28 -47.49
N GLY O 125 20.90 8.35 -47.26
CA GLY O 125 20.52 8.65 -45.90
C GLY O 125 19.78 9.95 -45.69
N TYR O 126 20.06 10.57 -44.56
CA TYR O 126 19.35 11.73 -44.02
C TYR O 126 20.33 12.79 -43.56
N LEU O 127 19.93 14.05 -43.69
CA LEU O 127 20.68 15.15 -43.08
C LEU O 127 20.44 15.20 -41.59
N LYS O 128 21.51 15.41 -40.82
CA LYS O 128 21.39 15.65 -39.39
C LYS O 128 21.75 17.06 -38.97
N GLU O 129 22.78 17.65 -39.55
CA GLU O 129 23.34 18.91 -39.06
C GLU O 129 23.87 19.75 -40.21
N MET O 130 23.78 21.06 -40.05
CA MET O 130 24.28 21.99 -41.05
C MET O 130 24.61 23.33 -40.40
N ASP O 131 25.70 23.95 -40.86
CA ASP O 131 26.10 25.30 -40.45
C ASP O 131 26.50 26.05 -41.71
N ILE O 132 25.98 27.26 -41.90
CA ILE O 132 26.35 28.10 -43.04
C ILE O 132 26.83 29.45 -42.53
N GLU O 133 28.01 29.86 -42.97
CA GLU O 133 28.64 31.12 -42.57
C GLU O 133 28.91 32.00 -43.79
N TYR O 134 28.46 33.25 -43.74
CA TYR O 134 28.52 34.16 -44.88
C TYR O 134 29.71 35.11 -44.71
N LYS O 135 30.53 35.24 -45.76
CA LYS O 135 31.86 35.83 -45.63
C LYS O 135 32.05 37.15 -46.35
N LEU O 136 31.78 37.24 -47.66
CA LEU O 136 31.94 38.47 -48.42
C LEU O 136 30.60 38.96 -48.93
N PHE O 137 30.52 40.29 -49.11
CA PHE O 137 29.29 40.96 -49.52
C PHE O 137 29.62 42.06 -50.51
N ARG O 138 28.68 42.29 -51.42
CA ARG O 138 28.64 43.50 -52.23
C ARG O 138 28.21 44.68 -51.37
N PRO O 139 28.50 45.93 -51.79
CA PRO O 139 28.11 47.11 -50.98
C PRO O 139 26.63 47.25 -50.64
N ASP O 140 25.73 46.68 -51.44
CA ASP O 140 24.31 46.73 -51.15
C ASP O 140 23.84 45.52 -50.34
N GLY O 141 24.76 44.70 -49.87
CA GLY O 141 24.43 43.58 -49.01
C GLY O 141 24.14 42.28 -49.70
N THR O 142 24.62 42.09 -50.92
CA THR O 142 24.46 40.81 -51.60
C THR O 142 25.65 39.91 -51.32
N PRO O 143 25.43 38.69 -50.82
CA PRO O 143 26.57 37.83 -50.47
C PRO O 143 27.17 37.15 -51.70
N ILE O 144 28.50 36.99 -51.69
CA ILE O 144 29.21 36.38 -52.80
C ILE O 144 30.12 35.26 -52.38
N ARG O 145 30.18 34.95 -51.08
CA ARG O 145 30.98 33.82 -50.60
C ARG O 145 30.44 33.23 -49.30
N ALA O 146 30.39 31.89 -49.22
CA ALA O 146 29.86 31.22 -48.04
C ALA O 146 30.47 29.82 -47.90
N MET O 147 30.47 29.31 -46.68
CA MET O 147 31.06 28.02 -46.32
C MET O 147 30.05 27.19 -45.54
N ALA O 148 29.96 25.90 -45.86
CA ALA O 148 28.94 25.02 -45.27
C ALA O 148 29.55 23.72 -44.78
N THR O 149 29.14 23.29 -43.57
CA THR O 149 29.58 22.03 -42.99
C THR O 149 28.36 21.13 -42.79
N THR O 150 28.50 19.84 -43.07
CA THR O 150 27.35 18.95 -43.23
C THR O 150 27.64 17.61 -42.55
N LYS O 151 26.59 16.98 -42.02
CA LYS O 151 26.67 15.64 -41.43
C LYS O 151 25.49 14.81 -41.88
N ILE O 152 25.76 13.62 -42.43
CA ILE O 152 24.75 12.75 -43.03
C ILE O 152 24.70 11.42 -42.28
N GLY O 153 23.50 10.96 -41.96
CA GLY O 153 23.29 9.63 -41.42
C GLY O 153 22.98 8.60 -42.49
N GLU O 154 22.88 7.34 -42.10
CA GLU O 154 22.75 6.26 -43.05
C GLU O 154 21.39 5.57 -42.91
N PHE O 155 20.78 5.23 -44.04
CA PHE O 155 19.45 4.64 -44.07
C PHE O 155 19.48 3.28 -44.76
N VAL O 156 18.90 2.27 -44.10
CA VAL O 156 18.64 0.97 -44.70
C VAL O 156 17.19 0.63 -44.47
N GLU O 157 16.49 0.22 -45.52
CA GLU O 157 15.11 -0.24 -45.41
C GLU O 157 15.11 -1.65 -44.83
N GLU O 158 14.06 -1.99 -44.07
CA GLU O 158 14.09 -3.20 -43.24
C GLU O 158 13.97 -4.47 -44.07
N GLU O 159 13.37 -4.38 -45.25
CA GLU O 159 13.33 -5.55 -46.10
C GLU O 159 14.70 -5.85 -46.68
N LEU O 160 15.52 -4.84 -46.87
CA LEU O 160 16.85 -5.05 -47.41
C LEU O 160 17.86 -5.46 -46.35
N ARG O 161 17.57 -5.18 -45.08
CA ARG O 161 18.48 -5.57 -44.00
C ARG O 161 18.50 -7.08 -43.81
N THR O 162 17.33 -7.71 -43.86
CA THR O 162 17.26 -9.16 -43.74
C THR O 162 17.81 -9.89 -44.96
N ALA O 163 17.81 -9.25 -46.14
CA ALA O 163 18.41 -9.88 -47.30
C ALA O 163 19.93 -9.76 -47.29
N GLN O 164 20.46 -8.74 -46.64
CA GLN O 164 21.91 -8.59 -46.52
C GLN O 164 22.46 -9.42 -45.38
N GLU O 165 21.69 -9.55 -44.29
CA GLU O 165 21.98 -10.50 -43.22
C GLU O 165 21.29 -11.81 -43.55
N ASN O 166 21.93 -12.59 -44.43
CA ASN O 166 21.36 -13.87 -44.86
C ASN O 166 21.53 -14.86 -43.70
N ASN O 167 20.61 -14.77 -42.74
CA ASN O 167 20.73 -15.49 -41.48
C ASN O 167 20.38 -16.95 -41.68
N GLN O 168 21.31 -17.84 -41.39
CA GLN O 168 21.07 -19.26 -41.55
C GLN O 168 21.28 -20.03 -40.25
N PRO O 170 21.10 -25.39 -38.06
CA PRO O 170 20.03 -25.82 -37.15
C PRO O 170 18.65 -25.22 -37.45
N ASP O 171 18.56 -24.29 -38.41
CA ASP O 171 17.26 -23.79 -38.84
C ASP O 171 16.93 -24.08 -40.29
N MET O 172 17.93 -24.25 -41.15
CA MET O 172 17.69 -24.47 -42.58
C MET O 172 18.22 -25.84 -42.99
N SER O 173 18.03 -26.16 -44.26
CA SER O 173 18.49 -27.42 -44.83
C SER O 173 19.83 -27.24 -45.54
N HIS O 174 20.58 -28.34 -45.64
CA HIS O 174 21.95 -28.32 -46.14
C HIS O 174 22.23 -29.61 -46.89
N TYR O 175 23.13 -29.55 -47.88
CA TYR O 175 23.62 -30.73 -48.56
C TYR O 175 25.13 -30.64 -48.77
N ARG O 176 25.79 -31.80 -48.69
CA ARG O 176 27.22 -31.92 -48.97
C ARG O 176 27.47 -33.16 -49.81
N THR O 177 28.66 -33.22 -50.40
CA THR O 177 29.12 -34.40 -51.11
C THR O 177 30.29 -35.00 -50.32
N VAL O 178 30.32 -36.32 -50.24
CA VAL O 178 31.31 -37.03 -49.43
C VAL O 178 32.63 -37.08 -50.18
N LYS O 179 33.68 -36.57 -49.55
CA LYS O 179 35.05 -36.68 -50.05
C LYS O 179 35.81 -37.69 -49.21
N GLU O 180 36.91 -38.19 -49.75
CA GLU O 180 37.68 -39.21 -49.03
C GLU O 180 38.43 -38.58 -47.86
N GLY O 181 38.23 -39.14 -46.68
CA GLY O 181 38.71 -38.58 -45.44
C GLY O 181 37.62 -38.09 -44.52
N ASP O 182 36.36 -38.12 -44.96
CA ASP O 182 35.25 -37.65 -44.15
C ASP O 182 34.72 -38.76 -43.27
N THR O 183 34.27 -38.38 -42.07
CA THR O 183 33.54 -39.27 -41.18
C THR O 183 32.23 -38.61 -40.82
N LEU O 184 31.24 -39.42 -40.47
CA LEU O 184 29.93 -38.89 -40.12
C LEU O 184 29.88 -38.09 -38.81
N PRO O 185 30.56 -38.48 -37.70
CA PRO O 185 30.48 -37.61 -36.51
C PRO O 185 31.29 -36.32 -36.62
N LEU O 186 32.31 -36.25 -37.46
CA LEU O 186 33.05 -35.00 -37.62
C LEU O 186 32.27 -34.01 -38.46
N MET O 187 31.54 -34.48 -39.47
CA MET O 187 30.73 -33.59 -40.30
C MET O 187 29.51 -33.07 -39.55
N THR O 188 28.96 -33.88 -38.65
CA THR O 188 27.82 -33.46 -37.84
C THR O 188 28.22 -32.35 -36.87
N TYR O 189 29.45 -32.40 -36.38
CA TYR O 189 29.94 -31.39 -35.44
C TYR O 189 30.11 -30.03 -36.12
N ARG O 190 30.53 -30.03 -37.38
CA ARG O 190 30.77 -28.76 -38.07
C ARG O 190 29.47 -28.12 -38.56
N ILE O 191 28.39 -28.87 -38.62
CA ILE O 191 27.14 -28.34 -39.14
C ILE O 191 26.20 -27.96 -37.99
N TYR O 192 26.15 -28.76 -36.93
CA TYR O 192 25.25 -28.52 -35.82
C TYR O 192 25.92 -27.96 -34.58
N GLY O 193 27.23 -28.14 -34.43
CA GLY O 193 27.90 -27.79 -33.20
C GLY O 193 27.98 -28.90 -32.19
N ASP O 194 27.52 -30.11 -32.52
CA ASP O 194 27.54 -31.22 -31.58
C ASP O 194 27.62 -32.51 -32.39
N SER O 195 28.39 -33.48 -31.90
CA SER O 195 28.60 -34.73 -32.61
C SER O 195 27.49 -35.74 -32.38
N LYS O 196 26.53 -35.44 -31.52
CA LYS O 196 25.60 -36.45 -31.02
C LYS O 196 24.43 -36.71 -31.96
N TYR O 197 24.28 -35.95 -33.03
CA TYR O 197 23.15 -36.11 -33.93
C TYR O 197 23.43 -37.06 -35.09
N TYR O 198 24.52 -37.84 -35.04
CA TYR O 198 24.94 -38.64 -36.19
C TYR O 198 23.97 -39.78 -36.50
N LEU O 199 23.24 -40.29 -35.52
CA LEU O 199 22.29 -41.36 -35.80
C LEU O 199 21.00 -40.82 -36.41
N GLU O 200 20.70 -39.54 -36.27
CA GLU O 200 19.53 -38.97 -36.93
C GLU O 200 19.85 -38.58 -38.36
N VAL O 201 21.10 -38.24 -38.65
CA VAL O 201 21.51 -37.94 -40.01
C VAL O 201 21.57 -39.22 -40.83
N ALA O 202 21.95 -40.33 -40.20
CA ALA O 202 22.06 -41.58 -40.92
C ALA O 202 20.69 -42.19 -41.22
N LYS O 203 19.72 -41.95 -40.34
CA LYS O 203 18.37 -42.45 -40.56
C LYS O 203 17.64 -41.65 -41.61
N ALA O 204 17.94 -40.36 -41.75
CA ALA O 204 17.28 -39.53 -42.74
C ALA O 204 17.82 -39.76 -44.14
N ASN O 205 18.94 -40.46 -44.26
CA ASN O 205 19.57 -40.76 -45.53
C ASN O 205 19.51 -42.23 -45.89
N GLY O 206 18.95 -43.07 -45.03
CA GLY O 206 18.86 -44.49 -45.29
C GLY O 206 20.17 -45.24 -45.23
N LEU O 207 21.11 -44.80 -44.38
CA LEU O 207 22.41 -45.43 -44.29
C LEU O 207 22.41 -46.53 -43.22
N THR O 208 22.96 -47.68 -43.57
CA THR O 208 23.11 -48.76 -42.61
C THR O 208 24.56 -48.90 -42.20
N ASN O 209 25.48 -48.89 -43.17
CA ASN O 209 26.91 -48.93 -42.90
C ASN O 209 27.47 -47.50 -42.94
N PHE O 210 27.13 -46.74 -41.89
CA PHE O 210 27.57 -45.35 -41.83
C PHE O 210 29.01 -45.20 -41.36
N ARG O 211 29.67 -46.27 -40.91
CA ARG O 211 31.03 -46.13 -40.41
C ARG O 211 32.05 -46.15 -41.52
N ARG O 212 31.59 -46.43 -42.73
CA ARG O 212 32.39 -46.34 -43.94
C ARG O 212 31.53 -45.62 -44.96
N LEU O 213 31.88 -44.39 -45.33
CA LEU O 213 31.13 -43.67 -46.35
C LEU O 213 31.85 -43.78 -47.69
N LYS O 214 31.06 -43.95 -48.75
CA LYS O 214 31.58 -43.99 -50.11
C LYS O 214 31.69 -42.59 -50.67
N THR O 215 32.72 -42.36 -51.48
CA THR O 215 33.21 -41.01 -51.74
C THR O 215 32.55 -40.33 -52.93
N GLY O 216 31.31 -40.67 -53.26
CA GLY O 216 30.53 -39.89 -54.19
C GLY O 216 29.12 -39.57 -53.72
N THR O 217 28.80 -39.86 -52.47
CA THR O 217 27.43 -39.80 -51.97
C THR O 217 27.06 -38.36 -51.62
N GLU O 218 25.85 -37.96 -51.99
CA GLU O 218 25.34 -36.66 -51.57
C GLU O 218 24.33 -36.89 -50.46
N LEU O 219 24.56 -36.26 -49.29
CA LEU O 219 23.74 -36.39 -48.09
C LEU O 219 22.92 -35.12 -47.88
N ILE O 220 21.82 -35.25 -47.15
CA ILE O 220 21.03 -34.12 -46.68
C ILE O 220 21.23 -33.97 -45.19
N PHE O 221 21.10 -32.74 -44.70
CA PHE O 221 21.19 -32.45 -43.28
C PHE O 221 19.96 -31.65 -42.86
N PRO O 222 18.93 -32.31 -42.32
CA PRO O 222 17.69 -31.59 -41.98
C PRO O 222 17.88 -30.69 -40.78
N PRO O 223 17.06 -29.64 -40.64
CA PRO O 223 17.11 -28.74 -39.48
C PRO O 223 16.58 -29.34 -38.16
N LEU O 224 16.93 -28.79 -37.01
CA LEU O 224 16.40 -29.27 -35.73
C LEU O 224 14.98 -28.75 -35.48
N GLN O 225 14.11 -29.52 -34.85
CA GLN O 225 12.73 -29.07 -34.58
C GLN O 225 12.54 -28.03 -33.46
N LYS O 226 11.55 -27.15 -33.60
CA LYS O 226 11.29 -26.10 -32.60
C LYS O 226 10.13 -26.28 -31.61
N GLN O 227 10.08 -25.39 -30.60
CA GLN O 227 9.10 -25.27 -29.50
C GLN O 227 9.30 -26.27 -28.36
N SER P 2 66.60 -15.40 -43.55
CA SER P 2 65.37 -14.63 -43.71
C SER P 2 65.24 -13.58 -42.62
N GLU P 3 66.37 -13.25 -42.01
CA GLU P 3 66.45 -12.12 -41.09
C GLU P 3 66.26 -10.82 -41.83
N GLY P 4 66.82 -10.74 -43.04
CA GLY P 4 66.82 -9.55 -43.85
C GLY P 4 65.50 -9.22 -44.49
N LYS P 5 64.50 -10.07 -44.34
CA LYS P 5 63.18 -9.84 -44.89
C LYS P 5 62.38 -8.89 -44.01
N LEU P 6 61.80 -7.87 -44.63
CA LEU P 6 60.86 -6.97 -43.96
C LEU P 6 59.50 -7.66 -43.89
N GLU P 7 59.10 -8.08 -42.70
CA GLU P 7 57.82 -8.73 -42.50
C GLU P 7 56.69 -7.72 -42.48
N LYS P 8 55.53 -8.11 -43.02
CA LYS P 8 54.35 -7.27 -43.11
C LYS P 8 53.24 -7.82 -42.22
N LEU P 9 52.44 -6.92 -41.65
CA LEU P 9 51.41 -7.29 -40.70
C LEU P 9 50.24 -7.97 -41.41
N ARG P 10 49.68 -9.01 -40.78
CA ARG P 10 48.57 -9.79 -41.31
C ARG P 10 47.41 -9.88 -40.35
N ILE P 11 46.20 -9.96 -40.89
CA ILE P 11 44.99 -10.18 -40.10
C ILE P 11 44.16 -11.28 -40.78
N VAL P 12 43.78 -12.30 -40.01
CA VAL P 12 43.01 -13.45 -40.50
C VAL P 12 41.69 -13.51 -39.74
N ALA P 13 40.62 -13.88 -40.43
CA ALA P 13 39.31 -14.06 -39.80
C ALA P 13 39.03 -15.53 -39.51
N TYR P 14 38.30 -15.78 -38.42
CA TYR P 14 38.00 -17.13 -37.95
C TYR P 14 36.53 -17.29 -37.64
N LYS P 15 36.06 -18.54 -37.66
CA LYS P 15 34.65 -18.87 -37.44
C LYS P 15 34.32 -19.30 -36.02
N ASP P 16 35.24 -19.95 -35.32
CA ASP P 16 34.93 -20.49 -34.01
C ASP P 16 35.78 -19.83 -32.92
N SER P 17 35.34 -20.04 -31.68
CA SER P 17 36.01 -19.43 -30.54
C SER P 17 37.28 -20.17 -30.12
N LYS P 18 37.62 -21.26 -30.79
CA LYS P 18 38.89 -21.94 -30.56
C LYS P 18 39.93 -21.61 -31.60
N PHE P 19 39.56 -20.82 -32.62
CA PHE P 19 40.44 -20.29 -33.66
C PHE P 19 41.11 -21.40 -34.46
N SER P 20 40.29 -22.30 -35.01
CA SER P 20 40.80 -23.41 -35.81
C SER P 20 40.12 -23.55 -37.17
N ASP P 21 39.05 -22.82 -37.45
CA ASP P 21 38.26 -22.95 -38.67
C ASP P 21 38.26 -21.61 -39.41
N GLU P 22 39.07 -21.51 -40.46
CA GLU P 22 39.26 -20.23 -41.14
C GLU P 22 38.08 -19.88 -42.05
N VAL P 23 37.76 -18.59 -42.08
CA VAL P 23 36.84 -18.03 -43.06
C VAL P 23 37.52 -18.08 -44.42
N GLU P 24 36.79 -18.52 -45.45
CA GLU P 24 37.38 -18.64 -46.78
C GLU P 24 37.51 -17.27 -47.43
N ASN P 25 38.69 -17.01 -47.99
CA ASN P 25 39.14 -15.71 -48.50
C ASN P 25 39.05 -14.62 -47.44
N GLY P 26 39.54 -14.92 -46.23
CA GLY P 26 39.41 -14.00 -45.12
C GLY P 26 40.73 -13.57 -44.51
N GLU P 27 41.73 -13.33 -45.35
CA GLU P 27 43.05 -12.94 -44.89
C GLU P 27 43.45 -11.62 -45.54
N PHE P 28 43.84 -10.66 -44.71
CA PHE P 28 44.29 -9.35 -45.16
C PHE P 28 45.78 -9.21 -44.86
N ILE P 29 46.54 -8.70 -45.84
CA ILE P 29 47.95 -8.38 -45.67
C ILE P 29 48.14 -6.91 -46.05
N THR P 30 48.78 -6.15 -45.18
CA THR P 30 49.00 -4.74 -45.44
C THR P 30 50.16 -4.55 -46.41
N LEU P 31 50.22 -3.36 -47.01
CA LEU P 31 51.34 -3.00 -47.87
C LEU P 31 52.32 -2.05 -47.20
N LEU P 32 51.88 -1.33 -46.16
CA LEU P 32 52.76 -0.51 -45.33
C LEU P 32 52.43 -0.79 -43.88
N ASN P 33 53.45 -1.02 -43.09
CA ASN P 33 53.37 -1.31 -41.68
C ASN P 33 53.03 -0.05 -40.89
N PRO P 34 52.33 -0.19 -39.76
CA PRO P 34 52.17 0.94 -38.85
C PRO P 34 53.51 1.35 -38.24
N GLU P 35 53.57 2.59 -37.78
CA GLU P 35 54.73 3.13 -37.06
C GLU P 35 54.94 2.55 -35.67
N LYS P 36 53.85 2.34 -34.94
CA LYS P 36 53.87 1.93 -33.54
C LYS P 36 52.53 1.30 -33.19
N TYR P 37 52.46 0.69 -32.02
CA TYR P 37 51.20 0.22 -31.46
C TYR P 37 51.24 0.35 -29.94
N LYS P 38 50.08 0.21 -29.32
CA LYS P 38 49.89 0.58 -27.92
C LYS P 38 48.94 -0.37 -27.22
N PHE P 39 49.26 -0.70 -25.98
CA PHE P 39 48.45 -1.57 -25.13
C PHE P 39 47.92 -0.80 -23.94
N GLN P 40 46.88 -1.35 -23.29
CA GLN P 40 46.27 -0.75 -22.11
C GLN P 40 45.83 -1.82 -21.12
N TYR P 41 46.16 -1.61 -19.84
CA TYR P 41 45.91 -2.56 -18.76
C TYR P 41 45.27 -1.86 -17.58
N ARG P 42 44.20 -2.44 -17.03
CA ARG P 42 43.46 -1.84 -15.93
C ARG P 42 43.10 -2.90 -14.88
N VAL P 43 43.33 -2.59 -13.61
CA VAL P 43 42.95 -3.44 -12.49
C VAL P 43 42.10 -2.62 -11.54
N GLU P 44 40.96 -3.18 -11.12
CA GLU P 44 40.00 -2.48 -10.27
C GLU P 44 39.96 -3.00 -8.84
N GLN P 45 39.90 -2.07 -7.89
CA GLN P 45 39.87 -2.41 -6.47
C GLN P 45 38.66 -1.79 -5.79
N ASN P 46 38.31 -2.36 -4.64
CA ASN P 46 37.23 -1.86 -3.79
C ASN P 46 37.82 -1.05 -2.65
N GLU P 47 37.39 0.20 -2.50
CA GLU P 47 38.06 1.15 -1.60
C GLU P 47 37.11 1.80 -0.60
N ASP P 48 36.14 1.06 -0.07
CA ASP P 48 35.27 1.61 0.97
C ASP P 48 35.98 1.64 2.32
N GLN P 49 35.81 2.74 3.05
CA GLN P 49 36.34 2.81 4.40
C GLN P 49 35.39 3.58 5.29
N ALA P 50 35.55 3.41 6.59
CA ALA P 50 34.71 4.07 7.56
C ALA P 50 35.31 5.41 7.98
N SER P 51 34.46 6.27 8.50
CA SER P 51 34.90 7.60 8.91
C SER P 51 35.66 7.53 10.23
N GLY P 52 36.68 8.39 10.35
CA GLY P 52 37.53 8.41 11.52
C GLY P 52 38.83 7.65 11.36
N THR P 53 39.06 7.02 10.23
CA THR P 53 40.21 6.16 10.05
C THR P 53 41.24 6.81 9.13
N SER P 54 42.47 6.31 9.21
CA SER P 54 43.57 6.91 8.46
C SER P 54 43.94 6.15 7.19
N SER P 55 43.50 4.94 6.99
CA SER P 55 43.78 4.24 5.75
C SER P 55 42.80 3.13 5.55
N ALA P 56 42.74 2.60 4.34
CA ALA P 56 41.86 1.48 4.02
C ALA P 56 42.70 0.33 3.51
N PRO P 57 42.27 -0.92 3.77
CA PRO P 57 43.05 -1.99 3.17
C PRO P 57 42.37 -2.28 1.85
N ILE P 58 42.88 -1.72 0.75
CA ILE P 58 42.24 -1.86 -0.54
C ILE P 58 42.14 -3.30 -0.99
N ARG P 59 40.98 -3.67 -1.51
CA ARG P 59 40.68 -5.05 -1.89
C ARG P 59 40.65 -5.30 -3.37
N PHE P 60 41.05 -6.47 -3.82
CA PHE P 60 40.99 -6.85 -5.23
C PHE P 60 39.56 -7.05 -5.69
N ASN P 61 39.21 -6.47 -6.83
CA ASN P 61 37.90 -6.65 -7.43
C ASN P 61 38.09 -7.52 -8.68
N LYS P 62 38.57 -6.96 -9.78
CA LYS P 62 38.73 -7.72 -11.03
C LYS P 62 39.67 -7.11 -12.02
N ILE P 63 40.06 -7.86 -13.04
CA ILE P 63 40.94 -7.37 -14.06
C ILE P 63 40.12 -7.12 -15.33
N LEU P 64 40.12 -5.89 -15.80
CA LEU P 64 39.37 -5.47 -17.00
C LEU P 64 39.99 -5.91 -18.32
N PRO P 65 39.18 -5.99 -19.39
CA PRO P 65 39.74 -6.43 -20.69
C PRO P 65 40.76 -5.47 -21.29
N GLN P 66 41.63 -6.00 -22.14
CA GLN P 66 42.72 -5.26 -22.76
C GLN P 66 42.30 -4.59 -24.06
N THR P 67 43.20 -3.75 -24.58
CA THR P 67 42.92 -2.86 -25.71
C THR P 67 44.19 -2.67 -26.53
N LEU P 68 44.06 -2.73 -27.87
CA LEU P 68 45.14 -2.47 -28.80
C LEU P 68 44.70 -1.42 -29.80
N GLU P 69 45.61 -0.51 -30.15
CA GLU P 69 45.39 0.55 -31.11
C GLU P 69 46.54 0.77 -32.07
N PHE P 70 46.24 1.05 -33.34
CA PHE P 70 47.23 1.36 -34.37
C PHE P 70 46.58 2.09 -35.55
N ASP P 71 47.41 2.61 -36.46
CA ASP P 71 46.97 3.36 -37.64
C ASP P 71 47.51 2.78 -38.95
N PHE P 72 46.77 2.93 -40.03
CA PHE P 72 47.16 2.38 -41.34
C PHE P 72 47.16 3.45 -42.42
N LEU P 73 47.93 3.23 -43.47
CA LEU P 73 47.95 4.11 -44.62
C LEU P 73 47.84 3.28 -45.90
N PHE P 74 46.94 3.68 -46.78
CA PHE P 74 46.72 3.06 -48.08
C PHE P 74 47.13 4.06 -49.16
N ASP P 75 47.99 3.65 -50.08
CA ASP P 75 48.44 4.57 -51.13
C ASP P 75 48.85 3.79 -52.37
N ARG P 76 48.31 4.18 -53.53
CA ARG P 76 48.62 3.60 -54.83
C ARG P 76 48.91 4.70 -55.84
N THR P 77 49.81 5.61 -55.47
CA THR P 77 50.22 6.71 -56.34
C THR P 77 51.36 6.33 -57.29
N GLY P 78 52.34 5.56 -56.82
CA GLY P 78 53.36 5.04 -57.71
C GLY P 78 54.78 5.40 -57.38
N VAL P 79 55.09 5.75 -56.13
CA VAL P 79 56.44 6.15 -55.74
C VAL P 79 57.06 5.17 -54.76
N ILE P 80 56.34 4.12 -54.38
CA ILE P 80 56.82 3.13 -53.42
C ILE P 80 57.30 1.91 -54.19
N ALA P 81 58.56 1.53 -53.96
CA ALA P 81 59.19 0.48 -54.73
C ALA P 81 58.61 -0.89 -54.39
N GLY P 82 58.32 -1.67 -55.44
CA GLY P 82 57.79 -3.00 -55.27
C GLY P 82 56.34 -3.18 -55.69
N TYR P 83 55.59 -2.11 -55.87
CA TYR P 83 54.16 -2.19 -56.13
C TYR P 83 53.82 -1.50 -57.45
N GLU P 84 52.66 -1.82 -57.97
CA GLU P 84 52.20 -1.27 -59.24
C GLU P 84 51.00 -0.34 -59.03
N VAL P 85 50.81 0.55 -59.98
CA VAL P 85 49.61 1.38 -60.02
C VAL P 85 48.47 0.57 -60.62
N THR P 86 47.32 0.64 -59.99
CA THR P 86 46.16 -0.14 -60.35
C THR P 86 45.17 0.77 -61.07
N GLU P 87 44.31 0.19 -61.91
CA GLU P 87 43.33 0.98 -62.64
C GLU P 87 42.31 1.63 -61.71
N ASP P 88 41.96 0.96 -60.62
CA ASP P 88 40.95 1.50 -59.71
C ASP P 88 41.52 1.97 -58.37
N GLY P 89 42.84 2.12 -58.26
CA GLY P 89 43.39 2.76 -57.07
C GLY P 89 43.32 1.87 -55.84
N ILE P 90 42.71 2.40 -54.79
CA ILE P 90 42.64 1.74 -53.50
C ILE P 90 41.24 1.18 -53.22
N ILE P 91 40.41 1.05 -54.26
CA ILE P 91 39.01 0.65 -54.05
C ILE P 91 38.91 -0.79 -53.59
N ASN P 92 39.72 -1.68 -54.18
CA ASN P 92 39.65 -3.08 -53.81
C ASN P 92 40.45 -3.38 -52.54
N ASP P 93 41.41 -2.54 -52.19
CA ASP P 93 42.15 -2.74 -50.95
C ASP P 93 41.29 -2.46 -49.73
N ILE P 94 40.47 -1.41 -49.79
CA ILE P 94 39.64 -1.04 -48.64
C ILE P 94 38.43 -1.97 -48.54
N ASP P 95 37.89 -2.40 -49.67
CA ASP P 95 36.74 -3.29 -49.67
C ASP P 95 37.08 -4.68 -49.15
N HIS P 96 38.31 -5.13 -49.36
CA HIS P 96 38.73 -6.42 -48.83
C HIS P 96 39.07 -6.30 -47.34
N PHE P 97 39.57 -5.15 -46.92
CA PHE P 97 39.88 -4.92 -45.52
C PHE P 97 38.62 -4.85 -44.67
N LYS P 98 37.54 -4.29 -45.22
CA LYS P 98 36.29 -4.17 -44.47
C LYS P 98 35.55 -5.49 -44.39
N LYS P 99 35.70 -6.33 -45.42
CA LYS P 99 35.04 -7.63 -45.43
C LYS P 99 35.61 -8.55 -44.37
N VAL P 100 36.89 -8.36 -44.03
CA VAL P 100 37.54 -9.19 -43.02
C VAL P 100 37.19 -8.71 -41.61
N VAL P 101 37.29 -7.41 -41.35
CA VAL P 101 37.25 -6.95 -39.97
C VAL P 101 35.90 -6.37 -39.53
N TYR P 102 35.02 -6.00 -40.46
CA TYR P 102 33.82 -5.26 -40.08
C TYR P 102 32.51 -5.98 -40.38
N ASP P 103 32.40 -6.64 -41.53
CA ASP P 103 31.11 -7.04 -42.08
C ASP P 103 30.46 -8.18 -41.30
N TYR P 104 29.14 -8.14 -41.22
CA TYR P 104 28.34 -9.13 -40.52
C TYR P 104 28.31 -10.44 -41.31
N ASN P 105 28.46 -11.55 -40.61
CA ASN P 105 28.51 -12.88 -41.22
C ASN P 105 27.22 -13.61 -40.88
N GLY P 106 26.44 -13.96 -41.89
CA GLY P 106 25.15 -14.60 -41.69
C GLY P 106 25.24 -16.05 -41.29
N GLU P 107 26.40 -16.68 -41.42
CA GLU P 107 26.57 -18.05 -40.96
C GLU P 107 26.67 -18.13 -39.44
N LYS P 108 27.26 -17.11 -38.80
CA LYS P 108 27.44 -17.09 -37.36
C LYS P 108 26.63 -16.02 -36.65
N HIS P 109 25.90 -15.18 -37.39
CA HIS P 109 25.05 -14.11 -36.87
C HIS P 109 25.83 -13.04 -36.11
N LYS P 110 27.05 -12.74 -36.56
CA LYS P 110 27.96 -11.80 -35.89
C LYS P 110 29.10 -11.40 -36.82
N PRO P 111 29.92 -10.40 -36.49
CA PRO P 111 31.20 -10.22 -37.19
C PRO P 111 32.23 -11.28 -36.77
N ASN P 112 33.38 -11.25 -37.45
CA ASN P 112 34.36 -12.32 -37.38
C ASN P 112 35.29 -12.22 -36.17
N TYR P 113 35.83 -13.37 -35.76
CA TYR P 113 36.96 -13.41 -34.83
C TYR P 113 38.23 -13.08 -35.58
N LEU P 114 39.12 -12.33 -34.94
CA LEU P 114 40.32 -11.82 -35.60
C LEU P 114 41.57 -12.29 -34.88
N MET P 115 42.58 -12.67 -35.65
CA MET P 115 43.93 -12.90 -35.13
C MET P 115 44.88 -11.97 -35.85
N ILE P 116 45.66 -11.22 -35.08
CA ILE P 116 46.55 -10.18 -35.58
C ILE P 116 47.98 -10.60 -35.27
N THR P 117 48.81 -10.76 -36.30
CA THR P 117 50.17 -11.25 -36.13
C THR P 117 51.16 -10.37 -36.89
N TRP P 118 52.19 -9.92 -36.20
CA TRP P 118 53.32 -9.22 -36.82
C TRP P 118 54.54 -9.39 -35.94
N GLY P 119 55.48 -10.23 -36.38
CA GLY P 119 56.70 -10.44 -35.61
C GLY P 119 56.44 -11.17 -34.31
N SER P 120 56.69 -10.47 -33.21
CA SER P 120 56.46 -10.98 -31.87
C SER P 120 55.02 -10.84 -31.41
N LEU P 121 54.18 -10.10 -32.13
CA LEU P 121 52.84 -9.77 -31.68
C LEU P 121 51.84 -10.84 -32.11
N LEU P 122 50.94 -11.22 -31.21
CA LEU P 122 49.86 -12.15 -31.51
C LEU P 122 48.67 -11.83 -30.61
N PHE P 123 47.56 -11.41 -31.20
CA PHE P 123 46.44 -10.84 -30.46
C PHE P 123 45.12 -11.35 -31.05
N LYS P 124 44.20 -11.77 -30.19
CA LYS P 124 42.89 -12.28 -30.59
C LYS P 124 41.78 -11.38 -30.03
N GLY P 125 40.81 -11.03 -30.86
CA GLY P 125 39.69 -10.28 -30.35
C GLY P 125 38.70 -9.80 -31.38
N TYR P 126 38.15 -8.62 -31.18
CA TYR P 126 37.16 -8.10 -32.08
C TYR P 126 37.36 -6.63 -32.25
N LEU P 127 36.81 -6.12 -33.33
CA LEU P 127 36.85 -4.70 -33.67
C LEU P 127 35.81 -3.93 -32.86
N LYS P 128 36.22 -2.77 -32.35
CA LYS P 128 35.29 -1.85 -31.69
C LYS P 128 35.04 -0.58 -32.48
N GLU P 129 36.06 0.01 -33.09
CA GLU P 129 35.97 1.35 -33.66
C GLU P 129 36.84 1.46 -34.90
N MET P 130 36.38 2.30 -35.84
CA MET P 130 37.12 2.53 -37.07
C MET P 130 36.74 3.89 -37.64
N ASP P 131 37.73 4.60 -38.19
CA ASP P 131 37.53 5.85 -38.92
C ASP P 131 38.38 5.79 -40.18
N ILE P 132 37.80 6.11 -41.34
CA ILE P 132 38.53 6.13 -42.60
C ILE P 132 38.33 7.50 -43.24
N GLU P 133 39.44 8.15 -43.61
CA GLU P 133 39.45 9.48 -44.22
C GLU P 133 40.14 9.42 -45.58
N TYR P 134 39.47 9.93 -46.60
CA TYR P 134 39.94 9.85 -47.99
C TYR P 134 40.60 11.17 -48.40
N LYS P 135 41.80 11.09 -48.96
CA LYS P 135 42.68 12.26 -49.08
C LYS P 135 42.93 12.73 -50.51
N LEU P 136 43.41 11.86 -51.40
CA LEU P 136 43.68 12.23 -52.80
C LEU P 136 42.77 11.48 -53.75
N PHE P 137 42.50 12.11 -54.89
CA PHE P 137 41.60 11.59 -55.90
C PHE P 137 42.16 11.83 -57.29
N ARG P 138 41.83 10.92 -58.19
CA ARG P 138 41.98 11.14 -59.63
C ARG P 138 40.89 12.10 -60.10
N PRO P 139 41.09 12.76 -61.28
CA PRO P 139 40.07 13.71 -61.78
C PRO P 139 38.66 13.16 -61.96
N ASP P 140 38.50 11.87 -62.17
CA ASP P 140 37.18 11.27 -62.31
C ASP P 140 36.62 10.76 -60.98
N GLY P 141 37.29 11.07 -59.88
CA GLY P 141 36.81 10.73 -58.56
C GLY P 141 37.24 9.38 -58.03
N THR P 142 38.33 8.83 -58.51
CA THR P 142 38.86 7.59 -57.97
C THR P 142 39.86 7.89 -56.88
N PRO P 143 39.69 7.34 -55.67
CA PRO P 143 40.61 7.66 -54.58
C PRO P 143 41.92 6.88 -54.67
N ILE P 144 43.01 7.53 -54.28
CA ILE P 144 44.34 6.92 -54.34
C ILE P 144 45.09 7.01 -53.03
N ARG P 145 44.50 7.62 -52.00
CA ARG P 145 45.13 7.68 -50.68
C ARG P 145 44.12 7.79 -49.55
N ALA P 146 44.33 7.02 -48.46
CA ALA P 146 43.40 7.02 -47.34
C ALA P 146 44.13 6.61 -46.07
N MET P 147 43.57 7.01 -44.93
CA MET P 147 44.15 6.80 -43.60
C MET P 147 43.09 6.20 -42.68
N ALA P 148 43.47 5.19 -41.89
CA ALA P 148 42.52 4.46 -41.06
C ALA P 148 43.02 4.31 -39.63
N THR P 149 42.14 4.53 -38.65
CA THR P 149 42.45 4.37 -37.24
C THR P 149 41.56 3.28 -36.66
N THR P 150 42.11 2.43 -35.79
CA THR P 150 41.46 1.17 -35.42
C THR P 150 41.62 0.94 -33.92
N LYS P 151 40.63 0.29 -33.31
CA LYS P 151 40.68 -0.10 -31.91
C LYS P 151 40.15 -1.52 -31.75
N ILE P 152 40.94 -2.39 -31.11
CA ILE P 152 40.63 -3.82 -30.99
C ILE P 152 40.49 -4.19 -29.53
N GLY P 153 39.44 -4.95 -29.21
CA GLY P 153 39.26 -5.53 -27.89
C GLY P 153 39.83 -6.93 -27.80
N GLU P 154 39.82 -7.51 -26.59
CA GLU P 154 40.47 -8.78 -26.36
C GLU P 154 39.45 -9.86 -26.00
N PHE P 155 39.65 -11.06 -26.54
CA PHE P 155 38.71 -12.17 -26.35
C PHE P 155 39.42 -13.35 -25.70
N VAL P 156 38.82 -13.89 -24.64
CA VAL P 156 39.23 -15.15 -24.04
C VAL P 156 37.99 -16.03 -23.92
N GLU P 157 38.11 -17.27 -24.37
CA GLU P 157 37.03 -18.25 -24.20
C GLU P 157 37.02 -18.74 -22.76
N GLU P 158 35.84 -19.08 -22.24
CA GLU P 158 35.68 -19.30 -20.81
C GLU P 158 36.31 -20.61 -20.34
N GLU P 159 36.45 -21.57 -21.23
CA GLU P 159 37.15 -22.78 -20.85
C GLU P 159 38.64 -22.54 -20.70
N LEU P 160 39.18 -21.59 -21.43
CA LEU P 160 40.60 -21.30 -21.35
C LEU P 160 40.92 -20.36 -20.19
N ARG P 161 39.92 -19.60 -19.70
CA ARG P 161 40.16 -18.70 -18.58
C ARG P 161 40.41 -19.47 -17.28
N THR P 162 39.63 -20.52 -17.05
CA THR P 162 39.83 -21.35 -15.87
C THR P 162 41.10 -22.19 -15.94
N ALA P 163 41.60 -22.49 -17.13
CA ALA P 163 42.86 -23.21 -17.24
C ALA P 163 44.06 -22.29 -17.03
N GLN P 164 43.91 -21.00 -17.33
CA GLN P 164 44.99 -20.05 -17.09
C GLN P 164 44.98 -19.57 -15.64
N GLU P 165 43.80 -19.43 -15.04
CA GLU P 165 43.66 -19.20 -13.60
C GLU P 165 43.58 -20.56 -12.92
N ASN P 166 44.73 -21.18 -12.72
CA ASN P 166 44.80 -22.50 -12.10
C ASN P 166 44.52 -22.31 -10.60
N ASN P 167 43.24 -22.21 -10.28
CA ASN P 167 42.80 -21.84 -8.93
C ASN P 167 42.95 -23.02 -7.99
N GLN P 168 43.74 -22.85 -6.94
CA GLN P 168 43.95 -23.92 -5.98
C GLN P 168 43.60 -23.49 -4.57
N PRO P 170 43.42 -25.49 0.88
CA PRO P 170 42.16 -25.80 1.55
C PRO P 170 41.08 -26.38 0.64
N ASP P 171 41.33 -26.46 -0.67
CA ASP P 171 40.39 -27.12 -1.57
C ASP P 171 40.98 -28.33 -2.29
N MET P 172 42.30 -28.38 -2.48
CA MET P 172 42.94 -29.48 -3.21
C MET P 172 43.90 -30.24 -2.30
N SER P 173 44.51 -31.27 -2.86
CA SER P 173 45.47 -32.08 -2.12
C SER P 173 46.91 -31.64 -2.43
N HIS P 174 47.80 -31.94 -1.50
CA HIS P 174 49.18 -31.46 -1.55
C HIS P 174 50.11 -32.50 -0.94
N TYR P 175 51.36 -32.53 -1.41
CA TYR P 175 52.39 -33.37 -0.81
C TYR P 175 53.70 -32.59 -0.70
N ARG P 176 54.45 -32.86 0.37
CA ARG P 176 55.77 -32.30 0.57
C ARG P 176 56.72 -33.39 1.07
N THR P 177 58.02 -33.10 0.99
CA THR P 177 59.05 -33.95 1.57
C THR P 177 59.67 -33.20 2.74
N VAL P 178 59.96 -33.92 3.82
CA VAL P 178 60.47 -33.30 5.04
C VAL P 178 61.96 -33.03 4.90
N LYS P 179 62.36 -31.78 5.08
CA LYS P 179 63.75 -31.38 5.12
C LYS P 179 64.13 -31.07 6.56
N GLU P 180 65.43 -31.07 6.84
CA GLU P 180 65.88 -30.82 8.20
C GLU P 180 65.71 -29.35 8.57
N GLY P 181 65.02 -29.10 9.67
CA GLY P 181 64.62 -27.78 10.08
C GLY P 181 63.13 -27.56 10.04
N ASP P 182 62.35 -28.53 9.55
CA ASP P 182 60.91 -28.40 9.46
C ASP P 182 60.24 -28.84 10.76
N THR P 183 59.14 -28.17 11.09
CA THR P 183 58.26 -28.58 12.17
C THR P 183 56.86 -28.71 11.62
N LEU P 184 56.05 -29.53 12.28
CA LEU P 184 54.68 -29.74 11.81
C LEU P 184 53.76 -28.52 11.97
N PRO P 185 53.78 -27.74 13.07
CA PRO P 185 52.88 -26.57 13.10
C PRO P 185 53.30 -25.42 12.18
N LEU P 186 54.58 -25.30 11.83
CA LEU P 186 54.97 -24.24 10.91
C LEU P 186 54.58 -24.58 9.46
N MET P 187 54.65 -25.87 9.10
CA MET P 187 54.25 -26.27 7.75
C MET P 187 52.75 -26.19 7.56
N THR P 188 51.98 -26.46 8.62
CA THR P 188 50.53 -26.38 8.56
C THR P 188 50.07 -24.93 8.37
N TYR P 189 50.81 -23.98 8.93
CA TYR P 189 50.48 -22.57 8.81
C TYR P 189 50.68 -22.07 7.39
N ARG P 190 51.71 -22.58 6.70
CA ARG P 190 51.99 -22.10 5.36
C ARG P 190 51.07 -22.72 4.31
N ILE P 191 50.40 -23.81 4.65
CA ILE P 191 49.54 -24.49 3.69
C ILE P 191 48.08 -24.12 3.89
N TYR P 192 47.65 -24.00 5.15
CA TYR P 192 46.25 -23.72 5.44
C TYR P 192 46.00 -22.28 5.88
N GLY P 193 47.01 -21.58 6.37
CA GLY P 193 46.80 -20.27 6.97
C GLY P 193 46.56 -20.29 8.46
N ASP P 194 46.64 -21.45 9.11
CA ASP P 194 46.40 -21.56 10.54
C ASP P 194 47.19 -22.74 11.07
N SER P 195 47.75 -22.60 12.27
CA SER P 195 48.58 -23.64 12.85
C SER P 195 47.79 -24.72 13.55
N LYS P 196 46.47 -24.58 13.65
CA LYS P 196 45.68 -25.39 14.55
C LYS P 196 45.31 -26.75 13.97
N TYR P 197 45.60 -27.01 12.71
CA TYR P 197 45.22 -28.27 12.07
C TYR P 197 46.29 -29.34 12.16
N TYR P 198 47.30 -29.17 13.01
CA TYR P 198 48.45 -30.08 13.02
C TYR P 198 48.10 -31.47 13.53
N LEU P 199 47.08 -31.60 14.38
CA LEU P 199 46.70 -32.94 14.84
C LEU P 199 45.87 -33.70 13.82
N GLU P 200 45.27 -33.01 12.85
CA GLU P 200 44.56 -33.71 11.79
C GLU P 200 45.51 -34.15 10.68
N VAL P 201 46.61 -33.41 10.49
CA VAL P 201 47.61 -33.80 9.51
C VAL P 201 48.39 -35.01 10.03
N ALA P 202 48.60 -35.08 11.34
CA ALA P 202 49.36 -36.19 11.91
C ALA P 202 48.54 -37.48 11.93
N LYS P 203 47.22 -37.36 12.09
CA LYS P 203 46.37 -38.54 12.08
C LYS P 203 46.18 -39.10 10.68
N ALA P 204 46.22 -38.23 9.66
CA ALA P 204 46.04 -38.69 8.29
C ALA P 204 47.29 -39.34 7.74
N ASN P 205 48.42 -39.20 8.43
CA ASN P 205 49.69 -39.77 8.01
C ASN P 205 50.16 -40.89 8.92
N GLY P 206 49.42 -41.19 9.99
CA GLY P 206 49.82 -42.24 10.91
C GLY P 206 51.00 -41.91 11.79
N LEU P 207 51.19 -40.64 12.14
CA LEU P 207 52.34 -40.23 12.94
C LEU P 207 51.99 -40.26 14.42
N THR P 208 52.88 -40.83 15.21
CA THR P 208 52.72 -40.82 16.66
C THR P 208 53.70 -39.85 17.30
N ASN P 209 54.97 -39.91 16.89
CA ASN P 209 55.99 -38.97 17.35
C ASN P 209 56.14 -37.85 16.33
N PHE P 210 55.13 -36.98 16.29
CA PHE P 210 55.14 -35.87 15.34
C PHE P 210 56.01 -34.70 15.79
N ARG P 211 56.54 -34.71 17.01
CA ARG P 211 57.33 -33.58 17.47
C ARG P 211 58.77 -33.67 17.02
N ARG P 212 59.12 -34.79 16.41
CA ARG P 212 60.40 -35.00 15.78
C ARG P 212 60.11 -35.66 14.43
N LEU P 213 60.32 -34.94 13.33
CA LEU P 213 60.11 -35.54 12.02
C LEU P 213 61.46 -35.98 11.42
N LYS P 214 61.43 -37.14 10.78
CA LYS P 214 62.61 -37.68 10.09
C LYS P 214 62.69 -37.11 8.68
N THR P 215 63.91 -36.86 8.23
CA THR P 215 64.15 -35.95 7.11
C THR P 215 64.12 -36.61 5.75
N GLY P 216 63.36 -37.69 5.58
CA GLY P 216 63.08 -38.21 4.26
C GLY P 216 61.61 -38.53 4.02
N THR P 217 60.73 -38.15 4.93
CA THR P 217 59.35 -38.59 4.91
C THR P 217 58.52 -37.74 3.94
N GLU P 218 57.67 -38.38 3.17
CA GLU P 218 56.73 -37.67 2.33
C GLU P 218 55.36 -37.71 2.98
N LEU P 219 54.77 -36.53 3.23
CA LEU P 219 53.49 -36.37 3.89
C LEU P 219 52.43 -35.94 2.87
N ILE P 220 51.16 -36.21 3.21
CA ILE P 220 50.02 -35.71 2.45
C ILE P 220 49.33 -34.63 3.27
N PHE P 221 48.69 -33.70 2.58
CA PHE P 221 47.92 -32.64 3.24
C PHE P 221 46.52 -32.62 2.63
N PRO P 222 45.54 -33.27 3.25
CA PRO P 222 44.20 -33.33 2.68
C PRO P 222 43.49 -31.99 2.73
N PRO P 223 42.53 -31.75 1.83
CA PRO P 223 41.73 -30.53 1.91
C PRO P 223 40.71 -30.58 3.04
N LEU P 224 40.19 -29.41 3.38
CA LEU P 224 39.15 -29.28 4.39
C LEU P 224 37.80 -29.67 3.80
N GLN P 225 36.94 -30.23 4.66
CA GLN P 225 35.63 -30.65 4.18
C GLN P 225 34.73 -29.41 4.02
N LYS P 226 33.75 -29.51 3.11
CA LYS P 226 33.04 -28.33 2.63
C LYS P 226 31.68 -28.13 3.27
N GLN P 227 30.91 -29.19 3.48
CA GLN P 227 29.61 -29.05 4.13
C GLN P 227 29.66 -29.50 5.59
N SER Q 2 81.03 2.57 -1.42
CA SER Q 2 79.95 2.23 -2.35
C SER Q 2 79.01 3.42 -2.55
N GLU Q 3 79.52 4.61 -2.21
CA GLU Q 3 78.83 5.85 -2.51
C GLU Q 3 78.79 6.08 -4.02
N GLY Q 4 79.89 5.74 -4.69
CA GLY Q 4 80.06 5.97 -6.11
C GLY Q 4 79.27 5.05 -7.00
N LYS Q 5 78.58 4.07 -6.43
CA LYS Q 5 77.75 3.16 -7.20
C LYS Q 5 76.41 3.78 -7.56
N LEU Q 6 76.05 3.71 -8.84
CA LEU Q 6 74.73 4.10 -9.31
C LEU Q 6 73.75 2.98 -8.99
N GLU Q 7 72.86 3.21 -8.03
CA GLU Q 7 71.87 2.22 -7.65
C GLU Q 7 70.71 2.20 -8.64
N LYS Q 8 70.17 1.01 -8.88
CA LYS Q 8 69.07 0.80 -9.82
C LYS Q 8 67.82 0.38 -9.07
N LEU Q 9 66.66 0.79 -9.58
CA LEU Q 9 65.38 0.56 -8.92
C LEU Q 9 64.97 -0.92 -9.03
N ARG Q 10 64.42 -1.46 -7.95
CA ARG Q 10 63.98 -2.85 -7.88
C ARG Q 10 62.53 -3.00 -7.46
N ILE Q 11 61.87 -4.02 -7.95
CA ILE Q 11 60.51 -4.38 -7.54
C ILE Q 11 60.45 -5.87 -7.26
N VAL Q 12 59.96 -6.24 -6.08
CA VAL Q 12 59.86 -7.63 -5.62
C VAL Q 12 58.40 -7.96 -5.37
N ALA Q 13 57.98 -9.18 -5.69
CA ALA Q 13 56.64 -9.65 -5.44
C ALA Q 13 56.56 -10.51 -4.18
N TYR Q 14 55.44 -10.42 -3.47
CA TYR Q 14 55.25 -11.10 -2.19
C TYR Q 14 53.91 -11.84 -2.16
N LYS Q 15 53.83 -12.85 -1.30
CA LYS Q 15 52.65 -13.70 -1.18
C LYS Q 15 51.70 -13.31 -0.06
N ASP Q 16 52.20 -12.78 1.05
CA ASP Q 16 51.36 -12.50 2.20
C ASP Q 16 51.30 -11.02 2.50
N SER Q 17 50.32 -10.64 3.32
CA SER Q 17 50.10 -9.24 3.67
C SER Q 17 51.07 -8.74 4.73
N LYS Q 18 51.96 -9.58 5.25
CA LYS Q 18 53.00 -9.14 6.15
C LYS Q 18 54.34 -8.97 5.46
N PHE Q 19 54.42 -9.31 4.17
CA PHE Q 19 55.58 -9.10 3.30
C PHE Q 19 56.81 -9.86 3.81
N SER Q 20 56.64 -11.17 4.02
CA SER Q 20 57.74 -12.01 4.49
C SER Q 20 57.96 -13.27 3.66
N ASP Q 21 57.08 -13.59 2.72
CA ASP Q 21 57.14 -14.82 1.93
C ASP Q 21 57.25 -14.46 0.45
N GLU Q 22 58.45 -14.57 -0.11
CA GLU Q 22 58.68 -14.11 -1.47
C GLU Q 22 58.15 -15.09 -2.50
N VAL Q 23 57.62 -14.52 -3.58
CA VAL Q 23 57.28 -15.27 -4.79
C VAL Q 23 58.59 -15.72 -5.44
N GLU Q 24 58.65 -16.98 -5.86
CA GLU Q 24 59.88 -17.50 -6.45
C GLU Q 24 60.04 -17.00 -7.89
N ASN Q 25 61.24 -16.52 -8.19
CA ASN Q 25 61.59 -15.80 -9.43
C ASN Q 25 60.69 -14.58 -9.65
N GLY Q 26 60.50 -13.79 -8.60
CA GLY Q 26 59.59 -12.67 -8.66
C GLY Q 26 60.23 -11.32 -8.38
N GLU Q 27 61.44 -11.12 -8.88
CA GLU Q 27 62.17 -9.88 -8.65
C GLU Q 27 62.55 -9.25 -9.99
N PHE Q 28 62.20 -7.99 -10.17
CA PHE Q 28 62.53 -7.22 -11.36
C PHE Q 28 63.54 -6.14 -11.01
N ILE Q 29 64.55 -5.99 -11.85
CA ILE Q 29 65.54 -4.92 -11.72
C ILE Q 29 65.57 -4.17 -13.05
N THR Q 30 65.45 -2.85 -12.99
CA THR Q 30 65.45 -2.05 -14.20
C THR Q 30 66.88 -1.84 -14.71
N LEU Q 31 66.98 -1.47 -15.98
CA LEU Q 31 68.27 -1.13 -16.56
C LEU Q 31 68.49 0.37 -16.71
N LEU Q 32 67.41 1.15 -16.73
CA LEU Q 32 67.49 2.60 -16.70
C LEU Q 32 66.49 3.12 -15.68
N ASN Q 33 66.95 4.00 -14.83
CA ASN Q 33 66.17 4.61 -13.76
C ASN Q 33 65.18 5.63 -14.33
N PRO Q 34 64.04 5.82 -13.67
CA PRO Q 34 63.16 6.93 -14.03
C PRO Q 34 63.82 8.27 -13.72
N GLU Q 35 63.33 9.30 -14.41
CA GLU Q 35 63.76 10.68 -14.17
C GLU Q 35 63.31 11.28 -12.84
N LYS Q 36 62.07 10.97 -12.45
CA LYS Q 36 61.43 11.55 -11.28
C LYS Q 36 60.28 10.64 -10.85
N TYR Q 37 59.73 10.93 -9.68
CA TYR Q 37 58.50 10.27 -9.22
C TYR Q 37 57.68 11.26 -8.40
N LYS Q 38 56.44 10.89 -8.14
CA LYS Q 38 55.44 11.83 -7.63
C LYS Q 38 54.50 11.14 -6.64
N PHE Q 39 54.15 11.86 -5.58
CA PHE Q 39 53.24 11.38 -4.55
C PHE Q 39 51.98 12.24 -4.53
N GLN Q 40 50.91 11.71 -3.92
CA GLN Q 40 49.64 12.43 -3.78
C GLN Q 40 48.98 12.13 -2.44
N TYR Q 41 48.51 13.18 -1.78
CA TYR Q 41 47.93 13.11 -0.44
C TYR Q 41 46.61 13.85 -0.39
N ARG Q 42 45.59 13.23 0.19
CA ARG Q 42 44.24 13.81 0.24
C ARG Q 42 43.62 13.60 1.62
N VAL Q 43 43.05 14.67 2.18
CA VAL Q 43 42.32 14.61 3.46
C VAL Q 43 40.92 15.17 3.23
N GLU Q 44 39.91 14.46 3.69
CA GLU Q 44 38.51 14.83 3.47
C GLU Q 44 37.82 15.34 4.74
N GLN Q 45 37.03 16.41 4.58
CA GLN Q 45 36.32 17.02 5.69
C GLN Q 45 34.83 17.09 5.39
N ASN Q 46 34.04 17.25 6.45
CA ASN Q 46 32.60 17.44 6.36
C ASN Q 46 32.28 18.91 6.53
N GLU Q 47 31.56 19.50 5.57
CA GLU Q 47 31.40 20.95 5.51
C GLU Q 47 29.95 21.39 5.42
N ASP Q 48 29.04 20.73 6.13
CA ASP Q 48 27.65 21.16 6.16
C ASP Q 48 27.48 22.37 7.08
N GLN Q 49 26.71 23.35 6.63
CA GLN Q 49 26.38 24.49 7.50
C GLN Q 49 24.95 24.93 7.24
N ALA Q 50 24.42 25.68 8.20
CA ALA Q 50 23.06 26.17 8.11
C ALA Q 50 23.01 27.53 7.44
N SER Q 51 21.84 27.88 6.91
CA SER Q 51 21.69 29.15 6.22
C SER Q 51 21.59 30.30 7.20
N GLY Q 52 22.16 31.44 6.82
CA GLY Q 52 22.22 32.60 7.67
C GLY Q 52 23.52 32.79 8.41
N THR Q 53 24.46 31.88 8.26
CA THR Q 53 25.68 31.92 9.04
C THR Q 53 26.87 32.34 8.18
N SER Q 54 27.93 32.77 8.84
CA SER Q 54 29.10 33.30 8.15
C SER Q 54 30.25 32.32 8.04
N SER Q 55 30.18 31.20 8.75
CA SER Q 55 31.21 30.16 8.68
C SER Q 55 30.62 28.78 9.00
N ALA Q 56 31.25 27.71 8.53
CA ALA Q 56 30.74 26.35 8.82
C ALA Q 56 31.45 25.62 9.94
N PRO Q 57 30.75 24.68 10.60
CA PRO Q 57 31.47 23.92 11.61
C PRO Q 57 32.21 22.72 10.98
N ILE Q 58 33.54 22.81 10.83
CA ILE Q 58 34.32 21.78 10.17
C ILE Q 58 34.70 20.56 10.97
N ARG Q 59 34.42 19.36 10.46
CA ARG Q 59 34.76 18.14 11.18
C ARG Q 59 35.60 17.17 10.33
N PHE Q 60 36.78 16.70 10.80
CA PHE Q 60 37.61 15.70 10.13
C PHE Q 60 36.78 14.46 9.83
N ASN Q 61 36.94 13.92 8.63
CA ASN Q 61 36.25 12.70 8.23
C ASN Q 61 37.22 11.54 7.99
N LYS Q 62 38.20 11.68 7.10
CA LYS Q 62 38.96 10.52 6.64
C LYS Q 62 40.28 10.96 6.03
N ILE Q 63 41.24 10.05 6.04
CA ILE Q 63 42.45 10.16 5.23
C ILE Q 63 42.36 9.10 4.14
N LEU Q 64 42.43 9.54 2.89
CA LEU Q 64 42.30 8.74 1.67
C LEU Q 64 43.63 8.08 1.32
N PRO Q 65 43.60 6.97 0.56
CA PRO Q 65 44.85 6.27 0.23
C PRO Q 65 45.80 7.05 -0.70
N GLN Q 66 47.08 6.71 -0.62
CA GLN Q 66 48.13 7.40 -1.36
C GLN Q 66 48.36 6.81 -2.75
N THR Q 67 49.18 7.50 -3.53
CA THR Q 67 49.37 7.21 -4.95
C THR Q 67 50.81 7.54 -5.35
N LEU Q 68 51.43 6.66 -6.14
CA LEU Q 68 52.77 6.87 -6.69
C LEU Q 68 52.72 6.66 -8.19
N GLU Q 69 53.44 7.50 -8.93
CA GLU Q 69 53.55 7.44 -10.38
C GLU Q 69 54.96 7.65 -10.91
N PHE Q 70 55.33 6.90 -11.95
CA PHE Q 70 56.63 7.04 -12.61
C PHE Q 70 56.59 6.43 -14.02
N ASP Q 71 57.64 6.66 -14.80
CA ASP Q 71 57.75 6.17 -16.18
C ASP Q 71 59.03 5.36 -16.42
N PHE Q 72 58.99 4.40 -17.33
CA PHE Q 72 60.13 3.53 -17.62
C PHE Q 72 60.49 3.54 -19.08
N LEU Q 73 61.74 3.22 -19.40
CA LEU Q 73 62.19 3.08 -20.77
C LEU Q 73 62.98 1.78 -20.92
N PHE Q 74 62.63 1.00 -21.94
CA PHE Q 74 63.31 -0.25 -22.28
C PHE Q 74 64.00 -0.06 -23.62
N ASP Q 75 65.30 -0.36 -23.69
CA ASP Q 75 66.02 -0.19 -24.94
C ASP Q 75 67.20 -1.14 -25.02
N ARG Q 76 67.30 -1.89 -26.11
CA ARG Q 76 68.40 -2.81 -26.38
C ARG Q 76 68.94 -2.59 -27.79
N THR Q 77 69.28 -1.35 -28.11
CA THR Q 77 69.83 -0.97 -29.41
C THR Q 77 71.35 -1.12 -29.46
N GLY Q 78 72.06 -0.75 -28.40
CA GLY Q 78 73.48 -1.01 -28.33
C GLY Q 78 74.38 0.19 -28.13
N VAL Q 79 73.85 1.30 -27.60
CA VAL Q 79 74.64 2.51 -27.42
C VAL Q 79 74.84 2.85 -25.94
N ILE Q 80 74.29 2.05 -25.04
CA ILE Q 80 74.36 2.30 -23.61
C ILE Q 80 75.45 1.40 -23.03
N ALA Q 81 76.42 2.01 -22.36
CA ALA Q 81 77.59 1.28 -21.89
C ALA Q 81 77.25 0.35 -20.73
N GLY Q 82 77.75 -0.88 -20.81
CA GLY Q 82 77.52 -1.87 -19.77
C GLY Q 82 76.63 -3.02 -20.16
N TYR Q 83 75.87 -2.91 -21.26
CA TYR Q 83 74.88 -3.91 -21.63
C TYR Q 83 75.17 -4.45 -23.01
N GLU Q 84 74.58 -5.60 -23.31
CA GLU Q 84 74.78 -6.27 -24.58
C GLU Q 84 73.50 -6.26 -25.39
N VAL Q 85 73.66 -6.41 -26.71
CA VAL Q 85 72.53 -6.60 -27.59
C VAL Q 85 72.12 -8.07 -27.55
N THR Q 86 70.82 -8.30 -27.45
CA THR Q 86 70.26 -9.63 -27.28
C THR Q 86 69.65 -10.05 -28.61
N GLU Q 87 69.53 -11.36 -28.82
CA GLU Q 87 68.96 -11.87 -30.06
C GLU Q 87 67.49 -11.51 -30.20
N ASP Q 88 66.76 -11.47 -29.10
CA ASP Q 88 65.33 -11.18 -29.16
C ASP Q 88 64.96 -9.80 -28.62
N GLY Q 89 65.93 -8.91 -28.41
CA GLY Q 89 65.59 -7.53 -28.09
C GLY Q 89 65.06 -7.37 -26.68
N ILE Q 90 63.87 -6.78 -26.57
CA ILE Q 90 63.26 -6.46 -25.29
C ILE Q 90 62.10 -7.41 -24.97
N ILE Q 91 62.02 -8.56 -25.64
CA ILE Q 91 60.87 -9.45 -25.48
C ILE Q 91 60.85 -10.08 -24.10
N ASN Q 92 62.02 -10.51 -23.61
CA ASN Q 92 62.08 -11.16 -22.32
C ASN Q 92 62.11 -10.16 -21.16
N ASP Q 93 62.51 -8.91 -21.42
CA ASP Q 93 62.47 -7.89 -20.38
C ASP Q 93 61.05 -7.49 -20.03
N ILE Q 94 60.18 -7.36 -21.03
CA ILE Q 94 58.81 -6.94 -20.79
C ILE Q 94 57.98 -8.10 -20.25
N ASP Q 95 58.26 -9.32 -20.69
CA ASP Q 95 57.52 -10.48 -20.23
C ASP Q 95 57.83 -10.81 -18.77
N HIS Q 96 59.04 -10.51 -18.31
CA HIS Q 96 59.37 -10.73 -16.91
C HIS Q 96 58.81 -9.61 -16.03
N PHE Q 97 58.73 -8.39 -16.58
CA PHE Q 97 58.16 -7.27 -15.85
C PHE Q 97 56.67 -7.44 -15.64
N LYS Q 98 55.96 -8.03 -16.61
CA LYS Q 98 54.53 -8.21 -16.50
C LYS Q 98 54.18 -9.37 -15.57
N LYS Q 99 55.05 -10.37 -15.50
CA LYS Q 99 54.81 -11.52 -14.64
C LYS Q 99 54.90 -11.12 -13.16
N VAL Q 100 55.71 -10.10 -12.86
CA VAL Q 100 55.86 -9.64 -11.50
C VAL Q 100 54.71 -8.72 -11.08
N VAL Q 101 54.35 -7.75 -11.92
CA VAL Q 101 53.47 -6.70 -11.44
C VAL Q 101 52.01 -6.85 -11.89
N TYR Q 102 51.72 -7.66 -12.90
CA TYR Q 102 50.38 -7.67 -13.48
C TYR Q 102 49.64 -9.00 -13.36
N ASP Q 103 50.33 -10.13 -13.55
CA ASP Q 103 49.67 -11.40 -13.81
C ASP Q 103 48.97 -11.98 -12.59
N TYR Q 104 47.85 -12.64 -12.84
CA TYR Q 104 47.04 -13.26 -11.79
C TYR Q 104 47.74 -14.51 -11.26
N ASN Q 105 47.73 -14.68 -9.95
CA ASN Q 105 48.40 -15.79 -9.28
C ASN Q 105 47.33 -16.74 -8.75
N GLY Q 106 47.34 -17.98 -9.24
CA GLY Q 106 46.33 -18.95 -8.87
C GLY Q 106 46.49 -19.53 -7.48
N GLU Q 107 47.66 -19.32 -6.85
CA GLU Q 107 47.85 -19.77 -5.48
C GLU Q 107 47.12 -18.88 -4.49
N LYS Q 108 47.02 -17.58 -4.78
CA LYS Q 108 46.38 -16.63 -3.89
C LYS Q 108 45.10 -16.02 -4.44
N HIS Q 109 44.72 -16.37 -5.69
CA HIS Q 109 43.50 -15.90 -6.37
C HIS Q 109 43.49 -14.39 -6.59
N LYS Q 110 44.65 -13.80 -6.86
CA LYS Q 110 44.81 -12.34 -7.02
C LYS Q 110 46.16 -12.02 -7.67
N PRO Q 111 46.41 -10.78 -8.08
CA PRO Q 111 47.79 -10.36 -8.40
C PRO Q 111 48.62 -10.17 -7.13
N ASN Q 112 49.92 -9.91 -7.34
CA ASN Q 112 50.92 -9.97 -6.27
C ASN Q 112 50.98 -8.67 -5.45
N TYR Q 113 51.45 -8.82 -4.22
CA TYR Q 113 51.87 -7.68 -3.40
C TYR Q 113 53.24 -7.20 -3.86
N LEU Q 114 53.43 -5.89 -3.89
CA LEU Q 114 54.65 -5.31 -4.45
C LEU Q 114 55.37 -4.47 -3.41
N MET Q 115 56.70 -4.57 -3.40
CA MET Q 115 57.54 -3.67 -2.64
C MET Q 115 58.50 -3.00 -3.62
N ILE Q 116 58.55 -1.68 -3.58
CA ILE Q 116 59.31 -0.86 -4.52
C ILE Q 116 60.40 -0.13 -3.73
N THR Q 117 61.66 -0.38 -4.07
CA THR Q 117 62.78 0.21 -3.33
C THR Q 117 63.79 0.83 -4.28
N TRP Q 118 64.15 2.08 -4.01
CA TRP Q 118 65.24 2.75 -4.72
C TRP Q 118 65.79 3.84 -3.82
N GLY Q 119 66.97 3.62 -3.26
CA GLY Q 119 67.60 4.61 -2.40
C GLY Q 119 66.84 4.80 -1.10
N SER Q 120 66.28 5.99 -0.92
CA SER Q 120 65.47 6.36 0.23
C SER Q 120 64.03 5.90 0.12
N LEU Q 121 63.59 5.45 -1.04
CA LEU Q 121 62.19 5.15 -1.28
C LEU Q 121 61.85 3.71 -0.91
N LEU Q 122 60.71 3.52 -0.25
CA LEU Q 122 60.21 2.19 0.09
C LEU Q 122 58.70 2.25 0.15
N PHE Q 123 58.02 1.53 -0.73
CA PHE Q 123 56.58 1.67 -0.96
C PHE Q 123 55.95 0.30 -1.16
N LYS Q 124 54.82 0.05 -0.50
CA LYS Q 124 54.10 -1.22 -0.60
C LYS Q 124 52.70 -0.98 -1.17
N GLY Q 125 52.29 -1.81 -2.13
CA GLY Q 125 50.94 -1.68 -2.61
C GLY Q 125 50.58 -2.55 -3.80
N TYR Q 126 49.75 -1.99 -4.67
CA TYR Q 126 49.10 -2.68 -5.77
C TYR Q 126 49.22 -1.87 -7.06
N LEU Q 127 49.31 -2.57 -8.18
CA LEU Q 127 49.20 -1.91 -9.48
C LEU Q 127 47.76 -1.55 -9.79
N LYS Q 128 47.55 -0.35 -10.31
CA LYS Q 128 46.24 0.06 -10.81
C LYS Q 128 46.17 0.22 -12.31
N GLU Q 129 47.20 0.78 -12.94
CA GLU Q 129 47.13 1.19 -14.33
C GLU Q 129 48.49 1.01 -15.00
N MET Q 130 48.45 0.70 -16.30
CA MET Q 130 49.67 0.53 -17.08
C MET Q 130 49.37 0.78 -18.56
N ASP Q 131 50.31 1.44 -19.24
CA ASP Q 131 50.27 1.63 -20.69
C ASP Q 131 51.65 1.33 -21.23
N ILE Q 132 51.74 0.52 -22.29
CA ILE Q 132 53.02 0.21 -22.94
C ILE Q 132 52.91 0.53 -24.42
N GLU Q 133 53.85 1.31 -24.93
CA GLU Q 133 53.90 1.75 -26.31
C GLU Q 133 55.20 1.31 -26.97
N TYR Q 134 55.12 0.64 -28.10
CA TYR Q 134 56.26 0.04 -28.79
C TYR Q 134 56.73 0.96 -29.92
N LYS Q 135 58.03 1.24 -29.98
CA LYS Q 135 58.54 2.34 -30.79
C LYS Q 135 59.41 1.94 -31.96
N LEU Q 136 60.49 1.16 -31.73
CA LEU Q 136 61.37 0.72 -32.81
C LEU Q 136 61.33 -0.78 -32.97
N PHE Q 137 61.59 -1.24 -34.21
CA PHE Q 137 61.52 -2.63 -34.58
C PHE Q 137 62.68 -2.99 -35.50
N ARG Q 138 63.11 -4.24 -35.40
CA ARG Q 138 63.97 -4.86 -36.39
C ARG Q 138 63.13 -5.17 -37.64
N PRO Q 139 63.78 -5.36 -38.81
CA PRO Q 139 63.03 -5.66 -40.05
C PRO Q 139 62.11 -6.88 -40.01
N ASP Q 140 62.38 -7.87 -39.16
CA ASP Q 140 61.51 -9.03 -39.03
C ASP Q 140 60.46 -8.86 -37.95
N GLY Q 141 60.33 -7.66 -37.39
CA GLY Q 141 59.30 -7.36 -36.43
C GLY Q 141 59.65 -7.60 -34.99
N THR Q 142 60.92 -7.60 -34.64
CA THR Q 142 61.33 -7.74 -33.24
C THR Q 142 61.48 -6.36 -32.62
N PRO Q 143 60.80 -6.06 -31.51
CA PRO Q 143 60.89 -4.73 -30.92
C PRO Q 143 62.16 -4.52 -30.12
N ILE Q 144 62.68 -3.29 -30.18
CA ILE Q 144 63.93 -2.96 -29.49
C ILE Q 144 63.80 -1.71 -28.63
N ARG Q 145 62.63 -1.08 -28.59
CA ARG Q 145 62.41 0.07 -27.72
C ARG Q 145 60.95 0.24 -27.32
N ALA Q 146 60.70 0.53 -26.04
CA ALA Q 146 59.34 0.67 -25.53
C ALA Q 146 59.33 1.58 -24.31
N MET Q 147 58.16 2.18 -24.05
CA MET Q 147 57.95 3.14 -22.98
C MET Q 147 56.73 2.74 -22.16
N ALA Q 148 56.83 2.82 -20.84
CA ALA Q 148 55.77 2.34 -19.94
C ALA Q 148 55.44 3.37 -18.87
N THR Q 149 54.14 3.58 -18.62
CA THR Q 149 53.66 4.49 -17.58
C THR Q 149 52.86 3.68 -16.57
N THR Q 150 53.03 3.99 -15.29
CA THR Q 150 52.58 3.11 -14.21
C THR Q 150 51.95 3.94 -13.09
N LYS Q 151 50.95 3.36 -12.42
CA LYS Q 151 50.31 3.97 -11.25
C LYS Q 151 50.12 2.93 -10.16
N ILE Q 152 50.60 3.23 -8.95
CA ILE Q 152 50.61 2.28 -7.83
C ILE Q 152 49.77 2.84 -6.68
N GLY Q 153 48.92 1.99 -6.11
CA GLY Q 153 48.20 2.33 -4.89
C GLY Q 153 48.91 1.86 -3.64
N GLU Q 154 48.38 2.22 -2.48
CA GLU Q 154 49.06 1.97 -1.21
C GLU Q 154 48.28 0.97 -0.36
N PHE Q 155 49.00 0.06 0.28
CA PHE Q 155 48.39 -1.01 1.07
C PHE Q 155 48.87 -0.93 2.51
N VAL Q 156 47.93 -0.97 3.46
CA VAL Q 156 48.21 -1.12 4.87
C VAL Q 156 47.35 -2.26 5.39
N GLU Q 157 47.96 -3.20 6.10
CA GLU Q 157 47.22 -4.28 6.75
C GLU Q 157 46.54 -3.73 8.01
N GLU Q 158 45.37 -4.29 8.35
CA GLU Q 158 44.51 -3.67 9.35
C GLU Q 158 45.06 -3.82 10.77
N GLU Q 159 45.88 -4.82 11.01
CA GLU Q 159 46.49 -4.93 12.31
C GLU Q 159 47.56 -3.88 12.50
N LEU Q 160 48.19 -3.44 11.43
CA LEU Q 160 49.23 -2.42 11.52
C LEU Q 160 48.64 -1.01 11.54
N ARG Q 161 47.41 -0.84 11.06
CA ARG Q 161 46.78 0.48 11.09
C ARG Q 161 46.45 0.92 12.50
N THR Q 162 45.92 0.01 13.32
CA THR Q 162 45.63 0.32 14.71
C THR Q 162 46.88 0.48 15.56
N ALA Q 163 48.00 -0.11 15.17
CA ALA Q 163 49.24 0.11 15.91
C ALA Q 163 49.89 1.44 15.55
N GLN Q 164 49.64 1.94 14.35
CA GLN Q 164 50.16 3.24 13.95
C GLN Q 164 49.27 4.37 14.46
N GLU Q 165 47.96 4.15 14.48
CA GLU Q 165 47.01 5.04 15.14
C GLU Q 165 46.88 4.59 16.59
N ASN Q 166 47.84 4.98 17.41
CA ASN Q 166 47.84 4.61 18.82
C ASN Q 166 46.77 5.43 19.53
N ASN Q 167 45.53 4.97 19.39
CA ASN Q 167 44.36 5.74 19.83
C ASN Q 167 44.23 5.67 21.35
N GLN Q 168 44.25 6.82 21.99
CA GLN Q 168 44.15 6.87 23.44
C GLN Q 168 42.99 7.75 23.88
N PRO Q 170 40.33 9.66 28.68
CA PRO Q 170 39.01 9.16 29.09
C PRO Q 170 38.77 7.68 28.79
N ASP Q 171 39.69 7.01 28.10
CA ASP Q 171 39.59 5.58 27.90
C ASP Q 171 40.72 4.77 28.51
N MET Q 172 41.89 5.36 28.70
CA MET Q 172 43.05 4.64 29.23
C MET Q 172 43.50 5.26 30.54
N SER Q 173 44.53 4.67 31.13
CA SER Q 173 45.09 5.15 32.38
C SER Q 173 46.32 6.02 32.13
N HIS Q 174 46.60 6.90 33.10
CA HIS Q 174 47.64 7.91 32.95
C HIS Q 174 48.29 8.17 34.30
N TYR Q 175 49.57 8.57 34.29
CA TYR Q 175 50.25 9.01 35.49
C TYR Q 175 51.07 10.26 35.21
N ARG Q 176 51.17 11.14 36.20
CA ARG Q 176 52.00 12.33 36.15
C ARG Q 176 52.73 12.50 37.47
N THR Q 177 53.76 13.34 37.46
CA THR Q 177 54.47 13.75 38.66
C THR Q 177 54.17 15.23 38.89
N VAL Q 178 53.97 15.60 40.16
CA VAL Q 178 53.59 16.96 40.51
C VAL Q 178 54.81 17.86 40.50
N LYS Q 179 54.75 18.93 39.72
CA LYS Q 179 55.76 19.97 39.70
C LYS Q 179 55.21 21.21 40.39
N GLU Q 180 56.11 22.09 40.81
CA GLU Q 180 55.68 23.29 41.52
C GLU Q 180 55.01 24.27 40.57
N GLY Q 181 53.81 24.68 40.91
CA GLY Q 181 52.96 25.48 40.05
C GLY Q 181 51.72 24.75 39.57
N ASP Q 182 51.58 23.47 39.88
CA ASP Q 182 50.43 22.68 39.45
C ASP Q 182 49.29 22.81 40.44
N THR Q 183 48.07 22.79 39.91
CA THR Q 183 46.86 22.70 40.72
C THR Q 183 46.06 21.51 40.21
N LEU Q 184 45.23 20.95 41.09
CA LEU Q 184 44.42 19.79 40.72
C LEU Q 184 43.31 20.10 39.69
N PRO Q 185 42.56 21.22 39.75
CA PRO Q 185 41.56 21.42 38.69
C PRO Q 185 42.13 21.79 37.32
N LEU Q 186 43.34 22.37 37.26
CA LEU Q 186 43.92 22.68 35.96
C LEU Q 186 44.47 21.42 35.29
N MET Q 187 45.01 20.49 36.07
CA MET Q 187 45.51 19.24 35.50
C MET Q 187 44.38 18.33 35.04
N THR Q 188 43.24 18.37 35.74
CA THR Q 188 42.09 17.58 35.35
C THR Q 188 41.50 18.06 34.03
N TYR Q 189 41.58 19.37 33.78
CA TYR Q 189 41.06 19.94 32.54
C TYR Q 189 41.89 19.52 31.33
N ARG Q 190 43.21 19.39 31.51
CA ARG Q 190 44.06 19.05 30.38
C ARG Q 190 44.03 17.55 30.07
N ILE Q 191 43.55 16.73 30.99
CA ILE Q 191 43.53 15.29 30.77
C ILE Q 191 42.14 14.82 30.32
N TYR Q 192 41.09 15.38 30.91
CA TYR Q 192 39.74 14.94 30.60
C TYR Q 192 38.97 15.90 29.70
N GLY Q 193 39.36 17.17 29.64
CA GLY Q 193 38.59 18.16 28.95
C GLY Q 193 37.58 18.90 29.81
N ASP Q 194 37.55 18.63 31.12
CA ASP Q 194 36.60 19.27 32.02
C ASP Q 194 37.21 19.32 33.40
N SER Q 195 36.99 20.42 34.12
CA SER Q 195 37.57 20.62 35.44
C SER Q 195 36.78 19.94 36.55
N LYS Q 196 35.63 19.35 36.24
CA LYS Q 196 34.68 18.95 37.27
C LYS Q 196 35.00 17.60 37.90
N TYR Q 197 35.98 16.88 37.40
CA TYR Q 197 36.30 15.55 37.91
C TYR Q 197 37.36 15.56 39.01
N TYR Q 198 37.69 16.73 39.58
CA TYR Q 198 38.80 16.83 40.51
C TYR Q 198 38.55 16.11 41.83
N LEU Q 199 37.29 15.97 42.25
CA LEU Q 199 37.03 15.23 43.48
C LEU Q 199 37.09 13.73 43.29
N GLU Q 200 36.98 13.24 42.07
CA GLU Q 200 37.14 11.80 41.85
C GLU Q 200 38.60 11.43 41.69
N VAL Q 201 39.42 12.36 41.21
CA VAL Q 201 40.86 12.12 41.13
C VAL Q 201 41.48 12.14 42.52
N ALA Q 202 40.96 12.98 43.41
CA ALA Q 202 41.51 13.08 44.75
C ALA Q 202 41.12 11.88 45.60
N LYS Q 203 39.94 11.31 45.36
CA LYS Q 203 39.52 10.14 46.11
C LYS Q 203 40.25 8.88 45.66
N ALA Q 204 40.65 8.82 44.39
CA ALA Q 204 41.34 7.64 43.89
C ALA Q 204 42.80 7.63 44.30
N ASN Q 205 43.31 8.75 44.81
CA ASN Q 205 44.69 8.87 45.25
C ASN Q 205 44.83 9.01 46.75
N GLY Q 206 43.71 9.04 47.49
CA GLY Q 206 43.76 9.18 48.93
C GLY Q 206 44.16 10.55 49.43
N LEU Q 207 43.85 11.61 48.69
CA LEU Q 207 44.25 12.95 49.07
C LEU Q 207 43.17 13.62 49.92
N THR Q 208 43.59 14.24 51.02
CA THR Q 208 42.66 15.00 51.85
C THR Q 208 42.90 16.49 51.67
N ASN Q 209 44.16 16.91 51.72
CA ASN Q 209 44.52 18.30 51.45
C ASN Q 209 44.95 18.46 49.99
N PHE Q 210 43.95 18.39 49.11
CA PHE Q 210 44.25 18.50 47.68
C PHE Q 210 44.44 19.94 47.21
N ARG Q 211 44.20 20.93 48.05
CA ARG Q 211 44.34 22.32 47.61
C ARG Q 211 45.76 22.80 47.67
N ARG Q 212 46.63 21.97 48.25
CA ARG Q 212 48.07 22.20 48.28
C ARG Q 212 48.70 20.85 47.92
N LEU Q 213 49.31 20.75 46.73
CA LEU Q 213 50.00 19.52 46.37
C LEU Q 213 51.50 19.66 46.62
N LYS Q 214 52.10 18.58 47.12
CA LYS Q 214 53.53 18.51 47.35
C LYS Q 214 54.24 18.07 46.08
N THR Q 215 55.43 18.64 45.85
CA THR Q 215 56.02 18.66 44.51
C THR Q 215 56.89 17.45 44.20
N GLY Q 216 56.61 16.29 44.79
CA GLY Q 216 57.21 15.05 44.34
C GLY Q 216 56.23 13.91 44.18
N THR Q 217 54.94 14.18 44.26
CA THR Q 217 53.92 13.13 44.32
C THR Q 217 53.59 12.62 42.92
N GLU Q 218 53.47 11.31 42.80
CA GLU Q 218 53.01 10.71 41.55
C GLU Q 218 51.56 10.32 41.71
N LEU Q 219 50.69 10.82 40.84
CA LEU Q 219 49.25 10.59 40.85
C LEU Q 219 48.85 9.66 39.72
N ILE Q 220 47.72 8.99 39.89
CA ILE Q 220 47.09 8.20 38.82
C ILE Q 220 45.84 8.94 38.35
N PHE Q 221 45.49 8.73 37.09
CA PHE Q 221 44.27 9.31 36.51
C PHE Q 221 43.47 8.19 35.86
N PRO Q 222 42.48 7.63 36.55
CA PRO Q 222 41.72 6.50 35.99
C PRO Q 222 40.83 6.93 34.85
N PRO Q 223 40.48 6.01 33.95
CA PRO Q 223 39.56 6.31 32.83
C PRO Q 223 38.08 6.49 33.25
N LEU Q 224 37.25 7.13 32.44
CA LEU Q 224 35.81 7.26 32.73
C LEU Q 224 35.05 5.97 32.41
N GLN Q 225 34.02 5.62 33.17
CA GLN Q 225 33.24 4.41 32.90
C GLN Q 225 32.27 4.43 31.71
N LYS Q 226 32.09 3.30 31.05
CA LYS Q 226 31.19 3.22 29.87
C LYS Q 226 29.79 2.61 30.04
N GLN Q 227 28.97 2.76 29.00
CA GLN Q 227 27.56 2.30 28.81
C GLN Q 227 26.53 3.14 29.53
N SER R 2 65.66 45.80 12.77
CA SER R 2 65.37 44.46 12.26
C SER R 2 64.46 44.53 11.04
N GLU R 3 64.43 45.70 10.42
CA GLU R 3 63.75 45.87 9.14
C GLU R 3 64.49 45.12 8.04
N GLY R 4 65.82 45.14 8.12
CA GLY R 4 66.68 44.54 7.13
C GLY R 4 66.73 43.04 7.15
N LYS R 5 66.08 42.40 8.11
CA LYS R 5 66.05 40.95 8.20
C LYS R 5 65.02 40.37 7.24
N LEU R 6 65.44 39.38 6.46
CA LEU R 6 64.55 38.60 5.62
C LEU R 6 63.83 37.57 6.48
N GLU R 7 62.54 37.78 6.72
CA GLU R 7 61.76 36.86 7.53
C GLU R 7 61.37 35.62 6.73
N LYS R 8 61.32 34.48 7.40
CA LYS R 8 60.99 33.20 6.79
C LYS R 8 59.66 32.68 7.33
N LEU R 9 58.91 31.98 6.47
CA LEU R 9 57.58 31.52 6.81
C LEU R 9 57.64 30.36 7.80
N ARG R 10 56.72 30.35 8.77
CA ARG R 10 56.64 29.32 9.80
C ARG R 10 55.28 28.69 9.89
N ILE R 11 55.24 27.41 10.27
CA ILE R 11 54.00 26.69 10.52
C ILE R 11 54.13 25.93 11.84
N VAL R 12 53.16 26.13 12.75
CA VAL R 12 53.15 25.52 14.07
C VAL R 12 51.89 24.66 14.20
N ALA R 13 52.02 23.52 14.87
CA ALA R 13 50.89 22.64 15.13
C ALA R 13 50.34 22.83 16.54
N TYR R 14 49.02 22.67 16.69
CA TYR R 14 48.32 22.90 17.94
C TYR R 14 47.40 21.73 18.28
N LYS R 15 47.08 21.60 19.56
CA LYS R 15 46.26 20.51 20.07
C LYS R 15 44.79 20.86 20.26
N ASP R 16 44.47 22.10 20.61
CA ASP R 16 43.10 22.46 20.92
C ASP R 16 42.56 23.48 19.93
N SER R 17 41.23 23.64 19.95
CA SER R 17 40.55 24.54 19.04
C SER R 17 40.64 26.01 19.47
N LYS R 18 41.26 26.30 20.61
CA LYS R 18 41.51 27.68 21.00
C LYS R 18 42.94 28.12 20.72
N PHE R 19 43.78 27.20 20.23
CA PHE R 19 45.15 27.47 19.76
C PHE R 19 46.03 28.01 20.89
N SER R 20 46.07 27.27 22.00
CA SER R 20 46.88 27.65 23.15
C SER R 20 47.80 26.55 23.67
N ASP R 21 47.67 25.32 23.18
CA ASP R 21 48.43 24.16 23.67
C ASP R 21 49.24 23.57 22.52
N GLU R 22 50.54 23.85 22.50
CA GLU R 22 51.38 23.46 21.37
C GLU R 22 51.73 21.98 21.40
N VAL R 23 51.76 21.39 20.21
CA VAL R 23 52.32 20.06 20.02
C VAL R 23 53.83 20.15 20.21
N GLU R 24 54.39 19.19 20.96
CA GLU R 24 55.82 19.22 21.24
C GLU R 24 56.62 18.77 20.02
N ASN R 25 57.66 19.55 19.68
CA ASN R 25 58.45 19.44 18.46
C ASN R 25 57.57 19.54 17.21
N GLY R 26 56.66 20.51 17.19
CA GLY R 26 55.71 20.62 16.10
C GLY R 26 55.78 21.93 15.35
N GLU R 27 56.98 22.45 15.12
CA GLU R 27 57.17 23.72 14.44
C GLU R 27 58.07 23.52 13.23
N PHE R 28 57.59 23.98 12.07
CA PHE R 28 58.34 23.91 10.82
C PHE R 28 58.71 25.31 10.38
N ILE R 29 59.97 25.48 9.96
CA ILE R 29 60.46 26.73 9.39
C ILE R 29 61.04 26.42 8.02
N THR R 30 60.61 27.17 7.01
CA THR R 30 61.10 26.94 5.66
C THR R 30 62.49 27.56 5.47
N LEU R 31 63.18 27.10 4.44
CA LEU R 31 64.47 27.67 4.07
C LEU R 31 64.38 28.59 2.86
N LEU R 32 63.34 28.44 2.04
CA LEU R 32 63.07 29.36 0.94
C LEU R 32 61.58 29.71 0.96
N ASN R 33 61.29 30.98 0.89
CA ASN R 33 59.95 31.52 0.90
C ASN R 33 59.23 31.24 -0.42
N PRO R 34 57.91 31.10 -0.39
CA PRO R 34 57.15 31.06 -1.64
C PRO R 34 57.22 32.40 -2.37
N GLU R 35 56.96 32.35 -3.68
CA GLU R 35 56.87 33.53 -4.51
C GLU R 35 55.64 34.40 -4.27
N LYS R 36 54.51 33.76 -4.03
CA LYS R 36 53.21 34.42 -3.90
C LYS R 36 52.27 33.50 -3.16
N TYR R 37 51.10 34.04 -2.78
CA TYR R 37 50.01 33.25 -2.24
C TYR R 37 48.69 33.85 -2.66
N LYS R 38 47.61 33.08 -2.47
CA LYS R 38 46.33 33.38 -3.06
C LYS R 38 45.19 33.03 -2.13
N PHE R 39 44.16 33.88 -2.10
CA PHE R 39 42.96 33.68 -1.30
C PHE R 39 41.75 33.50 -2.19
N GLN R 40 40.66 32.95 -1.63
CA GLN R 40 39.41 32.74 -2.34
C GLN R 40 38.22 32.97 -1.43
N TYR R 41 37.23 33.72 -1.93
CA TYR R 41 36.06 34.14 -1.19
C TYR R 41 34.79 33.87 -1.99
N ARG R 42 33.79 33.27 -1.36
CA ARG R 42 32.55 32.90 -2.03
C ARG R 42 31.34 33.23 -1.16
N VAL R 43 30.33 33.86 -1.74
CA VAL R 43 29.05 34.16 -1.08
C VAL R 43 27.94 33.58 -1.93
N GLU R 44 27.02 32.86 -1.29
CA GLU R 44 25.92 32.18 -1.98
C GLU R 44 24.56 32.82 -1.74
N GLN R 45 23.78 32.93 -2.82
CA GLN R 45 22.46 33.54 -2.76
C GLN R 45 21.40 32.58 -3.29
N ASN R 46 20.15 32.85 -2.92
CA ASN R 46 19.00 32.10 -3.40
C ASN R 46 18.31 32.90 -4.51
N GLU R 47 18.14 32.29 -5.68
CA GLU R 47 17.72 33.02 -6.88
C GLU R 47 16.49 32.41 -7.55
N ASP R 48 15.51 31.93 -6.78
CA ASP R 48 14.28 31.43 -7.37
C ASP R 48 13.37 32.59 -7.78
N GLN R 49 12.77 32.48 -8.96
CA GLN R 49 11.78 33.46 -9.38
C GLN R 49 10.67 32.78 -10.15
N ALA R 50 9.54 33.47 -10.26
CA ALA R 50 8.38 32.96 -10.95
C ALA R 50 8.41 33.35 -12.43
N SER R 51 7.68 32.59 -13.23
CA SER R 51 7.66 32.85 -14.67
C SER R 51 6.78 34.06 -14.98
N GLY R 52 7.19 34.82 -15.99
CA GLY R 52 6.51 36.03 -16.37
C GLY R 52 7.11 37.31 -15.83
N THR R 53 8.16 37.21 -15.03
CA THR R 53 8.71 38.36 -14.35
C THR R 53 10.04 38.78 -14.97
N SER R 54 10.45 40.01 -14.70
CA SER R 54 11.64 40.57 -15.30
C SER R 54 12.86 40.56 -14.39
N SER R 55 12.73 40.38 -13.10
CA SER R 55 13.88 40.29 -12.23
C SER R 55 13.52 39.60 -10.95
N ALA R 56 14.52 39.19 -10.19
CA ALA R 56 14.32 38.53 -8.91
C ALA R 56 14.99 39.35 -7.83
N PRO R 57 14.44 39.35 -6.60
CA PRO R 57 15.19 40.06 -5.57
C PRO R 57 16.05 39.00 -4.94
N ILE R 58 17.32 38.89 -5.33
CA ILE R 58 18.20 37.85 -4.84
C ILE R 58 18.39 37.91 -3.34
N ARG R 59 18.34 36.76 -2.69
CA ARG R 59 18.39 36.65 -1.24
C ARG R 59 19.67 36.10 -0.71
N PHE R 60 20.12 36.55 0.46
CA PHE R 60 21.33 36.03 1.10
C PHE R 60 21.10 34.62 1.62
N ASN R 61 22.05 33.74 1.33
CA ASN R 61 22.01 32.38 1.83
C ASN R 61 23.13 32.24 2.89
N LYS R 62 24.38 32.12 2.50
CA LYS R 62 25.48 31.94 3.45
C LYS R 62 26.84 32.26 2.90
N ILE R 63 27.83 32.37 3.77
CA ILE R 63 29.19 32.64 3.35
C ILE R 63 30.00 31.36 3.49
N LEU R 64 30.56 30.89 2.39
CA LEU R 64 31.37 29.67 2.34
C LEU R 64 32.77 29.80 2.93
N PRO R 65 33.38 28.68 3.34
CA PRO R 65 34.73 28.78 3.93
C PRO R 65 35.82 29.22 2.94
N GLN R 66 36.89 29.78 3.50
CA GLN R 66 37.99 30.35 2.73
C GLN R 66 39.06 29.31 2.40
N THR R 67 40.01 29.71 1.55
CA THR R 67 41.00 28.83 0.95
C THR R 67 42.30 29.60 0.72
N LEU R 68 43.43 28.96 1.06
CA LEU R 68 44.76 29.51 0.82
C LEU R 68 45.59 28.48 0.07
N GLU R 69 46.40 28.95 -0.88
CA GLU R 69 47.29 28.12 -1.69
C GLU R 69 48.66 28.73 -1.89
N PHE R 70 49.69 27.89 -1.86
CA PHE R 70 51.08 28.31 -2.12
C PHE R 70 51.95 27.11 -2.50
N ASP R 71 53.18 27.37 -2.95
CA ASP R 71 54.13 26.34 -3.38
C ASP R 71 55.47 26.44 -2.65
N PHE R 72 56.15 25.32 -2.45
CA PHE R 72 57.43 25.28 -1.74
C PHE R 72 58.52 24.62 -2.57
N LEU R 73 59.76 24.94 -2.26
CA LEU R 73 60.91 24.31 -2.89
C LEU R 73 61.91 23.90 -1.82
N PHE R 74 62.38 22.66 -1.89
CA PHE R 74 63.37 22.09 -1.00
C PHE R 74 64.63 21.81 -1.82
N ASP R 75 65.79 22.32 -1.38
CA ASP R 75 67.01 22.09 -2.13
C ASP R 75 68.21 22.14 -1.21
N ARG R 76 69.06 21.12 -1.27
CA ARG R 76 70.30 21.03 -0.51
C ARG R 76 71.47 20.64 -1.42
N THR R 77 71.62 21.37 -2.52
CA THR R 77 72.69 21.15 -3.48
C THR R 77 73.99 21.88 -3.11
N GLY R 78 73.90 23.11 -2.62
CA GLY R 78 75.06 23.79 -2.09
C GLY R 78 75.41 25.12 -2.74
N VAL R 79 74.46 25.79 -3.37
CA VAL R 79 74.72 27.05 -4.05
C VAL R 79 73.99 28.22 -3.39
N ILE R 80 73.23 27.96 -2.34
CA ILE R 80 72.46 28.99 -1.66
C ILE R 80 73.23 29.40 -0.40
N ALA R 81 73.51 30.69 -0.28
CA ALA R 81 74.36 31.19 0.80
C ALA R 81 73.65 31.12 2.14
N GLY R 82 74.37 30.63 3.15
CA GLY R 82 73.86 30.53 4.49
C GLY R 82 73.60 29.11 4.98
N TYR R 83 73.55 28.13 4.09
CA TYR R 83 73.18 26.77 4.45
C TYR R 83 74.30 25.80 4.10
N GLU R 84 74.24 24.62 4.70
CA GLU R 84 75.24 23.60 4.50
C GLU R 84 74.65 22.40 3.75
N VAL R 85 75.53 21.65 3.10
CA VAL R 85 75.15 20.38 2.50
C VAL R 85 75.12 19.32 3.59
N THR R 86 74.07 18.52 3.58
CA THR R 86 73.81 17.51 4.60
C THR R 86 74.15 16.15 4.01
N GLU R 87 74.47 15.19 4.88
CA GLU R 87 74.79 13.84 4.42
C GLU R 87 73.60 13.15 3.77
N ASP R 88 72.40 13.41 4.25
CA ASP R 88 71.21 12.75 3.71
C ASP R 88 70.31 13.67 2.91
N GLY R 89 70.78 14.86 2.53
CA GLY R 89 70.02 15.67 1.59
C GLY R 89 68.78 16.29 2.21
N ILE R 90 67.63 16.05 1.59
CA ILE R 90 66.37 16.64 2.00
C ILE R 90 65.47 15.63 2.71
N ILE R 91 66.03 14.50 3.18
CA ILE R 91 65.21 13.43 3.73
C ILE R 91 64.60 13.85 5.06
N ASN R 92 65.37 14.54 5.90
CA ASN R 92 64.84 14.95 7.19
C ASN R 92 64.01 16.22 7.12
N ASP R 93 64.20 17.02 6.08
CA ASP R 93 63.37 18.22 5.90
C ASP R 93 61.94 17.87 5.53
N ILE R 94 61.76 16.87 4.66
CA ILE R 94 60.43 16.50 4.21
C ILE R 94 59.72 15.67 5.28
N ASP R 95 60.46 14.84 6.01
CA ASP R 95 59.87 14.01 7.06
C ASP R 95 59.39 14.85 8.24
N HIS R 96 60.05 15.96 8.52
CA HIS R 96 59.60 16.84 9.60
C HIS R 96 58.42 17.70 9.14
N PHE R 97 58.39 18.04 7.87
CA PHE R 97 57.29 18.82 7.31
C PHE R 97 55.99 18.01 7.28
N LYS R 98 56.09 16.71 7.02
CA LYS R 98 54.91 15.86 6.96
C LYS R 98 54.37 15.52 8.34
N LYS R 99 55.27 15.46 9.33
CA LYS R 99 54.86 15.16 10.70
C LYS R 99 54.04 16.29 11.29
N VAL R 100 54.29 17.52 10.83
CA VAL R 100 53.58 18.68 11.33
C VAL R 100 52.22 18.82 10.64
N VAL R 101 52.16 18.71 9.32
CA VAL R 101 50.95 19.12 8.61
C VAL R 101 50.05 17.95 8.19
N TYR R 102 50.55 16.72 8.15
CA TYR R 102 49.79 15.62 7.55
C TYR R 102 49.43 14.51 8.52
N ASP R 103 50.33 14.11 9.41
CA ASP R 103 50.24 12.83 10.11
C ASP R 103 49.13 12.82 11.16
N TYR R 104 48.51 11.66 11.31
CA TYR R 104 47.42 11.45 12.26
C TYR R 104 47.98 11.41 13.68
N ASN R 105 47.29 12.07 14.61
CA ASN R 105 47.71 12.18 16.00
C ASN R 105 46.77 11.33 16.85
N GLY R 106 47.32 10.31 17.52
CA GLY R 106 46.52 9.40 18.30
C GLY R 106 46.03 9.96 19.61
N GLU R 107 46.58 11.09 20.05
CA GLU R 107 46.08 11.74 21.26
C GLU R 107 44.75 12.43 21.02
N LYS R 108 44.54 12.98 19.82
CA LYS R 108 43.32 13.70 19.50
C LYS R 108 42.47 13.02 18.45
N HIS R 109 42.92 11.89 17.90
CA HIS R 109 42.20 11.08 16.89
C HIS R 109 41.96 11.83 15.59
N LYS R 110 42.93 12.68 15.18
CA LYS R 110 42.81 13.53 14.00
C LYS R 110 44.18 14.09 13.62
N PRO R 111 44.33 14.72 12.44
CA PRO R 111 45.52 15.56 12.21
C PRO R 111 45.46 16.87 12.98
N ASN R 112 46.57 17.63 12.90
CA ASN R 112 46.80 18.77 13.77
C ASN R 112 46.11 20.05 13.27
N TYR R 113 45.85 20.95 14.22
CA TYR R 113 45.50 22.33 13.91
C TYR R 113 46.74 23.11 13.53
N LEU R 114 46.63 23.98 12.53
CA LEU R 114 47.78 24.67 11.97
C LEU R 114 47.61 26.17 12.09
N MET R 115 48.70 26.86 12.44
CA MET R 115 48.77 28.31 12.34
C MET R 115 49.93 28.67 11.43
N ILE R 116 49.64 29.49 10.43
CA ILE R 116 50.59 29.86 9.38
C ILE R 116 50.86 31.35 9.50
N THR R 117 52.12 31.72 9.73
CA THR R 117 52.51 33.11 9.94
C THR R 117 53.69 33.49 9.08
N TRP R 118 53.57 34.59 8.34
CA TRP R 118 54.68 35.19 7.60
C TRP R 118 54.38 36.66 7.41
N GLY R 119 55.08 37.51 8.14
CA GLY R 119 54.89 38.95 8.01
C GLY R 119 53.53 39.40 8.50
N SER R 120 52.72 39.89 7.57
CA SER R 120 51.36 40.33 7.83
C SER R 120 50.35 39.19 7.83
N LEU R 121 50.74 38.00 7.41
CA LEU R 121 49.79 36.90 7.21
C LEU R 121 49.65 36.08 8.49
N LEU R 122 48.40 35.72 8.82
CA LEU R 122 48.11 34.85 9.96
C LEU R 122 46.84 34.07 9.65
N PHE R 123 46.94 32.75 9.56
CA PHE R 123 45.87 31.91 9.04
C PHE R 123 45.78 30.62 9.85
N LYS R 124 44.57 30.24 10.24
CA LYS R 124 44.32 29.02 11.02
C LYS R 124 43.45 28.06 10.22
N GLY R 125 43.82 26.79 10.21
CA GLY R 125 42.97 25.81 9.55
C GLY R 125 43.52 24.41 9.46
N TYR R 126 43.26 23.74 8.36
CA TYR R 126 43.69 22.37 8.19
C TYR R 126 44.10 22.16 6.78
N LEU R 127 44.89 21.13 6.58
CA LEU R 127 45.38 20.71 5.27
C LEU R 127 44.29 19.93 4.53
N LYS R 128 44.14 20.23 3.24
CA LYS R 128 43.26 19.45 2.38
C LYS R 128 44.00 18.62 1.34
N GLU R 129 45.04 19.16 0.72
CA GLU R 129 45.66 18.55 -0.44
C GLU R 129 47.16 18.82 -0.45
N MET R 130 47.91 17.85 -0.99
CA MET R 130 49.35 17.98 -1.11
C MET R 130 49.87 17.10 -2.24
N ASP R 131 50.85 17.61 -2.99
CA ASP R 131 51.56 16.85 -4.01
C ASP R 131 53.04 17.14 -3.84
N ILE R 132 53.87 16.09 -3.84
CA ILE R 132 55.32 16.24 -3.73
C ILE R 132 55.98 15.50 -4.89
N GLU R 133 56.84 16.20 -5.63
CA GLU R 133 57.54 15.67 -6.79
C GLU R 133 59.04 15.76 -6.59
N TYR R 134 59.75 14.64 -6.78
CA TYR R 134 61.18 14.55 -6.50
C TYR R 134 61.97 14.67 -7.80
N LYS R 135 62.99 15.54 -7.81
CA LYS R 135 63.59 16.00 -9.05
C LYS R 135 65.03 15.56 -9.26
N LEU R 136 65.95 15.84 -8.33
CA LEU R 136 67.35 15.46 -8.46
C LEU R 136 67.74 14.43 -7.40
N PHE R 137 68.73 13.61 -7.74
CA PHE R 137 69.19 12.52 -6.90
C PHE R 137 70.70 12.43 -6.95
N ARG R 138 71.28 11.98 -5.84
CA ARG R 138 72.65 11.51 -5.79
C ARG R 138 72.73 10.14 -6.46
N PRO R 139 73.94 9.70 -6.89
CA PRO R 139 74.06 8.38 -7.54
C PRO R 139 73.57 7.17 -6.75
N ASP R 140 73.55 7.24 -5.43
CA ASP R 140 73.04 6.14 -4.61
C ASP R 140 71.56 6.28 -4.31
N GLY R 141 70.89 7.25 -4.92
CA GLY R 141 69.46 7.41 -4.77
C GLY R 141 69.01 8.30 -3.64
N THR R 142 69.85 9.21 -3.19
CA THR R 142 69.45 10.18 -2.17
C THR R 142 68.92 11.44 -2.84
N PRO R 143 67.70 11.88 -2.53
CA PRO R 143 67.14 13.06 -3.20
C PRO R 143 67.69 14.36 -2.63
N ILE R 144 67.88 15.34 -3.51
CA ILE R 144 68.43 16.63 -3.11
C ILE R 144 67.57 17.80 -3.59
N ARG R 145 66.46 17.54 -4.28
CA ARG R 145 65.55 18.60 -4.70
C ARG R 145 64.11 18.13 -4.87
N ALA R 146 63.16 18.91 -4.37
CA ALA R 146 61.75 18.52 -4.44
C ALA R 146 60.86 19.76 -4.41
N MET R 147 59.65 19.63 -4.94
CA MET R 147 58.68 20.71 -5.08
C MET R 147 57.33 20.26 -4.52
N ALA R 148 56.67 21.14 -3.76
CA ALA R 148 55.44 20.79 -3.05
C ALA R 148 54.35 21.83 -3.28
N THR R 149 53.13 21.37 -3.54
CA THR R 149 51.97 22.24 -3.71
C THR R 149 50.95 21.91 -2.62
N THR R 150 50.31 22.94 -2.06
CA THR R 150 49.55 22.80 -0.82
C THR R 150 48.25 23.58 -0.90
N LYS R 151 47.21 23.08 -0.24
CA LYS R 151 45.92 23.77 -0.14
C LYS R 151 45.40 23.69 1.29
N ILE R 152 45.07 24.83 1.88
CA ILE R 152 44.67 24.93 3.28
C ILE R 152 43.24 25.46 3.38
N GLY R 153 42.42 24.82 4.21
CA GLY R 153 41.10 25.32 4.55
C GLY R 153 41.11 26.18 5.80
N GLU R 154 39.96 26.76 6.12
CA GLU R 154 39.88 27.73 7.20
C GLU R 154 39.01 27.20 8.33
N PHE R 155 39.44 27.44 9.57
CA PHE R 155 38.75 26.94 10.75
C PHE R 155 38.34 28.10 11.66
N VAL R 156 37.07 28.10 12.07
CA VAL R 156 36.56 28.98 13.10
C VAL R 156 35.83 28.14 14.13
N GLU R 157 36.14 28.33 15.41
CA GLU R 157 35.43 27.67 16.49
C GLU R 157 34.07 28.34 16.69
N GLU R 158 33.07 27.56 17.11
CA GLU R 158 31.69 28.03 17.06
C GLU R 158 31.39 29.07 18.13
N GLU R 159 32.15 29.08 19.21
CA GLU R 159 31.96 30.11 20.19
C GLU R 159 32.48 31.44 19.70
N LEU R 160 33.47 31.43 18.83
CA LEU R 160 34.03 32.66 18.31
C LEU R 160 33.23 33.18 17.11
N ARG R 161 32.45 32.32 16.46
CA ARG R 161 31.65 32.76 15.32
C ARG R 161 30.50 33.67 15.77
N THR R 162 29.84 33.31 16.86
CA THR R 162 28.78 34.13 17.40
C THR R 162 29.28 35.43 18.02
N ALA R 163 30.53 35.48 18.47
CA ALA R 163 31.08 36.73 18.99
C ALA R 163 31.50 37.67 17.86
N GLN R 164 31.85 37.12 16.70
CA GLN R 164 32.19 37.95 15.55
C GLN R 164 30.95 38.42 14.81
N GLU R 165 29.93 37.56 14.75
CA GLU R 165 28.60 37.95 14.26
C GLU R 165 27.81 38.45 15.46
N ASN R 166 28.04 39.70 15.83
CA ASN R 166 27.36 40.29 16.98
C ASN R 166 25.92 40.60 16.56
N ASN R 167 25.09 39.56 16.59
CA ASN R 167 23.74 39.61 16.03
C ASN R 167 22.83 40.38 16.97
N GLN R 168 22.24 41.46 16.47
CA GLN R 168 21.36 42.27 17.29
C GLN R 168 19.97 42.40 16.65
N PRO R 170 14.78 44.84 17.55
CA PRO R 170 13.61 44.06 17.92
C PRO R 170 13.90 42.87 18.83
N ASP R 171 15.18 42.59 19.13
CA ASP R 171 15.52 41.55 20.10
C ASP R 171 16.27 42.08 21.31
N MET R 172 17.00 43.19 21.19
CA MET R 172 17.80 43.72 22.28
C MET R 172 17.31 45.09 22.68
N SER R 173 17.95 45.66 23.70
CA SER R 173 17.61 46.99 24.18
C SER R 173 18.54 48.05 23.59
N HIS R 174 18.05 49.29 23.55
CA HIS R 174 18.74 50.38 22.87
C HIS R 174 18.47 51.68 23.60
N TYR R 175 19.41 52.62 23.54
CA TYR R 175 19.21 53.97 24.05
C TYR R 175 19.76 55.00 23.07
N ARG R 176 19.09 56.15 23.00
CA ARG R 176 19.53 57.28 22.21
C ARG R 176 19.36 58.57 23.01
N THR R 177 20.01 59.62 22.55
CA THR R 177 19.83 60.97 23.08
C THR R 177 19.14 61.81 22.03
N VAL R 178 18.20 62.65 22.47
CA VAL R 178 17.39 63.45 21.54
C VAL R 178 18.18 64.66 21.07
N LYS R 179 18.32 64.79 19.76
CA LYS R 179 18.92 65.96 19.14
C LYS R 179 17.82 66.79 18.49
N GLU R 180 18.12 68.06 18.23
CA GLU R 180 17.12 68.94 17.65
C GLU R 180 16.88 68.59 16.18
N GLY R 181 15.62 68.37 15.85
CA GLY R 181 15.23 67.86 14.54
C GLY R 181 14.66 66.46 14.58
N ASP R 182 14.66 65.80 15.74
CA ASP R 182 14.14 64.45 15.86
C ASP R 182 12.66 64.46 16.14
N THR R 183 11.97 63.46 15.60
CA THR R 183 10.57 63.20 15.93
C THR R 183 10.45 61.76 16.39
N LEU R 184 9.44 61.48 17.20
CA LEU R 184 9.25 60.13 17.70
C LEU R 184 8.85 59.09 16.64
N PRO R 185 7.95 59.36 15.67
CA PRO R 185 7.69 58.30 14.67
C PRO R 185 8.81 58.05 13.67
N LEU R 186 9.69 59.03 13.42
CA LEU R 186 10.81 58.78 12.52
C LEU R 186 11.89 57.95 13.20
N MET R 187 12.10 58.15 14.50
CA MET R 187 13.11 57.37 15.21
C MET R 187 12.64 55.94 15.42
N THR R 188 11.33 55.73 15.59
CA THR R 188 10.79 54.39 15.76
C THR R 188 10.93 53.58 14.47
N TYR R 189 10.84 54.25 13.32
CA TYR R 189 10.96 53.57 12.04
C TYR R 189 12.39 53.08 11.80
N ARG R 190 13.39 53.84 12.25
CA ARG R 190 14.76 53.46 12.01
C ARG R 190 15.25 52.38 12.97
N ILE R 191 14.54 52.15 14.06
CA ILE R 191 14.96 51.17 15.04
C ILE R 191 14.20 49.86 14.88
N TYR R 192 12.91 49.94 14.59
CA TYR R 192 12.07 48.75 14.48
C TYR R 192 11.73 48.37 13.05
N GLY R 193 11.80 49.30 12.11
CA GLY R 193 11.33 49.04 10.77
C GLY R 193 9.88 49.43 10.53
N ASP R 194 9.20 50.01 11.51
CA ASP R 194 7.80 50.38 11.37
C ASP R 194 7.52 51.56 12.29
N SER R 195 6.71 52.50 11.83
CA SER R 195 6.42 53.71 12.58
C SER R 195 5.32 53.52 13.62
N LYS R 196 4.69 52.35 13.66
CA LYS R 196 3.46 52.19 14.42
C LYS R 196 3.67 51.94 15.90
N TYR R 197 4.90 51.76 16.35
CA TYR R 197 5.18 51.46 17.75
C TYR R 197 5.42 52.69 18.61
N TYR R 198 5.12 53.89 18.11
CA TYR R 198 5.49 55.12 18.80
C TYR R 198 4.72 55.33 20.11
N LEU R 199 3.51 54.78 20.23
CA LEU R 199 2.79 54.93 21.49
C LEU R 199 3.28 53.96 22.55
N GLU R 200 3.96 52.89 22.17
CA GLU R 200 4.53 52.00 23.18
C GLU R 200 5.88 52.51 23.67
N VAL R 201 6.60 53.24 22.81
CA VAL R 201 7.86 53.85 23.22
C VAL R 201 7.60 55.02 24.16
N ALA R 202 6.50 55.74 23.94
CA ALA R 202 6.19 56.89 24.78
C ALA R 202 5.68 56.47 26.14
N LYS R 203 4.99 55.33 26.21
CA LYS R 203 4.50 54.83 27.50
C LYS R 203 5.62 54.23 28.34
N ALA R 204 6.64 53.67 27.70
CA ALA R 204 7.74 53.08 28.44
C ALA R 204 8.70 54.12 28.97
N ASN R 205 8.58 55.37 28.52
CA ASN R 205 9.43 56.47 28.95
C ASN R 205 8.68 57.51 29.78
N GLY R 206 7.39 57.33 29.98
CA GLY R 206 6.60 58.28 30.75
C GLY R 206 6.34 59.61 30.06
N LEU R 207 6.26 59.63 28.74
CA LEU R 207 6.07 60.87 28.00
C LEU R 207 4.58 61.15 27.79
N THR R 208 4.19 62.39 28.05
CA THR R 208 2.82 62.81 27.78
C THR R 208 2.77 63.71 26.57
N ASN R 209 3.66 64.69 26.50
CA ASN R 209 3.79 65.56 25.34
C ASN R 209 4.90 65.04 24.42
N PHE R 210 4.60 63.93 23.75
CA PHE R 210 5.59 63.32 22.86
C PHE R 210 5.69 64.00 21.51
N ARG R 211 4.81 64.96 21.19
CA ARG R 211 4.85 65.58 19.88
C ARG R 211 5.86 66.71 19.82
N ARG R 212 6.43 67.05 20.98
CA ARG R 212 7.52 67.98 21.09
C ARG R 212 8.53 67.34 22.03
N LEU R 213 9.70 66.94 21.53
CA LEU R 213 10.72 66.38 22.40
C LEU R 213 11.77 67.43 22.72
N LYS R 214 12.21 67.43 23.97
CA LYS R 214 13.27 68.33 24.44
C LYS R 214 14.63 67.72 24.16
N THR R 215 15.59 68.58 23.81
CA THR R 215 16.79 68.15 23.10
C THR R 215 17.93 67.73 24.01
N GLY R 216 17.64 67.24 25.22
CA GLY R 216 18.65 66.57 26.02
C GLY R 216 18.21 65.26 26.63
N THR R 217 17.05 64.74 26.21
CA THR R 217 16.43 63.60 26.87
C THR R 217 17.06 62.29 26.37
N GLU R 218 17.31 61.38 27.27
CA GLU R 218 17.76 60.04 26.90
C GLU R 218 16.59 59.09 27.03
N LEU R 219 16.24 58.39 25.95
CA LEU R 219 15.13 57.47 25.86
C LEU R 219 15.63 56.03 25.82
N ILE R 220 14.77 55.09 26.22
CA ILE R 220 15.02 53.67 26.07
C ILE R 220 14.11 53.13 24.97
N PHE R 221 14.56 52.07 24.31
CA PHE R 221 13.77 51.40 23.28
C PHE R 221 13.72 49.91 23.60
N PRO R 222 12.67 49.43 24.27
CA PRO R 222 12.61 48.02 24.65
C PRO R 222 12.42 47.10 23.46
N PRO R 223 12.84 45.84 23.56
CA PRO R 223 12.57 44.89 22.49
C PRO R 223 11.12 44.43 22.48
N LEU R 224 10.73 43.84 21.37
CA LEU R 224 9.39 43.27 21.22
C LEU R 224 9.30 41.92 21.91
N GLN R 225 8.10 41.62 22.43
CA GLN R 225 7.93 40.36 23.14
C GLN R 225 7.84 39.21 22.13
N LYS R 226 8.22 38.01 22.55
CA LYS R 226 8.48 36.92 21.62
C LYS R 226 7.35 35.91 21.52
N GLN R 227 6.73 35.54 22.63
CA GLN R 227 5.60 34.62 22.57
C GLN R 227 4.26 35.33 22.71
N LYS S 4 18.98 56.98 33.42
CA LYS S 4 18.70 55.60 33.81
C LYS S 4 18.40 54.74 32.58
N SER S 5 18.76 55.30 31.44
CA SER S 5 18.72 54.64 30.13
C SER S 5 19.84 53.57 29.98
N LYS S 6 21.03 53.94 30.44
CA LYS S 6 22.23 53.11 30.36
C LYS S 6 22.36 52.25 31.63
N ASP S 7 21.40 51.36 31.83
CA ASP S 7 21.37 50.44 32.98
C ASP S 7 21.82 49.03 32.60
N PHE S 8 22.08 48.76 31.32
CA PHE S 8 22.57 47.42 30.95
C PHE S 8 24.08 47.32 30.93
N LEU S 9 24.77 48.39 31.28
CA LEU S 9 26.20 48.27 31.42
C LEU S 9 26.49 47.76 32.82
N GLY S 10 25.58 48.04 33.74
CA GLY S 10 25.61 47.51 35.08
C GLY S 10 26.49 48.27 36.06
N THR S 11 26.46 47.76 37.32
CA THR S 11 27.13 48.25 38.53
C THR S 11 27.85 47.15 39.33
N GLY S 12 29.06 47.38 39.85
CA GLY S 12 29.76 46.33 40.58
C GLY S 12 30.89 46.84 41.45
N TRP S 13 31.67 45.91 42.01
CA TRP S 13 32.77 46.25 42.92
C TRP S 13 33.92 46.92 42.16
N GLY S 14 34.59 47.89 42.79
CA GLY S 14 35.79 48.46 42.16
C GLY S 14 36.90 47.42 42.14
N PHE S 15 37.83 47.45 41.18
CA PHE S 15 38.80 46.35 41.18
C PHE S 15 39.74 46.34 42.37
N PRO S 16 40.52 47.36 42.62
CA PRO S 16 41.25 47.29 43.82
C PRO S 16 40.33 47.72 44.96
N PRO S 17 39.50 46.81 45.51
CA PRO S 17 38.38 47.25 46.35
C PRO S 17 38.87 48.05 47.54
N GLU S 18 38.23 49.17 47.74
CA GLU S 18 38.56 50.08 48.80
C GLU S 18 37.41 50.11 49.79
N PHE S 19 37.76 50.10 51.05
CA PHE S 19 36.77 50.12 52.10
C PHE S 19 36.81 51.46 52.79
N GLU S 20 35.66 52.06 52.96
CA GLU S 20 35.55 53.33 53.65
C GLU S 20 35.15 53.12 55.11
N THR S 21 35.45 54.13 55.93
CA THR S 21 35.13 54.09 57.36
C THR S 21 34.15 55.23 57.72
N SER S 22 33.87 56.14 56.78
CA SER S 22 32.96 57.24 57.07
C SER S 22 31.53 56.69 56.93
N ILE S 23 31.45 55.54 56.27
CA ILE S 23 30.24 54.77 56.13
C ILE S 23 30.78 53.35 55.91
N GLY S 24 30.10 52.36 56.47
CA GLY S 24 30.61 51.00 56.37
C GLY S 24 30.37 50.36 55.02
N GLN S 25 31.02 50.85 53.96
CA GLN S 25 30.75 50.37 52.61
C GLN S 25 32.03 50.19 51.78
N VAL S 26 31.92 49.32 50.77
CA VAL S 26 32.97 49.10 49.79
C VAL S 26 32.57 49.88 48.55
N LYS S 27 33.54 50.57 47.96
CA LYS S 27 33.26 51.38 46.78
C LYS S 27 32.90 50.53 45.57
N THR S 28 31.98 51.06 44.77
CA THR S 28 31.51 50.46 43.55
C THR S 28 31.72 51.38 42.35
N THR S 29 31.63 50.79 41.16
CA THR S 29 31.78 51.44 39.86
C THR S 29 30.57 51.14 38.98
N SER S 30 30.41 51.93 37.92
CA SER S 30 29.28 51.79 37.00
C SER S 30 29.59 52.27 35.61
N GLY S 31 28.81 51.78 34.65
CA GLY S 31 28.88 52.27 33.28
C GLY S 31 30.26 52.17 32.65
N VAL S 32 30.74 53.31 32.15
CA VAL S 32 32.03 53.37 31.49
C VAL S 32 33.19 53.13 32.45
N GLU S 33 33.11 53.69 33.66
CA GLU S 33 34.13 53.39 34.68
C GLU S 33 34.29 51.91 34.93
N ASP S 34 33.16 51.21 35.01
CA ASP S 34 33.19 49.77 35.21
C ASP S 34 33.89 49.06 34.05
N ILE S 35 33.63 49.51 32.82
CA ILE S 35 34.25 48.90 31.63
C ILE S 35 35.76 49.07 31.68
N GLN S 36 36.22 50.27 32.02
CA GLN S 36 37.66 50.52 32.04
C GLN S 36 38.37 49.63 33.08
N LYS S 37 37.73 49.36 34.22
CA LYS S 37 38.36 48.50 35.20
C LYS S 37 38.32 47.03 34.77
N SER S 38 37.28 46.62 34.05
CA SER S 38 37.24 45.27 33.50
C SER S 38 38.44 44.99 32.62
N LEU S 39 38.79 45.94 31.76
CA LEU S 39 39.95 45.79 30.90
C LEU S 39 41.25 45.68 31.68
N GLU S 40 41.40 46.49 32.74
CA GLU S 40 42.59 46.40 33.59
C GLU S 40 42.71 45.00 34.20
N ILE S 41 41.59 44.42 34.66
CA ILE S 41 41.63 43.07 35.23
C ILE S 41 42.03 42.04 34.21
N LEU S 42 41.37 42.04 33.04
CA LEU S 42 41.61 41.00 32.04
C LEU S 42 43.07 40.92 31.64
N PHE S 43 43.69 42.06 31.38
CA PHE S 43 45.05 42.02 30.89
C PHE S 43 46.08 41.98 32.01
N SER S 44 45.65 41.85 33.25
CA SER S 44 46.51 41.63 34.38
C SER S 44 46.55 40.20 34.88
N THR S 45 45.86 39.29 34.23
CA THR S 45 45.84 37.91 34.72
C THR S 45 46.20 36.90 33.65
N LYS S 46 46.78 35.80 34.07
CA LYS S 46 47.26 34.73 33.20
C LYS S 46 46.16 33.69 32.97
N ILE S 47 46.31 32.92 31.90
CA ILE S 47 45.24 32.03 31.42
C ILE S 47 44.80 30.99 32.46
N GLY S 48 45.73 30.35 33.15
CA GLY S 48 45.35 29.33 34.10
C GLY S 48 45.15 29.75 35.55
N GLU S 49 45.09 31.06 35.86
CA GLU S 49 45.02 31.50 37.25
C GLU S 49 43.65 31.40 37.92
N ARG S 50 42.55 31.35 37.19
CA ARG S 50 41.25 31.25 37.85
C ARG S 50 40.93 29.77 38.05
N ILE S 51 40.19 29.44 39.12
CA ILE S 51 40.04 28.02 39.51
C ILE S 51 39.10 27.25 38.59
N MET S 52 37.85 27.66 38.42
CA MET S 52 37.03 26.83 37.54
C MET S 52 36.84 27.49 36.19
N GLN S 53 37.64 28.51 35.92
CA GLN S 53 37.69 29.27 34.67
C GLN S 53 39.09 29.15 34.07
N PRO S 54 39.47 27.96 33.58
CA PRO S 54 40.83 27.66 33.12
C PRO S 54 41.28 28.41 31.89
N THR S 55 40.39 29.12 31.22
CA THR S 55 40.73 29.86 30.02
C THR S 55 40.27 31.30 30.19
N TYR S 56 40.94 32.09 31.02
CA TYR S 56 40.55 33.48 31.25
C TYR S 56 41.81 34.30 31.45
N GLY S 57 42.02 35.33 30.65
CA GLY S 57 43.22 36.13 30.81
C GLY S 57 43.90 36.26 29.48
N CYS S 58 45.21 36.51 29.48
CA CYS S 58 45.91 36.69 28.22
C CYS S 58 47.32 36.14 28.27
N ASN S 59 47.93 36.05 27.07
CA ASN S 59 49.28 35.53 26.88
C ASN S 59 50.31 36.57 26.47
N LEU S 60 50.14 37.84 26.82
CA LEU S 60 51.09 38.85 26.35
C LEU S 60 52.54 38.60 26.82
N ASP S 61 52.73 37.90 27.95
CA ASP S 61 54.06 37.60 28.47
C ASP S 61 54.93 36.76 27.55
N GLU S 62 54.34 36.06 26.57
CA GLU S 62 55.08 35.23 25.62
C GLU S 62 56.07 36.05 24.82
N LEU S 63 55.85 37.34 24.72
CA LEU S 63 56.65 38.19 23.88
C LEU S 63 57.75 38.93 24.65
N LEU S 64 57.95 38.62 25.91
CA LEU S 64 59.03 39.27 26.64
C LEU S 64 60.36 38.72 26.17
N PHE S 65 61.38 39.58 26.15
CA PHE S 65 62.74 39.21 25.74
C PHE S 65 62.81 38.79 24.28
N SER S 66 62.14 39.53 23.41
CA SER S 66 62.12 39.24 21.99
C SER S 66 62.31 40.55 21.23
N PRO S 67 62.86 40.49 20.01
CA PRO S 67 63.01 41.67 19.14
C PRO S 67 61.67 42.11 18.58
N ILE S 68 61.59 43.38 18.19
CA ILE S 68 60.35 43.97 17.69
C ILE S 68 60.37 44.05 16.16
N ASN S 69 59.38 43.44 15.52
CA ASN S 69 59.28 43.45 14.06
C ASN S 69 57.81 43.30 13.66
N ARG S 70 57.58 43.21 12.34
CA ARG S 70 56.25 43.11 11.75
C ARG S 70 55.49 41.84 12.16
N THR S 71 56.20 40.73 12.30
CA THR S 71 55.53 39.47 12.66
C THR S 71 55.02 39.55 14.08
N LEU S 72 55.86 40.06 14.99
CA LEU S 72 55.44 40.29 16.36
C LEU S 72 54.23 41.17 16.44
N LYS S 73 54.25 42.33 15.77
CA LYS S 73 53.13 43.25 15.87
C LYS S 73 51.84 42.60 15.44
N THR S 74 51.88 41.79 14.38
CA THR S 74 50.68 41.09 13.92
C THR S 74 50.15 40.13 14.99
N TYR S 75 51.06 39.40 15.62
CA TYR S 75 50.72 38.46 16.68
C TYR S 75 50.12 39.16 17.90
N VAL S 76 50.70 40.30 18.32
CA VAL S 76 50.18 41.07 19.46
C VAL S 76 48.73 41.47 19.23
N ILE S 77 48.45 41.98 18.03
CA ILE S 77 47.12 42.43 17.72
C ILE S 77 46.12 41.29 17.80
N GLU S 78 46.46 40.13 17.24
CA GLU S 78 45.61 38.96 17.35
C GLU S 78 45.31 38.56 18.79
N LEU S 79 46.33 38.57 19.66
CA LEU S 79 46.12 38.18 21.06
C LEU S 79 45.12 39.10 21.75
N ILE S 80 45.27 40.41 21.53
CA ILE S 80 44.40 41.39 22.17
C ILE S 80 42.97 41.26 21.69
N LYS S 81 42.79 41.15 20.37
CA LYS S 81 41.44 41.07 19.83
C LYS S 81 40.71 39.83 20.29
N ASN S 82 41.39 38.69 20.39
CA ASN S 82 40.67 37.49 20.82
C ASN S 82 40.28 37.57 22.27
N ALA S 83 41.15 38.11 23.13
CA ALA S 83 40.82 38.23 24.54
C ALA S 83 39.59 39.09 24.75
N ILE S 84 39.44 40.14 23.96
CA ILE S 84 38.27 41.00 24.08
C ILE S 84 37.02 40.30 23.57
N LEU S 85 37.10 39.62 22.41
CA LEU S 85 35.93 38.92 21.88
C LEU S 85 35.40 37.86 22.83
N TYR S 86 36.29 37.17 23.52
CA TYR S 86 35.83 36.16 24.46
C TYR S 86 35.36 36.76 25.77
N HIS S 87 36.03 37.78 26.30
CA HIS S 87 35.74 38.16 27.67
C HIS S 87 35.13 39.54 27.94
N GLU S 88 35.05 40.48 27.00
CA GLU S 88 34.40 41.78 27.28
C GLU S 88 33.32 42.18 26.26
N PRO S 89 32.07 41.73 26.49
CA PRO S 89 30.92 41.93 25.58
C PRO S 89 30.46 43.36 25.36
N ARG S 90 30.86 44.30 26.18
CA ARG S 90 30.34 45.65 26.07
C ARG S 90 31.10 46.54 25.09
N ILE S 91 32.24 46.13 24.51
CA ILE S 91 32.97 47.05 23.63
C ILE S 91 33.35 46.46 22.27
N ASP S 92 33.66 47.38 21.34
CA ASP S 92 34.24 47.11 20.02
C ASP S 92 35.57 47.83 19.89
N PRO S 93 36.69 47.12 19.72
CA PRO S 93 38.00 47.75 19.49
C PRO S 93 37.97 48.61 18.25
N GLU S 94 38.67 49.74 18.31
CA GLU S 94 38.73 50.65 17.18
C GLU S 94 40.10 50.62 16.52
N LYS S 95 41.15 50.71 17.33
CA LYS S 95 42.50 50.79 16.80
C LYS S 95 43.54 50.31 17.80
N ILE S 96 44.52 49.56 17.33
CA ILE S 96 45.64 49.14 18.16
C ILE S 96 46.93 49.70 17.55
N ASP S 97 47.61 50.55 18.31
CA ASP S 97 48.81 51.25 17.86
C ASP S 97 50.03 50.73 18.66
N ILE S 98 50.96 50.04 17.98
CA ILE S 98 52.12 49.43 18.64
C ILE S 98 53.43 50.11 18.21
N THR S 99 54.12 50.75 19.16
CA THR S 99 55.36 51.49 18.87
C THR S 99 56.46 51.34 19.93
N GLN S 100 57.70 51.65 19.53
CA GLN S 100 58.88 51.55 20.39
C GLN S 100 59.43 52.95 20.69
N GLY S 101 59.33 53.38 21.95
CA GLY S 101 59.73 54.73 22.31
C GLY S 101 61.13 54.86 22.86
N ASN S 102 61.92 53.78 22.89
CA ASN S 102 63.24 53.78 23.51
C ASN S 102 64.21 52.95 22.69
N GLU S 103 65.30 53.58 22.27
CA GLU S 103 66.39 52.95 21.53
C GLU S 103 67.10 51.92 22.40
N ILE S 104 67.25 52.20 23.69
CA ILE S 104 68.00 51.34 24.61
C ILE S 104 67.10 50.60 25.59
N GLU S 105 66.27 51.34 26.35
CA GLU S 105 65.43 50.67 27.34
C GLU S 105 64.50 49.66 26.66
N GLY S 106 64.33 48.51 27.29
CA GLY S 106 63.51 47.46 26.71
C GLY S 106 62.02 47.72 26.80
N GLU S 107 61.53 48.75 26.11
CA GLU S 107 60.13 49.13 26.22
C GLU S 107 59.36 49.00 24.91
N LEU S 108 58.16 48.45 25.01
CA LEU S 108 57.21 48.35 23.92
C LEU S 108 55.96 49.07 24.38
N LEU S 109 55.43 49.96 23.56
CA LEU S 109 54.29 50.78 23.95
C LEU S 109 53.06 50.42 23.14
N ILE S 110 51.99 49.99 23.81
CA ILE S 110 50.78 49.59 23.10
C ILE S 110 49.61 50.47 23.51
N HIS S 111 48.98 51.12 22.54
CA HIS S 111 47.83 51.98 22.81
C HIS S 111 46.55 51.41 22.18
N LEU S 112 45.59 51.03 23.04
CA LEU S 112 44.32 50.48 22.60
C LEU S 112 43.21 51.52 22.68
N GLN S 113 42.53 51.73 21.56
CA GLN S 113 41.39 52.63 21.49
C GLN S 113 40.15 51.80 21.22
N TYR S 114 39.02 52.15 21.86
CA TYR S 114 37.80 51.36 21.69
C TYR S 114 36.54 52.21 21.81
N ILE S 115 35.42 51.61 21.38
CA ILE S 115 34.09 52.22 21.36
C ILE S 115 33.11 51.42 22.23
N VAL S 116 32.36 52.13 23.08
CA VAL S 116 31.36 51.49 23.94
C VAL S 116 30.06 51.28 23.17
N ARG S 117 29.51 50.06 23.22
CA ARG S 117 28.30 49.70 22.48
C ARG S 117 27.01 50.33 23.00
N ALA S 118 26.17 50.80 22.07
CA ALA S 118 24.88 51.41 22.39
C ALA S 118 23.73 50.41 22.51
N THR S 119 23.94 49.14 22.15
CA THR S 119 22.93 48.09 22.17
C THR S 119 23.45 46.95 23.03
N ASN S 120 22.58 46.14 23.65
CA ASN S 120 22.99 45.13 24.60
C ASN S 120 23.35 43.78 23.96
N SER S 121 24.58 43.32 24.24
CA SER S 121 25.12 42.06 23.77
C SER S 121 24.48 40.84 24.41
N ARG S 122 24.43 39.74 23.66
CA ARG S 122 23.86 38.47 24.11
C ARG S 122 24.72 37.73 25.13
N LYS S 123 25.92 38.24 25.39
CA LYS S 123 26.84 37.66 26.34
C LYS S 123 26.99 38.49 27.61
N ASN S 124 26.18 39.51 27.79
CA ASN S 124 26.35 40.46 28.90
C ASN S 124 25.51 40.09 30.12
N MET S 125 26.11 39.49 31.13
CA MET S 125 25.31 39.05 32.28
C MET S 125 25.00 40.14 33.32
N VAL S 126 24.09 41.03 32.97
CA VAL S 126 23.59 42.10 33.84
C VAL S 126 22.17 41.75 34.24
N TYR S 127 21.89 41.75 35.55
CA TYR S 127 20.72 41.09 36.15
C TYR S 127 19.34 41.29 35.51
N PRO S 128 18.79 42.48 35.32
CA PRO S 128 17.42 42.53 34.79
C PRO S 128 17.34 42.36 33.28
N PHE S 129 18.44 41.98 32.61
CA PHE S 129 18.45 41.86 31.16
C PHE S 129 18.73 40.46 30.67
N TYR S 130 19.78 39.81 31.18
CA TYR S 130 20.16 38.50 30.64
C TYR S 130 19.04 37.48 30.76
N LEU S 131 18.14 37.65 31.71
CA LEU S 131 17.07 36.70 31.92
C LEU S 131 16.20 36.50 30.68
N GLU S 132 15.97 37.55 29.92
CA GLU S 132 15.19 37.36 28.73
C GLU S 132 16.03 37.61 27.47
N GLU S 133 17.17 38.30 27.56
CA GLU S 133 18.02 38.58 26.39
C GLU S 133 19.35 37.79 26.27
N GLY S 134 19.81 37.06 27.28
CA GLY S 134 21.08 36.36 27.18
C GLY S 134 21.10 34.98 26.56
N THR S 135 20.87 34.91 25.26
CA THR S 135 20.78 33.64 24.54
C THR S 135 22.06 32.83 24.47
N ASN S 136 23.21 33.47 24.31
CA ASN S 136 24.46 32.73 24.23
C ASN S 136 25.61 33.58 24.82
N LYS T 4 -15.56 63.75 -20.44
CA LYS T 4 -15.69 63.00 -19.20
C LYS T 4 -15.07 61.61 -19.32
N SER T 5 -14.28 61.48 -20.39
CA SER T 5 -13.46 60.29 -20.65
C SER T 5 -12.24 60.20 -19.71
N LYS T 6 -11.59 61.35 -19.49
CA LYS T 6 -10.40 61.48 -18.65
C LYS T 6 -10.79 61.78 -17.20
N ASP T 7 -11.49 60.83 -16.58
CA ASP T 7 -11.94 60.95 -15.19
C ASP T 7 -11.06 60.15 -14.23
N PHE T 8 -10.08 59.38 -14.73
CA PHE T 8 -9.19 58.65 -13.83
C PHE T 8 -7.94 59.41 -13.48
N LEU T 9 -7.80 60.64 -13.95
CA LEU T 9 -6.69 61.44 -13.49
C LEU T 9 -7.12 62.12 -12.21
N GLY T 10 -8.42 62.31 -12.05
CA GLY T 10 -9.01 62.80 -10.83
C GLY T 10 -9.01 64.31 -10.65
N THR T 11 -9.59 64.72 -9.51
CA THR T 11 -9.83 66.09 -9.03
C THR T 11 -9.44 66.31 -7.55
N GLY T 12 -8.79 67.42 -7.18
CA GLY T 12 -8.39 67.61 -5.79
C GLY T 12 -8.07 69.05 -5.44
N TRP T 13 -7.54 69.26 -4.23
CA TRP T 13 -7.23 70.62 -3.74
C TRP T 13 -6.03 71.21 -4.49
N GLY T 14 -6.04 72.51 -4.74
CA GLY T 14 -4.86 73.15 -5.32
C GLY T 14 -3.73 73.15 -4.32
N PHE T 15 -2.45 73.12 -4.74
CA PHE T 15 -1.42 73.01 -3.69
C PHE T 15 -1.32 74.22 -2.79
N PRO T 16 -1.05 75.40 -3.28
CA PRO T 16 -1.10 76.48 -2.36
C PRO T 16 -2.55 76.88 -2.19
N PRO T 17 -3.33 76.19 -1.32
CA PRO T 17 -4.78 76.33 -1.37
C PRO T 17 -5.21 77.76 -1.17
N GLU T 18 -6.10 78.18 -2.04
CA GLU T 18 -6.61 79.53 -2.05
C GLU T 18 -8.08 79.47 -1.70
N PHE T 19 -8.50 80.40 -0.87
CA PHE T 19 -9.87 80.48 -0.45
C PHE T 19 -10.51 81.70 -1.05
N GLU T 20 -11.66 81.51 -1.63
CA GLU T 20 -12.41 82.60 -2.23
C GLU T 20 -13.48 83.10 -1.27
N THR T 21 -13.91 84.35 -1.50
CA THR T 21 -14.94 84.98 -0.68
C THR T 21 -16.18 85.31 -1.53
N SER T 22 -16.10 85.16 -2.85
CA SER T 22 -17.24 85.46 -3.71
C SER T 22 -18.19 84.27 -3.64
N ILE T 23 -17.65 83.15 -3.16
CA ILE T 23 -18.37 81.94 -2.89
C ILE T 23 -17.51 81.27 -1.81
N GLY T 24 -18.14 80.64 -0.84
CA GLY T 24 -17.37 80.05 0.25
C GLY T 24 -16.69 78.75 -0.11
N GLN T 25 -15.69 78.79 -1.01
CA GLN T 25 -15.05 77.57 -1.49
C GLN T 25 -13.54 77.69 -1.60
N VAL T 26 -12.89 76.53 -1.57
CA VAL T 26 -11.45 76.41 -1.77
C VAL T 26 -11.26 75.93 -3.20
N LYS T 27 -10.31 76.53 -3.91
CA LYS T 27 -10.08 76.16 -5.30
C LYS T 27 -9.51 74.76 -5.44
N THR T 28 -9.94 74.09 -6.50
CA THR T 28 -9.52 72.76 -6.87
C THR T 28 -8.90 72.74 -8.27
N THR T 29 -8.20 71.63 -8.54
CA THR T 29 -7.50 71.34 -9.79
C THR T 29 -7.94 69.99 -10.33
N SER T 30 -7.66 69.74 -11.61
CA SER T 30 -8.04 68.49 -12.27
C SER T 30 -7.13 68.14 -13.42
N GLY T 31 -7.13 66.85 -13.77
CA GLY T 31 -6.44 66.38 -14.97
C GLY T 31 -4.96 66.72 -15.00
N VAL T 32 -4.56 67.39 -16.08
CA VAL T 32 -3.15 67.76 -16.29
C VAL T 32 -2.69 68.81 -15.29
N GLU T 33 -3.54 69.81 -15.01
CA GLU T 33 -3.20 70.79 -13.98
C GLU T 33 -2.89 70.14 -12.65
N ASP T 34 -3.69 69.15 -12.27
CA ASP T 34 -3.46 68.43 -11.02
C ASP T 34 -2.11 67.73 -11.04
N ILE T 35 -1.74 67.12 -12.18
CA ILE T 35 -0.45 66.43 -12.30
C ILE T 35 0.70 67.39 -12.11
N GLN T 36 0.62 68.56 -12.74
CA GLN T 36 1.72 69.52 -12.64
C GLN T 36 1.92 69.98 -11.20
N LYS T 37 0.84 70.14 -10.43
CA LYS T 37 1.00 70.55 -9.04
C LYS T 37 1.54 69.41 -8.18
N SER T 38 1.18 68.17 -8.49
CA SER T 38 1.74 67.02 -7.77
C SER T 38 3.26 67.00 -7.86
N LEU T 39 3.80 67.28 -9.05
CA LEU T 39 5.25 67.32 -9.23
C LEU T 39 5.88 68.44 -8.42
N GLU T 40 5.25 69.62 -8.38
CA GLU T 40 5.76 70.72 -7.57
C GLU T 40 5.83 70.33 -6.09
N ILE T 41 4.82 69.61 -5.59
CA ILE T 41 4.83 69.18 -4.19
C ILE T 41 5.96 68.19 -3.92
N LEU T 42 6.05 67.14 -4.75
CA LEU T 42 7.02 66.08 -4.50
C LEU T 42 8.44 66.61 -4.40
N PHE T 43 8.82 67.48 -5.32
CA PHE T 43 10.20 67.93 -5.32
C PHE T 43 10.44 69.13 -4.42
N SER T 44 9.43 69.53 -3.66
CA SER T 44 9.56 70.55 -2.63
C SER T 44 9.64 70.01 -1.22
N THR T 45 9.64 68.70 -1.03
CA THR T 45 9.66 68.17 0.32
C THR T 45 10.76 67.14 0.52
N LYS T 46 11.24 67.06 1.76
CA LYS T 46 12.34 66.19 2.15
C LYS T 46 11.82 64.83 2.60
N ILE T 47 12.69 63.83 2.58
CA ILE T 47 12.28 62.43 2.77
C ILE T 47 11.59 62.18 4.12
N GLY T 48 12.11 62.73 5.21
CA GLY T 48 11.51 62.45 6.51
C GLY T 48 10.47 63.44 7.01
N GLU T 49 9.96 64.35 6.17
CA GLU T 49 9.04 65.39 6.65
C GLU T 49 7.59 64.96 6.86
N ARG T 50 7.11 63.89 6.24
CA ARG T 50 5.73 63.49 6.47
C ARG T 50 5.67 62.56 7.68
N ILE T 51 4.57 62.58 8.44
CA ILE T 51 4.55 61.88 9.74
C ILE T 51 4.46 60.35 9.61
N MET T 52 3.45 59.81 8.94
CA MET T 52 3.47 58.36 8.89
C MET T 52 3.90 57.84 7.54
N GLN T 53 4.48 58.74 6.74
CA GLN T 53 5.02 58.48 5.41
C GLN T 53 6.51 58.85 5.40
N PRO T 54 7.34 58.07 6.11
CA PRO T 54 8.76 58.38 6.33
C PRO T 54 9.63 58.35 5.09
N THR T 55 9.12 57.88 3.97
CA THR T 55 9.89 57.82 2.74
C THR T 55 9.10 58.52 1.63
N TYR T 56 9.02 59.84 1.67
CA TYR T 56 8.27 60.58 0.65
C TYR T 56 9.00 61.89 0.37
N GLY T 57 9.37 62.14 -0.87
CA GLY T 57 10.07 63.37 -1.16
C GLY T 57 11.32 63.06 -1.93
N CYS T 58 12.32 63.94 -1.87
CA CYS T 58 13.53 63.69 -2.63
C CYS T 58 14.78 64.18 -1.90
N ASN T 59 15.93 63.77 -2.44
CA ASN T 59 17.25 64.10 -1.89
C ASN T 59 18.08 65.06 -2.74
N LEU T 60 17.47 65.92 -3.55
CA LEU T 60 18.27 66.77 -4.42
C LEU T 60 19.23 67.70 -3.67
N ASP T 61 18.92 68.05 -2.41
CA ASP T 61 19.79 68.92 -1.60
C ASP T 61 21.18 68.37 -1.34
N GLU T 62 21.39 67.05 -1.50
CA GLU T 62 22.70 66.42 -1.29
C GLU T 62 23.75 66.98 -2.21
N LEU T 63 23.34 67.56 -3.31
CA LEU T 63 24.25 68.03 -4.33
C LEU T 63 24.55 69.52 -4.22
N LEU T 64 24.09 70.20 -3.18
CA LEU T 64 24.42 71.60 -3.04
C LEU T 64 25.89 71.74 -2.64
N PHE T 65 26.52 72.82 -3.11
CA PHE T 65 27.93 73.12 -2.82
C PHE T 65 28.87 72.04 -3.35
N SER T 66 28.64 71.60 -4.58
CA SER T 66 29.46 70.60 -5.22
C SER T 66 29.75 71.03 -6.64
N PRO T 67 30.88 70.60 -7.22
CA PRO T 67 31.21 70.87 -8.63
C PRO T 67 30.34 70.06 -9.57
N ILE T 68 30.20 70.54 -10.80
CA ILE T 68 29.34 69.91 -11.80
C ILE T 68 30.18 69.08 -12.78
N ASN T 69 29.86 67.79 -12.89
CA ASN T 69 30.56 66.89 -13.79
C ASN T 69 29.63 65.74 -14.21
N ARG T 70 30.20 64.79 -14.97
CA ARG T 70 29.46 63.65 -15.51
C ARG T 70 28.91 62.71 -14.43
N THR T 71 29.65 62.52 -13.33
CA THR T 71 29.20 61.63 -12.28
C THR T 71 27.99 62.21 -11.60
N LEU T 72 28.05 63.51 -11.27
CA LEU T 72 26.91 64.22 -10.70
C LEU T 72 25.69 64.12 -11.58
N LYS T 73 25.83 64.42 -12.87
CA LYS T 73 24.66 64.41 -13.74
C LYS T 73 23.99 63.04 -13.76
N THR T 74 24.78 61.96 -13.75
CA THR T 74 24.22 60.62 -13.72
C THR T 74 23.43 60.39 -12.44
N TYR T 75 23.98 60.83 -11.31
CA TYR T 75 23.33 60.69 -10.02
C TYR T 75 22.02 61.48 -9.93
N VAL T 76 22.02 62.72 -10.47
CA VAL T 76 20.81 63.56 -10.47
C VAL T 76 19.67 62.86 -11.20
N ILE T 77 19.98 62.30 -12.36
CA ILE T 77 18.97 61.64 -13.17
C ILE T 77 18.37 60.46 -12.43
N GLU T 78 19.22 59.64 -11.79
CA GLU T 78 18.73 58.52 -10.99
C GLU T 78 17.79 58.97 -9.87
N LEU T 79 18.14 60.05 -9.16
CA LEU T 79 17.29 60.53 -8.06
C LEU T 79 15.91 60.92 -8.54
N ILE T 80 15.85 61.64 -9.66
CA ILE T 80 14.58 62.11 -10.20
C ILE T 80 13.72 60.95 -10.67
N LYS T 81 14.32 60.03 -11.42
CA LYS T 81 13.53 58.91 -11.94
C LYS T 81 12.97 58.03 -10.84
N ASN T 82 13.72 57.79 -9.77
CA ASN T 82 13.18 56.95 -8.73
C ASN T 82 12.04 57.61 -7.98
N ALA T 83 12.16 58.93 -7.71
CA ALA T 83 11.10 59.64 -7.02
C ALA T 83 9.80 59.57 -7.80
N ILE T 84 9.88 59.67 -9.13
CA ILE T 84 8.67 59.58 -9.95
C ILE T 84 8.10 58.16 -9.94
N LEU T 85 8.94 57.14 -10.10
CA LEU T 85 8.44 55.76 -10.11
C LEU T 85 7.73 55.40 -8.82
N TYR T 86 8.24 55.87 -7.69
CA TYR T 86 7.57 55.58 -6.44
C TYR T 86 6.34 56.44 -6.20
N HIS T 87 6.36 57.72 -6.55
CA HIS T 87 5.30 58.58 -6.07
C HIS T 87 4.35 59.22 -7.09
N GLU T 88 4.60 59.18 -8.42
CA GLU T 88 3.62 59.74 -9.37
C GLU T 88 3.22 58.79 -10.50
N PRO T 89 2.18 57.98 -10.26
CA PRO T 89 1.71 56.92 -11.18
C PRO T 89 1.14 57.37 -12.52
N ARG T 90 0.81 58.64 -12.68
CA ARG T 90 0.15 59.08 -13.89
C ARG T 90 1.09 59.46 -15.02
N ILE T 91 2.43 59.51 -14.84
CA ILE T 91 3.30 59.96 -15.93
C ILE T 91 4.48 59.03 -16.21
N ASP T 92 5.02 59.19 -17.42
CA ASP T 92 6.28 58.59 -17.89
C ASP T 92 7.27 59.68 -18.28
N PRO T 93 8.42 59.78 -17.61
CA PRO T 93 9.46 60.75 -17.98
C PRO T 93 9.93 60.53 -19.41
N GLU T 94 10.21 61.61 -20.11
CA GLU T 94 10.68 61.53 -21.48
C GLU T 94 12.14 61.90 -21.60
N LYS T 95 12.54 63.01 -20.97
CA LYS T 95 13.90 63.49 -21.09
C LYS T 95 14.29 64.38 -19.91
N ILE T 96 15.51 64.19 -19.41
CA ILE T 96 16.05 65.06 -18.38
C ILE T 96 17.29 65.75 -18.92
N ASP T 97 17.25 67.07 -19.00
CA ASP T 97 18.32 67.89 -19.58
C ASP T 97 18.98 68.72 -18.47
N ILE T 98 20.25 68.46 -18.16
CA ILE T 98 20.97 69.11 -17.07
C ILE T 98 22.09 69.99 -17.60
N THR T 99 22.00 71.32 -17.38
CA THR T 99 23.00 72.27 -17.89
C THR T 99 23.34 73.41 -16.92
N GLN T 100 24.49 74.05 -17.17
CA GLN T 100 24.99 75.15 -16.33
C GLN T 100 24.96 76.46 -17.13
N GLY T 101 24.10 77.39 -16.73
CA GLY T 101 23.93 78.62 -17.48
C GLY T 101 24.73 79.81 -16.98
N ASN T 102 25.59 79.61 -15.97
CA ASN T 102 26.32 80.72 -15.35
C ASN T 102 27.74 80.27 -15.00
N GLU T 103 28.70 81.02 -15.54
CA GLU T 103 30.13 80.82 -15.28
C GLU T 103 30.47 81.11 -13.83
N ILE T 104 29.81 82.11 -13.24
CA ILE T 104 30.11 82.55 -11.87
C ILE T 104 28.99 82.19 -10.89
N GLU T 105 27.76 82.60 -11.16
CA GLU T 105 26.68 82.33 -10.21
C GLU T 105 26.53 80.82 -10.02
N GLY T 106 26.31 80.41 -8.78
CA GLY T 106 26.19 78.99 -8.48
C GLY T 106 24.88 78.37 -8.91
N GLU T 107 24.63 78.30 -10.21
CA GLU T 107 23.35 77.81 -10.71
C GLU T 107 23.49 76.54 -11.56
N LEU T 108 22.58 75.61 -11.30
CA LEU T 108 22.43 74.39 -12.06
C LEU T 108 21.00 74.38 -12.58
N LEU T 109 20.83 74.14 -13.87
CA LEU T 109 19.50 74.22 -14.50
C LEU T 109 19.04 72.83 -14.93
N ILE T 110 17.91 72.38 -14.42
CA ILE T 110 17.40 71.05 -14.76
C ILE T 110 16.04 71.17 -15.42
N HIS T 111 15.92 70.64 -16.63
CA HIS T 111 14.66 70.66 -17.36
C HIS T 111 14.08 69.25 -17.54
N LEU T 112 12.93 68.98 -16.92
CA LEU T 112 12.26 67.69 -17.00
C LEU T 112 11.10 67.74 -17.98
N GLN T 113 11.11 66.84 -18.95
CA GLN T 113 10.02 66.70 -19.91
C GLN T 113 9.35 65.35 -19.67
N TYR T 114 8.02 65.30 -19.78
CA TYR T 114 7.30 64.06 -19.50
C TYR T 114 6.02 63.93 -20.33
N ILE T 115 5.49 62.70 -20.35
CA ILE T 115 4.29 62.31 -21.08
C ILE T 115 3.20 61.80 -20.13
N VAL T 116 1.98 62.29 -20.31
CA VAL T 116 0.84 61.86 -19.50
C VAL T 116 0.26 60.56 -20.06
N ARG T 117 0.05 59.57 -19.18
CA ARG T 117 -0.44 58.24 -19.57
C ARG T 117 -1.91 58.22 -20.01
N ALA T 118 -2.19 57.48 -21.09
CA ALA T 118 -3.54 57.30 -21.62
C ALA T 118 -4.31 56.13 -21.00
N THR T 119 -3.66 55.31 -20.20
CA THR T 119 -4.24 54.12 -19.56
C THR T 119 -4.05 54.25 -18.05
N ASN T 120 -4.90 53.63 -17.23
CA ASN T 120 -4.87 53.81 -15.79
C ASN T 120 -3.93 52.85 -15.06
N SER T 121 -2.99 53.43 -14.30
CA SER T 121 -2.02 52.70 -13.51
C SER T 121 -2.61 52.01 -12.29
N ARG T 122 -2.00 50.89 -11.91
CA ARG T 122 -2.43 50.08 -10.75
C ARG T 122 -2.12 50.71 -9.41
N LYS T 123 -1.41 51.83 -9.41
CA LYS T 123 -1.05 52.56 -8.21
C LYS T 123 -1.81 53.87 -8.06
N ASN T 124 -2.79 54.14 -8.91
CA ASN T 124 -3.46 55.43 -8.94
C ASN T 124 -4.73 55.46 -8.07
N MET T 125 -4.68 56.08 -6.90
CA MET T 125 -5.84 56.10 -6.00
C MET T 125 -6.89 57.13 -6.32
N VAL T 126 -7.64 56.88 -7.37
CA VAL T 126 -8.76 57.75 -7.77
C VAL T 126 -10.06 56.98 -7.53
N TYR T 127 -10.99 57.59 -6.81
CA TYR T 127 -12.12 56.90 -6.16
C TYR T 127 -12.93 55.87 -6.97
N PRO T 128 -13.53 56.16 -8.10
CA PRO T 128 -14.36 55.13 -8.72
C PRO T 128 -13.56 54.10 -9.52
N PHE T 129 -12.23 54.09 -9.42
CA PHE T 129 -11.40 53.19 -10.20
C PHE T 129 -10.60 52.23 -9.35
N TYR T 130 -9.87 52.72 -8.33
CA TYR T 130 -8.99 51.84 -7.58
C TYR T 130 -9.72 50.69 -6.93
N LEU T 131 -11.01 50.85 -6.67
CA LEU T 131 -11.79 49.80 -6.01
C LEU T 131 -11.76 48.49 -6.76
N GLU T 132 -11.77 48.53 -8.09
CA GLU T 132 -11.71 47.28 -8.81
C GLU T 132 -10.39 47.17 -9.59
N GLU T 133 -9.67 48.24 -9.87
CA GLU T 133 -8.44 48.12 -10.65
C GLU T 133 -7.11 48.33 -9.95
N GLY T 134 -7.08 48.61 -8.67
CA GLY T 134 -5.82 48.83 -8.00
C GLY T 134 -5.74 48.23 -6.62
N THR T 135 -4.74 48.61 -5.84
CA THR T 135 -4.51 48.16 -4.47
C THR T 135 -5.34 48.87 -3.40
N ASN T 136 -5.33 48.35 -2.19
CA ASN T 136 -6.06 48.97 -1.07
C ASN T 136 -5.39 50.26 -0.64
N LYS U 4 -15.61 17.07 -64.70
CA LYS U 4 -16.22 17.28 -63.39
C LYS U 4 -15.35 16.73 -62.27
N SER U 5 -14.10 16.48 -62.65
CA SER U 5 -13.02 16.08 -61.74
C SER U 5 -12.53 17.25 -60.86
N LYS U 6 -12.39 18.42 -61.49
CA LYS U 6 -11.91 19.65 -60.86
C LYS U 6 -13.09 20.45 -60.30
N ASP U 7 -13.78 19.86 -59.32
CA ASP U 7 -14.93 20.50 -58.66
C ASP U 7 -14.55 21.07 -57.30
N PHE U 8 -13.31 20.87 -56.81
CA PHE U 8 -12.93 21.46 -55.53
C PHE U 8 -12.28 22.82 -55.67
N LEU U 9 -12.18 23.34 -56.89
CA LEU U 9 -11.72 24.70 -57.02
C LEU U 9 -12.91 25.62 -56.85
N GLY U 10 -14.08 25.10 -57.17
CA GLY U 10 -15.34 25.78 -56.91
C GLY U 10 -15.77 26.77 -57.98
N THR U 11 -16.96 27.35 -57.72
CA THR U 11 -17.73 28.31 -58.55
C THR U 11 -18.25 29.52 -57.75
N GLY U 12 -18.18 30.75 -58.27
CA GLY U 12 -18.65 31.90 -57.50
C GLY U 12 -18.90 33.13 -58.35
N TRP U 13 -19.18 34.25 -57.69
CA TRP U 13 -19.49 35.51 -58.38
C TRP U 13 -18.26 36.10 -59.05
N GLY U 14 -18.42 36.72 -60.22
CA GLY U 14 -17.29 37.41 -60.84
C GLY U 14 -16.92 38.63 -60.01
N PHE U 15 -15.65 39.08 -60.00
CA PHE U 15 -15.36 40.20 -59.09
C PHE U 15 -16.04 41.49 -59.47
N PRO U 16 -15.82 42.05 -60.62
CA PRO U 16 -16.60 43.20 -60.92
C PRO U 16 -17.96 42.73 -61.40
N PRO U 17 -18.91 42.40 -60.50
CA PRO U 17 -20.09 41.65 -60.91
C PRO U 17 -20.86 42.36 -61.99
N GLU U 18 -21.19 41.61 -63.01
CA GLU U 18 -21.90 42.12 -64.15
C GLU U 18 -23.26 41.48 -64.19
N PHE U 19 -24.26 42.28 -64.48
CA PHE U 19 -25.62 41.80 -64.55
C PHE U 19 -26.08 41.81 -65.99
N GLU U 20 -26.66 40.71 -66.41
CA GLU U 20 -27.18 40.60 -67.76
C GLU U 20 -28.67 40.86 -67.78
N THR U 21 -29.17 41.22 -68.97
CA THR U 21 -30.59 41.50 -69.16
C THR U 21 -31.21 40.51 -70.17
N SER U 22 -30.39 39.69 -70.82
CA SER U 22 -30.91 38.74 -71.79
C SER U 22 -31.45 37.54 -71.02
N ILE U 23 -31.03 37.47 -69.75
CA ILE U 23 -31.48 36.51 -68.79
C ILE U 23 -31.24 37.22 -67.46
N GLY U 24 -32.13 37.07 -66.50
CA GLY U 24 -31.96 37.79 -65.25
C GLY U 24 -30.94 37.19 -64.32
N GLN U 25 -29.65 37.24 -64.70
CA GLN U 25 -28.60 36.58 -63.93
C GLN U 25 -27.34 37.44 -63.79
N VAL U 26 -26.58 37.14 -62.74
CA VAL U 26 -25.27 37.74 -62.51
C VAL U 26 -24.24 36.73 -62.95
N LYS U 27 -23.21 37.20 -63.66
CA LYS U 27 -22.18 36.30 -64.16
C LYS U 27 -21.34 35.70 -63.05
N THR U 28 -20.97 34.45 -63.26
CA THR U 28 -20.12 33.68 -62.37
C THR U 28 -18.86 33.19 -63.05
N THR U 29 -17.89 32.77 -62.23
CA THR U 29 -16.59 32.26 -62.63
C THR U 29 -16.34 30.90 -61.98
N SER U 30 -15.37 30.16 -62.51
CA SER U 30 -15.04 28.83 -62.01
C SER U 30 -13.59 28.45 -62.26
N GLY U 31 -13.12 27.49 -61.46
CA GLY U 31 -11.80 26.90 -61.69
C GLY U 31 -10.67 27.90 -61.69
N VAL U 32 -9.89 27.89 -62.77
CA VAL U 32 -8.73 28.77 -62.92
C VAL U 32 -9.14 30.23 -63.04
N GLU U 33 -10.20 30.51 -63.81
CA GLU U 33 -10.71 31.88 -63.89
C GLU U 33 -11.03 32.45 -62.53
N ASP U 34 -11.67 31.64 -61.68
CA ASP U 34 -11.99 32.07 -60.34
C ASP U 34 -10.74 32.40 -59.54
N ILE U 35 -9.69 31.58 -59.68
CA ILE U 35 -8.42 31.81 -58.96
C ILE U 35 -7.81 33.13 -59.38
N GLN U 36 -7.78 33.41 -60.69
CA GLN U 36 -7.18 34.65 -61.15
C GLN U 36 -7.90 35.89 -60.61
N LYS U 37 -9.23 35.82 -60.48
CA LYS U 37 -9.94 36.97 -59.93
C LYS U 37 -9.73 37.10 -58.43
N SER U 38 -9.57 35.98 -57.72
CA SER U 38 -9.25 36.03 -56.29
C SER U 38 -7.98 36.81 -56.03
N LEU U 39 -6.95 36.59 -56.86
CA LEU U 39 -5.69 37.30 -56.71
C LEU U 39 -5.87 38.79 -56.97
N GLU U 40 -6.66 39.16 -57.99
CA GLU U 40 -6.93 40.57 -58.27
C GLU U 40 -7.59 41.24 -57.05
N ILE U 41 -8.53 40.55 -56.40
CA ILE U 41 -9.19 41.11 -55.21
C ILE U 41 -8.21 41.31 -54.07
N LEU U 42 -7.45 40.27 -53.74
CA LEU U 42 -6.56 40.32 -52.57
C LEU U 42 -5.58 41.48 -52.66
N PHE U 43 -4.97 41.68 -53.81
CA PHE U 43 -3.95 42.71 -53.89
C PHE U 43 -4.52 44.07 -54.24
N SER U 44 -5.84 44.20 -54.28
CA SER U 44 -6.52 45.47 -54.42
C SER U 44 -7.11 46.02 -53.15
N THR U 45 -6.91 45.36 -52.02
CA THR U 45 -7.52 45.85 -50.79
C THR U 45 -6.51 45.96 -49.66
N LYS U 46 -6.78 46.91 -48.76
CA LYS U 46 -5.91 47.23 -47.64
C LYS U 46 -6.28 46.40 -46.42
N ILE U 47 -5.34 46.29 -45.48
CA ILE U 47 -5.46 45.35 -44.36
C ILE U 47 -6.70 45.60 -43.49
N GLY U 48 -6.99 46.84 -43.15
CA GLY U 48 -8.13 47.11 -42.29
C GLY U 48 -9.46 47.41 -42.95
N GLU U 49 -9.63 47.18 -44.25
CA GLU U 49 -10.86 47.56 -44.95
C GLU U 49 -12.05 46.62 -44.76
N ARG U 50 -11.86 45.36 -44.41
CA ARG U 50 -13.01 44.49 -44.22
C ARG U 50 -13.50 44.61 -42.78
N ILE U 51 -14.81 44.45 -42.55
CA ILE U 51 -15.39 44.79 -41.23
C ILE U 51 -15.05 43.77 -40.15
N MET U 52 -15.38 42.49 -40.32
CA MET U 52 -15.02 41.61 -39.21
C MET U 52 -13.83 40.75 -39.55
N GLN U 53 -13.11 41.13 -40.62
CA GLN U 53 -11.89 40.52 -41.11
C GLN U 53 -10.77 41.55 -41.11
N PRO U 54 -10.32 41.97 -39.92
CA PRO U 54 -9.35 43.08 -39.75
C PRO U 54 -7.96 42.82 -40.32
N THR U 55 -7.66 41.60 -40.71
CA THR U 55 -6.35 41.27 -41.27
C THR U 55 -6.54 40.60 -42.62
N TYR U 56 -6.92 41.35 -43.65
CA TYR U 56 -7.13 40.78 -44.98
C TYR U 56 -6.69 41.79 -46.01
N GLY U 57 -5.77 41.43 -46.88
CA GLY U 57 -5.32 42.37 -47.88
C GLY U 57 -3.81 42.43 -47.86
N CYS U 58 -3.24 43.55 -48.30
CA CYS U 58 -1.78 43.63 -48.35
C CYS U 58 -1.29 45.03 -48.05
N ASN U 59 0.03 45.13 -47.83
CA ASN U 59 0.72 46.37 -47.50
C ASN U 59 1.64 46.90 -48.59
N LEU U 60 1.40 46.60 -49.86
CA LEU U 60 2.34 47.04 -50.90
C LEU U 60 2.49 48.56 -50.98
N ASP U 61 1.49 49.33 -50.56
CA ASP U 61 1.53 50.80 -50.58
C ASP U 61 2.65 51.40 -49.73
N GLU U 62 3.19 50.65 -48.77
CA GLU U 62 4.27 51.12 -47.90
C GLU U 62 5.51 51.51 -48.69
N LEU U 63 5.65 50.97 -49.88
CA LEU U 63 6.83 51.17 -50.68
C LEU U 63 6.70 52.28 -51.71
N LEU U 64 5.61 53.04 -51.69
CA LEU U 64 5.48 54.13 -52.64
C LEU U 64 6.42 55.26 -52.23
N PHE U 65 6.95 55.97 -53.22
CA PHE U 65 7.87 57.10 -53.00
C PHE U 65 9.16 56.68 -52.32
N SER U 66 9.73 55.57 -52.75
CA SER U 66 10.97 55.06 -52.19
C SER U 66 11.88 54.64 -53.34
N PRO U 67 13.21 54.67 -53.14
CA PRO U 67 14.18 54.20 -54.13
C PRO U 67 14.17 52.69 -54.23
N ILE U 68 14.62 52.17 -55.37
CA ILE U 68 14.61 50.74 -55.64
C ILE U 68 16.01 50.14 -55.43
N ASN U 69 16.10 49.14 -54.55
CA ASN U 69 17.36 48.47 -54.26
C ASN U 69 17.08 47.04 -53.80
N ARG U 70 18.16 46.34 -53.41
CA ARG U 70 18.12 44.94 -52.99
C ARG U 70 17.29 44.71 -51.72
N THR U 71 17.34 45.66 -50.79
CA THR U 71 16.60 45.49 -49.54
C THR U 71 15.11 45.56 -49.81
N LEU U 72 14.70 46.55 -50.60
CA LEU U 72 13.32 46.67 -51.04
C LEU U 72 12.82 45.42 -51.72
N LYS U 73 13.57 44.92 -52.70
CA LYS U 73 13.11 43.75 -53.44
C LYS U 73 12.88 42.57 -52.52
N THR U 74 13.75 42.37 -51.53
CA THR U 74 13.58 41.29 -50.57
C THR U 74 12.30 41.46 -49.78
N TYR U 75 12.03 42.68 -49.33
CA TYR U 75 10.83 42.99 -48.57
C TYR U 75 9.55 42.79 -49.39
N VAL U 76 9.55 43.20 -50.67
CA VAL U 76 8.40 43.02 -51.56
C VAL U 76 8.03 41.55 -51.67
N ILE U 77 9.04 40.71 -51.88
CA ILE U 77 8.81 39.29 -52.04
C ILE U 77 8.18 38.69 -50.80
N GLU U 78 8.70 39.05 -49.62
CA GLU U 78 8.12 38.59 -48.36
C GLU U 78 6.65 38.98 -48.22
N LEU U 79 6.30 40.22 -48.56
CA LEU U 79 4.91 40.68 -48.43
C LEU U 79 3.97 39.86 -49.29
N ILE U 80 4.38 39.60 -50.53
CA ILE U 80 3.54 38.86 -51.48
C ILE U 80 3.36 37.42 -51.02
N LYS U 81 4.45 36.77 -50.63
CA LYS U 81 4.35 35.37 -50.24
C LYS U 81 3.49 35.18 -49.00
N ASN U 82 3.57 36.08 -48.03
CA ASN U 82 2.75 35.88 -46.85
C ASN U 82 1.28 36.09 -47.13
N ALA U 83 0.94 37.08 -47.96
CA ALA U 83 -0.46 37.31 -48.31
C ALA U 83 -1.07 36.09 -48.98
N ILE U 84 -0.30 35.42 -49.83
CA ILE U 84 -0.82 34.22 -50.49
C ILE U 84 -0.97 33.07 -49.50
N LEU U 85 0.04 32.83 -48.64
CA LEU U 85 -0.06 31.73 -47.67
C LEU U 85 -1.26 31.89 -46.75
N TYR U 86 -1.57 33.11 -46.35
CA TYR U 86 -2.73 33.30 -45.49
C TYR U 86 -4.04 33.25 -46.25
N HIS U 87 -4.12 33.83 -47.44
CA HIS U 87 -5.43 34.02 -48.04
C HIS U 87 -5.78 33.27 -49.33
N GLU U 88 -4.86 32.62 -50.05
CA GLU U 88 -5.26 31.85 -51.24
C GLU U 88 -4.74 30.39 -51.26
N PRO U 89 -5.53 29.48 -50.68
CA PRO U 89 -5.18 28.04 -50.51
C PRO U 89 -5.00 27.22 -51.77
N ARG U 90 -5.47 27.70 -52.91
CA ARG U 90 -5.44 26.88 -54.10
C ARG U 90 -4.14 26.97 -54.90
N ILE U 91 -3.18 27.85 -54.57
CA ILE U 91 -1.98 27.95 -55.41
C ILE U 91 -0.67 27.90 -54.63
N ASP U 92 0.40 27.60 -55.38
CA ASP U 92 1.81 27.66 -54.96
C ASP U 92 2.58 28.63 -55.85
N PRO U 93 3.12 29.71 -55.30
CA PRO U 93 3.95 30.66 -56.08
C PRO U 93 5.14 29.94 -56.67
N GLU U 94 5.52 30.34 -57.88
CA GLU U 94 6.67 29.75 -58.55
C GLU U 94 7.83 30.71 -58.62
N LYS U 95 7.56 31.95 -59.03
CA LYS U 95 8.62 32.92 -59.21
C LYS U 95 8.10 34.35 -59.12
N ILE U 96 8.85 35.21 -58.45
CA ILE U 96 8.53 36.64 -58.39
C ILE U 96 9.69 37.41 -59.01
N ASP U 97 9.39 38.12 -60.09
CA ASP U 97 10.39 38.86 -60.87
C ASP U 97 10.13 40.38 -60.73
N ILE U 98 11.06 41.10 -60.09
CA ILE U 98 10.89 42.54 -59.80
C ILE U 98 11.90 43.37 -60.58
N THR U 99 11.40 44.22 -61.50
CA THR U 99 12.28 45.05 -62.36
C THR U 99 11.77 46.48 -62.58
N GLN U 100 12.69 47.36 -63.02
CA GLN U 100 12.41 48.77 -63.27
C GLN U 100 12.53 49.05 -64.77
N GLY U 101 11.41 49.36 -65.42
CA GLY U 101 11.39 49.55 -66.86
C GLY U 101 11.51 50.99 -67.33
N ASN U 102 11.70 51.94 -66.39
CA ASN U 102 11.69 53.37 -66.74
C ASN U 102 12.76 54.10 -65.92
N GLU U 103 13.66 54.77 -66.63
CA GLU U 103 14.72 55.59 -66.05
C GLU U 103 14.13 56.80 -65.33
N ILE U 104 13.06 57.37 -65.88
CA ILE U 104 12.46 58.60 -65.34
C ILE U 104 11.11 58.34 -64.69
N GLU U 105 10.16 57.73 -65.41
CA GLU U 105 8.84 57.53 -64.83
C GLU U 105 8.95 56.66 -63.57
N GLY U 106 8.18 57.02 -62.55
CA GLY U 106 8.24 56.29 -61.29
C GLY U 106 7.55 54.94 -61.32
N GLU U 107 8.07 54.01 -62.10
CA GLU U 107 7.43 52.71 -62.27
C GLU U 107 8.27 51.55 -61.76
N LEU U 108 7.61 50.63 -61.06
CA LEU U 108 8.17 49.39 -60.60
C LEU U 108 7.31 48.28 -61.18
N LEU U 109 7.92 47.29 -61.81
CA LEU U 109 7.18 46.24 -62.49
C LEU U 109 7.34 44.91 -61.78
N ILE U 110 6.24 44.31 -61.33
CA ILE U 110 6.32 43.05 -60.61
C ILE U 110 5.55 41.97 -61.36
N HIS U 111 6.23 40.88 -61.70
CA HIS U 111 5.60 39.76 -62.40
C HIS U 111 5.55 38.51 -61.51
N LEU U 112 4.35 38.08 -61.16
CA LEU U 112 4.14 36.88 -60.33
C LEU U 112 3.71 35.70 -61.18
N GLN U 113 4.45 34.60 -61.07
CA GLN U 113 4.13 33.36 -61.74
C GLN U 113 3.75 32.33 -60.68
N TYR U 114 2.75 31.49 -60.96
CA TYR U 114 2.29 30.52 -59.97
C TYR U 114 1.74 29.25 -60.62
N ILE U 115 1.60 28.22 -59.77
CA ILE U 115 1.11 26.90 -60.14
C ILE U 115 -0.17 26.54 -59.39
N VAL U 116 -1.17 26.04 -60.11
CA VAL U 116 -2.44 25.63 -59.50
C VAL U 116 -2.33 24.21 -58.94
N ARG U 117 -2.74 24.02 -57.69
CA ARG U 117 -2.63 22.74 -56.99
C ARG U 117 -3.58 21.65 -57.51
N ALA U 118 -3.05 20.42 -57.64
CA ALA U 118 -3.81 19.26 -58.08
C ALA U 118 -4.52 18.51 -56.96
N THR U 119 -4.24 18.84 -55.70
CA THR U 119 -4.80 18.19 -54.52
C THR U 119 -5.49 19.25 -53.67
N ASN U 120 -6.50 18.90 -52.87
CA ASN U 120 -7.29 19.87 -52.14
C ASN U 120 -6.71 20.24 -50.77
N SER U 121 -6.51 21.55 -50.57
CA SER U 121 -5.98 22.13 -49.35
C SER U 121 -6.98 22.10 -48.19
N ARG U 122 -6.44 22.01 -46.97
CA ARG U 122 -7.23 21.96 -45.75
C ARG U 122 -7.86 23.30 -45.37
N LYS U 123 -7.54 24.35 -46.10
CA LYS U 123 -8.07 25.68 -45.86
C LYS U 123 -9.04 26.12 -46.94
N ASN U 124 -9.43 25.23 -47.85
CA ASN U 124 -10.25 25.61 -49.00
C ASN U 124 -11.75 25.43 -48.75
N MET U 125 -12.49 26.49 -48.46
CA MET U 125 -13.90 26.33 -48.13
C MET U 125 -14.85 26.21 -49.34
N VAL U 126 -14.81 25.05 -49.99
CA VAL U 126 -15.68 24.71 -51.12
C VAL U 126 -16.69 23.67 -50.62
N TYR U 127 -17.98 23.94 -50.84
CA TYR U 127 -19.09 23.29 -50.13
C TYR U 127 -19.07 21.75 -49.97
N PRO U 128 -19.00 20.92 -50.99
CA PRO U 128 -19.10 19.49 -50.72
C PRO U 128 -17.80 18.86 -50.26
N PHE U 129 -16.78 19.66 -49.93
CA PHE U 129 -15.48 19.13 -49.54
C PHE U 129 -15.08 19.51 -48.14
N TYR U 130 -15.17 20.79 -47.76
CA TYR U 130 -14.66 21.21 -46.46
C TYR U 130 -15.35 20.50 -45.31
N LEU U 131 -16.58 20.02 -45.53
CA LEU U 131 -17.32 19.36 -44.47
C LEU U 131 -16.60 18.17 -43.90
N GLU U 132 -15.90 17.41 -44.73
CA GLU U 132 -15.18 16.29 -44.18
C GLU U 132 -13.66 16.49 -44.31
N GLU U 133 -13.19 17.37 -45.18
CA GLU U 133 -11.74 17.62 -45.35
C GLU U 133 -11.16 18.94 -44.78
N GLY U 134 -11.95 19.91 -44.36
CA GLY U 134 -11.39 21.17 -43.86
C GLY U 134 -10.99 21.25 -42.40
N THR U 135 -9.93 20.55 -42.04
CA THR U 135 -9.46 20.47 -40.66
C THR U 135 -8.95 21.78 -40.06
N ASN U 136 -8.24 22.59 -40.84
CA ASN U 136 -7.72 23.84 -40.31
C ASN U 136 -7.68 24.91 -41.43
N LYS V 4 18.94 -36.38 -55.19
CA LYS V 4 17.69 -35.84 -54.69
C LYS V 4 17.91 -35.02 -53.42
N SER V 5 19.18 -34.71 -53.21
CA SER V 5 19.65 -33.81 -52.15
C SER V 5 19.31 -32.32 -52.43
N LYS V 6 19.50 -31.92 -53.69
CA LYS V 6 19.27 -30.57 -54.18
C LYS V 6 17.83 -30.42 -54.68
N ASP V 7 16.87 -30.58 -53.77
CA ASP V 7 15.45 -30.45 -54.08
C ASP V 7 14.86 -29.12 -53.64
N PHE V 8 15.65 -28.27 -52.95
CA PHE V 8 15.13 -26.95 -52.56
C PHE V 8 15.43 -25.87 -53.57
N LEU V 9 16.05 -26.22 -54.68
CA LEU V 9 16.19 -25.23 -55.73
C LEU V 9 14.94 -25.25 -56.57
N GLY V 10 14.27 -26.40 -56.59
CA GLY V 10 12.97 -26.55 -57.20
C GLY V 10 12.99 -26.83 -58.69
N THR V 11 11.75 -27.00 -59.21
CA THR V 11 11.37 -27.32 -60.60
C THR V 11 10.23 -26.45 -61.16
N GLY V 12 10.30 -25.98 -62.42
CA GLY V 12 9.24 -25.13 -62.93
C GLY V 12 9.23 -25.02 -64.45
N TRP V 13 8.39 -24.13 -64.98
CA TRP V 13 8.23 -23.96 -66.43
C TRP V 13 9.47 -23.32 -67.04
N GLY V 14 9.84 -23.73 -68.27
CA GLY V 14 10.93 -23.05 -68.95
C GLY V 14 10.51 -21.64 -69.33
N PHE V 15 11.42 -20.66 -69.42
CA PHE V 15 10.91 -19.31 -69.68
C PHE V 15 10.28 -19.14 -71.04
N PRO V 16 10.96 -19.36 -72.14
CA PRO V 16 10.24 -19.28 -73.35
C PRO V 16 9.51 -20.60 -73.53
N PRO V 17 8.32 -20.80 -72.93
CA PRO V 17 7.76 -22.14 -72.82
C PRO V 17 7.56 -22.78 -74.16
N GLU V 18 8.03 -24.00 -74.27
CA GLU V 18 7.96 -24.76 -75.49
C GLU V 18 7.02 -25.93 -75.26
N PHE V 19 6.19 -26.18 -76.26
CA PHE V 19 5.24 -27.25 -76.19
C PHE V 19 5.65 -28.34 -77.16
N GLU V 20 5.66 -29.55 -76.67
CA GLU V 20 6.01 -30.70 -77.49
C GLU V 20 4.75 -31.39 -78.00
N THR V 21 4.91 -32.15 -79.08
CA THR V 21 3.81 -32.89 -79.69
C THR V 21 4.08 -34.41 -79.65
N SER V 22 5.29 -34.81 -79.26
CA SER V 22 5.61 -36.24 -79.20
C SER V 22 5.02 -36.79 -77.91
N ILE V 23 4.69 -35.86 -77.01
CA ILE V 23 4.00 -36.13 -75.77
C ILE V 23 3.33 -34.78 -75.47
N GLY V 24 2.11 -34.82 -74.95
CA GLY V 24 1.40 -33.57 -74.73
C GLY V 24 1.86 -32.81 -73.50
N GLN V 25 3.09 -32.29 -73.53
CA GLN V 25 3.67 -31.64 -72.35
C GLN V 25 4.42 -30.35 -72.69
N VAL V 26 4.53 -29.49 -71.68
CA VAL V 26 5.31 -28.26 -71.75
C VAL V 26 6.63 -28.55 -71.03
N LYS V 27 7.73 -28.11 -71.63
CA LYS V 27 9.04 -28.37 -71.04
C LYS V 27 9.25 -27.60 -69.74
N THR V 28 9.95 -28.25 -68.83
CA THR V 28 10.31 -27.71 -67.53
C THR V 28 11.83 -27.71 -67.33
N THR V 29 12.24 -26.93 -66.31
CA THR V 29 13.62 -26.74 -65.91
C THR V 29 13.78 -27.03 -64.41
N SER V 30 15.02 -27.23 -63.98
CA SER V 30 15.31 -27.54 -62.58
C SER V 30 16.69 -27.10 -62.16
N GLY V 31 16.86 -26.96 -60.84
CA GLY V 31 18.19 -26.70 -60.26
C GLY V 31 18.88 -25.47 -60.82
N VAL V 32 20.10 -25.68 -61.32
CA VAL V 32 20.91 -24.60 -61.86
C VAL V 32 20.32 -24.04 -63.15
N GLU V 33 19.83 -24.90 -64.03
CA GLU V 33 19.15 -24.42 -65.24
C GLU V 33 18.02 -23.47 -64.92
N ASP V 34 17.22 -23.82 -63.91
CA ASP V 34 16.13 -22.95 -63.49
C ASP V 34 16.63 -21.60 -63.03
N ILE V 35 17.75 -21.58 -62.27
CA ILE V 35 18.32 -20.32 -61.79
C ILE V 35 18.75 -19.44 -62.95
N GLN V 36 19.41 -20.02 -63.93
CA GLN V 36 19.89 -19.22 -65.06
C GLN V 36 18.73 -18.58 -65.83
N LYS V 37 17.60 -19.28 -65.95
CA LYS V 37 16.46 -18.68 -66.65
C LYS V 37 15.79 -17.61 -65.81
N SER V 38 15.79 -17.76 -64.48
CA SER V 38 15.25 -16.73 -63.60
C SER V 38 15.97 -15.40 -63.81
N LEU V 39 17.29 -15.45 -63.92
CA LEU V 39 18.07 -14.24 -64.16
C LEU V 39 17.75 -13.61 -65.51
N GLU V 40 17.57 -14.42 -66.55
CA GLU V 40 17.18 -13.90 -67.85
C GLU V 40 15.85 -13.17 -67.78
N ILE V 41 14.88 -13.71 -67.03
CA ILE V 41 13.58 -13.06 -66.88
C ILE V 41 13.70 -11.73 -66.16
N LEU V 42 14.38 -11.73 -65.00
CA LEU V 42 14.44 -10.52 -64.17
C LEU V 42 15.01 -9.34 -64.93
N PHE V 43 16.10 -9.56 -65.65
CA PHE V 43 16.73 -8.42 -66.31
C PHE V 43 16.15 -8.14 -67.69
N SER V 44 15.08 -8.82 -68.07
CA SER V 44 14.33 -8.54 -69.27
C SER V 44 13.04 -7.80 -69.03
N THR V 45 12.72 -7.42 -67.81
CA THR V 45 11.46 -6.76 -67.56
C THR V 45 11.62 -5.46 -66.78
N LYS V 46 10.71 -4.53 -67.03
CA LYS V 46 10.73 -3.20 -66.43
C LYS V 46 9.94 -3.18 -65.11
N ILE V 47 10.23 -2.19 -64.28
CA ILE V 47 9.72 -2.15 -62.90
C ILE V 47 8.19 -2.19 -62.81
N GLY V 48 7.49 -1.42 -63.64
CA GLY V 48 6.04 -1.39 -63.53
C GLY V 48 5.26 -2.35 -64.42
N GLU V 49 5.90 -3.33 -65.05
CA GLU V 49 5.19 -4.19 -66.01
C GLU V 49 4.33 -5.31 -65.40
N ARG V 50 4.57 -5.74 -64.17
CA ARG V 50 3.73 -6.80 -63.61
C ARG V 50 2.52 -6.15 -62.93
N ILE V 51 1.38 -6.84 -62.92
CA ILE V 51 0.12 -6.19 -62.50
C ILE V 51 0.03 -5.98 -60.98
N MET V 52 0.15 -7.02 -60.16
CA MET V 52 0.03 -6.70 -58.75
C MET V 52 1.37 -6.73 -58.06
N GLN V 53 2.44 -6.73 -58.86
CA GLN V 53 3.84 -6.70 -58.44
C GLN V 53 4.52 -5.46 -59.03
N PRO V 54 4.15 -4.27 -58.54
CA PRO V 54 4.58 -2.98 -59.12
C PRO V 54 6.06 -2.68 -58.99
N THR V 55 6.79 -3.47 -58.23
CA THR V 55 8.23 -3.27 -58.06
C THR V 55 8.96 -4.55 -58.39
N TYR V 56 9.05 -4.92 -59.66
CA TYR V 56 9.73 -6.15 -60.06
C TYR V 56 10.43 -5.90 -61.38
N GLY V 57 11.73 -6.11 -61.44
CA GLY V 57 12.43 -5.88 -62.69
C GLY V 57 13.62 -5.00 -62.44
N CYS V 58 14.07 -4.28 -63.46
CA CYS V 58 15.26 -3.44 -63.27
C CYS V 58 15.18 -2.16 -64.09
N ASN V 59 16.10 -1.24 -63.77
CA ASN V 59 16.20 0.07 -64.41
C ASN V 59 17.43 0.26 -65.29
N LEU V 60 17.98 -0.80 -65.88
CA LEU V 60 19.21 -0.61 -66.65
C LEU V 60 19.05 0.32 -67.86
N ASP V 61 17.82 0.46 -68.39
CA ASP V 61 17.55 1.35 -69.53
C ASP V 61 17.85 2.82 -69.26
N GLU V 62 17.93 3.24 -68.00
CA GLU V 62 18.22 4.62 -67.64
C GLU V 62 19.56 5.09 -68.17
N LEU V 63 20.45 4.15 -68.45
CA LEU V 63 21.79 4.46 -68.86
C LEU V 63 22.00 4.45 -70.36
N LEU V 64 20.94 4.29 -71.15
CA LEU V 64 21.11 4.31 -72.59
C LEU V 64 21.39 5.74 -73.04
N PHE V 65 22.20 5.88 -74.08
CA PHE V 65 22.57 7.18 -74.65
C PHE V 65 23.33 8.06 -73.66
N SER V 66 24.28 7.47 -72.96
CA SER V 66 25.09 8.18 -71.99
C SER V 66 26.55 7.77 -72.18
N PRO V 67 27.50 8.65 -71.82
CA PRO V 67 28.94 8.33 -71.87
C PRO V 67 29.31 7.37 -70.76
N ILE V 68 30.42 6.66 -70.97
CA ILE V 68 30.88 5.64 -70.02
C ILE V 68 32.03 6.20 -69.16
N ASN V 69 31.84 6.17 -67.84
CA ASN V 69 32.85 6.65 -66.90
C ASN V 69 32.70 5.91 -65.56
N ARG V 70 33.52 6.32 -64.59
CA ARG V 70 33.57 5.71 -63.26
C ARG V 70 32.26 5.86 -62.48
N THR V 71 31.57 6.99 -62.63
CA THR V 71 30.34 7.20 -61.89
C THR V 71 29.26 6.26 -62.40
N LEU V 72 29.15 6.16 -63.72
CA LEU V 72 28.24 5.20 -64.34
C LEU V 72 28.49 3.79 -63.87
N LYS V 73 29.74 3.34 -63.94
CA LYS V 73 30.03 1.96 -63.56
C LYS V 73 29.61 1.66 -62.14
N THR V 74 29.82 2.62 -61.22
CA THR V 74 29.40 2.43 -59.84
C THR V 74 27.89 2.29 -59.74
N TYR V 75 27.16 3.12 -60.47
CA TYR V 75 25.70 3.08 -60.49
C TYR V 75 25.17 1.77 -61.07
N VAL V 76 25.77 1.27 -62.16
CA VAL V 76 25.36 -0.01 -62.77
C VAL V 76 25.46 -1.15 -61.77
N ILE V 77 26.58 -1.19 -61.05
CA ILE V 77 26.80 -2.26 -60.09
C ILE V 77 25.75 -2.23 -59.00
N GLU V 78 25.44 -1.05 -58.47
CA GLU V 78 24.38 -0.92 -57.47
C GLU V 78 23.03 -1.42 -57.97
N LEU V 79 22.66 -1.07 -59.21
CA LEU V 79 21.36 -1.51 -59.75
C LEU V 79 21.26 -3.02 -59.81
N ILE V 80 22.32 -3.67 -60.27
CA ILE V 80 22.33 -5.12 -60.43
C ILE V 80 22.25 -5.80 -59.08
N LYS V 81 23.07 -5.36 -58.13
CA LYS V 81 23.08 -6.01 -56.83
C LYS V 81 21.76 -5.88 -56.10
N ASN V 82 21.08 -4.74 -56.20
CA ASN V 82 19.83 -4.63 -55.49
C ASN V 82 18.76 -5.49 -56.11
N ALA V 83 18.71 -5.58 -57.45
CA ALA V 83 17.71 -6.42 -58.09
C ALA V 83 17.86 -7.87 -57.67
N ILE V 84 19.09 -8.34 -57.51
CA ILE V 84 19.31 -9.72 -57.08
C ILE V 84 18.90 -9.90 -55.62
N LEU V 85 19.29 -8.98 -54.73
CA LEU V 85 18.94 -9.13 -53.32
C LEU V 85 17.43 -9.17 -53.11
N TYR V 86 16.68 -8.38 -53.88
CA TYR V 86 15.24 -8.41 -53.72
C TYR V 86 14.60 -9.62 -54.39
N HIS V 87 15.07 -10.02 -55.58
CA HIS V 87 14.29 -10.98 -56.34
C HIS V 87 14.88 -12.37 -56.61
N GLU V 88 16.16 -12.66 -56.34
CA GLU V 88 16.66 -14.04 -56.55
C GLU V 88 17.41 -14.61 -55.35
N PRO V 89 16.66 -15.26 -54.42
CA PRO V 89 17.17 -15.81 -53.15
C PRO V 89 18.18 -16.94 -53.23
N ARG V 90 18.32 -17.59 -54.38
CA ARG V 90 19.18 -18.74 -54.46
C ARG V 90 20.65 -18.44 -54.77
N ILE V 91 21.05 -17.18 -55.05
CA ILE V 91 22.45 -16.94 -55.41
C ILE V 91 23.11 -15.78 -54.66
N ASP V 92 24.44 -15.81 -54.67
CA ASP V 92 25.33 -14.74 -54.19
C ASP V 92 26.22 -14.26 -55.32
N PRO V 93 26.12 -13.00 -55.74
CA PRO V 93 26.99 -12.42 -56.76
C PRO V 93 28.45 -12.53 -56.34
N GLU V 94 29.33 -12.79 -57.31
CA GLU V 94 30.75 -12.89 -57.04
C GLU V 94 31.51 -11.71 -57.60
N LYS V 95 31.24 -11.37 -58.85
CA LYS V 95 31.97 -10.31 -59.52
C LYS V 95 31.18 -9.70 -60.67
N ILE V 96 31.23 -8.38 -60.79
CA ILE V 96 30.63 -7.68 -61.91
C ILE V 96 31.73 -6.95 -62.68
N ASP V 97 31.92 -7.31 -63.93
CA ASP V 97 32.98 -6.78 -64.78
C ASP V 97 32.36 -5.94 -65.91
N ILE V 98 32.58 -4.62 -65.91
CA ILE V 98 31.98 -3.71 -66.88
C ILE V 98 33.04 -3.11 -67.81
N THR V 99 32.95 -3.40 -69.11
CA THR V 99 33.94 -2.93 -70.09
C THR V 99 33.33 -2.50 -71.45
N GLN V 100 34.11 -1.72 -72.20
CA GLN V 100 33.70 -1.20 -73.50
C GLN V 100 34.55 -1.83 -74.60
N GLY V 101 33.94 -2.66 -75.45
CA GLY V 101 34.67 -3.38 -76.47
C GLY V 101 34.70 -2.74 -77.85
N ASN V 102 34.13 -1.54 -77.99
CA ASN V 102 33.99 -0.89 -79.30
C ASN V 102 34.24 0.61 -79.17
N GLU V 103 35.21 1.10 -79.94
CA GLU V 103 35.56 2.51 -80.03
C GLU V 103 34.43 3.32 -80.64
N ILE V 104 33.73 2.74 -81.63
CA ILE V 104 32.68 3.43 -82.36
C ILE V 104 31.28 2.92 -82.02
N GLU V 105 31.05 1.61 -82.18
CA GLU V 105 29.71 1.09 -81.91
C GLU V 105 29.31 1.37 -80.47
N GLY V 106 28.04 1.74 -80.28
CA GLY V 106 27.58 2.08 -78.94
C GLY V 106 27.34 0.88 -78.06
N GLU V 107 28.40 0.16 -77.69
CA GLU V 107 28.25 -1.06 -76.92
C GLU V 107 28.92 -0.98 -75.55
N LEU V 108 28.20 -1.48 -74.56
CA LEU V 108 28.69 -1.63 -73.19
C LEU V 108 28.56 -3.10 -72.86
N LEU V 109 29.62 -3.71 -72.34
CA LEU V 109 29.61 -5.15 -72.09
C LEU V 109 29.67 -5.43 -70.59
N ILE V 110 28.67 -6.14 -70.07
CA ILE V 110 28.62 -6.42 -68.64
C ILE V 110 28.64 -7.92 -68.41
N HIS V 111 29.62 -8.39 -67.63
CA HIS V 111 29.75 -9.81 -67.31
C HIS V 111 29.51 -10.05 -65.82
N LEU V 112 28.43 -10.78 -65.50
CA LEU V 112 28.08 -11.11 -64.12
C LEU V 112 28.47 -12.55 -63.80
N GLN V 113 29.25 -12.72 -62.73
CA GLN V 113 29.63 -14.03 -62.25
C GLN V 113 28.98 -14.23 -60.88
N TYR V 114 28.50 -15.45 -60.59
CA TYR V 114 27.82 -15.70 -59.33
C TYR V 114 28.00 -17.13 -58.84
N ILE V 115 27.65 -17.33 -57.57
CA ILE V 115 27.76 -18.60 -56.84
C ILE V 115 26.39 -19.09 -56.36
N VAL V 116 26.09 -20.37 -56.61
CA VAL V 116 24.83 -20.95 -56.17
C VAL V 116 24.94 -21.40 -54.71
N ARG V 117 23.96 -21.02 -53.89
CA ARG V 117 23.95 -21.31 -52.46
C ARG V 117 23.72 -22.78 -52.10
N ALA V 118 24.49 -23.29 -51.13
CA ALA V 118 24.38 -24.66 -50.64
C ALA V 118 23.36 -24.84 -49.52
N THR V 119 22.82 -23.76 -48.97
CA THR V 119 21.87 -23.77 -47.86
C THR V 119 20.62 -23.03 -48.30
N ASN V 120 19.45 -23.33 -47.74
CA ASN V 120 18.18 -22.78 -48.20
C ASN V 120 17.82 -21.43 -47.56
N SER V 121 17.60 -20.43 -48.41
CA SER V 121 17.22 -19.08 -48.02
C SER V 121 15.79 -18.98 -47.49
N ARG V 122 15.57 -18.02 -46.58
CA ARG V 122 14.27 -17.78 -45.95
C ARG V 122 13.26 -17.12 -46.89
N LYS V 123 13.69 -16.74 -48.08
CA LYS V 123 12.84 -16.11 -49.07
C LYS V 123 12.53 -17.03 -50.25
N ASN V 124 12.92 -18.29 -50.18
CA ASN V 124 12.80 -19.20 -51.32
C ASN V 124 11.49 -20.00 -51.32
N MET V 125 10.53 -19.63 -52.16
CA MET V 125 9.23 -20.32 -52.16
C MET V 125 9.18 -21.62 -52.93
N VAL V 126 9.78 -22.65 -52.37
CA VAL V 126 9.76 -23.99 -52.95
C VAL V 126 8.92 -24.88 -52.04
N TYR V 127 7.93 -25.57 -52.63
CA TYR V 127 6.80 -26.15 -51.90
C TYR V 127 7.06 -26.97 -50.62
N PRO V 128 7.86 -28.01 -50.58
CA PRO V 128 7.96 -28.76 -49.32
C PRO V 128 8.90 -28.13 -48.31
N PHE V 129 9.36 -26.90 -48.54
CA PHE V 129 10.32 -26.26 -47.64
C PHE V 129 9.79 -25.00 -47.01
N TYR V 130 9.23 -24.07 -47.79
CA TYR V 130 8.83 -22.78 -47.24
C TYR V 130 7.81 -22.92 -46.12
N LEU V 131 7.05 -24.01 -46.12
CA LEU V 131 6.01 -24.20 -45.12
C LEU V 131 6.55 -24.17 -43.70
N GLU V 132 7.75 -24.72 -43.48
CA GLU V 132 8.27 -24.66 -42.15
C GLU V 132 9.53 -23.76 -42.09
N GLU V 133 10.21 -23.47 -43.19
CA GLU V 133 11.42 -22.65 -43.11
C GLU V 133 11.38 -21.24 -43.67
N GLY V 134 10.26 -20.77 -44.19
CA GLY V 134 10.21 -19.43 -44.74
C GLY V 134 8.93 -18.69 -44.45
N THR V 135 8.72 -17.58 -45.12
CA THR V 135 7.53 -16.73 -44.99
C THR V 135 6.30 -17.21 -45.75
N ASN V 136 5.14 -16.60 -45.48
CA ASN V 136 3.91 -16.97 -46.19
C ASN V 136 3.95 -16.49 -47.64
N LYS W 4 53.48 -43.14 -1.25
CA LYS W 4 52.07 -43.23 -1.61
C LYS W 4 51.37 -41.89 -1.44
N SER W 5 52.22 -40.87 -1.32
CA SER W 5 51.81 -39.46 -1.29
C SER W 5 51.36 -38.94 -2.68
N LYS W 6 52.12 -39.33 -3.70
CA LYS W 6 51.90 -38.94 -5.10
C LYS W 6 50.98 -39.95 -5.78
N ASP W 7 49.74 -40.05 -5.30
CA ASP W 7 48.73 -40.95 -5.86
C ASP W 7 47.72 -40.22 -6.74
N PHE W 8 47.79 -38.88 -6.84
CA PHE W 8 46.87 -38.16 -7.72
C PHE W 8 47.42 -37.95 -9.12
N LEU W 9 48.61 -38.46 -9.39
CA LEU W 9 49.09 -38.41 -10.76
C LEU W 9 48.53 -39.61 -11.50
N GLY W 10 48.26 -40.67 -10.73
CA GLY W 10 47.57 -41.85 -11.24
C GLY W 10 48.46 -42.87 -11.93
N THR W 11 47.78 -43.96 -12.34
CA THR W 11 48.31 -45.19 -12.99
C THR W 11 47.51 -45.62 -14.22
N GLY W 12 48.14 -46.04 -15.32
CA GLY W 12 47.38 -46.43 -16.51
C GLY W 12 48.17 -47.26 -17.50
N TRP W 13 47.58 -47.51 -18.67
CA TRP W 13 48.21 -48.34 -19.70
C TRP W 13 49.41 -47.63 -20.33
N GLY W 14 50.46 -48.39 -20.68
CA GLY W 14 51.57 -47.78 -21.41
C GLY W 14 51.12 -47.40 -22.81
N PHE W 15 51.69 -46.36 -23.45
CA PHE W 15 51.12 -46.01 -24.76
C PHE W 15 51.33 -47.05 -25.83
N PRO W 16 52.52 -47.45 -26.18
CA PRO W 16 52.57 -48.51 -27.10
C PRO W 16 52.38 -49.80 -26.33
N PRO W 17 51.13 -50.22 -26.05
CA PRO W 17 50.92 -51.27 -25.04
C PRO W 17 51.64 -52.54 -25.39
N GLU W 18 52.34 -53.06 -24.42
CA GLU W 18 53.12 -54.26 -24.57
C GLU W 18 52.50 -55.35 -23.72
N PHE W 19 52.43 -56.53 -24.28
CA PHE W 19 51.86 -57.66 -23.58
C PHE W 19 52.96 -58.63 -23.24
N GLU W 20 52.97 -59.06 -22.00
CA GLU W 20 53.96 -60.02 -21.54
C GLU W 20 53.36 -61.43 -21.55
N THR W 21 54.26 -62.42 -21.58
CA THR W 21 53.86 -63.83 -21.59
C THR W 21 54.40 -64.55 -20.33
N SER W 22 55.25 -63.88 -19.54
CA SER W 22 55.79 -64.51 -18.34
C SER W 22 54.73 -64.42 -17.25
N ILE W 23 53.77 -63.53 -17.50
CA ILE W 23 52.59 -63.34 -16.69
C ILE W 23 51.59 -62.75 -17.68
N GLY W 24 50.33 -63.14 -17.58
CA GLY W 24 49.35 -62.67 -18.55
C GLY W 24 48.89 -61.24 -18.31
N GLN W 25 49.79 -60.27 -18.49
CA GLN W 25 49.46 -58.88 -18.18
C GLN W 25 49.97 -57.89 -19.23
N VAL W 26 49.31 -56.74 -19.27
CA VAL W 26 49.72 -55.62 -20.11
C VAL W 26 50.45 -54.64 -19.22
N LYS W 27 51.56 -54.11 -19.70
CA LYS W 27 52.35 -53.19 -18.90
C LYS W 27 51.65 -51.86 -18.67
N THR W 28 51.86 -51.32 -17.48
CA THR W 28 51.32 -50.04 -17.04
C THR W 28 52.43 -49.08 -16.64
N THR W 29 52.05 -47.80 -16.55
CA THR W 29 52.90 -46.67 -16.19
C THR W 29 52.28 -45.89 -15.04
N SER W 30 53.08 -45.07 -14.39
CA SER W 30 52.62 -44.28 -13.25
C SER W 30 53.41 -43.00 -13.06
N GLY W 31 52.80 -42.04 -12.36
CA GLY W 31 53.49 -40.82 -11.96
C GLY W 31 54.08 -40.03 -13.11
N VAL W 32 55.39 -39.77 -13.01
CA VAL W 32 56.10 -38.99 -14.02
C VAL W 32 56.20 -39.74 -15.34
N GLU W 33 56.48 -41.05 -15.29
CA GLU W 33 56.49 -41.84 -16.52
C GLU W 33 55.18 -41.73 -17.29
N ASP W 34 54.07 -41.78 -16.57
CA ASP W 34 52.77 -41.64 -17.20
C ASP W 34 52.62 -40.28 -17.88
N ILE W 35 53.11 -39.22 -17.22
CA ILE W 35 53.02 -37.87 -17.79
C ILE W 35 53.80 -37.78 -19.09
N GLN W 36 55.01 -38.33 -19.11
CA GLN W 36 55.84 -38.25 -20.31
C GLN W 36 55.17 -38.97 -21.49
N LYS W 37 54.48 -40.08 -21.24
CA LYS W 37 53.82 -40.77 -22.34
C LYS W 37 52.57 -40.02 -22.80
N SER W 38 51.87 -39.35 -21.88
CA SER W 38 50.74 -38.51 -22.27
C SER W 38 51.14 -37.46 -23.29
N LEU W 39 52.28 -36.81 -23.06
CA LEU W 39 52.78 -35.80 -23.99
C LEU W 39 53.10 -36.40 -25.35
N GLU W 40 53.71 -37.59 -25.38
CA GLU W 40 54.00 -38.25 -26.65
C GLU W 40 52.71 -38.53 -27.42
N ILE W 41 51.63 -38.95 -26.74
CA ILE W 41 50.36 -39.20 -27.40
C ILE W 41 49.77 -37.92 -27.98
N LEU W 42 49.68 -36.87 -27.16
CA LEU W 42 49.01 -35.64 -27.57
C LEU W 42 49.63 -35.07 -28.84
N PHE W 43 50.95 -35.01 -28.90
CA PHE W 43 51.57 -34.37 -30.05
C PHE W 43 51.79 -35.32 -31.21
N SER W 44 51.29 -36.54 -31.11
CA SER W 44 51.27 -37.51 -32.21
C SER W 44 49.93 -37.65 -32.89
N THR W 45 48.93 -36.89 -32.50
CA THR W 45 47.62 -37.05 -33.11
C THR W 45 47.04 -35.74 -33.62
N LYS W 46 46.23 -35.84 -34.66
CA LYS W 46 45.63 -34.70 -35.33
C LYS W 46 44.28 -34.37 -34.71
N ILE W 47 43.83 -33.13 -34.94
CA ILE W 47 42.66 -32.58 -34.23
C ILE W 47 41.38 -33.41 -34.44
N GLY W 48 41.10 -33.82 -35.67
CA GLY W 48 39.86 -34.55 -35.90
C GLY W 48 39.92 -36.07 -35.84
N GLU W 49 41.00 -36.66 -35.35
CA GLU W 49 41.15 -38.13 -35.39
C GLU W 49 40.38 -38.91 -34.31
N ARG W 50 39.98 -38.32 -33.20
CA ARG W 50 39.23 -39.06 -32.21
C ARG W 50 37.75 -38.97 -32.53
N ILE W 51 36.97 -40.00 -32.20
CA ILE W 51 35.58 -40.08 -32.70
C ILE W 51 34.63 -39.12 -31.97
N MET W 52 34.50 -39.18 -30.66
CA MET W 52 33.57 -38.24 -30.08
C MET W 52 34.28 -37.10 -29.37
N GLN W 53 35.58 -36.98 -29.65
CA GLN W 53 36.47 -35.93 -29.15
C GLN W 53 37.06 -35.18 -30.34
N PRO W 54 36.23 -34.39 -31.05
CA PRO W 54 36.62 -33.73 -32.30
C PRO W 54 37.68 -32.65 -32.18
N THR W 55 38.04 -32.26 -30.96
CA THR W 55 39.05 -31.23 -30.74
C THR W 55 40.10 -31.79 -29.80
N TYR W 56 40.95 -32.69 -30.27
CA TYR W 56 41.99 -33.28 -29.41
C TYR W 56 43.22 -33.52 -30.27
N GLY W 57 44.36 -32.95 -29.89
CA GLY W 57 45.55 -33.15 -30.68
C GLY W 57 46.18 -31.82 -30.99
N CYS W 58 46.95 -31.75 -32.07
CA CYS W 58 47.61 -30.48 -32.38
C CYS W 58 47.71 -30.24 -33.87
N ASN W 59 48.08 -29.00 -34.23
CA ASN W 59 48.22 -28.54 -35.61
C ASN W 59 49.65 -28.27 -36.05
N LEU W 60 50.66 -28.92 -35.46
CA LEU W 60 52.03 -28.58 -35.83
C LEU W 60 52.34 -28.83 -37.32
N ASP W 61 51.61 -29.73 -37.98
CA ASP W 61 51.82 -30.03 -39.41
C ASP W 61 51.60 -28.84 -40.34
N GLU W 62 50.88 -27.80 -39.88
CA GLU W 62 50.61 -26.61 -40.69
C GLU W 62 51.88 -25.91 -41.10
N LEU W 63 52.96 -26.13 -40.38
CA LEU W 63 54.20 -25.43 -40.60
C LEU W 63 55.19 -26.21 -41.46
N LEU W 64 54.79 -27.35 -42.01
CA LEU W 64 55.72 -28.08 -42.86
C LEU W 64 55.86 -27.35 -44.18
N PHE W 65 57.07 -27.41 -44.76
CA PHE W 65 57.38 -26.78 -46.05
C PHE W 65 57.26 -25.26 -45.99
N SER W 66 57.78 -24.66 -44.92
CA SER W 66 57.74 -23.23 -44.73
C SER W 66 59.12 -22.78 -44.26
N PRO W 67 59.50 -21.52 -44.53
CA PRO W 67 60.75 -20.93 -44.04
C PRO W 67 60.67 -20.63 -42.55
N ILE W 68 61.83 -20.57 -41.91
CA ILE W 68 61.91 -20.35 -40.47
C ILE W 68 62.25 -18.89 -40.15
N ASN W 69 61.38 -18.23 -39.38
CA ASN W 69 61.58 -16.84 -38.98
C ASN W 69 60.89 -16.58 -37.65
N ARG W 70 60.92 -15.30 -37.22
CA ARG W 70 60.37 -14.86 -35.95
C ARG W 70 58.86 -15.06 -35.84
N THR W 71 58.14 -14.85 -36.95
CA THR W 71 56.68 -14.99 -36.91
C THR W 71 56.31 -16.43 -36.68
N LEU W 72 56.96 -17.34 -37.42
CA LEU W 72 56.77 -18.77 -37.23
C LEU W 72 57.03 -19.18 -35.80
N LYS W 73 58.18 -18.79 -35.25
CA LYS W 73 58.51 -19.23 -33.90
C LYS W 73 57.46 -18.80 -32.89
N THR W 74 56.92 -17.60 -33.04
CA THR W 74 55.86 -17.13 -32.15
C THR W 74 54.63 -17.99 -32.26
N TYR W 75 54.25 -18.33 -33.49
CA TYR W 75 53.09 -19.18 -33.75
C TYR W 75 53.26 -20.59 -33.19
N VAL W 76 54.46 -21.19 -33.33
CA VAL W 76 54.74 -22.52 -32.80
C VAL W 76 54.52 -22.56 -31.29
N ILE W 77 55.05 -21.55 -30.61
CA ILE W 77 54.94 -21.49 -29.16
C ILE W 77 53.48 -21.43 -28.73
N GLU W 78 52.69 -20.59 -29.38
CA GLU W 78 51.26 -20.51 -29.10
C GLU W 78 50.55 -21.85 -29.27
N LEU W 79 50.85 -22.58 -30.35
CA LEU W 79 50.19 -23.87 -30.58
C LEU W 79 50.47 -24.86 -29.47
N ILE W 80 51.74 -24.93 -29.04
CA ILE W 80 52.14 -25.87 -28.00
C ILE W 80 51.50 -25.53 -26.68
N LYS W 81 51.55 -24.25 -26.29
CA LYS W 81 50.98 -23.87 -25.00
C LYS W 81 49.49 -24.11 -24.93
N ASN W 82 48.75 -23.86 -26.00
CA ASN W 82 47.32 -24.08 -25.91
C ASN W 82 46.97 -25.56 -25.81
N ALA W 83 47.69 -26.41 -26.55
CA ALA W 83 47.43 -27.84 -26.49
C ALA W 83 47.64 -28.37 -25.07
N ILE W 84 48.66 -27.87 -24.38
CA ILE W 84 48.90 -28.31 -23.01
C ILE W 84 47.81 -27.79 -22.06
N LEU W 85 47.44 -26.51 -22.17
CA LEU W 85 46.40 -25.97 -21.28
C LEU W 85 45.08 -26.71 -21.42
N TYR W 86 44.72 -27.11 -22.63
CA TYR W 86 43.49 -27.85 -22.79
C TYR W 86 43.61 -29.30 -22.38
N HIS W 87 44.71 -29.98 -22.69
CA HIS W 87 44.71 -31.42 -22.56
C HIS W 87 45.64 -32.06 -21.52
N GLU W 88 46.61 -31.37 -20.89
CA GLU W 88 47.43 -32.02 -19.85
C GLU W 88 47.50 -31.24 -18.53
N PRO W 89 46.54 -31.50 -17.63
CA PRO W 89 46.37 -30.79 -16.33
C PRO W 89 47.48 -30.95 -15.32
N ARG W 90 48.37 -31.92 -15.48
CA ARG W 90 49.37 -32.18 -14.45
C ARG W 90 50.65 -31.35 -14.59
N ILE W 91 50.85 -30.56 -15.67
CA ILE W 91 52.13 -29.85 -15.80
C ILE W 91 51.98 -28.36 -16.11
N ASP W 92 53.07 -27.63 -15.85
CA ASP W 92 53.29 -26.22 -16.21
C ASP W 92 54.53 -26.12 -17.10
N PRO W 93 54.39 -25.67 -18.34
CA PRO W 93 55.53 -25.44 -19.24
C PRO W 93 56.50 -24.45 -18.63
N GLU W 94 57.79 -24.68 -18.83
CA GLU W 94 58.81 -23.79 -18.31
C GLU W 94 59.48 -22.99 -19.42
N LYS W 95 59.87 -23.67 -20.49
CA LYS W 95 60.59 -23.02 -21.57
C LYS W 95 60.44 -23.78 -22.89
N ILE W 96 60.26 -23.04 -23.98
CA ILE W 96 60.23 -23.62 -25.31
C ILE W 96 61.37 -23.02 -26.13
N ASP W 97 62.29 -23.86 -26.56
CA ASP W 97 63.50 -23.46 -27.27
C ASP W 97 63.43 -23.97 -28.73
N ILE W 98 63.32 -23.06 -29.70
CA ILE W 98 63.15 -23.43 -31.12
C ILE W 98 64.38 -23.03 -31.93
N THR W 99 65.08 -24.01 -32.50
CA THR W 99 66.32 -23.76 -33.27
C THR W 99 66.47 -24.63 -34.52
N GLN W 100 67.35 -24.18 -35.44
CA GLN W 100 67.61 -24.85 -36.70
C GLN W 100 69.04 -25.40 -36.71
N GLY W 101 69.18 -26.72 -36.69
CA GLY W 101 70.49 -27.35 -36.60
C GLY W 101 71.12 -27.75 -37.93
N ASN W 102 70.48 -27.44 -39.05
CA ASN W 102 70.94 -27.90 -40.36
C ASN W 102 70.73 -26.80 -41.41
N GLU W 103 71.83 -26.42 -42.05
CA GLU W 103 71.85 -25.44 -43.14
C GLU W 103 71.10 -25.95 -44.35
N ILE W 104 71.19 -27.26 -44.63
CA ILE W 104 70.59 -27.86 -45.82
C ILE W 104 69.39 -28.75 -45.48
N GLU W 105 69.58 -29.74 -44.60
CA GLU W 105 68.47 -30.64 -44.30
C GLU W 105 67.30 -29.86 -43.73
N GLY W 106 66.09 -30.22 -44.15
CA GLY W 106 64.91 -29.51 -43.70
C GLY W 106 64.49 -29.83 -42.28
N GLU W 107 65.30 -29.45 -41.31
CA GLU W 107 65.04 -29.80 -39.92
C GLU W 107 64.81 -28.58 -39.02
N LEU W 108 63.79 -28.70 -38.18
CA LEU W 108 63.49 -27.72 -37.15
C LEU W 108 63.52 -28.47 -35.83
N LEU W 109 64.22 -27.94 -34.85
CA LEU W 109 64.41 -28.64 -33.57
C LEU W 109 63.69 -27.90 -32.45
N ILE W 110 62.76 -28.58 -31.78
CA ILE W 110 62.00 -27.93 -30.72
C ILE W 110 62.22 -28.66 -29.40
N HIS W 111 62.69 -27.94 -28.39
CA HIS W 111 62.93 -28.52 -27.07
C HIS W 111 61.99 -27.93 -26.03
N LEU W 112 61.10 -28.77 -25.48
CA LEU W 112 60.14 -28.36 -24.46
C LEU W 112 60.59 -28.80 -23.07
N GLN W 113 60.68 -27.85 -22.16
CA GLN W 113 61.01 -28.12 -20.77
C GLN W 113 59.79 -27.80 -19.92
N TYR W 114 59.52 -28.62 -18.90
CA TYR W 114 58.33 -28.41 -18.07
C TYR W 114 58.52 -28.87 -16.62
N ILE W 115 57.59 -28.44 -15.77
CA ILE W 115 57.58 -28.71 -14.35
C ILE W 115 56.31 -29.48 -13.93
N VAL W 116 56.48 -30.54 -13.16
CA VAL W 116 55.35 -31.33 -12.68
C VAL W 116 54.74 -30.68 -11.43
N ARG W 117 53.42 -30.52 -11.43
CA ARG W 117 52.69 -29.86 -10.33
C ARG W 117 52.64 -30.65 -9.03
N ALA W 118 52.84 -29.96 -7.90
CA ALA W 118 52.78 -30.55 -6.57
C ALA W 118 51.38 -30.56 -5.95
N THR W 119 50.41 -29.90 -6.57
CA THR W 119 49.05 -29.79 -6.07
C THR W 119 48.10 -30.30 -7.16
N ASN W 120 46.92 -30.81 -6.81
CA ASN W 120 46.03 -31.46 -7.76
C ASN W 120 45.08 -30.49 -8.49
N SER W 121 45.15 -30.52 -9.82
CA SER W 121 44.33 -29.71 -10.71
C SER W 121 42.87 -30.13 -10.75
N ARG W 122 41.99 -29.16 -10.98
CA ARG W 122 40.54 -29.37 -11.04
C ARG W 122 40.09 -30.09 -12.31
N LYS W 123 40.99 -30.32 -13.24
CA LYS W 123 40.71 -31.00 -14.49
C LYS W 123 41.31 -32.40 -14.54
N ASN W 124 41.87 -32.90 -13.45
CA ASN W 124 42.60 -34.17 -13.45
C ASN W 124 41.71 -35.37 -13.07
N MET W 125 41.27 -36.15 -14.06
CA MET W 125 40.36 -37.24 -13.73
C MET W 125 41.02 -38.53 -13.23
N VAL W 126 41.49 -38.49 -11.98
CA VAL W 126 42.09 -39.63 -11.30
C VAL W 126 41.11 -40.09 -10.22
N TYR W 127 40.79 -41.40 -10.23
CA TYR W 127 39.61 -41.96 -9.56
C TYR W 127 39.30 -41.54 -8.11
N PRO W 128 40.16 -41.67 -7.11
CA PRO W 128 39.71 -41.34 -5.77
C PRO W 128 39.77 -39.85 -5.46
N PHE W 129 40.00 -38.99 -6.46
CA PHE W 129 40.14 -37.57 -6.24
C PHE W 129 39.08 -36.74 -6.94
N TYR W 130 38.87 -36.96 -8.24
CA TYR W 130 37.96 -36.10 -8.98
C TYR W 130 36.55 -36.10 -8.40
N LEU W 131 36.17 -37.17 -7.71
CA LEU W 131 34.83 -37.28 -7.16
C LEU W 131 34.48 -36.13 -6.23
N GLU W 132 35.46 -35.66 -5.44
CA GLU W 132 35.14 -34.54 -4.58
C GLU W 132 35.93 -33.29 -5.00
N GLU W 133 37.01 -33.41 -5.77
CA GLU W 133 37.79 -32.24 -6.20
C GLU W 133 37.68 -31.80 -7.69
N GLY W 134 37.08 -32.56 -8.58
CA GLY W 134 37.00 -32.16 -9.97
C GLY W 134 35.87 -31.25 -10.41
N THR W 135 35.92 -30.00 -9.98
CA THR W 135 34.87 -29.02 -10.25
C THR W 135 34.69 -28.63 -11.71
N ASN W 136 35.78 -28.49 -12.45
CA ASN W 136 35.66 -28.10 -13.85
C ASN W 136 36.80 -28.74 -14.68
N LYS X 4 53.64 3.56 43.01
CA LYS X 4 52.70 2.52 42.59
C LYS X 4 51.75 3.02 41.51
N SER X 5 52.13 4.17 40.96
CA SER X 5 51.48 4.79 39.81
C SER X 5 51.76 4.04 38.49
N LYS X 6 53.01 3.63 38.32
CA LYS X 6 53.51 2.93 37.14
C LYS X 6 53.36 1.42 37.32
N ASP X 7 52.12 0.95 37.45
CA ASP X 7 51.81 -0.47 37.62
C ASP X 7 51.30 -1.12 36.33
N PHE X 8 51.12 -0.35 35.25
CA PHE X 8 50.70 -0.95 33.99
C PHE X 8 51.86 -1.34 33.09
N LEU X 9 53.08 -1.13 33.54
CA LEU X 9 54.20 -1.64 32.78
C LEU X 9 54.42 -3.09 33.16
N GLY X 10 54.01 -3.43 34.39
CA GLY X 10 54.00 -4.79 34.87
C GLY X 10 55.32 -5.30 35.41
N THR X 11 55.24 -6.57 35.88
CA THR X 11 56.29 -7.38 36.53
C THR X 11 56.41 -8.80 35.98
N GLY X 12 57.62 -9.34 35.76
CA GLY X 12 57.73 -10.69 35.21
C GLY X 12 59.09 -11.32 35.40
N TRP X 13 59.32 -12.48 34.78
CA TRP X 13 60.57 -13.22 34.93
C TRP X 13 61.72 -12.51 34.23
N GLY X 14 62.93 -12.56 34.80
CA GLY X 14 64.09 -12.01 34.10
C GLY X 14 64.41 -12.85 32.88
N PHE X 15 64.98 -12.30 31.81
CA PHE X 15 65.15 -13.17 30.63
C PHE X 15 66.12 -14.31 30.83
N PRO X 16 67.38 -14.09 31.16
CA PRO X 16 68.17 -15.22 31.44
C PRO X 16 67.87 -15.64 32.87
N PRO X 17 66.81 -16.41 33.12
CA PRO X 17 66.32 -16.57 34.50
C PRO X 17 67.38 -17.12 35.41
N GLU X 18 67.52 -16.47 36.53
CA GLU X 18 68.51 -16.83 37.52
C GLU X 18 67.79 -17.31 38.75
N PHE X 19 68.30 -18.38 39.33
CA PHE X 19 67.71 -18.96 40.51
C PHE X 19 68.63 -18.73 41.68
N GLU X 20 68.07 -18.25 42.76
CA GLU X 20 68.82 -18.00 43.97
C GLU X 20 68.67 -19.16 44.94
N THR X 21 69.63 -19.27 45.87
CA THR X 21 69.62 -20.32 46.88
C THR X 21 69.53 -19.72 48.29
N SER X 22 69.65 -18.39 48.42
CA SER X 22 69.57 -17.76 49.72
C SER X 22 68.10 -17.66 50.11
N ILE X 23 67.26 -17.81 49.09
CA ILE X 23 65.82 -17.88 49.20
C ILE X 23 65.41 -18.67 47.96
N GLY X 24 64.43 -19.54 48.09
CA GLY X 24 64.06 -20.37 46.95
C GLY X 24 63.24 -19.65 45.90
N GLN X 25 63.84 -18.68 45.20
CA GLN X 25 63.11 -17.86 44.25
C GLN X 25 63.87 -17.61 42.95
N VAL X 26 63.11 -17.31 41.90
CA VAL X 26 63.64 -16.92 40.61
C VAL X 26 63.53 -15.41 40.53
N LYS X 27 64.57 -14.76 40.04
CA LYS X 27 64.56 -13.31 39.96
C LYS X 27 63.57 -12.79 38.93
N THR X 28 62.97 -11.65 39.27
CA THR X 28 62.03 -10.95 38.44
C THR X 28 62.48 -9.52 38.14
N THR X 29 61.84 -8.93 37.13
CA THR X 29 62.08 -7.57 36.65
C THR X 29 60.77 -6.79 36.61
N SER X 30 60.88 -5.47 36.51
CA SER X 30 59.72 -4.59 36.50
C SER X 30 59.97 -3.29 35.77
N GLY X 31 58.88 -2.65 35.34
CA GLY X 31 58.95 -1.32 34.77
C GLY X 31 59.88 -1.20 33.57
N VAL X 32 60.82 -0.26 33.68
CA VAL X 32 61.77 0.01 32.60
C VAL X 32 62.74 -1.14 32.41
N GLU X 33 63.23 -1.74 33.50
CA GLU X 33 64.08 -2.92 33.38
C GLU X 33 63.42 -4.03 32.58
N ASP X 34 62.14 -4.26 32.84
CA ASP X 34 61.40 -5.27 32.10
C ASP X 34 61.34 -4.94 30.62
N ILE X 35 61.13 -3.66 30.28
CA ILE X 35 61.08 -3.24 28.87
C ILE X 35 62.40 -3.51 28.18
N GLN X 36 63.51 -3.17 28.83
CA GLN X 36 64.81 -3.37 28.19
C GLN X 36 65.08 -4.85 27.91
N LYS X 37 64.63 -5.75 28.80
CA LYS X 37 64.85 -7.17 28.53
C LYS X 37 63.92 -7.69 27.44
N SER X 38 62.71 -7.14 27.34
CA SER X 38 61.81 -7.50 26.24
C SER X 38 62.45 -7.25 24.89
N LEU X 39 63.11 -6.11 24.74
CA LEU X 39 63.80 -5.78 23.49
C LEU X 39 64.93 -6.75 23.20
N GLU X 40 65.71 -7.12 24.23
CA GLU X 40 66.78 -8.10 24.03
C GLU X 40 66.22 -9.42 23.52
N ILE X 41 65.07 -9.88 24.06
CA ILE X 41 64.46 -11.12 23.60
C ILE X 41 64.01 -11.03 22.16
N LEU X 42 63.25 -9.98 21.83
CA LEU X 42 62.67 -9.87 20.49
C LEU X 42 63.73 -9.93 19.41
N PHE X 43 64.82 -9.20 19.57
CA PHE X 43 65.80 -9.14 18.51
C PHE X 43 66.82 -10.27 18.58
N SER X 44 66.63 -11.21 19.50
CA SER X 44 67.43 -12.42 19.58
C SER X 44 66.76 -13.65 19.03
N THR X 45 65.55 -13.54 18.48
CA THR X 45 64.87 -14.72 17.99
C THR X 45 64.39 -14.56 16.55
N LYS X 46 64.33 -15.67 15.85
CA LYS X 46 63.95 -15.73 14.45
C LYS X 46 62.44 -15.92 14.30
N ILE X 47 61.92 -15.57 13.12
CA ILE X 47 60.47 -15.48 12.90
C ILE X 47 59.73 -16.80 13.16
N GLY X 48 60.26 -17.93 12.70
CA GLY X 48 59.55 -19.19 12.88
C GLY X 48 59.91 -20.02 14.10
N GLU X 49 60.65 -19.47 15.08
CA GLU X 49 61.11 -20.28 16.21
C GLU X 49 60.08 -20.55 17.31
N ARG X 50 59.02 -19.76 17.45
CA ARG X 50 58.04 -20.04 18.50
C ARG X 50 56.99 -21.00 17.93
N ILE X 51 56.42 -21.85 18.79
CA ILE X 51 55.58 -22.96 18.28
C ILE X 51 54.20 -22.49 17.79
N MET X 52 53.41 -21.84 18.61
CA MET X 52 52.11 -21.46 18.05
C MET X 52 52.06 -19.98 17.73
N GLN X 53 53.24 -19.35 17.71
CA GLN X 53 53.45 -17.95 17.37
C GLN X 53 54.40 -17.85 16.19
N PRO X 54 53.94 -18.27 15.00
CA PRO X 54 54.79 -18.39 13.79
C PRO X 54 55.33 -17.10 13.24
N THR X 55 54.88 -15.96 13.73
CA THR X 55 55.35 -14.67 13.26
C THR X 55 55.82 -13.84 14.46
N TYR X 56 56.96 -14.18 15.05
CA TYR X 56 57.47 -13.45 16.21
C TYR X 56 58.99 -13.41 16.13
N GLY X 57 59.57 -12.22 16.13
CA GLY X 57 61.00 -12.14 16.04
C GLY X 57 61.38 -11.19 14.94
N CYS X 58 62.58 -11.34 14.37
CA CYS X 58 62.99 -10.41 13.33
C CYS X 58 63.84 -11.09 12.26
N ASN X 59 64.05 -10.35 11.16
CA ASN X 59 64.81 -10.81 10.01
C ASN X 59 66.15 -10.11 9.80
N LEU X 60 66.79 -9.60 10.85
CA LEU X 60 68.03 -8.85 10.63
C LEU X 60 69.15 -9.69 9.97
N ASP X 61 69.13 -11.01 10.14
CA ASP X 61 70.13 -11.91 9.56
C ASP X 61 70.19 -11.87 8.02
N GLU X 62 69.13 -11.40 7.36
CA GLU X 62 69.09 -11.31 5.90
C GLU X 62 70.18 -10.43 5.35
N LEU X 63 70.71 -9.54 6.16
CA LEU X 63 71.67 -8.57 5.72
C LEU X 63 73.11 -8.98 6.01
N LEU X 64 73.35 -10.19 6.49
CA LEU X 64 74.72 -10.61 6.71
C LEU X 64 75.40 -10.87 5.37
N PHE X 65 76.70 -10.58 5.32
CA PHE X 65 77.51 -10.77 4.10
C PHE X 65 77.05 -9.91 2.94
N SER X 66 76.75 -8.65 3.22
CA SER X 66 76.30 -7.71 2.20
C SER X 66 77.05 -6.40 2.41
N PRO X 67 77.23 -5.61 1.34
CA PRO X 67 77.84 -4.27 1.42
C PRO X 67 76.90 -3.27 2.07
N ILE X 68 77.47 -2.21 2.62
CA ILE X 68 76.70 -1.20 3.33
C ILE X 68 76.48 0.03 2.46
N ASN X 69 75.21 0.39 2.26
CA ASN X 69 74.85 1.56 1.45
C ASN X 69 73.51 2.12 1.92
N ARG X 70 73.02 3.13 1.19
CA ARG X 70 71.77 3.83 1.51
C ARG X 70 70.54 2.94 1.44
N THR X 71 70.51 2.01 0.48
CA THR X 71 69.34 1.14 0.33
C THR X 71 69.24 0.21 1.51
N LEU X 72 70.37 -0.39 1.89
CA LEU X 72 70.43 -1.23 3.08
C LEU X 72 69.96 -0.50 4.32
N LYS X 73 70.49 0.69 4.56
CA LYS X 73 70.13 1.42 5.77
C LYS X 73 68.63 1.66 5.85
N THR X 74 68.01 1.99 4.72
CA THR X 74 66.57 2.21 4.68
C THR X 74 65.82 0.93 5.06
N TYR X 75 66.26 -0.19 4.51
CA TYR X 75 65.65 -1.49 4.79
C TYR X 75 65.80 -1.90 6.26
N VAL X 76 66.99 -1.67 6.86
CA VAL X 76 67.21 -1.99 8.28
C VAL X 76 66.23 -1.25 9.16
N ILE X 77 66.06 0.04 8.89
CA ILE X 77 65.17 0.86 9.70
C ILE X 77 63.74 0.34 9.63
N GLU X 78 63.27 0.02 8.43
CA GLU X 78 61.94 -0.56 8.28
C GLU X 78 61.75 -1.86 9.08
N LEU X 79 62.74 -2.75 9.05
CA LEU X 79 62.64 -4.02 9.78
C LEU X 79 62.48 -3.80 11.28
N ILE X 80 63.28 -2.88 11.83
CA ILE X 80 63.26 -2.61 13.26
C ILE X 80 61.94 -1.98 13.66
N LYS X 81 61.48 -0.99 12.91
CA LYS X 81 60.24 -0.31 13.29
C LYS X 81 59.04 -1.24 13.24
N ASN X 82 58.97 -2.14 12.26
CA ASN X 82 57.80 -3.01 12.21
C ASN X 82 57.82 -4.01 13.35
N ALA X 83 58.98 -4.55 13.69
CA ALA X 83 59.06 -5.51 14.80
C ALA X 83 58.58 -4.88 16.10
N ILE X 84 58.90 -3.61 16.32
CA ILE X 84 58.45 -2.94 17.53
C ILE X 84 56.95 -2.68 17.49
N LEU X 85 56.41 -2.20 16.36
CA LEU X 85 54.98 -1.93 16.27
C LEU X 85 54.15 -3.18 16.52
N TYR X 86 54.61 -4.32 16.04
CA TYR X 86 53.86 -5.54 16.27
C TYR X 86 54.06 -6.09 17.67
N HIS X 87 55.28 -6.06 18.21
CA HIS X 87 55.51 -6.83 19.42
C HIS X 87 55.85 -6.09 20.72
N GLU X 88 56.13 -4.78 20.75
CA GLU X 88 56.38 -4.10 22.03
C GLU X 88 55.54 -2.82 22.23
N PRO X 89 54.33 -2.99 22.79
CA PRO X 89 53.33 -1.90 23.00
C PRO X 89 53.71 -0.78 23.95
N ARG X 90 54.73 -0.96 24.77
CA ARG X 90 55.05 0.04 25.77
C ARG X 90 55.97 1.16 25.29
N ILE X 91 56.54 1.12 24.08
CA ILE X 91 57.48 2.17 23.68
C ILE X 91 57.20 2.79 22.32
N ASP X 92 57.78 3.98 22.12
CA ASP X 92 57.84 4.71 20.85
C ASP X 92 59.30 4.95 20.46
N PRO X 93 59.76 4.41 19.34
CA PRO X 93 61.13 4.66 18.84
C PRO X 93 61.36 6.14 18.63
N GLU X 94 62.56 6.60 18.93
CA GLU X 94 62.91 8.01 18.74
C GLU X 94 63.87 8.19 17.59
N LYS X 95 64.92 7.38 17.55
CA LYS X 95 65.95 7.53 16.53
C LYS X 95 66.71 6.23 16.30
N ILE X 96 66.99 5.94 15.04
CA ILE X 96 67.82 4.80 14.68
C ILE X 96 69.05 5.31 13.94
N ASP X 97 70.23 5.07 14.51
CA ASP X 97 71.50 5.56 13.99
C ASP X 97 72.35 4.37 13.50
N ILE X 98 72.58 4.27 12.19
CA ILE X 98 73.30 3.13 11.60
C ILE X 98 74.65 3.58 11.02
N THR X 99 75.76 3.06 11.58
CA THR X 99 77.11 3.44 11.17
C THR X 99 78.12 2.28 11.10
N GLN X 100 79.21 2.50 10.37
CA GLN X 100 80.27 1.50 10.18
C GLN X 100 81.55 1.98 10.88
N GLY X 101 81.95 1.29 11.94
CA GLY X 101 83.10 1.71 12.73
C GLY X 101 84.42 1.04 12.37
N ASN X 102 84.44 0.21 11.32
CA ASN X 102 85.63 -0.57 10.97
C ASN X 102 85.79 -0.65 9.46
N GLU X 103 86.95 -0.19 8.99
CA GLU X 103 87.33 -0.24 7.58
C GLU X 103 87.49 -1.67 7.11
N ILE X 104 88.01 -2.55 7.98
CA ILE X 104 88.32 -3.93 7.60
C ILE X 104 87.36 -4.93 8.27
N GLU X 105 87.25 -4.89 9.60
CA GLU X 105 86.39 -5.87 10.27
C GLU X 105 84.96 -5.73 9.78
N GLY X 106 84.28 -6.86 9.58
CA GLY X 106 82.93 -6.83 9.07
C GLY X 106 81.89 -6.42 10.09
N GLU X 107 81.93 -5.17 10.54
CA GLU X 107 81.04 -4.72 11.60
C GLU X 107 80.10 -3.60 11.15
N LEU X 108 78.85 -3.73 11.55
CA LEU X 108 77.81 -2.74 11.35
C LEU X 108 77.29 -2.39 12.74
N LEU X 109 77.22 -1.11 13.05
CA LEU X 109 76.83 -0.67 14.39
C LEU X 109 75.46 0.01 14.37
N ILE X 110 74.50 -0.50 15.11
CA ILE X 110 73.16 0.07 15.11
C ILE X 110 72.79 0.53 16.50
N HIS X 111 72.46 1.81 16.65
CA HIS X 111 72.06 2.38 17.94
C HIS X 111 70.60 2.81 17.93
N LEU X 112 69.77 2.13 18.73
CA LEU X 112 68.35 2.44 18.85
C LEU X 112 68.05 3.24 20.12
N GLN X 113 67.42 4.39 19.94
CA GLN X 113 66.99 5.22 21.04
C GLN X 113 65.46 5.23 21.08
N TYR X 114 64.87 5.19 22.28
CA TYR X 114 63.41 5.13 22.39
C TYR X 114 62.89 5.82 23.65
N ILE X 115 61.58 6.05 23.64
CA ILE X 115 60.84 6.72 24.71
C ILE X 115 59.77 5.80 25.31
N VAL X 116 59.72 5.72 26.64
CA VAL X 116 58.72 4.91 27.33
C VAL X 116 57.41 5.68 27.46
N ARG X 117 56.29 5.04 27.09
CA ARG X 117 54.97 5.67 27.09
C ARG X 117 54.39 5.93 28.48
N ALA X 118 53.79 7.11 28.65
CA ALA X 118 53.15 7.52 29.90
C ALA X 118 51.69 7.09 30.02
N THR X 119 51.09 6.58 28.95
CA THR X 119 49.69 6.17 28.90
C THR X 119 49.64 4.71 28.47
N ASN X 120 48.59 3.95 28.84
CA ASN X 120 48.54 2.52 28.60
C ASN X 120 47.96 2.15 27.23
N SER X 121 48.74 1.38 26.48
CA SER X 121 48.38 0.88 25.15
C SER X 121 47.31 -0.19 25.18
N ARG X 122 46.51 -0.24 24.11
CA ARG X 122 45.42 -1.22 23.96
C ARG X 122 45.90 -2.63 23.66
N LYS X 123 47.20 -2.81 23.46
CA LYS X 123 47.80 -4.10 23.20
C LYS X 123 48.63 -4.63 24.35
N ASN X 124 48.58 -3.98 25.51
CA ASN X 124 49.46 -4.32 26.62
C ASN X 124 48.81 -5.30 27.61
N MET X 125 49.20 -6.57 27.57
CA MET X 125 48.58 -7.57 28.45
C MET X 125 49.10 -7.62 29.87
N VAL X 126 48.73 -6.63 30.65
CA VAL X 126 49.10 -6.57 32.06
C VAL X 126 47.83 -6.76 32.89
N TYR X 127 47.86 -7.72 33.82
CA TYR X 127 46.66 -8.30 34.43
C TYR X 127 45.54 -7.38 34.92
N PRO X 128 45.72 -6.40 35.80
CA PRO X 128 44.55 -5.66 36.27
C PRO X 128 44.10 -4.57 35.30
N PHE X 129 44.64 -4.53 34.08
CA PHE X 129 44.31 -3.47 33.13
C PHE X 129 43.66 -3.98 31.87
N TYR X 130 44.24 -5.00 31.22
CA TYR X 130 43.71 -5.43 29.92
C TYR X 130 42.26 -5.87 30.01
N LEU X 131 41.81 -6.30 31.18
CA LEU X 131 40.45 -6.79 31.34
C LEU X 131 39.41 -5.76 30.94
N GLU X 132 39.66 -4.49 31.23
CA GLU X 132 38.69 -3.50 30.83
C GLU X 132 39.27 -2.57 29.75
N GLU X 133 40.58 -2.47 29.57
CA GLU X 133 41.11 -1.53 28.58
C GLU X 133 41.75 -2.12 27.32
N GLY X 134 41.80 -3.43 27.16
CA GLY X 134 42.42 -3.98 25.97
C GLY X 134 41.70 -5.17 25.41
N THR X 135 42.34 -5.89 24.50
CA THR X 135 41.81 -7.10 23.85
C THR X 135 41.92 -8.38 24.65
N ASN X 136 41.26 -9.44 24.20
CA ASN X 136 41.32 -10.73 24.89
C ASN X 136 42.69 -11.38 24.71
N THR Y 3 85.89 62.14 -16.76
CA THR Y 3 86.63 63.09 -15.95
C THR Y 3 86.99 64.26 -16.83
N TYR Y 4 88.07 65.01 -16.65
CA TYR Y 4 88.37 65.97 -17.65
C TYR Y 4 88.88 65.21 -18.86
N TYR Y 5 89.81 64.29 -18.62
CA TYR Y 5 90.25 63.29 -19.58
C TYR Y 5 89.89 61.92 -18.99
N PRO Y 6 88.87 61.25 -19.54
CA PRO Y 6 88.45 59.93 -19.05
C PRO Y 6 89.55 58.90 -19.24
N PRO Y 7 89.59 57.86 -18.38
CA PRO Y 7 90.61 56.79 -18.41
C PRO Y 7 90.41 55.79 -19.55
N SER Y 8 91.49 55.12 -19.95
CA SER Y 8 91.34 54.06 -20.95
C SER Y 8 91.00 52.74 -20.26
N SER Y 9 90.74 51.72 -21.06
CA SER Y 9 90.25 50.44 -20.56
C SER Y 9 91.22 49.26 -20.70
N PHE Y 10 92.49 49.48 -21.03
CA PHE Y 10 93.39 48.36 -21.27
C PHE Y 10 94.30 47.95 -20.11
N HIS Y 11 94.10 48.46 -18.90
CA HIS Y 11 94.97 48.10 -17.79
C HIS Y 11 94.12 47.75 -16.55
N PHE Y 12 94.10 46.45 -16.22
CA PHE Y 12 93.22 45.89 -15.20
C PHE Y 12 93.74 44.57 -14.61
N LEU Y 13 93.16 44.15 -13.47
CA LEU Y 13 93.58 42.96 -12.72
C LEU Y 13 92.38 42.12 -12.22
N VAL Y 14 92.42 40.78 -12.30
CA VAL Y 14 91.35 39.93 -11.79
C VAL Y 14 91.88 39.09 -10.63
N GLU Y 15 91.28 39.19 -9.43
CA GLU Y 15 91.74 38.41 -8.29
C GLU Y 15 90.62 37.55 -7.71
N PHE Y 16 90.99 36.38 -7.21
CA PHE Y 16 90.06 35.38 -6.71
C PHE Y 16 90.29 35.18 -5.22
N THR Y 17 89.22 34.97 -4.47
CA THR Y 17 89.25 34.61 -3.06
C THR Y 17 88.69 33.24 -2.79
N GLY Y 18 89.51 32.35 -2.20
CA GLY Y 18 89.11 30.98 -1.90
C GLY Y 18 89.85 29.94 -2.73
N ILE Y 19 90.66 30.40 -3.67
CA ILE Y 19 91.48 29.58 -4.56
C ILE Y 19 92.93 29.98 -4.32
N ASP Y 20 93.82 28.99 -4.19
CA ASP Y 20 95.25 29.27 -4.01
C ASP Y 20 95.75 30.22 -5.08
N ALA Y 21 96.51 31.23 -4.69
CA ALA Y 21 96.97 32.20 -5.67
C ALA Y 21 98.23 31.78 -6.41
N LYS Y 22 98.26 32.12 -7.69
CA LYS Y 22 99.38 32.01 -8.59
C LYS Y 22 99.36 33.24 -9.46
N ASN Y 23 100.52 33.79 -9.81
CA ASN Y 23 100.52 34.98 -10.63
C ASN Y 23 99.92 34.75 -12.01
N ASN Y 24 100.04 33.54 -12.54
CA ASN Y 24 99.52 33.26 -13.86
C ASN Y 24 98.01 33.15 -13.92
N ASP Y 25 97.32 33.13 -12.79
CA ASP Y 25 95.87 33.11 -12.83
C ASP Y 25 95.27 34.50 -12.63
N HIS Y 26 96.08 35.54 -12.52
CA HIS Y 26 95.53 36.87 -12.37
C HIS Y 26 95.60 37.66 -13.66
N GLU Y 27 96.09 37.08 -14.73
CA GLU Y 27 96.29 37.79 -15.97
C GLU Y 27 95.32 37.36 -17.05
N PHE Y 28 94.54 38.30 -17.58
CA PHE Y 28 93.55 37.99 -18.59
C PHE Y 28 93.62 38.91 -19.79
N GLN Y 29 93.22 38.35 -20.93
CA GLN Y 29 93.11 39.09 -22.18
C GLN Y 29 91.89 40.00 -22.21
N SER Y 30 90.76 39.54 -21.64
CA SER Y 30 89.53 40.32 -21.70
C SER Y 30 88.55 39.92 -20.59
N VAL Y 31 87.77 40.90 -20.14
CA VAL Y 31 86.75 40.73 -19.09
C VAL Y 31 85.44 41.32 -19.59
N SER Y 32 84.31 40.62 -19.42
CA SER Y 32 83.03 41.23 -19.80
C SER Y 32 81.88 40.76 -18.92
N GLY Y 33 80.80 41.54 -18.89
CA GLY Y 33 79.61 41.17 -18.13
C GLY Y 33 79.32 42.04 -16.91
N LEU Y 34 80.06 43.11 -16.70
CA LEU Y 34 79.81 43.96 -15.52
C LEU Y 34 78.68 44.97 -15.78
N SER Y 35 77.44 44.47 -15.77
CA SER Y 35 76.30 45.36 -16.01
C SER Y 35 75.09 44.84 -15.22
N VAL Y 36 73.97 45.58 -15.28
CA VAL Y 36 72.72 45.21 -14.61
C VAL Y 36 71.46 45.82 -15.24
N ASP Y 37 70.26 45.21 -15.04
CA ASP Y 37 69.00 45.69 -15.55
C ASP Y 37 67.80 45.40 -14.62
N ILE Y 38 66.68 46.10 -14.82
CA ILE Y 38 65.50 45.85 -13.99
C ILE Y 38 64.31 45.39 -14.83
N ASP Y 39 63.79 44.21 -14.52
CA ASP Y 39 62.58 43.72 -15.16
C ASP Y 39 61.40 44.53 -14.70
N THR Y 40 60.50 44.85 -15.65
CA THR Y 40 59.29 45.58 -15.38
C THR Y 40 58.03 44.92 -15.94
N GLU Y 41 56.88 45.38 -15.47
CA GLU Y 41 55.54 45.03 -15.95
C GLU Y 41 54.70 46.23 -16.34
N GLU Y 42 53.78 46.03 -17.28
CA GLU Y 42 52.93 47.12 -17.75
C GLU Y 42 51.48 46.99 -17.32
N PHE Y 43 50.80 48.14 -17.19
CA PHE Y 43 49.38 48.19 -16.86
C PHE Y 43 48.65 49.37 -17.51
N ALA Y 44 47.48 49.12 -18.06
CA ALA Y 44 46.68 50.17 -18.65
C ALA Y 44 45.54 50.56 -17.72
N GLU Y 45 45.49 51.84 -17.35
CA GLU Y 45 44.46 52.35 -16.47
C GLU Y 45 43.34 52.96 -17.29
N GLY Y 46 42.11 52.53 -17.07
CA GLY Y 46 41.01 53.10 -17.84
C GLY Y 46 40.86 54.59 -17.60
N GLY Y 47 40.75 55.35 -18.69
CA GLY Y 47 40.65 56.79 -18.63
C GLY Y 47 41.96 57.52 -18.83
N GLU Y 48 43.06 56.85 -18.72
CA GLU Y 48 44.35 57.47 -18.90
C GLU Y 48 44.85 57.04 -20.29
N ASN Y 49 44.79 57.93 -21.27
CA ASN Y 49 45.17 57.58 -22.63
C ASN Y 49 46.50 58.16 -23.07
N ARG Y 50 47.27 58.74 -22.16
CA ARG Y 50 48.54 59.32 -22.57
C ARG Y 50 49.71 58.35 -22.50
N PHE Y 51 49.62 57.33 -21.65
CA PHE Y 51 50.72 56.38 -21.46
C PHE Y 51 50.23 55.17 -20.67
N LYS Y 52 51.02 54.11 -20.69
CA LYS Y 52 50.76 52.99 -19.80
C LYS Y 52 51.67 53.10 -18.60
N HIS Y 53 51.27 52.49 -17.49
CA HIS Y 53 52.09 52.50 -16.30
C HIS Y 53 53.12 51.39 -16.36
N LYS Y 54 54.27 51.61 -15.76
CA LYS Y 54 55.30 50.59 -15.71
C LYS Y 54 55.76 50.40 -14.28
N PHE Y 55 55.98 49.16 -13.88
CA PHE Y 55 56.38 48.87 -12.53
C PHE Y 55 57.60 47.97 -12.51
N PRO Y 56 58.55 48.18 -11.61
CA PRO Y 56 59.70 47.30 -11.44
C PRO Y 56 59.32 46.01 -10.75
N VAL Y 57 60.05 44.95 -11.05
CA VAL Y 57 59.85 43.65 -10.43
C VAL Y 57 61.14 43.08 -9.85
N LYS Y 58 62.20 42.94 -10.67
CA LYS Y 58 63.46 42.30 -10.24
C LYS Y 58 64.72 42.92 -10.85
N THR Y 59 65.81 42.85 -10.09
CA THR Y 59 67.12 43.23 -10.60
C THR Y 59 67.80 42.01 -11.20
N LYS Y 60 68.42 42.19 -12.37
CA LYS Y 60 69.00 41.11 -13.14
C LYS Y 60 70.46 41.35 -13.52
N TYR Y 61 71.31 40.32 -13.42
CA TYR Y 61 72.73 40.42 -13.79
C TYR Y 61 73.09 39.33 -14.79
N PRO Y 62 73.95 39.63 -15.78
CA PRO Y 62 74.51 38.66 -16.74
C PRO Y 62 75.71 37.93 -16.15
N ASN Y 63 76.09 36.81 -16.78
CA ASN Y 63 77.27 36.07 -16.37
C ASN Y 63 78.56 36.83 -16.67
N LEU Y 64 79.60 36.53 -15.89
CA LEU Y 64 80.91 37.14 -16.03
C LEU Y 64 81.78 36.28 -16.93
N VAL Y 65 82.39 36.87 -17.95
CA VAL Y 65 83.17 36.12 -18.93
C VAL Y 65 84.63 36.55 -18.96
N LEU Y 66 85.54 35.58 -18.82
CA LEU Y 66 86.97 35.80 -18.83
C LEU Y 66 87.68 35.05 -19.97
N LYS Y 67 88.61 35.72 -20.65
CA LYS Y 67 89.41 35.07 -21.70
C LYS Y 67 90.91 35.26 -21.51
N ARG Y 68 91.68 34.27 -21.96
CA ARG Y 68 93.16 34.28 -21.91
C ARG Y 68 93.75 33.19 -22.80
N GLY Y 69 95.07 33.24 -23.00
CA GLY Y 69 95.75 32.14 -23.68
C GLY Y 69 95.75 30.90 -22.79
N VAL Y 70 95.80 29.71 -23.40
CA VAL Y 70 95.74 28.46 -22.63
C VAL Y 70 96.90 28.30 -21.63
N LEU Y 71 96.53 28.02 -20.38
CA LEU Y 71 97.45 27.75 -19.28
C LEU Y 71 97.17 26.34 -18.77
N VAL Y 72 98.18 25.49 -18.71
CA VAL Y 72 97.97 24.08 -18.42
C VAL Y 72 97.86 23.75 -16.90
N ASP Y 73 98.46 24.54 -15.99
CA ASP Y 73 98.47 24.14 -14.58
C ASP Y 73 97.56 25.03 -13.69
N SER Y 74 96.60 25.71 -14.30
CA SER Y 74 95.73 26.66 -13.62
C SER Y 74 94.97 26.11 -12.39
N LYS Y 75 94.92 26.92 -11.32
CA LYS Y 75 94.15 26.54 -10.14
C LYS Y 75 92.68 26.77 -10.35
N VAL Y 76 92.37 27.81 -11.12
CA VAL Y 76 90.99 28.15 -11.43
C VAL Y 76 90.36 27.04 -12.24
N ILE Y 77 91.10 26.48 -13.17
CA ILE Y 77 90.54 25.38 -13.95
C ILE Y 77 90.33 24.14 -13.08
N SER Y 78 91.26 23.82 -12.17
CA SER Y 78 91.01 22.67 -11.29
C SER Y 78 89.72 22.83 -10.51
N TRP Y 79 89.46 24.06 -10.04
CA TRP Y 79 88.21 24.39 -9.35
C TRP Y 79 87.01 24.20 -10.27
N CYS Y 80 87.12 24.66 -11.53
CA CYS Y 80 86.04 24.48 -12.49
C CYS Y 80 85.76 23.00 -12.73
N ARG Y 81 86.82 22.18 -12.85
CA ARG Y 81 86.62 20.75 -13.10
C ARG Y 81 85.87 20.07 -11.98
N ASP Y 82 86.15 20.38 -10.71
CA ASP Y 82 85.41 19.72 -9.61
C ASP Y 82 83.90 19.94 -9.76
N ALA Y 83 83.50 21.16 -10.12
CA ALA Y 83 82.08 21.42 -10.33
C ALA Y 83 81.55 20.70 -11.57
N ILE Y 84 82.30 20.78 -12.67
CA ILE Y 84 81.86 20.25 -13.97
C ILE Y 84 81.73 18.74 -13.94
N GLU Y 85 82.72 18.04 -13.39
CA GLU Y 85 82.76 16.60 -13.43
C GLU Y 85 82.02 15.93 -12.27
N ASP Y 86 82.08 16.47 -11.05
CA ASP Y 86 81.48 15.80 -9.90
C ASP Y 86 80.32 16.50 -9.22
N PHE Y 87 79.85 17.65 -9.71
CA PHE Y 87 78.81 18.42 -9.02
C PHE Y 87 79.20 18.85 -7.62
N GLU Y 88 80.48 19.08 -7.41
CA GLU Y 88 80.95 19.66 -6.17
C GLU Y 88 81.02 21.15 -6.36
N PHE Y 89 80.15 21.88 -5.70
CA PHE Y 89 80.13 23.33 -5.87
C PHE Y 89 80.55 24.07 -4.62
N LYS Y 90 81.50 24.98 -4.78
CA LYS Y 90 81.98 25.80 -3.68
C LYS Y 90 82.26 27.20 -4.16
N PRO Y 91 81.25 28.08 -4.09
CA PRO Y 91 81.27 29.46 -4.58
C PRO Y 91 82.41 30.30 -3.99
N ILE Y 92 82.90 31.26 -4.79
CA ILE Y 92 84.02 32.13 -4.42
C ILE Y 92 83.66 33.60 -4.61
N ASP Y 93 84.49 34.48 -4.07
CA ASP Y 93 84.29 35.88 -4.37
C ASP Y 93 85.42 36.37 -5.28
N LEU Y 94 85.19 37.50 -5.92
CA LEU Y 94 86.13 37.92 -6.93
C LEU Y 94 86.21 39.44 -6.93
N THR Y 95 87.34 39.98 -7.32
CA THR Y 95 87.53 41.41 -7.45
C THR Y 95 88.04 41.80 -8.82
N VAL Y 96 87.37 42.75 -9.46
CA VAL Y 96 87.83 43.28 -10.74
C VAL Y 96 88.37 44.68 -10.50
N LYS Y 97 89.60 44.94 -10.90
CA LYS Y 97 90.21 46.23 -10.63
C LYS Y 97 90.59 46.97 -11.91
N LEU Y 98 90.15 48.21 -12.04
CA LEU Y 98 90.57 49.08 -13.13
C LEU Y 98 91.68 49.98 -12.59
N LEU Y 99 92.86 49.96 -13.21
CA LEU Y 99 94.04 50.60 -12.63
C LEU Y 99 94.49 51.94 -13.23
N ASN Y 100 95.16 52.76 -12.40
CA ASN Y 100 95.77 54.01 -12.82
C ASN Y 100 97.26 53.81 -13.16
N GLU Y 101 97.96 54.92 -13.46
CA GLU Y 101 99.37 54.90 -13.87
C GLU Y 101 100.36 54.50 -12.78
N GLU Y 102 99.94 54.46 -11.51
CA GLU Y 102 100.77 54.03 -10.41
C GLU Y 102 100.47 52.59 -10.06
N HIS Y 103 99.62 52.01 -10.90
CA HIS Y 103 99.10 50.66 -10.84
C HIS Y 103 98.24 50.45 -9.61
N GLN Y 104 97.55 51.49 -9.16
CA GLN Y 104 96.66 51.39 -8.04
C GLN Y 104 95.25 51.50 -8.61
N PRO Y 105 94.23 50.97 -7.94
CA PRO Y 105 92.85 51.03 -8.44
C PRO Y 105 92.26 52.43 -8.59
N LEU Y 106 91.65 52.67 -9.76
CA LEU Y 106 90.78 53.82 -9.97
C LEU Y 106 89.43 53.51 -9.39
N MET Y 107 88.99 52.29 -9.66
CA MET Y 107 87.68 51.80 -9.30
C MET Y 107 87.65 50.27 -9.27
N THR Y 108 86.90 49.68 -8.32
CA THR Y 108 86.81 48.23 -8.31
C THR Y 108 85.36 47.75 -8.26
N TRP Y 109 85.19 46.49 -8.64
CA TRP Y 109 83.92 45.77 -8.60
C TRP Y 109 84.05 44.55 -7.70
N ASN Y 110 83.13 44.42 -6.77
CA ASN Y 110 83.06 43.34 -5.81
C ASN Y 110 82.01 42.34 -6.29
N VAL Y 111 82.45 41.18 -6.78
CA VAL Y 111 81.55 40.17 -7.34
C VAL Y 111 81.32 39.10 -6.28
N VAL Y 112 80.05 38.86 -5.95
CA VAL Y 112 79.68 38.04 -4.80
C VAL Y 112 79.10 36.67 -5.15
N HIS Y 113 79.67 35.62 -4.53
CA HIS Y 113 79.19 34.22 -4.58
C HIS Y 113 79.15 33.60 -5.97
N ALA Y 114 80.31 33.54 -6.64
CA ALA Y 114 80.39 33.05 -8.02
C ALA Y 114 80.74 31.58 -8.16
N TYR Y 115 80.24 30.94 -9.24
CA TYR Y 115 80.62 29.55 -9.50
C TYR Y 115 80.63 29.26 -11.01
N PRO Y 116 81.33 28.22 -11.46
CA PRO Y 116 81.50 27.97 -12.91
C PRO Y 116 80.31 27.35 -13.62
N VAL Y 117 79.96 27.90 -14.78
CA VAL Y 117 78.91 27.31 -15.61
C VAL Y 117 79.41 26.92 -16.99
N LYS Y 118 80.59 27.36 -17.41
CA LYS Y 118 81.05 27.05 -18.75
C LYS Y 118 82.58 27.05 -18.87
N TRP Y 119 83.12 26.20 -19.73
CA TRP Y 119 84.54 26.16 -20.03
C TRP Y 119 84.77 25.67 -21.44
N SER Y 120 85.57 26.40 -22.23
CA SER Y 120 85.84 25.96 -23.60
C SER Y 120 87.19 26.43 -24.14
N VAL Y 121 87.62 25.77 -25.23
CA VAL Y 121 88.84 26.14 -25.92
C VAL Y 121 88.49 26.21 -27.40
N GLU Y 122 88.98 27.26 -28.09
CA GLU Y 122 88.67 27.50 -29.50
C GLU Y 122 89.29 26.45 -30.43
N ASP Y 123 88.64 26.29 -31.59
CA ASP Y 123 88.99 25.29 -32.62
C ASP Y 123 90.43 25.37 -33.11
N PHE Y 124 90.97 24.20 -33.42
CA PHE Y 124 92.31 24.06 -33.96
C PHE Y 124 92.23 24.13 -35.48
N ASN Y 125 93.24 24.71 -36.11
CA ASN Y 125 93.26 24.81 -37.57
C ASN Y 125 94.69 24.69 -38.07
N ALA Y 126 94.97 23.61 -38.79
CA ALA Y 126 96.28 23.29 -39.30
C ALA Y 126 96.82 24.30 -40.30
N GLN Y 127 95.97 25.10 -40.90
CA GLN Y 127 96.37 26.05 -41.93
C GLN Y 127 96.40 27.50 -41.45
N GLU Y 128 96.28 27.75 -40.14
CA GLU Y 128 96.28 29.13 -39.67
C GLU Y 128 97.31 29.30 -38.56
N SER Y 129 97.93 30.47 -38.49
CA SER Y 129 98.83 30.82 -37.41
C SER Y 129 98.13 31.57 -36.30
N LYS Y 130 97.79 30.88 -35.21
CA LYS Y 130 96.99 31.43 -34.13
C LYS Y 130 97.39 30.85 -32.79
N MET Y 131 97.08 31.59 -31.72
CA MET Y 131 97.29 31.16 -30.35
C MET Y 131 96.07 30.38 -29.88
N ALA Y 132 96.29 29.34 -29.06
CA ALA Y 132 95.16 28.65 -28.46
C ALA Y 132 94.56 29.48 -27.34
N ILE Y 133 93.26 29.74 -27.43
CA ILE Y 133 92.55 30.61 -26.50
C ILE Y 133 91.53 29.84 -25.67
N GLU Y 134 91.56 30.11 -24.36
CA GLU Y 134 90.68 29.50 -23.38
C GLU Y 134 89.64 30.51 -22.88
N SER Y 135 88.43 30.02 -22.60
CA SER Y 135 87.34 30.86 -22.12
C SER Y 135 86.54 30.24 -20.97
N VAL Y 136 86.32 31.05 -19.92
CA VAL Y 136 85.61 30.64 -18.70
C VAL Y 136 84.47 31.59 -18.35
N GLU Y 137 83.30 31.02 -18.08
CA GLU Y 137 82.13 31.81 -17.71
C GLU Y 137 81.59 31.44 -16.32
N LEU Y 138 81.34 32.48 -15.51
CA LEU Y 138 80.87 32.32 -14.12
C LEU Y 138 79.51 32.95 -13.82
N SER Y 139 78.72 32.27 -12.98
CA SER Y 139 77.44 32.81 -12.54
C SER Y 139 77.68 33.43 -11.16
N TYR Y 140 76.98 34.50 -10.81
CA TYR Y 140 77.18 35.17 -9.51
C TYR Y 140 75.85 35.79 -9.08
N ASN Y 141 75.76 36.26 -7.84
CA ASN Y 141 74.48 36.79 -7.36
C ASN Y 141 74.30 38.28 -7.63
N TYR Y 142 75.31 39.08 -7.33
CA TYR Y 142 75.25 40.51 -7.50
C TYR Y 142 76.65 41.07 -7.40
N PHE Y 143 76.77 42.37 -7.65
CA PHE Y 143 78.02 43.05 -7.40
C PHE Y 143 77.77 44.41 -6.80
N LYS Y 144 78.81 44.92 -6.14
CA LYS Y 144 78.87 46.25 -5.55
C LYS Y 144 80.10 46.96 -6.08
N THR Y 145 80.11 48.28 -6.05
CA THR Y 145 81.31 48.98 -6.48
C THR Y 145 81.89 49.84 -5.39
N ILE Y 146 83.20 49.99 -5.46
CA ILE Y 146 83.96 50.81 -4.54
C ILE Y 146 84.78 51.83 -5.32
N VAL Y 147 84.61 53.09 -4.98
CA VAL Y 147 85.27 54.19 -5.65
C VAL Y 147 84.99 55.49 -4.91
N THR Z 3 64.73 74.80 -41.73
CA THR Z 3 64.68 76.25 -41.82
C THR Z 3 65.19 76.62 -43.20
N TYR Z 4 65.79 77.78 -43.46
CA TYR Z 4 66.37 77.93 -44.75
C TYR Z 4 67.61 77.06 -44.79
N TYR Z 5 68.44 77.17 -43.76
CA TYR Z 5 69.53 76.25 -43.47
C TYR Z 5 69.23 75.60 -42.13
N PRO Z 6 68.85 74.32 -42.13
CA PRO Z 6 68.54 73.59 -40.89
C PRO Z 6 69.77 73.48 -39.99
N PRO Z 7 69.55 73.39 -38.67
CA PRO Z 7 70.63 73.30 -37.66
C PRO Z 7 71.31 71.93 -37.61
N SER Z 8 72.55 71.90 -37.12
CA SER Z 8 73.21 70.61 -36.93
C SER Z 8 72.85 70.04 -35.56
N SER Z 9 73.30 68.81 -35.30
CA SER Z 9 72.92 68.08 -34.09
C SER Z 9 74.05 67.85 -33.08
N PHE Z 10 75.20 68.50 -33.21
CA PHE Z 10 76.31 68.19 -32.32
C PHE Z 10 76.50 69.14 -31.12
N HIS Z 11 75.56 70.02 -30.82
CA HIS Z 11 75.74 70.95 -29.70
C HIS Z 11 74.47 70.98 -28.86
N PHE Z 12 74.55 70.40 -27.66
CA PHE Z 12 73.41 70.17 -26.77
C PHE Z 12 73.81 70.02 -25.30
N LEU Z 13 72.82 70.13 -24.40
CA LEU Z 13 73.00 70.09 -22.94
C LEU Z 13 71.95 69.22 -22.22
N VAL Z 14 72.32 68.40 -21.23
CA VAL Z 14 71.36 67.59 -20.46
C VAL Z 14 71.35 68.07 -19.01
N GLU Z 15 70.19 68.49 -18.49
CA GLU Z 15 70.10 68.95 -17.11
C GLU Z 15 69.07 68.17 -16.30
N PHE Z 16 69.37 67.97 -15.04
CA PHE Z 16 68.57 67.16 -14.13
C PHE Z 16 67.98 68.04 -13.04
N THR Z 17 66.75 67.75 -12.64
CA THR Z 17 66.08 68.38 -11.49
C THR Z 17 65.79 67.41 -10.37
N GLY Z 18 66.32 67.69 -9.18
CA GLY Z 18 66.14 66.82 -8.01
C GLY Z 18 67.42 66.14 -7.56
N ILE Z 19 68.49 66.32 -8.33
CA ILE Z 19 69.82 65.76 -8.07
C ILE Z 19 70.77 66.95 -7.95
N ASP Z 20 71.65 66.93 -6.93
CA ASP Z 20 72.64 68.00 -6.76
C ASP Z 20 73.42 68.21 -8.04
N ALA Z 21 73.60 69.46 -8.45
CA ALA Z 21 74.28 69.72 -9.70
C ALA Z 21 75.80 69.74 -9.58
N LYS Z 22 76.44 69.21 -10.61
CA LYS Z 22 77.87 69.24 -10.85
C LYS Z 22 78.05 69.45 -12.34
N ASN Z 23 79.05 70.21 -12.74
CA ASN Z 23 79.24 70.45 -14.17
C ASN Z 23 79.56 69.16 -14.93
N ASN Z 24 80.22 68.21 -14.28
CA ASN Z 24 80.59 66.99 -14.97
C ASN Z 24 79.41 66.04 -15.21
N ASP Z 25 78.24 66.31 -14.64
CA ASP Z 25 77.09 65.47 -14.93
C ASP Z 25 76.19 66.07 -16.01
N HIS Z 26 76.56 67.19 -16.59
CA HIS Z 26 75.74 67.77 -17.64
C HIS Z 26 76.32 67.53 -19.00
N GLU Z 27 77.44 66.83 -19.10
CA GLU Z 27 78.11 66.64 -20.38
C GLU Z 27 78.01 65.20 -20.87
N PHE Z 28 77.47 65.03 -22.07
CA PHE Z 28 77.27 63.70 -22.62
C PHE Z 28 77.79 63.59 -24.05
N GLN Z 29 78.20 62.38 -24.38
CA GLN Z 29 78.63 62.02 -25.73
C GLN Z 29 77.46 61.86 -26.68
N SER Z 30 76.34 61.29 -26.20
CA SER Z 30 75.21 61.03 -27.08
C SER Z 30 73.90 60.90 -26.29
N VAL Z 31 72.80 61.31 -26.93
CA VAL Z 31 71.45 61.25 -26.37
C VAL Z 31 70.52 60.58 -27.37
N SER Z 32 69.68 59.64 -26.95
CA SER Z 32 68.72 59.07 -27.90
C SER Z 32 67.41 58.67 -27.23
N GLY Z 33 66.35 58.54 -28.02
CA GLY Z 33 65.06 58.11 -27.51
C GLY Z 33 63.95 59.16 -27.51
N LEU Z 34 64.20 60.34 -28.07
CA LEU Z 34 63.18 61.38 -28.06
C LEU Z 34 62.19 61.21 -29.21
N SER Z 35 61.29 60.22 -29.07
CA SER Z 35 60.29 59.98 -30.12
C SER Z 35 59.00 59.46 -29.47
N VAL Z 36 57.96 59.24 -30.30
CA VAL Z 36 56.66 58.71 -29.85
C VAL Z 36 55.86 58.01 -30.95
N ASP Z 37 54.92 57.10 -30.58
CA ASP Z 37 54.06 56.38 -31.51
C ASP Z 37 52.65 56.08 -30.96
N ILE Z 38 51.70 55.76 -31.83
CA ILE Z 38 50.35 55.45 -31.37
C ILE Z 38 49.95 54.03 -31.75
N ASP Z 39 49.63 53.21 -30.75
CA ASP Z 39 49.11 51.88 -30.98
C ASP Z 39 47.73 51.96 -31.56
N THR Z 40 47.45 51.10 -32.55
CA THR Z 40 46.14 51.03 -33.20
C THR Z 40 45.58 49.60 -33.26
N GLU Z 41 44.29 49.50 -33.57
CA GLU Z 41 43.55 48.27 -33.84
C GLU Z 41 42.81 48.28 -35.17
N GLU Z 42 42.63 47.10 -35.76
CA GLU Z 42 41.96 47.01 -37.05
C GLU Z 42 40.57 46.38 -36.96
N PHE Z 43 39.70 46.76 -37.91
CA PHE Z 43 38.37 46.19 -38.03
C PHE Z 43 37.87 46.11 -39.47
N ALA Z 44 37.28 44.97 -39.84
CA ALA Z 44 36.71 44.80 -41.16
C ALA Z 44 35.20 44.95 -41.12
N GLU Z 45 34.68 45.89 -41.89
CA GLU Z 45 33.25 46.14 -41.96
C GLU Z 45 32.66 45.40 -43.15
N GLY Z 46 31.63 44.59 -42.92
CA GLY Z 46 31.04 43.87 -44.03
C GLY Z 46 30.47 44.80 -45.07
N GLY Z 47 30.80 44.56 -46.33
CA GLY Z 47 30.36 45.38 -47.45
C GLY Z 47 31.36 46.44 -47.88
N GLU Z 48 32.34 46.72 -47.07
CA GLU Z 48 33.35 47.68 -47.41
C GLU Z 48 34.60 46.90 -47.81
N ASN Z 49 34.90 46.83 -49.12
CA ASN Z 49 36.03 46.02 -49.58
C ASN Z 49 37.21 46.85 -50.04
N ARG Z 50 37.21 48.16 -49.80
CA ARG Z 50 38.33 48.97 -50.25
C ARG Z 50 39.44 49.10 -49.22
N PHE Z 51 39.15 48.94 -47.94
CA PHE Z 51 40.14 49.10 -46.88
C PHE Z 51 39.58 48.57 -45.56
N LYS Z 52 40.47 48.37 -44.60
CA LYS Z 52 40.02 48.07 -43.25
C LYS Z 52 40.08 49.35 -42.43
N HIS Z 53 39.29 49.41 -41.38
CA HIS Z 53 39.29 50.57 -40.51
C HIS Z 53 40.40 50.45 -39.48
N LYS Z 54 40.95 51.57 -39.07
CA LYS Z 54 41.99 51.57 -38.04
C LYS Z 54 41.63 52.56 -36.95
N PHE Z 55 41.87 52.17 -35.70
CA PHE Z 55 41.51 53.02 -34.59
C PHE Z 55 42.69 53.16 -33.65
N PRO Z 56 42.91 54.35 -33.09
CA PRO Z 56 43.95 54.56 -32.08
C PRO Z 56 43.55 53.99 -30.75
N VAL Z 57 44.55 53.59 -29.96
CA VAL Z 57 44.33 53.06 -28.62
C VAL Z 57 45.19 53.80 -27.57
N LYS Z 58 46.52 53.83 -27.76
CA LYS Z 58 47.44 54.40 -26.76
C LYS Z 58 48.66 55.10 -27.35
N THR Z 59 49.14 56.12 -26.65
CA THR Z 59 50.38 56.78 -26.99
C THR Z 59 51.55 56.09 -26.27
N LYS Z 60 52.64 55.85 -27.00
CA LYS Z 60 53.77 55.07 -26.51
C LYS Z 60 55.10 55.81 -26.64
N TYR Z 61 55.96 55.74 -25.62
CA TYR Z 61 57.29 56.36 -25.63
C TYR Z 61 58.38 55.33 -25.33
N PRO Z 62 59.53 55.42 -26.00
CA PRO Z 62 60.72 54.59 -25.71
C PRO Z 62 61.54 55.17 -24.56
N ASN Z 63 62.43 54.35 -24.00
CA ASN Z 63 63.35 54.81 -22.95
C ASN Z 63 64.37 55.81 -23.47
N LEU Z 64 64.85 56.66 -22.57
CA LEU Z 64 65.85 57.67 -22.87
C LEU Z 64 67.24 57.12 -22.58
N VAL Z 65 68.15 57.21 -23.54
CA VAL Z 65 69.49 56.62 -23.39
C VAL Z 65 70.59 57.69 -23.46
N LEU Z 66 71.46 57.69 -22.45
CA LEU Z 66 72.57 58.61 -22.35
C LEU Z 66 73.93 57.90 -22.32
N LYS Z 67 74.92 58.41 -23.06
CA LYS Z 67 76.28 57.87 -23.04
C LYS Z 67 77.34 58.93 -22.78
N ARG Z 68 78.43 58.50 -22.14
CA ARG Z 68 79.59 59.36 -21.83
C ARG Z 68 80.79 58.52 -21.41
N GLY Z 69 81.96 59.16 -21.31
CA GLY Z 69 83.12 58.49 -20.73
C GLY Z 69 82.92 58.29 -19.24
N VAL Z 70 83.56 57.25 -18.67
CA VAL Z 70 83.37 56.92 -17.25
C VAL Z 70 83.79 58.05 -16.31
N LEU Z 71 82.88 58.41 -15.40
CA LEU Z 71 83.08 59.40 -14.35
C LEU Z 71 82.88 58.72 -13.01
N VAL Z 72 83.87 58.82 -12.12
CA VAL Z 72 83.85 58.02 -10.89
C VAL Z 72 83.01 58.66 -9.75
N ASP Z 73 82.82 60.00 -9.69
CA ASP Z 73 82.14 60.59 -8.52
C ASP Z 73 80.72 61.12 -8.87
N SER Z 74 80.13 60.64 -9.94
CA SER Z 74 78.84 61.11 -10.43
C SER Z 74 77.69 61.09 -9.42
N LYS Z 75 76.88 62.16 -9.41
CA LYS Z 75 75.70 62.20 -8.55
C LYS Z 75 74.57 61.38 -9.15
N VAL Z 76 74.51 61.38 -10.48
CA VAL Z 76 73.49 60.64 -11.19
C VAL Z 76 73.66 59.16 -10.94
N ILE Z 77 74.91 58.69 -10.92
CA ILE Z 77 75.10 57.28 -10.64
C ILE Z 77 74.75 56.94 -9.21
N SER Z 78 75.07 57.79 -8.22
CA SER Z 78 74.64 57.49 -6.85
C SER Z 78 73.13 57.33 -6.76
N TRP Z 79 72.39 58.18 -7.47
CA TRP Z 79 70.94 58.08 -7.57
C TRP Z 79 70.51 56.76 -8.21
N CYS Z 80 71.19 56.37 -9.29
CA CYS Z 80 70.88 55.09 -9.94
C CYS Z 80 71.12 53.92 -8.99
N ARG Z 81 72.21 53.96 -8.22
CA ARG Z 81 72.51 52.86 -7.30
C ARG Z 81 71.43 52.68 -6.24
N ASP Z 82 70.90 53.77 -5.67
CA ASP Z 82 69.86 53.61 -4.64
C ASP Z 82 68.67 52.82 -5.19
N ALA Z 83 68.27 53.11 -6.43
CA ALA Z 83 67.18 52.34 -7.03
C ALA Z 83 67.58 50.90 -7.33
N ILE Z 84 68.77 50.72 -7.91
CA ILE Z 84 69.25 49.40 -8.36
C ILE Z 84 69.45 48.45 -7.19
N GLU Z 85 70.12 48.91 -6.14
CA GLU Z 85 70.49 48.06 -5.02
C GLU Z 85 69.40 47.92 -3.95
N ASP Z 86 68.67 48.99 -3.63
CA ASP Z 86 67.72 48.94 -2.53
C ASP Z 86 66.25 49.10 -2.89
N PHE Z 87 65.88 49.23 -4.17
CA PHE Z 87 64.48 49.51 -4.55
C PHE Z 87 63.95 50.80 -3.96
N GLU Z 88 64.81 51.78 -3.77
CA GLU Z 88 64.39 53.11 -3.39
C GLU Z 88 64.22 53.91 -4.64
N PHE Z 89 62.98 54.25 -4.98
CA PHE Z 89 62.75 54.98 -6.21
C PHE Z 89 62.23 56.39 -5.95
N LYS Z 90 62.89 57.37 -6.56
CA LYS Z 90 62.50 58.76 -6.44
C LYS Z 90 62.68 59.46 -7.77
N PRO Z 91 61.62 59.46 -8.60
CA PRO Z 91 61.61 60.01 -9.96
C PRO Z 91 62.01 61.47 -10.04
N ILE Z 92 62.62 61.85 -11.17
CA ILE Z 92 63.15 63.20 -11.40
C ILE Z 92 62.64 63.76 -12.72
N ASP Z 93 62.81 65.06 -12.91
CA ASP Z 93 62.51 65.61 -14.23
C ASP Z 93 63.81 65.99 -14.94
N LEU Z 94 63.72 66.16 -16.24
CA LEU Z 94 64.94 66.34 -16.99
C LEU Z 94 64.67 67.28 -18.15
N THR Z 95 65.67 68.01 -18.58
CA THR Z 95 65.57 68.88 -19.74
C THR Z 95 66.65 68.59 -20.77
N VAL Z 96 66.25 68.42 -22.03
CA VAL Z 96 67.19 68.23 -23.12
C VAL Z 96 67.19 69.51 -23.94
N LYS Z 97 68.34 70.11 -24.15
CA LYS Z 97 68.41 71.38 -24.88
C LYS Z 97 69.24 71.28 -26.14
N LEU Z 98 68.70 71.69 -27.26
CA LEU Z 98 69.43 71.80 -28.52
C LEU Z 98 69.84 73.26 -28.66
N LEU Z 99 71.13 73.55 -28.81
CA LEU Z 99 71.63 74.92 -28.72
C LEU Z 99 72.03 75.61 -30.04
N ASN Z 100 71.92 76.94 -30.04
CA ASN Z 100 72.38 77.79 -31.13
C ASN Z 100 73.81 78.31 -30.90
N GLU Z 101 74.29 79.17 -31.81
CA GLU Z 101 75.66 79.70 -31.77
C GLU Z 101 75.95 80.66 -30.61
N GLU Z 102 74.93 81.12 -29.91
CA GLU Z 102 75.10 81.99 -28.74
C GLU Z 102 74.98 81.17 -27.48
N HIS Z 103 74.89 79.86 -27.70
CA HIS Z 103 74.72 78.81 -26.72
C HIS Z 103 73.41 78.93 -25.98
N GLN Z 104 72.38 79.43 -26.65
CA GLN Z 104 71.06 79.51 -26.07
C GLN Z 104 70.21 78.46 -26.77
N PRO Z 105 69.15 77.99 -26.14
CA PRO Z 105 68.28 76.95 -26.76
C PRO Z 105 67.58 77.36 -28.06
N LEU Z 106 67.67 76.49 -29.06
CA LEU Z 106 66.83 76.56 -30.25
C LEU Z 106 65.49 75.97 -29.92
N MET Z 107 65.55 74.84 -29.21
CA MET Z 107 64.40 74.03 -28.87
C MET Z 107 64.70 73.13 -27.68
N THR Z 108 63.71 72.92 -26.80
CA THR Z 108 63.96 72.01 -25.69
C THR Z 108 62.86 70.95 -25.55
N TRP Z 109 63.21 69.89 -24.85
CA TRP Z 109 62.32 68.79 -24.51
C TRP Z 109 62.21 68.67 -23.00
N ASN Z 110 60.98 68.61 -22.52
CA ASN Z 110 60.65 68.49 -21.11
C ASN Z 110 60.28 67.04 -20.82
N VAL Z 111 61.16 66.31 -20.13
CA VAL Z 111 60.96 64.89 -19.87
C VAL Z 111 60.43 64.74 -18.45
N VAL Z 112 59.28 64.09 -18.30
CA VAL Z 112 58.53 64.08 -17.05
C VAL Z 112 58.57 62.73 -16.31
N HIS Z 113 58.92 62.79 -15.01
CA HIS Z 113 58.85 61.67 -14.05
C HIS Z 113 59.73 60.46 -14.42
N ALA Z 114 61.04 60.68 -14.54
CA ALA Z 114 61.96 59.64 -14.99
C ALA Z 114 62.65 58.87 -13.85
N TYR Z 115 62.98 57.59 -14.11
CA TYR Z 115 63.74 56.83 -13.12
C TYR Z 115 64.64 55.77 -13.81
N PRO Z 116 65.69 55.29 -13.12
CA PRO Z 116 66.66 54.39 -13.78
C PRO Z 116 66.23 52.94 -13.95
N VAL Z 117 66.45 52.39 -15.14
CA VAL Z 117 66.19 50.98 -15.39
C VAL Z 117 67.43 50.23 -15.83
N LYS Z 118 68.51 50.90 -16.19
CA LYS Z 118 69.69 50.19 -16.65
C LYS Z 118 70.99 50.96 -16.44
N TRP Z 119 72.09 50.26 -16.19
CA TRP Z 119 73.41 50.86 -16.06
C TRP Z 119 74.48 49.86 -16.49
N SER Z 120 75.38 50.29 -17.37
CA SER Z 120 76.45 49.37 -17.80
C SER Z 120 77.73 50.09 -18.24
N VAL Z 121 78.81 49.31 -18.29
CA VAL Z 121 80.10 49.79 -18.77
C VAL Z 121 80.61 48.78 -19.79
N GLU Z 122 81.14 49.27 -20.91
CA GLU Z 122 81.60 48.41 -22.00
C GLU Z 122 82.84 47.60 -21.63
N ASP Z 123 83.01 46.47 -22.33
CA ASP Z 123 84.06 45.47 -22.11
C ASP Z 123 85.47 46.03 -22.18
N PHE Z 124 86.34 45.45 -21.37
CA PHE Z 124 87.75 45.79 -21.32
C PHE Z 124 88.50 44.91 -22.30
N ASN Z 125 89.53 45.45 -22.94
CA ASN Z 125 90.32 44.66 -23.89
C ASN Z 125 91.77 45.11 -23.82
N ALA Z 126 92.63 44.19 -23.37
CA ALA Z 126 94.04 44.44 -23.17
C ALA Z 126 94.80 44.76 -24.45
N GLN Z 127 94.25 44.40 -25.60
CA GLN Z 127 94.93 44.58 -26.87
C GLN Z 127 94.37 45.74 -27.70
N GLU Z 128 93.51 46.59 -27.14
CA GLU Z 128 92.95 47.68 -27.93
C GLU Z 128 93.13 49.00 -27.19
N SER Z 129 93.33 50.07 -27.93
CA SER Z 129 93.39 51.42 -27.37
C SER Z 129 92.05 52.11 -27.43
N LYS Z 130 91.35 52.15 -26.30
CA LYS Z 130 89.99 52.67 -26.23
C LYS Z 130 89.70 53.33 -24.89
N MET Z 131 88.71 54.22 -24.89
CA MET Z 131 88.23 54.87 -23.69
C MET Z 131 87.16 54.02 -23.03
N ALA Z 132 87.12 54.00 -21.70
CA ALA Z 132 86.04 53.31 -21.02
C ALA Z 132 84.76 54.13 -21.11
N ILE Z 133 83.69 53.50 -21.61
CA ILE Z 133 82.41 54.17 -21.86
C ILE Z 133 81.31 53.63 -20.97
N GLU Z 134 80.56 54.56 -20.38
CA GLU Z 134 79.45 54.29 -19.49
C GLU Z 134 78.11 54.60 -20.17
N SER Z 135 77.10 53.81 -19.85
CA SER Z 135 75.76 53.98 -20.42
C SER Z 135 74.62 53.83 -19.40
N VAL Z 136 73.70 54.79 -19.44
CA VAL Z 136 72.56 54.88 -18.53
C VAL Z 136 71.23 55.01 -19.28
N GLU Z 137 70.25 54.18 -18.90
CA GLU Z 137 68.94 54.21 -19.52
C GLU Z 137 67.83 54.50 -18.50
N LEU Z 138 66.95 55.45 -18.86
CA LEU Z 138 65.85 55.90 -18.00
C LEU Z 138 64.44 55.70 -18.57
N SER Z 139 63.50 55.35 -17.69
CA SER Z 139 62.11 55.21 -18.09
C SER Z 139 61.41 56.52 -17.68
N TYR Z 140 60.42 56.98 -18.45
CA TYR Z 140 59.72 58.23 -18.13
C TYR Z 140 58.27 58.11 -18.62
N ASN Z 141 57.42 59.06 -18.25
CA ASN Z 141 56.00 58.95 -18.63
C ASN Z 141 55.67 59.57 -19.98
N TYR Z 142 56.15 60.78 -20.21
CA TYR Z 142 55.88 61.50 -21.45
C TYR Z 142 56.83 62.67 -21.54
N PHE Z 143 56.77 63.34 -22.68
CA PHE Z 143 57.49 64.59 -22.82
C PHE Z 143 56.67 65.61 -23.56
N LYS Z 144 57.04 66.87 -23.35
CA LYS Z 144 56.46 68.04 -24.01
C LYS Z 144 57.59 68.83 -24.65
N THR Z 145 57.28 69.63 -25.66
CA THR Z 145 58.34 70.46 -26.23
C THR Z 145 58.02 71.93 -26.12
N ILE Z 146 59.09 72.71 -26.03
CA ILE Z 146 59.02 74.16 -25.96
C ILE Z 146 59.89 74.76 -27.05
N VAL Z 147 59.27 75.61 -27.88
CA VAL Z 147 59.93 76.24 -29.00
C VAL Z 147 59.02 77.29 -29.62
N THR AA 3 58.44 55.87 -70.62
CA THR AA 3 58.14 56.64 -71.82
C THR AA 3 59.22 56.34 -72.84
N TYR AA 4 59.59 57.20 -73.77
CA TYR AA 4 60.72 56.86 -74.55
C TYR AA 4 61.94 57.01 -73.67
N TYR AA 5 62.02 58.14 -72.97
CA TYR AA 5 62.95 58.38 -71.87
C TYR AA 5 62.12 58.60 -70.61
N PRO AA 6 62.10 57.64 -69.70
CA PRO AA 6 61.35 57.75 -68.44
C PRO AA 6 61.86 58.89 -67.59
N PRO AA 7 60.98 59.50 -66.77
CA PRO AA 7 61.33 60.64 -65.88
C PRO AA 7 62.15 60.24 -64.65
N SER AA 8 62.89 61.19 -64.10
CA SER AA 8 63.60 60.91 -62.86
C SER AA 8 62.69 61.17 -61.66
N SER AA 9 63.19 60.85 -60.47
CA SER AA 9 62.39 60.92 -59.25
C SER AA 9 62.80 62.00 -58.25
N PHE AA 10 63.66 62.95 -58.60
CA PHE AA 10 64.14 63.90 -57.60
C PHE AA 10 63.43 65.27 -57.59
N HIS AA 11 62.31 65.44 -58.28
CA HIS AA 11 61.64 66.74 -58.29
C HIS AA 11 60.14 66.55 -58.06
N PHE AA 12 59.68 66.94 -56.86
CA PHE AA 12 58.32 66.69 -56.37
C PHE AA 12 57.87 67.69 -55.30
N LEU AA 13 56.56 67.72 -55.03
CA LEU AA 13 55.93 68.65 -54.08
C LEU AA 13 54.87 67.98 -53.18
N VAL AA 14 54.83 68.28 -51.88
CA VAL AA 14 53.80 67.72 -50.98
C VAL AA 14 52.90 68.84 -50.48
N GLU AA 15 51.58 68.75 -50.72
CA GLU AA 15 50.66 69.78 -50.25
C GLU AA 15 49.57 69.21 -49.36
N PHE AA 16 49.15 70.00 -48.38
CA PHE AA 16 48.19 69.59 -47.37
C PHE AA 16 46.92 70.43 -47.50
N THR AA 17 45.77 69.81 -47.27
CA THR AA 17 44.47 70.48 -47.21
C THR AA 17 43.83 70.39 -45.84
N GLY AA 18 43.55 71.55 -45.23
CA GLY AA 18 42.97 71.64 -43.89
C GLY AA 18 43.91 72.20 -42.85
N ILE AA 19 45.15 72.46 -43.25
CA ILE AA 19 46.21 73.02 -42.41
C ILE AA 19 46.64 74.31 -43.07
N ASP AA 20 46.81 75.39 -42.27
CA ASP AA 20 47.27 76.67 -42.81
C ASP AA 20 48.55 76.48 -43.60
N ALA AA 21 48.64 77.08 -44.78
CA ALA AA 21 49.83 76.88 -45.60
C ALA AA 21 50.97 77.82 -45.25
N LYS AA 22 52.17 77.25 -45.33
CA LYS AA 22 53.45 77.93 -45.22
C LYS AA 22 54.36 77.28 -46.24
N ASN AA 23 55.22 78.06 -46.89
CA ASN AA 23 56.10 77.46 -47.88
C ASN AA 23 57.06 76.45 -47.30
N ASN AA 24 57.45 76.62 -46.04
CA ASN AA 24 58.39 75.71 -45.44
C ASN AA 24 57.79 74.36 -45.07
N ASP AA 25 56.47 74.19 -45.15
CA ASP AA 25 55.89 72.88 -44.89
C ASP AA 25 55.61 72.11 -46.19
N HIS AA 26 55.98 72.64 -47.34
CA HIS AA 26 55.76 71.91 -48.57
C HIS AA 26 57.03 71.29 -49.10
N GLU AA 27 58.14 71.44 -48.40
CA GLU AA 27 59.42 70.96 -48.89
C GLU AA 27 59.93 69.78 -48.09
N PHE AA 28 60.19 68.66 -48.78
CA PHE AA 28 60.63 67.45 -48.12
C PHE AA 28 61.84 66.84 -48.79
N GLN AA 29 62.63 66.16 -47.97
CA GLN AA 29 63.79 65.40 -48.41
C GLN AA 29 63.40 64.10 -49.09
N SER AA 30 62.36 63.42 -48.57
CA SER AA 30 61.99 62.12 -49.12
C SER AA 30 60.52 61.77 -48.80
N VAL AA 31 59.89 61.03 -49.71
CA VAL AA 31 58.50 60.57 -49.59
C VAL AA 31 58.46 59.07 -49.86
N SER AA 32 57.76 58.30 -49.02
CA SER AA 32 57.62 56.86 -49.34
C SER AA 32 56.29 56.30 -48.87
N GLY AA 33 55.89 55.16 -49.46
CA GLY AA 33 54.67 54.48 -49.06
C GLY AA 33 53.54 54.51 -50.09
N LEU AA 34 53.78 55.00 -51.29
CA LEU AA 34 52.72 55.05 -52.30
C LEU AA 34 52.58 53.73 -53.05
N SER AA 35 51.99 52.73 -52.37
CA SER AA 35 51.82 51.42 -53.01
C SER AA 35 50.55 50.76 -52.46
N VAL AA 36 50.20 49.57 -52.99
CA VAL AA 36 49.02 48.80 -52.55
C VAL AA 36 49.13 47.30 -52.82
N ASP AA 37 48.38 46.46 -52.08
CA ASP AA 37 48.34 45.00 -52.25
C ASP AA 37 46.98 44.38 -51.95
N ILE AA 38 46.76 43.14 -52.41
CA ILE AA 38 45.48 42.47 -52.15
C ILE AA 38 45.68 41.18 -51.35
N ASP AA 39 45.05 41.11 -50.18
CA ASP AA 39 45.06 39.90 -49.38
C ASP AA 39 44.24 38.83 -50.07
N THR AA 40 44.74 37.60 -50.05
CA THR AA 40 44.07 36.45 -50.62
C THR AA 40 43.97 35.26 -49.67
N GLU AA 41 43.10 34.30 -50.03
CA GLU AA 41 42.93 33.00 -49.37
C GLU AA 41 43.06 31.84 -50.32
N GLU AA 42 43.49 30.69 -49.80
CA GLU AA 42 43.68 29.51 -50.63
C GLU AA 42 42.65 28.40 -50.36
N PHE AA 43 42.38 27.59 -51.39
CA PHE AA 43 41.49 26.44 -51.28
C PHE AA 43 41.89 25.27 -52.17
N ALA AA 44 41.87 24.07 -51.63
CA ALA AA 44 42.18 22.88 -52.41
C ALA AA 44 40.89 22.14 -52.79
N GLU AA 45 40.69 21.95 -54.08
CA GLU AA 45 39.51 21.26 -54.58
C GLU AA 45 39.85 19.81 -54.83
N GLY AA 46 39.07 18.89 -54.26
CA GLY AA 46 39.37 17.49 -54.49
C GLY AA 46 39.26 17.11 -55.95
N GLY AA 47 40.27 16.41 -56.47
CA GLY AA 47 40.33 16.01 -57.85
C GLY AA 47 41.15 16.93 -58.73
N GLU AA 48 41.44 18.12 -58.28
CA GLU AA 48 42.23 19.05 -59.04
C GLU AA 48 43.63 19.05 -58.44
N ASN AA 49 44.59 18.42 -59.10
CA ASN AA 49 45.94 18.31 -58.54
C ASN AA 49 46.97 19.18 -59.24
N ARG AA 50 46.54 20.09 -60.10
CA ARG AA 50 47.51 20.93 -60.79
C ARG AA 50 47.82 22.23 -60.05
N PHE AA 51 46.91 22.71 -59.21
CA PHE AA 51 47.10 23.97 -58.51
C PHE AA 51 46.06 24.12 -57.42
N LYS AA 52 46.28 25.06 -56.50
CA LYS AA 52 45.25 25.44 -55.55
C LYS AA 52 44.57 26.69 -56.05
N HIS AA 53 43.34 26.91 -55.61
CA HIS AA 53 42.62 28.11 -55.99
C HIS AA 53 42.99 29.24 -55.06
N LYS AA 54 42.95 30.46 -55.58
CA LYS AA 54 43.23 31.64 -54.76
C LYS AA 54 42.12 32.65 -54.94
N PHE AA 55 41.72 33.28 -53.84
CA PHE AA 55 40.64 34.24 -53.90
C PHE AA 55 41.04 35.53 -53.22
N PRO AA 56 40.65 36.68 -53.76
CA PRO AA 56 40.90 37.97 -53.12
C PRO AA 56 39.96 38.19 -51.95
N VAL AA 57 40.43 38.97 -50.97
CA VAL AA 57 39.65 39.32 -49.81
C VAL AA 57 39.61 40.84 -49.57
N LYS AA 58 40.77 41.50 -49.45
CA LYS AA 58 40.85 42.93 -49.13
C LYS AA 58 42.00 43.68 -49.80
N THR AA 59 41.77 44.95 -50.06
CA THR AA 59 42.82 45.84 -50.54
C THR AA 59 43.53 46.49 -49.35
N LYS AA 60 44.85 46.54 -49.39
CA LYS AA 60 45.68 46.99 -48.28
C LYS AA 60 46.66 48.10 -48.68
N TYR AA 61 46.82 49.14 -47.84
CA TYR AA 61 47.75 50.22 -48.09
C TYR AA 61 48.70 50.41 -46.89
N PRO AA 62 49.98 50.71 -47.13
CA PRO AA 62 50.97 51.05 -46.09
C PRO AA 62 50.87 52.52 -45.69
N ASN AA 63 51.46 52.86 -44.54
CA ASN AA 63 51.52 54.26 -44.10
C ASN AA 63 52.42 55.10 -44.99
N LEU AA 64 52.13 56.40 -45.01
CA LEU AA 64 52.88 57.39 -45.79
C LEU AA 64 53.97 58.00 -44.91
N VAL AA 65 55.21 58.00 -45.39
CA VAL AA 65 56.32 58.49 -44.58
C VAL AA 65 57.02 59.68 -45.23
N LEU AA 66 57.17 60.76 -44.47
CA LEU AA 66 57.81 61.99 -44.91
C LEU AA 66 59.05 62.34 -44.08
N LYS AA 67 60.14 62.76 -44.73
CA LYS AA 67 61.35 63.20 -44.03
C LYS AA 67 61.83 64.58 -44.50
N ARG AA 68 62.46 65.31 -43.57
CA ARG AA 68 63.03 66.64 -43.82
C ARG AA 68 63.97 67.06 -42.69
N GLY AA 69 64.71 68.15 -42.90
CA GLY AA 69 65.49 68.73 -41.82
C GLY AA 69 64.55 69.37 -40.79
N VAL AA 70 64.98 69.45 -39.53
CA VAL AA 70 64.12 69.98 -38.46
C VAL AA 70 63.70 71.43 -38.69
N LEU AA 71 62.39 71.67 -38.60
CA LEU AA 71 61.77 72.98 -38.70
C LEU AA 71 61.02 73.24 -37.40
N VAL AA 72 61.31 74.37 -36.75
CA VAL AA 72 60.80 74.61 -35.40
C VAL AA 72 59.35 75.18 -35.37
N ASP AA 73 58.88 75.90 -36.40
CA ASP AA 73 57.57 76.56 -36.29
C ASP AA 73 56.48 75.88 -37.18
N SER AA 74 56.69 74.64 -37.56
CA SER AA 74 55.82 73.91 -38.48
C SER AA 74 54.34 73.84 -38.07
N LYS AA 75 53.44 74.03 -39.06
CA LYS AA 75 52.01 73.90 -38.79
C LYS AA 75 51.61 72.45 -38.74
N VAL AA 76 52.28 71.63 -39.55
CA VAL AA 76 52.02 70.21 -39.60
C VAL AA 76 52.34 69.58 -38.26
N ILE AA 77 53.44 70.01 -37.65
CA ILE AA 77 53.77 69.44 -36.36
C ILE AA 77 52.77 69.88 -35.29
N SER AA 78 52.31 71.14 -35.30
CA SER AA 78 51.28 71.53 -34.32
C SER AA 78 50.05 70.64 -34.43
N TRP AA 79 49.66 70.31 -35.67
CA TRP AA 79 48.54 69.40 -35.92
C TRP AA 79 48.85 68.00 -35.37
N CYS AA 80 50.07 67.51 -35.58
CA CYS AA 80 50.46 66.22 -35.03
C CYS AA 80 50.39 66.21 -33.52
N ARG AA 81 50.85 67.28 -32.88
CA ARG AA 81 50.83 67.34 -31.41
C ARG AA 81 49.42 67.26 -30.85
N ASP AA 82 48.45 67.94 -31.45
CA ASP AA 82 47.08 67.86 -30.91
C ASP AA 82 46.59 66.41 -30.85
N ALA AA 83 46.87 65.64 -31.89
CA ALA AA 83 46.49 64.22 -31.87
C ALA AA 83 47.31 63.43 -30.85
N ILE AA 84 48.62 63.64 -30.83
CA ILE AA 84 49.53 62.87 -30.00
C ILE AA 84 49.29 63.11 -28.51
N GLU AA 85 49.14 64.36 -28.11
CA GLU AA 85 49.03 64.71 -26.71
C GLU AA 85 47.59 64.65 -26.17
N ASP AA 86 46.58 65.07 -26.95
CA ASP AA 86 45.22 65.14 -26.42
C ASP AA 86 44.20 64.21 -27.05
N PHE AA 87 44.57 63.33 -27.99
CA PHE AA 87 43.59 62.49 -28.71
C PHE AA 87 42.55 63.31 -29.46
N GLU AA 88 42.93 64.47 -29.93
CA GLU AA 88 42.08 65.25 -30.81
C GLU AA 88 42.44 64.90 -32.22
N PHE AA 89 41.56 64.22 -32.92
CA PHE AA 89 41.87 63.80 -34.28
C PHE AA 89 41.01 64.50 -35.32
N LYS AA 90 41.66 65.09 -36.32
CA LYS AA 90 40.96 65.76 -37.41
C LYS AA 90 41.67 65.49 -38.71
N PRO AA 91 41.26 64.43 -39.41
CA PRO AA 91 41.88 63.94 -40.65
C PRO AA 91 41.92 64.98 -41.76
N ILE AA 92 42.95 64.90 -42.62
CA ILE AA 92 43.21 65.84 -43.70
C ILE AA 92 43.39 65.12 -45.02
N ASP AA 93 43.35 65.87 -46.12
CA ASP AA 93 43.70 65.26 -47.39
C ASP AA 93 45.04 65.79 -47.86
N LEU AA 94 45.65 65.09 -48.79
CA LEU AA 94 47.00 65.43 -49.15
C LEU AA 94 47.20 65.16 -50.63
N THR AA 95 48.09 65.89 -51.26
CA THR AA 95 48.45 65.68 -52.66
C THR AA 95 49.95 65.50 -52.84
N VAL AA 96 50.34 64.44 -53.53
CA VAL AA 96 51.75 64.23 -53.87
C VAL AA 96 51.91 64.49 -55.36
N LYS AA 97 52.83 65.37 -55.72
CA LYS AA 97 52.99 65.74 -57.12
C LYS AA 97 54.38 65.40 -57.66
N LEU AA 98 54.45 64.68 -58.75
CA LEU AA 98 55.70 64.42 -59.45
C LEU AA 98 55.78 65.43 -60.60
N LEU AA 99 56.84 66.24 -60.65
CA LEU AA 99 56.90 67.37 -61.57
C LEU AA 99 57.78 67.22 -62.82
N ASN AA 100 57.41 67.97 -63.87
CA ASN AA 100 58.18 68.08 -65.10
C ASN AA 100 59.09 69.30 -65.09
N GLU AA 101 59.78 69.56 -66.21
CA GLU AA 101 60.75 70.66 -66.34
C GLU AA 101 60.14 72.06 -66.33
N GLU AA 102 58.83 72.19 -66.47
CA GLU AA 102 58.14 73.46 -66.40
C GLU AA 102 57.54 73.66 -65.03
N HIS AA 103 57.87 72.70 -64.17
CA HIS AA 103 57.44 72.57 -62.79
C HIS AA 103 55.95 72.34 -62.69
N GLN AA 104 55.37 71.66 -63.67
CA GLN AA 104 53.97 71.32 -63.65
C GLN AA 104 53.90 69.82 -63.42
N PRO AA 105 52.80 69.30 -62.87
CA PRO AA 105 52.68 67.85 -62.61
C PRO AA 105 52.72 66.95 -63.84
N LEU AA 106 53.53 65.89 -63.75
CA LEU AA 106 53.48 64.77 -64.68
C LEU AA 106 52.35 63.87 -64.28
N MET AA 107 52.27 63.65 -62.98
CA MET AA 107 51.34 62.73 -62.35
C MET AA 107 51.13 63.06 -60.89
N THR AA 108 49.89 62.90 -60.38
CA THR AA 108 49.68 63.16 -58.96
C THR AA 108 48.96 62.00 -58.28
N TRP AA 109 49.10 61.97 -56.95
CA TRP AA 109 48.44 61.03 -56.07
C TRP AA 109 47.55 61.78 -55.09
N ASN AA 110 46.31 61.33 -55.00
CA ASN AA 110 45.30 61.90 -54.11
C ASN AA 110 45.17 61.01 -52.89
N VAL AA 111 45.66 61.47 -51.75
CA VAL AA 111 45.66 60.68 -50.52
C VAL AA 111 44.51 61.12 -49.65
N VAL AA 112 43.65 60.18 -49.28
CA VAL AA 112 42.35 60.49 -48.66
C VAL AA 112 42.29 60.15 -47.16
N HIS AA 113 41.85 61.14 -46.36
CA HIS AA 113 41.52 61.00 -44.93
C HIS AA 113 42.70 60.56 -44.05
N ALA AA 114 43.77 61.34 -44.04
CA ALA AA 114 44.99 60.98 -43.32
C ALA AA 114 45.11 61.57 -41.91
N TYR AA 115 45.79 60.85 -41.01
CA TYR AA 115 46.04 61.41 -39.67
C TYR AA 115 47.37 60.88 -39.10
N PRO AA 116 47.95 61.58 -38.10
CA PRO AA 116 49.30 61.21 -37.61
C PRO AA 116 49.36 60.01 -36.68
N VAL AA 117 50.32 59.12 -36.93
CA VAL AA 117 50.55 57.99 -36.03
C VAL AA 117 51.96 57.98 -35.47
N LYS AA 118 52.88 58.77 -36.01
CA LYS AA 118 54.25 58.73 -35.51
C LYS AA 118 55.01 60.04 -35.73
N TRP AA 119 55.91 60.37 -34.82
CA TRP AA 119 56.79 61.54 -34.96
C TRP AA 119 58.10 61.31 -34.24
N SER AA 120 59.22 61.54 -34.91
CA SER AA 120 60.52 61.35 -34.27
C SER AA 120 61.63 62.23 -34.84
N VAL AA 121 62.71 62.33 -34.05
CA VAL AA 121 63.90 63.07 -34.47
C VAL AA 121 65.09 62.15 -34.20
N GLU AA 122 66.03 62.08 -35.15
CA GLU AA 122 67.18 61.20 -35.05
C GLU AA 122 68.18 61.62 -33.96
N ASP AA 123 68.93 60.63 -33.48
CA ASP AA 123 69.89 60.76 -32.37
C ASP AA 123 70.95 61.84 -32.57
N PHE AA 124 71.33 62.46 -31.46
CA PHE AA 124 72.36 63.47 -31.43
C PHE AA 124 73.70 62.79 -31.18
N ASN AA 125 74.76 63.31 -31.79
CA ASN AA 125 76.10 62.73 -31.60
C ASN AA 125 77.14 63.85 -31.63
N ALA AA 126 77.78 64.04 -30.48
CA ALA AA 126 78.77 65.09 -30.28
C ALA AA 126 80.00 64.95 -31.15
N GLN AA 127 80.27 63.76 -31.66
CA GLN AA 127 81.46 63.51 -32.45
C GLN AA 127 81.21 63.40 -33.95
N GLU AA 128 80.02 63.74 -34.44
CA GLU AA 128 79.75 63.62 -35.86
C GLU AA 128 79.20 64.93 -36.41
N SER AA 129 79.53 65.24 -37.64
CA SER AA 129 78.97 66.40 -38.35
C SER AA 129 77.77 66.03 -39.18
N LYS AA 130 76.57 66.32 -38.65
CA LYS AA 130 75.32 65.91 -39.29
C LYS AA 130 74.21 66.93 -39.04
N MET AA 131 73.23 66.89 -39.92
CA MET AA 131 72.02 67.72 -39.80
C MET AA 131 70.99 67.00 -38.95
N ALA AA 132 70.24 67.74 -38.15
CA ALA AA 132 69.15 67.13 -37.41
C ALA AA 132 67.98 66.85 -38.34
N ILE AA 133 67.54 65.59 -38.36
CA ILE AA 133 66.49 65.13 -39.27
C ILE AA 133 65.23 64.72 -38.53
N GLU AA 134 64.10 65.20 -39.06
CA GLU AA 134 62.77 64.94 -38.51
C GLU AA 134 61.99 63.98 -39.43
N SER AA 135 61.17 63.12 -38.81
CA SER AA 135 60.37 62.15 -39.54
C SER AA 135 58.93 62.03 -39.04
N VAL AA 136 57.99 62.06 -39.99
CA VAL AA 136 56.54 62.00 -39.72
C VAL AA 136 55.85 60.91 -40.53
N GLU AA 137 55.04 60.09 -39.85
CA GLU AA 137 54.31 59.02 -40.49
C GLU AA 137 52.80 59.16 -40.33
N LEU AA 138 52.07 59.02 -41.44
CA LEU AA 138 50.60 59.18 -41.48
C LEU AA 138 49.82 57.95 -41.94
N SER AA 139 48.67 57.73 -41.32
CA SER AA 139 47.78 56.64 -41.72
C SER AA 139 46.72 57.26 -42.63
N TYR AA 140 46.22 56.54 -43.63
CA TYR AA 140 45.20 57.06 -44.55
C TYR AA 140 44.33 55.91 -45.03
N ASN AA 141 43.22 56.20 -45.71
CA ASN AA 141 42.32 55.13 -46.12
C ASN AA 141 42.65 54.53 -47.47
N TYR AA 142 42.89 55.37 -48.47
CA TYR AA 142 43.19 54.91 -49.81
C TYR AA 142 43.76 56.08 -50.60
N PHE AA 143 44.17 55.79 -51.82
CA PHE AA 143 44.56 56.84 -52.73
C PHE AA 143 44.07 56.55 -54.13
N LYS AA 144 43.97 57.62 -54.91
CA LYS AA 144 43.61 57.61 -56.32
C LYS AA 144 44.69 58.33 -57.11
N THR AA 145 44.81 58.06 -58.38
CA THR AA 145 45.79 58.79 -59.16
C THR AA 145 45.15 59.56 -60.31
N ILE AA 146 45.79 60.66 -60.65
CA ILE AA 146 45.37 61.52 -61.75
C ILE AA 146 46.53 61.71 -62.70
N VAL AA 147 46.30 61.40 -63.97
CA VAL AA 147 47.31 61.47 -65.01
C VAL AA 147 46.67 61.22 -66.36
N THR BA 3 73.33 24.30 -74.51
CA THR BA 3 73.56 23.89 -75.88
C THR BA 3 75.06 23.73 -76.06
N TYR BA 4 75.68 23.90 -77.22
CA TYR BA 4 77.10 23.87 -77.20
C TYR BA 4 77.57 25.16 -76.56
N TYR BA 5 77.00 26.27 -77.00
CA TYR BA 5 77.10 27.57 -76.35
C TYR BA 5 75.70 27.98 -75.93
N PRO BA 6 75.40 27.94 -74.63
CA PRO BA 6 74.07 28.31 -74.11
C PRO BA 6 73.76 29.77 -74.38
N PRO BA 7 72.47 30.12 -74.53
CA PRO BA 7 72.02 31.51 -74.81
C PRO BA 7 72.11 32.44 -73.61
N SER BA 8 72.20 33.74 -73.87
CA SER BA 8 72.15 34.70 -72.77
C SER BA 8 70.70 35.05 -72.43
N SER BA 9 70.53 35.83 -71.37
CA SER BA 9 69.20 36.13 -70.84
C SER BA 9 68.74 37.59 -70.99
N PHE BA 10 69.42 38.42 -71.78
CA PHE BA 10 69.05 39.84 -71.84
C PHE BA 10 68.17 40.25 -73.02
N HIS BA 11 67.60 39.33 -73.78
CA HIS BA 11 66.78 39.72 -74.93
C HIS BA 11 65.48 38.91 -74.93
N PHE BA 12 64.37 39.58 -74.60
CA PHE BA 12 63.06 38.96 -74.38
C PHE BA 12 61.89 39.93 -74.59
N LEU BA 13 60.67 39.37 -74.71
CA LEU BA 13 59.43 40.12 -74.98
C LEU BA 13 58.24 39.66 -74.12
N VAL BA 14 57.43 40.58 -73.58
CA VAL BA 14 56.23 40.20 -72.80
C VAL BA 14 54.98 40.65 -73.54
N GLU BA 15 54.07 39.73 -73.87
CA GLU BA 15 52.83 40.09 -74.57
C GLU BA 15 51.59 39.67 -73.80
N PHE BA 16 50.56 40.48 -73.91
CA PHE BA 16 49.31 40.30 -73.18
C PHE BA 16 48.17 40.01 -74.13
N THR BA 17 47.26 39.13 -73.75
CA THR BA 17 46.02 38.84 -74.48
C THR BA 17 44.78 39.24 -73.71
N GLY BA 18 43.97 40.12 -74.29
CA GLY BA 18 42.75 40.61 -73.67
C GLY BA 18 42.81 42.09 -73.31
N ILE BA 19 43.97 42.70 -73.49
CA ILE BA 19 44.24 44.11 -73.22
C ILE BA 19 44.67 44.73 -74.55
N ASP BA 20 44.12 45.92 -74.87
CA ASP BA 20 44.51 46.63 -76.10
C ASP BA 20 46.02 46.77 -76.17
N ALA BA 21 46.60 46.48 -77.33
CA ALA BA 21 48.05 46.55 -77.45
C ALA BA 21 48.58 47.94 -77.74
N LYS BA 22 49.72 48.22 -77.12
CA LYS BA 22 50.54 49.40 -77.33
C LYS BA 22 51.98 48.93 -77.27
N ASN BA 23 52.85 49.49 -78.10
CA ASN BA 23 54.24 49.04 -78.07
C ASN BA 23 54.93 49.32 -76.74
N ASN BA 24 54.51 50.37 -76.05
CA ASN BA 24 55.15 50.72 -74.79
C ASN BA 24 54.75 49.79 -73.64
N ASP BA 25 53.78 48.91 -73.82
CA ASP BA 25 53.46 47.97 -72.76
C ASP BA 25 54.11 46.60 -72.98
N HIS BA 26 54.92 46.44 -74.02
CA HIS BA 26 55.58 45.17 -74.24
C HIS BA 26 57.02 45.20 -73.83
N GLU BA 27 57.50 46.32 -73.31
CA GLU BA 27 58.91 46.47 -72.98
C GLU BA 27 59.15 46.52 -71.48
N PHE BA 28 59.98 45.60 -70.99
CA PHE BA 28 60.25 45.52 -69.56
C PHE BA 28 61.73 45.44 -69.27
N GLN BA 29 62.07 45.96 -68.09
CA GLN BA 29 63.42 45.90 -67.54
C GLN BA 29 63.76 44.51 -67.02
N SER BA 30 62.79 43.82 -66.38
CA SER BA 30 63.08 42.54 -65.77
C SER BA 30 61.79 41.71 -65.59
N VAL BA 31 61.95 40.38 -65.68
CA VAL BA 31 60.86 39.41 -65.52
C VAL BA 31 61.30 38.35 -64.52
N SER BA 32 60.46 37.98 -63.56
CA SER BA 32 60.84 36.88 -62.66
C SER BA 32 59.64 36.07 -62.19
N GLY BA 33 59.88 34.84 -61.75
CA GLY BA 33 58.83 33.99 -61.22
C GLY BA 33 58.47 32.77 -62.07
N LEU BA 34 59.22 32.50 -63.13
CA LEU BA 34 58.89 31.35 -63.98
C LEU BA 34 59.49 30.05 -63.42
N SER BA 35 58.86 29.53 -62.35
CA SER BA 35 59.36 28.29 -61.76
C SER BA 35 58.17 27.51 -61.16
N VAL BA 36 58.46 26.31 -60.62
CA VAL BA 36 57.43 25.45 -59.99
C VAL BA 36 58.00 24.47 -58.96
N ASP BA 37 57.17 23.98 -58.00
CA ASP BA 37 57.55 23.02 -56.98
C ASP BA 37 56.44 22.05 -56.58
N ILE BA 38 56.78 20.93 -55.95
CA ILE BA 38 55.75 19.97 -55.52
C ILE BA 38 55.77 19.79 -54.00
N ASP BA 39 54.63 20.09 -53.36
CA ASP BA 39 54.47 19.84 -51.94
C ASP BA 39 54.42 18.36 -51.68
N THR BA 40 55.09 17.92 -50.61
CA THR BA 40 55.12 16.52 -50.20
C THR BA 40 54.77 16.32 -48.73
N GLU BA 41 54.49 15.07 -48.36
CA GLU BA 41 54.28 14.59 -46.99
C GLU BA 41 55.16 13.41 -46.63
N GLU BA 42 55.48 13.29 -45.34
CA GLU BA 42 56.35 12.21 -44.89
C GLU BA 42 55.61 11.15 -44.07
N PHE BA 43 56.14 9.91 -44.11
CA PHE BA 43 55.61 8.80 -43.33
C PHE BA 43 56.69 7.81 -42.88
N ALA BA 44 56.64 7.41 -41.61
CA ALA BA 44 57.57 6.42 -41.11
C ALA BA 44 56.90 5.05 -41.01
N GLU BA 45 57.49 4.07 -41.68
CA GLU BA 45 56.97 2.71 -41.68
C GLU BA 45 57.70 1.89 -40.63
N GLY BA 46 56.96 1.25 -39.73
CA GLY BA 46 57.63 0.45 -38.71
C GLY BA 46 58.44 -0.68 -39.32
N GLY BA 47 59.68 -0.83 -38.89
CA GLY BA 47 60.58 -1.83 -39.40
C GLY BA 47 61.52 -1.35 -40.49
N GLU BA 48 61.24 -0.23 -41.07
CA GLU BA 48 62.08 0.32 -42.11
C GLU BA 48 62.89 1.44 -41.47
N ASN BA 49 64.17 1.22 -41.20
CA ASN BA 49 64.97 2.23 -40.52
C ASN BA 49 65.99 2.91 -41.41
N ARG BA 50 65.92 2.71 -42.72
CA ARG BA 50 66.89 3.35 -43.59
C ARG BA 50 66.45 4.72 -44.10
N PHE BA 51 65.15 4.99 -44.15
CA PHE BA 51 64.64 6.24 -44.68
C PHE BA 51 63.16 6.38 -44.34
N LYS BA 52 62.64 7.60 -44.48
CA LYS BA 52 61.21 7.80 -44.38
C LYS BA 52 60.65 7.87 -45.79
N HIS BA 53 59.37 7.57 -45.93
CA HIS BA 53 58.73 7.65 -47.23
C HIS BA 53 58.26 9.07 -47.48
N LYS BA 54 58.25 9.47 -48.75
CA LYS BA 54 57.77 10.79 -49.11
C LYS BA 54 56.74 10.68 -50.22
N PHE BA 55 55.69 11.47 -50.13
CA PHE BA 55 54.61 11.40 -51.11
C PHE BA 55 54.29 12.78 -51.63
N PRO BA 56 54.02 12.93 -52.92
CA PRO BA 56 53.58 14.21 -53.50
C PRO BA 56 52.14 14.50 -53.13
N VAL BA 57 51.81 15.78 -53.07
CA VAL BA 57 50.46 16.24 -52.78
C VAL BA 57 49.96 17.25 -53.83
N LYS BA 58 50.70 18.36 -54.04
CA LYS BA 58 50.26 19.43 -54.94
C LYS BA 58 51.39 20.13 -55.71
N THR BA 59 51.07 20.60 -56.90
CA THR BA 59 51.98 21.44 -57.67
C THR BA 59 51.75 22.90 -57.33
N LYS BA 60 52.84 23.64 -57.13
CA LYS BA 60 52.79 25.02 -56.66
C LYS BA 60 53.57 25.99 -57.57
N TYR BA 61 53.00 27.17 -57.84
CA TYR BA 61 53.65 28.20 -58.65
C TYR BA 61 53.72 29.52 -57.89
N PRO BA 62 54.82 30.28 -58.03
CA PRO BA 62 54.97 31.64 -57.48
C PRO BA 62 54.35 32.69 -58.39
N ASN BA 63 54.13 33.89 -57.86
CA ASN BA 63 53.63 35.01 -58.66
C ASN BA 63 54.65 35.49 -59.68
N LEU BA 64 54.14 36.08 -60.76
CA LEU BA 64 54.95 36.62 -61.84
C LEU BA 64 55.21 38.10 -61.59
N VAL BA 65 56.48 38.52 -61.64
CA VAL BA 65 56.83 39.89 -61.31
C VAL BA 65 57.49 40.60 -62.50
N LEU BA 66 56.95 41.77 -62.84
CA LEU BA 66 57.44 42.60 -63.94
C LEU BA 66 57.90 43.98 -63.47
N LYS BA 67 59.05 44.44 -63.98
CA LYS BA 67 59.55 45.80 -63.68
C LYS BA 67 59.89 46.60 -64.93
N ARG BA 68 59.71 47.93 -64.82
CA ARG BA 68 60.03 48.88 -65.89
C ARG BA 68 60.07 50.32 -65.35
N GLY BA 69 60.55 51.25 -66.19
CA GLY BA 69 60.45 52.66 -65.84
C GLY BA 69 59.00 53.11 -65.90
N VAL BA 70 58.65 54.13 -65.12
CA VAL BA 70 57.25 54.60 -65.05
C VAL BA 70 56.70 55.09 -66.40
N LEU BA 71 55.55 54.54 -66.78
CA LEU BA 71 54.80 54.91 -67.98
C LEU BA 71 53.43 55.42 -67.54
N VAL BA 72 53.06 56.63 -67.97
CA VAL BA 72 51.85 57.27 -67.45
C VAL BA 72 50.55 56.82 -68.14
N ASP BA 73 50.57 56.37 -69.42
CA ASP BA 73 49.30 56.09 -70.11
C ASP BA 73 49.06 54.57 -70.34
N SER BA 74 49.71 53.74 -69.56
CA SER BA 74 49.67 52.28 -69.71
C SER BA 74 48.26 51.66 -69.70
N LYS BA 75 48.03 50.69 -70.61
CA LYS BA 75 46.76 49.98 -70.63
C LYS BA 75 46.73 48.92 -69.54
N VAL BA 76 47.90 48.35 -69.27
CA VAL BA 76 48.03 47.32 -68.24
C VAL BA 76 47.70 47.92 -66.89
N ILE BA 77 48.16 49.14 -66.64
CA ILE BA 77 47.85 49.75 -65.37
C ILE BA 77 46.36 50.07 -65.26
N SER BA 78 45.71 50.55 -66.34
CA SER BA 78 44.26 50.77 -66.24
C SER BA 78 43.53 49.50 -65.85
N TRP BA 79 43.94 48.37 -66.42
CA TRP BA 79 43.40 47.06 -66.08
C TRP BA 79 43.64 46.73 -64.61
N CYS BA 80 44.86 47.00 -64.11
CA CYS BA 80 45.17 46.77 -62.71
C CYS BA 80 44.28 47.61 -61.80
N ARG BA 81 44.07 48.88 -62.17
CA ARG BA 81 43.24 49.75 -61.33
C ARG BA 81 41.82 49.26 -61.20
N ASP BA 82 41.19 48.76 -62.28
CA ASP BA 82 39.81 48.27 -62.15
C ASP BA 82 39.71 47.17 -61.09
N ALA BA 83 40.69 46.26 -61.06
CA ALA BA 83 40.67 45.23 -60.03
C ALA BA 83 40.95 45.81 -58.64
N ILE BA 84 41.97 46.68 -58.54
CA ILE BA 84 42.41 47.22 -57.25
C ILE BA 84 41.35 48.09 -56.59
N GLU BA 85 40.74 48.98 -57.35
CA GLU BA 85 39.79 49.95 -56.80
C GLU BA 85 38.37 49.43 -56.72
N ASP BA 86 37.88 48.66 -57.70
CA ASP BA 86 36.48 48.25 -57.70
C ASP BA 86 36.21 46.76 -57.55
N PHE BA 87 37.21 45.90 -57.37
CA PHE BA 87 36.99 44.45 -57.33
C PHE BA 87 36.38 43.91 -58.62
N GLU BA 88 36.68 44.53 -59.74
CA GLU BA 88 36.31 44.01 -61.02
C GLU BA 88 37.44 43.18 -61.54
N PHE BA 89 37.27 41.86 -61.60
CA PHE BA 89 38.36 41.00 -62.02
C PHE BA 89 38.07 40.32 -63.35
N LYS BA 90 39.00 40.45 -64.29
CA LYS BA 90 38.89 39.82 -65.60
C LYS BA 90 40.23 39.30 -66.03
N PRO BA 91 40.52 38.04 -65.71
CA PRO BA 91 41.81 37.37 -65.97
C PRO BA 91 42.21 37.36 -67.43
N ILE BA 92 43.53 37.38 -67.67
CA ILE BA 92 44.11 37.45 -69.02
C ILE BA 92 45.14 36.35 -69.22
N ASP BA 93 45.54 36.12 -70.46
CA ASP BA 93 46.66 35.22 -70.68
C ASP BA 93 47.88 36.00 -71.12
N LEU BA 94 49.04 35.38 -71.01
CA LEU BA 94 50.26 36.13 -71.24
C LEU BA 94 51.28 35.22 -71.87
N THR BA 95 52.18 35.78 -72.66
CA THR BA 95 53.29 35.03 -73.26
C THR BA 95 54.62 35.65 -72.95
N VAL BA 96 55.56 34.85 -72.47
CA VAL BA 96 56.92 35.31 -72.22
C VAL BA 96 57.80 34.68 -73.29
N LYS BA 97 58.54 35.50 -74.02
CA LYS BA 97 59.37 34.98 -75.11
C LYS BA 97 60.85 35.25 -74.90
N LEU BA 98 61.67 34.22 -74.99
CA LEU BA 98 63.13 34.37 -74.97
C LEU BA 98 63.59 34.33 -76.42
N LEU BA 99 64.30 35.37 -76.88
CA LEU BA 99 64.59 35.53 -78.30
C LEU BA 99 66.02 35.21 -78.77
N ASN BA 100 66.13 34.82 -80.05
CA ASN BA 100 67.40 34.60 -80.72
C ASN BA 100 67.86 35.84 -81.50
N GLU BA 101 68.97 35.72 -82.23
CA GLU BA 101 69.58 36.83 -82.98
C GLU BA 101 68.77 37.32 -84.17
N GLU BA 102 67.76 36.59 -84.61
CA GLU BA 102 66.88 37.00 -85.68
C GLU BA 102 65.61 37.58 -85.13
N HIS BA 103 65.61 37.70 -83.80
CA HIS BA 103 64.54 38.19 -82.96
C HIS BA 103 63.34 37.27 -83.00
N GLN BA 104 63.55 35.98 -83.19
CA GLN BA 104 62.49 35.02 -83.17
C GLN BA 104 62.64 34.23 -81.89
N PRO BA 105 61.57 33.62 -81.37
CA PRO BA 105 61.65 32.85 -80.12
C PRO BA 105 62.55 31.63 -80.15
N LEU BA 106 63.39 31.52 -79.11
CA LEU BA 106 64.11 30.28 -78.81
C LEU BA 106 63.18 29.35 -78.09
N MET BA 107 62.45 29.93 -77.15
CA MET BA 107 61.56 29.23 -76.24
C MET BA 107 60.51 30.18 -75.66
N THR BA 108 59.28 29.69 -75.47
CA THR BA 108 58.28 30.55 -74.85
C THR BA 108 57.58 29.86 -73.68
N TRP BA 109 56.97 30.70 -72.84
CA TRP BA 109 56.17 30.28 -71.70
C TRP BA 109 54.74 30.81 -71.86
N ASN BA 110 53.79 29.92 -71.71
CA ASN BA 110 52.37 30.20 -71.81
C ASN BA 110 51.79 30.32 -70.41
N VAL BA 111 51.46 31.53 -69.98
CA VAL BA 111 50.98 31.78 -68.62
C VAL BA 111 49.46 31.91 -68.67
N VAL BA 112 48.77 31.08 -67.89
CA VAL BA 112 47.33 30.91 -67.99
C VAL BA 112 46.53 31.55 -66.85
N HIS BA 113 45.52 32.36 -67.22
CA HIS BA 113 44.50 32.94 -66.32
C HIS BA 113 45.07 33.84 -65.22
N ALA BA 114 45.76 34.91 -65.62
CA ALA BA 114 46.44 35.80 -64.67
C ALA BA 114 45.63 37.03 -64.26
N TYR BA 115 45.84 37.52 -63.03
CA TYR BA 115 45.19 38.75 -62.61
C TYR BA 115 46.07 39.52 -61.60
N PRO BA 116 45.85 40.84 -61.43
CA PRO BA 116 46.75 41.66 -60.59
C PRO BA 116 46.56 41.54 -59.09
N VAL BA 117 47.66 41.39 -58.36
CA VAL BA 117 47.61 41.39 -56.89
C VAL BA 117 48.44 42.49 -56.29
N LYS BA 118 49.31 43.15 -57.04
CA LYS BA 118 50.15 44.18 -56.45
C LYS BA 118 50.60 45.25 -57.45
N TRP BA 119 50.76 46.49 -56.99
CA TRP BA 119 51.27 47.58 -57.81
C TRP BA 119 52.00 48.59 -56.94
N SER BA 120 53.22 48.96 -57.31
CA SER BA 120 53.96 49.94 -56.53
C SER BA 120 54.97 50.75 -57.34
N VAL BA 121 55.39 51.87 -56.73
CA VAL BA 121 56.42 52.72 -57.34
C VAL BA 121 57.44 53.00 -56.22
N GLU BA 122 58.72 52.93 -56.57
CA GLU BA 122 59.81 53.11 -55.61
C GLU BA 122 59.92 54.55 -55.08
N ASP BA 123 60.48 54.67 -53.87
CA ASP BA 123 60.63 55.92 -53.13
C ASP BA 123 61.35 57.04 -53.88
N PHE BA 124 60.91 58.26 -53.62
CA PHE BA 124 61.51 59.45 -54.19
C PHE BA 124 62.60 59.93 -53.26
N ASN BA 125 63.69 60.48 -53.83
CA ASN BA 125 64.78 60.99 -53.01
C ASN BA 125 65.39 62.22 -53.68
N ALA BA 126 65.24 63.35 -53.02
CA ALA BA 126 65.69 64.64 -53.53
C ALA BA 126 67.20 64.74 -53.71
N GLN BA 127 67.96 63.88 -53.05
CA GLN BA 127 69.41 63.95 -53.09
C GLN BA 127 70.05 62.86 -53.95
N GLU BA 128 69.28 62.11 -54.74
CA GLU BA 128 69.86 61.07 -55.55
C GLU BA 128 69.43 61.22 -57.01
N SER BA 129 70.30 60.86 -57.92
CA SER BA 129 69.97 60.82 -59.34
C SER BA 129 69.53 59.45 -59.79
N LYS BA 130 68.22 59.25 -59.94
CA LYS BA 130 67.64 57.95 -60.24
C LYS BA 130 66.39 58.07 -61.08
N MET BA 131 66.08 56.99 -61.79
CA MET BA 131 64.86 56.88 -62.59
C MET BA 131 63.72 56.37 -61.71
N ALA BA 132 62.51 56.86 -61.95
CA ALA BA 132 61.36 56.33 -61.24
C ALA BA 132 60.99 54.96 -61.81
N ILE BA 133 60.92 53.96 -60.93
CA ILE BA 133 60.68 52.57 -61.32
C ILE BA 133 59.34 52.07 -60.80
N GLU BA 134 58.60 51.41 -61.70
CA GLU BA 134 57.30 50.84 -61.43
C GLU BA 134 57.38 49.30 -61.39
N SER BA 135 56.57 48.70 -60.51
CA SER BA 135 56.54 47.26 -60.34
C SER BA 135 55.13 46.67 -60.23
N VAL BA 136 54.88 45.61 -61.00
CA VAL BA 136 53.57 44.93 -61.08
C VAL BA 136 53.70 43.43 -60.84
N GLU BA 137 52.86 42.90 -59.96
CA GLU BA 137 52.86 41.48 -59.65
C GLU BA 137 51.51 40.83 -59.96
N LEU BA 138 51.56 39.67 -60.66
CA LEU BA 138 50.36 38.93 -61.09
C LEU BA 138 50.26 37.50 -60.56
N SER BA 139 49.03 37.09 -60.24
CA SER BA 139 48.78 35.72 -59.80
C SER BA 139 48.28 34.96 -61.04
N TYR BA 140 48.59 33.67 -61.16
CA TYR BA 140 48.15 32.88 -62.32
C TYR BA 140 47.96 31.43 -61.88
N ASN BA 141 47.37 30.59 -62.73
CA ASN BA 141 47.10 29.22 -62.32
C ASN BA 141 48.24 28.25 -62.60
N TYR BA 142 48.78 28.30 -63.81
CA TYR BA 142 49.87 27.41 -64.21
C TYR BA 142 50.49 27.96 -65.47
N PHE BA 143 51.57 27.31 -65.90
CA PHE BA 143 52.13 27.61 -67.19
C PHE BA 143 52.56 26.35 -67.91
N LYS BA 144 52.67 26.47 -69.23
CA LYS BA 144 53.16 25.44 -70.13
C LYS BA 144 54.29 26.00 -70.95
N THR BA 145 55.15 25.15 -71.48
CA THR BA 145 56.21 25.68 -72.34
C THR BA 145 56.14 25.11 -73.73
N ILE BA 146 56.60 25.92 -74.68
CA ILE BA 146 56.67 25.55 -76.08
C ILE BA 146 58.10 25.75 -76.58
N VAL BA 147 58.66 24.70 -77.15
CA VAL BA 147 60.03 24.70 -77.63
C VAL BA 147 60.31 23.40 -78.38
N THR CA 3 94.51 11.67 -49.54
CA THR CA 3 95.53 10.75 -50.00
C THR CA 3 96.88 11.39 -49.69
N TYR CA 4 97.96 11.15 -50.40
CA TYR CA 4 99.11 11.94 -50.09
C TYR CA 4 98.86 13.34 -50.61
N TYR CA 5 98.39 13.41 -51.85
CA TYR CA 5 97.83 14.63 -52.46
C TYR CA 5 96.37 14.33 -52.77
N PRO CA 6 95.43 14.89 -52.03
CA PRO CA 6 93.99 14.68 -52.25
C PRO CA 6 93.58 15.21 -53.61
N PRO CA 7 92.53 14.62 -54.22
CA PRO CA 7 92.01 15.02 -55.55
C PRO CA 7 91.22 16.33 -55.53
N SER CA 8 91.13 16.99 -56.68
CA SER CA 8 90.29 18.17 -56.76
C SER CA 8 88.86 17.77 -57.11
N SER CA 9 87.96 18.74 -57.12
CA SER CA 9 86.53 18.50 -57.29
C SER CA 9 85.92 19.02 -58.60
N PHE CA 10 86.72 19.42 -59.58
CA PHE CA 10 86.13 20.02 -60.78
C PHE CA 10 85.98 19.09 -61.99
N HIS CA 11 86.13 17.78 -61.85
CA HIS CA 11 86.00 16.89 -62.99
C HIS CA 11 85.14 15.68 -62.61
N PHE CA 12 83.91 15.65 -63.16
CA PHE CA 12 82.87 14.69 -62.79
C PHE CA 12 81.83 14.49 -63.90
N LEU CA 13 81.03 13.41 -63.77
CA LEU CA 13 80.01 13.01 -64.75
C LEU CA 13 78.68 12.58 -64.11
N VAL CA 14 77.53 12.98 -64.65
CA VAL CA 14 76.22 12.54 -64.12
C VAL CA 14 75.51 11.68 -65.15
N GLU CA 15 75.16 10.43 -64.81
CA GLU CA 15 74.46 9.56 -65.75
C GLU CA 15 73.13 9.06 -65.19
N PHE CA 16 72.17 8.89 -66.09
CA PHE CA 16 70.82 8.53 -65.74
C PHE CA 16 70.48 7.16 -66.31
N THR CA 17 69.71 6.36 -65.58
CA THR CA 17 69.18 5.08 -66.04
C THR CA 17 67.67 5.07 -66.11
N GLY CA 18 67.13 4.79 -67.31
CA GLY CA 18 65.70 4.78 -67.55
C GLY CA 18 65.22 5.90 -68.46
N ILE CA 19 66.13 6.79 -68.83
CA ILE CA 19 65.89 7.93 -69.70
C ILE CA 19 66.81 7.78 -70.90
N ASP CA 20 66.29 7.98 -72.12
CA ASP CA 20 67.11 7.90 -73.33
C ASP CA 20 68.34 8.78 -73.20
N ALA CA 21 69.50 8.25 -73.56
CA ALA CA 21 70.72 9.03 -73.39
C ALA CA 21 71.00 9.98 -74.55
N LYS CA 22 71.52 11.14 -74.19
CA LYS CA 22 72.04 12.17 -75.07
C LYS CA 22 73.27 12.73 -74.39
N ASN CA 23 74.30 13.07 -75.15
CA ASN CA 23 75.51 13.59 -74.52
C ASN CA 23 75.27 14.91 -73.80
N ASN CA 24 74.32 15.71 -74.28
CA ASN CA 24 74.07 17.00 -73.66
C ASN CA 24 73.34 16.91 -72.34
N ASP CA 25 72.85 15.74 -71.95
CA ASP CA 25 72.21 15.62 -70.64
C ASP CA 25 73.16 15.04 -69.60
N HIS CA 26 74.43 14.79 -69.93
CA HIS CA 26 75.36 14.28 -68.95
C HIS CA 26 76.30 15.34 -68.46
N GLU CA 27 76.16 16.57 -68.92
CA GLU CA 27 77.09 17.63 -68.57
C GLU CA 27 76.45 18.68 -67.66
N PHE CA 28 77.05 18.88 -66.49
CA PHE CA 28 76.52 19.82 -65.52
C PHE CA 28 77.57 20.76 -64.98
N GLN CA 29 77.09 21.95 -64.62
CA GLN CA 29 77.89 22.98 -63.98
C GLN CA 29 78.19 22.66 -62.52
N SER CA 30 77.21 22.09 -61.80
CA SER CA 30 77.39 21.84 -60.38
C SER CA 30 76.44 20.74 -59.88
N VAL CA 31 76.91 19.99 -58.88
CA VAL CA 31 76.17 18.90 -58.23
C VAL CA 31 76.21 19.11 -56.72
N SER CA 32 75.09 18.97 -56.02
CA SER CA 32 75.15 19.07 -54.56
C SER CA 32 74.11 18.19 -53.88
N GLY CA 33 74.33 17.86 -52.60
CA GLY CA 33 73.39 17.08 -51.83
C GLY CA 33 73.83 15.67 -51.47
N LEU CA 34 75.06 15.30 -51.75
CA LEU CA 34 75.53 13.95 -51.43
C LEU CA 34 76.00 13.83 -49.98
N SER CA 35 75.02 13.81 -49.05
CA SER CA 35 75.37 13.69 -47.64
C SER CA 35 74.27 12.92 -46.90
N VAL CA 36 74.46 12.68 -45.59
CA VAL CA 36 73.49 11.97 -44.74
C VAL CA 36 73.61 12.30 -43.26
N ASP CA 37 72.52 12.12 -42.46
CA ASP CA 37 72.49 12.36 -41.02
C ASP CA 37 71.58 11.39 -40.25
N ILE CA 38 71.77 11.29 -38.93
CA ILE CA 38 70.91 10.42 -38.13
C ILE CA 38 70.13 11.20 -37.07
N ASP CA 39 68.81 11.12 -37.13
CA ASP CA 39 67.96 11.71 -36.12
C ASP CA 39 68.11 10.95 -34.82
N THR CA 40 68.16 11.69 -33.71
CA THR CA 40 68.27 11.12 -32.37
C THR CA 40 67.23 11.68 -31.39
N GLU CA 41 67.08 10.99 -30.27
CA GLU CA 41 66.28 11.39 -29.11
C GLU CA 41 67.05 11.39 -27.81
N GLU CA 42 66.63 12.25 -26.87
CA GLU CA 42 67.33 12.36 -25.60
C GLU CA 42 66.53 11.80 -24.42
N PHE CA 43 67.24 11.33 -23.39
CA PHE CA 43 66.64 10.85 -22.15
C PHE CA 43 67.49 11.13 -20.91
N ALA CA 44 66.85 11.59 -19.85
CA ALA CA 44 67.55 11.82 -18.60
C ALA CA 44 67.25 10.71 -17.60
N GLU CA 45 68.31 10.06 -17.14
CA GLU CA 45 68.19 8.97 -16.17
C GLU CA 45 68.40 9.50 -14.78
N GLY CA 46 67.45 9.24 -13.88
CA GLY CA 46 67.61 9.73 -12.52
C GLY CA 46 68.85 9.15 -11.85
N GLY CA 47 69.65 10.01 -11.23
CA GLY CA 47 70.89 9.62 -10.59
C GLY CA 47 72.13 9.80 -11.44
N GLU CA 48 71.97 9.95 -12.72
CA GLU CA 48 73.10 10.14 -13.61
C GLU CA 48 73.16 11.64 -13.94
N ASN CA 49 74.09 12.37 -13.36
CA ASN CA 49 74.14 13.82 -13.57
C ASN CA 49 75.29 14.26 -14.45
N ARG CA 50 76.00 13.34 -15.08
CA ARG CA 50 77.12 13.74 -15.92
C ARG CA 50 76.74 14.01 -17.36
N PHE CA 51 75.65 13.42 -17.86
CA PHE CA 51 75.24 13.57 -19.25
C PHE CA 51 73.84 13.03 -19.44
N LYS CA 52 73.22 13.39 -20.56
CA LYS CA 52 71.96 12.75 -20.95
C LYS CA 52 72.25 11.66 -21.96
N HIS CA 53 71.36 10.69 -22.05
CA HIS CA 53 71.55 9.62 -23.01
C HIS CA 53 70.99 10.06 -24.35
N LYS CA 54 71.58 9.55 -25.43
CA LYS CA 54 71.09 9.85 -26.77
C LYS CA 54 70.89 8.57 -27.54
N PHE CA 55 69.81 8.50 -28.30
CA PHE CA 55 69.50 7.29 -29.04
C PHE CA 55 69.21 7.62 -30.49
N PRO CA 56 69.66 6.81 -31.43
CA PRO CA 56 69.34 6.97 -32.86
C PRO CA 56 67.91 6.55 -33.14
N VAL CA 57 67.32 7.18 -34.16
CA VAL CA 57 65.97 6.85 -34.61
C VAL CA 57 65.93 6.56 -36.11
N LYS CA 58 66.38 7.50 -36.95
CA LYS CA 58 66.28 7.37 -38.42
C LYS CA 58 67.45 7.97 -39.19
N THR CA 59 67.74 7.37 -40.35
CA THR CA 59 68.72 7.92 -41.27
C THR CA 59 68.01 8.86 -42.26
N LYS CA 60 68.62 10.01 -42.50
CA LYS CA 60 68.02 11.08 -43.29
C LYS CA 60 68.92 11.55 -44.44
N TYR CA 61 68.35 11.78 -45.63
CA TYR CA 61 69.09 12.27 -46.79
C TYR CA 61 68.43 13.54 -47.35
N PRO CA 62 69.23 14.52 -47.80
CA PRO CA 62 68.75 15.73 -48.50
C PRO CA 62 68.52 15.47 -49.98
N ASN CA 63 67.78 16.37 -50.63
CA ASN CA 63 67.55 16.28 -52.07
C ASN CA 63 68.84 16.54 -52.86
N LEU CA 64 68.88 15.97 -54.08
CA LEU CA 64 70.00 16.10 -54.99
C LEU CA 64 69.75 17.28 -55.93
N VAL CA 65 70.70 18.20 -56.04
CA VAL CA 65 70.51 19.40 -56.85
C VAL CA 65 71.53 19.50 -57.99
N LEU CA 66 71.02 19.69 -59.21
CA LEU CA 66 71.82 19.81 -60.40
C LEU CA 66 71.64 21.16 -61.11
N LYS CA 67 72.74 21.77 -61.56
CA LYS CA 67 72.67 23.02 -62.33
C LYS CA 67 73.44 22.96 -63.63
N ARG CA 68 72.96 23.71 -64.63
CA ARG CA 68 73.58 23.83 -65.95
C ARG CA 68 73.00 25.00 -66.73
N GLY CA 69 73.64 25.34 -67.86
CA GLY CA 69 73.05 26.32 -68.78
C GLY CA 69 71.82 25.74 -69.43
N VAL CA 70 70.87 26.61 -69.84
CA VAL CA 70 69.60 26.14 -70.42
C VAL CA 70 69.79 25.34 -71.70
N LEU CA 71 69.18 24.16 -71.74
CA LEU CA 71 69.16 23.26 -72.89
C LEU CA 71 67.69 23.05 -73.28
N VAL CA 72 67.37 23.30 -74.55
CA VAL CA 72 65.96 23.33 -74.97
C VAL CA 72 65.39 21.93 -75.29
N ASP CA 73 66.20 20.92 -75.71
CA ASP CA 73 65.61 19.64 -76.15
C ASP CA 73 65.88 18.49 -75.15
N SER CA 74 66.17 18.82 -73.91
CA SER CA 74 66.54 17.83 -72.88
C SER CA 74 65.54 16.70 -72.66
N LYS CA 75 66.06 15.47 -72.51
CA LYS CA 75 65.20 14.32 -72.20
C LYS CA 75 64.82 14.32 -70.73
N VAL CA 76 65.74 14.79 -69.90
CA VAL CA 76 65.51 14.85 -68.47
C VAL CA 76 64.38 15.81 -68.18
N ILE CA 77 64.35 16.94 -68.89
CA ILE CA 77 63.25 17.86 -68.65
C ILE CA 77 61.92 17.29 -69.12
N SER CA 78 61.88 16.59 -70.27
CA SER CA 78 60.61 15.97 -70.67
C SER CA 78 60.08 15.02 -69.58
N TRP CA 79 60.99 14.26 -68.96
CA TRP CA 79 60.65 13.39 -67.86
C TRP CA 79 60.12 14.19 -66.66
N CYS CA 80 60.77 15.30 -66.34
CA CYS CA 80 60.31 16.17 -65.26
C CYS CA 80 58.91 16.70 -65.53
N ARG CA 81 58.65 17.12 -66.77
CA ARG CA 81 57.34 17.66 -67.12
C ARG CA 81 56.22 16.64 -66.92
N ASP CA 82 56.41 15.38 -67.31
CA ASP CA 82 55.34 14.39 -67.12
C ASP CA 82 54.92 14.31 -65.65
N ALA CA 83 55.89 14.33 -64.72
CA ALA CA 83 55.55 14.32 -63.31
C ALA CA 83 54.90 15.63 -62.88
N ILE CA 84 55.46 16.75 -63.30
CA ILE CA 84 55.01 18.08 -62.85
C ILE CA 84 53.60 18.39 -63.33
N GLU CA 85 53.32 18.14 -64.61
CA GLU CA 85 52.04 18.50 -65.21
C GLU CA 85 50.95 17.44 -65.03
N ASP CA 86 51.26 16.15 -65.11
CA ASP CA 86 50.23 15.13 -65.07
C ASP CA 86 50.25 14.18 -63.88
N PHE CA 87 51.16 14.34 -62.91
CA PHE CA 87 51.29 13.37 -61.80
C PHE CA 87 51.61 11.97 -62.27
N GLU CA 88 52.32 11.85 -63.36
CA GLU CA 88 52.85 10.58 -63.81
C GLU CA 88 54.23 10.42 -63.25
N PHE CA 89 54.40 9.51 -62.30
CA PHE CA 89 55.71 9.35 -61.68
C PHE CA 89 56.36 8.02 -62.02
N LYS CA 90 57.60 8.07 -62.50
CA LYS CA 90 58.35 6.88 -62.82
C LYS CA 90 59.80 7.06 -62.41
N PRO CA 91 60.14 6.67 -61.19
CA PRO CA 91 61.46 6.83 -60.58
C PRO CA 91 62.59 6.19 -61.37
N ILE CA 92 63.78 6.80 -61.28
CA ILE CA 92 64.97 6.38 -62.03
C ILE CA 92 66.16 6.19 -61.10
N ASP CA 93 67.21 5.55 -61.60
CA ASP CA 93 68.42 5.51 -60.82
C ASP CA 93 69.48 6.41 -61.45
N LEU CA 94 70.51 6.74 -60.68
CA LEU CA 94 71.43 7.72 -61.16
C LEU CA 94 72.82 7.39 -60.64
N THR CA 95 73.85 7.76 -61.38
CA THR CA 95 75.23 7.58 -60.95
C THR CA 95 76.00 8.88 -60.99
N VAL CA 96 76.68 9.21 -59.89
CA VAL CA 96 77.55 10.37 -59.85
C VAL CA 96 78.98 9.88 -59.83
N LYS CA 97 79.80 10.34 -60.75
CA LYS CA 97 81.18 9.86 -60.85
C LYS CA 97 82.20 10.97 -60.65
N LEU CA 98 83.14 10.76 -59.75
CA LEU CA 98 84.27 11.67 -59.57
C LEU CA 98 85.44 11.05 -60.33
N LEU CA 99 86.04 11.80 -61.27
CA LEU CA 99 87.02 11.22 -62.20
C LEU CA 99 88.50 11.56 -61.95
N ASN CA 100 89.36 10.64 -62.40
CA ASN CA 100 90.81 10.82 -62.39
C ASN CA 100 91.32 11.37 -63.73
N GLU CA 101 92.65 11.48 -63.87
CA GLU CA 101 93.30 12.04 -65.05
C GLU CA 101 93.19 11.19 -66.32
N GLU CA 102 92.76 9.93 -66.20
CA GLU CA 102 92.56 9.05 -67.35
C GLU CA 102 91.10 9.02 -67.70
N HIS CA 103 90.36 9.86 -67.00
CA HIS CA 103 88.92 10.05 -67.07
C HIS CA 103 88.17 8.81 -66.63
N GLN CA 104 88.73 8.06 -65.69
CA GLN CA 104 88.08 6.90 -65.13
C GLN CA 104 87.67 7.27 -63.72
N PRO CA 105 86.66 6.62 -63.15
CA PRO CA 105 86.21 6.94 -61.78
C PRO CA 105 87.23 6.71 -60.67
N LEU CA 106 87.38 7.71 -59.80
CA LEU CA 106 88.07 7.56 -58.52
C LEU CA 106 87.13 6.91 -57.55
N MET CA 107 85.89 7.40 -57.58
CA MET CA 107 84.84 7.02 -56.66
C MET CA 107 83.47 7.34 -57.24
N THR CA 108 82.47 6.46 -56.97
CA THR CA 108 81.14 6.79 -57.48
C THR CA 108 80.08 6.67 -56.36
N TRP CA 109 78.95 7.32 -56.64
CA TRP CA 109 77.77 7.29 -55.78
C TRP CA 109 76.59 6.71 -56.56
N ASN CA 110 75.94 5.75 -55.95
CA ASN CA 110 74.78 5.06 -56.50
C ASN CA 110 73.52 5.63 -55.87
N VAL CA 111 72.76 6.41 -56.61
CA VAL CA 111 71.57 7.09 -56.09
C VAL CA 111 70.34 6.28 -56.50
N VAL CA 112 69.54 5.88 -55.53
CA VAL CA 112 68.47 4.90 -55.74
C VAL CA 112 67.06 5.50 -55.69
N HIS CA 113 66.26 5.20 -56.73
CA HIS CA 113 64.82 5.50 -56.84
C HIS CA 113 64.48 7.00 -56.77
N ALA CA 114 65.01 7.79 -57.70
CA ALA CA 114 64.84 9.23 -57.69
C ALA CA 114 63.70 9.76 -58.55
N TYR CA 115 63.09 10.88 -58.15
CA TYR CA 115 62.06 11.50 -58.98
C TYR CA 115 62.05 13.03 -58.80
N PRO CA 116 61.48 13.78 -59.76
CA PRO CA 116 61.57 15.26 -59.72
C PRO CA 116 60.62 15.96 -58.76
N VAL CA 117 61.15 16.91 -57.99
CA VAL CA 117 60.32 17.73 -57.12
C VAL CA 117 60.41 19.21 -57.45
N LYS CA 118 61.37 19.64 -58.26
CA LYS CA 118 61.50 21.06 -58.54
C LYS CA 118 62.18 21.35 -59.88
N TRP CA 119 61.77 22.44 -60.52
CA TRP CA 119 62.39 22.90 -61.77
C TRP CA 119 62.27 24.41 -61.89
N SER CA 120 63.39 25.08 -62.16
CA SER CA 120 63.34 26.54 -62.31
C SER CA 120 64.42 27.10 -63.23
N VAL CA 121 64.18 28.35 -63.66
CA VAL CA 121 65.15 29.08 -64.49
C VAL CA 121 65.31 30.46 -63.84
N GLU CA 122 66.55 30.94 -63.73
CA GLU CA 122 66.86 32.20 -63.09
C GLU CA 122 66.34 33.42 -63.87
N ASP CA 123 66.12 34.51 -63.13
CA ASP CA 123 65.54 35.76 -63.62
C ASP CA 123 66.29 36.39 -64.80
N PHE CA 124 65.53 37.02 -65.67
CA PHE CA 124 66.05 37.73 -66.82
C PHE CA 124 66.32 39.17 -66.43
N ASN CA 125 67.38 39.75 -66.98
CA ASN CA 125 67.72 41.14 -66.68
C ASN CA 125 68.30 41.81 -67.92
N ALA CA 126 67.56 42.79 -68.44
CA ALA CA 126 67.91 43.51 -69.65
C ALA CA 126 69.21 44.30 -69.54
N GLN CA 127 69.66 44.61 -68.33
CA GLN CA 127 70.83 45.42 -68.13
C GLN CA 127 72.06 44.64 -67.69
N GLU CA 128 72.03 43.30 -67.73
CA GLU CA 128 73.19 42.53 -67.29
C GLU CA 128 73.59 41.52 -68.36
N SER CA 129 74.88 41.27 -68.47
CA SER CA 129 75.40 40.24 -69.36
C SER CA 129 75.59 38.92 -68.65
N LYS CA 130 74.65 37.99 -68.84
CA LYS CA 130 74.64 36.73 -68.12
C LYS CA 130 74.06 35.60 -68.97
N MET CA 131 74.43 34.38 -68.61
CA MET CA 131 73.90 33.17 -69.24
C MET CA 131 72.62 32.75 -68.54
N ALA CA 132 71.67 32.22 -69.29
CA ALA CA 132 70.47 31.68 -68.68
C ALA CA 132 70.78 30.33 -68.04
N ILE CA 133 70.47 30.22 -66.74
CA ILE CA 133 70.80 29.03 -65.95
C ILE CA 133 69.54 28.29 -65.48
N GLU CA 134 69.58 26.97 -65.67
CA GLU CA 134 68.51 26.06 -65.32
C GLU CA 134 68.89 25.23 -64.09
N SER CA 135 67.89 24.93 -63.24
CA SER CA 135 68.11 24.16 -62.03
C SER CA 135 67.03 23.09 -61.78
N VAL CA 136 67.49 21.88 -61.47
CA VAL CA 136 66.62 20.71 -61.23
C VAL CA 136 66.93 20.03 -59.90
N GLU CA 137 65.88 19.75 -59.12
CA GLU CA 137 66.04 19.09 -57.84
C GLU CA 137 65.26 17.78 -57.77
N LEU CA 138 65.94 16.71 -57.30
CA LEU CA 138 65.37 15.36 -57.21
C LEU CA 138 65.32 14.77 -55.80
N SER CA 139 64.24 14.03 -55.52
CA SER CA 139 64.11 13.34 -54.25
C SER CA 139 64.53 11.89 -54.50
N TYR CA 140 65.15 11.22 -53.52
CA TYR CA 140 65.60 9.84 -53.69
C TYR CA 140 65.53 9.13 -52.33
N ASN CA 141 65.70 7.81 -52.32
CA ASN CA 141 65.57 7.08 -51.05
C ASN CA 141 66.86 6.99 -50.25
N TYR CA 142 67.95 6.61 -50.91
CA TYR CA 142 69.24 6.46 -50.26
C TYR CA 142 70.31 6.39 -51.33
N PHE CA 143 71.55 6.35 -50.86
CA PHE CA 143 72.65 6.09 -51.77
C PHE CA 143 73.67 5.18 -51.13
N LYS CA 144 74.45 4.54 -52.00
CA LYS CA 144 75.56 3.66 -51.65
C LYS CA 144 76.80 4.15 -52.37
N THR CA 145 77.97 3.83 -51.86
CA THR CA 145 79.18 4.22 -52.59
C THR CA 145 80.01 3.03 -52.99
N ILE CA 146 80.72 3.21 -54.10
CA ILE CA 146 81.62 2.22 -54.64
C ILE CA 146 82.99 2.83 -54.83
N VAL CA 147 84.00 2.20 -54.24
CA VAL CA 147 85.37 2.68 -54.27
C VAL CA 147 86.30 1.63 -53.66
N THR DA 3 100.79 30.60 -20.63
CA THR DA 3 102.07 30.36 -20.00
C THR DA 3 102.85 31.67 -20.05
N TYR DA 4 104.17 31.71 -20.09
CA TYR DA 4 104.76 33.00 -20.28
C TYR DA 4 104.52 33.38 -21.74
N TYR DA 5 104.80 32.44 -22.63
CA TYR DA 5 104.40 32.49 -24.04
C TYR DA 5 103.47 31.31 -24.28
N PRO DA 6 102.17 31.56 -24.45
CA PRO DA 6 101.19 30.50 -24.70
C PRO DA 6 101.48 29.79 -26.01
N PRO DA 7 101.09 28.51 -26.12
CA PRO DA 7 101.31 27.68 -27.33
C PRO DA 7 100.36 28.01 -28.48
N SER DA 8 100.78 27.68 -29.70
CA SER DA 8 99.88 27.87 -30.83
C SER DA 8 99.00 26.63 -31.01
N SER DA 9 98.07 26.70 -31.94
CA SER DA 9 97.06 25.67 -32.13
C SER DA 9 97.16 24.87 -33.44
N PHE DA 10 98.25 24.98 -34.19
CA PHE DA 10 98.30 24.30 -35.48
C PHE DA 10 99.04 22.96 -35.52
N HIS DA 11 99.38 22.36 -34.39
CA HIS DA 11 100.10 21.09 -34.41
C HIS DA 11 99.45 20.12 -33.41
N PHE DA 12 98.78 19.09 -33.95
CA PHE DA 12 97.95 18.17 -33.19
C PHE DA 12 97.75 16.82 -33.90
N LEU DA 13 97.27 15.81 -33.13
CA LEU DA 13 97.08 14.44 -33.61
C LEU DA 13 95.74 13.82 -33.14
N VAL DA 14 95.02 13.08 -34.00
CA VAL DA 14 93.77 12.42 -33.60
C VAL DA 14 93.95 10.91 -33.68
N GLU DA 15 93.75 10.18 -32.57
CA GLU DA 15 93.91 8.72 -32.60
C GLU DA 15 92.64 8.02 -32.14
N PHE DA 16 92.39 6.86 -32.73
CA PHE DA 16 91.18 6.09 -32.50
C PHE DA 16 91.53 4.77 -31.85
N THR DA 17 90.69 4.29 -30.93
CA THR DA 17 90.79 2.98 -30.32
C THR DA 17 89.61 2.08 -30.65
N GLY DA 18 89.90 0.92 -31.25
CA GLY DA 18 88.86 -0.03 -31.66
C GLY DA 18 88.73 -0.16 -33.17
N ILE DA 19 89.46 0.66 -33.91
CA ILE DA 19 89.49 0.69 -35.36
C ILE DA 19 90.93 0.40 -35.78
N ASP DA 20 91.13 -0.48 -36.78
CA ASP DA 20 92.47 -0.78 -37.28
C ASP DA 20 93.19 0.50 -37.65
N ALA DA 21 94.45 0.63 -37.23
CA ALA DA 21 95.17 1.86 -37.50
C ALA DA 21 95.82 1.90 -38.88
N LYS DA 22 95.78 3.09 -39.46
CA LYS DA 22 96.45 3.48 -40.69
C LYS DA 22 96.95 4.89 -40.47
N ASN DA 23 98.13 5.21 -41.00
CA ASN DA 23 98.64 6.56 -40.79
C ASN DA 23 97.76 7.63 -41.43
N ASN DA 24 97.08 7.30 -42.52
CA ASN DA 24 96.26 8.28 -43.20
C ASN DA 24 94.97 8.59 -42.47
N ASP DA 25 94.60 7.85 -41.43
CA ASP DA 25 93.41 8.19 -40.67
C ASP DA 25 93.74 8.99 -39.41
N HIS DA 26 95.00 9.35 -39.18
CA HIS DA 26 95.33 10.14 -38.02
C HIS DA 26 95.58 11.58 -38.36
N GLU DA 27 95.45 11.96 -39.62
CA GLU DA 27 95.77 13.31 -40.05
C GLU DA 27 94.53 14.10 -40.44
N PHE DA 28 94.33 15.24 -39.78
CA PHE DA 28 93.16 16.06 -40.02
C PHE DA 28 93.51 17.51 -40.23
N GLN DA 29 92.65 18.16 -41.03
CA GLN DA 29 92.73 19.60 -41.29
C GLN DA 29 92.24 20.43 -40.11
N SER DA 30 91.18 19.96 -39.42
CA SER DA 30 90.62 20.74 -38.33
C SER DA 30 89.82 19.86 -37.37
N VAL DA 31 89.82 20.27 -36.09
CA VAL DA 31 89.11 19.59 -35.00
C VAL DA 31 88.27 20.61 -34.24
N SER DA 32 87.01 20.31 -33.94
CA SER DA 32 86.24 21.26 -33.12
C SER DA 32 85.22 20.56 -32.23
N GLY DA 33 84.79 21.23 -31.17
CA GLY DA 33 83.77 20.70 -30.27
C GLY DA 33 84.24 20.32 -28.88
N LEU DA 34 85.48 20.63 -28.53
CA LEU DA 34 85.98 20.28 -27.20
C LEU DA 34 85.59 21.31 -26.14
N SER DA 35 84.30 21.30 -25.75
CA SER DA 35 83.84 22.25 -24.74
C SER DA 35 82.71 21.62 -23.91
N VAL DA 36 82.21 22.35 -22.90
CA VAL DA 36 81.13 21.89 -22.03
C VAL DA 36 80.34 23.01 -21.37
N ASP DA 37 79.06 22.76 -20.95
CA ASP DA 37 78.21 23.73 -20.29
C ASP DA 37 77.26 23.10 -19.25
N ILE DA 38 76.71 23.91 -18.35
CA ILE DA 38 75.77 23.39 -17.35
C ILE DA 38 74.39 24.04 -17.47
N ASP DA 39 73.38 23.21 -17.69
CA ASP DA 39 72.00 23.68 -17.71
C ASP DA 39 71.58 24.08 -16.31
N THR DA 40 70.86 25.19 -16.21
CA THR DA 40 70.34 25.70 -14.95
C THR DA 40 68.85 26.03 -14.99
N GLU DA 41 68.26 26.18 -13.81
CA GLU DA 41 66.89 26.65 -13.57
C GLU DA 41 66.81 27.85 -12.64
N GLU DA 42 65.78 28.67 -12.82
CA GLU DA 42 65.61 29.86 -12.01
C GLU DA 42 64.44 29.77 -11.03
N PHE DA 43 64.57 30.51 -9.91
CA PHE DA 43 63.52 30.60 -8.90
C PHE DA 43 63.46 31.96 -8.20
N ALA DA 44 62.26 32.50 -8.06
CA ALA DA 44 62.08 33.76 -7.34
C ALA DA 44 61.56 33.52 -5.94
N GLU DA 45 62.31 34.00 -4.95
CA GLU DA 45 61.93 33.85 -3.56
C GLU DA 45 61.21 35.10 -3.08
N GLY DA 46 60.01 34.94 -2.53
CA GLY DA 46 59.30 36.11 -2.06
C GLY DA 46 60.06 36.85 -0.97
N GLY DA 47 60.18 38.16 -1.11
CA GLY DA 47 60.92 38.99 -0.18
C GLY DA 47 62.34 39.29 -0.59
N GLU DA 48 62.88 38.55 -1.51
CA GLU DA 48 64.22 38.77 -1.98
C GLU DA 48 64.12 39.49 -3.32
N ASN DA 49 64.40 40.78 -3.37
CA ASN DA 49 64.23 41.54 -4.60
C ASN DA 49 65.55 41.94 -5.25
N ARG DA 50 66.67 41.41 -4.78
CA ARG DA 50 67.94 41.78 -5.38
C ARG DA 50 68.36 40.88 -6.54
N PHE DA 51 67.88 39.64 -6.58
CA PHE DA 51 68.27 38.69 -7.62
C PHE DA 51 67.35 37.48 -7.58
N LYS DA 52 67.39 36.69 -8.65
CA LYS DA 52 66.74 35.39 -8.63
C LYS DA 52 67.77 34.33 -8.33
N HIS DA 53 67.32 33.20 -7.81
CA HIS DA 53 68.21 32.10 -7.53
C HIS DA 53 68.41 31.27 -8.78
N LYS DA 54 69.58 30.66 -8.91
CA LYS DA 54 69.85 29.79 -10.05
C LYS DA 54 70.40 28.47 -9.55
N PHE DA 55 69.95 27.39 -10.16
CA PHE DA 55 70.37 26.06 -9.72
C PHE DA 55 70.86 25.26 -10.91
N PRO DA 56 71.92 24.47 -10.76
CA PRO DA 56 72.40 23.56 -11.81
C PRO DA 56 71.49 22.35 -11.93
N VAL DA 57 71.43 21.80 -13.14
CA VAL DA 57 70.67 20.59 -13.41
C VAL DA 57 71.50 19.52 -14.11
N LYS DA 58 72.13 19.83 -15.25
CA LYS DA 58 72.87 18.84 -16.05
C LYS DA 58 74.11 19.39 -16.76
N THR DA 59 75.10 18.53 -16.92
CA THR DA 59 76.28 18.85 -17.72
C THR DA 59 76.03 18.45 -19.18
N LYS DA 60 76.40 19.32 -20.11
CA LYS DA 60 76.11 19.16 -21.52
C LYS DA 60 77.37 19.26 -22.41
N TYR DA 61 77.50 18.39 -23.40
CA TYR DA 61 78.61 18.41 -24.34
C TYR DA 61 78.11 18.47 -25.79
N PRO DA 62 78.78 19.22 -26.67
CA PRO DA 62 78.51 19.26 -28.12
C PRO DA 62 79.18 18.12 -28.85
N ASN DA 63 78.74 17.86 -30.09
CA ASN DA 63 79.38 16.84 -30.93
C ASN DA 63 80.77 17.24 -31.36
N LEU DA 64 81.60 16.22 -31.64
CA LEU DA 64 82.97 16.40 -32.07
C LEU DA 64 83.03 16.39 -33.60
N VAL DA 65 83.64 17.41 -34.19
CA VAL DA 65 83.67 17.54 -35.64
C VAL DA 65 85.09 17.49 -36.21
N LEU DA 66 85.30 16.61 -37.19
CA LEU DA 66 86.59 16.43 -37.85
C LEU DA 66 86.51 16.71 -39.35
N LYS DA 67 87.51 17.43 -39.89
CA LYS DA 67 87.59 17.68 -41.33
C LYS DA 67 88.96 17.31 -41.92
N ARG DA 68 88.94 16.90 -43.19
CA ARG DA 68 90.14 16.54 -43.96
C ARG DA 68 89.84 16.46 -45.46
N GLY DA 69 90.89 16.35 -46.27
CA GLY DA 69 90.70 16.07 -47.69
C GLY DA 69 90.18 14.66 -47.88
N VAL DA 70 89.44 14.41 -48.97
CA VAL DA 70 88.84 13.09 -49.21
C VAL DA 70 89.88 11.97 -49.33
N LEU DA 71 89.66 10.91 -48.55
CA LEU DA 71 90.47 9.69 -48.55
C LEU DA 71 89.55 8.53 -48.89
N VAL DA 72 89.92 7.74 -49.92
CA VAL DA 72 89.00 6.74 -50.46
C VAL DA 72 89.02 5.40 -49.68
N ASP DA 73 90.13 5.02 -49.00
CA ASP DA 73 90.18 3.67 -48.38
C ASP DA 73 90.11 3.72 -46.83
N SER DA 74 89.60 4.81 -46.28
CA SER DA 74 89.55 5.04 -44.83
C SER DA 74 88.88 3.93 -44.01
N LYS DA 75 89.49 3.58 -42.86
CA LYS DA 75 88.89 2.62 -41.95
C LYS DA 75 87.78 3.26 -41.15
N VAL DA 76 87.96 4.53 -40.82
CA VAL DA 76 86.98 5.28 -40.06
C VAL DA 76 85.70 5.39 -40.85
N ILE DA 77 85.80 5.61 -42.16
CA ILE DA 77 84.59 5.69 -42.94
C ILE DA 77 83.89 4.34 -43.03
N SER DA 78 84.64 3.23 -43.18
CA SER DA 78 83.97 1.93 -43.19
C SER DA 78 83.16 1.71 -41.91
N TRP DA 79 83.73 2.12 -40.77
CA TRP DA 79 83.04 2.06 -39.50
C TRP DA 79 81.79 2.94 -39.50
N CYS DA 80 81.89 4.14 -40.05
CA CYS DA 80 80.73 5.04 -40.15
C CYS DA 80 79.63 4.41 -41.00
N ARG DA 81 80.00 3.78 -42.12
CA ARG DA 81 79.01 3.18 -43.00
C ARG DA 81 78.22 2.07 -42.31
N ASP DA 82 78.88 1.20 -41.53
CA ASP DA 82 78.12 0.14 -40.85
C ASP DA 82 77.00 0.72 -39.97
N ALA DA 83 77.28 1.79 -39.27
CA ALA DA 83 76.24 2.44 -38.47
C ALA DA 83 75.18 3.10 -39.34
N ILE DA 84 75.62 3.83 -40.37
CA ILE DA 84 74.72 4.62 -41.22
C ILE DA 84 73.76 3.73 -42.01
N GLU DA 85 74.29 2.69 -42.63
CA GLU DA 85 73.50 1.84 -43.52
C GLU DA 85 72.76 0.72 -42.81
N ASP DA 86 73.35 0.08 -41.79
CA ASP DA 86 72.71 -1.08 -41.17
C ASP DA 86 72.30 -0.93 -39.71
N PHE DA 87 72.46 0.23 -39.08
CA PHE DA 87 72.17 0.39 -37.64
C PHE DA 87 73.01 -0.55 -36.77
N GLU DA 88 74.21 -0.85 -37.21
CA GLU DA 88 75.15 -1.58 -36.38
C GLU DA 88 76.00 -0.57 -35.67
N PHE DA 89 75.83 -0.45 -34.36
CA PHE DA 89 76.58 0.54 -33.61
C PHE DA 89 77.58 -0.08 -32.65
N LYS DA 90 78.83 0.36 -32.73
CA LYS DA 90 79.88 -0.13 -31.85
C LYS DA 90 80.80 1.03 -31.48
N PRO DA 91 80.48 1.70 -30.37
CA PRO DA 91 81.19 2.89 -29.88
C PRO DA 91 82.67 2.68 -29.64
N ILE DA 92 83.45 3.76 -29.83
CA ILE DA 92 84.92 3.73 -29.73
C ILE DA 92 85.40 4.83 -28.78
N ASP DA 93 86.67 4.75 -28.40
CA ASP DA 93 87.24 5.85 -27.65
C ASP DA 93 88.24 6.60 -28.53
N LEU DA 94 88.57 7.81 -28.13
CA LEU DA 94 89.37 8.63 -29.00
C LEU DA 94 90.27 9.51 -28.17
N THR DA 95 91.42 9.87 -28.70
CA THR DA 95 92.35 10.79 -28.03
C THR DA 95 92.71 11.96 -28.91
N VAL DA 96 92.58 13.17 -28.37
CA VAL DA 96 93.00 14.37 -29.08
C VAL DA 96 94.26 14.88 -28.41
N LYS DA 97 95.32 15.07 -29.18
CA LYS DA 97 96.60 15.50 -28.60
C LYS DA 97 97.06 16.84 -29.14
N LEU DA 98 97.38 17.77 -28.26
CA LEU DA 98 97.99 19.04 -28.64
C LEU DA 98 99.49 18.89 -28.39
N LEU DA 99 100.32 19.11 -29.42
CA LEU DA 99 101.75 18.77 -29.35
C LEU DA 99 102.73 19.93 -29.17
N ASN DA 100 103.88 19.61 -28.56
CA ASN DA 100 105.00 20.54 -28.41
C ASN DA 100 106.03 20.35 -29.54
N GLU DA 101 107.15 21.08 -29.45
CA GLU DA 101 108.20 21.08 -30.48
C GLU DA 101 108.98 19.77 -30.60
N GLU DA 102 108.86 18.86 -29.64
CA GLU DA 102 109.51 17.56 -29.68
C GLU DA 102 108.53 16.53 -30.14
N HIS DA 103 107.35 17.02 -30.53
CA HIS DA 103 106.20 16.30 -30.99
C HIS DA 103 105.62 15.40 -29.91
N GLN DA 104 105.74 15.83 -28.66
CA GLN DA 104 105.16 15.10 -27.55
C GLN DA 104 103.98 15.91 -27.06
N PRO DA 105 102.99 15.29 -26.41
CA PRO DA 105 101.82 16.03 -25.93
C PRO DA 105 102.08 17.11 -24.88
N LEU DA 106 101.52 18.30 -25.10
CA LEU DA 106 101.40 19.33 -24.08
C LEU DA 106 100.26 19.00 -23.18
N MET DA 107 99.16 18.59 -23.81
CA MET DA 107 97.89 18.31 -23.17
C MET DA 107 97.03 17.40 -24.02
N THR DA 108 96.28 16.47 -23.39
CA THR DA 108 95.40 15.63 -24.18
C THR DA 108 93.97 15.63 -23.64
N TRP DA 109 93.06 15.22 -24.51
CA TRP DA 109 91.64 15.05 -24.21
C TRP DA 109 91.25 13.60 -24.46
N ASN DA 110 90.59 13.02 -23.47
CA ASN DA 110 90.12 11.64 -23.49
C ASN DA 110 88.62 11.65 -23.79
N VAL DA 111 88.24 11.25 -24.99
CA VAL DA 111 86.85 11.29 -25.43
C VAL DA 111 86.26 9.90 -25.30
N VAL DA 112 85.17 9.78 -24.55
CA VAL DA 112 84.64 8.49 -24.12
C VAL DA 112 83.34 8.08 -24.84
N HIS DA 113 83.32 6.85 -25.38
CA HIS DA 113 82.15 6.16 -25.95
C HIS DA 113 81.50 6.90 -27.13
N ALA DA 114 82.27 7.12 -28.21
CA ALA DA 114 81.81 7.89 -29.35
C ALA DA 114 81.24 7.06 -30.50
N TYR DA 115 80.27 7.62 -31.25
CA TYR DA 115 79.76 6.92 -32.43
C TYR DA 115 79.31 7.92 -33.51
N PRO DA 116 79.21 7.49 -34.77
CA PRO DA 116 78.94 8.43 -35.87
C PRO DA 116 77.48 8.88 -36.02
N VAL DA 117 77.28 10.19 -36.20
CA VAL DA 117 75.95 10.72 -36.48
C VAL DA 117 75.87 11.45 -37.80
N LYS DA 118 77.00 11.77 -38.43
CA LYS DA 118 76.94 12.52 -39.67
C LYS DA 118 78.15 12.27 -40.58
N TRP DA 119 77.94 12.32 -41.90
CA TRP DA 119 79.02 12.20 -42.88
C TRP DA 119 78.65 12.96 -44.14
N SER DA 120 79.55 13.83 -44.62
CA SER DA 120 79.27 14.57 -45.85
C SER DA 120 80.51 14.97 -46.62
N VAL DA 121 80.28 15.33 -47.91
CA VAL DA 121 81.35 15.81 -48.77
C VAL DA 121 80.82 17.09 -49.43
N GLU DA 122 81.67 18.12 -49.49
CA GLU DA 122 81.27 19.43 -50.03
C GLU DA 122 81.01 19.40 -51.54
N ASP DA 123 80.19 20.35 -51.99
CA ASP DA 123 79.71 20.48 -53.37
C ASP DA 123 80.82 20.58 -54.42
N PHE DA 124 80.54 20.02 -55.57
CA PHE DA 124 81.43 20.05 -56.72
C PHE DA 124 81.12 21.29 -57.55
N ASN DA 125 82.14 21.89 -58.13
CA ASN DA 125 81.94 23.08 -58.96
C ASN DA 125 82.94 23.08 -60.11
N ALA DA 126 82.41 22.95 -61.32
CA ALA DA 126 83.20 22.85 -62.54
C ALA DA 126 84.01 24.10 -62.83
N GLN DA 127 83.64 25.24 -62.27
CA GLN DA 127 84.30 26.50 -62.55
C GLN DA 127 85.23 26.97 -61.43
N GLU DA 128 85.53 26.14 -60.43
CA GLU DA 128 86.39 26.59 -59.35
C GLU DA 128 87.52 25.60 -59.13
N SER DA 129 88.68 26.09 -58.75
CA SER DA 129 89.82 25.25 -58.39
C SER DA 129 89.88 25.00 -56.90
N LYS DA 130 89.43 23.82 -56.47
CA LYS DA 130 89.31 23.49 -55.06
C LYS DA 130 89.56 22.01 -54.81
N MET DA 131 89.93 21.69 -53.57
CA MET DA 131 90.11 20.33 -53.12
C MET DA 131 88.79 19.77 -52.63
N ALA DA 132 88.54 18.48 -52.85
CA ALA DA 132 87.36 17.85 -52.28
C ALA DA 132 87.55 17.61 -50.79
N ILE DA 133 86.63 18.13 -49.99
CA ILE DA 133 86.72 18.07 -48.53
C ILE DA 133 85.63 17.20 -47.92
N GLU DA 134 86.05 16.34 -47.00
CA GLU DA 134 85.19 15.41 -46.29
C GLU DA 134 85.01 15.85 -44.83
N SER DA 135 83.82 15.62 -44.29
CA SER DA 135 83.49 15.98 -42.91
C SER DA 135 82.72 14.90 -42.14
N VAL DA 136 83.20 14.61 -40.92
CA VAL DA 136 82.63 13.58 -40.05
C VAL DA 136 82.31 14.12 -38.65
N GLU DA 137 81.10 13.85 -38.18
CA GLU DA 137 80.67 14.29 -36.86
C GLU DA 137 80.30 13.12 -35.96
N LEU DA 138 80.82 13.14 -34.72
CA LEU DA 138 80.61 12.08 -33.73
C LEU DA 138 79.93 12.52 -32.43
N SER DA 139 79.07 11.65 -31.89
CA SER DA 139 78.43 11.90 -30.61
C SER DA 139 79.23 11.14 -29.56
N TYR DA 140 79.34 11.66 -28.34
CA TYR DA 140 80.10 11.00 -27.27
C TYR DA 140 79.46 11.33 -25.92
N ASN DA 141 79.89 10.66 -24.86
CA ASN DA 141 79.24 10.90 -23.56
C ASN DA 141 79.88 12.03 -22.76
N TYR DA 142 81.20 12.03 -22.65
CA TYR DA 142 81.92 13.03 -21.89
C TYR DA 142 83.38 12.97 -22.27
N PHE DA 143 84.14 13.90 -21.73
CA PHE DA 143 85.58 13.84 -21.86
C PHE DA 143 86.26 14.23 -20.57
N LYS DA 144 87.51 13.77 -20.45
CA LYS DA 144 88.41 14.09 -19.35
C LYS DA 144 89.70 14.65 -19.92
N THR DA 145 90.45 15.40 -19.13
CA THR DA 145 91.72 15.88 -19.64
C THR DA 145 92.88 15.40 -18.80
N ILE DA 146 94.02 15.27 -19.47
CA ILE DA 146 95.27 14.86 -18.85
C ILE DA 146 96.34 15.88 -19.18
N VAL DA 147 96.97 16.41 -18.14
CA VAL DA 147 97.98 17.43 -18.26
C VAL DA 147 98.63 17.69 -16.91
N THR EA 3 86.00 -8.46 20.01
CA THR EA 3 86.32 -9.58 19.13
C THR EA 3 85.21 -10.57 18.99
N TYR EA 4 84.80 -10.80 17.75
CA TYR EA 4 83.78 -11.78 17.47
C TYR EA 4 84.38 -12.78 16.53
N LYS EA 5 83.94 -14.02 16.60
CA LYS EA 5 84.48 -15.04 15.73
C LYS EA 5 83.45 -15.66 14.80
N THR EA 6 82.19 -15.68 15.19
CA THR EA 6 81.15 -16.31 14.41
C THR EA 6 80.20 -15.22 13.87
N PRO EA 7 79.91 -15.20 12.56
CA PRO EA 7 78.98 -14.24 11.98
C PRO EA 7 77.64 -14.32 12.69
N GLY EA 8 77.05 -13.18 12.98
CA GLY EA 8 75.79 -13.20 13.70
C GLY EA 8 75.40 -11.83 14.19
N VAL EA 9 74.30 -11.80 14.93
CA VAL EA 9 73.77 -10.58 15.50
C VAL EA 9 74.02 -10.59 16.99
N TYR EA 10 74.70 -9.58 17.49
CA TYR EA 10 75.04 -9.52 18.89
C TYR EA 10 74.41 -8.31 19.54
N ILE EA 11 74.08 -8.45 20.81
CA ILE EA 11 73.52 -7.37 21.60
C ILE EA 11 74.48 -7.04 22.71
N GLU EA 12 74.87 -5.78 22.82
CA GLU EA 12 75.85 -5.40 23.83
C GLU EA 12 75.35 -4.23 24.65
N GLU EA 13 75.64 -4.27 25.96
CA GLU EA 13 75.29 -3.19 26.88
C GLU EA 13 76.22 -1.99 26.72
N ILE EA 14 77.51 -2.25 26.58
CA ILE EA 14 78.51 -1.19 26.51
C ILE EA 14 79.29 -1.24 25.23
N THR EA 15 79.21 -0.14 24.47
CA THR EA 15 79.92 -0.07 23.21
C THR EA 15 80.65 1.28 23.11
N LYS EA 16 81.59 1.36 22.18
CA LYS EA 16 82.29 2.58 21.88
C LYS EA 16 81.72 3.15 20.60
N PHE EA 17 81.62 4.46 20.53
CA PHE EA 17 81.07 5.09 19.35
C PHE EA 17 82.18 5.80 18.60
N PRO EA 18 82.05 5.91 17.25
CA PRO EA 18 82.94 6.65 16.32
C PRO EA 18 82.60 8.12 16.06
N PRO EA 19 82.89 9.09 16.95
CA PRO EA 19 82.65 10.50 16.67
C PRO EA 19 83.67 10.88 15.63
N SER EA 20 83.40 11.91 14.82
CA SER EA 20 84.40 12.26 13.81
C SER EA 20 84.38 13.68 13.26
N VAL EA 21 83.23 14.31 13.17
CA VAL EA 21 83.15 15.63 12.53
C VAL EA 21 82.88 16.76 13.49
N ALA EA 22 83.83 17.69 13.55
CA ALA EA 22 83.70 18.88 14.37
C ALA EA 22 83.11 19.97 13.50
N GLN EA 23 82.46 20.94 14.14
CA GLN EA 23 81.90 22.06 13.42
C GLN EA 23 81.99 23.26 14.35
N VAL EA 24 81.88 24.46 13.80
CA VAL EA 24 81.95 25.63 14.63
C VAL EA 24 80.62 25.87 15.35
N GLU EA 25 80.72 26.01 16.67
CA GLU EA 25 79.59 26.29 17.53
C GLU EA 25 80.00 27.38 18.50
N THR EA 26 79.01 28.08 19.05
CA THR EA 26 79.28 29.17 19.98
C THR EA 26 79.08 28.85 21.47
N ALA EA 27 78.38 27.79 21.81
CA ALA EA 27 78.13 27.43 23.21
C ALA EA 27 78.98 26.24 23.65
N ILE EA 28 80.28 26.39 23.84
CA ILE EA 28 81.11 25.24 24.20
C ILE EA 28 81.74 25.43 25.56
N PRO EA 29 81.23 24.78 26.59
CA PRO EA 29 81.77 24.92 27.93
C PRO EA 29 82.96 24.04 28.17
N ALA EA 30 83.77 24.47 29.11
CA ALA EA 30 84.76 23.61 29.71
C ALA EA 30 84.35 23.39 31.15
N PHE EA 31 84.50 22.16 31.62
CA PHE EA 31 84.17 21.80 32.99
C PHE EA 31 85.42 21.34 33.73
N ILE EA 32 85.81 22.07 34.76
CA ILE EA 32 87.02 21.75 35.52
C ILE EA 32 86.68 21.18 36.90
N GLY EA 33 87.10 19.93 37.19
CA GLY EA 33 86.76 19.31 38.51
C GLY EA 33 87.28 17.88 38.70
N TYR EA 34 86.72 17.13 39.67
CA TYR EA 34 87.24 15.78 39.96
C TYR EA 34 86.43 14.64 39.34
N THR EA 35 87.10 13.54 38.98
CA THR EA 35 86.43 12.37 38.41
C THR EA 35 86.82 11.03 39.10
N GLN EA 36 86.12 9.95 38.78
CA GLN EA 36 86.43 8.66 39.36
C GLN EA 36 87.79 8.14 38.94
N PHE EA 37 88.11 8.31 37.66
CA PHE EA 37 89.34 7.88 37.02
C PHE EA 37 89.62 8.79 35.83
N ALA EA 38 90.75 8.56 35.17
CA ALA EA 38 91.10 9.41 34.05
C ALA EA 38 92.00 8.67 33.07
N ARG EA 39 91.45 7.71 32.33
CA ARG EA 39 92.35 6.89 31.51
C ARG EA 39 92.00 6.81 30.04
N THR EA 40 93.04 6.97 29.22
CA THR EA 40 92.95 6.91 27.77
C THR EA 40 92.44 5.57 27.30
N LYS EA 41 92.98 4.52 27.87
CA LYS EA 41 92.57 3.19 27.50
C LYS EA 41 91.58 2.63 28.51
N PRO EA 42 90.36 2.27 28.07
CA PRO EA 42 89.30 1.75 28.92
C PRO EA 42 89.72 0.60 29.83
N SER EA 43 90.71 -0.20 29.44
CA SER EA 43 91.10 -1.32 30.28
C SER EA 43 92.56 -1.35 30.74
N VAL EA 44 93.07 -0.23 31.24
CA VAL EA 44 94.40 -0.22 31.86
C VAL EA 44 94.26 0.35 33.26
N ASP EA 45 95.27 0.15 34.11
CA ASP EA 45 95.16 0.69 35.46
C ASP EA 45 95.58 2.16 35.57
N SER EA 46 96.44 2.63 34.68
CA SER EA 46 96.95 4.00 34.75
C SER EA 46 95.95 5.11 34.41
N ASP EA 47 96.06 6.22 35.12
CA ASP EA 47 95.34 7.46 34.86
C ASP EA 47 96.29 8.41 34.12
N ASP EA 48 95.90 8.83 32.93
CA ASP EA 48 96.75 9.67 32.11
C ASP EA 48 96.04 10.83 31.40
N LEU EA 49 94.75 11.03 31.67
CA LEU EA 49 93.98 12.10 31.06
C LEU EA 49 93.75 13.26 32.01
N ILE EA 50 94.34 13.27 33.19
CA ILE EA 50 93.90 14.24 34.18
C ILE EA 50 94.05 15.69 33.69
N LEU EA 51 95.23 16.09 33.26
CA LEU EA 51 95.37 17.47 32.82
C LEU EA 51 95.44 17.57 31.32
N LYS EA 52 94.76 16.67 30.63
CA LYS EA 52 94.71 16.68 29.17
C LYS EA 52 93.28 16.94 28.72
N PRO EA 53 92.89 18.17 28.38
CA PRO EA 53 91.51 18.49 28.02
C PRO EA 53 91.02 17.57 26.93
N LYS EA 54 89.82 17.04 27.10
CA LYS EA 54 89.30 16.10 26.12
C LYS EA 54 87.89 16.48 25.69
N ARG EA 55 87.59 16.23 24.42
CA ARG EA 55 86.28 16.47 23.84
C ARG EA 55 85.35 15.27 24.03
N ILE EA 56 84.18 15.56 24.62
CA ILE EA 56 83.12 14.61 24.96
C ILE EA 56 81.82 14.96 24.20
N SER EA 57 81.17 13.98 23.56
CA SER EA 57 79.93 14.26 22.84
C SER EA 57 78.69 13.94 23.67
N SER EA 58 78.79 12.98 24.58
CA SER EA 58 77.65 12.58 25.41
C SER EA 58 78.14 11.95 26.71
N LEU EA 59 77.20 11.56 27.58
CA LEU EA 59 77.50 10.85 28.83
C LEU EA 59 78.10 9.50 28.53
N LEU EA 60 77.78 8.98 27.36
CA LEU EA 60 78.32 7.72 26.90
C LEU EA 60 79.81 7.78 26.71
N ASP EA 61 80.38 8.96 26.45
CA ASP EA 61 81.82 9.03 26.32
C ASP EA 61 82.40 9.29 27.68
N PHE EA 62 81.75 10.15 28.46
CA PHE EA 62 82.29 10.52 29.77
C PHE EA 62 82.48 9.27 30.64
N THR EA 63 81.47 8.43 30.66
CA THR EA 63 81.45 7.20 31.44
C THR EA 63 82.56 6.21 31.10
N THR EA 64 83.21 6.31 29.93
CA THR EA 64 84.25 5.35 29.59
C THR EA 64 85.66 5.88 29.85
N TYR EA 65 85.81 7.15 30.20
CA TYR EA 65 87.14 7.70 30.43
C TYR EA 65 87.30 8.24 31.82
N TYR EA 66 86.20 8.74 32.36
CA TYR EA 66 86.18 9.38 33.65
C TYR EA 66 85.35 8.60 34.66
N GLY EA 67 84.24 8.00 34.21
CA GLY EA 67 83.41 7.19 35.10
C GLY EA 67 82.14 7.87 35.62
N GLY EA 68 81.61 7.33 36.72
CA GLY EA 68 80.33 7.75 37.31
C GLY EA 68 80.46 8.57 38.59
N ALA EA 69 79.48 8.45 39.49
CA ALA EA 69 79.44 9.20 40.75
C ALA EA 69 80.02 8.35 41.89
N GLN EA 70 80.35 9.02 43.00
CA GLN EA 70 80.82 8.35 44.22
C GLN EA 70 79.63 7.88 45.06
N ASN EA 71 79.75 6.69 45.69
CA ASN EA 71 78.69 6.19 46.58
C ASN EA 71 78.63 7.00 47.88
N GLU EA 72 77.43 7.44 48.24
CA GLU EA 72 77.24 8.19 49.48
C GLU EA 72 77.50 7.31 50.70
N GLN EA 73 78.13 7.89 51.72
CA GLN EA 73 78.43 7.18 52.96
C GLN EA 73 77.54 7.61 54.13
N GLY EA 74 76.65 8.56 53.89
CA GLY EA 74 75.82 9.15 54.94
C GLY EA 74 74.39 8.61 55.10
N ILE EA 75 74.04 7.50 54.46
CA ILE EA 75 72.67 7.01 54.56
C ILE EA 75 72.48 6.17 55.81
N THR EA 76 71.49 6.55 56.60
CA THR EA 76 71.10 5.90 57.84
C THR EA 76 69.73 5.30 57.72
N VAL EA 77 69.55 4.10 58.25
CA VAL EA 77 68.25 3.45 58.28
C VAL EA 77 67.92 3.02 59.69
N LYS EA 78 66.73 3.41 60.17
CA LYS EA 78 66.29 3.06 61.52
C LYS EA 78 64.92 2.38 61.55
N LEU EA 79 64.84 1.25 62.25
CA LEU EA 79 63.59 0.53 62.41
C LEU EA 79 63.18 0.48 63.89
N THR EA 80 61.87 0.62 64.16
CA THR EA 80 61.37 0.47 65.54
C THR EA 80 60.16 -0.49 65.66
N ASP EA 81 60.26 -1.48 66.56
CA ASP EA 81 59.18 -2.44 66.84
C ASP EA 81 58.33 -2.08 68.08
N THR EA 82 57.02 -1.94 67.92
CA THR EA 82 56.10 -1.70 69.06
C THR EA 82 54.85 -2.57 69.07
N LEU EA 83 54.21 -2.70 70.23
CA LEU EA 83 53.05 -3.58 70.32
C LEU EA 83 51.75 -2.76 70.35
N ILE EA 84 50.80 -3.14 69.50
CA ILE EA 84 49.48 -2.55 69.48
C ILE EA 84 48.48 -3.61 69.86
N GLU EA 85 47.79 -3.43 71.00
CA GLU EA 85 46.77 -4.35 71.53
C GLU EA 85 47.21 -5.82 71.56
N GLY EA 86 48.52 -6.02 71.50
CA GLY EA 86 49.21 -7.33 71.40
C GLY EA 86 49.90 -7.57 70.05
N ALA EA 87 49.57 -6.81 69.01
CA ALA EA 87 50.10 -7.07 67.68
C ALA EA 87 51.37 -6.27 67.45
N GLU EA 88 52.30 -6.81 66.71
CA GLU EA 88 53.47 -5.99 66.41
C GLU EA 88 53.24 -5.01 65.29
N ASN EA 89 53.88 -3.85 65.41
CA ASN EA 89 53.80 -2.77 64.43
C ASN EA 89 55.19 -2.14 64.20
N ARG EA 90 55.70 -2.22 62.97
CA ARG EA 90 57.04 -1.69 62.69
C ARG EA 90 57.04 -0.36 61.95
N THR EA 91 57.84 0.58 62.45
CA THR EA 91 58.03 1.89 61.84
C THR EA 91 59.39 1.98 61.15
N ILE EA 92 59.39 2.45 59.90
CA ILE EA 92 60.59 2.60 59.09
C ILE EA 92 60.93 4.08 58.91
N ASN EA 93 62.15 4.47 59.29
CA ASN EA 93 62.60 5.86 59.20
C ASN EA 93 63.94 6.01 58.48
N VAL EA 94 63.93 6.66 57.31
CA VAL EA 94 65.15 6.93 56.57
C VAL EA 94 65.27 8.45 56.34
N PRO EA 95 66.05 9.17 57.16
CA PRO EA 95 66.20 10.64 57.13
C PRO EA 95 67.12 11.09 55.99
N GLU EA 96 67.02 12.36 55.63
CA GLU EA 96 67.95 12.94 54.66
C GLU EA 96 69.36 12.96 55.22
N PRO EA 97 70.38 12.53 54.45
CA PRO EA 97 71.78 12.57 54.87
C PRO EA 97 72.24 13.97 55.17
N THR EA 98 73.10 14.12 56.15
CA THR EA 98 73.69 15.42 56.48
C THR EA 98 75.11 15.53 55.97
N PHE EA 99 75.74 14.40 55.73
CA PHE EA 99 77.09 14.34 55.21
C PHE EA 99 77.01 13.75 53.83
N LYS EA 100 77.38 14.54 52.83
CA LYS EA 100 77.27 14.13 51.43
C LYS EA 100 78.62 14.28 50.75
N SER EA 101 78.86 13.47 49.71
CA SER EA 101 80.09 13.60 48.94
C SER EA 101 80.17 14.98 48.29
N PRO EA 102 81.36 15.59 48.26
CA PRO EA 102 81.57 16.89 47.64
C PRO EA 102 81.78 16.86 46.14
N TYR EA 103 81.69 15.71 45.49
CA TYR EA 103 82.03 15.65 44.07
C TYR EA 103 80.79 15.62 43.17
N LEU EA 104 80.55 16.73 42.46
CA LEU EA 104 79.33 16.93 41.66
C LEU EA 104 79.45 16.91 40.13
N MET EA 105 80.60 16.68 39.53
CA MET EA 105 80.68 16.79 38.06
C MET EA 105 79.74 15.85 37.32
N PHE EA 106 79.60 14.62 37.80
CA PHE EA 106 78.74 13.68 37.10
C PHE EA 106 77.30 14.17 37.04
N TYR EA 107 76.76 14.61 38.18
CA TYR EA 107 75.39 15.09 38.22
C TYR EA 107 75.22 16.34 37.36
N SER EA 108 76.22 17.22 37.38
CA SER EA 108 76.15 18.43 36.58
C SER EA 108 76.08 18.13 35.10
N LEU EA 109 76.86 17.14 34.62
CA LEU EA 109 76.79 16.77 33.22
C LEU EA 109 75.44 16.20 32.86
N GLN EA 110 74.84 15.40 33.73
CA GLN EA 110 73.52 14.88 33.41
C GLN EA 110 72.53 16.03 33.16
N MET EA 111 72.60 17.08 33.99
CA MET EA 111 71.73 18.23 33.82
C MET EA 111 72.03 18.99 32.53
N TYR EA 112 73.31 19.15 32.21
CA TYR EA 112 73.76 19.83 31.01
C TYR EA 112 73.19 19.20 29.75
N PHE EA 113 73.32 17.90 29.64
CA PHE EA 113 72.82 17.21 28.46
C PHE EA 113 71.29 17.20 28.45
N ALA EA 114 70.65 17.03 29.61
CA ALA EA 114 69.18 17.02 29.71
C ALA EA 114 68.57 18.32 29.22
N ASN EA 115 69.28 19.43 29.42
CA ASN EA 115 68.83 20.74 29.03
C ASN EA 115 69.29 21.18 27.66
N GLY EA 116 69.81 20.28 26.82
CA GLY EA 116 70.15 20.63 25.46
C GLY EA 116 71.61 20.92 25.13
N GLY EA 117 72.54 20.63 26.02
CA GLY EA 117 73.93 20.87 25.72
C GLY EA 117 74.49 19.98 24.63
N GLY EA 118 75.53 20.47 23.95
CA GLY EA 118 76.22 19.73 22.90
C GLY EA 118 77.60 19.28 23.39
N PRO EA 119 78.55 19.10 22.46
CA PRO EA 119 79.93 18.68 22.75
C PRO EA 119 80.59 19.63 23.72
N CYS EA 120 81.47 19.10 24.58
CA CYS EA 120 82.13 19.93 25.59
C CYS EA 120 83.51 19.44 25.98
N TYR EA 121 84.24 20.27 26.75
CA TYR EA 121 85.55 19.86 27.23
C TYR EA 121 85.60 19.48 28.70
N ILE EA 122 86.30 18.39 28.97
CA ILE EA 122 86.51 17.92 30.33
C ILE EA 122 87.97 18.02 30.73
N VAL EA 123 88.23 18.63 31.87
CA VAL EA 123 89.55 18.71 32.46
C VAL EA 123 89.44 18.18 33.87
N SER EA 124 90.20 17.16 34.21
CA SER EA 124 90.11 16.69 35.57
C SER EA 124 91.22 17.31 36.35
N THR EA 125 90.99 17.50 37.61
CA THR EA 125 92.05 18.07 38.42
C THR EA 125 92.66 17.02 39.32
N GLY EA 126 92.09 15.84 39.26
CA GLY EA 126 92.50 14.71 40.07
C GLY EA 126 91.36 13.74 40.12
N VAL EA 127 91.51 12.73 40.96
CA VAL EA 127 90.48 11.72 41.05
C VAL EA 127 89.97 11.62 42.48
N TYR EA 128 88.81 11.01 42.63
CA TYR EA 128 88.13 10.86 43.92
C TYR EA 128 88.92 10.09 44.95
N ASP EA 129 88.86 10.58 46.19
CA ASP EA 129 89.48 9.91 47.31
C ASP EA 129 88.41 9.40 48.31
N ASP EA 130 88.88 8.85 49.42
CA ASP EA 130 88.03 8.21 50.42
C ASP EA 130 87.63 9.09 51.59
N TRP EA 131 86.53 8.67 52.22
CA TRP EA 131 86.05 9.28 53.45
C TRP EA 131 86.92 8.79 54.58
N SER EA 132 87.07 9.60 55.63
CA SER EA 132 87.81 9.13 56.79
C SER EA 132 86.92 8.40 57.75
N ASP EA 133 85.66 8.80 57.77
CA ASP EA 133 84.67 8.18 58.66
C ASP EA 133 83.29 8.44 58.07
N SER EA 134 82.23 7.92 58.70
CA SER EA 134 80.90 8.13 58.15
C SER EA 134 80.47 9.60 58.26
N GLU EA 135 81.06 10.32 59.20
CA GLU EA 135 80.81 11.74 59.40
C GLU EA 135 81.93 12.61 58.88
N THR EA 136 82.91 12.04 58.17
CA THR EA 136 84.01 12.84 57.65
C THR EA 136 84.26 12.65 56.16
N PRO EA 137 83.67 13.51 55.31
CA PRO EA 137 83.83 13.54 53.86
C PRO EA 137 85.23 14.03 53.50
N PRO EA 138 85.70 13.73 52.29
CA PRO EA 138 86.96 14.23 51.74
C PRO EA 138 86.79 15.71 51.44
N THR EA 139 87.90 16.43 51.26
CA THR EA 139 87.83 17.86 50.98
C THR EA 139 88.48 18.24 49.65
N ILE EA 140 88.20 19.46 49.19
CA ILE EA 140 88.73 19.97 47.93
C ILE EA 140 89.82 21.00 48.10
N ASN EA 141 90.95 20.74 47.44
CA ASN EA 141 92.10 21.61 47.46
C ASN EA 141 92.02 22.66 46.38
N PHE EA 142 91.92 23.91 46.80
CA PHE EA 142 91.81 25.04 45.90
C PHE EA 142 92.83 25.04 44.75
N SER EA 143 94.08 24.68 45.04
CA SER EA 143 95.15 24.77 44.05
C SER EA 143 94.95 23.77 42.89
N ASP EA 144 94.09 22.77 43.07
CA ASP EA 144 93.82 21.81 42.02
C ASP EA 144 92.98 22.46 40.94
N LEU EA 145 92.11 23.39 41.33
CA LEU EA 145 91.22 24.01 40.38
C LEU EA 145 92.00 25.07 39.63
N GLU EA 146 92.94 25.73 40.32
CA GLU EA 146 93.74 26.73 39.64
C GLU EA 146 94.62 26.09 38.57
N SER EA 147 95.14 24.90 38.84
CA SER EA 147 95.91 24.19 37.84
C SER EA 147 95.07 23.90 36.61
N GLY EA 148 93.85 23.37 36.81
CA GLY EA 148 92.98 23.08 35.69
C GLY EA 148 92.66 24.32 34.85
N LEU EA 149 92.50 25.47 35.50
CA LEU EA 149 92.22 26.70 34.77
C LEU EA 149 93.42 27.08 33.91
N ALA EA 150 94.63 26.97 34.47
CA ALA EA 150 95.84 27.29 33.72
C ALA EA 150 95.98 26.41 32.48
N VAL EA 151 95.53 25.16 32.59
CA VAL EA 151 95.56 24.23 31.47
C VAL EA 151 94.60 24.63 30.37
N ILE EA 152 93.32 24.89 30.71
CA ILE EA 152 92.34 25.19 29.67
C ILE EA 152 92.68 26.48 28.95
N ARG EA 153 93.40 27.40 29.62
CA ARG EA 153 93.87 28.64 29.01
C ARG EA 153 94.54 28.42 27.66
N LYS EA 154 95.16 27.26 27.45
CA LYS EA 154 95.89 27.00 26.22
C LYS EA 154 95.05 26.40 25.09
N GLU EA 155 93.76 26.13 25.31
CA GLU EA 155 92.91 25.58 24.25
C GLU EA 155 92.18 26.70 23.54
N ASP EA 156 91.95 26.53 22.24
CA ASP EA 156 91.27 27.59 21.47
C ASP EA 156 89.75 27.43 21.35
N GLU EA 157 89.25 26.22 21.31
CA GLU EA 157 87.83 26.02 21.07
C GLU EA 157 86.79 26.45 22.14
N PRO EA 158 87.00 26.24 23.44
CA PRO EA 158 86.01 26.56 24.49
C PRO EA 158 85.57 28.02 24.50
N THR EA 159 84.29 28.26 24.81
CA THR EA 159 83.74 29.60 24.89
C THR EA 159 83.14 29.95 26.26
N LEU EA 160 82.79 28.94 27.09
CA LEU EA 160 82.21 29.17 28.41
C LEU EA 160 83.01 28.51 29.53
N LEU EA 161 83.13 29.17 30.67
CA LEU EA 161 83.85 28.58 31.81
C LEU EA 161 82.98 28.23 33.01
N LEU EA 162 83.01 26.93 33.41
CA LEU EA 162 82.29 26.42 34.58
C LEU EA 162 83.14 25.58 35.54
N PHE EA 163 82.87 25.70 36.84
CA PHE EA 163 83.53 24.88 37.88
C PHE EA 163 82.49 24.13 38.74
N PRO EA 164 82.17 22.87 38.40
CA PRO EA 164 81.14 22.06 39.07
C PRO EA 164 81.33 21.86 40.58
N ASP EA 165 82.54 21.94 41.11
CA ASP EA 165 82.72 21.71 42.54
C ASP EA 165 83.23 22.95 43.27
N ALA EA 166 83.01 24.15 42.72
CA ALA EA 166 83.50 25.37 43.36
C ALA EA 166 82.84 25.66 44.69
N THR EA 167 81.57 25.32 44.83
CA THR EA 167 80.82 25.66 46.03
C THR EA 167 81.19 24.78 47.20
N ASN EA 168 82.01 23.76 46.97
CA ASN EA 168 82.43 22.93 48.09
C ASN EA 168 83.81 23.29 48.62
N LEU EA 169 84.37 24.41 48.15
CA LEU EA 169 85.63 24.88 48.70
C LEU EA 169 85.39 25.31 50.16
N PRO EA 170 86.34 25.03 51.08
CA PRO EA 170 86.28 25.37 52.51
C PRO EA 170 85.91 26.81 52.87
N THR EA 171 86.29 27.80 52.05
CA THR EA 171 85.95 29.18 52.39
C THR EA 171 85.36 29.90 51.19
N ASP EA 172 84.69 31.00 51.47
CA ASP EA 172 84.13 31.82 50.42
C ASP EA 172 85.23 32.61 49.78
N ASP EA 173 86.26 32.91 50.56
CA ASP EA 173 87.40 33.67 50.06
C ASP EA 173 88.06 32.91 48.91
N GLU EA 174 88.19 31.60 49.04
CA GLU EA 174 88.75 30.82 47.94
C GLU EA 174 87.83 30.80 46.74
N PHE EA 175 86.52 30.68 46.99
CA PHE EA 175 85.52 30.67 45.94
C PHE EA 175 85.60 31.95 45.10
N TYR EA 176 85.62 33.10 45.76
CA TYR EA 176 85.66 34.37 45.05
C TYR EA 176 86.96 34.54 44.29
N SER EA 177 88.08 34.11 44.88
CA SER EA 177 89.37 34.22 44.21
C SER EA 177 89.35 33.47 42.89
N LEU EA 178 88.79 32.26 42.91
CA LEU EA 178 88.70 31.43 41.72
C LEU EA 178 87.93 32.14 40.61
N TYR EA 179 86.81 32.78 40.95
CA TYR EA 179 86.03 33.47 39.92
C TYR EA 179 86.67 34.76 39.44
N ASN EA 180 87.37 35.49 40.30
CA ASN EA 180 88.03 36.68 39.82
C ASN EA 180 89.10 36.30 38.80
N SER EA 181 89.78 35.17 39.04
CA SER EA 181 90.76 34.68 38.08
C SER EA 181 90.15 34.39 36.73
N ALA EA 182 89.00 33.71 36.72
CA ALA EA 182 88.30 33.39 35.48
C ALA EA 182 87.87 34.64 34.71
N LEU EA 183 87.39 35.67 35.42
CA LEU EA 183 86.99 36.89 34.72
C LEU EA 183 88.20 37.57 34.10
N MET EA 184 89.34 37.56 34.79
CA MET EA 184 90.53 38.16 34.22
C MET EA 184 91.00 37.41 33.00
N GLN EA 185 90.92 36.08 33.02
CA GLN EA 185 91.32 35.30 31.84
C GLN EA 185 90.42 35.58 30.65
N CYS EA 186 89.13 35.78 30.89
CA CYS EA 186 88.21 36.08 29.80
C CYS EA 186 88.62 37.36 29.10
N ASN EA 187 89.01 38.38 29.88
CA ASN EA 187 89.45 39.63 29.29
C ASN EA 187 90.81 39.48 28.60
N ASP EA 188 91.72 38.68 29.15
CA ASP EA 188 93.02 38.50 28.49
C ASP EA 188 92.88 37.87 27.10
N LEU EA 189 91.99 36.88 26.98
CA LEU EA 189 91.81 36.16 25.73
C LEU EA 189 90.86 36.82 24.75
N GLN EA 190 89.86 37.53 25.26
CA GLN EA 190 88.91 38.30 24.45
C GLN EA 190 87.83 37.48 23.75
N ASP EA 191 87.65 36.24 24.16
CA ASP EA 191 86.67 35.37 23.52
C ASP EA 191 85.85 34.47 24.44
N ARG EA 192 85.81 34.72 25.77
CA ARG EA 192 85.08 33.82 26.67
C ARG EA 192 84.15 34.54 27.62
N PHE EA 193 83.20 33.78 28.16
CA PHE EA 193 82.22 34.29 29.10
C PHE EA 193 82.12 33.34 30.31
N THR EA 194 82.00 33.91 31.52
CA THR EA 194 81.94 33.13 32.75
C THR EA 194 80.52 33.09 33.34
N ILE EA 195 80.07 31.90 33.74
CA ILE EA 195 78.76 31.75 34.38
C ILE EA 195 78.99 31.56 35.88
N LEU EA 196 78.37 32.41 36.72
CA LEU EA 196 78.61 32.39 38.16
C LEU EA 196 77.40 31.97 39.00
N ASP EA 197 77.68 31.27 40.08
CA ASP EA 197 76.75 30.85 41.13
C ASP EA 197 77.05 31.61 42.42
N THR EA 198 76.09 31.68 43.34
CA THR EA 198 76.39 32.18 44.67
C THR EA 198 77.07 31.05 45.44
N TYR EA 199 77.65 31.36 46.59
CA TYR EA 199 78.31 30.35 47.43
C TYR EA 199 77.29 29.39 48.06
N SER EA 200 76.14 29.92 48.47
CA SER EA 200 75.08 29.18 49.15
C SER EA 200 73.76 29.91 49.03
N ASP EA 201 72.67 29.17 49.13
CA ASP EA 201 71.36 29.77 49.10
C ASP EA 201 70.83 30.09 50.49
N GLN EA 202 71.58 29.77 51.53
CA GLN EA 202 71.19 30.00 52.91
C GLN EA 202 72.21 30.91 53.55
N THR EA 203 71.77 31.63 54.58
CA THR EA 203 72.69 32.47 55.30
C THR EA 203 73.78 31.53 55.73
N TYR EA 204 75.00 31.89 55.41
CA TYR EA 204 76.13 31.04 55.74
C TYR EA 204 77.03 31.73 56.73
N ASN EA 205 77.75 30.94 57.53
CA ASN EA 205 78.63 31.50 58.52
C ASN EA 205 80.07 31.44 58.04
N ASP EA 206 80.75 32.58 58.08
CA ASP EA 206 82.16 32.63 57.69
C ASP EA 206 83.11 32.40 58.87
N GLY EA 207 82.57 32.05 60.04
CA GLY EA 207 83.36 31.86 61.25
C GLY EA 207 83.40 33.09 62.13
N VAL EA 208 82.95 34.22 61.59
CA VAL EA 208 82.92 35.49 62.28
C VAL EA 208 81.51 36.06 62.32
N GLU EA 209 80.87 36.14 61.16
CA GLU EA 209 79.56 36.75 60.95
C GLU EA 209 78.66 35.96 60.00
N ASP EA 210 77.34 36.16 60.15
CA ASP EA 210 76.32 35.54 59.30
C ASP EA 210 76.04 36.38 58.06
N LEU EA 211 76.35 35.85 56.89
CA LEU EA 211 76.25 36.63 55.66
C LEU EA 211 75.13 36.24 54.69
N ASP EA 212 74.47 37.26 54.15
CA ASP EA 212 73.47 37.12 53.09
C ASP EA 212 74.15 36.87 51.75
N PRO EA 213 73.74 35.81 51.02
CA PRO EA 213 74.44 35.41 49.79
C PRO EA 213 74.53 36.43 48.69
N ILE EA 214 73.48 37.16 48.37
CA ILE EA 214 73.62 38.16 47.32
C ILE EA 214 74.55 39.31 47.72
N PRO EA 215 74.46 39.81 48.95
CA PRO EA 215 75.39 40.85 49.39
C PRO EA 215 76.82 40.34 49.45
N ALA EA 216 76.99 39.09 49.84
CA ALA EA 216 78.32 38.47 49.87
C ALA EA 216 78.97 38.28 48.50
N LEU EA 217 78.23 37.84 47.47
CA LEU EA 217 78.80 37.72 46.14
C LEU EA 217 79.23 39.07 45.60
N ARG EA 218 78.40 40.10 45.84
CA ARG EA 218 78.72 41.43 45.35
C ARG EA 218 80.00 41.99 45.95
N ASN EA 219 80.26 41.75 47.23
CA ASN EA 219 81.51 42.21 47.83
C ASN EA 219 82.68 41.35 47.39
N GLY EA 220 82.44 40.05 47.20
CA GLY EA 220 83.45 39.10 46.79
C GLY EA 220 84.06 39.45 45.44
N ILE EA 221 83.23 39.66 44.43
CA ILE EA 221 83.77 39.95 43.11
C ILE EA 221 84.06 41.44 43.00
N ASN EA 222 85.30 41.82 43.31
CA ASN EA 222 85.70 43.23 43.41
C ASN EA 222 86.44 43.79 42.19
N LEU EA 223 86.28 43.17 41.03
CA LEU EA 223 86.87 43.67 39.81
C LEU EA 223 86.03 44.80 39.22
N THR EA 224 86.63 45.53 38.27
CA THR EA 224 86.03 46.65 37.52
C THR EA 224 85.25 46.24 36.26
N LYS EA 225 84.49 47.18 35.67
CA LYS EA 225 83.71 47.02 34.47
C LYS EA 225 84.38 46.22 33.37
N ASP EA 226 85.69 46.43 33.17
CA ASP EA 226 86.45 45.75 32.14
C ASP EA 226 86.42 44.23 32.31
N TYR EA 227 86.07 43.75 33.48
CA TYR EA 227 85.99 42.35 33.76
C TYR EA 227 84.57 41.89 33.96
N LEU EA 228 83.77 42.73 34.62
CA LEU EA 228 82.41 42.39 34.96
C LEU EA 228 81.56 42.14 33.71
N LYS EA 229 81.87 42.84 32.63
CA LYS EA 229 81.15 42.66 31.38
C LYS EA 229 81.32 41.24 30.78
N TYR EA 230 82.25 40.44 31.30
CA TYR EA 230 82.48 39.09 30.79
C TYR EA 230 81.80 37.99 31.58
N GLY EA 231 80.83 38.31 32.42
CA GLY EA 231 80.11 37.25 33.09
C GLY EA 231 78.78 37.68 33.64
N ALA EA 232 78.04 36.68 34.11
CA ALA EA 232 76.72 36.86 34.69
C ALA EA 232 76.47 35.84 35.79
N ALA EA 233 75.62 36.19 36.74
CA ALA EA 233 75.30 35.29 37.84
C ALA EA 233 73.82 34.98 37.90
N TYR EA 234 73.51 33.77 38.39
CA TYR EA 234 72.13 33.30 38.54
C TYR EA 234 71.84 32.84 39.97
N TYR EA 235 70.59 33.02 40.40
CA TYR EA 235 70.14 32.65 41.74
C TYR EA 235 68.64 32.35 41.79
N PRO EA 236 68.18 31.42 42.63
CA PRO EA 236 68.77 30.42 43.53
C PRO EA 236 69.14 29.08 42.88
N PHE EA 237 69.57 28.13 43.72
CA PHE EA 237 69.89 26.75 43.36
C PHE EA 237 68.60 26.03 43.02
N VAL EA 238 68.72 24.91 42.30
CA VAL EA 238 67.53 24.18 41.88
C VAL EA 238 67.48 22.74 42.38
N GLN EA 239 66.28 22.28 42.66
CA GLN EA 239 66.02 20.92 43.10
C GLN EA 239 65.69 20.10 41.88
N THR EA 240 66.44 19.05 41.66
CA THR EA 240 66.29 18.22 40.48
C THR EA 240 65.63 16.87 40.80
N ILE EA 241 65.62 15.98 39.83
CA ILE EA 241 64.94 14.71 39.91
C ILE EA 241 65.89 13.54 39.85
N LEU EA 242 67.17 13.80 40.07
CA LEU EA 242 68.20 12.80 40.05
C LEU EA 242 68.30 12.14 41.42
N ASN EA 243 68.67 10.86 41.42
CA ASN EA 243 68.87 10.09 42.66
C ASN EA 243 70.32 10.09 43.09
N TYR EA 244 70.54 9.82 44.37
CA TYR EA 244 71.90 9.69 44.89
C TYR EA 244 72.40 8.30 44.55
N GLN EA 245 73.71 8.18 44.36
CA GLN EA 245 74.30 6.86 44.15
C GLN EA 245 74.71 6.27 45.49
N TYR EA 246 74.41 4.99 45.70
CA TYR EA 246 74.78 4.31 46.94
C TYR EA 246 74.92 2.82 46.70
N SER EA 247 75.47 2.15 47.70
CA SER EA 247 75.63 0.71 47.69
C SER EA 247 74.94 0.13 48.90
N ALA EA 248 73.97 -0.76 48.67
CA ALA EA 248 73.16 -1.31 49.77
C ALA EA 248 74.02 -2.03 50.80
N ASP EA 249 75.10 -2.65 50.35
CA ASP EA 249 75.95 -3.38 51.26
C ASP EA 249 76.56 -2.49 52.31
N GLU EA 250 76.74 -1.22 52.02
CA GLU EA 250 77.43 -0.32 52.92
C GLU EA 250 76.49 0.36 53.92
N ILE EA 251 75.20 0.01 53.92
CA ILE EA 251 74.24 0.68 54.80
C ILE EA 251 73.89 -0.19 56.00
N VAL EA 252 74.16 0.33 57.19
CA VAL EA 252 73.93 -0.34 58.47
C VAL EA 252 72.59 0.05 59.06
N ILE EA 253 71.81 -0.94 59.49
CA ILE EA 253 70.48 -0.72 60.04
C ILE EA 253 70.44 -0.76 61.55
N GLN EA 254 69.89 0.29 62.15
CA GLN EA 254 69.67 0.39 63.59
C GLN EA 254 68.33 -0.24 63.88
N HIS EA 255 68.25 -1.05 64.93
CA HIS EA 255 66.98 -1.66 65.30
C HIS EA 255 66.67 -1.46 66.76
N LEU EA 256 65.45 -1.00 67.07
CA LEU EA 256 64.96 -0.84 68.44
C LEU EA 256 63.62 -1.54 68.64
N SER EA 257 63.47 -2.28 69.75
CA SER EA 257 62.24 -3.04 69.96
C SER EA 257 61.75 -3.13 71.40
N TYR EA 258 60.46 -3.44 71.56
CA TYR EA 258 59.90 -3.59 72.91
C TYR EA 258 60.50 -4.80 73.64
N ASN EA 259 60.68 -5.93 72.95
CA ASN EA 259 61.37 -7.07 73.54
C ASN EA 259 62.70 -7.27 72.83
N PRO EA 260 63.80 -7.15 73.57
CA PRO EA 260 65.15 -7.34 73.01
C PRO EA 260 65.44 -8.78 72.72
N ASN EA 261 65.62 -9.10 71.44
CA ASN EA 261 65.93 -10.46 70.97
C ASN EA 261 67.20 -10.56 70.14
N ALA EA 262 68.03 -9.52 70.16
CA ALA EA 262 69.24 -9.49 69.33
C ALA EA 262 70.28 -10.45 69.87
N ILE EA 263 70.59 -10.33 71.16
CA ILE EA 263 71.57 -11.20 71.80
C ILE EA 263 71.08 -12.60 71.73
N ALA EA 264 69.81 -12.81 72.05
CA ALA EA 264 69.28 -14.16 72.03
C ALA EA 264 69.48 -14.82 70.69
N THR EA 265 69.29 -14.07 69.59
CA THR EA 265 69.53 -14.67 68.29
C THR EA 265 70.98 -15.03 68.08
N ALA EA 266 71.89 -14.09 68.38
CA ALA EA 266 73.30 -14.34 68.17
C ALA EA 266 73.79 -15.50 69.00
N LEU EA 267 73.28 -15.59 70.23
CA LEU EA 267 73.74 -16.62 71.14
C LEU EA 267 73.25 -17.99 70.67
N ASP EA 268 72.00 -18.09 70.19
CA ASP EA 268 71.50 -19.36 69.70
C ASP EA 268 72.30 -19.81 68.48
N ASN EA 269 72.65 -18.86 67.60
CA ASN EA 269 73.43 -19.23 66.42
C ASN EA 269 74.80 -19.72 66.83
N LEU EA 270 75.42 -19.06 67.82
CA LEU EA 270 76.72 -19.50 68.29
C LEU EA 270 76.65 -20.87 68.99
N ASN EA 271 75.58 -21.14 69.70
CA ASN EA 271 75.51 -22.47 70.29
C ASN EA 271 75.51 -23.55 69.22
N ALA EA 272 74.87 -23.28 68.08
CA ALA EA 272 74.91 -24.21 66.94
C ALA EA 272 76.34 -24.33 66.38
N VAL EA 273 77.06 -23.20 66.37
CA VAL EA 273 78.46 -23.09 65.93
C VAL EA 273 79.42 -23.94 66.75
N ASN EA 274 79.31 -23.87 68.06
CA ASN EA 274 80.26 -24.58 68.88
C ASN EA 274 79.88 -26.06 69.04
N GLY EA 275 80.10 -26.82 67.98
CA GLY EA 275 79.76 -28.23 67.97
C GLY EA 275 80.27 -29.04 66.77
N PRO EA 276 80.03 -30.37 66.81
CA PRO EA 276 80.49 -31.33 65.80
C PRO EA 276 79.93 -31.18 64.41
N THR EA 277 78.77 -30.55 64.28
CA THR EA 277 78.16 -30.39 62.98
C THR EA 277 78.62 -29.11 62.33
N PHE EA 278 79.42 -28.34 63.04
CA PHE EA 278 79.93 -27.10 62.49
C PHE EA 278 81.42 -27.23 62.27
N ILE EA 279 82.21 -27.52 63.31
CA ILE EA 279 83.66 -27.65 63.14
C ILE EA 279 84.37 -28.92 63.63
N ASP EA 280 83.76 -29.81 64.43
CA ASP EA 280 84.64 -30.91 64.85
C ASP EA 280 84.84 -31.83 63.66
N ALA EA 281 83.79 -32.07 62.88
CA ALA EA 281 83.96 -32.95 61.74
C ALA EA 281 85.03 -32.41 60.78
N ILE EA 282 85.09 -31.09 60.62
CA ILE EA 282 86.09 -30.49 59.74
C ILE EA 282 87.47 -30.73 60.27
N LEU EA 283 87.67 -30.41 61.53
CA LEU EA 283 88.98 -30.51 62.14
C LEU EA 283 89.46 -31.95 62.22
N ASP EA 284 88.57 -32.89 62.49
CA ASP EA 284 88.99 -34.30 62.56
C ASP EA 284 89.44 -34.79 61.20
N ASP EA 285 88.74 -34.41 60.13
CA ASP EA 285 89.12 -34.83 58.80
C ASP EA 285 90.34 -34.08 58.29
N LEU EA 286 90.45 -32.80 58.63
CA LEU EA 286 91.56 -31.98 58.17
C LEU EA 286 92.89 -32.44 58.78
N ARG EA 287 92.89 -32.74 60.07
CA ARG EA 287 94.09 -33.18 60.77
C ARG EA 287 94.42 -34.62 60.45
N ASN EA 321 103.69 -40.88 34.33
CA ASN EA 321 103.38 -40.26 35.61
C ASN EA 321 102.07 -39.52 35.60
N SER EA 322 101.37 -39.55 34.47
CA SER EA 322 100.10 -38.83 34.35
C SER EA 322 99.06 -39.30 35.35
N VAL EA 323 99.09 -40.58 35.66
CA VAL EA 323 98.17 -41.14 36.64
C VAL EA 323 98.52 -40.67 38.03
N LYS EA 324 99.80 -40.49 38.30
CA LYS EA 324 100.25 -40.09 39.61
C LYS EA 324 99.78 -38.67 39.85
N VAL EA 325 99.86 -37.83 38.82
CA VAL EA 325 99.37 -36.46 38.92
C VAL EA 325 97.89 -36.45 39.20
N ALA EA 326 97.12 -37.26 38.47
CA ALA EA 326 95.69 -37.31 38.67
C ALA EA 326 95.33 -37.72 40.10
N ASN EA 327 96.03 -38.71 40.64
CA ASN EA 327 95.75 -39.17 42.00
C ASN EA 327 96.10 -38.09 43.01
N PHE EA 328 97.26 -37.47 42.82
CA PHE EA 328 97.72 -36.41 43.69
C PHE EA 328 96.74 -35.25 43.69
N ALA EA 329 96.36 -34.82 42.49
CA ALA EA 329 95.48 -33.68 42.35
C ALA EA 329 94.16 -33.90 43.08
N SER EA 330 93.62 -35.12 43.02
CA SER EA 330 92.41 -35.45 43.78
C SER EA 330 92.59 -35.26 45.28
N LEU EA 331 93.72 -35.77 45.79
CA LEU EA 331 93.99 -35.67 47.21
C LEU EA 331 94.14 -34.20 47.64
N VAL EA 332 94.77 -33.36 46.80
CA VAL EA 332 94.92 -31.94 47.13
C VAL EA 332 93.57 -31.28 47.19
N GLU EA 333 92.71 -31.55 46.19
CA GLU EA 333 91.38 -30.95 46.16
C GLU EA 333 90.59 -31.27 47.40
N SER EA 334 90.68 -32.50 47.89
CA SER EA 334 89.97 -32.89 49.10
C SER EA 334 90.37 -32.01 50.28
N VAL EA 335 91.68 -31.80 50.46
CA VAL EA 335 92.15 -30.96 51.57
C VAL EA 335 91.69 -29.52 51.38
N LEU EA 336 91.83 -29.01 50.15
CA LEU EA 336 91.44 -27.66 49.82
C LEU EA 336 89.97 -27.39 50.12
N SER EA 337 89.11 -28.33 49.76
CA SER EA 337 87.68 -28.19 50.00
C SER EA 337 87.41 -28.09 51.50
N THR EA 338 88.06 -28.96 52.29
CA THR EA 338 87.94 -28.95 53.74
C THR EA 338 88.38 -27.61 54.33
N LEU EA 339 89.51 -27.07 53.85
CA LEU EA 339 89.99 -25.80 54.35
C LEU EA 339 88.98 -24.69 54.05
N ASN EA 340 88.39 -24.72 52.86
CA ASN EA 340 87.43 -23.68 52.50
C ASN EA 340 86.22 -23.68 53.43
N GLU EA 341 85.75 -24.86 53.86
CA GLU EA 341 84.63 -24.90 54.80
C GLU EA 341 85.00 -24.25 56.14
N LEU EA 342 86.23 -24.50 56.60
CA LEU EA 342 86.67 -23.92 57.88
C LEU EA 342 86.72 -22.41 57.79
N ILE EA 343 87.16 -21.90 56.63
CA ILE EA 343 87.25 -20.46 56.39
C ILE EA 343 85.86 -19.84 56.41
N ASP EA 344 84.89 -20.47 55.72
CA ASP EA 344 83.52 -19.95 55.73
C ASP EA 344 82.95 -19.90 57.14
N ALA EA 345 83.30 -20.90 57.95
CA ALA EA 345 82.83 -20.95 59.33
C ALA EA 345 83.25 -19.71 60.09
N LYS EA 346 84.50 -19.27 59.89
CA LYS EA 346 85.00 -18.07 60.55
C LYS EA 346 84.16 -16.86 60.23
N GLU EA 347 83.82 -16.71 58.95
CA GLU EA 347 83.04 -15.54 58.53
C GLU EA 347 81.66 -15.52 59.18
N GLU EA 348 81.00 -16.68 59.29
CA GLU EA 348 79.68 -16.71 59.92
C GLU EA 348 79.75 -16.29 61.39
N ILE EA 349 80.81 -16.71 62.08
CA ILE EA 349 81.02 -16.35 63.47
C ILE EA 349 81.14 -14.86 63.64
N ASN EA 350 81.97 -14.23 62.82
CA ASN EA 350 82.13 -12.80 62.95
C ASN EA 350 80.81 -12.05 62.72
N LYS EA 351 80.01 -12.52 61.78
CA LYS EA 351 78.76 -11.82 61.49
C LYS EA 351 77.78 -11.83 62.67
N ASP EA 352 77.69 -12.93 63.43
CA ASP EA 352 76.77 -12.92 64.57
C ASP EA 352 77.35 -12.25 65.81
N VAL EA 353 78.65 -12.46 66.06
CA VAL EA 353 79.25 -11.88 67.26
C VAL EA 353 79.17 -10.38 67.21
N ASN EA 354 79.39 -9.82 66.02
CA ASN EA 354 79.31 -8.37 65.87
C ASN EA 354 77.93 -7.80 66.19
N SER EA 355 76.85 -8.60 66.12
CA SER EA 355 75.55 -8.02 66.42
C SER EA 355 75.41 -7.99 67.94
N ALA EA 356 76.09 -8.93 68.61
CA ALA EA 356 76.07 -8.95 70.06
C ALA EA 356 76.80 -7.75 70.59
N ILE EA 357 77.91 -7.41 69.93
CA ILE EA 357 78.71 -6.27 70.35
C ILE EA 357 77.93 -5.01 70.14
N ALA EA 358 77.37 -4.84 68.94
CA ALA EA 358 76.60 -3.66 68.60
C ALA EA 358 75.38 -3.46 69.48
N SER EA 359 74.73 -4.55 69.88
CA SER EA 359 73.53 -4.48 70.67
C SER EA 359 73.76 -4.26 72.16
N SER EA 360 74.94 -4.62 72.66
CA SER EA 360 75.25 -4.49 74.08
C SER EA 360 75.64 -3.05 74.38
N GLU EA 361 74.67 -2.14 74.25
CA GLU EA 361 74.91 -0.71 74.47
C GLU EA 361 75.37 -0.37 75.87
N GLU EA 362 74.80 -1.05 76.84
CA GLU EA 362 75.09 -0.83 78.25
C GLU EA 362 76.20 -1.76 78.68
N ASP EA 363 76.90 -1.40 79.76
CA ASP EA 363 77.94 -2.25 80.34
C ASP EA 363 79.05 -2.54 79.31
N ASN EA 364 79.77 -1.47 78.93
CA ASN EA 364 80.84 -1.56 77.94
C ASN EA 364 81.93 -2.57 78.27
N ALA EA 365 82.01 -2.99 79.53
CA ALA EA 365 82.94 -4.01 79.96
C ALA EA 365 82.67 -5.31 79.23
N ILE EA 366 81.40 -5.58 78.94
CA ILE EA 366 81.02 -6.78 78.25
C ILE EA 366 81.30 -6.59 76.79
N LYS EA 367 80.98 -5.41 76.23
CA LYS EA 367 81.36 -5.20 74.84
C LYS EA 367 82.81 -5.53 74.61
N THR EA 368 83.65 -5.11 75.55
CA THR EA 368 85.07 -5.39 75.44
C THR EA 368 85.31 -6.89 75.54
N ALA EA 369 84.70 -7.57 76.52
CA ALA EA 369 84.94 -9.01 76.66
C ALA EA 369 84.58 -9.78 75.40
N ILE EA 370 83.48 -9.40 74.75
CA ILE EA 370 83.03 -10.07 73.53
C ILE EA 370 84.01 -9.80 72.41
N SER EA 371 84.37 -8.53 72.24
CA SER EA 371 85.29 -8.11 71.18
C SER EA 371 86.64 -8.80 71.31
N ASP EA 372 87.20 -8.85 72.53
CA ASP EA 372 88.49 -9.50 72.72
C ASP EA 372 88.45 -10.98 72.36
N ALA EA 373 87.38 -11.68 72.77
CA ALA EA 373 87.27 -13.09 72.44
C ALA EA 373 87.26 -13.32 70.94
N LEU EA 374 86.55 -12.45 70.21
CA LEU EA 374 86.47 -12.58 68.76
C LEU EA 374 87.80 -12.27 68.11
N ASP EA 375 88.46 -11.21 68.58
CA ASP EA 375 89.72 -10.77 68.00
C ASP EA 375 90.75 -11.88 68.09
N VAL EA 376 90.80 -12.59 69.23
CA VAL EA 376 91.73 -13.69 69.37
C VAL EA 376 91.39 -14.84 68.43
N PHE EA 377 90.11 -15.21 68.34
CA PHE EA 377 89.70 -16.32 67.46
C PHE EA 377 90.22 -16.12 66.05
N ASN EA 378 90.06 -14.91 65.53
CA ASN EA 378 90.43 -14.60 64.17
C ASN EA 378 91.92 -14.77 63.84
N GLU EA 379 92.81 -14.79 64.85
CA GLU EA 379 94.25 -14.87 64.59
C GLU EA 379 94.68 -16.14 63.86
N ASP EA 380 93.86 -17.19 63.88
CA ASP EA 380 94.27 -18.43 63.22
C ASP EA 380 93.99 -18.34 61.73
N PHE EA 381 93.20 -17.38 61.30
CA PHE EA 381 92.80 -17.27 59.91
C PHE EA 381 93.43 -16.09 59.20
N GLU EA 382 93.69 -15.03 59.97
CA GLU EA 382 94.29 -13.78 59.53
C GLU EA 382 95.79 -13.89 59.40
N GLY EA 383 96.44 -12.80 58.98
CA GLY EA 383 97.88 -12.73 58.71
C GLY EA 383 98.79 -13.25 59.83
N ALA EA 384 98.31 -13.26 61.07
CA ALA EA 384 99.11 -13.77 62.18
C ALA EA 384 99.56 -15.21 61.96
N ASP EA 385 98.70 -16.03 61.35
CA ASP EA 385 98.95 -17.42 61.01
C ASP EA 385 97.94 -17.76 59.94
N LYS EA 386 98.23 -17.47 58.70
CA LYS EA 386 97.09 -17.34 57.79
C LYS EA 386 96.60 -18.62 57.09
N ILE EA 387 95.60 -19.29 57.71
CA ILE EA 387 94.96 -20.45 57.08
C ILE EA 387 94.43 -20.08 55.72
N GLU EA 388 93.91 -18.86 55.59
CA GLU EA 388 93.35 -18.42 54.33
C GLU EA 388 94.36 -18.42 53.17
N SER EA 389 95.64 -18.13 53.41
CA SER EA 389 96.57 -18.09 52.30
C SER EA 389 97.04 -19.47 51.95
N VAL EA 390 96.99 -20.39 52.92
CA VAL EA 390 97.34 -21.75 52.57
C VAL EA 390 96.35 -22.27 51.57
N ALA EA 391 95.06 -22.06 51.86
CA ALA EA 391 94.04 -22.52 50.94
C ALA EA 391 94.20 -21.88 49.56
N LYS EA 392 94.48 -20.58 49.52
CA LYS EA 392 94.66 -19.89 48.25
C LYS EA 392 95.83 -20.50 47.46
N ASN EA 393 96.97 -20.67 48.13
CA ASN EA 393 98.16 -21.15 47.46
C ASN EA 393 98.00 -22.57 46.96
N LEU EA 394 97.31 -23.43 47.72
CA LEU EA 394 97.11 -24.79 47.24
C LEU EA 394 96.30 -24.80 45.96
N SER EA 395 95.30 -23.92 45.85
CA SER EA 395 94.53 -23.82 44.62
C SER EA 395 95.39 -23.47 43.41
N ASP EA 396 96.26 -22.46 43.54
CA ASP EA 396 97.10 -22.05 42.41
C ASP EA 396 98.07 -23.17 42.02
N LEU EA 397 98.65 -23.84 43.03
CA LEU EA 397 99.59 -24.92 42.79
C LEU EA 397 98.91 -26.10 42.11
N LEU EA 398 97.66 -26.36 42.49
CA LEU EA 398 96.91 -27.47 41.91
C LEU EA 398 96.67 -27.26 40.42
N ILE EA 399 96.32 -26.04 40.02
CA ILE EA 399 96.20 -25.79 38.59
C ILE EA 399 97.49 -26.05 37.87
N LYS EA 400 98.60 -25.53 38.42
CA LYS EA 400 99.89 -25.68 37.76
C LYS EA 400 100.30 -27.14 37.63
N ILE EA 401 100.05 -27.98 38.64
CA ILE EA 401 100.50 -29.36 38.47
C ILE EA 401 99.65 -30.07 37.43
N LYS EA 402 98.34 -29.82 37.39
CA LYS EA 402 97.53 -30.44 36.34
C LYS EA 402 97.96 -30.01 34.95
N GLN EA 403 98.38 -28.76 34.79
CA GLN EA 403 98.82 -28.28 33.47
C GLN EA 403 100.28 -28.64 33.18
N ALA EA 404 101.07 -29.04 34.19
CA ALA EA 404 102.48 -29.39 34.02
C ALA EA 404 102.71 -30.46 32.96
N ASP EA 405 101.76 -31.39 32.86
CA ASP EA 405 101.74 -32.48 31.89
C ASP EA 405 101.79 -31.99 30.44
N THR EA 406 101.48 -30.71 30.22
CA THR EA 406 101.50 -30.11 28.90
C THR EA 406 102.85 -30.33 28.23
N ASN EA 407 103.93 -30.18 28.98
CA ASN EA 407 105.22 -30.33 28.33
C ASN EA 407 106.40 -30.98 29.06
N THR EA 408 106.34 -31.31 30.37
CA THR EA 408 107.53 -32.00 30.90
C THR EA 408 107.40 -32.60 32.32
N LYS EA 409 108.11 -33.74 32.46
CA LYS EA 409 108.30 -34.45 33.73
C LYS EA 409 108.96 -33.61 34.79
N VAL EA 410 109.67 -32.59 34.35
CA VAL EA 410 110.36 -31.67 35.22
C VAL EA 410 109.37 -30.83 35.98
N GLU EA 411 108.34 -30.37 35.29
CA GLU EA 411 107.35 -29.50 35.91
C GLU EA 411 106.67 -30.25 37.05
N ASN EA 412 106.44 -31.54 36.82
CA ASN EA 412 105.78 -32.38 37.83
C ASN EA 412 106.65 -32.67 39.05
N VAL EA 413 107.88 -32.17 39.06
CA VAL EA 413 108.79 -32.27 40.18
C VAL EA 413 108.94 -30.90 40.81
N LEU EA 414 109.18 -29.91 39.94
CA LEU EA 414 109.41 -28.56 40.42
C LEU EA 414 108.21 -28.04 41.20
N SER EA 415 106.98 -28.37 40.76
CA SER EA 415 105.77 -27.87 41.41
C SER EA 415 105.66 -28.26 42.90
N ILE EA 416 106.40 -29.29 43.32
CA ILE EA 416 106.36 -29.75 44.69
C ILE EA 416 107.59 -29.35 45.48
N ASN EA 417 108.79 -29.45 44.90
CA ASN EA 417 110.03 -29.20 45.65
C ASN EA 417 110.81 -27.92 45.30
N ALA EA 418 110.51 -27.25 44.19
CA ALA EA 418 111.18 -26.00 43.85
C ALA EA 418 110.20 -24.89 44.13
N LEU EA 419 108.95 -25.27 43.92
CA LEU EA 419 107.76 -24.49 44.15
C LEU EA 419 107.21 -24.97 45.48
N ASN EA 420 106.00 -24.53 45.82
CA ASN EA 420 105.57 -24.73 47.19
C ASN EA 420 104.61 -25.87 47.60
N PHE EA 421 104.29 -26.93 46.83
CA PHE EA 421 103.35 -27.86 47.50
C PHE EA 421 103.87 -28.43 48.82
N SER EA 422 105.15 -28.80 48.90
CA SER EA 422 105.66 -29.27 50.18
C SER EA 422 105.54 -28.21 51.27
N ALA EA 423 105.96 -27.00 50.91
CA ALA EA 423 106.01 -25.86 51.82
C ALA EA 423 104.63 -25.45 52.34
N GLU EA 424 103.58 -25.56 51.51
CA GLU EA 424 102.26 -25.15 51.97
C GLU EA 424 101.62 -26.21 52.85
N PHE EA 425 101.79 -27.50 52.55
CA PHE EA 425 101.15 -28.47 53.43
C PHE EA 425 101.80 -28.45 54.81
N GLU EA 426 103.07 -28.07 54.86
CA GLU EA 426 103.76 -28.00 56.12
C GLU EA 426 103.09 -26.98 57.05
N LYS EA 427 102.50 -25.93 56.48
CA LYS EA 427 101.95 -24.87 57.30
C LYS EA 427 100.72 -25.33 58.05
N LEU EA 428 100.18 -26.49 57.68
CA LEU EA 428 99.02 -27.00 58.38
C LEU EA 428 99.52 -27.93 59.46
N LEU EA 429 100.47 -28.82 59.09
CA LEU EA 429 101.11 -29.73 60.04
C LEU EA 429 102.61 -29.73 59.72
N THR EA 430 103.43 -29.30 60.68
CA THR EA 430 104.87 -29.09 60.47
C THR EA 430 105.65 -30.32 59.97
N TYR EA 431 105.33 -31.51 60.47
CA TYR EA 431 106.07 -32.69 60.07
C TYR EA 431 105.23 -33.94 60.17
N ASP EA 432 104.02 -33.89 59.63
CA ASP EA 432 103.11 -35.03 59.76
C ASP EA 432 103.72 -36.33 59.24
N VAL EA 433 104.54 -36.20 58.19
CA VAL EA 433 105.25 -37.25 57.46
C VAL EA 433 106.18 -38.09 58.34
N ASN EA 434 106.47 -37.60 59.55
CA ASN EA 434 107.30 -38.29 60.52
C ASN EA 434 106.79 -39.68 60.87
N THR EA 435 105.47 -39.91 60.78
CA THR EA 435 104.90 -41.20 61.12
C THR EA 435 103.63 -41.49 60.32
N GLY EA 436 103.23 -42.77 60.26
CA GLY EA 436 102.00 -43.12 59.56
C GLY EA 436 100.81 -42.36 60.13
N LEU EA 437 100.79 -42.20 61.45
CA LEU EA 437 99.77 -41.37 62.06
C LEU EA 437 100.41 -40.02 62.10
N THR EA 438 99.69 -38.95 61.77
CA THR EA 438 100.38 -37.66 61.78
C THR EA 438 101.08 -37.44 63.11
N ALA EA 439 102.36 -37.11 63.03
CA ALA EA 439 103.19 -36.94 64.20
C ALA EA 439 104.10 -35.74 64.07
N SER EA 440 104.87 -35.47 65.12
CA SER EA 440 105.85 -34.39 65.12
C SER EA 440 105.24 -33.05 64.74
N VAL EA 441 104.04 -32.79 65.22
CA VAL EA 441 103.39 -31.54 64.89
C VAL EA 441 103.96 -30.45 65.79
N THR EA 442 105.19 -30.04 65.45
CA THR EA 442 105.95 -29.01 66.16
C THR EA 442 105.18 -27.70 66.15
N LEU EA 443 104.35 -27.58 65.14
CA LEU EA 443 103.45 -26.48 64.90
C LEU EA 443 102.30 -27.04 64.10
N ASP EA 444 101.13 -26.47 64.31
CA ASP EA 444 99.96 -26.84 63.54
C ASP EA 444 98.97 -25.69 63.52
N LEU EA 445 98.27 -25.56 62.40
CA LEU EA 445 97.26 -24.51 62.23
C LEU EA 445 95.88 -24.93 62.67
N PHE EA 446 95.72 -26.15 63.14
CA PHE EA 446 94.40 -26.68 63.42
C PHE EA 446 94.01 -26.81 64.89
N ALA EA 447 92.70 -26.72 65.06
CA ALA EA 447 91.89 -27.02 66.25
C ALA EA 447 92.09 -26.14 67.47
N ASN EA 448 92.70 -24.96 67.35
CA ASN EA 448 92.79 -24.05 68.50
C ASN EA 448 91.45 -23.32 68.65
N ILE EA 449 90.63 -23.60 67.66
CA ILE EA 449 89.28 -23.16 67.42
C ILE EA 449 88.39 -23.58 68.56
N GLY EA 450 88.55 -24.82 69.06
CA GLY EA 450 87.64 -25.29 70.10
C GLY EA 450 87.58 -24.37 71.32
N THR EA 451 88.75 -24.12 71.91
CA THR EA 451 88.83 -23.25 73.09
C THR EA 451 88.37 -21.85 72.77
N ARG EA 452 88.80 -21.32 71.63
CA ARG EA 452 88.45 -19.96 71.31
C ARG EA 452 86.92 -19.79 71.09
N LEU EA 453 86.23 -20.79 70.51
CA LEU EA 453 84.78 -20.66 70.40
C LEU EA 453 84.12 -20.63 71.76
N ASP EA 454 84.61 -21.45 72.70
CA ASP EA 454 84.05 -21.43 74.04
C ASP EA 454 84.17 -20.04 74.66
N ASP EA 455 85.33 -19.38 74.46
CA ASP EA 455 85.56 -18.04 75.02
C ASP EA 455 84.57 -17.02 74.43
N ILE EA 456 84.30 -17.13 73.12
CA ILE EA 456 83.36 -16.22 72.48
C ILE EA 456 81.98 -16.40 73.04
N ILE EA 457 81.51 -17.65 73.13
CA ILE EA 457 80.16 -17.86 73.61
C ILE EA 457 80.00 -17.40 75.02
N ALA EA 458 80.97 -17.71 75.87
CA ALA EA 458 80.84 -17.28 77.24
C ALA EA 458 80.73 -15.76 77.33
N ALA EA 459 81.56 -15.04 76.56
CA ALA EA 459 81.48 -13.59 76.59
C ALA EA 459 80.14 -13.08 76.08
N VAL EA 460 79.61 -13.68 75.02
CA VAL EA 460 78.35 -13.21 74.44
C VAL EA 460 77.21 -13.44 75.40
N SER EA 461 77.19 -14.59 76.06
CA SER EA 461 76.12 -14.92 77.00
C SER EA 461 75.98 -13.92 78.12
N ALA EA 462 77.06 -13.19 78.43
CA ALA EA 462 77.04 -12.22 79.49
C ALA EA 462 76.12 -11.07 79.17
N ALA EA 463 75.83 -10.86 77.89
CA ALA EA 463 74.99 -9.77 77.43
C ALA EA 463 73.51 -10.10 77.49
N GLU EA 464 73.14 -11.35 77.71
CA GLU EA 464 71.70 -11.65 77.67
C GLU EA 464 70.86 -10.81 78.65
N PRO EA 465 71.27 -10.55 79.89
CA PRO EA 465 70.51 -9.69 80.81
C PRO EA 465 70.86 -8.21 80.69
N ILE EA 466 71.63 -7.82 79.67
CA ILE EA 466 72.08 -6.45 79.53
C ILE EA 466 71.29 -5.74 78.44
N ASP EA 467 71.03 -6.45 77.36
CA ASP EA 467 70.41 -5.79 76.23
C ASP EA 467 68.89 -5.79 76.25
N VAL EA 468 68.35 -4.63 76.60
CA VAL EA 468 66.90 -4.40 76.72
C VAL EA 468 66.23 -3.81 75.44
N ASN EA 469 66.92 -3.08 74.60
CA ASN EA 469 66.25 -2.51 73.43
C ASN EA 469 66.63 -2.86 71.99
N ASN EA 470 67.44 -3.86 71.70
CA ASN EA 470 67.79 -4.10 70.31
C ASN EA 470 67.15 -5.36 69.72
N GLY EA 471 66.69 -5.25 68.47
CA GLY EA 471 66.04 -6.35 67.78
C GLY EA 471 67.03 -7.21 66.99
N LYS EA 472 66.45 -8.19 66.34
CA LYS EA 472 67.15 -9.23 65.60
C LYS EA 472 68.13 -8.74 64.52
N LEU EA 473 67.81 -7.67 63.81
CA LEU EA 473 68.65 -7.21 62.71
C LEU EA 473 69.67 -6.15 63.10
N ASN EA 474 69.68 -5.77 64.38
CA ASN EA 474 70.55 -4.69 64.83
C ASN EA 474 72.02 -5.02 64.59
N GLY EA 475 72.72 -4.11 63.95
CA GLY EA 475 74.14 -4.28 63.69
C GLY EA 475 74.48 -5.04 62.42
N ARG EA 476 73.47 -5.35 61.61
CA ARG EA 476 73.62 -6.06 60.34
C ARG EA 476 73.52 -5.17 59.09
N LEU EA 477 74.08 -5.65 57.98
CA LEU EA 477 74.07 -4.94 56.69
C LEU EA 477 72.76 -5.09 55.91
N LEU EA 478 72.42 -4.08 55.11
CA LEU EA 478 71.15 -4.09 54.38
C LEU EA 478 71.05 -5.30 53.45
N SER EA 479 72.12 -5.59 52.71
CA SER EA 479 72.10 -6.72 51.80
C SER EA 479 71.88 -8.04 52.56
N ASP EA 480 72.43 -8.15 53.76
CA ASP EA 480 72.32 -9.35 54.56
C ASP EA 480 70.88 -9.70 54.92
N ILE EA 481 70.08 -8.70 55.23
CA ILE EA 481 68.69 -8.95 55.64
C ILE EA 481 67.77 -9.48 54.53
N GLU EA 482 68.12 -9.27 53.27
CA GLU EA 482 67.24 -9.61 52.16
C GLU EA 482 66.73 -11.04 52.23
N PRO EA 483 67.58 -12.04 52.51
CA PRO EA 483 67.08 -13.41 52.68
C PRO EA 483 66.15 -13.57 53.86
N LEU EA 484 66.52 -12.99 55.00
CA LEU EA 484 65.75 -13.12 56.24
C LEU EA 484 64.39 -12.41 56.20
N ASP EA 485 64.35 -11.20 55.65
CA ASP EA 485 63.13 -10.43 55.56
C ASP EA 485 63.05 -9.79 54.19
N ASN EA 486 61.85 -9.61 53.66
CA ASN EA 486 61.73 -8.97 52.35
C ASN EA 486 60.80 -7.78 52.34
N ALA EA 487 59.75 -7.82 53.15
CA ALA EA 487 58.85 -6.69 53.15
C ALA EA 487 59.56 -5.46 53.66
N THR EA 488 60.34 -5.64 54.72
CA THR EA 488 61.07 -4.54 55.32
C THR EA 488 62.14 -4.06 54.38
N TYR EA 489 62.86 -4.99 53.75
CA TYR EA 489 63.91 -4.66 52.82
C TYR EA 489 63.41 -3.79 51.68
N ASN EA 490 62.32 -4.20 51.04
CA ASN EA 490 61.79 -3.42 49.94
C ASN EA 490 61.31 -2.05 50.39
N THR EA 491 60.72 -1.99 51.59
CA THR EA 491 60.24 -0.72 52.11
C THR EA 491 61.39 0.25 52.31
N ILE EA 492 62.50 -0.24 52.87
CA ILE EA 492 63.67 0.59 53.09
C ILE EA 492 64.20 1.15 51.80
N LEU EA 493 64.31 0.32 50.76
CA LEU EA 493 64.83 0.81 49.49
C LEU EA 493 63.95 1.90 48.91
N LEU EA 494 62.63 1.72 48.99
CA LEU EA 494 61.74 2.76 48.51
C LEU EA 494 61.92 4.06 49.23
N GLU EA 495 62.14 4.00 50.55
CA GLU EA 495 62.30 5.23 51.31
C GLU EA 495 63.65 5.91 50.95
N ILE EA 496 64.72 5.12 50.74
CA ILE EA 496 66.01 5.70 50.40
C ILE EA 496 65.94 6.47 49.10
N ASN EA 497 65.26 5.91 48.14
CA ASN EA 497 65.18 6.50 46.81
C ASN EA 497 64.25 7.72 46.75
N SER EA 498 63.62 8.11 47.86
CA SER EA 498 62.79 9.30 47.85
C SER EA 498 63.61 10.57 47.98
N HIS EA 499 64.90 10.47 48.30
CA HIS EA 499 65.73 11.64 48.51
C HIS EA 499 66.40 12.10 47.21
N LYS EA 500 66.23 13.37 46.86
CA LYS EA 500 66.76 13.89 45.60
C LYS EA 500 67.95 14.82 45.77
N VAL EA 501 68.70 14.96 44.67
CA VAL EA 501 69.90 15.79 44.51
C VAL EA 501 69.55 17.28 44.28
N THR EA 502 70.33 18.20 44.87
CA THR EA 502 70.17 19.65 44.69
C THR EA 502 71.46 20.24 44.12
N LEU EA 503 71.34 21.06 43.07
CA LEU EA 503 72.50 21.62 42.38
C LEU EA 503 72.48 23.15 42.14
N PRO EA 504 73.66 23.79 42.09
CA PRO EA 504 73.80 25.17 41.62
C PRO EA 504 73.29 25.24 40.19
N PRO EA 505 72.73 26.37 39.74
CA PRO EA 505 72.11 26.51 38.41
C PRO EA 505 73.03 26.62 37.17
N SER EA 506 74.30 26.99 37.32
CA SER EA 506 75.18 27.22 36.17
C SER EA 506 75.28 26.12 35.10
N SER EA 507 75.19 24.85 35.47
CA SER EA 507 75.32 23.81 34.44
C SER EA 507 74.08 23.72 33.56
N SER EA 508 72.93 24.14 34.10
CA SER EA 508 71.70 24.05 33.33
C SER EA 508 71.66 25.22 32.41
N MET EA 509 72.26 26.32 32.84
CA MET EA 509 72.29 27.49 31.98
C MET EA 509 73.16 27.26 30.77
N ALA EA 510 74.29 26.57 30.94
CA ALA EA 510 75.12 26.29 29.76
C ALA EA 510 74.33 25.48 28.73
N GLY EA 511 73.50 24.53 29.22
CA GLY EA 511 72.63 23.78 28.33
C GLY EA 511 71.64 24.68 27.61
N ALA EA 512 70.96 25.54 28.37
CA ALA EA 512 70.00 26.47 27.81
C ALA EA 512 70.62 27.41 26.78
N TYR EA 513 71.87 27.85 27.00
CA TYR EA 513 72.53 28.71 26.02
C TYR EA 513 72.65 27.99 24.70
N ALA EA 514 73.04 26.71 24.74
CA ALA EA 514 73.18 25.95 23.50
C ALA EA 514 71.87 25.86 22.72
N ARG EA 515 70.75 25.64 23.41
CA ARG EA 515 69.46 25.59 22.72
C ARG EA 515 69.14 26.87 22.01
N VAL EA 516 69.30 28.00 22.69
CA VAL EA 516 68.96 29.28 22.09
C VAL EA 516 69.84 29.57 20.89
N ASP EA 517 71.15 29.30 20.98
CA ASP EA 517 72.06 29.55 19.87
C ASP EA 517 71.67 28.76 18.64
N ASN EA 518 71.14 27.54 18.81
CA ASN EA 518 70.73 26.75 17.66
C ASN EA 518 69.36 27.14 17.11
N ASP EA 519 68.41 27.46 17.98
CA ASP EA 519 67.07 27.84 17.55
C ASP EA 519 66.94 29.22 16.93
N ARG EA 520 67.63 30.21 17.49
CA ARG EA 520 67.49 31.58 17.02
C ARG EA 520 68.80 32.28 16.65
N GLY EA 521 69.89 31.97 17.35
CA GLY EA 521 71.15 32.66 17.12
C GLY EA 521 71.71 33.31 18.36
N VAL EA 522 73.01 33.59 18.35
CA VAL EA 522 73.75 34.17 19.47
C VAL EA 522 73.23 35.53 19.92
N TRP EA 523 72.51 36.23 19.06
CA TRP EA 523 71.99 37.55 19.39
C TRP EA 523 70.64 37.50 20.09
N LYS EA 524 70.09 36.32 20.32
CA LYS EA 524 68.83 36.16 21.02
C LYS EA 524 69.04 36.01 22.52
N SER EA 525 68.29 36.75 23.31
CA SER EA 525 68.37 36.63 24.77
C SER EA 525 68.00 35.25 25.32
N PRO EA 526 68.81 34.69 26.25
CA PRO EA 526 68.56 33.44 27.01
C PRO EA 526 67.35 33.43 27.96
N ALA EA 527 66.75 34.57 28.24
CA ALA EA 527 65.63 34.61 29.20
C ALA EA 527 64.34 34.04 28.61
N ASN EA 528 63.40 33.70 29.52
CA ASN EA 528 62.07 33.15 29.25
C ASN EA 528 62.14 31.77 28.60
N ILE EA 529 63.10 30.99 29.07
CA ILE EA 529 63.33 29.62 28.60
C ILE EA 529 63.18 28.67 29.78
N GLY EA 530 62.42 27.60 29.58
CA GLY EA 530 62.18 26.63 30.65
C GLY EA 530 63.35 25.66 30.84
N LEU EA 531 63.46 25.14 32.06
CA LEU EA 531 64.51 24.18 32.39
C LEU EA 531 63.99 22.75 32.51
N ASN EA 532 64.77 21.78 32.06
CA ASN EA 532 64.41 20.38 32.18
C ASN EA 532 64.97 19.79 33.44
N TYR EA 533 64.27 18.78 33.96
CA TYR EA 533 64.66 18.04 35.17
C TYR EA 533 64.70 18.93 36.40
N VAL EA 534 63.82 19.92 36.50
CA VAL EA 534 63.79 20.77 37.66
C VAL EA 534 62.41 20.71 38.28
N SER EA 535 62.35 20.34 39.55
CA SER EA 535 61.09 20.30 40.25
C SER EA 535 60.70 21.67 40.73
N LYS EA 536 61.68 22.38 41.25
CA LYS EA 536 61.45 23.70 41.79
C LYS EA 536 62.78 24.41 42.13
N PRO EA 537 62.76 25.75 42.24
CA PRO EA 537 63.82 26.55 42.86
C PRO EA 537 63.91 26.19 44.32
N SER EA 538 65.12 26.25 44.90
CA SER EA 538 65.30 25.93 46.32
C SER EA 538 64.55 26.88 47.25
N VAL EA 539 64.46 28.16 46.88
CA VAL EA 539 63.77 29.17 47.67
C VAL EA 539 62.85 29.99 46.77
N THR EA 540 61.87 30.64 47.37
CA THR EA 540 60.97 31.52 46.63
C THR EA 540 61.39 32.98 46.83
N VAL EA 541 61.54 33.70 45.74
CA VAL EA 541 61.98 35.08 45.79
C VAL EA 541 60.80 36.01 45.48
N SER EA 542 60.46 36.89 46.41
CA SER EA 542 59.33 37.82 46.29
C SER EA 542 59.64 38.97 45.37
N HIS EA 543 58.61 39.72 44.97
CA HIS EA 543 58.82 40.87 44.10
C HIS EA 543 59.66 41.95 44.74
N GLU EA 544 59.48 42.14 46.05
CA GLU EA 544 60.24 43.15 46.75
C GLU EA 544 61.72 42.86 46.66
N GLU EA 545 62.07 41.59 46.73
CA GLU EA 545 63.45 41.18 46.62
C GLU EA 545 63.95 41.25 45.20
N GLN EA 546 63.12 40.80 44.26
CA GLN EA 546 63.50 40.71 42.88
C GLN EA 546 63.89 42.04 42.26
N GLU EA 547 63.28 43.13 42.68
CA GLU EA 547 63.68 44.41 42.11
C GLU EA 547 65.14 44.76 42.39
N SER EA 548 65.69 44.30 43.52
CA SER EA 548 67.07 44.63 43.88
C SER EA 548 68.07 43.71 43.17
N MET EA 549 67.58 42.67 42.51
CA MET EA 549 68.42 41.77 41.78
C MET EA 549 68.62 42.31 40.39
N ASN EA 550 67.61 42.99 39.88
CA ASN EA 550 67.66 43.52 38.53
C ASN EA 550 68.30 44.90 38.42
N VAL EA 551 68.00 45.79 39.36
CA VAL EA 551 68.57 47.13 39.34
C VAL EA 551 69.19 47.40 40.69
N HIS EA 552 70.44 47.83 40.68
CA HIS EA 552 71.16 48.05 41.92
C HIS EA 552 72.26 49.07 41.72
N GLY EA 553 72.57 49.81 42.78
CA GLY EA 553 73.61 50.84 42.75
C GLY EA 553 74.98 50.37 42.26
N THR EA 554 75.32 49.10 42.48
CA THR EA 554 76.62 48.60 42.03
C THR EA 554 76.65 48.10 40.59
N GLY EA 555 75.49 47.87 39.97
CA GLY EA 555 75.39 47.30 38.63
C GLY EA 555 75.54 45.78 38.60
N LYS EA 556 75.80 45.18 39.74
CA LYS EA 556 76.04 43.74 39.84
C LYS EA 556 74.74 42.97 39.95
N SER EA 557 74.03 42.95 38.83
CA SER EA 557 72.75 42.29 38.69
C SER EA 557 72.85 40.80 38.82
N VAL EA 558 71.77 40.18 39.30
CA VAL EA 558 71.68 38.72 39.40
C VAL EA 558 70.39 38.28 38.71
N ASN EA 559 70.47 37.30 37.82
CA ASN EA 559 69.29 36.84 37.10
C ASN EA 559 68.52 35.87 37.99
N ALA EA 560 67.18 35.86 37.90
CA ALA EA 560 66.40 35.04 38.81
C ALA EA 560 65.81 33.79 38.19
N ILE EA 561 65.73 32.73 38.98
CA ILE EA 561 65.03 31.53 38.57
C ILE EA 561 63.68 31.52 39.27
N ARG EA 562 62.58 31.43 38.51
CA ARG EA 562 61.23 31.53 39.08
C ARG EA 562 60.24 30.47 38.62
N SER EA 563 59.29 30.15 39.49
CA SER EA 563 58.20 29.25 39.17
C SER EA 563 56.93 30.00 38.81
N PHE EA 564 56.34 29.66 37.67
CA PHE EA 564 55.10 30.30 37.22
C PHE EA 564 53.96 29.28 37.12
N VAL EA 565 52.76 29.74 37.43
CA VAL EA 565 51.61 28.84 37.44
C VAL EA 565 51.29 28.36 36.04
N GLY EA 566 51.22 27.04 35.89
CA GLY EA 566 50.91 26.39 34.65
C GLY EA 566 52.11 26.26 33.71
N LYS EA 567 53.27 26.76 34.12
CA LYS EA 567 54.44 26.72 33.25
C LYS EA 567 55.62 25.97 33.84
N GLY EA 568 55.84 26.08 35.14
CA GLY EA 568 57.01 25.48 35.74
C GLY EA 568 58.12 26.49 35.90
N THR EA 569 59.36 26.01 35.95
CA THR EA 569 60.49 26.88 36.27
C THR EA 569 61.11 27.51 35.03
N LEU EA 570 61.16 28.85 35.03
CA LEU EA 570 61.71 29.68 33.94
C LEU EA 570 62.87 30.57 34.38
N VAL EA 571 63.73 30.92 33.43
CA VAL EA 571 64.79 31.89 33.65
C VAL EA 571 64.24 33.30 33.43
N TRP EA 572 64.32 34.16 34.44
CA TRP EA 572 63.72 35.49 34.33
C TRP EA 572 64.79 36.60 34.41
N GLY EA 573 65.11 37.21 33.28
CA GLY EA 573 66.15 38.22 33.19
C GLY EA 573 67.43 37.69 32.52
N ALA EA 574 68.12 38.58 31.82
CA ALA EA 574 69.35 38.19 31.11
C ALA EA 574 70.38 39.31 31.05
N ARG EA 575 70.77 39.83 32.21
CA ARG EA 575 71.75 40.90 32.26
C ARG EA 575 73.10 40.42 32.75
N THR EA 576 74.12 41.22 32.45
CA THR EA 576 75.52 41.02 32.81
C THR EA 576 75.83 41.67 34.16
N LEU EA 577 77.04 41.43 34.67
CA LEU EA 577 77.49 42.03 35.94
C LEU EA 577 77.85 43.52 35.81
N ALA EA 578 77.59 44.12 34.66
CA ALA EA 578 77.76 45.53 34.40
C ALA EA 578 76.42 46.02 33.86
N GLY EA 579 75.37 45.73 34.64
CA GLY EA 579 73.97 45.87 34.25
C GLY EA 579 73.46 47.28 34.08
N ASN EA 580 74.22 48.28 34.50
CA ASN EA 580 73.80 49.65 34.32
C ASN EA 580 74.53 50.28 33.16
N ASP EA 581 75.41 49.53 32.52
CA ASP EA 581 76.21 50.08 31.44
C ASP EA 581 75.35 50.35 30.22
N ASN EA 582 75.65 51.43 29.53
CA ASN EA 582 74.90 51.78 28.33
C ASN EA 582 75.17 50.87 27.15
N GLU EA 583 76.33 50.21 27.08
CA GLU EA 583 76.60 49.36 25.92
C GLU EA 583 76.57 47.88 26.24
N TRP EA 584 77.09 47.48 27.42
CA TRP EA 584 77.28 46.07 27.75
C TRP EA 584 76.38 45.46 28.83
N ARG EA 585 75.17 46.00 29.04
CA ARG EA 585 74.29 45.42 30.07
C ARG EA 585 73.63 44.10 29.69
N TYR EA 586 73.48 43.80 28.41
CA TYR EA 586 72.80 42.57 28.02
C TYR EA 586 73.77 41.48 27.66
N ILE EA 587 73.41 40.25 28.02
CA ILE EA 587 74.25 39.10 27.73
C ILE EA 587 74.38 38.88 26.25
N SER EA 588 73.26 38.93 25.53
CA SER EA 588 73.24 38.68 24.09
C SER EA 588 74.05 39.69 23.29
N VAL EA 589 74.16 40.92 23.78
CA VAL EA 589 74.95 41.89 23.06
C VAL EA 589 76.42 41.55 23.18
N ARG EA 590 76.88 41.24 24.38
CA ARG EA 590 78.27 40.89 24.61
C ARG EA 590 78.67 39.61 23.90
N ARG EA 591 77.81 38.61 23.89
CA ARG EA 591 78.15 37.37 23.22
C ARG EA 591 78.18 37.54 21.71
N PHE EA 592 77.26 38.34 21.13
CA PHE EA 592 77.29 38.60 19.70
C PHE EA 592 78.63 39.19 19.28
N PHE EA 593 79.09 40.21 20.00
CA PHE EA 593 80.38 40.79 19.65
C PHE EA 593 81.50 39.79 19.73
N ASN EA 594 81.56 38.95 20.76
CA ASN EA 594 82.68 38.01 20.82
C ASN EA 594 82.71 37.13 19.58
N MET EA 595 81.53 36.68 19.14
CA MET EA 595 81.41 35.84 17.96
C MET EA 595 81.85 36.57 16.70
N ALA EA 596 81.30 37.76 16.49
CA ALA EA 596 81.59 38.49 15.27
C ALA EA 596 83.06 38.83 15.15
N GLU EA 597 83.68 39.22 16.26
CA GLU EA 597 85.08 39.59 16.22
C GLU EA 597 85.97 38.39 15.90
N GLU EA 598 85.68 37.23 16.47
CA GLU EA 598 86.48 36.05 16.16
C GLU EA 598 86.40 35.68 14.68
N SER EA 599 85.20 35.72 14.10
CA SER EA 599 85.05 35.36 12.70
C SER EA 599 85.81 36.30 11.78
N ILE EA 600 85.75 37.61 12.05
CA ILE EA 600 86.47 38.54 11.21
C ILE EA 600 87.96 38.32 11.35
N LYS EA 601 88.45 38.16 12.59
CA LYS EA 601 89.86 37.94 12.82
C LYS EA 601 90.39 36.79 11.99
N LYS EA 602 89.67 35.67 11.95
CA LYS EA 602 90.12 34.55 11.14
C LYS EA 602 90.14 34.88 9.65
N ALA EA 603 89.11 35.57 9.17
CA ALA EA 603 89.03 35.94 7.77
C ALA EA 603 90.21 36.80 7.30
N THR EA 604 90.76 37.64 8.19
CA THR EA 604 91.85 38.52 7.79
C THR EA 604 93.24 37.87 7.87
N GLU EA 605 93.36 36.63 8.32
CA GLU EA 605 94.68 36.02 8.42
C GLU EA 605 95.38 35.87 7.07
N GLN EA 606 94.61 35.67 6.02
CA GLN EA 606 95.13 35.50 4.67
C GLN EA 606 95.88 36.72 4.14
N PHE EA 607 95.75 37.89 4.76
CA PHE EA 607 96.43 39.08 4.28
C PHE EA 607 97.65 39.47 5.10
N VAL EA 608 98.06 38.65 6.06
CA VAL EA 608 99.11 39.07 7.00
C VAL EA 608 100.45 39.42 6.36
N PHE EA 609 100.89 38.67 5.36
CA PHE EA 609 102.18 38.98 4.78
C PHE EA 609 102.08 39.65 3.41
N GLU EA 610 100.93 40.24 3.11
CA GLU EA 610 100.74 40.93 1.85
C GLU EA 610 101.37 42.33 1.92
N PRO EA 611 101.71 42.94 0.77
CA PRO EA 611 102.19 44.33 0.71
C PRO EA 611 101.19 45.28 1.33
N ASN EA 612 101.70 46.33 1.98
CA ASN EA 612 100.82 47.29 2.65
C ASN EA 612 100.63 48.48 1.72
N ASP EA 613 99.59 48.40 0.88
CA ASP EA 613 99.28 49.40 -0.12
C ASP EA 613 97.80 49.28 -0.50
N GLY EA 614 97.37 50.16 -1.41
CA GLY EA 614 95.98 50.26 -1.85
C GLY EA 614 95.36 48.99 -2.40
N ASN EA 615 96.17 48.13 -3.03
CA ASN EA 615 95.66 46.90 -3.61
C ASN EA 615 95.32 45.85 -2.57
N THR EA 616 95.74 46.07 -1.33
CA THR EA 616 95.44 45.16 -0.25
C THR EA 616 94.33 45.76 0.57
N TRP EA 617 94.42 47.07 0.81
CA TRP EA 617 93.44 47.74 1.65
C TRP EA 617 92.02 47.52 1.13
N VAL EA 618 91.88 47.60 -0.19
CA VAL EA 618 90.59 47.40 -0.85
C VAL EA 618 90.06 45.97 -0.72
N ARG EA 619 90.94 44.97 -0.76
CA ARG EA 619 90.54 43.59 -0.62
C ARG EA 619 90.09 43.27 0.79
N VAL EA 620 90.75 43.84 1.80
CA VAL EA 620 90.38 43.65 3.19
C VAL EA 620 89.00 44.24 3.44
N ARG EA 621 88.76 45.44 2.92
CA ARG EA 621 87.43 46.02 3.08
C ARG EA 621 86.34 45.20 2.45
N ALA EA 622 86.52 44.73 1.22
CA ALA EA 622 85.45 44.00 0.56
C ALA EA 622 85.05 42.76 1.35
N MET EA 623 86.05 42.06 1.86
CA MET EA 623 85.79 40.86 2.63
C MET EA 623 85.03 41.11 3.92
N ILE EA 624 85.43 42.13 4.68
CA ILE EA 624 84.75 42.42 5.93
C ILE EA 624 83.32 42.81 5.68
N GLU EA 625 83.08 43.64 4.66
CA GLU EA 625 81.73 44.06 4.33
C GLU EA 625 80.85 42.87 3.97
N ASN EA 626 81.38 41.88 3.25
CA ASN EA 626 80.59 40.70 2.90
C ASN EA 626 80.17 39.93 4.15
N PHE EA 627 81.06 39.79 5.13
CA PHE EA 627 80.68 39.12 6.37
C PHE EA 627 79.52 39.85 7.04
N LEU EA 628 79.67 41.16 7.18
CA LEU EA 628 78.69 41.95 7.88
C LEU EA 628 77.35 42.04 7.17
N ILE EA 629 77.33 42.06 5.83
CA ILE EA 629 76.04 42.13 5.17
C ILE EA 629 75.23 40.88 5.44
N LEU EA 630 75.88 39.72 5.57
CA LEU EA 630 75.16 38.50 5.88
C LEU EA 630 74.56 38.56 7.28
N GLN EA 631 75.31 39.11 8.23
CA GLN EA 631 74.81 39.23 9.60
C GLN EA 631 73.61 40.16 9.67
N TRP EA 632 73.64 41.21 8.85
CA TRP EA 632 72.53 42.14 8.78
C TRP EA 632 71.28 41.45 8.24
N ARG EA 633 71.40 40.69 7.15
CA ARG EA 633 70.23 40.00 6.59
C ARG EA 633 69.65 38.99 7.57
N ALA EA 634 70.53 38.37 8.37
CA ALA EA 634 70.17 37.37 9.38
C ALA EA 634 69.41 37.96 10.56
N GLY EA 635 69.40 39.29 10.73
CA GLY EA 635 68.72 39.90 11.85
C GLY EA 635 69.57 40.24 13.07
N ALA EA 636 70.90 40.21 12.96
CA ALA EA 636 71.72 40.55 14.12
C ALA EA 636 71.93 42.05 14.25
N LEU EA 637 72.08 42.72 13.12
CA LEU EA 637 72.38 44.14 13.09
C LEU EA 637 71.14 44.95 12.78
N ALA EA 638 71.11 46.13 13.36
CA ALA EA 638 70.03 47.10 13.21
C ALA EA 638 70.24 47.96 11.97
N GLY EA 639 69.18 48.60 11.47
CA GLY EA 639 69.30 49.54 10.33
C GLY EA 639 68.49 49.14 9.09
N ALA EA 640 67.79 50.13 8.51
CA ALA EA 640 66.94 49.95 7.32
C ALA EA 640 67.71 49.51 6.07
N LYS EA 641 68.92 50.00 5.91
CA LYS EA 641 69.79 49.67 4.80
C LYS EA 641 71.20 49.67 5.38
N PRO EA 642 72.20 49.01 4.73
CA PRO EA 642 73.58 48.86 5.22
C PRO EA 642 74.24 50.15 5.70
N GLU EA 643 73.91 51.27 5.07
CA GLU EA 643 74.46 52.56 5.50
C GLU EA 643 74.14 52.95 6.93
N HIS EA 644 73.16 52.30 7.53
CA HIS EA 644 72.76 52.58 8.89
C HIS EA 644 73.09 51.44 9.83
N ALA EA 645 73.68 50.37 9.31
CA ALA EA 645 73.97 49.19 10.09
C ALA EA 645 75.44 49.07 10.43
N PHE EA 646 76.30 49.36 9.46
CA PHE EA 646 77.72 49.20 9.70
C PHE EA 646 78.60 50.01 8.77
N TYR EA 647 79.86 50.15 9.16
CA TYR EA 647 80.83 50.73 8.23
C TYR EA 647 82.21 50.15 8.48
N VAL EA 648 83.07 50.25 7.47
CA VAL EA 648 84.48 49.86 7.53
C VAL EA 648 85.35 50.94 6.90
N LYS EA 649 86.39 51.42 7.59
CA LYS EA 649 87.28 52.44 7.04
C LYS EA 649 88.73 52.01 7.06
N VAL EA 650 89.39 52.09 5.90
CA VAL EA 650 90.81 51.73 5.79
C VAL EA 650 91.53 52.70 4.88
N GLY EA 651 92.65 53.27 5.30
CA GLY EA 651 93.38 54.08 4.33
C GLY EA 651 94.38 55.05 4.93
N LEU EA 652 95.30 55.48 4.10
CA LEU EA 652 96.29 56.42 4.58
C LEU EA 652 95.62 57.77 4.54
N GLY EA 653 95.73 58.49 5.63
CA GLY EA 653 95.04 59.75 5.78
C GLY EA 653 93.69 59.57 6.44
N GLN EA 654 93.24 58.33 6.58
CA GLN EA 654 91.96 58.05 7.23
C GLN EA 654 92.20 57.35 8.54
N THR EA 655 92.93 56.24 8.50
CA THR EA 655 93.24 55.44 9.67
C THR EA 655 94.73 55.27 9.89
N MET EA 656 95.55 55.50 8.86
CA MET EA 656 96.99 55.28 8.91
C MET EA 656 97.82 56.51 8.54
N THR EA 657 99.05 56.54 9.06
CA THR EA 657 99.96 57.60 8.61
C THR EA 657 101.24 57.02 8.01
N ALA EA 658 102.14 57.91 7.58
CA ALA EA 658 103.38 57.48 6.94
C ALA EA 658 104.21 56.59 7.84
N GLN EA 659 104.20 56.90 9.13
CA GLN EA 659 104.95 56.14 10.10
C GLN EA 659 104.44 54.71 10.23
N ASP EA 660 103.15 54.48 10.01
CA ASP EA 660 102.62 53.14 10.17
C ASP EA 660 103.05 52.32 8.99
N ILE EA 661 103.13 52.97 7.84
CA ILE EA 661 103.57 52.22 6.69
C ILE EA 661 105.01 51.77 6.92
N LEU EA 662 105.83 52.66 7.49
CA LEU EA 662 107.22 52.34 7.77
C LEU EA 662 107.35 51.24 8.83
N GLU EA 663 106.51 51.29 9.88
CA GLU EA 663 106.53 50.27 10.94
C GLU EA 663 106.00 48.93 10.46
N GLY EA 664 105.03 48.95 9.55
CA GLY EA 664 104.38 47.76 9.04
C GLY EA 664 103.02 47.52 9.66
N ASN EA 665 102.36 48.59 10.12
CA ASN EA 665 101.05 48.48 10.72
C ASN EA 665 99.94 48.73 9.71
N MET EA 666 98.78 48.15 9.97
CA MET EA 666 97.60 48.44 9.16
C MET EA 666 96.41 48.62 10.08
N ASN EA 667 95.75 49.77 9.98
CA ASN EA 667 94.65 50.14 10.87
C ASN EA 667 93.27 50.06 10.21
N VAL EA 668 92.42 49.20 10.73
CA VAL EA 668 91.07 49.04 10.19
C VAL EA 668 90.03 49.43 11.22
N GLU EA 669 89.15 50.36 10.89
CA GLU EA 669 88.11 50.80 11.83
C GLU EA 669 86.73 50.29 11.43
N ILE EA 670 86.02 49.69 12.37
CA ILE EA 670 84.71 49.09 12.13
C ILE EA 670 83.69 49.57 13.15
N GLY EA 671 82.49 49.91 12.69
CA GLY EA 671 81.40 50.28 13.60
C GLY EA 671 80.20 49.38 13.33
N LEU EA 672 79.38 49.13 14.37
CA LEU EA 672 78.20 48.25 14.26
C LEU EA 672 76.99 48.69 15.07
N ALA EA 673 75.81 48.71 14.46
CA ALA EA 673 74.56 48.97 15.18
C ALA EA 673 73.88 47.65 15.51
N VAL EA 674 73.57 47.39 16.79
CA VAL EA 674 73.04 46.06 17.09
C VAL EA 674 71.64 46.12 17.68
N VAL EA 675 70.95 45.00 17.57
CA VAL EA 675 69.60 44.82 18.08
C VAL EA 675 69.58 44.51 19.57
N ARG EA 676 68.70 45.20 20.31
CA ARG EA 676 68.55 45.01 21.75
C ARG EA 676 67.11 44.52 22.05
N PRO EA 677 66.91 43.71 23.10
CA PRO EA 677 65.61 43.11 23.49
C PRO EA 677 64.62 44.04 24.18
N ALA EA 678 63.33 43.67 24.10
CA ALA EA 678 62.33 44.35 24.89
C ALA EA 678 62.17 43.69 26.25
N GLU EA 679 62.15 44.48 27.32
CA GLU EA 679 61.95 43.94 28.66
C GLU EA 679 60.62 44.34 29.29
N PHE EA 680 60.03 45.44 28.86
CA PHE EA 680 58.83 45.93 29.50
C PHE EA 680 57.73 46.18 28.49
N ILE EA 681 56.49 45.97 28.91
CA ILE EA 681 55.33 46.25 28.09
C ILE EA 681 54.40 47.19 28.81
N ILE EA 682 54.07 48.30 28.18
CA ILE EA 682 53.21 49.29 28.79
C ILE EA 682 51.92 49.44 28.00
N LEU EA 683 50.79 49.26 28.66
CA LEU EA 683 49.49 49.39 28.02
C LEU EA 683 48.77 50.65 28.42
N LYS EA 684 47.94 51.15 27.51
CA LYS EA 684 47.10 52.30 27.75
C LYS EA 684 45.75 52.06 27.06
N PHE EA 685 44.66 52.52 27.69
CA PHE EA 685 43.34 52.38 27.11
C PHE EA 685 42.63 53.73 27.04
N SER EA 686 41.83 53.95 25.98
CA SER EA 686 41.02 55.14 25.88
C SER EA 686 39.74 54.76 25.12
N HIS EA 687 38.70 55.56 25.31
CA HIS EA 687 37.41 55.26 24.74
C HIS EA 687 36.69 56.44 24.13
N LYS EA 688 35.72 56.13 23.28
CA LYS EA 688 34.76 57.08 22.73
C LYS EA 688 33.37 56.47 22.80
N MET EA 689 32.35 57.31 22.82
CA MET EA 689 30.98 56.84 22.79
C MET EA 689 30.52 56.66 21.36
N GLN EA 690 29.72 55.64 21.11
CA GLN EA 690 29.22 55.43 19.77
C GLN EA 690 28.45 56.63 19.28
N THR FA 3 60.44 54.53 35.16
CA THR FA 3 61.43 53.54 35.56
C THR FA 3 60.83 52.26 36.04
N TYR FA 4 61.23 51.17 35.40
CA TYR FA 4 60.77 49.86 35.78
C TYR FA 4 62.00 49.06 36.11
N LYS FA 5 61.87 48.12 37.03
CA LYS FA 5 63.01 47.31 37.40
C LYS FA 5 62.84 45.82 37.12
N THR FA 6 61.60 45.34 37.13
CA THR FA 6 61.32 43.92 36.94
C THR FA 6 60.62 43.72 35.59
N PRO FA 7 61.09 42.82 34.74
CA PRO FA 7 60.44 42.52 33.46
C PRO FA 7 58.99 42.15 33.70
N GLY FA 8 58.10 42.67 32.87
CA GLY FA 8 56.70 42.36 33.07
C GLY FA 8 55.80 43.26 32.24
N VAL FA 9 54.51 43.09 32.45
CA VAL FA 9 53.49 43.85 31.73
C VAL FA 9 52.89 44.85 32.69
N TYR FA 10 52.93 46.11 32.34
CA TYR FA 10 52.43 47.16 33.20
C TYR FA 10 51.31 47.90 32.53
N ILE FA 11 50.37 48.37 33.34
CA ILE FA 11 49.24 49.16 32.88
C ILE FA 11 49.35 50.54 33.47
N GLU FA 12 49.33 51.57 32.64
CA GLU FA 12 49.48 52.92 33.12
C GLU FA 12 48.37 53.82 32.62
N GLU FA 13 47.90 54.71 33.48
CA GLU FA 13 46.88 55.70 33.14
C GLU FA 13 47.45 56.84 32.30
N ILE FA 14 48.63 57.31 32.65
CA ILE FA 14 49.23 58.45 31.99
C ILE FA 14 50.56 58.12 31.40
N THR FA 15 50.67 58.28 30.09
CA THR FA 15 51.92 57.98 29.41
C THR FA 15 52.26 59.12 28.45
N LYS FA 16 53.51 59.15 28.02
CA LYS FA 16 53.98 60.09 27.01
C LYS FA 16 54.08 59.36 25.69
N PHE FA 17 53.75 60.04 24.61
CA PHE FA 17 53.80 59.42 23.32
C PHE FA 17 54.96 60.01 22.52
N PRO FA 18 55.55 59.23 21.61
CA PRO FA 18 56.62 59.61 20.65
C PRO FA 18 56.16 60.14 19.27
N PRO FA 19 55.70 61.39 19.13
CA PRO FA 19 55.34 61.93 17.81
C PRO FA 19 56.65 62.13 17.09
N SER FA 20 56.65 62.11 15.76
CA SER FA 20 57.92 62.28 15.05
C SER FA 20 57.90 62.78 13.63
N VAL FA 21 56.88 62.47 12.86
CA VAL FA 21 56.88 62.83 11.44
C VAL FA 21 55.88 63.91 11.09
N ALA FA 22 56.40 65.02 10.60
CA ALA FA 22 55.60 66.12 10.13
C ALA FA 22 55.34 65.93 8.65
N GLN FA 23 54.25 66.53 8.16
CA GLN FA 23 53.95 66.45 6.74
C GLN FA 23 53.24 67.75 6.39
N VAL FA 24 53.19 68.07 5.11
CA VAL FA 24 52.52 69.29 4.71
C VAL FA 24 51.02 69.12 4.71
N GLU FA 25 50.34 70.03 5.40
CA GLU FA 25 48.89 70.06 5.49
C GLU FA 25 48.46 71.50 5.30
N THR FA 26 47.20 71.69 4.91
CA THR FA 26 46.66 73.02 4.67
C THR FA 26 45.77 73.60 5.77
N ALA FA 27 45.25 72.76 6.67
CA ALA FA 27 44.37 73.23 7.74
C ALA FA 27 45.07 73.26 9.10
N ILE FA 28 45.99 74.19 9.35
CA ILE FA 28 46.72 74.19 10.61
C ILE FA 28 46.43 75.44 11.40
N PRO FA 29 45.61 75.37 12.43
CA PRO FA 29 45.28 76.54 13.22
C PRO FA 29 46.30 76.82 14.28
N ALA FA 30 46.35 78.08 14.67
CA ALA FA 30 47.01 78.46 15.89
C ALA FA 30 45.94 78.96 16.86
N PHE FA 31 46.08 78.57 18.11
CA PHE FA 31 45.15 78.98 19.16
C PHE FA 31 45.86 79.83 20.20
N ILE FA 32 45.45 81.09 20.32
CA ILE FA 32 46.09 82.01 21.27
C ILE FA 32 45.18 82.30 22.48
N GLY FA 33 45.63 81.95 23.70
CA GLY FA 33 44.79 82.17 24.90
C GLY FA 33 45.42 81.73 26.23
N TYR FA 34 44.60 81.54 27.29
CA TYR FA 34 45.16 81.20 28.61
C TYR FA 34 45.09 79.72 28.97
N THR FA 35 46.09 79.23 29.73
CA THR FA 35 46.11 77.82 30.17
C THR FA 35 46.36 77.66 31.69
N GLN FA 36 46.19 76.45 32.20
CA GLN FA 36 46.42 76.19 33.62
C GLN FA 36 47.87 76.40 34.02
N PHE FA 37 48.78 75.93 33.18
CA PHE FA 37 50.22 75.99 33.37
C PHE FA 37 50.89 75.98 32.01
N ALA FA 38 52.22 76.08 32.00
CA ALA FA 38 52.93 76.13 30.74
C ALA FA 38 54.35 75.62 30.89
N ARG FA 39 54.53 74.32 31.09
CA ARG FA 39 55.88 73.86 31.40
C ARG FA 39 56.43 72.76 30.52
N THR FA 40 57.68 72.96 30.11
CA THR FA 40 58.41 72.02 29.25
C THR FA 40 58.55 70.67 29.90
N LYS FA 41 58.90 70.68 31.18
CA LYS FA 41 59.08 69.46 31.91
C LYS FA 41 57.85 69.17 32.76
N PRO FA 42 57.18 68.02 32.53
CA PRO FA 42 55.97 67.61 33.25
C PRO FA 42 56.07 67.71 34.76
N SER FA 43 57.26 67.53 35.34
CA SER FA 43 57.36 67.60 36.79
C SER FA 43 58.31 68.66 37.37
N VAL FA 44 58.19 69.89 36.91
CA VAL FA 44 58.93 71.00 37.52
C VAL FA 44 57.92 72.07 37.90
N ASP FA 45 58.32 73.01 38.75
CA ASP FA 45 57.37 74.07 39.14
C ASP FA 45 57.32 75.24 38.14
N SER FA 46 58.40 75.47 37.39
CA SER FA 46 58.47 76.60 36.48
C SER FA 46 57.61 76.50 35.23
N ASP FA 47 57.06 77.64 34.81
CA ASP FA 47 56.34 77.83 33.55
C ASP FA 47 57.30 78.48 32.56
N ASP FA 48 57.54 77.80 31.43
CA ASP FA 48 58.49 78.31 30.46
C ASP FA 48 58.05 78.17 29.00
N LEU FA 49 56.81 77.74 28.75
CA LEU FA 49 56.28 77.59 27.41
C LEU FA 49 55.32 78.69 27.04
N ILE FA 50 55.15 79.71 27.86
CA ILE FA 50 54.04 80.63 27.61
C ILE FA 50 54.10 81.28 26.22
N LEU FA 51 55.21 81.92 25.88
CA LEU FA 51 55.26 82.56 24.58
C LEU FA 51 56.12 81.78 23.61
N LYS FA 52 56.13 80.47 23.75
CA LYS FA 52 56.89 79.60 22.86
C LYS FA 52 55.92 78.68 22.12
N PRO FA 53 55.52 79.00 20.89
CA PRO FA 53 54.52 78.22 20.15
C PRO FA 53 54.94 76.76 20.11
N LYS FA 54 53.99 75.88 20.40
CA LYS FA 54 54.31 74.46 20.43
C LYS FA 54 53.33 73.65 19.61
N ARG FA 55 53.83 72.59 18.98
CA ARG FA 55 53.04 71.66 18.20
C ARG FA 55 52.44 70.55 19.06
N ILE FA 56 51.12 70.41 18.97
CA ILE FA 56 50.28 69.46 19.70
C ILE FA 56 49.58 68.50 18.72
N SER FA 57 49.62 67.19 18.97
CA SER FA 57 48.94 66.24 18.07
C SER FA 57 47.57 65.84 18.59
N SER FA 58 47.36 65.87 19.90
CA SER FA 58 46.07 65.48 20.49
C SER FA 58 45.89 66.13 21.86
N LEU FA 59 44.75 65.89 22.50
CA LEU FA 59 44.47 66.37 23.86
C LEU FA 59 45.43 65.73 24.83
N LEU FA 60 45.91 64.55 24.47
CA LEU FA 60 46.88 63.84 25.28
C LEU FA 60 48.19 64.61 25.41
N ASP FA 61 48.51 65.47 24.45
CA ASP FA 61 49.73 66.23 24.60
C ASP FA 61 49.40 67.50 25.32
N PHE FA 62 48.25 68.11 25.00
CA PHE FA 62 47.90 69.39 25.60
C PHE FA 62 47.86 69.27 27.13
N THR FA 63 47.22 68.22 27.60
CA THR FA 63 47.05 67.93 29.01
C THR FA 63 48.35 67.76 29.80
N THR FA 64 49.49 67.51 29.14
CA THR FA 64 50.73 67.32 29.88
C THR FA 64 51.61 68.56 29.89
N TYR FA 65 51.26 69.61 29.17
CA TYR FA 65 52.08 70.81 29.11
C TYR FA 65 51.32 72.03 29.57
N TYR FA 66 50.03 72.03 29.30
CA TYR FA 66 49.18 73.15 29.57
C TYR FA 66 48.13 72.81 30.62
N GLY FA 67 47.61 71.58 30.60
CA GLY FA 67 46.63 71.15 31.60
C GLY FA 67 45.18 71.15 31.15
N GLY FA 68 44.26 71.18 32.13
CA GLY FA 68 42.82 71.06 31.90
C GLY FA 68 42.04 72.36 32.07
N ALA FA 69 40.78 72.27 32.49
CA ALA FA 69 39.90 73.42 32.68
C ALA FA 69 39.93 73.91 34.13
N GLN FA 70 39.43 75.13 34.35
CA GLN FA 70 39.30 75.72 35.69
C GLN FA 70 37.99 75.26 36.34
N ASN FA 71 38.01 74.99 37.65
CA ASN FA 71 36.78 74.63 38.37
C ASN FA 71 35.84 75.83 38.51
N GLU FA 72 34.57 75.64 38.16
CA GLU FA 72 33.58 76.70 38.27
C GLU FA 72 33.32 77.04 39.75
N GLN FA 73 33.14 78.33 40.04
CA GLN FA 73 32.86 78.79 41.40
C GLN FA 73 31.41 79.24 41.59
N GLY FA 74 30.61 79.16 40.54
CA GLY FA 74 29.23 79.66 40.55
C GLY FA 74 28.11 78.65 40.78
N ILE FA 75 28.42 77.42 41.19
CA ILE FA 75 27.38 76.41 41.37
C ILE FA 75 26.72 76.55 42.74
N THR FA 76 25.41 76.68 42.72
CA THR FA 76 24.55 76.81 43.90
C THR FA 76 23.65 75.61 44.04
N VAL FA 77 23.48 75.11 45.25
CA VAL FA 77 22.56 74.02 45.51
C VAL FA 77 21.61 74.40 46.63
N LYS FA 78 20.32 74.26 46.40
CA LYS FA 78 19.30 74.59 47.39
C LYS FA 78 18.33 73.44 47.67
N LEU FA 79 18.13 73.15 48.95
CA LEU FA 79 17.20 72.11 49.37
C LEU FA 79 16.07 72.71 50.21
N THR FA 80 14.82 72.23 50.03
CA THR FA 80 13.70 72.65 50.87
C THR FA 80 12.88 71.49 51.45
N ASP FA 81 12.68 71.49 52.77
CA ASP FA 81 11.87 70.47 53.48
C ASP FA 81 10.43 70.95 53.78
N THR FA 82 9.42 70.20 53.33
CA THR FA 82 8.01 70.50 53.64
C THR FA 82 7.19 69.29 54.09
N LEU FA 83 6.06 69.53 54.77
CA LEU FA 83 5.27 68.42 55.27
C LEU FA 83 4.02 68.20 54.40
N ILE FA 84 3.81 66.96 54.01
CA ILE FA 84 2.62 66.55 53.27
C ILE FA 84 1.84 65.59 54.14
N GLU FA 85 0.62 65.98 54.54
CA GLU FA 85 -0.29 65.18 55.38
C GLU FA 85 0.37 64.58 56.63
N GLY FA 86 1.51 65.15 57.00
CA GLY FA 86 2.42 64.70 58.09
C GLY FA 86 3.76 64.15 57.60
N ALA FA 87 3.89 63.81 56.32
CA ALA FA 87 5.11 63.17 55.82
C ALA FA 87 6.08 64.22 55.31
N GLU FA 88 7.36 63.99 55.46
CA GLU FA 88 8.29 64.95 54.88
C GLU FA 88 8.49 64.74 53.39
N ASN FA 89 8.68 65.87 52.69
CA ASN FA 89 8.93 65.88 51.25
C ASN FA 89 10.02 66.89 50.89
N ARG FA 90 11.12 66.42 50.31
CA ARG FA 90 12.25 67.31 49.99
C ARG FA 90 12.35 67.67 48.51
N THR FA 91 12.51 68.96 48.24
CA THR FA 91 12.72 69.48 46.89
C THR FA 91 14.17 69.90 46.67
N ILE FA 92 14.74 69.43 45.55
CA ILE FA 92 16.12 69.72 45.18
C ILE FA 92 16.17 70.68 44.00
N ASN FA 93 16.86 71.81 44.15
CA ASN FA 93 16.96 72.84 43.11
C ASN FA 93 18.41 73.25 42.81
N VAL FA 94 18.89 72.95 41.61
CA VAL FA 94 20.22 73.36 41.19
C VAL FA 94 20.10 74.18 39.89
N PRO FA 95 20.12 75.52 39.98
CA PRO FA 95 19.94 76.45 38.85
C PRO FA 95 21.20 76.57 38.00
N GLU FA 96 21.04 77.06 36.77
CA GLU FA 96 22.19 77.35 35.92
C GLU FA 96 23.02 78.47 36.52
N PRO FA 97 24.36 78.33 36.59
CA PRO FA 97 25.26 79.40 37.08
C PRO FA 97 25.14 80.65 36.25
N THR FA 98 25.27 81.80 36.90
CA THR FA 98 25.28 83.07 36.20
C THR FA 98 26.68 83.64 36.08
N PHE FA 99 27.57 83.18 36.94
CA PHE FA 99 28.96 83.59 36.93
C PHE FA 99 29.78 82.39 36.53
N LYS FA 100 30.44 82.48 35.40
CA LYS FA 100 31.20 81.37 34.85
C LYS FA 100 32.65 81.80 34.59
N SER FA 101 33.58 80.86 34.64
CA SER FA 101 34.97 81.16 34.32
C SER FA 101 35.08 81.64 32.88
N PRO FA 102 35.92 82.66 32.61
CA PRO FA 102 36.14 83.18 31.26
C PRO FA 102 37.13 82.40 30.42
N TYR FA 103 37.69 81.30 30.92
CA TYR FA 103 38.74 80.62 30.18
C TYR FA 103 38.24 79.38 29.42
N LEU FA 104 38.18 79.49 28.08
CA LEU FA 104 37.59 78.47 27.20
C LEU FA 104 38.52 77.63 26.32
N MET FA 105 39.84 77.78 26.37
CA MET FA 105 40.68 77.03 25.42
C MET FA 105 40.53 75.52 25.52
N PHE FA 106 40.42 74.99 26.73
CA PHE FA 106 40.32 73.55 26.87
C PHE FA 106 39.08 73.01 26.17
N TYR FA 107 37.93 73.63 26.41
CA TYR FA 107 36.69 73.19 25.81
C TYR FA 107 36.74 73.32 24.29
N SER FA 108 37.35 74.41 23.80
CA SER FA 108 37.46 74.62 22.38
C SER FA 108 38.29 73.54 21.71
N LEU FA 109 39.39 73.11 22.34
CA LEU FA 109 40.18 72.03 21.76
C LEU FA 109 39.41 70.73 21.73
N GLN FA 110 38.63 70.44 22.77
CA GLN FA 110 37.86 69.20 22.70
C GLN FA 110 36.94 69.19 21.49
N MET FA 111 36.31 70.33 21.18
CA MET FA 111 35.44 70.42 20.01
C MET FA 111 36.22 70.28 18.71
N TYR FA 112 37.39 70.92 18.65
CA TYR FA 112 38.25 70.87 17.48
C TYR FA 112 38.63 69.45 17.10
N PHE FA 113 39.09 68.67 18.08
CA PHE FA 113 39.48 67.30 17.79
C PHE FA 113 38.25 66.44 17.50
N ALA FA 114 37.13 66.66 18.21
CA ALA FA 114 35.89 65.89 17.99
C ALA FA 114 35.38 66.05 16.57
N ASN FA 115 35.61 67.20 15.97
CA ASN FA 115 35.17 67.49 14.63
C ASN FA 115 36.18 67.21 13.55
N GLY FA 116 37.25 66.49 13.85
CA GLY FA 116 38.20 66.08 12.83
C GLY FA 116 39.49 66.88 12.68
N GLY FA 117 39.82 67.74 13.63
CA GLY FA 117 41.05 68.49 13.53
C GLY FA 117 42.30 67.63 13.67
N GLY FA 118 43.41 68.11 13.08
CA GLY FA 118 44.69 67.45 13.16
C GLY FA 118 45.64 68.22 14.06
N PRO FA 119 46.96 68.12 13.83
CA PRO FA 119 48.01 68.81 14.61
C PRO FA 119 47.80 70.30 14.57
N CYS FA 120 48.16 70.98 15.66
CA CYS FA 120 47.95 72.43 15.76
C CYS FA 120 48.97 73.13 16.65
N TYR FA 121 48.96 74.47 16.61
CA TYR FA 121 49.85 75.25 17.46
C TYR FA 121 49.17 75.91 18.64
N ILE FA 122 49.82 75.81 19.80
CA ILE FA 122 49.35 76.44 21.02
C ILE FA 122 50.30 77.54 21.47
N VAL FA 123 49.74 78.71 21.71
CA VAL FA 123 50.48 79.84 22.27
C VAL FA 123 49.73 80.29 23.50
N SER FA 124 50.38 80.30 24.65
CA SER FA 124 49.68 80.77 25.82
C SER FA 124 50.01 82.21 26.02
N THR FA 125 49.09 82.94 26.58
CA THR FA 125 49.37 84.33 26.84
C THR FA 125 49.61 84.57 28.30
N GLY FA 126 49.45 83.52 29.08
CA GLY FA 126 49.59 83.56 30.51
C GLY FA 126 48.85 82.37 31.08
N VAL FA 127 48.75 82.35 32.40
CA VAL FA 127 48.08 81.24 33.04
C VAL FA 127 46.92 81.74 33.88
N TYR FA 128 46.04 80.81 34.22
CA TYR FA 128 44.81 81.09 34.97
C TYR FA 128 45.05 81.69 36.34
N ASP FA 129 44.22 82.67 36.70
CA ASP FA 129 44.26 83.25 38.01
C ASP FA 129 42.97 82.95 38.80
N ASP FA 130 42.86 83.53 39.99
CA ASP FA 130 41.77 83.26 40.91
C ASP FA 130 40.61 84.25 40.86
N TRP FA 131 39.48 83.76 41.35
CA TRP FA 131 38.28 84.57 41.51
C TRP FA 131 38.47 85.42 42.76
N SER FA 132 37.84 86.59 42.79
CA SER FA 132 37.91 87.41 43.99
C SER FA 132 36.83 87.04 44.96
N ASP FA 133 35.71 86.58 44.42
CA ASP FA 133 34.56 86.19 45.25
C ASP FA 133 33.72 85.23 44.42
N SER FA 134 32.64 84.70 44.99
CA SER FA 134 31.80 83.75 44.24
C SER FA 134 31.09 84.45 43.10
N GLU FA 135 30.88 85.76 43.22
CA GLU FA 135 30.26 86.57 42.19
C GLU FA 135 31.26 87.41 41.42
N THR FA 136 32.55 87.19 41.62
CA THR FA 136 33.55 87.99 40.90
C THR FA 136 34.61 87.14 40.21
N PRO FA 137 34.40 86.82 38.91
CA PRO FA 137 35.32 86.08 38.04
C PRO FA 137 36.54 86.94 37.72
N PRO FA 138 37.65 86.32 37.33
CA PRO FA 138 38.84 87.00 36.84
C PRO FA 138 38.55 87.60 35.47
N THR FA 139 39.39 88.54 35.02
CA THR FA 139 39.16 89.19 33.72
C THR FA 139 40.32 88.99 32.77
N ILE FA 140 40.08 89.30 31.49
CA ILE FA 140 41.09 89.15 30.44
C ILE FA 140 41.65 90.48 29.96
N ASN FA 141 42.97 90.56 29.97
CA ASN FA 141 43.70 91.73 29.53
C ASN FA 141 43.98 91.67 28.05
N PHE FA 142 43.40 92.60 27.32
CA PHE FA 142 43.56 92.68 25.89
C PHE FA 142 45.00 92.58 25.39
N SER FA 143 45.94 93.23 26.09
CA SER FA 143 47.32 93.31 25.61
C SER FA 143 48.01 91.93 25.65
N ASP FA 144 47.45 90.97 26.38
CA ASP FA 144 48.01 89.63 26.44
C ASP FA 144 47.78 88.92 25.12
N LEU FA 145 46.65 89.21 24.48
CA LEU FA 145 46.32 88.53 23.24
C LEU FA 145 47.13 89.14 22.12
N GLU FA 146 47.37 90.46 22.22
CA GLU FA 146 48.16 91.11 21.17
C GLU FA 146 49.59 90.58 21.20
N SER FA 147 50.13 90.34 22.39
CA SER FA 147 51.45 89.75 22.48
C SER FA 147 51.50 88.40 21.81
N GLY FA 148 50.54 87.54 22.10
CA GLY FA 148 50.51 86.22 21.48
C GLY FA 148 50.44 86.28 19.96
N LEU FA 149 49.69 87.25 19.42
CA LEU FA 149 49.59 87.40 17.97
C LEU FA 149 50.95 87.79 17.39
N ALA FA 150 51.64 88.73 18.05
CA ALA FA 150 52.96 89.15 17.60
C ALA FA 150 53.94 87.98 17.56
N VAL FA 151 53.80 87.07 18.50
CA VAL FA 151 54.65 85.88 18.57
C VAL FA 151 54.38 84.94 17.40
N ILE FA 152 53.10 84.58 17.15
CA ILE FA 152 52.80 83.60 16.11
C ILE FA 152 53.19 84.14 14.73
N ARG FA 153 53.20 85.46 14.57
CA ARG FA 153 53.64 86.11 13.33
C ARG FA 153 54.96 85.57 12.81
N LYS FA 154 55.84 85.10 13.71
CA LYS FA 154 57.16 84.63 13.32
C LYS FA 154 57.23 83.15 12.93
N GLU FA 155 56.14 82.40 13.03
CA GLU FA 155 56.15 80.98 12.66
C GLU FA 155 55.69 80.82 11.22
N ASP FA 156 56.25 79.83 10.52
CA ASP FA 156 55.89 79.64 9.12
C ASP FA 156 54.77 78.62 8.87
N GLU FA 157 54.66 77.61 9.69
CA GLU FA 157 53.68 76.55 9.43
C GLU FA 157 52.16 76.85 9.52
N PRO FA 158 51.66 77.62 10.52
CA PRO FA 158 50.22 77.86 10.71
C PRO FA 158 49.55 78.49 9.50
N THR FA 159 48.28 78.09 9.25
CA THR FA 159 47.49 78.62 8.15
C THR FA 159 46.19 79.30 8.60
N LEU FA 160 45.68 78.99 9.81
CA LEU FA 160 44.43 79.57 10.30
C LEU FA 160 44.62 80.27 11.64
N LEU FA 161 43.93 81.40 11.85
CA LEU FA 161 44.04 82.12 13.12
C LEU FA 161 42.74 82.12 13.96
N LEU FA 162 42.85 81.63 15.21
CA LEU FA 162 41.73 81.59 16.16
C LEU FA 162 42.09 82.14 17.55
N PHE FA 163 41.14 82.82 18.20
CA PHE FA 163 41.28 83.30 19.58
C PHE FA 163 40.14 82.77 20.48
N PRO FA 164 40.34 81.65 21.19
CA PRO FA 164 39.32 81.00 22.02
C PRO FA 164 38.70 81.85 23.12
N ASP FA 165 39.37 82.90 23.61
CA ASP FA 165 38.79 83.69 24.69
C ASP FA 165 38.52 85.13 24.27
N ALA FA 166 38.37 85.39 22.96
CA ALA FA 166 38.16 86.77 22.49
C ALA FA 166 36.83 87.35 22.94
N THR FA 167 35.80 86.52 23.03
CA THR FA 167 34.47 87.00 23.35
C THR FA 167 34.33 87.38 24.81
N ASN FA 168 35.34 87.09 25.63
CA ASN FA 168 35.25 87.48 27.03
C ASN FA 168 35.99 88.78 27.32
N LEU FA 169 36.45 89.49 26.29
CA LEU FA 169 37.06 90.79 26.50
C LEU FA 169 35.98 91.76 27.00
N PRO FA 170 36.31 92.65 27.95
CA PRO FA 170 35.40 93.65 28.53
C PRO FA 170 34.60 94.51 27.56
N THR FA 171 35.12 94.83 26.37
CA THR FA 171 34.36 95.64 25.44
C THR FA 171 34.37 95.04 24.05
N ASP FA 172 33.43 95.49 23.24
CA ASP FA 172 33.37 95.04 21.86
C ASP FA 172 34.44 95.76 21.08
N ASP FA 173 34.78 96.97 21.52
CA ASP FA 173 35.80 97.76 20.85
C ASP FA 173 37.14 97.00 20.86
N GLU FA 174 37.46 96.38 21.98
CA GLU FA 174 38.69 95.59 22.04
C GLU FA 174 38.59 94.36 21.15
N PHE FA 175 37.43 93.72 21.14
CA PHE FA 175 37.20 92.53 20.32
C PHE FA 175 37.43 92.84 18.84
N TYR FA 176 36.83 93.92 18.35
CA TYR FA 176 36.98 94.28 16.95
C TYR FA 176 38.40 94.66 16.61
N SER FA 177 39.08 95.38 17.52
CA SER FA 177 40.46 95.76 17.28
C SER FA 177 41.34 94.54 17.07
N LEU FA 178 41.15 93.52 17.90
CA LEU FA 178 41.91 92.28 17.81
C LEU FA 178 41.74 91.62 16.44
N TYR FA 179 40.50 91.59 15.93
CA TYR FA 179 40.28 90.96 14.64
C TYR FA 179 40.77 91.79 13.48
N ASN FA 180 40.70 93.12 13.55
CA ASN FA 180 41.25 93.92 12.47
C ASN FA 180 42.74 93.68 12.36
N SER FA 181 43.42 93.54 13.50
CA SER FA 181 44.83 93.24 13.51
C SER FA 181 45.14 91.93 12.80
N ALA FA 182 44.37 90.89 13.11
CA ALA FA 182 44.55 89.58 12.46
C ALA FA 182 44.35 89.64 10.95
N LEU FA 183 43.34 90.38 10.48
CA LEU FA 183 43.13 90.48 9.04
C LEU FA 183 44.29 91.20 8.36
N MET FA 184 44.84 92.22 9.02
CA MET FA 184 45.98 92.92 8.44
C MET FA 184 47.19 92.02 8.38
N GLN FA 185 47.42 91.20 9.41
CA GLN FA 185 48.55 90.27 9.39
C GLN FA 185 48.42 89.24 8.27
N CYS FA 186 47.20 88.78 8.01
CA CYS FA 186 46.99 87.81 6.95
C CYS FA 186 47.41 88.39 5.61
N ASN FA 187 47.08 89.66 5.37
CA ASN FA 187 47.47 90.30 4.12
C ASN FA 187 48.98 90.57 4.08
N ASP FA 188 49.60 90.93 5.21
CA ASP FA 188 51.05 91.16 5.20
C ASP FA 188 51.82 89.89 4.84
N LEU FA 189 51.39 88.74 5.36
CA LEU FA 189 52.10 87.49 5.14
C LEU FA 189 51.72 86.78 3.84
N GLN FA 190 50.47 86.94 3.40
CA GLN FA 190 49.98 86.39 2.15
C GLN FA 190 49.66 84.90 2.15
N ASP FA 191 49.58 84.30 3.32
CA ASP FA 191 49.33 82.88 3.42
C ASP FA 191 48.35 82.42 4.52
N ARG FA 192 47.55 83.31 5.11
CA ARG FA 192 46.67 82.91 6.21
C ARG FA 192 45.24 83.37 6.05
N PHE FA 193 44.35 82.70 6.77
CA PHE FA 193 42.92 83.02 6.76
C PHE FA 193 42.39 83.10 8.20
N THR FA 194 41.52 84.07 8.46
CA THR FA 194 40.95 84.30 9.79
C THR FA 194 39.50 83.84 9.91
N ILE FA 195 39.19 83.10 10.98
CA ILE FA 195 37.81 82.67 11.23
C ILE FA 195 37.21 83.56 12.32
N LEU FA 196 36.07 84.19 12.05
CA LEU FA 196 35.48 85.15 12.99
C LEU FA 196 34.13 84.72 13.57
N ASP FA 197 33.93 85.10 14.83
CA ASP FA 197 32.70 84.95 15.59
C ASP FA 197 32.07 86.31 15.85
N THR FA 198 30.78 86.36 16.16
CA THR FA 198 30.18 87.59 16.63
C THR FA 198 30.56 87.75 18.10
N TYR FA 199 30.34 88.94 18.66
CA TYR FA 199 30.63 89.19 20.08
C TYR FA 199 29.68 88.43 21.01
N SER FA 200 28.41 88.34 20.62
CA SER FA 200 27.35 87.71 21.39
C SER FA 200 26.18 87.35 20.50
N ASP FA 201 25.42 86.35 20.92
CA ASP FA 201 24.23 85.96 20.19
C ASP FA 201 22.98 86.66 20.67
N GLN FA 202 23.08 87.50 21.69
CA GLN FA 202 21.96 88.23 22.28
C GLN FA 202 22.24 89.70 22.14
N THR FA 203 21.16 90.48 22.13
CA THR FA 203 21.33 91.91 22.08
C THR FA 203 22.18 92.22 23.27
N TYR FA 204 23.27 92.92 23.05
CA TYR FA 204 24.19 93.23 24.13
C TYR FA 204 24.22 94.72 24.37
N ASN FA 205 24.53 95.12 25.59
CA ASN FA 205 24.58 96.52 25.91
C ASN FA 205 26.02 97.01 25.94
N ASP FA 206 26.30 98.09 25.23
CA ASP FA 206 27.64 98.68 25.22
C ASP FA 206 27.82 99.76 26.30
N GLY FA 207 26.82 99.93 27.16
CA GLY FA 207 26.83 100.96 28.20
C GLY FA 207 26.11 102.22 27.78
N VAL FA 208 25.79 102.32 26.49
CA VAL FA 208 25.11 103.46 25.91
C VAL FA 208 23.82 103.04 25.22
N GLU FA 209 23.91 102.05 24.33
CA GLU FA 209 22.85 101.56 23.48
C GLU FA 209 22.80 100.04 23.36
N ASP FA 210 21.62 99.52 23.04
CA ASP FA 210 21.40 98.09 22.81
C ASP FA 210 21.66 97.70 21.35
N LEU FA 211 22.66 96.87 21.11
CA LEU FA 211 23.07 96.56 19.76
C LEU FA 211 22.79 95.14 19.25
N ASP FA 212 22.33 95.06 18.01
CA ASP FA 212 22.13 93.80 17.30
C ASP FA 212 23.46 93.25 16.81
N PRO FA 213 23.77 91.97 17.13
CA PRO FA 213 25.09 91.41 16.83
C PRO FA 213 25.54 91.42 15.39
N ILE FA 214 24.70 91.08 14.43
CA ILE FA 214 25.17 91.14 13.05
C ILE FA 214 25.44 92.57 12.58
N PRO FA 215 24.59 93.53 12.92
CA PRO FA 215 24.87 94.92 12.56
C PRO FA 215 26.10 95.45 13.26
N ALA FA 216 26.32 95.03 14.50
CA ALA FA 216 27.49 95.43 15.25
C ALA FA 216 28.82 94.88 14.70
N LEU FA 217 28.88 93.61 14.28
CA LEU FA 217 30.11 93.07 13.68
C LEU FA 217 30.43 93.79 12.39
N ARG FA 218 29.41 94.08 11.58
CA ARG FA 218 29.64 94.77 10.31
C ARG FA 218 30.23 96.16 10.48
N ASN FA 219 29.79 96.91 11.49
CA ASN FA 219 30.37 98.22 11.74
C ASN FA 219 31.74 98.12 12.38
N GLY FA 220 31.93 97.09 13.20
CA GLY FA 220 33.19 96.86 13.89
C GLY FA 220 34.35 96.61 12.94
N ILE FA 221 34.17 95.69 12.01
CA ILE FA 221 35.27 95.39 11.10
C ILE FA 221 35.22 96.37 9.92
N ASN FA 222 35.97 97.47 10.06
CA ASN FA 222 35.94 98.58 9.10
C ASN FA 222 37.06 98.61 8.06
N LEU FA 223 37.71 97.49 7.83
CA LEU FA 223 38.75 97.39 6.81
C LEU FA 223 38.13 97.24 5.43
N THR FA 224 38.99 97.45 4.41
CA THR FA 224 38.67 97.36 2.98
C THR FA 224 38.81 95.94 2.38
N LYS FA 225 38.31 95.73 1.15
CA LYS FA 225 38.37 94.50 0.40
C LYS FA 225 39.70 93.76 0.49
N ASP FA 226 40.80 94.50 0.46
CA ASP FA 226 42.13 93.91 0.52
C ASP FA 226 42.36 93.10 1.78
N TYR FA 227 41.54 93.30 2.79
CA TYR FA 227 41.64 92.59 4.03
C TYR FA 227 40.48 91.65 4.24
N LEU FA 228 39.29 92.09 3.83
CA LEU FA 228 38.07 91.32 4.03
C LEU FA 228 38.13 89.97 3.32
N LYS FA 229 38.81 89.92 2.18
CA LYS FA 229 38.96 88.69 1.43
C LYS FA 229 39.73 87.60 2.20
N TYR FA 230 40.38 87.94 3.32
CA TYR FA 230 41.14 86.98 4.10
C TYR FA 230 40.41 86.41 5.30
N GLY FA 231 39.09 86.54 5.35
CA GLY FA 231 38.39 85.91 6.45
C GLY FA 231 36.91 85.75 6.20
N ALA FA 232 36.28 85.02 7.11
CA ALA FA 232 34.85 84.73 7.05
C ALA FA 232 34.28 84.62 8.46
N ALA FA 233 33.00 84.91 8.61
CA ALA FA 233 32.34 84.84 9.91
C ALA FA 233 31.18 83.87 9.89
N TYR FA 234 30.93 83.27 11.05
CA TYR FA 234 29.84 82.31 11.26
C TYR FA 234 28.92 82.71 12.41
N TYR FA 235 27.64 82.37 12.29
CA TYR FA 235 26.63 82.69 13.30
C TYR FA 235 25.46 81.70 13.27
N PRO FA 236 24.84 81.39 14.41
CA PRO FA 236 25.04 81.65 15.83
C PRO FA 236 25.99 80.68 16.55
N PHE FA 237 26.09 80.85 17.87
CA PHE FA 237 26.85 80.01 18.79
C PHE FA 237 26.16 78.66 18.90
N VAL FA 238 26.89 77.65 19.36
CA VAL FA 238 26.32 76.31 19.45
C VAL FA 238 26.34 75.73 20.85
N GLN FA 239 25.31 74.93 21.14
CA GLN FA 239 25.16 74.25 22.42
C GLN FA 239 25.75 72.87 22.25
N THR FA 240 26.70 72.53 23.08
CA THR FA 240 27.41 71.28 22.98
C THR FA 240 27.01 70.31 24.09
N ILE FA 241 27.73 69.20 24.19
CA ILE FA 241 27.41 68.11 25.10
C ILE FA 241 28.47 67.92 26.16
N LEU FA 242 29.33 68.91 26.33
CA LEU FA 242 30.40 68.89 27.29
C LEU FA 242 29.88 69.36 28.64
N ASN FA 243 30.46 68.80 29.72
CA ASN FA 243 30.12 69.18 31.09
C ASN FA 243 31.06 70.24 31.63
N TYR FA 244 30.59 70.95 32.65
CA TYR FA 244 31.42 71.92 33.34
C TYR FA 244 32.34 71.19 34.31
N GLN FA 245 33.51 71.74 34.54
CA GLN FA 245 34.40 71.16 35.54
C GLN FA 245 34.14 71.83 36.89
N TYR FA 246 34.06 71.03 37.94
CA TYR FA 246 33.83 71.55 39.28
C TYR FA 246 34.42 70.62 40.33
N SER FA 247 34.46 71.10 41.56
CA SER FA 247 34.92 70.34 42.70
C SER FA 247 33.82 70.31 43.75
N ALA FA 248 33.36 69.11 44.10
CA ALA FA 248 32.24 68.98 45.04
C ALA FA 248 32.52 69.63 46.38
N ASP FA 249 33.78 69.62 46.80
CA ASP FA 249 34.13 70.18 48.09
C ASP FA 249 33.86 71.66 48.14
N GLU FA 250 33.88 72.34 47.01
CA GLU FA 250 33.74 73.78 47.00
C GLU FA 250 32.28 74.24 46.88
N ILE FA 251 31.32 73.32 46.90
CA ILE FA 251 29.92 73.69 46.73
C ILE FA 251 29.17 73.68 48.06
N VAL FA 252 28.62 74.84 48.41
CA VAL FA 252 27.90 75.06 49.67
C VAL FA 252 26.40 74.88 49.46
N ILE FA 253 25.76 74.12 50.34
CA ILE FA 253 24.33 73.82 50.23
C ILE FA 253 23.48 74.66 51.18
N GLN FA 254 22.48 75.33 50.60
CA GLN FA 254 21.50 76.10 51.35
C GLN FA 254 20.38 75.15 51.75
N HIS FA 255 19.94 75.24 53.00
CA HIS FA 255 18.84 74.39 53.45
C HIS FA 255 17.73 75.19 54.11
N LEU FA 256 16.49 74.95 53.71
CA LEU FA 256 15.31 75.59 54.31
C LEU FA 256 14.28 74.55 54.72
N SER FA 257 13.71 74.66 55.93
CA SER FA 257 12.77 73.64 56.42
C SER FA 257 11.60 74.17 57.25
N TYR FA 258 10.54 73.36 57.34
CA TYR FA 258 9.40 73.75 58.16
C TYR FA 258 9.75 73.79 59.66
N ASN FA 259 10.52 72.81 60.15
CA ASN FA 259 11.01 72.88 61.52
C ASN FA 259 12.52 73.08 61.52
N PRO FA 260 12.98 74.19 62.07
CA PRO FA 260 14.41 74.52 62.14
C PRO FA 260 15.14 73.65 63.14
N ASN FA 261 16.04 72.81 62.66
CA ASN FA 261 16.85 71.92 63.48
C ASN FA 261 18.36 72.07 63.31
N ALA FA 262 18.79 73.16 62.67
CA ALA FA 262 20.20 73.37 62.39
C ALA FA 262 20.97 73.70 63.65
N ILE FA 263 20.48 74.69 64.40
CA ILE FA 263 21.11 75.10 65.65
C ILE FA 263 21.07 73.95 66.61
N ALA FA 264 19.92 73.31 66.70
CA ALA FA 264 19.79 72.21 67.63
C ALA FA 264 20.85 71.15 67.38
N THR FA 265 21.12 70.84 66.10
CA THR FA 265 22.15 69.85 65.82
C THR FA 265 23.51 70.34 66.26
N ALA FA 266 23.88 71.57 65.89
CA ALA FA 266 25.19 72.09 66.23
C ALA FA 266 25.39 72.16 67.73
N LEU FA 267 24.34 72.54 68.44
CA LEU FA 267 24.43 72.72 69.86
C LEU FA 267 24.60 71.36 70.56
N ASP FA 268 23.87 70.33 70.10
CA ASP FA 268 24.01 69.01 70.70
C ASP FA 268 25.43 68.48 70.46
N ASN FA 269 25.99 68.72 69.27
CA ASN FA 269 27.34 68.24 68.99
C ASN FA 269 28.34 68.97 69.88
N LEU FA 270 28.14 70.27 70.09
CA LEU FA 270 29.04 71.01 70.97
C LEU FA 270 28.91 70.57 72.42
N ASN FA 271 27.71 70.23 72.87
CA ASN FA 271 27.63 69.74 74.23
C ASN FA 271 28.46 68.50 74.43
N ALA FA 272 28.50 67.62 73.41
CA ALA FA 272 29.36 66.44 73.45
C ALA FA 272 30.84 66.83 73.48
N VAL FA 273 31.18 67.89 72.75
CA VAL FA 273 32.54 68.48 72.67
C VAL FA 273 33.04 68.98 74.00
N ASN FA 274 32.23 69.73 74.71
CA ASN FA 274 32.70 70.32 75.94
C ASN FA 274 32.64 69.34 77.11
N GLY FA 275 33.57 68.38 77.11
CA GLY FA 275 33.60 67.36 78.13
C GLY FA 275 34.86 66.46 78.13
N PRO FA 276 34.93 65.57 79.14
CA PRO FA 276 36.07 64.67 79.37
C PRO FA 276 36.34 63.64 78.30
N THR FA 277 35.34 63.28 77.52
CA THR FA 277 35.52 62.28 76.49
C THR FA 277 35.97 62.91 75.20
N PHE FA 278 36.05 64.24 75.18
CA PHE FA 278 36.49 64.93 73.99
C PHE FA 278 37.85 65.55 74.24
N ILE FA 279 37.98 66.43 75.26
CA ILE FA 279 39.27 67.05 75.53
C ILE FA 279 39.86 66.98 76.94
N ASP FA 280 39.13 66.59 78.00
CA ASP FA 280 39.86 66.67 79.27
C ASP FA 280 40.87 65.56 79.30
N ALA FA 281 40.49 64.37 78.83
CA ALA FA 281 41.45 63.27 78.84
C ALA FA 281 42.72 63.62 78.07
N ILE FA 282 42.56 64.35 76.95
CA ILE FA 282 43.72 64.75 76.14
C ILE FA 282 44.60 65.68 76.92
N LEU FA 283 44.01 66.72 77.47
CA LEU FA 283 44.74 67.75 78.17
C LEU FA 283 45.41 67.20 79.43
N ASP FA 284 44.75 66.31 80.16
CA ASP FA 284 45.36 65.76 81.37
C ASP FA 284 46.58 64.92 81.02
N ASP FA 285 46.51 64.13 79.94
CA ASP FA 285 47.65 63.32 79.54
C ASP FA 285 48.75 64.14 78.88
N LEU FA 286 48.37 65.16 78.12
CA LEU FA 286 49.34 66.00 77.42
C LEU FA 286 50.17 66.82 78.40
N ARG FA 287 49.53 67.40 79.41
CA ARG FA 287 50.21 68.22 80.40
C ARG FA 287 50.98 67.36 81.39
N ASN FA 321 74.11 53.58 72.33
CA ASN FA 321 73.03 54.53 72.56
C ASN FA 321 71.81 54.23 71.72
N SER FA 322 71.88 53.16 70.94
CA SER FA 322 70.75 52.82 70.06
C SER FA 322 69.47 52.52 70.82
N VAL FA 323 69.61 51.97 72.01
CA VAL FA 323 68.46 51.70 72.86
C VAL FA 323 67.86 52.99 73.38
N LYS FA 324 68.72 53.97 73.67
CA LYS FA 324 68.29 55.22 74.23
C LYS FA 324 67.45 55.94 73.18
N VAL FA 325 67.90 55.87 71.92
CA VAL FA 325 67.14 56.47 70.83
C VAL FA 325 65.79 55.82 70.70
N ALA FA 326 65.76 54.48 70.74
CA ALA FA 326 64.48 53.78 70.62
C ALA FA 326 63.51 54.15 71.73
N ASN FA 327 64.00 54.29 72.96
CA ASN FA 327 63.14 54.64 74.08
C ASN FA 327 62.63 56.07 73.92
N PHE FA 328 63.54 56.97 73.55
CA PHE FA 328 63.19 58.36 73.33
C PHE FA 328 62.15 58.50 72.25
N ALA FA 329 62.39 57.84 71.12
CA ALA FA 329 61.51 57.95 69.98
C ALA FA 329 60.10 57.51 70.35
N SER FA 330 59.96 56.45 71.15
CA SER FA 330 58.64 56.02 71.62
C SER FA 330 57.94 57.11 72.41
N LEU FA 331 58.67 57.74 73.33
CA LEU FA 331 58.09 58.78 74.16
C LEU FA 331 57.65 59.98 73.31
N VAL FA 332 58.43 60.33 72.28
CA VAL FA 332 58.06 61.45 71.40
C VAL FA 332 56.78 61.12 70.66
N GLU FA 333 56.70 59.90 70.11
CA GLU FA 333 55.52 59.50 69.37
C GLU FA 333 54.26 59.59 70.21
N SER FA 334 54.35 59.20 71.48
CA SER FA 334 53.19 59.28 72.37
C SER FA 334 52.68 60.72 72.47
N VAL FA 335 53.59 61.68 72.67
CA VAL FA 335 53.19 63.08 72.78
C VAL FA 335 52.59 63.56 71.46
N LEU FA 336 53.26 63.23 70.36
CA LEU FA 336 52.83 63.61 69.03
C LEU FA 336 51.43 63.13 68.71
N SER FA 337 51.12 61.88 69.06
CA SER FA 337 49.81 61.31 68.82
C SER FA 337 48.75 62.10 69.59
N THR FA 338 49.04 62.40 70.87
CA THR FA 338 48.15 63.19 71.71
C THR FA 338 47.89 64.56 71.11
N LEU FA 339 48.94 65.23 70.62
CA LEU FA 339 48.77 66.54 70.03
C LEU FA 339 47.87 66.47 68.80
N ASN FA 340 48.05 65.42 67.98
CA ASN FA 340 47.24 65.29 66.78
C ASN FA 340 45.76 65.16 67.10
N GLU FA 341 45.41 64.45 68.19
CA GLU FA 341 44.00 64.36 68.56
C GLU FA 341 43.42 65.71 68.94
N LEU FA 342 44.21 66.53 69.65
CA LEU FA 342 43.75 67.87 70.06
C LEU FA 342 43.50 68.74 68.83
N ILE FA 343 44.38 68.60 67.83
CA ILE FA 343 44.26 69.37 66.60
C ILE FA 343 42.99 68.97 65.85
N ASP FA 344 42.72 67.65 65.73
CA ASP FA 344 41.50 67.21 65.07
C ASP FA 344 40.26 67.74 65.77
N ALA FA 345 40.31 67.81 67.10
CA ALA FA 345 39.19 68.32 67.88
C ALA FA 345 38.84 69.74 67.45
N LYS FA 346 39.86 70.59 67.24
CA LYS FA 346 39.64 71.96 66.81
C LYS FA 346 38.86 72.01 65.51
N GLU FA 347 39.25 71.16 64.56
CA GLU FA 347 38.60 71.18 63.24
C GLU FA 347 37.12 70.80 63.35
N GLU FA 348 36.79 69.82 64.19
CA GLU FA 348 35.38 69.42 64.34
C GLU FA 348 34.54 70.57 64.90
N ILE FA 349 35.11 71.31 65.86
CA ILE FA 349 34.44 72.45 66.45
C ILE FA 349 34.12 73.50 65.42
N ASN FA 350 35.10 73.87 64.60
CA ASN FA 350 34.83 74.87 63.60
C ASN FA 350 33.73 74.45 62.63
N LYS FA 351 33.69 73.17 62.27
CA LYS FA 351 32.70 72.72 61.31
C LYS FA 351 31.27 72.86 61.84
N ASP FA 352 31.02 72.60 63.14
CA ASP FA 352 29.64 72.76 63.64
C ASP FA 352 29.30 74.20 63.97
N VAL FA 353 30.25 74.95 64.54
CA VAL FA 353 29.94 76.32 64.92
C VAL FA 353 29.59 77.14 63.71
N ASN FA 354 30.28 76.91 62.61
CA ASN FA 354 29.99 77.62 61.38
C ASN FA 354 28.57 77.38 60.86
N SER FA 355 27.91 76.26 61.22
CA SER FA 355 26.56 76.05 60.72
C SER FA 355 25.62 76.88 61.58
N ALA FA 356 26.00 77.09 62.84
CA ALA FA 356 25.20 77.91 63.73
C ALA FA 356 25.23 79.34 63.24
N ILE FA 357 26.41 79.78 62.81
CA ILE FA 357 26.59 81.14 62.33
C ILE FA 357 25.78 81.34 61.08
N ALA FA 358 25.95 80.42 60.12
CA ALA FA 358 25.26 80.48 58.83
C ALA FA 358 23.75 80.43 58.98
N SER FA 359 23.25 79.67 59.94
CA SER FA 359 21.82 79.50 60.13
C SER FA 359 21.15 80.63 60.90
N SER FA 360 21.91 81.36 61.71
CA SER FA 360 21.36 82.43 62.53
C SER FA 360 21.19 83.69 61.66
N GLU FA 361 20.27 83.61 60.70
CA GLU FA 361 20.03 84.72 59.76
C GLU FA 361 19.56 85.99 60.43
N GLU FA 362 18.72 85.84 61.44
CA GLU FA 362 18.14 86.95 62.17
C GLU FA 362 19.01 87.27 63.36
N ASP FA 363 18.89 88.50 63.86
CA ASP FA 363 19.61 88.92 65.07
C ASP FA 363 21.14 88.76 64.89
N ASN FA 364 21.68 89.57 63.98
CA ASN FA 364 23.11 89.54 63.65
C ASN FA 364 24.03 89.74 64.84
N ALA FA 365 23.50 90.28 65.94
CA ALA FA 365 24.25 90.44 67.17
C ALA FA 365 24.72 89.09 67.69
N ILE FA 366 23.91 88.06 67.48
CA ILE FA 366 24.26 86.73 67.92
C ILE FA 366 25.24 86.16 66.95
N LYS FA 367 25.00 86.35 65.64
CA LYS FA 367 26.03 85.87 64.71
C LYS FA 367 27.40 86.34 65.10
N THR FA 368 27.48 87.61 65.51
CA THR FA 368 28.75 88.17 65.94
C THR FA 368 29.21 87.48 67.21
N ALA FA 369 28.35 87.32 68.21
CA ALA FA 369 28.78 86.67 69.45
C ALA FA 369 29.35 85.28 69.23
N ILE FA 370 28.72 84.51 68.32
CA ILE FA 370 29.18 83.16 68.02
C ILE FA 370 30.53 83.21 67.32
N SER FA 371 30.63 84.07 66.32
CA SER FA 371 31.85 84.20 65.53
C SER FA 371 33.03 84.63 66.40
N ASP FA 372 32.82 85.61 67.28
CA ASP FA 372 33.90 86.07 68.14
C ASP FA 372 34.39 84.95 69.06
N ALA FA 373 33.46 84.18 69.65
CA ALA FA 373 33.88 83.10 70.52
C ALA FA 373 34.74 82.08 69.80
N LEU FA 374 34.37 81.77 68.55
CA LEU FA 374 35.12 80.80 67.77
C LEU FA 374 36.48 81.35 67.39
N ASP FA 375 36.52 82.62 66.97
CA ASP FA 375 37.75 83.24 66.53
C ASP FA 375 38.79 83.22 67.65
N VAL FA 376 38.36 83.49 68.89
CA VAL FA 376 39.29 83.44 70.01
C VAL FA 376 39.78 82.01 70.26
N PHE FA 377 38.87 81.03 70.26
CA PHE FA 377 39.27 79.65 70.51
C PHE FA 377 40.42 79.22 69.61
N ASN FA 378 40.29 79.54 68.33
CA ASN FA 378 41.28 79.14 67.33
C ASN FA 378 42.69 79.68 67.56
N GLU FA 379 42.87 80.75 68.35
CA GLU FA 379 44.19 81.35 68.54
C GLU FA 379 45.21 80.41 69.16
N ASP FA 380 44.78 79.36 69.83
CA ASP FA 380 45.74 78.46 70.48
C ASP FA 380 46.32 77.49 69.45
N PHE FA 381 45.70 77.37 68.29
CA PHE FA 381 46.11 76.39 67.29
C PHE FA 381 46.75 77.04 66.09
N GLU FA 382 46.30 78.25 65.77
CA GLU FA 382 46.75 79.07 64.65
C GLU FA 382 48.06 79.77 64.96
N GLY FA 383 48.56 80.52 63.97
CA GLY FA 383 49.86 81.22 64.05
C GLY FA 383 50.10 82.06 65.28
N ALA FA 384 49.03 82.51 65.96
CA ALA FA 384 49.19 83.32 67.17
C ALA FA 384 50.00 82.58 68.24
N ASP FA 385 49.81 81.27 68.35
CA ASP FA 385 50.51 80.37 69.27
C ASP FA 385 50.35 78.99 68.69
N LYS FA 386 51.19 78.59 67.78
CA LYS FA 386 50.75 77.51 66.91
C LYS FA 386 51.02 76.08 67.39
N ILE FA 387 50.03 75.48 68.09
CA ILE FA 387 50.10 74.07 68.49
C ILE FA 387 50.34 73.20 67.28
N GLU FA 388 49.72 73.57 66.16
CA GLU FA 388 49.86 72.76 64.95
C GLU FA 388 51.30 72.66 64.43
N SER FA 389 52.14 73.69 64.61
CA SER FA 389 53.49 73.58 64.08
C SER FA 389 54.36 72.82 65.04
N VAL FA 390 54.01 72.82 66.33
CA VAL FA 390 54.78 72.00 67.23
C VAL FA 390 54.64 70.56 66.86
N ALA FA 391 53.39 70.13 66.60
CA ALA FA 391 53.17 68.75 66.22
C ALA FA 391 53.91 68.41 64.93
N LYS FA 392 53.88 69.32 63.95
CA LYS FA 392 54.57 69.09 62.68
C LYS FA 392 56.07 68.92 62.90
N ASN FA 393 56.66 69.84 63.65
CA ASN FA 393 58.10 69.83 63.87
C ASN FA 393 58.55 68.61 64.62
N LEU FA 394 57.77 68.15 65.61
CA LEU FA 394 58.17 66.96 66.35
C LEU FA 394 58.23 65.75 65.42
N SER FA 395 57.28 65.66 64.48
CA SER FA 395 57.31 64.56 63.51
C SER FA 395 58.59 64.55 62.69
N ASP FA 396 58.99 65.71 62.14
CA ASP FA 396 60.20 65.76 61.31
C ASP FA 396 61.45 65.41 62.14
N LEU FA 397 61.51 65.92 63.37
CA LEU FA 397 62.63 65.68 64.25
C LEU FA 397 62.72 64.19 64.62
N LEU FA 398 61.57 63.56 64.81
CA LEU FA 398 61.51 62.16 65.18
C LEU FA 398 62.09 61.28 64.08
N ILE FA 399 61.77 61.57 62.83
CA ILE FA 399 62.38 60.81 61.75
C ILE FA 399 63.88 60.96 61.76
N LYS FA 400 64.36 62.21 61.90
CA LYS FA 400 65.80 62.45 61.87
C LYS FA 400 66.53 61.73 63.01
N ILE FA 401 65.96 61.69 64.22
CA ILE FA 401 66.72 61.03 65.27
C ILE FA 401 66.76 59.52 65.03
N LYS FA 402 65.67 58.92 64.55
CA LYS FA 402 65.72 57.50 64.26
C LYS FA 402 66.74 57.17 63.17
N GLN FA 403 66.88 58.06 62.18
CA GLN FA 403 67.85 57.81 61.11
C GLN FA 403 69.28 58.25 61.49
N ALA FA 404 69.45 59.04 62.56
CA ALA FA 404 70.76 59.53 63.00
C ALA FA 404 71.76 58.40 63.24
N ASP FA 405 71.25 57.26 63.72
CA ASP FA 405 72.01 56.04 63.97
C ASP FA 405 72.73 55.51 62.73
N THR FA 406 72.32 55.97 61.54
CA THR FA 406 72.93 55.56 60.29
C THR FA 406 74.42 55.79 60.32
N ASN FA 407 74.86 56.93 60.86
CA ASN FA 407 76.29 57.17 60.84
C ASN FA 407 76.99 57.87 62.00
N THR FA 408 76.30 58.41 63.04
CA THR FA 408 77.11 58.97 64.13
C THR FA 408 76.38 59.38 65.41
N LYS FA 409 77.12 59.19 66.52
CA LYS FA 409 76.74 59.60 67.87
C LYS FA 409 76.51 61.08 67.99
N VAL FA 410 77.10 61.82 67.07
CA VAL FA 410 76.98 63.26 67.02
C VAL FA 410 75.57 63.65 66.63
N GLU FA 411 75.02 62.94 65.65
CA GLU FA 411 73.68 63.27 65.16
C GLU FA 411 72.69 63.11 66.30
N ASN FA 412 72.91 62.09 67.12
CA ASN FA 412 72.01 61.81 68.25
C ASN FA 412 72.11 62.84 69.37
N VAL FA 413 72.99 63.82 69.23
CA VAL FA 413 73.13 64.94 70.15
C VAL FA 413 72.60 66.19 69.49
N LEU FA 414 73.05 66.41 68.26
CA LEU FA 414 72.67 67.60 67.55
C LEU FA 414 71.17 67.70 67.37
N SER FA 415 70.49 66.56 67.13
CA SER FA 415 69.04 66.56 66.90
C SER FA 415 68.23 67.14 68.07
N ILE FA 416 68.82 67.19 69.26
CA ILE FA 416 68.15 67.68 70.45
C ILE FA 416 68.61 69.09 70.85
N ASN FA 417 69.92 69.35 70.81
CA ASN FA 417 70.45 70.63 71.30
C ASN FA 417 71.00 71.61 70.25
N ALA FA 418 71.21 71.19 69.00
CA ALA FA 418 71.67 72.10 67.95
C ALA FA 418 70.48 72.38 67.08
N LEU FA 419 69.67 71.34 67.00
CA LEU FA 419 68.40 71.26 66.30
C LEU FA 419 67.34 71.46 67.36
N ASN FA 420 66.08 71.24 67.02
CA ASN FA 420 65.02 71.67 67.90
C ASN FA 420 64.28 70.70 68.85
N PHE FA 421 64.68 69.46 69.14
CA PHE FA 421 63.76 68.77 70.10
C PHE FA 421 63.59 69.50 71.43
N SER FA 422 64.66 70.05 72.00
CA SER FA 422 64.47 70.79 73.24
C SER FA 422 63.56 71.99 73.04
N ALA FA 423 63.82 72.73 71.98
CA ALA FA 423 63.10 73.96 71.65
C ALA FA 423 61.62 73.74 71.38
N GLU FA 424 61.26 72.60 70.77
CA GLU FA 424 59.83 72.37 70.46
C GLU FA 424 59.08 71.91 71.70
N PHE FA 425 59.67 71.06 72.54
CA PHE FA 425 58.88 70.64 73.71
C PHE FA 425 58.65 71.83 74.64
N GLU FA 426 59.56 72.78 74.63
CA GLU FA 426 59.42 73.95 75.46
C GLU FA 426 58.14 74.72 75.10
N LYS FA 427 57.75 74.68 73.82
CA LYS FA 427 56.61 75.49 73.39
C LYS FA 427 55.31 74.95 73.96
N LEU FA 428 55.34 73.75 74.54
CA LEU FA 428 54.13 73.21 75.12
C LEU FA 428 54.15 73.58 76.59
N LEU FA 429 55.31 73.36 77.23
CA LEU FA 429 55.52 73.74 78.63
C LEU FA 429 56.91 74.39 78.74
N THR FA 430 56.94 75.66 79.14
CA THR FA 430 58.18 76.46 79.14
C THR FA 430 59.36 75.88 79.94
N TYR FA 431 59.09 75.29 81.09
CA TYR FA 431 60.17 74.77 81.91
C TYR FA 431 59.72 73.62 82.78
N ASP FA 432 59.01 72.65 82.19
CA ASP FA 432 58.46 71.55 82.98
C ASP FA 432 59.53 70.83 83.78
N VAL FA 433 60.74 70.75 83.20
CA VAL FA 433 61.94 70.09 83.72
C VAL FA 433 62.39 70.63 85.08
N ASN FA 434 61.86 71.78 85.48
CA ASN FA 434 62.16 72.41 86.76
C ASN FA 434 61.86 71.50 87.95
N THR FA 435 60.90 70.58 87.82
CA THR FA 435 60.54 69.69 88.93
C THR FA 435 60.02 68.36 88.42
N GLY FA 436 60.01 67.34 89.30
CA GLY FA 436 59.47 66.03 88.91
C GLY FA 436 58.03 66.15 88.44
N LEU FA 437 57.27 67.01 89.09
CA LEU FA 437 55.92 67.29 88.63
C LEU FA 437 56.12 68.47 87.72
N THR FA 438 55.48 68.51 86.55
CA THR FA 438 55.74 69.66 85.70
C THR FA 438 55.53 70.95 86.46
N ALA FA 439 56.54 71.82 86.40
CA ALA FA 439 56.53 73.06 87.14
C ALA FA 439 57.07 74.20 86.29
N SER FA 440 57.06 75.40 86.87
CA SER FA 440 57.62 76.58 86.23
C SER FA 440 57.03 76.81 84.84
N VAL FA 441 55.74 76.58 84.70
CA VAL FA 441 55.11 76.76 83.41
C VAL FA 441 54.84 78.24 83.21
N THR FA 442 55.93 78.98 82.93
CA THR FA 442 55.92 80.43 82.69
C THR FA 442 55.02 80.76 81.53
N LEU FA 443 54.87 79.78 80.67
CA LEU FA 443 54.04 79.79 79.51
C LEU FA 443 53.66 78.35 79.23
N ASP FA 444 52.48 78.16 78.68
CA ASP FA 444 52.04 76.85 78.28
C ASP FA 444 50.99 76.96 77.19
N LEU FA 445 51.00 76.00 76.28
CA LEU FA 445 50.06 75.95 75.17
C LEU FA 445 48.79 75.19 75.50
N PHE FA 446 48.69 74.65 76.70
CA PHE FA 446 47.58 73.77 77.02
C PHE FA 446 46.49 74.34 77.92
N ALA FA 447 45.31 73.76 77.70
CA ALA FA 447 44.08 73.82 78.50
C ALA FA 447 43.37 75.17 78.59
N ASN FA 448 43.68 76.13 77.72
CA ASN FA 448 42.92 77.39 77.72
C ASN FA 448 41.59 77.17 76.99
N ILE FA 449 41.53 75.97 76.45
CA ILE FA 449 40.47 75.34 75.71
C ILE FA 449 39.23 75.26 76.55
N GLY FA 450 39.35 74.91 77.84
CA GLY FA 450 38.16 74.73 78.66
C GLY FA 450 37.24 75.95 78.65
N THR FA 451 37.81 77.10 79.04
CA THR FA 451 37.04 78.33 79.09
C THR FA 451 36.53 78.73 77.73
N ARG FA 452 37.38 78.61 76.72
CA ARG FA 452 36.97 79.03 75.40
C ARG FA 452 35.82 78.16 74.85
N LEU FA 453 35.80 76.84 75.14
CA LEU FA 453 34.67 76.04 74.69
C LEU FA 453 33.37 76.49 75.36
N ASP FA 454 33.44 76.83 76.66
CA ASP FA 454 32.25 77.31 77.34
C ASP FA 454 31.71 78.56 76.65
N ASP FA 455 32.60 79.48 76.23
CA ASP FA 455 32.18 80.72 75.58
C ASP FA 455 31.47 80.43 74.25
N ILE FA 456 31.99 79.45 73.50
CA ILE FA 456 31.39 79.09 72.22
C ILE FA 456 30.00 78.54 72.43
N ILE FA 457 29.86 77.60 73.36
CA ILE FA 457 28.55 77.00 73.55
C ILE FA 457 27.54 78.02 74.00
N ALA FA 458 27.93 78.86 74.96
CA ALA FA 458 26.98 79.84 75.42
C ALA FA 458 26.52 80.73 74.27
N ALA FA 459 27.45 81.17 73.42
CA ALA FA 459 27.04 82.01 72.29
C ALA FA 459 26.12 81.25 71.33
N VAL FA 460 26.41 79.98 71.05
CA VAL FA 460 25.61 79.22 70.10
C VAL FA 460 24.21 79.02 70.64
N SER FA 461 24.08 78.70 71.93
CA SER FA 461 22.78 78.46 72.54
C SER FA 461 21.84 79.63 72.40
N ALA FA 462 22.38 80.83 72.23
CA ALA FA 462 21.56 82.04 72.11
C ALA FA 462 20.74 82.02 70.85
N ALA FA 463 21.16 81.22 69.86
CA ALA FA 463 20.49 81.13 68.58
C ALA FA 463 19.34 80.14 68.58
N GLU FA 464 19.19 79.32 69.62
CA GLU FA 464 18.12 78.33 69.55
C GLU FA 464 16.72 78.93 69.32
N PRO FA 465 16.31 80.04 69.94
CA PRO FA 465 15.01 80.67 69.69
C PRO FA 465 15.02 81.67 68.53
N ILE FA 466 16.11 81.73 67.77
CA ILE FA 466 16.25 82.70 66.70
C ILE FA 466 16.05 82.05 65.35
N ASP FA 467 16.59 80.84 65.19
CA ASP FA 467 16.56 80.23 63.89
C ASP FA 467 15.32 79.40 63.62
N VAL FA 468 14.43 79.98 62.81
CA VAL FA 468 13.16 79.38 62.43
C VAL FA 468 13.18 78.61 61.07
N ASN FA 469 14.02 78.94 60.14
CA ASN FA 469 14.00 78.23 58.86
C ASN FA 469 15.18 77.39 58.35
N ASN FA 470 16.20 77.08 59.10
CA ASN FA 470 17.30 76.31 58.52
C ASN FA 470 17.39 74.87 59.01
N GLY FA 471 17.67 73.94 58.08
CA GLY FA 471 17.77 72.54 58.40
C GLY FA 471 19.19 72.12 58.78
N LYS FA 472 19.30 70.83 59.04
CA LYS FA 472 20.49 70.18 59.53
C LYS FA 472 21.77 70.39 58.70
N LEU FA 473 21.66 70.43 57.38
CA LEU FA 473 22.84 70.53 56.53
C LEU FA 473 23.21 71.95 56.14
N ASN FA 474 22.45 72.93 56.61
CA ASN FA 474 22.66 74.30 56.21
C ASN FA 474 24.04 74.79 56.60
N GLY FA 475 24.77 75.34 55.65
CA GLY FA 475 26.09 75.89 55.89
C GLY FA 475 27.22 74.89 55.79
N ARG FA 476 26.91 73.67 55.34
CA ARG FA 476 27.90 72.59 55.17
C ARG FA 476 28.29 72.34 53.70
N LEU FA 477 29.46 71.71 53.51
CA LEU FA 477 30.00 71.38 52.19
C LEU FA 477 29.40 70.10 51.59
N LEU FA 478 29.34 70.04 50.25
CA LEU FA 478 28.71 68.90 49.57
C LEU FA 478 29.41 67.59 49.93
N SER FA 479 30.74 67.58 49.92
CA SER FA 479 31.47 66.37 50.25
C SER FA 479 31.17 65.91 51.68
N ASP FA 480 30.99 66.86 52.59
CA ASP FA 480 30.73 66.55 53.99
C ASP FA 480 29.45 65.75 54.19
N ILE FA 481 28.40 66.07 53.46
CA ILE FA 481 27.12 65.38 53.63
C ILE FA 481 27.10 63.91 53.20
N GLU FA 482 28.03 63.51 52.34
CA GLU FA 482 27.99 62.17 51.77
C GLU FA 482 27.86 61.08 52.82
N PRO FA 483 28.61 61.12 53.92
CA PRO FA 483 28.42 60.14 54.99
C PRO FA 483 27.07 60.21 55.65
N LEU FA 484 26.61 61.43 55.96
CA LEU FA 484 25.33 61.65 56.66
C LEU FA 484 24.11 61.28 55.82
N ASP FA 485 24.11 61.66 54.55
CA ASP FA 485 22.99 61.38 53.66
C ASP FA 485 23.53 60.92 52.31
N ASN FA 486 22.81 60.04 51.62
CA ASN FA 486 23.29 59.59 50.33
C ASN FA 486 22.29 59.77 49.22
N ALA FA 487 21.01 59.64 49.52
CA ALA FA 487 20.02 59.80 48.48
C ALA FA 487 20.04 61.22 47.97
N THR FA 488 20.14 62.16 48.90
CA THR FA 488 20.15 63.57 48.55
C THR FA 488 21.43 63.91 47.81
N TYR FA 489 22.55 63.39 48.29
CA TYR FA 489 23.84 63.62 47.68
C TYR FA 489 23.86 63.20 46.23
N ASN FA 490 23.43 61.98 45.95
CA ASN FA 490 23.44 61.50 44.58
C ASN FA 490 22.48 62.30 43.70
N THR FA 491 21.34 62.70 44.25
CA THR FA 491 20.38 63.50 43.50
C THR FA 491 20.99 64.82 43.08
N ILE FA 492 21.70 65.48 44.01
CA ILE FA 492 22.32 66.75 43.72
C ILE FA 492 23.35 66.62 42.62
N LEU FA 493 24.19 65.59 42.67
CA LEU FA 493 25.18 65.44 41.62
C LEU FA 493 24.55 65.24 40.25
N LEU FA 494 23.48 64.45 40.19
CA LEU FA 494 22.79 64.28 38.92
C LEU FA 494 22.25 65.58 38.38
N GLU FA 495 21.73 66.43 39.25
CA GLU FA 495 21.17 67.70 38.79
C GLU FA 495 22.30 68.63 38.31
N ILE FA 496 23.44 68.64 39.00
CA ILE FA 496 24.56 69.52 38.60
C ILE FA 496 25.03 69.17 37.21
N ASN FA 497 25.14 67.88 36.92
CA ASN FA 497 25.67 67.42 35.66
C ASN FA 497 24.68 67.60 34.50
N SER FA 498 23.48 68.12 34.75
CA SER FA 498 22.55 68.36 33.66
C SER FA 498 22.86 69.64 32.90
N HIS FA 499 23.74 70.49 33.43
CA HIS FA 499 24.04 71.76 32.80
C HIS FA 499 25.20 71.65 31.79
N LYS FA 500 24.96 72.10 30.56
CA LYS FA 500 25.96 71.96 29.51
C LYS FA 500 26.63 73.29 29.11
N VAL FA 501 27.80 73.14 28.50
CA VAL FA 501 28.67 74.20 27.99
C VAL FA 501 28.19 74.75 26.64
N THR FA 502 28.28 76.08 26.42
CA THR FA 502 27.93 76.74 25.16
C THR FA 502 29.15 77.48 24.60
N LEU FA 503 29.46 77.28 23.32
CA LEU FA 503 30.65 77.85 22.69
C LEU FA 503 30.41 78.60 21.36
N PRO FA 504 31.24 79.61 21.05
CA PRO FA 504 31.31 80.24 19.73
C PRO FA 504 31.66 79.16 18.73
N PRO FA 505 31.21 79.26 17.47
CA PRO FA 505 31.40 78.21 16.43
C PRO FA 505 32.80 78.07 15.77
N SER FA 506 33.67 79.08 15.83
CA SER FA 506 34.95 79.04 15.13
C SER FA 506 35.85 77.82 15.36
N SER FA 507 35.87 77.23 16.55
CA SER FA 507 36.76 76.10 16.76
C SER FA 507 36.26 74.83 16.07
N SER FA 508 34.95 74.75 15.83
CA SER FA 508 34.40 73.58 15.21
C SER FA 508 34.61 73.70 13.73
N MET FA 509 34.62 74.93 13.25
CA MET FA 509 34.84 75.13 11.85
C MET FA 509 36.25 74.77 11.46
N ALA FA 510 37.23 75.10 12.31
CA ALA FA 510 38.60 74.71 11.99
C ALA FA 510 38.71 73.19 11.84
N GLY FA 511 38.00 72.46 12.71
CA GLY FA 511 37.93 71.01 12.60
C GLY FA 511 37.33 70.57 11.28
N ALA FA 512 36.17 71.15 10.92
CA ALA FA 512 35.50 70.83 9.68
C ALA FA 512 36.36 71.12 8.45
N TYR FA 513 37.13 72.21 8.49
CA TYR FA 513 38.00 72.52 7.35
C TYR FA 513 38.99 71.39 7.15
N ALA FA 514 39.57 70.86 8.24
CA ALA FA 514 40.52 69.78 8.12
C ALA FA 514 39.92 68.54 7.46
N ARG FA 515 38.68 68.19 7.82
CA ARG FA 515 38.03 67.04 7.21
C ARG FA 515 37.89 67.20 5.71
N VAL FA 516 37.39 68.35 5.29
CA VAL FA 516 37.16 68.57 3.87
C VAL FA 516 38.47 68.54 3.09
N ASP FA 517 39.52 69.16 3.61
CA ASP FA 517 40.80 69.17 2.92
C ASP FA 517 41.34 67.76 2.72
N ASN FA 518 41.09 66.85 3.66
CA ASN FA 518 41.57 65.47 3.50
C ASN FA 518 40.68 64.62 2.61
N ASP FA 519 39.35 64.79 2.69
CA ASP FA 519 38.42 64.01 1.88
C ASP FA 519 38.35 64.41 0.42
N ARG FA 520 38.39 65.70 0.11
CA ARG FA 520 38.23 66.15 -1.25
C ARG FA 520 39.33 67.08 -1.76
N GLY FA 521 39.88 67.91 -0.89
CA GLY FA 521 40.89 68.88 -1.31
C GLY FA 521 40.51 70.31 -0.98
N VAL FA 522 41.52 71.20 -0.94
CA VAL FA 522 41.36 72.60 -0.57
C VAL FA 522 40.41 73.39 -1.47
N TRP FA 523 40.14 72.89 -2.67
CA TRP FA 523 39.23 73.58 -3.58
C TRP FA 523 37.77 73.20 -3.39
N LYS FA 524 37.47 72.33 -2.44
CA LYS FA 524 36.10 71.93 -2.13
C LYS FA 524 35.49 72.85 -1.08
N SER FA 525 34.29 73.33 -1.33
CA SER FA 525 33.59 74.16 -0.34
C SER FA 525 33.28 73.45 0.99
N PRO FA 526 33.56 74.11 2.14
CA PRO FA 526 33.22 73.68 3.52
C PRO FA 526 31.73 73.56 3.86
N ALA FA 527 30.83 74.06 3.04
CA ALA FA 527 29.40 74.01 3.36
C ALA FA 527 28.80 72.61 3.20
N ASN FA 528 27.62 72.43 3.83
CA ASN FA 528 26.81 71.21 3.84
C ASN FA 528 27.53 70.05 4.53
N ILE FA 529 28.23 70.38 5.61
CA ILE FA 529 28.97 69.44 6.42
C ILE FA 529 28.41 69.48 7.85
N GLY FA 530 28.15 68.32 8.42
CA GLY FA 530 27.59 68.23 9.76
C GLY FA 530 28.65 68.41 10.85
N LEU FA 531 28.20 68.88 12.01
CA LEU FA 531 29.07 69.10 13.16
C LEU FA 531 28.90 68.02 14.23
N ASN FA 532 29.99 67.63 14.86
CA ASN FA 532 29.94 66.66 15.95
C ASN FA 532 29.84 67.36 17.28
N TYR FA 533 29.22 66.67 18.24
CA TYR FA 533 29.04 67.17 19.61
C TYR FA 533 28.20 68.43 19.68
N VAL FA 534 27.22 68.57 18.80
CA VAL FA 534 26.37 69.75 18.84
C VAL FA 534 24.93 69.30 18.98
N SER FA 535 24.28 69.80 20.01
CA SER FA 535 22.88 69.47 20.22
C SER FA 535 22.00 70.35 19.37
N LYS FA 536 22.35 71.62 19.33
CA LYS FA 536 21.57 72.59 18.58
C LYS FA 536 22.31 73.94 18.50
N PRO FA 537 21.93 74.79 17.52
CA PRO FA 537 22.27 76.21 17.47
C PRO FA 537 21.61 76.90 18.66
N SER FA 538 22.26 77.94 19.19
CA SER FA 538 21.71 78.69 20.33
C SER FA 538 20.39 79.37 20.00
N VAL FA 539 20.24 79.87 18.77
CA VAL FA 539 19.02 80.54 18.33
C VAL FA 539 18.59 79.99 16.98
N THR FA 540 17.32 80.18 16.64
CA THR FA 540 16.81 79.77 15.34
C THR FA 540 16.70 80.97 14.42
N VAL FA 541 17.26 80.85 13.22
CA VAL FA 541 17.28 81.94 12.27
C VAL FA 541 16.31 81.65 11.14
N SER FA 542 15.32 82.52 10.94
CA SER FA 542 14.26 82.37 9.94
C SER FA 542 14.77 82.69 8.55
N HIS FA 543 13.98 82.33 7.53
CA HIS FA 543 14.37 82.62 6.15
C HIS FA 543 14.45 84.11 5.87
N GLU FA 544 13.56 84.88 6.46
CA GLU FA 544 13.56 86.31 6.26
C GLU FA 544 14.87 86.90 6.71
N GLU FA 545 15.40 86.39 7.81
CA GLU FA 545 16.67 86.85 8.33
C GLU FA 545 17.83 86.33 7.51
N GLN FA 546 17.77 85.06 7.14
CA GLN FA 546 18.85 84.41 6.44
C GLN FA 546 19.21 85.06 5.12
N GLU FA 547 18.25 85.61 4.40
CA GLU FA 547 18.59 86.26 3.15
C GLU FA 547 19.54 87.43 3.33
N SER FA 548 19.47 88.14 4.48
CA SER FA 548 20.32 89.30 4.71
C SER FA 548 21.72 88.90 5.18
N MET FA 549 21.91 87.63 5.49
CA MET FA 549 23.19 87.14 5.92
C MET FA 549 23.99 86.77 4.70
N ASN FA 550 23.30 86.30 3.67
CA ASN FA 550 23.96 85.86 2.45
C ASN FA 550 24.24 86.98 1.45
N VAL FA 551 23.28 87.87 1.25
CA VAL FA 551 23.45 88.96 0.32
C VAL FA 551 23.16 90.26 1.04
N HIS FA 552 24.07 91.21 0.95
CA HIS FA 552 23.93 92.46 1.66
C HIS FA 552 24.71 93.57 0.96
N GLY FA 553 24.20 94.80 1.09
CA GLY FA 553 24.84 95.97 0.47
C GLY FA 553 26.31 96.16 0.81
N THR FA 554 26.76 95.74 1.98
CA THR FA 554 28.16 95.89 2.35
C THR FA 554 29.08 94.76 1.88
N GLY FA 555 28.54 93.62 1.47
CA GLY FA 555 29.31 92.45 1.08
C GLY FA 555 29.79 91.62 2.27
N LYS FA 556 29.51 92.07 3.47
CA LYS FA 556 29.96 91.42 4.69
C LYS FA 556 29.02 90.30 5.10
N SER FA 557 29.07 89.25 4.31
CA SER FA 557 28.26 88.06 4.49
C SER FA 557 28.60 87.31 5.75
N VAL FA 558 27.60 86.63 6.30
CA VAL FA 558 27.80 85.77 7.48
C VAL FA 558 27.24 84.38 7.16
N ASN FA 559 28.01 83.33 7.39
CA ASN FA 559 27.54 81.98 7.09
C ASN FA 559 26.65 81.50 8.23
N ALA FA 560 25.62 80.70 7.92
CA ALA FA 560 24.67 80.30 8.96
C ALA FA 560 24.82 78.87 9.44
N ILE FA 561 24.56 78.66 10.72
CA ILE FA 561 24.49 77.32 11.27
C ILE FA 561 23.01 76.98 11.45
N ARG FA 562 22.56 75.87 10.84
CA ARG FA 562 21.14 75.51 10.83
C ARG FA 562 20.83 74.06 11.19
N SER FA 563 19.65 73.86 11.77
CA SER FA 563 19.14 72.53 12.09
C SER FA 563 18.15 72.05 11.03
N PHE FA 564 18.36 70.85 10.50
CA PHE FA 564 17.47 70.28 9.50
C PHE FA 564 16.83 68.99 10.00
N VAL FA 565 15.59 68.77 9.61
CA VAL FA 565 14.85 67.60 10.08
C VAL FA 565 15.46 66.32 9.56
N GLY FA 566 15.78 65.42 10.48
CA GLY FA 566 16.36 64.13 10.17
C GLY FA 566 17.86 64.19 9.94
N LYS FA 567 18.47 65.36 10.02
CA LYS FA 567 19.90 65.48 9.76
C LYS FA 567 20.70 66.05 10.92
N GLY FA 568 20.14 66.99 11.66
CA GLY FA 568 20.89 67.64 12.71
C GLY FA 568 21.48 68.94 12.24
N THR FA 569 22.56 69.38 12.88
CA THR FA 569 23.10 70.71 12.61
C THR FA 569 24.15 70.71 11.50
N LEU FA 570 23.88 71.53 10.46
CA LEU FA 570 24.74 71.68 9.28
C LEU FA 570 25.24 73.12 9.08
N VAL FA 571 26.37 73.24 8.40
CA VAL FA 571 26.90 74.54 7.99
C VAL FA 571 26.26 74.93 6.65
N TRP FA 572 25.57 76.06 6.61
CA TRP FA 572 24.85 76.47 5.41
C TRP FA 572 25.43 77.77 4.79
N GLY FA 573 26.16 77.64 3.70
CA GLY FA 573 26.84 78.77 3.07
C GLY FA 573 28.34 78.78 3.32
N ALA FA 574 29.10 79.28 2.35
CA ALA FA 574 30.57 79.32 2.45
C ALA FA 574 31.19 80.52 1.76
N ARG FA 575 30.75 81.72 2.12
CA ARG FA 575 31.27 82.92 1.50
C ARG FA 575 32.20 83.69 2.44
N THR FA 576 33.02 84.55 1.83
CA THR FA 576 33.99 85.42 2.48
C THR FA 576 33.36 86.77 2.85
N LEU FA 577 34.12 87.60 3.57
CA LEU FA 577 33.65 88.94 3.95
C LEU FA 577 33.67 89.95 2.79
N ALA FA 578 33.97 89.49 1.59
CA ALA FA 578 33.93 90.26 0.36
C ALA FA 578 33.03 89.49 -0.59
N GLY FA 579 31.82 89.19 -0.11
CA GLY FA 579 30.88 88.27 -0.72
C GLY FA 579 30.24 88.72 -2.02
N ASN FA 580 30.41 89.98 -2.39
CA ASN FA 580 29.85 90.44 -3.65
C ASN FA 580 30.94 90.55 -4.69
N ASP FA 581 32.18 90.22 -4.32
CA ASP FA 581 33.28 90.36 -5.24
C ASP FA 581 33.19 89.33 -6.34
N ASN FA 582 33.57 89.73 -7.54
CA ASN FA 582 33.54 88.82 -8.68
C ASN FA 582 34.61 87.74 -8.64
N GLU FA 583 35.73 87.96 -7.94
CA GLU FA 583 36.77 86.94 -7.92
C GLU FA 583 36.90 86.22 -6.59
N TRP FA 584 36.76 86.97 -5.48
CA TRP FA 584 37.05 86.44 -4.14
C TRP FA 584 35.87 86.20 -3.20
N ARG FA 585 34.66 85.97 -3.71
CA ARG FA 585 33.52 85.74 -2.82
C ARG FA 585 33.48 84.36 -2.16
N TYR FA 586 34.13 83.35 -2.73
CA TYR FA 586 34.06 82.03 -2.13
C TYR FA 586 35.29 81.71 -1.31
N ILE FA 587 35.07 81.00 -0.21
CA ILE FA 587 36.17 80.62 0.67
C ILE FA 587 37.13 79.69 -0.04
N SER FA 588 36.61 78.68 -0.72
CA SER FA 588 37.43 77.68 -1.40
C SER FA 588 38.30 78.26 -2.49
N VAL FA 589 37.84 79.32 -3.14
CA VAL FA 589 38.66 79.92 -4.17
C VAL FA 589 39.85 80.61 -3.56
N ARG FA 590 39.63 81.40 -2.51
CA ARG FA 590 40.72 82.09 -1.83
C ARG FA 590 41.72 81.14 -1.18
N ARG FA 591 41.25 80.06 -0.58
CA ARG FA 591 42.16 79.13 0.04
C ARG FA 591 42.98 78.37 -0.99
N PHE FA 592 42.37 78.00 -2.13
CA PHE FA 592 43.11 77.33 -3.19
C PHE FA 592 44.30 78.17 -3.64
N PHE FA 593 44.06 79.46 -3.91
CA PHE FA 593 45.15 80.31 -4.33
C PHE FA 593 46.24 80.40 -3.28
N ASN FA 594 45.91 80.54 -2.00
CA ASN FA 594 46.99 80.64 -1.02
C ASN FA 594 47.88 79.41 -1.08
N MET FA 595 47.28 78.23 -1.21
CA MET FA 595 48.01 76.98 -1.30
C MET FA 595 48.88 76.92 -2.54
N ALA FA 596 48.29 77.19 -3.70
CA ALA FA 596 49.03 77.07 -4.94
C ALA FA 596 50.21 78.02 -4.99
N GLU FA 597 50.02 79.24 -4.50
CA GLU FA 597 51.09 80.22 -4.54
C GLU FA 597 52.25 79.83 -3.65
N GLU FA 598 51.96 79.31 -2.45
CA GLU FA 598 53.04 78.87 -1.56
C GLU FA 598 53.86 77.75 -2.18
N SER FA 599 53.20 76.77 -2.80
CA SER FA 599 53.92 75.65 -3.39
C SER FA 599 54.83 76.09 -4.53
N ILE FA 600 54.34 77.00 -5.39
CA ILE FA 600 55.18 77.45 -6.47
C ILE FA 600 56.35 78.24 -5.93
N LYS FA 601 56.10 79.13 -4.97
CA LYS FA 601 57.17 79.93 -4.39
C LYS FA 601 58.32 79.06 -3.89
N LYS FA 602 57.99 77.97 -3.19
CA LYS FA 602 59.05 77.08 -2.72
C LYS FA 602 59.81 76.42 -3.87
N ALA FA 603 59.08 75.97 -4.89
CA ALA FA 603 59.71 75.33 -6.03
C ALA FA 603 60.72 76.23 -6.76
N THR FA 604 60.49 77.54 -6.76
CA THR FA 604 61.39 78.45 -7.48
C THR FA 604 62.62 78.88 -6.67
N GLU FA 605 62.75 78.47 -5.40
CA GLU FA 605 63.90 78.91 -4.62
C GLU FA 605 65.23 78.42 -5.18
N GLN FA 606 65.22 77.26 -5.81
CA GLN FA 606 66.42 76.66 -6.38
C GLN FA 606 67.05 77.48 -7.50
N PHE FA 607 66.35 78.47 -8.06
CA PHE FA 607 66.89 79.28 -9.14
C PHE FA 607 67.34 80.67 -8.70
N VAL FA 608 67.32 80.97 -7.41
CA VAL FA 608 67.57 82.35 -6.98
C VAL FA 608 68.92 82.93 -7.37
N PHE FA 609 69.99 82.15 -7.30
CA PHE FA 609 71.29 82.71 -7.65
C PHE FA 609 71.80 82.25 -9.01
N GLU FA 610 70.91 81.79 -9.87
CA GLU FA 610 71.29 81.35 -11.21
C GLU FA 610 71.44 82.58 -12.12
N PRO FA 611 72.21 82.45 -13.23
CA PRO FA 611 72.33 83.51 -14.25
C PRO FA 611 70.97 83.87 -14.81
N ASN FA 612 70.79 85.15 -15.12
CA ASN FA 612 69.50 85.63 -15.64
C ASN FA 612 69.59 85.68 -17.16
N ASP FA 613 69.22 84.56 -17.79
CA ASP FA 613 69.31 84.39 -19.24
C ASP FA 613 68.35 83.28 -19.66
N GLY FA 614 68.29 83.03 -20.97
CA GLY FA 614 67.38 82.06 -21.59
C GLY FA 614 67.47 80.64 -21.04
N ASN FA 615 68.66 80.21 -20.61
CA ASN FA 615 68.84 78.87 -20.10
C ASN FA 615 68.23 78.67 -18.72
N THR FA 616 67.85 79.74 -18.06
CA THR FA 616 67.21 79.67 -16.77
C THR FA 616 65.73 79.89 -16.96
N TRP FA 617 65.38 80.85 -17.80
CA TRP FA 617 63.98 81.19 -18.00
C TRP FA 617 63.18 79.97 -18.43
N VAL FA 618 63.75 79.17 -19.32
CA VAL FA 618 63.12 77.95 -19.80
C VAL FA 618 62.94 76.88 -18.72
N ARG FA 619 63.89 76.76 -17.79
CA ARG FA 619 63.81 75.80 -16.72
C ARG FA 619 62.74 76.18 -15.71
N VAL FA 620 62.59 77.48 -15.42
CA VAL FA 620 61.58 77.97 -14.51
C VAL FA 620 60.20 77.70 -15.08
N ARG FA 621 60.02 77.97 -16.37
CA ARG FA 621 58.73 77.66 -16.99
C ARG FA 621 58.38 76.20 -16.93
N ALA FA 622 59.30 75.31 -17.28
CA ALA FA 622 58.95 73.90 -17.30
C ALA FA 622 58.48 73.40 -15.95
N MET FA 623 59.16 73.85 -14.90
CA MET FA 623 58.80 73.44 -13.56
C MET FA 623 57.42 73.92 -13.13
N ILE FA 624 57.11 75.19 -13.39
CA ILE FA 624 55.81 75.72 -12.99
C ILE FA 624 54.71 74.99 -13.72
N GLU FA 625 54.89 74.75 -15.03
CA GLU FA 625 53.88 74.05 -15.81
C GLU FA 625 53.63 72.65 -15.27
N ASN FA 626 54.68 71.94 -14.83
CA ASN FA 626 54.48 70.61 -14.28
C ASN FA 626 53.64 70.64 -13.01
N PHE FA 627 53.85 71.63 -12.15
CA PHE FA 627 53.02 71.75 -10.96
C PHE FA 627 51.56 71.93 -11.34
N LEU FA 628 51.31 72.86 -12.25
CA LEU FA 628 49.95 73.20 -12.63
C LEU FA 628 49.24 72.08 -13.38
N ILE FA 629 49.95 71.30 -14.20
CA ILE FA 629 49.26 70.25 -14.92
C ILE FA 629 48.73 69.21 -13.93
N LEU FA 630 49.45 68.95 -12.83
CA LEU FA 630 48.96 68.01 -11.84
C LEU FA 630 47.70 68.53 -11.16
N GLN FA 631 47.66 69.84 -10.86
CA GLN FA 631 46.49 70.42 -10.23
C GLN FA 631 45.27 70.35 -11.14
N TRP FA 632 45.51 70.50 -12.44
CA TRP FA 632 44.46 70.39 -13.42
C TRP FA 632 43.88 68.98 -13.45
N ARG FA 633 44.74 67.96 -13.49
CA ARG FA 633 44.26 66.58 -13.52
C ARG FA 633 43.48 66.23 -12.25
N ALA FA 634 43.89 66.81 -11.13
CA ALA FA 634 43.27 66.62 -9.83
C ALA FA 634 41.88 67.22 -9.71
N GLY FA 635 41.49 68.10 -10.63
CA GLY FA 635 40.19 68.74 -10.56
C GLY FA 635 40.14 70.13 -9.93
N ALA FA 636 41.27 70.79 -9.73
CA ALA FA 636 41.23 72.13 -9.13
C ALA FA 636 41.00 73.21 -10.17
N LEU FA 637 41.59 73.02 -11.35
CA LEU FA 637 41.54 74.02 -12.41
C LEU FA 637 40.51 73.63 -13.46
N ALA FA 638 39.91 74.64 -14.03
CA ALA FA 638 38.91 74.53 -15.09
C ALA FA 638 39.57 74.42 -16.46
N GLY FA 639 38.83 73.92 -17.46
CA GLY FA 639 39.35 73.87 -18.86
C GLY FA 639 39.46 72.48 -19.44
N ALA FA 640 38.99 72.32 -20.69
CA ALA FA 640 38.99 71.05 -21.43
C ALA FA 640 40.40 70.49 -21.70
N LYS FA 641 41.35 71.37 -21.94
CA LYS FA 641 42.73 71.00 -22.18
C LYS FA 641 43.56 72.13 -21.56
N PRO FA 642 44.86 71.91 -21.25
CA PRO FA 642 45.74 72.88 -20.57
C PRO FA 642 45.72 74.28 -21.15
N GLU FA 643 45.55 74.40 -22.46
CA GLU FA 643 45.48 75.71 -23.11
C GLU FA 643 44.36 76.61 -22.60
N HIS FA 644 43.38 76.02 -21.93
CA HIS FA 644 42.26 76.76 -21.40
C HIS FA 644 42.27 76.82 -19.89
N ALA FA 645 43.25 76.21 -19.26
CA ALA FA 645 43.33 76.14 -17.81
C ALA FA 645 44.36 77.09 -17.24
N PHE FA 646 45.51 77.17 -17.89
CA PHE FA 646 46.56 78.00 -17.34
C PHE FA 646 47.61 78.43 -18.36
N TYR FA 647 48.38 79.44 -17.99
CA TYR FA 647 49.54 79.78 -18.80
C TYR FA 647 50.65 80.36 -17.94
N VAL FA 648 51.88 80.30 -18.46
CA VAL FA 648 53.07 80.89 -17.84
C VAL FA 648 53.87 81.64 -18.90
N LYS FA 649 54.22 82.91 -18.65
CA LYS FA 649 55.02 83.69 -19.61
C LYS FA 649 56.28 84.26 -18.98
N VAL FA 650 57.43 83.99 -19.61
CA VAL FA 650 58.70 84.51 -19.12
C VAL FA 650 59.56 84.95 -20.29
N GLY FA 651 60.12 86.15 -20.26
CA GLY FA 651 61.06 86.47 -21.32
C GLY FA 651 61.33 87.95 -21.52
N LEU FA 652 62.44 88.24 -22.19
CA LEU FA 652 62.75 89.62 -22.44
C LEU FA 652 61.94 90.01 -23.63
N GLY FA 653 61.27 91.14 -23.52
CA GLY FA 653 60.36 91.59 -24.52
C GLY FA 653 58.95 91.12 -24.26
N GLN FA 654 58.77 90.22 -23.29
CA GLN FA 654 57.46 89.72 -22.93
C GLN FA 654 57.08 90.21 -21.55
N THR FA 655 57.95 89.93 -20.59
CA THR FA 655 57.73 90.30 -19.20
C THR FA 655 58.85 91.17 -18.64
N MET FA 656 60.02 91.16 -19.28
CA MET FA 656 61.22 91.86 -18.81
C MET FA 656 61.81 92.84 -19.82
N THR FA 657 62.52 93.84 -19.30
CA THR FA 657 63.25 94.71 -20.21
C THR FA 657 64.75 94.74 -19.87
N ALA FA 658 65.51 95.52 -20.65
CA ALA FA 658 66.97 95.57 -20.47
C ALA FA 658 67.34 96.03 -19.08
N GLN FA 659 66.55 96.97 -18.54
CA GLN FA 659 66.80 97.50 -17.23
C GLN FA 659 66.63 96.45 -16.14
N ASP FA 660 65.77 95.47 -16.33
CA ASP FA 660 65.55 94.47 -15.30
C ASP FA 660 66.71 93.53 -15.30
N ILE FA 661 67.28 93.30 -16.47
CA ILE FA 661 68.42 92.42 -16.50
C ILE FA 661 69.55 93.10 -15.73
N LEU FA 662 69.71 94.41 -15.92
CA LEU FA 662 70.75 95.16 -15.24
C LEU FA 662 70.53 95.21 -13.72
N GLU FA 663 69.27 95.38 -13.29
CA GLU FA 663 68.92 95.40 -11.87
C GLU FA 663 69.06 94.03 -11.22
N GLY FA 664 68.77 92.98 -11.97
CA GLY FA 664 68.79 91.62 -11.46
C GLY FA 664 67.39 91.08 -11.18
N ASN FA 665 66.38 91.60 -11.85
CA ASN FA 665 65.02 91.16 -11.66
C ASN FA 665 64.62 90.10 -12.68
N MET FA 666 63.66 89.27 -12.30
CA MET FA 666 63.08 88.31 -13.24
C MET FA 666 61.58 88.30 -13.05
N ASN FA 667 60.85 88.54 -14.14
CA ASN FA 667 59.40 88.66 -14.09
C ASN FA 667 58.67 87.46 -14.70
N VAL FA 668 57.87 86.79 -13.88
CA VAL FA 668 57.12 85.63 -14.35
C VAL FA 668 55.62 85.88 -14.22
N GLU FA 669 54.89 85.74 -15.32
CA GLU FA 669 53.45 85.97 -15.30
C GLU FA 669 52.67 84.67 -15.41
N ILE FA 670 51.71 84.48 -14.51
CA ILE FA 670 50.91 83.24 -14.44
C ILE FA 670 49.42 83.55 -14.40
N GLY FA 671 48.62 82.82 -15.17
CA GLY FA 671 47.17 82.96 -15.13
C GLY FA 671 46.55 81.61 -14.83
N LEU FA 672 45.37 81.62 -14.15
CA LEU FA 672 44.68 80.37 -13.77
C LEU FA 672 43.16 80.42 -13.86
N ALA FA 673 42.53 79.42 -14.46
CA ALA FA 673 41.07 79.30 -14.47
C ALA FA 673 40.64 78.34 -13.38
N VAL FA 674 39.75 78.75 -12.47
CA VAL FA 674 39.45 77.85 -11.36
C VAL FA 674 37.98 77.44 -11.33
N VAL FA 675 37.73 76.34 -10.65
CA VAL FA 675 36.41 75.77 -10.48
C VAL FA 675 35.65 76.45 -9.34
N ARG FA 676 34.38 76.81 -9.60
CA ARG FA 676 33.51 77.44 -8.62
C ARG FA 676 32.30 76.53 -8.33
N PRO FA 677 31.73 76.55 -7.12
CA PRO FA 677 30.61 75.70 -6.66
C PRO FA 677 29.23 76.09 -7.16
N ALA FA 678 28.32 75.12 -7.16
CA ALA FA 678 26.91 75.42 -7.42
C ALA FA 678 26.20 75.74 -6.11
N GLU FA 679 25.41 76.82 -6.09
CA GLU FA 679 24.64 77.17 -4.90
C GLU FA 679 23.14 77.03 -5.10
N PHE FA 680 22.65 77.10 -6.32
CA PHE FA 680 21.22 77.09 -6.54
C PHE FA 680 20.83 76.05 -7.56
N ILE FA 681 19.66 75.47 -7.38
CA ILE FA 681 19.09 74.51 -8.32
C ILE FA 681 17.74 74.97 -8.79
N ILE FA 682 17.58 75.09 -10.10
CA ILE FA 682 16.32 75.54 -10.66
C ILE FA 682 15.68 74.45 -11.51
N LEU FA 683 14.45 74.10 -11.18
CA LEU FA 683 13.73 73.08 -11.92
C LEU FA 683 12.64 73.66 -12.80
N LYS FA 684 12.35 72.95 -13.88
CA LYS FA 684 11.29 73.30 -14.81
C LYS FA 684 10.62 72.02 -15.30
N PHE FA 685 9.30 72.05 -15.48
CA PHE FA 685 8.58 70.89 -15.98
C PHE FA 685 7.75 71.24 -17.20
N SER FA 686 7.64 70.32 -18.16
CA SER FA 686 6.76 70.50 -19.31
C SER FA 686 6.24 69.14 -19.72
N HIS FA 687 5.11 69.13 -20.41
CA HIS FA 687 4.45 67.89 -20.78
C HIS FA 687 3.94 67.84 -22.21
N LYS FA 688 3.68 66.62 -22.66
CA LYS FA 688 3.00 66.33 -23.91
C LYS FA 688 1.97 65.23 -23.67
N MET FA 689 0.95 65.18 -24.50
CA MET FA 689 -0.04 64.12 -24.41
C MET FA 689 0.42 62.92 -25.23
N GLN FA 690 0.13 61.73 -24.74
CA GLN FA 690 0.52 60.54 -25.47
C GLN FA 690 -0.11 60.54 -26.86
N THR GA 3 17.53 86.38 -9.52
CA THR GA 3 18.33 86.58 -8.32
C THR GA 3 17.87 85.76 -7.15
N TYR GA 4 18.78 84.97 -6.63
CA TYR GA 4 18.49 84.17 -5.46
C TYR GA 4 19.49 84.57 -4.41
N LYS GA 5 19.09 84.48 -3.15
CA LYS GA 5 19.99 84.85 -2.07
C LYS GA 5 20.34 83.71 -1.13
N THR GA 6 19.44 82.75 -0.99
CA THR GA 6 19.62 81.65 -0.06
C THR GA 6 19.84 80.35 -0.85
N PRO GA 7 20.89 79.57 -0.57
CA PRO GA 7 21.13 78.29 -1.22
C PRO GA 7 19.91 77.40 -1.09
N GLY GA 8 19.52 76.73 -2.16
CA GLY GA 8 18.35 75.88 -2.07
C GLY GA 8 17.88 75.42 -3.43
N VAL GA 9 16.76 74.72 -3.43
CA VAL GA 9 16.16 74.20 -4.64
C VAL GA 9 14.93 75.01 -4.95
N TYR GA 10 14.89 75.57 -6.14
CA TYR GA 10 13.77 76.42 -6.53
C TYR GA 10 13.06 75.84 -7.73
N ILE GA 11 11.76 76.07 -7.79
CA ILE GA 11 10.93 75.64 -8.89
C ILE GA 11 10.38 76.86 -9.57
N GLU GA 12 10.59 76.97 -10.88
CA GLU GA 12 10.15 78.15 -11.61
C GLU GA 12 9.32 77.76 -12.82
N GLU GA 13 8.26 78.53 -13.09
CA GLU GA 13 7.41 78.34 -14.26
C GLU GA 13 8.07 78.83 -15.53
N ILE GA 14 8.73 79.98 -15.46
CA ILE GA 14 9.33 80.60 -16.63
C ILE GA 14 10.80 80.81 -16.46
N THR GA 15 11.57 80.20 -17.36
CA THR GA 15 13.02 80.32 -17.30
C THR GA 15 13.56 80.62 -18.69
N LYS GA 16 14.81 81.08 -18.74
CA LYS GA 16 15.51 81.30 -19.97
C LYS GA 16 16.49 80.17 -20.19
N PHE GA 17 16.66 79.75 -21.43
CA PHE GA 17 17.54 78.67 -21.71
C PHE GA 17 18.78 79.19 -22.44
N PRO GA 18 19.93 78.52 -22.26
CA PRO GA 18 21.24 78.78 -22.93
C PRO GA 18 21.49 78.05 -24.25
N PRO GA 19 20.93 78.43 -25.40
CA PRO GA 19 21.23 77.79 -26.68
C PRO GA 19 22.64 78.21 -27.00
N SER GA 20 23.37 77.42 -27.80
CA SER GA 20 24.74 77.83 -28.10
C SER GA 20 25.39 77.27 -29.36
N VAL GA 21 25.05 76.07 -29.77
CA VAL GA 21 25.74 75.46 -30.91
C VAL GA 21 24.89 75.34 -32.15
N ALA GA 22 25.33 75.99 -33.20
CA ALA GA 22 24.69 75.93 -34.49
C ALA GA 22 25.34 74.81 -35.29
N GLN GA 23 24.59 74.26 -36.25
CA GLN GA 23 25.13 73.22 -37.10
C GLN GA 23 24.47 73.39 -38.45
N VAL GA 24 25.05 72.81 -39.49
CA VAL GA 24 24.46 72.93 -40.81
C VAL GA 24 23.29 71.98 -40.97
N GLU GA 25 22.16 72.54 -41.38
CA GLU GA 25 20.94 71.81 -41.63
C GLU GA 25 20.36 72.32 -42.94
N THR GA 26 19.52 71.50 -43.57
CA THR GA 26 18.92 71.84 -44.85
C THR GA 26 17.47 72.32 -44.81
N ALA GA 27 16.74 72.07 -43.72
CA ALA GA 27 15.35 72.48 -43.61
C ALA GA 27 15.17 73.68 -42.68
N ILE GA 28 15.57 74.89 -43.08
CA ILE GA 28 15.46 76.02 -42.17
C ILE GA 28 14.53 77.07 -42.72
N PRO GA 29 13.31 77.17 -42.21
CA PRO GA 29 12.36 78.14 -42.70
C PRO GA 29 12.55 79.50 -42.08
N ALA GA 30 12.09 80.49 -42.82
CA ALA GA 30 11.87 81.80 -42.26
C ALA GA 30 10.38 82.06 -42.26
N PHE GA 31 9.88 82.65 -41.18
CA PHE GA 31 8.47 82.98 -41.05
C PHE GA 31 8.28 84.48 -40.95
N ILE GA 32 7.61 85.07 -41.92
CA ILE GA 32 7.40 86.52 -41.95
C ILE GA 32 5.95 86.89 -41.62
N GLY GA 33 5.72 87.65 -40.54
CA GLY GA 33 4.34 88.01 -40.14
C GLY GA 33 4.21 88.88 -38.88
N TYR GA 34 3.03 88.92 -38.25
CA TYR GA 34 2.83 89.81 -37.09
C TYR GA 34 2.92 89.11 -35.74
N THR GA 35 3.40 89.82 -34.70
CA THR GA 35 3.50 89.25 -33.34
C THR GA 35 2.90 90.18 -32.26
N GLN GA 36 2.77 89.67 -31.04
CA GLN GA 36 2.22 90.47 -29.95
C GLN GA 36 3.13 91.63 -29.59
N PHE GA 37 4.43 91.37 -29.55
CA PHE GA 37 5.47 92.33 -29.21
C PHE GA 37 6.77 91.91 -29.89
N ALA GA 38 7.82 92.70 -29.72
CA ALA GA 38 9.07 92.38 -30.39
C ALA GA 38 10.25 92.96 -29.62
N ARG GA 39 10.58 92.41 -28.45
CA ARG GA 39 11.59 93.07 -27.65
C ARG GA 39 12.76 92.20 -27.22
N THR GA 40 13.96 92.78 -27.39
CA THR GA 40 15.22 92.14 -27.03
C THR GA 40 15.28 91.80 -25.56
N LYS GA 41 14.87 92.74 -24.74
CA LYS GA 41 14.89 92.55 -23.32
C LYS GA 41 13.49 92.18 -22.81
N PRO GA 42 13.34 91.00 -22.20
CA PRO GA 42 12.06 90.50 -21.68
C PRO GA 42 11.28 91.50 -20.82
N SER GA 43 11.97 92.40 -20.11
CA SER GA 43 11.25 93.34 -19.27
C SER GA 43 11.46 94.82 -19.56
N VAL GA 44 11.34 95.23 -20.82
CA VAL GA 44 11.35 96.65 -21.17
C VAL GA 44 10.10 96.95 -21.96
N ASP GA 45 9.75 98.22 -22.11
CA ASP GA 45 8.53 98.53 -22.87
C ASP GA 45 8.77 98.62 -24.38
N SER GA 46 10.00 98.92 -24.80
CA SER GA 46 10.32 99.10 -26.22
C SER GA 46 10.32 97.82 -27.06
N ASP GA 47 9.84 97.95 -28.30
CA ASP GA 47 9.91 96.92 -29.34
C ASP GA 47 11.09 97.26 -30.27
N ASP GA 48 12.04 96.35 -30.37
CA ASP GA 48 13.23 96.60 -31.16
C ASP GA 48 13.70 95.42 -32.02
N LEU GA 49 12.94 94.33 -32.07
CA LEU GA 49 13.27 93.17 -32.86
C LEU GA 49 12.45 93.06 -34.12
N ILE GA 50 11.64 94.06 -34.46
CA ILE GA 50 10.68 93.83 -35.53
C ILE GA 50 11.34 93.44 -36.86
N LEU GA 51 12.27 94.24 -37.35
CA LEU GA 51 12.89 93.88 -38.62
C LEU GA 51 14.28 93.34 -38.43
N LYS GA 52 14.51 92.65 -37.32
CA LYS GA 52 15.79 92.04 -37.03
C LYS GA 52 15.63 90.53 -36.96
N PRO GA 53 15.91 89.77 -38.03
CA PRO GA 53 15.67 88.32 -38.06
C PRO GA 53 16.35 87.67 -36.87
N LYS GA 54 15.62 86.79 -36.19
CA LYS GA 54 16.18 86.15 -35.01
C LYS GA 54 16.02 84.64 -35.08
N ARG GA 55 17.00 83.94 -34.52
CA ARG GA 55 17.00 82.49 -34.44
C ARG GA 55 16.29 82.00 -33.18
N ILE GA 56 15.31 81.13 -33.36
CA ILE GA 56 14.44 80.53 -32.35
C ILE GA 56 14.61 78.99 -32.34
N SER GA 57 14.80 78.38 -31.16
CA SER GA 57 14.96 76.93 -31.09
C SER GA 57 13.66 76.22 -30.73
N SER GA 58 12.76 76.89 -30.01
CA SER GA 58 11.50 76.29 -29.61
C SER GA 58 10.47 77.37 -29.32
N LEU GA 59 9.23 76.96 -28.97
CA LEU GA 59 8.16 77.89 -28.58
C LEU GA 59 8.54 78.61 -27.31
N LEU GA 60 9.40 77.97 -26.52
CA LEU GA 60 9.90 78.56 -25.29
C LEU GA 60 10.71 79.82 -25.56
N ASP GA 61 11.31 79.95 -26.75
CA ASP GA 61 12.04 81.16 -27.01
C ASP GA 61 11.09 82.16 -27.63
N PHE GA 62 10.21 81.68 -28.51
CA PHE GA 62 9.31 82.59 -29.19
C PHE GA 62 8.47 83.40 -28.21
N THR GA 63 7.93 82.69 -27.22
CA THR GA 63 7.09 83.25 -26.18
C THR GA 63 7.75 84.34 -25.33
N THR GA 64 9.08 84.43 -25.31
CA THR GA 64 9.72 85.45 -24.49
C THR GA 64 10.14 86.68 -25.27
N TYR GA 65 10.03 86.67 -26.59
CA TYR GA 65 10.46 87.82 -27.39
C TYR GA 65 9.33 88.38 -28.20
N TYR GA 66 8.43 87.50 -28.63
CA TYR GA 66 7.34 87.85 -29.48
C TYR GA 66 5.99 87.68 -28.80
N GLY GA 67 5.86 86.65 -27.95
CA GLY GA 67 4.62 86.44 -27.21
C GLY GA 67 3.69 85.36 -27.76
N GLY GA 68 2.42 85.44 -27.37
CA GLY GA 68 1.39 84.44 -27.69
C GLY GA 68 0.38 84.87 -28.75
N ALA GA 69 -0.85 84.36 -28.66
CA ALA GA 69 -1.91 84.66 -29.62
C ALA GA 69 -2.79 85.81 -29.13
N GLN GA 70 -3.58 86.38 -30.03
CA GLN GA 70 -4.55 87.43 -29.70
C GLN GA 70 -5.86 86.82 -29.22
N ASN GA 71 -6.51 87.43 -28.21
CA ASN GA 71 -7.81 86.96 -27.73
C ASN GA 71 -8.91 87.22 -28.77
N GLU GA 72 -9.70 86.19 -29.06
CA GLU GA 72 -10.81 86.35 -30.01
C GLU GA 72 -11.88 87.25 -29.45
N GLN GA 73 -12.48 88.09 -30.29
CA GLN GA 73 -13.55 88.99 -29.90
C GLN GA 73 -14.93 88.57 -30.40
N GLY GA 74 -14.99 87.46 -31.13
CA GLY GA 74 -16.22 86.99 -31.78
C GLY GA 74 -17.02 85.91 -31.07
N ILE GA 75 -16.72 85.59 -29.81
CA ILE GA 75 -17.44 84.52 -29.12
C ILE GA 75 -18.75 85.03 -28.53
N THR GA 76 -19.83 84.38 -28.89
CA THR GA 76 -21.18 84.66 -28.45
C THR GA 76 -21.72 83.53 -27.62
N VAL GA 77 -22.41 83.85 -26.54
CA VAL GA 77 -23.06 82.85 -25.71
C VAL GA 77 -24.52 83.20 -25.51
N LYS GA 78 -25.41 82.25 -25.79
CA LYS GA 78 -26.84 82.47 -25.64
C LYS GA 78 -27.53 81.41 -24.77
N LEU GA 79 -28.31 81.88 -23.81
CA LEU GA 79 -29.08 80.98 -22.95
C LEU GA 79 -30.58 81.20 -23.11
N THR GA 80 -31.37 80.11 -23.10
CA THR GA 80 -32.83 80.24 -23.14
C THR GA 80 -33.56 79.41 -22.05
N ASP GA 81 -34.44 80.08 -21.29
CA ASP GA 81 -35.25 79.44 -20.23
C ASP GA 81 -36.68 79.10 -20.69
N THR GA 82 -37.09 77.83 -20.59
CA THR GA 82 -38.47 77.41 -20.90
C THR GA 82 -39.11 76.49 -19.85
N LEU GA 83 -40.43 76.41 -19.84
CA LEU GA 83 -41.10 75.60 -18.83
C LEU GA 83 -41.59 74.27 -19.43
N ILE GA 84 -41.26 73.18 -18.74
CA ILE GA 84 -41.74 71.85 -19.10
C ILE GA 84 -42.62 71.35 -17.98
N GLU GA 85 -43.92 71.14 -18.26
CA GLU GA 85 -44.94 70.66 -17.32
C GLU GA 85 -44.95 71.40 -15.97
N GLY GA 86 -44.36 72.59 -15.98
CA GLY GA 86 -44.12 73.45 -14.80
C GLY GA 86 -42.65 73.60 -14.41
N ALA GA 87 -41.77 72.73 -14.89
CA ALA GA 87 -40.37 72.73 -14.46
C ALA GA 87 -39.54 73.59 -15.40
N GLU GA 88 -38.53 74.26 -14.88
CA GLU GA 88 -37.68 75.00 -15.80
C GLU GA 88 -36.66 74.12 -16.49
N ASN GA 89 -36.37 74.49 -17.74
CA ASN GA 89 -35.40 73.79 -18.58
C ASN GA 89 -34.54 74.78 -19.36
N ARG GA 90 -33.22 74.78 -19.13
CA ARG GA 90 -32.35 75.75 -19.80
C ARG GA 90 -31.53 75.16 -20.94
N THR GA 91 -31.53 75.86 -22.08
CA THR GA 91 -30.76 75.48 -23.25
C THR GA 91 -29.55 76.41 -23.44
N ILE GA 92 -28.38 75.81 -23.63
CA ILE GA 92 -27.12 76.53 -23.81
C ILE GA 92 -26.65 76.43 -25.27
N ASN GA 93 -26.43 77.57 -25.92
CA ASN GA 93 -26.02 77.63 -27.31
C ASN GA 93 -24.77 78.51 -27.54
N VAL GA 94 -23.66 77.89 -27.93
CA VAL GA 94 -22.44 78.63 -28.24
C VAL GA 94 -22.01 78.29 -29.68
N PRO GA 95 -22.35 79.15 -30.67
CA PRO GA 95 -22.08 78.93 -32.11
C PRO GA 95 -20.63 79.21 -32.46
N GLU GA 96 -20.20 78.69 -33.61
CA GLU GA 96 -18.86 79.01 -34.13
C GLU GA 96 -18.77 80.49 -34.48
N PRO GA 97 -17.70 81.19 -34.08
CA PRO GA 97 -17.47 82.60 -34.42
C PRO GA 97 -17.39 82.80 -35.92
N THR GA 98 -17.90 83.92 -36.40
CA THR GA 98 -17.79 84.28 -37.80
C THR GA 98 -16.72 85.32 -38.04
N PHE GA 99 -16.37 86.05 -36.99
CA PHE GA 99 -15.34 87.05 -37.06
C PHE GA 99 -14.19 86.58 -36.20
N LYS GA 100 -13.05 86.33 -36.83
CA LYS GA 100 -11.89 85.78 -36.14
C LYS GA 100 -10.69 86.68 -36.36
N SER GA 101 -9.74 86.68 -35.42
CA SER GA 101 -8.51 87.44 -35.59
C SER GA 101 -7.74 86.95 -36.81
N PRO GA 102 -7.14 87.86 -37.59
CA PRO GA 102 -6.35 87.50 -38.77
C PRO GA 102 -4.92 87.11 -38.47
N TYR GA 103 -4.49 87.04 -37.21
CA TYR GA 103 -3.08 86.80 -36.93
C TYR GA 103 -2.80 85.35 -36.53
N LEU GA 104 -2.14 84.61 -37.42
CA LEU GA 104 -1.91 83.17 -37.27
C LEU GA 104 -0.50 82.66 -36.97
N MET GA 105 0.52 83.52 -36.81
CA MET GA 105 1.87 82.99 -36.63
C MET GA 105 2.03 82.07 -35.43
N PHE GA 106 1.41 82.41 -34.31
CA PHE GA 106 1.58 81.58 -33.13
C PHE GA 106 1.07 80.16 -33.36
N TYR GA 107 -0.13 80.03 -33.93
CA TYR GA 107 -0.71 78.72 -34.18
C TYR GA 107 0.14 77.94 -35.18
N SER GA 108 0.64 78.64 -36.21
CA SER GA 108 1.47 78.00 -37.21
C SER GA 108 2.74 77.42 -36.61
N LEU GA 109 3.39 78.16 -35.70
CA LEU GA 109 4.57 77.62 -35.05
C LEU GA 109 4.26 76.41 -34.21
N GLN GA 110 3.14 76.40 -33.52
CA GLN GA 110 2.82 75.21 -32.73
C GLN GA 110 2.74 73.98 -33.64
N MET GA 111 2.16 74.12 -34.82
CA MET GA 111 2.07 73.01 -35.76
C MET GA 111 3.44 72.60 -36.30
N TYR GA 112 4.28 73.59 -36.60
CA TYR GA 112 5.62 73.36 -37.10
C TYR GA 112 6.45 72.51 -36.15
N PHE GA 113 6.45 72.87 -34.88
CA PHE GA 113 7.22 72.12 -33.91
C PHE GA 113 6.58 70.75 -33.65
N ALA GA 114 5.25 70.67 -33.61
CA ALA GA 114 4.55 69.41 -33.38
C ALA GA 114 4.87 68.38 -34.45
N ASN GA 115 5.12 68.85 -35.68
CA ASN GA 115 5.43 67.99 -36.79
C ASN GA 115 6.90 67.76 -37.02
N GLY GA 116 7.76 68.10 -36.08
CA GLY GA 116 9.18 67.79 -36.20
C GLY GA 116 10.13 68.89 -36.65
N GLY GA 117 9.68 70.14 -36.69
CA GLY GA 117 10.56 71.21 -37.09
C GLY GA 117 11.69 71.48 -36.10
N GLY GA 118 12.79 72.04 -36.61
CA GLY GA 118 13.95 72.40 -35.80
C GLY GA 118 14.04 73.92 -35.68
N PRO GA 119 15.25 74.46 -35.48
CA PRO GA 119 15.52 75.89 -35.35
C PRO GA 119 15.05 76.65 -36.57
N CYS GA 120 14.58 77.89 -36.36
CA CYS GA 120 14.04 78.68 -37.47
C CYS GA 120 14.23 80.18 -37.28
N TYR GA 121 13.94 80.94 -38.35
CA TYR GA 121 14.03 82.39 -38.27
C TYR GA 121 12.68 83.10 -38.20
N ILE GA 122 12.61 84.08 -37.31
CA ILE GA 122 11.42 84.91 -37.15
C ILE GA 122 11.70 86.34 -37.56
N VAL GA 123 10.84 86.87 -38.42
CA VAL GA 123 10.89 88.27 -38.82
C VAL GA 123 9.51 88.83 -38.56
N SER GA 124 9.42 89.88 -37.76
CA SER GA 124 8.11 90.44 -37.55
C SER GA 124 7.94 91.60 -38.49
N THR GA 125 6.73 91.84 -38.90
CA THR GA 125 6.50 92.96 -39.77
C THR GA 125 5.84 94.10 -39.02
N GLY GA 126 5.52 93.85 -37.78
CA GLY GA 126 4.85 94.79 -36.92
C GLY GA 126 4.21 94.01 -35.80
N VAL GA 127 3.40 94.70 -35.01
CA VAL GA 127 2.76 94.04 -33.89
C VAL GA 127 1.26 94.18 -33.99
N TYR GA 128 0.56 93.34 -33.25
CA TYR GA 128 -0.90 93.27 -33.24
C TYR GA 128 -1.58 94.55 -32.83
N ASP GA 129 -2.67 94.87 -33.54
CA ASP GA 129 -3.48 96.02 -33.20
C ASP GA 129 -4.89 95.56 -32.74
N ASP GA 130 -5.75 96.55 -32.49
CA ASP GA 130 -7.09 96.32 -31.94
C ASP GA 130 -8.22 96.23 -32.95
N TRP GA 131 -9.28 95.59 -32.50
CA TRP GA 131 -10.52 95.50 -33.26
C TRP GA 131 -11.24 96.84 -33.13
N SER GA 132 -12.02 97.20 -34.15
CA SER GA 132 -12.81 98.42 -34.04
C SER GA 132 -14.12 98.17 -33.38
N ASP GA 133 -14.64 96.96 -33.57
CA ASP GA 133 -15.91 96.57 -32.99
C ASP GA 133 -15.95 95.04 -32.91
N SER GA 134 -17.01 94.47 -32.35
CA SER GA 134 -17.05 93.01 -32.23
C SER GA 134 -17.18 92.34 -33.61
N GLU GA 135 -17.70 93.07 -34.58
CA GLU GA 135 -17.82 92.61 -35.95
C GLU GA 135 -16.78 93.22 -36.87
N THR GA 136 -15.79 93.93 -36.34
CA THR GA 136 -14.77 94.53 -37.20
C THR GA 136 -13.33 94.21 -36.74
N PRO GA 137 -12.73 93.15 -37.32
CA PRO GA 137 -11.35 92.72 -37.10
C PRO GA 137 -10.39 93.71 -37.72
N PRO GA 138 -9.13 93.74 -37.26
CA PRO GA 138 -8.05 94.52 -37.85
C PRO GA 138 -7.69 93.92 -39.19
N THR GA 139 -6.97 94.67 -40.04
CA THR GA 139 -6.59 94.17 -41.35
C THR GA 139 -5.08 94.15 -41.56
N ILE GA 140 -4.65 93.46 -42.61
CA ILE GA 140 -3.23 93.30 -42.93
C ILE GA 140 -2.80 94.12 -44.15
N ASN GA 141 -1.77 94.92 -43.94
CA ASN GA 141 -1.19 95.76 -44.98
C ASN GA 141 -0.14 95.02 -45.76
N PHE GA 142 -0.42 94.82 -47.03
CA PHE GA 142 0.47 94.12 -47.93
C PHE GA 142 1.93 94.57 -47.86
N SER GA 143 2.16 95.88 -47.78
CA SER GA 143 3.51 96.42 -47.85
C SER GA 143 4.36 96.02 -46.63
N ASP GA 144 3.72 95.55 -45.56
CA ASP GA 144 4.44 95.11 -44.37
C ASP GA 144 5.13 93.79 -44.66
N LEU GA 145 4.51 92.95 -45.49
CA LEU GA 145 5.07 91.65 -45.78
C LEU GA 145 6.19 91.82 -46.76
N GLU GA 146 6.05 92.78 -47.69
CA GLU GA 146 7.10 93.00 -48.66
C GLU GA 146 8.37 93.50 -47.97
N SER GA 147 8.21 94.35 -46.95
CA SER GA 147 9.36 94.80 -46.18
C SER GA 147 10.06 93.64 -45.54
N GLY GA 148 9.32 92.76 -44.88
CA GLY GA 148 9.93 91.60 -44.24
C GLY GA 148 10.68 90.70 -45.21
N LEU GA 149 10.15 90.55 -46.43
CA LEU GA 149 10.83 89.73 -47.43
C LEU GA 149 12.15 90.38 -47.82
N ALA GA 150 12.15 91.71 -48.02
CA ALA GA 150 13.38 92.43 -48.37
C ALA GA 150 14.44 92.26 -47.30
N VAL GA 151 14.02 92.20 -46.05
CA VAL GA 151 14.94 91.99 -44.93
C VAL GA 151 15.56 90.61 -44.94
N ILE GA 152 14.74 89.54 -45.07
CA ILE GA 152 15.29 88.19 -45.00
C ILE GA 152 16.22 87.92 -46.16
N ARG GA 153 16.04 88.62 -47.29
CA ARG GA 153 16.92 88.51 -48.45
C ARG GA 153 18.40 88.63 -48.07
N LYS GA 154 18.72 89.37 -47.01
CA LYS GA 154 20.10 89.59 -46.63
C LYS GA 154 20.70 88.54 -45.69
N GLU GA 155 19.93 87.54 -45.27
CA GLU GA 155 20.46 86.49 -44.40
C GLU GA 155 20.91 85.30 -45.22
N ASP GA 156 21.96 84.62 -44.76
CA ASP GA 156 22.48 83.47 -45.53
C ASP GA 156 21.93 82.11 -45.11
N GLU GA 157 21.62 81.94 -43.85
CA GLU GA 157 21.21 80.61 -43.38
C GLU GA 157 19.86 80.00 -43.84
N PRO GA 158 18.75 80.76 -43.94
CA PRO GA 158 17.42 80.21 -44.28
C PRO GA 158 17.40 79.49 -45.62
N THR GA 159 16.61 78.42 -45.71
CA THR GA 159 16.45 77.64 -46.94
C THR GA 159 15.00 77.57 -47.44
N LEU GA 160 14.00 77.82 -46.58
CA LEU GA 160 12.59 77.75 -46.97
C LEU GA 160 11.85 79.06 -46.68
N LEU GA 161 10.94 79.46 -47.57
CA LEU GA 161 10.17 80.69 -47.33
C LEU GA 161 8.66 80.46 -47.08
N LEU GA 162 8.18 80.95 -45.92
CA LEU GA 162 6.76 80.86 -45.54
C LEU GA 162 6.18 82.20 -45.05
N PHE GA 163 4.90 82.45 -45.37
CA PHE GA 163 4.15 83.62 -44.89
C PHE GA 163 2.86 83.20 -44.16
N PRO GA 164 2.89 83.06 -42.82
CA PRO GA 164 1.75 82.60 -42.01
C PRO GA 164 0.46 83.40 -42.14
N ASP GA 165 0.50 84.67 -42.52
CA ASP GA 165 -0.73 85.44 -42.60
C ASP GA 165 -1.04 85.90 -44.03
N ALA GA 166 -0.51 85.22 -45.04
CA ALA GA 166 -0.73 85.63 -46.43
C ALA GA 166 -2.18 85.50 -46.87
N THR GA 167 -2.87 84.48 -46.37
CA THR GA 167 -4.23 84.21 -46.81
C THR GA 167 -5.22 85.21 -46.24
N ASN GA 168 -4.80 86.09 -45.33
CA ASN GA 168 -5.71 87.08 -44.81
C ASN GA 168 -5.56 88.43 -45.50
N LEU GA 169 -4.78 88.50 -46.58
CA LEU GA 169 -4.69 89.73 -47.35
C LEU GA 169 -6.05 90.00 -48.01
N PRO GA 170 -6.51 91.27 -48.06
CA PRO GA 170 -7.78 91.69 -48.67
C PRO GA 170 -8.09 91.17 -50.07
N THR GA 171 -7.10 90.97 -50.93
CA THR GA 171 -7.39 90.49 -52.27
C THR GA 171 -6.48 89.32 -52.64
N ASP GA 172 -6.90 88.59 -53.66
CA ASP GA 172 -6.10 87.49 -54.15
C ASP GA 172 -4.96 88.04 -54.97
N ASP GA 173 -5.19 89.21 -55.58
CA ASP GA 173 -4.18 89.85 -56.40
C ASP GA 173 -2.95 90.15 -55.55
N GLU GA 174 -3.16 90.63 -54.31
CA GLU GA 174 -2.01 90.87 -53.44
C GLU GA 174 -1.33 89.59 -53.04
N PHE GA 175 -2.12 88.54 -52.76
CA PHE GA 175 -1.60 87.23 -52.39
C PHE GA 175 -0.67 86.70 -53.47
N TYR GA 176 -1.13 86.71 -54.71
CA TYR GA 176 -0.33 86.17 -55.81
C TYR GA 176 0.92 86.99 -56.04
N SER GA 177 0.82 88.32 -55.92
CA SER GA 177 1.97 89.18 -56.10
C SER GA 177 3.07 88.83 -55.11
N LEU GA 178 2.69 88.61 -53.85
CA LEU GA 178 3.63 88.25 -52.80
C LEU GA 178 4.39 86.97 -53.15
N TYR GA 179 3.67 85.95 -53.66
CA TYR GA 179 4.33 84.70 -53.99
C TYR GA 179 5.18 84.79 -55.25
N ASN GA 180 4.78 85.59 -56.23
CA ASN GA 180 5.65 85.72 -57.40
C ASN GA 180 6.97 86.36 -57.01
N SER GA 181 6.92 87.32 -56.08
CA SER GA 181 8.13 87.93 -55.56
C SER GA 181 9.05 86.91 -54.91
N ALA GA 182 8.49 86.04 -54.07
CA ALA GA 182 9.28 85.00 -53.41
C ALA GA 182 9.93 84.05 -54.41
N LEU GA 183 9.21 83.65 -55.46
CA LEU GA 183 9.80 82.74 -56.44
C LEU GA 183 10.95 83.42 -57.18
N MET GA 184 10.81 84.71 -57.49
CA MET GA 184 11.89 85.42 -58.14
C MET GA 184 13.12 85.53 -57.24
N GLN GA 185 12.91 85.77 -55.95
CA GLN GA 185 14.04 85.84 -55.03
C GLN GA 185 14.77 84.52 -54.91
N CYS GA 186 14.03 83.40 -54.96
CA CYS GA 186 14.65 82.10 -54.89
C CYS GA 186 15.60 81.88 -56.06
N ASN GA 187 15.17 82.32 -57.25
CA ASN GA 187 16.04 82.19 -58.42
C ASN GA 187 17.21 83.17 -58.36
N ASP GA 188 17.02 84.38 -57.84
CA ASP GA 188 18.14 85.32 -57.75
C ASP GA 188 19.26 84.79 -56.83
N LEU GA 189 18.88 84.18 -55.72
CA LEU GA 189 19.84 83.69 -54.74
C LEU GA 189 20.39 82.31 -55.04
N GLN GA 190 19.59 81.45 -55.67
CA GLN GA 190 20.01 80.12 -56.09
C GLN GA 190 20.08 79.06 -55.00
N ASP GA 191 19.51 79.35 -53.86
CA ASP GA 191 19.57 78.42 -52.73
C ASP GA 191 18.28 78.25 -51.91
N ARG GA 192 17.11 78.67 -52.39
CA ARG GA 192 15.89 78.59 -51.58
C ARG GA 192 14.72 77.96 -52.32
N PHE GA 193 13.75 77.50 -51.54
CA PHE GA 193 12.54 76.88 -52.06
C PHE GA 193 11.30 77.47 -51.37
N THR GA 194 10.24 77.72 -52.13
CA THR GA 194 9.01 78.32 -51.61
C THR GA 194 7.88 77.31 -51.46
N ILE GA 195 7.20 77.32 -50.31
CA ILE GA 195 6.04 76.44 -50.09
C ILE GA 195 4.77 77.27 -50.24
N LEU GA 196 3.86 76.86 -51.11
CA LEU GA 196 2.66 77.64 -51.41
C LEU GA 196 1.34 76.98 -50.98
N ASP GA 197 0.41 77.82 -50.56
CA ASP GA 197 -0.97 77.50 -50.22
C ASP GA 197 -1.92 78.10 -51.24
N THR GA 198 -3.15 77.58 -51.34
CA THR GA 198 -4.16 78.27 -52.14
C THR GA 198 -4.69 79.42 -51.29
N TYR GA 199 -5.44 80.32 -51.92
CA TYR GA 199 -6.03 81.46 -51.22
C TYR GA 199 -7.14 81.02 -50.24
N SER GA 200 -7.93 80.05 -50.65
CA SER GA 200 -9.07 79.52 -49.91
C SER GA 200 -9.44 78.14 -50.38
N ASP GA 201 -10.08 77.37 -49.51
CA ASP GA 201 -10.54 76.05 -49.87
C ASP GA 201 -11.97 76.05 -50.37
N GLN GA 202 -12.63 77.20 -50.39
CA GLN GA 202 -14.01 77.35 -50.82
C GLN GA 202 -14.05 78.30 -51.98
N THR GA 203 -15.09 78.16 -52.81
CA THR GA 203 -15.24 79.07 -53.90
C THR GA 203 -15.28 80.40 -53.26
N TYR GA 204 -14.43 81.29 -53.74
CA TYR GA 204 -14.34 82.62 -53.16
C TYR GA 204 -14.78 83.67 -54.16
N ASN GA 205 -15.28 84.79 -53.67
CA ASN GA 205 -15.73 85.83 -54.56
C ASN GA 205 -14.71 86.94 -54.63
N ASP GA 206 -14.32 87.31 -55.85
CA ASP GA 206 -13.37 88.41 -56.05
C ASP GA 206 -14.04 89.77 -56.21
N GLY GA 207 -15.37 89.82 -56.02
CA GLY GA 207 -16.15 91.04 -56.18
C GLY GA 207 -16.78 91.13 -57.56
N VAL GA 208 -16.36 90.27 -58.47
CA VAL GA 208 -16.85 90.22 -59.84
C VAL GA 208 -17.43 88.86 -60.17
N GLU GA 209 -16.65 87.81 -59.91
CA GLU GA 209 -16.93 86.42 -60.26
C GLU GA 209 -16.55 85.43 -59.15
N ASP GA 210 -17.23 84.27 -59.17
CA ASP GA 210 -16.97 83.17 -58.24
C ASP GA 210 -15.88 82.24 -58.78
N LEU GA 211 -14.75 82.16 -58.08
CA LEU GA 211 -13.60 81.42 -58.58
C LEU GA 211 -13.24 80.14 -57.83
N ASP GA 212 -12.92 79.10 -58.60
CA ASP GA 212 -12.42 77.82 -58.10
C ASP GA 212 -10.95 77.97 -57.70
N PRO GA 213 -10.58 77.57 -56.47
CA PRO GA 213 -9.23 77.79 -55.95
C PRO GA 213 -8.08 77.21 -56.74
N ILE GA 214 -8.16 75.98 -57.21
CA ILE GA 214 -7.05 75.47 -58.00
C ILE GA 214 -6.88 76.19 -59.34
N PRO GA 215 -7.97 76.48 -60.05
CA PRO GA 215 -7.86 77.25 -61.28
C PRO GA 215 -7.36 78.66 -61.03
N ALA GA 216 -7.77 79.26 -59.93
CA ALA GA 216 -7.32 80.59 -59.56
C ALA GA 216 -5.82 80.67 -59.20
N LEU GA 217 -5.27 79.72 -58.45
CA LEU GA 217 -3.83 79.73 -58.17
C LEU GA 217 -3.02 79.58 -59.45
N ARG GA 218 -3.47 78.72 -60.35
CA ARG GA 218 -2.75 78.50 -61.59
C ARG GA 218 -2.67 79.75 -62.46
N ASN GA 219 -3.75 80.54 -62.52
CA ASN GA 219 -3.70 81.78 -63.28
C ASN GA 219 -2.91 82.86 -62.55
N GLY GA 220 -2.99 82.84 -61.22
CA GLY GA 220 -2.29 83.80 -60.38
C GLY GA 220 -0.79 83.75 -60.54
N ILE GA 221 -0.21 82.57 -60.42
CA ILE GA 221 1.24 82.47 -60.52
C ILE GA 221 1.62 82.34 -62.00
N ASN GA 222 1.92 83.48 -62.62
CA ASN GA 222 2.15 83.57 -64.07
C ASN GA 222 3.63 83.61 -64.50
N LEU GA 223 4.53 83.16 -63.65
CA LEU GA 223 5.94 83.09 -63.97
C LEU GA 223 6.23 81.85 -64.81
N THR GA 224 7.43 81.84 -65.43
CA THR GA 224 7.98 80.78 -66.28
C THR GA 224 8.74 79.68 -65.51
N LYS GA 225 9.04 78.55 -66.18
CA LYS GA 225 9.78 77.42 -65.67
C LYS GA 225 10.96 77.77 -64.79
N ASP GA 226 11.71 78.81 -65.16
CA ASP GA 226 12.89 79.25 -64.41
C ASP GA 226 12.55 79.63 -62.99
N TYR GA 227 11.29 79.87 -62.68
CA TYR GA 227 10.86 80.24 -61.36
C TYR GA 227 10.02 79.15 -60.75
N LEU GA 228 9.19 78.51 -61.56
CA LEU GA 228 8.26 77.50 -61.07
C LEU GA 228 9.00 76.32 -60.46
N LYS GA 229 10.18 76.01 -60.97
CA LYS GA 229 10.99 74.92 -60.43
C LYS GA 229 11.43 75.16 -58.97
N TYR GA 230 11.27 76.37 -58.44
CA TYR GA 230 11.67 76.69 -57.08
C TYR GA 230 10.55 76.64 -56.05
N GLY GA 231 9.43 76.02 -56.38
CA GLY GA 231 8.40 75.89 -55.36
C GLY GA 231 7.38 74.82 -55.68
N ALA GA 232 6.53 74.58 -54.69
CA ALA GA 232 5.48 73.58 -54.77
C ALA GA 232 4.28 74.02 -53.95
N ALA GA 233 3.10 73.56 -54.34
CA ALA GA 233 1.87 73.91 -53.63
C ALA GA 233 1.16 72.68 -53.11
N TYR GA 234 0.45 72.86 -51.98
CA TYR GA 234 -0.32 71.81 -51.33
C TYR GA 234 -1.79 72.20 -51.12
N TYR GA 235 -2.68 71.22 -51.18
CA TYR GA 235 -4.12 71.44 -51.02
C TYR GA 235 -4.82 70.18 -50.50
N PRO GA 236 -5.88 70.32 -49.69
CA PRO GA 236 -6.55 71.42 -48.99
C PRO GA 236 -5.96 71.79 -47.63
N PHE GA 237 -6.65 72.72 -46.95
CA PHE GA 237 -6.35 73.18 -45.59
C PHE GA 237 -6.66 72.06 -44.61
N VAL GA 238 -6.09 72.15 -43.41
CA VAL GA 238 -6.30 71.08 -42.43
C VAL GA 238 -6.92 71.56 -41.13
N GLN GA 239 -7.74 70.70 -40.54
CA GLN GA 239 -8.40 70.95 -39.27
C GLN GA 239 -7.53 70.36 -38.19
N THR GA 240 -7.13 71.19 -37.25
CA THR GA 240 -6.23 70.77 -36.19
C THR GA 240 -6.95 70.63 -34.85
N ILE GA 241 -6.17 70.43 -33.79
CA ILE GA 241 -6.69 70.14 -32.47
C ILE GA 241 -6.35 71.24 -31.47
N LEU GA 242 -5.99 72.40 -31.98
CA LEU GA 242 -5.64 73.55 -31.18
C LEU GA 242 -6.91 74.32 -30.82
N ASN GA 243 -6.90 74.95 -29.64
CA ASN GA 243 -8.01 75.77 -29.17
C ASN GA 243 -7.79 77.24 -29.48
N TYR GA 244 -8.86 78.00 -29.51
CA TYR GA 244 -8.79 79.44 -29.70
C TYR GA 244 -8.42 80.08 -28.37
N GLN GA 245 -7.70 81.19 -28.42
CA GLN GA 245 -7.41 81.94 -27.21
C GLN GA 245 -8.50 82.96 -26.96
N TYR GA 246 -8.97 83.07 -25.73
CA TYR GA 246 -10.00 84.04 -25.37
C TYR GA 246 -9.89 84.41 -23.90
N SER GA 247 -10.64 85.44 -23.53
CA SER GA 247 -10.72 85.91 -22.17
C SER GA 247 -12.17 85.89 -21.72
N ALA GA 248 -12.47 85.13 -20.67
CA ALA GA 248 -13.86 84.98 -20.21
C ALA GA 248 -14.51 86.31 -19.87
N ASP GA 249 -13.72 87.24 -19.35
CA ASP GA 249 -14.26 88.52 -18.95
C ASP GA 249 -14.84 89.28 -20.12
N GLU GA 250 -14.36 89.03 -21.32
CA GLU GA 250 -14.78 89.79 -22.47
C GLU GA 250 -16.00 89.19 -23.18
N ILE GA 251 -16.58 88.12 -22.64
CA ILE GA 251 -17.70 87.46 -23.30
C ILE GA 251 -19.03 87.80 -22.64
N VAL GA 252 -19.93 88.40 -23.43
CA VAL GA 252 -21.24 88.86 -22.98
C VAL GA 252 -22.30 87.79 -23.26
N ILE GA 253 -23.12 87.50 -22.26
CA ILE GA 253 -24.16 86.47 -22.37
C ILE GA 253 -25.54 87.04 -22.62
N GLN GA 254 -26.20 86.54 -23.68
CA GLN GA 254 -27.57 86.88 -24.02
C GLN GA 254 -28.48 85.94 -23.25
N HIS GA 255 -29.53 86.48 -22.65
CA HIS GA 255 -30.48 85.62 -21.93
C HIS GA 255 -31.91 85.87 -22.37
N LEU GA 256 -32.65 84.80 -22.67
CA LEU GA 256 -34.06 84.87 -23.03
C LEU GA 256 -34.89 83.92 -22.16
N SER GA 257 -36.04 84.38 -21.64
CA SER GA 257 -36.83 83.53 -20.75
C SER GA 257 -38.35 83.68 -20.87
N TYR GA 258 -39.07 82.66 -20.39
CA TYR GA 258 -40.54 82.74 -20.42
C TYR GA 258 -41.07 83.82 -19.49
N ASN GA 259 -40.50 83.97 -18.29
CA ASN GA 259 -40.87 85.08 -17.41
C ASN GA 259 -39.69 86.04 -17.29
N PRO GA 260 -39.87 87.27 -17.74
CA PRO GA 260 -38.82 88.30 -17.66
C PRO GA 260 -38.59 88.79 -16.25
N ASN GA 261 -37.41 88.51 -15.71
CA ASN GA 261 -37.01 88.91 -14.37
C ASN GA 261 -35.73 89.74 -14.31
N ALA GA 262 -35.28 90.25 -15.45
CA ALA GA 262 -34.03 91.00 -15.51
C ALA GA 262 -34.17 92.36 -14.86
N ILE GA 263 -35.20 93.11 -15.27
CA ILE GA 263 -35.45 94.43 -14.72
C ILE GA 263 -35.75 94.28 -13.26
N ALA GA 264 -36.60 93.32 -12.93
CA ALA GA 264 -36.96 93.15 -11.53
C ALA GA 264 -35.73 92.96 -10.67
N THR GA 265 -34.76 92.19 -11.13
CA THR GA 265 -33.55 92.02 -10.35
C THR GA 265 -32.79 93.31 -10.19
N ALA GA 266 -32.56 94.02 -11.30
CA ALA GA 266 -31.80 95.26 -11.25
C ALA GA 266 -32.48 96.29 -10.36
N LEU GA 267 -33.80 96.34 -10.43
CA LEU GA 267 -34.54 97.33 -9.70
C LEU GA 267 -34.48 97.03 -8.20
N ASP GA 268 -34.60 95.74 -7.81
CA ASP GA 268 -34.51 95.39 -6.39
C ASP GA 268 -33.12 95.73 -5.85
N ASN GA 269 -32.07 95.48 -6.65
CA ASN GA 269 -30.72 95.79 -6.19
C ASN GA 269 -30.57 97.30 -6.02
N LEU GA 270 -31.13 98.08 -6.94
CA LEU GA 270 -31.04 99.53 -6.82
C LEU GA 270 -31.85 100.04 -5.62
N ASN GA 271 -32.98 99.45 -5.32
CA ASN GA 271 -33.69 99.91 -4.15
C ASN GA 271 -32.84 99.74 -2.89
N ALA GA 272 -32.06 98.65 -2.82
CA ALA GA 272 -31.12 98.45 -1.72
C ALA GA 272 -30.03 99.54 -1.72
N VAL GA 273 -29.59 99.92 -2.91
CA VAL GA 273 -28.58 100.97 -3.16
C VAL GA 273 -29.02 102.33 -2.65
N ASN GA 274 -30.22 102.73 -2.96
CA ASN GA 274 -30.65 104.07 -2.58
C ASN GA 274 -31.12 104.13 -1.14
N GLY GA 275 -30.15 104.08 -0.22
CA GLY GA 275 -30.44 104.09 1.21
C GLY GA 275 -29.24 104.27 2.14
N PRO GA 276 -29.54 104.37 3.45
CA PRO GA 276 -28.54 104.60 4.51
C PRO GA 276 -27.50 103.53 4.72
N THR GA 277 -27.81 102.30 4.33
CA THR GA 277 -26.88 101.21 4.52
C THR GA 277 -25.95 101.07 3.34
N PHE GA 278 -26.16 101.89 2.32
CA PHE GA 278 -25.32 101.85 1.16
C PHE GA 278 -24.50 103.12 1.08
N ILE GA 279 -25.15 104.30 1.04
CA ILE GA 279 -24.39 105.55 0.97
C ILE GA 279 -24.66 106.66 1.99
N ASP GA 280 -25.74 106.64 2.78
CA ASP GA 280 -25.88 107.84 3.63
C ASP GA 280 -24.82 107.76 4.72
N ALA GA 281 -24.60 106.57 5.26
CA ALA GA 281 -23.60 106.47 6.31
C ALA GA 281 -22.22 106.93 5.81
N ILE GA 282 -21.90 106.63 4.55
CA ILE GA 282 -20.62 107.02 3.99
C ILE GA 282 -20.53 108.52 3.90
N LEU GA 283 -21.55 109.12 3.30
CA LEU GA 283 -21.56 110.55 3.07
C LEU GA 283 -21.59 111.35 4.37
N ASP GA 284 -22.31 110.86 5.38
CA ASP GA 284 -22.36 111.59 6.65
C ASP GA 284 -21.00 111.57 7.33
N ASP GA 285 -20.30 110.43 7.28
CA ASP GA 285 -18.97 110.35 7.89
C ASP GA 285 -17.91 111.07 7.07
N LEU GA 286 -18.03 111.02 5.75
CA LEU GA 286 -17.05 111.64 4.86
C LEU GA 286 -17.09 113.16 4.97
N ARG GA 287 -18.29 113.73 5.02
CA ARG GA 287 -18.46 115.18 5.10
C ARG GA 287 -18.19 115.67 6.52
N ASN GA 321 8.51 115.13 16.20
CA ASN GA 321 7.30 115.21 15.40
C ASN GA 321 6.83 113.87 14.90
N SER GA 322 7.56 112.81 15.26
CA SER GA 322 7.20 111.48 14.78
C SER GA 322 5.81 111.04 15.22
N VAL GA 323 5.39 111.48 16.40
CA VAL GA 323 4.07 111.18 16.88
C VAL GA 323 3.01 111.91 16.10
N LYS GA 324 3.34 113.14 15.67
CA LYS GA 324 2.40 113.95 14.95
C LYS GA 324 2.14 113.30 13.61
N VAL GA 325 3.21 112.78 12.99
CA VAL GA 325 3.05 112.07 11.71
C VAL GA 325 2.17 110.86 11.88
N ALA GA 326 2.42 110.07 12.94
CA ALA GA 326 1.62 108.88 13.17
C ALA GA 326 0.14 109.21 13.36
N ASN GA 327 -0.17 110.29 14.08
CA ASN GA 327 -1.55 110.66 14.32
C ASN GA 327 -2.19 111.12 13.01
N PHE GA 328 -1.46 111.95 12.27
CA PHE GA 328 -1.93 112.45 11.00
C PHE GA 328 -2.21 111.32 10.04
N ALA GA 329 -1.25 110.42 9.91
CA ALA GA 329 -1.37 109.31 8.98
C ALA GA 329 -2.61 108.48 9.26
N SER GA 330 -2.93 108.25 10.54
CA SER GA 330 -4.15 107.53 10.90
C SER GA 330 -5.40 108.25 10.40
N LEU GA 331 -5.44 109.56 10.60
CA LEU GA 331 -6.60 110.35 10.18
C LEU GA 331 -6.76 110.31 8.65
N VAL GA 332 -5.64 110.36 7.91
CA VAL GA 332 -5.70 110.30 6.45
C VAL GA 332 -6.27 108.96 6.01
N GLU GA 333 -5.76 107.87 6.61
CA GLU GA 333 -6.22 106.54 6.24
C GLU GA 333 -7.71 106.38 6.44
N SER GA 334 -8.25 106.94 7.53
CA SER GA 334 -9.68 106.86 7.77
C SER GA 334 -10.48 107.49 6.62
N VAL GA 335 -10.05 108.68 6.17
CA VAL GA 335 -10.75 109.35 5.07
C VAL GA 335 -10.63 108.53 3.80
N LEU GA 336 -9.41 108.06 3.52
CA LEU GA 336 -9.13 107.27 2.34
C LEU GA 336 -9.98 106.02 2.25
N SER GA 337 -10.13 105.33 3.37
CA SER GA 337 -10.93 104.11 3.41
C SER GA 337 -12.39 104.43 3.07
N THR GA 338 -12.91 105.52 3.66
CA THR GA 338 -14.27 105.98 3.38
C THR GA 338 -14.47 106.30 1.90
N LEU GA 339 -13.49 106.99 1.30
CA LEU GA 339 -13.60 107.33 -0.12
C LEU GA 339 -13.63 106.06 -0.97
N ASN GA 340 -12.81 105.07 -0.62
CA ASN GA 340 -12.78 103.84 -1.40
C ASN GA 340 -14.13 103.13 -1.39
N GLU GA 341 -14.84 103.14 -0.25
CA GLU GA 341 -16.17 102.52 -0.22
C GLU GA 341 -17.14 103.23 -1.16
N LEU GA 342 -17.07 104.57 -1.22
CA LEU GA 342 -17.96 105.33 -2.09
C LEU GA 342 -17.69 104.99 -3.56
N ILE GA 343 -16.41 104.82 -3.88
CA ILE GA 343 -15.99 104.48 -5.24
C ILE GA 343 -16.53 103.09 -5.63
N ASP GA 344 -16.39 102.11 -4.73
CA ASP GA 344 -16.91 100.77 -5.02
C ASP GA 344 -18.43 100.81 -5.24
N ALA GA 345 -19.12 101.66 -4.50
CA ALA GA 345 -20.56 101.79 -4.64
C ALA GA 345 -20.93 102.19 -6.06
N LYS GA 346 -20.17 103.14 -6.64
CA LYS GA 346 -20.42 103.56 -8.01
C LYS GA 346 -20.35 102.40 -8.99
N GLU GA 347 -19.33 101.56 -8.83
CA GLU GA 347 -19.14 100.45 -9.75
C GLU GA 347 -20.31 99.46 -9.67
N GLU GA 348 -20.82 99.18 -8.47
CA GLU GA 348 -21.95 98.26 -8.36
C GLU GA 348 -23.19 98.80 -9.06
N ILE GA 349 -23.41 100.11 -8.95
CA ILE GA 349 -24.53 100.76 -9.61
C ILE GA 349 -24.47 100.60 -11.10
N ASN GA 350 -23.31 100.87 -11.69
CA ASN GA 350 -23.21 100.73 -13.13
C ASN GA 350 -23.47 99.31 -13.60
N LYS GA 351 -23.03 98.33 -12.82
CA LYS GA 351 -23.21 96.94 -13.24
C LYS GA 351 -24.68 96.54 -13.32
N ASP GA 352 -25.53 97.00 -12.38
CA ASP GA 352 -26.94 96.62 -12.46
C ASP GA 352 -27.73 97.48 -13.45
N VAL GA 353 -27.43 98.78 -13.51
CA VAL GA 353 -28.19 99.65 -14.40
C VAL GA 353 -28.01 99.21 -15.83
N ASN GA 354 -26.79 98.83 -16.18
CA ASN GA 354 -26.52 98.37 -17.52
C ASN GA 354 -27.33 97.14 -17.92
N SER GA 355 -27.81 96.32 -16.97
CA SER GA 355 -28.57 95.14 -17.37
C SER GA 355 -29.99 95.61 -17.68
N ALA GA 356 -30.42 96.69 -17.01
CA ALA GA 356 -31.73 97.25 -17.26
C ALA GA 356 -31.76 97.84 -18.66
N ILE GA 357 -30.66 98.49 -19.03
CA ILE GA 357 -30.57 99.11 -20.34
C ILE GA 357 -30.57 98.05 -21.40
N ALA GA 358 -29.71 97.04 -21.24
CA ALA GA 358 -29.59 95.94 -22.19
C ALA GA 358 -30.88 95.16 -22.36
N SER GA 359 -31.63 94.99 -21.28
CA SER GA 359 -32.86 94.20 -21.31
C SER GA 359 -34.06 94.95 -21.85
N SER GA 360 -34.05 96.28 -21.79
CA SER GA 360 -35.18 97.08 -22.23
C SER GA 360 -35.13 97.21 -23.76
N GLU GA 361 -35.32 96.10 -24.46
CA GLU GA 361 -35.25 96.07 -25.93
C GLU GA 361 -36.28 96.95 -26.59
N GLU GA 362 -37.47 96.98 -26.04
CA GLU GA 362 -38.59 97.74 -26.57
C GLU GA 362 -38.61 99.12 -25.93
N ASP GA 363 -39.25 100.07 -26.61
CA ASP GA 363 -39.42 101.42 -26.06
C ASP GA 363 -38.07 102.07 -25.76
N ASN GA 364 -37.30 102.33 -26.83
CA ASN GA 364 -35.96 102.91 -26.73
C ASN GA 364 -35.92 104.25 -25.99
N ALA GA 365 -37.06 104.91 -25.84
CA ALA GA 365 -37.16 106.13 -25.09
C ALA GA 365 -36.77 105.91 -23.64
N ILE GA 366 -37.08 104.71 -23.12
CA ILE GA 366 -36.75 104.38 -21.76
C ILE GA 366 -35.30 104.01 -21.71
N LYS GA 367 -34.81 103.24 -22.69
CA LYS GA 367 -33.37 102.98 -22.67
C LYS GA 367 -32.57 104.26 -22.55
N THR GA 368 -33.02 105.29 -23.28
CA THR GA 368 -32.35 106.57 -23.21
C THR GA 368 -32.51 107.17 -21.81
N ALA GA 369 -33.73 107.17 -21.25
CA ALA GA 369 -33.91 107.76 -19.92
C ALA GA 369 -33.01 107.12 -18.88
N ILE GA 370 -32.86 105.79 -18.95
CA ILE GA 370 -32.02 105.08 -17.99
C ILE GA 370 -30.57 105.45 -18.19
N SER GA 371 -30.12 105.42 -19.44
CA SER GA 371 -28.75 105.73 -19.77
C SER GA 371 -28.37 107.14 -19.36
N ASP GA 372 -29.23 108.11 -19.63
CA ASP GA 372 -28.92 109.49 -19.25
C ASP GA 372 -28.79 109.64 -17.74
N ALA GA 373 -29.67 109.00 -16.97
CA ALA GA 373 -29.58 109.11 -15.52
C ALA GA 373 -28.26 108.56 -15.00
N LEU GA 374 -27.81 107.44 -15.58
CA LEU GA 374 -26.56 106.83 -15.17
C LEU GA 374 -25.38 107.70 -15.55
N ASP GA 375 -25.40 108.22 -16.78
CA ASP GA 375 -24.31 109.02 -17.29
C ASP GA 375 -24.07 110.23 -16.40
N VAL GA 376 -25.16 110.88 -15.94
CA VAL GA 376 -25.00 112.03 -15.05
C VAL GA 376 -24.43 111.60 -13.70
N PHE GA 377 -24.94 110.52 -13.11
CA PHE GA 377 -24.45 110.06 -11.82
C PHE GA 377 -22.93 109.92 -11.81
N ASN GA 378 -22.41 109.30 -12.85
CA ASN GA 378 -20.98 109.03 -12.95
C ASN GA 378 -20.08 110.27 -12.96
N GLU GA 379 -20.61 111.46 -13.28
CA GLU GA 379 -19.78 112.66 -13.38
C GLU GA 379 -19.08 113.04 -12.08
N ASP GA 380 -19.56 112.56 -10.94
CA ASP GA 380 -18.94 112.95 -9.67
C ASP GA 380 -17.70 112.10 -9.42
N PHE GA 381 -17.54 111.00 -10.14
CA PHE GA 381 -16.45 110.08 -9.91
C PHE GA 381 -15.41 110.11 -11.01
N GLU GA 382 -15.87 110.39 -12.23
CA GLU GA 382 -15.08 110.47 -13.45
C GLU GA 382 -14.34 111.79 -13.56
N GLY GA 383 -13.57 111.95 -14.64
CA GLY GA 383 -12.72 113.11 -14.88
C GLY GA 383 -13.39 114.48 -14.75
N ALA GA 384 -14.72 114.53 -14.90
CA ALA GA 384 -15.43 115.80 -14.76
C ALA GA 384 -15.19 116.45 -13.38
N ASP GA 385 -15.11 115.63 -12.34
CA ASP GA 385 -14.85 116.03 -10.96
C ASP GA 385 -14.36 114.78 -10.27
N LYS GA 386 -13.09 114.49 -10.35
CA LYS GA 386 -12.73 113.10 -10.11
C LYS GA 386 -12.45 112.67 -8.67
N ILE GA 387 -13.51 112.18 -7.98
CA ILE GA 387 -13.36 111.62 -6.62
C ILE GA 387 -12.30 110.53 -6.64
N GLU GA 388 -12.27 109.74 -7.70
CA GLU GA 388 -11.33 108.64 -7.78
C GLU GA 388 -9.86 109.09 -7.74
N SER GA 389 -9.51 110.27 -8.26
CA SER GA 389 -8.10 110.65 -8.24
C SER GA 389 -7.75 111.24 -6.90
N VAL GA 390 -8.74 111.79 -6.20
CA VAL GA 390 -8.44 112.27 -4.86
C VAL GA 390 -8.02 111.11 -4.01
N ALA GA 391 -8.79 110.03 -4.06
CA ALA GA 391 -8.45 108.86 -3.27
C ALA GA 391 -7.07 108.32 -3.65
N LYS GA 392 -6.77 108.27 -4.95
CA LYS GA 392 -5.47 107.77 -5.38
C LYS GA 392 -4.34 108.64 -4.84
N ASN GA 393 -4.48 109.95 -4.98
CA ASN GA 393 -3.42 110.87 -4.58
C ASN GA 393 -3.20 110.85 -3.08
N LEU GA 394 -4.27 110.71 -2.28
CA LEU GA 394 -4.08 110.67 -0.84
C LEU GA 394 -3.28 109.44 -0.45
N SER GA 395 -3.50 108.30 -1.12
CA SER GA 395 -2.70 107.11 -0.85
C SER GA 395 -1.21 107.33 -1.09
N ASP GA 396 -0.86 107.93 -2.24
CA ASP GA 396 0.57 108.14 -2.55
C ASP GA 396 1.21 109.11 -1.54
N LEU GA 397 0.46 110.17 -1.18
CA LEU GA 397 0.94 111.16 -0.24
C LEU GA 397 1.16 110.56 1.14
N LEU GA 398 0.26 109.65 1.53
CA LEU GA 398 0.32 109.00 2.83
C LEU GA 398 1.57 108.17 2.96
N ILE GA 399 1.94 107.42 1.91
CA ILE GA 399 3.19 106.68 1.97
C ILE GA 399 4.36 107.63 2.16
N LYS GA 400 4.40 108.70 1.36
CA LYS GA 400 5.52 109.63 1.43
C LYS GA 400 5.64 110.28 2.82
N ILE GA 401 4.54 110.64 3.46
CA ILE GA 401 4.72 111.29 4.76
C ILE GA 401 5.22 110.29 5.79
N LYS GA 402 4.74 109.04 5.76
CA LYS GA 402 5.26 108.06 6.69
C LYS GA 402 6.75 107.79 6.49
N GLN GA 403 7.21 107.83 5.24
CA GLN GA 403 8.63 107.58 4.97
C GLN GA 403 9.48 108.86 5.13
N ALA GA 404 8.86 110.05 5.20
CA ALA GA 404 9.56 111.33 5.34
C ALA GA 404 10.50 111.36 6.54
N ASP GA 405 10.07 110.67 7.62
CA ASP GA 405 10.83 110.53 8.87
C ASP GA 405 12.20 109.89 8.67
N THR GA 406 12.41 109.24 7.52
CA THR GA 406 13.68 108.61 7.20
C THR GA 406 14.82 109.60 7.32
N ASN GA 407 14.62 110.83 6.85
CA ASN GA 407 15.73 111.75 6.93
C ASN GA 407 15.51 113.23 7.23
N THR GA 408 14.27 113.77 7.30
CA THR GA 408 14.21 115.20 7.67
C THR GA 408 12.82 115.77 8.00
N LYS GA 409 12.86 116.72 8.95
CA LYS GA 409 11.73 117.54 9.36
C LYS GA 409 11.15 118.36 8.23
N VAL GA 410 11.96 118.58 7.21
CA VAL GA 410 11.57 119.34 6.05
C VAL GA 410 10.56 118.56 5.24
N GLU GA 411 10.80 117.27 5.10
CA GLU GA 411 9.92 116.42 4.30
C GLU GA 411 8.53 116.44 4.91
N ASN GA 412 8.48 116.43 6.23
CA ASN GA 412 7.20 116.43 6.96
C ASN GA 412 6.44 117.76 6.85
N VAL GA 413 7.01 118.74 6.18
CA VAL GA 413 6.37 120.01 5.90
C VAL GA 413 6.04 120.08 4.43
N LEU GA 414 7.02 119.74 3.60
CA LEU GA 414 6.84 119.81 2.18
C LEU GA 414 5.69 118.94 1.71
N SER GA 415 5.52 117.75 2.32
CA SER GA 415 4.48 116.80 1.90
C SER GA 415 3.06 117.37 1.99
N ILE GA 416 2.87 118.43 2.79
CA ILE GA 416 1.57 119.04 2.98
C ILE GA 416 1.42 120.36 2.23
N ASN GA 417 2.45 121.22 2.26
CA ASN GA 417 2.32 122.56 1.66
C ASN GA 417 3.11 122.84 0.37
N ALA GA 418 4.06 121.98 -0.02
CA ALA GA 418 4.79 122.16 -1.26
C ALA GA 418 4.26 121.15 -2.23
N LEU GA 419 3.87 120.04 -1.63
CA LEU GA 419 3.25 118.88 -2.23
C LEU GA 419 1.77 119.02 -1.95
N ASN GA 420 0.99 117.99 -2.24
CA ASN GA 420 -0.44 118.17 -2.24
C ASN GA 420 -1.35 117.74 -1.07
N PHE GA 421 -0.91 117.40 0.16
CA PHE GA 421 -2.02 117.03 1.09
C PHE GA 421 -3.05 118.14 1.29
N SER GA 422 -2.61 119.40 1.42
CA SER GA 422 -3.60 120.45 1.55
C SER GA 422 -4.50 120.54 0.33
N ALA GA 423 -3.88 120.51 -0.84
CA ALA GA 423 -4.55 120.63 -2.13
C ALA GA 423 -5.55 119.52 -2.41
N GLU GA 424 -5.26 118.29 -1.97
CA GLU GA 424 -6.20 117.19 -2.23
C GLU GA 424 -7.37 117.21 -1.29
N PHE GA 425 -7.17 117.53 0.00
CA PHE GA 425 -8.35 117.52 0.86
C PHE GA 425 -9.31 118.65 0.47
N GLU GA 426 -8.78 119.71 -0.11
CA GLU GA 426 -9.61 120.81 -0.54
C GLU GA 426 -10.61 120.35 -1.60
N LYS GA 427 -10.23 119.36 -2.41
CA LYS GA 427 -11.08 118.94 -3.52
C LYS GA 427 -12.33 118.24 -3.01
N LEU GA 428 -12.35 117.88 -1.74
CA LEU GA 428 -13.53 117.24 -1.20
C LEU GA 428 -14.40 118.32 -0.58
N LEU GA 429 -13.77 119.22 0.19
CA LEU GA 429 -14.44 120.36 0.79
C LEU GA 429 -13.52 121.57 0.61
N THR GA 430 -14.00 122.59 -0.13
CA THR GA 430 -13.17 123.74 -0.51
C THR GA 430 -12.53 124.52 0.64
N TYR GA 431 -13.24 124.70 1.75
CA TYR GA 431 -12.70 125.48 2.85
C TYR GA 431 -13.28 125.05 4.18
N ASP GA 432 -13.32 123.74 4.44
CA ASP GA 432 -13.95 123.24 5.66
C ASP GA 432 -13.36 123.88 6.91
N VAL GA 433 -12.05 124.17 6.86
CA VAL GA 433 -11.22 124.76 7.91
C VAL GA 433 -11.71 126.12 8.40
N ASN GA 434 -12.62 126.73 7.64
CA ASN GA 434 -13.21 128.02 7.97
C ASN GA 434 -13.90 128.00 9.34
N THR GA 435 -14.40 126.85 9.79
CA THR GA 435 -15.10 126.78 11.07
C THR GA 435 -14.95 125.40 11.70
N GLY GA 436 -15.21 125.31 13.02
CA GLY GA 436 -15.14 124.01 13.69
C GLY GA 436 -16.07 123.00 13.05
N LEU GA 437 -17.24 123.46 12.63
CA LEU GA 437 -18.13 122.61 11.87
C LEU GA 437 -17.75 122.88 10.45
N THR GA 438 -17.63 121.87 9.59
CA THR GA 438 -17.20 122.20 8.24
C THR GA 438 -18.08 123.29 7.65
N ALA GA 439 -17.43 124.32 7.14
CA ALA GA 439 -18.11 125.49 6.61
C ALA GA 439 -17.47 125.97 5.33
N SER GA 440 -18.06 127.01 4.74
CA SER GA 440 -17.52 127.64 3.54
C SER GA 440 -17.29 126.64 2.42
N VAL GA 441 -18.20 125.70 2.27
CA VAL GA 441 -18.05 124.71 1.23
C VAL GA 441 -18.49 125.31 -0.09
N THR GA 442 -17.61 126.20 -0.63
CA THR GA 442 -17.82 126.91 -1.88
C THR GA 442 -17.99 125.92 -3.02
N LEU GA 443 -17.41 124.76 -2.81
CA LEU GA 443 -17.46 123.62 -3.68
C LEU GA 443 -17.28 122.41 -2.79
N ASP GA 444 -17.91 121.31 -3.21
CA ASP GA 444 -17.75 120.05 -2.51
C ASP GA 444 -18.03 118.90 -3.45
N LEU GA 445 -17.30 117.81 -3.26
CA LEU GA 445 -17.45 116.61 -4.07
C LEU GA 445 -18.49 115.64 -3.52
N PHE GA 446 -19.11 115.97 -2.41
CA PHE GA 446 -19.98 115.02 -1.75
C PHE GA 446 -21.47 115.27 -1.85
N ALA GA 447 -22.18 114.15 -1.76
CA ALA GA 447 -23.62 113.96 -1.57
C ALA GA 447 -24.55 114.42 -2.69
N ASN GA 448 -24.05 114.65 -3.91
CA ASN GA 448 -24.94 114.98 -5.03
C ASN GA 448 -25.56 113.68 -5.55
N ILE GA 449 -25.05 112.61 -4.96
CA ILE GA 449 -25.36 111.22 -5.12
C ILE GA 449 -26.80 110.97 -4.79
N GLY GA 450 -27.32 111.58 -3.72
CA GLY GA 450 -28.69 111.29 -3.32
C GLY GA 450 -29.71 111.51 -4.44
N THR GA 451 -29.72 112.72 -4.99
CA THR GA 451 -30.64 113.06 -6.07
C THR GA 451 -30.40 112.20 -7.30
N ARG GA 452 -29.13 112.02 -7.65
CA ARG GA 452 -28.84 111.27 -8.84
C ARG GA 452 -29.27 109.80 -8.72
N LEU GA 453 -29.16 109.18 -7.53
CA LEU GA 453 -29.66 107.80 -7.40
C LEU GA 453 -31.15 107.75 -7.59
N ASP GA 454 -31.89 108.74 -7.06
CA ASP GA 454 -33.33 108.76 -7.25
C ASP GA 454 -33.67 108.79 -8.74
N ASP GA 455 -32.92 109.59 -9.53
CA ASP GA 455 -33.19 109.71 -10.97
C ASP GA 455 -32.96 108.38 -11.68
N ILE GA 456 -31.91 107.65 -11.27
CA ILE GA 456 -31.63 106.34 -11.88
C ILE GA 456 -32.74 105.37 -11.60
N ILE GA 457 -33.15 105.28 -10.33
CA ILE GA 457 -34.18 104.30 -10.00
C ILE GA 457 -35.47 104.61 -10.71
N ALA GA 458 -35.87 105.88 -10.71
CA ALA GA 458 -37.10 106.21 -11.38
C ALA GA 458 -37.05 105.80 -12.85
N ALA GA 459 -35.93 106.07 -13.53
CA ALA GA 459 -35.83 105.69 -14.94
C ALA GA 459 -35.88 104.17 -15.11
N VAL GA 460 -35.20 103.42 -14.23
CA VAL GA 460 -35.17 101.97 -14.38
C VAL GA 460 -36.55 101.37 -14.15
N SER GA 461 -37.28 101.88 -13.17
CA SER GA 461 -38.61 101.37 -12.85
C SER GA 461 -39.56 101.46 -14.03
N ALA GA 462 -39.30 102.37 -14.96
CA ALA GA 462 -40.17 102.55 -16.12
C ALA GA 462 -40.14 101.34 -17.02
N ALA GA 463 -39.08 100.53 -16.92
CA ALA GA 463 -38.90 99.36 -17.74
C ALA GA 463 -39.61 98.13 -17.20
N GLU GA 464 -40.11 98.17 -15.97
CA GLU GA 464 -40.72 96.95 -15.45
C GLU GA 464 -41.86 96.38 -16.32
N PRO GA 465 -42.78 97.19 -16.88
CA PRO GA 465 -43.82 96.67 -17.77
C PRO GA 465 -43.40 96.60 -19.24
N ILE GA 466 -42.13 96.80 -19.54
CA ILE GA 466 -41.65 96.83 -20.91
C ILE GA 466 -40.93 95.54 -21.25
N ASP GA 467 -40.14 95.04 -20.31
CA ASP GA 467 -39.32 93.90 -20.63
C ASP GA 467 -39.98 92.55 -20.39
N VAL GA 468 -40.40 91.94 -21.50
CA VAL GA 468 -41.08 90.65 -21.51
C VAL GA 468 -40.15 89.43 -21.72
N ASN GA 469 -39.03 89.54 -22.37
CA ASN GA 469 -38.20 88.35 -22.60
C ASN GA 469 -36.78 88.20 -22.03
N ASN GA 470 -36.29 89.05 -21.13
CA ASN GA 470 -34.91 88.86 -20.68
C ASN GA 470 -34.79 88.35 -19.24
N GLY GA 471 -33.86 87.42 -19.04
CA GLY GA 471 -33.63 86.83 -17.73
C GLY GA 471 -32.60 87.59 -16.90
N LYS GA 472 -32.37 87.04 -15.73
CA LYS GA 472 -31.52 87.61 -14.70
C LYS GA 472 -30.09 87.95 -15.11
N LEU GA 473 -29.46 87.15 -15.96
CA LEU GA 473 -28.07 87.36 -16.32
C LEU GA 473 -27.87 88.18 -17.59
N ASN GA 474 -28.96 88.61 -18.21
CA ASN GA 474 -28.88 89.31 -19.48
C ASN GA 474 -28.09 90.59 -19.35
N GLY GA 475 -27.10 90.77 -20.22
CA GLY GA 475 -26.29 91.97 -20.24
C GLY GA 475 -25.10 91.94 -19.29
N ARG GA 476 -24.82 90.80 -18.68
CA ARG GA 476 -23.69 90.60 -17.76
C ARG GA 476 -22.53 89.82 -18.38
N LEU GA 477 -21.33 89.99 -17.78
CA LEU GA 477 -20.11 89.32 -18.21
C LEU GA 477 -19.98 87.88 -17.69
N LEU GA 478 -19.28 87.03 -18.46
CA LEU GA 478 -19.17 85.62 -18.11
C LEU GA 478 -18.50 85.44 -16.75
N SER GA 479 -17.42 86.16 -16.49
CA SER GA 479 -16.74 86.05 -15.21
C SER GA 479 -17.66 86.45 -14.05
N ASP GA 480 -18.51 87.44 -14.28
CA ASP GA 480 -19.42 87.93 -13.24
C ASP GA 480 -20.38 86.86 -12.75
N ILE GA 481 -20.91 86.04 -13.65
CA ILE GA 481 -21.88 85.02 -13.25
C ILE GA 481 -21.34 83.89 -12.38
N GLU GA 482 -20.02 83.66 -12.40
CA GLU GA 482 -19.44 82.52 -11.71
C GLU GA 482 -19.88 82.42 -10.26
N PRO GA 483 -19.90 83.49 -9.49
CA PRO GA 483 -20.40 83.43 -8.11
C PRO GA 483 -21.88 83.11 -8.04
N LEU GA 484 -22.68 83.76 -8.88
CA LEU GA 484 -24.14 83.58 -8.88
C LEU GA 484 -24.60 82.20 -9.34
N ASP GA 485 -23.99 81.67 -10.39
CA ASP GA 485 -24.34 80.37 -10.92
C ASP GA 485 -23.06 79.61 -11.26
N ASN GA 486 -23.08 78.29 -11.14
CA ASN GA 486 -21.88 77.53 -11.48
C ASN GA 486 -22.13 76.44 -12.49
N ALA GA 487 -23.30 75.82 -12.44
CA ALA GA 487 -23.57 74.75 -13.39
C ALA GA 487 -23.59 75.31 -14.79
N THR GA 488 -24.23 76.47 -14.94
CA THR GA 488 -24.34 77.10 -16.24
C THR GA 488 -22.98 77.58 -16.70
N TYR GA 489 -22.22 78.18 -15.79
CA TYR GA 489 -20.90 78.68 -16.10
C TYR GA 489 -19.98 77.59 -16.64
N ASN GA 490 -19.92 76.46 -15.94
CA ASN GA 490 -19.06 75.39 -16.39
C ASN GA 490 -19.53 74.82 -17.72
N THR GA 491 -20.84 74.74 -17.93
CA THR GA 491 -21.38 74.24 -19.18
C THR GA 491 -20.95 75.11 -20.34
N ILE GA 492 -21.03 76.43 -20.16
CA ILE GA 492 -20.65 77.38 -21.19
C ILE GA 492 -19.20 77.22 -21.56
N LEU GA 493 -18.31 77.11 -20.57
CA LEU GA 493 -16.90 76.96 -20.89
C LEU GA 493 -16.63 75.70 -21.67
N LEU GA 494 -17.29 74.59 -21.32
CA LEU GA 494 -17.10 73.37 -22.08
C LEU GA 494 -17.53 73.52 -23.52
N GLU GA 495 -18.63 74.24 -23.75
CA GLU GA 495 -19.10 74.42 -25.12
C GLU GA 495 -18.14 75.31 -25.90
N ILE GA 496 -17.59 76.36 -25.27
CA ILE GA 496 -16.67 77.26 -25.98
C ILE GA 496 -15.45 76.50 -26.46
N ASN GA 497 -14.93 75.64 -25.61
CA ASN GA 497 -13.71 74.93 -25.92
C ASN GA 497 -13.91 73.80 -26.93
N SER GA 498 -15.12 73.59 -27.43
CA SER GA 498 -15.34 72.58 -28.45
C SER GA 498 -14.96 73.07 -29.83
N HIS GA 499 -14.72 74.36 -30.00
CA HIS GA 499 -14.42 74.92 -31.32
C HIS GA 499 -12.92 74.90 -31.60
N LYS GA 500 -12.53 74.32 -32.74
CA LYS GA 500 -11.12 74.19 -33.08
C LYS GA 500 -10.66 75.10 -34.21
N VAL GA 501 -9.34 75.30 -34.25
CA VAL GA 501 -8.60 76.13 -35.22
C VAL GA 501 -8.37 75.39 -36.54
N THR GA 502 -8.47 76.11 -37.68
CA THR GA 502 -8.22 75.56 -39.03
C THR GA 502 -7.09 76.36 -39.68
N LEU GA 503 -6.10 75.66 -40.26
CA LEU GA 503 -4.92 76.29 -40.85
C LEU GA 503 -4.56 75.83 -42.27
N PRO GA 504 -3.94 76.71 -43.08
CA PRO GA 504 -3.30 76.34 -44.35
C PRO GA 504 -2.22 75.31 -44.05
N PRO GA 505 -1.93 74.39 -44.96
CA PRO GA 505 -0.98 73.27 -44.74
C PRO GA 505 0.54 73.58 -44.76
N SER GA 506 0.99 74.69 -45.34
CA SER GA 506 2.41 74.98 -45.48
C SER GA 506 3.29 74.89 -44.22
N SER GA 507 2.78 75.25 -43.04
CA SER GA 507 3.65 75.20 -41.87
C SER GA 507 3.90 73.77 -41.40
N SER GA 508 2.99 72.85 -41.74
CA SER GA 508 3.15 71.49 -41.30
C SER GA 508 4.09 70.81 -42.24
N MET GA 509 4.08 71.27 -43.50
CA MET GA 509 4.98 70.69 -44.45
C MET GA 509 6.42 71.05 -44.13
N ALA GA 510 6.68 72.27 -43.68
CA ALA GA 510 8.04 72.62 -43.31
C ALA GA 510 8.54 71.70 -42.20
N GLY GA 511 7.66 71.37 -41.26
CA GLY GA 511 7.99 70.42 -40.20
C GLY GA 511 8.33 69.05 -40.77
N ALA GA 512 7.46 68.55 -41.65
CA ALA GA 512 7.65 67.25 -42.30
C ALA GA 512 8.95 67.19 -43.09
N TYR GA 513 9.33 68.28 -43.76
CA TYR GA 513 10.58 68.29 -44.51
C TYR GA 513 11.74 68.05 -43.57
N ALA GA 514 11.72 68.70 -42.40
CA ALA GA 514 12.81 68.51 -41.44
C ALA GA 514 12.95 67.07 -41.00
N ARG GA 515 11.83 66.38 -40.74
CA ARG GA 515 11.90 64.98 -40.35
C ARG GA 515 12.56 64.12 -41.40
N VAL GA 516 12.14 64.28 -42.65
CA VAL GA 516 12.67 63.45 -43.72
C VAL GA 516 14.17 63.69 -43.90
N ASP GA 517 14.59 64.96 -43.87
CA ASP GA 517 16.00 65.28 -44.04
C ASP GA 517 16.86 64.62 -42.97
N ASN GA 518 16.35 64.50 -41.75
CA ASN GA 518 17.13 63.86 -40.68
C ASN GA 518 17.07 62.34 -40.73
N ASP GA 519 15.93 61.75 -41.06
CA ASP GA 519 15.80 60.31 -41.13
C ASP GA 519 16.44 59.63 -42.33
N ARG GA 520 16.35 60.25 -43.50
CA ARG GA 520 16.87 59.62 -44.71
C ARG GA 520 17.82 60.50 -45.53
N GLY GA 521 17.62 61.80 -45.55
CA GLY GA 521 18.45 62.69 -46.35
C GLY GA 521 17.64 63.53 -47.33
N VAL GA 522 18.23 64.61 -47.80
CA VAL GA 522 17.60 65.58 -48.70
C VAL GA 522 17.14 64.98 -50.03
N TRP GA 523 17.68 63.85 -50.42
CA TRP GA 523 17.31 63.22 -51.67
C TRP GA 523 16.09 62.30 -51.55
N LYS GA 524 15.54 62.16 -50.36
CA LYS GA 524 14.35 61.34 -50.14
C LYS GA 524 13.07 62.16 -50.32
N SER GA 525 12.13 61.63 -51.07
CA SER GA 525 10.84 62.30 -51.26
C SER GA 525 10.03 62.50 -49.97
N PRO GA 526 9.47 63.71 -49.74
CA PRO GA 526 8.55 64.07 -48.64
C PRO GA 526 7.18 63.37 -48.63
N ALA GA 527 6.79 62.68 -49.68
CA ALA GA 527 5.48 62.05 -49.72
C ALA GA 527 5.39 60.79 -48.86
N ASN GA 528 4.13 60.40 -48.56
CA ASN GA 528 3.73 59.23 -47.76
C ASN GA 528 4.21 59.35 -46.32
N ILE GA 529 4.11 60.56 -45.80
CA ILE GA 529 4.47 60.89 -44.42
C ILE GA 529 3.23 61.44 -43.71
N GLY GA 530 2.97 60.93 -42.51
CA GLY GA 530 1.80 61.36 -41.74
C GLY GA 530 2.02 62.69 -41.03
N LEU GA 531 0.92 63.39 -40.78
CA LEU GA 531 0.95 64.68 -40.08
C LEU GA 531 0.46 64.56 -38.65
N ASN GA 532 1.09 65.32 -37.75
CA ASN GA 532 0.68 65.35 -36.35
C ASN GA 532 -0.29 66.49 -36.12
N TYR GA 533 -1.17 66.31 -35.13
CA TYR GA 533 -2.17 67.29 -34.72
C TYR GA 533 -3.16 67.61 -35.82
N VAL GA 534 -3.50 66.64 -36.66
CA VAL GA 534 -4.47 66.87 -37.72
C VAL GA 534 -5.61 65.89 -37.54
N SER GA 535 -6.82 66.42 -37.43
CA SER GA 535 -7.99 65.57 -37.33
C SER GA 535 -8.43 65.11 -38.68
N LYS GA 536 -8.41 66.03 -39.64
CA LYS GA 536 -8.84 65.73 -40.98
C LYS GA 536 -8.50 66.89 -41.94
N PRO GA 537 -8.45 66.61 -43.26
CA PRO GA 537 -8.48 67.62 -44.33
C PRO GA 537 -9.80 68.36 -44.27
N SER GA 538 -9.81 69.65 -44.63
CA SER GA 538 -11.04 70.44 -44.64
C SER GA 538 -12.08 69.91 -45.62
N VAL GA 539 -11.65 69.40 -46.77
CA VAL GA 539 -12.54 68.86 -47.79
C VAL GA 539 -12.02 67.51 -48.25
N THR GA 540 -12.91 66.72 -48.86
CA THR GA 540 -12.53 65.43 -49.42
C THR GA 540 -12.37 65.54 -50.93
N VAL GA 541 -11.23 65.09 -51.44
CA VAL GA 541 -10.94 65.19 -52.86
C VAL GA 541 -11.06 63.81 -53.50
N SER GA 542 -11.94 63.66 -54.49
CA SER GA 542 -12.21 62.41 -55.17
C SER GA 542 -11.11 62.06 -56.16
N HIS GA 543 -11.11 60.81 -56.65
CA HIS GA 543 -10.11 60.40 -57.62
C HIS GA 543 -10.22 61.15 -58.93
N GLU GA 544 -11.44 61.46 -59.34
CA GLU GA 544 -11.64 62.19 -60.58
C GLU GA 544 -10.96 63.53 -60.51
N GLU GA 545 -11.02 64.16 -59.35
CA GLU GA 545 -10.37 65.45 -59.15
C GLU GA 545 -8.89 65.31 -59.02
N GLN GA 546 -8.45 64.31 -58.27
CA GLN GA 546 -7.04 64.12 -57.97
C GLN GA 546 -6.17 63.93 -59.20
N GLU GA 547 -6.69 63.30 -60.25
CA GLU GA 547 -5.87 63.14 -61.44
C GLU GA 547 -5.46 64.47 -62.06
N SER GA 548 -6.30 65.52 -61.93
CA SER GA 548 -6.01 66.81 -62.54
C SER GA 548 -5.04 67.63 -61.67
N MET GA 549 -4.78 67.17 -60.45
CA MET GA 549 -3.86 67.85 -59.57
C MET GA 549 -2.47 67.35 -59.86
N ASN GA 550 -2.36 66.09 -60.25
CA ASN GA 550 -1.06 65.49 -60.51
C ASN GA 550 -0.54 65.73 -61.92
N VAL GA 551 -1.41 65.60 -62.93
CA VAL GA 551 -1.00 65.80 -64.31
C VAL GA 551 -1.92 66.83 -64.93
N HIS GA 552 -1.34 67.85 -65.54
CA HIS GA 552 -2.12 68.92 -66.11
C HIS GA 552 -1.36 69.60 -67.24
N GLY GA 553 -2.11 70.12 -68.21
CA GLY GA 553 -1.52 70.79 -69.36
C GLY GA 553 -0.56 71.92 -69.04
N THR GA 554 -0.74 72.61 -67.91
CA THR GA 554 0.15 73.70 -67.54
C THR GA 554 1.41 73.27 -66.78
N GLY GA 555 1.44 72.06 -66.24
CA GLY GA 555 2.54 71.57 -65.42
C GLY GA 555 2.47 72.03 -63.97
N LYS GA 556 1.48 72.85 -63.65
CA LYS GA 556 1.33 73.42 -62.32
C LYS GA 556 0.59 72.48 -61.39
N SER GA 557 1.29 71.43 -61.03
CA SER GA 557 0.81 70.38 -60.17
C SER GA 557 0.56 70.85 -58.76
N VAL GA 558 -0.39 70.22 -58.09
CA VAL GA 558 -0.68 70.50 -56.68
C VAL GA 558 -0.65 69.19 -55.91
N ASN GA 559 0.07 69.13 -54.81
CA ASN GA 559 0.16 67.91 -54.03
C ASN GA 559 -1.07 67.78 -53.14
N ALA GA 560 -1.55 66.56 -52.90
CA ALA GA 560 -2.80 66.40 -52.15
C ALA GA 560 -2.62 65.92 -50.73
N ILE GA 561 -3.50 66.40 -49.84
CA ILE GA 561 -3.55 65.89 -48.48
C ILE GA 561 -4.76 64.96 -48.40
N ARG GA 562 -4.55 63.70 -47.99
CA ARG GA 562 -5.61 62.70 -47.98
C ARG GA 562 -5.74 61.87 -46.72
N SER GA 563 -6.96 61.45 -46.43
CA SER GA 563 -7.25 60.56 -45.31
C SER GA 563 -7.38 59.10 -45.77
N PHE GA 564 -6.64 58.21 -45.11
CA PHE GA 564 -6.68 56.79 -45.44
C PHE GA 564 -7.20 55.95 -44.26
N VAL GA 565 -7.94 54.90 -44.58
CA VAL GA 565 -8.52 54.08 -43.52
C VAL GA 565 -7.45 53.36 -42.73
N GLY GA 566 -7.51 53.55 -41.41
CA GLY GA 566 -6.58 52.93 -40.50
C GLY GA 566 -5.25 53.66 -40.38
N LYS GA 567 -5.07 54.74 -41.13
CA LYS GA 567 -3.80 55.45 -41.10
C LYS GA 567 -3.92 56.91 -40.69
N GLY GA 568 -4.97 57.58 -41.07
CA GLY GA 568 -5.09 59.00 -40.80
C GLY GA 568 -4.64 59.83 -41.99
N THR GA 569 -4.21 61.05 -41.73
CA THR GA 569 -3.93 61.99 -42.82
C THR GA 569 -2.48 61.92 -43.28
N LEU GA 570 -2.31 61.65 -44.59
CA LEU GA 570 -1.01 61.53 -45.26
C LEU GA 570 -0.82 62.54 -46.40
N VAL GA 571 0.44 62.85 -46.68
CA VAL GA 571 0.81 63.67 -47.84
C VAL GA 571 0.94 62.77 -49.07
N TRP GA 572 0.15 63.03 -50.11
CA TRP GA 572 0.14 62.16 -51.28
C TRP GA 572 0.65 62.90 -52.55
N GLY GA 573 1.86 62.59 -52.96
CA GLY GA 573 2.50 63.27 -54.09
C GLY GA 573 3.58 64.25 -53.65
N ALA GA 574 4.61 64.40 -54.49
CA ALA GA 574 5.72 65.31 -54.17
C ALA GA 574 6.34 65.95 -55.41
N ARG GA 575 5.52 66.63 -56.20
CA ARG GA 575 6.01 67.28 -57.40
C ARG GA 575 6.09 68.79 -57.25
N THR GA 576 6.89 69.40 -58.12
CA THR GA 576 7.12 70.83 -58.23
C THR GA 576 6.11 71.49 -59.17
N LEU GA 577 6.14 72.83 -59.23
CA LEU GA 577 5.26 73.58 -60.14
C LEU GA 577 5.69 73.52 -61.61
N ALA GA 578 6.69 72.70 -61.92
CA ALA GA 578 7.15 72.42 -63.27
C ALA GA 578 7.12 70.91 -63.41
N GLY GA 579 5.95 70.34 -63.12
CA GLY GA 579 5.72 68.92 -62.95
C GLY GA 579 5.81 68.08 -64.21
N ASN GA 580 5.87 68.69 -65.37
CA ASN GA 580 6.00 67.93 -66.60
C ASN GA 580 7.43 67.99 -67.10
N ASP GA 581 8.30 68.69 -66.38
CA ASP GA 581 9.66 68.85 -66.83
C ASP GA 581 10.43 67.54 -66.71
N ASN GA 582 11.29 67.30 -67.68
CA ASN GA 582 12.09 66.09 -67.66
C ASN GA 582 13.17 66.07 -66.59
N GLU GA 583 13.66 67.22 -66.12
CA GLU GA 583 14.71 67.21 -65.12
C GLU GA 583 14.24 67.64 -63.75
N TRP GA 584 13.36 68.65 -63.67
CA TRP GA 584 12.99 69.27 -62.41
C TRP GA 584 11.56 69.03 -61.88
N ARG GA 585 10.93 67.92 -62.24
CA ARG GA 585 9.56 67.67 -61.74
C ARG GA 585 9.48 67.22 -60.29
N TYR GA 586 10.53 66.65 -59.73
CA TYR GA 586 10.46 66.18 -58.35
C TYR GA 586 11.07 67.16 -57.38
N ILE GA 587 10.44 67.25 -56.20
CA ILE GA 587 10.94 68.15 -55.17
C ILE GA 587 12.31 67.73 -54.69
N SER GA 588 12.48 66.44 -54.42
CA SER GA 588 13.74 65.92 -53.89
C SER GA 588 14.91 66.10 -54.84
N VAL GA 589 14.66 66.10 -56.14
CA VAL GA 589 15.75 66.31 -57.06
C VAL GA 589 16.22 67.74 -57.00
N ARG GA 590 15.29 68.69 -57.00
CA ARG GA 590 15.65 70.10 -56.94
C ARG GA 590 16.31 70.48 -55.61
N ARG GA 591 15.84 69.92 -54.51
CA ARG GA 591 16.45 70.25 -53.23
C ARG GA 591 17.85 69.65 -53.10
N PHE GA 592 18.06 68.43 -53.63
CA PHE GA 592 19.39 67.83 -53.61
C PHE GA 592 20.39 68.72 -54.30
N PHE GA 593 20.07 69.18 -55.50
CA PHE GA 593 20.99 70.06 -56.20
C PHE GA 593 21.29 71.32 -55.43
N ASN GA 594 20.28 71.97 -54.83
CA ASN GA 594 20.59 73.20 -54.11
C ASN GA 594 21.63 72.94 -53.02
N MET GA 595 21.47 71.83 -52.31
CA MET GA 595 22.39 71.44 -51.25
C MET GA 595 23.78 71.18 -51.78
N ALA GA 596 23.89 70.33 -52.80
CA ALA GA 596 25.18 69.94 -53.31
C ALA GA 596 25.95 71.13 -53.86
N GLU GA 597 25.26 72.04 -54.55
CA GLU GA 597 25.92 73.19 -55.12
C GLU GA 597 26.47 74.11 -54.05
N GLU GA 598 25.70 74.35 -52.97
CA GLU GA 598 26.18 75.21 -51.90
C GLU GA 598 27.43 74.65 -51.25
N SER GA 599 27.45 73.34 -50.98
CA SER GA 599 28.62 72.74 -50.34
C SER GA 599 29.86 72.83 -51.19
N ILE GA 600 29.73 72.59 -52.50
CA ILE GA 600 30.91 72.70 -53.35
C ILE GA 600 31.38 74.14 -53.41
N LYS GA 601 30.46 75.08 -53.57
CA LYS GA 601 30.82 76.49 -53.63
C LYS GA 601 31.66 76.91 -52.43
N LYS GA 602 31.28 76.50 -51.23
CA LYS GA 602 32.06 76.83 -50.05
C LYS GA 602 33.45 76.20 -50.08
N ALA GA 603 33.52 74.93 -50.49
CA ALA GA 603 34.79 74.21 -50.57
C ALA GA 603 35.80 74.90 -51.49
N THR GA 604 35.33 75.54 -52.57
CA THR GA 604 36.25 76.15 -53.52
C THR GA 604 36.69 77.57 -53.13
N GLU GA 605 36.21 78.14 -52.03
CA GLU GA 605 36.61 79.51 -51.68
C GLU GA 605 38.10 79.62 -51.38
N GLN GA 606 38.69 78.57 -50.87
CA GLN GA 606 40.10 78.55 -50.51
C GLN GA 606 41.04 78.73 -51.70
N PHE GA 607 40.56 78.60 -52.94
CA PHE GA 607 41.42 78.74 -54.10
C PHE GA 607 41.23 80.07 -54.84
N VAL GA 608 40.44 81.00 -54.30
CA VAL GA 608 40.10 82.21 -55.05
C VAL GA 608 41.28 83.06 -55.48
N PHE GA 609 42.28 83.24 -54.63
CA PHE GA 609 43.39 84.09 -55.03
C PHE GA 609 44.65 83.31 -55.39
N GLU GA 610 44.50 82.04 -55.72
CA GLU GA 610 45.63 81.22 -56.11
C GLU GA 610 45.98 81.49 -57.58
N PRO GA 611 47.23 81.20 -58.00
CA PRO GA 611 47.65 81.30 -59.41
C PRO GA 611 46.78 80.43 -60.29
N ASN GA 612 46.52 80.88 -61.51
CA ASN GA 612 45.66 80.16 -62.43
C ASN GA 612 46.54 79.36 -63.38
N ASP GA 613 46.84 78.12 -62.96
CA ASP GA 613 47.74 77.22 -63.67
C ASP GA 613 47.44 75.78 -63.26
N GLY GA 614 48.17 74.84 -63.86
CA GLY GA 614 47.98 73.40 -63.65
C GLY GA 614 48.08 72.93 -62.21
N ASN GA 615 48.89 73.59 -61.39
CA ASN GA 615 49.05 73.18 -60.00
C ASN GA 615 47.85 73.54 -59.13
N THR GA 616 46.94 74.35 -59.65
CA THR GA 616 45.74 74.70 -58.94
C THR GA 616 44.60 73.90 -59.50
N TRP GA 617 44.57 73.77 -60.83
CA TRP GA 617 43.47 73.09 -61.49
C TRP GA 617 43.33 71.66 -60.96
N VAL GA 618 44.46 71.00 -60.75
CA VAL GA 618 44.48 69.64 -60.22
C VAL GA 618 43.98 69.54 -58.77
N ARG GA 619 44.28 70.54 -57.94
CA ARG GA 619 43.83 70.55 -56.56
C ARG GA 619 42.33 70.77 -56.46
N VAL GA 620 41.77 71.62 -57.32
CA VAL GA 620 40.34 71.89 -57.35
C VAL GA 620 39.61 70.63 -57.74
N ARG GA 621 40.10 69.93 -58.77
CA ARG GA 621 39.47 68.67 -59.15
C ARG GA 621 39.46 67.64 -58.05
N ALA GA 622 40.60 67.42 -57.39
CA ALA GA 622 40.65 66.38 -56.38
C ALA GA 622 39.64 66.62 -55.28
N MET GA 623 39.51 67.86 -54.86
CA MET GA 623 38.59 68.20 -53.80
C MET GA 623 37.13 67.97 -54.17
N ILE GA 624 36.73 68.40 -55.37
CA ILE GA 624 35.36 68.22 -55.79
C ILE GA 624 35.02 66.75 -55.89
N GLU GA 625 35.93 65.95 -56.45
CA GLU GA 625 35.70 64.52 -56.58
C GLU GA 625 35.52 63.86 -55.21
N ASN GA 626 36.29 64.28 -54.20
CA ASN GA 626 36.13 63.71 -52.87
C ASN GA 626 34.74 64.00 -52.29
N PHE GA 627 34.22 65.21 -52.51
CA PHE GA 627 32.86 65.51 -52.04
C PHE GA 627 31.85 64.58 -52.68
N LEU GA 628 31.95 64.46 -54.00
CA LEU GA 628 30.98 63.68 -54.75
C LEU GA 628 31.07 62.19 -54.47
N ILE GA 629 32.25 61.64 -54.23
CA ILE GA 629 32.32 60.21 -53.98
C ILE GA 629 31.60 59.88 -52.69
N LEU GA 630 31.63 60.77 -51.69
CA LEU GA 630 30.90 60.53 -50.46
C LEU GA 630 29.40 60.54 -50.69
N GLN GA 631 28.92 61.45 -51.53
CA GLN GA 631 27.49 61.52 -51.83
C GLN GA 631 27.03 60.26 -52.56
N TRP GA 632 27.89 59.72 -53.41
CA TRP GA 632 27.59 58.50 -54.11
C TRP GA 632 27.46 57.33 -53.15
N ARG GA 633 28.41 57.18 -52.22
CA ARG GA 633 28.34 56.07 -51.26
C ARG GA 633 27.10 56.18 -50.38
N ALA GA 634 26.69 57.40 -50.07
CA ALA GA 634 25.52 57.71 -49.26
C ALA GA 634 24.19 57.35 -49.93
N GLY GA 635 24.18 57.11 -51.23
CA GLY GA 635 22.96 56.81 -51.94
C GLY GA 635 22.27 57.98 -52.65
N ALA GA 636 22.92 59.12 -52.82
CA ALA GA 636 22.28 60.23 -53.50
C ALA GA 636 22.41 60.13 -55.01
N LEU GA 637 23.56 59.66 -55.46
CA LEU GA 637 23.88 59.60 -56.88
C LEU GA 637 23.72 58.19 -57.40
N ALA GA 638 23.32 58.12 -58.65
CA ALA GA 638 23.11 56.88 -59.39
C ALA GA 638 24.41 56.38 -60.02
N GLY GA 639 24.47 55.10 -60.36
CA GLY GA 639 25.66 54.54 -61.06
C GLY GA 639 26.39 53.43 -60.31
N ALA GA 640 26.72 52.36 -61.04
CA ALA GA 640 27.42 51.17 -60.50
C ALA GA 640 28.81 51.46 -59.95
N LYS GA 641 29.52 52.38 -60.59
CA LYS GA 641 30.85 52.80 -60.18
C LYS GA 641 30.93 54.28 -60.53
N PRO GA 642 31.86 55.05 -59.92
CA PRO GA 642 31.99 56.51 -60.10
C PRO GA 642 31.97 57.00 -61.53
N GLU GA 643 32.52 56.21 -62.45
CA GLU GA 643 32.52 56.57 -63.87
C GLU GA 643 31.15 56.76 -64.47
N HIS GA 644 30.11 56.26 -63.81
CA HIS GA 644 28.76 56.38 -64.28
C HIS GA 644 27.93 57.30 -63.41
N ALA GA 645 28.52 57.86 -62.36
CA ALA GA 645 27.81 58.71 -61.43
C ALA GA 645 28.11 60.17 -61.62
N PHE GA 646 29.39 60.49 -61.85
CA PHE GA 646 29.74 61.89 -61.97
C PHE GA 646 31.05 62.13 -62.71
N TYR GA 647 31.25 63.37 -63.12
CA TYR GA 647 32.55 63.74 -63.65
C TYR GA 647 32.85 65.20 -63.37
N VAL GA 648 34.14 65.54 -63.40
CA VAL GA 648 34.63 66.92 -63.25
C VAL GA 648 35.69 67.20 -64.32
N LYS GA 649 35.56 68.29 -65.08
CA LYS GA 649 36.55 68.63 -66.11
C LYS GA 649 37.10 70.04 -65.93
N VAL GA 650 38.43 70.15 -65.88
CA VAL GA 650 39.08 71.45 -65.74
C VAL GA 650 40.32 71.51 -66.62
N GLY GA 651 40.49 72.55 -67.42
CA GLY GA 651 41.75 72.64 -68.14
C GLY GA 651 41.75 73.54 -69.35
N LEU GA 652 42.94 73.94 -69.76
CA LEU GA 652 43.03 74.80 -70.91
C LEU GA 652 42.93 73.87 -72.11
N GLY GA 653 42.08 74.24 -73.03
CA GLY GA 653 41.79 73.40 -74.17
C GLY GA 653 40.61 72.50 -73.91
N GLN GA 654 40.14 72.43 -72.66
CA GLN GA 654 39.00 71.61 -72.32
C GLN GA 654 37.83 72.50 -71.94
N THR GA 655 38.07 73.39 -70.97
CA THR GA 655 37.05 74.29 -70.47
C THR GA 655 37.46 75.76 -70.59
N MET GA 656 38.75 76.03 -70.74
CA MET GA 656 39.31 77.38 -70.78
C MET GA 656 40.12 77.69 -72.03
N THR GA 657 40.18 78.99 -72.35
CA THR GA 657 41.09 79.38 -73.43
C THR GA 657 42.10 80.43 -72.96
N ALA GA 658 42.97 80.86 -73.88
CA ALA GA 658 44.03 81.80 -73.55
C ALA GA 658 43.47 83.10 -72.99
N GLN GA 659 42.34 83.52 -73.54
CA GLN GA 659 41.70 84.75 -73.12
C GLN GA 659 41.20 84.67 -71.69
N ASP GA 660 40.84 83.48 -71.21
CA ASP GA 660 40.31 83.38 -69.84
C ASP GA 660 41.46 83.48 -68.90
N ILE GA 661 42.61 82.97 -69.31
CA ILE GA 661 43.74 83.07 -68.44
C ILE GA 661 44.08 84.54 -68.27
N LEU GA 662 44.03 85.30 -69.38
CA LEU GA 662 44.32 86.73 -69.34
C LEU GA 662 43.30 87.51 -68.52
N GLU GA 663 42.01 87.16 -68.63
CA GLU GA 663 40.96 87.81 -67.86
C GLU GA 663 41.01 87.46 -66.38
N GLY GA 664 41.42 86.24 -66.07
CA GLY GA 664 41.47 85.74 -64.71
C GLY GA 664 40.30 84.81 -64.39
N ASN GA 665 39.75 84.17 -65.39
CA ASN GA 665 38.63 83.25 -65.20
C ASN GA 665 39.10 81.81 -65.06
N MET GA 666 38.31 81.01 -64.38
CA MET GA 666 38.57 79.57 -64.31
C MET GA 666 37.24 78.83 -64.47
N ASN GA 667 37.19 77.93 -65.45
CA ASN GA 667 35.98 77.22 -65.81
C ASN GA 667 35.97 75.76 -65.39
N VAL GA 668 35.03 75.39 -64.52
CA VAL GA 668 34.95 74.01 -64.04
C VAL GA 668 33.61 73.41 -64.45
N GLU GA 669 33.65 72.28 -65.15
CA GLU GA 669 32.42 71.61 -65.59
C GLU GA 669 32.14 70.36 -64.79
N ILE GA 670 30.91 70.22 -64.29
CA ILE GA 670 30.51 69.10 -63.45
C ILE GA 670 29.22 68.46 -63.95
N GLY GA 671 29.16 67.14 -64.00
CA GLY GA 671 27.93 66.44 -64.36
C GLY GA 671 27.56 65.48 -63.25
N LEU GA 672 26.25 65.21 -63.08
CA LEU GA 672 25.75 64.32 -62.01
C LEU GA 672 24.56 63.45 -62.41
N ALA GA 673 24.60 62.15 -62.11
CA ALA GA 673 23.46 61.27 -62.30
C ALA GA 673 22.73 61.09 -60.99
N VAL GA 674 21.42 61.37 -60.94
CA VAL GA 674 20.77 61.32 -59.62
C VAL GA 674 19.66 60.28 -59.57
N VAL GA 675 19.34 59.89 -58.35
CA VAL GA 675 18.29 58.92 -58.07
C VAL GA 675 16.91 59.56 -58.06
N ARG GA 676 15.94 58.91 -58.73
CA ARG GA 676 14.56 59.38 -58.80
C ARG GA 676 13.64 58.32 -58.15
N PRO GA 677 12.51 58.73 -57.55
CA PRO GA 677 11.54 57.87 -56.84
C PRO GA 677 10.61 57.04 -57.71
N ALA GA 678 10.09 55.96 -57.13
CA ALA GA 678 9.03 55.21 -57.80
C ALA GA 678 7.67 55.75 -57.39
N GLU GA 679 6.79 55.98 -58.36
CA GLU GA 679 5.43 56.44 -58.07
C GLU GA 679 4.35 55.41 -58.36
N PHE GA 680 4.62 54.47 -59.24
CA PHE GA 680 3.59 53.54 -59.66
C PHE GA 680 4.06 52.11 -59.52
N ILE GA 681 3.13 51.21 -59.20
CA ILE GA 681 3.41 49.79 -59.13
C ILE GA 681 2.48 49.03 -60.03
N ILE GA 682 3.02 48.25 -60.93
CA ILE GA 682 2.22 47.49 -61.87
C ILE GA 682 2.40 46.00 -61.65
N LEU GA 683 1.31 45.29 -61.43
CA LEU GA 683 1.35 43.85 -61.21
C LEU GA 683 0.83 43.08 -62.41
N LYS GA 684 1.34 41.87 -62.57
CA LYS GA 684 0.91 40.94 -63.60
C LYS GA 684 0.92 39.53 -63.02
N PHE GA 685 -0.04 38.70 -63.40
CA PHE GA 685 -0.11 37.33 -62.95
C PHE GA 685 -0.19 36.36 -64.12
N SER GA 686 0.45 35.19 -64.00
CA SER GA 686 0.33 34.15 -65.00
C SER GA 686 0.43 32.80 -64.29
N HIS GA 687 -0.09 31.77 -64.92
CA HIS GA 687 -0.15 30.45 -64.32
C HIS GA 687 0.22 29.31 -65.23
N LYS GA 688 0.54 28.17 -64.60
CA LYS GA 688 0.72 26.89 -65.26
C LYS GA 688 0.02 25.82 -64.46
N MET GA 689 -0.35 24.73 -65.12
CA MET GA 689 -0.96 23.60 -64.43
C MET GA 689 0.12 22.68 -63.90
N GLN GA 690 -0.11 22.10 -62.74
CA GLN GA 690 0.86 21.17 -62.19
C GLN GA 690 1.11 20.01 -63.14
N THR HA 3 0.16 55.24 -69.34
CA THR HA 3 0.11 56.50 -68.63
C THR HA 3 -0.71 56.45 -67.37
N TYR HA 4 -0.09 56.79 -66.26
CA TYR HA 4 -0.78 56.83 -65.00
C TYR HA 4 -0.64 58.24 -64.48
N LYS HA 5 -1.63 58.70 -63.74
CA LYS HA 5 -1.57 60.05 -63.20
C LYS HA 5 -1.57 60.11 -61.69
N THR HA 6 -2.15 59.14 -61.03
CA THR HA 6 -2.26 59.13 -59.58
C THR HA 6 -1.37 58.01 -59.00
N PRO HA 7 -0.50 58.30 -58.03
CA PRO HA 7 0.34 57.30 -57.38
C PRO HA 7 -0.52 56.18 -56.84
N GLY HA 8 -0.10 54.94 -57.04
CA GLY HA 8 -0.91 53.83 -56.56
C GLY HA 8 -0.44 52.51 -57.12
N VAL HA 9 -1.19 51.48 -56.79
CA VAL HA 9 -0.91 50.13 -57.23
C VAL HA 9 -1.91 49.74 -58.28
N TYR HA 10 -1.42 49.35 -59.44
CA TYR HA 10 -2.29 49.01 -60.54
C TYR HA 10 -2.09 47.56 -60.95
N ILE HA 11 -3.16 46.94 -61.42
CA ILE HA 11 -3.13 45.58 -61.91
C ILE HA 11 -3.47 45.59 -63.37
N GLU HA 12 -2.61 45.01 -64.20
CA GLU HA 12 -2.83 45.03 -65.63
C GLU HA 12 -2.75 43.65 -66.22
N GLU HA 13 -3.63 43.36 -67.18
CA GLU HA 13 -3.63 42.08 -67.91
C GLU HA 13 -2.50 42.00 -68.93
N ILE HA 14 -2.28 43.08 -69.65
CA ILE HA 14 -1.29 43.11 -70.72
C ILE HA 14 -0.23 44.14 -70.49
N THR HA 15 1.01 43.69 -70.41
CA THR HA 15 2.12 44.60 -70.18
C THR HA 15 3.24 44.27 -71.16
N LYS HA 16 4.17 45.20 -71.30
CA LYS HA 16 5.37 45.01 -72.08
C LYS HA 16 6.53 44.76 -71.14
N PHE HA 17 7.43 43.88 -71.53
CA PHE HA 17 8.55 43.57 -70.68
C PHE HA 17 9.83 44.14 -71.28
N PRO HA 18 10.81 44.50 -70.44
CA PRO HA 18 12.17 44.99 -70.80
C PRO HA 18 13.26 43.92 -70.97
N PRO HA 19 13.34 43.17 -72.08
CA PRO HA 19 14.43 42.21 -72.28
C PRO HA 19 15.66 43.05 -72.53
N SER HA 20 16.85 42.53 -72.25
CA SER HA 20 18.04 43.35 -72.49
C SER HA 20 19.37 42.66 -72.69
N VAL HA 21 19.59 41.51 -72.07
CA VAL HA 21 20.90 40.88 -72.14
C VAL HA 21 20.92 39.60 -72.96
N ALA HA 22 21.71 39.63 -74.01
CA ALA HA 22 21.91 38.47 -74.86
C ALA HA 22 23.12 37.70 -74.35
N GLN HA 23 23.15 36.41 -74.65
CA GLN HA 23 24.29 35.60 -74.25
C GLN HA 23 24.45 34.54 -75.33
N VAL HA 24 25.62 33.92 -75.38
CA VAL HA 24 25.83 32.88 -76.38
C VAL HA 24 25.18 31.59 -75.96
N GLU HA 25 24.37 31.04 -76.87
CA GLU HA 25 23.69 29.78 -76.69
C GLU HA 25 23.82 29.00 -77.98
N THR HA 26 23.67 27.69 -77.88
CA THR HA 26 23.81 26.80 -79.04
C THR HA 26 22.50 26.30 -79.66
N ALA HA 27 21.38 26.38 -78.96
CA ALA HA 27 20.10 25.91 -79.49
C ALA HA 27 19.18 27.06 -79.89
N ILE HA 28 19.46 27.77 -80.99
CA ILE HA 28 18.62 28.92 -81.33
C ILE HA 28 17.93 28.68 -82.67
N PRO HA 29 16.65 28.37 -82.66
CA PRO HA 29 15.92 28.13 -83.89
C PRO HA 29 15.44 29.39 -84.54
N ALA HA 30 15.26 29.29 -85.84
CA ALA HA 30 14.48 30.28 -86.56
C ALA HA 30 13.22 29.58 -87.05
N PHE HA 31 12.10 30.29 -86.95
CA PHE HA 31 10.81 29.78 -87.40
C PHE HA 31 10.27 30.62 -88.55
N ILE HA 32 10.13 30.02 -89.72
CA ILE HA 32 9.65 30.75 -90.90
C ILE HA 32 8.22 30.36 -91.27
N GLY HA 33 7.28 31.31 -91.25
CA GLY HA 33 5.86 30.98 -91.56
C GLY HA 33 4.88 32.16 -91.49
N TYR HA 34 3.57 31.90 -91.38
CA TYR HA 34 2.58 32.99 -91.41
C TYR HA 34 2.07 33.40 -90.04
N THR HA 35 1.74 34.70 -89.87
CA THR HA 35 1.20 35.22 -88.60
C THR HA 35 -0.08 36.06 -88.78
N GLN HA 36 -0.75 36.39 -87.68
CA GLN HA 36 -1.96 37.21 -87.75
C GLN HA 36 -1.68 38.61 -88.25
N PHE HA 37 -0.59 39.21 -87.78
CA PHE HA 37 -0.15 40.55 -88.11
C PHE HA 37 1.36 40.62 -87.95
N ALA HA 38 1.94 41.77 -88.25
CA ALA HA 38 3.38 41.90 -88.17
C ALA HA 38 3.79 43.33 -87.94
N ARG HA 39 3.54 43.87 -86.74
CA ARG HA 39 3.78 45.30 -86.58
C ARG HA 39 4.68 45.68 -85.42
N THR HA 40 5.61 46.61 -85.73
CA THR HA 40 6.58 47.13 -84.78
C THR HA 40 5.90 47.83 -83.62
N LYS HA 41 4.91 48.64 -83.94
CA LYS HA 41 4.19 49.36 -82.92
C LYS HA 41 2.87 48.66 -82.60
N PRO HA 42 2.66 48.23 -81.35
CA PRO HA 42 1.46 47.54 -80.90
C PRO HA 42 0.15 48.19 -81.31
N SER HA 43 0.11 49.52 -81.45
CA SER HA 43 -1.14 50.16 -81.81
C SER HA 43 -1.13 50.99 -83.09
N VAL HA 44 -0.63 50.43 -84.19
CA VAL HA 44 -0.75 51.07 -85.50
C VAL HA 44 -1.39 50.08 -86.45
N ASP HA 45 -1.88 50.55 -87.59
CA ASP HA 45 -2.52 49.61 -88.53
C ASP HA 45 -1.51 48.92 -89.46
N SER HA 46 -0.35 49.54 -89.71
CA SER HA 46 0.62 48.99 -90.63
C SER HA 46 1.38 47.74 -90.15
N ASP HA 47 1.63 46.84 -91.09
CA ASP HA 47 2.49 45.67 -90.90
C ASP HA 47 3.87 45.97 -91.48
N ASP HA 48 4.90 45.90 -90.65
CA ASP HA 48 6.23 46.25 -91.11
C ASP HA 48 7.35 45.31 -90.61
N LEU HA 49 6.99 44.22 -89.95
CA LEU HA 49 7.97 43.25 -89.46
C LEU HA 49 8.01 41.99 -90.30
N ILE HA 50 7.31 41.94 -91.42
CA ILE HA 50 7.17 40.65 -92.08
C ILE HA 50 8.52 40.01 -92.45
N LEU HA 51 9.36 40.71 -93.18
CA LEU HA 51 10.63 40.10 -93.55
C LEU HA 51 11.78 40.66 -92.74
N LYS HA 52 11.50 41.03 -91.50
CA LYS HA 52 12.52 41.56 -90.61
C LYS HA 52 12.69 40.61 -89.42
N PRO HA 53 13.66 39.70 -89.42
CA PRO HA 53 13.81 38.70 -88.37
C PRO HA 53 13.86 39.38 -87.01
N LYS HA 54 13.09 38.85 -86.06
CA LYS HA 54 13.04 39.47 -84.74
C LYS HA 54 13.28 38.45 -83.64
N ARG HA 55 13.93 38.91 -82.58
CA ARG HA 55 14.20 38.10 -81.40
C ARG HA 55 13.06 38.16 -80.40
N ILE HA 56 12.56 36.97 -80.04
CA ILE HA 56 11.43 36.73 -79.12
C ILE HA 56 11.91 35.93 -77.89
N SER HA 57 11.55 36.37 -76.68
CA SER HA 57 11.96 35.63 -75.47
C SER HA 57 10.87 34.69 -74.96
N SER HA 58 9.61 35.02 -75.23
CA SER HA 58 8.50 34.19 -74.75
C SER HA 58 7.26 34.42 -75.62
N LEU HA 59 6.17 33.70 -75.34
CA LEU HA 59 4.89 33.88 -76.02
C LEU HA 59 4.34 35.26 -75.75
N LEU HA 60 4.74 35.81 -74.61
CA LEU HA 60 4.34 37.16 -74.24
C LEU HA 60 4.87 38.19 -75.21
N ASP HA 61 5.96 37.92 -75.91
CA ASP HA 61 6.44 38.89 -76.87
C ASP HA 61 5.79 38.59 -78.20
N PHE HA 62 5.66 37.30 -78.53
CA PHE HA 62 5.10 36.94 -79.82
C PHE HA 62 3.71 37.52 -80.01
N THR HA 63 2.89 37.37 -78.98
CA THR HA 63 1.52 37.84 -78.95
C THR HA 63 1.35 39.35 -79.15
N THR HA 64 2.40 40.16 -78.96
CA THR HA 64 2.24 41.60 -79.13
C THR HA 64 2.73 42.11 -80.47
N TYR HA 65 3.36 41.27 -81.28
CA TYR HA 65 3.88 41.72 -82.56
C TYR HA 65 3.30 40.94 -83.71
N TYR HA 66 3.00 39.68 -83.46
CA TYR HA 66 2.50 38.78 -84.45
C TYR HA 66 1.08 38.32 -84.16
N GLY HA 67 0.74 38.14 -82.88
CA GLY HA 67 -0.62 37.75 -82.51
C GLY HA 67 -0.82 36.28 -82.19
N GLY HA 68 -2.09 35.84 -82.26
CA GLY HA 68 -2.53 34.49 -81.87
C GLY HA 68 -2.85 33.57 -83.04
N ALA HA 69 -3.78 32.63 -82.82
CA ALA HA 69 -4.18 31.66 -83.84
C ALA HA 69 -5.43 32.14 -84.61
N GLN HA 70 -5.69 31.51 -85.75
CA GLN HA 70 -6.88 31.78 -86.55
C GLN HA 70 -8.08 30.97 -86.04
N ASN HA 71 -9.28 31.56 -86.03
CA ASN HA 71 -10.49 30.83 -85.63
C ASN HA 71 -10.87 29.78 -86.66
N GLU HA 72 -11.12 28.54 -86.21
CA GLU HA 72 -11.53 27.47 -87.11
C GLU HA 72 -12.92 27.74 -87.68
N GLN HA 73 -13.11 27.41 -88.95
CA GLN HA 73 -14.40 27.58 -89.62
C GLN HA 73 -15.14 26.27 -89.85
N GLY HA 74 -14.55 25.15 -89.45
CA GLY HA 74 -15.08 23.82 -89.71
C GLY HA 74 -15.88 23.14 -88.60
N ILE HA 75 -16.25 23.85 -87.54
CA ILE HA 75 -16.97 23.22 -86.44
C ILE HA 75 -18.46 23.14 -86.73
N THR HA 76 -18.99 21.94 -86.65
CA THR HA 76 -20.40 21.61 -86.86
C THR HA 76 -21.03 21.12 -85.59
N VAL HA 77 -22.25 21.56 -85.32
CA VAL HA 77 -23.00 21.10 -84.17
C VAL HA 77 -24.37 20.61 -84.60
N LYS HA 78 -24.72 19.39 -84.21
CA LYS HA 78 -26.01 18.80 -84.56
C LYS HA 78 -26.80 18.31 -83.35
N LEU HA 79 -28.07 18.70 -83.29
CA LEU HA 79 -28.95 18.25 -82.23
C LEU HA 79 -30.12 17.45 -82.78
N THR HA 80 -30.54 16.37 -82.08
CA THR HA 80 -31.71 15.61 -82.48
C THR HA 80 -32.72 15.36 -81.34
N ASP HA 81 -34.00 15.71 -81.57
CA ASP HA 81 -35.09 15.49 -80.58
C ASP HA 81 -35.92 14.22 -80.88
N THR HA 82 -36.02 13.31 -79.90
CA THR HA 82 -36.87 12.11 -80.03
C THR HA 82 -37.75 11.82 -78.81
N LEU HA 83 -38.81 11.04 -79.00
CA LEU HA 83 -39.73 10.78 -77.90
C LEU HA 83 -39.50 9.37 -77.32
N ILE HA 84 -39.37 9.31 -75.99
CA ILE HA 84 -39.27 8.05 -75.27
C ILE HA 84 -40.48 7.92 -74.38
N GLU HA 85 -41.31 6.90 -74.65
CA GLU HA 85 -42.55 6.59 -73.89
C GLU HA 85 -43.45 7.81 -73.66
N GLY HA 86 -43.24 8.85 -74.47
CA GLY HA 86 -43.88 10.18 -74.39
C GLY HA 86 -42.94 11.31 -73.98
N ALA HA 87 -41.77 11.00 -73.43
CA ALA HA 87 -40.88 12.04 -72.91
C ALA HA 87 -39.89 12.46 -73.97
N GLU HA 88 -39.50 13.72 -73.98
CA GLU HA 88 -38.48 14.10 -74.95
C GLU HA 88 -37.08 13.75 -74.49
N ASN HA 89 -36.25 13.39 -75.46
CA ASN HA 89 -34.85 13.03 -75.24
C ASN HA 89 -33.95 13.65 -76.32
N ARG HA 90 -33.01 14.50 -75.92
CA ARG HA 90 -32.15 15.17 -76.89
C ARG HA 90 -30.73 14.61 -76.98
N THR HA 91 -30.28 14.36 -78.21
CA THR HA 91 -28.92 13.89 -78.47
C THR HA 91 -28.06 15.00 -79.06
N ILE HA 92 -26.86 15.18 -78.49
CA ILE HA 92 -25.92 16.20 -78.92
C ILE HA 92 -24.72 15.56 -79.62
N ASN HA 93 -24.44 15.99 -80.85
CA ASN HA 93 -23.35 15.44 -81.65
C ASN HA 93 -22.42 16.51 -82.23
N VAL HA 94 -21.17 16.54 -81.78
CA VAL HA 94 -20.17 17.47 -82.30
C VAL HA 94 -18.97 16.67 -82.82
N PRO HA 95 -18.89 16.42 -84.15
CA PRO HA 95 -17.85 15.60 -84.79
C PRO HA 95 -16.54 16.35 -84.93
N GLU HA 96 -15.45 15.62 -85.14
CA GLU HA 96 -14.17 16.25 -85.44
C GLU HA 96 -14.22 16.98 -86.78
N PRO HA 97 -13.73 18.22 -86.88
CA PRO HA 97 -13.67 18.98 -88.14
C PRO HA 97 -12.84 18.27 -89.17
N THR HA 98 -13.24 18.37 -90.43
CA THR HA 98 -12.46 17.82 -91.53
C THR HA 98 -11.70 18.88 -92.27
N PHE HA 99 -12.14 20.12 -92.14
CA PHE HA 99 -11.50 21.26 -92.76
C PHE HA 99 -10.93 22.11 -91.65
N LYS HA 100 -9.61 22.25 -91.62
CA LYS HA 100 -8.93 22.96 -90.56
C LYS HA 100 -8.04 24.04 -91.16
N SER HA 101 -7.79 25.11 -90.40
CA SER HA 101 -6.87 26.14 -90.87
C SER HA 101 -5.48 25.57 -91.07
N PRO HA 102 -4.77 25.99 -92.13
CA PRO HA 102 -3.41 25.54 -92.40
C PRO HA 102 -2.33 26.27 -91.64
N TYR HA 103 -2.65 27.21 -90.76
CA TYR HA 103 -1.62 28.02 -90.13
C TYR HA 103 -1.29 27.55 -88.71
N LEU HA 104 -0.10 26.94 -88.54
CA LEU HA 104 0.33 26.32 -87.28
C LEU HA 104 1.41 26.98 -86.44
N MET HA 105 1.95 28.16 -86.81
CA MET HA 105 3.08 28.69 -86.04
C MET HA 105 2.75 28.94 -84.56
N PHE HA 106 1.56 29.44 -84.28
CA PHE HA 106 1.23 29.73 -82.89
C PHE HA 106 1.27 28.48 -82.03
N TYR HA 107 0.63 27.40 -82.50
CA TYR HA 107 0.60 26.16 -81.75
C TYR HA 107 2.00 25.58 -81.58
N SER HA 108 2.82 25.69 -82.64
CA SER HA 108 4.17 25.18 -82.58
C SER HA 108 5.01 25.90 -81.53
N LEU HA 109 4.86 27.22 -81.43
CA LEU HA 109 5.58 27.95 -80.39
C LEU HA 109 5.14 27.54 -79.01
N GLN HA 110 3.85 27.32 -78.81
CA GLN HA 110 3.43 26.90 -77.47
C GLN HA 110 4.14 25.60 -77.08
N MET HA 111 4.28 24.66 -78.02
CA MET HA 111 4.97 23.40 -77.74
C MET HA 111 6.46 23.61 -77.47
N TYR HA 112 7.08 24.49 -78.26
CA TYR HA 112 8.49 24.82 -78.12
C TYR HA 112 8.83 25.33 -76.73
N PHE HA 113 8.06 26.28 -76.25
CA PHE HA 113 8.32 26.84 -74.93
C PHE HA 113 7.97 25.82 -73.84
N ALA HA 114 6.88 25.05 -74.02
CA ALA HA 114 6.47 24.05 -73.04
C ALA HA 114 7.54 22.99 -72.81
N ASN HA 115 8.30 22.69 -73.86
CA ASN HA 115 9.37 21.70 -73.81
C ASN HA 115 10.73 22.26 -73.48
N GLY HA 116 10.84 23.50 -73.01
CA GLY HA 116 12.11 24.04 -72.57
C GLY HA 116 12.87 24.95 -73.51
N GLY HA 117 12.26 25.41 -74.59
CA GLY HA 117 12.96 26.30 -75.50
C GLY HA 117 13.27 27.67 -74.89
N GLY HA 118 14.32 28.31 -75.41
CA GLY HA 118 14.73 29.64 -74.99
C GLY HA 118 14.39 30.67 -76.08
N PRO HA 119 15.15 31.77 -76.15
CA PRO HA 119 14.97 32.85 -77.13
C PRO HA 119 15.09 32.32 -78.54
N CYS HA 120 14.32 32.91 -79.46
CA CYS HA 120 14.32 32.43 -80.84
C CYS HA 120 14.03 33.52 -81.86
N TYR HA 121 14.21 33.20 -83.14
CA TYR HA 121 13.91 34.15 -84.21
C TYR HA 121 12.64 33.86 -84.98
N ILE HA 122 11.87 34.92 -85.21
CA ILE HA 122 10.64 34.83 -85.99
C ILE HA 122 10.76 35.60 -87.29
N VAL HA 123 10.43 34.94 -88.38
CA VAL HA 123 10.37 35.56 -89.70
C VAL HA 123 9.00 35.28 -90.25
N SER HA 124 8.25 36.30 -90.61
CA SER HA 124 6.95 36.03 -91.16
C SER HA 124 7.06 36.07 -92.65
N THR HA 125 6.26 35.30 -93.32
CA THR HA 125 6.30 35.33 -94.76
C THR HA 125 5.11 36.07 -95.32
N GLY HA 126 4.23 36.47 -94.44
CA GLY HA 126 3.01 37.16 -94.78
C GLY HA 126 2.06 36.99 -93.63
N VAL HA 127 0.82 37.40 -93.84
CA VAL HA 127 -0.16 37.32 -92.78
C VAL HA 127 -1.36 36.50 -93.24
N TYR HA 128 -2.14 36.05 -92.27
CA TYR HA 128 -3.30 35.19 -92.50
C TYR HA 128 -4.36 35.81 -93.38
N ASP HA 129 -4.92 35.00 -94.26
CA ASP HA 129 -6.03 35.41 -95.11
C ASP HA 129 -7.31 34.63 -94.75
N ASP HA 130 -8.36 34.88 -95.53
CA ASP HA 130 -9.69 34.32 -95.28
C ASP HA 130 -10.03 33.05 -96.03
N TRP HA 131 -11.00 32.33 -95.48
CA TRP HA 131 -11.56 31.16 -96.10
C TRP HA 131 -12.50 31.61 -97.20
N SER HA 132 -12.67 30.79 -98.24
CA SER HA 132 -13.63 31.14 -99.28
C SER HA 132 -15.00 30.64 -98.94
N ASP HA 133 -15.04 29.53 -98.21
CA ASP HA 133 -16.30 28.94 -97.80
C ASP HA 133 -16.03 28.06 -96.58
N SER HA 134 -17.06 27.45 -96.00
CA SER HA 134 -16.85 26.63 -94.80
C SER HA 134 -16.04 25.38 -95.14
N GLU HA 135 -16.10 24.95 -96.40
CA GLU HA 135 -15.35 23.80 -96.89
C GLU HA 135 -14.14 24.20 -97.71
N THR HA 136 -13.79 25.49 -97.74
CA THR HA 136 -12.63 25.91 -98.53
C THR HA 136 -11.64 26.78 -97.74
N PRO HA 137 -10.61 26.16 -97.15
CA PRO HA 137 -9.53 26.80 -96.41
C PRO HA 137 -8.62 27.57 -97.36
N PRO HA 138 -7.87 28.54 -96.87
CA PRO HA 138 -6.85 29.27 -97.62
C PRO HA 138 -5.68 28.33 -97.89
N THR HA 139 -4.81 28.69 -98.84
CA THR HA 139 -3.67 27.83 -99.17
C THR HA 139 -2.33 28.54 -99.00
N ILE HA 140 -1.25 27.75 -99.01
CA ILE HA 140 0.10 28.27 -98.81
C ILE HA 140 0.93 28.28 -100.08
N ASN HA 141 1.47 29.45 -100.38
CA ASN HA 141 2.31 29.66 -101.54
C ASN HA 141 3.76 29.35 -101.25
N PHE HA 142 4.27 28.34 -101.91
CA PHE HA 142 5.64 27.89 -101.73
C PHE HA 142 6.68 29.00 -101.75
N SER HA 143 6.53 29.96 -102.68
CA SER HA 143 7.54 30.99 -102.88
C SER HA 143 7.64 31.94 -101.66
N ASP HA 144 6.65 31.94 -100.78
CA ASP HA 144 6.68 32.77 -99.60
C ASP HA 144 7.69 32.21 -98.61
N LEU HA 145 7.82 30.87 -98.58
CA LEU HA 145 8.71 30.26 -97.63
C LEU HA 145 10.13 30.40 -98.14
N GLU HA 146 10.30 30.35 -99.47
CA GLU HA 146 11.64 30.50 -100.01
C GLU HA 146 12.17 31.90 -99.74
N SER HA 147 11.30 32.90 -99.82
CA SER HA 147 11.70 34.26 -99.49
C SER HA 147 12.19 34.35 -98.06
N GLY HA 148 11.42 33.79 -97.12
CA GLY HA 148 11.82 33.83 -95.73
C GLY HA 148 13.15 33.15 -95.47
N LEU HA 149 13.43 32.06 -96.19
CA LEU HA 149 14.71 31.37 -96.03
C LEU HA 149 15.84 32.25 -96.51
N ALA HA 150 15.65 32.91 -97.65
CA ALA HA 150 16.68 33.82 -98.19
C ALA HA 150 16.99 34.94 -97.21
N VAL HA 151 15.98 35.41 -96.49
CA VAL HA 151 16.14 36.45 -95.48
C VAL HA 151 16.97 35.96 -94.30
N ILE HA 152 16.61 34.81 -93.70
CA ILE HA 152 17.32 34.35 -92.50
C ILE HA 152 18.78 34.04 -92.81
N ARG HA 153 19.08 33.69 -94.06
CA ARG HA 153 20.45 33.45 -94.51
C ARG HA 153 21.42 34.54 -94.10
N LYS HA 154 20.94 35.78 -93.97
CA LYS HA 154 21.79 36.91 -93.65
C LYS HA 154 21.99 37.17 -92.15
N GLU HA 155 21.36 36.40 -91.27
CA GLU HA 155 21.54 36.58 -89.83
C GLU HA 155 22.62 35.65 -89.32
N ASP HA 156 23.38 36.09 -88.31
CA ASP HA 156 24.46 35.27 -87.78
C ASP HA 156 24.09 34.39 -86.58
N GLU HA 157 23.19 34.86 -85.74
CA GLU HA 157 22.91 34.12 -84.51
C GLU HA 157 22.20 32.74 -84.58
N PRO HA 158 21.19 32.51 -85.43
CA PRO HA 158 20.43 31.25 -85.47
C PRO HA 158 21.30 30.02 -85.73
N THR HA 159 20.94 28.89 -85.10
CA THR HA 159 21.66 27.62 -85.27
C THR HA 159 20.78 26.49 -85.80
N LEU HA 160 19.45 26.59 -85.66
CA LEU HA 160 18.53 25.53 -86.11
C LEU HA 160 17.49 26.06 -87.10
N LEU HA 161 17.15 25.27 -88.12
CA LEU HA 161 16.11 25.70 -89.08
C LEU HA 161 14.82 24.89 -89.04
N LEU HA 162 13.69 25.58 -88.82
CA LEU HA 162 12.36 24.97 -88.79
C LEU HA 162 11.32 25.71 -89.66
N PHE HA 163 10.41 24.95 -90.29
CA PHE HA 163 9.28 25.52 -91.04
C PHE HA 163 7.93 24.97 -90.53
N PRO HA 164 7.26 25.68 -89.62
CA PRO HA 164 6.00 25.26 -88.99
C PRO HA 164 4.85 24.93 -89.93
N ASP HA 165 4.80 25.49 -91.15
CA ASP HA 165 3.69 25.21 -92.02
C ASP HA 165 4.12 24.48 -93.30
N ALA HA 166 5.24 23.77 -93.27
CA ALA HA 166 5.73 23.08 -94.47
C ALA HA 166 4.82 21.94 -94.91
N THR HA 167 4.22 21.25 -93.96
CA THR HA 167 3.42 20.08 -94.28
C THR HA 167 2.10 20.44 -94.91
N ASN HA 168 1.75 21.72 -94.96
CA ASN HA 168 0.51 22.11 -95.59
C ASN HA 168 0.70 22.59 -97.02
N LEU HA 169 1.91 22.44 -97.57
CA LEU HA 169 2.12 22.76 -98.97
C LEU HA 169 1.33 21.77 -99.84
N PRO HA 170 0.70 22.25 -100.95
CA PRO HA 170 -0.09 21.42 -101.88
C PRO HA 170 0.54 20.13 -102.38
N THR HA 171 1.86 20.06 -102.55
CA THR HA 171 2.46 18.83 -103.03
C THR HA 171 3.66 18.44 -102.18
N ASP HA 172 4.04 17.18 -102.29
CA ASP HA 172 5.20 16.69 -101.58
C ASP HA 172 6.44 17.17 -102.29
N ASP HA 173 6.33 17.38 -103.60
CA ASP HA 173 7.45 17.84 -104.40
C ASP HA 173 7.91 19.21 -103.89
N GLU HA 174 6.98 20.09 -103.55
CA GLU HA 174 7.35 21.38 -103.01
C GLU HA 174 7.98 21.23 -101.63
N PHE HA 175 7.42 20.33 -100.82
CA PHE HA 175 7.93 20.07 -99.47
C PHE HA 175 9.39 19.64 -99.53
N TYR HA 176 9.70 18.66 -100.36
CA TYR HA 176 11.06 18.15 -100.46
C TYR HA 176 12.00 19.20 -101.00
N SER HA 177 11.56 20.00 -101.97
CA SER HA 177 12.40 21.04 -102.52
C SER HA 177 12.83 22.03 -101.44
N LEU HA 178 11.88 22.42 -100.58
CA LEU HA 178 12.15 23.34 -99.49
C LEU HA 178 13.23 22.80 -98.56
N TYR HA 179 13.16 21.51 -98.22
CA TYR HA 179 14.16 20.94 -97.32
C TYR HA 179 15.51 20.74 -97.98
N ASN HA 180 15.55 20.41 -99.27
CA ASN HA 180 16.85 20.29 -99.91
C ASN HA 180 17.56 21.63 -99.91
N SER HA 181 16.80 22.71 -100.10
CA SER HA 181 17.37 24.05 -100.03
C SER HA 181 17.98 24.33 -98.68
N ALA HA 182 17.26 24.00 -97.60
CA ALA HA 182 17.76 24.21 -96.25
C ALA HA 182 19.05 23.43 -95.98
N LEU HA 183 19.13 22.17 -96.44
CA LEU HA 183 20.34 21.40 -96.22
C LEU HA 183 21.52 22.01 -96.96
N MET HA 184 21.29 22.52 -98.17
CA MET HA 184 22.37 23.16 -98.91
C MET HA 184 22.84 24.42 -98.23
N GLN HA 185 21.91 25.21 -97.67
CA GLN HA 185 22.31 26.41 -96.95
C GLN HA 185 23.14 26.10 -95.72
N CYS HA 186 22.80 25.01 -95.02
CA CYS HA 186 23.56 24.63 -93.85
C CYS HA 186 25.01 24.35 -94.20
N ASN HA 187 25.22 23.67 -95.34
CA ASN HA 187 26.58 23.39 -95.78
C ASN HA 187 27.29 24.66 -96.27
N ASP HA 188 26.58 25.57 -96.94
CA ASP HA 188 27.22 26.80 -97.39
C ASP HA 188 27.74 27.64 -96.22
N LEU HA 189 26.96 27.72 -95.14
CA LEU HA 189 27.31 28.55 -94.00
C LEU HA 189 28.23 27.86 -92.99
N GLN HA 190 28.12 26.54 -92.87
CA GLN HA 190 28.98 25.73 -92.00
C GLN HA 190 28.68 25.80 -90.51
N ASP HA 191 27.52 26.31 -90.15
CA ASP HA 191 27.17 26.45 -88.75
C ASP HA 191 25.73 26.11 -88.37
N ARG HA 192 24.95 25.43 -89.22
CA ARG HA 192 23.54 25.17 -88.90
C ARG HA 192 23.13 23.72 -89.09
N PHE HA 193 22.03 23.37 -88.44
CA PHE HA 193 21.47 22.02 -88.51
C PHE HA 193 19.96 22.09 -88.79
N THR HA 194 19.46 21.19 -89.64
CA THR HA 194 18.05 21.16 -90.04
C THR HA 194 17.28 20.02 -89.38
N ILE HA 195 16.10 20.32 -88.84
CA ILE HA 195 15.24 19.29 -88.24
C ILE HA 195 14.11 18.99 -89.22
N LEU HA 196 13.94 17.72 -89.60
CA LEU HA 196 12.97 17.34 -90.61
C LEU HA 196 11.81 16.47 -90.10
N ASP HA 197 10.64 16.69 -90.68
CA ASP HA 197 9.41 15.93 -90.49
C ASP HA 197 9.07 15.16 -91.76
N THR HA 198 8.25 14.12 -91.65
CA THR HA 198 7.71 13.49 -92.85
C THR HA 198 6.57 14.37 -93.34
N TYR HA 199 6.10 14.12 -94.57
CA TYR HA 199 4.99 14.87 -95.14
C TYR HA 199 3.66 14.57 -94.43
N SER HA 200 3.47 13.31 -94.07
CA SER HA 200 2.24 12.80 -93.43
C SER HA 200 2.51 11.50 -92.72
N ASP HA 201 1.70 11.20 -91.72
CA ASP HA 201 1.81 9.95 -91.01
C ASP HA 201 0.93 8.85 -91.58
N GLN HA 202 0.15 9.17 -92.62
CA GLN HA 202 -0.76 8.24 -93.25
C GLN HA 202 -0.37 8.09 -94.70
N THR HA 203 -0.73 6.95 -95.27
CA THR HA 203 -0.45 6.75 -96.67
C THR HA 203 -1.13 7.91 -97.33
N TYR HA 204 -0.38 8.62 -98.15
CA TYR HA 204 -0.93 9.80 -98.81
C TYR HA 204 -0.97 9.58 -100.31
N ASN HA 205 -1.88 10.25 -100.98
CA ASN HA 205 -2.00 10.10 -102.41
C ASN HA 205 -1.37 11.29 -103.12
N ASP HA 206 -0.48 11.01 -104.06
CA ASP HA 206 0.16 12.07 -104.85
C ASP HA 206 -0.60 12.40 -106.13
N GLY HA 207 -1.79 11.82 -106.31
CA GLY HA 207 -2.60 12.00 -107.52
C GLY HA 207 -2.38 10.91 -108.54
N VAL HA 208 -1.35 10.09 -108.33
CA VAL HA 208 -0.99 9.00 -109.21
C VAL HA 208 -0.97 7.67 -108.45
N GLU HA 209 -0.24 7.64 -107.35
CA GLU HA 209 0.02 6.46 -106.52
C GLU HA 209 -0.06 6.73 -105.02
N ASP HA 210 -0.34 5.66 -104.26
CA ASP HA 210 -0.39 5.69 -102.80
C ASP HA 210 0.99 5.44 -102.18
N LEU HA 211 1.54 6.43 -101.50
CA LEU HA 211 2.90 6.34 -101.00
C LEU HA 211 3.07 6.21 -99.48
N ASP HA 212 3.99 5.33 -99.09
CA ASP HA 212 4.40 5.16 -97.69
C ASP HA 212 5.34 6.28 -97.28
N PRO HA 213 5.05 6.97 -96.15
CA PRO HA 213 5.80 8.16 -95.75
C PRO HA 213 7.29 7.99 -95.56
N ILE HA 214 7.76 6.95 -94.91
CA ILE HA 214 9.21 6.81 -94.77
C ILE HA 214 9.90 6.55 -96.11
N PRO HA 215 9.35 5.70 -96.96
CA PRO HA 215 9.95 5.49 -98.28
C PRO HA 215 9.90 6.75 -99.13
N ALA HA 216 8.82 7.52 -99.00
CA ALA HA 216 8.70 8.77 -99.72
C ALA HA 216 9.69 9.86 -99.30
N LEU HA 217 9.94 10.05 -97.99
CA LEU HA 217 10.94 11.02 -97.54
C LEU HA 217 12.33 10.64 -98.05
N ARG HA 218 12.64 9.35 -98.01
CA ARG HA 218 13.96 8.90 -98.44
C ARG HA 218 14.22 9.17 -99.93
N ASN HA 219 13.21 9.00 -100.78
CA ASN HA 219 13.38 9.32 -102.20
C ASN HA 219 13.38 10.82 -102.44
N GLY HA 220 12.60 11.55 -101.64
CA GLY HA 220 12.50 13.00 -101.75
C GLY HA 220 13.80 13.71 -101.50
N ILE HA 221 14.47 13.40 -100.41
CA ILE HA 221 15.72 14.08 -100.11
C ILE HA 221 16.86 13.37 -100.83
N ASN HA 222 17.19 13.83 -102.04
CA ASN HA 222 18.15 13.17 -102.92
C ASN HA 222 19.57 13.77 -102.93
N LEU HA 223 19.93 14.50 -101.88
CA LEU HA 223 21.27 15.06 -101.76
C LEU HA 223 22.24 14.00 -101.25
N THR HA 224 23.53 14.31 -101.39
CA THR HA 224 24.67 13.48 -100.96
C THR HA 224 25.12 13.71 -99.50
N LYS HA 225 25.98 12.82 -98.98
CA LYS HA 225 26.55 12.87 -97.65
C LYS HA 225 26.95 14.24 -97.16
N ASP HA 226 27.52 15.05 -98.05
CA ASP HA 226 27.97 16.39 -97.70
C ASP HA 226 26.83 17.28 -97.20
N TYR HA 227 25.61 16.89 -97.46
CA TYR HA 227 24.45 17.64 -97.04
C TYR HA 227 23.67 16.89 -95.98
N LEU HA 228 23.58 15.57 -96.13
CA LEU HA 228 22.80 14.74 -95.24
C LEU HA 228 23.31 14.81 -93.81
N LYS HA 229 24.62 14.99 -93.65
CA LYS HA 229 25.22 15.11 -92.32
C LYS HA 229 24.73 16.35 -91.54
N TYR HA 230 24.04 17.28 -92.19
CA TYR HA 230 23.54 18.49 -91.55
C TYR HA 230 22.09 18.43 -91.11
N GLY HA 231 21.51 17.26 -91.04
CA GLY HA 231 20.15 17.20 -90.53
C GLY HA 231 19.73 15.82 -90.09
N ALA HA 232 18.56 15.78 -89.46
CA ALA HA 232 17.97 14.55 -88.94
C ALA HA 232 16.46 14.63 -89.02
N ALA HA 233 15.82 13.47 -89.13
CA ALA HA 233 14.37 13.40 -89.21
C ALA HA 233 13.78 12.58 -88.08
N TYR HA 234 12.56 12.96 -87.68
CA TYR HA 234 11.81 12.28 -86.63
C TYR HA 234 10.43 11.82 -87.09
N TYR HA 235 9.94 10.71 -86.53
CA TYR HA 235 8.65 10.13 -86.87
C TYR HA 235 8.08 9.30 -85.73
N PRO HA 236 6.75 9.26 -85.55
CA PRO HA 236 5.58 9.95 -86.11
C PRO HA 236 5.23 11.29 -85.47
N PHE HA 237 4.10 11.86 -85.91
CA PHE HA 237 3.50 13.09 -85.39
C PHE HA 237 2.96 12.83 -84.00
N VAL HA 238 2.75 13.88 -83.23
CA VAL HA 238 2.27 13.71 -81.86
C VAL HA 238 0.95 14.42 -81.58
N GLN HA 239 0.17 13.79 -80.71
CA GLN HA 239 -1.11 14.31 -80.26
C GLN HA 239 -0.88 15.08 -78.99
N THR HA 240 -1.25 16.34 -78.99
CA THR HA 240 -1.00 17.22 -77.86
C THR HA 240 -2.28 17.51 -77.08
N ILE HA 241 -2.19 18.44 -76.14
CA ILE HA 241 -3.27 18.76 -75.21
C ILE HA 241 -3.79 20.17 -75.40
N LEU HA 242 -3.46 20.77 -76.54
CA LEU HA 242 -3.88 22.11 -76.88
C LEU HA 242 -5.26 22.07 -77.51
N ASN HA 243 -6.05 23.13 -77.29
CA ASN HA 243 -7.38 23.28 -77.86
C ASN HA 243 -7.35 24.09 -79.14
N TYR HA 244 -8.39 23.91 -79.95
CA TYR HA 244 -8.54 24.71 -81.17
C TYR HA 244 -9.10 26.06 -80.79
N GLN HA 245 -8.75 27.08 -81.56
CA GLN HA 245 -9.35 28.40 -81.34
C GLN HA 245 -10.58 28.54 -82.21
N TYR HA 246 -11.66 29.06 -81.63
CA TYR HA 246 -12.90 29.26 -82.36
C TYR HA 246 -13.70 30.41 -81.75
N SER HA 247 -14.74 30.81 -82.47
CA SER HA 247 -15.66 31.85 -82.03
C SER HA 247 -17.06 31.29 -82.04
N ALA HA 248 -17.71 31.29 -80.87
CA ALA HA 248 -19.04 30.69 -80.75
C ALA HA 248 -20.05 31.31 -81.69
N ASP HA 249 -19.90 32.60 -81.95
CA ASP HA 249 -20.85 33.29 -82.81
C ASP HA 249 -20.83 32.73 -84.21
N GLU HA 250 -19.75 32.16 -84.65
CA GLU HA 250 -19.62 31.70 -86.01
C GLU HA 250 -20.09 30.25 -86.21
N ILE HA 251 -20.62 29.60 -85.16
CA ILE HA 251 -21.01 28.20 -85.27
C ILE HA 251 -22.52 28.06 -85.40
N VAL HA 252 -22.95 27.45 -86.49
CA VAL HA 252 -24.36 27.24 -86.84
C VAL HA 252 -24.82 25.87 -86.39
N ILE HA 253 -25.97 25.82 -85.71
CA ILE HA 253 -26.51 24.57 -85.19
C ILE HA 253 -27.63 23.99 -86.04
N GLN HA 254 -27.46 22.72 -86.42
CA GLN HA 254 -28.46 21.96 -87.15
C GLN HA 254 -29.41 21.35 -86.13
N HIS HA 255 -30.70 21.41 -86.39
CA HIS HA 255 -31.67 20.81 -85.48
C HIS HA 255 -32.65 19.90 -86.22
N LEU HA 256 -32.84 18.68 -85.71
CA LEU HA 256 -33.80 17.72 -86.24
C LEU HA 256 -34.73 17.21 -85.16
N SER HA 257 -36.04 17.14 -85.41
CA SER HA 257 -36.99 16.73 -84.37
C SER HA 257 -38.18 15.89 -84.86
N TYR HA 258 -38.80 15.17 -83.92
CA TYR HA 258 -39.98 14.38 -84.28
C TYR HA 258 -41.17 15.27 -84.67
N ASN HA 259 -41.39 16.37 -83.95
CA ASN HA 259 -42.41 17.33 -84.36
C ASN HA 259 -41.75 18.62 -84.79
N PRO HA 260 -41.92 19.00 -86.06
CA PRO HA 260 -41.34 20.23 -86.60
C PRO HA 260 -42.03 21.47 -86.09
N ASN HA 261 -41.31 22.28 -85.32
CA ASN HA 261 -41.81 23.53 -84.75
C ASN HA 261 -40.99 24.77 -85.10
N ALA HA 262 -40.12 24.65 -86.10
CA ALA HA 262 -39.24 25.75 -86.48
C ALA HA 262 -40.02 26.86 -87.17
N ILE HA 263 -40.78 26.49 -88.19
CA ILE HA 263 -41.59 27.45 -88.93
C ILE HA 263 -42.59 28.05 -88.00
N ALA HA 264 -43.24 27.20 -87.22
CA ALA HA 264 -44.26 27.71 -86.33
C ALA HA 264 -43.70 28.78 -85.41
N THR HA 265 -42.48 28.60 -84.90
CA THR HA 265 -41.90 29.64 -84.07
C THR HA 265 -41.66 30.91 -84.83
N ALA HA 266 -41.03 30.81 -86.01
CA ALA HA 266 -40.72 32.01 -86.79
C ALA HA 266 -41.98 32.75 -87.18
N LEU HA 267 -43.02 32.00 -87.52
CA LEU HA 267 -44.24 32.60 -87.99
C LEU HA 267 -44.94 33.33 -86.84
N ASP HA 268 -44.96 32.74 -85.63
CA ASP HA 268 -45.58 33.40 -84.50
C ASP HA 268 -44.83 34.69 -84.16
N ASN HA 269 -43.49 34.66 -84.25
CA ASN HA 269 -42.73 35.87 -83.95
C ASN HA 269 -43.03 36.95 -84.99
N LEU HA 270 -43.15 36.56 -86.26
CA LEU HA 270 -43.48 37.53 -87.29
C LEU HA 270 -44.88 38.08 -87.13
N ASN HA 271 -45.84 37.27 -86.70
CA ASN HA 271 -47.15 37.84 -86.48
C ASN HA 271 -47.11 38.95 -85.44
N ALA HA 272 -46.28 38.78 -84.40
CA ALA HA 272 -46.09 39.83 -83.40
C ALA HA 272 -45.44 41.07 -84.03
N VAL HA 273 -44.51 40.85 -84.97
CA VAL HA 273 -43.80 41.89 -85.73
C VAL HA 273 -44.73 42.75 -86.58
N ASN HA 274 -45.63 42.12 -87.29
CA ASN HA 274 -46.46 42.91 -88.19
C ASN HA 274 -47.65 43.52 -87.46
N GLY HA 275 -47.37 44.57 -86.68
CA GLY HA 275 -48.39 45.24 -85.89
C GLY HA 275 -47.96 46.56 -85.23
N PRO HA 276 -48.93 47.23 -84.58
CA PRO HA 276 -48.76 48.54 -83.94
C PRO HA 276 -47.79 48.59 -82.77
N THR HA 277 -47.56 47.48 -82.11
CA THR HA 277 -46.67 47.46 -80.97
C THR HA 277 -45.24 47.20 -81.39
N PHE HA 278 -45.05 46.98 -82.69
CA PHE HA 278 -43.73 46.74 -83.19
C PHE HA 278 -43.29 47.91 -84.06
N ILE HA 279 -44.06 48.21 -85.13
CA ILE HA 279 -43.69 49.34 -85.99
C ILE HA 279 -44.71 50.43 -86.30
N ASP HA 280 -46.01 50.28 -86.00
CA ASP HA 280 -46.85 51.41 -86.45
C ASP HA 280 -46.57 52.58 -85.54
N ALA HA 281 -46.42 52.33 -84.24
CA ALA HA 281 -46.16 53.44 -83.34
C ALA HA 281 -44.88 54.19 -83.73
N ILE HA 282 -43.88 53.45 -84.19
CA ILE HA 282 -42.61 54.07 -84.59
C ILE HA 282 -42.83 54.95 -85.79
N LEU HA 283 -43.46 54.40 -86.81
CA LEU HA 283 -43.66 55.10 -88.06
C LEU HA 283 -44.56 56.32 -87.90
N ASP HA 284 -45.60 56.21 -87.06
CA ASP HA 284 -46.49 57.35 -86.86
C ASP HA 284 -45.76 58.50 -86.18
N ASP HA 285 -44.91 58.18 -85.20
CA ASP HA 285 -44.16 59.22 -84.51
C ASP HA 285 -43.01 59.76 -85.36
N LEU HA 286 -42.37 58.89 -86.14
CA LEU HA 286 -41.24 59.29 -86.95
C LEU HA 286 -41.67 60.23 -88.08
N ARG HA 287 -42.78 59.93 -88.73
CA ARG HA 287 -43.29 60.75 -89.83
C ARG HA 287 -43.95 62.00 -89.32
N ASN HA 321 -27.55 82.21 -77.92
CA ASN HA 321 -28.12 81.12 -78.70
C ASN HA 321 -27.92 79.77 -78.04
N SER HA 322 -27.29 79.76 -76.87
CA SER HA 322 -27.03 78.49 -76.19
C SER HA 322 -28.28 77.71 -75.85
N VAL HA 323 -29.37 78.43 -75.57
CA VAL HA 323 -30.64 77.80 -75.30
C VAL HA 323 -31.21 77.19 -76.54
N LYS HA 324 -31.00 77.84 -77.68
CA LYS HA 324 -31.54 77.39 -78.93
C LYS HA 324 -30.88 76.07 -79.29
N VAL HA 325 -29.57 75.99 -79.05
CA VAL HA 325 -28.84 74.75 -79.29
C VAL HA 325 -29.36 73.65 -78.42
N ALA HA 326 -29.57 73.93 -77.13
CA ALA HA 326 -30.08 72.91 -76.22
C ALA HA 326 -31.44 72.39 -76.65
N ASN HA 327 -32.32 73.29 -77.11
CA ASN HA 327 -33.65 72.87 -77.53
C ASN HA 327 -33.56 72.03 -78.79
N PHE HA 328 -32.75 72.48 -79.73
CA PHE HA 328 -32.55 71.78 -80.98
C PHE HA 328 -32.00 70.40 -80.74
N ALA HA 329 -30.95 70.32 -79.92
CA ALA HA 329 -30.30 69.06 -79.65
C ALA HA 329 -31.27 68.04 -79.08
N SER HA 330 -32.18 68.47 -78.19
CA SER HA 330 -33.20 67.58 -77.66
C SER HA 330 -34.10 67.02 -78.75
N LEU HA 331 -34.53 67.89 -79.66
CA LEU HA 331 -35.41 67.46 -80.73
C LEU HA 331 -34.69 66.46 -81.66
N VAL HA 332 -33.40 66.68 -81.93
CA VAL HA 332 -32.64 65.75 -82.77
C VAL HA 332 -32.56 64.40 -82.11
N GLU HA 333 -32.23 64.38 -80.80
CA GLU HA 333 -32.10 63.12 -80.08
C GLU HA 333 -33.39 62.31 -80.12
N SER HA 334 -34.54 62.97 -80.02
CA SER HA 334 -35.81 62.27 -80.09
C SER HA 334 -35.97 61.54 -81.41
N VAL HA 335 -35.64 62.21 -82.53
CA VAL HA 335 -35.75 61.57 -83.84
C VAL HA 335 -34.76 60.42 -83.95
N LEU HA 336 -33.53 60.65 -83.51
CA LEU HA 336 -32.48 59.65 -83.56
C LEU HA 336 -32.85 58.39 -82.81
N SER HA 337 -33.42 58.55 -81.62
CA SER HA 337 -33.83 57.41 -80.81
C SER HA 337 -34.89 56.59 -81.55
N THR HA 338 -35.88 57.28 -82.14
CA THR HA 338 -36.92 56.63 -82.92
C THR HA 338 -36.34 55.85 -84.10
N LEU HA 339 -35.38 56.45 -84.82
CA LEU HA 339 -34.76 55.77 -85.95
C LEU HA 339 -34.05 54.50 -85.47
N ASN HA 340 -33.36 54.58 -84.34
CA ASN HA 340 -32.64 53.42 -83.85
C ASN HA 340 -33.57 52.25 -83.55
N GLU HA 341 -34.77 52.52 -83.02
CA GLU HA 341 -35.72 51.44 -82.77
C GLU HA 341 -36.15 50.76 -84.08
N LEU HA 342 -36.37 51.56 -85.13
CA LEU HA 342 -36.78 51.00 -86.42
C LEU HA 342 -35.68 50.11 -86.99
N ILE HA 343 -34.42 50.52 -86.80
CA ILE HA 343 -33.27 49.76 -87.28
C ILE HA 343 -33.19 48.42 -86.54
N ASP HA 344 -33.35 48.44 -85.20
CA ASP HA 344 -33.32 47.18 -84.44
C ASP HA 344 -34.42 46.23 -84.90
N ALA HA 345 -35.58 46.79 -85.24
CA ALA HA 345 -36.69 45.98 -85.71
C ALA HA 345 -36.30 45.17 -86.95
N LYS HA 346 -35.58 45.81 -87.88
CA LYS HA 346 -35.13 45.13 -89.09
C LYS HA 346 -34.29 43.92 -88.75
N GLU HA 347 -33.36 44.09 -87.81
CA GLU HA 347 -32.46 42.99 -87.47
C GLU HA 347 -33.23 41.80 -86.88
N GLU HA 348 -34.24 42.06 -86.05
CA GLU HA 348 -35.00 40.95 -85.48
C GLU HA 348 -35.74 40.15 -86.56
N ILE HA 349 -36.26 40.87 -87.55
CA ILE HA 349 -36.96 40.25 -88.66
C ILE HA 349 -36.07 39.32 -89.43
N ASN HA 350 -34.87 39.78 -89.77
CA ASN HA 350 -33.96 38.92 -90.50
C ASN HA 350 -33.61 37.66 -89.73
N LYS HA 351 -33.45 37.78 -88.42
CA LYS HA 351 -33.06 36.62 -87.63
C LYS HA 351 -34.13 35.51 -87.65
N ASP HA 352 -35.41 35.86 -87.60
CA ASP HA 352 -36.44 34.80 -87.64
C ASP HA 352 -36.71 34.30 -89.05
N VAL HA 353 -36.73 35.19 -90.03
CA VAL HA 353 -37.06 34.77 -91.38
C VAL HA 353 -36.03 33.77 -91.88
N ASN HA 354 -34.77 34.02 -91.55
CA ASN HA 354 -33.71 33.12 -91.95
C ASN HA 354 -33.88 31.70 -91.39
N SER HA 355 -34.61 31.51 -90.27
CA SER HA 355 -34.74 30.16 -89.76
C SER HA 355 -35.82 29.47 -90.58
N ALA HA 356 -36.77 30.26 -91.09
CA ALA HA 356 -37.81 29.70 -91.94
C ALA HA 356 -37.21 29.22 -93.23
N ILE HA 357 -36.27 30.00 -93.75
CA ILE HA 357 -35.62 29.66 -95.01
C ILE HA 357 -34.80 28.40 -94.81
N ALA HA 358 -33.97 28.39 -93.77
CA ALA HA 358 -33.11 27.26 -93.46
C ALA HA 358 -33.89 25.98 -93.21
N SER HA 359 -35.05 26.09 -92.57
CA SER HA 359 -35.84 24.91 -92.21
C SER HA 359 -36.69 24.37 -93.36
N SER HA 360 -37.01 25.19 -94.35
CA SER HA 360 -37.86 24.78 -95.46
C SER HA 360 -37.01 24.00 -96.47
N GLU HA 361 -36.54 22.83 -96.05
CA GLU HA 361 -35.67 22.00 -96.91
C GLU HA 361 -36.33 21.55 -98.20
N GLU HA 362 -37.61 21.23 -98.11
CA GLU HA 362 -38.39 20.74 -99.23
C GLU HA 362 -39.06 21.92 -99.92
N ASP HA 363 -39.42 21.73 -101.19
CA ASP HA 363 -40.15 22.75 -101.95
C ASP HA 363 -39.37 24.08 -102.01
N ASN HA 364 -38.22 24.02 -102.69
CA ASN HA 364 -37.33 25.18 -102.83
C ASN HA 364 -37.99 26.42 -103.41
N ALA HA 365 -39.13 26.25 -104.06
CA ALA HA 365 -39.91 27.36 -104.58
C ALA HA 365 -40.33 28.29 -103.45
N ILE HA 366 -40.59 27.72 -102.28
CA ILE HA 366 -41.00 28.50 -101.14
C ILE HA 366 -39.77 29.12 -100.54
N LYS HA 367 -38.67 28.37 -100.44
CA LYS HA 367 -37.46 29.02 -99.95
C LYS HA 367 -37.18 30.29 -100.71
N THR HA 368 -37.36 30.23 -102.03
CA THR HA 368 -37.14 31.40 -102.86
C THR HA 368 -38.16 32.48 -102.52
N ALA HA 369 -39.45 32.12 -102.41
CA ALA HA 369 -40.46 33.15 -102.11
C ALA HA 369 -40.17 33.89 -100.79
N ILE HA 370 -39.71 33.14 -99.78
CA ILE HA 370 -39.40 33.75 -98.50
C ILE HA 370 -38.20 34.66 -98.62
N SER HA 371 -37.15 34.15 -99.27
CA SER HA 371 -35.92 34.91 -99.44
C SER HA 371 -36.15 36.20 -100.21
N ASP HA 372 -36.92 36.14 -101.30
CA ASP HA 372 -37.18 37.34 -102.08
C ASP HA 372 -37.93 38.39 -101.26
N ALA HA 373 -38.93 37.97 -100.48
CA ALA HA 373 -39.68 38.93 -99.67
C ALA HA 373 -38.76 39.64 -98.68
N LEU HA 374 -37.83 38.89 -98.07
CA LEU HA 374 -36.91 39.47 -97.11
C LEU HA 374 -35.93 40.42 -97.78
N ASP HA 375 -35.41 40.00 -98.93
CA ASP HA 375 -34.42 40.79 -99.65
C ASP HA 375 -34.98 42.15 -100.01
N VAL HA 376 -36.25 42.20 -100.44
CA VAL HA 376 -36.87 43.47 -100.77
C VAL HA 376 -37.05 44.33 -99.52
N PHE HA 377 -37.55 43.75 -98.42
CA PHE HA 377 -37.75 44.52 -97.18
C PHE HA 377 -36.51 45.28 -96.78
N ASN HA 378 -35.37 44.60 -96.82
CA ASN HA 378 -34.11 45.17 -96.40
C ASN HA 378 -33.65 46.40 -97.19
N GLU HA 379 -34.16 46.62 -98.41
CA GLU HA 379 -33.71 47.74 -99.24
C GLU HA 379 -33.94 49.11 -98.63
N ASP HA 380 -34.83 49.23 -97.66
CA ASP HA 380 -35.11 50.54 -97.07
C ASP HA 380 -34.06 50.88 -96.02
N PHE HA 381 -33.30 49.89 -95.58
CA PHE HA 381 -32.34 50.08 -94.51
C PHE HA 381 -30.90 50.03 -94.99
N GLU HA 382 -30.68 49.23 -96.04
CA GLU HA 382 -29.38 49.02 -96.68
C GLU HA 382 -29.03 50.14 -97.62
N GLY HA 383 -27.85 50.04 -98.25
CA GLY HA 383 -27.28 51.05 -99.13
C GLY HA 383 -28.20 51.57 -100.23
N ALA HA 384 -29.21 50.78 -100.63
CA ALA HA 384 -30.15 51.21 -101.67
C ALA HA 384 -30.85 52.52 -101.29
N ASP HA 385 -31.17 52.70 -100.02
CA ASP HA 385 -31.79 53.89 -99.45
C ASP HA 385 -31.50 53.82 -97.97
N LYS HA 386 -30.37 54.32 -97.55
CA LYS HA 386 -29.90 53.83 -96.25
C LYS HA 386 -30.37 54.57 -95.01
N ILE HA 387 -31.48 54.09 -94.41
CA ILE HA 387 -31.98 54.64 -93.13
C ILE HA 387 -30.88 54.58 -92.10
N GLU HA 388 -30.10 53.50 -92.12
CA GLU HA 388 -29.04 53.33 -91.13
C GLU HA 388 -27.99 54.44 -91.16
N SER HA 389 -27.67 55.03 -92.33
CA SER HA 389 -26.63 56.06 -92.34
C SER HA 389 -27.21 57.38 -91.93
N VAL HA 390 -28.51 57.56 -92.12
CA VAL HA 390 -29.10 58.79 -91.63
C VAL HA 390 -28.98 58.85 -90.14
N ALA HA 391 -29.34 57.74 -89.48
CA ALA HA 391 -29.23 57.70 -88.03
C ALA HA 391 -27.80 57.93 -87.57
N LYS HA 392 -26.83 57.31 -88.25
CA LYS HA 392 -25.43 57.48 -87.88
C LYS HA 392 -25.00 58.94 -88.01
N ASN HA 393 -25.33 59.55 -89.14
CA ASN HA 393 -24.91 60.92 -89.41
C ASN HA 393 -25.54 61.90 -88.44
N LEU HA 394 -26.80 61.70 -88.07
CA LEU HA 394 -27.42 62.62 -87.13
C LEU HA 394 -26.71 62.57 -85.79
N SER HA 395 -26.28 61.39 -85.36
CA SER HA 395 -25.52 61.28 -84.11
C SER HA 395 -24.23 62.10 -84.14
N ASP HA 396 -23.46 61.98 -85.23
CA ASP HA 396 -22.18 62.71 -85.30
C ASP HA 396 -22.42 64.23 -85.32
N LEU HA 397 -23.46 64.65 -86.06
CA LEU HA 397 -23.81 66.05 -86.18
C LEU HA 397 -24.26 66.62 -84.84
N LEU HA 398 -25.00 65.82 -84.08
CA LEU HA 398 -25.51 66.23 -82.79
C LEU HA 398 -24.38 66.51 -81.82
N ILE HA 399 -23.35 65.66 -81.80
CA ILE HA 399 -22.20 65.96 -80.95
C ILE HA 399 -21.56 67.27 -81.34
N LYS HA 400 -21.34 67.47 -82.64
CA LYS HA 400 -20.69 68.68 -83.10
C LYS HA 400 -21.48 69.94 -82.76
N ILE HA 401 -22.81 69.92 -82.86
CA ILE HA 401 -23.51 71.16 -82.54
C ILE HA 401 -23.45 71.45 -81.05
N LYS HA 402 -23.55 70.42 -80.20
CA LYS HA 402 -23.42 70.67 -78.78
C LYS HA 402 -22.04 71.23 -78.41
N GLN HA 403 -21.00 70.77 -79.09
CA GLN HA 403 -19.64 71.26 -78.80
C GLN HA 403 -19.34 72.59 -79.52
N ALA HA 404 -20.14 72.98 -80.52
CA ALA HA 404 -19.93 74.21 -81.30
C ALA HA 404 -19.84 75.46 -80.41
N ASP HA 405 -20.62 75.44 -79.32
CA ASP HA 405 -20.65 76.50 -78.31
C ASP HA 405 -19.30 76.77 -77.67
N THR HA 406 -18.35 75.84 -77.81
CA THR HA 406 -17.01 75.98 -77.27
C THR HA 406 -16.38 77.27 -77.74
N ASN HA 407 -16.56 77.62 -79.02
CA ASN HA 407 -15.90 78.82 -79.47
C ASN HA 407 -16.58 79.74 -80.49
N THR HA 408 -17.73 79.42 -81.10
CA THR HA 408 -18.30 80.44 -81.99
C THR HA 408 -19.74 80.21 -82.52
N LYS HA 409 -20.44 81.34 -82.66
CA LYS HA 409 -21.76 81.43 -83.27
C LYS HA 409 -21.79 80.94 -84.70
N VAL HA 410 -20.63 80.93 -85.32
CA VAL HA 410 -20.48 80.48 -86.68
C VAL HA 410 -20.68 78.99 -86.77
N GLU HA 411 -20.12 78.27 -85.80
CA GLU HA 411 -20.21 76.81 -85.79
C GLU HA 411 -21.66 76.41 -85.72
N ASN HA 412 -22.43 77.15 -84.92
CA ASN HA 412 -23.85 76.86 -84.73
C ASN HA 412 -24.71 77.16 -85.97
N VAL HA 413 -24.10 77.67 -87.03
CA VAL HA 413 -24.75 77.90 -88.30
C VAL HA 413 -24.23 76.89 -89.31
N LEU HA 414 -22.91 76.75 -89.34
CA LEU HA 414 -22.29 75.86 -90.30
C LEU HA 414 -22.77 74.43 -90.12
N SER HA 415 -22.96 73.99 -88.87
CA SER HA 415 -23.38 72.61 -88.59
C SER HA 415 -24.70 72.21 -89.25
N ILE HA 416 -25.51 73.19 -89.62
CA ILE HA 416 -26.81 72.95 -90.24
C ILE HA 416 -26.82 73.20 -91.74
N ASN HA 417 -26.20 74.30 -92.19
CA ASN HA 417 -26.27 74.67 -93.61
C ASN HA 417 -24.99 74.53 -94.45
N ALA HA 418 -23.82 74.32 -93.83
CA ALA HA 418 -22.58 74.11 -94.58
C ALA HA 418 -22.27 72.64 -94.48
N LEU HA 419 -22.66 72.12 -93.33
CA LEU HA 419 -22.58 70.74 -92.92
C LEU HA 419 -23.96 70.17 -93.14
N ASN HA 420 -24.20 68.96 -92.66
CA ASN HA 420 -25.40 68.26 -93.09
C ASN HA 420 -26.67 68.19 -92.22
N PHE HA 421 -26.91 68.94 -91.14
CA PHE HA 421 -28.22 68.66 -90.51
C PHE HA 421 -29.42 68.86 -91.45
N SER HA 422 -29.41 69.91 -92.25
CA SER HA 422 -30.52 70.07 -93.19
C SER HA 422 -30.61 68.89 -94.16
N ALA HA 423 -29.45 68.54 -94.72
CA ALA HA 423 -29.32 67.49 -95.72
C ALA HA 423 -29.72 66.12 -95.22
N GLU HA 424 -29.46 65.81 -93.94
CA GLU HA 424 -29.82 64.48 -93.44
C GLU HA 424 -31.29 64.39 -93.10
N PHE HA 425 -31.91 65.44 -92.54
CA PHE HA 425 -33.32 65.29 -92.24
C PHE HA 425 -34.14 65.18 -93.54
N GLU HA 426 -33.62 65.76 -94.61
CA GLU HA 426 -34.31 65.71 -95.87
C GLU HA 426 -34.43 64.26 -96.35
N LYS HA 427 -33.46 63.41 -96.00
CA LYS HA 427 -33.47 62.05 -96.51
C LYS HA 427 -34.58 61.23 -95.89
N LEU HA 428 -35.22 61.75 -94.86
CA LEU HA 428 -36.32 61.04 -94.25
C LEU HA 428 -37.60 61.54 -94.90
N LEU HA 429 -37.72 62.88 -95.01
CA LEU HA 429 -38.85 63.53 -95.67
C LEU HA 429 -38.27 64.65 -96.54
N THR HA 430 -38.47 64.56 -97.86
CA THR HA 430 -37.85 65.48 -98.83
C THR HA 430 -38.14 66.96 -98.62
N TYR HA 431 -39.36 67.32 -98.22
CA TYR HA 431 -39.69 68.72 -98.06
C TYR HA 431 -40.80 68.92 -97.04
N ASP HA 432 -40.67 68.28 -95.88
CA ASP HA 432 -41.74 68.35 -94.88
C ASP HA 432 -42.09 69.77 -94.51
N VAL HA 433 -41.07 70.65 -94.51
CA VAL HA 433 -41.10 72.07 -94.18
C VAL HA 433 -42.07 72.89 -95.03
N ASN HA 434 -42.53 72.31 -96.14
CA ASN HA 434 -43.48 72.93 -97.05
C ASN HA 434 -44.78 73.34 -96.35
N THR HA 435 -45.17 72.63 -95.28
CA THR HA 435 -46.41 72.96 -94.59
C THR HA 435 -46.33 72.59 -93.11
N GLY HA 436 -47.24 73.17 -92.30
CA GLY HA 436 -47.26 72.82 -90.87
C GLY HA 436 -47.43 71.33 -90.67
N LEU HA 437 -48.25 70.71 -91.49
CA LEU HA 437 -48.37 69.26 -91.46
C LEU HA 437 -47.35 68.81 -92.45
N THR HA 438 -46.56 67.78 -92.15
CA THR HA 438 -45.55 67.42 -93.14
C THR HA 438 -46.18 67.23 -94.52
N ALA HA 439 -45.60 67.92 -95.50
CA ALA HA 439 -46.13 67.91 -96.85
C ALA HA 439 -45.01 67.81 -97.87
N SER HA 440 -45.40 67.75 -99.14
CA SER HA 440 -44.46 67.72 -100.25
C SER HA 440 -43.43 66.61 -100.11
N VAL HA 441 -43.88 65.45 -99.64
CA VAL HA 441 -42.96 64.35 -99.47
C VAL HA 441 -42.73 63.69 -100.82
N THR HA 442 -41.93 64.38 -101.65
CA THR HA 442 -41.56 63.96 -103.01
C THR HA 442 -40.86 62.62 -102.96
N LEU HA 443 -40.26 62.37 -101.81
CA LEU HA 443 -39.56 61.17 -101.47
C LEU HA 443 -39.64 61.06 -99.95
N ASP HA 444 -39.67 59.83 -99.48
CA ASP HA 444 -39.65 59.58 -98.05
C ASP HA 444 -39.09 58.19 -97.78
N LEU HA 445 -38.38 58.07 -96.67
CA LEU HA 445 -37.78 56.80 -96.26
C LEU HA 445 -38.71 55.97 -95.39
N PHE HA 446 -39.89 56.47 -95.09
CA PHE HA 446 -40.75 55.81 -94.11
C PHE HA 446 -41.95 55.05 -94.67
N ALA HA 447 -42.32 54.06 -93.88
CA ALA HA 447 -43.54 53.25 -93.90
C ALA HA 447 -43.78 52.35 -95.10
N ASN HA 448 -42.76 52.06 -95.92
CA ASN HA 448 -42.94 51.11 -97.02
C ASN HA 448 -42.87 49.68 -96.44
N ILE HA 449 -42.55 49.69 -95.17
CA ILE HA 449 -42.41 48.60 -94.24
C ILE HA 449 -43.70 47.83 -94.12
N GLY HA 450 -44.83 48.53 -94.07
CA GLY HA 450 -46.10 47.84 -93.86
C GLY HA 450 -46.35 46.74 -94.90
N THR HA 451 -46.33 47.12 -96.17
CA THR HA 451 -46.56 46.19 -97.26
C THR HA 451 -45.50 45.11 -97.28
N ARG HA 452 -44.25 45.49 -97.11
CA ARG HA 452 -43.19 44.51 -97.19
C ARG HA 452 -43.28 43.48 -96.06
N LEU HA 453 -43.70 43.87 -94.84
CA LEU HA 453 -43.87 42.86 -93.78
C LEU HA 453 -44.97 41.87 -94.15
N ASP HA 454 -46.07 42.37 -94.74
CA ASP HA 454 -47.13 41.46 -95.14
C ASP HA 454 -46.60 40.42 -96.14
N ASP HA 455 -45.75 40.85 -97.08
CA ASP HA 455 -45.20 39.93 -98.09
C ASP HA 455 -44.33 38.86 -97.44
N ILE HA 456 -43.54 39.24 -96.43
CA ILE HA 456 -42.70 38.28 -95.73
C ILE HA 456 -43.53 37.25 -95.03
N ILE HA 457 -44.53 37.70 -94.26
CA ILE HA 457 -45.33 36.74 -93.52
C ILE HA 457 -46.06 35.80 -94.42
N ALA HA 458 -46.65 36.32 -95.48
CA ALA HA 458 -47.36 35.43 -96.38
C ALA HA 458 -46.42 34.37 -96.94
N ALA HA 459 -45.20 34.76 -97.34
CA ALA HA 459 -44.27 33.77 -97.86
C ALA HA 459 -43.89 32.74 -96.81
N VAL HA 460 -43.65 33.19 -95.56
CA VAL HA 460 -43.22 32.26 -94.52
C VAL HA 460 -44.32 31.28 -94.20
N SER HA 461 -45.57 31.74 -94.13
CA SER HA 461 -46.70 30.87 -93.81
C SER HA 461 -46.85 29.72 -94.76
N ALA HA 462 -46.33 29.86 -95.98
CA ALA HA 462 -46.43 28.81 -96.99
C ALA HA 462 -45.65 27.59 -96.58
N ALA HA 463 -44.67 27.75 -95.70
CA ALA HA 463 -43.82 26.68 -95.24
C ALA HA 463 -44.42 25.87 -94.10
N GLU HA 464 -45.51 26.34 -93.49
CA GLU HA 464 -46.01 25.58 -92.35
C GLU HA 464 -46.32 24.10 -92.65
N PRO HA 465 -46.93 23.73 -93.78
CA PRO HA 465 -47.18 22.32 -94.12
C PRO HA 465 -46.03 21.66 -94.88
N ILE HA 466 -44.87 22.32 -94.96
CA ILE HA 466 -43.75 21.81 -95.71
C ILE HA 466 -42.69 21.24 -94.78
N ASP HA 467 -42.45 21.94 -93.68
CA ASP HA 467 -41.37 21.53 -92.82
C ASP HA 467 -41.73 20.51 -91.76
N VAL HA 468 -41.33 19.26 -92.03
CA VAL HA 468 -41.59 18.13 -91.17
C VAL HA 468 -40.44 17.79 -90.17
N ASN HA 469 -39.21 18.11 -90.44
CA ASN HA 469 -38.15 17.73 -89.48
C ASN HA 469 -37.28 18.78 -88.76
N ASN HA 470 -37.56 20.07 -88.77
CA ASN HA 470 -36.65 20.98 -88.10
C ASN HA 470 -37.22 21.58 -86.81
N GLY HA 471 -36.38 21.67 -85.78
CA GLY HA 471 -36.78 22.22 -84.50
C GLY HA 471 -36.57 23.71 -84.39
N LYS HA 472 -36.89 24.21 -83.22
CA LYS HA 472 -36.91 25.62 -82.87
C LYS HA 472 -35.60 26.38 -83.11
N LEU HA 473 -34.45 25.76 -82.87
CA LEU HA 473 -33.18 26.45 -82.99
C LEU HA 473 -32.51 26.30 -84.35
N ASN HA 474 -33.15 25.59 -85.27
CA ASN HA 474 -32.54 25.31 -86.56
C ASN HA 474 -32.26 26.59 -87.32
N GLY HA 475 -31.03 26.73 -87.80
CA GLY HA 475 -30.62 27.88 -88.58
C GLY HA 475 -30.17 29.08 -87.76
N ARG HA 476 -30.03 28.90 -86.45
CA ARG HA 476 -29.58 29.96 -85.53
C ARG HA 476 -28.13 29.80 -85.06
N LEU HA 477 -27.53 30.90 -84.61
CA LEU HA 477 -26.14 30.94 -84.11
C LEU HA 477 -26.01 30.46 -82.66
N LEU HA 478 -24.84 29.90 -82.33
CA LEU HA 478 -24.62 29.34 -81.00
C LEU HA 478 -24.79 30.40 -79.92
N SER HA 479 -24.22 31.58 -80.11
CA SER HA 479 -24.35 32.63 -79.12
C SER HA 479 -25.80 33.03 -78.90
N ASP HA 480 -26.60 33.01 -79.98
CA ASP HA 480 -28.00 33.40 -79.91
C ASP HA 480 -28.81 32.52 -78.98
N ILE HA 481 -28.56 31.22 -78.98
CA ILE HA 481 -29.34 30.30 -78.14
C ILE HA 481 -29.12 30.44 -76.63
N GLU HA 482 -28.00 31.03 -76.21
CA GLU HA 482 -27.65 31.08 -74.79
C GLU HA 482 -28.78 31.62 -73.93
N PRO HA 483 -29.45 32.71 -74.31
CA PRO HA 483 -30.59 33.18 -73.53
C PRO HA 483 -31.76 32.22 -73.52
N LEU HA 484 -32.10 31.66 -74.69
CA LEU HA 484 -33.23 30.74 -74.82
C LEU HA 484 -33.04 29.40 -74.12
N ASP HA 485 -31.86 28.82 -74.22
CA ASP HA 485 -31.55 27.54 -73.59
C ASP HA 485 -30.17 27.61 -72.98
N ASN HA 486 -29.96 26.89 -71.89
CA ASN HA 486 -28.63 26.91 -71.27
C ASN HA 486 -28.05 25.54 -71.06
N ALA HA 487 -28.88 24.55 -70.79
CA ALA HA 487 -28.34 23.22 -70.58
C ALA HA 487 -27.71 22.71 -71.87
N THR HA 488 -28.41 22.95 -72.98
CA THR HA 488 -27.93 22.51 -74.27
C THR HA 488 -26.69 23.28 -74.65
N TYR HA 489 -26.70 24.60 -74.42
CA TYR HA 489 -25.57 25.45 -74.74
C TYR HA 489 -24.31 25.00 -74.05
N ASN HA 490 -24.38 24.77 -72.73
CA ASN HA 490 -23.21 24.35 -72.01
C ASN HA 490 -22.72 22.98 -72.46
N THR HA 491 -23.66 22.08 -72.77
CA THR HA 491 -23.30 20.75 -73.24
C THR HA 491 -22.51 20.83 -74.54
N ILE HA 492 -22.97 21.67 -75.47
CA ILE HA 492 -22.31 21.84 -76.75
C ILE HA 492 -20.89 22.34 -76.57
N LEU HA 493 -20.71 23.34 -75.71
CA LEU HA 493 -19.35 23.85 -75.51
C LEU HA 493 -18.41 22.81 -74.96
N LEU HA 494 -18.90 21.99 -74.01
CA LEU HA 494 -18.07 20.93 -73.49
C LEU HA 494 -17.67 19.94 -74.55
N GLU HA 495 -18.58 19.62 -75.46
CA GLU HA 495 -18.25 18.66 -76.51
C GLU HA 495 -17.25 19.26 -77.49
N ILE HA 496 -17.38 20.56 -77.83
CA ILE HA 496 -16.45 21.19 -78.77
C ILE HA 496 -15.04 21.15 -78.24
N ASN HA 497 -14.89 21.42 -76.96
CA ASN HA 497 -13.58 21.50 -76.35
C ASN HA 497 -12.93 20.13 -76.12
N SER HA 498 -13.60 19.03 -76.49
CA SER HA 498 -12.98 17.73 -76.36
C SER HA 498 -12.03 17.41 -77.51
N HIS HA 499 -12.04 18.22 -78.56
CA HIS HA 499 -11.20 17.95 -79.72
C HIS HA 499 -9.83 18.61 -79.60
N LYS HA 500 -8.77 17.82 -79.76
CA LYS HA 500 -7.41 18.33 -79.58
C LYS HA 500 -6.62 18.46 -80.88
N VAL HA 501 -5.58 19.29 -80.81
CA VAL HA 501 -4.64 19.64 -81.88
C VAL HA 501 -3.56 18.54 -82.06
N THR HA 502 -3.18 18.25 -83.32
CA THR HA 502 -2.13 17.29 -83.66
C THR HA 502 -1.03 17.99 -84.46
N LEU HA 503 0.24 17.80 -84.06
CA LEU HA 503 1.37 18.49 -84.69
C LEU HA 503 2.55 17.59 -85.11
N PRO HA 504 3.28 17.98 -86.16
CA PRO HA 504 4.58 17.38 -86.51
C PRO HA 504 5.52 17.54 -85.33
N PRO HA 505 6.46 16.63 -85.10
CA PRO HA 505 7.35 16.63 -83.92
C PRO HA 505 8.52 17.65 -83.88
N SER HA 506 8.95 18.21 -85.01
CA SER HA 506 10.12 19.09 -85.03
C SER HA 506 10.16 20.26 -84.05
N SER HA 507 9.03 20.88 -83.71
CA SER HA 507 9.10 22.02 -82.80
C SER HA 507 9.36 21.59 -81.36
N SER HA 508 9.01 20.34 -81.03
CA SER HA 508 9.20 19.87 -79.68
C SER HA 508 10.63 19.45 -79.54
N MET HA 509 11.20 18.99 -80.64
CA MET HA 509 12.59 18.59 -80.60
C MET HA 509 13.49 19.78 -80.40
N ALA HA 510 13.18 20.92 -81.03
CA ALA HA 510 14.00 22.10 -80.81
C ALA HA 510 14.00 22.49 -79.34
N GLY HA 511 12.85 22.35 -78.68
CA GLY HA 511 12.75 22.59 -77.25
C GLY HA 511 13.64 21.63 -76.47
N ALA HA 512 13.54 20.33 -76.77
CA ALA HA 512 14.33 19.31 -76.11
C ALA HA 512 15.83 19.52 -76.30
N TYR HA 513 16.26 19.99 -77.48
CA TYR HA 513 17.67 20.25 -77.69
C TYR HA 513 18.15 21.31 -76.72
N ALA HA 514 17.36 22.37 -76.51
CA ALA HA 514 17.75 23.42 -75.59
C ALA HA 514 17.94 22.89 -74.17
N ARG HA 515 17.05 22.02 -73.71
CA ARG HA 515 17.20 21.47 -72.37
C ARG HA 515 18.50 20.70 -72.21
N VAL HA 516 18.80 19.84 -73.16
CA VAL HA 516 20.00 19.03 -73.06
C VAL HA 516 21.25 19.89 -73.06
N ASP HA 517 21.30 20.90 -73.95
CA ASP HA 517 22.47 21.77 -74.03
C ASP HA 517 22.72 22.49 -72.70
N ASN HA 518 21.67 22.84 -71.97
CA ASN HA 518 21.86 23.52 -70.69
C ASN HA 518 22.18 22.57 -69.55
N ASP HA 519 21.57 21.38 -69.52
CA ASP HA 519 21.81 20.41 -68.46
C ASP HA 519 23.14 19.68 -68.53
N ARG HA 520 23.57 19.31 -69.73
CA ARG HA 520 24.79 18.52 -69.87
C ARG HA 520 25.81 19.09 -70.85
N GLY HA 521 25.37 19.74 -71.92
CA GLY HA 521 26.28 20.25 -72.93
C GLY HA 521 25.97 19.72 -74.32
N VAL HA 522 26.46 20.44 -75.34
CA VAL HA 522 26.22 20.12 -76.75
C VAL HA 522 26.72 18.73 -77.18
N TRP HA 523 27.63 18.14 -76.42
CA TRP HA 523 28.14 16.82 -76.77
C TRP HA 523 27.30 15.67 -76.21
N LYS HA 524 26.22 15.97 -75.50
CA LYS HA 524 25.34 14.96 -74.96
C LYS HA 524 24.22 14.63 -75.95
N SER HA 525 23.98 13.35 -76.18
CA SER HA 525 22.89 12.93 -77.05
C SER HA 525 21.49 13.33 -76.58
N PRO HA 526 20.65 13.87 -77.49
CA PRO HA 526 19.22 14.21 -77.29
C PRO HA 526 18.27 13.05 -77.01
N ALA HA 527 18.68 11.81 -77.19
CA ALA HA 527 17.77 10.68 -76.97
C ALA HA 527 17.52 10.40 -75.49
N ASN HA 528 16.43 9.63 -75.25
CA ASN HA 528 15.94 9.19 -73.94
C ASN HA 528 15.50 10.36 -73.07
N ILE HA 529 14.86 11.34 -73.72
CA ILE HA 529 14.33 12.53 -73.08
C ILE HA 529 12.82 12.58 -73.31
N GLY HA 530 12.07 12.83 -72.25
CA GLY HA 530 10.61 12.88 -72.35
C GLY HA 530 10.11 14.20 -72.91
N LEU HA 531 8.92 14.15 -73.52
CA LEU HA 531 8.28 15.34 -74.08
C LEU HA 531 7.12 15.84 -73.23
N ASN HA 532 6.98 17.16 -73.15
CA ASN HA 532 5.87 17.76 -72.42
C ASN HA 532 4.71 18.03 -73.34
N TYR HA 533 3.51 18.01 -72.77
CA TYR HA 533 2.26 18.27 -73.49
C TYR HA 533 1.99 17.27 -74.59
N VAL HA 534 2.38 16.02 -74.40
CA VAL HA 534 2.11 15.00 -75.41
C VAL HA 534 1.32 13.89 -74.77
N SER HA 535 0.16 13.58 -75.35
CA SER HA 535 -0.65 12.50 -74.85
C SER HA 535 -0.16 11.19 -75.39
N LYS HA 536 0.17 11.19 -76.67
CA LYS HA 536 0.62 9.98 -77.33
C LYS HA 536 1.16 10.30 -78.75
N PRO HA 537 1.99 9.39 -79.31
CA PRO HA 537 2.32 9.35 -80.74
C PRO HA 537 1.06 9.08 -81.53
N SER HA 538 0.98 9.62 -82.74
CA SER HA 538 -0.20 9.40 -83.60
C SER HA 538 -0.39 7.94 -83.99
N VAL HA 539 0.70 7.21 -84.20
CA VAL HA 539 0.67 5.80 -84.56
C VAL HA 539 1.63 5.01 -83.70
N THR HA 540 1.42 3.71 -83.61
CA THR HA 540 2.33 2.83 -82.88
C THR HA 540 3.25 2.12 -83.84
N VAL HA 541 4.54 2.17 -83.58
CA VAL HA 541 5.53 1.57 -84.47
C VAL HA 541 6.10 0.31 -83.80
N SER HA 542 5.95 -0.84 -84.45
CA SER HA 542 6.39 -2.13 -83.94
C SER HA 542 7.89 -2.30 -84.04
N HIS HA 543 8.44 -3.33 -83.37
CA HIS HA 543 9.88 -3.58 -83.45
C HIS HA 543 10.33 -3.96 -84.84
N GLU HA 544 9.50 -4.69 -85.56
CA GLU HA 544 9.84 -5.10 -86.90
C GLU HA 544 10.06 -3.89 -87.78
N GLU HA 545 9.24 -2.87 -87.57
CA GLU HA 545 9.37 -1.65 -88.33
C GLU HA 545 10.54 -0.81 -87.86
N GLN HA 546 10.70 -0.72 -86.55
CA GLN HA 546 11.71 0.12 -85.95
C GLN HA 546 13.13 -0.23 -86.37
N GLU HA 547 13.43 -1.49 -86.62
CA GLU HA 547 14.77 -1.82 -87.05
C GLU HA 547 15.14 -1.17 -88.37
N SER HA 548 14.15 -0.94 -89.27
CA SER HA 548 14.44 -0.37 -90.58
C SER HA 548 14.57 1.16 -90.51
N MET HA 549 14.22 1.74 -89.37
CA MET HA 549 14.33 3.17 -89.19
C MET HA 549 15.72 3.48 -88.71
N ASN HA 550 16.31 2.56 -87.95
CA ASN HA 550 17.63 2.79 -87.39
C ASN HA 550 18.76 2.38 -88.31
N VAL HA 551 18.65 1.24 -88.99
CA VAL HA 551 19.67 0.79 -89.89
C VAL HA 551 19.05 0.51 -91.24
N HIS HA 552 19.62 1.08 -92.28
CA HIS HA 552 19.06 0.94 -93.61
C HIS HA 552 20.15 1.12 -94.67
N GLY HA 553 19.96 0.43 -95.80
CA GLY HA 553 20.91 0.50 -96.91
C GLY HA 553 21.25 1.89 -97.40
N THR HA 554 20.34 2.85 -97.29
CA THR HA 554 20.62 4.21 -97.74
C THR HA 554 21.32 5.10 -96.70
N GLY HA 555 21.32 4.71 -95.44
CA GLY HA 555 21.86 5.52 -94.35
C GLY HA 555 20.91 6.59 -93.86
N LYS HA 556 19.75 6.71 -94.49
CA LYS HA 556 18.78 7.74 -94.16
C LYS HA 556 17.88 7.32 -93.01
N SER HA 557 18.50 7.29 -91.85
CA SER HA 557 17.87 6.91 -90.61
C SER HA 557 16.79 7.87 -90.17
N VAL HA 558 15.79 7.36 -89.47
CA VAL HA 558 14.72 8.19 -88.90
C VAL HA 558 14.62 7.88 -87.40
N ASN HA 559 14.62 8.90 -86.57
CA ASN HA 559 14.53 8.68 -85.12
C ASN HA 559 13.09 8.43 -84.73
N ALA HA 560 12.83 7.57 -83.74
CA ALA HA 560 11.45 7.23 -83.40
C ALA HA 560 10.92 7.87 -82.14
N ILE HA 561 9.63 8.18 -82.14
CA ILE HA 561 8.96 8.65 -80.94
C ILE HA 561 8.15 7.47 -80.41
N ARG HA 562 8.37 7.08 -79.14
CA ARG HA 562 7.73 5.90 -78.57
C ARG HA 562 7.11 6.09 -77.18
N SER HA 563 6.06 5.32 -76.92
CA SER HA 563 5.42 5.28 -75.61
C SER HA 563 5.90 4.09 -74.78
N PHE HA 564 6.34 4.35 -73.55
CA PHE HA 564 6.79 3.29 -72.66
C PHE HA 564 5.92 3.21 -71.41
N VAL HA 565 5.73 1.99 -70.92
CA VAL HA 565 4.86 1.80 -69.77
C VAL HA 565 5.44 2.42 -68.52
N GLY HA 566 4.65 3.27 -67.88
CA GLY HA 566 5.03 3.97 -66.67
C GLY HA 566 5.88 5.20 -66.91
N LYS HA 567 6.20 5.50 -68.16
CA LYS HA 567 7.05 6.64 -68.46
C LYS HA 567 6.40 7.69 -69.36
N GLY HA 568 5.61 7.26 -70.32
CA GLY HA 568 5.05 8.21 -71.27
C GLY HA 568 5.88 8.24 -72.55
N THR HA 569 5.81 9.37 -73.27
CA THR HA 569 6.42 9.44 -74.58
C THR HA 569 7.87 9.93 -74.53
N LEU HA 570 8.78 9.11 -75.08
CA LEU HA 570 10.22 9.36 -75.14
C LEU HA 570 10.78 9.40 -76.57
N VAL HA 571 11.88 10.13 -76.73
CA VAL HA 571 12.62 10.13 -77.99
C VAL HA 571 13.60 8.96 -78.01
N TRP HA 572 13.47 8.07 -78.99
CA TRP HA 572 14.30 6.86 -79.03
C TRP HA 572 15.24 6.84 -80.26
N GLY HA 573 16.51 7.10 -80.04
CA GLY HA 573 17.50 7.20 -81.11
C GLY HA 573 17.91 8.64 -81.41
N ALA HA 574 19.16 8.82 -81.82
CA ALA HA 574 19.68 10.15 -82.12
C ALA HA 574 20.71 10.15 -83.24
N ARG HA 575 20.34 9.64 -84.40
CA ARG HA 575 21.24 9.59 -85.53
C ARG HA 575 20.89 10.61 -86.60
N THR HA 576 21.87 10.91 -87.44
CA THR HA 576 21.80 11.83 -88.57
C THR HA 576 21.35 11.11 -89.84
N LEU HA 577 21.12 11.88 -90.92
CA LEU HA 577 20.73 11.30 -92.21
C LEU HA 577 21.89 10.65 -92.96
N ALA HA 578 23.05 10.54 -92.33
CA ALA HA 578 24.22 9.85 -92.83
C ALA HA 578 24.62 8.85 -91.76
N GLY HA 579 23.63 8.03 -91.36
CA GLY HA 579 23.67 7.15 -90.20
C GLY HA 579 24.62 5.98 -90.28
N ASN HA 580 25.16 5.70 -91.45
CA ASN HA 580 26.12 4.61 -91.57
C ASN HA 580 27.52 5.14 -91.63
N ASP HA 581 27.68 6.45 -91.59
CA ASP HA 581 28.99 7.05 -91.72
C ASP HA 581 29.83 6.77 -90.48
N ASN HA 582 31.11 6.55 -90.71
CA ASN HA 582 32.02 6.29 -89.60
C ASN HA 582 32.32 7.50 -88.73
N GLU HA 583 32.20 8.72 -89.25
CA GLU HA 583 32.50 9.89 -88.44
C GLU HA 583 31.28 10.69 -88.04
N TRP HA 584 30.30 10.83 -88.95
CA TRP HA 584 29.16 11.73 -88.74
C TRP HA 584 27.78 11.10 -88.52
N ARG HA 585 27.71 9.87 -87.99
CA ARG HA 585 26.40 9.26 -87.77
C ARG HA 585 25.64 9.80 -86.56
N TYR HA 586 26.31 10.39 -85.57
CA TYR HA 586 25.59 10.85 -84.40
C TYR HA 586 25.35 12.34 -84.44
N ILE HA 587 24.18 12.75 -83.94
CA ILE HA 587 23.81 14.16 -83.92
C ILE HA 587 24.75 14.94 -83.04
N SER HA 588 25.03 14.44 -81.84
CA SER HA 588 25.87 15.14 -80.88
C SER HA 588 27.29 15.35 -81.36
N VAL HA 589 27.80 14.45 -82.19
CA VAL HA 589 29.15 14.63 -82.69
C VAL HA 589 29.17 15.79 -83.68
N ARG HA 590 28.22 15.83 -84.60
CA ARG HA 590 28.14 16.90 -85.58
C ARG HA 590 27.87 18.26 -84.95
N ARG HA 591 27.02 18.32 -83.95
CA ARG HA 591 26.75 19.59 -83.31
C ARG HA 591 27.94 20.09 -82.50
N PHE HA 592 28.66 19.18 -81.83
CA PHE HA 592 29.86 19.58 -81.10
C PHE HA 592 30.85 20.26 -82.02
N PHE HA 593 31.14 19.65 -83.16
CA PHE HA 593 32.07 20.27 -84.08
C PHE HA 593 31.61 21.63 -84.55
N ASN HA 594 30.33 21.80 -84.88
CA ASN HA 594 29.92 23.13 -85.34
C ASN HA 594 30.21 24.19 -84.28
N MET HA 595 29.94 23.86 -83.02
CA MET HA 595 30.19 24.76 -81.90
C MET HA 595 31.67 25.08 -81.74
N ALA HA 596 32.49 24.04 -81.69
CA ALA HA 596 33.90 24.23 -81.44
C ALA HA 596 34.56 25.04 -82.54
N GLU HA 597 34.18 24.79 -83.79
CA GLU HA 597 34.77 25.50 -84.90
C GLU HA 597 34.42 26.98 -84.88
N GLU HA 598 33.16 27.31 -84.56
CA GLU HA 598 32.77 28.72 -84.49
C GLU HA 598 33.55 29.47 -83.41
N SER HA 599 33.71 28.86 -82.24
CA SER HA 599 34.43 29.52 -81.16
C SER HA 599 35.88 29.78 -81.51
N ILE HA 600 36.54 28.80 -82.13
CA ILE HA 600 37.94 29.02 -82.49
C ILE HA 600 38.03 30.11 -83.55
N LYS HA 601 37.16 30.05 -84.57
CA LYS HA 601 37.18 31.05 -85.62
C LYS HA 601 37.11 32.46 -85.06
N LYS HA 602 36.24 32.71 -84.09
CA LYS HA 602 36.15 34.04 -83.50
C LYS HA 602 37.43 34.41 -82.75
N ALA HA 603 38.00 33.46 -82.01
CA ALA HA 603 39.22 33.71 -81.25
C ALA HA 603 40.40 34.13 -82.15
N THR HA 604 40.45 33.62 -83.38
CA THR HA 604 41.59 33.94 -84.25
C THR HA 604 41.42 35.25 -85.03
N GLU HA 605 40.29 35.96 -84.90
CA GLU HA 605 40.12 37.19 -85.67
C GLU HA 605 41.13 38.27 -85.30
N GLN HA 606 41.57 38.28 -84.04
CA GLN HA 606 42.52 39.25 -83.55
C GLN HA 606 43.89 39.19 -84.22
N PHE HA 607 44.20 38.12 -84.95
CA PHE HA 607 45.49 38.01 -85.62
C PHE HA 607 45.45 38.26 -87.11
N VAL HA 608 44.32 38.68 -87.66
CA VAL HA 608 44.18 38.77 -89.12
C VAL HA 608 45.18 39.68 -89.81
N PHE HA 609 45.48 40.83 -89.24
CA PHE HA 609 46.41 41.73 -89.93
C PHE HA 609 47.79 41.76 -89.30
N GLU HA 610 48.14 40.72 -88.54
CA GLU HA 610 49.45 40.65 -87.92
C GLU HA 610 50.47 40.14 -88.94
N PRO HA 611 51.78 40.43 -88.74
CA PRO HA 611 52.86 39.89 -89.57
C PRO HA 611 52.83 38.38 -89.60
N ASN HA 612 53.18 37.79 -90.74
CA ASN HA 612 53.15 36.34 -90.89
C ASN HA 612 54.56 35.82 -90.66
N ASP HA 613 54.85 35.49 -89.40
CA ASP HA 613 56.17 35.04 -88.97
C ASP HA 613 56.01 34.26 -87.65
N GLY HA 614 57.15 33.76 -87.14
CA GLY HA 614 57.19 32.93 -85.94
C GLY HA 614 56.59 33.55 -84.69
N ASN HA 615 56.65 34.87 -84.55
CA ASN HA 615 56.12 35.53 -83.37
C ASN HA 615 54.60 35.59 -83.35
N THR HA 616 53.97 35.25 -84.46
CA THR HA 616 52.53 35.21 -84.55
C THR HA 616 52.09 33.77 -84.49
N TRP HA 617 52.82 32.90 -85.19
CA TRP HA 617 52.45 31.50 -85.26
C TRP HA 617 52.35 30.90 -83.87
N VAL HA 618 53.30 31.25 -83.01
CA VAL HA 618 53.33 30.77 -81.64
C VAL HA 618 52.16 31.27 -80.78
N ARG HA 619 51.73 32.52 -81.00
CA ARG HA 619 50.61 33.07 -80.27
C ARG HA 619 49.29 32.43 -80.66
N VAL HA 620 49.12 32.12 -81.95
CA VAL HA 620 47.92 31.46 -82.45
C VAL HA 620 47.82 30.08 -81.85
N ARG HA 621 48.94 29.34 -81.83
CA ARG HA 621 48.91 28.02 -81.21
C ARG HA 621 48.54 28.06 -79.74
N ALA HA 622 49.15 28.94 -78.97
CA ALA HA 622 48.87 28.95 -77.54
C ALA HA 622 47.40 29.17 -77.25
N MET HA 623 46.79 30.08 -77.99
CA MET HA 623 45.38 30.38 -77.80
C MET HA 623 44.47 29.21 -78.12
N ILE HA 624 44.71 28.54 -79.25
CA ILE HA 624 43.87 27.43 -79.64
C ILE HA 624 43.96 26.31 -78.61
N GLU HA 625 45.19 26.02 -78.16
CA GLU HA 625 45.39 24.98 -77.17
C GLU HA 625 44.64 25.28 -75.88
N ASN HA 626 44.62 26.55 -75.45
CA ASN HA 626 43.88 26.90 -74.23
C ASN HA 626 42.39 26.63 -74.38
N PHE HA 627 41.82 26.94 -75.54
CA PHE HA 627 40.40 26.63 -75.75
C PHE HA 627 40.15 25.14 -75.62
N LEU HA 628 40.97 24.35 -76.30
CA LEU HA 628 40.77 22.92 -76.33
C LEU HA 628 41.02 22.24 -75.00
N ILE HA 629 41.97 22.73 -74.19
CA ILE HA 629 42.20 22.07 -72.92
C ILE HA 629 40.98 22.22 -72.02
N LEU HA 630 40.27 23.35 -72.11
CA LEU HA 630 39.06 23.52 -71.32
C LEU HA 630 37.97 22.55 -71.76
N GLN HA 631 37.84 22.33 -73.07
CA GLN HA 631 36.84 21.39 -73.57
C GLN HA 631 37.13 19.98 -73.13
N TRP HA 632 38.42 19.64 -73.06
CA TRP HA 632 38.84 18.34 -72.59
C TRP HA 632 38.46 18.14 -71.12
N ARG HA 633 38.75 19.12 -70.26
CA ARG HA 633 38.41 18.99 -68.85
C ARG HA 633 36.91 18.88 -68.64
N ALA HA 634 36.14 19.55 -69.48
CA ALA HA 634 34.68 19.55 -69.45
C ALA HA 634 34.06 18.22 -69.84
N GLY HA 635 34.82 17.31 -70.45
CA GLY HA 635 34.28 16.02 -70.87
C GLY HA 635 33.84 15.92 -72.32
N ALA HA 636 34.21 16.86 -73.18
CA ALA HA 636 33.81 16.76 -74.59
C ALA HA 636 34.77 15.89 -75.40
N LEU HA 637 36.05 16.00 -75.08
CA LEU HA 637 37.10 15.31 -75.82
C LEU HA 637 37.56 14.07 -75.07
N ALA HA 638 37.95 13.09 -75.85
CA ALA HA 638 38.45 11.80 -75.37
C ALA HA 638 39.95 11.87 -75.11
N GLY HA 639 40.48 10.95 -74.31
CA GLY HA 639 41.94 10.87 -74.06
C GLY HA 639 42.38 11.06 -72.62
N ALA HA 640 43.28 10.18 -72.15
CA ALA HA 640 43.81 10.18 -70.78
C ALA HA 640 44.56 11.46 -70.40
N LYS HA 641 45.28 12.02 -71.36
CA LYS HA 641 46.04 13.24 -71.18
C LYS HA 641 45.97 13.96 -72.53
N PRO HA 642 46.22 15.29 -72.58
CA PRO HA 642 46.09 16.12 -73.79
C PRO HA 642 46.76 15.57 -75.04
N GLU HA 643 47.88 14.87 -74.87
CA GLU HA 643 48.58 14.26 -76.00
C GLU HA 643 47.75 13.25 -76.78
N HIS HA 644 46.66 12.76 -76.20
CA HIS HA 644 45.80 11.81 -76.83
C HIS HA 644 44.45 12.40 -77.18
N ALA HA 645 44.23 13.66 -76.87
CA ALA HA 645 42.95 14.31 -77.10
C ALA HA 645 42.98 15.24 -78.30
N PHE HA 646 44.06 15.99 -78.43
CA PHE HA 646 44.11 16.96 -79.53
C PHE HA 646 45.51 17.39 -79.90
N TYR HA 647 45.63 18.00 -81.07
CA TYR HA 647 46.88 18.64 -81.43
C TYR HA 647 46.64 19.83 -82.33
N VAL HA 648 47.62 20.73 -82.37
CA VAL HA 648 47.64 21.90 -83.25
C VAL HA 648 49.02 22.03 -83.90
N LYS HA 649 49.08 22.16 -85.24
CA LYS HA 649 50.37 22.32 -85.93
C LYS HA 649 50.40 23.56 -86.79
N VAL HA 650 51.42 24.40 -86.60
CA VAL HA 650 51.59 25.61 -87.40
C VAL HA 650 53.05 25.82 -87.74
N GLY HA 651 53.39 26.05 -89.00
CA GLY HA 651 54.79 26.40 -89.25
C GLY HA 651 55.24 26.22 -90.67
N LEU HA 652 56.35 26.89 -91.00
CA LEU HA 652 56.86 26.76 -92.34
C LEU HA 652 57.63 25.48 -92.36
N GLY HA 653 57.37 24.66 -93.37
CA GLY HA 653 57.94 23.35 -93.46
C GLY HA 653 57.04 22.31 -92.83
N GLN HA 654 56.00 22.74 -92.12
CA GLN HA 654 55.07 21.82 -91.49
C GLN HA 654 53.73 21.92 -92.18
N THR HA 655 53.19 23.13 -92.24
CA THR HA 655 51.89 23.39 -92.83
C THR HA 655 51.96 24.42 -93.96
N MET HA 656 53.03 25.21 -94.02
CA MET HA 656 53.20 26.29 -94.98
C MET HA 656 54.47 26.21 -95.82
N THR HA 657 54.41 26.83 -97.01
CA THR HA 657 55.64 26.93 -97.79
C THR HA 657 55.97 28.38 -98.13
N ALA HA 658 57.08 28.58 -98.84
CA ALA HA 658 57.55 29.93 -99.17
C ALA HA 658 56.51 30.71 -99.95
N GLN HA 659 55.79 30.00 -100.82
CA GLN HA 659 54.77 30.62 -101.65
C GLN HA 659 53.61 31.13 -100.81
N ASP HA 660 53.30 30.51 -99.68
CA ASP HA 660 52.17 30.95 -98.88
C ASP HA 660 52.56 32.19 -98.17
N ILE HA 661 53.83 32.29 -97.80
CA ILE HA 661 54.24 33.50 -97.13
C ILE HA 661 54.10 34.65 -98.11
N LEU HA 662 54.49 34.43 -99.37
CA LEU HA 662 54.40 35.45 -100.40
C LEU HA 662 52.95 35.83 -100.71
N GLU HA 663 52.03 34.84 -100.75
CA GLU HA 663 50.62 35.09 -101.00
C GLU HA 663 49.93 35.77 -99.83
N GLY HA 664 50.37 35.46 -98.61
CA GLY HA 664 49.77 35.98 -97.40
C GLY HA 664 48.86 34.97 -96.71
N ASN HA 665 49.11 33.69 -96.93
CA ASN HA 665 48.30 32.64 -96.32
C ASN HA 665 48.93 32.13 -95.02
N MET HA 666 48.10 31.61 -94.14
CA MET HA 666 48.58 30.95 -92.94
C MET HA 666 47.78 29.68 -92.72
N ASN HA 667 48.47 28.56 -92.62
CA ASN HA 667 47.83 27.25 -92.52
C ASN HA 667 47.92 26.63 -91.13
N VAL HA 668 46.78 26.40 -90.51
CA VAL HA 668 46.75 25.81 -89.16
C VAL HA 668 46.03 24.47 -89.20
N GLU HA 669 46.69 23.41 -88.73
CA GLU HA 669 46.09 22.09 -88.73
C GLU HA 669 45.71 21.64 -87.32
N ILE HA 670 44.46 21.18 -87.15
CA ILE HA 670 43.94 20.78 -85.85
C ILE HA 670 43.30 19.39 -85.91
N GLY HA 671 43.58 18.54 -84.93
CA GLY HA 671 42.93 17.24 -84.84
C GLY HA 671 42.24 17.11 -83.50
N LEU HA 672 41.15 16.33 -83.44
CA LEU HA 672 40.37 16.14 -82.20
C LEU HA 672 39.81 14.73 -82.00
N ALA HA 673 39.97 14.17 -80.80
CA ALA HA 673 39.34 12.89 -80.46
C ALA HA 673 38.07 13.16 -79.67
N VAL HA 674 36.93 12.62 -80.11
CA VAL HA 674 35.71 13.00 -79.40
C VAL HA 674 35.00 11.79 -78.79
N VAL HA 675 34.17 12.08 -77.81
CA VAL HA 675 33.38 11.11 -77.08
C VAL HA 675 32.12 10.71 -77.84
N ARG HA 676 31.85 9.40 -77.93
CA ARG HA 676 30.67 8.86 -78.60
C ARG HA 676 29.80 8.10 -77.57
N PRO HA 677 28.47 8.08 -77.75
CA PRO HA 677 27.49 7.44 -76.83
C PRO HA 677 27.40 5.92 -76.89
N ALA HA 678 26.90 5.33 -75.81
CA ALA HA 678 26.58 3.91 -75.83
C ALA HA 678 25.13 3.71 -76.27
N GLU HA 679 24.90 2.78 -77.20
CA GLU HA 679 23.55 2.48 -77.64
C GLU HA 679 23.06 1.09 -77.23
N PHE HA 680 23.97 0.16 -76.97
CA PHE HA 680 23.56 -1.20 -76.70
C PHE HA 680 24.20 -1.71 -75.43
N ILE HA 681 23.47 -2.56 -74.72
CA ILE HA 681 23.97 -3.20 -73.50
C ILE HA 681 23.87 -4.70 -73.65
N ILE HA 682 24.99 -5.38 -73.47
CA ILE HA 682 25.01 -6.83 -73.61
C ILE HA 682 25.38 -7.48 -72.28
N LEU HA 683 24.53 -8.37 -71.81
CA LEU HA 683 24.77 -9.07 -70.56
C LEU HA 683 25.16 -10.52 -70.77
N LYS HA 684 25.94 -11.03 -69.83
CA LYS HA 684 26.35 -12.43 -69.82
C LYS HA 684 26.37 -12.92 -68.37
N PHE HA 685 25.98 -14.18 -68.15
CA PHE HA 685 25.98 -14.76 -66.82
C PHE HA 685 26.77 -16.06 -66.79
N SER HA 686 27.48 -16.32 -65.68
CA SER HA 686 28.17 -17.59 -65.51
C SER HA 686 28.16 -17.91 -64.02
N HIS HA 687 28.31 -19.19 -63.69
CA HIS HA 687 28.22 -19.64 -62.32
C HIS HA 687 29.28 -20.65 -61.91
N LYS HA 688 29.44 -20.77 -60.60
CA LYS HA 688 30.24 -21.80 -59.96
C LYS HA 688 29.47 -22.38 -58.78
N MET HA 689 29.77 -23.60 -58.41
CA MET HA 689 29.16 -24.21 -57.24
C MET HA 689 29.94 -23.84 -55.99
N GLN HA 690 29.25 -23.64 -54.89
CA GLN HA 690 29.94 -23.33 -53.66
C GLN HA 690 30.92 -24.43 -53.28
N THR IA 3 25.70 -7.77 -84.52
CA THR IA 3 24.98 -6.62 -85.07
C THR IA 3 23.65 -6.38 -84.44
N TYR IA 4 23.47 -5.19 -83.93
CA TYR IA 4 22.22 -4.80 -83.32
C TYR IA 4 21.73 -3.60 -84.07
N LYS IA 5 20.42 -3.44 -84.17
CA LYS IA 5 19.87 -2.31 -84.90
C LYS IA 5 19.05 -1.37 -84.03
N THR IA 6 18.43 -1.90 -82.98
CA THR IA 6 17.55 -1.11 -82.13
C THR IA 6 18.20 -0.94 -80.75
N PRO IA 7 18.31 0.28 -80.23
CA PRO IA 7 18.86 0.53 -78.90
C PRO IA 7 18.11 -0.30 -77.87
N GLY IA 8 18.83 -0.91 -76.95
CA GLY IA 8 18.18 -1.73 -75.95
C GLY IA 8 19.15 -2.57 -75.17
N VAL IA 9 18.59 -3.41 -74.32
CA VAL IA 9 19.36 -4.30 -73.47
C VAL IA 9 19.22 -5.71 -74.00
N TYR IA 10 20.33 -6.35 -74.31
CA TYR IA 10 20.29 -7.68 -74.87
C TYR IA 10 21.00 -8.65 -73.95
N ILE IA 11 20.54 -9.89 -73.96
CA ILE IA 11 21.13 -10.97 -73.19
C ILE IA 11 21.65 -12.01 -74.15
N GLU IA 12 22.93 -12.35 -74.03
CA GLU IA 12 23.53 -13.30 -74.95
C GLU IA 12 24.22 -14.41 -74.21
N GLU IA 13 24.11 -15.63 -74.74
CA GLU IA 13 24.77 -16.81 -74.19
C GLU IA 13 26.26 -16.82 -74.52
N ILE IA 14 26.61 -16.48 -75.75
CA ILE IA 14 27.97 -16.54 -76.22
C ILE IA 14 28.47 -15.21 -76.68
N THR IA 15 29.53 -14.74 -76.04
CA THR IA 15 30.10 -13.45 -76.40
C THR IA 15 31.62 -13.59 -76.50
N LYS IA 16 32.24 -12.59 -77.14
CA LYS IA 16 33.68 -12.49 -77.23
C LYS IA 16 34.15 -11.46 -76.25
N PHE IA 17 35.29 -11.70 -75.63
CA PHE IA 17 35.80 -10.77 -74.66
C PHE IA 17 37.03 -10.07 -75.22
N PRO IA 18 37.29 -8.82 -74.80
CA PRO IA 18 38.47 -7.98 -75.13
C PRO IA 18 39.69 -8.10 -74.19
N PRO IA 19 40.52 -9.15 -74.25
CA PRO IA 19 41.73 -9.22 -73.43
C PRO IA 19 42.67 -8.19 -73.99
N SER IA 20 43.59 -7.67 -73.19
CA SER IA 20 44.50 -6.67 -73.74
C SER IA 20 45.84 -6.44 -73.07
N VAL IA 21 45.93 -6.64 -71.77
CA VAL IA 21 47.17 -6.33 -71.06
C VAL IA 21 47.91 -7.55 -70.57
N ALA IA 22 49.13 -7.71 -71.07
CA ALA IA 22 50.02 -8.77 -70.64
C ALA IA 22 50.87 -8.26 -69.51
N GLN IA 23 51.36 -9.17 -68.67
CA GLN IA 23 52.24 -8.78 -67.59
C GLN IA 23 53.19 -9.94 -67.39
N VAL IA 24 54.30 -9.70 -66.71
CA VAL IA 24 55.25 -10.77 -66.47
C VAL IA 24 54.78 -11.67 -65.33
N GLU IA 25 54.75 -12.96 -65.62
CA GLU IA 25 54.38 -13.98 -64.65
C GLU IA 25 55.37 -15.12 -64.80
N THR IA 26 55.48 -15.93 -63.75
CA THR IA 26 56.42 -17.05 -63.73
C THR IA 26 55.81 -18.44 -63.98
N ALA IA 27 54.50 -18.60 -63.83
CA ALA IA 27 53.86 -19.90 -64.03
C ALA IA 27 53.09 -19.96 -65.34
N ILE IA 28 53.75 -20.04 -66.48
CA ILE IA 28 53.01 -20.03 -67.75
C ILE IA 28 53.23 -21.32 -68.51
N PRO IA 29 52.27 -22.22 -68.51
CA PRO IA 29 52.41 -23.49 -69.20
C PRO IA 29 52.09 -23.39 -70.66
N ALA IA 30 52.67 -24.31 -71.40
CA ALA IA 30 52.22 -24.58 -72.75
C ALA IA 30 51.63 -25.97 -72.75
N PHE IA 31 50.51 -26.13 -73.45
CA PHE IA 31 49.83 -27.40 -73.58
C PHE IA 31 49.82 -27.88 -75.02
N ILE IA 32 50.49 -28.99 -75.29
CA ILE IA 32 50.59 -29.52 -76.65
C ILE IA 32 49.71 -30.77 -76.85
N GLY IA 33 48.73 -30.72 -77.76
CA GLY IA 33 47.83 -31.88 -77.96
C GLY IA 33 46.74 -31.70 -79.03
N TYR IA 34 45.68 -32.52 -79.01
CA TYR IA 34 44.65 -32.44 -80.06
C TYR IA 34 43.39 -31.68 -79.66
N THR IA 35 42.75 -31.00 -80.63
CA THR IA 35 41.50 -30.25 -80.37
C THR IA 35 40.39 -30.57 -81.38
N GLN IA 36 39.17 -30.10 -81.11
CA GLN IA 36 38.05 -30.34 -82.01
C GLN IA 36 38.24 -29.65 -83.35
N PHE IA 37 38.73 -28.41 -83.32
CA PHE IA 37 38.97 -27.57 -84.48
C PHE IA 37 40.07 -26.59 -84.13
N ALA IA 38 40.46 -25.76 -85.10
CA ALA IA 38 41.55 -24.83 -84.87
C ALA IA 38 41.43 -23.62 -85.76
N ARG IA 39 40.46 -22.75 -85.52
CA ARG IA 39 40.24 -21.68 -86.48
C ARG IA 39 40.25 -20.27 -85.91
N THR IA 40 40.97 -19.40 -86.63
CA THR IA 40 41.11 -17.99 -86.27
C THR IA 40 39.78 -17.28 -86.24
N LYS IA 41 38.97 -17.53 -87.26
CA LYS IA 41 37.67 -16.92 -87.35
C LYS IA 41 36.59 -17.88 -86.87
N PRO IA 42 35.84 -17.52 -85.83
CA PRO IA 42 34.78 -18.34 -85.24
C PRO IA 42 33.79 -18.91 -86.24
N SER IA 43 33.54 -18.23 -87.38
CA SER IA 43 32.58 -18.76 -88.32
C SER IA 43 33.11 -19.02 -89.74
N VAL IA 44 34.24 -19.71 -89.87
CA VAL IA 44 34.71 -20.15 -91.17
C VAL IA 44 34.93 -21.66 -91.10
N ASP IA 45 35.05 -22.32 -92.25
CA ASP IA 45 35.26 -23.77 -92.21
C ASP IA 45 36.74 -24.16 -92.03
N SER IA 46 37.67 -23.30 -92.44
CA SER IA 46 39.09 -23.62 -92.38
C SER IA 46 39.71 -23.66 -90.98
N ASP IA 47 40.63 -24.60 -90.79
CA ASP IA 47 41.48 -24.70 -89.60
C ASP IA 47 42.84 -24.09 -89.92
N ASP IA 48 43.24 -23.08 -89.18
CA ASP IA 48 44.49 -22.39 -89.47
C ASP IA 48 45.33 -22.03 -88.23
N LEU IA 49 44.92 -22.49 -87.04
CA LEU IA 49 45.65 -22.24 -85.82
C LEU IA 49 46.43 -23.44 -85.34
N ILE IA 50 46.49 -24.52 -86.10
CA ILE IA 50 47.02 -25.74 -85.52
C ILE IA 50 48.45 -25.58 -84.99
N LEU IA 51 49.38 -25.13 -85.81
CA LEU IA 51 50.74 -25.00 -85.31
C LEU IA 51 51.11 -23.55 -85.04
N LYS IA 52 50.12 -22.77 -84.63
CA LYS IA 52 50.34 -21.37 -84.31
C LYS IA 52 50.03 -21.15 -82.83
N PRO IA 53 51.03 -21.14 -81.93
CA PRO IA 53 50.78 -21.02 -80.49
C PRO IA 53 49.93 -19.81 -80.20
N LYS IA 54 48.92 -19.99 -79.37
CA LYS IA 54 48.03 -18.89 -79.07
C LYS IA 54 47.84 -18.71 -77.56
N ARG IA 55 47.69 -17.46 -77.15
CA ARG IA 55 47.44 -17.10 -75.77
C ARG IA 55 45.95 -17.12 -75.43
N ILE IA 56 45.61 -17.88 -74.39
CA ILE IA 56 44.26 -18.12 -73.87
C ILE IA 56 44.15 -17.61 -72.42
N SER IA 57 43.10 -16.85 -72.09
CA SER IA 57 42.93 -16.35 -70.72
C SER IA 57 41.99 -17.21 -69.90
N SER IA 58 41.04 -17.87 -70.55
CA SER IA 58 40.07 -18.71 -69.84
C SER IA 58 39.50 -19.77 -70.77
N LEU IA 59 38.61 -20.64 -70.25
CA LEU IA 59 37.91 -21.65 -71.06
C LEU IA 59 37.01 -20.98 -72.07
N LEU IA 60 36.59 -19.76 -71.74
CA LEU IA 60 35.77 -18.97 -72.63
C LEU IA 60 36.49 -18.64 -73.92
N ASP IA 61 37.82 -18.59 -73.92
CA ASP IA 61 38.52 -18.31 -75.15
C ASP IA 61 38.78 -19.63 -75.84
N PHE IA 62 39.14 -20.65 -75.07
CA PHE IA 62 39.48 -21.94 -75.67
C PHE IA 62 38.33 -22.48 -76.51
N THR IA 63 37.14 -22.42 -75.93
CA THR IA 63 35.91 -22.89 -76.54
C THR IA 63 35.56 -22.21 -77.87
N THR IA 64 36.11 -21.03 -78.18
CA THR IA 64 35.75 -20.37 -79.42
C THR IA 64 36.77 -20.58 -80.53
N TYR IA 65 37.91 -21.19 -80.25
CA TYR IA 65 38.93 -21.39 -81.27
C TYR IA 65 39.25 -22.84 -81.46
N TYR IA 66 39.15 -23.61 -80.39
CA TYR IA 66 39.50 -25.00 -80.38
C TYR IA 66 38.30 -25.90 -80.13
N GLY IA 67 37.37 -25.45 -79.29
CA GLY IA 67 36.14 -26.21 -79.03
C GLY IA 67 36.13 -27.01 -77.73
N GLY IA 68 35.24 -28.02 -77.67
CA GLY IA 68 34.98 -28.82 -76.48
C GLY IA 68 35.57 -30.23 -76.53
N ALA IA 69 34.91 -31.18 -75.85
CA ALA IA 69 35.34 -32.57 -75.78
C ALA IA 69 34.66 -33.43 -76.85
N GLN IA 70 35.21 -34.62 -77.11
CA GLN IA 70 34.62 -35.59 -78.03
C GLN IA 70 33.56 -36.43 -77.33
N ASN IA 71 32.45 -36.75 -78.01
CA ASN IA 71 31.42 -37.62 -77.44
C ASN IA 71 31.91 -39.06 -77.31
N GLU IA 72 31.72 -39.66 -76.14
CA GLU IA 72 32.13 -41.04 -75.92
C GLU IA 72 31.26 -41.99 -76.73
N GLN IA 73 31.87 -43.04 -77.28
CA GLN IA 73 31.17 -44.05 -78.06
C GLN IA 73 30.98 -45.38 -77.33
N GLY IA 74 31.49 -45.47 -76.11
CA GLY IA 74 31.50 -46.70 -75.33
C GLY IA 74 30.40 -46.89 -74.30
N ILE IA 75 29.36 -46.07 -74.29
CA ILE IA 75 28.32 -46.20 -73.27
C ILE IA 75 27.29 -47.25 -73.68
N THR IA 76 27.08 -48.21 -72.79
CA THR IA 76 26.14 -49.30 -72.93
C THR IA 76 25.04 -49.20 -71.91
N VAL IA 77 23.81 -49.47 -72.33
CA VAL IA 77 22.68 -49.49 -71.42
C VAL IA 77 21.92 -50.79 -71.57
N LYS IA 78 21.69 -51.49 -70.45
CA LYS IA 78 20.98 -52.75 -70.45
C LYS IA 78 19.79 -52.79 -69.49
N LEU IA 79 18.64 -53.21 -70.01
CA LEU IA 79 17.44 -53.35 -69.19
C LEU IA 79 16.98 -54.80 -69.13
N THR IA 80 16.50 -55.26 -67.95
CA THR IA 80 15.93 -56.61 -67.83
C THR IA 80 14.56 -56.64 -67.14
N ASP IA 81 13.57 -57.28 -67.79
CA ASP IA 81 12.21 -57.45 -67.26
C ASP IA 81 11.98 -58.83 -66.60
N THR IA 82 11.57 -58.86 -65.32
CA THR IA 82 11.22 -60.11 -64.64
C THR IA 82 9.90 -60.07 -63.85
N LEU IA 83 9.32 -61.23 -63.56
CA LEU IA 83 8.04 -61.25 -62.87
C LEU IA 83 8.22 -61.61 -61.39
N ILE IA 84 7.62 -60.81 -60.52
CA ILE IA 84 7.59 -61.07 -59.10
C ILE IA 84 6.15 -61.30 -58.69
N GLU IA 85 5.84 -62.53 -58.21
CA GLU IA 85 4.50 -62.94 -57.76
C GLU IA 85 3.37 -62.61 -58.75
N GLY IA 86 3.76 -62.34 -60.00
CA GLY IA 86 2.90 -61.87 -61.10
C GLY IA 86 3.19 -60.44 -61.55
N ALA IA 87 3.90 -59.64 -60.75
CA ALA IA 87 4.10 -58.23 -61.07
C ALA IA 87 5.39 -58.05 -61.85
N GLU IA 88 5.43 -57.09 -62.77
CA GLU IA 88 6.69 -56.87 -63.44
C GLU IA 88 7.65 -56.04 -62.62
N ASN IA 89 8.94 -56.35 -62.77
CA ASN IA 89 10.03 -55.64 -62.08
C ASN IA 89 11.21 -55.41 -63.03
N ARG IA 90 11.55 -54.15 -63.28
CA ARG IA 90 12.64 -53.84 -64.23
C ARG IA 90 13.95 -53.44 -63.55
N THR IA 91 15.04 -54.05 -64.01
CA THR IA 91 16.39 -53.71 -63.54
C THR IA 91 17.16 -52.93 -64.60
N ILE IA 92 17.77 -51.82 -64.16
CA ILE IA 92 18.54 -50.95 -65.03
C ILE IA 92 20.03 -51.06 -64.72
N ASN IA 93 20.84 -51.37 -65.73
CA ASN IA 93 22.28 -51.56 -65.58
C ASN IA 93 23.11 -50.74 -66.58
N VAL IA 94 23.87 -49.77 -66.09
CA VAL IA 94 24.74 -48.97 -66.94
C VAL IA 94 26.18 -49.08 -66.40
N PRO IA 95 27.03 -49.96 -66.98
CA PRO IA 95 28.40 -50.24 -66.54
C PRO IA 95 29.36 -49.14 -66.96
N GLU IA 96 30.52 -49.08 -66.30
CA GLU IA 96 31.58 -48.17 -66.73
C GLU IA 96 32.11 -48.56 -68.10
N PRO IA 97 32.28 -47.60 -69.03
CA PRO IA 97 32.85 -47.86 -70.36
C PRO IA 97 34.25 -48.42 -70.27
N THR IA 98 34.59 -49.31 -71.19
CA THR IA 98 35.94 -49.85 -71.26
C THR IA 98 36.72 -49.23 -72.41
N PHE IA 99 36.01 -48.67 -73.36
CA PHE IA 99 36.62 -48.00 -74.50
C PHE IA 99 36.29 -46.53 -74.38
N LYS IA 100 37.30 -45.70 -74.21
CA LYS IA 100 37.12 -44.29 -73.99
C LYS IA 100 37.92 -43.50 -75.02
N SER IA 101 37.47 -42.28 -75.34
CA SER IA 101 38.24 -41.43 -76.25
C SER IA 101 39.61 -41.11 -75.66
N PRO IA 102 40.66 -41.09 -76.48
CA PRO IA 102 42.01 -40.76 -76.03
C PRO IA 102 42.31 -39.27 -75.93
N TYR IA 103 41.36 -38.39 -76.20
CA TYR IA 103 41.67 -36.97 -76.25
C TYR IA 103 41.26 -36.23 -74.97
N LEU IA 104 42.26 -35.82 -74.17
CA LEU IA 104 42.07 -35.23 -72.84
C LEU IA 104 42.33 -33.74 -72.64
N MET IA 105 42.70 -32.96 -73.67
CA MET IA 105 43.07 -31.56 -73.39
C MET IA 105 41.96 -30.74 -72.78
N PHE IA 106 40.71 -30.94 -73.22
CA PHE IA 106 39.63 -30.14 -72.69
C PHE IA 106 39.47 -30.36 -71.17
N TYR IA 107 39.46 -31.63 -70.76
CA TYR IA 107 39.29 -31.94 -69.34
C TYR IA 107 40.47 -31.40 -68.53
N SER IA 108 41.68 -31.51 -69.08
CA SER IA 108 42.86 -31.02 -68.39
C SER IA 108 42.79 -29.51 -68.16
N LEU IA 109 42.32 -28.75 -69.14
CA LEU IA 109 42.19 -27.31 -68.96
C LEU IA 109 41.16 -26.99 -67.89
N GLN IA 110 40.06 -27.72 -67.84
CA GLN IA 110 39.09 -27.43 -66.79
C GLN IA 110 39.73 -27.56 -65.41
N MET IA 111 40.56 -28.59 -65.22
CA MET IA 111 41.25 -28.78 -63.95
C MET IA 111 42.26 -27.69 -63.67
N TYR IA 112 43.00 -27.28 -64.70
CA TYR IA 112 43.99 -26.21 -64.59
C TYR IA 112 43.39 -24.93 -64.09
N PHE IA 113 42.29 -24.50 -64.69
CA PHE IA 113 41.66 -23.26 -64.28
C PHE IA 113 41.01 -23.42 -62.90
N ALA IA 114 40.39 -24.57 -62.62
CA ALA IA 114 39.75 -24.83 -61.34
C ALA IA 114 40.73 -24.72 -60.18
N ASN IA 115 41.99 -25.09 -60.42
CA ASN IA 115 43.03 -25.06 -59.42
C ASN IA 115 43.83 -23.78 -59.39
N GLY IA 116 43.38 -22.72 -60.05
CA GLY IA 116 44.05 -21.43 -59.95
C GLY IA 116 44.99 -21.01 -61.08
N GLY IA 117 44.97 -21.70 -62.21
CA GLY IA 117 45.83 -21.32 -63.31
C GLY IA 117 45.45 -19.99 -63.94
N GLY IA 118 46.43 -19.33 -64.55
CA GLY IA 118 46.24 -18.07 -65.25
C GLY IA 118 46.34 -18.28 -66.77
N PRO IA 119 46.74 -17.25 -67.51
CA PRO IA 119 46.89 -17.27 -68.98
C PRO IA 119 47.86 -18.35 -69.40
N CYS IA 120 47.63 -18.97 -70.56
CA CYS IA 120 48.48 -20.05 -71.01
C CYS IA 120 48.56 -20.17 -72.53
N TYR IA 121 49.49 -21.01 -73.01
CA TYR IA 121 49.61 -21.23 -74.45
C TYR IA 121 49.06 -22.56 -74.93
N ILE IA 122 48.34 -22.51 -76.04
CA ILE IA 122 47.78 -23.69 -76.68
C ILE IA 122 48.43 -23.93 -78.04
N VAL IA 123 48.91 -25.14 -78.24
CA VAL IA 123 49.44 -25.57 -79.53
C VAL IA 123 48.70 -26.84 -79.90
N SER IA 124 48.05 -26.85 -81.05
CA SER IA 124 47.37 -28.06 -81.43
C SER IA 124 48.27 -28.85 -82.33
N THR IA 125 48.16 -30.13 -82.30
CA THR IA 125 48.97 -30.94 -83.18
C THR IA 125 48.14 -31.49 -84.32
N GLY IA 126 46.86 -31.23 -84.26
CA GLY IA 126 45.91 -31.71 -85.24
C GLY IA 126 44.55 -31.66 -84.59
N VAL IA 127 43.57 -32.22 -85.30
CA VAL IA 127 42.22 -32.21 -84.77
C VAL IA 127 41.69 -33.62 -84.65
N TYR IA 128 40.63 -33.76 -83.86
CA TYR IA 128 40.01 -35.05 -83.57
C TYR IA 128 39.48 -35.79 -84.78
N ASP IA 129 39.70 -37.10 -84.78
CA ASP IA 129 39.17 -37.96 -85.82
C ASP IA 129 38.12 -38.93 -85.25
N ASP IA 130 37.64 -39.83 -86.11
CA ASP IA 130 36.56 -40.74 -85.79
C ASP IA 130 36.98 -42.13 -85.31
N TRP IA 131 36.05 -42.77 -84.61
CA TRP IA 131 36.19 -44.14 -84.18
C TRP IA 131 35.94 -45.03 -85.38
N SER IA 132 36.55 -46.21 -85.41
CA SER IA 132 36.26 -47.15 -86.48
C SER IA 132 35.08 -48.00 -86.17
N ASP IA 133 34.89 -48.26 -84.87
CA ASP IA 133 33.79 -49.08 -84.40
C ASP IA 133 33.53 -48.73 -82.94
N SER IA 134 32.52 -49.33 -82.32
CA SER IA 134 32.23 -49.00 -80.92
C SER IA 134 33.34 -49.48 -79.99
N GLU IA 135 34.08 -50.50 -80.43
CA GLU IA 135 35.20 -51.05 -79.69
C GLU IA 135 36.54 -50.62 -80.26
N THR IA 136 36.56 -49.69 -81.21
CA THR IA 136 37.83 -49.25 -81.79
C THR IA 136 37.99 -47.72 -81.79
N PRO IA 137 38.65 -47.17 -80.76
CA PRO IA 137 38.98 -45.76 -80.61
C PRO IA 137 40.07 -45.36 -81.60
N PRO IA 138 40.18 -44.07 -81.91
CA PRO IA 138 41.26 -43.52 -82.73
C PRO IA 138 42.55 -43.58 -81.94
N THR IA 139 43.70 -43.43 -82.61
CA THR IA 139 44.99 -43.50 -81.94
C THR IA 139 45.81 -42.23 -82.11
N ILE IA 140 46.86 -42.10 -81.31
CA ILE IA 140 47.73 -40.93 -81.33
C ILE IA 140 49.10 -41.21 -81.94
N ASN IA 141 49.45 -40.38 -82.92
CA ASN IA 141 50.71 -40.47 -83.63
C ASN IA 141 51.77 -39.67 -82.92
N PHE IA 142 52.78 -40.37 -82.44
CA PHE IA 142 53.88 -39.77 -81.72
C PHE IA 142 54.49 -38.54 -82.41
N SER IA 143 54.66 -38.60 -83.73
CA SER IA 143 55.36 -37.55 -84.45
C SER IA 143 54.58 -36.22 -84.44
N ASP IA 144 53.28 -36.27 -84.10
CA ASP IA 144 52.48 -35.06 -84.02
C ASP IA 144 52.88 -34.25 -82.80
N LEU IA 145 53.27 -34.96 -81.72
CA LEU IA 145 53.61 -34.26 -80.50
C LEU IA 145 55.00 -33.69 -80.64
N GLU IA 146 55.87 -34.39 -81.36
CA GLU IA 146 57.21 -33.88 -81.56
C GLU IA 146 57.18 -32.60 -82.38
N SER IA 147 56.31 -32.54 -83.37
CA SER IA 147 56.15 -31.32 -84.14
C SER IA 147 55.73 -30.16 -83.26
N GLY IA 148 54.72 -30.38 -82.41
CA GLY IA 148 54.28 -29.32 -81.52
C GLY IA 148 55.37 -28.82 -80.59
N LEU IA 149 56.23 -29.74 -80.12
CA LEU IA 149 57.32 -29.34 -79.24
C LEU IA 149 58.31 -28.46 -80.00
N ALA IA 150 58.64 -28.84 -81.24
CA ALA IA 150 59.55 -28.05 -82.06
C ALA IA 150 59.02 -26.63 -82.28
N VAL IA 151 57.70 -26.51 -82.40
CA VAL IA 151 57.06 -25.21 -82.57
C VAL IA 151 57.19 -24.34 -81.33
N ILE IA 152 56.83 -24.88 -80.15
CA ILE IA 152 56.85 -24.05 -78.93
C ILE IA 152 58.26 -23.62 -78.60
N ARG IA 153 59.28 -24.39 -79.02
CA ARG IA 153 60.67 -24.02 -78.84
C ARG IA 153 60.98 -22.59 -79.25
N LYS IA 154 60.25 -22.06 -80.23
CA LYS IA 154 60.51 -20.72 -80.75
C LYS IA 154 59.81 -19.59 -80.00
N GLU IA 155 58.98 -19.88 -79.00
CA GLU IA 155 58.30 -18.83 -78.24
C GLU IA 155 59.10 -18.48 -77.00
N ASP IA 156 59.06 -17.21 -76.60
CA ASP IA 156 59.84 -16.79 -75.43
C ASP IA 156 59.07 -16.80 -74.11
N GLU IA 157 57.79 -16.54 -74.12
CA GLU IA 157 57.05 -16.42 -72.86
C GLU IA 157 56.83 -17.67 -71.98
N PRO IA 158 56.52 -18.86 -72.50
CA PRO IA 158 56.22 -20.06 -71.70
C PRO IA 158 57.33 -20.44 -70.75
N THR IA 159 56.95 -20.94 -69.55
CA THR IA 159 57.90 -21.39 -68.54
C THR IA 159 57.73 -22.87 -68.15
N LEU IA 160 56.56 -23.47 -68.39
CA LEU IA 160 56.30 -24.87 -68.02
C LEU IA 160 55.88 -25.71 -69.22
N LEU IA 161 56.34 -26.96 -69.30
CA LEU IA 161 55.94 -27.84 -70.40
C LEU IA 161 55.04 -29.02 -69.99
N LEU IA 162 53.86 -29.12 -70.62
CA LEU IA 162 52.90 -30.20 -70.38
C LEU IA 162 52.36 -30.84 -71.68
N PHE IA 163 52.15 -32.17 -71.64
CA PHE IA 163 51.52 -32.91 -72.75
C PHE IA 163 50.28 -33.68 -72.29
N PRO IA 164 49.07 -33.11 -72.42
CA PRO IA 164 47.81 -33.69 -71.95
C PRO IA 164 47.47 -35.08 -72.49
N ASP IA 165 47.97 -35.48 -73.66
CA ASP IA 165 47.60 -36.78 -74.18
C ASP IA 165 48.81 -37.71 -74.30
N ALA IA 166 49.86 -37.48 -73.52
CA ALA IA 166 51.07 -38.33 -73.62
C ALA IA 166 50.84 -39.76 -73.16
N THR IA 167 49.97 -39.95 -72.17
CA THR IA 167 49.77 -41.27 -71.61
C THR IA 167 48.96 -42.16 -72.52
N ASN IA 168 48.42 -41.62 -73.62
CA ASN IA 168 47.68 -42.46 -74.54
C ASN IA 168 48.50 -42.90 -75.74
N LEU IA 169 49.81 -42.64 -75.72
CA LEU IA 169 50.68 -43.14 -76.77
C LEU IA 169 50.73 -44.68 -76.68
N PRO IA 170 50.73 -45.39 -77.82
CA PRO IA 170 50.79 -46.87 -77.91
C PRO IA 170 51.84 -47.57 -77.09
N THR IA 171 53.03 -46.98 -76.88
CA THR IA 171 54.05 -47.65 -76.10
C THR IA 171 54.64 -46.72 -75.05
N ASP IA 172 55.29 -47.31 -74.07
CA ASP IA 172 55.95 -46.55 -73.04
C ASP IA 172 57.24 -45.98 -73.60
N ASP IA 173 57.81 -46.69 -74.56
CA ASP IA 173 59.05 -46.26 -75.19
C ASP IA 173 58.83 -44.90 -75.85
N GLU IA 174 57.70 -44.70 -76.51
CA GLU IA 174 57.42 -43.41 -77.11
C GLU IA 174 57.21 -42.34 -76.04
N PHE IA 175 56.50 -42.70 -74.97
CA PHE IA 175 56.24 -41.80 -73.86
C PHE IA 175 57.55 -41.26 -73.28
N TYR IA 176 58.47 -42.17 -72.96
CA TYR IA 176 59.74 -41.76 -72.36
C TYR IA 176 60.56 -40.92 -73.31
N SER IA 177 60.56 -41.27 -74.60
CA SER IA 177 61.31 -40.51 -75.58
C SER IA 177 60.84 -39.05 -75.62
N LEU IA 178 59.52 -38.85 -75.58
CA LEU IA 178 58.94 -37.52 -75.59
C LEU IA 178 59.42 -36.69 -74.41
N TYR IA 179 59.46 -37.30 -73.21
CA TYR IA 179 59.91 -36.55 -72.04
C TYR IA 179 61.40 -36.31 -72.02
N ASN IA 180 62.21 -37.23 -72.52
CA ASN IA 180 63.65 -36.96 -72.56
C ASN IA 180 63.92 -35.76 -73.47
N SER IA 181 63.17 -35.66 -74.57
CA SER IA 181 63.29 -34.52 -75.46
C SER IA 181 62.98 -33.21 -74.76
N ALA IA 182 61.89 -33.19 -73.99
CA ALA IA 182 61.51 -31.99 -73.24
C ALA IA 182 62.57 -31.58 -72.22
N LEU IA 183 63.17 -32.54 -71.51
CA LEU IA 183 64.20 -32.19 -70.54
C LEU IA 183 65.43 -31.61 -71.24
N MET IA 184 65.78 -32.15 -72.40
CA MET IA 184 66.91 -31.60 -73.13
C MET IA 184 66.64 -30.19 -73.61
N GLN IA 185 65.41 -29.92 -74.06
CA GLN IA 185 65.08 -28.56 -74.50
C GLN IA 185 65.13 -27.57 -73.35
N CYS IA 186 64.73 -27.99 -72.15
CA CYS IA 186 64.79 -27.10 -71.00
C CYS IA 186 66.21 -26.69 -70.72
N ASN IA 187 67.16 -27.62 -70.83
CA ASN IA 187 68.55 -27.29 -70.61
C ASN IA 187 69.11 -26.43 -71.75
N ASP IA 188 68.70 -26.68 -73.00
CA ASP IA 188 69.20 -25.85 -74.11
C ASP IA 188 68.79 -24.39 -73.94
N LEU IA 189 67.56 -24.14 -73.52
CA LEU IA 189 67.03 -22.79 -73.40
C LEU IA 189 67.38 -22.10 -72.09
N GLN IA 190 67.51 -22.86 -71.02
CA GLN IA 190 67.92 -22.36 -69.70
C GLN IA 190 66.84 -21.62 -68.92
N ASP IA 191 65.60 -21.75 -69.32
CA ASP IA 191 64.52 -21.04 -68.65
C ASP IA 191 63.21 -21.83 -68.44
N ARG IA 192 63.21 -23.17 -68.57
CA ARG IA 192 61.95 -23.91 -68.45
C ARG IA 192 62.04 -25.11 -67.51
N PHE IA 193 60.87 -25.56 -67.06
CA PHE IA 193 60.77 -26.71 -66.17
C PHE IA 193 59.69 -27.67 -66.68
N THR IA 194 59.95 -28.98 -66.60
CA THR IA 194 59.03 -30.01 -67.08
C THR IA 194 58.30 -30.72 -65.95
N ILE IA 195 56.98 -30.88 -66.08
CA ILE IA 195 56.19 -31.62 -65.09
C ILE IA 195 55.88 -33.01 -65.66
N LEU IA 196 56.23 -34.07 -64.95
CA LEU IA 196 56.08 -35.43 -65.45
C LEU IA 196 55.06 -36.29 -64.68
N ASP IA 197 54.39 -37.15 -65.43
CA ASP IA 197 53.46 -38.17 -64.96
C ASP IA 197 54.05 -39.55 -65.19
N THR IA 198 53.55 -40.57 -64.48
CA THR IA 198 53.92 -41.94 -64.82
C THR IA 198 53.06 -42.35 -66.01
N TYR IA 199 53.41 -43.47 -66.65
CA TYR IA 199 52.66 -43.98 -67.79
C TYR IA 199 51.27 -44.48 -67.38
N SER IA 200 51.19 -45.13 -66.22
CA SER IA 200 49.98 -45.73 -65.69
C SER IA 200 50.09 -45.94 -64.20
N ASP IA 201 48.95 -45.98 -63.52
CA ASP IA 201 48.93 -46.24 -62.10
C ASP IA 201 48.78 -47.72 -61.77
N GLN IA 202 48.64 -48.57 -62.78
CA GLN IA 202 48.46 -50.00 -62.62
C GLN IA 202 49.60 -50.71 -63.30
N THR IA 203 49.88 -51.92 -62.83
CA THR IA 203 50.91 -52.69 -63.47
C THR IA 203 50.46 -52.78 -64.89
N TYR IA 204 51.35 -52.42 -65.79
CA TYR IA 204 51.01 -52.41 -67.20
C TYR IA 204 51.86 -53.44 -67.94
N ASN IA 205 51.32 -53.94 -69.04
CA ASN IA 205 52.05 -54.92 -69.81
C ASN IA 205 52.68 -54.29 -71.03
N ASP IA 206 53.98 -54.51 -71.22
CA ASP IA 206 54.68 -53.99 -72.39
C ASP IA 206 54.69 -54.97 -73.56
N GLY IA 207 53.96 -56.08 -73.44
CA GLY IA 207 53.93 -57.12 -74.47
C GLY IA 207 54.90 -58.24 -74.18
N VAL IA 208 55.80 -58.03 -73.24
CA VAL IA 208 56.82 -58.99 -72.85
C VAL IA 208 56.72 -59.32 -71.36
N GLU IA 209 56.70 -58.28 -70.52
CA GLU IA 209 56.74 -58.36 -69.07
C GLU IA 209 55.79 -57.37 -68.39
N ASP IA 210 55.39 -57.71 -67.16
CA ASP IA 210 54.54 -56.87 -66.31
C ASP IA 210 55.38 -55.89 -65.48
N LEU IA 211 55.22 -54.60 -65.73
CA LEU IA 211 56.07 -53.60 -65.10
C LEU IA 211 55.40 -52.69 -64.06
N ASP IA 212 56.12 -52.48 -62.96
CA ASP IA 212 55.73 -51.54 -61.90
C ASP IA 212 56.02 -50.10 -62.35
N PRO IA 213 55.02 -49.20 -62.27
CA PRO IA 213 55.14 -47.84 -62.81
C PRO IA 213 56.28 -47.00 -62.26
N ILE IA 214 56.53 -46.98 -60.97
CA ILE IA 214 57.66 -46.17 -60.51
C ILE IA 214 59.01 -46.72 -60.96
N PRO IA 215 59.22 -48.03 -60.92
CA PRO IA 215 60.47 -48.59 -61.45
C PRO IA 215 60.61 -48.36 -62.94
N ALA IA 216 59.50 -48.43 -63.67
CA ALA IA 216 59.52 -48.19 -65.10
C ALA IA 216 59.85 -46.75 -65.50
N LEU IA 217 59.30 -45.73 -64.81
CA LEU IA 217 59.65 -44.34 -65.10
C LEU IA 217 61.12 -44.09 -64.83
N ARG IA 218 61.65 -44.64 -63.75
CA ARG IA 218 63.05 -44.43 -63.42
C ARG IA 218 64.00 -44.99 -64.47
N ASN IA 219 63.68 -46.15 -65.05
CA ASN IA 219 64.53 -46.70 -66.11
C ASN IA 219 64.32 -45.95 -67.42
N GLY IA 220 63.09 -45.50 -67.66
CA GLY IA 220 62.74 -44.77 -68.86
C GLY IA 220 63.52 -43.47 -69.02
N ILE IA 221 63.53 -42.64 -67.98
CA ILE IA 221 64.22 -41.36 -68.09
C ILE IA 221 65.70 -41.57 -67.75
N ASN IA 222 66.51 -41.81 -68.78
CA ASN IA 222 67.92 -42.18 -68.62
C ASN IA 222 68.93 -41.05 -68.80
N LEU IA 223 68.49 -39.81 -68.68
CA LEU IA 223 69.38 -38.67 -68.78
C LEU IA 223 70.12 -38.45 -67.46
N THR IA 224 71.18 -37.62 -67.53
CA THR IA 224 72.06 -37.23 -66.42
C THR IA 224 71.57 -36.00 -65.62
N LYS IA 225 72.17 -35.73 -64.45
CA LYS IA 225 71.89 -34.61 -63.57
C LYS IA 225 71.64 -33.29 -64.28
N ASP IA 226 72.41 -33.01 -65.33
CA ASP IA 226 72.28 -31.77 -66.08
C ASP IA 226 70.90 -31.59 -66.69
N TYR IA 227 70.13 -32.65 -66.77
CA TYR IA 227 68.80 -32.61 -67.32
C TYR IA 227 67.76 -32.87 -66.25
N LEU IA 228 68.06 -33.78 -65.34
CA LEU IA 228 67.13 -34.19 -64.32
C LEU IA 228 66.75 -33.02 -63.41
N LYS IA 229 67.68 -32.10 -63.20
CA LYS IA 229 67.41 -30.92 -62.38
C LYS IA 229 66.32 -30.01 -62.96
N TYR IA 230 65.91 -30.22 -64.22
CA TYR IA 230 64.88 -29.40 -64.85
C TYR IA 230 63.49 -29.99 -64.83
N GLY IA 231 63.23 -30.98 -63.98
CA GLY IA 231 61.87 -31.46 -63.90
C GLY IA 231 61.60 -32.26 -62.64
N ALA IA 232 60.31 -32.57 -62.47
CA ALA IA 232 59.84 -33.31 -61.31
C ALA IA 232 58.64 -34.16 -61.71
N ALA IA 233 58.44 -35.26 -61.00
CA ALA IA 233 57.33 -36.16 -61.28
C ALA IA 233 56.41 -36.32 -60.08
N TYR IA 234 55.13 -36.54 -60.36
CA TYR IA 234 54.10 -36.74 -59.35
C TYR IA 234 53.34 -38.05 -59.53
N TYR IA 235 52.89 -38.65 -58.43
CA TYR IA 235 52.16 -39.91 -58.44
C TYR IA 235 51.25 -40.05 -57.22
N PRO IA 236 50.09 -40.71 -57.33
CA PRO IA 236 49.31 -41.29 -58.43
C PRO IA 236 48.38 -40.31 -59.15
N PHE IA 237 47.58 -40.87 -60.08
CA PHE IA 237 46.54 -40.18 -60.83
C PHE IA 237 45.40 -39.81 -59.89
N VAL IA 238 44.57 -38.86 -60.30
CA VAL IA 238 43.48 -38.43 -59.44
C VAL IA 238 42.10 -38.58 -60.06
N GLN IA 239 41.14 -38.88 -59.21
CA GLN IA 239 39.73 -39.03 -59.59
C GLN IA 239 39.06 -37.70 -59.37
N THR IA 240 38.47 -37.16 -60.42
CA THR IA 240 37.86 -35.85 -60.38
C THR IA 240 36.34 -35.93 -60.38
N ILE IA 241 35.69 -34.78 -60.53
CA ILE IA 241 34.26 -34.65 -60.42
C ILE IA 241 33.62 -34.21 -61.73
N LEU IA 242 34.36 -34.35 -62.81
CA LEU IA 242 33.92 -33.99 -64.14
C LEU IA 242 33.15 -35.15 -64.75
N ASN IA 243 32.17 -34.83 -65.59
CA ASN IA 243 31.36 -35.82 -66.31
C ASN IA 243 31.91 -36.07 -67.69
N TYR IA 244 31.56 -37.23 -68.25
CA TYR IA 244 31.92 -37.56 -69.62
C TYR IA 244 30.96 -36.84 -70.56
N GLN IA 245 31.43 -36.49 -71.75
CA GLN IA 245 30.54 -35.92 -72.74
C GLN IA 245 29.98 -37.03 -73.61
N TYR IA 246 28.68 -36.98 -73.89
CA TYR IA 246 28.04 -37.98 -74.73
C TYR IA 246 26.80 -37.40 -75.40
N SER IA 247 26.27 -38.16 -76.34
CA SER IA 247 25.05 -37.80 -77.06
C SER IA 247 24.04 -38.91 -76.89
N ALA IA 248 22.88 -38.59 -76.32
CA ALA IA 248 21.88 -39.62 -76.03
C ALA IA 248 21.43 -40.36 -77.28
N ASP IA 249 21.41 -39.67 -78.41
CA ASP IA 249 20.97 -40.29 -79.65
C ASP IA 249 21.86 -41.43 -80.04
N GLU IA 250 23.12 -41.42 -79.66
CA GLU IA 250 24.06 -42.42 -80.10
C GLU IA 250 24.11 -43.64 -79.19
N ILE IA 251 23.26 -43.71 -78.15
CA ILE IA 251 23.31 -44.82 -77.21
C ILE IA 251 22.18 -45.83 -77.46
N VAL IA 252 22.57 -47.06 -77.74
CA VAL IA 252 21.67 -48.16 -78.05
C VAL IA 252 21.36 -48.98 -76.81
N ILE IA 253 20.08 -49.26 -76.58
CA ILE IA 253 19.62 -49.99 -75.40
C ILE IA 253 19.32 -51.45 -75.68
N GLN IA 254 19.94 -52.33 -74.89
CA GLN IA 254 19.70 -53.76 -74.94
C GLN IA 254 18.52 -54.06 -74.03
N HIS IA 255 17.60 -54.90 -74.49
CA HIS IA 255 16.46 -55.26 -73.66
C HIS IA 255 16.27 -56.76 -73.59
N LEU IA 256 16.11 -57.30 -72.37
CA LEU IA 256 15.84 -58.71 -72.14
C LEU IA 256 14.61 -58.90 -71.26
N SER IA 257 13.70 -59.82 -71.62
CA SER IA 257 12.46 -59.99 -70.86
C SER IA 257 11.95 -61.42 -70.73
N TYR IA 258 11.10 -61.66 -69.72
CA TYR IA 258 10.52 -62.98 -69.55
C TYR IA 258 9.58 -63.34 -70.71
N ASN IA 259 8.75 -62.39 -71.16
CA ASN IA 259 7.94 -62.63 -72.35
C ASN IA 259 8.43 -61.75 -73.49
N PRO IA 260 8.90 -62.36 -74.57
CA PRO IA 260 9.39 -61.64 -75.76
C PRO IA 260 8.27 -60.99 -76.53
N ASN IA 261 8.25 -59.66 -76.56
CA ASN IA 261 7.26 -58.88 -77.28
C ASN IA 261 7.84 -57.90 -78.29
N ALA IA 262 9.12 -58.06 -78.64
CA ALA IA 262 9.78 -57.13 -79.54
C ALA IA 262 9.29 -57.31 -80.97
N ILE IA 263 9.31 -58.56 -81.45
CA ILE IA 263 8.85 -58.87 -82.79
C ILE IA 263 7.40 -58.54 -82.89
N ALA IA 264 6.64 -58.94 -81.89
CA ALA IA 264 5.22 -58.68 -81.94
C ALA IA 264 4.93 -57.20 -82.12
N THR IA 265 5.68 -56.34 -81.44
CA THR IA 265 5.46 -54.91 -81.62
C THR IA 265 5.79 -54.47 -83.04
N ALA IA 266 6.96 -54.87 -83.54
CA ALA IA 266 7.37 -54.45 -84.88
C ALA IA 266 6.41 -54.94 -85.93
N LEU IA 267 5.92 -56.15 -85.75
CA LEU IA 267 5.04 -56.76 -86.74
C LEU IA 267 3.70 -56.05 -86.74
N ASP IA 268 3.16 -55.70 -85.56
CA ASP IA 268 1.88 -55.00 -85.52
C ASP IA 268 2.02 -53.62 -86.17
N ASN IA 269 3.15 -52.94 -85.94
CA ASN IA 269 3.34 -51.62 -86.56
C ASN IA 269 3.42 -51.76 -88.06
N LEU IA 270 4.11 -52.80 -88.56
CA LEU IA 270 4.19 -53.01 -89.99
C LEU IA 270 2.84 -53.37 -90.59
N ASN IA 271 2.02 -54.14 -89.89
CA ASN IA 271 0.71 -54.40 -90.46
C ASN IA 271 -0.07 -53.12 -90.67
N ALA IA 272 0.08 -52.15 -89.76
CA ALA IA 272 -0.55 -50.83 -89.94
C ALA IA 272 0.04 -50.11 -91.16
N VAL IA 273 1.34 -50.27 -91.36
CA VAL IA 273 2.11 -49.71 -92.50
C VAL IA 273 1.63 -50.20 -93.85
N ASN IA 274 1.43 -51.50 -93.97
CA ASN IA 274 1.07 -52.02 -95.28
C ASN IA 274 -0.43 -51.89 -95.55
N GLY IA 275 -0.85 -50.66 -95.83
CA GLY IA 275 -2.25 -50.37 -96.07
C GLY IA 275 -2.57 -48.97 -96.62
N PRO IA 276 -3.85 -48.74 -96.93
CA PRO IA 276 -4.36 -47.49 -97.52
C PRO IA 276 -4.23 -46.24 -96.69
N THR IA 277 -4.15 -46.38 -95.38
CA THR IA 277 -4.05 -45.23 -94.51
C THR IA 277 -2.61 -44.84 -94.30
N PHE IA 278 -1.69 -45.61 -94.85
CA PHE IA 278 -0.30 -45.32 -94.72
C PHE IA 278 0.26 -44.89 -96.07
N ILE IA 279 0.16 -45.76 -97.09
CA ILE IA 279 0.69 -45.39 -98.41
C ILE IA 279 -0.22 -45.50 -99.64
N ASP IA 280 -1.39 -46.14 -99.60
CA ASP IA 280 -2.08 -46.20 -100.90
C ASP IA 280 -2.61 -44.81 -101.21
N ALA IA 281 -3.15 -44.13 -100.20
CA ALA IA 281 -3.68 -42.79 -100.47
C ALA IA 281 -2.59 -41.88 -101.04
N ILE IA 282 -1.37 -42.01 -100.55
CA ILE IA 282 -0.26 -41.18 -101.03
C ILE IA 282 0.02 -41.49 -102.47
N LEU IA 283 0.19 -42.76 -102.78
CA LEU IA 283 0.56 -43.17 -104.11
C LEU IA 283 -0.54 -42.87 -105.13
N ASP IA 284 -1.80 -43.02 -104.74
CA ASP IA 284 -2.88 -42.73 -105.69
C ASP IA 284 -2.92 -41.25 -106.02
N ASP IA 285 -2.71 -40.38 -105.03
CA ASP IA 285 -2.71 -38.94 -105.27
C ASP IA 285 -1.43 -38.48 -105.98
N LEU IA 286 -0.30 -39.09 -105.65
CA LEU IA 286 0.98 -38.71 -106.23
C LEU IA 286 1.03 -39.05 -107.72
N ARG IA 287 0.55 -40.23 -108.09
CA ARG IA 287 0.57 -40.67 -109.48
C ARG IA 287 -0.54 -39.99 -110.28
N ASN IA 321 1.99 -12.27 -115.94
CA ASN IA 321 2.21 -13.68 -115.67
C ASN IA 321 2.31 -13.99 -114.20
N SER IA 322 2.18 -12.96 -113.36
CA SER IA 322 2.31 -13.17 -111.91
C SER IA 322 1.28 -14.12 -111.35
N VAL IA 323 0.10 -14.14 -111.94
CA VAL IA 323 -0.95 -15.07 -111.54
C VAL IA 323 -0.59 -16.48 -111.92
N LYS IA 324 0.06 -16.63 -113.08
CA LYS IA 324 0.40 -17.94 -113.57
C LYS IA 324 1.42 -18.55 -112.63
N VAL IA 325 2.38 -17.73 -112.18
CA VAL IA 325 3.37 -18.20 -111.22
C VAL IA 325 2.71 -18.64 -109.95
N ALA IA 326 1.78 -17.83 -109.43
CA ALA IA 326 1.09 -18.19 -108.19
C ALA IA 326 0.34 -19.50 -108.31
N ASN IA 327 -0.32 -19.73 -109.44
CA ASN IA 327 -1.07 -20.97 -109.64
C ASN IA 327 -0.12 -22.15 -109.72
N PHE IA 328 0.96 -21.98 -110.48
CA PHE IA 328 1.95 -23.01 -110.65
C PHE IA 328 2.57 -23.37 -109.33
N ALA IA 329 2.99 -22.36 -108.57
CA ALA IA 329 3.65 -22.58 -107.31
C ALA IA 329 2.78 -23.39 -106.36
N SER IA 330 1.47 -23.12 -106.34
CA SER IA 330 0.55 -23.91 -105.52
C SER IA 330 0.55 -25.37 -105.91
N LEU IA 331 0.50 -25.64 -107.22
CA LEU IA 331 0.48 -27.01 -107.70
C LEU IA 331 1.77 -27.75 -107.34
N VAL IA 332 2.92 -27.04 -107.43
CA VAL IA 332 4.20 -27.65 -107.07
C VAL IA 332 4.20 -28.04 -105.60
N GLU IA 333 3.77 -27.10 -104.74
CA GLU IA 333 3.75 -27.35 -103.30
C GLU IA 333 2.92 -28.57 -102.96
N SER IA 334 1.78 -28.75 -103.63
CA SER IA 334 0.94 -29.91 -103.37
C SER IA 334 1.71 -31.21 -103.62
N VAL IA 335 2.44 -31.28 -104.76
CA VAL IA 335 3.20 -32.49 -105.07
C VAL IA 335 4.31 -32.69 -104.05
N LEU IA 336 5.02 -31.61 -103.74
CA LEU IA 336 6.11 -31.63 -102.79
C LEU IA 336 5.69 -32.14 -101.43
N SER IA 337 4.53 -31.68 -100.94
CA SER IA 337 4.02 -32.11 -99.65
C SER IA 337 3.75 -33.61 -99.66
N THR IA 338 3.13 -34.10 -100.75
CA THR IA 338 2.85 -35.53 -100.91
C THR IA 338 4.14 -36.35 -100.91
N LEU IA 339 5.18 -35.88 -101.61
CA LEU IA 339 6.44 -36.61 -101.64
C LEU IA 339 7.04 -36.67 -100.25
N ASN IA 340 6.96 -35.58 -99.49
CA ASN IA 340 7.53 -35.58 -98.15
C ASN IA 340 6.88 -36.60 -97.25
N GLU IA 341 5.55 -36.81 -97.37
CA GLU IA 341 4.90 -37.84 -96.56
C GLU IA 341 5.40 -39.24 -96.91
N LEU IA 342 5.63 -39.50 -98.20
CA LEU IA 342 6.13 -40.81 -98.62
C LEU IA 342 7.53 -41.05 -98.06
N ILE IA 343 8.35 -40.00 -98.03
CA ILE IA 343 9.70 -40.10 -97.50
C ILE IA 343 9.67 -40.41 -96.00
N ASP IA 344 8.81 -39.71 -95.24
CA ASP IA 344 8.70 -39.99 -93.81
C ASP IA 344 8.27 -41.42 -93.55
N ALA IA 345 7.39 -41.95 -94.41
CA ALA IA 345 6.93 -43.32 -94.29
C ALA IA 345 8.10 -44.29 -94.33
N LYS IA 346 9.04 -44.06 -95.25
CA LYS IA 346 10.22 -44.92 -95.35
C LYS IA 346 10.99 -44.97 -94.05
N GLU IA 347 11.18 -43.80 -93.44
CA GLU IA 347 11.97 -43.75 -92.21
C GLU IA 347 11.30 -44.54 -91.08
N GLU IA 348 9.96 -44.46 -90.97
CA GLU IA 348 9.28 -45.21 -89.91
C GLU IA 348 9.46 -46.72 -90.10
N ILE IA 349 9.42 -47.17 -91.35
CA ILE IA 349 9.60 -48.57 -91.67
C ILE IA 349 10.95 -49.07 -91.23
N ASN IA 350 12.00 -48.33 -91.57
CA ASN IA 350 13.31 -48.76 -91.17
C ASN IA 350 13.47 -48.86 -89.66
N LYS IA 351 12.85 -47.93 -88.93
CA LYS IA 351 12.99 -47.94 -87.48
C LYS IA 351 12.39 -49.19 -86.84
N ASP IA 352 11.24 -49.69 -87.33
CA ASP IA 352 10.68 -50.90 -86.73
C ASP IA 352 11.32 -52.18 -87.23
N VAL IA 353 11.65 -52.23 -88.53
CA VAL IA 353 12.23 -53.46 -89.07
C VAL IA 353 13.54 -53.75 -88.41
N ASN IA 354 14.33 -52.72 -88.15
CA ASN IA 354 15.60 -52.89 -87.49
C ASN IA 354 15.48 -53.50 -86.09
N SER IA 355 14.32 -53.37 -85.41
CA SER IA 355 14.23 -53.94 -84.07
C SER IA 355 13.96 -55.43 -84.24
N ALA IA 356 13.29 -55.79 -85.34
CA ALA IA 356 13.04 -57.20 -85.62
C ALA IA 356 14.35 -57.90 -85.90
N ILE IA 357 15.22 -57.21 -86.65
CA ILE IA 357 16.50 -57.78 -87.01
C ILE IA 357 17.34 -57.96 -85.76
N ALA IA 358 17.44 -56.90 -84.96
CA ALA IA 358 18.22 -56.91 -83.73
C ALA IA 358 17.75 -57.95 -82.74
N SER IA 359 16.43 -58.16 -82.66
CA SER IA 359 15.86 -59.08 -81.70
C SER IA 359 15.91 -60.54 -82.12
N SER IA 360 16.01 -60.81 -83.42
CA SER IA 360 16.02 -62.18 -83.92
C SER IA 360 17.43 -62.76 -83.77
N GLU IA 361 17.85 -62.94 -82.52
CA GLU IA 361 19.20 -63.46 -82.22
C GLU IA 361 19.47 -64.84 -82.77
N GLU IA 362 18.46 -65.69 -82.72
CA GLU IA 362 18.56 -67.07 -83.17
C GLU IA 362 18.13 -67.15 -84.62
N ASP IA 363 18.57 -68.19 -85.31
CA ASP IA 363 18.16 -68.44 -86.70
C ASP IA 363 18.54 -67.26 -87.61
N ASN IA 364 19.85 -67.05 -87.76
CA ASN IA 364 20.39 -65.95 -88.56
C ASN IA 364 19.89 -65.92 -90.00
N ALA IA 365 19.36 -67.04 -90.48
CA ALA IA 365 18.77 -67.12 -91.81
C ALA IA 365 17.61 -66.15 -91.93
N ILE IA 366 16.88 -65.95 -90.83
CA ILE IA 366 15.77 -65.04 -90.83
C ILE IA 366 16.28 -63.65 -90.72
N LYS IA 367 17.29 -63.42 -89.86
CA LYS IA 367 17.86 -62.07 -89.84
C LYS IA 367 18.22 -61.61 -91.23
N THR IA 368 18.80 -62.51 -92.01
CA THR IA 368 19.17 -62.19 -93.37
C THR IA 368 17.91 -61.92 -94.20
N ALA IA 369 16.89 -62.78 -94.11
CA ALA IA 369 15.69 -62.56 -94.91
C ALA IA 369 15.05 -61.20 -94.64
N ILE IA 370 15.03 -60.79 -93.38
CA ILE IA 370 14.44 -59.51 -93.00
C ILE IA 370 15.28 -58.38 -93.56
N SER IA 371 16.59 -58.47 -93.35
CA SER IA 371 17.52 -57.43 -93.80
C SER IA 371 17.45 -57.25 -95.32
N ASP IA 372 17.44 -58.36 -96.07
CA ASP IA 372 17.39 -58.24 -97.52
C ASP IA 372 16.10 -57.56 -97.99
N ALA IA 373 14.97 -57.91 -97.38
CA ALA IA 373 13.72 -57.29 -97.78
C ALA IA 373 13.75 -55.78 -97.56
N LEU IA 374 14.33 -55.36 -96.43
CA LEU IA 374 14.42 -53.94 -96.13
C LEU IA 374 15.36 -53.22 -97.08
N ASP IA 375 16.51 -53.85 -97.34
CA ASP IA 375 17.53 -53.25 -98.19
C ASP IA 375 16.97 -52.97 -99.58
N VAL IA 376 16.17 -53.90 -100.12
CA VAL IA 376 15.56 -53.68 -101.42
C VAL IA 376 14.55 -52.55 -101.37
N PHE IA 377 13.68 -52.53 -100.36
CA PHE IA 377 12.66 -51.47 -100.25
C PHE IA 377 13.29 -50.09 -100.36
N ASN IA 378 14.37 -49.89 -99.63
CA ASN IA 378 15.03 -48.59 -99.58
C ASN IA 378 15.56 -48.07 -100.93
N GLU IA 379 15.76 -48.94 -101.93
CA GLU IA 379 16.33 -48.51 -103.21
C GLU IA 379 15.50 -47.46 -103.94
N ASP IA 380 14.22 -47.33 -103.63
CA ASP IA 380 13.40 -46.38 -104.35
C ASP IA 380 13.60 -44.97 -103.77
N PHE IA 381 14.19 -44.88 -102.59
CA PHE IA 381 14.34 -43.60 -101.92
C PHE IA 381 15.78 -43.11 -101.89
N GLU IA 382 16.71 -44.07 -101.86
CA GLU IA 382 18.14 -43.85 -101.83
C GLU IA 382 18.69 -43.54 -103.20
N GLY IA 383 20.02 -43.30 -103.27
CA GLY IA 383 20.73 -42.91 -104.48
C GLY IA 383 20.47 -43.76 -105.72
N ALA IA 384 20.05 -45.01 -105.54
CA ALA IA 384 19.78 -45.89 -106.67
C ALA IA 384 18.71 -45.29 -107.60
N ASP IA 385 17.71 -44.61 -107.03
CA ASP IA 385 16.63 -43.94 -107.73
C ASP IA 385 16.07 -42.94 -106.73
N LYS IA 386 16.64 -41.77 -106.64
CA LYS IA 386 16.43 -41.05 -105.40
C LYS IA 386 15.20 -40.14 -105.32
N ILE IA 387 14.08 -40.69 -104.80
CA ILE IA 387 12.86 -39.91 -104.55
C ILE IA 387 13.20 -38.73 -103.67
N GLU IA 388 14.08 -38.94 -102.69
CA GLU IA 388 14.43 -37.88 -101.77
C GLU IA 388 15.05 -36.65 -102.45
N SER IA 389 15.82 -36.80 -103.55
CA SER IA 389 16.43 -35.62 -104.15
C SER IA 389 15.45 -34.93 -105.03
N VAL IA 390 14.46 -35.66 -105.54
CA VAL IA 390 13.44 -34.97 -106.32
C VAL IA 390 12.71 -34.00 -105.43
N ALA IA 391 12.32 -34.47 -104.25
CA ALA IA 391 11.61 -33.59 -103.33
C ALA IA 391 12.47 -32.38 -102.95
N LYS IA 392 13.76 -32.61 -102.70
CA LYS IA 392 14.65 -31.51 -102.33
C LYS IA 392 14.75 -30.48 -103.46
N ASN IA 393 14.97 -30.96 -104.68
CA ASN IA 393 15.14 -30.07 -105.82
C ASN IA 393 13.89 -29.28 -106.13
N LEU IA 394 12.70 -29.90 -105.99
CA LEU IA 394 11.48 -29.15 -106.26
C LEU IA 394 11.34 -28.00 -105.28
N SER IA 395 11.71 -28.20 -104.01
CA SER IA 395 11.68 -27.12 -103.03
C SER IA 395 12.55 -25.94 -103.44
N ASP IA 396 13.80 -26.20 -103.86
CA ASP IA 396 14.70 -25.10 -104.22
C ASP IA 396 14.17 -24.36 -105.46
N LEU IA 397 13.66 -25.12 -106.43
CA LEU IA 397 13.13 -24.55 -107.66
C LEU IA 397 11.91 -23.69 -107.38
N LEU IA 398 11.07 -24.13 -106.44
CA LEU IA 398 9.87 -23.41 -106.08
C LEU IA 398 10.18 -22.05 -105.48
N ILE IA 399 11.19 -21.97 -104.62
CA ILE IA 399 11.58 -20.66 -104.12
C ILE IA 399 12.03 -19.77 -105.26
N LYS IA 400 12.87 -20.28 -106.14
CA LYS IA 400 13.39 -19.46 -107.24
C LYS IA 400 12.27 -18.96 -108.16
N ILE IA 401 11.26 -19.78 -108.46
CA ILE IA 401 10.25 -19.25 -109.36
C ILE IA 401 9.42 -18.17 -108.68
N LYS IA 402 9.10 -18.34 -107.39
CA LYS IA 402 8.37 -17.28 -106.71
C LYS IA 402 9.16 -15.98 -106.65
N GLN IA 403 10.48 -16.07 -106.51
CA GLN IA 403 11.30 -14.84 -106.45
C GLN IA 403 11.65 -14.32 -107.85
N ALA IA 404 11.47 -15.11 -108.92
CA ALA IA 404 11.78 -14.72 -110.29
C ALA IA 404 11.09 -13.41 -110.71
N ASP IA 405 9.87 -13.22 -110.19
CA ASP IA 405 9.05 -12.02 -110.42
C ASP IA 405 9.73 -10.74 -109.98
N THR IA 406 10.79 -10.85 -109.16
CA THR IA 406 11.55 -9.70 -108.69
C THR IA 406 12.03 -8.86 -109.85
N ASN IA 407 12.50 -9.49 -110.91
CA ASN IA 407 13.01 -8.69 -112.00
C ASN IA 407 12.82 -9.11 -113.46
N THR IA 408 12.29 -10.31 -113.79
CA THR IA 408 12.08 -10.54 -115.23
C THR IA 408 11.27 -11.78 -115.64
N LYS IA 409 10.54 -11.59 -116.74
CA LYS IA 409 9.78 -12.63 -117.43
C LYS IA 409 10.64 -13.76 -117.91
N VAL IA 410 11.92 -13.49 -118.06
CA VAL IA 410 12.89 -14.47 -118.50
C VAL IA 410 13.10 -15.51 -117.42
N GLU IA 411 13.18 -15.06 -116.19
CA GLU IA 411 13.43 -15.96 -115.07
C GLU IA 411 12.30 -16.97 -114.99
N ASN IA 412 11.09 -16.49 -115.23
CA ASN IA 412 9.90 -17.35 -115.18
C ASN IA 412 9.81 -18.36 -116.31
N VAL IA 413 10.78 -18.35 -117.22
CA VAL IA 413 10.90 -19.32 -118.29
C VAL IA 413 12.09 -20.20 -118.01
N LEU IA 414 13.20 -19.57 -117.67
CA LEU IA 414 14.42 -20.31 -117.44
C LEU IA 414 14.25 -21.33 -116.32
N SER IA 415 13.51 -20.95 -115.26
CA SER IA 415 13.33 -21.84 -114.10
C SER IA 415 12.71 -23.20 -114.45
N ILE IA 416 12.04 -23.30 -115.59
CA ILE IA 416 11.38 -24.51 -116.01
C ILE IA 416 12.15 -25.24 -117.12
N ASN IA 417 12.65 -24.51 -118.12
CA ASN IA 417 13.28 -25.16 -119.28
C ASN IA 417 14.81 -25.03 -119.41
N ALA IA 418 15.45 -24.13 -118.66
CA ALA IA 418 16.91 -24.01 -118.71
C ALA IA 418 17.44 -24.64 -117.45
N LEU IA 419 16.61 -24.50 -116.44
CA LEU IA 419 16.76 -25.03 -115.10
C LEU IA 419 15.89 -26.26 -115.05
N ASN IA 420 15.70 -26.84 -113.88
CA ASN IA 420 15.13 -28.16 -113.82
C ASN IA 420 13.64 -28.41 -113.49
N PHE IA 421 12.68 -27.46 -113.47
CA PHE IA 421 11.34 -28.00 -113.12
C PHE IA 421 10.85 -29.09 -114.08
N SER IA 422 11.06 -28.95 -115.38
CA SER IA 422 10.63 -30.01 -116.27
C SER IA 422 11.36 -31.32 -115.97
N ALA IA 423 12.68 -31.21 -115.80
CA ALA IA 423 13.56 -32.34 -115.57
C ALA IA 423 13.27 -33.08 -114.28
N GLU IA 424 12.86 -32.38 -113.22
CA GLU IA 424 12.58 -33.07 -111.95
C GLU IA 424 11.23 -33.74 -111.97
N PHE IA 425 10.20 -33.14 -112.57
CA PHE IA 425 8.92 -33.85 -112.54
C PHE IA 425 8.99 -35.12 -113.39
N GLU IA 426 9.86 -35.11 -114.39
CA GLU IA 426 10.02 -36.26 -115.24
C GLU IA 426 10.49 -37.47 -114.42
N LYS IA 427 11.27 -37.22 -113.36
CA LYS IA 427 11.85 -38.32 -112.62
C LYS IA 427 10.80 -39.08 -111.83
N LEU IA 428 9.60 -38.52 -111.73
CA LEU IA 428 8.54 -39.20 -111.02
C LEU IA 428 7.75 -39.99 -112.05
N LEU IA 429 7.42 -39.32 -113.17
CA LEU IA 429 6.73 -39.95 -114.29
C LEU IA 429 7.42 -39.48 -115.58
N THR IA 430 7.99 -40.42 -116.34
CA THR IA 430 8.81 -40.10 -117.51
C THR IA 430 8.14 -39.25 -118.60
N TYR IA 431 6.86 -39.49 -118.88
CA TYR IA 431 6.19 -38.76 -119.93
C TYR IA 431 4.70 -38.66 -119.68
N ASP IA 432 4.31 -38.30 -118.46
CA ASP IA 432 2.88 -38.27 -118.12
C ASP IA 432 2.08 -37.40 -119.07
N VAL IA 433 2.71 -36.31 -119.54
CA VAL IA 433 2.19 -35.29 -120.46
C VAL IA 433 1.70 -35.85 -121.79
N ASN IA 434 2.05 -37.10 -122.10
CA ASN IA 434 1.64 -37.79 -123.31
C ASN IA 434 0.12 -37.86 -123.46
N THR IA 435 -0.62 -37.88 -122.35
CA THR IA 435 -2.07 -37.97 -122.42
C THR IA 435 -2.74 -37.28 -121.23
N GLY IA 436 -4.04 -36.97 -121.36
CA GLY IA 436 -4.76 -36.35 -120.24
C GLY IA 436 -4.68 -37.21 -118.99
N LEU IA 437 -4.75 -38.52 -119.17
CA LEU IA 437 -4.54 -39.42 -118.05
C LEU IA 437 -3.07 -39.69 -118.10
N THR IA 438 -2.37 -39.70 -116.97
CA THR IA 438 -0.93 -39.92 -117.10
C THR IA 438 -0.65 -41.18 -117.89
N ALA IA 439 0.20 -41.03 -118.90
CA ALA IA 439 0.51 -42.11 -119.81
C ALA IA 439 1.99 -42.15 -120.13
N SER IA 440 2.38 -43.15 -120.92
CA SER IA 440 3.77 -43.28 -121.38
C SER IA 440 4.76 -43.28 -120.24
N VAL IA 441 4.39 -43.94 -119.15
CA VAL IA 441 5.29 -43.98 -118.01
C VAL IA 441 6.37 -45.03 -118.26
N THR IA 442 7.31 -44.66 -119.15
CA THR IA 442 8.44 -45.50 -119.56
C THR IA 442 9.28 -45.87 -118.36
N LEU IA 443 9.19 -45.01 -117.37
CA LEU IA 443 9.84 -45.13 -116.09
C LEU IA 443 8.97 -44.36 -115.11
N ASP IA 444 8.96 -44.83 -113.87
CA ASP IA 444 8.25 -44.13 -112.81
C ASP IA 444 8.86 -44.48 -111.48
N LEU IA 445 8.86 -43.50 -110.57
CA LEU IA 445 9.40 -43.70 -109.23
C LEU IA 445 8.36 -44.18 -108.23
N PHE IA 446 7.13 -44.37 -108.67
CA PHE IA 446 6.06 -44.67 -107.74
C PHE IA 446 5.55 -46.11 -107.72
N ALA IA 447 5.04 -46.45 -106.54
CA ALA IA 447 4.25 -47.62 -106.16
C ALA IA 447 4.91 -48.99 -106.24
N ASN IA 448 6.25 -49.06 -106.31
CA ASN IA 448 6.91 -50.37 -106.26
C ASN IA 448 6.97 -50.84 -104.80
N ILE IA 449 6.53 -49.90 -103.98
CA ILE IA 449 6.39 -49.92 -102.54
C ILE IA 449 5.46 -51.03 -102.14
N GLY IA 450 4.34 -51.22 -102.86
CA GLY IA 450 3.36 -52.22 -102.44
C GLY IA 450 3.98 -53.60 -102.26
N THR IA 451 4.60 -54.11 -103.32
CA THR IA 451 5.21 -55.42 -103.29
C THR IA 451 6.33 -55.49 -102.26
N ARG IA 452 7.15 -54.47 -102.21
CA ARG IA 452 8.26 -54.50 -101.30
C ARG IA 452 7.81 -54.50 -99.83
N LEU IA 453 6.72 -53.80 -99.48
CA LEU IA 453 6.24 -53.87 -98.10
C LEU IA 453 5.76 -55.27 -97.77
N ASP IA 454 5.09 -55.94 -98.72
CA ASP IA 454 4.66 -57.30 -98.46
C ASP IA 454 5.85 -58.21 -98.15
N ASP IA 455 6.97 -58.03 -98.89
CA ASP IA 455 8.16 -58.86 -98.68
C ASP IA 455 8.74 -58.63 -97.28
N ILE IA 456 8.74 -57.36 -96.82
CA ILE IA 456 9.26 -57.06 -95.50
C ILE IA 456 8.43 -57.72 -94.43
N ILE IA 457 7.10 -57.57 -94.52
CA ILE IA 457 6.27 -58.14 -93.49
C ILE IA 457 6.38 -59.63 -93.44
N ALA IA 458 6.37 -60.27 -94.59
CA ALA IA 458 6.49 -61.71 -94.57
C ALA IA 458 7.78 -62.15 -93.91
N ALA IA 459 8.90 -61.48 -94.22
CA ALA IA 459 10.15 -61.85 -93.58
C ALA IA 459 10.11 -61.63 -92.08
N VAL IA 460 9.54 -60.51 -91.63
CA VAL IA 460 9.51 -60.20 -90.20
C VAL IA 460 8.67 -61.21 -89.45
N SER IA 461 7.52 -61.59 -90.02
CA SER IA 461 6.63 -62.54 -89.37
C SER IA 461 7.28 -63.86 -89.07
N ALA IA 462 8.33 -64.21 -89.81
CA ALA IA 462 9.03 -65.47 -89.63
C ALA IA 462 9.72 -65.52 -88.28
N ALA IA 463 9.99 -64.35 -87.68
CA ALA IA 463 10.67 -64.25 -86.41
C ALA IA 463 9.74 -64.39 -85.22
N GLU IA 464 8.44 -64.36 -85.42
CA GLU IA 464 7.57 -64.43 -84.25
C GLU IA 464 7.80 -65.65 -83.35
N PRO IA 465 8.02 -66.88 -83.86
CA PRO IA 465 8.31 -68.04 -83.02
C PRO IA 465 9.80 -68.23 -82.74
N ILE IA 466 10.63 -67.25 -83.08
CA ILE IA 466 12.07 -67.37 -82.91
C ILE IA 466 12.54 -66.56 -81.71
N ASP IA 467 11.98 -65.38 -81.54
CA ASP IA 467 12.48 -64.51 -80.50
C ASP IA 467 11.82 -64.70 -79.14
N VAL IA 468 12.58 -65.37 -78.26
CA VAL IA 468 12.15 -65.69 -76.92
C VAL IA 468 12.60 -64.67 -75.83
N ASN IA 469 13.67 -63.95 -75.99
CA ASN IA 469 14.09 -63.02 -74.93
C ASN IA 469 14.17 -61.50 -75.13
N ASN IA 470 13.66 -60.91 -76.20
CA ASN IA 470 13.82 -59.46 -76.32
C ASN IA 470 12.52 -58.67 -76.13
N GLY IA 471 12.63 -57.55 -75.42
CA GLY IA 471 11.48 -56.70 -75.14
C GLY IA 471 11.25 -55.63 -76.20
N LYS IA 472 10.24 -54.83 -75.95
CA LYS IA 472 9.73 -53.82 -76.83
C LYS IA 472 10.75 -52.78 -77.31
N LEU IA 473 11.69 -52.37 -76.47
CA LEU IA 473 12.63 -51.31 -76.83
C LEU IA 473 13.94 -51.82 -77.40
N ASN IA 474 14.08 -53.13 -77.52
CA ASN IA 474 15.34 -53.71 -77.96
C ASN IA 474 15.70 -53.24 -79.36
N GLY IA 475 16.92 -52.75 -79.52
CA GLY IA 475 17.42 -52.30 -80.81
C GLY IA 475 17.08 -50.87 -81.16
N ARG IA 476 16.50 -50.13 -80.21
CA ARG IA 476 16.13 -48.71 -80.38
C ARG IA 476 17.09 -47.73 -79.69
N LEU IA 477 17.08 -46.48 -80.17
CA LEU IA 477 17.92 -45.39 -79.62
C LEU IA 477 17.35 -44.75 -78.36
N LEU IA 478 18.24 -44.23 -77.50
CA LEU IA 478 17.81 -43.68 -76.21
C LEU IA 478 16.83 -42.50 -76.42
N SER IA 479 17.15 -41.62 -77.34
CA SER IA 479 16.27 -40.47 -77.59
C SER IA 479 14.89 -40.93 -78.05
N ASP IA 480 14.84 -42.01 -78.84
CA ASP IA 480 13.58 -42.53 -79.36
C ASP IA 480 12.61 -42.95 -78.27
N ILE IA 481 13.10 -43.57 -77.22
CA ILE IA 481 12.22 -44.06 -76.15
C ILE IA 481 11.54 -42.98 -75.32
N GLU IA 482 12.09 -41.76 -75.31
CA GLU IA 482 11.58 -40.71 -74.43
C GLU IA 482 10.09 -40.51 -74.54
N PRO IA 483 9.51 -40.47 -75.74
CA PRO IA 483 8.05 -40.37 -75.87
C PRO IA 483 7.32 -41.58 -75.34
N LEU IA 484 7.81 -42.78 -75.66
CA LEU IA 484 7.17 -44.04 -75.26
C LEU IA 484 7.23 -44.30 -73.76
N ASP IA 485 8.38 -44.06 -73.14
CA ASP IA 485 8.56 -44.28 -71.71
C ASP IA 485 9.33 -43.11 -71.13
N ASN IA 486 9.07 -42.77 -69.87
CA ASN IA 486 9.79 -41.66 -69.26
C ASN IA 486 10.46 -42.03 -67.96
N ALA IA 487 9.86 -42.92 -67.19
CA ALA IA 487 10.48 -43.28 -65.93
C ALA IA 487 11.80 -43.98 -66.18
N THR IA 488 11.79 -44.87 -67.18
CA THR IA 488 12.98 -45.63 -67.52
C THR IA 488 14.02 -44.69 -68.10
N TYR IA 489 13.59 -43.79 -68.99
CA TYR IA 489 14.48 -42.85 -69.62
C TYR IA 489 15.23 -42.00 -68.61
N ASN IA 490 14.50 -41.42 -67.67
CA ASN IA 490 15.15 -40.59 -66.67
C ASN IA 490 16.09 -41.39 -65.80
N THR IA 491 15.71 -42.63 -65.46
CA THR IA 491 16.55 -43.49 -64.64
C THR IA 491 17.87 -43.76 -65.33
N ILE IA 492 17.82 -44.05 -66.63
CA ILE IA 492 19.02 -44.33 -67.40
C ILE IA 492 19.96 -43.15 -67.40
N LEU IA 493 19.42 -41.95 -67.63
CA LEU IA 493 20.29 -40.78 -67.66
C LEU IA 493 20.97 -40.56 -66.32
N LEU IA 494 20.24 -40.74 -65.22
CA LEU IA 494 20.87 -40.61 -63.92
C LEU IA 494 21.99 -41.59 -63.72
N GLU IA 495 21.82 -42.82 -64.19
CA GLU IA 495 22.86 -43.82 -64.01
C GLU IA 495 24.09 -43.47 -64.88
N ILE IA 496 23.88 -42.97 -66.11
CA ILE IA 496 25.00 -42.63 -66.99
C ILE IA 496 25.86 -41.56 -66.36
N ASN IA 497 25.23 -40.57 -65.77
CA ASN IA 497 25.92 -39.43 -65.22
C ASN IA 497 26.63 -39.76 -63.89
N SER IA 498 26.54 -40.98 -63.39
CA SER IA 498 27.25 -41.35 -62.18
C SER IA 498 28.72 -41.66 -62.45
N HIS IA 499 29.11 -41.81 -63.70
CA HIS IA 499 30.48 -42.18 -64.03
C HIS IA 499 31.38 -40.95 -64.20
N LYS IA 500 32.49 -40.92 -63.47
CA LYS IA 500 33.39 -39.75 -63.50
C LYS IA 500 34.70 -40.00 -64.24
N VAL IA 501 35.31 -38.89 -64.64
CA VAL IA 501 36.58 -38.78 -65.36
C VAL IA 501 37.79 -38.94 -64.42
N THR IA 502 38.85 -39.64 -64.88
CA THR IA 502 40.10 -39.81 -64.13
C THR IA 502 41.27 -39.25 -64.95
N LEU IA 503 42.12 -38.43 -64.32
CA LEU IA 503 43.23 -37.76 -65.01
C LEU IA 503 44.62 -37.88 -64.34
N PRO IA 504 45.70 -37.84 -65.13
CA PRO IA 504 47.06 -37.69 -64.62
C PRO IA 504 47.13 -36.38 -63.87
N PRO IA 505 47.98 -36.27 -62.84
CA PRO IA 505 48.06 -35.08 -61.95
C PRO IA 505 48.74 -33.80 -62.50
N SER IA 506 49.59 -33.88 -63.53
CA SER IA 506 50.35 -32.72 -64.00
C SER IA 506 49.58 -31.43 -64.30
N SER IA 507 48.35 -31.51 -64.80
CA SER IA 507 47.65 -30.26 -65.12
C SER IA 507 47.17 -29.54 -63.87
N SER IA 508 46.99 -30.26 -62.78
CA SER IA 508 46.51 -29.65 -61.55
C SER IA 508 47.68 -29.02 -60.87
N MET IA 509 48.85 -29.62 -61.08
CA MET IA 509 50.03 -29.07 -60.47
C MET IA 509 50.39 -27.74 -61.10
N ALA IA 510 50.24 -27.61 -62.42
CA ALA IA 510 50.52 -26.32 -63.05
C ALA IA 510 49.62 -25.23 -62.46
N GLY IA 511 48.37 -25.58 -62.18
CA GLY IA 511 47.45 -24.65 -61.52
C GLY IA 511 47.95 -24.27 -60.13
N ALA IA 512 48.32 -25.27 -59.34
CA ALA IA 512 48.83 -25.05 -58.00
C ALA IA 512 50.10 -24.19 -57.98
N TYR IA 513 50.98 -24.37 -58.97
CA TYR IA 513 52.18 -23.55 -59.03
C TYR IA 513 51.80 -22.09 -59.18
N ALA IA 514 50.82 -21.79 -60.02
CA ALA IA 514 50.38 -20.40 -60.21
C ALA IA 514 49.89 -19.78 -58.91
N ARG IA 515 49.11 -20.53 -58.12
CA ARG IA 515 48.63 -19.99 -56.86
C ARG IA 515 49.75 -19.63 -55.93
N VAL IA 516 50.71 -20.52 -55.77
CA VAL IA 516 51.81 -20.26 -54.84
C VAL IA 516 52.63 -19.08 -55.28
N ASP IA 517 52.93 -18.97 -56.58
CA ASP IA 517 53.72 -17.84 -57.08
C ASP IA 517 53.04 -16.50 -56.79
N ASN IA 518 51.71 -16.46 -56.83
CA ASN IA 518 51.01 -15.20 -56.54
C ASN IA 518 50.86 -14.92 -55.05
N ASP IA 519 50.61 -15.94 -54.24
CA ASP IA 519 50.45 -15.76 -52.81
C ASP IA 519 51.73 -15.50 -52.02
N ARG IA 520 52.82 -16.18 -52.37
CA ARG IA 520 54.05 -16.05 -51.61
C ARG IA 520 55.28 -15.71 -52.45
N GLY IA 521 55.36 -16.20 -53.68
CA GLY IA 521 56.54 -15.98 -54.51
C GLY IA 521 57.16 -17.27 -54.99
N VAL IA 522 57.96 -17.17 -56.06
CA VAL IA 522 58.61 -18.32 -56.71
C VAL IA 522 59.55 -19.11 -55.80
N TRP IA 523 60.00 -18.51 -54.71
CA TRP IA 523 60.90 -19.20 -53.79
C TRP IA 523 60.17 -20.02 -52.73
N LYS IA 524 58.84 -20.02 -52.74
CA LYS IA 524 58.05 -20.81 -51.81
C LYS IA 524 57.78 -22.21 -52.36
N SER IA 525 57.99 -23.23 -51.54
CA SER IA 525 57.69 -24.60 -51.95
C SER IA 525 56.20 -24.86 -52.26
N PRO IA 526 55.90 -25.54 -53.39
CA PRO IA 526 54.56 -26.02 -53.80
C PRO IA 526 53.89 -27.07 -52.92
N ALA IA 527 54.60 -27.68 -51.98
CA ALA IA 527 54.00 -28.72 -51.15
C ALA IA 527 53.05 -28.17 -50.09
N ASN IA 528 52.21 -29.08 -49.56
CA ASN IA 528 51.19 -28.86 -48.53
C ASN IA 528 50.10 -27.91 -49.00
N ILE IA 529 49.73 -28.07 -50.27
CA ILE IA 529 48.69 -27.28 -50.91
C ILE IA 529 47.57 -28.23 -51.38
N GLY IA 530 46.33 -27.88 -51.08
CA GLY IA 530 45.20 -28.72 -51.46
C GLY IA 530 44.80 -28.55 -52.92
N LEU IA 531 44.19 -29.59 -53.48
CA LEU IA 531 43.72 -29.58 -54.86
C LEU IA 531 42.21 -29.43 -54.96
N ASN IA 532 41.76 -28.69 -55.96
CA ASN IA 532 40.33 -28.51 -56.20
C ASN IA 532 39.84 -29.55 -57.19
N TYR IA 533 38.55 -29.89 -57.07
CA TYR IA 533 37.87 -30.85 -57.94
C TYR IA 533 38.48 -32.24 -57.87
N VAL IA 534 38.97 -32.65 -56.72
CA VAL IA 534 39.54 -33.98 -56.58
C VAL IA 534 38.79 -34.71 -55.48
N SER IA 535 38.25 -35.87 -55.82
CA SER IA 535 37.55 -36.68 -54.84
C SER IA 535 38.53 -37.49 -54.05
N LYS IA 536 39.50 -38.06 -54.76
CA LYS IA 536 40.50 -38.91 -54.14
C LYS IA 536 41.63 -39.24 -55.13
N PRO IA 537 42.81 -39.65 -54.61
CA PRO IA 537 43.87 -40.32 -55.37
C PRO IA 537 43.35 -41.65 -55.87
N SER IA 538 43.82 -42.08 -57.05
CA SER IA 538 43.38 -43.36 -57.62
C SER IA 538 43.76 -44.56 -56.75
N VAL IA 539 44.93 -44.50 -56.11
CA VAL IA 539 45.41 -45.57 -55.23
C VAL IA 539 45.89 -44.99 -53.91
N THR IA 540 45.97 -45.84 -52.89
CA THR IA 540 46.49 -45.42 -51.60
C THR IA 540 47.93 -45.90 -51.44
N VAL IA 541 48.82 -44.99 -51.08
CA VAL IA 541 50.23 -45.30 -50.94
C VAL IA 541 50.60 -45.34 -49.47
N SER IA 542 51.10 -46.49 -48.99
CA SER IA 542 51.45 -46.70 -47.59
C SER IA 542 52.77 -46.04 -47.23
N HIS IA 543 53.07 -45.94 -45.93
CA HIS IA 543 54.33 -45.34 -45.50
C HIS IA 543 55.54 -46.12 -45.96
N GLU IA 544 55.42 -47.44 -45.98
CA GLU IA 544 56.53 -48.26 -46.41
C GLU IA 544 56.91 -47.94 -47.84
N GLU IA 545 55.91 -47.67 -48.66
CA GLU IA 545 56.15 -47.32 -50.04
C GLU IA 545 56.66 -45.91 -50.18
N GLN IA 546 56.06 -45.00 -49.43
CA GLN IA 546 56.36 -43.58 -49.53
C GLN IA 546 57.80 -43.25 -49.24
N GLU IA 547 58.46 -43.97 -48.35
CA GLU IA 547 59.86 -43.68 -48.09
C GLU IA 547 60.73 -43.85 -49.32
N SER IA 548 60.38 -44.79 -50.23
CA SER IA 548 61.20 -45.05 -51.40
C SER IA 548 60.92 -44.04 -52.52
N MET IA 549 59.88 -43.23 -52.35
CA MET IA 549 59.55 -42.22 -53.33
C MET IA 549 60.35 -40.97 -53.02
N ASN IA 550 60.61 -40.75 -51.74
CA ASN IA 550 61.32 -39.55 -51.32
C ASN IA 550 62.84 -39.69 -51.34
N VAL IA 551 63.35 -40.83 -50.89
CA VAL IA 551 64.79 -41.05 -50.88
C VAL IA 551 65.08 -42.36 -51.60
N HIS IA 552 65.99 -42.31 -52.56
CA HIS IA 552 66.29 -43.48 -53.36
C HIS IA 552 67.71 -43.39 -53.92
N GLY IA 553 68.33 -44.56 -54.10
CA GLY IA 553 69.68 -44.64 -54.64
C GLY IA 553 69.92 -43.91 -55.95
N THR IA 554 68.91 -43.78 -56.80
CA THR IA 554 69.08 -43.08 -58.06
C THR IA 554 68.88 -41.57 -58.00
N GLY IA 555 68.28 -41.05 -56.94
CA GLY IA 555 67.94 -39.64 -56.81
C GLY IA 555 66.66 -39.25 -57.53
N LYS IA 556 66.04 -40.19 -58.22
CA LYS IA 556 64.85 -39.94 -59.01
C LYS IA 556 63.59 -40.01 -58.17
N SER IA 557 63.46 -39.01 -57.32
CA SER IA 557 62.35 -38.86 -56.41
C SER IA 557 61.04 -38.64 -57.10
N VAL IA 558 59.96 -39.08 -56.48
CA VAL IA 558 58.60 -38.85 -56.98
C VAL IA 558 57.77 -38.23 -55.86
N ASN IA 559 57.08 -37.14 -56.14
CA ASN IA 559 56.29 -36.47 -55.12
C ASN IA 559 54.94 -37.20 -54.98
N ALA IA 560 54.40 -37.26 -53.76
CA ALA IA 560 53.17 -38.04 -53.56
C ALA IA 560 51.90 -37.21 -53.40
N ILE IA 561 50.80 -37.75 -53.89
CA ILE IA 561 49.50 -37.15 -53.67
C ILE IA 561 48.81 -37.99 -52.59
N ARG IA 562 48.40 -37.36 -51.48
CA ARG IA 562 47.82 -38.08 -50.34
C ARG IA 562 46.53 -37.50 -49.77
N SER IA 563 45.71 -38.38 -49.22
CA SER IA 563 44.49 -38.01 -48.53
C SER IA 563 44.67 -37.96 -47.01
N PHE IA 564 44.30 -36.84 -46.40
CA PHE IA 564 44.42 -36.70 -44.95
C PHE IA 564 43.05 -36.50 -44.30
N VAL IA 565 42.90 -37.04 -43.10
CA VAL IA 565 41.62 -36.97 -42.42
C VAL IA 565 41.26 -35.54 -42.05
N GLY IA 566 40.09 -35.12 -42.47
CA GLY IA 566 39.58 -33.78 -42.21
C GLY IA 566 40.12 -32.72 -43.15
N LYS IA 567 40.99 -33.10 -44.08
CA LYS IA 567 41.59 -32.12 -44.97
C LYS IA 567 41.32 -32.39 -46.45
N GLY IA 568 41.31 -33.64 -46.86
CA GLY IA 568 41.17 -33.95 -48.26
C GLY IA 568 42.51 -34.21 -48.90
N THR IA 569 42.61 -34.01 -50.21
CA THR IA 569 43.81 -34.40 -50.95
C THR IA 569 44.84 -33.27 -51.01
N LEU IA 570 46.05 -33.56 -50.52
CA LEU IA 570 47.19 -32.64 -50.49
C LEU IA 570 48.40 -33.14 -51.27
N VAL IA 571 49.23 -32.20 -51.72
CA VAL IA 571 50.51 -32.51 -52.33
C VAL IA 571 51.58 -32.67 -51.25
N TRP IA 572 52.21 -33.84 -51.17
CA TRP IA 572 53.16 -34.12 -50.10
C TRP IA 572 54.60 -34.33 -50.64
N GLY IA 573 55.45 -33.34 -50.46
CA GLY IA 573 56.81 -33.36 -50.99
C GLY IA 573 56.98 -32.45 -52.21
N ALA IA 574 58.18 -31.89 -52.36
CA ALA IA 574 58.47 -30.99 -53.47
C ALA IA 574 59.92 -31.06 -53.95
N ARG IA 575 60.36 -32.25 -54.31
CA ARG IA 575 61.72 -32.43 -54.79
C ARG IA 575 61.78 -32.65 -56.29
N THR IA 576 62.98 -32.42 -56.83
CA THR IA 576 63.33 -32.58 -58.24
C THR IA 576 63.82 -33.99 -58.54
N LEU IA 577 64.05 -34.29 -59.82
CA LEU IA 577 64.57 -35.60 -60.23
C LEU IA 577 66.07 -35.78 -59.94
N ALA IA 578 66.68 -34.83 -59.26
CA ALA IA 578 68.05 -34.88 -58.79
C ALA IA 578 68.00 -34.63 -57.30
N GLY IA 579 67.18 -35.42 -56.62
CA GLY IA 579 66.78 -35.24 -55.24
C GLY IA 579 67.85 -35.45 -54.19
N ASN IA 580 68.99 -36.00 -54.56
CA ASN IA 580 70.06 -36.18 -53.60
C ASN IA 580 71.12 -35.12 -53.79
N ASP IA 581 70.92 -34.24 -54.75
CA ASP IA 581 71.93 -33.23 -55.04
C ASP IA 581 71.99 -32.21 -53.92
N ASN IA 582 73.20 -31.75 -53.63
CA ASN IA 582 73.38 -30.75 -52.59
C ASN IA 582 72.87 -29.36 -52.95
N GLU IA 583 72.79 -29.02 -54.24
CA GLU IA 583 72.33 -27.69 -54.59
C GLU IA 583 70.95 -27.66 -55.21
N TRP IA 584 70.63 -28.65 -56.06
CA TRP IA 584 69.40 -28.63 -56.85
C TRP IA 584 68.29 -29.63 -56.49
N ARG IA 585 68.23 -30.10 -55.24
CA ARG IA 585 67.18 -31.07 -54.88
C ARG IA 585 65.79 -30.47 -54.71
N TYR IA 586 65.66 -29.17 -54.44
CA TYR IA 586 64.34 -28.60 -54.25
C TYR IA 586 63.82 -27.89 -55.48
N ILE IA 587 62.52 -28.01 -55.71
CA ILE IA 587 61.89 -27.37 -56.86
C ILE IA 587 62.01 -25.86 -56.76
N SER IA 588 61.68 -25.31 -55.60
CA SER IA 588 61.68 -23.86 -55.39
C SER IA 588 63.05 -23.23 -55.58
N VAL IA 589 64.11 -23.96 -55.28
CA VAL IA 589 65.43 -23.40 -55.46
C VAL IA 589 65.74 -23.27 -56.95
N ARG IA 590 65.46 -24.33 -57.71
CA ARG IA 590 65.70 -24.30 -59.16
C ARG IA 590 64.83 -23.28 -59.88
N ARG IA 591 63.58 -23.13 -59.48
CA ARG IA 591 62.72 -22.17 -60.15
C ARG IA 591 63.14 -20.74 -59.81
N PHE IA 592 63.55 -20.47 -58.56
CA PHE IA 592 64.03 -19.14 -58.21
C PHE IA 592 65.18 -18.73 -59.10
N PHE IA 593 66.17 -19.59 -59.26
CA PHE IA 593 67.29 -19.25 -60.11
C PHE IA 593 66.87 -18.96 -61.53
N ASN IA 594 65.98 -19.77 -62.11
CA ASN IA 594 65.61 -19.49 -63.50
C ASN IA 594 65.04 -18.08 -63.63
N MET IA 595 64.19 -17.69 -62.66
CA MET IA 595 63.59 -16.37 -62.65
C MET IA 595 64.63 -15.27 -62.51
N ALA IA 596 65.50 -15.39 -61.50
CA ALA IA 596 66.46 -14.34 -61.23
C ALA IA 596 67.41 -14.15 -62.41
N GLU IA 597 67.83 -15.24 -63.03
CA GLU IA 597 68.76 -15.12 -64.14
C GLU IA 597 68.13 -14.44 -65.34
N GLU IA 598 66.88 -14.75 -65.65
CA GLU IA 598 66.21 -14.10 -66.77
C GLU IA 598 66.08 -12.60 -66.56
N SER IA 599 65.71 -12.18 -65.34
CA SER IA 599 65.55 -10.76 -65.07
C SER IA 599 66.86 -10.00 -65.20
N ILE IA 600 67.95 -10.57 -64.68
CA ILE IA 600 69.22 -9.88 -64.81
C ILE IA 600 69.63 -9.81 -66.27
N LYS IA 601 69.50 -10.91 -67.00
CA LYS IA 601 69.87 -10.93 -68.41
C LYS IA 601 69.20 -9.80 -69.18
N LYS IA 602 67.90 -9.59 -68.95
CA LYS IA 602 67.22 -8.50 -69.64
C LYS IA 602 67.75 -7.13 -69.24
N ALA IA 603 68.02 -6.94 -67.95
CA ALA IA 603 68.54 -5.67 -67.45
C ALA IA 603 69.89 -5.29 -68.09
N THR IA 604 70.71 -6.28 -68.43
CA THR IA 604 72.04 -5.97 -68.97
C THR IA 604 72.03 -5.73 -70.49
N GLU IA 605 70.89 -5.88 -71.18
CA GLU IA 605 70.90 -5.69 -72.64
C GLU IA 605 71.28 -4.27 -73.04
N GLN IA 606 70.94 -3.29 -72.22
CA GLN IA 606 71.22 -1.89 -72.50
C GLN IA 606 72.71 -1.57 -72.59
N PHE IA 607 73.60 -2.45 -72.14
CA PHE IA 607 75.03 -2.18 -72.20
C PHE IA 607 75.76 -2.93 -73.30
N VAL IA 608 75.05 -3.63 -74.18
CA VAL IA 608 75.72 -4.51 -75.15
C VAL IA 608 76.70 -3.82 -76.08
N PHE IA 609 76.38 -2.63 -76.57
CA PHE IA 609 77.30 -1.99 -77.51
C PHE IA 609 78.06 -0.84 -76.88
N GLU IA 610 78.16 -0.81 -75.55
CA GLU IA 610 78.90 0.24 -74.87
C GLU IA 610 80.39 -0.08 -74.89
N PRO IA 611 81.28 0.92 -74.74
CA PRO IA 611 82.72 0.73 -74.62
C PRO IA 611 83.05 -0.20 -73.47
N ASN IA 612 84.09 -1.01 -73.63
CA ASN IA 612 84.47 -1.98 -72.61
C ASN IA 612 85.60 -1.37 -71.79
N ASP IA 613 85.22 -0.66 -70.72
CA ASP IA 613 86.15 0.06 -69.86
C ASP IA 613 85.48 0.28 -68.49
N GLY IA 614 86.22 0.91 -67.57
CA GLY IA 614 85.79 1.15 -66.20
C GLY IA 614 84.48 1.90 -66.04
N ASN IA 615 84.17 2.81 -66.98
CA ASN IA 615 82.95 3.59 -66.88
C ASN IA 615 81.70 2.78 -67.20
N THR IA 616 81.86 1.58 -67.74
CA THR IA 616 80.75 0.71 -68.03
C THR IA 616 80.69 -0.34 -66.95
N TRP IA 617 81.86 -0.86 -66.57
CA TRP IA 617 81.91 -1.95 -65.59
C TRP IA 617 81.21 -1.54 -64.30
N VAL IA 618 81.42 -0.31 -63.88
CA VAL IA 618 80.80 0.23 -62.68
C VAL IA 618 79.28 0.37 -62.79
N ARG IA 619 78.76 0.74 -63.96
CA ARG IA 619 77.34 0.87 -64.16
C ARG IA 619 76.64 -0.47 -64.16
N VAL IA 620 77.26 -1.50 -64.72
CA VAL IA 620 76.72 -2.85 -64.75
C VAL IA 620 76.62 -3.38 -63.34
N ARG IA 621 77.67 -3.18 -62.54
CA ARG IA 621 77.61 -3.61 -61.15
C ARG IA 621 76.51 -2.94 -60.36
N ALA IA 622 76.36 -1.62 -60.46
CA ALA IA 622 75.37 -0.95 -59.66
C ALA IA 622 73.97 -1.47 -59.95
N MET IA 623 73.67 -1.70 -61.21
CA MET IA 623 72.38 -2.19 -61.60
C MET IA 623 72.08 -3.58 -61.07
N ILE IA 624 73.03 -4.49 -61.18
CA ILE IA 624 72.80 -5.85 -60.71
C ILE IA 624 72.58 -5.85 -59.21
N GLU IA 625 73.38 -5.08 -58.48
CA GLU IA 625 73.23 -5.01 -57.04
C GLU IA 625 71.86 -4.48 -56.64
N ASN IA 626 71.31 -3.51 -57.37
CA ASN IA 626 69.99 -3.00 -57.05
C ASN IA 626 68.91 -4.07 -57.21
N PHE IA 627 69.02 -4.89 -58.26
CA PHE IA 627 68.07 -5.98 -58.42
C PHE IA 627 68.12 -6.93 -57.24
N LEU IA 628 69.32 -7.33 -56.88
CA LEU IA 628 69.51 -8.31 -55.82
C LEU IA 628 69.13 -7.80 -54.45
N ILE IA 629 69.35 -6.51 -54.16
CA ILE IA 629 68.98 -6.03 -52.84
C ILE IA 629 67.48 -6.10 -52.65
N LEU IA 630 66.69 -5.88 -53.72
CA LEU IA 630 65.25 -5.99 -53.61
C LEU IA 630 64.83 -7.42 -53.32
N GLN IA 631 65.48 -8.39 -53.97
CA GLN IA 631 65.16 -9.80 -53.74
C GLN IA 631 65.46 -10.21 -52.32
N TRP IA 632 66.54 -9.65 -51.77
CA TRP IA 632 66.92 -9.91 -50.40
C TRP IA 632 65.86 -9.38 -49.43
N ARG IA 633 65.41 -8.13 -49.62
CA ARG IA 633 64.39 -7.58 -48.73
C ARG IA 633 63.09 -8.36 -48.80
N ALA IA 634 62.77 -8.89 -49.99
CA ALA IA 634 61.57 -9.68 -50.25
C ALA IA 634 61.58 -11.04 -49.57
N GLY IA 635 62.73 -11.51 -49.08
CA GLY IA 635 62.81 -12.81 -48.44
C GLY IA 635 63.27 -13.97 -49.33
N ALA IA 636 63.84 -13.70 -50.50
CA ALA IA 636 64.30 -14.81 -51.33
C ALA IA 636 65.71 -15.26 -50.96
N LEU IA 637 66.54 -14.30 -50.62
CA LEU IA 637 67.95 -14.55 -50.33
C LEU IA 637 68.20 -14.58 -48.83
N ALA IA 638 69.15 -15.42 -48.45
CA ALA IA 638 69.58 -15.61 -47.08
C ALA IA 638 70.64 -14.58 -46.68
N GLY IA 639 70.83 -14.36 -45.38
CA GLY IA 639 71.89 -13.46 -44.89
C GLY IA 639 71.40 -12.26 -44.08
N ALA IA 640 72.08 -12.00 -42.95
CA ALA IA 640 71.75 -10.90 -42.02
C ALA IA 640 71.88 -9.50 -42.64
N LYS IA 641 72.86 -9.34 -43.51
CA LYS IA 641 73.11 -8.09 -44.20
C LYS IA 641 73.62 -8.49 -45.59
N PRO IA 642 73.55 -7.60 -46.60
CA PRO IA 642 73.92 -7.88 -48.01
C PRO IA 642 75.27 -8.57 -48.18
N GLU IA 643 76.23 -8.25 -47.33
CA GLU IA 643 77.55 -8.89 -47.39
C GLU IA 643 77.53 -10.40 -47.25
N HIS IA 644 76.45 -10.95 -46.73
CA HIS IA 644 76.30 -12.37 -46.53
C HIS IA 644 75.28 -12.98 -47.47
N ALA IA 645 74.65 -12.17 -48.30
CA ALA IA 645 73.60 -12.64 -49.19
C ALA IA 645 74.07 -12.76 -50.62
N PHE IA 646 74.84 -11.79 -51.08
CA PHE IA 646 75.26 -11.83 -52.47
C PHE IA 646 76.50 -11.02 -52.77
N TYR IA 647 77.10 -11.28 -53.93
CA TYR IA 647 78.17 -10.41 -54.39
C TYR IA 647 78.21 -10.37 -55.90
N VAL IA 648 78.82 -9.31 -56.43
CA VAL IA 648 79.05 -9.13 -57.87
C VAL IA 648 80.50 -8.65 -58.09
N LYS IA 649 81.24 -9.33 -58.98
CA LYS IA 649 82.63 -8.92 -59.27
C LYS IA 649 82.85 -8.67 -60.76
N VAL IA 650 83.39 -7.50 -61.09
CA VAL IA 650 83.68 -7.16 -62.48
C VAL IA 650 85.00 -6.41 -62.56
N GLY IA 651 85.92 -6.81 -63.43
CA GLY IA 651 87.10 -5.98 -63.59
C GLY IA 651 88.29 -6.67 -64.22
N LEU IA 652 89.21 -5.85 -64.72
CA LEU IA 652 90.38 -6.42 -65.34
C LEU IA 652 91.31 -6.76 -64.19
N GLY IA 653 91.83 -7.98 -64.22
CA GLY IA 653 92.63 -8.48 -63.15
C GLY IA 653 91.80 -9.24 -62.14
N GLN IA 654 90.47 -9.14 -62.24
CA GLN IA 654 89.58 -9.84 -61.33
C GLN IA 654 88.85 -10.94 -62.07
N THR IA 655 88.18 -10.55 -63.16
CA THR IA 655 87.40 -11.47 -63.97
C THR IA 655 87.84 -11.48 -65.43
N MET IA 656 88.55 -10.44 -65.87
CA MET IA 656 88.98 -10.27 -67.26
C MET IA 656 90.48 -10.11 -67.45
N THR IA 657 90.95 -10.47 -68.66
CA THR IA 657 92.34 -10.18 -68.97
C THR IA 657 92.47 -9.33 -70.23
N ALA IA 658 93.71 -9.01 -70.59
CA ALA IA 658 93.96 -8.15 -71.75
C ALA IA 658 93.37 -8.72 -73.03
N GLN IA 659 93.44 -10.04 -73.15
CA GLN IA 659 92.92 -10.72 -74.31
C GLN IA 659 91.42 -10.60 -74.44
N ASP IA 660 90.69 -10.47 -73.33
CA ASP IA 660 89.24 -10.37 -73.41
C ASP IA 660 88.88 -9.00 -73.87
N ILE IA 661 89.68 -8.03 -73.48
CA ILE IA 661 89.38 -6.69 -73.94
C ILE IA 661 89.56 -6.66 -75.45
N LEU IA 662 90.60 -7.32 -75.95
CA LEU IA 662 90.87 -7.36 -77.38
C LEU IA 662 89.77 -8.12 -78.14
N GLU IA 663 89.29 -9.24 -77.58
CA GLU IA 663 88.22 -10.03 -78.19
C GLU IA 663 86.88 -9.32 -78.15
N GLY IA 664 86.64 -8.56 -77.09
CA GLY IA 664 85.38 -7.87 -76.88
C GLY IA 664 84.49 -8.57 -75.87
N ASN IA 665 85.08 -9.32 -74.94
CA ASN IA 665 84.33 -10.02 -73.92
C ASN IA 665 84.26 -9.23 -72.64
N MET IA 666 83.21 -9.48 -71.86
CA MET IA 666 83.10 -8.91 -70.53
C MET IA 666 82.61 -9.98 -69.58
N ASN IA 667 83.37 -10.20 -68.51
CA ASN IA 667 83.08 -11.26 -67.55
C ASN IA 667 82.53 -10.77 -66.21
N VAL IA 668 81.32 -11.19 -65.88
CA VAL IA 668 80.70 -10.77 -64.63
C VAL IA 668 80.43 -11.97 -63.75
N GLU IA 669 80.95 -11.95 -62.52
CA GLU IA 669 80.75 -13.08 -61.60
C GLU IA 669 79.77 -12.74 -60.49
N ILE IA 670 78.78 -13.59 -60.27
CA ILE IA 670 77.74 -13.37 -59.28
C ILE IA 670 77.57 -14.57 -58.36
N GLY IA 671 77.44 -14.35 -57.06
CA GLY IA 671 77.16 -15.43 -56.12
C GLY IA 671 75.90 -15.11 -55.34
N LEU IA 672 75.15 -16.15 -54.91
CA LEU IA 672 73.89 -15.97 -54.17
C LEU IA 672 73.64 -16.99 -53.07
N ALA IA 673 73.25 -16.53 -51.88
CA ALA IA 673 72.84 -17.44 -50.81
C ALA IA 673 71.32 -17.54 -50.78
N VAL IA 674 70.75 -18.74 -50.84
CA VAL IA 674 69.29 -18.79 -50.95
C VAL IA 674 68.67 -19.53 -49.78
N VAL IA 675 67.39 -19.25 -49.58
CA VAL IA 675 66.57 -19.85 -48.53
C VAL IA 675 66.05 -21.22 -48.93
N ARG IA 676 66.18 -22.20 -48.02
CA ARG IA 676 65.71 -23.57 -48.23
C ARG IA 676 64.62 -23.89 -47.20
N PRO IA 677 63.64 -24.77 -47.53
CA PRO IA 677 62.50 -25.15 -46.69
C PRO IA 677 62.79 -26.12 -45.56
N ALA IA 678 61.93 -26.12 -44.54
CA ALA IA 678 61.99 -27.15 -43.52
C ALA IA 678 61.12 -28.34 -43.90
N GLU IA 679 61.64 -29.55 -43.79
CA GLU IA 679 60.86 -30.75 -44.09
C GLU IA 679 60.54 -31.59 -42.85
N PHE IA 680 61.34 -31.49 -41.81
CA PHE IA 680 61.17 -32.37 -40.66
C PHE IA 680 61.10 -31.57 -39.38
N ILE IA 681 60.31 -32.06 -38.43
CA ILE IA 681 60.21 -31.46 -37.11
C ILE IA 681 60.53 -32.48 -36.05
N ILE IA 682 61.49 -32.16 -35.20
CA ILE IA 682 61.90 -33.07 -34.16
C ILE IA 682 61.62 -32.49 -32.79
N LEU IA 683 60.87 -33.21 -31.97
CA LEU IA 683 60.54 -32.76 -30.63
C LEU IA 683 61.30 -33.52 -29.56
N LYS IA 684 61.53 -32.85 -28.45
CA LYS IA 684 62.17 -33.43 -27.27
C LYS IA 684 61.50 -32.87 -26.02
N PHE IA 685 61.34 -33.70 -24.99
CA PHE IA 685 60.75 -33.26 -23.74
C PHE IA 685 61.66 -33.57 -22.56
N SER IA 686 61.69 -32.69 -21.55
CA SER IA 686 62.43 -32.96 -20.33
C SER IA 686 61.67 -32.28 -19.18
N HIS IA 687 61.90 -32.76 -17.97
CA HIS IA 687 61.18 -32.27 -16.82
C HIS IA 687 62.04 -32.04 -15.59
N LYS IA 688 61.47 -31.26 -14.67
CA LYS IA 688 62.00 -31.05 -13.33
C LYS IA 688 60.86 -31.13 -12.33
N MET IA 689 61.18 -31.46 -11.09
CA MET IA 689 60.18 -31.48 -10.04
C MET IA 689 60.06 -30.11 -9.42
N GLN IA 690 58.85 -29.73 -9.05
CA GLN IA 690 58.66 -28.44 -8.42
C GLN IA 690 59.49 -28.32 -7.15
N THR JA 3 68.64 -39.62 -39.85
CA THR JA 3 68.10 -39.68 -41.21
C THR JA 3 66.63 -39.91 -41.27
N TYR JA 4 65.94 -39.00 -41.92
CA TYR JA 4 64.51 -39.12 -42.10
C TYR JA 4 64.26 -39.12 -43.58
N LYS JA 5 63.22 -39.81 -44.02
CA LYS JA 5 62.92 -39.86 -45.44
C LYS JA 5 61.57 -39.27 -45.80
N THR JA 6 60.62 -39.31 -44.89
CA THR JA 6 59.26 -38.84 -45.14
C THR JA 6 59.00 -37.57 -44.33
N PRO JA 7 58.53 -36.48 -44.95
CA PRO JA 7 58.19 -35.25 -44.22
C PRO JA 7 57.22 -35.55 -43.11
N GLY JA 8 57.43 -34.98 -41.94
CA GLY JA 8 56.54 -35.25 -40.84
C GLY JA 8 57.08 -34.75 -39.52
N VAL JA 9 56.35 -35.06 -38.47
CA VAL JA 9 56.72 -34.66 -37.12
C VAL JA 9 57.20 -35.89 -36.37
N TYR JA 10 58.39 -35.82 -35.85
CA TYR JA 10 58.98 -36.95 -35.16
C TYR JA 10 59.27 -36.60 -33.72
N ILE JA 11 59.16 -37.59 -32.85
CA ILE JA 11 59.48 -37.45 -31.44
C ILE JA 11 60.65 -38.33 -31.11
N GLU JA 12 61.69 -37.77 -30.53
CA GLU JA 12 62.89 -38.52 -30.24
C GLU JA 12 63.29 -38.36 -28.79
N GLU JA 13 63.76 -39.46 -28.18
CA GLU JA 13 64.25 -39.46 -26.81
C GLU JA 13 65.64 -38.84 -26.71
N ILE JA 14 66.52 -39.16 -27.65
CA ILE JA 14 67.89 -38.71 -27.62
C ILE JA 14 68.26 -37.91 -28.83
N THR JA 15 68.65 -36.67 -28.60
CA THR JA 15 69.02 -35.80 -29.70
C THR JA 15 70.33 -35.09 -29.38
N LYS JA 16 70.96 -34.53 -30.41
CA LYS JA 16 72.15 -33.73 -30.26
C LYS JA 16 71.76 -32.28 -30.38
N PHE JA 17 72.40 -31.42 -29.60
CA PHE JA 17 72.08 -30.02 -29.65
C PHE JA 17 73.22 -29.25 -30.29
N PRO JA 18 72.92 -28.13 -30.95
CA PRO JA 18 73.87 -27.17 -31.58
C PRO JA 18 74.37 -26.01 -30.69
N PRO JA 19 75.31 -26.20 -29.75
CA PRO JA 19 75.85 -25.09 -28.96
C PRO JA 19 76.69 -24.29 -29.91
N SER JA 20 76.89 -23.00 -29.66
CA SER JA 20 77.70 -22.22 -30.59
C SER JA 20 78.36 -20.95 -30.11
N VAL JA 21 77.77 -20.26 -29.15
CA VAL JA 21 78.32 -18.97 -28.73
C VAL JA 21 78.92 -18.98 -27.34
N ALA JA 22 80.20 -18.70 -27.28
CA ALA JA 22 80.92 -18.59 -26.03
C ALA JA 22 80.88 -17.15 -25.58
N GLN JA 23 81.02 -16.93 -24.28
CA GLN JA 23 81.06 -15.58 -23.76
C GLN JA 23 81.98 -15.61 -22.54
N VAL JA 24 82.44 -14.44 -22.12
CA VAL JA 24 83.32 -14.42 -20.95
C VAL JA 24 82.52 -14.54 -19.68
N GLU JA 25 82.93 -15.49 -18.84
CA GLU JA 25 82.34 -15.75 -17.55
C GLU JA 25 83.47 -15.95 -16.56
N THR JA 26 83.17 -15.76 -15.27
CA THR JA 26 84.17 -15.88 -14.22
C THR JA 26 84.12 -17.18 -13.41
N ALA JA 27 83.01 -17.92 -13.45
CA ALA JA 27 82.88 -19.17 -12.68
C ALA JA 27 83.00 -20.40 -13.57
N ILE JA 28 84.17 -20.74 -14.08
CA ILE JA 28 84.27 -21.88 -15.00
C ILE JA 28 85.14 -22.97 -14.39
N PRO JA 29 84.57 -24.04 -13.89
CA PRO JA 29 85.33 -25.11 -13.29
C PRO JA 29 85.85 -26.09 -14.30
N ALA JA 30 86.94 -26.73 -13.93
CA ALA JA 30 87.36 -27.93 -14.61
C ALA JA 30 87.19 -29.10 -13.65
N PHE JA 31 86.71 -30.22 -14.17
CA PHE JA 31 86.51 -31.42 -13.38
C PHE JA 31 87.40 -32.54 -13.89
N ILE JA 32 88.33 -32.99 -13.05
CA ILE JA 32 89.28 -34.04 -13.45
C ILE JA 32 88.96 -35.38 -12.77
N GLY JA 33 88.64 -36.43 -13.54
CA GLY JA 33 88.28 -37.74 -12.93
C GLY JA 33 87.94 -38.86 -13.94
N TYR JA 34 87.26 -39.92 -13.49
CA TYR JA 34 86.99 -41.06 -14.38
C TYR JA 34 85.59 -41.08 -14.98
N THR JA 35 85.44 -41.59 -16.21
CA THR JA 35 84.13 -41.70 -16.87
C THR JA 35 83.84 -43.11 -17.44
N GLN JA 36 82.61 -43.34 -17.88
CA GLN JA 36 82.25 -44.63 -18.46
C GLN JA 36 82.98 -44.90 -19.76
N PHE JA 37 83.09 -43.88 -20.60
CA PHE JA 37 83.73 -43.92 -21.90
C PHE JA 37 84.21 -42.52 -22.25
N ALA JA 38 84.88 -42.39 -23.40
CA ALA JA 38 85.42 -41.09 -23.77
C ALA JA 38 85.55 -40.96 -25.27
N ARG JA 39 84.42 -40.84 -25.98
CA ARG JA 39 84.53 -40.89 -27.44
C ARG JA 39 83.92 -39.72 -28.19
N THR JA 40 84.70 -39.23 -29.15
CA THR JA 40 84.32 -38.11 -30.00
C THR JA 40 83.06 -38.42 -30.80
N LYS JA 41 83.02 -39.60 -31.35
CA LYS JA 41 81.88 -40.02 -32.14
C LYS JA 41 80.97 -40.91 -31.32
N PRO JA 42 79.70 -40.51 -31.12
CA PRO JA 42 78.71 -41.24 -30.34
C PRO JA 42 78.59 -42.72 -30.68
N SER JA 43 78.85 -43.11 -31.93
CA SER JA 43 78.71 -44.51 -32.28
C SER JA 43 79.97 -45.20 -32.83
N VAL JA 44 81.10 -45.05 -32.16
CA VAL JA 44 82.30 -45.82 -32.50
C VAL JA 44 82.77 -46.54 -31.25
N ASP JA 45 83.64 -47.54 -31.41
CA ASP JA 45 84.11 -48.25 -30.22
C ASP JA 45 85.30 -47.56 -29.53
N SER JA 46 86.08 -46.77 -30.25
CA SER JA 46 87.27 -46.13 -29.69
C SER JA 46 87.01 -44.99 -28.71
N ASP JA 47 87.86 -44.92 -27.69
CA ASP JA 47 87.92 -43.82 -26.73
C ASP JA 47 89.07 -42.89 -27.13
N ASP JA 48 88.76 -41.63 -27.39
CA ASP JA 48 89.76 -40.69 -27.86
C ASP JA 48 89.69 -39.30 -27.23
N LEU JA 49 88.81 -39.10 -26.23
CA LEU JA 49 88.68 -37.83 -25.55
C LEU JA 49 89.31 -37.83 -24.19
N ILE JA 50 90.01 -38.87 -23.80
CA ILE JA 50 90.40 -38.97 -22.39
C ILE JA 50 91.22 -37.76 -21.92
N LEU JA 51 92.33 -37.45 -22.59
CA LEU JA 51 93.12 -36.33 -22.13
C LEU JA 51 92.95 -35.13 -23.02
N LYS JA 52 91.76 -34.96 -23.58
CA LYS JA 52 91.45 -33.82 -24.42
C LYS JA 52 90.34 -32.99 -23.76
N PRO JA 53 90.65 -31.92 -23.03
CA PRO JA 53 89.65 -31.14 -22.31
C PRO JA 53 88.53 -30.74 -23.23
N LYS JA 54 87.29 -30.92 -22.79
CA LYS JA 54 86.16 -30.59 -23.63
C LYS JA 54 85.16 -29.72 -22.91
N ARG JA 55 84.52 -28.83 -23.65
CA ARG JA 55 83.49 -27.94 -23.15
C ARG JA 55 82.10 -28.58 -23.22
N ILE JA 56 81.43 -28.61 -22.07
CA ILE JA 56 80.11 -29.20 -21.84
C ILE JA 56 79.12 -28.12 -21.38
N SER JA 57 77.92 -28.06 -21.98
CA SER JA 57 76.93 -27.05 -21.57
C SER JA 57 75.91 -27.61 -20.59
N SER JA 58 75.64 -28.91 -20.65
CA SER JA 58 74.66 -29.54 -19.76
C SER JA 58 74.94 -31.02 -19.62
N LEU JA 59 74.14 -31.72 -18.81
CA LEU JA 59 74.22 -33.18 -18.64
C LEU JA 59 73.91 -33.87 -19.93
N LEU JA 60 73.12 -33.20 -20.77
CA LEU JA 60 72.77 -33.71 -22.07
C LEU JA 60 73.99 -33.85 -22.97
N ASP JA 61 75.05 -33.09 -22.74
CA ASP JA 61 76.22 -33.26 -23.56
C ASP JA 61 77.10 -34.29 -22.91
N PHE JA 62 77.20 -34.25 -21.58
CA PHE JA 62 78.09 -35.16 -20.88
C PHE JA 62 77.73 -36.62 -21.19
N THR JA 63 76.44 -36.91 -21.12
CA THR JA 63 75.89 -38.23 -21.36
C THR JA 63 76.17 -38.80 -22.75
N THR JA 64 76.53 -37.97 -23.74
CA THR JA 64 76.77 -38.51 -25.07
C THR JA 64 78.24 -38.71 -25.38
N TYR JA 65 79.15 -38.28 -24.51
CA TYR JA 65 80.57 -38.41 -24.78
C TYR JA 65 81.26 -39.21 -23.71
N TYR JA 66 80.77 -39.09 -22.48
CA TYR JA 66 81.36 -39.72 -21.33
C TYR JA 66 80.44 -40.77 -20.73
N GLY JA 67 79.13 -40.53 -20.74
CA GLY JA 67 78.17 -41.51 -20.23
C GLY JA 67 77.63 -41.23 -18.83
N GLY JA 68 77.11 -42.30 -18.19
CA GLY JA 68 76.42 -42.21 -16.90
C GLY JA 68 77.23 -42.76 -15.72
N ALA JA 69 76.54 -43.29 -14.71
CA ALA JA 69 77.17 -43.82 -13.50
C ALA JA 69 77.39 -45.34 -13.62
N GLN JA 70 78.24 -45.88 -12.74
CA GLN JA 70 78.48 -47.33 -12.66
C GLN JA 70 77.43 -48.00 -11.78
N ASN JA 71 76.97 -49.20 -12.16
CA ASN JA 71 76.02 -49.96 -11.33
C ASN JA 71 76.66 -50.47 -10.05
N GLU JA 72 76.01 -50.23 -8.91
CA GLU JA 72 76.53 -50.71 -7.64
C GLU JA 72 76.48 -52.22 -7.56
N GLN JA 73 77.50 -52.82 -6.95
CA GLN JA 73 77.58 -54.27 -6.79
C GLN JA 73 77.33 -54.73 -5.35
N GLY JA 74 77.09 -53.78 -4.44
CA GLY JA 74 76.95 -54.05 -3.02
C GLY JA 74 75.54 -54.18 -2.46
N ILE JA 75 74.51 -54.27 -3.30
CA ILE JA 75 73.14 -54.33 -2.78
C ILE JA 75 72.76 -55.75 -2.41
N THR JA 76 72.33 -55.92 -1.18
CA THR JA 76 71.89 -57.17 -0.59
C THR JA 76 70.42 -57.13 -0.27
N VAL JA 77 69.71 -58.22 -0.56
CA VAL JA 77 68.30 -58.33 -0.21
C VAL JA 77 68.07 -59.61 0.57
N LYS JA 78 67.42 -59.49 1.73
CA LYS JA 78 67.12 -60.64 2.57
C LYS JA 78 65.65 -60.77 2.95
N LEU JA 79 65.10 -61.96 2.75
CA LEU JA 79 63.71 -62.23 3.11
C LEU JA 79 63.64 -63.30 4.19
N THR JA 80 62.70 -63.15 5.15
CA THR JA 80 62.48 -64.19 6.17
C THR JA 80 61.00 -64.58 6.34
N ASP JA 81 60.70 -65.89 6.26
CA ASP JA 81 59.34 -66.44 6.45
C ASP JA 81 59.10 -67.00 7.86
N THR JA 82 58.09 -66.50 8.57
CA THR JA 82 57.71 -67.04 9.90
C THR JA 82 56.20 -67.29 10.07
N LEU JA 83 55.83 -68.12 11.04
CA LEU JA 83 54.43 -68.44 11.21
C LEU JA 83 53.85 -67.70 12.42
N ILE JA 84 52.71 -67.05 12.21
CA ILE JA 84 51.96 -66.39 13.26
C ILE JA 84 50.63 -67.08 13.42
N GLU JA 85 50.39 -67.71 14.59
CA GLU JA 85 49.16 -68.45 14.92
C GLU JA 85 48.70 -69.44 13.85
N GLY JA 86 49.64 -69.80 12.98
CA GLY JA 86 49.45 -70.64 11.76
C GLY JA 86 49.61 -69.90 10.44
N ALA JA 87 49.57 -68.57 10.45
CA ALA JA 87 49.59 -67.81 9.20
C ALA JA 87 51.02 -67.44 8.85
N GLU JA 88 51.34 -67.39 7.57
CA GLU JA 88 52.67 -66.94 7.22
C GLU JA 88 52.81 -65.43 7.25
N ASN JA 89 54.00 -64.98 7.66
CA ASN JA 89 54.36 -63.57 7.73
C ASN JA 89 55.77 -63.32 7.21
N ARG JA 90 55.92 -62.53 6.14
CA ARG JA 90 57.23 -62.30 5.55
C ARG JA 90 57.83 -60.94 5.89
N THR JA 91 59.10 -60.95 6.30
CA THR JA 91 59.87 -59.74 6.59
C THR JA 91 60.88 -59.45 5.49
N ILE JA 92 60.90 -58.21 5.02
CA ILE JA 92 61.80 -57.77 3.96
C ILE JA 92 62.86 -56.83 4.53
N ASN JA 93 64.14 -57.15 4.31
CA ASN JA 93 65.27 -56.37 4.84
C ASN JA 93 66.30 -56.02 3.75
N VAL JA 94 66.42 -54.73 3.44
CA VAL JA 94 67.41 -54.27 2.48
C VAL JA 94 68.31 -53.21 3.17
N PRO JA 95 69.49 -53.59 3.66
CA PRO JA 95 70.43 -52.73 4.41
C PRO JA 95 71.20 -51.80 3.49
N GLU JA 96 71.76 -50.74 4.07
CA GLU JA 96 72.64 -49.85 3.31
C GLU JA 96 73.91 -50.59 2.89
N PRO JA 97 74.34 -50.48 1.62
CA PRO JA 97 75.59 -51.09 1.13
C PRO JA 97 76.79 -50.58 1.89
N THR JA 98 77.77 -51.45 2.10
CA THR JA 98 79.02 -51.08 2.73
C THR JA 98 80.13 -50.93 1.71
N PHE JA 99 79.96 -51.55 0.56
CA PHE JA 99 80.92 -51.48 -0.52
C PHE JA 99 80.26 -50.73 -1.66
N LYS JA 100 80.81 -49.58 -2.00
CA LYS JA 100 80.22 -48.72 -3.01
C LYS JA 100 81.26 -48.40 -4.08
N SER JA 101 80.80 -48.13 -5.30
CA SER JA 101 81.72 -47.72 -6.36
C SER JA 101 82.43 -46.43 -5.99
N PRO JA 102 83.73 -46.30 -6.29
CA PRO JA 102 84.51 -45.10 -6.02
C PRO JA 102 84.36 -44.00 -7.06
N TYR JA 103 83.53 -44.16 -8.08
CA TYR JA 103 83.50 -43.17 -9.15
C TYR JA 103 82.31 -42.21 -9.03
N LEU JA 104 82.59 -40.95 -8.68
CA LEU JA 104 81.57 -39.94 -8.37
C LEU JA 104 81.35 -38.79 -9.36
N MET JA 105 82.04 -38.72 -10.51
CA MET JA 105 81.88 -37.54 -11.36
C MET JA 105 80.46 -37.31 -11.84
N PHE JA 106 79.74 -38.37 -12.19
CA PHE JA 106 78.40 -38.19 -12.69
C PHE JA 106 77.49 -37.53 -11.65
N TYR JA 107 77.53 -38.04 -10.42
CA TYR JA 107 76.70 -37.49 -9.35
C TYR JA 107 77.08 -36.05 -9.06
N SER JA 108 78.38 -35.75 -9.07
CA SER JA 108 78.85 -34.40 -8.81
C SER JA 108 78.34 -33.42 -9.85
N LEU JA 109 78.33 -33.81 -11.13
CA LEU JA 109 77.80 -32.92 -12.16
C LEU JA 109 76.31 -32.69 -11.96
N GLN JA 110 75.56 -33.71 -11.58
CA GLN JA 110 74.14 -33.46 -11.36
C GLN JA 110 73.93 -32.37 -10.30
N MET JA 111 74.74 -32.41 -9.23
CA MET JA 111 74.63 -31.40 -8.17
C MET JA 111 75.05 -30.02 -8.67
N TYR JA 112 76.12 -29.97 -9.47
CA TYR JA 112 76.63 -28.72 -10.04
C TYR JA 112 75.58 -28.00 -10.85
N PHE JA 113 74.93 -28.72 -11.76
CA PHE JA 113 73.92 -28.09 -12.58
C PHE JA 113 72.67 -27.74 -11.76
N ALA JA 114 72.29 -28.61 -10.82
CA ALA JA 114 71.11 -28.36 -9.96
C ALA JA 114 71.25 -27.08 -9.16
N ASN JA 115 72.48 -26.74 -8.79
CA ASN JA 115 72.77 -25.55 -8.02
C ASN JA 115 73.12 -24.33 -8.83
N GLY JA 116 72.88 -24.34 -10.14
CA GLY JA 116 73.08 -23.15 -10.95
C GLY JA 116 74.36 -23.04 -11.76
N GLY JA 117 75.12 -24.11 -11.91
CA GLY JA 117 76.33 -24.06 -12.70
C GLY JA 117 76.06 -23.85 -14.19
N GLY JA 118 77.05 -23.27 -14.88
CA GLY JA 118 77.00 -23.05 -16.31
C GLY JA 118 77.95 -24.00 -17.04
N PRO JA 119 78.45 -23.59 -18.21
CA PRO JA 119 79.38 -24.38 -19.04
C PRO JA 119 80.63 -24.72 -18.27
N CYS JA 120 81.21 -25.89 -18.54
CA CYS JA 120 82.40 -26.33 -17.80
C CYS JA 120 83.31 -27.23 -18.61
N TYR JA 121 84.51 -27.50 -18.06
CA TYR JA 121 85.45 -28.40 -18.73
C TYR JA 121 85.56 -29.77 -18.09
N ILE JA 122 85.56 -30.79 -18.95
CA ILE JA 122 85.74 -32.17 -18.52
C ILE JA 122 87.04 -32.74 -19.03
N VAL JA 123 87.82 -33.32 -18.12
CA VAL JA 123 89.04 -34.02 -18.45
C VAL JA 123 88.93 -35.40 -17.85
N SER JA 124 89.04 -36.44 -18.65
CA SER JA 124 88.96 -37.75 -18.07
C SER JA 124 90.35 -38.25 -17.83
N THR JA 125 90.53 -39.05 -16.84
CA THR JA 125 91.85 -39.58 -16.59
C THR JA 125 91.92 -41.03 -17.01
N GLY JA 126 90.80 -41.57 -17.41
CA GLY JA 126 90.67 -42.94 -17.81
C GLY JA 126 89.20 -43.30 -17.73
N VAL JA 127 88.92 -44.59 -17.90
CA VAL JA 127 87.55 -45.02 -17.86
C VAL JA 127 87.36 -46.09 -16.79
N TYR JA 128 86.12 -46.30 -16.42
CA TYR JA 128 85.72 -47.23 -15.36
C TYR JA 128 86.14 -48.67 -15.62
N ASP JA 129 86.60 -49.32 -14.57
CA ASP JA 129 86.93 -50.73 -14.63
C ASP JA 129 85.99 -51.56 -13.73
N ASP JA 130 86.27 -52.86 -13.65
CA ASP JA 130 85.42 -53.81 -12.94
C ASP JA 130 85.81 -54.12 -11.51
N TRP JA 131 84.82 -54.61 -10.78
CA TRP JA 131 85.01 -55.09 -9.42
C TRP JA 131 85.65 -56.46 -9.50
N SER JA 132 86.43 -56.83 -8.49
CA SER JA 132 86.99 -58.17 -8.46
C SER JA 132 86.05 -59.14 -7.83
N ASP JA 133 85.25 -58.65 -6.89
CA ASP JA 133 84.28 -59.49 -6.18
C ASP JA 133 83.20 -58.56 -5.63
N SER JA 134 82.18 -59.12 -4.98
CA SER JA 134 81.10 -58.28 -4.46
C SER JA 134 81.61 -57.40 -3.30
N GLU JA 135 82.66 -57.84 -2.63
CA GLU JA 135 83.29 -57.10 -1.55
C GLU JA 135 84.58 -56.44 -1.98
N THR JA 136 84.90 -56.43 -3.26
CA THR JA 136 86.15 -55.80 -3.70
C THR JA 136 85.95 -54.81 -4.85
N PRO JA 137 85.78 -53.52 -4.54
CA PRO JA 137 85.66 -52.40 -5.48
C PRO JA 137 86.98 -52.15 -6.17
N PRO JA 138 86.97 -51.50 -7.34
CA PRO JA 138 88.17 -51.05 -8.05
C PRO JA 138 88.79 -49.91 -7.28
N THR JA 139 90.05 -49.58 -7.57
CA THR JA 139 90.74 -48.50 -6.86
C THR JA 139 91.22 -47.40 -7.80
N ILE JA 140 91.60 -46.26 -7.21
CA ILE JA 140 92.06 -45.10 -7.97
C ILE JA 140 93.54 -44.86 -7.86
N ASN JA 141 94.18 -44.75 -9.01
CA ASN JA 141 95.61 -44.51 -9.12
C ASN JA 141 95.92 -43.03 -9.12
N PHE JA 142 96.62 -42.60 -8.09
CA PHE JA 142 96.99 -41.22 -7.91
C PHE JA 142 97.57 -40.56 -9.15
N SER JA 143 98.45 -41.27 -9.87
CA SER JA 143 99.17 -40.68 -10.99
C SER JA 143 98.23 -40.33 -12.16
N ASP JA 144 97.02 -40.86 -12.17
CA ASP JA 144 96.06 -40.56 -13.22
C ASP JA 144 95.53 -39.14 -13.02
N LEU JA 145 95.42 -38.71 -11.77
CA LEU JA 145 94.88 -37.40 -11.49
C LEU JA 145 95.94 -36.38 -11.76
N GLU JA 146 97.21 -36.73 -11.48
CA GLU JA 146 98.28 -35.78 -11.73
C GLU JA 146 98.42 -35.52 -13.23
N SER JA 147 98.23 -36.56 -14.04
CA SER JA 147 98.27 -36.38 -15.48
C SER JA 147 97.19 -35.41 -15.92
N GLY JA 148 95.95 -35.60 -15.45
CA GLY JA 148 94.87 -34.70 -15.82
C GLY JA 148 95.13 -33.25 -15.43
N LEU JA 149 95.77 -33.04 -14.27
CA LEU JA 149 96.09 -31.68 -13.85
C LEU JA 149 97.11 -31.06 -14.79
N ALA JA 150 98.13 -31.83 -15.18
CA ALA JA 150 99.14 -31.33 -16.11
C ALA JA 150 98.52 -30.93 -17.44
N VAL JA 151 97.49 -31.65 -17.86
CA VAL JA 151 96.78 -31.34 -19.10
C VAL JA 151 96.01 -30.03 -19.00
N ILE JA 152 95.20 -29.86 -17.94
CA ILE JA 152 94.37 -28.65 -17.85
C ILE JA 152 95.22 -27.41 -17.72
N ARG JA 153 96.44 -27.55 -17.17
CA ARG JA 153 97.40 -26.44 -17.07
C ARG JA 153 97.56 -25.67 -18.37
N LYS JA 154 97.38 -26.33 -19.52
CA LYS JA 154 97.58 -25.70 -20.81
C LYS JA 154 96.34 -24.98 -21.38
N GLU JA 155 95.20 -25.03 -20.71
CA GLU JA 155 94.00 -24.35 -21.20
C GLU JA 155 93.89 -22.97 -20.57
N ASP JA 156 93.36 -22.00 -21.32
CA ASP JA 156 93.25 -20.65 -20.80
C ASP JA 156 91.92 -20.31 -20.14
N GLU JA 157 90.83 -20.88 -20.60
CA GLU JA 157 89.52 -20.49 -20.08
C GLU JA 157 89.13 -20.83 -18.62
N PRO JA 158 89.43 -22.01 -18.06
CA PRO JA 158 89.02 -22.42 -16.71
C PRO JA 158 89.48 -21.47 -15.63
N THR JA 159 88.63 -21.28 -14.60
CA THR JA 159 88.94 -20.42 -13.46
C THR JA 159 88.92 -21.16 -12.11
N LEU JA 160 88.25 -22.31 -12.02
CA LEU JA 160 88.14 -23.07 -10.76
C LEU JA 160 88.64 -24.50 -10.91
N LEU JA 161 89.33 -25.03 -9.90
CA LEU JA 161 89.81 -26.42 -9.96
C LEU JA 161 89.13 -27.37 -8.96
N LEU JA 162 88.53 -28.46 -9.50
CA LEU JA 162 87.87 -29.49 -8.69
C LEU JA 162 88.28 -30.93 -9.09
N PHE JA 163 88.38 -31.82 -8.09
CA PHE JA 163 88.65 -33.25 -8.29
C PHE JA 163 87.57 -34.13 -7.65
N PRO JA 164 86.54 -34.53 -8.41
CA PRO JA 164 85.38 -35.31 -7.92
C PRO JA 164 85.71 -36.63 -7.24
N ASP JA 165 86.85 -37.27 -7.53
CA ASP JA 165 87.13 -38.55 -6.91
C ASP JA 165 88.38 -38.50 -6.02
N ALA JA 166 88.75 -37.32 -5.52
CA ALA JA 166 89.97 -37.21 -4.70
C ALA JA 166 89.84 -37.92 -3.37
N THR JA 167 88.65 -37.93 -2.78
CA THR JA 167 88.47 -38.50 -1.46
C THR JA 167 88.51 -40.01 -1.48
N ASN JA 168 88.56 -40.63 -2.66
CA ASN JA 168 88.64 -42.07 -2.70
C ASN JA 168 90.06 -42.57 -2.92
N LEU JA 169 91.06 -41.69 -2.86
CA LEU JA 169 92.44 -42.11 -2.94
C LEU JA 169 92.76 -42.94 -1.68
N PRO JA 170 93.55 -44.03 -1.81
CA PRO JA 170 93.97 -44.91 -0.72
C PRO JA 170 94.54 -44.26 0.53
N THR JA 171 95.24 -43.13 0.43
CA THR JA 171 95.79 -42.50 1.61
C THR JA 171 95.48 -41.01 1.64
N ASP JA 172 95.62 -40.43 2.82
CA ASP JA 172 95.41 -39.01 2.97
C ASP JA 172 96.63 -38.29 2.44
N ASP JA 173 97.78 -38.95 2.52
CA ASP JA 173 99.03 -38.37 2.05
C ASP JA 173 98.92 -38.06 0.56
N GLU JA 174 98.31 -38.97 -0.21
CA GLU JA 174 98.13 -38.71 -1.64
C GLU JA 174 97.13 -37.57 -1.85
N PHE JA 175 96.06 -37.56 -1.06
CA PHE JA 175 95.05 -36.51 -1.16
C PHE JA 175 95.66 -35.13 -0.96
N TYR JA 176 96.45 -34.97 0.10
CA TYR JA 176 97.04 -33.67 0.39
C TYR JA 176 98.04 -33.28 -0.67
N SER JA 177 98.82 -34.24 -1.17
CA SER JA 177 99.79 -33.94 -2.22
C SER JA 177 99.11 -33.36 -3.44
N LEU JA 178 97.98 -33.96 -3.84
CA LEU JA 178 97.23 -33.50 -4.99
C LEU JA 178 96.78 -32.05 -4.82
N TYR JA 179 96.29 -31.69 -3.63
CA TYR JA 179 95.85 -30.31 -3.42
C TYR JA 179 97.00 -29.32 -3.30
N ASN JA 180 98.13 -29.71 -2.74
CA ASN JA 180 99.24 -28.78 -2.70
C ASN JA 180 99.69 -28.45 -4.12
N SER JA 181 99.66 -29.45 -5.00
CA SER JA 181 100.00 -29.23 -6.40
C SER JA 181 99.07 -28.21 -7.05
N ALA JA 182 97.77 -28.36 -6.82
CA ALA JA 182 96.78 -27.42 -7.37
C ALA JA 182 97.00 -26.00 -6.87
N LEU JA 183 97.31 -25.82 -5.59
CA LEU JA 183 97.53 -24.47 -5.07
C LEU JA 183 98.77 -23.85 -5.70
N MET JA 184 99.82 -24.65 -5.91
CA MET JA 184 101.01 -24.12 -6.56
C MET JA 184 100.73 -23.72 -8.00
N GLN JA 185 99.93 -24.51 -8.72
CA GLN JA 185 99.59 -24.14 -10.10
C GLN JA 185 98.79 -22.86 -10.16
N CYS JA 186 97.91 -22.63 -9.19
CA CYS JA 186 97.12 -21.41 -9.17
C CYS JA 186 98.03 -20.20 -9.05
N ASN JA 187 99.06 -20.29 -8.21
CA ASN JA 187 100.00 -19.18 -8.07
C ASN JA 187 100.88 -19.03 -9.32
N ASP JA 188 101.29 -20.14 -9.95
CA ASP JA 188 102.09 -20.02 -11.17
C ASP JA 188 101.36 -19.29 -12.29
N LEU JA 189 100.08 -19.59 -12.45
CA LEU JA 189 99.29 -19.01 -13.54
C LEU JA 189 98.70 -17.64 -13.21
N GLN JA 190 98.39 -17.39 -11.94
CA GLN JA 190 97.88 -16.10 -11.47
C GLN JA 190 96.42 -15.81 -11.78
N ASP JA 191 95.67 -16.81 -12.15
CA ASP JA 191 94.28 -16.61 -12.51
C ASP JA 191 93.28 -17.67 -12.03
N ARG JA 192 93.64 -18.54 -11.08
CA ARG JA 192 92.73 -19.61 -10.67
C ARG JA 192 92.56 -19.72 -9.16
N PHE JA 193 91.47 -20.38 -8.77
CA PHE JA 193 91.14 -20.59 -7.36
C PHE JA 193 90.76 -22.07 -7.13
N THR JA 194 91.23 -22.63 -6.01
CA THR JA 194 90.97 -24.04 -5.68
C THR JA 194 89.93 -24.22 -4.58
N ILE JA 195 88.97 -25.12 -4.79
CA ILE JA 195 87.97 -25.41 -3.78
C ILE JA 195 88.32 -26.74 -3.11
N LEU JA 196 88.45 -26.75 -1.78
CA LEU JA 196 88.91 -27.94 -1.06
C LEU JA 196 87.86 -28.56 -0.14
N ASP JA 197 87.91 -29.89 -0.05
CA ASP JA 197 87.13 -30.74 0.85
C ASP JA 197 88.04 -31.36 1.90
N THR JA 198 87.48 -31.81 3.02
CA THR JA 198 88.27 -32.62 3.95
C THR JA 198 88.32 -34.03 3.37
N TYR JA 199 89.19 -34.87 3.94
CA TYR JA 199 89.32 -36.26 3.49
C TYR JA 199 88.08 -37.09 3.86
N SER JA 200 87.53 -36.85 5.04
CA SER JA 200 86.39 -37.57 5.60
C SER JA 200 85.72 -36.75 6.68
N ASP JA 201 84.44 -37.03 6.90
CA ASP JA 201 83.71 -36.35 7.95
C ASP JA 201 83.73 -37.12 9.26
N GLN JA 202 84.36 -38.29 9.29
CA GLN JA 202 84.44 -39.14 10.46
C GLN JA 202 85.89 -39.33 10.82
N THR JA 203 86.14 -39.61 12.10
CA THR JA 203 87.48 -39.87 12.52
C THR JA 203 87.92 -40.99 11.64
N TYR JA 204 89.05 -40.81 10.98
CA TYR JA 204 89.54 -41.82 10.07
C TYR JA 204 90.85 -42.39 10.58
N ASN JA 205 91.14 -43.62 10.21
CA ASN JA 205 92.36 -44.25 10.65
C ASN JA 205 93.40 -44.24 9.54
N ASP JA 206 94.59 -43.75 9.86
CA ASP JA 206 95.68 -43.73 8.88
C ASP JA 206 96.56 -45.00 8.93
N GLY JA 207 96.15 -45.99 9.73
CA GLY JA 207 96.91 -47.22 9.91
C GLY JA 207 97.80 -47.18 11.14
N VAL JA 208 97.95 -45.99 11.72
CA VAL JA 208 98.77 -45.76 12.90
C VAL JA 208 97.95 -45.16 14.02
N GLU JA 209 97.25 -44.06 13.73
CA GLU JA 209 96.50 -43.25 14.66
C GLU JA 209 95.15 -42.79 14.13
N ASP JA 210 94.23 -42.49 15.05
CA ASP JA 210 92.90 -41.97 14.74
C ASP JA 210 92.91 -40.43 14.64
N LEU JA 211 92.62 -39.91 13.46
CA LEU JA 211 92.74 -38.48 13.23
C LEU JA 211 91.43 -37.71 13.02
N ASP JA 212 91.37 -36.53 13.65
CA ASP JA 212 90.27 -35.58 13.48
C ASP JA 212 90.42 -34.84 12.17
N PRO JA 213 89.37 -34.81 11.33
CA PRO JA 213 89.47 -34.25 9.97
C PRO JA 213 89.90 -32.81 9.85
N ILE JA 214 89.40 -31.90 10.67
CA ILE JA 214 89.87 -30.53 10.54
C ILE JA 214 91.33 -30.37 10.95
N PRO JA 215 91.78 -31.00 12.03
CA PRO JA 215 93.19 -30.94 12.39
C PRO JA 215 94.07 -31.60 11.35
N ALA JA 216 93.59 -32.69 10.75
CA ALA JA 216 94.33 -33.37 9.70
C ALA JA 216 94.48 -32.56 8.41
N LEU JA 217 93.45 -31.85 7.93
CA LEU JA 217 93.57 -31.02 6.74
C LEU JA 217 94.57 -29.89 6.98
N ARG JA 218 94.52 -29.29 8.18
CA ARG JA 218 95.42 -28.19 8.48
C ARG JA 218 96.89 -28.61 8.47
N ASN JA 219 97.21 -29.81 8.96
CA ASN JA 219 98.59 -30.27 8.91
C ASN JA 219 98.98 -30.71 7.50
N GLY JA 220 98.01 -31.27 6.76
CA GLY JA 220 98.23 -31.73 5.40
C GLY JA 220 98.65 -30.63 4.45
N ILE JA 221 97.91 -29.53 4.44
CA ILE JA 221 98.24 -28.45 3.51
C ILE JA 221 99.29 -27.56 4.17
N ASN JA 222 100.56 -27.84 3.90
CA ASN JA 222 101.70 -27.19 4.56
C ASN JA 222 102.37 -26.06 3.75
N LEU JA 223 101.68 -25.50 2.79
CA LEU JA 223 102.19 -24.38 2.01
C LEU JA 223 102.02 -23.08 2.77
N THR JA 224 102.73 -22.04 2.30
CA THR JA 224 102.74 -20.67 2.83
C THR JA 224 101.63 -19.75 2.26
N LYS JA 225 101.42 -18.58 2.88
CA LYS JA 225 100.48 -17.56 2.48
C LYS JA 225 100.36 -17.33 0.99
N ASP JA 226 101.50 -17.34 0.28
CA ASP JA 226 101.53 -17.12 -1.15
C ASP JA 226 100.70 -18.14 -1.92
N TYR JA 227 100.37 -19.25 -1.30
CA TYR JA 227 99.58 -20.28 -1.91
C TYR JA 227 98.22 -20.39 -1.28
N LEU JA 228 98.17 -20.23 0.04
CA LEU JA 228 96.93 -20.39 0.79
C LEU JA 228 95.88 -19.38 0.35
N LYS JA 229 96.30 -18.20 -0.05
CA LYS JA 229 95.38 -17.17 -0.53
C LYS JA 229 94.61 -17.58 -1.80
N TYR JA 230 95.02 -18.67 -2.47
CA TYR JA 230 94.35 -19.12 -3.68
C TYR JA 230 93.34 -20.24 -3.48
N GLY JA 231 92.90 -20.47 -2.26
CA GLY JA 231 91.86 -21.47 -2.09
C GLY JA 231 91.13 -21.35 -0.78
N ALA JA 232 90.08 -22.14 -0.67
CA ALA JA 232 89.21 -22.18 0.50
C ALA JA 232 88.65 -23.58 0.69
N ALA JA 233 88.34 -23.93 1.93
CA ALA JA 233 87.80 -25.24 2.25
C ALA JA 233 86.43 -25.15 2.91
N TYR JA 234 85.61 -26.16 2.67
CA TYR JA 234 84.27 -26.26 3.24
C TYR JA 234 84.05 -27.57 3.99
N TYR JA 235 83.21 -27.52 5.03
CA TYR JA 235 82.91 -28.68 5.87
C TYR JA 235 81.55 -28.56 6.54
N PRO JA 236 80.82 -29.66 6.75
CA PRO JA 236 80.90 -31.08 6.39
C PRO JA 236 80.33 -31.45 5.02
N PHE JA 237 80.32 -32.75 4.73
CA PHE JA 237 79.74 -33.37 3.54
C PHE JA 237 78.23 -33.24 3.61
N VAL JA 238 77.56 -33.37 2.46
CA VAL JA 238 76.10 -33.21 2.44
C VAL JA 238 75.37 -34.44 1.91
N GLN JA 239 74.18 -34.66 2.47
CA GLN JA 239 73.30 -35.75 2.08
C GLN JA 239 72.34 -35.21 1.05
N THR JA 240 72.32 -35.83 -0.10
CA THR JA 240 71.52 -35.36 -1.22
C THR JA 240 70.30 -36.27 -1.44
N ILE JA 241 69.61 -36.03 -2.55
CA ILE JA 241 68.36 -36.70 -2.86
C ILE JA 241 68.47 -37.56 -4.11
N LEU JA 242 69.69 -37.85 -4.52
CA LEU JA 242 69.97 -38.66 -5.68
C LEU JA 242 69.94 -40.13 -5.30
N ASN JA 243 69.53 -40.98 -6.25
CA ASN JA 243 69.49 -42.43 -6.06
C ASN JA 243 70.75 -43.08 -6.59
N TYR JA 244 71.03 -44.29 -6.10
CA TYR JA 244 72.14 -45.08 -6.60
C TYR JA 244 71.72 -45.75 -7.89
N GLN JA 245 72.66 -45.97 -8.79
CA GLN JA 245 72.37 -46.71 -10.00
C GLN JA 245 72.64 -48.18 -9.77
N TYR JA 246 71.72 -49.04 -10.23
CA TYR JA 246 71.88 -50.47 -10.08
C TYR JA 246 71.12 -51.20 -11.17
N SER JA 247 71.38 -52.51 -11.27
CA SER JA 247 70.71 -53.39 -12.21
C SER JA 247 70.05 -54.52 -11.43
N ALA JA 248 68.73 -54.64 -11.57
CA ALA JA 248 67.99 -55.63 -10.79
C ALA JA 248 68.48 -57.05 -11.06
N ASP JA 249 68.92 -57.32 -12.28
CA ASP JA 249 69.37 -58.65 -12.62
C ASP JA 249 70.56 -59.06 -11.80
N GLU JA 250 71.36 -58.12 -11.34
CA GLU JA 250 72.59 -58.44 -10.64
C GLU JA 250 72.40 -58.62 -9.13
N ILE JA 251 71.18 -58.53 -8.62
CA ILE JA 251 70.94 -58.60 -7.19
C ILE JA 251 70.40 -59.97 -6.78
N VAL JA 252 71.14 -60.64 -5.91
CA VAL JA 252 70.82 -61.98 -5.42
C VAL JA 252 70.07 -61.91 -4.09
N ILE JA 253 68.96 -62.66 -4.00
CA ILE JA 253 68.12 -62.65 -2.81
C ILE JA 253 68.35 -63.85 -1.90
N GLN JA 254 68.62 -63.56 -0.63
CA GLN JA 254 68.77 -64.57 0.42
C GLN JA 254 67.39 -64.87 0.97
N HIS JA 255 67.08 -66.14 1.16
CA HIS JA 255 65.79 -66.52 1.72
C HIS JA 255 65.93 -67.46 2.89
N LEU JA 256 65.25 -67.16 4.01
CA LEU JA 256 65.22 -68.02 5.19
C LEU JA 256 63.79 -68.29 5.63
N SER JA 257 63.46 -69.55 5.95
CA SER JA 257 62.08 -69.90 6.30
C SER JA 257 61.91 -70.96 7.39
N TYR JA 258 60.73 -70.98 8.01
CA TYR JA 258 60.46 -71.99 9.03
C TYR JA 258 60.41 -73.40 8.43
N ASN JA 259 59.79 -73.57 7.26
CA ASN JA 259 59.83 -74.85 6.57
C ASN JA 259 60.65 -74.73 5.30
N PRO JA 260 61.75 -75.47 5.22
CA PRO JA 260 62.63 -75.45 4.04
C PRO JA 260 62.01 -76.13 2.86
N ASN JA 261 61.72 -75.38 1.80
CA ASN JA 261 61.14 -75.89 0.57
C ASN JA 261 61.94 -75.58 -0.69
N ALA JA 262 63.20 -75.16 -0.53
CA ALA JA 262 64.02 -74.78 -1.66
C ALA JA 262 64.44 -75.99 -2.48
N ILE JA 263 65.00 -76.99 -1.78
CA ILE JA 263 65.44 -78.22 -2.45
C ILE JA 263 64.25 -78.89 -3.05
N ALA JA 264 63.16 -78.96 -2.28
CA ALA JA 264 61.99 -79.63 -2.78
C ALA JA 264 61.52 -79.02 -4.09
N THR JA 265 61.57 -77.69 -4.21
CA THR JA 265 61.18 -77.08 -5.47
C THR JA 265 62.11 -77.46 -6.59
N ALA JA 266 63.42 -77.33 -6.36
CA ALA JA 266 64.39 -77.64 -7.41
C ALA JA 266 64.30 -79.08 -7.85
N LEU JA 267 64.07 -79.97 -6.90
CA LEU JA 267 64.04 -81.38 -7.19
C LEU JA 267 62.80 -81.72 -8.01
N ASP JA 268 61.64 -81.13 -7.67
CA ASP JA 268 60.43 -81.39 -8.44
C ASP JA 268 60.59 -80.88 -9.87
N ASN JA 269 61.24 -79.71 -10.04
CA ASN JA 269 61.42 -79.19 -11.39
C ASN JA 269 62.34 -80.11 -12.17
N LEU JA 270 63.40 -80.63 -11.53
CA LEU JA 270 64.29 -81.54 -12.22
C LEU JA 270 63.61 -82.86 -12.56
N ASN JA 271 62.74 -83.35 -11.70
CA ASN JA 271 62.05 -84.57 -12.09
C ASN JA 271 61.25 -84.37 -13.36
N ALA JA 272 60.65 -83.20 -13.53
CA ALA JA 272 59.95 -82.86 -14.79
C ALA JA 272 60.93 -82.83 -15.96
N VAL JA 273 62.14 -82.31 -15.72
CA VAL JA 273 63.25 -82.21 -16.69
C VAL JA 273 63.70 -83.57 -17.21
N ASN JA 274 63.90 -84.51 -16.32
CA ASN JA 274 64.45 -85.79 -16.76
C ASN JA 274 63.35 -86.70 -17.32
N GLY JA 275 62.89 -86.37 -18.52
CA GLY JA 275 61.82 -87.12 -19.16
C GLY JA 275 61.56 -86.79 -20.64
N PRO JA 276 60.64 -87.55 -21.25
CA PRO JA 276 60.27 -87.44 -22.68
C PRO JA 276 59.65 -86.14 -23.11
N THR JA 277 59.02 -85.41 -22.20
CA THR JA 277 58.38 -84.17 -22.56
C THR JA 277 59.33 -83.01 -22.45
N PHE JA 278 60.55 -83.28 -22.01
CA PHE JA 278 61.53 -82.24 -21.89
C PHE JA 278 62.63 -82.47 -22.92
N ILE JA 279 63.31 -83.64 -22.89
CA ILE JA 279 64.37 -83.90 -23.86
C ILE JA 279 64.33 -85.18 -24.70
N ASP JA 280 63.50 -86.20 -24.40
CA ASP JA 280 63.68 -87.38 -25.27
C ASP JA 280 63.11 -87.03 -26.64
N ALA JA 281 61.97 -86.35 -26.66
CA ALA JA 281 61.40 -86.01 -27.95
C ALA JA 281 62.38 -85.19 -28.80
N ILE JA 282 63.13 -84.30 -28.16
CA ILE JA 282 64.10 -83.48 -28.89
C ILE JA 282 65.18 -84.34 -29.47
N LEU JA 283 65.77 -85.17 -28.62
CA LEU JA 283 66.89 -86.00 -29.03
C LEU JA 283 66.49 -87.02 -30.09
N ASP JA 284 65.29 -87.58 -29.99
CA ASP JA 284 64.87 -88.56 -30.99
C ASP JA 284 64.70 -87.90 -32.35
N ASP JA 285 64.13 -86.70 -32.37
CA ASP JA 285 63.95 -85.99 -33.65
C ASP JA 285 65.25 -85.41 -34.18
N LEU JA 286 66.13 -84.96 -33.28
CA LEU JA 286 67.39 -84.36 -33.69
C LEU JA 286 68.32 -85.39 -34.31
N ARG JA 287 68.40 -86.58 -33.71
CA ARG JA 287 69.26 -87.64 -34.20
C ARG JA 287 68.67 -88.32 -35.42
N ASN JA 321 67.65 -73.82 -59.83
CA ASN JA 321 67.98 -74.38 -58.53
C ASN JA 321 67.33 -73.64 -57.39
N SER JA 322 66.53 -72.63 -57.71
CA SER JA 322 65.89 -71.83 -56.65
C SER JA 322 64.96 -72.64 -55.77
N VAL JA 323 64.34 -73.66 -56.35
CA VAL JA 323 63.48 -74.54 -55.58
C VAL JA 323 64.29 -75.41 -54.66
N LYS JA 324 65.48 -75.80 -55.09
CA LYS JA 324 66.32 -76.68 -54.32
C LYS JA 324 66.77 -75.93 -53.08
N VAL JA 325 67.11 -74.64 -53.26
CA VAL JA 325 67.50 -73.81 -52.13
C VAL JA 325 66.37 -73.69 -51.15
N ALA JA 326 65.15 -73.43 -51.65
CA ALA JA 326 64.00 -73.29 -50.76
C ALA JA 326 63.75 -74.57 -49.96
N ASN JA 327 63.89 -75.73 -50.59
CA ASN JA 327 63.66 -76.99 -49.89
C ASN JA 327 64.73 -77.21 -48.84
N PHE JA 328 65.98 -76.95 -49.23
CA PHE JA 328 67.10 -77.11 -48.34
C PHE JA 328 66.97 -76.21 -47.14
N ALA JA 329 66.67 -74.93 -47.38
CA ALA JA 329 66.56 -73.96 -46.33
C ALA JA 329 65.51 -74.37 -45.29
N SER JA 330 64.39 -74.93 -45.74
CA SER JA 330 63.36 -75.43 -44.83
C SER JA 330 63.92 -76.53 -43.92
N LEU JA 331 64.64 -77.47 -44.51
CA LEU JA 331 65.19 -78.57 -43.75
C LEU JA 331 66.21 -78.08 -42.70
N VAL JA 332 67.02 -77.08 -43.07
CA VAL JA 332 67.99 -76.52 -42.14
C VAL JA 332 67.28 -75.87 -40.96
N GLU JA 333 66.25 -75.08 -41.26
CA GLU JA 333 65.51 -74.39 -40.21
C GLU JA 333 64.92 -75.37 -39.21
N SER JA 334 64.41 -76.50 -39.69
CA SER JA 334 63.85 -77.51 -38.80
C SER JA 334 64.89 -78.00 -37.79
N VAL JA 335 66.11 -78.29 -38.28
CA VAL JA 335 67.17 -78.76 -37.38
C VAL JA 335 67.55 -77.67 -36.40
N LEU JA 336 67.71 -76.45 -36.92
CA LEU JA 336 68.09 -75.31 -36.11
C LEU JA 336 67.12 -75.05 -34.98
N SER JA 337 65.82 -75.12 -35.27
CA SER JA 337 64.79 -74.92 -34.27
C SER JA 337 64.92 -75.97 -33.16
N THR JA 338 65.11 -77.24 -33.55
CA THR JA 338 65.30 -78.33 -32.61
C THR JA 338 66.51 -78.10 -31.71
N LEU JA 339 67.62 -77.65 -32.30
CA LEU JA 339 68.83 -77.39 -31.51
C LEU JA 339 68.56 -76.28 -30.50
N ASN JA 340 67.85 -75.24 -30.91
CA ASN JA 340 67.58 -74.14 -29.99
C ASN JA 340 66.78 -74.59 -28.78
N GLU JA 341 65.83 -75.51 -28.96
CA GLU JA 341 65.08 -76.01 -27.80
C GLU JA 341 66.00 -76.76 -26.82
N LEU JA 342 66.94 -77.55 -27.35
CA LEU JA 342 67.87 -78.29 -26.49
C LEU JA 342 68.74 -77.32 -25.69
N ILE JA 343 69.15 -76.23 -26.33
CA ILE JA 343 69.97 -75.22 -25.67
C ILE JA 343 69.20 -74.55 -24.55
N ASP JA 344 67.94 -74.17 -24.79
CA ASP JA 344 67.13 -73.57 -23.74
C ASP JA 344 66.97 -74.50 -22.55
N ALA JA 345 66.84 -75.81 -22.84
CA ALA JA 345 66.70 -76.80 -21.78
C ALA JA 345 67.89 -76.75 -20.83
N LYS JA 346 69.10 -76.62 -21.38
CA LYS JA 346 70.30 -76.54 -20.56
C LYS JA 346 70.22 -75.38 -19.58
N GLU JA 347 69.79 -74.22 -20.07
CA GLU JA 347 69.73 -73.03 -19.22
C GLU JA 347 68.75 -73.21 -18.07
N GLU JA 348 67.60 -73.84 -18.31
CA GLU JA 348 66.64 -74.05 -17.24
C GLU JA 348 67.21 -74.96 -16.14
N ILE JA 349 67.96 -75.98 -16.55
CA ILE JA 349 68.59 -76.89 -15.61
C ILE JA 349 69.56 -76.18 -14.72
N ASN JA 350 70.42 -75.35 -15.29
CA ASN JA 350 71.36 -74.63 -14.46
C ASN JA 350 70.68 -73.73 -13.45
N LYS JA 351 69.58 -73.10 -13.84
CA LYS JA 351 68.92 -72.18 -12.94
C LYS JA 351 68.35 -72.88 -11.69
N ASP JA 352 67.80 -74.10 -11.83
CA ASP JA 352 67.27 -74.78 -10.63
C ASP JA 352 68.37 -75.47 -9.82
N VAL JA 353 69.35 -76.08 -10.50
CA VAL JA 353 70.38 -76.80 -9.77
C VAL JA 353 71.14 -75.85 -8.87
N ASN JA 354 71.42 -74.65 -9.38
CA ASN JA 354 72.12 -73.67 -8.60
C ASN JA 354 71.39 -73.27 -7.31
N SER JA 355 70.06 -73.44 -7.23
CA SER JA 355 69.37 -73.05 -6.00
C SER JA 355 69.58 -74.17 -4.99
N ALA JA 356 69.74 -75.40 -5.51
CA ALA JA 356 69.98 -76.54 -4.64
C ALA JA 356 71.35 -76.40 -4.01
N ILE JA 357 72.31 -75.94 -4.81
CA ILE JA 357 73.67 -75.77 -4.35
C ILE JA 357 73.71 -74.68 -3.30
N ALA JA 358 73.12 -73.53 -3.62
CA ALA JA 358 73.07 -72.38 -2.72
C ALA JA 358 72.37 -72.68 -1.40
N SER JA 359 71.32 -73.49 -1.45
CA SER JA 359 70.54 -73.80 -0.28
C SER JA 359 71.13 -74.88 0.62
N SER JA 360 71.98 -75.74 0.07
CA SER JA 360 72.58 -76.84 0.83
C SER JA 360 73.76 -76.30 1.64
N GLU JA 361 73.46 -75.45 2.62
CA GLU JA 361 74.49 -74.82 3.46
C GLU JA 361 75.32 -75.82 4.24
N GLU JA 362 74.67 -76.85 4.74
CA GLU JA 362 75.30 -77.88 5.56
C GLU JA 362 75.75 -79.01 4.66
N ASP JA 363 76.73 -79.78 5.15
CA ASP JA 363 77.21 -80.96 4.43
C ASP JA 363 77.75 -80.59 3.04
N ASN JA 364 78.85 -79.83 3.04
CA ASN JA 364 79.48 -79.35 1.81
C ASN JA 364 79.86 -80.44 0.82
N ALA JA 365 79.93 -81.67 1.30
CA ALA JA 365 80.20 -82.82 0.45
C ALA JA 365 79.11 -82.97 -0.61
N ILE JA 366 77.88 -82.62 -0.24
CA ILE JA 366 76.77 -82.71 -1.16
C ILE JA 366 76.83 -81.52 -2.07
N LYS JA 367 77.12 -80.33 -1.54
CA LYS JA 367 77.26 -79.20 -2.46
C LYS JA 367 78.21 -79.54 -3.59
N THR JA 368 79.31 -80.20 -3.24
CA THR JA 368 80.28 -80.61 -4.24
C THR JA 368 79.66 -81.62 -5.18
N ALA JA 369 78.97 -82.65 -4.66
CA ALA JA 369 78.40 -83.66 -5.55
C ALA JA 369 77.42 -83.05 -6.56
N ILE JA 370 76.63 -82.08 -6.12
CA ILE JA 370 75.67 -81.44 -7.00
C ILE JA 370 76.38 -80.63 -8.06
N SER JA 371 77.36 -79.82 -7.62
CA SER JA 371 78.12 -78.97 -8.50
C SER JA 371 78.85 -79.77 -9.57
N ASP JA 372 79.51 -80.86 -9.16
CA ASP JA 372 80.23 -81.68 -10.14
C ASP JA 372 79.30 -82.26 -11.18
N ALA JA 373 78.12 -82.75 -10.77
CA ALA JA 373 77.20 -83.32 -11.74
C ALA JA 373 76.77 -82.28 -12.77
N LEU JA 374 76.53 -81.04 -12.31
CA LEU JA 374 76.12 -79.97 -13.22
C LEU JA 374 77.24 -79.58 -14.16
N ASP JA 375 78.45 -79.47 -13.61
CA ASP JA 375 79.61 -79.05 -14.38
C ASP JA 375 79.84 -80.00 -15.55
N VAL JA 376 79.70 -81.32 -15.30
CA VAL JA 376 79.87 -82.28 -16.37
C VAL JA 376 78.77 -82.14 -17.42
N PHE JA 377 77.51 -82.03 -16.99
CA PHE JA 377 76.40 -81.90 -17.93
C PHE JA 377 76.65 -80.80 -18.96
N ASN JA 378 77.09 -79.65 -18.48
CA ASN JA 378 77.31 -78.49 -19.31
C ASN JA 378 78.36 -78.67 -20.42
N GLU JA 379 79.25 -79.66 -20.31
CA GLU JA 379 80.32 -79.83 -21.30
C GLU JA 379 79.82 -80.10 -22.72
N ASP JA 380 78.58 -80.56 -22.87
CA ASP JA 380 78.10 -80.88 -24.21
C ASP JA 380 77.63 -79.60 -24.91
N PHE JA 381 77.44 -78.52 -24.17
CA PHE JA 381 76.92 -77.29 -24.72
C PHE JA 381 77.95 -76.19 -24.80
N GLU JA 382 78.89 -76.21 -23.87
CA GLU JA 382 79.99 -75.26 -23.74
C GLU JA 382 81.12 -75.57 -24.70
N GLY JA 383 82.17 -74.74 -24.66
CA GLY JA 383 83.32 -74.82 -25.56
C GLY JA 383 83.97 -76.18 -25.70
N ALA JA 384 83.83 -77.05 -24.69
CA ALA JA 384 84.40 -78.39 -24.75
C ALA JA 384 83.93 -79.17 -25.99
N ASP JA 385 82.65 -79.00 -26.36
CA ASP JA 385 82.01 -79.60 -27.51
C ASP JA 385 80.80 -78.74 -27.80
N LYS JA 386 80.95 -77.68 -28.53
CA LYS JA 386 79.94 -76.65 -28.39
C LYS JA 386 78.70 -76.75 -29.28
N ILE JA 387 77.64 -77.40 -28.76
CA ILE JA 387 76.34 -77.47 -29.46
C ILE JA 387 75.87 -76.07 -29.77
N GLU JA 388 76.10 -75.14 -28.86
CA GLU JA 388 75.64 -73.77 -29.06
C GLU JA 388 76.24 -73.09 -30.29
N SER JA 389 77.49 -73.39 -30.69
CA SER JA 389 78.05 -72.71 -31.84
C SER JA 389 77.59 -73.36 -33.10
N VAL JA 390 77.22 -74.65 -33.04
CA VAL JA 390 76.68 -75.26 -34.23
C VAL JA 390 75.39 -74.57 -34.59
N ALA JA 391 74.53 -74.37 -33.60
CA ALA JA 391 73.26 -73.71 -33.86
C ALA JA 391 73.48 -72.30 -34.40
N LYS JA 392 74.44 -71.57 -33.82
CA LYS JA 392 74.72 -70.21 -34.28
C LYS JA 392 75.17 -70.22 -35.74
N ASN JA 393 76.12 -71.09 -36.07
CA ASN JA 393 76.70 -71.12 -37.40
C ASN JA 393 75.67 -71.53 -38.44
N LEU JA 394 74.77 -72.47 -38.10
CA LEU JA 394 73.78 -72.87 -39.08
C LEU JA 394 72.86 -71.70 -39.42
N SER JA 395 72.52 -70.87 -38.42
CA SER JA 395 71.72 -69.68 -38.68
C SER JA 395 72.38 -68.74 -39.68
N ASP JA 396 73.66 -68.43 -39.48
CA ASP JA 396 74.36 -67.49 -40.38
C ASP JA 396 74.45 -68.07 -41.80
N LEU JA 397 74.73 -69.38 -41.90
CA LEU JA 397 74.84 -70.05 -43.18
C LEU JA 397 73.51 -70.06 -43.91
N LEU JA 398 72.43 -70.23 -43.16
CA LEU JA 398 71.09 -70.27 -43.74
C LEU JA 398 70.72 -68.95 -44.39
N ILE JA 399 71.05 -67.84 -43.73
CA ILE JA 399 70.81 -66.55 -44.37
C ILE JA 399 71.57 -66.43 -45.66
N LYS JA 400 72.86 -66.79 -45.63
CA LYS JA 400 73.69 -66.65 -46.82
C LYS JA 400 73.19 -67.51 -47.98
N ILE JA 401 72.71 -68.74 -47.72
CA ILE JA 401 72.27 -69.52 -48.87
C ILE JA 401 70.99 -68.94 -49.45
N LYS JA 402 70.06 -68.46 -48.61
CA LYS JA 402 68.87 -67.85 -49.16
C LYS JA 402 69.18 -66.60 -49.99
N GLN JA 403 70.19 -65.84 -49.58
CA GLN JA 403 70.55 -64.63 -50.34
C GLN JA 403 71.48 -64.93 -51.52
N ALA JA 404 72.09 -66.13 -51.58
CA ALA JA 404 73.01 -66.53 -52.64
C ALA JA 404 72.39 -66.39 -54.03
N ASP JA 405 71.08 -66.65 -54.12
CA ASP JA 405 70.27 -66.53 -55.33
C ASP JA 405 70.30 -65.13 -55.94
N THR JA 406 70.73 -64.13 -55.15
CA THR JA 406 70.82 -62.75 -55.61
C THR JA 406 71.66 -62.66 -56.87
N ASN JA 407 72.77 -63.40 -56.92
CA ASN JA 407 73.60 -63.27 -58.11
C ASN JA 407 74.33 -64.48 -58.69
N THR JA 408 74.35 -65.68 -58.06
CA THR JA 408 75.03 -66.77 -58.80
C THR JA 408 74.87 -68.19 -58.23
N LYS JA 409 74.83 -69.13 -59.19
CA LYS JA 409 74.82 -70.57 -58.95
C LYS JA 409 76.03 -71.05 -58.19
N VAL JA 410 77.09 -70.26 -58.24
CA VAL JA 410 78.33 -70.55 -57.56
C VAL JA 410 78.14 -70.42 -56.07
N GLU JA 411 77.43 -69.39 -55.65
CA GLU JA 411 77.23 -69.13 -54.23
C GLU JA 411 76.49 -70.30 -53.62
N ASN JA 412 75.54 -70.85 -54.38
CA ASN JA 412 74.73 -71.98 -53.90
C ASN JA 412 75.51 -73.30 -53.81
N VAL JA 413 76.79 -73.28 -54.20
CA VAL JA 413 77.68 -74.41 -54.06
C VAL JA 413 78.69 -74.11 -52.97
N LEU JA 414 79.27 -72.91 -53.05
CA LEU JA 414 80.29 -72.54 -52.10
C LEU JA 414 79.76 -72.57 -50.67
N SER JA 415 78.51 -72.14 -50.46
CA SER JA 415 77.93 -72.09 -49.11
C SER JA 415 77.92 -73.44 -48.38
N ILE JA 416 78.01 -74.54 -49.13
CA ILE JA 416 77.98 -75.87 -48.56
C ILE JA 416 79.37 -76.52 -48.52
N ASN JA 417 80.16 -76.40 -49.59
CA ASN JA 417 81.44 -77.11 -49.66
C ASN JA 417 82.72 -76.26 -49.55
N ALA JA 418 82.64 -74.93 -49.66
CA ALA JA 418 83.81 -74.08 -49.52
C ALA JA 418 83.70 -73.42 -48.17
N LEU JA 419 82.44 -73.20 -47.82
CA LEU JA 419 81.95 -72.66 -46.58
C LEU JA 419 81.50 -73.84 -45.76
N ASN JA 420 80.82 -73.60 -44.64
CA ASN JA 420 80.63 -74.67 -43.70
C ASN JA 420 79.29 -75.45 -43.59
N PHE JA 421 78.31 -75.41 -44.50
CA PHE JA 421 77.15 -76.27 -44.13
C PHE JA 421 77.52 -77.75 -43.95
N SER JA 422 78.36 -78.30 -44.81
CA SER JA 422 78.75 -79.69 -44.60
C SER JA 422 79.45 -79.88 -43.26
N ALA JA 423 80.41 -78.99 -43.00
CA ALA JA 423 81.24 -79.02 -41.82
C ALA JA 423 80.46 -78.87 -40.51
N GLU JA 424 79.39 -78.08 -40.51
CA GLU JA 424 78.63 -77.90 -39.26
C GLU JA 424 77.70 -79.06 -39.01
N PHE JA 425 77.06 -79.62 -40.03
CA PHE JA 425 76.17 -80.75 -39.72
C PHE JA 425 76.99 -81.94 -39.23
N GLU JA 426 78.22 -82.03 -39.67
CA GLU JA 426 79.07 -83.13 -39.25
C GLU JA 426 79.28 -83.10 -37.73
N LYS JA 427 79.28 -81.90 -37.14
CA LYS JA 427 79.58 -81.80 -35.72
C LYS JA 427 78.46 -82.37 -34.88
N LEU JA 428 77.32 -82.66 -35.48
CA LEU JA 428 76.23 -83.23 -34.73
C LEU JA 428 76.32 -84.73 -34.89
N LEU JA 429 76.52 -85.18 -36.14
CA LEU JA 429 76.72 -86.60 -36.46
C LEU JA 429 77.87 -86.69 -37.47
N THR JA 430 78.96 -87.36 -37.09
CA THR JA 430 80.19 -87.39 -37.88
C THR JA 430 80.04 -87.90 -39.31
N TYR JA 431 79.22 -88.92 -39.54
CA TYR JA 431 79.09 -89.47 -40.88
C TYR JA 431 77.73 -90.10 -41.09
N ASP JA 432 76.67 -89.39 -40.72
CA ASP JA 432 75.32 -89.96 -40.82
C ASP JA 432 75.00 -90.46 -42.22
N VAL JA 433 75.53 -89.74 -43.21
CA VAL JA 433 75.38 -89.96 -44.66
C VAL JA 433 75.83 -91.34 -45.12
N ASN JA 434 76.56 -92.06 -44.27
CA ASN JA 434 77.05 -93.40 -44.54
C ASN JA 434 75.92 -94.38 -44.87
N THR JA 435 74.71 -94.15 -44.33
CA THR JA 435 73.60 -95.06 -44.58
C THR JA 435 72.26 -94.33 -44.53
N GLY JA 436 71.21 -94.95 -45.10
CA GLY JA 436 69.89 -94.33 -45.05
C GLY JA 436 69.45 -94.06 -43.62
N LEU JA 437 69.78 -94.98 -42.72
CA LEU JA 437 69.54 -94.74 -41.31
C LEU JA 437 70.82 -94.11 -40.84
N THR JA 438 70.77 -93.07 -40.03
CA THR JA 438 72.05 -92.47 -39.65
C THR JA 438 72.99 -93.53 -39.10
N ALA JA 439 74.20 -93.55 -39.66
CA ALA JA 439 75.19 -94.55 -39.30
C ALA JA 439 76.56 -93.93 -39.18
N SER JA 440 77.53 -94.77 -38.81
CA SER JA 440 78.93 -94.35 -38.71
C SER JA 440 79.10 -93.12 -37.83
N VAL JA 441 78.37 -93.08 -36.73
CA VAL JA 441 78.48 -91.94 -35.85
C VAL JA 441 79.71 -92.11 -34.98
N THR JA 442 80.88 -91.88 -35.62
CA THR JA 442 82.21 -92.00 -34.99
C THR JA 442 82.31 -91.05 -33.83
N LEU JA 443 81.51 -90.00 -33.91
CA LEU JA 443 81.35 -88.98 -32.92
C LEU JA 443 79.95 -88.42 -33.10
N ASP JA 444 79.37 -87.99 -31.99
CA ASP JA 444 78.07 -87.35 -32.04
C ASP JA 444 77.90 -86.44 -30.84
N LEU JA 445 77.20 -85.33 -31.06
CA LEU JA 445 76.94 -84.36 -30.00
C LEU JA 445 75.67 -84.65 -29.22
N PHE JA 446 74.95 -85.70 -29.57
CA PHE JA 446 73.64 -85.94 -29.00
C PHE JA 446 73.54 -87.06 -27.96
N ALA JA 447 72.57 -86.85 -27.09
CA ALA JA 447 71.98 -87.76 -26.11
C ALA JA 447 72.86 -88.25 -24.97
N ASN JA 448 73.99 -87.58 -24.69
CA ASN JA 448 74.79 -87.96 -23.52
C ASN JA 448 74.14 -87.35 -22.27
N ILE JA 449 73.13 -86.57 -22.58
CA ILE JA 449 72.24 -85.82 -21.73
C ILE JA 449 71.50 -86.75 -20.81
N GLY JA 450 71.04 -87.91 -21.31
CA GLY JA 450 70.24 -88.79 -20.47
C GLY JA 450 70.95 -89.17 -19.18
N THR JA 451 72.15 -89.74 -19.30
CA THR JA 451 72.91 -90.16 -18.14
C THR JA 451 73.26 -88.98 -17.25
N ARG JA 452 73.68 -87.89 -17.87
CA ARG JA 452 74.09 -86.75 -17.08
C ARG JA 452 72.93 -86.16 -16.28
N LEU JA 453 71.70 -86.14 -16.83
CA LEU JA 453 70.57 -85.65 -16.02
C LEU JA 453 70.31 -86.55 -14.83
N ASP JA 454 70.45 -87.87 -15.02
CA ASP JA 454 70.25 -88.78 -13.88
C ASP JA 454 71.25 -88.45 -12.77
N ASP JA 455 72.51 -88.15 -13.14
CA ASP JA 455 73.55 -87.86 -12.14
C ASP JA 455 73.20 -86.59 -11.36
N ILE JA 456 72.67 -85.58 -12.07
CA ILE JA 456 72.29 -84.32 -11.40
C ILE JA 456 71.19 -84.56 -10.42
N ILE JA 457 70.13 -85.26 -10.84
CA ILE JA 457 69.01 -85.46 -9.93
C ILE JA 457 69.42 -86.24 -8.73
N ALA JA 458 70.18 -87.31 -8.93
CA ALA JA 458 70.58 -88.08 -7.79
C ALA JA 458 71.36 -87.23 -6.80
N ALA JA 459 72.29 -86.39 -7.28
CA ALA JA 459 73.04 -85.54 -6.37
C ALA JA 459 72.14 -84.55 -5.65
N VAL JA 460 71.18 -83.96 -6.36
CA VAL JA 460 70.30 -82.95 -5.74
C VAL JA 460 69.43 -83.58 -4.67
N SER JA 461 68.90 -84.77 -4.94
CA SER JA 461 68.04 -85.46 -3.98
C SER JA 461 68.71 -85.70 -2.65
N ALA JA 462 70.03 -85.75 -2.63
CA ALA JA 462 70.77 -86.00 -1.41
C ALA JA 462 70.60 -84.87 -0.42
N ALA JA 463 70.24 -83.68 -0.91
CA ALA JA 463 70.08 -82.50 -0.10
C ALA JA 463 68.70 -82.40 0.55
N GLU JA 464 67.75 -83.24 0.15
CA GLU JA 464 66.43 -83.06 0.74
C GLU JA 464 66.40 -83.14 2.28
N PRO JA 465 67.11 -84.04 2.97
CA PRO JA 465 67.16 -84.07 4.43
C PRO JA 465 68.25 -83.19 5.04
N ILE JA 466 68.89 -82.34 4.22
CA ILE JA 466 69.99 -81.51 4.70
C ILE JA 466 69.53 -80.08 4.88
N ASP JA 467 68.71 -79.59 3.96
CA ASP JA 467 68.35 -78.19 4.01
C ASP JA 467 67.14 -77.88 4.85
N VAL JA 468 67.42 -77.33 6.04
CA VAL JA 468 66.40 -76.98 7.02
C VAL JA 468 65.94 -75.49 6.96
N ASN JA 469 66.74 -74.56 6.52
CA ASN JA 469 66.29 -73.16 6.52
C ASN JA 469 66.13 -72.34 5.23
N ASN JA 470 66.16 -72.89 4.03
CA ASN JA 470 66.04 -72.02 2.86
C ASN JA 470 64.72 -72.16 2.12
N GLY JA 471 64.16 -71.03 1.68
CA GLY JA 471 62.89 -71.00 0.99
C GLY JA 471 63.06 -71.12 -0.53
N LYS JA 472 61.92 -71.05 -1.18
CA LYS JA 472 61.76 -71.26 -2.61
C LYS JA 472 62.62 -70.35 -3.51
N LEU JA 473 62.82 -69.10 -3.14
CA LEU JA 473 63.54 -68.15 -3.99
C LEU JA 473 65.03 -68.07 -3.69
N ASN JA 474 65.51 -68.84 -2.72
CA ASN JA 474 66.89 -68.73 -2.29
C ASN JA 474 67.84 -69.07 -3.42
N GLY JA 475 68.80 -68.19 -3.67
CA GLY JA 475 69.81 -68.40 -4.69
C GLY JA 475 69.40 -67.95 -6.08
N ARG JA 476 68.26 -67.27 -6.19
CA ARG JA 476 67.74 -66.75 -7.46
C ARG JA 476 67.92 -65.23 -7.62
N LEU JA 477 67.89 -64.77 -8.88
CA LEU JA 477 68.03 -63.35 -9.24
C LEU JA 477 66.74 -62.55 -9.08
N LEU JA 478 66.88 -61.24 -8.79
CA LEU JA 478 65.70 -60.41 -8.54
C LEU JA 478 64.77 -60.37 -9.75
N SER JA 479 65.32 -60.22 -10.95
CA SER JA 479 64.50 -60.17 -12.14
C SER JA 479 63.74 -61.48 -12.34
N ASP JA 480 64.36 -62.60 -11.98
CA ASP JA 480 63.75 -63.92 -12.14
C ASP JA 480 62.47 -64.07 -11.35
N ILE JA 481 62.43 -63.55 -10.13
CA ILE JA 481 61.25 -63.70 -9.29
C ILE JA 481 59.99 -62.96 -9.76
N GLU JA 482 60.15 -61.93 -10.58
CA GLU JA 482 59.04 -61.07 -10.97
C GLU JA 482 57.84 -61.86 -11.48
N PRO JA 483 58.03 -62.86 -12.35
CA PRO JA 483 56.89 -63.69 -12.78
C PRO JA 483 56.28 -64.50 -11.66
N LEU JA 484 57.13 -65.12 -10.84
CA LEU JA 484 56.67 -65.98 -9.74
C LEU JA 484 55.95 -65.24 -8.62
N ASP JA 485 56.49 -64.09 -8.21
CA ASP JA 485 55.91 -63.29 -7.15
C ASP JA 485 55.95 -61.83 -7.56
N ASN JA 486 54.97 -61.04 -7.11
CA ASN JA 486 54.98 -59.63 -7.47
C ASN JA 486 54.89 -58.71 -6.28
N ALA JA 487 54.18 -59.12 -5.24
CA ALA JA 487 54.07 -58.26 -4.08
C ALA JA 487 55.43 -58.08 -3.44
N THR JA 488 56.17 -59.19 -3.34
CA THR JA 488 57.49 -59.17 -2.74
C THR JA 488 58.43 -58.39 -3.61
N TYR JA 489 58.37 -58.61 -4.92
CA TYR JA 489 59.23 -57.92 -5.86
C TYR JA 489 59.09 -56.41 -5.77
N ASN JA 490 57.86 -55.92 -5.79
CA ASN JA 490 57.66 -54.49 -5.72
C ASN JA 490 58.11 -53.93 -4.38
N THR JA 491 57.90 -54.69 -3.30
CA THR JA 491 58.33 -54.24 -1.98
C THR JA 491 59.83 -54.06 -1.92
N ILE JA 492 60.56 -55.03 -2.48
CA ILE JA 492 62.01 -54.98 -2.49
C ILE JA 492 62.50 -53.76 -3.24
N LEU JA 493 61.94 -53.48 -4.41
CA LEU JA 493 62.39 -52.32 -5.17
C LEU JA 493 62.16 -51.02 -4.41
N LEU JA 494 61.01 -50.90 -3.74
CA LEU JA 494 60.78 -49.71 -2.94
C LEU JA 494 61.79 -49.55 -1.83
N GLU JA 495 62.19 -50.65 -1.20
CA GLU JA 495 63.16 -50.55 -0.11
C GLU JA 495 64.54 -50.17 -0.67
N ILE JA 496 64.93 -50.72 -1.84
CA ILE JA 496 66.24 -50.39 -2.41
C ILE JA 496 66.36 -48.92 -2.69
N ASN JA 497 65.30 -48.34 -3.23
CA ASN JA 497 65.32 -46.95 -3.65
C ASN JA 497 65.23 -45.98 -2.46
N SER JA 498 65.15 -46.47 -1.23
CA SER JA 498 65.15 -45.58 -0.08
C SER JA 498 66.55 -45.11 0.29
N HIS JA 499 67.58 -45.71 -0.28
CA HIS JA 499 68.96 -45.36 0.07
C HIS JA 499 69.50 -44.23 -0.80
N LYS JA 500 70.00 -43.17 -0.19
CA LYS JA 500 70.47 -42.00 -0.93
C LYS JA 500 71.99 -41.84 -0.92
N VAL JA 501 72.46 -41.07 -1.91
CA VAL JA 501 73.85 -40.73 -2.18
C VAL JA 501 74.36 -39.60 -1.26
N THR JA 502 75.61 -39.68 -0.79
CA THR JA 502 76.26 -38.65 0.04
C THR JA 502 77.52 -38.15 -0.66
N LEU JA 503 77.68 -36.83 -0.76
CA LEU JA 503 78.80 -36.21 -1.48
C LEU JA 503 79.58 -35.13 -0.72
N PRO JA 504 80.88 -34.96 -1.02
CA PRO JA 504 81.68 -33.82 -0.57
C PRO JA 504 81.03 -32.56 -1.10
N PRO JA 505 81.12 -31.41 -0.42
CA PRO JA 505 80.44 -30.15 -0.79
C PRO JA 505 81.01 -29.33 -1.98
N SER JA 506 82.27 -29.51 -2.36
CA SER JA 506 82.89 -28.68 -3.40
C SER JA 506 82.15 -28.52 -4.74
N SER JA 507 81.44 -29.55 -5.21
CA SER JA 507 80.77 -29.38 -6.51
C SER JA 507 79.54 -28.49 -6.41
N SER JA 508 78.96 -28.39 -5.22
CA SER JA 508 77.77 -27.58 -5.06
C SER JA 508 78.21 -26.16 -4.91
N MET JA 509 79.39 -25.97 -4.33
CA MET JA 509 79.89 -24.63 -4.18
C MET JA 509 80.23 -24.03 -5.52
N ALA JA 510 80.80 -24.80 -6.44
CA ALA JA 510 81.08 -24.25 -7.76
C ALA JA 510 79.79 -23.76 -8.42
N GLY JA 511 78.70 -24.50 -8.23
CA GLY JA 511 77.40 -24.08 -8.73
C GLY JA 511 76.96 -22.77 -8.10
N ALA JA 512 77.05 -22.68 -6.77
CA ALA JA 512 76.67 -21.49 -6.03
C ALA JA 512 77.49 -20.27 -6.44
N TYR JA 513 78.79 -20.46 -6.74
CA TYR JA 513 79.62 -19.34 -7.17
C TYR JA 513 79.06 -18.77 -8.47
N ALA JA 514 78.67 -19.64 -9.40
CA ALA JA 514 78.11 -19.16 -10.66
C ALA JA 514 76.86 -18.32 -10.47
N ARG JA 515 75.97 -18.74 -9.56
CA ARG JA 515 74.77 -17.95 -9.31
C ARG JA 515 75.09 -16.56 -8.82
N VAL JA 516 75.97 -16.46 -7.84
CA VAL JA 516 76.29 -15.17 -7.26
C VAL JA 516 76.94 -14.25 -8.30
N ASP JA 517 77.85 -14.78 -9.11
CA ASP JA 517 78.53 -13.97 -10.13
C ASP JA 517 77.52 -13.39 -11.12
N ASN JA 518 76.46 -14.13 -11.44
CA ASN JA 518 75.46 -13.61 -12.38
C ASN JA 518 74.46 -12.65 -11.72
N ASP JA 519 74.05 -12.92 -10.50
CA ASP JA 519 73.08 -12.07 -9.80
C ASP JA 519 73.64 -10.75 -9.29
N ARG JA 520 74.85 -10.75 -8.77
CA ARG JA 520 75.41 -9.54 -8.17
C ARG JA 520 76.79 -9.14 -8.69
N GLY JA 521 77.63 -10.10 -9.04
CA GLY JA 521 78.99 -9.79 -9.48
C GLY JA 521 80.04 -10.50 -8.65
N VAL JA 522 81.24 -10.62 -9.21
CA VAL JA 522 82.38 -11.31 -8.60
C VAL JA 522 82.81 -10.73 -7.25
N TRP JA 523 82.45 -9.49 -6.96
CA TRP JA 523 82.83 -8.86 -5.71
C TRP JA 523 81.85 -9.13 -4.57
N LYS JA 524 80.78 -9.88 -4.84
CA LYS JA 524 79.81 -10.23 -3.82
C LYS JA 524 80.19 -11.54 -3.13
N SER JA 525 80.15 -11.54 -1.80
CA SER JA 525 80.43 -12.76 -1.04
C SER JA 525 79.46 -13.92 -1.31
N PRO JA 526 79.98 -15.15 -1.53
CA PRO JA 526 79.23 -16.43 -1.66
C PRO JA 526 78.44 -16.91 -0.43
N ALA JA 527 78.64 -16.32 0.73
CA ALA JA 527 77.93 -16.79 1.93
C ALA JA 527 76.46 -16.38 1.95
N ASN JA 528 75.70 -17.07 2.82
CA ASN JA 528 74.26 -16.90 3.06
C ASN JA 528 73.43 -17.22 1.84
N ILE JA 529 73.85 -18.26 1.13
CA ILE JA 529 73.19 -18.76 -0.08
C ILE JA 529 72.76 -20.21 0.17
N GLY JA 530 71.51 -20.52 -0.17
CA GLY JA 530 71.00 -21.87 0.04
C GLY JA 530 71.43 -22.83 -1.05
N LEU JA 531 71.47 -24.12 -0.69
CA LEU JA 531 71.84 -25.18 -1.62
C LEU JA 531 70.64 -25.99 -2.10
N ASN JA 532 70.66 -26.39 -3.36
CA ASN JA 532 69.60 -27.22 -3.91
C ASN JA 532 69.97 -28.69 -3.80
N TYR JA 533 68.94 -29.54 -3.71
CA TYR JA 533 69.08 -30.99 -3.62
C TYR JA 533 69.85 -31.43 -2.39
N VAL JA 534 69.71 -30.73 -1.28
CA VAL JA 534 70.38 -31.12 -0.06
C VAL JA 534 69.34 -31.33 1.03
N SER JA 535 69.34 -32.51 1.61
CA SER JA 535 68.42 -32.80 2.70
C SER JA 535 68.97 -32.28 3.99
N LYS JA 536 70.27 -32.49 4.19
CA LYS JA 536 70.92 -32.06 5.42
C LYS JA 536 72.45 -32.21 5.30
N PRO JA 537 73.21 -31.49 6.16
CA PRO JA 537 74.62 -31.74 6.43
C PRO JA 537 74.77 -33.12 7.05
N SER JA 538 75.89 -33.79 6.78
CA SER JA 538 76.15 -35.13 7.34
C SER JA 538 76.24 -35.12 8.86
N VAL JA 539 76.82 -34.06 9.44
CA VAL JA 539 76.96 -33.91 10.88
C VAL JA 539 76.50 -32.53 11.31
N THR JA 540 76.20 -32.39 12.60
CA THR JA 540 75.81 -31.10 13.16
C THR JA 540 77.00 -30.49 13.90
N VAL JA 541 77.32 -29.25 13.57
CA VAL JA 541 78.45 -28.57 14.18
C VAL JA 541 77.96 -27.52 15.17
N SER JA 542 78.35 -27.65 16.44
CA SER JA 542 77.92 -26.76 17.52
C SER JA 542 78.65 -25.43 17.46
N HIS JA 543 78.15 -24.44 18.23
CA HIS JA 543 78.80 -23.13 18.26
C HIS JA 543 80.20 -23.18 18.83
N GLU JA 544 80.42 -24.04 19.82
CA GLU JA 544 81.73 -24.17 20.42
C GLU JA 544 82.75 -24.59 19.39
N GLU JA 545 82.32 -25.48 18.49
CA GLU JA 545 83.20 -25.94 17.43
C GLU JA 545 83.37 -24.90 16.35
N GLN JA 546 82.25 -24.26 15.97
CA GLN JA 546 82.25 -23.31 14.88
C GLN JA 546 83.19 -22.14 15.08
N GLU JA 547 83.39 -21.68 16.30
CA GLU JA 547 84.31 -20.58 16.49
C GLU JA 547 85.73 -20.92 16.06
N SER JA 548 86.15 -22.19 16.16
CA SER JA 548 87.51 -22.59 15.83
C SER JA 548 87.67 -22.79 14.32
N MET JA 549 86.56 -22.78 13.59
CA MET JA 549 86.61 -22.95 12.16
C MET JA 549 86.80 -21.58 11.53
N ASN JA 550 86.26 -20.56 12.18
CA ASN JA 550 86.34 -19.20 11.64
C ASN JA 550 87.60 -18.47 12.03
N VAL JA 551 88.04 -18.58 13.28
CA VAL JA 551 89.24 -17.91 13.74
C VAL JA 551 90.16 -18.94 14.37
N HIS JA 552 91.40 -18.96 13.93
CA HIS JA 552 92.34 -19.95 14.41
C HIS JA 552 93.77 -19.44 14.28
N GLY JA 553 94.64 -19.89 15.20
CA GLY JA 553 96.04 -19.49 15.20
C GLY JA 553 96.79 -19.69 13.89
N THR JA 554 96.40 -20.69 13.10
CA THR JA 554 97.08 -20.92 11.82
C THR JA 554 96.54 -20.09 10.64
N GLY JA 555 95.35 -19.51 10.76
CA GLY JA 555 94.71 -18.77 9.68
C GLY JA 555 93.97 -19.69 8.70
N LYS JA 556 94.07 -20.99 8.90
CA LYS JA 556 93.49 -21.95 7.99
C LYS JA 556 92.02 -22.21 8.32
N SER JA 557 91.23 -21.20 8.02
CA SER JA 557 89.81 -21.20 8.24
C SER JA 557 89.07 -22.20 7.39
N VAL JA 558 87.95 -22.70 7.91
CA VAL JA 558 87.09 -23.62 7.16
C VAL JA 558 85.66 -23.06 7.20
N ASN JA 559 85.02 -22.96 6.04
CA ASN JA 559 83.67 -22.42 5.99
C ASN JA 559 82.66 -23.50 6.38
N ALA JA 560 81.56 -23.14 7.05
CA ALA JA 560 80.64 -24.16 7.54
C ALA JA 560 79.36 -24.29 6.75
N ILE JA 561 78.86 -25.51 6.66
CA ILE JA 561 77.54 -25.75 6.08
C ILE JA 561 76.58 -26.00 7.25
N ARG JA 562 75.50 -25.21 7.34
CA ARG JA 562 74.58 -25.28 8.48
C ARG JA 562 73.10 -25.33 8.12
N SER JA 563 72.33 -25.99 8.98
CA SER JA 563 70.87 -26.04 8.86
C SER JA 563 70.19 -25.04 9.77
N PHE JA 564 69.30 -24.21 9.21
CA PHE JA 564 68.57 -23.22 9.98
C PHE JA 564 67.07 -23.48 9.96
N VAL JA 565 66.42 -23.19 11.07
CA VAL JA 565 65.00 -23.47 11.17
C VAL JA 565 64.19 -22.60 10.22
N GLY JA 566 63.37 -23.25 9.41
CA GLY JA 566 62.52 -22.59 8.44
C GLY JA 566 63.24 -22.21 7.16
N LYS JA 567 64.53 -22.50 7.06
CA LYS JA 567 65.28 -22.11 5.88
C LYS JA 567 65.94 -23.26 5.14
N GLY JA 568 66.42 -24.26 5.87
CA GLY JA 568 67.15 -25.34 5.24
C GLY JA 568 68.64 -25.11 5.31
N THR JA 569 69.38 -25.71 4.39
CA THR JA 569 70.84 -25.70 4.48
C THR JA 569 71.46 -24.50 3.76
N LEU JA 570 72.24 -23.71 4.52
CA LEU JA 570 72.94 -22.51 4.05
C LEU JA 570 74.46 -22.59 4.20
N VAL JA 571 75.16 -21.84 3.36
CA VAL JA 571 76.61 -21.66 3.48
C VAL JA 571 76.90 -20.53 4.47
N TRP JA 572 77.63 -20.82 5.54
CA TRP JA 572 77.88 -19.84 6.58
C TRP JA 572 79.37 -19.47 6.70
N GLY JA 573 79.75 -18.30 6.20
CA GLY JA 573 81.14 -17.87 6.16
C GLY JA 573 81.75 -17.94 4.76
N ALA JA 574 82.68 -17.03 4.46
CA ALA JA 574 83.31 -16.98 3.15
C ALA JA 574 84.75 -16.51 3.20
N ARG JA 575 85.58 -17.18 3.99
CA ARG JA 575 86.98 -16.80 4.11
C ARG JA 575 87.90 -17.77 3.39
N THR JA 576 89.11 -17.28 3.11
CA THR JA 576 90.20 -18.01 2.45
C THR JA 576 91.07 -18.74 3.47
N LEU JA 577 92.02 -19.54 2.97
CA LEU JA 577 92.95 -20.26 3.85
C LEU JA 577 94.05 -19.37 4.45
N ALA JA 578 93.96 -18.07 4.25
CA ALA JA 578 94.82 -17.06 4.82
C ALA JA 578 93.91 -16.07 5.52
N GLY JA 579 93.05 -16.61 6.38
CA GLY JA 579 91.93 -15.91 7.00
C GLY JA 579 92.27 -14.83 7.99
N ASN JA 580 93.51 -14.74 8.42
CA ASN JA 580 93.90 -13.69 9.33
C ASN JA 580 94.62 -12.58 8.62
N ASP JA 581 94.79 -12.73 7.31
CA ASP JA 581 95.53 -11.74 6.55
C ASP JA 581 94.75 -10.44 6.44
N ASN JA 582 95.46 -9.33 6.49
CA ASN JA 582 94.82 -8.03 6.38
C ASN JA 582 94.30 -7.71 4.99
N GLU JA 583 94.86 -8.30 3.93
CA GLU JA 583 94.39 -7.97 2.59
C GLU JA 583 93.60 -9.08 1.94
N TRP JA 584 94.02 -10.35 2.13
CA TRP JA 584 93.46 -11.48 1.41
C TRP JA 584 92.60 -12.48 2.19
N ARG JA 585 91.96 -12.06 3.28
CA ARG JA 585 91.13 -13.01 4.04
C ARG JA 585 89.78 -13.33 3.42
N TYR JA 586 89.25 -12.48 2.54
CA TYR JA 586 87.94 -12.76 1.97
C TYR JA 586 88.04 -13.34 0.58
N ILE JA 587 87.14 -14.28 0.28
CA ILE JA 587 87.12 -14.92 -1.03
C ILE JA 587 86.82 -13.91 -2.12
N SER JA 588 85.80 -13.08 -1.91
CA SER JA 588 85.38 -12.12 -2.91
C SER JA 588 86.44 -11.09 -3.24
N VAL JA 589 87.30 -10.75 -2.29
CA VAL JA 589 88.34 -9.80 -2.59
C VAL JA 589 89.37 -10.41 -3.52
N ARG JA 590 89.80 -11.64 -3.22
CA ARG JA 590 90.76 -12.32 -4.05
C ARG JA 590 90.24 -12.63 -5.45
N ARG JA 591 88.98 -13.01 -5.56
CA ARG JA 591 88.44 -13.30 -6.87
C ARG JA 591 88.26 -12.04 -7.71
N PHE JA 592 87.87 -10.91 -7.08
CA PHE JA 592 87.76 -9.66 -7.81
C PHE JA 592 89.08 -9.28 -8.44
N PHE JA 593 90.16 -9.34 -7.67
CA PHE JA 593 91.46 -9.00 -8.24
C PHE JA 593 91.84 -9.91 -9.40
N ASN JA 594 91.60 -11.22 -9.29
CA ASN JA 594 91.99 -12.07 -10.41
C ASN JA 594 91.29 -11.63 -11.69
N MET JA 595 90.00 -11.30 -11.58
CA MET JA 595 89.21 -10.85 -12.71
C MET JA 595 89.73 -9.54 -13.28
N ALA JA 596 89.91 -8.55 -12.41
CA ALA JA 596 90.31 -7.24 -12.89
C ALA JA 596 91.67 -7.27 -13.55
N GLU JA 597 92.59 -8.04 -13.00
CA GLU JA 597 93.93 -8.11 -13.58
C GLU JA 597 93.92 -8.75 -14.95
N GLU JA 598 93.14 -9.82 -15.13
CA GLU JA 598 93.08 -10.46 -16.44
C GLU JA 598 92.52 -9.52 -17.50
N SER JA 599 91.46 -8.77 -17.17
CA SER JA 599 90.87 -7.86 -18.14
C SER JA 599 91.83 -6.75 -18.55
N ILE JA 600 92.56 -6.19 -17.59
CA ILE JA 600 93.50 -5.14 -17.95
C ILE JA 600 94.62 -5.72 -18.80
N LYS JA 601 95.16 -6.87 -18.42
CA LYS JA 601 96.22 -7.50 -19.18
C LYS JA 601 95.85 -7.66 -20.65
N LYS JA 602 94.64 -8.12 -20.93
CA LYS JA 602 94.21 -8.27 -22.32
C LYS JA 602 94.13 -6.92 -23.03
N ALA JA 603 93.59 -5.90 -22.35
CA ALA JA 603 93.46 -4.58 -22.94
C ALA JA 603 94.80 -3.97 -23.35
N THR JA 604 95.88 -4.28 -22.63
CA THR JA 604 97.18 -3.69 -22.95
C THR JA 604 97.95 -4.44 -24.04
N GLU JA 605 97.45 -5.56 -24.57
CA GLU JA 605 98.20 -6.29 -25.58
C GLU JA 605 98.42 -5.49 -26.86
N GLN JA 606 97.47 -4.61 -27.18
CA GLN JA 606 97.55 -3.79 -28.38
C GLN JA 606 98.73 -2.82 -28.40
N PHE JA 607 99.40 -2.59 -27.28
CA PHE JA 607 100.52 -1.66 -27.24
C PHE JA 607 101.88 -2.35 -27.18
N VAL JA 608 101.93 -3.66 -27.30
CA VAL JA 608 103.20 -4.38 -27.07
C VAL JA 608 104.35 -3.96 -27.99
N PHE JA 609 104.10 -3.74 -29.26
CA PHE JA 609 105.20 -3.39 -30.14
C PHE JA 609 105.23 -1.91 -30.51
N GLU JA 610 104.58 -1.07 -29.72
CA GLU JA 610 104.56 0.36 -29.97
C GLU JA 610 105.87 0.99 -29.46
N PRO JA 611 106.26 2.16 -29.97
CA PRO JA 611 107.40 2.93 -29.47
C PRO JA 611 107.25 3.23 -27.99
N ASN JA 612 108.35 3.23 -27.26
CA ASN JA 612 108.32 3.48 -25.82
C ASN JA 612 108.66 4.94 -25.58
N ASP JA 613 107.60 5.77 -25.56
CA ASP JA 613 107.72 7.21 -25.42
C ASP JA 613 106.39 7.77 -24.90
N GLY JA 614 106.35 9.09 -24.70
CA GLY JA 614 105.19 9.79 -24.14
C GLY JA 614 103.88 9.61 -24.89
N ASN JA 615 103.94 9.42 -26.21
CA ASN JA 615 102.72 9.25 -26.99
C ASN JA 615 102.08 7.89 -26.80
N THR JA 616 102.77 6.97 -26.16
CA THR JA 616 102.22 5.66 -25.87
C THR JA 616 101.83 5.63 -24.42
N TRP JA 617 102.67 6.19 -23.56
CA TRP JA 617 102.41 6.15 -22.13
C TRP JA 617 101.05 6.75 -21.80
N VAL JA 618 100.72 7.86 -22.47
CA VAL JA 618 99.45 8.52 -22.28
C VAL JA 618 98.24 7.70 -22.74
N ARG JA 619 98.39 6.95 -23.84
CA ARG JA 619 97.32 6.11 -24.33
C ARG JA 619 97.05 4.93 -23.42
N VAL JA 620 98.09 4.34 -22.84
CA VAL JA 620 97.97 3.22 -21.92
C VAL JA 620 97.23 3.68 -20.69
N ARG JA 621 97.60 4.86 -20.15
CA ARG JA 621 96.88 5.38 -18.99
C ARG JA 621 95.41 5.61 -19.26
N ALA JA 622 95.07 6.26 -20.37
CA ALA JA 622 93.66 6.57 -20.60
C ALA JA 622 92.81 5.32 -20.64
N MET JA 623 93.32 4.28 -21.27
CA MET JA 623 92.59 3.04 -21.38
C MET JA 623 92.35 2.35 -20.04
N ILE JA 624 93.40 2.28 -19.22
CA ILE JA 624 93.26 1.63 -17.92
C ILE JA 624 92.26 2.37 -17.06
N GLU JA 625 92.34 3.71 -17.06
CA GLU JA 625 91.42 4.51 -16.28
C GLU JA 625 89.97 4.28 -16.71
N ASN JA 626 89.72 4.13 -18.02
CA ASN JA 626 88.35 3.88 -18.47
C ASN JA 626 87.82 2.55 -17.94
N PHE JA 627 88.66 1.52 -17.93
CA PHE JA 627 88.22 0.25 -17.37
C PHE JA 627 87.82 0.41 -15.90
N LEU JA 628 88.69 1.05 -15.13
CA LEU JA 628 88.48 1.19 -13.71
C LEU JA 628 87.30 2.08 -13.36
N ILE JA 629 87.04 3.13 -14.14
CA ILE JA 629 85.92 3.99 -13.79
C ILE JA 629 84.61 3.22 -13.91
N LEU JA 630 84.52 2.29 -14.88
CA LEU JA 630 83.31 1.49 -15.00
C LEU JA 630 83.14 0.57 -13.81
N GLN JA 631 84.24 -0.02 -13.32
CA GLN JA 631 84.15 -0.90 -12.15
C GLN JA 631 83.73 -0.13 -10.91
N TRP JA 632 84.17 1.11 -10.81
CA TRP JA 632 83.77 1.97 -9.71
C TRP JA 632 82.27 2.25 -9.75
N ARG JA 633 81.74 2.62 -10.91
CA ARG JA 633 80.31 2.91 -11.01
C ARG JA 633 79.46 1.68 -10.70
N ALA JA 634 79.97 0.50 -11.05
CA ALA JA 634 79.33 -0.78 -10.84
C ALA JA 634 79.26 -1.19 -9.37
N GLY JA 635 80.03 -0.54 -8.48
CA GLY JA 635 80.04 -0.90 -7.08
C GLY JA 635 81.15 -1.83 -6.62
N ALA JA 636 82.19 -2.05 -7.43
CA ALA JA 636 83.27 -2.93 -6.98
C ALA JA 636 84.30 -2.20 -6.14
N LEU JA 637 84.57 -0.96 -6.51
CA LEU JA 637 85.60 -0.16 -5.87
C LEU JA 637 84.99 0.82 -4.90
N ALA JA 638 85.73 1.09 -3.84
CA ALA JA 638 85.38 2.02 -2.78
C ALA JA 638 85.78 3.44 -3.14
N GLY JA 639 85.18 4.44 -2.48
CA GLY JA 639 85.58 5.85 -2.69
C GLY JA 639 84.48 6.76 -3.23
N ALA JA 640 84.34 7.95 -2.61
CA ALA JA 640 83.33 8.96 -2.98
C ALA JA 640 83.46 9.49 -4.40
N LYS JA 641 84.69 9.63 -4.87
CA LYS JA 641 84.99 10.10 -6.20
C LYS JA 641 86.25 9.34 -6.63
N PRO JA 642 86.55 9.24 -7.94
CA PRO JA 642 87.68 8.46 -8.49
C PRO JA 642 89.02 8.70 -7.81
N GLU JA 643 89.27 9.93 -7.35
CA GLU JA 643 90.51 10.24 -6.64
C GLU JA 643 90.74 9.42 -5.39
N HIS JA 644 89.70 8.80 -4.86
CA HIS JA 644 89.80 7.99 -3.67
C HIS JA 644 89.61 6.52 -3.95
N ALA JA 645 89.39 6.16 -5.20
CA ALA JA 645 89.12 4.79 -5.58
C ALA JA 645 90.31 4.14 -6.25
N PHE JA 646 90.98 4.87 -7.13
CA PHE JA 646 92.09 4.26 -7.86
C PHE JA 646 93.06 5.27 -8.42
N TYR JA 647 94.23 4.77 -8.81
CA TYR JA 647 95.16 5.61 -9.55
C TYR JA 647 96.00 4.77 -10.48
N VAL JA 648 96.56 5.43 -11.51
CA VAL JA 648 97.48 4.83 -12.47
C VAL JA 648 98.67 5.78 -12.69
N LYS JA 649 99.91 5.29 -12.56
CA LYS JA 649 101.09 6.13 -12.78
C LYS JA 649 102.03 5.53 -13.82
N VAL JA 650 102.39 6.32 -14.83
CA VAL JA 650 103.31 5.88 -15.87
C VAL JA 650 104.25 7.00 -16.24
N GLY JA 651 105.56 6.77 -16.28
CA GLY JA 651 106.41 7.84 -16.78
C GLY JA 651 107.87 7.72 -16.41
N LEU JA 652 108.71 8.42 -17.16
CA LEU JA 652 110.11 8.39 -16.85
C LEU JA 652 110.32 9.36 -15.73
N GLY JA 653 111.01 8.91 -14.71
CA GLY JA 653 111.19 9.69 -13.51
C GLY JA 653 110.13 9.38 -12.48
N GLN JA 654 109.09 8.63 -12.87
CA GLN JA 654 108.04 8.24 -11.96
C GLN JA 654 108.10 6.76 -11.70
N THR JA 655 108.06 5.98 -12.78
CA THR JA 655 108.08 4.53 -12.71
C THR JA 655 109.24 3.92 -13.49
N MET JA 656 109.83 4.67 -14.42
CA MET JA 656 110.88 4.19 -15.30
C MET JA 656 112.17 5.02 -15.26
N THR JA 657 113.28 4.36 -15.61
CA THR JA 657 114.51 5.14 -15.75
C THR JA 657 115.11 4.97 -17.14
N ALA JA 658 116.25 5.63 -17.37
CA ALA JA 658 116.89 5.61 -18.69
C ALA JA 658 117.25 4.20 -19.12
N GLN JA 659 117.65 3.37 -18.16
CA GLN JA 659 118.03 2.01 -18.44
C GLN JA 659 116.85 1.18 -18.90
N ASP JA 660 115.62 1.49 -18.47
CA ASP JA 660 114.48 0.70 -18.87
C ASP JA 660 114.14 1.05 -20.28
N ILE JA 661 114.35 2.29 -20.65
CA ILE JA 661 114.07 2.65 -22.02
C ILE JA 661 115.02 1.87 -22.92
N LEU JA 662 116.29 1.78 -22.51
CA LEU JA 662 117.29 1.06 -23.28
C LEU JA 662 117.00 -0.44 -23.37
N GLU JA 663 116.54 -1.04 -22.25
CA GLU JA 663 116.19 -2.46 -22.21
C GLU JA 663 114.92 -2.76 -22.99
N GLY JA 664 113.98 -1.83 -23.00
CA GLY JA 664 112.70 -2.00 -23.64
C GLY JA 664 111.59 -2.31 -22.67
N ASN JA 665 111.73 -1.89 -21.42
CA ASN JA 665 110.73 -2.13 -20.40
C ASN JA 665 109.77 -0.95 -20.26
N MET JA 666 108.56 -1.24 -19.80
CA MET JA 666 107.61 -0.18 -19.47
C MET JA 666 106.93 -0.52 -18.16
N ASN JA 667 107.02 0.39 -17.19
CA ASN JA 667 106.50 0.15 -15.85
C ASN JA 667 105.22 0.92 -15.54
N VAL JA 668 104.15 0.20 -15.26
CA VAL JA 668 102.87 0.83 -14.95
C VAL JA 668 102.44 0.48 -13.53
N GLU JA 669 102.19 1.50 -12.70
CA GLU JA 669 101.77 1.26 -11.32
C GLU JA 669 100.29 1.57 -11.11
N ILE JA 670 99.58 0.64 -10.49
CA ILE JA 670 98.13 0.77 -10.28
C ILE JA 670 97.76 0.49 -8.83
N GLY JA 671 96.90 1.31 -8.24
CA GLY JA 671 96.40 1.07 -6.90
C GLY JA 671 94.89 1.02 -6.92
N LEU JA 672 94.29 0.23 -5.99
CA LEU JA 672 92.82 0.07 -5.93
C LEU JA 672 92.24 -0.03 -4.53
N ALA JA 673 91.17 0.71 -4.24
CA ALA JA 673 90.46 0.57 -2.97
C ALA JA 673 89.24 -0.31 -3.18
N VAL JA 674 89.08 -1.38 -2.39
CA VAL JA 674 87.97 -2.28 -2.71
C VAL JA 674 86.98 -2.39 -1.54
N VAL JA 675 85.78 -2.82 -1.89
CA VAL JA 675 84.69 -3.01 -0.96
C VAL JA 675 84.79 -4.35 -0.22
N ARG JA 676 84.61 -4.32 1.11
CA ARG JA 676 84.65 -5.51 1.94
C ARG JA 676 83.28 -5.71 2.62
N PRO JA 677 82.87 -6.97 2.90
CA PRO JA 677 81.56 -7.34 3.49
C PRO JA 677 81.40 -7.10 4.97
N ALA JA 678 80.15 -6.98 5.42
CA ALA JA 678 79.87 -6.96 6.85
C ALA JA 678 79.64 -8.38 7.35
N GLU JA 679 80.27 -8.72 8.47
CA GLU JA 679 80.06 -10.04 9.08
C GLU JA 679 79.33 -10.00 10.40
N PHE JA 680 79.38 -8.88 11.11
CA PHE JA 680 78.80 -8.83 12.44
C PHE JA 680 77.87 -7.65 12.58
N ILE JA 681 76.82 -7.83 13.38
CA ILE JA 681 75.88 -6.75 13.69
C ILE JA 681 75.80 -6.56 15.18
N ILE JA 682 76.04 -5.34 15.63
CA ILE JA 682 76.01 -5.04 17.04
C ILE JA 682 74.89 -4.05 17.35
N LEU JA 683 74.00 -4.42 18.27
CA LEU JA 683 72.91 -3.56 18.66
C LEU JA 683 73.11 -2.97 20.04
N LYS JA 684 72.53 -1.78 20.23
CA LYS JA 684 72.54 -1.09 21.51
C LYS JA 684 71.19 -0.40 21.70
N PHE JA 685 70.68 -0.38 22.92
CA PHE JA 685 69.42 0.28 23.23
C PHE JA 685 69.58 1.29 24.36
N SER JA 686 68.86 2.42 24.28
CA SER JA 686 68.85 3.38 25.37
C SER JA 686 67.47 4.03 25.39
N HIS JA 687 67.10 4.58 26.52
CA HIS JA 687 65.77 5.14 26.71
C HIS JA 687 65.74 6.48 27.43
N LYS JA 688 64.62 7.16 27.27
CA LYS JA 688 64.26 8.36 28.02
C LYS JA 688 62.81 8.26 28.46
N MET JA 689 62.46 8.97 29.52
CA MET JA 689 61.08 9.02 29.98
C MET JA 689 60.35 10.11 29.26
N GLN JA 690 59.08 9.88 28.95
CA GLN JA 690 58.30 10.91 28.30
C GLN JA 690 58.25 12.18 29.12
N SER KA 2 139.28 39.06 -47.77
CA SER KA 2 139.02 40.40 -47.27
C SER KA 2 138.09 41.13 -48.21
N TYR KA 3 137.70 40.43 -49.24
CA TYR KA 3 136.83 40.98 -50.25
C TYR KA 3 135.56 40.16 -50.37
N PRO KA 4 134.41 40.79 -50.66
CA PRO KA 4 133.13 40.17 -50.90
C PRO KA 4 133.07 39.48 -52.25
N LEU KA 5 132.10 38.59 -52.41
CA LEU KA 5 131.84 37.91 -53.67
C LEU KA 5 131.07 38.79 -54.67
N SER KA 6 131.33 38.59 -55.96
CA SER KA 6 130.61 39.25 -57.05
C SER KA 6 129.32 38.47 -57.35
N LYS KA 7 128.48 39.01 -58.25
CA LYS KA 7 127.17 38.36 -58.53
C LYS KA 7 126.96 37.91 -59.99
N PHE KA 8 128.00 37.81 -60.82
CA PHE KA 8 127.76 37.41 -62.22
C PHE KA 8 128.19 36.03 -62.68
N HIS KA 9 128.90 35.25 -61.88
CA HIS KA 9 129.35 33.93 -62.32
C HIS KA 9 128.62 32.83 -61.52
N PHE KA 10 127.69 32.14 -62.18
CA PHE KA 10 126.81 31.17 -61.51
C PHE KA 10 126.28 30.10 -62.47
N SER KA 11 125.71 29.04 -61.92
CA SER KA 11 125.05 28.00 -62.75
C SER KA 11 123.79 27.41 -62.11
N VAL KA 12 122.88 26.92 -62.96
CA VAL KA 12 121.63 26.31 -62.46
C VAL KA 12 121.36 24.90 -62.98
N GLU KA 13 121.20 23.93 -62.08
CA GLU KA 13 120.88 22.57 -62.47
C GLU KA 13 119.40 22.27 -62.24
N TRP KA 14 118.67 22.14 -63.35
CA TRP KA 14 117.23 21.98 -63.28
C TRP KA 14 116.67 20.79 -64.07
N GLY KA 15 117.53 19.84 -64.48
CA GLY KA 15 117.07 18.70 -65.25
C GLY KA 15 116.91 18.92 -66.76
N GLY KA 16 117.37 20.06 -67.27
CA GLY KA 16 117.26 20.37 -68.69
C GLY KA 16 118.59 20.08 -69.37
N THR KA 17 118.77 20.58 -70.58
CA THR KA 17 120.03 20.32 -71.29
C THR KA 17 121.13 21.39 -71.12
N LYS KA 18 120.77 22.59 -70.66
CA LYS KA 18 121.73 23.68 -70.48
C LYS KA 18 121.64 24.24 -69.07
N ILE KA 19 122.76 24.76 -68.57
CA ILE KA 19 122.82 25.34 -67.22
C ILE KA 19 123.06 26.86 -67.18
N GLY KA 20 123.10 27.50 -68.34
CA GLY KA 20 123.32 28.94 -68.42
C GLY KA 20 122.03 29.74 -68.43
N PHE KA 21 121.97 30.74 -67.58
CA PHE KA 21 120.83 31.64 -67.43
C PHE KA 21 121.25 33.08 -67.42
N THR KA 22 120.34 33.95 -67.81
CA THR KA 22 120.54 35.38 -67.79
C THR KA 22 120.23 35.96 -66.43
N GLU KA 23 119.16 35.50 -65.81
CA GLU KA 23 118.73 36.04 -64.53
C GLU KA 23 118.06 35.02 -63.62
N VAL KA 24 118.38 35.10 -62.32
CA VAL KA 24 117.77 34.28 -61.27
C VAL KA 24 117.30 35.16 -60.10
N SER KA 25 116.05 35.01 -59.67
CA SER KA 25 115.56 35.80 -58.51
C SER KA 25 114.49 35.10 -57.65
N GLY KA 26 114.33 35.58 -56.39
CA GLY KA 26 113.29 35.06 -55.47
C GLY KA 26 113.74 34.07 -54.38
N LEU KA 27 115.05 33.96 -54.12
CA LEU KA 27 115.55 33.04 -53.10
C LEU KA 27 115.39 33.57 -51.65
N ASP KA 28 114.13 33.72 -51.22
CA ASP KA 28 113.73 34.26 -49.92
C ASP KA 28 113.14 33.25 -48.92
N LEU KA 29 113.23 33.59 -47.63
CA LEU KA 29 112.65 32.83 -46.51
C LEU KA 29 111.81 33.76 -45.63
N GLU KA 30 110.61 33.36 -45.19
CA GLU KA 30 109.79 34.26 -44.34
C GLU KA 30 108.96 33.57 -43.24
N THR KA 31 108.90 34.18 -42.05
CA THR KA 31 108.12 33.65 -40.92
C THR KA 31 107.10 34.67 -40.38
N GLU KA 32 105.89 34.21 -40.07
CA GLU KA 32 104.81 35.03 -39.48
C GLU KA 32 104.99 35.30 -37.99
N ILE KA 33 104.36 36.37 -37.51
CA ILE KA 33 104.48 36.74 -36.10
C ILE KA 33 103.16 36.75 -35.33
N ILE KA 34 103.16 36.10 -34.17
CA ILE KA 34 102.02 36.04 -33.29
C ILE KA 34 102.22 37.00 -32.11
N GLU KA 35 101.27 37.93 -31.92
CA GLU KA 35 101.38 38.96 -30.87
C GLU KA 35 100.43 38.74 -29.69
N TYR KA 36 100.85 39.15 -28.48
CA TYR KA 36 100.01 39.02 -27.28
C TYR KA 36 100.20 40.06 -26.16
N ARG KA 37 99.11 40.49 -25.50
CA ARG KA 37 99.20 41.33 -24.29
C ARG KA 37 98.09 41.08 -23.28
N HIS KA 38 98.43 40.81 -22.03
CA HIS KA 38 97.42 40.64 -20.98
C HIS KA 38 97.20 41.98 -20.28
N GLY KA 39 95.94 42.30 -19.99
CA GLY KA 39 95.50 43.58 -19.44
C GLY KA 39 96.28 44.13 -18.24
N ALA KA 40 96.82 43.26 -17.39
CA ALA KA 40 97.54 43.73 -16.22
C ALA KA 40 99.01 44.10 -16.46
N SER KA 41 99.53 43.93 -17.66
CA SER KA 41 100.94 44.22 -17.90
C SER KA 41 101.29 45.72 -17.72
N PRO KA 42 102.41 46.07 -17.03
CA PRO KA 42 102.98 47.41 -16.90
C PRO KA 42 103.41 48.03 -18.24
N GLU KA 43 103.63 47.21 -19.26
CA GLU KA 43 104.03 47.75 -20.56
C GLU KA 43 102.81 47.83 -21.43
N TYR KA 44 102.77 48.82 -22.29
CA TYR KA 44 101.62 49.05 -23.15
C TYR KA 44 101.88 48.69 -24.59
N SER KA 45 102.64 47.62 -24.78
CA SER KA 45 103.00 47.07 -26.06
C SER KA 45 102.92 45.55 -25.98
N LYS KA 46 103.01 44.86 -27.11
CA LYS KA 46 102.86 43.41 -27.15
C LYS KA 46 104.15 42.58 -27.18
N ILE KA 47 104.03 41.32 -26.75
CA ILE KA 47 105.14 40.37 -26.81
C ILE KA 47 105.00 39.55 -28.10
N LYS KA 48 106.12 39.24 -28.75
CA LYS KA 48 106.08 38.54 -30.03
C LYS KA 48 106.72 37.15 -30.07
N MET KA 49 106.12 36.24 -30.83
CA MET KA 49 106.72 34.92 -31.05
C MET KA 49 106.50 34.41 -32.50
N PRO KA 50 107.36 33.55 -33.05
CA PRO KA 50 107.23 32.92 -34.36
C PRO KA 50 105.97 32.08 -34.60
N GLY KA 51 105.43 32.25 -35.80
CA GLY KA 51 104.28 31.56 -36.39
C GLY KA 51 104.72 30.58 -37.49
N MET KA 52 103.82 30.37 -38.46
CA MET KA 52 104.03 29.47 -39.59
C MET KA 52 104.97 30.08 -40.63
N GLN KA 53 105.58 29.24 -41.48
CA GLN KA 53 106.54 29.70 -42.48
C GLN KA 53 106.05 29.70 -43.94
N LYS KA 54 106.67 30.58 -44.74
CA LYS KA 54 106.43 30.77 -46.18
C LYS KA 54 107.69 30.75 -47.04
N PHE KA 55 107.49 30.46 -48.33
CA PHE KA 55 108.55 30.56 -49.33
C PHE KA 55 108.06 31.35 -50.53
N SER KA 56 108.96 32.06 -51.21
CA SER KA 56 108.63 32.79 -52.44
C SER KA 56 108.83 31.94 -53.69
N ASN KA 57 108.17 32.32 -54.78
CA ASN KA 57 108.38 31.64 -56.06
C ASN KA 57 109.70 32.07 -56.67
N ILE KA 58 110.30 31.21 -57.47
CA ILE KA 58 111.58 31.48 -58.12
C ILE KA 58 111.45 31.78 -59.62
N THR KA 59 112.07 32.87 -60.07
CA THR KA 59 112.00 33.24 -61.48
C THR KA 59 113.34 33.04 -62.20
N LEU KA 60 113.27 32.35 -63.35
CA LEU KA 60 114.43 32.10 -64.19
C LEU KA 60 114.27 32.69 -65.61
N LYS KA 61 115.30 33.38 -66.10
CA LYS KA 61 115.24 34.04 -67.45
C LYS KA 61 116.39 33.55 -68.35
N ARG KA 62 116.09 33.27 -69.62
CA ARG KA 62 117.12 32.79 -70.58
C ARG KA 62 116.79 33.30 -71.99
N GLY KA 63 117.78 33.31 -72.88
CA GLY KA 63 117.55 33.70 -74.30
C GLY KA 63 116.96 32.53 -75.08
N THR KA 64 116.09 32.80 -76.05
CA THR KA 64 115.56 31.77 -76.96
C THR KA 64 116.54 31.30 -78.03
N PHE KA 65 116.69 29.98 -78.13
CA PHE KA 65 117.56 29.33 -79.11
C PHE KA 65 116.83 28.38 -80.02
N LYS KA 66 117.36 28.24 -81.24
CA LYS KA 66 116.86 27.32 -82.23
C LYS KA 66 116.86 25.89 -81.71
N SER KA 67 115.73 25.21 -81.90
CA SER KA 67 115.45 23.83 -81.52
C SER KA 67 115.52 23.53 -80.01
N ASP KA 68 115.38 24.53 -79.16
CA ASP KA 68 115.34 24.33 -77.72
C ASP KA 68 113.98 24.69 -77.15
N ASN KA 69 113.20 23.68 -76.78
CA ASN KA 69 111.86 23.91 -76.30
C ASN KA 69 111.70 23.30 -74.90
N GLU KA 70 112.75 23.36 -74.11
CA GLU KA 70 112.78 22.77 -72.78
C GLU KA 70 111.74 23.29 -71.80
N TYR KA 71 111.46 24.58 -71.86
CA TYR KA 71 110.48 25.19 -70.93
C TYR KA 71 109.06 24.70 -71.16
N PHE KA 72 108.67 24.66 -72.42
CA PHE KA 72 107.34 24.22 -72.80
C PHE KA 72 107.16 22.77 -72.44
N GLN KA 73 108.15 21.94 -72.77
CA GLN KA 73 108.03 20.52 -72.53
C GLN KA 73 107.85 20.18 -71.05
N TRP KA 74 108.54 20.87 -70.14
CA TRP KA 74 108.35 20.62 -68.71
C TRP KA 74 106.92 21.04 -68.30
N TYR KA 75 106.50 22.23 -68.71
CA TYR KA 75 105.18 22.76 -68.40
C TYR KA 75 104.08 21.79 -68.85
N ASN KA 76 104.27 21.23 -70.02
CA ASN KA 76 103.33 20.34 -70.65
C ASN KA 76 103.26 18.95 -69.99
N THR KA 77 103.98 18.71 -68.87
CA THR KA 77 103.86 17.46 -68.14
C THR KA 77 102.72 17.54 -67.12
N ILE KA 78 102.07 18.70 -67.00
CA ILE KA 78 100.97 18.85 -66.07
C ILE KA 78 99.74 18.13 -66.61
N ASN KA 79 99.15 17.27 -65.78
CA ASN KA 79 97.98 16.50 -66.14
C ASN KA 79 97.02 16.41 -64.95
N LEU KA 80 96.07 17.33 -64.92
CA LEU KA 80 95.12 17.54 -63.82
C LEU KA 80 95.86 17.87 -62.52
N ASN KA 81 96.14 16.89 -61.66
CA ASN KA 81 96.86 17.17 -60.41
C ASN KA 81 98.26 16.56 -60.41
N LYS KA 82 98.71 16.04 -61.54
CA LYS KA 82 100.03 15.44 -61.62
C LYS KA 82 100.97 16.36 -62.38
N VAL KA 83 102.24 16.33 -62.01
CA VAL KA 83 103.29 17.10 -62.68
C VAL KA 83 104.63 16.49 -62.36
N GLU KA 84 105.60 16.61 -63.26
CA GLU KA 84 106.93 16.15 -62.93
C GLU KA 84 107.61 17.13 -61.96
N ARG KA 85 107.98 16.68 -60.78
CA ARG KA 85 108.63 17.54 -59.81
C ARG KA 85 110.13 17.33 -59.84
N ARG KA 86 110.90 18.40 -59.70
CA ARG KA 86 112.36 18.28 -59.75
C ARG KA 86 113.12 18.95 -58.60
N ASP KA 87 114.32 18.45 -58.37
CA ASP KA 87 115.24 19.07 -57.43
C ASP KA 87 116.07 20.12 -58.16
N LEU KA 88 116.00 21.34 -57.67
CA LEU KA 88 116.66 22.48 -58.28
C LEU KA 88 117.90 22.92 -57.50
N THR KA 89 119.07 22.93 -58.15
CA THR KA 89 120.28 23.35 -57.44
C THR KA 89 120.91 24.58 -58.08
N ILE KA 90 121.04 25.64 -57.29
CA ILE KA 90 121.58 26.90 -57.76
C ILE KA 90 122.91 27.21 -57.09
N SER KA 91 123.93 27.50 -57.88
CA SER KA 91 125.26 27.70 -57.31
C SER KA 91 126.09 28.87 -57.82
N LEU KA 92 126.66 29.60 -56.86
CA LEU KA 92 127.59 30.72 -57.07
C LEU KA 92 129.00 30.14 -57.18
N LEU KA 93 129.72 30.50 -58.25
CA LEU KA 93 131.02 29.91 -58.55
C LEU KA 93 132.28 30.75 -58.30
N ASN KA 94 133.40 30.06 -58.04
CA ASN KA 94 134.74 30.67 -57.89
C ASN KA 94 135.50 30.69 -59.22
N GLU KA 95 136.76 31.14 -59.19
CA GLU KA 95 137.62 31.25 -60.37
C GLU KA 95 138.01 29.91 -61.02
N GLU KA 96 137.77 28.79 -60.33
CA GLU KA 96 138.07 27.44 -60.84
C GLU KA 96 136.78 26.82 -61.37
N HIS KA 97 135.72 27.62 -61.35
CA HIS KA 97 134.36 27.28 -61.75
C HIS KA 97 133.76 26.22 -60.81
N GLU KA 98 134.12 26.28 -59.52
CA GLU KA 98 133.61 25.39 -58.50
C GLU KA 98 132.62 26.13 -57.61
N PRO KA 99 131.62 25.48 -57.00
CA PRO KA 99 130.68 26.06 -56.05
C PRO KA 99 131.30 26.69 -54.83
N VAL KA 100 130.71 27.80 -54.41
CA VAL KA 100 131.06 28.54 -53.21
C VAL KA 100 129.81 28.60 -52.33
N VAL KA 101 128.71 29.08 -52.91
CA VAL KA 101 127.45 29.21 -52.17
C VAL KA 101 126.36 28.44 -52.90
N THR KA 102 125.69 27.54 -52.21
CA THR KA 102 124.65 26.74 -52.86
C THR KA 102 123.27 26.88 -52.22
N TRP KA 103 122.27 27.05 -53.09
CA TRP KA 103 120.87 27.12 -52.69
C TRP KA 103 120.18 25.83 -53.15
N LYS KA 104 119.69 25.06 -52.20
CA LYS KA 104 119.04 23.78 -52.50
C LYS KA 104 117.52 23.86 -52.40
N VAL KA 105 116.83 23.59 -53.51
CA VAL KA 105 115.38 23.70 -53.58
C VAL KA 105 114.65 22.37 -53.84
N LYS KA 106 113.72 22.07 -52.95
CA LYS KA 106 112.90 20.85 -52.94
C LYS KA 106 111.58 20.92 -53.74
N ASN KA 107 111.28 19.90 -54.54
CA ASN KA 107 109.99 19.74 -55.24
C ASN KA 107 109.48 20.83 -56.18
N ALA KA 108 110.32 21.46 -56.97
CA ALA KA 108 109.84 22.52 -57.85
C ALA KA 108 109.07 22.08 -59.10
N TRP KA 109 108.11 22.88 -59.53
CA TRP KA 109 107.36 22.66 -60.76
C TRP KA 109 107.01 24.01 -61.36
N PRO KA 110 106.75 24.07 -62.66
CA PRO KA 110 106.43 25.40 -63.21
C PRO KA 110 104.96 25.88 -63.18
N LEU KA 111 104.79 27.03 -62.54
CA LEU KA 111 103.56 27.80 -62.39
C LEU KA 111 103.12 28.54 -63.67
N LYS KA 112 104.09 29.16 -64.35
CA LYS KA 112 103.82 29.90 -65.61
C LYS KA 112 105.06 29.96 -66.48
N VAL KA 113 104.82 29.99 -67.79
CA VAL KA 113 105.82 30.15 -68.83
C VAL KA 113 105.44 31.38 -69.66
N GLN KA 114 106.34 32.37 -69.72
CA GLN KA 114 106.10 33.63 -70.49
C GLN KA 114 107.00 33.77 -71.71
N SER KA 115 106.38 33.97 -72.85
CA SER KA 115 107.07 34.21 -74.12
C SER KA 115 107.37 35.69 -74.34
N THR KA 116 108.18 35.96 -75.34
CA THR KA 116 108.56 37.31 -75.71
C THR KA 116 107.55 38.08 -76.51
N ASP KA 117 107.75 39.40 -76.54
CA ASP KA 117 106.93 40.34 -77.33
C ASP KA 117 107.73 40.69 -78.59
N LEU KA 118 107.05 40.93 -79.71
CA LEU KA 118 107.68 41.18 -80.99
C LEU KA 118 107.51 42.63 -81.39
N LYS KA 119 108.59 43.25 -81.89
CA LYS KA 119 108.52 44.64 -82.32
C LYS KA 119 109.27 44.88 -83.63
N GLY KA 120 108.69 45.69 -84.51
CA GLY KA 120 109.28 46.05 -85.81
C GLY KA 120 110.65 46.70 -85.71
N ASP KA 121 110.85 47.49 -84.66
CA ASP KA 121 112.10 48.17 -84.37
C ASP KA 121 112.77 47.62 -83.11
N GLY KA 122 112.44 46.39 -82.75
CA GLY KA 122 112.95 45.72 -81.58
C GLY KA 122 114.35 45.17 -81.74
N ASN KA 123 115.33 46.04 -81.76
CA ASN KA 123 116.72 45.64 -81.95
C ASN KA 123 117.33 45.03 -80.67
N GLU KA 124 116.85 43.85 -80.29
CA GLU KA 124 117.29 43.18 -79.05
C GLU KA 124 117.13 41.64 -79.13
N VAL KA 125 117.57 40.95 -78.09
CA VAL KA 125 117.47 39.50 -77.92
C VAL KA 125 116.11 39.07 -77.38
N ALA KA 126 115.54 38.04 -77.98
CA ALA KA 126 114.28 37.50 -77.51
C ALA KA 126 114.51 36.67 -76.23
N ILE KA 127 113.95 37.12 -75.10
CA ILE KA 127 114.11 36.45 -73.79
C ILE KA 127 112.85 35.81 -73.25
N GLU KA 128 112.92 34.53 -72.96
CA GLU KA 128 111.80 33.79 -72.37
C GLU KA 128 112.03 33.60 -70.87
N SER KA 129 110.92 33.44 -70.12
CA SER KA 129 111.04 33.23 -68.67
C SER KA 129 110.03 32.25 -68.07
N MET KA 130 110.43 31.71 -66.92
CA MET KA 130 109.63 30.74 -66.15
C MET KA 130 109.55 31.04 -64.66
N GLU KA 131 108.36 30.79 -64.07
CA GLU KA 131 108.15 30.95 -62.63
C GLU KA 131 107.85 29.60 -61.96
N LEU KA 132 108.65 29.28 -60.93
CA LEU KA 132 108.54 28.01 -60.21
C LEU KA 132 108.05 28.04 -58.76
N ALA KA 133 107.16 27.10 -58.46
CA ALA KA 133 106.66 26.83 -57.12
C ALA KA 133 107.58 25.79 -56.48
N HIS KA 134 107.73 25.81 -55.16
CA HIS KA 134 108.56 24.79 -54.50
C HIS KA 134 108.13 24.62 -53.05
N GLU KA 135 108.72 23.63 -52.38
CA GLU KA 135 108.38 23.33 -50.99
C GLU KA 135 109.51 23.51 -49.96
N GLY KA 136 110.55 24.30 -50.25
CA GLY KA 136 111.58 24.46 -49.24
C GLY KA 136 112.96 24.77 -49.79
N LEU KA 137 113.69 25.59 -49.02
CA LEU KA 137 115.02 26.08 -49.35
C LEU KA 137 116.02 25.98 -48.20
N VAL KA 138 117.18 25.39 -48.52
CA VAL KA 138 118.32 25.27 -47.61
C VAL KA 138 119.55 25.97 -48.18
N ILE KA 139 120.24 26.78 -47.36
CA ILE KA 139 121.40 27.51 -47.84
C ILE KA 139 122.71 26.99 -47.26
N GLN KA 140 123.64 26.60 -48.14
CA GLN KA 140 124.93 26.06 -47.74
C GLN KA 140 126.12 26.96 -48.12
N ASN KA 141 126.91 27.34 -47.13
CA ASN KA 141 128.10 28.17 -47.35
C ASN KA 141 129.16 27.79 -46.33
N GLU KA 142 130.08 26.93 -46.73
CA GLU KA 142 131.07 26.38 -45.82
C GLU KA 142 132.45 26.96 -46.08
N SER LA 2 129.91 72.79 -32.42
CA SER LA 2 129.14 73.74 -33.21
C SER LA 2 128.73 73.11 -34.50
N TYR LA 3 129.13 71.86 -34.66
CA TYR LA 3 128.86 71.12 -35.86
C TYR LA 3 128.07 69.86 -35.54
N PRO LA 4 127.17 69.42 -36.42
CA PRO LA 4 126.39 68.19 -36.33
C PRO LA 4 127.23 66.95 -36.62
N LEU LA 5 126.74 65.81 -36.21
CA LEU LA 5 127.36 64.52 -36.48
C LEU LA 5 127.09 64.03 -37.91
N SER LA 6 128.05 63.30 -38.48
CA SER LA 6 127.91 62.65 -39.79
C SER LA 6 127.21 61.30 -39.62
N LYS LA 7 126.89 60.62 -40.73
CA LYS LA 7 126.12 59.35 -40.64
C LYS LA 7 126.85 58.11 -41.21
N PHE LA 8 128.17 58.14 -41.43
CA PHE LA 8 128.82 56.96 -42.02
C PHE LA 8 129.74 56.11 -41.13
N HIS LA 9 130.05 56.52 -39.91
CA HIS LA 9 130.94 55.73 -39.07
C HIS LA 9 130.17 55.14 -37.88
N PHE LA 10 129.92 53.83 -37.91
CA PHE LA 10 129.08 53.16 -36.92
C PHE LA 10 129.40 51.68 -36.78
N SER LA 11 128.87 51.04 -35.73
CA SER LA 11 129.03 49.59 -35.54
C SER LA 11 127.79 48.91 -34.94
N VAL LA 12 127.62 47.62 -35.24
CA VAL LA 12 126.49 46.86 -34.70
C VAL LA 12 126.86 45.56 -33.98
N GLU LA 13 126.46 45.44 -32.72
CA GLU LA 13 126.72 44.22 -31.95
C GLU LA 13 125.47 43.35 -31.86
N TRP LA 14 125.50 42.23 -32.56
CA TRP LA 14 124.34 41.37 -32.68
C TRP LA 14 124.59 39.90 -32.33
N GLY LA 15 125.72 39.57 -31.68
CA GLY LA 15 126.02 38.19 -31.34
C GLY LA 15 126.67 37.36 -32.46
N GLY LA 16 127.06 37.99 -33.56
CA GLY LA 16 127.67 37.27 -34.66
C GLY LA 16 129.18 37.45 -34.60
N THR LA 17 129.87 37.13 -35.69
CA THR LA 17 131.33 37.27 -35.67
C THR LA 17 131.89 38.61 -36.19
N LYS LA 18 131.08 39.39 -36.92
CA LYS LA 18 131.51 40.67 -37.48
C LYS LA 18 130.55 41.77 -37.07
N ILE LA 19 131.07 43.00 -36.97
CA ILE LA 19 130.25 44.16 -36.59
C ILE LA 19 130.08 45.22 -37.69
N GLY LA 20 130.61 44.93 -38.88
CA GLY LA 20 130.51 45.86 -40.00
C GLY LA 20 129.29 45.60 -40.89
N PHE LA 21 128.54 46.66 -41.16
CA PHE LA 21 127.36 46.64 -41.99
C PHE LA 21 127.37 47.74 -43.02
N THR LA 22 126.64 47.51 -44.10
CA THR LA 22 126.48 48.47 -45.16
C THR LA 22 125.35 49.45 -44.85
N GLU LA 23 124.25 48.93 -44.31
CA GLU LA 23 123.08 49.77 -44.06
C GLU LA 23 122.27 49.33 -42.85
N VAL LA 24 121.81 50.31 -42.06
CA VAL LA 24 120.93 50.10 -40.91
C VAL LA 24 119.71 51.05 -40.97
N SER LA 25 118.50 50.52 -40.84
CA SER LA 25 117.30 51.38 -40.84
C SER LA 25 116.12 50.88 -39.99
N GLY LA 26 115.21 51.80 -39.62
CA GLY LA 26 113.98 51.46 -38.87
C GLY LA 26 113.98 51.78 -37.36
N LEU LA 27 114.91 52.59 -36.87
CA LEU LA 27 114.97 52.92 -35.45
C LEU LA 27 113.94 53.99 -35.02
N ASP LA 28 112.65 53.62 -35.12
CA ASP LA 28 111.48 54.48 -34.83
C ASP LA 28 110.70 54.14 -33.56
N LEU LA 29 109.99 55.15 -33.03
CA LEU LA 29 109.09 55.03 -31.87
C LEU LA 29 107.72 55.64 -32.23
N GLU LA 30 106.59 54.99 -31.88
CA GLU LA 30 105.27 55.56 -32.23
C GLU LA 30 104.16 55.32 -31.18
N THR LA 31 103.33 56.35 -30.96
CA THR LA 31 102.19 56.27 -30.01
C THR LA 31 100.86 56.63 -30.67
N GLU LA 32 99.80 55.86 -30.35
CA GLU LA 32 98.43 56.08 -30.83
C GLU LA 32 97.71 57.22 -30.13
N ILE LA 33 96.70 57.77 -30.78
CA ILE LA 33 95.95 58.88 -30.19
C ILE LA 33 94.46 58.60 -29.99
N ILE LA 34 93.98 58.90 -28.78
CA ILE LA 34 92.58 58.74 -28.43
C ILE LA 34 91.89 60.11 -28.43
N GLU LA 35 90.81 60.25 -29.21
CA GLU LA 35 90.10 61.53 -29.36
C GLU LA 35 88.73 61.56 -28.66
N TYR LA 36 88.33 62.74 -28.18
CA TYR LA 36 87.01 62.90 -27.51
C TYR LA 36 86.33 64.28 -27.60
N ARG LA 37 85.00 64.31 -27.74
CA ARG LA 37 84.23 65.56 -27.66
C ARG LA 37 82.83 65.38 -27.07
N HIS LA 38 82.49 66.15 -26.04
CA HIS LA 38 81.14 66.10 -25.47
C HIS LA 38 80.28 67.19 -26.13
N GLY LA 39 79.02 66.84 -26.44
CA GLY LA 39 78.09 67.67 -27.19
C GLY LA 39 77.94 69.13 -26.75
N ALA LA 40 78.11 69.42 -25.47
CA ALA LA 40 77.95 70.78 -24.98
C ALA LA 40 79.19 71.67 -25.13
N SER LA 41 80.31 71.16 -25.62
CA SER LA 41 81.50 71.98 -25.72
C SER LA 41 81.37 73.16 -26.71
N PRO LA 42 81.81 74.39 -26.37
CA PRO LA 42 81.91 75.57 -27.21
C PRO LA 42 82.84 75.40 -28.42
N GLU LA 43 83.75 74.44 -28.36
CA GLU LA 43 84.65 74.22 -29.48
C GLU LA 43 84.14 73.07 -30.29
N TYR LA 44 84.34 73.14 -31.60
CA TYR LA 44 83.83 72.14 -32.50
C TYR LA 44 84.91 71.22 -33.05
N SER LA 45 85.86 70.90 -32.18
CA SER LA 45 86.97 70.01 -32.46
C SER LA 45 87.20 69.13 -31.24
N LYS LA 46 88.05 68.12 -31.37
CA LYS LA 46 88.27 67.15 -30.30
C LYS LA 46 89.51 67.36 -29.43
N ILE LA 47 89.47 66.81 -28.22
CA ILE LA 47 90.61 66.82 -27.30
C ILE LA 47 91.38 65.51 -27.46
N LYS LA 48 92.72 65.58 -27.40
CA LYS LA 48 93.53 64.39 -27.64
C LYS LA 48 94.38 63.91 -26.47
N MET LA 49 94.51 62.58 -26.32
CA MET LA 49 95.42 62.01 -25.32
C MET LA 49 96.14 60.75 -25.85
N PRO LA 50 97.33 60.39 -25.34
CA PRO LA 50 98.07 59.17 -25.67
C PRO LA 50 97.39 57.84 -25.40
N GLY LA 51 97.56 56.94 -26.35
CA GLY LA 51 97.10 55.55 -26.39
C GLY LA 51 98.27 54.57 -26.21
N MET LA 52 98.11 53.39 -26.79
CA MET LA 52 99.11 52.30 -26.74
C MET LA 52 100.30 52.58 -27.67
N GLN LA 53 101.44 51.93 -27.40
CA GLN LA 53 102.66 52.14 -28.19
C GLN LA 53 103.06 51.02 -29.15
N LYS LA 54 103.79 51.41 -30.21
CA LYS LA 54 104.34 50.55 -31.25
C LYS LA 54 105.83 50.74 -31.52
N PHE LA 55 106.43 49.70 -32.11
CA PHE LA 55 107.80 49.76 -32.58
C PHE LA 55 107.89 49.25 -34.02
N SER LA 56 108.83 49.78 -34.80
CA SER LA 56 109.08 49.31 -36.17
C SER LA 56 110.10 48.18 -36.23
N ASN LA 57 110.08 47.41 -37.31
CA ASN LA 57 111.09 46.36 -37.50
C ASN LA 57 112.41 47.01 -37.96
N ILE LA 58 113.51 46.35 -37.65
CA ILE LA 58 114.84 46.85 -38.02
C ILE LA 58 115.48 46.08 -39.17
N THR LA 59 115.98 46.80 -40.17
CA THR LA 59 116.61 46.17 -41.32
C THR LA 59 118.13 46.36 -41.34
N LEU LA 60 118.85 45.25 -41.52
CA LEU LA 60 120.31 45.25 -41.61
C LEU LA 60 120.81 44.68 -42.95
N LYS LA 61 121.76 45.37 -43.59
CA LYS LA 61 122.30 44.94 -44.91
C LYS LA 61 123.82 44.77 -44.85
N ARG LA 62 124.34 43.69 -45.46
CA ARG LA 62 125.81 43.42 -45.47
C ARG LA 62 126.19 42.71 -46.78
N GLY LA 63 127.48 42.74 -47.14
CA GLY LA 63 127.97 42.02 -48.33
C GLY LA 63 128.19 40.55 -48.01
N THR LA 64 127.95 39.64 -48.96
CA THR LA 64 128.24 38.22 -48.82
C THR LA 64 129.72 37.85 -48.91
N PHE LA 65 130.20 37.11 -47.92
CA PHE LA 65 131.57 36.64 -47.83
C PHE LA 65 131.70 35.12 -47.78
N LYS LA 66 132.81 34.63 -48.31
CA LYS LA 66 133.15 33.23 -48.29
C LYS LA 66 133.19 32.69 -46.86
N SER LA 67 132.52 31.55 -46.67
CA SER LA 67 132.40 30.81 -45.41
C SER LA 67 131.72 31.54 -44.26
N ASP LA 68 130.90 32.55 -44.56
CA ASP LA 68 130.13 33.26 -43.55
C ASP LA 68 128.65 33.05 -43.73
N ASN LA 69 128.05 32.24 -42.87
CA ASN LA 69 126.64 31.91 -43.02
C ASN LA 69 125.89 32.28 -41.73
N GLU LA 70 126.30 33.36 -41.11
CA GLU LA 70 125.73 33.81 -39.85
C GLU LA 70 124.25 34.11 -39.87
N TYR LA 71 123.76 34.68 -40.96
CA TYR LA 71 122.32 35.03 -41.04
C TYR LA 71 121.41 33.82 -41.07
N PHE LA 72 121.79 32.84 -41.87
CA PHE LA 72 121.02 31.62 -42.01
C PHE LA 72 121.00 30.87 -40.71
N GLN LA 73 122.17 30.74 -40.08
CA GLN LA 73 122.26 29.98 -38.84
C GLN LA 73 121.38 30.55 -37.73
N TRP LA 74 121.30 31.88 -37.59
CA TRP LA 74 120.43 32.45 -36.57
C TRP LA 74 118.95 32.14 -36.92
N TYR LA 75 118.57 32.37 -38.18
CA TYR LA 75 117.20 32.13 -38.65
C TYR LA 75 116.78 30.69 -38.37
N ASN LA 76 117.70 29.77 -38.61
CA ASN LA 76 117.47 28.35 -38.47
C ASN LA 76 117.37 27.88 -37.01
N THR LA 77 117.40 28.81 -36.02
CA THR LA 77 117.18 28.42 -34.62
C THR LA 77 115.69 28.43 -34.28
N ILE LA 78 114.84 28.82 -35.24
CA ILE LA 78 113.41 28.84 -35.00
C ILE LA 78 112.86 27.41 -35.01
N ASN LA 79 112.13 27.07 -33.95
CA ASN LA 79 111.56 25.75 -33.78
C ASN LA 79 110.15 25.87 -33.19
N LEU LA 80 109.16 25.89 -34.06
CA LEU LA 80 107.74 26.13 -33.74
C LEU LA 80 107.57 27.50 -33.08
N ASN LA 81 107.54 27.57 -31.75
CA ASN LA 81 107.39 28.87 -31.08
C ASN LA 81 108.65 29.30 -30.34
N LYS LA 82 109.75 28.58 -30.53
CA LYS LA 82 111.00 28.92 -29.87
C LYS LA 82 111.96 29.54 -30.85
N VAL LA 83 112.80 30.45 -30.37
CA VAL LA 83 113.83 31.09 -31.17
C VAL LA 83 114.88 31.66 -30.25
N GLU LA 84 116.12 31.74 -30.70
CA GLU LA 84 117.13 32.41 -29.89
C GLU LA 84 116.93 33.93 -29.94
N ARG LA 85 116.69 34.56 -28.81
CA ARG LA 85 116.49 36.01 -28.78
C ARG LA 85 117.77 36.69 -28.34
N ARG LA 86 118.07 37.84 -28.94
CA ARG LA 86 119.31 38.54 -28.60
C ARG LA 86 119.16 40.04 -28.29
N ASP LA 87 120.11 40.55 -27.54
CA ASP LA 87 120.21 41.97 -27.27
C ASP LA 87 121.04 42.63 -28.36
N LEU LA 88 120.43 43.59 -29.04
CA LEU LA 88 121.05 44.28 -30.16
C LEU LA 88 121.52 45.68 -29.80
N THR LA 89 122.82 45.96 -29.99
CA THR LA 89 123.32 47.30 -29.65
C THR LA 89 123.91 48.01 -30.87
N ILE LA 90 123.34 49.16 -31.19
CA ILE LA 90 123.76 49.93 -32.36
C ILE LA 90 124.40 51.24 -31.93
N SER LA 91 125.59 51.51 -32.44
CA SER LA 91 126.30 52.71 -32.00
C SER LA 91 127.00 53.57 -33.06
N LEU LA 92 126.78 54.88 -32.93
CA LEU LA 92 127.39 55.94 -33.76
C LEU LA 92 128.70 56.31 -33.10
N LEU LA 93 129.79 56.29 -33.89
CA LEU LA 93 131.15 56.50 -33.37
C LEU LA 93 131.84 57.84 -33.63
N ASN LA 94 132.76 58.21 -32.72
CA ASN LA 94 133.62 59.40 -32.86
C ASN LA 94 134.97 59.06 -33.53
N GLU LA 95 135.87 60.05 -33.61
CA GLU LA 95 137.18 59.89 -34.24
C GLU LA 95 138.15 58.94 -33.53
N GLU LA 96 137.83 58.55 -32.29
CA GLU LA 96 138.64 57.62 -31.49
C GLU LA 96 138.03 56.24 -31.57
N HIS LA 97 136.98 56.12 -32.39
CA HIS LA 97 136.18 54.95 -32.61
C HIS LA 97 135.42 54.52 -31.35
N GLU LA 98 135.00 55.52 -30.55
CA GLU LA 98 134.22 55.30 -29.34
C GLU LA 98 132.77 55.71 -29.58
N PRO LA 99 131.78 55.13 -28.88
CA PRO LA 99 130.37 55.50 -28.94
C PRO LA 99 130.07 56.94 -28.58
N VAL LA 100 129.11 57.50 -29.29
CA VAL LA 100 128.58 58.84 -29.08
C VAL LA 100 127.08 58.70 -28.84
N VAL LA 101 126.40 58.02 -29.77
CA VAL LA 101 124.95 57.83 -29.67
C VAL LA 101 124.64 56.34 -29.72
N THR LA 102 123.92 55.84 -28.72
CA THR LA 102 123.61 54.41 -28.70
C THR LA 102 122.12 54.09 -28.68
N TRP LA 103 121.74 53.14 -29.52
CA TRP LA 103 120.38 52.63 -29.59
C TRP LA 103 120.36 51.21 -29.02
N LYS LA 104 119.61 51.04 -27.93
CA LYS LA 104 119.54 49.76 -27.24
C LYS LA 104 118.25 49.01 -27.54
N VAL LA 105 118.36 47.82 -28.13
CA VAL LA 105 117.19 47.04 -28.52
C VAL LA 105 117.04 45.69 -27.80
N LYS LA 106 115.86 45.51 -27.19
CA LYS LA 106 115.47 44.35 -26.40
C LYS LA 106 114.81 43.19 -27.18
N ASN LA 107 115.24 41.95 -26.92
CA ASN LA 107 114.62 40.73 -27.47
C ASN LA 107 114.47 40.54 -28.98
N ALA LA 108 115.43 40.91 -29.79
CA ALA LA 108 115.30 40.76 -31.23
C ALA LA 108 115.45 39.33 -31.78
N TRP LA 109 114.72 39.03 -32.84
CA TRP LA 109 114.83 37.76 -33.55
C TRP LA 109 114.58 38.00 -35.03
N PRO LA 110 115.06 37.14 -35.91
CA PRO LA 110 114.80 37.42 -37.33
C PRO LA 110 113.49 36.91 -37.96
N LEU LA 111 112.75 37.86 -38.51
CA LEU LA 111 111.50 37.71 -39.26
C LEU LA 111 111.69 37.16 -40.67
N LYS LA 112 112.69 37.66 -41.38
CA LYS LA 112 112.99 37.22 -42.76
C LYS LA 112 114.47 37.43 -43.09
N VAL LA 113 114.96 36.55 -43.95
CA VAL LA 113 116.30 36.60 -44.53
C VAL LA 113 116.17 36.62 -46.05
N GLN LA 114 116.72 37.67 -46.68
CA GLN LA 114 116.65 37.83 -48.16
C GLN LA 114 118.02 37.71 -48.84
N SER LA 115 118.08 36.80 -49.79
CA SER LA 115 119.28 36.58 -50.62
C SER LA 115 119.31 37.50 -51.83
N THR LA 116 120.45 37.51 -52.50
CA THR LA 116 120.66 38.31 -53.69
C THR LA 116 120.10 37.74 -54.96
N ASP LA 117 119.99 38.61 -55.96
CA ASP LA 117 119.54 38.24 -57.32
C ASP LA 117 120.79 38.15 -58.20
N LEU LA 118 120.79 37.27 -59.19
CA LEU LA 118 121.95 37.02 -60.04
C LEU LA 118 121.71 37.54 -61.45
N LYS LA 119 122.70 38.21 -62.01
CA LYS LA 119 122.58 38.75 -63.37
C LYS LA 119 123.84 38.53 -64.19
N GLY LA 120 123.67 38.18 -65.47
CA GLY LA 120 124.78 37.96 -66.40
C GLY LA 120 125.68 39.17 -66.60
N ASP LA 121 125.10 40.36 -66.53
CA ASP LA 121 125.80 41.62 -66.66
C ASP LA 121 125.78 42.41 -65.35
N GLY LA 122 125.60 41.70 -64.24
CA GLY LA 122 125.52 42.28 -62.92
C GLY LA 122 126.86 42.64 -62.32
N ASN LA 123 127.47 43.69 -62.82
CA ASN LA 123 128.78 44.11 -62.36
C ASN LA 123 128.72 44.83 -61.00
N GLU LA 124 128.39 44.10 -59.94
CA GLU LA 124 128.22 44.67 -58.60
C GLU LA 124 128.48 43.64 -57.48
N VAL LA 125 128.42 44.08 -56.23
CA VAL LA 125 128.58 43.26 -55.03
C VAL LA 125 127.28 42.57 -54.63
N ALA LA 126 127.37 41.30 -54.30
CA ALA LA 126 126.22 40.56 -53.83
C ALA LA 126 125.89 40.94 -52.38
N ILE LA 127 124.72 41.55 -52.15
CA ILE LA 127 124.30 42.02 -50.83
C ILE LA 127 123.13 41.26 -50.23
N GLU LA 128 123.32 40.71 -49.05
CA GLU LA 128 122.25 40.00 -48.33
C GLU LA 128 121.65 40.89 -47.25
N SER LA 129 120.39 40.62 -46.88
CA SER LA 129 119.74 41.40 -45.82
C SER LA 129 118.82 40.62 -44.88
N MET LA 130 118.63 41.20 -43.70
CA MET LA 130 117.79 40.63 -42.65
C MET LA 130 116.84 41.64 -42.00
N GLU LA 131 115.62 41.17 -41.67
CA GLU LA 131 114.63 41.98 -40.97
C GLU LA 131 114.33 41.42 -39.57
N LEU LA 132 114.48 42.27 -38.56
CA LEU LA 132 114.29 41.89 -37.16
C LEU LA 132 113.10 42.48 -36.41
N ALA LA 133 112.44 41.62 -35.65
CA ALA LA 133 111.36 41.95 -34.73
C ALA LA 133 111.98 42.23 -33.37
N HIS LA 134 111.38 43.10 -32.56
CA HIS LA 134 111.92 43.33 -31.22
C HIS LA 134 110.83 43.85 -30.30
N GLU LA 135 111.16 43.99 -29.02
CA GLU LA 135 110.20 44.45 -28.01
C GLU LA 135 110.52 45.78 -27.31
N GLY LA 136 111.33 46.64 -27.90
CA GLY LA 136 111.58 47.91 -27.24
C GLY LA 136 112.92 48.55 -27.54
N LEU LA 137 112.91 49.88 -27.57
CA LEU LA 137 114.05 50.71 -27.89
C LEU LA 137 114.27 51.88 -26.93
N VAL LA 138 115.51 51.99 -26.45
CA VAL LA 138 115.96 53.09 -25.58
C VAL LA 138 117.11 53.86 -26.25
N ILE LA 139 117.04 55.19 -26.24
CA ILE LA 139 118.08 55.99 -26.89
C ILE LA 139 118.94 56.75 -25.87
N GLN LA 140 120.26 56.53 -25.94
CA GLN LA 140 121.21 57.17 -25.04
C GLN LA 140 122.17 58.13 -25.74
N ASN LA 141 122.19 59.38 -25.28
CA ASN LA 141 123.07 60.40 -25.84
C ASN LA 141 123.46 61.35 -24.72
N GLU LA 142 124.62 61.13 -24.13
CA GLU LA 142 125.04 61.90 -22.96
C GLU LA 142 126.18 62.85 -23.30
N SER MA 2 106.43 96.44 -51.13
CA SER MA 2 106.03 96.11 -52.49
C SER MA 2 106.54 94.75 -52.85
N TYR MA 3 107.24 94.15 -51.91
CA TYR MA 3 107.83 92.85 -52.11
C TYR MA 3 107.31 91.86 -51.08
N PRO MA 4 107.14 90.58 -51.44
CA PRO MA 4 106.74 89.48 -50.59
C PRO MA 4 107.86 89.06 -49.64
N LEU MA 5 107.49 88.34 -48.60
CA LEU MA 5 108.44 87.77 -47.64
C LEU MA 5 109.10 86.49 -48.18
N SER MA 6 110.35 86.26 -47.77
CA SER MA 6 111.09 85.03 -48.08
C SER MA 6 110.74 83.95 -47.06
N LYS MA 7 111.23 82.72 -47.27
CA LYS MA 7 110.86 81.60 -46.37
C LYS MA 7 112.03 80.94 -45.61
N PHE MA 8 113.22 81.56 -45.53
CA PHE MA 8 114.32 80.88 -44.83
C PHE MA 8 114.78 81.41 -43.46
N HIS MA 9 114.27 82.54 -42.99
CA HIS MA 9 114.71 83.06 -41.70
C HIS MA 9 113.57 82.97 -40.67
N PHE MA 10 113.68 82.05 -39.73
CA PHE MA 10 112.61 81.76 -38.77
C PHE MA 10 113.13 81.15 -37.47
N SER MA 11 112.28 81.11 -36.45
CA SER MA 11 112.62 80.44 -35.18
C SER MA 11 111.45 79.70 -34.53
N VAL MA 12 111.77 78.68 -33.72
CA VAL MA 12 110.72 77.91 -33.04
C VAL MA 12 110.93 77.78 -31.53
N GLU MA 13 109.95 78.22 -30.75
CA GLU MA 13 110.01 78.09 -29.29
C GLU MA 13 109.15 76.94 -28.80
N TRP MA 14 109.81 75.87 -28.35
CA TRP MA 14 109.12 74.65 -27.96
C TRP MA 14 109.46 74.13 -26.56
N GLY MA 15 110.10 74.96 -25.71
CA GLY MA 15 110.46 74.50 -24.38
C GLY MA 15 111.78 73.72 -24.28
N GLY MA 16 112.56 73.66 -25.35
CA GLY MA 16 113.82 72.94 -25.36
C GLY MA 16 114.96 73.92 -25.17
N THR MA 17 116.19 73.48 -25.44
CA THR MA 17 117.33 74.39 -25.26
C THR MA 17 117.76 75.17 -26.51
N LYS MA 18 117.32 74.76 -27.70
CA LYS MA 18 117.68 75.43 -28.95
C LYS MA 18 116.45 75.78 -29.75
N ILE MA 19 116.53 76.85 -30.54
CA ILE MA 19 115.41 77.30 -31.37
C ILE MA 19 115.63 77.19 -32.88
N GLY MA 20 116.76 76.61 -33.27
CA GLY MA 20 117.08 76.45 -34.69
C GLY MA 20 116.63 75.11 -35.25
N PHE MA 21 115.95 75.16 -36.38
CA PHE MA 21 115.43 74.00 -37.09
C PHE MA 21 115.75 74.04 -38.56
N THR MA 22 115.81 72.88 -39.16
CA THR MA 22 116.04 72.73 -40.59
C THR MA 22 114.74 72.87 -41.37
N GLU MA 23 113.68 72.27 -40.86
CA GLU MA 23 112.40 72.26 -41.56
C GLU MA 23 111.19 72.25 -40.64
N VAL MA 24 110.16 73.03 -41.02
CA VAL MA 24 108.88 73.10 -40.34
C VAL MA 24 107.72 72.93 -41.33
N SER MA 25 106.78 72.03 -41.08
CA SER MA 25 105.62 71.87 -41.98
C SER MA 25 104.31 71.41 -41.30
N GLY MA 26 103.16 71.67 -41.97
CA GLY MA 26 101.84 71.22 -41.48
C GLY MA 26 100.95 72.29 -40.82
N LEU MA 27 101.26 73.56 -40.97
CA LEU MA 27 100.45 74.62 -40.36
C LEU MA 27 99.14 74.94 -41.13
N ASP MA 28 98.24 73.95 -41.14
CA ASP MA 28 96.95 73.97 -41.86
C ASP MA 28 95.70 74.09 -40.98
N LEU MA 29 94.61 74.59 -41.58
CA LEU MA 29 93.27 74.70 -40.97
C LEU MA 29 92.22 74.09 -41.91
N GLU MA 30 91.28 73.29 -41.40
CA GLU MA 30 90.27 72.68 -42.30
C GLU MA 30 88.85 72.54 -41.70
N THR MA 31 87.83 72.81 -42.52
CA THR MA 31 86.41 72.69 -42.11
C THR MA 31 85.61 71.76 -43.03
N GLU MA 32 84.75 70.91 -42.44
CA GLU MA 32 83.87 69.99 -43.17
C GLU MA 32 82.63 70.68 -43.76
N ILE MA 33 82.04 70.06 -44.77
CA ILE MA 33 80.87 70.63 -45.43
C ILE MA 33 79.62 69.76 -45.37
N ILE MA 34 78.50 70.38 -44.96
CA ILE MA 34 77.22 69.70 -44.88
C ILE MA 34 76.36 70.14 -46.08
N GLU MA 35 75.88 69.16 -46.86
CA GLU MA 35 75.10 69.43 -48.07
C GLU MA 35 73.60 69.10 -47.94
N TYR MA 36 72.74 69.85 -48.64
CA TYR MA 36 71.29 69.60 -48.61
C TYR MA 36 70.48 69.99 -49.88
N ARG MA 37 69.47 69.18 -50.23
CA ARG MA 37 68.52 69.53 -51.30
C ARG MA 37 67.10 68.99 -51.06
N HIS MA 38 66.10 69.86 -51.11
CA HIS MA 38 64.71 69.41 -50.97
C HIS MA 38 64.12 69.19 -52.38
N GLY MA 39 63.36 68.11 -52.53
CA GLY MA 39 62.82 67.64 -53.81
C GLY MA 39 62.13 68.67 -54.70
N ALA MA 40 61.51 69.69 -54.12
CA ALA MA 40 60.81 70.69 -54.91
C ALA MA 40 61.69 71.81 -55.46
N SER MA 41 62.98 71.84 -55.15
CA SER MA 41 63.82 72.93 -55.63
C SER MA 41 63.98 72.97 -57.16
N PRO MA 42 63.87 74.16 -57.81
CA PRO MA 42 64.14 74.41 -59.23
C PRO MA 42 65.59 74.12 -59.65
N GLU MA 43 66.52 74.10 -58.69
CA GLU MA 43 67.91 73.82 -59.03
C GLU MA 43 68.19 72.37 -58.72
N TYR MA 44 69.05 71.77 -59.52
CA TYR MA 44 69.36 70.36 -59.39
C TYR MA 44 70.72 70.10 -58.79
N SER MA 45 71.09 70.95 -57.85
CA SER MA 45 72.35 70.88 -57.13
C SER MA 45 72.06 71.20 -55.65
N LYS MA 46 73.05 71.00 -54.79
CA LYS MA 46 72.86 71.18 -53.35
C LYS MA 46 73.34 72.51 -52.76
N ILE MA 47 72.78 72.85 -51.61
CA ILE MA 47 73.21 74.04 -50.84
C ILE MA 47 74.21 73.60 -49.78
N LYS MA 48 75.23 74.42 -49.55
CA LYS MA 48 76.30 74.03 -48.62
C LYS MA 48 76.45 74.91 -47.37
N MET MA 49 76.78 74.29 -46.23
CA MET MA 49 77.10 75.04 -45.01
C MET MA 49 78.25 74.38 -44.21
N PRO MA 50 79.01 75.13 -43.41
CA PRO MA 50 80.07 74.64 -42.51
C PRO MA 50 79.66 73.63 -41.46
N GLY MA 51 80.52 72.64 -41.29
CA GLY MA 51 80.50 71.54 -40.33
C GLY MA 51 81.55 71.72 -39.24
N MET MA 52 82.01 70.59 -38.70
CA MET MA 52 83.03 70.53 -37.64
C MET MA 52 84.43 70.82 -38.19
N GLN MA 53 85.36 71.23 -37.31
CA GLN MA 53 86.72 71.57 -37.72
C GLN MA 53 87.82 70.57 -37.35
N LYS MA 54 88.90 70.59 -38.15
CA LYS MA 54 90.10 69.77 -38.00
C LYS MA 54 91.42 70.56 -38.03
N PHE MA 55 92.45 69.93 -37.47
CA PHE MA 55 93.82 70.46 -37.54
C PHE MA 55 94.78 69.37 -37.99
N SER MA 56 95.84 69.74 -38.70
CA SER MA 56 96.89 68.80 -39.11
C SER MA 56 98.00 68.68 -38.07
N ASN MA 57 98.75 67.57 -38.13
CA ASN MA 57 99.91 67.41 -37.26
C ASN MA 57 101.07 68.24 -37.77
N ILE MA 58 101.95 68.67 -36.87
CA ILE MA 58 103.10 69.48 -37.23
C ILE MA 58 104.42 68.71 -37.20
N THR MA 59 105.21 68.82 -38.28
CA THR MA 59 106.49 68.12 -38.35
C THR MA 59 107.68 69.07 -38.23
N LEU MA 60 108.62 68.71 -37.34
CA LEU MA 60 109.84 69.49 -37.12
C LEU MA 60 111.11 68.64 -37.38
N LYS MA 61 112.07 69.20 -38.13
CA LYS MA 61 113.32 68.46 -38.49
C LYS MA 61 114.56 69.25 -38.03
N ARG MA 62 115.55 68.55 -37.46
CA ARG MA 62 116.80 69.20 -36.98
C ARG MA 62 117.97 68.23 -37.14
N GLY MA 63 119.21 68.75 -37.13
CA GLY MA 63 120.42 67.91 -37.21
C GLY MA 63 120.75 67.33 -35.83
N THR MA 64 121.27 66.12 -35.75
CA THR MA 64 121.75 65.53 -34.49
C THR MA 64 123.08 66.09 -34.00
N PHE MA 65 123.09 66.49 -32.73
CA PHE MA 65 124.27 67.02 -32.05
C PHE MA 65 124.68 66.23 -30.82
N LYS MA 66 125.98 66.25 -30.54
CA LYS MA 66 126.55 65.62 -29.38
C LYS MA 66 125.93 66.16 -28.09
N SER MA 67 125.55 65.23 -27.23
CA SER MA 67 124.93 65.46 -25.91
C SER MA 67 123.59 66.20 -25.92
N ASP MA 68 122.87 66.16 -27.03
CA ASP MA 68 121.54 66.75 -27.11
C ASP MA 68 120.48 65.68 -27.35
N ASN MA 69 119.71 65.38 -26.32
CA ASN MA 69 118.73 64.31 -26.41
C ASN MA 69 117.34 64.86 -26.06
N GLU MA 70 117.08 66.09 -26.45
CA GLU MA 70 115.84 66.78 -26.15
C GLU MA 70 114.58 66.12 -26.68
N TYR MA 71 114.65 65.54 -27.86
CA TYR MA 71 113.46 64.91 -28.46
C TYR MA 71 113.00 63.67 -27.71
N PHE MA 72 113.96 62.82 -27.36
CA PHE MA 72 113.70 61.60 -26.65
C PHE MA 72 113.14 61.92 -25.28
N GLN MA 73 113.77 62.85 -24.58
CA GLN MA 73 113.35 63.17 -23.23
C GLN MA 73 111.91 63.68 -23.17
N TRP MA 74 111.46 64.49 -24.13
CA TRP MA 74 110.07 64.94 -24.13
C TRP MA 74 109.13 63.73 -24.38
N TYR MA 75 109.46 62.92 -25.38
CA TYR MA 75 108.66 61.75 -25.74
C TYR MA 75 108.51 60.82 -24.53
N ASN MA 76 109.57 60.66 -23.79
CA ASN MA 76 109.64 59.77 -22.65
C ASN MA 76 108.86 60.30 -21.42
N THR MA 77 108.14 61.43 -21.54
CA THR MA 77 107.30 61.91 -20.44
C THR MA 77 105.90 61.28 -20.53
N ILE MA 78 105.65 60.47 -21.56
CA ILE MA 78 104.35 59.83 -21.72
C ILE MA 78 104.23 58.68 -20.71
N ASN MA 79 103.15 58.69 -19.95
CA ASN MA 79 102.89 57.68 -18.93
C ASN MA 79 101.40 57.33 -18.93
N LEU MA 80 101.07 56.27 -19.66
CA LEU MA 80 99.70 55.81 -19.92
C LEU MA 80 98.89 56.90 -20.61
N ASN MA 81 98.13 57.72 -19.88
CA ASN MA 81 97.34 58.79 -20.51
C ASN MA 81 97.86 60.18 -20.16
N LYS MA 82 99.02 60.25 -19.51
CA LYS MA 82 99.60 61.53 -19.13
C LYS MA 82 100.77 61.86 -20.03
N VAL MA 83 100.98 63.15 -20.28
CA VAL MA 83 102.10 63.64 -21.07
C VAL MA 83 102.33 65.10 -20.75
N GLU MA 84 103.57 65.57 -20.86
CA GLU MA 84 103.78 67.00 -20.69
C GLU MA 84 103.32 67.74 -21.94
N ARG MA 85 102.35 68.65 -21.79
CA ARG MA 85 101.86 69.41 -22.94
C ARG MA 85 102.50 70.79 -22.96
N ARG MA 86 102.82 71.27 -24.16
CA ARG MA 86 103.47 72.58 -24.27
C ARG MA 86 102.84 73.55 -25.27
N ASP MA 87 103.10 74.83 -25.03
CA ASP MA 87 102.71 75.88 -25.96
C ASP MA 87 103.82 76.08 -26.97
N LEU MA 88 103.49 75.93 -28.23
CA LEU MA 88 104.44 76.02 -29.33
C LEU MA 88 104.32 77.33 -30.11
N THR MA 89 105.40 78.10 -30.18
CA THR MA 89 105.32 79.36 -30.93
C THR MA 89 106.30 79.39 -32.10
N ILE MA 90 105.76 79.57 -33.30
CA ILE MA 90 106.55 79.57 -34.52
C ILE MA 90 106.55 80.95 -35.17
N SER MA 91 107.73 81.47 -35.46
CA SER MA 91 107.80 82.84 -35.98
C SER MA 91 108.74 83.11 -37.15
N LEU MA 92 108.19 83.84 -38.14
CA LEU MA 92 108.90 84.32 -39.34
C LEU MA 92 109.54 85.65 -38.99
N LEU MA 93 110.85 85.79 -39.24
CA LEU MA 93 111.61 86.97 -38.82
C LEU MA 93 112.02 87.99 -39.90
N ASN MA 94 112.18 89.26 -39.46
CA ASN MA 94 112.68 90.35 -40.31
C ASN MA 94 114.21 90.51 -40.19
N GLU MA 95 114.75 91.53 -40.84
CA GLU MA 95 116.20 91.81 -40.85
C GLU MA 95 116.81 92.21 -39.50
N GLU MA 96 115.97 92.53 -38.51
CA GLU MA 96 116.40 92.90 -37.16
C GLU MA 96 116.26 91.70 -36.25
N HIS MA 97 115.89 90.57 -36.84
CA HIS MA 97 115.61 89.29 -36.22
C HIS MA 97 114.41 89.36 -35.28
N GLU MA 98 113.41 90.18 -35.64
CA GLU MA 98 112.17 90.33 -34.90
C GLU MA 98 111.04 89.63 -35.63
N PRO MA 99 109.99 89.13 -34.94
CA PRO MA 99 108.81 88.54 -35.53
C PRO MA 99 108.03 89.43 -36.49
N VAL MA 100 107.52 88.81 -37.54
CA VAL MA 100 106.68 89.43 -38.55
C VAL MA 100 105.37 88.65 -38.58
N VAL MA 101 105.47 87.33 -38.74
CA VAL MA 101 104.28 86.47 -38.80
C VAL MA 101 104.40 85.39 -37.74
N THR MA 102 103.38 85.27 -36.88
CA THR MA 102 103.44 84.27 -35.82
C THR MA 102 102.29 83.26 -35.85
N TRP MA 103 102.66 82.00 -35.69
CA TRP MA 103 101.72 80.90 -35.59
C TRP MA 103 101.70 80.40 -34.15
N LYS MA 104 100.54 80.51 -33.50
CA LYS MA 104 100.41 80.12 -32.11
C LYS MA 104 99.68 78.79 -31.94
N VAL MA 105 100.36 77.79 -31.35
CA VAL MA 105 99.80 76.45 -31.21
C VAL MA 105 99.59 76.01 -29.76
N LYS MA 106 98.35 75.60 -29.48
CA LYS MA 106 97.87 75.15 -28.17
C LYS MA 106 98.02 73.64 -27.87
N ASN MA 107 98.49 73.31 -26.67
CA ASN MA 107 98.57 71.93 -26.18
C ASN MA 107 99.31 70.83 -26.96
N ALA MA 108 100.45 71.13 -27.55
CA ALA MA 108 101.15 70.12 -28.33
C ALA MA 108 101.90 69.04 -27.53
N TRP MA 109 101.96 67.83 -28.08
CA TRP MA 109 102.72 66.72 -27.49
C TRP MA 109 103.25 65.86 -28.61
N PRO MA 110 104.33 65.11 -28.38
CA PRO MA 110 104.82 64.29 -29.51
C PRO MA 110 104.22 62.90 -29.73
N LEU MA 111 103.70 62.72 -30.94
CA LEU MA 111 103.13 61.51 -31.51
C LEU MA 111 104.18 60.45 -31.90
N LYS MA 112 105.26 60.90 -32.53
CA LYS MA 112 106.35 59.98 -32.96
C LYS MA 112 107.67 60.74 -33.05
N VAL MA 113 108.75 59.99 -32.79
CA VAL MA 113 110.13 60.44 -32.91
C VAL MA 113 110.84 59.50 -33.87
N GLN MA 114 111.39 60.03 -34.97
CA GLN MA 114 112.10 59.23 -35.99
C GLN MA 114 113.61 59.52 -36.04
N SER MA 115 114.39 58.47 -35.90
CA SER MA 115 115.84 58.52 -36.01
C SER MA 115 116.33 58.37 -37.44
N THR MA 116 117.60 58.63 -37.64
CA THR MA 116 118.24 58.51 -38.93
C THR MA 116 118.61 57.12 -39.36
N ASP MA 117 118.87 56.98 -40.67
CA ASP MA 117 119.33 55.73 -41.27
C ASP MA 117 120.84 55.85 -41.51
N LEU MA 118 121.58 54.75 -41.42
CA LEU MA 118 123.03 54.75 -41.51
C LEU MA 118 123.48 54.10 -42.80
N LYS MA 119 124.45 54.72 -43.48
CA LYS MA 119 124.96 54.18 -44.74
C LYS MA 119 126.48 54.27 -44.83
N GLY MA 120 127.11 53.22 -45.35
CA GLY MA 120 128.57 53.15 -45.54
C GLY MA 120 129.13 54.26 -46.42
N ASP MA 121 128.36 54.68 -47.41
CA ASP MA 121 128.70 55.73 -48.34
C ASP MA 121 127.80 56.95 -48.16
N GLY MA 122 127.21 57.09 -46.98
CA GLY MA 122 126.30 58.16 -46.66
C GLY MA 122 126.98 59.47 -46.32
N ASN MA 123 127.51 60.14 -47.32
CA ASN MA 123 128.22 61.39 -47.12
C ASN MA 123 127.27 62.57 -46.88
N GLU MA 124 126.60 62.57 -45.73
CA GLU MA 124 125.61 63.60 -45.40
C GLU MA 124 125.43 63.78 -43.88
N VAL MA 125 124.60 64.75 -43.48
CA VAL MA 125 124.27 65.05 -42.08
C VAL MA 125 123.16 64.16 -41.56
N ALA MA 126 123.34 63.65 -40.36
CA ALA MA 126 122.32 62.85 -39.72
C ALA MA 126 121.18 63.74 -39.20
N ILE MA 127 119.97 63.58 -39.75
CA ILE MA 127 118.79 64.40 -39.40
C ILE MA 127 117.70 63.64 -38.68
N GLU MA 128 117.34 64.12 -37.50
CA GLU MA 128 116.25 63.53 -36.71
C GLU MA 128 114.98 64.35 -36.86
N SER MA 129 113.81 63.71 -36.68
CA SER MA 129 112.54 64.42 -36.77
C SER MA 129 111.46 64.00 -35.78
N MET MA 130 110.54 64.93 -35.55
CA MET MA 130 109.41 64.74 -34.63
C MET MA 130 108.06 65.19 -35.20
N GLU MA 131 107.01 64.43 -34.87
CA GLU MA 131 105.63 64.77 -35.26
C GLU MA 131 104.75 65.08 -34.05
N LEU MA 132 104.14 66.27 -34.07
CA LEU MA 132 103.31 66.76 -32.96
C LEU MA 132 101.80 66.88 -33.18
N ALA MA 133 101.05 66.44 -32.19
CA ALA MA 133 99.60 66.58 -32.11
C ALA MA 133 99.31 67.89 -31.39
N HIS MA 134 98.19 68.53 -31.68
CA HIS MA 134 97.84 69.76 -30.96
C HIS MA 134 96.34 69.99 -31.01
N GLU MA 135 95.87 71.01 -30.28
CA GLU MA 135 94.45 71.34 -30.21
C GLU MA 135 94.03 72.70 -30.76
N GLY MA 136 94.82 73.33 -31.64
CA GLY MA 136 94.38 74.61 -32.17
C GLY MA 136 95.49 75.54 -32.60
N LEU MA 137 95.19 76.30 -33.65
CA LEU MA 137 96.10 77.25 -34.28
C LEU MA 137 95.50 78.62 -34.56
N VAL MA 138 96.21 79.65 -34.13
CA VAL MA 138 95.86 81.05 -34.37
C VAL MA 138 96.98 81.77 -35.14
N ILE MA 139 96.62 82.51 -36.20
CA ILE MA 139 97.63 83.19 -37.01
C ILE MA 139 97.61 84.70 -36.83
N GLN MA 140 98.75 85.27 -36.44
CA GLN MA 140 98.89 86.70 -36.21
C GLN MA 140 99.83 87.39 -37.20
N ASN MA 141 99.33 88.41 -37.88
CA ASN MA 141 100.11 89.19 -38.84
C ASN MA 141 99.60 90.62 -38.85
N GLU MA 142 100.27 91.48 -38.09
CA GLU MA 142 99.80 92.84 -37.92
C GLU MA 142 100.70 93.83 -38.64
N SER NA 2 92.33 86.37 -85.21
CA SER NA 2 92.81 85.15 -85.83
C SER NA 2 93.73 84.42 -84.90
N TYR NA 3 93.91 85.01 -83.74
CA TYR NA 3 94.79 84.45 -82.74
C TYR NA 3 94.03 84.18 -81.44
N PRO NA 4 94.38 83.13 -80.70
CA PRO NA 4 93.84 82.76 -79.41
C PRO NA 4 94.32 83.68 -78.30
N LEU NA 5 93.62 83.66 -77.19
CA LEU NA 5 94.00 84.42 -75.99
C LEU NA 5 95.10 83.72 -75.19
N SER NA 6 95.95 84.51 -74.54
CA SER NA 6 96.99 84.03 -73.63
C SER NA 6 96.39 83.78 -72.24
N LYS NA 7 97.18 83.22 -71.32
CA LYS NA 7 96.64 82.87 -69.97
C LYS NA 7 97.32 83.58 -68.79
N PHE NA 8 98.10 84.65 -68.99
CA PHE NA 8 98.77 85.28 -67.84
C PHE NA 8 98.28 86.65 -67.35
N HIS NA 9 97.36 87.30 -68.03
CA HIS NA 9 96.89 88.62 -67.58
C HIS NA 9 95.43 88.52 -67.12
N PHE NA 10 95.22 88.60 -65.80
CA PHE NA 10 93.89 88.41 -65.20
C PHE NA 10 93.75 89.08 -63.86
N SER NA 11 92.50 89.18 -63.36
CA SER NA 11 92.25 89.72 -62.02
C SER NA 11 91.11 89.02 -61.28
N VAL NA 12 91.16 89.06 -59.94
CA VAL NA 12 90.10 88.44 -59.12
C VAL NA 12 89.48 89.35 -58.07
N GLU NA 13 88.17 89.52 -58.13
CA GLU NA 13 87.45 90.34 -57.15
C GLU NA 13 86.75 89.46 -56.11
N TRP NA 14 87.28 89.47 -54.90
CA TRP NA 14 86.78 88.60 -53.85
C TRP NA 14 86.41 89.30 -52.54
N GLY NA 15 86.29 90.63 -52.54
CA GLY NA 15 85.95 91.35 -51.32
C GLY NA 15 87.14 91.69 -50.41
N GLY NA 16 88.37 91.44 -50.85
CA GLY NA 16 89.55 91.73 -50.06
C GLY NA 16 90.16 93.04 -50.49
N THR NA 17 91.39 93.31 -50.08
CA THR NA 17 92.01 94.58 -50.46
C THR NA 17 92.87 94.56 -51.74
N LYS NA 18 93.25 93.38 -52.23
CA LYS NA 18 94.07 93.24 -53.42
C LYS NA 18 93.42 92.29 -54.42
N ILE NA 19 93.68 92.51 -55.70
CA ILE NA 19 93.13 91.66 -56.77
C ILE NA 19 94.15 90.83 -57.54
N GLY NA 20 95.42 90.89 -57.12
CA GLY NA 20 96.48 90.14 -57.78
C GLY NA 20 96.73 88.77 -57.16
N PHE NA 21 96.77 87.77 -58.01
CA PHE NA 21 96.99 86.37 -57.63
C PHE NA 21 98.05 85.72 -58.49
N THR NA 22 98.69 84.71 -57.94
CA THR NA 22 99.67 83.92 -58.64
C THR NA 22 99.02 82.82 -59.46
N GLU NA 23 98.01 82.16 -58.88
CA GLU NA 23 97.37 81.05 -59.55
C GLU NA 23 95.89 80.90 -59.23
N VAL NA 24 95.09 80.57 -60.24
CA VAL NA 24 93.66 80.28 -60.12
C VAL NA 24 93.30 78.97 -60.83
N SER NA 25 92.60 78.06 -60.13
CA SER NA 25 92.19 76.80 -60.78
C SER NA 25 90.87 76.19 -60.26
N GLY NA 26 90.25 75.31 -61.08
CA GLY NA 26 89.01 74.60 -60.69
C GLY NA 26 87.69 75.12 -61.29
N LEU NA 27 87.74 75.95 -62.32
CA LEU NA 27 86.52 76.49 -62.92
C LEU NA 27 85.81 75.49 -63.87
N ASP NA 28 85.30 74.40 -63.29
CA ASP NA 28 84.65 73.28 -63.98
C ASP NA 28 83.13 73.17 -63.78
N LEU NA 29 82.46 72.50 -64.73
CA LEU NA 29 81.02 72.19 -64.70
C LEU NA 29 80.83 70.69 -64.99
N GLU NA 30 79.97 69.98 -64.24
CA GLU NA 30 79.77 68.54 -64.50
C GLU NA 30 78.34 68.01 -64.30
N THR NA 31 77.89 67.12 -65.20
CA THR NA 31 76.54 66.51 -65.12
C THR NA 31 76.61 64.98 -65.11
N GLU NA 32 75.78 64.34 -64.26
CA GLU NA 32 75.66 62.89 -64.16
C GLU NA 32 74.83 62.26 -65.27
N ILE NA 33 75.04 60.97 -65.51
CA ILE NA 33 74.32 60.26 -66.57
C ILE NA 33 73.48 59.09 -66.09
N ILE NA 34 72.22 59.08 -66.54
CA ILE NA 34 71.28 58.02 -66.22
C ILE NA 34 71.14 57.08 -67.43
N GLU NA 35 71.40 55.78 -67.22
CA GLU NA 35 71.37 54.80 -68.32
C GLU NA 35 70.16 53.85 -68.27
N TYR NA 36 69.67 53.40 -69.44
CA TYR NA 36 68.54 52.46 -69.50
C TYR NA 36 68.48 51.49 -70.71
N ARG NA 37 68.04 50.25 -70.48
CA ARG NA 37 67.77 49.31 -71.59
C ARG NA 37 66.62 48.35 -71.29
N HIS NA 38 65.64 48.27 -72.19
CA HIS NA 38 64.54 47.30 -72.02
C HIS NA 38 64.89 46.03 -72.80
N GLY NA 39 64.59 44.87 -72.20
CA GLY NA 39 64.96 43.55 -72.70
C GLY NA 39 64.65 43.25 -74.17
N ALA NA 40 63.60 43.85 -74.73
CA ALA NA 40 63.24 43.57 -76.11
C ALA NA 40 64.01 44.41 -77.15
N SER NA 41 64.87 45.33 -76.74
CA SER NA 41 65.56 46.16 -77.72
C SER NA 41 66.52 45.37 -78.64
N PRO NA 42 66.53 45.63 -79.97
CA PRO NA 42 67.46 45.10 -80.96
C PRO NA 42 68.92 45.50 -80.73
N GLU NA 43 69.16 46.56 -79.95
CA GLU NA 43 70.52 46.97 -79.68
C GLU NA 43 70.91 46.44 -78.31
N TYR NA 44 72.17 46.11 -78.16
CA TYR NA 44 72.66 45.52 -76.93
C TYR NA 44 73.51 46.47 -76.12
N SER NA 45 73.10 47.74 -76.13
CA SER NA 45 73.73 48.82 -75.41
C SER NA 45 72.64 49.71 -74.83
N LYS NA 46 73.01 50.65 -73.96
CA LYS NA 46 72.03 51.49 -73.27
C LYS NA 46 71.80 52.89 -73.85
N ILE NA 47 70.65 53.47 -73.55
CA ILE NA 47 70.31 54.83 -73.92
C ILE NA 47 70.64 55.75 -72.76
N LYS NA 48 71.15 56.95 -73.06
CA LYS NA 48 71.59 57.86 -71.99
C LYS NA 48 70.86 59.20 -71.90
N MET NA 49 70.64 59.67 -70.67
CA MET NA 49 70.06 61.01 -70.46
C MET NA 49 70.70 61.73 -69.25
N PRO NA 50 70.73 63.08 -69.20
CA PRO NA 50 71.21 63.89 -68.09
C PRO NA 50 70.52 63.69 -66.74
N GLY NA 51 71.35 63.68 -65.71
CA GLY NA 51 71.05 63.58 -64.28
C GLY NA 51 71.27 64.91 -63.57
N MET NA 52 71.61 64.82 -62.28
CA MET NA 52 71.87 65.96 -61.41
C MET NA 52 73.23 66.60 -61.70
N GLN NA 53 73.41 67.87 -61.30
CA GLN NA 53 74.66 68.60 -61.56
C GLN NA 53 75.57 68.83 -60.35
N LYS NA 54 76.87 68.97 -60.64
CA LYS NA 54 77.96 69.25 -59.70
C LYS NA 54 78.85 70.43 -60.07
N PHE NA 55 79.53 70.97 -59.05
CA PHE NA 55 80.55 71.99 -59.25
C PHE NA 55 81.82 71.62 -58.49
N SER NA 56 82.98 72.02 -59.00
CA SER NA 56 84.26 71.80 -58.32
C SER NA 56 84.62 72.96 -57.39
N ASN NA 57 85.50 72.69 -56.42
CA ASN NA 57 86.00 73.76 -55.55
C ASN NA 57 87.04 74.59 -56.30
N ILE NA 58 87.17 75.85 -55.91
CA ILE NA 58 88.11 76.77 -56.54
C ILE NA 58 89.33 77.07 -55.68
N THR NA 59 90.52 76.94 -56.26
CA THR NA 59 91.76 77.20 -55.53
C THR NA 59 92.45 78.50 -55.96
N LEU NA 60 92.80 79.32 -54.97
CA LEU NA 60 93.50 80.59 -55.20
C LEU NA 60 94.86 80.63 -54.47
N LYS NA 61 95.91 81.06 -55.17
CA LYS NA 61 97.29 81.12 -54.58
C LYS NA 61 97.87 82.53 -54.68
N ARG NA 62 98.51 83.01 -53.61
CA ARG NA 62 99.12 84.37 -53.58
C ARG NA 62 100.38 84.36 -52.70
N GLY NA 63 101.25 85.36 -52.87
CA GLY NA 63 102.46 85.48 -52.03
C GLY NA 63 102.11 86.15 -50.70
N THR NA 64 102.75 85.77 -49.60
CA THR NA 64 102.60 86.42 -48.30
C THR NA 64 103.27 87.79 -48.18
N PHE NA 65 102.51 88.77 -47.72
CA PHE NA 65 102.97 90.14 -47.51
C PHE NA 65 102.81 90.62 -46.08
N LYS NA 66 103.70 91.51 -45.69
CA LYS NA 66 103.68 92.15 -44.40
C LYS NA 66 102.35 92.87 -44.16
N SER NA 67 101.78 92.62 -42.98
CA SER NA 67 100.52 93.18 -42.49
C SER NA 67 99.26 92.86 -43.31
N ASP NA 68 99.31 91.79 -44.09
CA ASP NA 68 98.14 91.34 -44.85
C ASP NA 68 97.64 89.99 -44.37
N ASN NA 69 96.53 89.99 -43.66
CA ASN NA 69 96.03 88.75 -43.07
C ASN NA 69 94.59 88.51 -43.55
N GLU NA 70 94.33 88.86 -44.79
CA GLU NA 70 93.00 88.75 -45.37
C GLU NA 70 92.41 87.36 -45.42
N TYR NA 71 93.25 86.36 -45.67
CA TYR NA 71 92.75 84.97 -45.76
C TYR NA 71 92.25 84.43 -44.43
N PHE NA 72 93.03 84.67 -43.38
CA PHE NA 72 92.69 84.22 -42.06
C PHE NA 72 91.43 84.89 -41.58
N GLN NA 73 91.34 86.21 -41.77
CA GLN NA 73 90.20 86.95 -41.30
C GLN NA 73 88.89 86.48 -41.91
N TRP NA 74 88.87 86.15 -43.21
CA TRP NA 74 87.64 85.64 -43.82
C TRP NA 74 87.29 84.27 -43.21
N TYR NA 75 88.28 83.37 -43.12
CA TYR NA 75 88.09 82.03 -42.58
C TYR NA 75 87.51 82.10 -41.17
N ASN NA 76 88.02 83.03 -40.39
CA ASN NA 76 87.65 83.22 -39.00
C ASN NA 76 86.23 83.82 -38.82
N THR NA 77 85.46 84.02 -39.91
CA THR NA 77 84.07 84.47 -39.77
C THR NA 77 83.14 83.27 -39.60
N ILE NA 78 83.67 82.05 -39.65
CA ILE NA 78 82.85 80.85 -39.48
C ILE NA 78 82.46 80.71 -38.01
N ASN NA 79 81.17 80.55 -37.76
CA ASN NA 79 80.64 80.41 -36.43
C ASN NA 79 79.51 79.37 -36.43
N LEU NA 80 79.88 78.14 -36.11
CA LEU NA 80 79.01 76.95 -36.16
C LEU NA 80 78.50 76.74 -37.59
N ASN NA 81 77.29 77.23 -37.92
CA ASN NA 81 76.76 77.05 -39.27
C ASN NA 81 76.68 78.36 -40.05
N LYS NA 82 77.24 79.43 -39.50
CA LYS NA 82 77.22 80.73 -40.15
C LYS NA 82 78.58 81.05 -40.72
N VAL NA 83 78.61 81.78 -41.83
CA VAL NA 83 79.83 82.23 -42.48
C VAL NA 83 79.51 83.40 -43.38
N GLU NA 84 80.46 84.31 -43.57
CA GLU NA 84 80.23 85.36 -44.54
C GLU NA 84 80.36 84.81 -45.97
N ARG NA 85 79.30 84.90 -46.75
CA ARG NA 85 79.36 84.40 -48.13
C ARG NA 85 79.58 85.55 -49.09
N ARG NA 86 80.37 85.32 -50.13
CA ARG NA 86 80.67 86.39 -51.09
C ARG NA 86 80.49 86.03 -52.57
N ASP NA 87 80.28 87.06 -53.36
CA ASP NA 87 80.24 86.92 -54.81
C ASP NA 87 81.63 87.07 -55.36
N LEU NA 88 82.09 86.05 -56.07
CA LEU NA 88 83.44 85.99 -56.62
C LEU NA 88 83.46 86.23 -58.12
N THR NA 89 84.21 87.25 -58.56
CA THR NA 89 84.28 87.51 -60.00
C THR NA 89 85.69 87.40 -60.55
N ILE NA 90 85.86 86.49 -61.51
CA ILE NA 90 87.17 86.22 -62.10
C ILE NA 90 87.20 86.66 -63.55
N SER NA 91 88.20 87.45 -63.91
CA SER NA 91 88.24 87.98 -65.27
C SER NA 91 89.57 87.98 -66.01
N LEU NA 92 89.51 87.53 -67.27
CA LEU NA 92 90.62 87.50 -68.23
C LEU NA 92 90.65 88.84 -68.94
N LEU NA 93 91.81 89.51 -68.94
CA LEU NA 93 91.94 90.87 -69.47
C LEU NA 93 92.63 91.07 -70.83
N ASN NA 94 92.24 92.16 -71.52
CA ASN NA 94 92.86 92.59 -72.77
C ASN NA 94 94.00 93.60 -72.55
N GLU NA 95 94.56 94.14 -73.63
CA GLU NA 95 95.67 95.09 -73.57
C GLU NA 95 95.34 96.46 -72.96
N GLU NA 96 94.05 96.77 -72.77
CA GLU NA 96 93.58 98.00 -72.17
C GLU NA 96 93.25 97.76 -70.70
N HIS NA 97 93.52 96.53 -70.26
CA HIS NA 97 93.25 95.99 -68.95
C HIS NA 97 91.74 95.92 -68.66
N GLU NA 98 90.95 95.62 -69.71
CA GLU NA 98 89.51 95.47 -69.61
C GLU NA 98 89.15 93.99 -69.72
N PRO NA 99 88.04 93.52 -69.12
CA PRO NA 99 87.53 92.16 -69.23
C PRO NA 99 87.22 91.70 -70.65
N VAL NA 100 87.53 90.43 -70.90
CA VAL NA 100 87.25 89.74 -72.15
C VAL NA 100 86.38 88.53 -71.80
N VAL NA 101 86.85 87.71 -70.86
CA VAL NA 101 86.11 86.51 -70.45
C VAL NA 101 85.88 86.56 -68.95
N THR NA 102 84.61 86.43 -68.55
CA THR NA 102 84.31 86.49 -67.11
C THR NA 102 83.62 85.24 -66.57
N TRP NA 103 84.11 84.80 -65.41
CA TRP NA 103 83.54 83.68 -64.68
C TRP NA 103 82.86 84.22 -63.43
N LYS NA 104 81.55 84.02 -63.35
CA LYS NA 104 80.77 84.54 -62.23
C LYS NA 104 80.40 83.43 -61.24
N VAL NA 105 80.84 83.58 -59.99
CA VAL NA 105 80.61 82.56 -58.96
C VAL NA 105 79.75 83.03 -57.78
N LYS NA 106 78.69 82.26 -57.53
CA LYS NA 106 77.68 82.50 -56.49
C LYS NA 106 77.99 81.88 -55.11
N ASN NA 107 77.79 82.64 -54.03
CA ASN NA 107 77.89 82.16 -52.65
C ASN NA 107 79.16 81.47 -52.14
N ALA NA 108 80.34 81.93 -52.51
CA ALA NA 108 81.55 81.28 -52.05
C ALA NA 108 81.96 81.51 -50.59
N TRP NA 109 82.57 80.52 -49.97
CA TRP NA 109 83.12 80.63 -48.62
C TRP NA 109 84.36 79.76 -48.53
N PRO NA 110 85.27 80.05 -47.59
CA PRO NA 110 86.46 79.19 -47.55
C PRO NA 110 86.41 77.90 -46.72
N LEU NA 111 86.69 76.80 -47.40
CA LEU NA 111 86.81 75.43 -46.91
C LEU NA 111 88.10 75.16 -46.12
N LYS NA 112 89.23 75.66 -46.65
CA LYS NA 112 90.54 75.49 -45.99
C LYS NA 112 91.49 76.61 -46.38
N VAL NA 113 92.38 76.93 -45.44
CA VAL NA 113 93.48 77.88 -45.60
C VAL NA 113 94.78 77.16 -45.30
N GLN NA 114 95.69 77.14 -46.28
CA GLN NA 114 97.01 76.46 -46.13
C GLN NA 114 98.19 77.44 -46.11
N SER NA 115 98.98 77.34 -45.06
CA SER NA 115 100.20 78.12 -44.89
C SER NA 115 101.41 77.46 -45.54
N THR NA 116 102.50 78.21 -45.62
CA THR NA 116 103.75 77.73 -46.19
C THR NA 116 104.59 76.87 -45.29
N ASP NA 117 105.54 76.17 -45.92
CA ASP NA 117 106.52 75.32 -45.23
C ASP NA 117 107.84 76.11 -45.18
N LEU NA 118 108.63 75.93 -44.13
CA LEU NA 118 109.86 76.67 -43.91
C LEU NA 118 111.07 75.79 -44.10
N LYS NA 119 112.08 76.30 -44.81
CA LYS NA 119 113.30 75.52 -45.04
C LYS NA 119 114.56 76.37 -44.88
N GLY NA 120 115.59 75.79 -44.26
CA GLY NA 120 116.88 76.46 -44.05
C GLY NA 120 117.57 76.90 -45.33
N ASP NA 121 117.39 76.14 -46.40
CA ASP NA 121 117.94 76.41 -47.71
C ASP NA 121 116.84 76.73 -48.72
N GLY NA 122 115.69 77.17 -48.22
CA GLY NA 122 114.54 77.49 -49.04
C GLY NA 122 114.61 78.84 -49.71
N ASN NA 123 115.43 78.93 -50.73
CA ASN NA 123 115.63 80.19 -51.45
C ASN NA 123 114.46 80.50 -52.41
N GLU NA 124 113.29 80.80 -51.84
CA GLU NA 124 112.07 81.05 -52.63
C GLU NA 124 111.07 81.95 -51.89
N VAL NA 125 109.97 82.29 -52.56
CA VAL NA 125 108.87 83.09 -52.02
C VAL NA 125 107.88 82.27 -51.22
N ALA NA 126 107.49 82.77 -50.07
CA ALA NA 126 106.50 82.10 -49.25
C ALA NA 126 105.09 82.30 -49.86
N ILE NA 127 104.45 81.20 -50.30
CA ILE NA 127 103.13 81.24 -50.94
C ILE NA 127 102.01 80.60 -50.11
N GLU NA 128 100.97 81.37 -49.85
CA GLU NA 128 99.80 80.88 -49.13
C GLU NA 128 98.67 80.57 -50.09
N SER NA 129 97.77 79.65 -49.70
CA SER NA 129 96.63 79.31 -50.55
C SER NA 129 95.31 79.04 -49.83
N MET NA 130 94.23 79.21 -50.59
CA MET NA 130 92.87 79.01 -50.11
C MET NA 130 91.97 78.18 -51.05
N GLU NA 131 91.12 77.34 -50.46
CA GLU NA 131 90.14 76.55 -51.23
C GLU NA 131 88.71 76.96 -50.91
N LEU NA 132 87.95 77.31 -51.95
CA LEU NA 132 86.57 77.77 -51.81
C LEU NA 132 85.44 76.88 -52.34
N ALA NA 133 84.40 76.78 -51.54
CA ALA NA 133 83.15 76.11 -51.87
C ALA NA 133 82.23 77.14 -52.51
N HIS NA 134 81.33 76.72 -53.40
CA HIS NA 134 80.39 77.67 -53.99
C HIS NA 134 79.14 76.95 -54.48
N GLU NA 135 78.15 77.72 -54.92
CA GLU NA 135 76.88 77.16 -55.40
C GLU NA 135 76.54 77.40 -56.87
N GLY NA 136 77.51 77.69 -57.74
CA GLY NA 136 77.16 77.89 -59.12
C GLY NA 136 78.07 78.81 -59.90
N LEU NA 137 78.23 78.48 -61.18
CA LEU NA 137 79.10 79.17 -62.12
C LEU NA 137 78.46 79.48 -63.48
N VAL NA 138 78.58 80.74 -63.89
CA VAL NA 138 78.11 81.23 -65.19
C VAL NA 138 79.27 81.82 -65.99
N ILE NA 139 79.40 81.44 -67.26
CA ILE NA 139 80.49 81.93 -68.08
C ILE NA 139 80.04 82.92 -69.16
N GLN NA 140 80.63 84.11 -69.14
CA GLN NA 140 80.30 85.16 -70.10
C GLN NA 140 81.44 85.52 -71.05
N ASN NA 141 81.17 85.43 -72.34
CA ASN NA 141 82.16 85.76 -73.38
C ASN NA 141 81.42 86.33 -74.58
N GLU NA 142 81.37 87.64 -74.68
CA GLU NA 142 80.59 88.30 -75.71
C GLU NA 142 81.49 88.95 -76.75
N SER OA 2 101.67 52.62 -100.55
CA SER OA 2 102.68 51.80 -99.89
C SER OA 2 103.08 52.44 -98.59
N TYR OA 3 102.46 53.56 -98.30
CA TYR OA 3 102.75 54.31 -97.11
C TYR OA 3 101.50 54.47 -96.27
N PRO OA 4 101.62 54.49 -94.93
CA PRO OA 4 100.56 54.73 -93.97
C PRO OA 4 100.14 56.18 -93.93
N LEU OA 5 98.97 56.44 -93.38
CA LEU OA 5 98.45 57.79 -93.18
C LEU OA 5 99.08 58.46 -91.94
N SER OA 6 99.23 59.79 -92.01
CA SER OA 6 99.68 60.61 -90.88
C SER OA 6 98.50 60.95 -89.97
N LYS OA 7 98.77 61.60 -88.83
CA LYS OA 7 97.67 61.88 -87.84
C LYS OA 7 97.42 63.37 -87.56
N PHE OA 8 97.92 64.31 -88.38
CA PHE OA 8 97.69 65.73 -88.04
C PHE OA 8 96.72 66.55 -88.89
N HIS OA 9 96.20 66.02 -89.99
CA HIS OA 9 95.28 66.80 -90.82
C HIS OA 9 93.86 66.21 -90.75
N PHE OA 10 92.97 66.90 -90.06
CA PHE OA 10 91.61 66.40 -89.79
C PHE OA 10 90.61 67.50 -89.54
N SER OA 11 89.32 67.16 -89.55
CA SER OA 11 88.26 68.12 -89.21
C SER OA 11 87.08 67.51 -88.43
N VAL OA 12 86.40 68.35 -87.64
CA VAL OA 12 85.24 67.87 -86.86
C VAL OA 12 83.96 68.68 -87.07
N GLU OA 13 82.89 68.01 -87.49
CA GLU OA 13 81.60 68.67 -87.66
C GLU OA 13 80.66 68.36 -86.49
N TRP OA 14 80.42 69.37 -85.67
CA TRP OA 14 79.65 69.20 -84.45
C TRP OA 14 78.48 70.17 -84.27
N GLY OA 15 78.08 70.88 -85.34
CA GLY OA 15 76.98 71.84 -85.22
C GLY OA 15 77.37 73.23 -84.71
N GLY OA 16 78.67 73.51 -84.56
CA GLY OA 16 79.13 74.80 -84.07
C GLY OA 16 79.56 75.66 -85.24
N THR OA 17 80.27 76.75 -84.97
CA THR OA 17 80.70 77.63 -86.07
C THR OA 17 82.09 77.32 -86.66
N LYS OA 18 82.92 76.57 -85.96
CA LYS OA 18 84.27 76.25 -86.42
C LYS OA 18 84.50 74.74 -86.40
N ILE OA 19 85.37 74.26 -87.30
CA ILE OA 19 85.68 72.83 -87.39
C ILE OA 19 87.12 72.47 -87.02
N GLY OA 20 87.90 73.44 -86.57
CA GLY OA 20 89.29 73.21 -86.19
C GLY OA 20 89.45 72.90 -84.71
N PHE OA 21 90.17 71.83 -84.43
CA PHE OA 21 90.47 71.37 -83.08
C PHE OA 21 91.93 71.06 -82.89
N THR OA 22 92.37 71.14 -81.66
CA THR OA 22 93.74 70.82 -81.28
C THR OA 22 93.89 69.33 -81.04
N GLU OA 23 92.92 68.72 -80.37
CA GLU OA 23 93.01 67.31 -80.02
C GLU OA 23 91.66 66.58 -79.99
N VAL OA 24 91.66 65.35 -80.50
CA VAL OA 24 90.49 64.47 -80.48
C VAL OA 24 90.88 63.07 -79.95
N SER OA 25 90.15 62.55 -78.96
CA SER OA 25 90.44 61.20 -78.44
C SER OA 25 89.23 60.41 -77.91
N GLY OA 26 89.37 59.07 -77.83
CA GLY OA 26 88.31 58.20 -77.28
C GLY OA 26 87.45 57.41 -78.30
N LEU OA 27 87.86 57.33 -79.55
CA LEU OA 27 87.09 56.61 -80.57
C LEU OA 27 87.26 55.07 -80.50
N ASP OA 28 86.77 54.49 -79.39
CA ASP OA 28 86.87 53.05 -79.06
C ASP OA 28 85.56 52.26 -79.14
N LEU OA 29 85.69 50.94 -79.33
CA LEU OA 29 84.58 49.97 -79.34
C LEU OA 29 84.91 48.81 -78.38
N GLU OA 30 83.97 48.35 -77.54
CA GLU OA 30 84.28 47.25 -76.62
C GLU OA 30 83.12 46.25 -76.36
N THR OA 31 83.44 44.95 -76.29
CA THR OA 31 82.46 43.88 -76.02
C THR OA 31 82.84 43.01 -74.81
N GLU OA 32 81.86 42.69 -73.96
CA GLU OA 32 82.03 41.83 -72.79
C GLU OA 32 82.11 40.34 -73.14
N ILE OA 33 82.71 39.55 -72.24
CA ILE OA 33 82.85 38.13 -72.48
C ILE OA 33 82.17 37.24 -71.43
N ILE OA 34 81.40 36.26 -71.92
CA ILE OA 34 80.71 35.30 -71.08
C ILE OA 34 81.47 33.97 -71.11
N GLU OA 35 81.85 33.46 -69.94
CA GLU OA 35 82.64 32.22 -69.84
C GLU OA 35 81.85 31.03 -69.30
N TYR OA 36 82.19 29.81 -69.74
CA TYR OA 36 81.52 28.59 -69.27
C TYR OA 36 82.34 27.28 -69.27
N ARG OA 37 82.15 26.42 -68.24
CA ARG OA 37 82.74 25.09 -68.22
C ARG OA 37 81.87 24.05 -67.51
N HIS OA 38 81.58 22.92 -68.17
CA HIS OA 38 80.81 21.84 -67.53
C HIS OA 38 81.80 20.82 -66.94
N GLY OA 39 81.49 20.33 -65.74
CA GLY OA 39 82.37 19.46 -64.95
C GLY OA 39 82.98 18.26 -65.67
N ALA OA 40 82.30 17.70 -66.65
CA ALA OA 40 82.83 16.53 -67.35
C ALA OA 40 83.82 16.84 -68.48
N SER OA 41 84.08 18.11 -68.78
CA SER OA 41 84.99 18.41 -69.89
C SER OA 41 86.44 17.94 -69.65
N PRO OA 42 87.12 17.30 -70.64
CA PRO OA 42 88.53 16.94 -70.66
C PRO OA 42 89.50 18.12 -70.55
N GLU OA 43 89.02 19.32 -70.86
CA GLU OA 43 89.88 20.50 -70.75
C GLU OA 43 89.58 21.20 -69.46
N TYR OA 44 90.60 21.80 -68.86
CA TYR OA 44 90.45 22.43 -67.58
C TYR OA 44 90.47 23.96 -67.68
N SER OA 45 89.88 24.46 -68.73
CA SER OA 45 89.74 25.87 -69.02
C SER OA 45 88.35 26.13 -69.57
N LYS OA 46 87.97 27.40 -69.70
CA LYS OA 46 86.61 27.75 -70.13
C LYS OA 46 86.44 28.11 -71.60
N ILE OA 47 85.19 27.98 -72.08
CA ILE OA 47 84.82 28.38 -73.44
C ILE OA 47 84.25 29.79 -73.39
N LYS OA 48 84.57 30.61 -74.39
CA LYS OA 48 84.13 32.01 -74.38
C LYS OA 48 83.18 32.44 -75.50
N MET OA 49 82.23 33.32 -75.17
CA MET OA 49 81.35 33.91 -76.19
C MET OA 49 81.05 35.40 -75.91
N PRO OA 50 80.74 36.23 -76.91
CA PRO OA 50 80.34 37.63 -76.78
C PRO OA 50 79.10 37.92 -75.94
N GLY OA 51 79.21 38.98 -75.15
CA GLY OA 51 78.22 39.59 -74.28
C GLY OA 51 77.71 40.92 -74.85
N MET OA 52 77.30 41.80 -73.94
CA MET OA 52 76.78 43.14 -74.25
C MET OA 52 77.90 44.10 -74.65
N GLN OA 53 77.54 45.18 -75.38
CA GLN OA 53 78.53 46.15 -75.86
C GLN OA 53 78.56 47.51 -75.14
N LYS OA 54 79.73 48.14 -75.18
CA LYS OA 54 80.04 49.46 -74.62
C LYS OA 54 80.70 50.44 -75.58
N PHE OA 55 80.57 51.73 -75.27
CA PHE OA 55 81.27 52.79 -75.99
C PHE OA 55 81.97 53.72 -75.00
N SER OA 56 83.10 54.30 -75.40
CA SER OA 56 83.82 55.29 -74.58
C SER OA 56 83.34 56.71 -74.85
N ASN OA 57 83.59 57.61 -73.90
CA ASN OA 57 83.28 59.02 -74.10
C ASN OA 57 84.34 59.66 -75.01
N ILE OA 58 83.95 60.70 -75.73
CA ILE OA 58 84.85 61.40 -76.64
C ILE OA 58 85.31 62.76 -76.12
N THR OA 59 86.61 63.00 -76.15
CA THR OA 59 87.15 64.27 -75.67
C THR OA 59 87.66 65.17 -76.81
N LEU OA 60 87.21 66.43 -76.79
CA LEU OA 60 87.62 67.43 -77.77
C LEU OA 60 88.31 68.64 -77.11
N LYS OA 61 89.45 69.07 -77.67
CA LYS OA 61 90.22 70.22 -77.11
C LYS OA 61 90.42 71.32 -78.16
N ARG OA 62 90.26 72.59 -77.75
CA ARG OA 62 90.43 73.74 -78.68
C ARG OA 62 90.98 74.95 -77.91
N GLY OA 63 91.55 75.92 -78.62
CA GLY OA 63 92.04 77.16 -77.98
C GLY OA 63 90.89 78.14 -77.76
N THR OA 64 90.90 78.91 -76.68
CA THR OA 64 89.92 79.97 -76.43
C THR OA 64 90.09 81.22 -77.30
N PHE OA 65 89.00 81.64 -77.94
CA PHE OA 65 88.95 82.83 -78.78
C PHE OA 65 87.94 83.86 -78.32
N LYS OA 66 88.25 85.12 -78.62
CA LYS OA 66 87.38 86.23 -78.33
C LYS OA 66 86.02 86.06 -78.99
N SER OA 67 84.98 86.28 -78.20
CA SER OA 67 83.56 86.20 -78.59
C SER OA 67 83.07 84.83 -79.06
N ASP OA 68 83.76 83.76 -78.69
CA ASP OA 68 83.33 82.40 -79.02
C ASP OA 68 82.97 81.62 -77.78
N ASN OA 69 81.68 81.42 -77.55
CA ASN OA 69 81.24 80.75 -76.34
C ASN OA 69 80.40 79.52 -76.70
N GLU OA 70 80.76 78.86 -77.78
CA GLU OA 70 80.03 77.72 -78.30
C GLU OA 70 79.90 76.54 -77.35
N TYR OA 71 80.94 76.27 -76.57
CA TYR OA 71 80.90 75.13 -75.64
C TYR OA 71 79.90 75.29 -74.51
N PHE OA 72 79.90 76.49 -73.93
CA PHE OA 72 79.01 76.82 -72.85
C PHE OA 72 77.58 76.79 -73.32
N GLN OA 73 77.31 77.41 -74.46
CA GLN OA 73 75.96 77.48 -74.97
C GLN OA 73 75.35 76.11 -75.23
N TRP OA 74 76.10 75.15 -75.76
CA TRP OA 74 75.57 73.80 -75.97
C TRP OA 74 75.26 73.15 -74.59
N TYR OA 75 76.20 73.23 -73.66
CA TYR OA 75 76.07 72.66 -72.33
C TYR OA 75 74.82 73.20 -71.64
N ASN OA 76 74.58 74.49 -71.81
CA ASN OA 76 73.49 75.21 -71.19
C ASN OA 76 72.11 74.87 -71.80
N THR OA 77 72.04 73.93 -72.76
CA THR OA 77 70.74 73.49 -73.28
C THR OA 77 70.15 72.37 -72.43
N ILE OA 78 70.89 71.93 -71.41
CA ILE OA 78 70.40 70.86 -70.53
C ILE OA 78 69.32 71.42 -69.61
N ASN OA 79 68.18 70.75 -69.58
CA ASN OA 79 67.04 71.15 -68.77
C ASN OA 79 66.37 69.92 -68.18
N LEU OA 80 66.77 69.57 -66.96
CA LEU OA 80 66.37 68.36 -66.24
C LEU OA 80 66.77 67.11 -67.03
N ASN OA 81 65.87 66.54 -67.84
CA ASN OA 81 66.22 65.34 -68.61
C ASN OA 81 66.28 65.63 -70.11
N LYS OA 82 66.19 66.89 -70.50
CA LYS OA 82 66.24 67.26 -71.90
C LYS OA 82 67.58 67.87 -72.25
N VAL OA 83 68.04 67.65 -73.47
CA VAL OA 83 69.27 68.23 -73.98
C VAL OA 83 69.25 68.22 -75.48
N GLU OA 84 69.93 69.16 -76.13
CA GLU OA 84 70.02 69.09 -77.58
C GLU OA 84 71.02 68.01 -77.98
N ARG OA 85 70.58 67.01 -78.73
CA ARG OA 85 71.47 65.93 -79.16
C ARG OA 85 71.92 66.18 -80.58
N ARG OA 86 73.18 65.88 -80.88
CA ARG OA 86 73.70 66.11 -82.23
C ARG OA 86 74.44 64.93 -82.87
N ASP OA 87 74.47 64.96 -84.19
CA ASP OA 87 75.24 64.00 -84.96
C ASP OA 87 76.65 64.54 -85.15
N LEU OA 88 77.63 63.78 -84.69
CA LEU OA 88 79.03 64.18 -84.71
C LEU OA 88 79.82 63.46 -85.81
N THR OA 89 80.43 64.22 -86.72
CA THR OA 89 81.20 63.56 -87.79
C THR OA 89 82.68 63.95 -87.75
N ILE OA 90 83.54 62.96 -87.59
CA ILE OA 90 84.97 63.18 -87.50
C ILE OA 90 85.70 62.61 -88.70
N SER OA 91 86.52 63.42 -89.35
CA SER OA 91 87.17 62.96 -90.57
C SER OA 91 88.66 63.28 -90.77
N LEU OA 92 89.38 62.24 -91.19
CA LEU OA 92 90.82 62.28 -91.53
C LEU OA 92 90.92 62.67 -92.99
N LEU OA 93 91.72 63.70 -93.29
CA LEU OA 93 91.80 64.27 -94.64
C LEU OA 93 93.05 63.97 -95.49
N ASN OA 94 92.86 64.00 -96.82
CA ASN OA 94 93.95 63.86 -97.80
C ASN OA 94 94.53 65.23 -98.23
N GLU OA 95 95.45 65.22 -99.19
CA GLU OA 95 96.10 66.43 -99.68
C GLU OA 95 95.18 67.42 -100.44
N GLU OA 96 93.97 66.98 -100.80
CA GLU OA 96 92.99 67.81 -101.49
C GLU OA 96 91.98 68.33 -100.49
N HIS OA 97 92.23 68.02 -99.21
CA HIS OA 97 91.42 68.32 -98.06
C HIS OA 97 90.07 67.60 -98.11
N GLU OA 98 90.06 66.39 -98.67
CA GLU OA 98 88.87 65.55 -98.76
C GLU OA 98 88.97 64.41 -97.74
N PRO OA 99 87.87 63.87 -97.22
CA PRO OA 99 87.82 62.71 -96.33
C PRO OA 99 88.44 61.44 -96.89
N VAL OA 100 89.10 60.72 -96.00
CA VAL OA 100 89.72 59.43 -96.26
C VAL OA 100 89.10 58.43 -95.28
N VAL OA 101 89.15 58.76 -94.00
CA VAL OA 101 88.60 57.88 -92.95
C VAL OA 101 87.58 58.65 -92.13
N THR OA 102 86.36 58.11 -92.03
CA THR OA 102 85.33 58.81 -91.27
C THR OA 102 84.75 58.02 -90.10
N TRP OA 103 84.62 58.70 -88.97
CA TRP OA 103 84.03 58.16 -87.77
C TRP OA 103 82.67 58.83 -87.55
N LYS OA 104 81.60 58.03 -87.60
CA LYS OA 104 80.25 58.55 -87.47
C LYS OA 104 79.66 58.27 -86.10
N VAL OA 105 79.30 59.35 -85.37
CA VAL OA 105 78.79 59.22 -84.00
C VAL OA 105 77.35 59.70 -83.82
N LYS OA 106 76.53 58.81 -83.28
CA LYS OA 106 75.10 58.99 -83.03
C LYS OA 106 74.73 59.60 -81.65
N ASN OA 107 73.82 60.58 -81.64
CA ASN OA 107 73.26 61.15 -80.41
C ASN OA 107 74.15 61.76 -79.33
N ALA OA 108 75.20 62.47 -79.68
CA ALA OA 108 76.09 63.03 -78.67
C ALA OA 108 75.58 64.24 -77.91
N TRP OA 109 75.96 64.36 -76.64
CA TRP OA 109 75.63 65.53 -75.81
C TRP OA 109 76.79 65.76 -74.85
N PRO OA 110 76.95 66.99 -74.34
CA PRO OA 110 78.08 67.17 -73.42
C PRO OA 110 77.88 66.86 -71.92
N LEU OA 111 78.73 65.97 -71.42
CA LEU OA 111 78.86 65.51 -70.05
C LEU OA 111 79.54 66.54 -69.13
N LYS OA 112 80.62 67.16 -69.62
CA LYS OA 112 81.37 68.16 -68.84
C LYS OA 112 82.10 69.14 -69.77
N VAL OA 113 82.24 70.36 -69.28
CA VAL OA 113 82.99 71.44 -69.90
C VAL OA 113 84.05 71.91 -68.92
N GLN OA 114 85.32 71.85 -69.33
CA GLN OA 114 86.46 72.26 -68.46
C GLN OA 114 87.18 73.51 -68.99
N SER OA 115 87.27 74.50 -68.13
CA SER OA 115 88.00 75.75 -68.39
C SER OA 115 89.47 75.65 -68.05
N THR OA 116 90.22 76.65 -68.47
CA THR OA 116 91.65 76.73 -68.21
C THR OA 116 92.05 77.21 -66.84
N ASP OA 117 93.30 76.96 -66.50
CA ASP OA 117 93.92 77.42 -65.25
C ASP OA 117 94.77 78.64 -65.57
N LEU OA 118 94.89 79.59 -64.65
CA LEU OA 118 95.59 80.84 -64.86
C LEU OA 118 96.87 80.88 -64.06
N LYS OA 119 97.96 81.32 -64.69
CA LYS OA 119 99.25 81.42 -64.01
C LYS OA 119 99.99 82.71 -64.33
N GLY OA 120 100.62 83.31 -63.31
CA GLY OA 120 101.39 84.55 -63.46
C GLY OA 120 102.56 84.44 -64.45
N ASP OA 121 103.16 83.27 -64.52
CA ASP OA 121 104.25 82.97 -65.42
C ASP OA 121 103.84 81.95 -66.49
N GLY OA 122 102.54 81.87 -66.74
CA GLY OA 122 101.98 80.93 -67.71
C GLY OA 122 102.11 81.36 -69.14
N ASN OA 123 103.31 81.28 -69.68
CA ASN OA 123 103.56 81.71 -71.05
C ASN OA 123 103.07 80.69 -72.08
N GLU OA 124 101.75 80.54 -72.19
CA GLU OA 124 101.15 79.55 -73.09
C GLU OA 124 99.73 79.96 -73.53
N VAL OA 125 99.12 79.15 -74.40
CA VAL OA 125 97.76 79.33 -74.92
C VAL OA 125 96.71 78.76 -73.98
N ALA OA 126 95.65 79.51 -73.75
CA ALA OA 126 94.56 79.04 -72.93
C ALA OA 126 93.69 78.02 -73.71
N ILE OA 127 93.67 76.76 -73.25
CA ILE OA 127 92.95 75.67 -73.90
C ILE OA 127 91.73 75.15 -73.13
N GLU OA 128 90.58 75.18 -73.76
CA GLU OA 128 89.35 74.66 -73.16
C GLU OA 128 89.02 73.28 -73.72
N SER OA 129 88.29 72.47 -72.94
CA SER OA 129 87.91 71.14 -73.40
C SER OA 129 86.51 70.67 -73.01
N MET OA 130 86.02 69.72 -73.80
CA MET OA 130 84.69 69.12 -73.62
C MET OA 130 84.67 67.60 -73.71
N GLU OA 131 83.85 66.96 -72.86
CA GLU OA 131 83.65 65.51 -72.89
C GLU OA 131 82.22 65.13 -73.28
N LEU OA 132 82.10 64.31 -74.33
CA LEU OA 132 80.81 63.89 -74.87
C LEU OA 132 80.38 62.43 -74.71
N ALA OA 133 79.12 62.26 -74.34
CA ALA OA 133 78.45 60.98 -74.25
C ALA OA 133 77.81 60.70 -75.61
N HIS OA 134 77.66 59.43 -75.99
CA HIS OA 134 77.01 59.12 -77.26
C HIS OA 134 76.43 57.71 -77.23
N GLU OA 135 75.70 57.36 -78.28
CA GLU OA 135 75.06 56.04 -78.37
C GLU OA 135 75.53 55.13 -79.51
N GLY OA 136 76.71 55.33 -80.07
CA GLY OA 136 77.15 54.44 -81.13
C GLY OA 136 78.09 55.04 -82.14
N LEU OA 137 78.99 54.19 -82.62
CA LEU OA 137 80.05 54.53 -83.57
C LEU OA 137 80.20 53.56 -84.73
N VAL OA 138 80.23 54.13 -85.94
CA VAL OA 138 80.45 53.40 -87.19
C VAL OA 138 81.70 53.92 -87.91
N ILE OA 139 82.57 53.02 -88.37
CA ILE OA 139 83.80 53.44 -89.03
C ILE OA 139 83.79 53.14 -90.53
N GLN OA 140 83.99 54.17 -91.33
CA GLN OA 140 84.00 54.05 -92.79
C GLN OA 140 85.37 54.34 -93.42
N ASN OA 141 85.87 53.38 -94.18
CA ASN OA 141 87.15 53.53 -94.88
C ASN OA 141 87.10 52.75 -96.18
N GLU OA 142 86.79 53.43 -97.26
CA GLU OA 142 86.58 52.77 -98.55
C GLU OA 142 87.73 53.05 -99.51
N SER PA 2 125.14 28.96 -81.83
CA SER PA 2 125.78 29.42 -80.61
C SER PA 2 125.26 30.78 -80.23
N TYR PA 3 124.35 31.27 -81.05
CA TYR PA 3 123.77 32.57 -80.86
C TYR PA 3 122.25 32.47 -80.72
N PRO PA 4 121.62 33.32 -79.91
CA PRO PA 4 120.19 33.43 -79.71
C PRO PA 4 119.50 34.09 -80.90
N LEU PA 5 118.20 33.91 -80.98
CA LEU PA 5 117.37 34.54 -82.01
C LEU PA 5 117.05 36.00 -81.68
N SER PA 6 116.91 36.82 -82.70
CA SER PA 6 116.48 38.22 -82.59
C SER PA 6 114.96 38.30 -82.53
N LYS PA 7 114.40 39.48 -82.28
CA LYS PA 7 112.93 39.63 -82.12
C LYS PA 7 112.24 40.53 -83.16
N PHE PA 8 112.86 40.89 -84.28
CA PHE PA 8 112.18 41.80 -85.21
C PHE PA 8 111.67 41.24 -86.55
N HIS PA 9 111.96 39.99 -86.90
CA HIS PA 9 111.50 39.46 -88.18
C HIS PA 9 110.45 38.37 -87.94
N PHE PA 10 109.19 38.67 -88.24
CA PHE PA 10 108.07 37.78 -87.94
C PHE PA 10 106.86 38.02 -88.84
N SER PA 11 105.91 37.10 -88.82
CA SER PA 11 104.65 37.27 -89.57
C SER PA 11 103.42 36.71 -88.84
N VAL PA 12 102.23 37.28 -89.15
CA VAL PA 12 100.99 36.81 -88.52
C VAL PA 12 99.88 36.46 -89.52
N GLU PA 13 99.39 35.22 -89.46
CA GLU PA 13 98.29 34.79 -90.32
C GLU PA 13 96.97 34.77 -89.55
N TRP PA 14 96.10 35.72 -89.89
CA TRP PA 14 94.86 35.91 -89.16
C TRP PA 14 93.60 35.92 -90.03
N GLY PA 15 93.69 35.50 -91.29
CA GLY PA 15 92.53 35.53 -92.18
C GLY PA 15 92.25 36.86 -92.87
N GLY PA 16 93.16 37.83 -92.75
CA GLY PA 16 92.97 39.13 -93.37
C GLY PA 16 93.76 39.19 -94.67
N THR PA 17 93.95 40.40 -95.21
CA THR PA 17 94.69 40.50 -96.48
C THR PA 17 96.21 40.75 -96.35
N LYS PA 18 96.68 41.18 -95.17
CA LYS PA 18 98.09 41.48 -94.94
C LYS PA 18 98.60 40.73 -93.72
N ILE PA 19 99.89 40.40 -93.72
CA ILE PA 19 100.51 39.69 -92.61
C ILE PA 19 101.56 40.48 -91.83
N GLY PA 20 101.73 41.76 -92.17
CA GLY PA 20 102.69 42.61 -91.50
C GLY PA 20 102.09 43.39 -90.33
N PHE PA 21 102.77 43.33 -89.20
CA PHE PA 21 102.37 44.00 -87.97
C PHE PA 21 103.52 44.74 -87.35
N THR PA 22 103.19 45.77 -86.58
CA THR PA 22 104.16 46.55 -85.84
C THR PA 22 104.50 45.90 -84.51
N GLU PA 23 103.48 45.39 -83.83
CA GLU PA 23 103.68 44.81 -82.50
C GLU PA 23 102.74 43.66 -82.18
N VAL PA 24 103.29 42.62 -81.53
CA VAL PA 24 102.53 41.47 -81.05
C VAL PA 24 102.87 41.17 -79.58
N SER PA 25 101.86 41.04 -78.71
CA SER PA 25 102.12 40.71 -77.30
C SER PA 25 101.03 39.87 -76.61
N GLY PA 26 101.40 39.21 -75.49
CA GLY PA 26 100.44 38.43 -74.67
C GLY PA 26 100.47 36.89 -74.84
N LEU PA 27 101.50 36.34 -75.45
CA LEU PA 27 101.59 34.88 -75.65
C LEU PA 27 102.04 34.12 -74.38
N ASP PA 28 101.17 34.16 -73.36
CA ASP PA 28 101.39 33.55 -72.03
C ASP PA 28 100.55 32.31 -71.70
N LEU PA 29 101.06 31.49 -70.78
CA LEU PA 29 100.37 30.29 -70.23
C LEU PA 29 100.39 30.36 -68.69
N GLU PA 30 99.27 30.05 -68.01
CA GLU PA 30 99.27 30.10 -66.54
C GLU PA 30 98.42 29.03 -65.83
N THR PA 31 98.94 28.48 -64.71
CA THR PA 31 98.23 27.46 -63.92
C THR PA 31 98.08 27.88 -62.45
N GLU PA 32 96.90 27.64 -61.88
CA GLU PA 32 96.59 27.90 -60.46
C GLU PA 32 97.18 26.87 -59.49
N ILE PA 33 97.34 27.27 -58.23
CA ILE PA 33 97.92 26.37 -57.24
C ILE PA 33 96.99 26.07 -56.06
N ILE PA 34 96.85 24.79 -55.74
CA ILE PA 34 96.06 24.32 -54.62
C ILE PA 34 96.98 23.93 -53.46
N GLU PA 35 96.77 24.54 -52.29
CA GLU PA 35 97.64 24.31 -51.11
C GLU PA 35 96.96 23.48 -50.01
N TYR PA 36 97.76 22.70 -49.27
CA TYR PA 36 97.23 21.87 -48.16
C TYR PA 36 98.19 21.57 -46.99
N ARG PA 37 97.66 21.55 -45.75
CA ARG PA 37 98.44 21.10 -44.58
C ARG PA 37 97.58 20.42 -43.52
N HIS PA 38 97.96 19.21 -43.10
CA HIS PA 38 97.23 18.52 -42.02
C HIS PA 38 97.93 18.82 -40.69
N GLY PA 39 97.16 19.06 -39.64
CA GLY PA 39 97.62 19.49 -38.33
C GLY PA 39 98.77 18.71 -37.70
N ALA PA 40 98.89 17.41 -37.99
CA ALA PA 40 99.96 16.62 -37.41
C ALA PA 40 101.30 16.69 -38.13
N SER PA 41 101.40 17.41 -39.25
CA SER PA 41 102.66 17.44 -39.98
C SER PA 41 103.81 18.11 -39.20
N PRO PA 42 105.04 17.53 -39.18
CA PRO PA 42 106.27 18.09 -38.63
C PRO PA 42 106.72 19.39 -39.30
N GLU PA 43 106.24 19.67 -40.52
CA GLU PA 43 106.62 20.89 -41.19
C GLU PA 43 105.51 21.90 -41.02
N TYR PA 44 105.89 23.15 -40.93
CA TYR PA 44 104.92 24.21 -40.69
C TYR PA 44 104.65 25.06 -41.92
N SER PA 45 104.63 24.40 -43.06
CA SER PA 45 104.37 24.99 -44.35
C SER PA 45 103.47 24.05 -45.14
N LYS PA 46 102.95 24.50 -46.28
CA LYS PA 46 102.01 23.72 -47.07
C LYS PA 46 102.59 22.96 -48.27
N ILE PA 47 101.87 21.92 -48.68
CA ILE PA 47 102.22 21.15 -49.89
C ILE PA 47 101.41 21.69 -51.06
N LYS PA 48 102.03 21.77 -52.24
CA LYS PA 48 101.36 22.36 -53.40
C LYS PA 48 101.10 21.42 -54.59
N MET PA 49 99.95 21.61 -55.25
CA MET PA 49 99.67 20.87 -56.49
C MET PA 49 98.93 21.74 -57.53
N PRO PA 50 99.04 21.47 -58.84
CA PRO PA 50 98.33 22.15 -59.92
C PRO PA 50 96.80 22.13 -59.87
N GLY PA 51 96.24 23.27 -60.20
CA GLY PA 51 94.82 23.59 -60.34
C GLY PA 51 94.42 23.76 -61.80
N MET PA 52 93.38 24.59 -62.02
CA MET PA 52 92.84 24.90 -63.35
C MET PA 52 93.76 25.86 -64.12
N GLN PA 53 93.61 25.87 -65.46
CA GLN PA 53 94.46 26.71 -66.32
C GLN PA 53 93.78 27.95 -66.93
N LYS PA 54 94.62 28.95 -67.23
CA LYS PA 54 94.25 30.22 -67.86
C LYS PA 54 95.11 30.61 -69.07
N PHE PA 55 94.54 31.48 -69.91
CA PHE PA 55 95.25 32.08 -71.03
C PHE PA 55 95.08 33.59 -71.02
N SER PA 56 96.08 34.32 -71.51
CA SER PA 56 95.99 35.78 -71.64
C SER PA 56 95.44 36.21 -73.00
N ASN PA 57 94.91 37.44 -73.08
CA ASN PA 57 94.45 37.98 -74.35
C ASN PA 57 95.66 38.40 -75.18
N ILE PA 58 95.50 38.38 -76.51
CA ILE PA 58 96.57 38.76 -77.43
C ILE PA 58 96.35 40.12 -78.08
N THR PA 59 97.37 40.97 -78.05
CA THR PA 59 97.26 42.31 -78.64
C THR PA 59 98.08 42.45 -79.92
N LEU PA 60 97.44 42.95 -80.97
CA LEU PA 60 98.08 43.20 -82.26
C LEU PA 60 98.00 44.68 -82.68
N LYS PA 61 99.13 45.24 -83.13
CA LYS PA 61 99.19 46.69 -83.53
C LYS PA 61 99.68 46.83 -84.98
N ARG PA 62 99.04 47.72 -85.75
CA ARG PA 62 99.43 47.95 -87.17
C ARG PA 62 99.18 49.43 -87.54
N GLY PA 63 99.81 49.90 -88.61
CA GLY PA 63 99.58 51.28 -89.10
C GLY PA 63 98.31 51.33 -89.95
N THR PA 64 97.56 52.43 -89.90
CA THR PA 64 96.39 52.65 -90.76
C THR PA 64 96.72 52.99 -92.21
N PHE PA 65 96.09 52.26 -93.13
CA PHE PA 65 96.25 52.44 -94.56
C PHE PA 65 94.95 52.74 -95.28
N LYS PA 66 95.07 53.48 -96.37
CA LYS PA 66 93.96 53.83 -97.23
C LYS PA 66 93.26 52.58 -97.76
N SER PA 67 91.94 52.59 -97.66
CA SER PA 67 91.01 51.54 -98.08
C SER PA 67 91.18 50.17 -97.40
N ASP PA 68 91.79 50.14 -96.21
CA ASP PA 68 91.91 48.92 -95.45
C ASP PA 68 91.13 48.98 -94.15
N ASN PA 69 90.01 48.27 -94.11
CA ASN PA 69 89.14 48.34 -92.94
C ASN PA 69 88.93 46.93 -92.38
N GLU PA 70 89.97 46.13 -92.43
CA GLU PA 70 89.92 44.74 -92.00
C GLU PA 70 89.56 44.53 -90.54
N TYR PA 71 90.03 45.40 -89.66
CA TYR PA 71 89.75 45.24 -88.22
C TYR PA 71 88.29 45.46 -87.87
N PHE PA 72 87.71 46.50 -88.43
CA PHE PA 72 86.33 46.82 -88.20
C PHE PA 72 85.44 45.73 -88.74
N GLN PA 73 85.71 45.28 -89.96
CA GLN PA 73 84.86 44.28 -90.58
C GLN PA 73 84.81 42.98 -89.79
N TRP PA 74 85.94 42.52 -89.22
CA TRP PA 74 85.90 41.31 -88.40
C TRP PA 74 85.06 41.55 -87.13
N TYR PA 75 85.30 42.67 -86.44
CA TYR PA 75 84.59 43.04 -85.23
C TYR PA 75 83.09 43.07 -85.47
N ASN PA 76 82.71 43.60 -86.61
CA ASN PA 76 81.32 43.78 -86.99
C ASN PA 76 80.61 42.45 -87.37
N THR PA 77 81.28 41.29 -87.23
CA THR PA 77 80.63 40.01 -87.46
C THR PA 77 79.93 39.52 -86.18
N ILE PA 78 80.07 40.26 -85.07
CA ILE PA 78 79.44 39.88 -83.83
C ILE PA 78 77.94 40.14 -83.90
N ASN PA 79 77.16 39.13 -83.58
CA ASN PA 79 75.70 39.21 -83.62
C ASN PA 79 75.12 38.45 -82.43
N LEU PA 80 74.85 39.18 -81.36
CA LEU PA 80 74.41 38.67 -80.06
C LEU PA 80 75.44 37.69 -79.49
N ASN PA 81 75.28 36.39 -79.70
CA ASN PA 81 76.26 35.42 -79.18
C ASN PA 81 77.05 34.74 -80.28
N LYS PA 82 76.92 35.21 -81.51
CA LYS PA 82 77.63 34.64 -82.64
C LYS PA 82 78.76 35.54 -83.06
N VAL PA 83 79.84 34.95 -83.55
CA VAL PA 83 80.99 35.69 -84.07
C VAL PA 83 81.79 34.78 -84.98
N GLU PA 84 82.48 35.33 -85.97
CA GLU PA 84 83.35 34.50 -86.76
C GLU PA 84 84.63 34.18 -85.97
N ARG PA 85 84.90 32.91 -85.73
CA ARG PA 85 86.10 32.53 -84.99
C ARG PA 85 87.18 32.08 -85.96
N ARG PA 86 88.43 32.43 -85.66
CA ARG PA 86 89.53 32.07 -86.55
C ARG PA 86 90.74 31.41 -85.88
N ASP PA 87 91.48 30.66 -86.69
CA ASP PA 87 92.74 30.09 -86.27
C ASP PA 87 93.86 31.08 -86.54
N LEU PA 88 94.57 31.44 -85.49
CA LEU PA 88 95.63 32.44 -85.54
C LEU PA 88 97.02 31.81 -85.50
N THR PA 89 97.85 32.06 -86.52
CA THR PA 89 99.19 31.49 -86.50
C THR PA 89 100.28 32.57 -86.51
N ILE PA 90 101.11 32.54 -85.48
CA ILE PA 90 102.17 33.53 -85.32
C ILE PA 90 103.54 32.89 -85.46
N SER PA 91 104.38 33.45 -86.32
CA SER PA 91 105.67 32.83 -86.58
C SER PA 91 106.90 33.72 -86.66
N LEU PA 92 107.95 33.27 -85.97
CA LEU PA 92 109.29 33.89 -85.94
C LEU PA 92 110.08 33.33 -87.11
N LEU PA 93 110.66 34.21 -87.94
CA LEU PA 93 111.33 33.80 -89.18
C LEU PA 93 112.86 33.82 -89.22
N ASN PA 94 113.43 32.95 -90.07
CA ASN PA 94 114.88 32.90 -90.35
C ASN PA 94 115.26 33.77 -91.56
N GLU PA 95 116.53 33.71 -91.96
CA GLU PA 95 117.07 34.51 -93.07
C GLU PA 95 116.51 34.14 -94.46
N GLU PA 96 115.83 32.99 -94.58
CA GLU PA 96 115.22 32.54 -95.83
C GLU PA 96 113.74 32.87 -95.81
N HIS PA 97 113.32 33.56 -94.76
CA HIS PA 97 111.97 33.98 -94.45
C HIS PA 97 111.06 32.76 -94.19
N GLU PA 98 111.63 31.71 -93.57
CA GLU PA 98 110.92 30.50 -93.20
C GLU PA 98 110.70 30.48 -91.68
N PRO PA 99 109.63 29.85 -91.16
CA PRO PA 99 109.38 29.66 -89.74
C PRO PA 99 110.47 28.94 -88.97
N VAL PA 100 110.68 29.41 -87.75
CA VAL PA 100 111.61 28.83 -86.79
C VAL PA 100 110.80 28.47 -85.54
N VAL PA 101 110.07 29.44 -85.01
CA VAL PA 101 109.26 29.24 -83.80
C VAL PA 101 107.81 29.60 -84.10
N THR PA 102 106.90 28.67 -83.85
CA THR PA 102 105.49 28.95 -84.14
C THR PA 102 104.56 28.85 -82.92
N TRP PA 103 103.70 29.84 -82.80
CA TRP PA 103 102.67 29.88 -81.76
C TRP PA 103 101.31 29.65 -82.41
N LYS PA 104 100.67 28.56 -82.03
CA LYS PA 104 99.38 28.18 -82.61
C LYS PA 104 98.21 28.51 -81.68
N VAL PA 105 97.28 29.35 -82.13
CA VAL PA 105 96.16 29.80 -81.31
C VAL PA 105 94.78 29.39 -81.85
N LYS PA 106 94.03 28.72 -80.99
CA LYS PA 106 92.69 28.17 -81.24
C LYS PA 106 91.51 29.14 -80.96
N ASN PA 107 90.55 29.22 -81.88
CA ASN PA 107 89.29 29.96 -81.70
C ASN PA 107 89.30 31.45 -81.34
N ALA PA 108 90.18 32.25 -81.91
CA ALA PA 108 90.23 33.66 -81.56
C ALA PA 108 89.11 34.53 -82.15
N TRP PA 109 88.71 35.56 -81.41
CA TRP PA 109 87.74 36.56 -81.87
C TRP PA 109 88.09 37.90 -81.26
N PRO PA 110 87.67 39.00 -81.87
CA PRO PA 110 88.05 40.29 -81.24
C PRO PA 110 87.14 40.87 -80.14
N LEU PA 111 87.76 41.10 -79.00
CA LEU PA 111 87.22 41.72 -77.79
C LEU PA 111 87.04 43.24 -77.90
N LYS PA 112 88.04 43.91 -78.46
CA LYS PA 112 87.99 45.38 -78.64
C LYS PA 112 88.87 45.81 -79.81
N VAL PA 113 88.45 46.91 -80.44
CA VAL PA 113 89.15 47.59 -81.51
C VAL PA 113 89.36 49.04 -81.09
N GLN PA 114 90.64 49.47 -81.03
CA GLN PA 114 90.99 50.85 -80.62
C GLN PA 114 91.58 51.68 -81.77
N SER PA 115 90.96 52.83 -82.00
CA SER PA 115 91.41 53.80 -83.01
C SER PA 115 92.44 54.76 -82.44
N THR PA 116 93.06 55.53 -83.32
CA THR PA 116 94.05 56.52 -82.96
C THR PA 116 93.52 57.83 -82.44
N ASP PA 117 94.41 58.58 -81.80
CA ASP PA 117 94.11 59.93 -81.28
C ASP PA 117 94.72 60.94 -82.26
N LEU PA 118 94.09 62.10 -82.42
CA LEU PA 118 94.50 63.10 -83.38
C LEU PA 118 95.09 64.31 -82.70
N LYS PA 119 96.22 64.81 -83.22
CA LYS PA 119 96.87 65.99 -82.63
C LYS PA 119 97.35 66.97 -83.68
N GLY PA 120 97.17 68.26 -83.42
CA GLY PA 120 97.59 69.34 -84.32
C GLY PA 120 99.09 69.35 -84.62
N ASP PA 121 99.89 68.95 -83.63
CA ASP PA 121 101.33 68.85 -83.74
C ASP PA 121 101.81 67.40 -83.68
N GLY PA 122 100.92 66.47 -84.00
CA GLY PA 122 101.19 65.05 -83.96
C GLY PA 122 101.98 64.53 -85.14
N ASN PA 123 103.25 64.84 -85.17
CA ASN PA 123 104.12 64.43 -86.28
C ASN PA 123 104.51 62.95 -86.19
N GLU PA 124 103.53 62.05 -86.40
CA GLU PA 124 103.75 60.61 -86.29
C GLU PA 124 102.75 59.80 -87.14
N VAL PA 125 102.91 58.48 -87.15
CA VAL PA 125 102.05 57.53 -87.86
C VAL PA 125 100.82 57.16 -87.04
N ALA PA 126 99.68 57.15 -87.70
CA ALA PA 126 98.45 56.74 -87.04
C ALA PA 126 98.41 55.21 -86.88
N ILE PA 127 98.41 54.73 -85.63
CA ILE PA 127 98.43 53.29 -85.32
C ILE PA 127 97.14 52.77 -84.68
N GLU PA 128 96.54 51.77 -85.31
CA GLU PA 128 95.34 51.13 -84.77
C GLU PA 128 95.70 49.80 -84.10
N SER PA 129 94.86 49.38 -83.14
CA SER PA 129 95.11 48.10 -82.45
C SER PA 129 93.87 47.28 -82.12
N MET PA 130 94.10 45.98 -81.95
CA MET PA 130 93.07 45.00 -81.63
C MET PA 130 93.45 44.04 -80.50
N GLU PA 131 92.46 43.70 -79.66
CA GLU PA 131 92.64 42.72 -78.58
C GLU PA 131 91.78 41.47 -78.81
N LEU PA 132 92.45 40.30 -78.81
CA LEU PA 132 91.78 39.02 -79.06
C LEU PA 132 91.67 38.03 -77.91
N ALA PA 133 90.49 37.43 -77.79
CA ALA PA 133 90.19 36.34 -76.87
C ALA PA 133 90.47 35.03 -77.59
N HIS PA 134 90.85 33.99 -76.86
CA HIS PA 134 91.08 32.69 -77.52
C HIS PA 134 90.91 31.56 -76.52
N GLU PA 135 90.96 30.32 -77.00
CA GLU PA 135 90.80 29.14 -76.16
C GLU PA 135 92.00 28.19 -76.05
N GLY PA 136 93.21 28.65 -76.33
CA GLY PA 136 94.34 27.74 -76.19
C GLY PA 136 95.52 28.03 -77.08
N LEU PA 137 96.71 27.75 -76.54
CA LEU PA 137 97.99 27.99 -77.18
C LEU PA 137 98.96 26.81 -77.10
N VAL PA 138 99.52 26.46 -78.26
CA VAL PA 138 100.54 25.42 -78.40
C VAL PA 138 101.82 26.01 -79.01
N ILE PA 139 102.98 25.69 -78.40
CA ILE PA 139 104.24 26.24 -78.91
C ILE PA 139 105.11 25.18 -79.58
N GLN PA 140 105.49 25.43 -80.83
CA GLN PA 140 106.31 24.51 -81.61
C GLN PA 140 107.69 25.07 -81.95
N ASN PA 141 108.73 24.35 -81.58
CA ASN PA 141 110.11 24.74 -81.86
C ASN PA 141 110.94 23.48 -82.04
N GLU PA 142 111.14 23.08 -83.29
CA GLU PA 142 111.80 21.83 -83.60
C GLU PA 142 113.20 22.05 -84.17
N PRO QA 2 16.82 3.56 6.42
CA PRO QA 2 15.75 2.80 7.07
C PRO QA 2 16.23 2.12 8.36
N ILE QA 3 15.33 1.94 9.31
CA ILE QA 3 15.65 1.24 10.54
C ILE QA 3 15.25 -0.24 10.45
N GLU QA 4 15.00 -0.74 9.24
CA GLU QA 4 14.53 -2.10 9.01
C GLU QA 4 15.26 -2.69 7.82
N ILE QA 5 15.70 -3.95 7.94
CA ILE QA 5 16.33 -4.66 6.84
C ILE QA 5 15.32 -5.20 5.84
N LYS QA 6 14.03 -4.96 6.07
CA LYS QA 6 12.97 -5.44 5.18
C LYS QA 6 12.93 -4.66 3.87
N GLU QA 7 13.55 -3.49 3.85
CA GLU QA 7 13.38 -2.55 2.74
C GLU QA 7 14.63 -2.36 1.90
N LEU QA 8 15.63 -3.23 2.04
CA LEU QA 8 16.83 -3.12 1.23
C LEU QA 8 16.69 -3.98 -0.03
N HIS QA 9 17.31 -3.51 -1.11
CA HIS QA 9 17.26 -4.18 -2.40
C HIS QA 9 18.65 -4.68 -2.75
N ILE QA 10 18.71 -5.75 -3.56
CA ILE QA 10 19.99 -6.33 -3.95
C ILE QA 10 20.67 -5.41 -4.96
N LYS QA 11 22.00 -5.30 -4.84
CA LYS QA 11 22.80 -4.35 -5.60
C LYS QA 11 23.36 -5.02 -6.85
N ILE QA 12 22.96 -4.52 -8.02
CA ILE QA 12 23.45 -4.97 -9.31
C ILE QA 12 24.00 -3.76 -10.05
N THR QA 13 25.27 -3.84 -10.47
CA THR QA 13 25.91 -2.76 -11.20
C THR QA 13 26.09 -3.16 -12.66
N VAL QA 14 26.42 -2.17 -13.49
CA VAL QA 14 26.59 -2.34 -14.93
C VAL QA 14 28.01 -1.94 -15.29
N ASP QA 15 28.70 -2.80 -16.04
CA ASP QA 15 30.04 -2.51 -16.56
C ASP QA 15 29.88 -1.75 -17.88
N ASP QA 16 29.72 -0.44 -17.80
CA ASP QA 16 29.39 0.40 -18.95
C ASP QA 16 30.57 1.26 -19.40
N SER QA 17 31.78 0.72 -19.37
CA SER QA 17 32.98 1.48 -19.70
C SER QA 17 34.07 0.59 -20.29
N GLU QA 29 28.84 2.95 -10.37
CA GLU QA 29 28.30 2.84 -9.02
C GLU QA 29 27.94 4.21 -8.48
N ASP QA 30 28.00 5.20 -9.36
CA ASP QA 30 27.41 6.49 -9.04
C ASP QA 30 25.90 6.43 -9.10
N LYS QA 31 25.35 5.65 -10.03
CA LYS QA 31 23.91 5.56 -10.19
C LYS QA 31 23.29 4.66 -9.12
N GLN QA 32 24.13 3.88 -8.43
CA GLN QA 32 23.62 3.03 -7.36
C GLN QA 32 23.19 3.85 -6.15
N GLN QA 33 23.88 4.96 -5.90
CA GLN QA 33 23.60 5.76 -4.72
C GLN QA 33 22.37 6.65 -4.92
N LEU QA 34 22.06 6.98 -6.17
CA LEU QA 34 20.90 7.82 -6.44
C LEU QA 34 19.60 7.03 -6.35
N VAL QA 35 19.61 5.78 -6.84
CA VAL QA 35 18.41 4.95 -6.79
C VAL QA 35 18.10 4.56 -5.35
N ALA QA 36 19.13 4.39 -4.53
CA ALA QA 36 18.92 4.00 -3.15
C ALA QA 36 18.33 5.13 -2.31
N GLN QA 37 18.59 6.38 -2.70
CA GLN QA 37 17.97 7.51 -2.01
C GLN QA 37 16.50 7.68 -2.36
N CYS QA 38 16.12 7.28 -3.57
CA CYS QA 38 14.74 7.43 -3.99
C CYS QA 38 13.83 6.39 -3.34
N VAL QA 39 14.36 5.22 -3.04
CA VAL QA 39 13.57 4.20 -2.34
C VAL QA 39 13.37 4.58 -0.88
N GLU QA 40 14.35 5.24 -0.32
CA GLU QA 40 14.26 5.69 1.03
C GLU QA 40 13.19 6.77 1.27
N GLN QA 41 13.01 7.72 0.34
CA GLN QA 41 12.09 8.83 0.52
C GLN QA 41 10.65 8.44 0.17
N VAL QA 42 10.49 7.45 -0.71
CA VAL QA 42 9.14 6.98 -1.04
C VAL QA 42 8.53 6.26 0.16
N LEU QA 43 9.31 5.39 0.80
CA LEU QA 43 8.77 4.58 1.90
C LEU QA 43 8.56 5.39 3.16
N ASP QA 44 9.20 6.56 3.27
CA ASP QA 44 8.91 7.46 4.39
C ASP QA 44 7.61 8.21 4.15
N VAL QA 45 7.28 8.51 2.90
CA VAL QA 45 6.02 9.17 2.57
C VAL QA 45 4.85 8.22 2.79
N LEU QA 46 5.03 6.93 2.49
CA LEU QA 46 3.96 5.96 2.67
C LEU QA 46 3.69 5.69 4.14
N LYS QA 47 4.72 5.80 4.98
CA LYS QA 47 4.54 5.55 6.41
C LYS QA 47 3.86 6.72 7.10
N SER QA 48 4.09 7.93 6.61
CA SER QA 48 3.55 9.12 7.28
C SER QA 48 2.06 9.27 7.00
N GLN QA 49 1.55 8.63 5.96
CA GLN QA 49 0.15 8.79 5.59
C GLN QA 49 -0.76 7.99 6.51
N LYS QA 50 -0.22 7.00 7.21
CA LYS QA 50 -1.03 6.21 8.12
C LYS QA 50 -1.07 6.80 9.52
N GLU QA 51 -0.42 7.94 9.74
CA GLU QA 51 -0.53 8.66 11.00
C GLU QA 51 -1.91 9.28 11.14
N ARG QA 52 -2.36 9.45 12.38
CA ARG QA 52 -3.63 10.14 12.60
C ARG QA 52 -3.44 11.66 12.48
N PRO RA 2 9.28 -5.09 -14.93
CA PRO RA 2 8.04 -5.69 -14.40
C PRO RA 2 7.45 -6.71 -15.34
N ILE RA 3 6.75 -7.70 -14.79
CA ILE RA 3 6.06 -8.70 -15.60
C ILE RA 3 4.59 -8.33 -15.80
N GLU RA 4 4.23 -7.07 -15.54
CA GLU RA 4 2.86 -6.58 -15.61
C GLU RA 4 2.83 -5.22 -16.26
N ILE RA 5 1.87 -5.01 -17.17
CA ILE RA 5 1.68 -3.71 -17.80
C ILE RA 5 0.92 -2.73 -16.91
N LYS RA 6 0.56 -3.14 -15.71
CA LYS RA 6 -0.18 -2.31 -14.77
C LYS RA 6 0.70 -1.21 -14.17
N GLU RA 7 2.02 -1.38 -14.26
CA GLU RA 7 2.96 -0.55 -13.52
C GLU RA 7 3.79 0.36 -14.40
N LEU RA 8 3.42 0.53 -15.67
CA LEU RA 8 4.15 1.43 -16.55
C LEU RA 8 3.53 2.83 -16.52
N HIS RA 9 4.38 3.84 -16.66
CA HIS RA 9 3.97 5.24 -16.63
C HIS RA 9 4.17 5.85 -18.02
N ILE RA 10 3.37 6.87 -18.32
CA ILE RA 10 3.46 7.53 -19.62
C ILE RA 10 4.73 8.37 -19.68
N LYS RA 11 5.36 8.38 -20.84
CA LYS RA 11 6.68 8.99 -21.05
C LYS RA 11 6.52 10.42 -21.57
N ILE RA 12 6.98 11.39 -20.77
CA ILE RA 12 6.99 12.80 -21.15
C ILE RA 12 8.41 13.31 -21.02
N THR RA 13 8.95 13.87 -22.11
CA THR RA 13 10.30 14.40 -22.11
C THR RA 13 10.26 15.93 -22.15
N VAL RA 14 11.41 16.54 -21.89
CA VAL RA 14 11.55 18.00 -21.82
C VAL RA 14 12.58 18.43 -22.87
N ASP RA 15 12.22 19.41 -23.68
CA ASP RA 15 13.13 20.00 -24.67
C ASP RA 15 13.94 21.09 -23.97
N ASP RA 16 15.04 20.69 -23.32
CA ASP RA 16 15.83 21.58 -22.48
C ASP RA 16 17.16 21.97 -23.11
N SER RA 17 17.19 22.18 -24.41
CA SER RA 17 18.43 22.47 -25.11
C SER RA 17 18.20 23.36 -26.33
N GLU RA 29 16.51 12.65 -22.67
CA GLU RA 29 15.96 11.31 -22.49
C GLU RA 29 16.94 10.43 -21.73
N ASP RA 30 17.99 11.06 -21.22
CA ASP RA 30 18.86 10.40 -20.25
C ASP RA 30 18.16 10.29 -18.90
N LYS RA 31 17.38 11.32 -18.53
CA LYS RA 31 16.70 11.32 -17.24
C LYS RA 31 15.48 10.42 -17.26
N GLN RA 32 15.03 10.02 -18.44
CA GLN RA 32 13.88 9.12 -18.54
C GLN RA 32 14.24 7.72 -18.06
N GLN RA 33 15.48 7.30 -18.29
CA GLN RA 33 15.89 5.94 -17.96
C GLN RA 33 16.19 5.80 -16.48
N LEU RA 34 16.54 6.90 -15.82
CA LEU RA 34 16.85 6.84 -14.38
C LEU RA 34 15.57 6.79 -13.55
N VAL RA 35 14.55 7.55 -13.95
CA VAL RA 35 13.29 7.54 -13.21
C VAL RA 35 12.58 6.21 -13.37
N ALA RA 36 12.74 5.57 -14.53
CA ALA RA 36 12.08 4.29 -14.76
C ALA RA 36 12.71 3.16 -13.96
N GLN RA 37 14.00 3.29 -13.62
CA GLN RA 37 14.63 2.29 -12.76
C GLN RA 37 14.20 2.43 -11.31
N CYS RA 38 13.88 3.65 -10.87
CA CYS RA 38 13.50 3.86 -9.49
C CYS RA 38 12.09 3.37 -9.21
N VAL RA 39 11.21 3.40 -10.21
CA VAL RA 39 9.86 2.86 -10.03
C VAL RA 39 9.88 1.34 -10.00
N GLU RA 40 10.80 0.76 -10.72
CA GLU RA 40 10.94 -0.65 -10.73
C GLU RA 40 11.41 -1.24 -9.39
N GLN RA 41 12.33 -0.59 -8.68
CA GLN RA 41 12.90 -1.12 -7.45
C GLN RA 41 12.01 -0.85 -6.24
N VAL RA 42 11.18 0.20 -6.31
CA VAL RA 42 10.25 0.48 -5.21
C VAL RA 42 9.16 -0.59 -5.19
N LEU RA 43 8.61 -0.93 -6.35
CA LEU RA 43 7.49 -1.86 -6.41
C LEU RA 43 7.92 -3.30 -6.15
N ASP RA 44 9.21 -3.59 -6.29
CA ASP RA 44 9.72 -4.90 -5.89
C ASP RA 44 9.88 -5.00 -4.38
N VAL RA 45 10.20 -3.89 -3.72
CA VAL RA 45 10.30 -3.86 -2.27
C VAL RA 45 8.92 -4.00 -1.63
N LEU RA 46 7.90 -3.40 -2.24
CA LEU RA 46 6.56 -3.47 -1.70
C LEU RA 46 5.96 -4.87 -1.85
N LYS RA 47 6.36 -5.57 -2.90
CA LYS RA 47 5.84 -6.93 -3.12
C LYS RA 47 6.48 -7.93 -2.18
N SER RA 48 7.75 -7.71 -1.82
CA SER RA 48 8.45 -8.68 -0.99
C SER RA 48 8.01 -8.62 0.45
N GLN RA 49 7.38 -7.52 0.86
CA GLN RA 49 6.99 -7.37 2.26
C GLN RA 49 5.75 -8.18 2.59
N LYS RA 50 4.98 -8.56 1.57
CA LYS RA 50 3.79 -9.36 1.81
C LYS RA 50 4.08 -10.86 1.81
N GLU RA 51 5.33 -11.26 1.62
CA GLU RA 51 5.72 -12.65 1.75
C GLU RA 51 5.68 -13.07 3.21
N ARG RA 52 5.44 -14.36 3.44
CA ARG RA 52 5.48 -14.87 4.81
C ARG RA 52 6.93 -15.08 5.26
N PRO SA 2 1.80 16.67 -7.35
CA PRO SA 2 0.66 16.16 -6.58
C PRO SA 2 -0.36 17.23 -6.26
N ILE SA 3 -1.62 16.85 -6.13
CA ILE SA 3 -2.67 17.77 -5.74
C ILE SA 3 -2.93 17.72 -4.23
N GLU SA 4 -2.01 17.15 -3.48
CA GLU SA 4 -2.15 16.94 -2.03
C GLU SA 4 -0.83 17.26 -1.34
N ILE SA 5 -0.91 17.99 -0.22
CA ILE SA 5 0.28 18.28 0.58
C ILE SA 5 0.68 17.12 1.47
N LYS SA 6 -0.03 16.00 1.39
CA LYS SA 6 0.25 14.82 2.21
C LYS SA 6 1.51 14.10 1.72
N GLU SA 7 1.92 14.35 0.49
CA GLU SA 7 2.94 13.57 -0.17
C GLU SA 7 4.26 14.30 -0.38
N LEU SA 8 4.45 15.46 0.26
CA LEU SA 8 5.71 16.18 0.12
C LEU SA 8 6.68 15.75 1.22
N HIS SA 9 7.97 15.77 0.89
CA HIS SA 9 9.04 15.37 1.80
C HIS SA 9 9.88 16.60 2.14
N ILE SA 10 10.51 16.57 3.31
CA ILE SA 10 11.34 17.70 3.74
C ILE SA 10 12.63 17.70 2.94
N LYS SA 11 13.11 18.90 2.61
CA LYS SA 11 14.23 19.10 1.70
C LYS SA 11 15.52 19.26 2.50
N ILE SA 12 16.45 18.33 2.33
CA ILE SA 12 17.78 18.37 2.94
C ILE SA 12 18.82 18.29 1.83
N THR SA 13 19.71 19.28 1.78
CA THR SA 13 20.77 19.32 0.77
C THR SA 13 22.11 19.00 1.41
N VAL SA 14 23.10 18.74 0.57
CA VAL SA 14 24.45 18.37 1.00
C VAL SA 14 25.43 19.39 0.46
N ASP SA 15 26.30 19.91 1.32
CA ASP SA 15 27.36 20.83 0.92
C ASP SA 15 28.56 20.01 0.49
N ASP SA 16 28.57 19.59 -0.78
CA ASP SA 16 29.57 18.66 -1.31
C ASP SA 16 30.57 19.34 -2.24
N SER SA 17 30.98 20.55 -1.92
CA SER SA 17 31.88 21.31 -2.79
C SER SA 17 32.77 22.26 -1.99
N GLU SA 29 21.91 20.95 -5.38
CA GLU SA 29 20.46 21.02 -5.45
C GLU SA 29 19.98 20.60 -6.82
N ASP SA 30 20.90 20.07 -7.62
CA ASP SA 30 20.52 19.39 -8.85
C ASP SA 30 19.91 18.02 -8.53
N LYS SA 31 20.43 17.35 -7.50
CA LYS SA 31 19.95 16.02 -7.15
C LYS SA 31 18.63 16.10 -6.38
N GLN SA 32 18.27 17.29 -5.91
CA GLN SA 32 16.99 17.46 -5.22
C GLN SA 32 15.82 17.36 -6.18
N GLN SA 33 16.01 17.82 -7.42
CA GLN SA 33 14.92 17.85 -8.37
C GLN SA 33 14.69 16.47 -9.00
N LEU SA 34 15.71 15.62 -9.02
CA LEU SA 34 15.56 14.29 -9.59
C LEU SA 34 14.84 13.35 -8.64
N VAL SA 35 15.14 13.45 -7.33
CA VAL SA 35 14.49 12.59 -6.35
C VAL SA 35 13.03 12.97 -6.21
N ALA SA 36 12.71 14.26 -6.37
CA ALA SA 36 11.33 14.70 -6.23
C ALA SA 36 10.46 14.24 -7.40
N GLN SA 37 11.06 14.03 -8.57
CA GLN SA 37 10.30 13.49 -9.71
C GLN SA 37 10.01 12.01 -9.55
N CYS SA 38 10.89 11.29 -8.86
CA CYS SA 38 10.71 9.85 -8.71
C CYS SA 38 9.62 9.53 -7.69
N VAL SA 39 9.43 10.41 -6.70
CA VAL SA 39 8.36 10.20 -5.72
C VAL SA 39 7.01 10.51 -6.35
N GLU SA 40 7.00 11.44 -7.25
CA GLU SA 40 5.79 11.79 -7.94
C GLU SA 40 5.25 10.68 -8.86
N GLN SA 41 6.11 9.95 -9.56
CA GLN SA 41 5.68 8.94 -10.53
C GLN SA 41 5.36 7.61 -9.85
N VAL SA 42 5.95 7.35 -8.69
CA VAL SA 42 5.62 6.12 -7.96
C VAL SA 42 4.20 6.22 -7.39
N LEU SA 43 3.85 7.36 -6.81
CA LEU SA 43 2.56 7.50 -6.15
C LEU SA 43 1.42 7.62 -7.16
N ASP SA 44 1.72 7.97 -8.41
CA ASP SA 44 0.71 7.94 -9.46
C ASP SA 44 0.45 6.51 -9.93
N VAL SA 45 1.47 5.66 -9.90
CA VAL SA 45 1.31 4.27 -10.28
C VAL SA 45 0.50 3.52 -9.23
N LEU SA 46 0.70 3.86 -7.95
CA LEU SA 46 -0.03 3.20 -6.87
C LEU SA 46 -1.49 3.59 -6.85
N LYS SA 47 -1.80 4.82 -7.29
CA LYS SA 47 -3.18 5.28 -7.29
C LYS SA 47 -3.95 4.67 -8.46
N SER SA 48 -3.28 4.41 -9.58
CA SER SA 48 -3.98 3.91 -10.76
C SER SA 48 -4.35 2.44 -10.63
N GLN SA 49 -3.70 1.73 -9.71
CA GLN SA 49 -3.94 0.30 -9.58
C GLN SA 49 -5.24 0.03 -8.83
N LYS SA 50 -5.75 1.01 -8.09
CA LYS SA 50 -7.01 0.82 -7.38
C LYS SA 50 -8.22 1.21 -8.22
N GLU SA 51 -8.01 1.61 -9.48
CA GLU SA 51 -9.11 1.85 -10.39
C GLU SA 51 -9.74 0.53 -10.81
N ARG SA 52 -11.02 0.56 -11.14
CA ARG SA 52 -11.69 -0.63 -11.65
C ARG SA 52 -11.32 -0.86 -13.12
N ASN TA 2 5.67 -17.04 -39.90
CA ASN TA 2 6.55 -15.97 -40.33
C ASN TA 2 7.96 -16.15 -39.77
N ASN TA 3 8.90 -16.53 -40.63
CA ASN TA 3 10.30 -16.74 -40.27
C ASN TA 3 11.21 -15.66 -40.81
N SER TA 4 10.63 -14.58 -41.26
CA SER TA 4 11.37 -13.49 -41.92
C SER TA 4 12.40 -12.77 -41.07
N GLY TA 5 12.32 -12.89 -39.76
CA GLY TA 5 13.23 -12.20 -38.87
C GLY TA 5 12.77 -10.80 -38.52
N THR TA 6 11.61 -10.40 -39.00
CA THR TA 6 11.10 -9.08 -38.70
C THR TA 6 9.63 -9.11 -38.34
N ILE TA 7 9.08 -7.93 -38.11
CA ILE TA 7 7.68 -7.75 -37.81
C ILE TA 7 6.99 -7.18 -39.01
N GLU TA 8 5.93 -7.85 -39.44
CA GLU TA 8 5.25 -7.43 -40.63
C GLU TA 8 4.31 -6.26 -40.43
N THR TA 9 4.57 -5.20 -41.19
CA THR TA 9 3.79 -3.99 -41.19
C THR TA 9 3.42 -3.74 -42.64
N SER TA 10 2.44 -2.88 -42.89
CA SER TA 10 2.05 -2.59 -44.26
C SER TA 10 2.94 -1.60 -44.98
N GLN TA 11 3.61 -0.75 -44.21
CA GLN TA 11 4.49 0.28 -44.76
C GLN TA 11 5.80 0.27 -44.00
N SER TA 12 6.72 1.12 -44.44
CA SER TA 12 7.98 1.34 -43.75
C SER TA 12 7.69 1.92 -42.39
N VAL TA 13 8.56 1.70 -41.41
CA VAL TA 13 8.29 2.25 -40.09
C VAL TA 13 8.96 3.59 -39.86
N ASP TA 14 9.41 4.22 -40.94
CA ASP TA 14 10.02 5.54 -40.95
C ASP TA 14 9.14 6.68 -40.43
N ARG TA 15 7.83 6.62 -40.65
CA ARG TA 15 6.97 7.72 -40.20
C ARG TA 15 5.68 7.27 -39.55
N VAL TA 16 5.53 7.60 -38.29
CA VAL TA 16 4.36 7.26 -37.51
C VAL TA 16 3.37 8.39 -37.56
N THR TA 17 2.11 8.08 -37.87
CA THR TA 17 1.03 9.05 -37.97
C THR TA 17 -0.12 8.67 -37.06
N HIS TA 18 -0.99 9.62 -36.74
CA HIS TA 18 -2.18 9.35 -35.93
C HIS TA 18 -3.27 10.38 -36.16
N LYS TA 19 -4.47 10.04 -35.70
CA LYS TA 19 -5.60 10.96 -35.74
C LYS TA 19 -6.40 10.89 -34.47
N ILE TA 20 -6.91 12.04 -34.05
CA ILE TA 20 -7.79 12.11 -32.91
C ILE TA 20 -9.11 12.70 -33.32
N LEU TA 21 -10.17 11.93 -33.14
CA LEU TA 21 -11.49 12.34 -33.55
C LEU TA 21 -12.39 12.54 -32.36
N ILE TA 22 -13.07 13.67 -32.32
CA ILE TA 22 -13.99 13.94 -31.24
C ILE TA 22 -15.37 14.22 -31.80
N ASP TA 23 -16.35 13.46 -31.33
CA ASP TA 23 -17.73 13.52 -31.79
C ASP TA 23 -17.82 13.47 -33.31
N GLY TA 24 -17.02 12.60 -33.92
CA GLY TA 24 -17.02 12.42 -35.36
C GLY TA 24 -15.99 13.19 -36.20
N SER TA 25 -15.23 14.14 -35.65
CA SER TA 25 -14.27 14.83 -36.53
C SER TA 25 -12.94 15.20 -35.89
N GLU TA 26 -11.95 15.39 -36.75
CA GLU TA 26 -10.59 15.68 -36.34
C GLU TA 26 -10.35 16.98 -35.60
N ILE TA 27 -9.57 16.94 -34.51
CA ILE TA 27 -9.19 18.11 -33.73
C ILE TA 27 -8.30 18.95 -34.66
N PRO TA 28 -8.38 20.28 -34.66
CA PRO TA 28 -7.63 21.15 -35.55
C PRO TA 28 -6.14 20.99 -35.39
N GLY TA 29 -5.45 21.03 -36.53
CA GLY TA 29 -3.98 20.89 -36.62
C GLY TA 29 -3.17 22.06 -36.11
N THR TA 30 -3.49 22.54 -34.91
CA THR TA 30 -2.78 23.62 -34.29
C THR TA 30 -2.45 23.10 -32.93
N TYR TA 31 -3.14 22.03 -32.57
CA TYR TA 31 -2.95 21.44 -31.26
C TYR TA 31 -1.78 20.49 -31.35
N GLN TA 32 -0.84 20.58 -30.42
CA GLN TA 32 0.28 19.67 -30.46
C GLN TA 32 0.18 18.60 -29.40
N VAL TA 33 0.12 17.37 -29.88
CA VAL TA 33 -0.01 16.22 -29.01
C VAL TA 33 1.35 15.62 -28.84
N LYS TA 34 1.81 15.67 -27.61
CA LYS TA 34 3.13 15.26 -27.19
C LYS TA 34 3.20 13.76 -27.01
N SER TA 35 2.16 13.18 -26.44
CA SER TA 35 2.19 11.74 -26.17
C SER TA 35 0.82 11.05 -26.08
N ILE TA 36 0.75 9.81 -26.58
CA ILE TA 36 -0.47 8.99 -26.51
C ILE TA 36 -0.25 7.62 -25.85
N GLN TA 37 -1.11 7.27 -24.90
CA GLN TA 37 -1.05 5.95 -24.25
C GLN TA 37 -2.40 5.25 -24.24
N VAL TA 38 -2.42 3.96 -24.63
CA VAL TA 38 -3.66 3.16 -24.57
C VAL TA 38 -3.43 1.81 -23.88
N THR TA 39 -4.30 1.45 -22.93
CA THR TA 39 -4.19 0.14 -22.29
C THR TA 39 -5.48 -0.68 -22.27
N LYS TA 40 -5.30 -2.00 -22.38
CA LYS TA 40 -6.37 -2.99 -22.32
C LYS TA 40 -5.91 -4.22 -21.53
N GLU TA 41 -6.79 -4.80 -20.73
CA GLU TA 41 -6.43 -5.97 -19.96
C GLU TA 41 -7.63 -6.81 -19.56
N VAL TA 42 -7.42 -8.13 -19.44
CA VAL TA 42 -8.47 -9.04 -19.02
C VAL TA 42 -9.03 -8.66 -17.66
N ASN TA 43 -10.35 -8.61 -17.57
CA ASN TA 43 -11.14 -8.25 -16.40
C ASN TA 43 -11.00 -6.81 -15.90
N ARG TA 44 -10.61 -5.88 -16.76
CA ARG TA 44 -10.52 -4.47 -16.39
C ARG TA 44 -11.18 -3.60 -17.45
N ILE TA 45 -11.52 -2.36 -17.12
CA ILE TA 45 -12.09 -1.45 -18.11
C ILE TA 45 -10.98 -0.66 -18.83
N PRO TA 46 -10.91 -0.71 -20.19
CA PRO TA 46 -9.94 -0.04 -21.04
C PRO TA 46 -9.88 1.48 -20.86
N THR TA 47 -8.67 2.01 -21.00
CA THR TA 47 -8.41 3.45 -20.86
C THR TA 47 -7.37 4.03 -21.80
N ALA TA 48 -7.36 5.35 -21.88
CA ALA TA 48 -6.38 6.07 -22.70
C ALA TA 48 -6.02 7.45 -22.14
N ARG TA 49 -4.81 7.92 -22.48
CA ARG TA 49 -4.36 9.25 -22.07
C ARG TA 49 -3.72 10.07 -23.19
N LEU TA 50 -4.05 11.35 -23.24
CA LEU TA 50 -3.43 12.27 -24.20
C LEU TA 50 -2.69 13.40 -23.49
N VAL TA 51 -1.48 13.71 -23.96
CA VAL TA 51 -0.75 14.85 -23.41
C VAL TA 51 -0.62 15.92 -24.49
N ILE TA 52 -1.19 17.09 -24.19
CA ILE TA 52 -1.28 18.23 -25.09
C ILE TA 52 -0.51 19.44 -24.54
N LEU TA 53 0.30 20.09 -25.36
CA LEU TA 53 1.06 21.23 -24.86
C LEU TA 53 0.15 22.44 -24.75
N ASP TA 54 0.18 23.17 -23.63
CA ASP TA 54 -0.71 24.34 -23.49
C ASP TA 54 -0.32 25.27 -22.36
N GLY TA 55 -0.82 26.50 -22.44
CA GLY TA 55 -0.66 27.51 -21.41
C GLY TA 55 0.39 28.54 -21.75
N ASP TA 56 0.10 29.80 -21.49
CA ASP TA 56 1.06 30.87 -21.78
C ASP TA 56 1.01 31.98 -20.73
N ALA TA 57 2.10 32.08 -19.98
CA ALA TA 57 2.27 33.01 -18.86
C ALA TA 57 2.17 34.47 -19.28
N ALA TA 58 2.45 34.74 -20.55
CA ALA TA 58 2.39 36.09 -21.07
C ALA TA 58 0.97 36.51 -21.42
N GLU TA 59 0.03 35.55 -21.44
CA GLU TA 59 -1.35 35.84 -21.77
C GLU TA 59 -2.21 35.64 -20.55
N ARG TA 60 -1.70 34.83 -19.65
CA ARG TA 60 -2.47 34.51 -18.51
C ARG TA 60 -3.61 33.56 -18.87
N ASP TA 61 -3.38 32.52 -19.68
CA ASP TA 61 -4.47 31.58 -19.94
C ASP TA 61 -4.03 30.25 -20.58
N PHE TA 62 -5.01 29.35 -20.75
CA PHE TA 62 -4.94 28.04 -21.42
C PHE TA 62 -6.01 27.84 -22.50
N LYS TA 63 -5.65 28.09 -23.74
CA LYS TA 63 -6.61 28.03 -24.85
C LYS TA 63 -7.22 26.67 -25.15
N VAL TA 64 -6.51 25.56 -24.96
CA VAL TA 64 -7.07 24.27 -25.30
C VAL TA 64 -8.08 23.90 -24.24
N SER TA 65 -7.73 24.13 -22.99
CA SER TA 65 -8.62 23.83 -21.86
C SER TA 65 -9.95 24.57 -22.01
N ASN TA 66 -9.89 25.81 -22.49
CA ASN TA 66 -11.08 26.62 -22.69
C ASN TA 66 -11.97 26.17 -23.87
N SER TA 67 -11.49 25.28 -24.72
CA SER TA 67 -12.22 24.85 -25.89
C SER TA 67 -13.28 23.84 -25.51
N ASP TA 68 -14.16 23.52 -26.43
CA ASP TA 68 -15.14 22.52 -26.17
C ASP TA 68 -14.77 21.13 -26.68
N HIS TA 69 -13.50 20.91 -27.03
CA HIS TA 69 -13.06 19.61 -27.51
C HIS TA 69 -12.78 18.57 -26.44
N PHE TA 70 -12.28 18.99 -25.29
CA PHE TA 70 -11.83 18.02 -24.29
C PHE TA 70 -12.60 18.11 -23.00
N VAL TA 71 -13.88 18.31 -23.15
CA VAL TA 71 -14.88 18.43 -22.11
C VAL TA 71 -15.44 17.06 -21.72
N PRO TA 72 -15.52 16.71 -20.44
CA PRO TA 72 -16.05 15.47 -19.99
C PRO TA 72 -17.42 15.21 -20.61
N GLY TA 73 -17.62 14.00 -21.07
CA GLY TA 73 -18.85 13.57 -21.70
C GLY TA 73 -18.75 13.40 -23.20
N LYS TA 74 -17.75 14.01 -23.84
CA LYS TA 74 -17.61 13.88 -25.29
C LYS TA 74 -17.04 12.54 -25.72
N GLU TA 75 -17.37 12.10 -26.95
CA GLU TA 75 -16.85 10.81 -27.44
C GLU TA 75 -15.56 10.93 -28.21
N ILE TA 76 -14.62 10.08 -27.89
CA ILE TA 76 -13.31 10.12 -28.51
C ILE TA 76 -12.91 8.83 -29.20
N GLU TA 77 -12.25 8.97 -30.32
CA GLU TA 77 -11.72 7.85 -31.08
C GLU TA 77 -10.27 8.08 -31.53
N ILE TA 78 -9.40 7.11 -31.27
CA ILE TA 78 -7.97 7.20 -31.60
C ILE TA 78 -7.50 6.19 -32.66
N THR TA 79 -6.92 6.66 -33.75
CA THR TA 79 -6.41 5.80 -34.83
C THR TA 79 -4.90 6.01 -34.98
N VAL TA 80 -4.15 4.99 -35.35
CA VAL TA 80 -2.69 5.09 -35.57
C VAL TA 80 -2.15 4.14 -36.65
N GLY TA 81 -1.09 4.50 -37.31
CA GLY TA 81 -0.40 3.65 -38.29
C GLY TA 81 0.85 4.25 -38.91
N TYR TA 82 1.43 3.58 -39.90
CA TYR TA 82 2.65 4.07 -40.53
C TYR TA 82 2.33 4.65 -41.89
N HIS TA 83 2.92 5.81 -42.22
CA HIS TA 83 2.70 6.46 -43.51
C HIS TA 83 1.23 6.61 -43.89
N SER TA 84 0.43 7.02 -42.92
CA SER TA 84 -1.01 7.27 -43.02
C SER TA 84 -1.90 6.04 -43.18
N ASP TA 85 -1.30 4.86 -43.03
CA ASP TA 85 -2.06 3.63 -43.02
C ASP TA 85 -2.49 3.48 -41.59
N ASP TA 86 -3.56 4.18 -41.23
CA ASP TA 86 -4.04 4.17 -39.86
C ASP TA 86 -5.09 3.09 -39.58
N GLU TA 87 -5.20 2.66 -38.33
CA GLU TA 87 -6.24 1.73 -37.87
C GLU TA 87 -6.71 2.11 -36.48
N THR TA 88 -7.96 1.80 -36.14
CA THR TA 88 -8.50 2.17 -34.83
C THR TA 88 -7.99 1.31 -33.69
N ILE TA 89 -7.54 1.99 -32.65
CA ILE TA 89 -7.00 1.38 -31.44
C ILE TA 89 -7.97 1.51 -30.26
N PHE TA 90 -8.58 2.70 -30.10
CA PHE TA 90 -9.42 2.95 -28.93
C PHE TA 90 -10.68 3.79 -29.18
N LYS TA 91 -11.77 3.40 -28.52
CA LYS TA 91 -13.01 4.18 -28.50
C LYS TA 91 -13.51 4.35 -27.07
N GLY TA 92 -14.02 5.53 -26.74
CA GLY TA 92 -14.55 5.76 -25.40
C GLY TA 92 -15.04 7.18 -25.15
N VAL TA 93 -15.14 7.54 -23.89
CA VAL TA 93 -15.67 8.83 -23.45
C VAL TA 93 -14.69 9.60 -22.55
N VAL TA 94 -14.63 10.92 -22.73
CA VAL TA 94 -13.74 11.78 -21.92
C VAL TA 94 -14.32 11.93 -20.51
N ILE TA 95 -13.46 11.69 -19.51
CA ILE TA 95 -13.88 11.80 -18.11
C ILE TA 95 -13.17 12.89 -17.29
N ARG TA 96 -11.87 13.10 -17.50
CA ARG TA 96 -11.10 14.03 -16.68
C ARG TA 96 -10.24 14.98 -17.48
N GLN TA 97 -9.90 16.11 -16.85
CA GLN TA 97 -9.01 17.08 -17.44
C GLN TA 97 -8.07 17.60 -16.34
N ASN TA 98 -6.75 17.52 -16.55
CA ASN TA 98 -5.76 17.97 -15.56
C ASN TA 98 -4.75 18.98 -16.11
N LEU TA 99 -4.39 19.98 -15.31
CA LEU TA 99 -3.34 20.91 -15.72
C LEU TA 99 -2.12 20.77 -14.84
N LYS TA 100 -0.93 20.95 -15.43
CA LYS TA 100 0.29 20.94 -14.64
C LYS TA 100 1.24 22.05 -15.04
N ILE TA 101 1.72 22.80 -14.03
CA ILE TA 101 2.67 23.89 -14.24
C ILE TA 101 3.93 23.72 -13.38
N ARG TA 102 5.08 23.83 -14.03
CA ARG TA 102 6.39 23.76 -13.41
C ARG TA 102 7.23 24.93 -13.92
N ASN TA 103 8.38 25.17 -13.30
CA ASN TA 103 9.23 26.31 -13.68
C ASN TA 103 9.43 26.57 -15.17
N ASN TA 104 9.60 25.53 -15.97
CA ASN TA 104 9.77 25.70 -17.39
C ASN TA 104 8.89 24.71 -18.17
N GLN TA 105 7.70 24.42 -17.66
CA GLN TA 105 6.80 23.48 -18.32
C GLN TA 105 5.32 23.75 -18.07
N SER TA 106 4.50 23.61 -19.10
CA SER TA 106 3.05 23.76 -18.93
C SER TA 106 2.28 22.85 -19.88
N ILE TA 107 1.56 21.89 -19.31
CA ILE TA 107 0.81 20.92 -20.11
C ILE TA 107 -0.64 20.67 -19.67
N LEU TA 108 -1.41 20.08 -20.59
CA LEU TA 108 -2.77 19.58 -20.39
C LEU TA 108 -2.86 18.06 -20.56
N ILE TA 109 -3.46 17.38 -19.59
CA ILE TA 109 -3.64 15.94 -19.71
C ILE TA 109 -5.12 15.56 -19.73
N VAL TA 110 -5.47 14.79 -20.75
CA VAL TA 110 -6.86 14.38 -20.94
C VAL TA 110 -7.04 12.87 -20.78
N GLU TA 111 -8.00 12.47 -19.93
CA GLU TA 111 -8.24 11.03 -19.74
C GLU TA 111 -9.62 10.58 -20.20
N SER TA 112 -9.65 9.35 -20.73
CA SER TA 112 -10.86 8.70 -21.21
C SER TA 112 -10.93 7.20 -20.89
N ARG TA 113 -12.16 6.69 -20.88
CA ARG TA 113 -12.44 5.27 -20.63
C ARG TA 113 -13.49 4.71 -21.57
N ASP TA 114 -13.63 3.39 -21.61
CA ASP TA 114 -14.70 2.87 -22.46
C ASP TA 114 -16.05 3.06 -21.74
N MET TA 115 -17.13 2.68 -22.40
CA MET TA 115 -18.51 2.85 -21.94
C MET TA 115 -18.89 1.96 -20.78
N ALA TA 116 -18.12 0.91 -20.60
CA ALA TA 116 -18.32 -0.07 -19.54
C ALA TA 116 -18.23 0.60 -18.17
N VAL TA 117 -17.62 1.78 -18.10
CA VAL TA 117 -17.47 2.56 -16.87
C VAL TA 117 -18.83 2.86 -16.23
N LYS TA 118 -19.89 2.83 -17.00
CA LYS TA 118 -21.23 3.08 -16.50
C LYS TA 118 -21.65 2.06 -15.43
N MET TA 119 -21.07 0.87 -15.46
CA MET TA 119 -21.42 -0.22 -14.57
C MET TA 119 -20.74 -0.16 -13.22
N THR TA 120 -19.89 0.86 -12.99
CA THR TA 120 -19.13 0.94 -11.75
C THR TA 120 -19.54 2.09 -10.82
N LEU TA 121 -20.65 2.76 -11.13
CA LEU TA 121 -21.02 3.96 -10.39
C LEU TA 121 -22.06 3.88 -9.26
N ARG TA 122 -22.93 2.87 -9.24
CA ARG TA 122 -24.01 2.85 -8.24
C ARG TA 122 -24.23 1.49 -7.62
N ARG TA 123 -24.39 1.46 -6.29
CA ARG TA 123 -24.69 0.23 -5.57
C ARG TA 123 -26.17 -0.10 -5.70
N LYS TA 124 -26.48 -1.37 -5.95
CA LYS TA 124 -27.84 -1.85 -6.14
C LYS TA 124 -28.23 -3.06 -5.30
N SER TA 125 -29.52 -3.33 -5.27
CA SER TA 125 -30.16 -4.46 -4.58
C SER TA 125 -31.25 -5.12 -5.43
N LYS TA 126 -31.18 -6.41 -5.65
CA LYS TA 126 -32.18 -7.10 -6.48
C LYS TA 126 -32.34 -8.61 -6.26
N TYR TA 127 -33.57 -9.09 -6.45
CA TYR TA 127 -33.80 -10.54 -6.45
C TYR TA 127 -33.88 -11.01 -7.88
N PHE TA 128 -33.21 -12.11 -8.17
CA PHE TA 128 -33.27 -12.75 -9.46
C PHE TA 128 -34.00 -14.05 -9.25
N TYR TA 129 -34.65 -14.53 -10.30
CA TYR TA 129 -35.40 -15.78 -10.25
C TYR TA 129 -34.84 -16.80 -11.21
N GLU TA 130 -35.67 -17.63 -11.84
CA GLU TA 130 -35.18 -18.82 -12.53
C GLU TA 130 -34.34 -18.61 -13.80
N LEU TA 131 -33.13 -18.13 -13.58
CA LEU TA 131 -32.15 -17.77 -14.59
C LEU TA 131 -30.82 -18.51 -14.44
N SER TA 132 -30.13 -18.72 -15.55
CA SER TA 132 -28.77 -19.25 -15.51
C SER TA 132 -27.82 -18.09 -15.27
N ASP TA 133 -26.56 -18.35 -14.94
CA ASP TA 133 -25.66 -17.23 -14.75
C ASP TA 133 -25.47 -16.40 -16.00
N SER TA 134 -25.57 -17.00 -17.18
CA SER TA 134 -25.38 -16.21 -18.38
C SER TA 134 -26.59 -15.38 -18.75
N ASP TA 135 -27.74 -15.63 -18.12
CA ASP TA 135 -28.91 -14.82 -18.44
C ASP TA 135 -28.78 -13.59 -17.58
N ILE TA 136 -28.25 -13.79 -16.39
CA ILE TA 136 -28.02 -12.71 -15.45
C ILE TA 136 -26.94 -11.79 -15.99
N LEU TA 137 -25.84 -12.35 -16.51
CA LEU TA 137 -24.79 -11.51 -17.04
C LEU TA 137 -25.31 -10.66 -18.20
N GLU TA 138 -26.14 -11.23 -19.10
CA GLU TA 138 -26.66 -10.39 -20.18
C GLU TA 138 -27.54 -9.27 -19.67
N GLU TA 139 -28.38 -9.54 -18.68
CA GLU TA 139 -29.24 -8.51 -18.12
C GLU TA 139 -28.44 -7.36 -17.51
N LEU TA 140 -27.40 -7.67 -16.75
CA LEU TA 140 -26.64 -6.62 -16.09
C LEU TA 140 -26.01 -5.69 -17.11
N ILE TA 141 -25.55 -6.22 -18.23
CA ILE TA 141 -24.91 -5.45 -19.27
C ILE TA 141 -25.91 -4.60 -20.08
N SER TA 142 -27.03 -5.21 -20.52
CA SER TA 142 -28.00 -4.52 -21.35
C SER TA 142 -28.67 -3.36 -20.63
N ASN TA 143 -28.69 -3.39 -19.30
CA ASN TA 143 -29.26 -2.30 -18.52
C ASN TA 143 -28.57 -0.96 -18.75
N HIS TA 144 -27.33 -0.98 -19.22
CA HIS TA 144 -26.58 0.24 -19.44
C HIS TA 144 -26.46 0.58 -20.92
N GLY TA 145 -27.20 -0.13 -21.75
CA GLY TA 145 -27.18 0.08 -23.18
C GLY TA 145 -25.95 -0.47 -23.87
N LEU TA 146 -25.29 -1.45 -23.28
CA LEU TA 146 -24.08 -1.99 -23.87
C LEU TA 146 -24.38 -3.23 -24.69
N GLU TA 147 -23.54 -3.49 -25.69
CA GLU TA 147 -23.61 -4.69 -26.52
C GLU TA 147 -22.97 -5.86 -25.78
N ALA TA 148 -23.50 -7.07 -25.93
CA ALA TA 148 -22.92 -8.21 -25.22
C ALA TA 148 -22.88 -9.48 -26.04
N ASP TA 149 -21.91 -10.32 -25.69
CA ASP TA 149 -21.71 -11.65 -26.28
C ASP TA 149 -21.22 -12.57 -25.17
N VAL TA 150 -22.13 -13.37 -24.64
CA VAL TA 150 -21.83 -14.17 -23.46
C VAL TA 150 -21.99 -15.67 -23.68
N ALA TA 151 -20.95 -16.43 -23.37
CA ALA TA 151 -21.00 -17.89 -23.45
C ALA TA 151 -22.06 -18.43 -22.51
N SER TA 152 -22.75 -19.49 -22.88
CA SER TA 152 -23.78 -20.08 -22.02
C SER TA 152 -23.25 -20.95 -20.90
N THR TA 153 -24.12 -21.26 -19.93
CA THR TA 153 -23.81 -22.16 -18.83
C THR TA 153 -24.92 -23.20 -18.69
N GLU TA 154 -24.60 -24.30 -18.03
CA GLU TA 154 -25.53 -25.40 -17.79
C GLU TA 154 -26.46 -25.29 -16.58
N ASN TA 155 -26.03 -24.60 -15.55
CA ASN TA 155 -26.80 -24.53 -14.32
C ASN TA 155 -27.85 -23.46 -14.35
N GLN TA 156 -28.90 -23.66 -13.56
CA GLN TA 156 -29.96 -22.67 -13.42
C GLN TA 156 -30.32 -22.52 -11.95
N HIS TA 157 -30.36 -21.27 -11.50
CA HIS TA 157 -30.63 -20.93 -10.13
C HIS TA 157 -32.11 -20.77 -9.98
N THR TA 158 -32.65 -20.92 -8.78
CA THR TA 158 -34.07 -20.65 -8.62
C THR TA 158 -34.27 -19.28 -7.99
N GLU TA 159 -33.26 -18.81 -7.30
CA GLU TA 159 -33.24 -17.47 -6.78
C GLU TA 159 -31.78 -17.10 -6.57
N LEU TA 160 -31.47 -15.82 -6.72
CA LEU TA 160 -30.11 -15.31 -6.50
C LEU TA 160 -30.22 -13.87 -6.02
N VAL TA 161 -29.42 -13.47 -5.04
CA VAL TA 161 -29.53 -12.10 -4.53
C VAL TA 161 -28.31 -11.21 -4.69
N GLN TA 162 -28.53 -10.04 -5.28
CA GLN TA 162 -27.52 -8.99 -5.43
C GLN TA 162 -27.73 -8.03 -4.29
N TYR TA 163 -26.72 -7.76 -3.48
CA TYR TA 163 -26.96 -6.82 -2.40
C TYR TA 163 -25.89 -5.79 -2.07
N ASP TA 164 -26.26 -4.53 -2.28
CA ASP TA 164 -25.51 -3.32 -2.02
C ASP TA 164 -24.14 -3.29 -2.71
N VAL TA 165 -24.13 -3.72 -3.97
CA VAL TA 165 -22.92 -3.77 -4.82
C VAL TA 165 -23.18 -3.19 -6.19
N THR TA 166 -22.13 -2.85 -6.93
CA THR TA 166 -22.30 -2.35 -8.29
C THR TA 166 -22.52 -3.51 -9.26
N ASP TA 167 -22.98 -3.19 -10.48
CA ASP TA 167 -23.21 -4.21 -11.49
C ASP TA 167 -21.92 -4.83 -11.96
N TRP TA 168 -20.88 -4.02 -12.11
CA TRP TA 168 -19.58 -4.51 -12.53
C TRP TA 168 -19.05 -5.51 -11.51
N ASP TA 169 -19.08 -5.17 -10.22
CA ASP TA 169 -18.51 -6.08 -9.23
C ASP TA 169 -19.29 -7.38 -9.13
N PHE TA 170 -20.61 -7.29 -9.18
CA PHE TA 170 -21.44 -8.47 -9.09
C PHE TA 170 -21.12 -9.39 -10.27
N MET TA 171 -21.06 -8.81 -11.47
CA MET TA 171 -20.75 -9.56 -12.66
C MET TA 171 -19.42 -10.30 -12.51
N MET TA 172 -18.37 -9.63 -12.00
CA MET TA 172 -17.07 -10.29 -11.85
C MET TA 172 -17.06 -11.46 -10.90
N LEU TA 173 -17.78 -11.35 -9.80
CA LEU TA 173 -17.83 -12.45 -8.86
C LEU TA 173 -18.47 -13.69 -9.48
N ARG TA 174 -19.62 -13.52 -10.08
CA ARG TA 174 -20.35 -14.58 -10.70
C ARG TA 174 -19.66 -15.23 -11.86
N LEU TA 175 -18.98 -14.44 -12.69
CA LEU TA 175 -18.22 -14.94 -13.83
C LEU TA 175 -17.00 -15.81 -13.52
N GLN TA 176 -16.23 -15.47 -12.48
CA GLN TA 176 -15.07 -16.26 -12.10
C GLN TA 176 -15.44 -17.63 -11.58
N ALA TA 177 -16.48 -17.68 -10.76
CA ALA TA 177 -17.06 -18.89 -10.24
C ALA TA 177 -17.33 -19.95 -11.32
N ASN TA 178 -17.46 -19.52 -12.58
CA ASN TA 178 -17.76 -20.39 -13.70
C ASN TA 178 -16.58 -20.59 -14.65
N GLY TA 179 -15.39 -20.10 -14.28
CA GLY TA 179 -14.21 -20.25 -15.13
C GLY TA 179 -14.14 -19.33 -16.36
N LEU TA 180 -14.86 -18.21 -16.36
CA LEU TA 180 -14.91 -17.31 -17.52
C LEU TA 180 -14.01 -16.08 -17.40
N LEU TA 181 -13.55 -15.56 -18.54
CA LEU TA 181 -12.79 -14.30 -18.58
C LEU TA 181 -13.60 -13.20 -19.25
N CYS TA 182 -13.48 -11.96 -18.74
CA CYS TA 182 -14.17 -10.82 -19.34
C CYS TA 182 -13.29 -9.94 -20.23
N LEU TA 183 -13.67 -9.81 -21.50
CA LEU TA 183 -12.96 -9.00 -22.45
C LEU TA 183 -13.80 -7.81 -22.89
N VAL TA 184 -13.33 -6.60 -22.66
CA VAL TA 184 -14.10 -5.43 -23.05
C VAL TA 184 -13.37 -4.73 -24.15
N ASP TA 185 -14.07 -4.49 -25.26
CA ASP TA 185 -13.42 -3.86 -26.39
C ASP TA 185 -14.36 -3.05 -27.27
N ASP TA 186 -14.08 -1.75 -27.40
CA ASP TA 186 -14.84 -0.80 -28.22
C ASP TA 186 -16.35 -0.79 -27.99
N GLY TA 187 -16.75 -0.83 -26.73
CA GLY TA 187 -18.17 -0.78 -26.37
C GLY TA 187 -18.88 -2.14 -26.22
N LYS TA 188 -18.21 -3.22 -26.59
CA LYS TA 188 -18.79 -4.55 -26.50
C LYS TA 188 -18.20 -5.33 -25.32
N VAL TA 189 -19.06 -6.01 -24.57
CA VAL TA 189 -18.56 -6.83 -23.47
C VAL TA 189 -18.71 -8.32 -23.84
N SER TA 190 -17.57 -9.00 -23.91
CA SER TA 190 -17.50 -10.40 -24.31
C SER TA 190 -17.03 -11.33 -23.19
N ILE TA 191 -17.84 -12.32 -22.87
CA ILE TA 191 -17.54 -13.25 -21.78
C ILE TA 191 -17.35 -14.68 -22.26
N GLN TA 192 -16.10 -15.16 -22.19
CA GLN TA 192 -15.73 -16.45 -22.81
C GLN TA 192 -14.76 -17.29 -22.00
N LYS TA 193 -14.68 -18.59 -22.30
CA LYS TA 193 -13.65 -19.42 -21.68
C LYS TA 193 -12.32 -19.19 -22.42
N PRO TA 194 -11.14 -19.37 -21.79
CA PRO TA 194 -9.84 -19.19 -22.41
C PRO TA 194 -9.69 -20.04 -23.67
N ASP TA 195 -9.09 -19.47 -24.72
CA ASP TA 195 -8.92 -20.19 -25.98
C ASP TA 195 -7.44 -20.32 -26.33
N LEU TA 196 -6.90 -21.49 -26.05
CA LEU TA 196 -5.49 -21.76 -26.23
C LEU TA 196 -5.26 -22.53 -27.52
N SER TA 197 -6.30 -22.68 -28.34
CA SER TA 197 -6.21 -23.48 -29.55
C SER TA 197 -5.96 -22.75 -30.86
N SER TA 198 -6.21 -21.45 -30.89
CA SER TA 198 -6.10 -20.68 -32.13
C SER TA 198 -4.67 -20.47 -32.61
N GLU TA 199 -4.53 -20.12 -33.88
CA GLU TA 199 -3.27 -19.83 -34.54
C GLU TA 199 -2.57 -18.61 -33.99
N ALA TA 200 -1.26 -18.65 -33.87
CA ALA TA 200 -0.51 -17.50 -33.43
C ALA TA 200 -0.62 -16.38 -34.46
N LEU TA 201 -0.67 -15.13 -33.99
CA LEU TA 201 -0.71 -13.99 -34.91
C LEU TA 201 0.64 -13.73 -35.56
N GLU TA 202 1.69 -13.87 -34.78
CA GLU TA 202 3.06 -13.63 -35.23
C GLU TA 202 4.05 -14.31 -34.32
N THR TA 203 5.33 -14.24 -34.72
CA THR TA 203 6.43 -14.82 -33.97
C THR TA 203 7.32 -13.70 -33.47
N VAL TA 204 7.66 -13.74 -32.19
CA VAL TA 204 8.54 -12.73 -31.63
C VAL TA 204 9.81 -13.45 -31.14
N THR TA 205 10.97 -13.02 -31.65
CA THR TA 205 12.24 -13.72 -31.41
C THR TA 205 13.31 -12.91 -30.67
N PHE TA 206 13.91 -13.53 -29.67
CA PHE TA 206 14.96 -12.85 -28.90
C PHE TA 206 16.10 -12.28 -29.70
N GLY TA 207 16.66 -13.04 -30.59
CA GLY TA 207 17.80 -12.53 -31.34
C GLY TA 207 17.42 -11.67 -32.54
N ALA TA 208 16.13 -11.35 -32.77
CA ALA TA 208 15.78 -10.58 -33.95
C ALA TA 208 14.77 -9.44 -33.73
N THR TA 209 13.75 -9.63 -32.89
CA THR TA 209 12.70 -8.62 -32.77
C THR TA 209 12.40 -8.09 -31.34
N ILE TA 210 12.85 -8.78 -30.30
CA ILE TA 210 12.56 -8.34 -28.92
C ILE TA 210 13.40 -7.15 -28.42
N LEU TA 211 12.73 -6.15 -27.84
CA LEU TA 211 13.39 -4.98 -27.28
C LEU TA 211 13.65 -5.19 -25.78
N GLU TA 212 12.64 -5.72 -25.08
CA GLU TA 212 12.72 -6.00 -23.63
C GLU TA 212 12.01 -7.31 -23.32
N PHE TA 213 12.41 -7.99 -22.25
CA PHE TA 213 11.75 -9.24 -21.85
C PHE TA 213 11.86 -9.55 -20.37
N ASP TA 214 10.75 -9.98 -19.79
CA ASP TA 214 10.67 -10.41 -18.39
C ASP TA 214 9.85 -11.69 -18.26
N ALA TA 215 10.36 -12.68 -17.54
CA ALA TA 215 9.55 -13.89 -17.34
C ALA TA 215 9.84 -14.54 -16.01
N GLU TA 216 8.85 -15.25 -15.49
CA GLU TA 216 8.92 -15.95 -14.22
C GLU TA 216 8.21 -17.29 -14.17
N MET TA 217 8.84 -18.23 -13.48
CA MET TA 217 8.29 -19.57 -13.21
C MET TA 217 8.28 -19.74 -11.68
N ASP TA 218 7.20 -20.26 -11.09
CA ASP TA 218 7.13 -20.41 -9.62
C ASP TA 218 6.32 -21.64 -9.21
N ALA TA 219 7.04 -22.64 -8.71
CA ALA TA 219 6.52 -23.95 -8.37
C ALA TA 219 5.42 -23.94 -7.32
N ARG TA 220 5.32 -22.89 -6.52
CA ARG TA 220 4.34 -22.88 -5.45
C ARG TA 220 2.92 -22.66 -5.94
N ASN TA 221 2.74 -22.37 -7.23
CA ASN TA 221 1.40 -22.18 -7.73
C ASN TA 221 0.73 -23.46 -8.24
N GLN TA 222 1.43 -24.59 -8.24
CA GLN TA 222 0.77 -25.76 -8.80
C GLN TA 222 0.17 -26.65 -7.72
N LEU TA 223 -0.98 -27.23 -8.04
CA LEU TA 223 -1.71 -28.09 -7.11
C LEU TA 223 -1.71 -29.54 -7.54
N PRO TA 224 -1.67 -30.53 -6.63
CA PRO TA 224 -1.82 -31.95 -6.94
C PRO TA 224 -3.27 -32.40 -7.21
N LYS TA 225 -4.24 -31.72 -6.59
CA LYS TA 225 -5.68 -31.97 -6.80
C LYS TA 225 -6.51 -30.94 -6.01
N VAL TA 226 -7.76 -30.72 -6.43
CA VAL TA 226 -8.67 -29.84 -5.68
C VAL TA 226 -10.04 -30.47 -5.49
N VAL TA 227 -10.57 -30.34 -4.27
CA VAL TA 227 -11.90 -30.84 -3.88
C VAL TA 227 -12.72 -29.74 -3.19
N SER TA 228 -14.03 -29.72 -3.43
CA SER TA 228 -14.93 -28.77 -2.78
C SER TA 228 -15.92 -29.46 -1.84
N GLN TA 229 -16.33 -28.75 -0.76
CA GLN TA 229 -17.29 -29.27 0.22
C GLN TA 229 -18.45 -28.33 0.61
N ALA TA 230 -19.59 -28.95 0.96
CA ALA TA 230 -20.79 -28.25 1.49
C ALA TA 230 -21.67 -29.21 2.29
N TRP TA 231 -22.66 -28.71 3.01
CA TRP TA 231 -23.56 -29.58 3.80
C TRP TA 231 -24.75 -30.12 3.02
N ASN TA 232 -24.97 -31.43 3.11
CA ASN TA 232 -26.10 -32.12 2.51
C ASN TA 232 -27.22 -32.29 3.54
N MET TA 233 -28.22 -31.41 3.53
CA MET TA 233 -29.23 -31.50 4.58
C MET TA 233 -30.20 -32.66 4.43
N SER TA 234 -30.40 -33.14 3.21
CA SER TA 234 -31.32 -34.23 2.98
C SER TA 234 -30.79 -35.53 3.56
N ASP TA 235 -29.49 -35.76 3.36
CA ASP TA 235 -28.86 -36.98 3.84
C ASP TA 235 -28.20 -36.84 5.21
N GLN TA 236 -27.91 -35.60 5.66
CA GLN TA 236 -27.22 -35.28 6.92
C GLN TA 236 -25.77 -35.73 6.92
N GLU TA 237 -25.07 -35.28 5.90
CA GLU TA 237 -23.65 -35.56 5.68
C GLU TA 237 -23.05 -34.48 4.81
N LEU TA 238 -21.75 -34.56 4.52
CA LEU TA 238 -21.16 -33.58 3.63
C LEU TA 238 -21.20 -34.00 2.17
N LEU TA 239 -21.20 -33.00 1.31
CA LEU TA 239 -21.21 -33.22 -0.11
C LEU TA 239 -19.80 -32.90 -0.61
N GLU TA 240 -19.17 -33.82 -1.34
CA GLU TA 240 -17.81 -33.59 -1.78
C GLU TA 240 -17.72 -33.79 -3.28
N LYS TA 241 -17.00 -32.91 -3.94
CA LYS TA 241 -16.77 -33.04 -5.38
C LYS TA 241 -15.33 -32.82 -5.75
N GLU TA 242 -14.80 -33.69 -6.58
CA GLU TA 242 -13.43 -33.55 -7.02
C GLU TA 242 -13.42 -32.89 -8.38
N GLY TA 243 -12.42 -32.06 -8.63
CA GLY TA 243 -12.32 -31.40 -9.92
C GLY TA 243 -11.73 -32.34 -10.96
N VAL TA 244 -11.60 -31.83 -12.16
CA VAL TA 244 -11.10 -32.56 -13.30
C VAL TA 244 -9.93 -31.80 -13.84
N ASP TA 245 -8.82 -32.47 -14.07
CA ASP TA 245 -7.62 -31.82 -14.57
C ASP TA 245 -7.67 -31.62 -16.09
N PRO TA 246 -7.81 -30.37 -16.62
CA PRO TA 246 -7.94 -30.03 -18.02
C PRO TA 246 -6.68 -30.28 -18.81
N SER TA 247 -5.55 -30.50 -18.13
CA SER TA 247 -4.30 -30.71 -18.83
C SER TA 247 -4.05 -29.62 -19.86
N LEU TA 248 -3.97 -28.37 -19.43
CA LEU TA 248 -3.84 -27.29 -20.39
C LEU TA 248 -2.49 -27.36 -21.09
N GLU TA 249 -2.48 -26.97 -22.35
CA GLU TA 249 -1.26 -26.88 -23.14
C GLU TA 249 -0.64 -25.50 -23.02
N THR TA 250 0.54 -25.43 -22.44
CA THR TA 250 1.24 -24.18 -22.18
C THR TA 250 2.65 -24.26 -22.71
N ASN TA 251 3.41 -23.18 -22.56
CA ASN TA 251 4.80 -23.16 -23.00
C ASN TA 251 5.76 -23.76 -21.98
N GLY TA 252 7.04 -23.85 -22.35
CA GLY TA 252 8.08 -24.41 -21.50
C GLY TA 252 8.15 -25.93 -21.59
N ASN TA 253 9.03 -26.57 -20.79
CA ASN TA 253 9.20 -28.00 -20.89
C ASN TA 253 9.10 -28.74 -19.55
N ILE TA 254 8.49 -28.11 -18.56
CA ILE TA 254 8.29 -28.74 -17.25
C ILE TA 254 6.81 -28.85 -16.98
N SER TA 255 6.33 -30.05 -16.71
CA SER TA 255 4.92 -30.28 -16.42
C SER TA 255 4.44 -29.68 -15.12
N SER TA 256 3.21 -29.22 -15.11
CA SER TA 256 2.59 -28.70 -13.89
C SER TA 256 2.51 -29.79 -12.83
N SER TA 257 2.50 -31.05 -13.27
CA SER TA 257 2.43 -32.19 -12.40
C SER TA 257 3.77 -32.53 -11.76
N ASP TA 258 4.88 -31.97 -12.26
CA ASP TA 258 6.17 -32.24 -11.66
C ASP TA 258 6.38 -31.22 -10.58
N LEU TA 259 5.86 -30.02 -10.82
CA LEU TA 259 5.99 -28.92 -9.89
C LEU TA 259 5.07 -29.11 -8.69
N ALA TA 260 3.85 -29.60 -8.94
CA ALA TA 260 2.84 -29.76 -7.91
C ALA TA 260 3.27 -30.68 -6.76
N SER TA 261 4.03 -31.72 -7.06
CA SER TA 261 4.44 -32.69 -6.06
C SER TA 261 5.68 -32.30 -5.25
N LEU TA 262 6.33 -31.20 -5.58
CA LEU TA 262 7.57 -30.83 -4.90
C LEU TA 262 7.49 -30.52 -3.42
N PHE TA 263 6.43 -29.89 -2.93
CA PHE TA 263 6.46 -29.46 -1.53
C PHE TA 263 5.42 -30.06 -0.60
N ASP TA 264 4.24 -30.37 -1.11
CA ASP TA 264 3.13 -30.84 -0.29
C ASP TA 264 2.12 -31.56 -1.16
N GLN TA 265 1.94 -32.85 -0.93
CA GLN TA 265 1.08 -33.64 -1.81
C GLN TA 265 -0.39 -33.66 -1.36
N GLU TA 266 -0.72 -32.93 -0.30
CA GLU TA 266 -2.11 -32.91 0.17
C GLU TA 266 -2.98 -32.07 -0.74
N GLU TA 267 -4.25 -32.46 -0.82
CA GLU TA 267 -5.26 -31.77 -1.62
C GLU TA 267 -5.65 -30.40 -1.11
N GLU TA 268 -6.07 -29.52 -2.03
CA GLU TA 268 -6.62 -28.23 -1.65
C GLU TA 268 -8.11 -28.39 -1.42
N VAL TA 269 -8.62 -27.80 -0.34
CA VAL TA 269 -10.04 -27.94 -0.05
C VAL TA 269 -10.77 -26.61 -0.06
N LEU TA 270 -11.82 -26.53 -0.87
CA LEU TA 270 -12.66 -25.33 -0.97
C LEU TA 270 -13.89 -25.54 -0.11
N ARG TA 271 -14.05 -24.76 0.94
CA ARG TA 271 -15.15 -25.02 1.87
C ARG TA 271 -16.23 -23.97 1.89
N HIS TA 272 -17.48 -24.40 1.95
CA HIS TA 272 -18.60 -23.50 2.15
C HIS TA 272 -19.47 -24.16 3.22
N GLY TA 273 -19.99 -23.38 4.16
CA GLY TA 273 -20.75 -23.97 5.26
C GLY TA 273 -22.25 -24.13 5.05
N GLY TA 274 -22.77 -23.71 3.92
CA GLY TA 274 -24.20 -23.79 3.69
C GLY TA 274 -24.57 -24.95 2.79
N SER TA 275 -25.71 -24.78 2.12
CA SER TA 275 -26.26 -25.77 1.23
C SER TA 275 -26.06 -25.35 -0.22
N LYS TA 276 -25.40 -26.21 -0.97
CA LYS TA 276 -25.05 -25.99 -2.35
C LYS TA 276 -25.51 -27.08 -3.25
N LYS TA 277 -25.68 -26.74 -4.51
CA LYS TA 277 -26.05 -27.72 -5.52
C LYS TA 277 -24.79 -28.35 -6.04
N ASP TA 278 -24.89 -29.60 -6.48
CA ASP TA 278 -23.74 -30.28 -7.06
C ASP TA 278 -23.13 -29.57 -8.25
N GLY TA 279 -23.96 -29.00 -9.11
CA GLY TA 279 -23.45 -28.35 -10.30
C GLY TA 279 -22.50 -27.22 -9.97
N SER TA 280 -22.84 -26.47 -8.93
CA SER TA 280 -22.06 -25.33 -8.50
C SER TA 280 -20.75 -25.76 -7.87
N LEU TA 281 -20.80 -26.79 -7.03
CA LEU TA 281 -19.57 -27.24 -6.41
C LEU TA 281 -18.58 -27.78 -7.43
N GLN TA 282 -19.08 -28.48 -8.44
CA GLN TA 282 -18.19 -29.04 -9.43
C GLN TA 282 -17.53 -27.94 -10.27
N GLU TA 283 -18.28 -26.91 -10.64
CA GLU TA 283 -17.68 -25.84 -11.43
C GLU TA 283 -16.67 -25.04 -10.65
N TRP TA 284 -16.92 -24.84 -9.36
CA TRP TA 284 -16.03 -24.08 -8.51
C TRP TA 284 -14.67 -24.77 -8.46
N ALA TA 285 -14.66 -26.08 -8.19
CA ALA TA 285 -13.39 -26.81 -8.12
C ALA TA 285 -12.64 -26.76 -9.45
N ASN TA 286 -13.33 -26.92 -10.56
CA ASN TA 286 -12.76 -26.83 -11.91
C ASN TA 286 -12.20 -25.46 -12.28
N ALA TA 287 -12.88 -24.39 -11.90
CA ALA TA 287 -12.40 -23.05 -12.19
C ALA TA 287 -11.12 -22.77 -11.42
N LYS TA 288 -11.05 -23.24 -10.18
CA LYS TA 288 -9.88 -23.01 -9.36
C LYS TA 288 -8.65 -23.63 -9.97
N TRP TA 289 -8.77 -24.90 -10.38
CA TRP TA 289 -7.68 -25.67 -10.98
C TRP TA 289 -7.19 -25.10 -12.32
N THR TA 290 -8.12 -24.68 -13.18
CA THR TA 290 -7.81 -24.14 -14.49
C THR TA 290 -7.03 -22.83 -14.37
N PHE TA 291 -7.50 -21.95 -13.49
CA PHE TA 291 -6.84 -20.68 -13.33
C PHE TA 291 -5.43 -20.86 -12.80
N GLN TA 292 -5.18 -21.82 -11.89
CA GLN TA 292 -3.80 -22.01 -11.44
C GLN TA 292 -2.89 -22.49 -12.57
N GLN TA 293 -3.35 -23.40 -13.44
CA GLN TA 293 -2.48 -23.83 -14.53
C GLN TA 293 -2.10 -22.70 -15.47
N LEU TA 294 -3.01 -21.76 -15.69
CA LEU TA 294 -2.74 -20.63 -16.57
C LEU TA 294 -1.79 -19.60 -15.95
N ALA TA 295 -1.44 -19.78 -14.68
CA ALA TA 295 -0.53 -18.93 -13.95
C ALA TA 295 0.86 -19.55 -13.87
N LYS TA 296 1.05 -20.69 -14.52
CA LYS TA 296 2.30 -21.42 -14.47
C LYS TA 296 3.50 -20.62 -14.94
N THR TA 297 3.37 -19.96 -16.08
CA THR TA 297 4.45 -19.15 -16.61
C THR TA 297 3.88 -17.77 -16.89
N ARG TA 298 4.54 -16.74 -16.41
CA ARG TA 298 4.06 -15.37 -16.62
C ARG TA 298 5.16 -14.45 -17.12
N GLY TA 299 4.78 -13.40 -17.85
CA GLY TA 299 5.80 -12.44 -18.30
C GLY TA 299 5.33 -11.30 -19.21
N ARG TA 300 6.32 -10.55 -19.72
CA ARG TA 300 6.15 -9.38 -20.58
C ARG TA 300 7.10 -9.41 -21.78
N ILE TA 301 6.58 -9.08 -22.97
CA ILE TA 301 7.40 -9.01 -24.17
C ILE TA 301 7.24 -7.64 -24.85
N LYS TA 302 8.33 -6.91 -25.05
CA LYS TA 302 8.21 -5.60 -25.72
C LYS TA 302 8.77 -5.61 -27.13
N PHE TA 303 7.97 -5.12 -28.10
CA PHE TA 303 8.33 -5.08 -29.53
C PHE TA 303 7.66 -3.97 -30.36
N GLN TA 304 8.14 -3.74 -31.58
CA GLN TA 304 7.60 -2.75 -32.53
C GLN TA 304 6.09 -2.93 -32.72
N GLY TA 305 5.31 -1.84 -32.59
CA GLY TA 305 3.86 -1.93 -32.65
C GLY TA 305 3.16 -2.21 -33.96
N ILE TA 306 2.11 -3.02 -33.82
CA ILE TA 306 1.15 -3.41 -34.84
C ILE TA 306 -0.24 -3.31 -34.20
N PRO TA 307 -1.34 -3.15 -34.95
CA PRO TA 307 -2.70 -3.01 -34.46
C PRO TA 307 -3.51 -4.28 -34.16
N THR TA 308 -2.89 -5.45 -34.18
CA THR TA 308 -3.65 -6.69 -34.03
C THR TA 308 -3.49 -7.44 -32.71
N VAL TA 309 -2.52 -7.08 -31.88
CA VAL TA 309 -2.36 -7.82 -30.63
C VAL TA 309 -3.32 -7.20 -29.64
N LYS TA 310 -4.22 -8.03 -29.12
CA LYS TA 310 -5.27 -7.64 -28.20
C LYS TA 310 -5.36 -8.73 -27.15
N PRO TA 311 -5.84 -8.49 -25.94
CA PRO TA 311 -6.03 -9.54 -24.98
C PRO TA 311 -6.91 -10.62 -25.60
N GLY TA 312 -6.56 -11.90 -25.39
CA GLY TA 312 -7.32 -13.00 -25.94
C GLY TA 312 -6.75 -13.58 -27.25
N VAL TA 313 -5.47 -13.38 -27.51
CA VAL TA 313 -4.83 -13.91 -28.73
C VAL TA 313 -3.61 -14.71 -28.35
N ASN TA 314 -3.10 -15.48 -29.30
CA ASN TA 314 -1.87 -16.23 -29.06
C ASN TA 314 -0.70 -15.72 -29.91
N LEU TA 315 0.49 -15.69 -29.31
CA LEU TA 315 1.75 -15.35 -30.00
C LEU TA 315 2.73 -16.50 -29.90
N LEU TA 316 3.68 -16.59 -30.83
CA LEU TA 316 4.73 -17.60 -30.71
C LEU TA 316 6.03 -16.97 -30.21
N LEU TA 317 6.54 -17.48 -29.09
CA LEU TA 317 7.77 -16.98 -28.46
C LEU TA 317 8.97 -17.88 -28.71
N GLU TA 318 10.03 -17.30 -29.29
CA GLU TA 318 11.23 -18.06 -29.59
C GLU TA 318 12.55 -17.42 -29.14
N GLY TA 319 13.53 -18.27 -28.88
CA GLY TA 319 14.89 -17.84 -28.56
C GLY TA 319 15.17 -17.46 -27.10
N VAL TA 320 14.31 -17.85 -26.16
CA VAL TA 320 14.52 -17.48 -24.75
C VAL TA 320 14.76 -18.67 -23.82
N GLY TA 321 15.13 -19.79 -24.39
CA GLY TA 321 15.40 -21.01 -23.63
C GLY TA 321 14.23 -21.96 -23.56
N ASP TA 322 14.54 -23.24 -23.42
CA ASP TA 322 13.56 -24.34 -23.39
C ASP TA 322 12.54 -24.23 -22.28
N ARG TA 323 12.90 -23.51 -21.23
CA ARG TA 323 12.02 -23.34 -20.09
C ARG TA 323 10.83 -22.44 -20.42
N PHE TA 324 11.00 -21.50 -21.36
CA PHE TA 324 9.94 -20.55 -21.69
C PHE TA 324 9.43 -20.60 -23.14
N ASN TA 325 10.19 -21.17 -24.07
CA ASN TA 325 9.77 -21.17 -25.48
C ASN TA 325 8.45 -21.88 -25.73
N GLY TA 326 7.68 -21.37 -26.72
CA GLY TA 326 6.41 -21.98 -27.10
C GLY TA 326 5.30 -20.96 -27.39
N LYS TA 327 4.07 -21.43 -27.44
CA LYS TA 327 2.92 -20.56 -27.72
C LYS TA 327 2.44 -19.95 -26.41
N VAL TA 328 2.21 -18.62 -26.39
CA VAL TA 328 1.76 -17.96 -25.17
C VAL TA 328 0.45 -17.22 -25.37
N PHE TA 329 -0.40 -17.27 -24.34
CA PHE TA 329 -1.71 -16.60 -24.33
C PHE TA 329 -1.61 -15.19 -23.75
N ILE TA 330 -2.07 -14.21 -24.53
CA ILE TA 330 -1.99 -12.80 -24.15
C ILE TA 330 -3.17 -12.35 -23.30
N THR TA 331 -2.83 -11.78 -22.15
CA THR TA 331 -3.78 -11.33 -21.15
C THR TA 331 -3.81 -9.79 -21.00
N GLY TA 332 -2.89 -9.09 -21.67
CA GLY TA 332 -2.90 -7.63 -21.59
C GLY TA 332 -1.99 -6.94 -22.60
N VAL TA 333 -2.39 -5.71 -22.99
CA VAL TA 333 -1.64 -4.91 -23.98
C VAL TA 333 -1.47 -3.41 -23.60
N ASN TA 334 -0.25 -2.89 -23.78
CA ASN TA 334 0.05 -1.46 -23.58
C ASN TA 334 0.71 -0.80 -24.79
N HIS TA 335 0.00 0.16 -25.39
CA HIS TA 335 0.47 0.90 -26.59
C HIS TA 335 1.04 2.23 -26.19
N GLN TA 336 2.27 2.49 -26.59
CA GLN TA 336 2.93 3.75 -26.26
C GLN TA 336 3.43 4.47 -27.50
N ILE TA 337 2.89 5.66 -27.78
CA ILE TA 337 3.30 6.39 -28.97
C ILE TA 337 3.91 7.74 -28.62
N SER TA 338 5.19 7.90 -28.92
CA SER TA 338 5.88 9.15 -28.62
C SER TA 338 7.26 9.25 -29.26
N GLU TA 339 7.71 10.49 -29.46
CA GLU TA 339 9.05 10.82 -29.93
C GLU TA 339 9.51 10.02 -31.13
N GLY TA 340 8.65 9.86 -32.12
CA GLY TA 340 9.01 9.15 -33.34
C GLY TA 340 8.70 7.66 -33.43
N ASN TA 341 8.19 7.01 -32.38
CA ASN TA 341 7.90 5.58 -32.56
C ASN TA 341 6.69 5.08 -31.78
N TRP TA 342 6.17 3.95 -32.27
CA TRP TA 342 5.07 3.19 -31.72
C TRP TA 342 5.51 1.81 -31.26
N THR TA 343 5.45 1.56 -29.96
CA THR TA 343 5.83 0.25 -29.42
C THR TA 343 4.69 -0.36 -28.63
N VAL TA 344 4.69 -1.67 -28.50
CA VAL TA 344 3.68 -2.36 -27.71
C VAL TA 344 4.28 -3.36 -26.69
N ASP TA 345 3.81 -3.36 -25.45
CA ASP TA 345 4.16 -4.29 -24.37
C ASP TA 345 3.07 -5.36 -24.27
N ALA TA 346 3.40 -6.60 -24.60
CA ALA TA 346 2.41 -7.66 -24.53
C ALA TA 346 2.61 -8.47 -23.24
N GLN TA 347 1.53 -8.70 -22.53
CA GLN TA 347 1.54 -9.46 -21.28
C GLN TA 347 0.98 -10.84 -21.47
N PHE TA 348 1.67 -11.84 -20.93
CA PHE TA 348 1.15 -13.20 -21.02
C PHE TA 348 1.03 -13.87 -19.66
N GLY TA 349 0.08 -14.81 -19.59
CA GLY TA 349 -0.19 -15.59 -18.38
C GLY TA 349 -1.19 -14.87 -17.45
N LEU TA 350 -1.84 -15.62 -16.56
CA LEU TA 350 -2.78 -15.01 -15.60
C LEU TA 350 -2.25 -14.92 -14.19
N ASN TA 351 -2.84 -14.00 -13.43
CA ASN TA 351 -2.53 -13.83 -12.02
C ASN TA 351 -3.50 -14.80 -11.32
N PRO TA 352 -2.97 -15.71 -10.48
CA PRO TA 352 -3.79 -16.70 -9.80
C PRO TA 352 -4.84 -16.16 -8.80
N GLU TA 353 -4.71 -14.91 -8.37
CA GLU TA 353 -5.62 -14.31 -7.40
C GLU TA 353 -7.01 -14.04 -7.94
N TRP TA 354 -8.02 -14.22 -7.09
CA TRP TA 354 -9.40 -13.95 -7.47
C TRP TA 354 -9.84 -12.51 -7.14
N PHE TA 355 -10.85 -12.02 -7.84
CA PHE TA 355 -11.38 -10.67 -7.63
C PHE TA 355 -11.72 -10.41 -6.17
N SER TA 356 -12.44 -11.35 -5.57
CA SER TA 356 -12.87 -11.27 -4.19
C SER TA 356 -11.74 -11.27 -3.16
N GLU TA 357 -10.55 -11.65 -3.56
CA GLU TA 357 -9.40 -11.71 -2.67
C GLU TA 357 -8.54 -10.46 -2.76
N SER TA 358 -8.33 -9.98 -3.99
CA SER TA 358 -7.44 -8.84 -4.18
C SER TA 358 -8.05 -7.44 -4.25
N GLU TA 359 -9.33 -7.30 -4.63
CA GLU TA 359 -9.87 -5.95 -4.74
C GLU TA 359 -10.47 -5.42 -3.45
N SER TA 360 -10.27 -4.14 -3.22
CA SER TA 360 -10.80 -3.46 -2.04
C SER TA 360 -12.14 -2.77 -2.28
N ASN TA 361 -12.80 -2.44 -1.16
CA ASN TA 361 -14.07 -1.71 -1.10
C ASN TA 361 -15.25 -2.33 -1.84
N ILE TA 362 -15.30 -3.65 -1.91
CA ILE TA 362 -16.43 -4.30 -2.55
C ILE TA 362 -17.66 -4.09 -1.70
N HIS TA 363 -17.49 -4.24 -0.38
CA HIS TA 363 -18.57 -4.10 0.57
C HIS TA 363 -18.52 -2.79 1.35
N THR TA 364 -19.68 -2.34 1.78
CA THR TA 364 -19.94 -1.20 2.64
C THR TA 364 -19.29 -1.43 4.04
N PRO TA 365 -18.69 -0.41 4.69
CA PRO TA 365 -18.12 -0.46 6.02
C PRO TA 365 -19.14 -0.91 7.08
N PRO TA 366 -18.71 -1.54 8.19
CA PRO TA 366 -19.52 -2.03 9.29
C PRO TA 366 -20.43 -0.97 9.87
N ALA TA 367 -21.63 -1.36 10.27
CA ALA TA 367 -22.66 -0.49 10.85
C ALA TA 367 -22.77 0.81 10.05
N ALA TA 368 -22.85 0.65 8.73
CA ALA TA 368 -23.00 1.68 7.70
C ALA TA 368 -21.94 2.77 7.72
N GLY TA 369 -20.86 2.58 8.47
CA GLY TA 369 -19.82 3.57 8.56
C GLY TA 369 -20.18 4.72 9.51
N LEU TA 370 -21.28 4.60 10.23
CA LEU TA 370 -21.75 5.67 11.10
C LEU TA 370 -21.34 5.58 12.56
N THR TA 371 -20.77 4.46 12.95
CA THR TA 371 -20.42 4.21 14.33
C THR TA 371 -19.48 3.04 14.42
N ALA TA 372 -18.78 2.89 15.53
CA ALA TA 372 -17.99 1.68 15.71
C ALA TA 372 -18.94 0.48 15.74
N ALA TA 373 -18.58 -0.60 15.07
CA ALA TA 373 -19.41 -1.80 15.04
C ALA TA 373 -19.04 -2.77 16.14
N ILE TA 374 -19.98 -3.64 16.47
CA ILE TA 374 -19.77 -4.70 17.44
C ILE TA 374 -20.03 -6.07 16.81
N SER TA 375 -19.01 -6.91 16.74
CA SER TA 375 -19.17 -8.21 16.09
C SER TA 375 -19.49 -9.34 17.05
N GLY TA 376 -20.07 -10.42 16.49
CA GLY TA 376 -20.40 -11.65 17.20
C GLY TA 376 -21.60 -11.47 18.11
N LEU TA 377 -21.77 -12.39 19.05
CA LEU TA 377 -22.88 -12.35 19.99
C LEU TA 377 -22.30 -12.01 21.34
N HIS TA 378 -23.08 -11.33 22.17
CA HIS TA 378 -22.61 -10.95 23.50
C HIS TA 378 -23.58 -11.29 24.60
N VAL TA 379 -23.05 -11.36 25.81
CA VAL TA 379 -23.86 -11.66 26.98
C VAL TA 379 -24.20 -10.44 27.80
N GLY TA 380 -25.47 -10.28 28.17
CA GLY TA 380 -25.90 -9.15 28.99
C GLY TA 380 -26.83 -9.52 30.17
N LEU TA 381 -27.13 -8.50 30.99
CA LEU TA 381 -28.01 -8.65 32.17
C LEU TA 381 -29.24 -7.74 32.11
N VAL TA 382 -30.38 -8.27 32.53
CA VAL TA 382 -31.63 -7.49 32.51
C VAL TA 382 -31.81 -6.53 33.69
N THR TA 383 -32.06 -5.24 33.39
CA THR TA 383 -32.25 -4.25 34.46
C THR TA 383 -33.64 -3.59 34.52
N ASP TA 384 -34.42 -3.61 33.43
CA ASP TA 384 -35.74 -2.93 33.44
C ASP TA 384 -36.76 -3.43 32.38
N LEU TA 385 -37.91 -3.92 32.83
CA LEU TA 385 -38.92 -4.47 31.90
C LEU TA 385 -40.03 -3.50 31.44
N GLU TA 386 -40.02 -2.24 31.88
CA GLU TA 386 -41.11 -1.31 31.49
C GLU TA 386 -40.67 -0.23 30.50
N ASP TA 387 -41.05 -0.43 29.23
CA ASP TA 387 -40.64 0.42 28.11
C ASP TA 387 -41.41 1.74 27.99
N PRO TA 388 -40.77 2.91 28.20
CA PRO TA 388 -41.36 4.23 28.23
C PRO TA 388 -41.99 4.63 26.90
N ASP TA 389 -41.63 3.94 25.79
CA ASP TA 389 -42.21 4.35 24.52
C ASP TA 389 -43.04 3.24 23.88
N GLY TA 390 -43.52 2.29 24.67
CA GLY TA 390 -44.46 1.30 24.15
C GLY TA 390 -44.02 0.32 23.02
N GLU TA 391 -42.74 -0.05 22.87
CA GLU TA 391 -42.33 -0.91 21.76
C GLU TA 391 -42.04 -2.34 22.21
N ASP TA 392 -42.36 -2.60 23.46
CA ASP TA 392 -42.13 -3.85 24.17
C ASP TA 392 -40.64 -4.21 24.28
N ARG TA 393 -39.79 -3.21 24.53
CA ARG TA 393 -38.37 -3.41 24.71
C ARG TA 393 -37.98 -3.69 26.16
N ILE TA 394 -36.82 -4.25 26.40
CA ILE TA 394 -36.33 -4.46 27.76
C ILE TA 394 -34.96 -3.82 27.86
N LYS TA 395 -34.60 -3.27 29.01
CA LYS TA 395 -33.29 -2.66 29.21
C LYS TA 395 -32.27 -3.67 29.72
N VAL TA 396 -31.14 -3.76 29.00
CA VAL TA 396 -30.04 -4.70 29.23
C VAL TA 396 -28.61 -4.09 29.32
N LYS TA 397 -27.84 -4.49 30.35
CA LYS TA 397 -26.44 -4.08 30.50
C LYS TA 397 -25.57 -5.03 29.74
N ILE TA 398 -24.51 -4.54 29.14
CA ILE TA 398 -23.55 -5.43 28.53
C ILE TA 398 -22.21 -5.23 29.24
N PRO TA 399 -21.78 -6.17 30.11
CA PRO TA 399 -20.61 -6.12 30.97
C PRO TA 399 -19.27 -5.92 30.29
N ILE TA 400 -19.16 -6.24 29.00
CA ILE TA 400 -17.88 -6.05 28.34
C ILE TA 400 -17.73 -4.60 27.88
N ILE TA 401 -18.80 -3.82 28.03
CA ILE TA 401 -18.79 -2.43 27.68
C ILE TA 401 -18.75 -1.65 28.98
N ASN TA 402 -19.72 -1.94 29.85
CA ASN TA 402 -19.86 -1.30 31.14
C ASN TA 402 -20.78 -2.12 32.02
N ASN TA 403 -20.30 -2.56 33.18
CA ASN TA 403 -21.14 -3.38 34.06
C ASN TA 403 -21.75 -2.61 35.25
N GLU TA 404 -21.74 -1.28 35.22
CA GLU TA 404 -22.26 -0.47 36.33
C GLU TA 404 -23.48 0.38 35.99
N GLU TA 405 -23.62 0.87 34.78
CA GLU TA 405 -24.74 1.70 34.48
C GLU TA 405 -25.97 0.96 34.12
N GLU TA 406 -27.02 1.68 33.77
CA GLU TA 406 -28.32 1.06 33.51
C GLU TA 406 -28.45 0.16 32.28
N GLY TA 407 -27.75 0.48 31.18
CA GLY TA 407 -27.86 -0.29 29.94
C GLY TA 407 -28.74 0.36 28.86
N VAL TA 408 -29.09 -0.42 27.82
CA VAL TA 408 -29.85 0.11 26.68
C VAL TA 408 -31.11 -0.69 26.40
N TRP TA 409 -32.07 -0.10 25.67
CA TRP TA 409 -33.32 -0.82 25.35
C TRP TA 409 -33.15 -1.77 24.16
N CYS TA 410 -33.49 -3.04 24.35
CA CYS TA 410 -33.36 -4.09 23.34
C CYS TA 410 -34.70 -4.70 22.95
N ARG TA 411 -34.81 -5.21 21.74
CA ARG TA 411 -36.06 -5.89 21.36
C ARG TA 411 -35.97 -7.36 21.78
N GLN TA 412 -37.08 -7.99 22.13
CA GLN TA 412 -37.05 -9.40 22.50
C GLN TA 412 -37.70 -10.31 21.46
N ALA TA 413 -37.02 -11.39 21.13
CA ALA TA 413 -37.57 -12.40 20.24
C ALA TA 413 -38.37 -13.42 21.05
N PHE TA 414 -39.49 -13.88 20.50
CA PHE TA 414 -40.32 -14.89 21.12
C PHE TA 414 -40.50 -16.05 20.14
N PRO TA 415 -40.72 -17.30 20.61
CA PRO TA 415 -41.00 -18.48 19.79
C PRO TA 415 -42.29 -18.38 18.99
N ASP TA 416 -43.19 -17.50 19.41
CA ASP TA 416 -44.46 -17.25 18.77
C ASP TA 416 -44.98 -15.88 19.13
N ALA TA 417 -45.25 -15.06 18.14
CA ALA TA 417 -45.79 -13.74 18.41
C ALA TA 417 -46.55 -13.19 17.23
N GLY TA 418 -47.56 -12.40 17.52
CA GLY TA 418 -48.35 -11.73 16.49
C GLY TA 418 -49.35 -10.75 17.10
N ASN TA 419 -50.31 -10.33 16.31
CA ASN TA 419 -51.22 -9.32 16.81
C ASN TA 419 -52.19 -9.91 17.81
N GLU TA 420 -51.90 -9.62 19.07
CA GLU TA 420 -52.60 -10.11 20.26
C GLU TA 420 -52.56 -11.61 20.42
N ARG TA 421 -51.40 -12.19 20.13
CA ARG TA 421 -51.23 -13.62 20.32
C ARG TA 421 -49.76 -13.96 20.54
N GLY TA 422 -49.50 -15.17 20.99
CA GLY TA 422 -48.13 -15.63 21.16
C GLY TA 422 -47.86 -16.26 22.50
N ILE TA 423 -46.62 -16.68 22.67
CA ILE TA 423 -46.13 -17.32 23.88
C ILE TA 423 -45.26 -16.34 24.61
N THR TA 424 -45.70 -15.85 25.75
CA THR TA 424 -44.92 -14.81 26.39
C THR TA 424 -44.40 -15.14 27.77
N PHE TA 425 -43.10 -15.04 27.87
CA PHE TA 425 -42.32 -15.17 29.07
C PHE TA 425 -41.30 -14.05 28.99
N ARG TA 426 -41.00 -13.42 30.11
CA ARG TA 426 -40.00 -12.37 30.13
C ARG TA 426 -39.00 -12.73 31.20
N PRO TA 427 -37.74 -12.33 31.07
CA PRO TA 427 -36.70 -12.51 32.05
C PRO TA 427 -36.96 -11.69 33.28
N GLU TA 428 -36.45 -12.15 34.40
CA GLU TA 428 -36.54 -11.44 35.65
C GLU TA 428 -35.39 -10.46 35.74
N ILE TA 429 -35.53 -9.51 36.62
CA ILE TA 429 -34.46 -8.55 36.79
C ILE TA 429 -33.25 -9.35 37.30
N GLU TA 430 -32.10 -9.08 36.70
CA GLU TA 430 -30.78 -9.69 36.87
C GLU TA 430 -30.59 -11.07 36.22
N ASP TA 431 -31.51 -11.50 35.35
CA ASP TA 431 -31.28 -12.70 34.56
C ASP TA 431 -30.24 -12.46 33.49
N GLU TA 432 -29.53 -13.53 33.11
CA GLU TA 432 -28.51 -13.50 32.06
C GLU TA 432 -29.06 -13.91 30.71
N VAL TA 433 -28.82 -13.07 29.70
CA VAL TA 433 -29.31 -13.31 28.34
C VAL TA 433 -28.26 -13.19 27.24
N ILE TA 434 -28.55 -13.83 26.11
CA ILE TA 434 -27.69 -13.75 24.92
C ILE TA 434 -28.27 -12.73 23.92
N VAL TA 435 -27.41 -11.79 23.49
CA VAL TA 435 -27.78 -10.66 22.62
C VAL TA 435 -27.09 -10.55 21.24
N GLY TA 436 -27.89 -10.38 20.18
CA GLY TA 436 -27.38 -10.18 18.82
C GLY TA 436 -27.54 -8.69 18.42
N PHE TA 437 -26.97 -8.28 17.28
CA PHE TA 437 -27.06 -6.87 16.85
C PHE TA 437 -27.37 -6.67 15.38
N ILE TA 438 -28.41 -5.89 15.07
CA ILE TA 438 -28.78 -5.70 13.67
C ILE TA 438 -27.77 -4.80 13.01
N ASN TA 439 -27.22 -5.29 11.91
CA ASN TA 439 -26.23 -4.61 11.08
C ASN TA 439 -24.99 -4.23 11.90
N GLU TA 440 -24.72 -5.01 12.95
CA GLU TA 440 -23.61 -4.84 13.87
C GLU TA 440 -23.58 -3.48 14.56
N ASP TA 441 -24.73 -2.83 14.65
CA ASP TA 441 -24.85 -1.56 15.33
C ASP TA 441 -25.17 -1.77 16.81
N PRO TA 442 -24.33 -1.31 17.76
CA PRO TA 442 -24.49 -1.44 19.20
C PRO TA 442 -25.83 -0.96 19.74
N ASN TA 443 -26.63 -0.21 18.95
CA ASN TA 443 -27.88 0.26 19.48
C ASN TA 443 -29.08 -0.29 18.72
N ASP TA 444 -28.93 -1.49 18.17
CA ASP TA 444 -29.99 -2.24 17.50
C ASP TA 444 -30.00 -3.67 18.04
N ALA TA 445 -29.69 -3.79 19.31
CA ALA TA 445 -29.60 -5.05 20.02
C ALA TA 445 -30.94 -5.80 20.11
N VAL TA 446 -30.85 -7.13 19.99
CA VAL TA 446 -31.97 -8.04 20.12
C VAL TA 446 -31.68 -9.20 21.09
N VAL TA 447 -32.59 -9.46 22.01
CA VAL TA 447 -32.44 -10.56 22.94
C VAL TA 447 -32.95 -11.84 22.27
N LEU TA 448 -32.09 -12.85 22.22
CA LEU TA 448 -32.39 -14.09 21.53
C LEU TA 448 -32.79 -15.24 22.45
N GLY TA 449 -32.43 -15.16 23.72
CA GLY TA 449 -32.70 -16.25 24.64
C GLY TA 449 -32.07 -16.03 26.00
N MET TA 450 -32.43 -16.91 26.93
CA MET TA 450 -31.94 -16.89 28.31
C MET TA 450 -30.95 -18.00 28.57
N LEU TA 451 -30.01 -17.77 29.48
CA LEU TA 451 -28.98 -18.77 29.80
C LEU TA 451 -29.02 -19.34 31.23
N HIS TA 452 -28.55 -20.58 31.39
CA HIS TA 452 -28.35 -21.21 32.71
C HIS TA 452 -26.88 -21.31 33.03
N SER TA 453 -26.57 -21.42 34.32
CA SER TA 453 -25.20 -21.59 34.81
C SER TA 453 -25.24 -22.16 36.19
N SER TA 454 -24.09 -22.45 36.77
CA SER TA 454 -24.06 -22.96 38.14
C SER TA 454 -24.62 -21.99 39.17
N ALA TA 455 -24.70 -20.70 38.82
CA ALA TA 455 -25.25 -19.68 39.71
C ALA TA 455 -26.77 -19.62 39.60
N ASN TA 456 -27.31 -20.26 38.57
CA ASN TA 456 -28.72 -20.30 38.22
C ASN TA 456 -29.04 -21.66 37.62
N PRO TA 457 -29.07 -22.73 38.43
CA PRO TA 457 -29.21 -24.12 38.02
C PRO TA 457 -30.49 -24.43 37.27
N ASN TA 458 -30.38 -25.41 36.37
CA ASN TA 458 -31.49 -25.94 35.59
C ASN TA 458 -32.30 -26.89 36.47
N PRO TA 459 -33.62 -26.68 36.69
CA PRO TA 459 -34.46 -27.50 37.55
C PRO TA 459 -34.55 -28.99 37.14
N ILE TA 460 -34.26 -29.32 35.89
CA ILE TA 460 -34.31 -30.72 35.47
C ILE TA 460 -32.90 -31.27 35.23
N GLU TA 461 -32.50 -32.23 36.04
CA GLU TA 461 -31.17 -32.82 35.97
C GLU TA 461 -30.85 -33.46 34.63
N ALA TA 462 -29.68 -33.12 34.07
CA ALA TA 462 -29.21 -33.65 32.80
C ALA TA 462 -28.96 -35.15 32.82
N SER TA 463 -29.27 -35.80 31.71
CA SER TA 463 -29.04 -37.23 31.50
C SER TA 463 -29.07 -37.58 30.04
N ASN TA 464 -28.22 -38.51 29.62
CA ASN TA 464 -28.17 -38.95 28.23
C ASN TA 464 -29.38 -39.78 27.83
N ASP TA 465 -30.23 -40.11 28.79
CA ASP TA 465 -31.45 -40.84 28.52
C ASP TA 465 -32.53 -39.84 28.10
N ASN TA 466 -32.43 -38.60 28.60
CA ASN TA 466 -33.35 -37.51 28.29
C ASN TA 466 -34.84 -37.85 28.49
N HIS TA 467 -35.18 -38.48 29.62
CA HIS TA 467 -36.55 -38.88 29.91
C HIS TA 467 -37.51 -37.79 30.42
N GLU TA 468 -36.98 -36.76 31.07
CA GLU TA 468 -37.85 -35.74 31.67
C GLU TA 468 -37.77 -34.37 31.00
N LYS TA 469 -38.95 -33.83 30.64
CA LYS TA 469 -39.10 -32.51 30.03
C LYS TA 469 -40.23 -31.70 30.63
N GLY TA 470 -40.17 -30.38 30.58
CA GLY TA 470 -41.34 -29.65 31.05
C GLY TA 470 -41.13 -28.19 31.40
N ILE TA 471 -42.14 -27.64 32.05
CA ILE TA 471 -42.26 -26.25 32.48
C ILE TA 471 -42.35 -26.13 33.99
N GLN TA 472 -41.55 -25.24 34.56
CA GLN TA 472 -41.62 -24.96 35.99
C GLN TA 472 -41.49 -23.47 36.21
N THR TA 473 -42.46 -22.84 36.84
CA THR TA 473 -42.41 -21.39 37.08
C THR TA 473 -41.77 -20.96 38.39
N ARG TA 474 -41.80 -19.66 38.63
CA ARG TA 474 -41.23 -19.01 39.81
C ARG TA 474 -41.88 -19.41 41.12
N SER TA 475 -43.19 -19.55 41.12
CA SER TA 475 -43.98 -19.90 42.29
C SER TA 475 -44.03 -21.39 42.56
N GLY TA 476 -43.46 -22.22 41.68
CA GLY TA 476 -43.52 -23.66 41.85
C GLY TA 476 -44.61 -24.42 41.07
N ILE TA 477 -45.31 -23.80 40.14
CA ILE TA 477 -46.32 -24.54 39.38
C ILE TA 477 -45.59 -25.32 38.31
N LYS TA 478 -45.87 -26.61 38.23
CA LYS TA 478 -45.21 -27.49 37.28
C LYS TA 478 -46.12 -28.13 36.26
N MET TA 479 -45.53 -28.45 35.12
CA MET TA 479 -46.15 -29.29 34.11
C MET TA 479 -45.05 -30.14 33.51
N ILE TA 480 -45.06 -31.42 33.85
CA ILE TA 480 -43.97 -32.31 33.49
C ILE TA 480 -44.37 -33.51 32.66
N PHE TA 481 -43.56 -33.76 31.63
CA PHE TA 481 -43.73 -34.86 30.73
C PHE TA 481 -42.65 -35.93 30.95
N ASN TA 482 -43.06 -37.11 31.36
CA ASN TA 482 -42.14 -38.22 31.58
C ASN TA 482 -42.23 -39.24 30.44
N ASP TA 483 -41.23 -39.31 29.59
CA ASP TA 483 -41.36 -40.23 28.45
C ASP TA 483 -41.22 -41.68 28.83
N GLU TA 484 -40.34 -41.99 29.76
CA GLU TA 484 -40.08 -43.38 30.12
C GLU TA 484 -41.34 -44.12 30.53
N LYS TA 485 -42.16 -43.45 31.31
CA LYS TA 485 -43.40 -43.99 31.82
C LYS TA 485 -44.67 -43.47 31.17
N SER TA 486 -44.55 -42.65 30.12
CA SER TA 486 -45.72 -42.03 29.50
C SER TA 486 -46.67 -41.33 30.50
N ILE TA 487 -46.09 -40.44 31.32
CA ILE TA 487 -46.88 -39.72 32.34
C ILE TA 487 -46.91 -38.21 32.20
N LEU TA 488 -48.13 -37.64 32.20
CA LEU TA 488 -48.25 -36.19 32.20
C LEU TA 488 -48.84 -35.70 33.52
N GLN TA 489 -48.07 -34.87 34.21
CA GLN TA 489 -48.54 -34.39 35.49
C GLN TA 489 -48.52 -32.88 35.66
N ILE TA 490 -49.68 -32.34 36.04
CA ILE TA 490 -49.86 -30.92 36.28
C ILE TA 490 -50.08 -30.69 37.76
N GLU TA 491 -49.26 -29.87 38.38
CA GLU TA 491 -49.34 -29.70 39.83
C GLU TA 491 -48.96 -28.34 40.39
N THR TA 492 -49.76 -27.85 41.36
CA THR TA 492 -49.45 -26.56 41.99
C THR TA 492 -48.71 -26.83 43.32
N PRO TA 493 -48.08 -25.80 43.95
CA PRO TA 493 -47.31 -25.86 45.18
C PRO TA 493 -47.99 -26.38 46.43
N THR TA 494 -49.32 -26.38 46.51
CA THR TA 494 -49.92 -26.86 47.73
C THR TA 494 -50.84 -28.04 47.51
N GLY TA 495 -50.46 -28.91 46.59
CA GLY TA 495 -51.16 -30.18 46.40
C GLY TA 495 -52.31 -30.28 45.42
N ASN TA 496 -52.64 -29.26 44.63
CA ASN TA 496 -53.75 -29.46 43.70
C ASN TA 496 -53.17 -30.05 42.41
N LEU TA 497 -53.57 -31.27 42.05
CA LEU TA 497 -52.98 -31.89 40.87
C LEU TA 497 -53.89 -32.75 40.00
N VAL TA 498 -53.51 -32.83 38.72
CA VAL TA 498 -54.15 -33.72 37.75
C VAL TA 498 -53.09 -34.62 37.08
N THR TA 499 -53.30 -35.94 37.15
CA THR TA 499 -52.30 -36.84 36.56
C THR TA 499 -52.87 -37.86 35.57
N LEU TA 500 -52.22 -37.95 34.40
CA LEU TA 500 -52.55 -38.93 33.37
C LEU TA 500 -51.43 -39.99 33.31
N ASP TA 501 -51.69 -41.21 33.79
CA ASP TA 501 -50.59 -42.19 33.92
C ASP TA 501 -50.76 -43.54 33.20
N ASP TA 502 -50.04 -43.73 32.08
CA ASP TA 502 -50.19 -44.99 31.32
C ASP TA 502 -49.51 -46.17 31.98
N ASP TA 503 -48.73 -45.95 33.04
CA ASP TA 503 -48.06 -47.03 33.73
C ASP TA 503 -48.97 -47.54 34.86
N ALA TA 504 -50.15 -46.93 34.99
CA ALA TA 504 -51.10 -47.31 36.00
C ALA TA 504 -52.39 -47.62 35.29
N GLY TA 505 -52.57 -46.96 34.14
CA GLY TA 505 -53.81 -47.08 33.39
C GLY TA 505 -54.89 -46.26 34.06
N SER TA 506 -54.51 -45.10 34.59
CA SER TA 506 -55.46 -44.30 35.32
C SER TA 506 -55.35 -42.79 35.24
N ILE TA 507 -56.47 -42.15 35.60
CA ILE TA 507 -56.58 -40.70 35.72
C ILE TA 507 -56.96 -40.27 37.11
N THR TA 508 -56.13 -39.41 37.69
CA THR TA 508 -56.40 -38.92 39.05
C THR TA 508 -56.51 -37.42 39.17
N ILE TA 509 -57.56 -36.98 39.84
CA ILE TA 509 -57.77 -35.56 40.15
C ILE TA 509 -57.84 -35.44 41.66
N GLU TA 510 -56.98 -34.61 42.24
CA GLU TA 510 -56.95 -34.50 43.70
C GLU TA 510 -56.67 -33.09 44.20
N ASP TA 511 -57.39 -32.65 45.25
CA ASP TA 511 -57.08 -31.32 45.74
C ASP TA 511 -56.33 -31.33 47.09
N GLN TA 512 -56.03 -30.13 47.55
CA GLN TA 512 -55.31 -29.90 48.79
C GLN TA 512 -56.14 -30.12 50.06
N ASN TA 513 -57.44 -30.36 49.92
CA ASN TA 513 -58.31 -30.50 51.06
C ASN TA 513 -58.66 -31.95 51.30
N GLY TA 514 -58.06 -32.86 50.54
CA GLY TA 514 -58.36 -34.27 50.70
C GLY TA 514 -59.51 -34.80 49.83
N ASN TA 515 -59.98 -34.04 48.85
CA ASN TA 515 -61.04 -34.53 47.98
C ASN TA 515 -60.36 -35.26 46.83
N LYS TA 516 -60.91 -36.39 46.39
CA LYS TA 516 -60.23 -37.11 45.32
C LYS TA 516 -61.15 -37.92 44.40
N THR TA 517 -60.85 -37.87 43.09
CA THR TA 517 -61.57 -38.67 42.09
C THR TA 517 -60.60 -39.50 41.26
N VAL TA 518 -60.86 -40.80 41.18
CA VAL TA 518 -59.98 -41.68 40.41
C VAL TA 518 -60.69 -42.60 39.42
N MET TA 519 -60.22 -42.60 38.18
CA MET TA 519 -60.74 -43.53 37.20
C MET TA 519 -59.66 -44.56 36.87
N ASP TA 520 -59.92 -45.84 37.14
CA ASP TA 520 -58.92 -46.86 36.87
C ASP TA 520 -59.57 -48.22 36.53
N SER TA 521 -58.79 -49.30 36.61
CA SER TA 521 -59.26 -50.63 36.26
C SER TA 521 -60.37 -51.17 37.15
N ASP TA 522 -60.59 -50.58 38.33
CA ASP TA 522 -61.64 -51.02 39.23
C ASP TA 522 -62.88 -50.15 39.11
N GLY TA 523 -62.94 -49.27 38.11
CA GLY TA 523 -64.08 -48.40 37.94
C GLY TA 523 -63.82 -47.00 38.48
N ILE TA 524 -64.89 -46.31 38.86
CA ILE TA 524 -64.74 -44.91 39.25
C ILE TA 524 -64.99 -44.71 40.72
N THR TA 525 -64.01 -44.13 41.40
CA THR TA 525 -64.11 -43.87 42.83
C THR TA 525 -64.09 -42.39 43.15
N MET TA 526 -65.03 -41.96 43.98
CA MET TA 526 -65.06 -40.58 44.44
C MET TA 526 -65.11 -40.53 45.95
N GLU TA 527 -64.27 -39.70 46.53
CA GLU TA 527 -64.26 -39.53 47.98
C GLU TA 527 -64.27 -38.07 48.35
N SER TA 528 -65.02 -37.74 49.39
CA SER TA 528 -65.05 -36.38 49.85
C SER TA 528 -64.58 -36.24 51.25
N ALA TA 529 -63.79 -35.19 51.44
CA ALA TA 529 -63.24 -34.79 52.72
C ALA TA 529 -64.33 -34.41 53.71
N LYS TA 530 -65.44 -33.83 53.23
CA LYS TA 530 -66.49 -33.39 54.13
C LYS TA 530 -67.90 -33.84 53.73
N ASP TA 531 -68.37 -33.45 52.55
CA ASP TA 531 -69.74 -33.76 52.15
C ASP TA 531 -69.85 -33.91 50.63
N MET TA 532 -71.04 -34.22 50.13
CA MET TA 532 -71.23 -34.39 48.69
C MET TA 532 -72.64 -34.04 48.26
N ASN TA 533 -72.75 -33.16 47.27
CA ASN TA 533 -74.04 -32.69 46.81
C ASN TA 533 -74.28 -32.90 45.33
N LEU TA 534 -75.25 -33.74 45.01
CA LEU TA 534 -75.57 -34.02 43.63
C LEU TA 534 -76.91 -33.41 43.31
N LYS TA 535 -76.95 -32.53 42.33
CA LYS TA 535 -78.19 -31.83 41.99
C LYS TA 535 -78.42 -31.79 40.49
N ALA TA 536 -79.68 -31.76 40.09
CA ALA TA 536 -80.03 -31.62 38.69
C ALA TA 536 -81.33 -30.87 38.56
N SER TA 537 -81.50 -30.17 37.44
CA SER TA 537 -82.75 -29.48 37.15
C SER TA 537 -83.78 -30.42 36.53
N GLY TA 538 -83.30 -31.59 36.12
CA GLY TA 538 -84.08 -32.63 35.49
C GLY TA 538 -84.06 -33.87 36.35
N ASP TA 539 -84.09 -35.02 35.71
CA ASP TA 539 -84.14 -36.29 36.40
C ASP TA 539 -82.76 -36.80 36.80
N ILE TA 540 -82.72 -37.65 37.83
CA ILE TA 540 -81.51 -38.36 38.21
C ILE TA 540 -81.74 -39.84 38.06
N ASN TA 541 -80.92 -40.49 37.23
CA ASN TA 541 -81.09 -41.90 36.94
C ASN TA 541 -79.90 -42.75 37.31
N LEU TA 542 -80.08 -43.66 38.26
CA LEU TA 542 -78.98 -44.54 38.66
C LEU TA 542 -79.25 -45.95 38.19
N GLU TA 543 -78.24 -46.61 37.66
CA GLU TA 543 -78.36 -47.99 37.20
C GLU TA 543 -77.15 -48.82 37.58
N GLY TA 544 -77.35 -50.12 37.73
CA GLY TA 544 -76.27 -51.05 38.00
C GLY TA 544 -76.84 -52.40 38.35
N THR TA 545 -75.98 -53.41 38.44
CA THR TA 545 -76.40 -54.76 38.78
C THR TA 545 -76.93 -54.84 40.21
N ASN TA 546 -76.22 -54.21 41.13
CA ASN TA 546 -76.53 -54.19 42.55
C ASN TA 546 -76.37 -52.80 43.10
N VAL TA 547 -77.42 -52.24 43.65
CA VAL TA 547 -77.33 -50.91 44.22
C VAL TA 547 -77.42 -51.00 45.74
N ASN TA 548 -76.37 -50.54 46.40
CA ASN TA 548 -76.25 -50.62 47.85
C ASN TA 548 -76.09 -49.28 48.53
N ILE TA 549 -77.07 -48.89 49.31
CA ILE TA 549 -77.06 -47.62 50.00
C ILE TA 549 -76.95 -47.82 51.49
N LYS TA 550 -75.97 -47.16 52.10
CA LYS TA 550 -75.77 -47.27 53.53
C LYS TA 550 -75.60 -45.91 54.17
N ALA TA 551 -76.05 -45.78 55.40
CA ALA TA 551 -75.87 -44.58 56.18
C ALA TA 551 -75.51 -44.98 57.58
N ASN TA 552 -74.66 -44.22 58.24
CA ASN TA 552 -74.30 -44.58 59.59
C ASN TA 552 -75.19 -43.93 60.63
N ALA TA 553 -76.13 -43.11 60.18
CA ALA TA 553 -77.04 -42.48 61.11
C ALA TA 553 -78.49 -42.60 60.66
N GLU TA 554 -78.80 -42.02 59.50
CA GLU TA 554 -80.16 -41.97 59.00
C GLU TA 554 -80.25 -42.11 57.49
N PHE TA 555 -81.38 -42.62 57.04
CA PHE TA 555 -81.70 -42.71 55.64
C PHE TA 555 -83.09 -42.17 55.41
N LYS TA 556 -83.24 -41.28 54.44
CA LYS TA 556 -84.53 -40.72 54.12
C LYS TA 556 -84.72 -40.64 52.62
N ALA TA 557 -85.96 -40.72 52.20
CA ALA TA 557 -86.31 -40.57 50.80
C ALA TA 557 -87.69 -39.96 50.75
N GLU TA 558 -87.88 -39.02 49.84
CA GLU TA 558 -89.15 -38.32 49.70
C GLU TA 558 -89.55 -38.08 48.27
N GLY TA 559 -90.83 -37.90 48.04
CA GLY TA 559 -91.32 -37.50 46.75
C GLY TA 559 -92.63 -36.75 46.93
N SER TA 560 -92.72 -35.57 46.34
CA SER TA 560 -93.90 -34.72 46.44
C SER TA 560 -95.11 -35.24 45.70
N ALA TA 561 -94.88 -36.18 44.81
CA ALA TA 561 -95.94 -36.77 44.03
C ALA TA 561 -95.96 -38.27 44.22
N GLY TA 562 -95.44 -38.75 45.35
CA GLY TA 562 -95.46 -40.17 45.62
C GLY TA 562 -94.09 -40.83 45.54
N ALA TA 563 -94.03 -42.05 46.03
CA ALA TA 563 -92.82 -42.84 46.08
C ALA TA 563 -93.19 -44.29 45.93
N GLU TA 564 -92.26 -45.10 45.43
CA GLU TA 564 -92.52 -46.51 45.22
C GLU TA 564 -91.29 -47.38 45.38
N VAL TA 565 -91.48 -48.51 46.03
CA VAL TA 565 -90.46 -49.54 46.15
C VAL TA 565 -91.06 -50.81 45.63
N SER TA 566 -90.41 -51.43 44.67
CA SER TA 566 -90.95 -52.64 44.09
C SER TA 566 -89.89 -53.60 43.63
N THR TA 567 -90.30 -54.84 43.44
CA THR TA 567 -89.48 -55.93 42.99
C THR TA 567 -90.31 -57.06 42.46
N SER TA 568 -89.72 -57.86 41.60
CA SER TA 568 -90.37 -59.05 41.12
C SER TA 568 -90.27 -60.24 42.08
N ALA TA 569 -89.40 -60.17 43.11
CA ALA TA 569 -89.27 -61.32 43.99
C ALA TA 569 -89.84 -61.11 45.40
N VAL TA 570 -89.06 -60.51 46.31
CA VAL TA 570 -89.54 -60.32 47.69
C VAL TA 570 -89.23 -58.93 48.21
N ALA TA 571 -90.22 -58.22 48.71
CA ALA TA 571 -89.97 -56.92 49.32
C ALA TA 571 -89.82 -57.12 50.82
N VAL TA 572 -88.87 -56.42 51.43
CA VAL TA 572 -88.63 -56.56 52.87
C VAL TA 572 -88.57 -55.24 53.62
N LEU TA 573 -89.34 -55.13 54.70
CA LEU TA 573 -89.32 -53.95 55.55
C LEU TA 573 -89.07 -54.37 57.00
N LYS TA 574 -87.92 -53.99 57.55
CA LYS TA 574 -87.60 -54.33 58.92
C LYS TA 574 -86.95 -53.25 59.76
N GLY TA 575 -87.15 -53.34 61.04
CA GLY TA 575 -86.70 -52.39 62.02
C GLY TA 575 -87.11 -52.90 63.38
N SER TA 576 -86.68 -52.23 64.45
CA SER TA 576 -87.05 -52.64 65.81
C SER TA 576 -88.49 -52.28 66.11
N LEU TA 577 -89.02 -51.40 65.27
CA LEU TA 577 -90.37 -50.90 65.30
C LEU TA 577 -90.72 -50.39 63.92
N VAL TA 578 -91.83 -50.86 63.37
CA VAL TA 578 -92.27 -50.40 62.08
C VAL TA 578 -93.60 -49.70 62.20
N GLN TA 579 -93.66 -48.47 61.73
CA GLN TA 579 -94.89 -47.71 61.77
C GLN TA 579 -95.37 -47.38 60.38
N ILE TA 580 -96.67 -47.47 60.18
CA ILE TA 580 -97.29 -47.14 58.90
C ILE TA 580 -98.37 -46.11 59.14
N ASN TA 581 -98.28 -44.97 58.48
CA ASN TA 581 -99.23 -43.89 58.67
C ASN TA 581 -99.65 -43.78 60.12
N ASN UA 2 36.63 -6.80 23.33
CA ASN UA 2 37.50 -6.44 22.24
C ASN UA 2 37.58 -4.92 22.08
N ASN UA 3 38.71 -4.34 22.47
CA ASN UA 3 38.96 -2.91 22.38
C ASN UA 3 39.96 -2.55 21.29
N SER UA 4 40.23 -3.49 20.42
CA SER UA 4 41.26 -3.35 19.39
C SER UA 4 41.02 -2.27 18.35
N GLY UA 5 39.79 -1.79 18.23
CA GLY UA 5 39.46 -0.79 17.23
C GLY UA 5 39.11 -1.38 15.87
N THR UA 6 39.09 -2.70 15.78
CA THR UA 6 38.74 -3.33 14.53
C THR UA 6 37.80 -4.49 14.72
N ILE UA 7 37.49 -5.16 13.62
CA ILE UA 7 36.64 -6.33 13.62
C ILE UA 7 37.49 -7.55 13.42
N GLU UA 8 37.35 -8.50 14.31
CA GLU UA 8 38.17 -9.68 14.26
C GLU UA 8 37.72 -10.70 13.24
N THR UA 9 38.63 -11.02 12.33
CA THR UA 9 38.44 -11.99 11.27
C THR UA 9 39.61 -12.94 11.39
N SER UA 10 39.51 -14.11 10.76
CA SER UA 10 40.60 -15.07 10.81
C SER UA 10 41.75 -14.78 9.85
N GLN UA 11 41.44 -14.08 8.77
CA GLN UA 11 42.41 -13.75 7.75
C GLN UA 11 42.30 -12.28 7.39
N SER UA 12 43.17 -11.83 6.50
CA SER UA 12 43.11 -10.49 5.95
C SER UA 12 41.83 -10.34 5.17
N VAL UA 13 41.31 -9.14 5.05
CA VAL UA 13 40.08 -8.98 4.31
C VAL UA 13 40.29 -8.59 2.85
N ASP UA 14 41.53 -8.76 2.39
CA ASP UA 14 41.95 -8.52 1.01
C ASP UA 14 41.24 -9.37 -0.05
N ARG UA 15 40.87 -10.62 0.25
CA ARG UA 15 40.22 -11.44 -0.75
C ARG UA 15 39.03 -12.23 -0.23
N VAL UA 16 37.87 -11.94 -0.78
CA VAL UA 16 36.64 -12.61 -0.41
C VAL UA 16 36.39 -13.78 -1.34
N THR UA 17 36.10 -14.94 -0.77
CA THR UA 17 35.83 -16.15 -1.53
C THR UA 17 34.47 -16.74 -1.14
N HIS UA 18 33.93 -17.61 -1.99
CA HIS UA 18 32.68 -18.29 -1.69
C HIS UA 18 32.52 -19.58 -2.46
N LYS UA 19 31.56 -20.39 -2.04
CA LYS UA 19 31.21 -21.63 -2.75
C LYS UA 19 29.72 -21.81 -2.79
N ILE UA 20 29.26 -22.38 -3.90
CA ILE UA 20 27.86 -22.71 -4.05
C ILE UA 20 27.75 -24.19 -4.32
N LEU UA 21 27.05 -24.88 -3.45
CA LEU UA 21 26.89 -26.32 -3.54
C LEU UA 21 25.46 -26.68 -3.84
N ILE UA 22 25.26 -27.54 -4.82
CA ILE UA 22 23.92 -27.99 -5.15
C ILE UA 22 23.87 -29.51 -5.09
N ASP UA 23 22.95 -30.01 -4.28
CA ASP UA 23 22.79 -31.43 -4.03
C ASP UA 23 24.10 -32.10 -3.66
N GLY UA 24 24.89 -31.44 -2.83
CA GLY UA 24 26.16 -31.96 -2.37
C GLY UA 24 27.44 -31.55 -3.12
N SER UA 25 27.38 -30.88 -4.27
CA SER UA 25 28.65 -30.53 -4.92
C SER UA 25 28.69 -29.18 -5.62
N GLU UA 26 29.90 -28.68 -5.79
CA GLU UA 26 30.15 -27.38 -6.37
C GLU UA 26 29.74 -27.17 -7.83
N ILE UA 27 29.08 -26.04 -8.12
CA ILE UA 27 28.68 -25.66 -9.47
C ILE UA 27 29.99 -25.43 -10.23
N PRO UA 28 30.10 -25.80 -11.51
CA PRO UA 28 31.31 -25.68 -12.30
C PRO UA 28 31.81 -24.26 -12.42
N GLY UA 29 33.12 -24.10 -12.35
CA GLY UA 29 33.81 -22.81 -12.42
C GLY UA 29 33.83 -22.15 -13.79
N THR UA 30 32.67 -22.07 -14.43
CA THR UA 30 32.54 -21.44 -15.72
C THR UA 30 31.40 -20.49 -15.54
N TYR UA 31 30.66 -20.72 -14.47
CA TYR UA 31 29.50 -19.89 -14.18
C TYR UA 31 29.98 -18.67 -13.44
N GLN UA 32 29.55 -17.49 -13.86
CA GLN UA 32 29.96 -16.30 -13.15
C GLN UA 32 28.85 -15.73 -12.31
N VAL UA 33 29.12 -15.68 -11.01
CA VAL UA 33 28.15 -15.20 -10.06
C VAL UA 33 28.51 -13.77 -9.73
N LYS UA 34 27.61 -12.89 -10.09
CA LYS UA 34 27.74 -11.46 -9.99
C LYS UA 34 27.46 -10.98 -8.59
N SER UA 35 26.43 -11.55 -7.97
CA SER UA 35 26.03 -11.08 -6.64
C SER UA 35 25.30 -12.12 -5.78
N ILE UA 36 25.58 -12.08 -4.46
CA ILE UA 36 24.90 -12.96 -3.48
C ILE UA 36 24.25 -12.20 -2.32
N GLN UA 37 22.98 -12.49 -2.04
CA GLN UA 37 22.28 -11.89 -0.90
C GLN UA 37 21.62 -12.92 0.01
N VAL UA 38 21.82 -12.80 1.32
CA VAL UA 38 21.15 -13.68 2.29
C VAL UA 38 20.48 -12.91 3.43
N THR UA 39 19.21 -13.23 3.72
CA THR UA 39 18.53 -12.57 4.84
C THR UA 39 17.87 -13.53 5.84
N LYS UA 40 17.90 -13.11 7.10
CA LYS UA 40 17.28 -13.81 8.23
C LYS UA 40 16.64 -12.81 9.18
N GLU UA 41 15.47 -13.15 9.73
CA GLU UA 41 14.79 -12.24 10.65
C GLU UA 41 13.84 -12.97 11.59
N VAL UA 42 13.67 -12.42 12.79
CA VAL UA 42 12.75 -12.99 13.76
C VAL UA 42 11.32 -13.03 13.22
N ASN UA 43 10.69 -14.19 13.37
CA ASN UA 43 9.35 -14.52 12.91
C ASN UA 43 9.11 -14.51 11.40
N ARG UA 44 10.16 -14.72 10.60
CA ARG UA 44 10.02 -14.83 9.15
C ARG UA 44 10.80 -16.03 8.63
N ILE UA 45 10.49 -16.48 7.42
CA ILE UA 45 11.23 -17.59 6.83
C ILE UA 45 12.44 -17.07 6.03
N PRO UA 46 13.69 -17.53 6.33
CA PRO UA 46 14.94 -17.16 5.69
C PRO UA 46 14.97 -17.38 4.19
N THR UA 47 15.67 -16.48 3.50
CA THR UA 47 15.83 -16.52 2.05
C THR UA 47 17.17 -16.10 1.51
N ALA UA 48 17.40 -16.42 0.23
CA ALA UA 48 18.63 -16.04 -0.45
C ALA UA 48 18.44 -15.82 -1.96
N ARG UA 49 19.31 -14.98 -2.54
CA ARG UA 49 19.29 -14.73 -3.98
C ARG UA 49 20.66 -14.79 -4.65
N LEU UA 50 20.71 -15.40 -5.84
CA LEU UA 50 21.94 -15.43 -6.63
C LEU UA 50 21.75 -14.75 -7.99
N VAL UA 51 22.70 -13.93 -8.39
CA VAL UA 51 22.66 -13.32 -9.72
C VAL UA 51 23.79 -13.88 -10.56
N ILE UA 52 23.42 -14.54 -11.66
CA ILE UA 52 24.32 -15.24 -12.57
C ILE UA 52 24.28 -14.62 -13.97
N LEU UA 53 25.44 -14.36 -14.56
CA LEU UA 53 25.44 -13.75 -15.89
C LEU UA 53 25.09 -14.80 -16.94
N ASP UA 54 24.18 -14.49 -17.87
CA ASP UA 54 23.82 -15.50 -18.88
C ASP UA 54 23.07 -14.93 -20.07
N GLY UA 55 23.06 -15.68 -21.15
CA GLY UA 55 22.32 -15.37 -22.36
C GLY UA 55 23.19 -14.79 -23.46
N ASP UA 56 22.98 -15.25 -24.69
CA ASP UA 56 23.76 -14.75 -25.83
C ASP UA 56 22.93 -14.63 -27.10
N ALA UA 57 22.72 -13.39 -27.52
CA ALA UA 57 21.90 -13.00 -28.66
C ALA UA 57 22.40 -13.60 -29.96
N ALA UA 58 23.69 -13.92 -30.03
CA ALA UA 58 24.28 -14.48 -31.22
C ALA UA 58 24.04 -15.98 -31.33
N GLU UA 59 23.54 -16.61 -30.25
CA GLU UA 59 23.28 -18.04 -30.24
C GLU UA 59 21.81 -18.27 -30.15
N ARG UA 60 21.12 -17.28 -29.62
CA ARG UA 60 19.73 -17.43 -29.41
C ARG UA 60 19.45 -18.36 -28.24
N ASP UA 61 20.16 -18.25 -27.11
CA ASP UA 61 19.82 -19.11 -25.98
C ASP UA 61 20.44 -18.67 -24.64
N PHE UA 62 20.07 -19.40 -23.57
CA PHE UA 62 20.56 -19.30 -22.18
C PHE UA 62 21.05 -20.63 -21.61
N LYS UA 63 22.34 -20.86 -21.66
CA LYS UA 63 22.92 -22.13 -21.22
C LYS UA 63 22.79 -22.49 -19.75
N VAL UA 64 22.79 -21.52 -18.84
CA VAL UA 64 22.72 -21.87 -17.43
C VAL UA 64 21.29 -22.26 -17.11
N SER UA 65 20.33 -21.50 -17.64
CA SER UA 65 18.91 -21.78 -17.43
C SER UA 65 18.56 -23.19 -17.91
N ASN UA 66 19.16 -23.61 -19.03
CA ASN UA 66 18.92 -24.94 -19.57
C ASN UA 66 19.55 -26.09 -18.76
N SER UA 67 20.41 -25.79 -17.80
CA SER UA 67 21.10 -26.81 -17.04
C SER UA 67 20.20 -27.36 -15.97
N ASP UA 68 20.62 -28.43 -15.34
CA ASP UA 68 19.85 -28.99 -14.26
C ASP UA 68 20.31 -28.54 -12.87
N HIS UA 69 21.13 -27.49 -12.80
CA HIS UA 69 21.62 -27.00 -11.52
C HIS UA 69 20.66 -26.08 -10.77
N PHE UA 70 19.89 -25.28 -11.49
CA PHE UA 70 19.07 -24.26 -10.82
C PHE UA 70 17.59 -24.46 -11.03
N VAL UA 71 17.21 -25.72 -11.00
CA VAL UA 71 15.86 -26.20 -11.16
C VAL UA 71 15.12 -26.24 -9.82
N PRO UA 72 13.89 -25.73 -9.73
CA PRO UA 72 13.13 -25.74 -8.51
C PRO UA 72 13.07 -27.14 -7.94
N GLY UA 73 13.26 -27.22 -6.63
CA GLY UA 73 13.25 -28.46 -5.90
C GLY UA 73 14.63 -28.92 -5.45
N LYS UA 74 15.69 -28.43 -6.08
CA LYS UA 74 17.04 -28.85 -5.69
C LYS UA 74 17.51 -28.20 -4.39
N GLU UA 75 18.43 -28.88 -3.67
CA GLU UA 75 18.94 -28.33 -2.42
C GLU UA 75 20.20 -27.50 -2.59
N ILE UA 76 20.23 -26.34 -1.98
CA ILE UA 76 21.34 -25.43 -2.10
C ILE UA 76 22.00 -25.04 -0.78
N GLU UA 77 23.29 -24.94 -0.81
CA GLU UA 77 24.08 -24.52 0.34
C GLU UA 77 25.12 -23.45 -0.02
N ILE UA 78 25.15 -22.36 0.72
CA ILE UA 78 26.07 -21.24 0.46
C ILE UA 78 27.10 -21.00 1.57
N THR UA 79 28.38 -21.02 1.25
CA THR UA 79 29.47 -20.79 2.21
C THR UA 79 30.27 -19.57 1.79
N VAL UA 80 30.82 -18.81 2.73
CA VAL UA 80 31.65 -17.62 2.43
C VAL UA 80 32.74 -17.35 3.48
N GLY UA 81 33.82 -16.74 3.09
CA GLY UA 81 34.90 -16.32 4.00
C GLY UA 81 36.06 -15.59 3.34
N TYR UA 82 37.12 -15.32 4.10
CA TYR UA 82 38.26 -14.58 3.54
C TYR UA 82 39.42 -15.55 3.30
N HIS UA 83 40.08 -15.42 2.16
CA HIS UA 83 41.23 -16.27 1.81
C HIS UA 83 40.96 -17.76 1.98
N SER UA 84 39.78 -18.18 1.52
CA SER UA 84 39.29 -19.56 1.53
C SER UA 84 38.92 -20.13 2.89
N ASP UA 85 38.90 -19.27 3.90
CA ASP UA 85 38.43 -19.66 5.22
C ASP UA 85 36.94 -19.44 5.15
N ASP UA 86 36.26 -20.41 4.58
CA ASP UA 86 34.82 -20.30 4.40
C ASP UA 86 34.00 -20.88 5.55
N GLU UA 87 32.79 -20.38 5.74
CA GLU UA 87 31.82 -20.91 6.71
C GLU UA 87 30.41 -20.86 6.14
N THR UA 88 29.54 -21.77 6.58
CA THR UA 88 28.17 -21.82 6.06
C THR UA 88 27.28 -20.72 6.58
N ILE UA 89 26.61 -20.06 5.64
CA ILE UA 89 25.68 -18.97 5.90
C ILE UA 89 24.23 -19.40 5.69
N PHE UA 90 23.95 -20.14 4.62
CA PHE UA 90 22.57 -20.50 4.27
C PHE UA 90 22.35 -21.90 3.72
N LYS UA 91 21.25 -22.54 4.15
CA LYS UA 91 20.80 -23.81 3.59
C LYS UA 91 19.32 -23.71 3.23
N GLY UA 92 18.94 -24.32 2.10
CA GLY UA 92 17.53 -24.31 1.70
C GLY UA 92 17.26 -24.98 0.35
N VAL UA 93 16.13 -24.64 -0.24
CA VAL UA 93 15.65 -25.24 -1.49
C VAL UA 93 15.34 -24.19 -2.56
N VAL UA 94 15.68 -24.51 -3.81
CA VAL UA 94 15.43 -23.60 -4.94
C VAL UA 94 13.94 -23.58 -5.27
N ILE UA 95 13.38 -22.38 -5.38
CA ILE UA 95 11.96 -22.22 -5.69
C ILE UA 95 11.63 -21.51 -7.02
N ARG UA 96 12.41 -20.49 -7.39
CA ARG UA 96 12.10 -19.68 -8.59
C ARG UA 96 13.29 -19.46 -9.48
N GLN UA 97 13.01 -19.17 -10.75
CA GLN UA 97 14.02 -18.83 -11.72
C GLN UA 97 13.50 -17.69 -12.60
N ASN UA 98 14.24 -16.57 -12.69
CA ASN UA 98 13.82 -15.40 -13.48
C ASN UA 98 14.85 -14.96 -14.50
N LEU UA 99 14.41 -14.55 -15.69
CA LEU UA 99 15.33 -13.98 -16.68
C LEU UA 99 15.05 -12.53 -16.92
N LYS UA 100 16.09 -11.74 -17.16
CA LYS UA 100 15.91 -10.34 -17.50
C LYS UA 100 16.80 -9.90 -18.65
N ILE UA 101 16.19 -9.26 -19.65
CA ILE UA 101 16.90 -8.74 -20.83
C ILE UA 101 16.65 -7.25 -21.03
N ARG UA 102 17.74 -6.51 -21.19
CA ARG UA 102 17.73 -5.07 -21.46
C ARG UA 102 18.67 -4.79 -22.63
N ASN UA 103 18.64 -3.58 -23.17
CA ASN UA 103 19.46 -3.23 -24.34
C ASN UA 103 20.92 -3.71 -24.31
N ASN UA 104 21.59 -3.62 -23.18
CA ASN UA 104 22.96 -4.09 -23.10
C ASN UA 104 23.18 -4.94 -21.85
N GLN UA 105 22.18 -5.73 -21.47
CA GLN UA 105 22.28 -6.58 -20.28
C GLN UA 105 21.45 -7.86 -20.37
N SER UA 106 22.02 -8.98 -19.90
CA SER UA 106 21.26 -10.22 -19.84
C SER UA 106 21.68 -11.07 -18.64
N ILE UA 107 20.74 -11.28 -17.71
CA ILE UA 107 21.03 -12.04 -16.49
C ILE UA 107 20.00 -13.10 -16.10
N LEU UA 108 20.44 -14.00 -15.23
CA LEU UA 108 19.61 -15.01 -14.57
C LEU UA 108 19.56 -14.82 -13.05
N ILE UA 109 18.36 -14.82 -12.48
CA ILE UA 109 18.22 -14.69 -11.04
C ILE UA 109 17.58 -15.92 -10.43
N VAL UA 110 18.24 -16.47 -9.42
CA VAL UA 110 17.78 -17.69 -8.76
C VAL UA 110 17.39 -17.44 -7.30
N GLU UA 111 16.17 -17.86 -6.93
CA GLU UA 111 15.73 -17.67 -5.54
C GLU UA 111 15.51 -18.97 -4.79
N SER UA 112 15.84 -18.93 -3.50
CA SER UA 112 15.68 -20.05 -2.57
C SER UA 112 15.19 -19.63 -1.19
N ARG UA 113 14.60 -20.60 -0.48
CA ARG UA 113 14.10 -20.44 0.89
C ARG UA 113 14.42 -21.62 1.78
N ASP UA 114 14.27 -21.45 3.09
CA ASP UA 114 14.51 -22.62 3.93
C ASP UA 114 13.31 -23.58 3.82
N MET UA 115 13.40 -24.72 4.50
CA MET UA 115 12.42 -25.80 4.47
C MET UA 115 11.11 -25.48 5.15
N ALA UA 116 11.15 -24.48 6.01
CA ALA UA 116 10.01 -24.01 6.78
C ALA UA 116 8.89 -23.56 5.85
N VAL UA 117 9.23 -23.25 4.59
CA VAL UA 117 8.27 -22.81 3.57
C VAL UA 117 7.15 -23.82 3.38
N LYS UA 118 7.39 -25.07 3.73
CA LYS UA 118 6.39 -26.13 3.61
C LYS UA 118 5.14 -25.85 4.45
N MET UA 119 5.28 -25.06 5.51
CA MET UA 119 4.21 -24.78 6.45
C MET UA 119 3.29 -23.65 6.00
N THR UA 120 3.56 -23.04 4.85
CA THR UA 120 2.78 -21.89 4.39
C THR UA 120 1.91 -22.16 3.17
N LEU UA 121 1.80 -23.41 2.75
CA LEU UA 121 1.09 -23.72 1.51
C LEU UA 121 -0.37 -24.18 1.53
N ARG UA 122 -0.87 -24.73 2.65
CA ARG UA 122 -2.22 -25.30 2.65
C ARG UA 122 -3.04 -24.93 3.87
N ARG UA 123 -4.29 -24.54 3.67
CA ARG UA 123 -5.21 -24.24 4.77
C ARG UA 123 -5.75 -25.53 5.35
N LYS UA 124 -5.82 -25.61 6.67
CA LYS UA 124 -6.28 -26.79 7.40
C LYS UA 124 -7.33 -26.52 8.46
N SER UA 125 -7.94 -27.61 8.92
CA SER UA 125 -8.96 -27.65 9.98
C SER UA 125 -8.74 -28.79 10.97
N LYS UA 126 -8.65 -28.52 12.25
CA LYS UA 126 -8.42 -29.58 13.23
C LYS UA 126 -8.84 -29.29 14.67
N TYR UA 127 -9.26 -30.34 15.38
CA TYR UA 127 -9.52 -30.23 16.81
C TYR UA 127 -8.31 -30.74 17.58
N PHE UA 128 -7.90 -30.02 18.58
CA PHE UA 128 -6.83 -30.44 19.47
C PHE UA 128 -7.48 -30.70 20.80
N TYR UA 129 -6.87 -31.58 21.58
CA TYR UA 129 -7.38 -31.95 22.90
C TYR UA 129 -6.38 -31.59 23.98
N GLU UA 130 -6.27 -32.39 25.05
CA GLU UA 130 -5.57 -31.95 26.25
C GLU UA 130 -4.05 -31.75 26.16
N LEU UA 131 -3.68 -30.69 25.45
CA LEU UA 131 -2.32 -30.30 25.16
C LEU UA 131 -1.96 -28.90 25.62
N SER UA 132 -0.70 -28.67 25.93
CA SER UA 132 -0.22 -27.31 26.22
C SER UA 132 0.11 -26.64 24.89
N ASP UA 133 0.32 -25.34 24.87
CA ASP UA 133 0.65 -24.72 23.60
C ASP UA 133 1.95 -25.23 23.02
N SER UA 134 2.90 -25.65 23.86
CA SER UA 134 4.14 -26.14 23.30
C SER UA 134 4.04 -27.56 22.76
N ASP UA 135 2.97 -28.28 23.07
CA ASP UA 135 2.85 -29.62 22.54
C ASP UA 135 2.27 -29.45 21.15
N ILE UA 136 1.40 -28.45 21.02
CA ILE UA 136 0.78 -28.13 19.76
C ILE UA 136 1.83 -27.60 18.81
N LEU UA 137 2.71 -26.69 19.27
CA LEU UA 137 3.72 -26.16 18.40
C LEU UA 137 4.63 -27.28 17.88
N GLU UA 138 5.04 -28.24 18.74
CA GLU UA 138 5.87 -29.32 18.24
C GLU UA 138 5.17 -30.17 17.19
N GLU UA 139 3.89 -30.45 17.40
CA GLU UA 139 3.13 -31.23 16.43
C GLU UA 139 3.06 -30.55 15.05
N LEU UA 140 2.78 -29.25 15.04
CA LEU UA 140 2.63 -28.55 13.78
C LEU UA 140 3.91 -28.61 12.97
N ILE UA 141 5.05 -28.51 13.65
CA ILE UA 141 6.36 -28.53 12.99
C ILE UA 141 6.74 -29.94 12.49
N SER UA 142 6.59 -30.96 13.35
CA SER UA 142 7.01 -32.33 13.00
C SER UA 142 6.21 -32.90 11.84
N ASN UA 143 5.00 -32.39 11.62
CA ASN UA 143 4.18 -32.82 10.51
C ASN UA 143 4.83 -32.62 9.15
N HIS UA 144 5.78 -31.70 9.05
CA HIS UA 144 6.44 -31.40 7.80
C HIS UA 144 7.85 -31.95 7.73
N GLY UA 145 8.19 -32.77 8.71
CA GLY UA 145 9.52 -33.37 8.79
C GLY UA 145 10.59 -32.42 9.26
N LEU UA 146 10.24 -31.37 9.98
CA LEU UA 146 11.22 -30.41 10.43
C LEU UA 146 11.69 -30.71 11.84
N GLU UA 147 12.92 -30.30 12.15
CA GLU UA 147 13.50 -30.41 13.48
C GLU UA 147 12.99 -29.28 14.36
N ALA UA 148 12.75 -29.54 15.65
CA ALA UA 148 12.23 -28.50 16.52
C ALA UA 148 12.84 -28.48 17.91
N ASP UA 149 12.85 -27.28 18.48
CA ASP UA 149 13.32 -27.04 19.86
C ASP UA 149 12.43 -25.94 20.46
N VAL UA 150 11.47 -26.36 21.27
CA VAL UA 150 10.45 -25.45 21.76
C VAL UA 150 10.41 -25.34 23.28
N ALA UA 151 10.48 -24.11 23.79
CA ALA UA 151 10.38 -23.85 25.22
C ALA UA 151 9.02 -24.30 25.72
N SER UA 152 8.93 -24.83 26.94
CA SER UA 152 7.66 -25.27 27.51
C SER UA 152 6.78 -24.14 28.04
N THR UA 153 5.51 -24.47 28.29
CA THR UA 153 4.55 -23.55 28.89
C THR UA 153 3.84 -24.25 30.04
N GLU UA 154 3.26 -23.45 30.92
CA GLU UA 154 2.53 -23.92 32.10
C GLU UA 154 1.06 -24.30 31.91
N ASN UA 155 0.39 -23.67 30.96
CA ASN UA 155 -1.04 -23.89 30.77
C ASN UA 155 -1.34 -25.09 29.91
N GLN UA 156 -2.52 -25.66 30.11
CA GLN UA 156 -2.99 -26.77 29.31
C GLN UA 156 -4.43 -26.54 28.92
N HIS UA 157 -4.71 -26.68 27.63
CA HIS UA 157 -6.03 -26.48 27.08
C HIS UA 157 -6.78 -27.77 27.13
N THR UA 158 -8.10 -27.74 27.13
CA THR UA 158 -8.83 -29.00 27.07
C THR UA 158 -9.31 -29.24 25.66
N GLU UA 159 -9.45 -28.18 24.89
CA GLU UA 159 -9.76 -28.27 23.49
C GLU UA 159 -9.28 -26.97 22.86
N LEU UA 160 -8.88 -27.04 21.61
CA LEU UA 160 -8.43 -25.87 20.84
C LEU UA 160 -8.75 -26.11 19.37
N VAL UA 161 -9.24 -25.09 18.66
CA VAL UA 161 -9.59 -25.31 17.26
C VAL UA 161 -8.83 -24.49 16.23
N GLN UA 162 -8.26 -25.19 15.26
CA GLN UA 162 -7.57 -24.59 14.11
C GLN UA 162 -8.58 -24.54 12.98
N TYR UA 163 -8.84 -23.38 12.40
CA TYR UA 163 -9.82 -23.39 11.31
C TYR UA 163 -9.54 -22.54 10.09
N ASP UA 164 -9.37 -23.24 8.98
CA ASP UA 164 -9.15 -22.74 7.62
C ASP UA 164 -7.93 -21.81 7.51
N VAL UA 165 -6.85 -22.20 8.17
CA VAL UA 165 -5.58 -21.46 8.20
C VAL UA 165 -4.40 -22.35 7.95
N THR UA 166 -3.25 -21.79 7.60
CA THR UA 166 -2.04 -22.59 7.42
C THR UA 166 -1.39 -22.91 8.75
N ASP UA 167 -0.46 -23.87 8.76
CA ASP UA 167 0.24 -24.24 9.98
C ASP UA 167 1.14 -23.13 10.47
N TRP UA 168 1.81 -22.45 9.54
CA TRP UA 168 2.68 -21.35 9.90
C TRP UA 168 1.89 -20.24 10.58
N ASP UA 169 0.75 -19.84 10.00
CA ASP UA 169 0.01 -18.74 10.59
C ASP UA 169 -0.56 -19.10 11.94
N PHE UA 170 -1.07 -20.31 12.08
CA PHE UA 170 -1.64 -20.74 13.35
C PHE UA 170 -0.56 -20.71 14.41
N MET UA 171 0.62 -21.26 14.08
CA MET UA 171 1.75 -21.28 14.99
C MET UA 171 2.09 -19.87 15.46
N MET UA 172 2.16 -18.89 14.54
CA MET UA 172 2.49 -17.52 14.93
C MET UA 172 1.51 -16.87 15.89
N LEU UA 173 0.23 -17.10 15.68
CA LEU UA 173 -0.75 -16.52 16.55
C LEU UA 173 -0.60 -17.05 17.98
N ARG UA 174 -0.53 -18.35 18.12
CA ARG UA 174 -0.41 -19.01 19.40
C ARG UA 174 0.86 -18.70 20.14
N LEU UA 175 1.96 -18.60 19.43
CA LEU UA 175 3.26 -18.26 20.01
C LEU UA 175 3.41 -16.84 20.60
N GLN UA 176 2.84 -15.84 19.94
CA GLN UA 176 2.90 -14.48 20.45
C GLN UA 176 2.13 -14.28 21.73
N ALA UA 177 0.95 -14.87 21.77
CA ALA UA 177 0.09 -14.90 22.94
C ALA UA 177 0.83 -15.33 24.21
N ASN UA 178 1.95 -16.04 24.07
CA ASN UA 178 2.73 -16.55 25.18
C ASN UA 178 4.07 -15.83 25.37
N GLY UA 179 4.30 -14.73 24.64
CA GLY UA 179 5.55 -13.99 24.76
C GLY UA 179 6.78 -14.62 24.10
N LEU UA 180 6.60 -15.52 23.13
CA LEU UA 180 7.71 -16.23 22.49
C LEU UA 180 8.13 -15.66 21.14
N LEU UA 181 9.41 -15.82 20.78
CA LEU UA 181 9.91 -15.45 19.46
C LEU UA 181 10.29 -16.69 18.65
N CYS UA 182 10.02 -16.67 17.34
CA CYS UA 182 10.40 -17.78 16.46
C CYS UA 182 11.67 -17.55 15.65
N LEU UA 183 12.65 -18.41 15.84
CA LEU UA 183 13.91 -18.34 15.12
C LEU UA 183 14.07 -19.55 14.19
N VAL UA 184 14.21 -19.31 12.91
CA VAL UA 184 14.36 -20.42 11.98
C VAL UA 184 15.74 -20.37 11.40
N ASP UA 185 16.46 -21.47 11.49
CA ASP UA 185 17.84 -21.49 11.01
C ASP UA 185 18.31 -22.86 10.55
N ASP UA 186 18.69 -22.96 9.28
CA ASP UA 186 19.19 -24.17 8.64
C ASP UA 186 18.35 -25.42 8.83
N GLY UA 187 17.05 -25.28 8.69
CA GLY UA 187 16.12 -26.41 8.80
C GLY UA 187 15.54 -26.66 10.19
N LYS UA 188 16.04 -25.97 11.21
CA LYS UA 188 15.56 -26.14 12.56
C LYS UA 188 14.66 -24.98 12.99
N VAL UA 189 13.54 -25.28 13.64
CA VAL UA 189 12.67 -24.23 14.14
C VAL UA 189 12.78 -24.16 15.66
N SER UA 190 13.25 -23.02 16.16
CA SER UA 190 13.48 -22.81 17.58
C SER UA 190 12.57 -21.73 18.18
N ILE UA 191 11.83 -22.09 19.21
CA ILE UA 191 10.88 -21.18 19.83
C ILE UA 191 11.23 -20.87 21.29
N GLN UA 192 11.65 -19.62 21.54
CA GLN UA 192 12.21 -19.25 22.85
C GLN UA 192 11.81 -17.86 23.35
N LYS UA 193 11.96 -17.62 24.65
CA LYS UA 193 11.75 -16.26 25.16
C LYS UA 193 13.00 -15.43 24.87
N PRO UA 194 12.93 -14.09 24.72
CA PRO UA 194 14.07 -13.21 24.47
C PRO UA 194 15.16 -13.38 25.51
N ASP UA 195 16.42 -13.41 25.07
CA ASP UA 195 17.54 -13.56 25.99
C ASP UA 195 18.47 -12.37 25.94
N LEU UA 196 18.33 -11.51 26.94
CA LEU UA 196 19.05 -10.26 27.00
C LEU UA 196 20.23 -10.39 27.97
N SER UA 197 20.50 -11.61 28.44
CA SER UA 197 21.53 -11.82 29.45
C SER UA 197 22.90 -12.29 28.95
N SER UA 198 22.97 -12.82 27.73
CA SER UA 198 24.22 -13.38 27.22
C SER UA 198 25.28 -12.34 26.89
N GLU UA 199 26.52 -12.81 26.76
CA GLU UA 199 27.68 -12.01 26.42
C GLU UA 199 27.62 -11.45 25.02
N ALA UA 200 28.08 -10.22 24.83
CA ALA UA 200 28.13 -9.65 23.50
C ALA UA 200 29.12 -10.42 22.64
N LEU UA 201 28.83 -10.56 21.35
CA LEU UA 201 29.76 -11.21 20.44
C LEU UA 201 30.95 -10.33 20.10
N GLU UA 202 30.68 -9.05 19.90
CA GLU UA 202 31.70 -8.07 19.54
C GLU UA 202 31.23 -6.67 19.86
N THR UA 203 32.14 -5.71 19.67
CA THR UA 203 31.87 -4.30 19.90
C THR UA 203 31.93 -3.57 18.57
N VAL UA 204 30.92 -2.76 18.30
CA VAL UA 204 30.90 -1.98 17.08
C VAL UA 204 30.93 -0.49 17.47
N THR UA 205 31.93 0.24 16.96
CA THR UA 205 32.18 1.62 17.39
C THR UA 205 32.06 2.68 16.28
N PHE UA 206 31.35 3.76 16.59
CA PHE UA 206 31.18 4.83 15.61
C PHE UA 206 32.46 5.40 15.03
N GLY UA 207 33.41 5.73 15.85
CA GLY UA 207 34.61 6.33 15.33
C GLY UA 207 35.64 5.32 14.79
N ALA UA 208 35.33 4.01 14.74
CA ALA UA 208 36.32 3.06 14.29
C ALA UA 208 35.82 1.98 13.31
N THR UA 209 34.61 1.46 13.49
CA THR UA 209 34.17 0.33 12.66
C THR UA 209 32.82 0.50 11.91
N ILE UA 210 31.99 1.47 12.29
CA ILE UA 210 30.67 1.66 11.64
C ILE UA 210 30.73 2.32 10.26
N LEU UA 211 30.04 1.73 9.29
CA LEU UA 211 29.94 2.27 7.93
C LEU UA 211 28.68 3.15 7.80
N GLU UA 212 27.57 2.65 8.34
CA GLU UA 212 26.27 3.35 8.31
C GLU UA 212 25.53 3.14 9.63
N PHE UA 213 24.68 4.08 10.02
CA PHE UA 213 23.90 3.94 11.24
C PHE UA 213 22.58 4.69 11.23
N ASP UA 214 21.53 4.03 11.72
CA ASP UA 214 20.18 4.60 11.87
C ASP UA 214 19.60 4.22 13.21
N ALA UA 215 19.05 5.18 13.95
CA ALA UA 215 18.39 4.82 15.20
C ALA UA 215 17.24 5.76 15.52
N GLU UA 216 16.28 5.24 16.26
CA GLU UA 216 15.08 5.96 16.68
C GLU UA 216 14.59 5.66 18.08
N MET UA 217 14.14 6.71 18.76
CA MET UA 217 13.51 6.64 20.08
C MET UA 217 12.11 7.27 19.95
N ASP UA 218 11.07 6.66 20.51
CA ASP UA 218 9.70 7.21 20.37
C ASP UA 218 8.85 6.94 21.62
N ALA UA 219 8.59 8.00 22.37
CA ALA UA 219 7.91 7.98 23.65
C ALA UA 219 6.50 7.41 23.61
N ARG UA 220 5.86 7.40 22.46
CA ARG UA 220 4.48 6.93 22.39
C ARG UA 220 4.34 5.42 22.52
N ASN UA 221 5.45 4.70 22.50
CA ASN UA 221 5.36 3.25 22.64
C ASN UA 221 5.38 2.77 24.08
N GLN UA 222 5.56 3.64 25.06
CA GLN UA 222 5.64 3.10 26.41
C GLN UA 222 4.32 3.19 27.16
N LEU UA 223 4.04 2.18 27.97
CA LEU UA 223 2.81 2.08 28.73
C LEU UA 223 3.03 2.26 30.22
N PRO UA 224 2.12 2.88 30.99
CA PRO UA 224 2.18 2.94 32.44
C PRO UA 224 1.74 1.66 33.16
N LYS UA 225 0.85 0.88 32.55
CA LYS UA 225 0.40 -0.42 33.06
C LYS UA 225 -0.54 -1.08 32.05
N VAL UA 226 -0.68 -2.41 32.12
CA VAL UA 226 -1.64 -3.12 31.27
C VAL UA 226 -2.47 -4.13 32.06
N VAL UA 227 -3.77 -4.16 31.78
CA VAL UA 227 -4.75 -5.07 32.40
C VAL UA 227 -5.59 -5.79 31.34
N SER UA 228 -5.94 -7.04 31.57
CA SER UA 228 -6.80 -7.80 30.67
C SER UA 228 -8.15 -8.15 31.31
N GLN UA 229 -9.20 -8.25 30.47
CA GLN UA 229 -10.56 -8.60 30.93
C GLN UA 229 -11.29 -9.69 30.14
N ALA UA 230 -12.17 -10.43 30.85
CA ALA UA 230 -13.07 -11.46 30.27
C ALA UA 230 -14.26 -11.69 31.18
N TRP UA 231 -15.29 -12.41 30.72
CA TRP UA 231 -16.47 -12.70 31.54
C TRP UA 231 -16.35 -13.94 32.42
N ASN UA 232 -16.67 -13.80 33.70
CA ASN UA 232 -16.69 -14.88 34.67
C ASN UA 232 -18.12 -15.43 34.82
N MET UA 233 -18.44 -16.52 34.13
CA MET UA 233 -19.82 -16.99 34.16
C MET UA 233 -20.22 -17.66 35.48
N SER UA 234 -19.26 -18.21 36.21
CA SER UA 234 -19.57 -18.86 37.46
C SER UA 234 -20.01 -17.86 38.52
N ASP UA 235 -19.30 -16.74 38.57
CA ASP UA 235 -19.60 -15.70 39.55
C ASP UA 235 -20.54 -14.60 39.03
N GLN UA 236 -20.68 -14.46 37.71
CA GLN UA 236 -21.47 -13.43 37.04
C GLN UA 236 -20.91 -12.03 37.23
N GLU UA 237 -19.64 -11.91 36.89
CA GLU UA 237 -18.87 -10.67 36.98
C GLU UA 237 -17.71 -10.71 36.00
N LEU UA 238 -16.91 -9.66 35.93
CA LEU UA 238 -15.75 -9.72 35.06
C LEU UA 238 -14.50 -10.23 35.76
N LEU UA 239 -13.62 -10.79 34.97
CA LEU UA 239 -12.37 -11.32 35.48
C LEU UA 239 -11.28 -10.34 35.02
N GLU UA 240 -10.46 -9.85 35.95
CA GLU UA 240 -9.46 -8.87 35.60
C GLU UA 240 -8.11 -9.33 36.08
N LYS UA 241 -7.10 -9.15 35.24
CA LYS UA 241 -5.73 -9.49 35.61
C LYS UA 241 -4.77 -8.40 35.24
N GLU UA 242 -3.89 -8.06 36.16
CA GLU UA 242 -2.89 -7.05 35.89
C GLU UA 242 -1.58 -7.72 35.52
N GLY UA 243 -0.84 -7.12 34.60
CA GLY UA 243 0.44 -7.69 34.21
C GLY UA 243 1.51 -7.36 35.22
N VAL UA 244 2.70 -7.85 34.94
CA VAL UA 244 3.85 -7.67 35.80
C VAL UA 244 4.93 -7.02 34.98
N ASP UA 245 5.53 -5.97 35.49
CA ASP UA 245 6.56 -5.24 34.77
C ASP UA 245 7.92 -5.94 34.88
N PRO UA 246 8.48 -6.57 33.80
CA PRO UA 246 9.71 -7.32 33.77
C PRO UA 246 10.94 -6.44 33.97
N SER UA 247 10.78 -5.11 33.85
CA SER UA 247 11.92 -4.22 33.99
C SER UA 247 13.08 -4.67 33.11
N LEU UA 248 12.86 -4.71 31.81
CA LEU UA 248 13.91 -5.22 30.93
C LEU UA 248 15.09 -4.29 30.91
N GLU UA 249 16.28 -4.86 30.79
CA GLU UA 249 17.52 -4.10 30.66
C GLU UA 249 17.83 -3.82 29.20
N THR UA 250 17.82 -2.56 28.83
CA THR UA 250 18.02 -2.12 27.46
C THR UA 250 19.09 -1.06 27.40
N ASN UA 251 19.42 -0.57 26.21
CA ASN UA 251 20.39 0.49 26.05
C ASN UA 251 19.82 1.89 26.28
N GLY UA 252 20.69 2.89 26.24
CA GLY UA 252 20.31 4.29 26.43
C GLY UA 252 20.26 4.66 27.91
N ASN UA 253 19.84 5.90 28.22
CA ASN UA 253 19.83 6.35 29.61
C ASN UA 253 18.51 6.96 30.07
N ILE UA 254 17.43 6.66 29.36
CA ILE UA 254 16.10 7.14 29.75
C ILE UA 254 15.21 5.96 30.03
N SER UA 255 14.64 5.91 31.23
CA SER UA 255 13.75 4.83 31.63
C SER UA 255 12.44 4.79 30.86
N SER UA 256 11.95 3.58 30.61
CA SER UA 256 10.66 3.39 29.98
C SER UA 256 9.54 3.98 30.83
N SER UA 257 9.81 4.09 32.12
CA SER UA 257 8.86 4.63 33.08
C SER UA 257 8.82 6.15 33.06
N ASP UA 258 9.81 6.81 32.44
CA ASP UA 258 9.79 8.27 32.37
C ASP UA 258 9.02 8.64 31.14
N LEU UA 259 9.15 7.80 30.11
CA LEU UA 259 8.49 8.05 28.84
C LEU UA 259 7.00 7.74 28.94
N ALA UA 260 6.66 6.66 29.65
CA ALA UA 260 5.28 6.22 29.77
C ALA UA 260 4.33 7.25 30.36
N SER UA 261 4.81 8.05 31.30
CA SER UA 261 3.97 9.03 31.98
C SER UA 261 3.82 10.37 31.25
N LEU UA 262 4.51 10.57 30.14
CA LEU UA 262 4.48 11.85 29.46
C LEU UA 262 3.15 12.31 28.86
N PHE UA 263 2.33 11.40 28.33
CA PHE UA 263 1.14 11.88 27.64
C PHE UA 263 -0.22 11.46 28.19
N ASP UA 264 -0.29 10.28 28.79
CA ASP UA 264 -1.56 9.72 29.25
C ASP UA 264 -1.29 8.66 30.30
N GLN UA 265 -1.72 8.87 31.53
CA GLN UA 265 -1.39 7.93 32.59
C GLN UA 265 -2.41 6.82 32.77
N GLU UA 266 -3.43 6.77 31.90
CA GLU UA 266 -4.44 5.72 32.02
C GLU UA 266 -3.91 4.39 31.53
N GLU UA 267 -4.41 3.32 32.12
CA GLU UA 267 -4.05 1.95 31.78
C GLU UA 267 -4.52 1.49 30.41
N GLU UA 268 -3.78 0.55 29.83
CA GLU UA 268 -4.21 -0.08 28.59
C GLU UA 268 -5.07 -1.28 28.94
N VAL UA 269 -6.19 -1.45 28.24
CA VAL UA 269 -7.07 -2.57 28.54
C VAL UA 269 -7.22 -3.53 27.37
N LEU UA 270 -6.95 -4.79 27.62
CA LEU UA 270 -7.06 -5.85 26.63
C LEU UA 270 -8.39 -6.56 26.86
N ARG UA 271 -9.31 -6.46 25.92
CA ARG UA 271 -10.64 -7.02 26.17
C ARG UA 271 -11.01 -8.21 25.31
N HIS UA 272 -11.65 -9.20 25.93
CA HIS UA 272 -12.20 -10.32 25.20
C HIS UA 272 -13.60 -10.52 25.76
N GLY UA 273 -14.58 -10.80 24.90
CA GLY UA 273 -15.95 -10.91 25.38
C GLY UA 273 -16.43 -12.28 25.82
N GLY UA 274 -15.59 -13.29 25.73
CA GLY UA 274 -16.00 -14.64 26.08
C GLY UA 274 -15.48 -15.06 27.43
N SER UA 275 -15.35 -16.37 27.58
CA SER UA 275 -14.89 -16.99 28.81
C SER UA 275 -13.47 -17.48 28.65
N LYS UA 276 -12.61 -16.99 29.53
CA LYS UA 276 -11.19 -17.27 29.52
C LYS UA 276 -10.71 -17.79 30.84
N LYS UA 277 -9.61 -18.52 30.79
CA LYS UA 277 -8.98 -19.01 31.99
C LYS UA 277 -8.03 -17.96 32.51
N ASP UA 278 -7.82 -17.93 33.82
CA ASP UA 278 -6.89 -16.98 34.40
C ASP UA 278 -5.48 -17.07 33.85
N GLY UA 279 -5.01 -18.28 33.60
CA GLY UA 279 -3.64 -18.44 33.14
C GLY UA 279 -3.41 -17.73 31.82
N SER UA 280 -4.39 -17.79 30.94
CA SER UA 280 -4.32 -17.19 29.62
C SER UA 280 -4.37 -15.68 29.70
N LEU UA 281 -5.26 -15.15 30.55
CA LEU UA 281 -5.35 -13.71 30.66
C LEU UA 281 -4.07 -13.11 31.22
N GLN UA 282 -3.46 -13.78 32.18
CA GLN UA 282 -2.25 -13.26 32.77
C GLN UA 282 -1.10 -13.25 31.77
N GLU UA 283 -0.96 -14.32 30.96
CA GLU UA 283 0.11 -14.34 29.99
C GLU UA 283 -0.07 -13.31 28.90
N TRP UA 284 -1.31 -13.07 28.50
CA TRP UA 284 -1.60 -12.12 27.45
C TRP UA 284 -1.15 -10.73 27.88
N ALA UA 285 -1.52 -10.31 29.09
CA ALA UA 285 -1.13 -8.99 29.58
C ALA UA 285 0.39 -8.85 29.67
N ASN UA 286 1.07 -9.88 30.16
CA ASN UA 286 2.54 -9.92 30.26
C ASN UA 286 3.25 -9.88 28.91
N ALA UA 287 2.76 -10.58 27.90
CA ALA UA 287 3.36 -10.58 26.58
C ALA UA 287 3.25 -9.20 25.96
N LYS UA 288 2.12 -8.53 26.15
CA LYS UA 288 1.90 -7.22 25.59
C LYS UA 288 2.91 -6.22 26.12
N TRP UA 289 3.08 -6.21 27.44
CA TRP UA 289 4.00 -5.30 28.12
C TRP UA 289 5.49 -5.52 27.76
N THR UA 290 5.89 -6.79 27.67
CA THR UA 290 7.27 -7.15 27.35
C THR UA 290 7.63 -6.71 25.95
N PHE UA 291 6.76 -6.98 24.99
CA PHE UA 291 7.02 -6.62 23.62
C PHE UA 291 7.14 -5.11 23.47
N GLN UA 292 6.32 -4.31 24.17
CA GLN UA 292 6.48 -2.86 24.05
C GLN UA 292 7.83 -2.39 24.60
N GLN UA 293 8.32 -2.94 25.71
CA GLN UA 293 9.61 -2.48 26.21
C GLN UA 293 10.75 -2.79 25.23
N LEU UA 294 10.66 -3.90 24.52
CA LEU UA 294 11.69 -4.27 23.55
C LEU UA 294 11.66 -3.41 22.29
N ALA UA 295 10.65 -2.55 22.15
CA ALA UA 295 10.47 -1.65 21.03
C ALA UA 295 10.92 -0.24 21.39
N LYS UA 296 11.46 -0.07 22.60
CA LYS UA 296 11.87 1.23 23.10
C LYS UA 296 12.89 1.93 22.22
N THR UA 297 13.94 1.21 21.83
CA THR UA 297 14.96 1.78 20.97
C THR UA 297 15.13 0.85 19.78
N ARG UA 298 15.09 1.39 18.59
CA ARG UA 298 15.23 0.57 17.38
C ARG UA 298 16.26 1.13 16.42
N GLY UA 299 16.86 0.26 15.59
CA GLY UA 299 17.81 0.77 14.59
C GLY UA 299 18.55 -0.26 13.75
N ARG UA 300 19.51 0.25 12.97
CA ARG UA 300 20.34 -0.52 12.03
C ARG UA 300 21.83 -0.15 12.15
N ILE UA 301 22.70 -1.15 12.15
CA ILE UA 301 24.15 -0.90 12.19
C ILE UA 301 24.84 -1.63 11.03
N LYS UA 302 25.56 -0.91 10.17
CA LYS UA 302 26.26 -1.58 9.06
C LYS UA 302 27.77 -1.64 9.27
N PHE UA 303 28.35 -2.84 9.11
CA PHE UA 303 29.79 -3.08 9.29
C PHE UA 303 30.37 -4.28 8.50
N GLN UA 304 31.70 -4.38 8.44
CA GLN UA 304 32.44 -5.47 7.75
C GLN UA 304 31.94 -6.84 8.21
N GLY UA 305 31.61 -7.73 7.26
CA GLY UA 305 31.03 -9.02 7.59
C GLY UA 305 31.88 -10.10 8.23
N ILE UA 306 31.21 -10.79 9.16
CA ILE UA 306 31.68 -11.95 9.89
C ILE UA 306 30.51 -12.96 9.88
N PRO UA 307 30.74 -14.28 10.06
CA PRO UA 307 29.73 -15.33 10.05
C PRO UA 307 28.99 -15.64 11.35
N THR UA 308 29.13 -14.84 12.39
CA THR UA 308 28.54 -15.15 13.68
C THR UA 308 27.34 -14.33 14.12
N VAL UA 309 27.04 -13.22 13.45
CA VAL UA 309 25.91 -12.41 13.88
C VAL UA 309 24.67 -13.02 13.26
N LYS UA 310 23.74 -13.42 14.09
CA LYS UA 310 22.51 -14.08 13.71
C LYS UA 310 21.40 -13.50 14.56
N PRO UA 311 20.13 -13.50 14.17
CA PRO UA 311 19.07 -13.05 15.03
C PRO UA 311 19.14 -13.83 16.34
N GLY UA 312 18.96 -13.15 17.47
CA GLY UA 312 19.00 -13.78 18.78
C GLY UA 312 20.36 -13.66 19.50
N VAL UA 313 21.17 -12.67 19.14
CA VAL UA 313 22.46 -12.47 19.80
C VAL UA 313 22.56 -11.05 20.30
N ASN UA 314 23.54 -10.78 21.15
CA ASN UA 314 23.77 -9.43 21.63
C ASN UA 314 25.09 -8.83 21.12
N LEU UA 315 25.06 -7.55 20.78
CA LEU UA 315 26.25 -6.78 20.39
C LEU UA 315 26.45 -5.60 21.32
N LEU UA 316 27.67 -5.10 21.43
CA LEU UA 316 27.90 -3.90 22.22
C LEU UA 316 28.08 -2.68 21.30
N LEU UA 317 27.24 -1.66 21.48
CA LEU UA 317 27.25 -0.45 20.68
C LEU UA 317 27.89 0.74 21.40
N GLU UA 318 28.92 1.32 20.79
CA GLU UA 318 29.63 2.45 21.39
C GLU UA 318 29.85 3.64 20.46
N GLY UA 319 29.96 4.82 21.08
CA GLY UA 319 30.29 6.05 20.38
C GLY UA 319 29.15 6.79 19.68
N VAL UA 320 27.88 6.49 20.01
CA VAL UA 320 26.76 7.14 19.33
C VAL UA 320 25.89 7.99 20.26
N GLY UA 321 26.43 8.36 21.41
CA GLY UA 321 25.73 9.18 22.38
C GLY UA 321 25.06 8.38 23.49
N ASP UA 322 24.92 9.01 24.65
CA ASP UA 322 24.35 8.40 25.86
C ASP UA 322 22.93 7.90 25.69
N ARG UA 323 22.21 8.47 24.74
CA ARG UA 323 20.84 8.10 24.48
C ARG UA 323 20.74 6.71 23.87
N PHE UA 324 21.76 6.28 23.13
CA PHE UA 324 21.71 4.99 22.45
C PHE UA 324 22.79 3.97 22.85
N ASN UA 325 23.88 4.40 23.47
CA ASN UA 325 24.97 3.48 23.81
C ASN UA 325 24.54 2.36 24.77
N GLY UA 326 25.16 1.18 24.60
CA GLY UA 326 24.88 0.02 25.46
C GLY UA 326 24.79 -1.30 24.71
N LYS UA 327 24.26 -2.32 25.38
CA LYS UA 327 24.13 -3.64 24.78
C LYS UA 327 22.82 -3.70 24.00
N VAL UA 328 22.85 -4.18 22.76
CA VAL UA 328 21.63 -4.26 21.95
C VAL UA 328 21.33 -5.69 21.48
N PHE UA 329 20.04 -6.01 21.46
CA PHE UA 329 19.54 -7.33 21.03
C PHE UA 329 19.22 -7.33 19.54
N ILE UA 330 19.83 -8.28 18.82
CA ILE UA 330 19.70 -8.38 17.37
C ILE UA 330 18.49 -9.20 16.95
N THR UA 331 17.65 -8.57 16.12
CA THR UA 331 16.41 -9.13 15.63
C THR UA 331 16.43 -9.45 14.14
N GLY UA 332 17.50 -9.06 13.44
CA GLY UA 332 17.58 -9.37 12.00
C GLY UA 332 18.96 -9.13 11.39
N VAL UA 333 19.28 -9.90 10.35
CA VAL UA 333 20.56 -9.81 9.64
C VAL UA 333 20.46 -9.85 8.09
N ASN UA 334 21.20 -8.97 7.43
CA ASN UA 334 21.32 -8.93 5.96
C ASN UA 334 22.77 -8.99 5.44
N HIS UA 335 23.12 -10.07 4.76
CA HIS UA 335 24.45 -10.30 4.21
C HIS UA 335 24.50 -9.94 2.74
N GLN UA 336 25.42 -9.06 2.37
CA GLN UA 336 25.54 -8.64 0.98
C GLN UA 336 26.95 -8.85 0.45
N ILE UA 337 27.10 -9.70 -0.56
CA ILE UA 337 28.42 -9.98 -1.09
C ILE UA 337 28.53 -9.62 -2.57
N SER UA 338 29.35 -8.62 -2.87
CA SER UA 338 29.52 -8.17 -4.24
C SER UA 338 30.69 -7.23 -4.45
N GLU UA 339 31.20 -7.19 -5.67
CA GLU UA 339 32.24 -6.26 -6.12
C GLU UA 339 33.42 -6.13 -5.18
N GLY UA 340 33.92 -7.26 -4.68
CA GLY UA 340 35.09 -7.25 -3.82
C GLY UA 340 34.87 -7.23 -2.31
N ASN UA 341 33.64 -7.12 -1.80
CA ASN UA 341 33.52 -7.12 -0.35
C ASN UA 341 32.25 -7.77 0.19
N TRP UA 342 32.34 -8.16 1.46
CA TRP UA 342 31.29 -8.75 2.26
C TRP UA 342 30.90 -7.87 3.43
N THR UA 343 29.69 -7.34 3.43
CA THR UA 343 29.22 -6.50 4.52
C THR UA 343 27.96 -7.05 5.13
N VAL UA 344 27.69 -6.71 6.37
CA VAL UA 344 26.47 -7.14 7.06
C VAL UA 344 25.71 -5.97 7.72
N ASP UA 345 24.39 -5.90 7.56
CA ASP UA 345 23.47 -4.96 8.19
C ASP UA 345 22.79 -5.63 9.37
N ALA UA 346 23.09 -5.19 10.58
CA ALA UA 346 22.49 -5.79 11.76
C ALA UA 346 21.33 -4.92 12.25
N GLN UA 347 20.20 -5.55 12.51
CA GLN UA 347 19.00 -4.87 13.00
C GLN UA 347 18.77 -5.13 14.46
N PHE UA 348 18.47 -4.08 15.21
CA PHE UA 348 18.18 -4.26 16.63
C PHE UA 348 16.84 -3.68 17.03
N GLY UA 349 16.27 -4.27 18.07
CA GLY UA 349 14.97 -3.86 18.62
C GLY UA 349 13.79 -4.55 17.91
N LEU UA 350 12.62 -4.61 18.56
CA LEU UA 350 11.43 -5.20 17.94
C LEU UA 350 10.40 -4.20 17.49
N ASN UA 351 9.58 -4.63 16.54
CA ASN UA 351 8.46 -3.85 16.05
C ASN UA 351 7.31 -4.21 17.01
N PRO UA 352 6.68 -3.20 17.63
CA PRO UA 352 5.61 -3.43 18.60
C PRO UA 352 4.32 -4.09 18.05
N GLU UA 353 4.14 -4.09 16.72
CA GLU UA 353 2.94 -4.66 16.09
C GLU UA 353 2.86 -6.17 16.16
N TRP UA 354 1.65 -6.69 16.34
CA TRP UA 354 1.44 -8.13 16.38
C TRP UA 354 1.10 -8.72 15.00
N PHE UA 355 1.36 -10.01 14.82
CA PHE UA 355 1.11 -10.70 13.55
C PHE UA 355 -0.33 -10.49 13.07
N SER UA 356 -1.28 -10.68 13.97
CA SER UA 356 -2.70 -10.54 13.69
C SER UA 356 -3.14 -9.13 13.31
N GLU UA 357 -2.31 -8.13 13.56
CA GLU UA 357 -2.63 -6.75 13.26
C GLU UA 357 -2.03 -6.31 11.94
N SER UA 358 -0.79 -6.72 11.66
CA SER UA 358 -0.10 -6.26 10.47
C SER UA 358 -0.15 -7.16 9.23
N GLU UA 359 -0.35 -8.46 9.38
CA GLU UA 359 -0.32 -9.31 8.19
C GLU UA 359 -1.67 -9.45 7.51
N SER UA 360 -1.66 -9.48 6.18
CA SER UA 360 -2.86 -9.64 5.39
C SER UA 360 -3.14 -11.08 4.98
N ASN UA 361 -4.39 -11.31 4.56
CA ASN UA 361 -4.90 -12.57 4.03
C ASN UA 361 -4.82 -13.78 4.97
N ILE UA 362 -4.92 -13.55 6.28
CA ILE UA 362 -4.90 -14.65 7.22
C ILE UA 362 -6.17 -15.46 7.03
N HIS UA 363 -7.29 -14.76 6.89
CA HIS UA 363 -8.59 -15.37 6.74
C HIS UA 363 -9.12 -15.32 5.31
N THR UA 364 -9.96 -16.29 4.99
CA THR UA 364 -10.71 -16.44 3.75
C THR UA 364 -11.71 -15.27 3.59
N PRO UA 365 -11.93 -14.70 2.38
CA PRO UA 365 -12.88 -13.66 2.08
C PRO UA 365 -14.32 -14.04 2.47
N PRO UA 366 -15.20 -13.08 2.79
CA PRO UA 366 -16.59 -13.25 3.18
C PRO UA 366 -17.38 -14.07 2.17
N ALA UA 367 -18.30 -14.90 2.67
CA ALA UA 367 -19.16 -15.78 1.88
C ALA UA 367 -18.34 -16.50 0.81
N ALA UA 368 -17.21 -17.05 1.24
CA ALA UA 368 -16.24 -17.83 0.47
C ALA UA 368 -15.69 -17.13 -0.77
N GLY UA 369 -15.92 -15.83 -0.90
CA GLY UA 369 -15.43 -15.09 -2.05
C GLY UA 369 -16.30 -15.30 -3.28
N LEU UA 370 -17.45 -15.97 -3.13
CA LEU UA 370 -18.30 -16.29 -4.27
C LEU UA 370 -19.45 -15.33 -4.53
N THR UA 371 -19.68 -14.41 -3.63
CA THR UA 371 -20.80 -13.50 -3.71
C THR UA 371 -20.61 -12.37 -2.75
N ALA UA 372 -21.32 -11.26 -2.95
CA ALA UA 372 -21.28 -10.22 -1.93
C ALA UA 372 -21.85 -10.77 -0.62
N ALA UA 373 -21.21 -10.46 0.49
CA ALA UA 373 -21.68 -10.93 1.79
C ALA UA 373 -22.62 -9.96 2.45
N ILE UA 374 -23.41 -10.47 3.39
CA ILE UA 374 -24.32 -9.65 4.18
C ILE UA 374 -24.01 -9.82 5.67
N SER UA 375 -23.60 -8.74 6.33
CA SER UA 375 -23.24 -8.84 7.74
C SER UA 375 -24.36 -8.49 8.71
N GLY UA 376 -24.22 -8.97 9.95
CA GLY UA 376 -25.15 -8.71 11.04
C GLY UA 376 -26.46 -9.46 10.89
N LEU UA 377 -27.48 -9.03 11.63
CA LEU UA 377 -28.79 -9.65 11.57
C LEU UA 377 -29.71 -8.69 10.88
N HIS UA 378 -30.71 -9.20 10.19
CA HIS UA 378 -31.66 -8.35 9.49
C HIS UA 378 -33.10 -8.70 9.75
N VAL UA 379 -33.97 -7.75 9.50
CA VAL UA 379 -35.40 -7.93 9.70
C VAL UA 379 -36.13 -8.19 8.40
N GLY UA 380 -37.00 -9.21 8.39
CA GLY UA 380 -37.80 -9.53 7.20
C GLY UA 380 -39.29 -9.79 7.46
N LEU UA 381 -40.05 -9.99 6.37
CA LEU UA 381 -41.49 -10.27 6.42
C LEU UA 381 -41.86 -11.59 5.77
N VAL UA 382 -42.78 -12.32 6.37
CA VAL UA 382 -43.20 -13.62 5.81
C VAL UA 382 -44.23 -13.54 4.69
N THR UA 383 -43.93 -14.17 3.54
CA THR UA 383 -44.86 -14.14 2.41
C THR UA 383 -45.44 -15.51 1.98
N ASP UA 384 -44.79 -16.62 2.34
CA ASP UA 384 -45.28 -17.95 1.89
C ASP UA 384 -44.84 -19.16 2.75
N LEU UA 385 -45.77 -19.90 3.32
CA LEU UA 385 -45.44 -21.03 4.19
C LEU UA 385 -45.39 -22.43 3.53
N GLU UA 386 -45.64 -22.55 2.23
CA GLU UA 386 -45.64 -23.86 1.58
C GLU UA 386 -44.45 -24.13 0.66
N ASP UA 387 -43.50 -24.91 1.15
CA ASP UA 387 -42.22 -25.19 0.50
C ASP UA 387 -42.29 -26.22 -0.63
N PRO UA 388 -42.08 -25.83 -1.90
CA PRO UA 388 -42.20 -26.65 -3.09
C PRO UA 388 -41.23 -27.82 -3.11
N ASP UA 389 -40.16 -27.79 -2.29
CA ASP UA 389 -39.23 -28.89 -2.34
C ASP UA 389 -39.13 -29.63 -1.01
N GLY UA 390 -40.15 -29.54 -0.16
CA GLY UA 390 -40.20 -30.34 1.06
C GLY UA 390 -39.11 -30.17 2.14
N GLU UA 391 -38.47 -29.01 2.31
CA GLU UA 391 -37.39 -28.89 3.32
C GLU UA 391 -37.83 -28.11 4.55
N ASP UA 392 -39.12 -27.86 4.62
CA ASP UA 392 -39.80 -27.08 5.65
C ASP UA 392 -39.30 -25.63 5.72
N ARG UA 393 -39.06 -25.01 4.57
CA ARG UA 393 -38.62 -23.63 4.51
C ARG UA 393 -39.80 -22.65 4.43
N ILE UA 394 -39.58 -21.39 4.74
CA ILE UA 394 -40.62 -20.37 4.59
C ILE UA 394 -40.04 -19.25 3.73
N LYS UA 395 -40.86 -18.60 2.91
CA LYS UA 395 -40.41 -17.51 2.06
C LYS UA 395 -40.55 -16.16 2.77
N VAL UA 396 -39.43 -15.42 2.82
CA VAL UA 396 -39.28 -14.13 3.51
C VAL UA 396 -38.68 -12.97 2.68
N LYS UA 397 -39.32 -11.78 2.73
CA LYS UA 397 -38.81 -10.57 2.08
C LYS UA 397 -37.87 -9.88 3.02
N ILE UA 398 -36.81 -9.29 2.48
CA ILE UA 398 -35.95 -8.48 3.30
C ILE UA 398 -36.00 -7.04 2.76
N PRO UA 399 -36.70 -6.10 3.42
CA PRO UA 399 -36.97 -4.73 3.02
C PRO UA 399 -35.76 -3.85 2.74
N ILE UA 400 -34.61 -4.19 3.29
CA ILE UA 400 -33.44 -3.36 3.03
C ILE UA 400 -32.81 -3.74 1.70
N ILE UA 401 -33.30 -4.81 1.09
CA ILE UA 401 -32.83 -5.26 -0.20
C ILE UA 401 -33.89 -4.89 -1.21
N ASN UA 402 -35.11 -5.34 -0.94
CA ASN UA 402 -36.26 -5.10 -1.80
C ASN UA 402 -37.54 -5.38 -1.03
N ASN UA 403 -38.43 -4.40 -0.92
CA ASN UA 403 -39.66 -4.60 -0.17
C ASN UA 403 -40.91 -4.86 -1.03
N GLU UA 404 -40.72 -5.16 -2.32
CA GLU UA 404 -41.85 -5.37 -3.24
C GLU UA 404 -41.98 -6.80 -3.80
N GLU UA 405 -40.89 -7.51 -4.01
CA GLU UA 405 -41.00 -8.82 -4.58
C GLU UA 405 -41.29 -9.88 -3.58
N GLU UA 406 -41.35 -11.11 -4.04
CA GLU UA 406 -41.72 -12.24 -3.19
C GLU UA 406 -40.78 -12.63 -2.05
N GLY UA 407 -39.47 -12.52 -2.25
CA GLY UA 407 -38.48 -12.93 -1.24
C GLY UA 407 -37.81 -14.28 -1.51
N VAL UA 408 -37.13 -14.82 -0.51
CA VAL UA 408 -36.35 -16.08 -0.65
C VAL UA 408 -36.74 -17.12 0.37
N TRP UA 409 -36.43 -18.40 0.10
CA TRP UA 409 -36.76 -19.47 1.06
C TRP UA 409 -35.72 -19.58 2.18
N CYS UA 410 -36.17 -19.51 3.43
CA CYS UA 410 -35.33 -19.55 4.62
C CYS UA 410 -35.63 -20.75 5.51
N ARG UA 411 -34.66 -21.22 6.26
CA ARG UA 411 -34.92 -22.31 7.20
C ARG UA 411 -35.41 -21.74 8.52
N GLN UA 412 -36.28 -22.46 9.24
CA GLN UA 412 -36.75 -21.94 10.52
C GLN UA 412 -36.20 -22.72 11.70
N ALA UA 413 -35.73 -22.00 12.71
CA ALA UA 413 -35.29 -22.62 13.95
C ALA UA 413 -36.47 -22.78 14.91
N PHE UA 414 -36.50 -23.89 15.63
CA PHE UA 414 -37.53 -24.15 16.63
C PHE UA 414 -36.85 -24.43 17.97
N PRO UA 415 -37.51 -24.15 19.12
CA PRO UA 415 -37.03 -24.45 20.47
C PRO UA 415 -36.84 -25.94 20.74
N ASP UA 416 -37.51 -26.77 19.96
CA ASP UA 416 -37.45 -28.21 20.05
C ASP UA 416 -37.84 -28.85 18.74
N ALA UA 417 -36.97 -29.67 18.18
CA ALA UA 417 -37.29 -30.35 16.93
C ALA UA 417 -36.51 -31.62 16.77
N GLY UA 418 -37.11 -32.58 16.10
CA GLY UA 418 -36.45 -33.84 15.79
C GLY UA 418 -37.31 -34.71 14.89
N ASN UA 419 -36.96 -35.98 14.79
CA ASN UA 419 -37.68 -36.82 13.86
C ASN UA 419 -39.06 -37.15 14.39
N GLU UA 420 -40.05 -36.47 13.80
CA GLU UA 420 -41.46 -36.51 14.16
C GLU UA 420 -41.75 -36.06 15.57
N ARG UA 421 -41.06 -35.02 16.00
CA ARG UA 421 -41.32 -34.46 17.33
C ARG UA 421 -40.93 -32.99 17.37
N GLY UA 422 -41.36 -32.30 18.42
CA GLY UA 422 -40.98 -30.91 18.59
C GLY UA 422 -42.14 -30.00 18.90
N ILE UA 423 -41.81 -28.72 19.07
CA ILE UA 423 -42.76 -27.68 19.38
C ILE UA 423 -42.92 -26.82 18.14
N THR UA 424 -44.09 -26.89 17.51
CA THR UA 424 -44.22 -26.18 16.26
C THR UA 424 -45.26 -25.11 16.21
N PHE UA 425 -44.79 -23.92 15.88
CA PHE UA 425 -45.55 -22.72 15.65
C PHE UA 425 -44.91 -22.10 14.42
N ARG UA 426 -45.71 -21.53 13.54
CA ARG UA 426 -45.19 -20.88 12.36
C ARG UA 426 -45.76 -19.48 12.33
N PRO UA 427 -45.07 -18.51 11.76
CA PRO UA 427 -45.52 -17.16 11.58
C PRO UA 427 -46.65 -17.10 10.59
N GLU UA 428 -47.49 -16.10 10.73
CA GLU UA 428 -48.56 -15.83 9.82
C GLU UA 428 -48.04 -15.01 8.66
N ILE UA 429 -48.78 -14.99 7.59
CA ILE UA 429 -48.38 -14.20 6.46
C ILE UA 429 -48.41 -12.75 6.94
N GLU UA 430 -47.34 -12.02 6.60
CA GLU UA 430 -47.00 -10.64 6.95
C GLU UA 430 -46.49 -10.41 8.38
N ASP UA 431 -46.16 -11.47 9.12
CA ASP UA 431 -45.49 -11.30 10.40
C ASP UA 431 -44.05 -10.84 10.21
N GLU UA 432 -43.53 -10.12 11.19
CA GLU UA 432 -42.15 -9.64 11.22
C GLU UA 432 -41.22 -10.57 11.97
N VAL UA 433 -40.12 -10.94 11.31
CA VAL UA 433 -39.13 -11.86 11.89
C VAL UA 433 -37.68 -11.39 11.83
N ILE UA 434 -36.85 -11.95 12.72
CA ILE UA 434 -35.42 -11.67 12.73
C ILE UA 434 -34.66 -12.82 12.04
N VAL UA 435 -33.79 -12.45 11.08
CA VAL UA 435 -33.05 -13.37 10.22
C VAL UA 435 -31.50 -13.32 10.27
N GLY UA 436 -30.88 -14.49 10.45
CA GLY UA 436 -29.41 -14.63 10.43
C GLY UA 436 -28.96 -15.26 9.11
N PHE UA 437 -27.64 -15.30 8.84
CA PHE UA 437 -27.14 -15.87 7.57
C PHE UA 437 -25.93 -16.78 7.73
N ILE UA 438 -26.00 -17.99 7.19
CA ILE UA 438 -24.89 -18.91 7.35
C ILE UA 438 -23.76 -18.49 6.45
N ASN UA 439 -22.59 -18.32 7.05
CA ASN UA 439 -21.36 -17.92 6.40
C ASN UA 439 -21.51 -16.59 5.68
N GLU UA 440 -22.43 -15.76 6.17
CA GLU UA 440 -22.76 -14.44 5.65
C GLU UA 440 -23.22 -14.46 4.19
N ASP UA 441 -23.71 -15.59 3.72
CA ASP UA 441 -24.23 -15.73 2.38
C ASP UA 441 -25.73 -15.36 2.35
N PRO UA 442 -26.16 -14.36 1.57
CA PRO UA 442 -27.54 -13.90 1.45
C PRO UA 442 -28.54 -14.99 1.09
N ASN UA 443 -28.09 -16.18 0.65
CA ASN UA 443 -29.05 -17.20 0.29
C ASN UA 443 -28.93 -18.44 1.17
N ASP UA 444 -28.51 -18.24 2.42
CA ASP UA 444 -28.46 -19.28 3.44
C ASP UA 444 -29.09 -18.76 4.72
N ALA UA 445 -30.12 -17.95 4.53
CA ALA UA 445 -30.86 -17.31 5.61
C ALA UA 445 -31.59 -18.28 6.52
N VAL UA 446 -31.60 -17.94 7.83
CA VAL UA 446 -32.30 -18.68 8.86
C VAL UA 446 -33.17 -17.77 9.74
N VAL UA 447 -34.41 -18.16 9.96
CA VAL UA 447 -35.31 -17.41 10.82
C VAL UA 447 -35.06 -17.83 12.27
N LEU UA 448 -34.77 -16.85 13.11
CA LEU UA 448 -34.43 -17.12 14.50
C LEU UA 448 -35.54 -16.83 15.49
N GLY UA 449 -36.52 -16.03 15.10
CA GLY UA 449 -37.59 -15.67 16.02
C GLY UA 449 -38.51 -14.61 15.44
N MET UA 450 -39.61 -14.37 16.16
CA MET UA 450 -40.64 -13.40 15.79
C MET UA 450 -40.56 -12.16 16.65
N LEU UA 451 -40.95 -11.01 16.10
CA LEU UA 451 -40.90 -9.74 16.83
C LEU UA 451 -42.27 -9.08 17.10
N HIS UA 452 -42.35 -8.31 18.20
CA HIS UA 452 -43.53 -7.47 18.51
C HIS UA 452 -43.21 -6.00 18.30
N SER UA 453 -44.24 -5.21 18.11
CA SER UA 453 -44.10 -3.75 17.96
C SER UA 453 -45.43 -3.11 18.25
N SER UA 454 -45.50 -1.79 18.22
CA SER UA 454 -46.76 -1.11 18.44
C SER UA 454 -47.82 -1.43 17.38
N ALA UA 455 -47.39 -1.93 16.22
CA ALA UA 455 -48.31 -2.31 15.15
C ALA UA 455 -48.86 -3.70 15.36
N ASN UA 456 -48.24 -4.45 16.27
CA ASN UA 456 -48.52 -5.83 16.60
C ASN UA 456 -48.28 -6.04 18.09
N PRO UA 457 -49.14 -5.52 18.98
CA PRO UA 457 -48.98 -5.48 20.42
C PRO UA 457 -48.89 -6.83 21.08
N ASN UA 458 -48.15 -6.88 22.18
CA ASN UA 458 -47.98 -8.05 23.02
C ASN UA 458 -49.22 -8.21 23.90
N PRO UA 459 -49.96 -9.34 23.88
CA PRO UA 459 -51.18 -9.55 24.63
C PRO UA 459 -51.02 -9.45 26.16
N ILE UA 460 -49.81 -9.61 26.69
CA ILE UA 460 -49.62 -9.50 28.13
C ILE UA 460 -48.86 -8.23 28.48
N GLU UA 461 -49.52 -7.33 29.19
CA GLU UA 461 -48.96 -6.03 29.55
C GLU UA 461 -47.68 -6.13 30.38
N ALA UA 462 -46.66 -5.38 29.98
CA ALA UA 462 -45.37 -5.35 30.67
C ALA UA 462 -45.45 -4.76 32.07
N SER UA 463 -44.66 -5.34 32.97
CA SER UA 463 -44.54 -4.89 34.35
C SER UA 463 -43.27 -5.40 34.98
N ASN UA 464 -42.64 -4.60 35.82
CA ASN UA 464 -41.42 -5.01 36.52
C ASN UA 464 -41.67 -6.05 37.60
N ASP UA 465 -42.94 -6.36 37.86
CA ASP UA 465 -43.28 -7.38 38.82
C ASP UA 465 -43.27 -8.74 38.12
N ASN UA 466 -43.53 -8.74 36.80
CA ASN UA 466 -43.53 -9.92 35.96
C ASN UA 466 -44.38 -11.10 36.49
N HIS UA 467 -45.59 -10.81 36.93
CA HIS UA 467 -46.50 -11.82 37.48
C HIS UA 467 -47.23 -12.71 36.49
N GLU UA 468 -47.49 -12.23 35.27
CA GLU UA 468 -48.28 -13.00 34.31
C GLU UA 468 -47.49 -13.51 33.10
N LYS UA 469 -47.61 -14.82 32.83
CA LYS UA 469 -46.97 -15.50 31.71
C LYS UA 469 -47.90 -16.46 30.99
N GLY UA 470 -47.69 -16.73 29.71
CA GLY UA 470 -48.53 -17.75 29.10
C GLY UA 470 -48.59 -17.76 27.58
N ILE UA 471 -49.55 -18.53 27.10
CA ILE UA 471 -49.82 -18.78 25.68
C ILE UA 471 -51.20 -18.29 25.28
N GLN UA 472 -51.27 -17.56 24.18
CA GLN UA 472 -52.55 -17.12 23.63
C GLN UA 472 -52.53 -17.28 22.14
N THR UA 473 -53.45 -18.02 21.55
CA THR UA 473 -53.47 -18.22 20.10
C THR UA 473 -54.32 -17.23 19.32
N ARG UA 474 -54.41 -17.46 18.02
CA ARG UA 474 -55.16 -16.63 17.06
C ARG UA 474 -56.66 -16.60 17.30
N SER UA 475 -57.22 -17.74 17.64
CA SER UA 475 -58.64 -17.90 17.88
C SER UA 475 -59.08 -17.49 19.28
N GLY UA 476 -58.14 -17.15 20.16
CA GLY UA 476 -58.47 -16.80 21.53
C GLY UA 476 -58.33 -17.90 22.59
N ILE UA 477 -57.72 -19.04 22.28
CA ILE UA 477 -57.55 -20.06 23.32
C ILE UA 477 -56.37 -19.67 24.17
N LYS UA 478 -56.56 -19.64 25.48
CA LYS UA 478 -55.53 -19.24 26.41
C LYS UA 478 -55.07 -20.31 27.38
N MET UA 479 -53.84 -20.15 27.81
CA MET UA 479 -53.28 -20.91 28.94
C MET UA 479 -52.37 -19.96 29.69
N ILE UA 480 -52.83 -19.55 30.87
CA ILE UA 480 -52.14 -18.51 31.62
C ILE UA 480 -51.69 -18.92 33.00
N PHE UA 481 -50.47 -18.56 33.31
CA PHE UA 481 -49.84 -18.80 34.60
C PHE UA 481 -49.70 -17.51 35.40
N ASN UA 482 -50.39 -17.44 36.53
CA ASN UA 482 -50.31 -16.28 37.42
C ASN UA 482 -49.44 -16.59 38.63
N ASP UA 483 -48.24 -16.01 38.72
CA ASP UA 483 -47.39 -16.37 39.84
C ASP UA 483 -47.83 -15.77 41.15
N GLU UA 484 -48.32 -14.53 41.13
CA GLU UA 484 -48.69 -13.84 42.35
C GLU UA 484 -49.69 -14.63 43.19
N LYS UA 485 -50.66 -15.22 42.52
CA LYS UA 485 -51.71 -15.99 43.15
C LYS UA 485 -51.60 -17.50 42.98
N SER UA 486 -50.52 -17.99 42.38
CA SER UA 486 -50.40 -19.42 42.09
C SER UA 486 -51.61 -20.03 41.37
N ILE UA 487 -52.01 -19.40 40.25
CA ILE UA 487 -53.18 -19.86 39.48
C ILE UA 487 -52.90 -20.29 38.05
N LEU UA 488 -53.35 -21.50 37.70
CA LEU UA 488 -53.25 -21.95 36.32
C LEU UA 488 -54.61 -22.06 35.68
N GLN UA 489 -54.82 -21.30 34.62
CA GLN UA 489 -56.11 -21.31 33.97
C GLN UA 489 -56.09 -21.58 32.48
N ILE UA 490 -56.86 -22.58 32.07
CA ILE UA 490 -57.00 -22.98 30.67
C ILE UA 490 -58.40 -22.64 30.20
N GLU UA 491 -58.51 -21.85 29.14
CA GLU UA 491 -59.83 -21.38 28.71
C GLU UA 491 -60.02 -21.15 27.22
N THR UA 492 -61.16 -21.59 26.68
CA THR UA 492 -61.46 -21.36 25.27
C THR UA 492 -62.38 -20.11 25.14
N PRO UA 493 -62.55 -19.54 23.93
CA PRO UA 493 -63.33 -18.35 23.61
C PRO UA 493 -64.81 -18.35 23.97
N THR UA 494 -65.44 -19.51 24.18
CA THR UA 494 -66.85 -19.44 24.49
C THR UA 494 -67.17 -20.07 25.83
N GLY UA 495 -66.28 -19.90 26.79
CA GLY UA 495 -66.55 -20.30 28.17
C GLY UA 495 -66.18 -21.71 28.64
N ASN UA 496 -65.50 -22.53 27.87
CA ASN UA 496 -65.14 -23.84 28.42
C ASN UA 496 -63.81 -23.70 29.15
N LEU UA 497 -63.81 -23.91 30.47
CA LEU UA 497 -62.56 -23.71 31.21
C LEU UA 497 -62.26 -24.68 32.35
N VAL UA 498 -60.97 -24.82 32.63
CA VAL UA 498 -60.46 -25.56 33.79
C VAL UA 498 -59.51 -24.69 34.62
N THR UA 499 -59.81 -24.53 35.90
CA THR UA 499 -58.96 -23.68 36.74
C THR UA 499 -58.42 -24.34 38.01
N LEU UA 500 -57.11 -24.20 38.22
CA LEU UA 500 -56.44 -24.68 39.43
C LEU UA 500 -56.02 -23.47 40.28
N ASP UA 501 -56.70 -23.22 41.41
CA ASP UA 501 -56.46 -21.98 42.15
C ASP UA 501 -56.03 -22.10 43.63
N ASP UA 502 -54.75 -21.85 43.93
CA ASP UA 502 -54.27 -22.00 45.30
C ASP UA 502 -54.70 -20.86 46.22
N ASP UA 503 -55.30 -19.81 45.66
CA ASP UA 503 -55.75 -18.68 46.47
C ASP UA 503 -57.20 -18.93 46.88
N ALA UA 504 -57.77 -20.06 46.45
CA ALA UA 504 -59.12 -20.43 46.78
C ALA UA 504 -59.06 -21.79 47.42
N GLY UA 505 -58.03 -22.55 47.05
CA GLY UA 505 -57.90 -23.92 47.50
C GLY UA 505 -58.87 -24.81 46.75
N SER UA 506 -59.06 -24.52 45.46
CA SER UA 506 -60.04 -25.28 44.70
C SER UA 506 -59.74 -25.56 43.24
N ILE UA 507 -60.47 -26.55 42.72
CA ILE UA 507 -60.45 -26.94 41.32
C ILE UA 507 -61.83 -26.82 40.70
N THR UA 508 -61.90 -26.04 39.62
CA THR UA 508 -63.18 -25.86 38.92
C THR UA 508 -63.16 -26.26 37.46
N ILE UA 509 -64.16 -27.04 37.08
CA ILE UA 509 -64.36 -27.42 35.68
C ILE UA 509 -65.74 -26.92 35.27
N GLU UA 510 -65.80 -26.11 34.21
CA GLU UA 510 -67.08 -25.52 33.81
C GLU UA 510 -67.26 -25.42 32.31
N ASP UA 511 -68.45 -25.74 31.79
CA ASP UA 511 -68.63 -25.58 30.35
C ASP UA 511 -69.51 -24.37 29.98
N GLN UA 512 -69.66 -24.20 28.68
CA GLN UA 512 -70.44 -23.13 28.10
C GLN UA 512 -71.95 -23.30 28.20
N ASN UA 513 -72.41 -24.46 28.66
CA ASN UA 513 -73.82 -24.75 28.71
C ASN UA 513 -74.35 -24.64 30.12
N GLY UA 514 -73.52 -24.20 31.06
CA GLY UA 514 -73.95 -24.08 32.43
C GLY UA 514 -73.71 -25.32 33.30
N ASN UA 515 -72.95 -26.30 32.84
CA ASN UA 515 -72.68 -27.47 33.66
C ASN UA 515 -71.44 -27.16 34.48
N LYS UA 516 -71.41 -27.55 35.74
CA LYS UA 516 -70.23 -27.22 36.55
C LYS UA 516 -69.89 -28.21 37.66
N THR UA 517 -68.58 -28.47 37.82
CA THR UA 517 -68.07 -29.32 38.90
C THR UA 517 -67.01 -28.60 39.73
N VAL UA 518 -67.20 -28.56 41.04
CA VAL UA 518 -66.23 -27.88 41.91
C VAL UA 518 -65.76 -28.69 43.09
N MET UA 519 -64.44 -28.76 43.26
CA MET UA 519 -63.88 -29.40 44.45
C MET UA 519 -63.24 -28.34 45.33
N ASP UA 520 -63.74 -28.18 46.55
CA ASP UA 520 -63.19 -27.15 47.44
C ASP UA 520 -63.30 -27.54 48.92
N SER UA 521 -63.18 -26.57 49.82
CA SER UA 521 -63.20 -26.82 51.25
C SER UA 521 -64.54 -27.34 51.79
N ASP UA 522 -65.62 -27.20 51.02
CA ASP UA 522 -66.93 -27.69 51.43
C ASP UA 522 -67.26 -29.04 50.81
N GLY UA 523 -66.29 -29.69 50.17
CA GLY UA 523 -66.52 -30.96 49.54
C GLY UA 523 -66.75 -30.84 48.04
N ILE UA 524 -67.46 -31.80 47.46
CA ILE UA 524 -67.59 -31.84 46.02
C ILE UA 524 -69.00 -31.52 45.57
N THR UA 525 -69.12 -30.50 44.72
CA THR UA 525 -70.40 -30.09 44.20
C THR UA 525 -70.52 -30.30 42.70
N MET UA 526 -71.62 -30.91 42.27
CA MET UA 526 -71.89 -31.06 40.85
C MET UA 526 -73.26 -30.53 40.52
N GLU UA 527 -73.34 -29.74 39.46
CA GLU UA 527 -74.61 -29.21 39.02
C GLU UA 527 -74.78 -29.40 37.53
N SER UA 528 -76.00 -29.72 37.13
CA SER UA 528 -76.28 -29.89 35.72
C SER UA 528 -77.31 -28.94 35.24
N ALA UA 529 -77.03 -28.41 34.06
CA ALA UA 529 -77.89 -27.50 33.33
C ALA UA 529 -79.21 -28.17 32.93
N LYS UA 530 -79.19 -29.48 32.66
CA LYS UA 530 -80.39 -30.16 32.22
C LYS UA 530 -80.69 -31.46 32.96
N ASP UA 531 -79.78 -32.44 32.89
CA ASP UA 531 -80.04 -33.75 33.49
C ASP UA 531 -78.75 -34.42 33.97
N MET UA 532 -78.84 -35.60 34.56
CA MET UA 532 -77.65 -36.29 35.03
C MET UA 532 -77.83 -37.80 35.00
N ASN UA 533 -76.88 -38.49 34.37
CA ASN UA 533 -76.97 -39.93 34.22
C ASN UA 533 -75.77 -40.67 34.74
N LEU UA 534 -75.98 -41.47 35.77
CA LEU UA 534 -74.91 -42.24 36.37
C LEU UA 534 -75.14 -43.70 36.06
N LYS UA 535 -74.18 -44.33 35.41
CA LYS UA 535 -74.32 -45.71 35.01
C LYS UA 535 -73.07 -46.52 35.29
N ALA UA 536 -73.24 -47.82 35.54
CA ALA UA 536 -72.12 -48.71 35.75
C ALA UA 536 -72.47 -50.08 35.25
N SER UA 537 -71.46 -50.84 34.83
CA SER UA 537 -71.66 -52.23 34.43
C SER UA 537 -71.64 -53.17 35.62
N GLY UA 538 -71.19 -52.64 36.75
CA GLY UA 538 -71.08 -53.34 38.01
C GLY UA 538 -72.00 -52.70 39.03
N ASP UA 539 -71.56 -52.71 40.28
CA ASP UA 539 -72.34 -52.19 41.39
C ASP UA 539 -72.16 -50.70 41.58
N ILE UA 540 -73.17 -50.06 42.18
CA ILE UA 540 -73.08 -48.67 42.60
C ILE UA 540 -73.21 -48.59 44.11
N ASN UA 541 -72.19 -48.04 44.76
CA ASN UA 541 -72.15 -47.99 46.21
C ASN UA 541 -72.07 -46.59 46.76
N LEU UA 542 -73.10 -46.16 47.49
CA LEU UA 542 -73.09 -44.82 48.07
C LEU UA 542 -72.94 -44.92 49.57
N GLU UA 543 -72.11 -44.09 50.16
CA GLU UA 543 -71.90 -44.06 51.60
C GLU UA 543 -71.82 -42.64 52.14
N GLY UA 544 -72.19 -42.47 53.39
CA GLY UA 544 -72.07 -41.18 54.06
C GLY UA 544 -72.78 -41.24 55.39
N THR UA 545 -72.61 -40.21 56.21
CA THR UA 545 -73.25 -40.14 57.52
C THR UA 545 -74.77 -40.03 57.40
N ASN UA 546 -75.21 -39.17 56.49
CA ASN UA 546 -76.61 -38.89 56.24
C ASN UA 546 -76.89 -38.85 54.76
N VAL UA 547 -77.77 -39.70 54.29
CA VAL UA 547 -78.09 -39.70 52.87
C VAL UA 547 -79.50 -39.16 52.67
N ASN UA 548 -79.60 -38.06 51.93
CA ASN UA 548 -80.86 -37.37 51.70
C ASN UA 548 -81.24 -37.27 50.24
N ILE UA 549 -82.33 -37.93 49.87
CA ILE UA 549 -82.80 -37.93 48.50
C ILE UA 549 -84.10 -37.20 48.37
N LYS UA 550 -84.16 -36.24 47.47
CA LYS UA 550 -85.38 -35.48 47.25
C LYS UA 550 -85.71 -35.38 45.79
N ALA UA 551 -87.00 -35.32 45.50
CA ALA UA 551 -87.50 -35.13 44.15
C ALA UA 551 -88.63 -34.17 44.21
N ASN UA 552 -88.79 -33.33 43.20
CA ASN UA 552 -89.89 -32.38 43.23
C ASN UA 552 -91.12 -32.93 42.53
N ALA UA 553 -91.03 -34.12 41.97
CA ALA UA 553 -92.18 -34.71 41.34
C ALA UA 553 -92.40 -36.15 41.76
N GLU UA 554 -91.43 -37.01 41.49
CA GLU UA 554 -91.56 -38.44 41.77
C GLU UA 554 -90.27 -39.08 42.20
N PHE UA 555 -90.40 -40.15 42.98
CA PHE UA 555 -89.28 -40.97 43.38
C PHE UA 555 -89.62 -42.42 43.15
N LYS UA 556 -88.71 -43.13 42.50
CA LYS UA 556 -88.90 -44.53 42.22
C LYS UA 556 -87.63 -45.32 42.47
N ALA UA 557 -87.80 -46.57 42.84
CA ALA UA 557 -86.68 -47.47 43.02
C ALA UA 557 -87.14 -48.86 42.67
N GLU UA 558 -86.31 -49.60 41.95
CA GLU UA 558 -86.65 -50.94 41.52
C GLU UA 558 -85.50 -51.91 41.64
N GLY UA 559 -85.83 -53.19 41.72
CA GLY UA 559 -84.83 -54.23 41.66
C GLY UA 559 -85.47 -55.49 41.12
N SER UA 560 -84.84 -56.08 40.11
CA SER UA 560 -85.35 -57.27 39.45
C SER UA 560 -85.25 -58.53 40.30
N ALA UA 561 -84.46 -58.46 41.35
CA ALA UA 561 -84.28 -59.58 42.25
C ALA UA 561 -84.63 -59.17 43.67
N GLY UA 562 -85.47 -58.16 43.82
CA GLY UA 562 -85.88 -57.73 45.14
C GLY UA 562 -85.29 -56.40 45.57
N ALA UA 563 -85.85 -55.88 46.65
CA ALA UA 563 -85.46 -54.60 47.20
C ALA UA 563 -85.66 -54.66 48.70
N GLU UA 564 -84.89 -53.84 49.42
CA GLU UA 564 -84.99 -53.82 50.87
C GLU UA 564 -84.70 -52.47 51.48
N VAL UA 565 -85.49 -52.12 52.48
CA VAL UA 565 -85.28 -50.93 53.28
C VAL UA 565 -85.20 -51.37 54.72
N SER UA 566 -84.13 -51.03 55.40
CA SER UA 566 -83.98 -51.48 56.77
C SER UA 566 -83.22 -50.49 57.62
N THR UA 567 -83.37 -50.65 58.92
CA THR UA 567 -82.74 -49.84 59.93
C THR UA 567 -82.75 -50.53 61.26
N SER UA 568 -81.82 -50.15 62.11
CA SER UA 568 -81.79 -50.66 63.47
C SER UA 568 -82.74 -49.92 64.41
N ALA UA 569 -83.28 -48.76 63.99
CA ALA UA 569 -84.15 -48.03 64.90
C ALA UA 569 -85.63 -48.03 64.53
N VAL UA 570 -86.06 -47.11 63.63
CA VAL UA 570 -87.46 -47.04 63.25
C VAL UA 570 -87.66 -46.87 61.76
N ALA UA 571 -88.45 -47.72 61.14
CA ALA UA 571 -88.75 -47.56 59.72
C ALA UA 571 -90.04 -46.78 59.59
N VAL UA 572 -90.11 -45.85 58.64
CA VAL UA 572 -91.30 -45.05 58.45
C VAL UA 572 -91.81 -45.00 57.01
N LEU UA 573 -93.09 -45.28 56.82
CA LEU UA 573 -93.73 -45.20 55.51
C LEU UA 573 -94.96 -44.30 55.59
N LYS UA 574 -94.92 -43.16 54.92
CA LYS UA 574 -96.06 -42.26 54.94
C LYS UA 574 -96.40 -41.59 53.62
N GLY UA 575 -97.65 -41.25 53.49
CA GLY UA 575 -98.24 -40.68 52.29
C GLY UA 575 -99.68 -40.39 52.58
N SER UA 576 -100.38 -39.73 51.65
CA SER UA 576 -101.81 -39.43 51.85
C SER UA 576 -102.66 -40.68 51.67
N LEU UA 577 -102.03 -41.68 51.07
CA LEU UA 577 -102.57 -42.99 50.80
C LEU UA 577 -101.43 -43.96 50.64
N VAL UA 578 -101.46 -45.05 51.38
CA VAL UA 578 -100.43 -46.06 51.26
C VAL UA 578 -101.04 -47.36 50.77
N GLN UA 579 -100.50 -47.88 49.69
CA GLN UA 579 -100.98 -49.13 49.14
C GLN UA 579 -99.90 -50.19 49.18
N ILE UA 580 -100.28 -51.40 49.52
CA ILE UA 580 -99.37 -52.53 49.55
C ILE UA 580 -99.92 -53.63 48.68
N ASN UA 581 -99.16 -54.08 47.70
CA ASN UA 581 -99.62 -55.10 46.77
C ASN UA 581 -101.09 -54.91 46.44
N ASN VA 2 -6.18 43.28 -3.96
CA ASN VA 2 -4.78 43.54 -4.24
C ASN VA 2 -4.44 43.20 -5.69
N ASN VA 3 -4.25 44.23 -6.51
CA ASN VA 3 -3.90 44.10 -7.92
C ASN VA 3 -2.46 44.47 -8.21
N SER VA 4 -1.67 44.59 -7.18
CA SER VA 4 -0.29 45.06 -7.29
C SER VA 4 0.66 44.20 -8.09
N GLY VA 5 0.31 42.95 -8.33
CA GLY VA 5 1.17 42.03 -9.05
C GLY VA 5 2.18 41.32 -8.16
N THR VA 6 2.11 41.56 -6.86
CA THR VA 6 3.02 40.92 -5.95
C THR VA 6 2.32 40.42 -4.71
N ILE VA 7 3.10 39.87 -3.80
CA ILE VA 7 2.61 39.37 -2.52
C ILE VA 7 3.02 40.32 -1.44
N GLU VA 8 2.05 40.77 -0.68
CA GLU VA 8 2.32 41.75 0.34
C GLU VA 8 2.93 41.19 1.60
N THR VA 9 4.10 41.71 1.93
CA THR VA 9 4.86 41.34 3.11
C THR VA 9 5.16 42.65 3.82
N SER VA 10 5.53 42.58 5.08
CA SER VA 10 5.86 43.80 5.83
C SER VA 10 7.23 44.37 5.54
N GLN VA 11 8.15 43.52 5.14
CA GLN VA 11 9.52 43.91 4.85
C GLN VA 11 9.96 43.33 3.52
N SER VA 12 11.17 43.66 3.12
CA SER VA 12 11.79 43.08 1.94
C SER VA 12 11.97 41.61 2.15
N VAL VA 13 11.99 40.81 1.10
CA VAL VA 13 12.14 39.38 1.29
C VAL VA 13 13.60 38.92 1.17
N ASP VA 14 14.51 39.88 1.23
CA ASP VA 14 15.96 39.66 1.18
C ASP VA 14 16.52 38.80 2.33
N ARG VA 15 15.95 38.87 3.54
CA ARG VA 15 16.49 38.10 4.64
C ARG VA 15 15.43 37.43 5.49
N VAL VA 16 15.47 36.10 5.50
CA VAL VA 16 14.54 35.30 6.27
C VAL VA 16 15.14 34.98 7.63
N THR VA 17 14.38 35.21 8.69
CA THR VA 17 14.80 34.96 10.05
C THR VA 17 13.82 34.03 10.77
N HIS VA 18 14.26 33.41 11.86
CA HIS VA 18 13.38 32.56 12.66
C HIS VA 18 13.87 32.42 14.08
N LYS VA 19 12.98 31.92 14.95
CA LYS VA 19 13.34 31.61 16.33
C LYS VA 19 12.73 30.31 16.77
N ILE VA 20 13.47 29.59 17.60
CA ILE VA 20 12.98 28.37 18.19
C ILE VA 20 13.01 28.50 19.69
N LEU VA 21 11.84 28.36 20.29
CA LEU VA 21 11.72 28.52 21.73
C LEU VA 21 11.33 27.21 22.37
N ILE VA 22 12.04 26.85 23.42
CA ILE VA 22 11.71 25.64 24.15
C ILE VA 22 11.48 25.96 25.60
N ASP VA 23 10.30 25.57 26.08
CA ASP VA 23 9.85 25.84 27.45
C ASP VA 23 10.00 27.32 27.81
N GLY VA 24 9.67 28.19 26.87
CA GLY VA 24 9.73 29.63 27.08
C GLY VA 24 10.99 30.38 26.62
N SER VA 25 12.07 29.71 26.21
CA SER VA 25 13.24 30.52 25.79
C SER VA 25 14.03 29.97 24.60
N GLU VA 26 14.75 30.87 23.97
CA GLU VA 26 15.52 30.56 22.78
C GLU VA 26 16.67 29.57 22.92
N ILE VA 27 16.79 28.62 22.00
CA ILE VA 27 17.86 27.64 21.96
C ILE VA 27 19.14 28.45 21.68
N PRO VA 28 20.29 28.14 22.27
CA PRO VA 28 21.52 28.88 22.11
C PRO VA 28 22.00 28.95 20.68
N GLY VA 29 22.50 30.12 20.29
CA GLY VA 29 23.01 30.41 18.95
C GLY VA 29 24.33 29.74 18.57
N THR VA 30 24.42 28.43 18.81
CA THR VA 30 25.59 27.67 18.46
C THR VA 30 25.05 26.51 17.70
N TYR VA 31 23.74 26.32 17.83
CA TYR VA 31 23.09 25.20 17.17
C TYR VA 31 22.76 25.65 15.76
N GLN VA 32 23.08 24.83 14.78
CA GLN VA 32 22.75 25.20 13.41
C GLN VA 32 21.59 24.42 12.89
N VAL VA 33 20.54 25.14 12.54
CA VAL VA 33 19.32 24.55 12.05
C VAL VA 33 19.34 24.67 10.55
N LYS VA 34 19.38 23.53 9.91
CA LYS VA 34 19.51 23.36 8.48
C LYS VA 34 18.17 23.54 7.79
N SER VA 35 17.12 23.01 8.39
CA SER VA 35 15.81 23.06 7.74
C SER VA 35 14.61 22.98 8.69
N ILE VA 36 13.54 23.73 8.36
CA ILE VA 36 12.28 23.72 9.13
C ILE VA 36 11.05 23.42 8.27
N GLN VA 37 10.22 22.47 8.71
CA GLN VA 37 8.97 22.15 8.01
C GLN VA 37 7.76 22.16 8.94
N VAL VA 38 6.67 22.81 8.54
CA VAL VA 38 5.42 22.81 9.31
C VAL VA 38 4.21 22.48 8.44
N THR VA 39 3.37 21.54 8.90
CA THR VA 39 2.14 21.21 8.16
C THR VA 39 0.86 21.24 9.00
N LYS VA 40 -0.22 21.67 8.33
CA LYS VA 40 -1.57 21.71 8.90
C LYS VA 40 -2.60 21.28 7.85
N GLU VA 41 -3.61 20.53 8.26
CA GLU VA 41 -4.63 20.10 7.32
C GLU VA 41 -5.95 19.78 7.99
N VAL VA 42 -7.05 19.97 7.26
CA VAL VA 42 -8.38 19.67 7.76
C VAL VA 42 -8.49 18.19 8.15
N ASN VA 43 -9.03 17.94 9.34
CA ASN VA 43 -9.23 16.65 9.97
C ASN VA 43 -7.97 15.84 10.29
N ARG VA 44 -6.83 16.51 10.49
CA ARG VA 44 -5.59 15.84 10.88
C ARG VA 44 -4.93 16.60 12.02
N ILE VA 45 -4.02 15.95 12.75
CA ILE VA 45 -3.29 16.64 13.81
C ILE VA 45 -2.00 17.29 13.27
N PRO VA 46 -1.80 18.62 13.46
CA PRO VA 46 -0.65 19.40 13.01
C PRO VA 46 0.69 18.89 13.51
N THR VA 47 1.70 19.04 12.67
CA THR VA 47 3.07 18.62 12.97
C THR VA 47 4.18 19.50 12.45
N ALA VA 48 5.38 19.29 12.97
CA ALA VA 48 6.56 20.02 12.53
C ALA VA 48 7.86 19.21 12.64
N ARG VA 49 8.85 19.57 11.81
CA ARG VA 49 10.17 18.93 11.85
C ARG VA 49 11.33 19.90 11.81
N LEU VA 50 12.36 19.61 12.62
CA LEU VA 50 13.59 20.41 12.61
C LEU VA 50 14.79 19.55 12.25
N VAL VA 51 15.65 20.06 11.37
CA VAL VA 51 16.90 19.36 11.05
C VAL VA 51 18.07 20.17 11.57
N ILE VA 52 18.83 19.56 12.48
CA ILE VA 52 19.95 20.15 13.20
C ILE VA 52 21.27 19.44 12.87
N LEU VA 53 22.32 20.18 12.55
CA LEU VA 53 23.58 19.52 12.22
C LEU VA 53 24.25 19.04 13.49
N ASP VA 54 24.74 17.78 13.53
CA ASP VA 54 25.39 17.29 14.75
C ASP VA 54 26.20 16.03 14.55
N GLY VA 55 27.09 15.77 15.50
CA GLY VA 55 27.90 14.56 15.55
C GLY VA 55 29.32 14.78 15.06
N ASP VA 56 30.29 14.21 15.78
CA ASP VA 56 31.68 14.35 15.40
C ASP VA 56 32.49 13.08 15.66
N ALA VA 57 32.92 12.45 14.57
CA ALA VA 57 33.64 11.18 14.57
C ALA VA 57 34.96 11.25 15.31
N ALA VA 58 35.52 12.45 15.42
CA ALA VA 58 36.79 12.63 16.10
C ALA VA 58 36.62 12.72 17.61
N GLU VA 59 35.37 12.84 18.09
CA GLU VA 59 35.10 12.94 19.51
C GLU VA 59 34.35 11.71 19.96
N ARG VA 60 33.70 11.09 19.00
CA ARG VA 60 32.90 9.97 19.34
C ARG VA 60 31.63 10.39 20.07
N ASP VA 61 30.93 11.44 19.62
CA ASP VA 61 29.67 11.78 20.27
C ASP VA 61 28.78 12.75 19.49
N PHE VA 62 27.59 13.01 20.06
CA PHE VA 62 26.56 13.97 19.61
C PHE VA 62 26.10 14.93 20.70
N LYS VA 63 26.67 16.12 20.72
CA LYS VA 63 26.39 17.09 21.77
C LYS VA 63 24.96 17.63 21.86
N VAL VA 64 24.25 17.77 20.74
CA VAL VA 64 22.91 18.34 20.81
C VAL VA 64 21.98 17.29 21.37
N SER VA 65 22.14 16.05 20.89
CA SER VA 65 21.31 14.93 21.34
C SER VA 65 21.43 14.75 22.85
N ASN VA 66 22.64 14.94 23.39
CA ASN VA 66 22.90 14.82 24.82
C ASN VA 66 22.31 15.96 25.68
N SER VA 67 21.85 17.04 25.05
CA SER VA 67 21.34 18.18 25.78
C SER VA 67 19.94 17.93 26.26
N ASP VA 68 19.43 18.80 27.10
CA ASP VA 68 18.07 18.66 27.55
C ASP VA 68 17.07 19.51 26.76
N HIS VA 69 17.46 20.03 25.60
CA HIS VA 69 16.57 20.86 24.80
C HIS VA 69 15.60 20.07 23.93
N PHE VA 70 16.00 18.93 23.41
CA PHE VA 70 15.17 18.24 22.43
C PHE VA 70 14.70 16.88 22.91
N VAL VA 71 14.37 16.84 24.17
CA VAL VA 71 13.89 15.69 24.89
C VAL VA 71 12.37 15.56 24.78
N PRO VA 72 11.83 14.39 24.48
CA PRO VA 72 10.40 14.18 24.38
C PRO VA 72 9.70 14.67 25.63
N GLY VA 73 8.61 15.37 25.42
CA GLY VA 73 7.81 15.93 26.49
C GLY VA 73 7.94 17.44 26.61
N LYS VA 74 9.00 18.03 26.09
CA LYS VA 74 9.18 19.48 26.20
C LYS VA 74 8.30 20.27 25.24
N GLU VA 75 7.95 21.52 25.61
CA GLU VA 75 7.11 22.34 24.74
C GLU VA 75 7.90 23.21 23.78
N ILE VA 76 7.47 23.21 22.53
CA ILE VA 76 8.15 23.94 21.49
C ILE VA 76 7.30 24.95 20.76
N GLU VA 77 7.88 26.07 20.46
CA GLU VA 77 7.22 27.13 19.69
C GLU VA 77 8.11 27.66 18.57
N ILE VA 78 7.58 27.73 17.35
CA ILE VA 78 8.32 28.20 16.17
C ILE VA 78 7.78 29.51 15.56
N THR VA 79 8.62 30.52 15.44
CA THR VA 79 8.25 31.81 14.85
C THR VA 79 9.09 32.08 13.61
N VAL VA 80 8.56 32.77 12.61
CA VAL VA 80 9.31 33.11 11.37
C VAL VA 80 8.86 34.44 10.73
N GLY VA 81 9.73 35.11 10.05
CA GLY VA 81 9.43 36.33 9.29
C GLY VA 81 10.59 36.94 8.52
N TYR VA 82 10.40 38.13 7.94
CA TYR VA 82 11.46 38.75 7.16
C TYR VA 82 12.06 39.90 7.94
N HIS VA 83 13.37 40.03 7.93
CA HIS VA 83 14.08 41.10 8.64
C HIS VA 83 13.65 41.27 10.09
N SER VA 84 13.53 40.14 10.78
CA SER VA 84 13.16 40.01 12.19
C SER VA 84 11.70 40.35 12.54
N ASP VA 85 10.88 40.53 11.52
CA ASP VA 85 9.46 40.73 11.71
C ASP VA 85 8.92 39.32 11.75
N ASP VA 86 9.02 38.70 12.91
CA ASP VA 86 8.59 37.32 13.08
C ASP VA 86 7.15 37.19 13.55
N GLU VA 87 6.52 36.06 13.22
CA GLU VA 87 5.17 35.70 13.70
C GLU VA 87 5.10 34.21 14.00
N THR VA 88 4.23 33.81 14.93
CA THR VA 88 4.12 32.40 15.30
C THR VA 88 3.39 31.56 14.28
N ILE VA 89 4.02 30.44 13.93
CA ILE VA 89 3.52 29.47 12.98
C ILE VA 89 3.03 28.19 13.68
N PHE VA 90 3.81 27.70 14.65
CA PHE VA 90 3.49 26.41 15.27
C PHE VA 90 3.74 26.32 16.79
N LYS VA 91 2.82 25.66 17.49
CA LYS VA 91 2.99 25.31 18.90
C LYS VA 91 2.70 23.84 19.13
N GLY VA 92 3.48 23.19 20.00
CA GLY VA 92 3.25 21.78 20.28
C GLY VA 92 4.28 21.17 21.24
N VAL VA 93 4.36 19.84 21.22
CA VAL VA 93 5.22 19.07 22.11
C VAL VA 93 6.17 18.13 21.35
N VAL VA 94 7.40 18.01 21.85
CA VAL VA 94 8.41 17.14 21.24
C VAL VA 94 8.08 15.68 21.53
N ILE VA 95 8.06 14.86 20.48
CA ILE VA 95 7.76 13.43 20.62
C ILE VA 95 8.90 12.47 20.24
N ARG VA 96 9.67 12.77 19.20
CA ARG VA 96 10.71 11.85 18.70
C ARG VA 96 12.04 12.51 18.46
N GLN VA 97 13.09 11.69 18.48
CA GLN VA 97 14.44 12.14 18.18
C GLN VA 97 15.12 11.06 17.32
N ASN VA 98 15.64 11.44 16.14
CA ASN VA 98 16.30 10.49 15.24
C ASN VA 98 17.72 10.90 14.83
N LEU VA 99 18.63 9.94 14.75
CA LEU VA 99 19.97 10.25 14.25
C LEU VA 99 20.23 9.57 12.92
N LYS VA 100 20.98 10.23 12.04
CA LYS VA 100 21.35 9.61 10.78
C LYS VA 100 22.82 9.85 10.43
N ILE VA 101 23.53 8.77 10.11
CA ILE VA 101 24.94 8.83 9.72
C ILE VA 101 25.19 8.18 8.36
N ARG VA 102 25.88 8.91 7.50
CA ARG VA 102 26.27 8.48 6.15
C ARG VA 102 27.75 8.80 5.97
N ASN VA 103 28.36 8.28 4.91
CA ASN VA 103 29.79 8.47 4.66
C ASN VA 103 30.33 9.89 4.89
N ASN VA 104 29.61 10.90 4.47
CA ASN VA 104 30.07 12.27 4.67
C ASN VA 104 28.94 13.15 5.23
N GLN VA 105 28.10 12.58 6.08
CA GLN VA 105 26.98 13.34 6.65
C GLN VA 105 26.55 12.86 8.04
N SER VA 106 26.25 13.80 8.94
CA SER VA 106 25.74 13.43 10.25
C SER VA 106 24.75 14.47 10.77
N ILE VA 107 23.50 14.05 10.94
CA ILE VA 107 22.43 14.97 11.40
C ILE VA 107 21.54 14.44 12.51
N LEU VA 108 20.83 15.37 13.14
CA LEU VA 108 19.78 15.13 14.13
C LEU VA 108 18.41 15.64 13.66
N ILE VA 109 17.40 14.79 13.74
CA ILE VA 109 16.05 15.20 13.36
C ILE VA 109 15.10 15.15 14.53
N VAL VA 110 14.42 16.26 14.76
CA VAL VA 110 13.49 16.38 15.87
C VAL VA 110 12.04 16.56 15.42
N GLU VA 111 11.14 15.72 15.94
CA GLU VA 111 9.72 15.82 15.57
C GLU VA 111 8.82 16.21 16.71
N SER VA 112 7.79 17.01 16.37
CA SER VA 112 6.78 17.47 17.30
C SER VA 112 5.36 17.50 16.71
N ARG VA 113 4.38 17.47 17.60
CA ARG VA 113 2.95 17.53 17.26
C ARG VA 113 2.15 18.43 18.17
N ASP VA 114 0.93 18.77 17.78
CA ASP VA 114 0.15 19.57 18.71
C ASP VA 114 -0.37 18.69 19.86
N MET VA 115 -1.07 19.29 20.81
CA MET VA 115 -1.57 18.65 22.02
C MET VA 115 -2.71 17.68 21.79
N ALA VA 116 -3.35 17.82 20.65
CA ALA VA 116 -4.48 17.00 20.23
C ALA VA 116 -4.06 15.54 20.15
N VAL VA 117 -2.75 15.27 20.05
CA VAL VA 117 -2.19 13.92 19.98
C VAL VA 117 -2.61 13.08 21.18
N LYS VA 118 -2.95 13.72 22.29
CA LYS VA 118 -3.39 13.02 23.49
C LYS VA 118 -4.64 12.17 23.26
N MET VA 119 -5.45 12.54 22.27
CA MET VA 119 -6.72 11.89 21.99
C MET VA 119 -6.58 10.63 21.13
N THR VA 120 -5.36 10.28 20.71
CA THR VA 120 -5.15 9.15 19.82
C THR VA 120 -4.46 7.94 20.47
N LEU VA 121 -4.27 7.97 21.78
CA LEU VA 121 -3.48 6.92 22.43
C LEU VA 121 -4.18 5.74 23.11
N ARG VA 122 -5.45 5.86 23.50
CA ARG VA 122 -6.09 4.77 24.27
C ARG VA 122 -7.49 4.45 23.81
N ARG VA 123 -7.80 3.16 23.67
CA ARG VA 123 -9.14 2.70 23.32
C ARG VA 123 -10.03 2.74 24.55
N LYS VA 124 -11.25 3.23 24.37
CA LYS VA 124 -12.23 3.37 25.45
C LYS VA 124 -13.62 2.79 25.15
N SER VA 125 -14.39 2.67 26.21
CA SER VA 125 -15.79 2.20 26.20
C SER VA 125 -16.70 3.03 27.08
N LYS VA 126 -17.79 3.56 26.56
CA LYS VA 126 -18.70 4.39 27.35
C LYS VA 126 -20.14 4.51 26.86
N TYR VA 127 -21.07 4.66 27.81
CA TYR VA 127 -22.45 4.96 27.46
C TYR VA 127 -22.68 6.45 27.62
N PHE VA 128 -23.33 7.05 26.65
CA PHE VA 128 -23.73 8.44 26.71
C PHE VA 128 -25.23 8.45 26.81
N TYR VA 129 -25.77 9.50 27.41
CA TYR VA 129 -27.21 9.64 27.60
C TYR VA 129 -27.72 10.86 26.87
N GLU VA 130 -28.71 11.57 27.42
CA GLU VA 130 -29.46 12.58 26.65
C GLU VA 130 -28.71 13.84 26.22
N LEU VA 131 -27.80 13.65 25.29
CA LEU VA 131 -26.92 14.66 24.74
C LEU VA 131 -27.03 14.83 23.22
N SER VA 132 -26.74 16.04 22.74
CA SER VA 132 -26.65 16.27 21.31
C SER VA 132 -25.24 15.88 20.86
N ASP VA 133 -24.99 15.76 19.56
CA ASP VA 133 -23.64 15.43 19.16
C ASP VA 133 -22.62 16.47 19.56
N SER VA 134 -23.02 17.74 19.64
CA SER VA 134 -22.05 18.74 20.02
C SER VA 134 -21.76 18.77 21.51
N ASP VA 135 -22.57 18.10 22.33
CA ASP VA 135 -22.30 18.09 23.75
C ASP VA 135 -21.27 17.00 23.95
N ILE VA 136 -21.41 15.94 23.15
CA ILE VA 136 -20.51 14.82 23.19
C ILE VA 136 -19.14 15.25 22.69
N LEU VA 137 -19.10 16.01 21.59
CA LEU VA 137 -17.81 16.45 21.07
C LEU VA 137 -17.09 17.31 22.10
N GLU VA 138 -17.80 18.23 22.80
CA GLU VA 138 -17.11 19.03 23.80
C GLU VA 138 -16.56 18.18 24.94
N GLU VA 139 -17.32 17.18 25.39
CA GLU VA 139 -16.85 16.31 26.45
C GLU VA 139 -15.58 15.55 26.08
N LEU VA 140 -15.55 14.99 24.86
CA LEU VA 140 -14.39 14.21 24.46
C LEU VA 140 -13.13 15.06 24.46
N ILE VA 141 -13.24 16.32 24.06
CA ILE VA 141 -12.10 17.22 23.99
C ILE VA 141 -11.64 17.70 25.39
N SER VA 142 -12.59 18.13 26.23
CA SER VA 142 -12.26 18.67 27.55
C SER VA 142 -11.62 17.63 28.46
N ASN VA 143 -11.87 16.35 28.21
CA ASN VA 143 -11.27 15.28 28.98
C ASN VA 143 -9.75 15.27 28.94
N HIS VA 144 -9.16 15.88 27.91
CA HIS VA 144 -7.71 15.91 27.76
C HIS VA 144 -7.13 17.26 28.08
N GLY VA 145 -7.95 18.16 28.63
CA GLY VA 145 -7.51 19.49 28.98
C GLY VA 145 -7.38 20.42 27.79
N LEU VA 146 -8.06 20.15 26.69
CA LEU VA 146 -7.94 20.98 25.51
C LEU VA 146 -9.05 22.02 25.45
N GLU VA 147 -8.76 23.14 24.79
CA GLU VA 147 -9.72 24.21 24.56
C GLU VA 147 -10.61 23.84 23.37
N ALA VA 148 -11.89 24.19 23.41
CA ALA VA 148 -12.78 23.83 22.30
C ALA VA 148 -13.76 24.91 21.92
N ASP VA 149 -14.15 24.88 20.66
CA ASP VA 149 -15.15 25.76 20.08
C ASP VA 149 -15.95 24.97 19.05
N VAL VA 150 -17.15 24.52 19.45
CA VAL VA 150 -17.91 23.60 18.63
C VAL VA 150 -19.29 24.14 18.24
N ALA VA 151 -19.57 24.12 16.95
CA ALA VA 151 -20.88 24.53 16.41
C ALA VA 151 -21.95 23.61 16.98
N SER VA 152 -23.14 24.14 17.26
CA SER VA 152 -24.24 23.33 17.79
C SER VA 152 -24.97 22.50 16.74
N THR VA 153 -25.76 21.53 17.22
CA THR VA 153 -26.61 20.71 16.37
C THR VA 153 -28.02 20.68 16.93
N GLU VA 154 -28.98 20.33 16.08
CA GLU VA 154 -30.39 20.24 16.43
C GLU VA 154 -30.89 18.94 17.07
N ASN VA 155 -30.24 17.84 16.75
CA ASN VA 155 -30.71 16.54 17.23
C ASN VA 155 -30.20 16.21 18.61
N GLN VA 156 -30.94 15.36 19.32
CA GLN VA 156 -30.54 14.88 20.63
C GLN VA 156 -30.78 13.40 20.72
N HIS VA 157 -29.76 12.67 21.15
CA HIS VA 157 -29.79 11.24 21.27
C HIS VA 157 -30.30 10.89 22.63
N THR VA 158 -30.85 9.70 22.81
CA THR VA 158 -31.24 9.32 24.17
C THR VA 158 -30.21 8.38 24.75
N GLU VA 159 -29.46 7.72 23.89
CA GLU VA 159 -28.34 6.91 24.30
C GLU VA 159 -27.43 6.80 23.10
N LEU VA 160 -26.14 6.68 23.34
CA LEU VA 160 -25.14 6.52 22.29
C LEU VA 160 -23.98 5.71 22.86
N VAL VA 161 -23.43 4.76 22.09
CA VAL VA 161 -22.35 3.95 22.64
C VAL VA 161 -21.01 4.03 21.91
N GLN VA 162 -19.96 4.32 22.68
CA GLN VA 162 -18.58 4.34 22.23
C GLN VA 162 -17.99 3.00 22.57
N TYR VA 163 -17.45 2.27 21.60
CA TYR VA 163 -16.89 0.98 21.97
C TYR VA 163 -15.57 0.54 21.34
N ASP VA 164 -14.57 0.43 22.21
CA ASP VA 164 -13.20 -0.03 21.96
C ASP VA 164 -12.50 0.80 20.88
N VAL VA 165 -12.68 2.11 20.95
CA VAL VA 165 -12.07 3.08 20.02
C VAL VA 165 -11.44 4.25 20.75
N THR VA 166 -10.58 5.01 20.08
CA THR VA 166 -10.00 6.20 20.71
C THR VA 166 -10.96 7.38 20.64
N ASP VA 167 -10.67 8.42 21.41
CA ASP VA 167 -11.52 9.61 21.42
C ASP VA 167 -11.45 10.35 20.10
N TRP VA 168 -10.26 10.42 19.52
CA TRP VA 168 -10.09 11.08 18.24
C TRP VA 168 -10.92 10.39 17.16
N ASP VA 169 -10.82 9.06 17.07
CA ASP VA 169 -11.55 8.38 16.02
C ASP VA 169 -13.05 8.48 16.18
N PHE VA 170 -13.53 8.37 17.42
CA PHE VA 170 -14.96 8.45 17.68
C PHE VA 170 -15.45 9.83 17.28
N MET VA 171 -14.72 10.86 17.67
CA MET VA 171 -15.05 12.24 17.35
C MET VA 171 -15.18 12.41 15.82
N MET VA 172 -14.22 11.89 15.04
CA MET VA 172 -14.28 12.03 13.58
C MET VA 172 -15.47 11.38 12.93
N LEU VA 173 -15.86 10.21 13.41
CA LEU VA 173 -17.00 9.53 12.83
C LEU VA 173 -18.28 10.34 13.04
N ARG VA 174 -18.52 10.77 14.26
CA ARG VA 174 -19.69 11.53 14.63
C ARG VA 174 -19.78 12.87 13.97
N LEU VA 175 -18.66 13.56 13.84
CA LEU VA 175 -18.60 14.86 13.19
C LEU VA 175 -18.90 14.90 11.69
N GLN VA 176 -18.44 13.92 10.93
CA GLN VA 176 -18.72 13.85 9.49
C GLN VA 176 -20.18 13.62 9.19
N ALA VA 177 -20.79 12.73 9.94
CA ALA VA 177 -22.21 12.43 9.88
C ALA VA 177 -23.09 13.67 9.93
N ASN VA 178 -22.56 14.78 10.47
CA ASN VA 178 -23.28 16.03 10.61
C ASN VA 178 -22.80 17.13 9.65
N GLY VA 179 -21.93 16.80 8.71
CA GLY VA 179 -21.43 17.79 7.76
C GLY VA 179 -20.38 18.77 8.30
N LEU VA 180 -19.68 18.44 9.38
CA LEU VA 180 -18.71 19.34 10.01
C LEU VA 180 -17.26 19.05 9.66
N LEU VA 181 -16.41 20.10 9.68
CA LEU VA 181 -14.97 19.93 9.50
C LEU VA 181 -14.22 20.23 10.80
N CYS VA 182 -13.16 19.48 11.07
CA CYS VA 182 -12.34 19.72 12.26
C CYS VA 182 -11.03 20.48 11.98
N LEU VA 183 -10.88 21.63 12.62
CA LEU VA 183 -9.70 22.46 12.49
C LEU VA 183 -8.92 22.52 13.80
N VAL VA 184 -7.68 22.08 13.80
CA VAL VA 184 -6.91 22.10 15.03
C VAL VA 184 -5.79 23.09 14.88
N ASP VA 185 -5.70 24.02 15.81
CA ASP VA 185 -4.68 25.05 15.69
C ASP VA 185 -4.21 25.61 17.04
N ASP VA 186 -2.92 25.47 17.32
CA ASP VA 186 -2.27 25.96 18.54
C ASP VA 186 -2.94 25.57 19.85
N GLY VA 187 -3.35 24.31 19.94
CA GLY VA 187 -3.97 23.78 21.16
C GLY VA 187 -5.49 23.87 21.24
N LYS VA 188 -6.11 24.56 20.30
CA LYS VA 188 -7.55 24.70 20.27
C LYS VA 188 -8.19 23.81 19.21
N VAL VA 189 -9.28 23.13 19.56
CA VAL VA 189 -9.98 22.31 18.58
C VAL VA 189 -11.30 22.99 18.19
N SER VA 190 -11.42 23.34 16.92
CA SER VA 190 -12.58 24.06 16.40
C SER VA 190 -13.39 23.24 15.38
N ILE VA 191 -14.67 23.06 15.66
CA ILE VA 191 -15.53 22.26 14.81
C ILE VA 191 -16.66 23.06 14.17
N GLN VA 192 -16.57 23.25 12.85
CA GLN VA 192 -17.46 24.17 12.14
C GLN VA 192 -17.93 23.70 10.77
N LYS VA 193 -19.01 24.29 10.25
CA LYS VA 193 -19.41 24.00 8.88
C LYS VA 193 -18.52 24.81 7.92
N PRO VA 194 -18.27 24.38 6.66
CA PRO VA 194 -17.47 25.08 5.68
C PRO VA 194 -17.96 26.51 5.46
N ASP VA 195 -17.04 27.46 5.36
CA ASP VA 195 -17.41 28.86 5.17
C ASP VA 195 -16.84 29.40 3.87
N LEU VA 196 -17.69 29.46 2.86
CA LEU VA 196 -17.31 29.85 1.53
C LEU VA 196 -17.68 31.30 1.27
N SER VA 197 -18.13 32.01 2.31
CA SER VA 197 -18.62 33.37 2.14
C SER VA 197 -17.65 34.50 2.47
N SER VA 198 -16.59 34.21 3.22
CA SER VA 198 -15.66 35.25 3.66
C SER VA 198 -14.79 35.83 2.54
N GLU VA 199 -14.21 36.99 2.82
CA GLU VA 199 -13.32 37.71 1.92
C GLU VA 199 -12.02 36.98 1.67
N ALA VA 200 -11.52 37.03 0.45
CA ALA VA 200 -10.24 36.42 0.14
C ALA VA 200 -9.14 37.15 0.89
N LEU VA 201 -8.12 36.40 1.33
CA LEU VA 201 -6.97 37.03 1.98
C LEU VA 201 -6.06 37.76 1.00
N GLU VA 202 -5.86 37.15 -0.16
CA GLU VA 202 -5.00 37.69 -1.20
C GLU VA 202 -5.33 37.08 -2.54
N THR VA 203 -4.67 37.59 -3.57
CA THR VA 203 -4.83 37.11 -4.94
C THR VA 203 -3.54 36.48 -5.40
N VAL VA 204 -3.63 35.30 -5.97
CA VAL VA 204 -2.45 34.61 -6.48
C VAL VA 204 -2.63 34.46 -8.00
N THR VA 205 -1.67 34.98 -8.77
CA THR VA 205 -1.80 35.05 -10.23
C THR VA 205 -0.74 34.28 -11.02
N PHE VA 206 -1.19 33.52 -12.00
CA PHE VA 206 -0.27 32.74 -12.82
C PHE VA 206 0.86 33.51 -13.47
N GLY VA 207 0.55 34.61 -14.10
CA GLY VA 207 1.61 35.34 -14.77
C GLY VA 207 2.41 36.27 -13.87
N ALA VA 208 2.18 36.27 -12.54
CA ALA VA 208 2.91 37.20 -11.68
C ALA VA 208 3.46 36.62 -10.38
N THR VA 209 2.72 35.72 -9.70
CA THR VA 209 3.16 35.26 -8.38
C THR VA 209 3.28 33.73 -8.18
N ILE VA 210 2.69 32.92 -9.06
CA ILE VA 210 2.74 31.46 -8.90
C ILE VA 210 4.07 30.81 -9.29
N LEU VA 211 4.59 29.94 -8.41
CA LEU VA 211 5.83 29.20 -8.66
C LEU VA 211 5.51 27.84 -9.27
N GLU VA 212 4.50 27.16 -8.71
CA GLU VA 212 4.05 25.83 -9.17
C GLU VA 212 2.53 25.75 -9.11
N PHE VA 213 1.93 24.91 -9.95
CA PHE VA 213 0.47 24.74 -9.93
C PHE VA 213 0.01 23.39 -10.43
N ASP VA 214 -0.95 22.79 -9.73
CA ASP VA 214 -1.59 21.53 -10.08
C ASP VA 214 -3.09 21.60 -9.89
N ALA VA 215 -3.88 21.19 -10.87
CA ALA VA 215 -5.33 21.17 -10.66
C ALA VA 215 -5.99 20.07 -11.44
N GLU VA 216 -7.12 19.62 -10.93
CA GLU VA 216 -7.92 18.55 -11.51
C GLU VA 216 -9.44 18.73 -11.41
N MET VA 217 -10.12 18.35 -12.49
CA MET VA 217 -11.58 18.32 -12.57
C MET VA 217 -11.98 16.88 -12.93
N ASP VA 218 -12.99 16.31 -12.28
CA ASP VA 218 -13.40 14.91 -12.56
C ASP VA 218 -14.90 14.71 -12.41
N ALA VA 219 -15.57 14.54 -13.53
CA ALA VA 219 -17.02 14.43 -13.66
C ALA VA 219 -17.65 13.29 -12.87
N ARG VA 220 -16.87 12.27 -12.53
CA ARG VA 220 -17.45 11.13 -11.84
C ARG VA 220 -17.79 11.39 -10.39
N ASN VA 221 -17.38 12.54 -9.86
CA ASN VA 221 -17.71 12.84 -8.47
C ASN VA 221 -19.04 13.54 -8.29
N GLN VA 222 -19.76 13.88 -9.36
CA GLN VA 222 -20.99 14.61 -9.11
C GLN VA 222 -22.22 13.71 -9.14
N LEU VA 223 -23.17 14.01 -8.27
CA LEU VA 223 -24.39 13.23 -8.12
C LEU VA 223 -25.61 13.98 -8.61
N PRO VA 224 -26.62 13.31 -9.22
CA PRO VA 224 -27.90 13.93 -9.57
C PRO VA 224 -28.88 14.11 -8.40
N LYS VA 225 -28.79 13.26 -7.38
CA LYS VA 225 -29.59 13.35 -6.14
C LYS VA 225 -29.14 12.27 -5.15
N VAL VA 226 -29.40 12.47 -3.86
CA VAL VA 226 -29.13 11.44 -2.85
C VAL VA 226 -30.31 11.25 -1.90
N VAL VA 227 -30.61 9.99 -1.59
CA VAL VA 227 -31.68 9.58 -0.68
C VAL VA 227 -31.16 8.56 0.35
N SER VA 228 -31.65 8.63 1.58
CA SER VA 228 -31.29 7.69 2.63
C SER VA 228 -32.48 6.82 3.07
N GLN VA 229 -32.18 5.58 3.50
CA GLN VA 229 -33.22 4.62 3.96
C GLN VA 229 -32.94 3.91 5.29
N ALA VA 230 -34.02 3.57 6.01
CA ALA VA 230 -33.99 2.78 7.26
C ALA VA 230 -35.35 2.13 7.50
N TRP VA 231 -35.45 1.20 8.46
CA TRP VA 231 -36.72 0.53 8.77
C TRP VA 231 -37.59 1.27 9.78
N ASN VA 232 -38.87 1.46 9.45
CA ASN VA 232 -39.86 2.07 10.31
C ASN VA 232 -40.65 0.98 11.03
N MET VA 233 -40.29 0.67 12.28
CA MET VA 233 -40.96 -0.44 12.95
C MET VA 233 -42.38 -0.13 13.41
N SER VA 234 -42.70 1.14 13.63
CA SER VA 234 -44.04 1.50 14.08
C SER VA 234 -45.05 1.30 12.97
N ASP VA 235 -44.67 1.69 11.76
CA ASP VA 235 -45.57 1.57 10.62
C ASP VA 235 -45.39 0.28 9.81
N GLN VA 236 -44.23 -0.40 9.95
CA GLN VA 236 -43.85 -1.60 9.21
C GLN VA 236 -43.64 -1.35 7.73
N GLU VA 237 -42.78 -0.37 7.48
CA GLU VA 237 -42.40 0.06 6.13
C GLU VA 237 -41.04 0.73 6.17
N LEU VA 238 -40.51 1.16 5.05
CA LEU VA 238 -39.24 1.88 5.08
C LEU VA 238 -39.40 3.37 5.24
N LEU VA 239 -38.38 3.99 5.80
CA LEU VA 239 -38.36 5.40 6.00
C LEU VA 239 -37.38 5.98 4.96
N GLU VA 240 -37.83 6.96 4.18
CA GLU VA 240 -36.97 7.49 3.13
C GLU VA 240 -36.88 8.99 3.27
N LYS VA 241 -35.69 9.52 3.09
CA LYS VA 241 -35.47 10.96 3.12
C LYS VA 241 -34.60 11.42 1.99
N GLU VA 242 -35.02 12.49 1.34
CA GLU VA 242 -34.24 13.05 0.25
C GLU VA 242 -33.43 14.22 0.76
N GLY VA 243 -32.23 14.39 0.24
CA GLY VA 243 -31.39 15.49 0.65
C GLY VA 243 -31.81 16.77 -0.04
N VAL VA 244 -31.11 17.84 0.30
CA VAL VA 244 -31.38 19.16 -0.22
C VAL VA 244 -30.11 19.64 -0.87
N ASP VA 245 -30.20 20.14 -2.09
CA ASP VA 245 -29.04 20.61 -2.81
C ASP VA 245 -28.63 22.03 -2.38
N PRO VA 246 -27.49 22.25 -1.66
CA PRO VA 246 -27.02 23.51 -1.13
C PRO VA 246 -26.60 24.47 -2.21
N SER VA 247 -26.41 24.00 -3.45
CA SER VA 247 -25.95 24.86 -4.52
C SER VA 247 -24.72 25.64 -4.10
N LEU VA 248 -23.64 24.94 -3.77
CA LEU VA 248 -22.47 25.64 -3.28
C LEU VA 248 -21.84 26.48 -4.38
N GLU VA 249 -21.29 27.63 -3.99
CA GLU VA 249 -20.57 28.50 -4.89
C GLU VA 249 -19.09 28.15 -4.93
N THR VA 250 -18.63 27.70 -6.08
CA THR VA 250 -17.26 27.25 -6.26
C THR VA 250 -16.63 27.94 -7.47
N ASN VA 251 -15.38 27.64 -7.75
CA ASN VA 251 -14.70 28.21 -8.90
C ASN VA 251 -15.00 27.47 -10.22
N GLY VA 252 -14.48 27.99 -11.32
CA GLY VA 252 -14.67 27.42 -12.65
C GLY VA 252 -15.98 27.86 -13.29
N ASN VA 253 -16.30 27.33 -14.48
CA ASN VA 253 -17.50 27.76 -15.18
C ASN VA 253 -18.41 26.63 -15.65
N ILE VA 254 -18.26 25.46 -15.04
CA ILE VA 254 -19.11 24.32 -15.37
C ILE VA 254 -19.88 23.90 -14.13
N SER VA 255 -21.20 23.87 -14.23
CA SER VA 255 -22.06 23.47 -13.11
C SER VA 255 -21.92 22.02 -12.71
N SER VA 256 -22.04 21.77 -11.40
CA SER VA 256 -22.04 20.41 -10.90
C SER VA 256 -23.21 19.62 -11.46
N SER VA 257 -24.26 20.33 -11.86
CA SER VA 257 -25.45 19.74 -12.41
C SER VA 257 -25.30 19.35 -13.88
N ASP VA 258 -24.24 19.84 -14.55
CA ASP VA 258 -24.03 19.47 -15.93
C ASP VA 258 -23.20 18.21 -15.93
N LEU VA 259 -22.32 18.11 -14.94
CA LEU VA 259 -21.43 16.97 -14.83
C LEU VA 259 -22.18 15.75 -14.30
N ALA VA 260 -23.08 15.97 -13.35
CA ALA VA 260 -23.83 14.89 -12.72
C ALA VA 260 -24.65 14.04 -13.68
N SER VA 261 -25.20 14.66 -14.71
CA SER VA 261 -26.05 13.95 -15.66
C SER VA 261 -25.32 13.22 -16.78
N LEU VA 262 -24.00 13.36 -16.87
CA LEU VA 262 -23.27 12.76 -17.97
C LEU VA 262 -23.25 11.25 -18.08
N PHE VA 263 -23.21 10.51 -16.97
CA PHE VA 263 -23.04 9.07 -17.11
C PHE VA 263 -24.16 8.17 -16.59
N ASP VA 264 -24.86 8.61 -15.55
CA ASP VA 264 -25.88 7.79 -14.90
C ASP VA 264 -26.82 8.69 -14.11
N GLN VA 265 -28.08 8.74 -14.49
CA GLN VA 265 -29.00 9.66 -13.85
C GLN VA 265 -29.72 9.07 -12.63
N GLU VA 266 -29.38 7.84 -12.25
CA GLU VA 266 -30.02 7.23 -11.10
C GLU VA 266 -29.50 7.82 -9.80
N GLU VA 267 -30.37 7.84 -8.80
CA GLU VA 267 -30.06 8.35 -7.47
C GLU VA 267 -29.07 7.50 -6.69
N GLU VA 268 -28.34 8.14 -5.77
CA GLU VA 268 -27.48 7.42 -4.85
C GLU VA 268 -28.28 7.06 -3.62
N VAL VA 269 -28.15 5.82 -3.14
CA VAL VA 269 -28.91 5.42 -1.98
C VAL VA 269 -28.03 5.04 -0.80
N LEU VA 270 -28.29 5.68 0.34
CA LEU VA 270 -27.55 5.42 1.57
C LEU VA 270 -28.41 4.50 2.44
N ARG VA 271 -27.94 3.28 2.67
CA ARG VA 271 -28.79 2.32 3.38
C ARG VA 271 -28.30 1.94 4.76
N HIS VA 272 -29.24 1.83 5.70
CA HIS VA 272 -28.94 1.31 7.01
C HIS VA 272 -30.06 0.32 7.33
N GLY VA 273 -29.73 -0.82 7.92
CA GLY VA 273 -30.76 -1.84 8.15
C GLY VA 273 -31.52 -1.77 9.47
N GLY VA 274 -31.18 -0.83 10.34
CA GLY VA 274 -31.82 -0.75 11.63
C GLY VA 274 -32.86 0.34 11.69
N SER VA 275 -33.08 0.82 12.91
CA SER VA 275 -34.06 1.85 13.20
C SER VA 275 -33.37 3.17 13.46
N LYS VA 276 -33.75 4.17 12.70
CA LYS VA 276 -33.16 5.49 12.73
C LYS VA 276 -34.20 6.56 12.90
N LYS VA 277 -33.77 7.69 13.43
CA LYS VA 277 -34.63 8.83 13.57
C LYS VA 277 -34.59 9.63 12.29
N ASP VA 278 -35.67 10.33 11.99
CA ASP VA 278 -35.69 11.17 10.80
C ASP VA 278 -34.62 12.23 10.76
N GLY VA 279 -34.32 12.83 11.90
CA GLY VA 279 -33.34 13.90 11.93
C GLY VA 279 -31.98 13.44 11.45
N SER VA 280 -31.61 12.22 11.85
CA SER VA 280 -30.33 11.63 11.51
C SER VA 280 -30.27 11.28 10.05
N LEU VA 281 -31.34 10.69 9.52
CA LEU VA 281 -31.33 10.33 8.11
C LEU VA 281 -31.21 11.54 7.21
N GLN VA 282 -31.89 12.63 7.58
CA GLN VA 282 -31.85 13.82 6.76
C GLN VA 282 -30.47 14.45 6.76
N GLU VA 283 -29.80 14.49 7.93
CA GLU VA 283 -28.47 15.08 7.97
C GLU VA 283 -27.45 14.26 7.21
N TRP VA 284 -27.58 12.94 7.26
CA TRP VA 284 -26.67 12.04 6.59
C TRP VA 284 -26.71 12.31 5.08
N ALA VA 285 -27.93 12.35 4.50
CA ALA VA 285 -28.05 12.58 3.07
C ALA VA 285 -27.47 13.95 2.67
N ASN VA 286 -27.72 14.98 3.45
CA ASN VA 286 -27.20 16.33 3.24
C ASN VA 286 -25.69 16.44 3.35
N ALA VA 287 -25.06 15.76 4.30
CA ALA VA 287 -23.62 15.77 4.46
C ALA VA 287 -22.95 15.12 3.27
N LYS VA 288 -23.54 14.04 2.76
CA LYS VA 288 -22.97 13.32 1.65
C LYS VA 288 -22.90 14.19 0.41
N TRP VA 289 -24.02 14.86 0.11
CA TRP VA 289 -24.15 15.74 -1.05
C TRP VA 289 -23.22 16.97 -1.01
N THR VA 290 -23.12 17.59 0.17
CA THR VA 290 -22.28 18.77 0.35
C THR VA 290 -20.81 18.45 0.15
N PHE VA 291 -20.35 17.35 0.74
CA PHE VA 291 -18.97 16.97 0.62
C PHE VA 291 -18.62 16.67 -0.84
N GLN VA 292 -19.51 16.03 -1.61
CA GLN VA 292 -19.16 15.79 -3.02
C GLN VA 292 -19.04 17.11 -3.80
N GLN VA 293 -19.89 18.10 -3.55
CA GLN VA 293 -19.74 19.35 -4.31
C GLN VA 293 -18.41 20.05 -4.01
N LEU VA 294 -17.93 19.94 -2.78
CA LEU VA 294 -16.67 20.57 -2.41
C LEU VA 294 -15.45 19.84 -2.98
N ALA VA 295 -15.67 18.69 -3.62
CA ALA VA 295 -14.63 17.90 -4.25
C ALA VA 295 -14.61 18.12 -5.76
N LYS VA 296 -15.45 19.02 -6.24
CA LYS VA 296 -15.58 19.28 -7.66
C LYS VA 296 -14.28 19.70 -8.34
N THR VA 297 -13.57 20.64 -7.74
CA THR VA 297 -12.30 21.08 -8.28
C THR VA 297 -11.27 20.98 -7.18
N ARG VA 298 -10.13 20.35 -7.46
CA ARG VA 298 -9.09 20.19 -6.46
C ARG VA 298 -7.72 20.59 -6.98
N GLY VA 299 -6.82 21.01 -6.08
CA GLY VA 299 -5.47 21.35 -6.53
C GLY VA 299 -4.51 21.92 -5.49
N ARG VA 300 -3.34 22.35 -5.99
CA ARG VA 300 -2.23 22.89 -5.19
C ARG VA 300 -1.67 24.17 -5.82
N ILE VA 301 -1.40 25.19 -4.99
CA ILE VA 301 -0.81 26.44 -5.48
C ILE VA 301 0.45 26.77 -4.66
N LYS VA 302 1.61 26.91 -5.30
CA LYS VA 302 2.83 27.24 -4.55
C LYS VA 302 3.28 28.68 -4.78
N PHE VA 303 3.53 29.42 -3.68
CA PHE VA 303 3.95 30.83 -3.71
C PHE VA 303 4.79 31.30 -2.50
N GLN VA 304 5.39 32.49 -2.61
CA GLN VA 304 6.19 33.13 -1.53
C GLN VA 304 5.43 33.18 -0.22
N GLY VA 305 6.04 32.71 0.87
CA GLY VA 305 5.37 32.62 2.16
C GLY VA 305 5.03 33.89 2.94
N ILE VA 306 3.84 33.81 3.53
CA ILE VA 306 3.24 34.77 4.44
C ILE VA 306 2.64 33.97 5.61
N PRO VA 307 2.44 34.53 6.81
CA PRO VA 307 1.91 33.88 8.00
C PRO VA 307 0.38 33.79 8.17
N THR VA 308 -0.40 34.14 7.15
CA THR VA 308 -1.85 34.20 7.31
C THR VA 308 -2.66 33.10 6.62
N VAL VA 309 -2.06 32.32 5.72
CA VAL VA 309 -2.85 31.31 5.04
C VAL VA 309 -2.87 30.09 5.95
N LYS VA 310 -4.07 29.69 6.33
CA LYS VA 310 -4.32 28.58 7.25
C LYS VA 310 -5.48 27.81 6.70
N PRO VA 311 -5.67 26.52 6.98
CA PRO VA 311 -6.85 25.80 6.56
C PRO VA 311 -8.08 26.56 7.04
N GLY VA 312 -9.09 26.68 6.18
CA GLY VA 312 -10.32 27.38 6.55
C GLY VA 312 -10.38 28.84 6.07
N VAL VA 313 -9.61 29.20 5.04
CA VAL VA 313 -9.63 30.57 4.51
C VAL VA 313 -9.88 30.52 3.02
N ASN VA 314 -10.20 31.67 2.44
CA ASN VA 314 -10.39 31.76 1.00
C ASN VA 314 -9.31 32.59 0.31
N LEU VA 315 -8.87 32.14 -0.87
CA LEU VA 315 -7.92 32.87 -1.73
C LEU VA 315 -8.55 33.14 -3.08
N LEU VA 316 -8.08 34.17 -3.78
CA LEU VA 316 -8.56 34.39 -5.14
C LEU VA 316 -7.52 33.92 -6.17
N LEU VA 317 -7.93 33.01 -7.04
CA LEU VA 317 -7.07 32.43 -8.08
C LEU VA 317 -7.32 33.01 -9.46
N GLU VA 318 -6.27 33.55 -10.07
CA GLU VA 318 -6.39 34.16 -11.39
C GLU VA 318 -5.32 33.73 -12.41
N GLY VA 319 -5.70 33.79 -13.68
CA GLY VA 319 -4.80 33.53 -14.80
C GLY VA 319 -4.57 32.07 -15.19
N VAL VA 320 -5.44 31.14 -14.75
CA VAL VA 320 -5.24 29.73 -15.07
C VAL VA 320 -6.35 29.13 -15.93
N GLY VA 321 -7.11 29.97 -16.59
CA GLY VA 321 -8.19 29.54 -17.47
C GLY VA 321 -9.56 29.55 -16.79
N ASP VA 322 -10.59 29.75 -17.61
CA ASP VA 322 -11.99 29.85 -17.17
C ASP VA 322 -12.49 28.63 -16.42
N ARG VA 323 -11.87 27.49 -16.67
CA ARG VA 323 -12.26 26.25 -16.04
C ARG VA 323 -11.92 26.24 -14.55
N PHE VA 324 -10.86 26.96 -14.14
CA PHE VA 324 -10.40 26.94 -12.77
C PHE VA 324 -10.43 28.29 -12.04
N ASN VA 325 -10.48 29.41 -12.76
CA ASN VA 325 -10.43 30.73 -12.11
C ASN VA 325 -11.58 30.98 -11.13
N GLY VA 326 -11.30 31.73 -10.06
CA GLY VA 326 -12.32 32.10 -9.08
C GLY VA 326 -11.84 32.02 -7.64
N LYS VA 327 -12.77 32.04 -6.69
CA LYS VA 327 -12.43 31.98 -5.27
C LYS VA 327 -12.29 30.52 -4.85
N VAL VA 328 -11.21 30.17 -4.14
CA VAL VA 328 -11.01 28.80 -3.72
C VAL VA 328 -10.88 28.67 -2.20
N PHE VA 329 -11.44 27.58 -1.65
CA PHE VA 329 -11.41 27.27 -0.23
C PHE VA 329 -10.20 26.40 0.12
N ILE VA 330 -9.39 26.88 1.07
CA ILE VA 330 -8.17 26.20 1.48
C ILE VA 330 -8.39 25.16 2.54
N THR VA 331 -7.93 23.95 2.24
CA THR VA 331 -8.08 22.77 3.07
C THR VA 331 -6.76 22.27 3.67
N GLY VA 332 -5.63 22.87 3.26
CA GLY VA 332 -4.34 22.45 3.82
C GLY VA 332 -3.19 23.39 3.48
N VAL VA 333 -2.20 23.43 4.38
CA VAL VA 333 -1.01 24.28 4.22
C VAL VA 333 0.34 23.60 4.58
N ASN VA 334 1.35 23.79 3.73
CA ASN VA 334 2.72 23.31 3.97
C ASN VA 334 3.79 24.41 3.88
N HIS VA 335 4.43 24.70 5.02
CA HIS VA 335 5.48 25.73 5.13
C HIS VA 335 6.85 25.11 5.06
N GLN VA 336 7.66 25.59 4.13
CA GLN VA 336 9.01 25.05 3.97
C GLN VA 336 10.06 26.15 4.05
N ILE VA 337 10.94 26.08 5.05
CA ILE VA 337 11.96 27.12 5.20
C ILE VA 337 13.36 26.54 5.13
N SER VA 338 14.09 26.94 4.08
CA SER VA 338 15.46 26.44 3.89
C SER VA 338 16.24 27.19 2.83
N GLU VA 339 17.56 27.16 2.95
CA GLU VA 339 18.49 27.68 1.96
C GLU VA 339 18.17 29.08 1.46
N GLY VA 340 17.81 29.98 2.37
CA GLY VA 340 17.54 31.36 2.01
C GLY VA 340 16.09 31.75 1.73
N ASN VA 341 15.12 30.83 1.73
CA ASN VA 341 13.75 31.29 1.46
C ASN VA 341 12.65 30.52 2.19
N TRP VA 342 11.53 31.18 2.31
CA TRP VA 342 10.28 30.70 2.90
C TRP VA 342 9.17 30.62 1.88
N THR VA 343 8.72 29.41 1.56
CA THR VA 343 7.62 29.24 0.61
C THR VA 343 6.48 28.47 1.24
N VAL VA 344 5.28 28.65 0.70
CA VAL VA 344 4.12 27.92 1.18
C VAL VA 344 3.32 27.24 0.05
N ASP VA 345 2.92 25.98 0.22
CA ASP VA 345 2.06 25.19 -0.66
C ASP VA 345 0.64 25.21 -0.13
N ALA VA 346 -0.27 25.85 -0.84
CA ALA VA 346 -1.66 25.90 -0.38
C ALA VA 346 -2.49 24.86 -1.13
N GLN VA 347 -3.28 24.11 -0.40
CA GLN VA 347 -4.14 23.08 -0.96
C GLN VA 347 -5.59 23.51 -0.95
N PHE VA 348 -6.28 23.29 -2.07
CA PHE VA 348 -7.69 23.63 -2.12
C PHE VA 348 -8.56 22.45 -2.53
N GLY VA 349 -9.81 22.49 -2.07
CA GLY VA 349 -10.81 21.45 -2.37
C GLY VA 349 -10.74 20.29 -1.38
N LEU VA 350 -11.82 19.52 -1.26
CA LEU VA 350 -11.84 18.34 -0.36
C LEU VA 350 -11.76 17.02 -1.08
N ASN VA 351 -11.30 16.02 -0.34
CA ASN VA 351 -11.25 14.65 -0.82
C ASN VA 351 -12.63 14.08 -0.48
N PRO VA 352 -13.36 13.54 -1.47
CA PRO VA 352 -14.70 13.01 -1.26
C PRO VA 352 -14.82 11.80 -0.30
N GLU VA 353 -13.71 11.12 -0.02
CA GLU VA 353 -13.72 9.93 0.84
C GLU VA 353 -13.98 10.23 2.30
N TRP VA 354 -14.71 9.34 2.98
CA TRP VA 354 -14.99 9.49 4.40
C TRP VA 354 -13.96 8.80 5.29
N PHE VA 355 -13.82 9.25 6.52
CA PHE VA 355 -12.87 8.68 7.49
C PHE VA 355 -13.03 7.17 7.61
N SER VA 356 -14.26 6.72 7.77
CA SER VA 356 -14.59 5.31 7.92
C SER VA 356 -14.28 4.44 6.71
N GLU VA 357 -14.04 5.06 5.56
CA GLU VA 357 -13.77 4.34 4.33
C GLU VA 357 -12.27 4.25 4.06
N SER VA 358 -11.54 5.34 4.30
CA SER VA 358 -10.12 5.38 3.98
C SER VA 358 -9.13 5.07 5.11
N GLU VA 359 -9.49 5.24 6.37
CA GLU VA 359 -8.50 4.98 7.42
C GLU VA 359 -8.48 3.55 7.91
N SER VA 360 -7.29 3.05 8.19
CA SER VA 360 -7.09 1.70 8.70
C SER VA 360 -7.01 1.61 10.22
N ASN VA 361 -7.19 0.40 10.72
CA ASN VA 361 -7.07 0.03 12.13
C ASN VA 361 -8.01 0.74 13.10
N ILE VA 362 -9.20 1.11 12.63
CA ILE VA 362 -10.15 1.74 13.51
C ILE VA 362 -10.62 0.73 14.54
N HIS VA 363 -10.89 -0.48 14.07
CA HIS VA 363 -11.38 -1.56 14.92
C HIS VA 363 -10.31 -2.61 15.22
N THR VA 364 -10.47 -3.25 16.36
CA THR VA 364 -9.71 -4.38 16.87
C THR VA 364 -9.85 -5.61 15.93
N PRO VA 365 -8.79 -6.40 15.65
CA PRO VA 365 -8.81 -7.61 14.84
C PRO VA 365 -9.81 -8.65 15.39
N PRO VA 366 -10.37 -9.53 14.53
CA PRO VA 366 -11.33 -10.58 14.86
C PRO VA 366 -10.85 -11.47 15.98
N ALA VA 367 -11.78 -11.92 16.82
CA ALA VA 367 -11.53 -12.79 17.98
C ALA VA 367 -10.29 -12.32 18.74
N ALA VA 368 -10.26 -11.01 19.01
CA ALA VA 368 -9.24 -10.28 19.75
C ALA VA 368 -7.82 -10.42 19.22
N GLY VA 369 -7.65 -10.98 18.03
CA GLY VA 369 -6.33 -11.17 17.46
C GLY VA 369 -5.62 -12.39 18.05
N LEU VA 370 -6.31 -13.18 18.86
CA LEU VA 370 -5.69 -14.32 19.52
C LEU VA 370 -5.84 -15.66 18.83
N THR VA 371 -6.64 -15.72 17.80
CA THR VA 371 -6.95 -16.97 17.12
C THR VA 371 -7.61 -16.68 15.80
N ALA VA 372 -7.61 -17.64 14.89
CA ALA VA 372 -8.39 -17.45 13.67
C ALA VA 372 -9.87 -17.31 14.04
N ALA VA 373 -10.56 -16.38 13.43
CA ALA VA 373 -11.98 -16.18 13.71
C ALA VA 373 -12.87 -16.98 12.78
N ILE VA 374 -14.10 -17.21 13.22
CA ILE VA 374 -15.11 -17.89 12.42
C ILE VA 374 -16.33 -16.99 12.25
N SER VA 375 -16.64 -16.61 11.02
CA SER VA 375 -17.76 -15.71 10.77
C SER VA 375 -19.06 -16.42 10.43
N GLY VA 376 -20.18 -15.70 10.63
CA GLY VA 376 -21.53 -16.14 10.32
C GLY VA 376 -22.03 -17.20 11.29
N LEU VA 377 -23.08 -17.91 10.90
CA LEU VA 377 -23.66 -18.97 11.71
C LEU VA 377 -23.31 -20.28 11.07
N HIS VA 378 -23.17 -21.33 11.86
CA HIS VA 378 -22.85 -22.65 11.33
C HIS VA 378 -23.74 -23.74 11.85
N VAL VA 379 -23.77 -24.84 11.12
CA VAL VA 379 -24.58 -25.99 11.49
C VAL VA 379 -23.75 -27.09 12.11
N GLY VA 380 -24.22 -27.64 13.24
CA GLY VA 380 -23.52 -28.73 13.91
C GLY VA 380 -24.42 -29.90 14.36
N LEU VA 381 -23.79 -30.96 14.88
CA LEU VA 381 -24.47 -32.17 15.38
C LEU VA 381 -24.18 -32.45 16.85
N VAL VA 382 -25.19 -32.87 17.59
CA VAL VA 382 -25.02 -33.16 19.02
C VAL VA 382 -24.43 -34.55 19.32
N THR VA 383 -23.35 -34.59 20.11
CA THR VA 383 -22.71 -35.86 20.45
C THR VA 383 -22.72 -36.22 21.95
N ASP VA 384 -22.90 -35.26 22.86
CA ASP VA 384 -22.85 -35.57 24.31
C ASP VA 384 -23.57 -34.55 25.23
N LEU VA 385 -24.56 -35.00 25.99
CA LEU VA 385 -25.32 -34.10 26.86
C LEU VA 385 -24.86 -33.99 28.33
N GLU VA 386 -23.81 -34.70 28.74
CA GLU VA 386 -23.37 -34.66 30.16
C GLU VA 386 -22.06 -33.89 30.39
N ASP VA 387 -22.20 -32.67 30.89
CA ASP VA 387 -21.09 -31.73 31.08
C ASP VA 387 -20.23 -32.00 32.31
N PRO VA 388 -18.95 -32.40 32.15
CA PRO VA 388 -18.02 -32.78 33.19
C PRO VA 388 -17.71 -31.66 34.17
N ASP VA 389 -18.00 -30.39 33.81
CA ASP VA 389 -17.69 -29.33 34.74
C ASP VA 389 -18.92 -28.55 35.17
N GLY VA 390 -20.09 -29.15 35.09
CA GLY VA 390 -21.30 -28.53 35.63
C GLY VA 390 -21.79 -27.17 35.08
N GLU VA 391 -21.55 -26.80 33.81
CA GLU VA 391 -21.99 -25.48 33.32
C GLU VA 391 -23.20 -25.56 32.41
N ASP VA 392 -23.78 -26.74 32.36
CA ASP VA 392 -24.91 -27.12 31.52
C ASP VA 392 -24.61 -26.98 30.02
N ARG VA 393 -23.40 -27.35 29.61
CA ARG VA 393 -23.00 -27.31 28.20
C ARG VA 393 -23.32 -28.61 27.47
N ILE VA 394 -23.37 -28.58 26.14
CA ILE VA 394 -23.56 -29.80 25.37
C ILE VA 394 -22.42 -29.88 24.36
N LYS VA 395 -21.97 -31.08 24.02
CA LYS VA 395 -20.89 -31.26 23.06
C LYS VA 395 -21.44 -31.41 21.64
N VAL VA 396 -20.93 -30.56 20.72
CA VAL VA 396 -21.34 -30.45 19.33
C VAL VA 396 -20.21 -30.52 18.26
N LYS VA 397 -20.41 -31.33 17.21
CA LYS VA 397 -19.46 -31.41 16.08
C LYS VA 397 -19.83 -30.36 15.08
N ILE VA 398 -18.84 -29.77 14.44
CA ILE VA 398 -19.13 -28.86 13.36
C ILE VA 398 -18.50 -29.45 12.08
N PRO VA 399 -19.29 -30.03 11.15
CA PRO VA 399 -18.89 -30.74 9.95
C PRO VA 399 -18.03 -29.98 8.96
N ILE VA 400 -18.07 -28.65 8.99
CA ILE VA 400 -17.25 -27.91 8.05
C ILE VA 400 -15.83 -27.77 8.57
N ILE VA 401 -15.61 -28.21 9.80
CA ILE VA 401 -14.30 -28.19 10.41
C ILE VA 401 -13.80 -29.63 10.42
N ASN VA 402 -14.60 -30.50 11.01
CA ASN VA 402 -14.30 -31.92 11.14
C ASN VA 402 -15.57 -32.68 11.46
N ASN VA 403 -15.93 -33.66 10.64
CA ASN VA 403 -17.15 -34.41 10.88
C ASN VA 403 -16.94 -35.81 11.50
N GLU VA 404 -15.73 -36.07 12.01
CA GLU VA 404 -15.40 -37.39 12.58
C GLU VA 404 -15.12 -37.41 14.09
N GLU VA 405 -14.54 -36.36 14.64
CA GLU VA 405 -14.22 -36.36 16.04
C GLU VA 405 -15.35 -36.00 16.92
N GLU VA 406 -15.10 -35.95 18.21
CA GLU VA 406 -16.15 -35.70 19.19
C GLU VA 406 -16.82 -34.32 19.19
N GLY VA 407 -16.06 -33.25 18.91
CA GLY VA 407 -16.60 -31.88 18.95
C GLY VA 407 -16.22 -31.09 20.21
N VAL VA 408 -16.90 -29.95 20.43
CA VAL VA 408 -16.57 -29.04 21.54
C VAL VA 408 -17.77 -28.74 22.42
N TRP VA 409 -17.54 -28.28 23.65
CA TRP VA 409 -18.66 -27.95 24.55
C TRP VA 409 -19.24 -26.56 24.28
N CYS VA 410 -20.55 -26.50 24.03
CA CYS VA 410 -21.26 -25.26 23.70
C CYS VA 410 -22.32 -24.91 24.75
N ARG VA 411 -22.63 -23.63 24.90
CA ARG VA 411 -23.71 -23.25 25.82
C ARG VA 411 -25.04 -23.30 25.09
N GLN VA 412 -26.13 -23.64 25.77
CA GLN VA 412 -27.44 -23.67 25.11
C GLN VA 412 -28.35 -22.53 25.54
N ALA VA 413 -28.97 -21.89 24.57
CA ALA VA 413 -29.97 -20.86 24.85
C ALA VA 413 -31.34 -21.50 25.02
N PHE VA 414 -32.14 -20.99 25.94
CA PHE VA 414 -33.49 -21.46 26.17
C PHE VA 414 -34.45 -20.28 26.08
N PRO VA 415 -35.73 -20.46 25.68
CA PRO VA 415 -36.77 -19.44 25.64
C PRO VA 415 -37.09 -18.82 26.99
N ASP VA 416 -36.77 -19.54 28.06
CA ASP VA 416 -36.98 -19.11 29.42
C ASP VA 416 -36.04 -19.84 30.36
N ALA VA 417 -35.26 -19.10 31.12
CA ALA VA 417 -34.36 -19.72 32.07
C ALA VA 417 -34.00 -18.78 33.20
N GLY VA 418 -33.77 -19.37 34.37
CA GLY VA 418 -33.35 -18.62 35.53
C GLY VA 418 -32.99 -19.54 36.69
N ASN VA 419 -32.89 -18.97 37.88
CA ASN VA 419 -32.46 -19.78 39.00
C ASN VA 419 -33.55 -20.73 39.44
N GLU VA 420 -33.38 -21.99 39.05
CA GLU VA 420 -34.30 -23.11 39.25
C GLU VA 420 -35.64 -22.91 38.58
N ARG VA 421 -35.62 -22.37 37.38
CA ARG VA 421 -36.85 -22.20 36.63
C ARG VA 421 -36.57 -22.18 35.14
N GLY VA 422 -37.62 -22.30 34.33
CA GLY VA 422 -37.46 -22.21 32.89
C GLY VA 422 -38.14 -23.33 32.14
N ILE VA 423 -38.00 -23.27 30.82
CA ILE VA 423 -38.57 -24.24 29.89
C ILE VA 423 -37.44 -25.06 29.34
N THR VA 424 -37.37 -26.32 29.72
CA THR VA 424 -36.22 -27.10 29.30
C THR VA 424 -36.51 -28.29 28.43
N PHE VA 425 -35.88 -28.27 27.28
CA PHE VA 425 -35.85 -29.32 26.29
C PHE VA 425 -34.41 -29.37 25.82
N ARG VA 426 -33.90 -30.56 25.58
CA ARG VA 426 -32.55 -30.71 25.08
C ARG VA 426 -32.62 -31.54 23.84
N PRO VA 427 -31.69 -31.38 22.89
CA PRO VA 427 -31.58 -32.16 21.70
C PRO VA 427 -31.16 -33.56 22.01
N GLU VA 428 -31.54 -34.48 21.15
CA GLU VA 428 -31.14 -35.87 21.25
C GLU VA 428 -29.79 -36.04 20.59
N ILE VA 429 -29.13 -37.13 20.91
CA ILE VA 429 -27.86 -37.40 20.30
C ILE VA 429 -28.14 -37.57 18.80
N GLU VA 430 -27.31 -36.91 17.98
CA GLU VA 430 -27.32 -36.78 16.52
C GLU VA 430 -28.38 -35.83 15.94
N ASP VA 431 -29.01 -34.99 16.78
CA ASP VA 431 -29.86 -33.94 16.25
C ASP VA 431 -29.03 -32.83 15.61
N GLU VA 432 -29.62 -32.15 14.64
CA GLU VA 432 -29.00 -31.02 13.94
C GLU VA 432 -29.38 -29.68 14.54
N VAL VA 433 -28.36 -28.86 14.85
CA VAL VA 433 -28.56 -27.56 15.47
C VAL VA 433 -27.84 -26.39 14.79
N ILE VA 434 -28.35 -25.19 15.02
CA ILE VA 434 -27.73 -23.95 14.52
C ILE VA 434 -26.90 -23.29 15.64
N VAL VA 435 -25.64 -22.99 15.32
CA VAL VA 435 -24.65 -22.45 16.27
C VAL VA 435 -24.04 -21.06 15.96
N GLY VA 436 -24.05 -20.16 16.95
CA GLY VA 436 -23.44 -18.83 16.84
C GLY VA 436 -22.13 -18.80 17.65
N PHE VA 437 -21.33 -17.73 17.53
CA PHE VA 437 -20.04 -17.65 18.24
C PHE VA 437 -19.77 -16.30 18.89
N ILE VA 438 -19.46 -16.30 20.18
CA ILE VA 438 -19.22 -15.03 20.87
C ILE VA 438 -17.89 -14.47 20.45
N ASN VA 439 -17.91 -13.24 19.98
CA ASN VA 439 -16.76 -12.48 19.51
C ASN VA 439 -16.03 -13.22 18.39
N GLU VA 440 -16.77 -14.03 17.64
CA GLU VA 440 -16.30 -14.84 16.53
C GLU VA 440 -15.19 -15.81 16.90
N ASP VA 441 -15.09 -16.17 18.17
CA ASP VA 441 -14.12 -17.13 18.64
C ASP VA 441 -14.69 -18.55 18.54
N PRO VA 442 -14.07 -19.48 17.79
CA PRO VA 442 -14.49 -20.85 17.59
C PRO VA 442 -14.70 -21.64 18.88
N ASN VA 443 -14.25 -21.13 20.04
CA ASN VA 443 -14.45 -21.90 21.26
C ASN VA 443 -15.32 -21.18 22.27
N ASP VA 444 -16.25 -20.35 21.77
CA ASP VA 444 -17.26 -19.66 22.55
C ASP VA 444 -18.62 -19.86 21.90
N ALA VA 445 -18.80 -21.02 21.32
CA ALA VA 445 -20.01 -21.41 20.61
C ALA VA 445 -21.25 -21.47 21.50
N VAL VA 446 -22.38 -21.05 20.92
CA VAL VA 446 -23.70 -21.10 21.55
C VAL VA 446 -24.76 -21.73 20.64
N VAL VA 447 -25.52 -22.67 21.18
CA VAL VA 447 -26.59 -23.30 20.42
C VAL VA 447 -27.83 -22.42 20.51
N LEU VA 448 -28.36 -22.05 19.36
CA LEU VA 448 -29.49 -21.13 19.29
C LEU VA 448 -30.82 -21.81 19.00
N GLY VA 449 -30.81 -23.02 18.45
CA GLY VA 449 -32.04 -23.70 18.10
C GLY VA 449 -31.80 -24.98 17.33
N MET VA 450 -32.88 -25.73 17.14
CA MET VA 450 -32.87 -27.02 16.44
C MET VA 450 -33.48 -26.90 15.06
N LEU VA 451 -33.02 -27.72 14.12
CA LEU VA 451 -33.52 -27.68 12.75
C LEU VA 451 -34.28 -28.94 12.28
N HIS VA 452 -35.21 -28.77 11.33
CA HIS VA 452 -35.89 -29.88 10.64
C HIS VA 452 -35.42 -30.01 9.22
N SER VA 453 -35.59 -31.19 8.66
CA SER VA 453 -35.24 -31.46 7.26
C SER VA 453 -35.99 -32.67 6.79
N SER VA 454 -35.84 -33.05 5.53
CA SER VA 454 -36.51 -34.25 5.03
C SER VA 454 -36.04 -35.54 5.72
N ALA VA 455 -34.87 -35.49 6.36
CA ALA VA 455 -34.33 -36.64 7.08
C ALA VA 455 -34.91 -36.73 8.49
N ASN VA 456 -35.54 -35.65 8.92
CA ASN VA 456 -36.12 -35.45 10.25
C ASN VA 456 -37.38 -34.61 10.11
N PRO VA 457 -38.48 -35.14 9.57
CA PRO VA 457 -39.70 -34.45 9.23
C PRO VA 457 -40.41 -33.79 10.40
N ASN VA 458 -41.09 -32.70 10.10
CA ASN VA 458 -41.90 -31.95 11.05
C ASN VA 458 -43.24 -32.68 11.23
N PRO VA 459 -43.65 -33.08 12.45
CA PRO VA 459 -44.87 -33.82 12.72
C PRO VA 459 -46.16 -33.11 12.29
N ILE VA 460 -46.14 -31.78 12.14
CA ILE VA 460 -47.35 -31.07 11.73
C ILE VA 460 -47.20 -30.55 10.31
N GLU VA 461 -48.02 -31.07 9.40
CA GLU VA 461 -47.97 -30.72 7.98
C GLU VA 461 -48.19 -29.23 7.71
N ALA VA 462 -47.31 -28.65 6.90
CA ALA VA 462 -47.37 -27.23 6.53
C ALA VA 462 -48.60 -26.89 5.70
N SER VA 463 -49.14 -25.71 5.95
CA SER VA 463 -50.28 -25.16 5.23
C SER VA 463 -50.36 -23.66 5.40
N ASN VA 464 -50.77 -22.95 4.36
CA ASN VA 464 -50.93 -21.49 4.42
C ASN VA 464 -52.11 -21.06 5.26
N ASP VA 465 -52.92 -22.02 5.70
CA ASP VA 465 -54.04 -21.72 6.57
C ASP VA 465 -53.55 -21.67 8.02
N ASN VA 466 -52.48 -22.42 8.31
CA ASN VA 466 -51.86 -22.48 9.62
C ASN VA 466 -52.82 -22.76 10.79
N HIS VA 467 -53.70 -23.74 10.63
CA HIS VA 467 -54.69 -24.09 11.64
C HIS VA 467 -54.20 -24.94 12.83
N GLU VA 468 -53.17 -25.74 12.63
CA GLU VA 468 -52.72 -26.65 13.69
C GLU VA 468 -51.35 -26.31 14.29
N LYS VA 469 -51.31 -26.23 15.63
CA LYS VA 469 -50.10 -25.93 16.40
C LYS VA 469 -49.97 -26.83 17.63
N GLY VA 470 -48.75 -27.09 18.09
CA GLY VA 470 -48.67 -27.83 19.34
C GLY VA 470 -47.34 -28.48 19.65
N ILE VA 471 -47.38 -29.35 20.66
CA ILE VA 471 -46.26 -30.09 21.21
C ILE VA 471 -46.42 -31.59 21.05
N GLN VA 472 -45.38 -32.25 20.57
CA GLN VA 472 -45.39 -33.70 20.45
C GLN VA 472 -44.04 -34.23 20.89
N THR VA 473 -43.99 -35.11 21.88
CA THR VA 473 -42.72 -35.66 22.35
C THR VA 473 -42.27 -36.95 21.69
N ARG VA 474 -41.16 -37.48 22.17
CA ARG VA 474 -40.53 -38.72 21.68
C ARG VA 474 -41.38 -39.96 21.84
N SER VA 475 -42.05 -40.08 22.98
CA SER VA 475 -42.88 -41.20 23.32
C SER VA 475 -44.28 -41.14 22.73
N GLY VA 476 -44.64 -40.04 22.06
CA GLY VA 476 -45.97 -39.87 21.52
C GLY VA 476 -46.99 -39.09 22.35
N ILE VA 477 -46.58 -38.40 23.41
CA ILE VA 477 -47.55 -37.61 24.17
C ILE VA 477 -47.76 -36.31 23.43
N LYS VA 478 -49.03 -35.99 23.18
CA LYS VA 478 -49.37 -34.79 22.44
C LYS VA 478 -50.17 -33.75 23.21
N MET VA 479 -50.02 -32.51 22.77
CA MET VA 479 -50.87 -31.41 23.19
C MET VA 479 -51.07 -30.51 21.98
N ILE VA 480 -52.28 -30.57 21.44
CA ILE VA 480 -52.54 -29.89 20.17
C ILE VA 480 -53.64 -28.85 20.23
N PHE VA 481 -53.37 -27.71 19.61
CA PHE VA 481 -54.28 -26.60 19.50
C PHE VA 481 -54.81 -26.46 18.07
N ASN VA 482 -56.10 -26.64 17.89
CA ASN VA 482 -56.73 -26.50 16.59
C ASN VA 482 -57.49 -25.18 16.51
N ASP VA 483 -57.00 -24.21 15.73
CA ASP VA 483 -57.69 -22.92 15.72
C ASP VA 483 -58.98 -22.94 14.96
N GLU VA 484 -59.04 -23.66 13.86
CA GLU VA 484 -60.22 -23.68 13.00
C GLU VA 484 -61.49 -24.05 13.76
N LYS VA 485 -61.36 -25.05 14.62
CA LYS VA 485 -62.45 -25.56 15.41
C LYS VA 485 -62.41 -25.19 16.89
N SER VA 486 -61.48 -24.35 17.31
CA SER VA 486 -61.31 -24.01 18.73
C SER VA 486 -61.26 -25.25 19.65
N ILE VA 487 -60.35 -26.18 19.33
CA ILE VA 487 -60.20 -27.43 20.12
C ILE VA 487 -58.84 -27.63 20.76
N LEU VA 488 -58.85 -27.89 22.07
CA LEU VA 488 -57.60 -28.25 22.76
C LEU VA 488 -57.63 -29.69 23.22
N GLN VA 489 -56.68 -30.47 22.72
CA GLN VA 489 -56.65 -31.88 23.07
C GLN VA 489 -55.32 -32.37 23.62
N ILE VA 490 -55.40 -32.98 24.79
CA ILE VA 490 -54.24 -33.56 25.46
C ILE VA 490 -54.38 -35.08 25.46
N GLU VA 491 -53.39 -35.77 24.91
CA GLU VA 491 -53.50 -37.22 24.77
C GLU VA 491 -52.21 -38.03 24.86
N THR VA 492 -52.27 -39.17 25.58
CA THR VA 492 -51.11 -40.03 25.67
C THR VA 492 -51.24 -41.18 24.65
N PRO VA 493 -50.15 -41.95 24.35
CA PRO VA 493 -50.08 -43.04 23.40
C PRO VA 493 -51.02 -44.21 23.56
N THR VA 494 -51.60 -44.43 24.74
CA THR VA 494 -52.48 -45.57 24.85
C THR VA 494 -53.88 -45.20 25.26
N GLY VA 495 -54.35 -44.06 24.75
CA GLY VA 495 -55.75 -43.67 24.92
C GLY VA 495 -56.17 -42.83 26.12
N ASN VA 496 -55.28 -42.33 26.96
CA ASN VA 496 -55.77 -41.51 28.07
C ASN VA 496 -55.85 -40.07 27.57
N LEU VA 497 -57.05 -39.49 27.51
CA LEU VA 497 -57.17 -38.14 26.97
C LEU VA 497 -58.18 -37.21 27.64
N VAL VA 498 -57.90 -35.91 27.51
CA VAL VA 498 -58.80 -34.85 27.93
C VAL VA 498 -59.04 -33.87 26.77
N THR VA 499 -60.31 -33.66 26.41
CA THR VA 499 -60.61 -32.78 25.28
C THR VA 499 -61.59 -31.64 25.59
N LEU VA 500 -61.21 -30.43 25.20
CA LEU VA 500 -62.07 -29.25 25.31
C LEU VA 500 -62.52 -28.82 23.91
N ASP VA 501 -63.80 -29.04 23.57
CA ASP VA 501 -64.22 -28.81 22.17
C ASP VA 501 -65.38 -27.82 21.93
N ASP VA 502 -65.07 -26.62 21.43
CA ASP VA 502 -66.13 -25.62 21.22
C ASP VA 502 -67.01 -25.91 20.01
N ASP VA 503 -66.64 -26.90 19.20
CA ASP VA 503 -67.45 -27.24 18.03
C ASP VA 503 -68.46 -28.32 18.42
N ALA VA 504 -68.44 -28.74 19.69
CA ALA VA 504 -69.34 -29.72 20.21
C ALA VA 504 -70.05 -29.11 21.39
N GLY VA 505 -69.35 -28.16 22.03
CA GLY VA 505 -69.85 -27.56 23.25
C GLY VA 505 -69.69 -28.51 24.40
N SER VA 506 -68.58 -29.25 24.41
CA SER VA 506 -68.39 -30.25 25.45
C SER VA 506 -66.99 -30.49 25.96
N ILE VA 507 -66.95 -31.12 27.14
CA ILE VA 507 -65.72 -31.56 27.78
C ILE VA 507 -65.72 -33.06 28.01
N THR VA 508 -64.70 -33.73 27.50
CA THR VA 508 -64.60 -35.18 27.65
C THR VA 508 -63.32 -35.64 28.32
N ILE VA 509 -63.48 -36.51 29.31
CA ILE VA 509 -62.37 -37.15 29.99
C ILE VA 509 -62.52 -38.66 29.80
N GLU VA 510 -61.51 -39.31 29.24
CA GLU VA 510 -61.62 -40.73 28.96
C GLU VA 510 -60.34 -41.51 29.17
N ASP VA 511 -60.41 -42.70 29.78
CA ASP VA 511 -59.16 -43.46 29.93
C ASP VA 511 -59.08 -44.66 28.98
N GLN VA 512 -57.96 -45.35 29.09
CA GLN VA 512 -57.65 -46.52 28.29
C GLN VA 512 -58.40 -47.78 28.69
N ASN VA 513 -59.13 -47.75 29.80
CA ASN VA 513 -59.80 -48.93 30.30
C ASN VA 513 -61.29 -48.86 30.00
N GLY VA 514 -61.73 -47.85 29.26
CA GLY VA 514 -63.14 -47.73 28.94
C GLY VA 514 -63.95 -46.89 29.93
N ASN VA 515 -63.32 -46.17 30.85
CA ASN VA 515 -64.07 -45.34 31.78
C ASN VA 515 -64.25 -43.98 31.12
N LYS VA 516 -65.42 -43.36 31.25
CA LYS VA 516 -65.61 -42.08 30.58
C LYS VA 516 -66.56 -41.12 31.27
N THR VA 517 -66.18 -39.83 31.28
CA THR VA 517 -67.04 -38.75 31.80
C THR VA 517 -67.25 -37.66 30.76
N VAL VA 518 -68.50 -37.31 30.50
CA VAL VA 518 -68.79 -36.27 29.52
C VAL VA 518 -69.75 -35.19 30.00
N MET VA 519 -69.35 -33.93 29.81
CA MET VA 519 -70.25 -32.83 30.12
C MET VA 519 -70.65 -32.16 28.81
N ASP VA 520 -71.94 -32.15 28.49
CA ASP VA 520 -72.40 -31.55 27.23
C ASP VA 520 -73.82 -30.98 27.35
N SER VA 521 -74.48 -30.74 26.22
CA SER VA 521 -75.80 -30.14 26.19
C SER VA 521 -76.90 -31.01 26.80
N ASP VA 522 -76.65 -32.31 26.98
CA ASP VA 522 -77.63 -33.20 27.59
C ASP VA 522 -77.37 -33.43 29.08
N GLY VA 523 -76.44 -32.65 29.66
CA GLY VA 523 -76.12 -32.83 31.06
C GLY VA 523 -74.86 -33.64 31.28
N ILE VA 524 -74.74 -34.28 32.43
CA ILE VA 524 -73.50 -34.96 32.76
C ILE VA 524 -73.66 -36.47 32.78
N THR VA 525 -72.85 -37.14 31.98
CA THR VA 525 -72.88 -38.58 31.89
C THR VA 525 -71.60 -39.22 32.40
N MET VA 526 -71.74 -40.23 33.25
CA MET VA 526 -70.60 -41.00 33.72
C MET VA 526 -70.83 -42.46 33.49
N GLU VA 527 -69.82 -43.13 32.95
CA GLU VA 527 -69.89 -44.56 32.73
C GLU VA 527 -68.65 -45.26 33.23
N SER VA 528 -68.85 -46.42 33.82
CA SER VA 528 -67.72 -47.18 34.29
C SER VA 528 -67.60 -48.52 33.65
N ALA VA 529 -66.38 -48.85 33.31
CA ALA VA 529 -65.99 -50.10 32.72
C ALA VA 529 -66.27 -51.28 33.66
N LYS VA 530 -66.14 -51.07 34.98
CA LYS VA 530 -66.35 -52.17 35.92
C LYS VA 530 -67.28 -51.84 37.08
N ASP VA 531 -66.94 -50.83 37.89
CA ASP VA 531 -67.73 -50.53 39.07
C ASP VA 531 -67.68 -49.03 39.42
N MET VA 532 -68.38 -48.62 40.47
CA MET VA 532 -68.38 -47.22 40.85
C MET VA 532 -68.60 -47.03 42.34
N ASN VA 533 -67.70 -46.29 42.98
CA ASN VA 533 -67.75 -46.09 44.42
C ASN VA 533 -67.80 -44.65 44.85
N LEU VA 534 -68.91 -44.26 45.44
CA LEU VA 534 -69.07 -42.89 45.90
C LEU VA 534 -69.05 -42.88 47.41
N LYS VA 535 -68.14 -42.13 47.98
CA LYS VA 535 -67.98 -42.10 49.44
C LYS VA 535 -67.80 -40.69 49.95
N ALA VA 536 -68.25 -40.45 51.18
CA ALA VA 536 -68.05 -39.16 51.82
C ALA VA 536 -67.90 -39.36 53.31
N SER VA 537 -67.17 -38.46 53.96
CA SER VA 537 -67.05 -38.47 55.42
C SER VA 537 -68.23 -37.77 56.08
N GLY VA 538 -68.99 -37.06 55.28
CA GLY VA 538 -70.15 -36.30 55.70
C GLY VA 538 -71.38 -36.85 55.03
N ASP VA 539 -72.33 -35.98 54.72
CA ASP VA 539 -73.59 -36.35 54.13
C ASP VA 539 -73.53 -36.46 52.62
N ILE VA 540 -74.42 -37.27 52.05
CA ILE VA 540 -74.61 -37.35 50.60
C ILE VA 540 -76.01 -36.89 50.26
N ASN VA 541 -76.10 -35.85 49.43
CA ASN VA 541 -77.38 -35.26 49.09
C ASN VA 541 -77.69 -35.29 47.61
N LEU VA 542 -78.74 -36.02 47.23
CA LEU VA 542 -79.10 -36.08 45.82
C LEU VA 542 -80.41 -35.34 45.61
N GLU VA 543 -80.49 -34.57 44.54
CA GLU VA 543 -81.70 -33.83 44.20
C GLU VA 543 -81.98 -33.85 42.71
N GLY VA 544 -83.26 -33.73 42.36
CA GLY VA 544 -83.66 -33.66 40.96
C GLY VA 544 -85.17 -33.76 40.88
N THR VA 545 -85.71 -33.53 39.69
CA THR VA 545 -87.16 -33.60 39.47
C THR VA 545 -87.67 -35.02 39.63
N ASN VA 546 -86.96 -35.97 39.06
CA ASN VA 546 -87.29 -37.38 39.06
C ASN VA 546 -86.08 -38.21 39.35
N VAL VA 547 -86.11 -38.99 40.42
CA VAL VA 547 -84.98 -39.83 40.74
C VAL VA 547 -85.33 -41.28 40.48
N ASN VA 548 -84.59 -41.91 39.59
CA ASN VA 548 -84.85 -43.29 39.18
C ASN VA 548 -83.68 -44.23 39.42
N ILE VA 549 -83.88 -45.18 40.30
CA ILE VA 549 -82.84 -46.14 40.65
C ILE VA 549 -83.21 -47.53 40.18
N LYS VA 550 -82.32 -48.15 39.43
CA LYS VA 550 -82.55 -49.49 38.94
C LYS VA 550 -81.37 -50.39 39.18
N ALA VA 551 -81.65 -51.66 39.40
CA ALA VA 551 -80.63 -52.67 39.55
C ALA VA 551 -81.06 -53.89 38.79
N ASN VA 552 -80.12 -54.61 38.20
CA ASN VA 552 -80.50 -55.80 37.47
C ASN VA 552 -80.47 -57.05 38.33
N ALA VA 553 -80.05 -56.91 39.57
CA ALA VA 553 -80.03 -58.04 40.46
C ALA VA 553 -80.67 -57.75 41.80
N GLU VA 554 -80.11 -56.80 42.53
CA GLU VA 554 -80.57 -56.48 43.87
C GLU VA 554 -80.49 -55.01 44.21
N PHE VA 555 -81.36 -54.58 45.10
CA PHE VA 555 -81.34 -53.23 45.63
C PHE VA 555 -81.42 -53.29 47.14
N LYS VA 556 -80.53 -52.58 47.81
CA LYS VA 556 -80.52 -52.53 49.25
C LYS VA 556 -80.30 -51.12 49.75
N ALA VA 557 -80.84 -50.84 50.91
CA ALA VA 557 -80.62 -49.57 51.57
C ALA VA 557 -80.65 -49.80 53.05
N GLU VA 558 -79.74 -49.17 53.77
CA GLU VA 558 -79.64 -49.33 55.22
C GLU VA 558 -79.37 -48.04 55.94
N GLY VA 559 -79.72 -48.02 57.23
CA GLY VA 559 -79.35 -46.91 58.08
C GLY VA 559 -79.28 -47.40 59.51
N SER VA 560 -78.16 -47.11 60.17
CA SER VA 560 -77.92 -47.54 61.54
C SER VA 560 -78.78 -46.83 62.56
N ALA VA 561 -79.38 -45.73 62.17
CA ALA VA 561 -80.24 -44.96 63.04
C ALA VA 561 -81.61 -44.81 62.44
N GLY VA 562 -82.00 -45.73 61.57
CA GLY VA 562 -83.32 -45.67 60.97
C GLY VA 562 -83.30 -45.30 59.50
N ALA VA 563 -84.45 -45.48 58.87
CA ALA VA 563 -84.65 -45.22 57.46
C ALA VA 563 -86.07 -44.79 57.25
N GLU VA 564 -86.32 -44.02 56.20
CA GLU VA 564 -87.66 -43.53 55.92
C GLU VA 564 -87.93 -43.33 54.44
N VAL VA 565 -89.13 -43.74 54.04
CA VAL VA 565 -89.63 -43.51 52.70
C VAL VA 565 -90.93 -42.77 52.84
N SER VA 566 -91.06 -41.63 52.19
CA SER VA 566 -92.28 -40.86 52.32
C SER VA 566 -92.61 -40.07 51.08
N THR VA 567 -93.87 -39.67 51.01
CA THR VA 567 -94.41 -38.88 49.93
C THR VA 567 -95.68 -38.21 50.34
N SER VA 568 -96.01 -37.13 49.67
CA SER VA 568 -97.27 -36.46 49.88
C SER VA 568 -98.45 -37.11 49.13
N ALA VA 569 -98.17 -38.02 48.18
CA ALA VA 569 -99.28 -38.61 47.44
C ALA VA 569 -99.57 -40.08 47.75
N VAL VA 570 -98.85 -41.01 47.12
CA VAL VA 570 -99.10 -42.43 47.34
C VAL VA 570 -97.81 -43.23 47.50
N ALA VA 571 -97.69 -43.98 48.57
CA ALA VA 571 -96.51 -44.84 48.74
C ALA VA 571 -96.86 -46.22 48.23
N VAL VA 572 -95.94 -46.86 47.52
CA VAL VA 572 -96.19 -48.19 46.98
C VAL VA 572 -95.10 -49.21 47.29
N LEU VA 573 -95.51 -50.37 47.82
CA LEU VA 573 -94.58 -51.47 48.09
C LEU VA 573 -95.08 -52.74 47.41
N LYS VA 574 -94.34 -53.23 46.42
CA LYS VA 574 -94.73 -54.45 45.73
C LYS VA 574 -93.62 -55.42 45.40
N GLY VA 575 -94.00 -56.66 45.30
CA GLY VA 575 -93.11 -57.79 45.08
C GLY VA 575 -93.95 -59.03 44.97
N SER VA 576 -93.34 -60.17 44.63
CA SER VA 576 -94.08 -61.43 44.53
C SER VA 576 -94.42 -61.95 45.92
N LEU VA 577 -93.72 -61.42 46.90
CA LEU VA 577 -93.86 -61.70 48.31
C LEU VA 577 -93.33 -60.52 49.10
N VAL VA 578 -94.14 -60.02 50.01
CA VAL VA 578 -93.71 -58.92 50.85
C VAL VA 578 -93.67 -59.35 52.29
N GLN VA 579 -92.52 -59.18 52.92
CA GLN VA 579 -92.36 -59.53 54.32
C GLN VA 579 -92.05 -58.31 55.15
N ILE VA 580 -92.65 -58.25 56.32
CA ILE VA 580 -92.42 -57.15 57.25
C ILE VA 580 -92.00 -57.74 58.58
N ASN VA 581 -90.84 -57.34 59.08
CA ASN VA 581 -90.32 -57.88 60.32
C ASN VA 581 -90.62 -59.37 60.45
#